data_9GB7
#
_entry.id   9GB7
#
loop_
_entity.id
_entity.type
_entity.pdbx_description
1 polymer 'gp56 - Tail tube protein'
2 polymer 'gp51 - Neck valve protein'
3 polymer 'gp53 - Tail adaptor protein'
4 polymer 'gp50 - Portal adaptor protein'
5 polymer 'gp55 - Tail sheath protein'
6 polymer 'gp45 - Portal protein'
#
loop_
_entity_poly.entity_id
_entity_poly.type
_entity_poly.pdbx_seq_one_letter_code
_entity_poly.pdbx_strand_id
1 'polypeptide(L)'
;MYNDDYIEEASFLNGSDVVILIDGVEELYMEEIKADFEQDEQSIKLLGCQNEISRVGTTKGSFSLNGYKTDSKFAKLGFR
SFEIIYNLSNSETLGYESIRLKNCRLKKLPLINSKAGEIVKIEVEGSFRGYDLLNEL
;
A,B,C,D,E,F
2 'polypeptide(L)'
;MINIDRRRKDIIRTININPTNITITSIKKTEIDGAFEETETEIKCVVRIFNEKTAEKQISSEKQGTFSSIRTYGMLVSND
VILEVNSRDSLEFECIYGRMKIVNIYPQIVKGELCGYQCSLERID
;
G,K,M,O,Q,X
3 'polypeptide(L)'
;MRAGIRKALIDNIKELKGCYEPNVPNKDTKKPYMVVVQGQDNDHGETIGFERSIEVWIYEGRTTFKKLDKLTKQVVEVLD
MNTIVDESENEAFTCIYKGTSENDIVVEEWDAIARGIRFSVIALEDKEDTTNDRWVEALSRHTKDLLEIESYKDNWKKNF
IAPCALWRTTHIENKRINYHLIEITKTMKCHVVSKNKDEIVKLLETLETSLIIDKRVRLREDKNMYLTLVSVVEDRESDM
FTTGQLTAVFKMIGKIKREGPTMDKIYGNGNLK
;
H,L,N,P,R,d
4 'polypeptide(L)'
;MTPARDLIEKLRLLLNDKDKKSFTDEELNLFLEEADCIYCAASQGWILKSLQYENTVGEMYEYKVGQETYKSSSIKDLVS
VAYQNADKFKDMCTNKKEKGSFMLGISTEFEI
;
I,J,S,T,U,V,W,Y,Z,a,b,c
5 'polypeptide(L)'
;MATGTWNEKERKEIPGFYNRFKTQAEKSTNTGLKGRLAMPIRANWGDVGKVVTIKNDLRQLKNLFGDDMNYSAFKLGKLA
LLGNVKELLLYRLVDGNQKKGTLTLKDTTENSAKDVIKLETKYPTARNFNVTIKSNLVDSDKKDFIFFENTKQLFSSSIK
GTIDEIVLEINSNLDNEYVIATKVADSDTILANVVNQALEGGNDGCTSITNESYLKALEEFERYSFDSFVLDGVADEALQ
ETTKAWVAKNKELGKDILLFLGGKTEDNIKQINDKSKSFNDENIVNVGSSAYYENIKYTPSEVAVYIAALSVSKGITGSI
CNAKTIFEEVEPRLSQSEVKECLKSGTLVLDFDDGDVIIVDDVNTFKKYVDDKNEAMGYISNIMFINTINKDTSLKRKEF
VGKIFNDATGQTTVICALKKYFEELMSQGIISEFNVDIDTELQATAKADEFYWKWDAVKVDVMKKIYGTGYLG
;
e,f,g,h,i,j
6 'polypeptide(L)'
;MGIISYVKKLFKRPAGEIMRMSSGNIGVYKLDDSRVDYELARELYQNKNANYKLGSSFVRPIVNSTTGFMGVPHFQIEDE
EAQYILDEFVLDNTSKMLKTHTDSLKQGDCYIWITREERENPLYPDKKVRLIYNFISPEEVKEIILDPTTKEPIAYILES
QNEWTDLGENKRKAKVKQIITAESRFVEVEGDKIEGLEEGETPNVWGFIPIIHFKNEADETLKYGQSDIEPIEPLLKAYH
DVMLHALKGSKMHSTPKLKLKLTDVASFLAHNFGVEDPVKFAKEGGKINLDGHEILFLNKDEEAEFVEVKSAIGDAKELL
KLLFYCIVDVSETPEFIFGVHTPSALASVKEQMPIMVNKIRRKREQFTNSWQLLARMVLIMSSNSSGMKYSSYDVTIGWD
EVNPRDDKELAETLEKVCCALDKALEGGFISEESTVNFLAQYIDTMSNYISDDPEREGEREKIIKTKMLKYRLDDSQGLN
DESNEIEKEINKIKDNNGNG
;
k,l,m,n,o,p,q,r,s,t,u,v
#
# COMPACT_ATOMS: atom_id res chain seq x y z
N ILE A 7 -43.82 93.28 17.49
CA ILE A 7 -44.88 93.26 18.54
C ILE A 7 -44.35 94.05 19.74
N GLU A 8 -44.95 95.21 19.99
CA GLU A 8 -44.37 96.13 20.97
C GLU A 8 -44.60 95.62 22.39
N GLU A 9 -43.71 96.03 23.29
CA GLU A 9 -43.64 95.45 24.62
C GLU A 9 -44.77 95.98 25.51
N ALA A 10 -44.94 95.32 26.65
CA ALA A 10 -45.86 95.74 27.70
C ALA A 10 -45.20 95.45 29.03
N SER A 11 -45.95 95.58 30.13
CA SER A 11 -45.37 95.35 31.44
C SER A 11 -46.46 95.12 32.46
N PHE A 12 -46.23 94.18 33.37
CA PHE A 12 -47.06 93.95 34.54
C PHE A 12 -46.26 94.34 35.78
N LEU A 13 -46.85 95.20 36.61
CA LEU A 13 -46.20 95.63 37.83
C LEU A 13 -46.21 94.46 38.79
N ASN A 14 -45.09 93.75 38.89
CA ASN A 14 -45.01 92.61 39.79
C ASN A 14 -45.15 93.08 41.23
N GLY A 15 -45.92 92.32 42.01
CA GLY A 15 -46.22 92.73 43.36
C GLY A 15 -45.04 92.64 44.31
N SER A 16 -43.99 91.89 43.95
CA SER A 16 -42.81 91.81 44.78
C SER A 16 -41.96 93.07 44.76
N ASP A 17 -42.28 94.04 43.91
CA ASP A 17 -41.56 95.31 43.86
C ASP A 17 -42.03 96.29 44.93
N VAL A 18 -43.09 95.97 45.68
CA VAL A 18 -43.61 96.88 46.68
C VAL A 18 -42.57 97.10 47.78
N VAL A 19 -42.40 98.35 48.19
CA VAL A 19 -41.58 98.73 49.32
C VAL A 19 -42.41 99.63 50.21
N ILE A 20 -42.67 99.18 51.43
CA ILE A 20 -43.54 99.87 52.38
C ILE A 20 -42.69 100.44 53.49
N LEU A 21 -42.71 101.75 53.65
CA LEU A 21 -42.10 102.44 54.79
C LEU A 21 -43.24 102.86 55.71
N ILE A 22 -43.34 102.20 56.86
CA ILE A 22 -44.39 102.46 57.84
C ILE A 22 -43.80 103.38 58.91
N ASP A 23 -44.39 104.56 59.07
CA ASP A 23 -43.95 105.53 60.07
C ASP A 23 -42.47 105.88 59.89
N GLY A 24 -42.04 105.99 58.63
CA GLY A 24 -40.69 106.36 58.29
C GLY A 24 -39.73 105.21 58.10
N VAL A 25 -39.70 104.26 59.02
CA VAL A 25 -38.78 103.13 58.95
C VAL A 25 -39.26 102.15 57.89
N GLU A 26 -38.32 101.63 57.11
CA GLU A 26 -38.66 100.68 56.07
C GLU A 26 -39.06 99.34 56.67
N GLU A 27 -40.28 98.90 56.39
CA GLU A 27 -40.79 97.62 56.86
C GLU A 27 -40.59 96.60 55.76
N LEU A 28 -39.88 95.52 56.07
CA LEU A 28 -39.36 94.59 55.07
C LEU A 28 -39.92 93.18 55.19
N TYR A 29 -40.83 92.91 56.13
CA TYR A 29 -41.50 91.63 56.23
C TYR A 29 -42.94 91.66 55.74
N MET A 30 -43.45 92.82 55.32
CA MET A 30 -44.83 92.90 54.86
C MET A 30 -44.98 92.15 53.55
N GLU A 31 -46.14 91.52 53.36
CA GLU A 31 -46.39 90.62 52.24
C GLU A 31 -47.46 91.14 51.30
N GLU A 32 -48.57 91.68 51.81
CA GLU A 32 -49.60 92.25 50.97
C GLU A 32 -50.23 93.43 51.70
N ILE A 33 -50.48 94.50 50.94
CA ILE A 33 -51.05 95.73 51.47
C ILE A 33 -52.23 96.13 50.61
N LYS A 34 -53.29 96.58 51.25
CA LYS A 34 -54.50 97.06 50.59
C LYS A 34 -54.88 98.40 51.18
N ALA A 35 -55.42 99.29 50.34
CA ALA A 35 -55.90 100.58 50.81
C ALA A 35 -56.88 101.14 49.79
N ASP A 36 -58.02 101.61 50.28
CA ASP A 36 -59.06 102.18 49.43
C ASP A 36 -59.60 103.44 50.09
N PHE A 37 -60.09 104.35 49.26
CA PHE A 37 -60.66 105.63 49.70
C PHE A 37 -62.15 105.57 49.45
N GLU A 38 -62.91 105.24 50.50
CA GLU A 38 -64.35 105.08 50.39
C GLU A 38 -65.04 106.44 50.38
N GLN A 39 -66.32 106.43 50.01
CA GLN A 39 -67.15 107.62 50.09
C GLN A 39 -68.61 107.20 50.11
N ASP A 40 -69.41 107.92 50.88
CA ASP A 40 -70.85 107.69 50.91
C ASP A 40 -71.47 108.24 49.65
N GLU A 41 -72.27 107.40 48.96
CA GLU A 41 -72.78 107.79 47.65
C GLU A 41 -73.77 108.94 47.77
N GLN A 42 -74.57 108.96 48.83
CA GLN A 42 -75.60 109.99 49.03
C GLN A 42 -76.58 110.00 47.86
N SER A 43 -77.14 108.83 47.56
CA SER A 43 -78.09 108.72 46.47
C SER A 43 -79.35 109.51 46.79
N ILE A 44 -79.76 110.36 45.85
CA ILE A 44 -80.92 111.23 46.00
C ILE A 44 -81.88 110.98 44.85
N LYS A 45 -83.14 110.75 45.18
CA LYS A 45 -84.20 110.56 44.20
C LYS A 45 -84.88 111.90 43.96
N LEU A 46 -84.76 112.41 42.74
CA LEU A 46 -85.41 113.67 42.40
C LEU A 46 -86.91 113.47 42.23
N LEU A 47 -87.65 114.56 42.40
CA LEU A 47 -89.11 114.52 42.34
C LEU A 47 -89.64 114.49 40.91
N GLY A 48 -88.80 114.76 39.90
CA GLY A 48 -89.22 114.79 38.52
C GLY A 48 -88.44 113.87 37.60
N CYS A 49 -87.20 113.54 37.96
CA CYS A 49 -86.32 112.72 37.15
C CYS A 49 -86.24 111.32 37.73
N GLN A 50 -86.30 110.32 36.85
CA GLN A 50 -86.34 108.92 37.26
C GLN A 50 -84.96 108.28 37.36
N ASN A 51 -83.89 109.03 37.13
CA ASN A 51 -82.52 108.55 37.31
C ASN A 51 -81.98 109.06 38.64
N GLU A 52 -81.53 108.15 39.49
CA GLU A 52 -80.94 108.53 40.76
C GLU A 52 -79.63 109.27 40.52
N ILE A 53 -79.32 110.18 41.44
CA ILE A 53 -78.14 111.05 41.35
C ILE A 53 -77.24 110.74 42.53
N SER A 54 -75.94 110.67 42.27
CA SER A 54 -74.92 110.38 43.28
C SER A 54 -74.02 111.58 43.48
N ARG A 55 -73.52 111.72 44.72
CA ARG A 55 -72.66 112.83 45.09
C ARG A 55 -71.51 112.31 45.94
N VAL A 56 -70.51 113.16 46.15
CA VAL A 56 -69.29 112.74 46.84
C VAL A 56 -69.58 112.40 48.29
N GLY A 57 -70.50 113.11 48.91
CA GLY A 57 -70.77 112.87 50.33
C GLY A 57 -69.54 113.20 51.16
N THR A 58 -69.08 112.24 51.96
CA THR A 58 -67.88 112.36 52.76
C THR A 58 -67.02 111.12 52.57
N THR A 59 -65.71 111.32 52.65
CA THR A 59 -64.74 110.27 52.36
C THR A 59 -64.31 109.58 53.64
N LYS A 60 -63.83 108.34 53.49
CA LYS A 60 -63.34 107.55 54.60
C LYS A 60 -62.27 106.61 54.09
N GLY A 61 -61.15 106.56 54.80
CA GLY A 61 -60.07 105.67 54.43
C GLY A 61 -60.18 104.32 55.12
N SER A 62 -59.52 103.33 54.51
CA SER A 62 -59.42 102.00 55.08
C SER A 62 -58.24 101.30 54.43
N PHE A 63 -57.48 100.56 55.24
CA PHE A 63 -56.28 99.88 54.74
C PHE A 63 -56.11 98.57 55.47
N SER A 64 -55.05 97.85 55.09
CA SER A 64 -54.74 96.58 55.71
C SER A 64 -53.36 96.12 55.26
N LEU A 65 -52.71 95.33 56.10
CA LEU A 65 -51.41 94.75 55.80
C LEU A 65 -51.33 93.35 56.37
N ASN A 66 -50.63 92.47 55.66
CA ASN A 66 -50.31 91.13 56.13
C ASN A 66 -48.84 90.87 55.87
N GLY A 67 -48.20 90.16 56.80
CA GLY A 67 -46.80 89.86 56.66
C GLY A 67 -46.34 88.97 57.79
N TYR A 68 -45.08 88.55 57.69
CA TYR A 68 -44.51 87.65 58.70
C TYR A 68 -44.14 88.44 59.94
N LYS A 69 -44.53 87.93 61.10
CA LYS A 69 -44.21 88.59 62.35
C LYS A 69 -42.73 88.42 62.67
N THR A 70 -42.08 89.51 63.04
CA THR A 70 -40.71 89.47 63.52
C THR A 70 -40.48 90.33 64.76
N ASP A 71 -41.44 91.14 65.18
CA ASP A 71 -41.26 92.00 66.35
C ASP A 71 -42.65 92.43 66.83
N SER A 72 -42.66 93.08 68.00
CA SER A 72 -43.87 93.63 68.59
C SER A 72 -44.10 95.08 68.18
N LYS A 73 -43.68 95.46 66.97
CA LYS A 73 -43.76 96.84 66.54
C LYS A 73 -45.19 97.36 66.61
N PHE A 74 -46.14 96.61 66.02
CA PHE A 74 -47.51 97.09 65.97
C PHE A 74 -48.18 97.03 67.34
N ALA A 75 -47.87 95.99 68.12
CA ALA A 75 -48.45 95.90 69.46
C ALA A 75 -47.99 97.05 70.34
N LYS A 76 -46.70 97.39 70.28
CA LYS A 76 -46.21 98.52 71.07
C LYS A 76 -46.67 99.85 70.50
N LEU A 77 -46.93 99.91 69.20
CA LEU A 77 -47.37 101.17 68.59
C LEU A 77 -48.72 101.62 69.14
N GLY A 78 -49.56 100.67 69.55
CA GLY A 78 -50.87 101.04 70.05
C GLY A 78 -51.72 101.66 68.96
N PHE A 79 -52.65 102.51 69.37
CA PHE A 79 -53.52 103.25 68.46
C PHE A 79 -52.96 104.62 68.09
N ARG A 80 -51.64 104.79 68.18
CA ARG A 80 -51.03 106.05 67.77
C ARG A 80 -51.21 106.27 66.27
N SER A 81 -51.39 107.52 65.88
CA SER A 81 -51.42 107.85 64.46
C SER A 81 -50.04 107.72 63.85
N PHE A 82 -50.00 107.37 62.57
CA PHE A 82 -48.73 107.17 61.88
C PHE A 82 -48.98 107.25 60.38
N GLU A 83 -47.88 107.39 59.63
CA GLU A 83 -47.92 107.48 58.18
C GLU A 83 -47.44 106.18 57.55
N ILE A 84 -47.92 105.93 56.33
CA ILE A 84 -47.51 104.78 55.52
C ILE A 84 -47.14 105.28 54.13
N ILE A 85 -45.99 104.84 53.65
CA ILE A 85 -45.55 105.07 52.27
C ILE A 85 -45.59 103.73 51.56
N TYR A 86 -45.85 103.76 50.25
CA TYR A 86 -46.00 102.56 49.44
C TYR A 86 -45.40 102.84 48.07
N ASN A 87 -44.19 102.34 47.85
CA ASN A 87 -43.43 102.59 46.61
C ASN A 87 -43.54 101.38 45.71
N LEU A 88 -44.52 101.40 44.81
CA LEU A 88 -44.70 100.31 43.85
C LEU A 88 -43.72 100.54 42.70
N SER A 89 -42.48 100.13 42.93
CA SER A 89 -41.43 100.32 41.94
C SER A 89 -41.72 99.51 40.69
N ASN A 90 -41.38 100.10 39.54
CA ASN A 90 -41.41 99.42 38.25
C ASN A 90 -40.01 99.52 37.66
N SER A 91 -39.47 98.39 37.23
CA SER A 91 -38.10 98.34 36.73
C SER A 91 -38.00 98.09 35.23
N GLU A 92 -39.01 97.46 34.63
CA GLU A 92 -39.03 97.36 33.17
C GLU A 92 -39.13 98.75 32.55
N THR A 93 -40.00 99.59 33.11
CA THR A 93 -39.98 101.04 32.88
C THR A 93 -39.80 101.68 34.25
N LEU A 94 -38.93 102.69 34.32
CA LEU A 94 -38.45 103.18 35.62
C LEU A 94 -39.45 104.10 36.32
N GLY A 95 -40.66 104.24 35.79
CA GLY A 95 -41.65 105.12 36.36
C GLY A 95 -42.33 104.56 37.59
N TYR A 96 -41.64 104.56 38.72
CA TYR A 96 -42.20 104.05 39.96
C TYR A 96 -43.43 104.86 40.37
N GLU A 97 -44.16 104.34 41.35
CA GLU A 97 -45.35 104.97 41.90
C GLU A 97 -45.25 104.96 43.41
N SER A 98 -45.51 106.12 44.02
CA SER A 98 -45.42 106.30 45.46
C SER A 98 -46.71 106.94 45.96
N ILE A 99 -47.28 106.40 47.02
CA ILE A 99 -48.50 106.89 47.63
C ILE A 99 -48.28 106.99 49.14
N ARG A 100 -48.77 108.08 49.73
CA ARG A 100 -48.66 108.33 51.16
C ARG A 100 -50.05 108.33 51.77
N LEU A 101 -50.22 107.57 52.85
CA LEU A 101 -51.46 107.52 53.61
C LEU A 101 -51.27 108.30 54.90
N LYS A 102 -52.18 109.24 55.17
CA LYS A 102 -52.03 110.21 56.24
C LYS A 102 -52.85 109.79 57.45
N ASN A 103 -52.22 109.84 58.63
CA ASN A 103 -52.91 109.61 59.90
C ASN A 103 -53.51 108.20 59.95
N CYS A 104 -52.70 107.21 59.64
CA CYS A 104 -53.13 105.83 59.74
C CYS A 104 -53.34 105.46 61.21
N ARG A 105 -54.45 104.80 61.52
CA ARG A 105 -54.76 104.37 62.87
C ARG A 105 -55.32 102.96 62.82
N LEU A 106 -54.82 102.08 63.69
CA LEU A 106 -55.24 100.70 63.68
C LEU A 106 -56.69 100.57 64.16
N LYS A 107 -57.44 99.70 63.49
CA LYS A 107 -58.78 99.36 63.96
C LYS A 107 -58.73 98.38 65.13
N LYS A 108 -57.74 97.50 65.16
CA LYS A 108 -57.64 96.50 66.21
C LYS A 108 -56.17 96.11 66.37
N LEU A 109 -55.70 96.09 67.60
CA LEU A 109 -54.31 95.78 67.86
C LEU A 109 -54.10 94.27 67.82
N PRO A 110 -53.32 93.72 66.87
CA PRO A 110 -53.17 92.25 66.84
C PRO A 110 -52.08 91.76 67.79
N LEU A 111 -52.46 91.63 69.06
CA LEU A 111 -51.50 91.21 70.08
C LEU A 111 -50.95 89.83 69.79
N ILE A 112 -51.84 88.85 69.61
CA ILE A 112 -51.45 87.45 69.52
C ILE A 112 -52.19 86.80 68.36
N ASN A 113 -51.45 86.12 67.49
CA ASN A 113 -52.05 85.30 66.43
C ASN A 113 -50.99 84.29 66.01
N SER A 114 -51.24 83.01 66.25
CA SER A 114 -50.25 82.00 65.96
C SER A 114 -50.90 80.62 66.00
N LYS A 115 -50.47 79.75 65.09
CA LYS A 115 -50.86 78.35 65.08
C LYS A 115 -49.61 77.49 65.19
N ALA A 116 -49.75 76.35 65.87
CA ALA A 116 -48.57 75.59 66.29
C ALA A 116 -47.74 75.10 65.10
N GLY A 117 -48.41 74.59 64.07
CA GLY A 117 -47.71 73.97 62.96
C GLY A 117 -47.44 74.88 61.79
N GLU A 118 -47.48 76.19 62.01
CA GLU A 118 -47.38 77.17 60.94
C GLU A 118 -46.46 78.31 61.34
N ILE A 119 -46.10 79.12 60.34
CA ILE A 119 -45.30 80.32 60.55
C ILE A 119 -46.21 81.42 61.06
N VAL A 120 -45.71 82.24 61.98
CA VAL A 120 -46.51 83.27 62.61
C VAL A 120 -46.55 84.49 61.69
N LYS A 121 -47.75 84.92 61.33
CA LYS A 121 -47.97 86.09 60.49
C LYS A 121 -48.79 87.12 61.26
N ILE A 122 -48.60 88.38 60.90
CA ILE A 122 -49.28 89.51 61.55
C ILE A 122 -50.18 90.17 60.51
N GLU A 123 -51.46 90.31 60.85
CA GLU A 123 -52.45 90.97 60.01
C GLU A 123 -52.94 92.22 60.71
N VAL A 124 -53.05 93.31 59.95
CA VAL A 124 -53.41 94.61 60.47
C VAL A 124 -54.50 95.20 59.58
N GLU A 125 -55.37 96.00 60.18
CA GLU A 125 -56.38 96.75 59.44
C GLU A 125 -56.74 98.00 60.23
N GLY A 126 -57.07 99.06 59.51
CA GLY A 126 -57.39 100.31 60.16
C GLY A 126 -58.02 101.33 59.24
N SER A 127 -57.68 102.60 59.42
CA SER A 127 -58.23 103.68 58.62
C SER A 127 -57.22 104.82 58.57
N PHE A 128 -57.39 105.70 57.59
CA PHE A 128 -56.52 106.85 57.41
C PHE A 128 -57.35 108.07 57.02
N ARG A 129 -56.96 109.23 57.54
CA ARG A 129 -57.73 110.45 57.31
C ARG A 129 -57.70 110.86 55.84
N GLY A 130 -56.51 110.84 55.24
CA GLY A 130 -56.36 111.28 53.86
C GLY A 130 -55.14 110.66 53.24
N TYR A 131 -55.01 110.86 51.93
CA TYR A 131 -53.94 110.27 51.14
C TYR A 131 -53.31 111.34 50.26
N ASP A 132 -52.06 111.08 49.87
CA ASP A 132 -51.32 111.91 48.93
C ASP A 132 -50.68 111.02 47.89
N LEU A 133 -50.76 111.45 46.64
CA LEU A 133 -50.17 110.73 45.50
C LEU A 133 -48.85 111.41 45.17
N LEU A 134 -47.78 110.97 45.84
CA LEU A 134 -46.50 111.66 45.72
C LEU A 134 -45.92 111.50 44.32
N ASN A 135 -46.08 110.33 43.71
CA ASN A 135 -45.49 110.04 42.43
C ASN A 135 -46.37 109.02 41.70
N GLU A 136 -46.12 108.88 40.40
CA GLU A 136 -46.90 107.96 39.57
C GLU A 136 -46.13 107.53 38.34
N ILE B 7 -25.23 87.32 51.59
CA ILE B 7 -26.69 87.58 51.70
C ILE B 7 -27.08 87.43 53.17
N GLU B 8 -27.47 88.52 53.80
CA GLU B 8 -27.65 88.53 55.25
C GLU B 8 -28.90 87.76 55.64
N GLU B 9 -28.90 87.25 56.86
CA GLU B 9 -29.91 86.31 57.33
C GLU B 9 -31.23 87.00 57.61
N ALA B 10 -32.26 86.19 57.86
CA ALA B 10 -33.57 86.64 58.31
C ALA B 10 -34.13 85.56 59.22
N SER B 11 -35.40 85.69 59.60
CA SER B 11 -36.00 84.73 60.51
C SER B 11 -37.51 84.86 60.49
N PHE B 12 -38.18 83.71 60.52
CA PHE B 12 -39.62 83.63 60.73
C PHE B 12 -39.88 83.00 62.09
N LEU B 13 -40.71 83.65 62.89
CA LEU B 13 -41.09 83.13 64.20
C LEU B 13 -41.99 81.92 63.97
N ASN B 14 -41.41 80.73 64.07
CA ASN B 14 -42.19 79.51 63.88
C ASN B 14 -43.25 79.42 64.97
N GLY B 15 -44.46 79.01 64.57
CA GLY B 15 -45.57 79.00 65.50
C GLY B 15 -45.51 77.90 66.53
N SER B 16 -44.65 76.90 66.33
CA SER B 16 -44.47 75.85 67.32
C SER B 16 -43.64 76.31 68.52
N ASP B 17 -43.09 77.51 68.49
CA ASP B 17 -42.34 78.05 69.62
C ASP B 17 -43.24 78.67 70.69
N VAL B 18 -44.54 78.78 70.45
CA VAL B 18 -45.44 79.40 71.41
C VAL B 18 -45.48 78.56 72.68
N VAL B 19 -45.44 79.23 73.84
CA VAL B 19 -45.63 78.62 75.13
C VAL B 19 -46.67 79.44 75.87
N ILE B 20 -47.80 78.81 76.20
CA ILE B 20 -48.93 79.48 76.82
C ILE B 20 -49.05 78.99 78.25
N LEU B 21 -48.99 79.92 79.21
CA LEU B 21 -49.28 79.65 80.61
C LEU B 21 -50.63 80.28 80.90
N ILE B 22 -51.63 79.45 81.15
CA ILE B 22 -53.00 79.89 81.42
C ILE B 22 -53.21 79.82 82.92
N ASP B 23 -53.53 80.98 83.52
CA ASP B 23 -53.79 81.07 84.96
C ASP B 23 -52.61 80.54 85.77
N GLY B 24 -51.39 80.83 85.30
CA GLY B 24 -50.18 80.43 85.98
C GLY B 24 -49.60 79.10 85.53
N VAL B 25 -50.41 78.06 85.46
CA VAL B 25 -49.91 76.73 85.10
C VAL B 25 -49.64 76.69 83.60
N GLU B 26 -48.56 76.02 83.22
CA GLU B 26 -48.21 75.90 81.82
C GLU B 26 -49.15 74.93 81.12
N GLU B 27 -49.85 75.41 80.10
CA GLU B 27 -50.76 74.60 79.30
C GLU B 27 -50.01 74.14 78.06
N LEU B 28 -49.93 72.82 77.89
CA LEU B 28 -49.02 72.21 76.93
C LEU B 28 -49.71 71.47 75.79
N TYR B 29 -51.04 71.47 75.74
CA TYR B 29 -51.79 70.88 74.62
C TYR B 29 -52.40 71.92 73.70
N MET B 30 -52.22 73.22 73.98
CA MET B 30 -52.80 74.24 73.13
C MET B 30 -52.11 74.26 71.77
N GLU B 31 -52.89 74.53 70.72
CA GLU B 31 -52.44 74.41 69.34
C GLU B 31 -52.39 75.74 68.60
N GLU B 32 -53.38 76.61 68.81
CA GLU B 32 -53.36 77.93 68.21
C GLU B 32 -54.11 78.90 69.11
N ILE B 33 -53.55 80.09 69.25
CA ILE B 33 -54.08 81.14 70.12
C ILE B 33 -54.20 82.42 69.33
N LYS B 34 -55.31 83.13 69.50
CA LYS B 34 -55.56 84.40 68.86
C LYS B 34 -56.00 85.40 69.92
N ALA B 35 -55.62 86.66 69.74
CA ALA B 35 -56.04 87.72 70.66
C ALA B 35 -55.88 89.06 69.96
N ASP B 36 -56.90 89.89 70.04
CA ASP B 36 -56.90 91.21 69.43
C ASP B 36 -57.49 92.22 70.40
N PHE B 37 -57.07 93.47 70.27
CA PHE B 37 -57.52 94.57 71.10
C PHE B 37 -58.36 95.50 70.23
N GLU B 38 -59.67 95.30 70.28
CA GLU B 38 -60.60 96.06 69.45
C GLU B 38 -60.82 97.45 70.02
N GLN B 39 -61.41 98.33 69.21
CA GLN B 39 -61.81 99.65 69.66
C GLN B 39 -62.87 100.19 68.72
N ASP B 40 -63.84 100.90 69.29
CA ASP B 40 -64.87 101.54 68.48
C ASP B 40 -64.27 102.77 67.80
N GLU B 41 -64.44 102.86 66.48
CA GLU B 41 -63.80 103.92 65.72
C GLU B 41 -64.34 105.29 66.09
N GLN B 42 -65.65 105.37 66.37
CA GLN B 42 -66.32 106.63 66.69
C GLN B 42 -66.13 107.63 65.54
N SER B 43 -66.52 107.22 64.34
CA SER B 43 -66.39 108.09 63.18
C SER B 43 -67.32 109.27 63.32
N ILE B 44 -66.77 110.47 63.11
CA ILE B 44 -67.48 111.73 63.26
C ILE B 44 -67.35 112.52 61.96
N LYS B 45 -68.47 112.99 61.43
CA LYS B 45 -68.51 113.80 60.23
C LYS B 45 -68.54 115.27 60.65
N LEU B 46 -67.49 116.01 60.31
CA LEU B 46 -67.45 117.42 60.63
C LEU B 46 -68.39 118.20 59.70
N LEU B 47 -68.81 119.37 60.17
CA LEU B 47 -69.75 120.20 59.44
C LEU B 47 -69.09 120.99 58.32
N GLY B 48 -67.75 121.09 58.29
CA GLY B 48 -67.04 121.85 57.27
C GLY B 48 -66.03 121.04 56.49
N CYS B 49 -65.51 119.96 57.08
CA CYS B 49 -64.48 119.14 56.47
C CYS B 49 -65.10 117.86 55.91
N GLN B 50 -64.67 117.48 54.71
CA GLN B 50 -65.24 116.33 54.02
C GLN B 50 -64.50 115.03 54.29
N ASN B 51 -63.50 115.03 55.16
CA ASN B 51 -62.80 113.82 55.58
C ASN B 51 -63.30 113.40 56.95
N GLU B 52 -63.78 112.16 57.05
CA GLU B 52 -64.21 111.65 58.33
C GLU B 52 -63.04 111.50 59.28
N ILE B 53 -63.32 111.65 60.58
CA ILE B 53 -62.31 111.63 61.63
C ILE B 53 -62.60 110.46 62.55
N SER B 54 -61.55 109.76 62.95
CA SER B 54 -61.63 108.60 63.82
C SER B 54 -60.97 108.89 65.16
N ARG B 55 -61.50 108.25 66.22
CA ARG B 55 -61.00 108.44 67.56
C ARG B 55 -60.92 107.08 68.25
N VAL B 56 -60.25 107.06 69.41
CA VAL B 56 -59.99 105.81 70.11
C VAL B 56 -61.29 105.19 70.60
N GLY B 57 -62.24 106.02 71.03
CA GLY B 57 -63.47 105.48 71.58
C GLY B 57 -63.18 104.72 72.86
N THR B 58 -63.63 103.46 72.91
CA THR B 58 -63.37 102.58 74.03
C THR B 58 -62.88 101.24 73.51
N THR B 59 -61.99 100.60 74.28
CA THR B 59 -61.34 99.38 73.86
C THR B 59 -62.09 98.15 74.36
N LYS B 60 -61.86 97.04 73.70
CA LYS B 60 -62.48 95.77 74.06
C LYS B 60 -61.55 94.64 73.65
N GLY B 61 -61.36 93.67 74.54
CA GLY B 61 -60.54 92.52 74.24
C GLY B 61 -61.35 91.35 73.72
N SER B 62 -60.65 90.47 73.01
CA SER B 62 -61.22 89.22 72.53
C SER B 62 -60.09 88.27 72.23
N PHE B 63 -60.28 87.00 72.56
CA PHE B 63 -59.23 86.00 72.38
C PHE B 63 -59.86 84.66 72.02
N SER B 64 -59.01 83.67 71.80
CA SER B 64 -59.46 82.33 71.48
C SER B 64 -58.29 81.37 71.57
N LEU B 65 -58.60 80.11 71.84
CA LEU B 65 -57.60 79.04 71.89
C LEU B 65 -58.21 77.77 71.35
N ASN B 66 -57.38 76.97 70.67
CA ASN B 66 -57.75 75.64 70.22
C ASN B 66 -56.62 74.68 70.56
N GLY B 67 -56.97 73.47 70.97
CA GLY B 67 -55.98 72.49 71.34
C GLY B 67 -56.64 71.17 71.63
N TYR B 68 -55.80 70.17 71.85
CA TYR B 68 -56.29 68.82 72.12
C TYR B 68 -56.79 68.73 73.54
N LYS B 69 -57.99 68.17 73.71
CA LYS B 69 -58.57 68.03 75.04
C LYS B 69 -57.84 66.93 75.81
N THR B 70 -57.47 67.23 77.04
CA THR B 70 -56.90 66.23 77.95
C THR B 70 -57.47 66.28 79.35
N ASP B 71 -58.29 67.28 79.68
CA ASP B 71 -58.87 67.39 81.01
C ASP B 71 -60.07 68.32 80.95
N SER B 72 -60.81 68.38 82.05
CA SER B 72 -61.95 69.28 82.20
C SER B 72 -61.56 70.62 82.80
N LYS B 73 -60.35 71.09 82.53
CA LYS B 73 -59.84 72.30 83.15
C LYS B 73 -60.75 73.49 82.87
N PHE B 74 -61.10 73.70 81.60
CA PHE B 74 -61.92 74.86 81.25
C PHE B 74 -63.35 74.70 81.72
N ALA B 75 -63.89 73.49 81.65
CA ALA B 75 -65.25 73.26 82.12
C ALA B 75 -65.38 73.53 83.61
N LYS B 76 -64.40 73.06 84.39
CA LYS B 76 -64.42 73.31 85.83
C LYS B 76 -64.10 74.76 86.16
N LEU B 77 -63.31 75.43 85.31
CA LEU B 77 -62.95 76.82 85.58
C LEU B 77 -64.17 77.73 85.56
N GLY B 78 -65.20 77.37 84.80
CA GLY B 78 -66.36 78.22 84.73
C GLY B 78 -66.05 79.56 84.08
N PHE B 79 -66.82 80.58 84.48
CA PHE B 79 -66.61 81.94 84.01
C PHE B 79 -65.72 82.75 84.95
N ARG B 80 -64.86 82.09 85.72
CA ARG B 80 -63.93 82.79 86.59
C ARG B 80 -62.94 83.60 85.75
N SER B 81 -62.56 84.77 86.25
CA SER B 81 -61.52 85.54 85.60
C SER B 81 -60.17 84.87 85.80
N PHE B 82 -59.27 85.06 84.84
CA PHE B 82 -57.95 84.45 84.89
C PHE B 82 -57.02 85.19 83.94
N GLU B 83 -55.73 84.95 84.12
CA GLU B 83 -54.68 85.55 83.31
C GLU B 83 -54.17 84.55 82.28
N ILE B 84 -53.66 85.06 81.17
CA ILE B 84 -53.02 84.27 80.13
C ILE B 84 -51.68 84.90 79.79
N ILE B 85 -50.63 84.09 79.76
CA ILE B 85 -49.31 84.48 79.30
C ILE B 85 -49.06 83.77 77.97
N TYR B 86 -48.32 84.42 77.09
CA TYR B 86 -48.05 83.90 75.75
C TYR B 86 -46.62 84.26 75.39
N ASN B 87 -45.72 83.27 75.43
CA ASN B 87 -44.30 83.48 75.20
C ASN B 87 -43.96 82.97 73.79
N LEU B 88 -43.91 83.89 72.83
CA LEU B 88 -43.54 83.56 71.46
C LEU B 88 -42.01 83.55 71.37
N SER B 89 -41.44 82.43 71.81
CA SER B 89 -39.99 82.29 71.83
C SER B 89 -39.42 82.35 70.42
N ASN B 90 -38.26 83.00 70.30
CA ASN B 90 -37.47 83.00 69.08
C ASN B 90 -36.09 82.48 69.44
N SER B 91 -35.62 81.46 68.71
CA SER B 91 -34.34 80.82 69.01
C SER B 91 -33.25 81.13 67.99
N GLU B 92 -33.61 81.50 66.76
CA GLU B 92 -32.59 81.95 65.82
C GLU B 92 -31.95 83.24 66.31
N THR B 93 -32.78 84.16 66.81
CA THR B 93 -32.33 85.28 67.64
C THR B 93 -33.07 85.16 68.96
N LEU B 94 -32.37 85.36 70.07
CA LEU B 94 -32.90 84.97 71.38
C LEU B 94 -33.92 85.97 71.93
N GLY B 95 -34.31 86.97 71.15
CA GLY B 95 -35.23 87.98 71.62
C GLY B 95 -36.68 87.53 71.64
N TYR B 96 -37.04 86.71 72.63
CA TYR B 96 -38.40 86.23 72.75
C TYR B 96 -39.37 87.39 72.97
N GLU B 97 -40.66 87.08 72.85
CA GLU B 97 -41.74 88.04 73.07
C GLU B 97 -42.76 87.43 74.01
N SER B 98 -43.16 88.21 75.02
CA SER B 98 -44.10 87.76 76.05
C SER B 98 -45.19 88.80 76.21
N ILE B 99 -46.44 88.34 76.22
CA ILE B 99 -47.61 89.20 76.36
C ILE B 99 -48.53 88.61 77.42
N ARG B 100 -49.10 89.47 78.26
CA ARG B 100 -50.03 89.07 79.31
C ARG B 100 -51.40 89.65 78.99
N LEU B 101 -52.42 88.80 79.09
CA LEU B 101 -53.82 89.20 78.93
C LEU B 101 -54.49 89.20 80.29
N LYS B 102 -55.10 90.33 80.64
CA LYS B 102 -55.59 90.56 82.00
C LYS B 102 -57.09 90.30 82.07
N ASN B 103 -57.51 89.55 83.09
CA ASN B 103 -58.92 89.32 83.39
C ASN B 103 -59.63 88.62 82.23
N CYS B 104 -59.00 87.56 81.73
CA CYS B 104 -59.62 86.76 80.67
C CYS B 104 -60.87 86.07 81.22
N ARG B 105 -61.96 86.12 80.46
CA ARG B 105 -63.22 85.49 80.84
C ARG B 105 -63.80 84.80 79.62
N LEU B 106 -64.26 83.56 79.81
CA LEU B 106 -64.79 82.78 78.70
C LEU B 106 -66.12 83.36 78.23
N LYS B 107 -66.30 83.40 76.91
CA LYS B 107 -67.60 83.78 76.35
C LYS B 107 -68.58 82.62 76.42
N LYS B 108 -68.10 81.38 76.32
CA LYS B 108 -68.97 80.21 76.33
C LYS B 108 -68.17 79.03 76.85
N LEU B 109 -68.75 78.29 77.79
CA LEU B 109 -68.05 77.16 78.39
C LEU B 109 -68.15 75.96 77.45
N PRO B 110 -67.03 75.44 76.90
CA PRO B 110 -67.16 74.29 75.98
C PRO B 110 -67.22 72.96 76.71
N LEU B 111 -68.42 72.62 77.19
CA LEU B 111 -68.58 71.40 77.97
C LEU B 111 -68.27 70.16 77.15
N ILE B 112 -68.89 70.03 75.97
CA ILE B 112 -68.81 68.82 75.18
C ILE B 112 -68.58 69.19 73.72
N ASN B 113 -67.57 68.57 73.11
CA ASN B 113 -67.36 68.70 71.67
C ASN B 113 -66.54 67.50 71.23
N SER B 114 -67.11 66.64 70.40
CA SER B 114 -66.43 65.41 70.03
C SER B 114 -67.15 64.76 68.86
N LYS B 115 -66.37 64.21 67.94
CA LYS B 115 -66.86 63.41 66.83
C LYS B 115 -66.26 62.02 66.92
N ALA B 116 -67.03 61.01 66.50
CA ALA B 116 -66.67 59.63 66.80
C ALA B 116 -65.35 59.23 66.16
N GLY B 117 -65.15 59.59 64.90
CA GLY B 117 -63.99 59.13 64.16
C GLY B 117 -62.80 60.06 64.19
N GLU B 118 -62.76 60.96 65.17
CA GLU B 118 -61.76 62.03 65.22
C GLU B 118 -61.22 62.19 66.63
N ILE B 119 -60.11 62.90 66.73
CA ILE B 119 -59.52 63.25 68.01
C ILE B 119 -60.30 64.41 68.61
N VAL B 120 -60.46 64.39 69.93
CA VAL B 120 -61.27 65.40 70.61
C VAL B 120 -60.42 66.64 70.83
N LYS B 121 -60.92 67.78 70.34
CA LYS B 121 -60.26 69.07 70.49
C LYS B 121 -61.17 70.02 71.24
N ILE B 122 -60.57 70.94 71.99
CA ILE B 122 -61.28 71.92 72.79
C ILE B 122 -61.01 73.30 72.23
N GLU B 123 -62.08 74.03 71.92
CA GLU B 123 -62.01 75.38 71.39
C GLU B 123 -62.62 76.34 72.40
N VAL B 124 -61.94 77.47 72.63
CA VAL B 124 -62.34 78.45 73.62
C VAL B 124 -62.34 79.82 72.96
N GLU B 125 -63.22 80.70 73.44
CA GLU B 125 -63.24 82.09 73.03
C GLU B 125 -63.81 82.92 74.16
N GLY B 126 -63.32 84.15 74.28
CA GLY B 126 -63.76 85.01 75.36
C GLY B 126 -63.35 86.45 75.20
N SER B 127 -63.04 87.12 76.31
CA SER B 127 -62.67 88.52 76.31
C SER B 127 -61.75 88.79 77.48
N PHE B 128 -60.99 89.88 77.38
CA PHE B 128 -60.06 90.28 78.43
C PHE B 128 -60.11 91.79 78.61
N ARG B 129 -60.01 92.23 79.86
CA ARG B 129 -60.14 93.66 80.17
C ARG B 129 -59.00 94.46 79.56
N GLY B 130 -57.77 93.99 79.74
CA GLY B 130 -56.61 94.72 79.26
C GLY B 130 -55.44 93.78 79.08
N TYR B 131 -54.37 94.33 78.49
CA TYR B 131 -53.19 93.56 78.13
C TYR B 131 -51.94 94.29 78.61
N ASP B 132 -50.88 93.51 78.80
CA ASP B 132 -49.57 94.03 79.13
C ASP B 132 -48.54 93.38 78.22
N LEU B 133 -47.60 94.18 77.74
CA LEU B 133 -46.53 93.71 76.85
C LEU B 133 -45.27 93.57 77.69
N LEU B 134 -45.12 92.39 78.30
CA LEU B 134 -44.04 92.20 79.26
C LEU B 134 -42.68 92.24 78.57
N ASN B 135 -42.58 91.69 77.36
CA ASN B 135 -41.31 91.59 76.67
C ASN B 135 -41.57 91.64 75.17
N GLU B 136 -40.51 91.86 74.40
CA GLU B 136 -40.61 91.94 72.96
C GLU B 136 -39.27 91.62 72.29
N ILE C 7 -38.37 59.96 76.62
CA ILE C 7 -39.37 60.96 76.16
C ILE C 7 -40.73 60.54 76.74
N GLU C 8 -41.24 61.33 77.69
CA GLU C 8 -42.41 60.91 78.45
C GLU C 8 -43.66 60.93 77.60
N GLU C 9 -44.62 60.09 77.96
CA GLU C 9 -45.79 59.83 77.13
C GLU C 9 -46.79 60.96 77.21
N ALA C 10 -47.80 60.90 76.33
CA ALA C 10 -48.92 61.82 76.32
C ALA C 10 -50.14 61.04 75.86
N SER C 11 -51.24 61.75 75.60
CA SER C 11 -52.47 61.07 75.21
C SER C 11 -53.42 62.06 74.55
N PHE C 12 -54.11 61.59 73.52
CA PHE C 12 -55.23 62.30 72.92
C PHE C 12 -56.50 61.52 73.20
N LEU C 13 -57.50 62.20 73.72
CA LEU C 13 -58.79 61.57 73.99
C LEU C 13 -59.46 61.30 72.66
N ASN C 14 -59.36 60.06 72.19
CA ASN C 14 -59.97 59.70 70.92
C ASN C 14 -61.48 59.85 71.01
N GLY C 15 -62.08 60.40 69.95
CA GLY C 15 -63.49 60.69 69.98
C GLY C 15 -64.39 59.48 69.89
N SER C 16 -63.84 58.31 69.54
CA SER C 16 -64.62 57.08 69.52
C SER C 16 -64.84 56.49 70.90
N ASP C 17 -64.26 57.08 71.95
CA ASP C 17 -64.49 56.62 73.32
C ASP C 17 -65.75 57.19 73.95
N VAL C 18 -66.44 58.12 73.27
CA VAL C 18 -67.63 58.73 73.83
C VAL C 18 -68.71 57.69 74.01
N VAL C 19 -69.39 57.73 75.16
CA VAL C 19 -70.57 56.93 75.45
C VAL C 19 -71.65 57.87 75.94
N ILE C 20 -72.74 57.96 75.20
CA ILE C 20 -73.84 58.89 75.49
C ILE C 20 -75.02 58.08 75.98
N LEU C 21 -75.50 58.40 77.18
CA LEU C 21 -76.74 57.86 77.72
C LEU C 21 -77.76 59.00 77.69
N ILE C 22 -78.73 58.89 76.79
CA ILE C 22 -79.76 59.90 76.63
C ILE C 22 -81.00 59.44 77.38
N ASP C 23 -81.42 60.24 78.36
CA ASP C 23 -82.60 59.94 79.17
C ASP C 23 -82.48 58.56 79.84
N GLY C 24 -81.28 58.24 80.31
CA GLY C 24 -81.03 56.99 81.01
C GLY C 24 -80.54 55.87 80.13
N VAL C 25 -81.23 55.58 79.03
CA VAL C 25 -80.88 54.46 78.15
C VAL C 25 -79.64 54.82 77.38
N GLU C 26 -78.75 53.84 77.20
CA GLU C 26 -77.52 54.06 76.46
C GLU C 26 -77.82 54.15 74.97
N GLU C 27 -77.48 55.28 74.36
CA GLU C 27 -77.66 55.51 72.94
C GLU C 27 -76.35 55.18 72.24
N LEU C 28 -76.40 54.22 71.31
CA LEU C 28 -75.22 53.61 70.74
C LEU C 28 -75.01 53.88 69.25
N TYR C 29 -75.88 54.66 68.61
CA TYR C 29 -75.71 55.06 67.22
C TYR C 29 -75.26 56.50 67.06
N MET C 30 -75.11 57.26 68.15
CA MET C 30 -74.71 58.66 68.03
C MET C 30 -73.26 58.74 67.56
N GLU C 31 -72.99 59.76 66.73
CA GLU C 31 -71.71 59.90 66.06
C GLU C 31 -70.91 61.10 66.55
N GLU C 32 -71.54 62.26 66.73
CA GLU C 32 -70.87 63.42 67.26
C GLU C 32 -71.84 64.22 68.11
N ILE C 33 -71.36 64.72 69.25
CA ILE C 33 -72.16 65.48 70.19
C ILE C 33 -71.42 66.77 70.51
N LYS C 34 -72.16 67.87 70.59
CA LYS C 34 -71.63 69.18 70.95
C LYS C 34 -72.51 69.78 72.03
N ALA C 35 -71.90 70.55 72.92
CA ALA C 35 -72.65 71.24 73.96
C ALA C 35 -71.79 72.38 74.50
N ASP C 36 -72.40 73.55 74.64
CA ASP C 36 -71.73 74.74 75.15
C ASP C 36 -72.65 75.47 76.11
N PHE C 37 -72.04 76.18 77.05
CA PHE C 37 -72.75 76.96 78.06
C PHE C 37 -72.53 78.44 77.75
N GLU C 38 -73.48 79.03 77.05
CA GLU C 38 -73.36 80.43 76.63
C GLU C 38 -73.68 81.37 77.79
N GLN C 39 -73.35 82.64 77.59
CA GLN C 39 -73.69 83.67 78.55
C GLN C 39 -73.64 85.02 77.85
N ASP C 40 -74.57 85.90 78.21
CA ASP C 40 -74.58 87.25 77.69
C ASP C 40 -73.47 88.06 78.36
N GLU C 41 -72.63 88.71 77.55
CA GLU C 41 -71.46 89.37 78.10
C GLU C 41 -71.84 90.57 78.96
N GLN C 42 -72.89 91.29 78.59
CA GLN C 42 -73.32 92.49 79.30
C GLN C 42 -72.19 93.52 79.35
N SER C 43 -71.67 93.86 78.18
CA SER C 43 -70.59 94.83 78.11
C SER C 43 -71.09 96.21 78.54
N ILE C 44 -70.37 96.82 79.47
CA ILE C 44 -70.73 98.12 80.05
C ILE C 44 -69.58 99.08 79.86
N LYS C 45 -69.87 100.26 79.32
CA LYS C 45 -68.89 101.31 79.13
C LYS C 45 -68.96 102.25 80.32
N LEU C 46 -67.89 102.30 81.10
CA LEU C 46 -67.85 103.20 82.25
C LEU C 46 -67.67 104.64 81.78
N LEU C 47 -68.09 105.57 82.63
CA LEU C 47 -68.03 106.98 82.31
C LEU C 47 -66.65 107.59 82.48
N GLY C 48 -65.72 106.89 83.13
CA GLY C 48 -64.37 107.40 83.37
C GLY C 48 -63.26 106.51 82.85
N CYS C 49 -63.53 105.20 82.71
CA CYS C 49 -62.53 104.23 82.28
C CYS C 49 -62.78 103.85 80.83
N GLN C 50 -61.70 103.76 80.05
CA GLN C 50 -61.78 103.50 78.63
C GLN C 50 -61.72 102.03 78.27
N ASN C 51 -61.65 101.13 79.25
CA ASN C 51 -61.70 99.69 79.02
C ASN C 51 -63.10 99.18 79.34
N GLU C 52 -63.72 98.51 78.36
CA GLU C 52 -65.02 97.93 78.58
C GLU C 52 -64.94 96.80 79.60
N ILE C 53 -66.03 96.60 80.33
CA ILE C 53 -66.11 95.63 81.41
C ILE C 53 -67.18 94.61 81.06
N SER C 54 -66.89 93.34 81.33
CA SER C 54 -67.78 92.23 81.03
C SER C 54 -68.24 91.57 82.33
N ARG C 55 -69.46 91.04 82.30
CA ARG C 55 -70.07 90.39 83.46
C ARG C 55 -70.75 89.11 83.01
N VAL C 56 -71.13 88.29 83.99
CA VAL C 56 -71.68 86.97 83.70
C VAL C 56 -73.02 87.08 82.98
N GLY C 57 -73.82 88.09 83.34
CA GLY C 57 -75.14 88.21 82.73
C GLY C 57 -76.01 87.03 83.13
N THR C 58 -76.57 86.35 82.14
CA THR C 58 -77.36 85.15 82.34
C THR C 58 -76.90 84.07 81.39
N THR C 59 -76.96 82.82 81.84
CA THR C 59 -76.45 81.68 81.10
C THR C 59 -77.53 81.04 80.26
N LYS C 60 -77.09 80.36 79.20
CA LYS C 60 -78.00 79.65 78.30
C LYS C 60 -77.28 78.44 77.75
N GLY C 61 -77.96 77.29 77.76
CA GLY C 61 -77.39 76.08 77.22
C GLY C 61 -77.78 75.84 75.77
N SER C 62 -76.95 75.07 75.08
CA SER C 62 -77.22 74.67 73.72
C SER C 62 -76.41 73.40 73.43
N PHE C 63 -77.00 72.48 72.69
CA PHE C 63 -76.35 71.21 72.40
C PHE C 63 -76.76 70.73 71.02
N SER C 64 -76.20 69.59 70.62
CA SER C 64 -76.51 69.01 69.34
C SER C 64 -75.96 67.59 69.28
N LEU C 65 -76.60 66.76 68.47
CA LEU C 65 -76.16 65.38 68.26
C LEU C 65 -76.42 64.99 66.82
N ASN C 66 -75.52 64.18 66.26
CA ASN C 66 -75.68 63.59 64.94
C ASN C 66 -75.33 62.11 65.03
N GLY C 67 -76.09 61.29 64.31
CA GLY C 67 -75.85 59.86 64.34
C GLY C 67 -76.74 59.16 63.34
N TYR C 68 -76.50 57.86 63.20
CA TYR C 68 -77.27 57.04 62.28
C TYR C 68 -78.66 56.79 62.86
N LYS C 69 -79.68 56.98 62.02
CA LYS C 69 -81.04 56.74 62.47
C LYS C 69 -81.31 55.24 62.52
N THR C 70 -81.90 54.79 63.63
CA THR C 70 -82.35 53.41 63.76
C THR C 70 -83.73 53.29 64.38
N ASP C 71 -84.34 54.37 64.84
CA ASP C 71 -85.66 54.30 65.47
C ASP C 71 -86.26 55.69 65.47
N SER C 72 -87.55 55.76 65.83
CA SER C 72 -88.26 57.02 65.98
C SER C 72 -88.20 57.56 67.39
N LYS C 73 -87.09 57.30 68.11
CA LYS C 73 -86.99 57.68 69.52
C LYS C 73 -87.19 59.18 69.70
N PHE C 74 -86.47 59.99 68.92
CA PHE C 74 -86.56 61.43 69.11
C PHE C 74 -87.90 61.98 68.62
N ALA C 75 -88.43 61.42 67.53
CA ALA C 75 -89.71 61.88 67.03
C ALA C 75 -90.83 61.60 68.04
N LYS C 76 -90.82 60.41 68.65
CA LYS C 76 -91.82 60.10 69.66
C LYS C 76 -91.58 60.85 70.96
N LEU C 77 -90.32 61.19 71.25
CA LEU C 77 -90.00 61.90 72.49
C LEU C 77 -90.66 63.28 72.52
N GLY C 78 -90.85 63.90 71.35
CA GLY C 78 -91.44 65.23 71.33
C GLY C 78 -90.52 66.25 71.99
N PHE C 79 -91.13 67.31 72.51
CA PHE C 79 -90.40 68.35 73.22
C PHE C 79 -90.33 68.10 74.72
N ARG C 80 -90.43 66.85 75.15
CA ARG C 80 -90.31 66.51 76.56
C ARG C 80 -88.91 66.82 77.05
N SER C 81 -88.80 67.27 78.29
CA SER C 81 -87.50 67.46 78.91
C SER C 81 -86.85 66.12 79.20
N PHE C 82 -85.52 66.09 79.17
CA PHE C 82 -84.78 64.86 79.41
C PHE C 82 -83.35 65.20 79.76
N GLU C 83 -82.63 64.21 80.28
CA GLU C 83 -81.24 64.35 80.69
C GLU C 83 -80.34 63.66 79.67
N ILE C 84 -79.10 64.16 79.58
CA ILE C 84 -78.07 63.57 78.73
C ILE C 84 -76.82 63.38 79.57
N ILE C 85 -76.23 62.18 79.49
CA ILE C 85 -74.93 61.90 80.08
C ILE C 85 -73.94 61.70 78.94
N TYR C 86 -72.69 62.07 79.17
CA TYR C 86 -71.65 62.01 78.16
C TYR C 86 -70.35 61.57 78.84
N ASN C 87 -69.99 60.31 78.65
CA ASN C 87 -68.82 59.71 79.29
C ASN C 87 -67.68 59.65 78.29
N LEU C 88 -66.81 60.65 78.31
CA LEU C 88 -65.63 60.68 77.45
C LEU C 88 -64.54 59.82 78.11
N SER C 89 -64.65 58.52 77.90
CA SER C 89 -63.71 57.58 78.49
C SER C 89 -62.30 57.81 77.95
N ASN C 90 -61.33 57.63 78.83
CA ASN C 90 -59.91 57.61 78.47
C ASN C 90 -59.35 56.29 78.97
N SER C 91 -58.64 55.58 78.10
CA SER C 91 -58.13 54.25 78.41
C SER C 91 -56.62 54.19 78.52
N GLU C 92 -55.90 55.09 77.86
CA GLU C 92 -54.46 55.18 78.10
C GLU C 92 -54.17 55.57 79.53
N THR C 93 -54.93 56.54 80.05
CA THR C 93 -55.04 56.80 81.48
C THR C 93 -56.51 56.67 81.83
N LEU C 94 -56.81 56.04 82.97
CA LEU C 94 -58.17 55.60 83.26
C LEU C 94 -59.07 56.74 83.76
N GLY C 95 -58.60 57.97 83.73
CA GLY C 95 -59.36 59.10 84.24
C GLY C 95 -60.45 59.57 83.31
N TYR C 96 -61.54 58.82 83.22
CA TYR C 96 -62.66 59.19 82.36
C TYR C 96 -63.24 60.54 82.79
N GLU C 97 -64.09 61.08 81.92
CA GLU C 97 -64.78 62.34 82.18
C GLU C 97 -66.26 62.14 81.88
N SER C 98 -67.11 62.56 82.82
CA SER C 98 -68.56 62.42 82.71
C SER C 98 -69.22 63.76 82.98
N ILE C 99 -70.14 64.15 82.11
CA ILE C 99 -70.87 65.42 82.21
C ILE C 99 -72.35 65.12 82.04
N ARG C 100 -73.18 65.78 82.84
CA ARG C 100 -74.63 65.66 82.78
C ARG C 100 -75.23 66.99 82.33
N LEU C 101 -76.14 66.94 81.37
CA LEU C 101 -76.88 68.09 80.89
C LEU C 101 -78.32 68.00 81.39
N LYS C 102 -78.76 69.03 82.10
CA LYS C 102 -80.03 69.01 82.82
C LYS C 102 -81.13 69.66 81.99
N ASN C 103 -82.28 68.99 81.91
CA ASN C 103 -83.47 69.54 81.27
C ASN C 103 -83.22 69.85 79.80
N CYS C 104 -82.70 68.85 79.08
CA CYS C 104 -82.50 69.00 77.64
C CYS C 104 -83.84 69.03 76.93
N ARG C 105 -84.01 69.99 76.02
CA ARG C 105 -85.24 70.12 75.25
C ARG C 105 -84.89 70.41 73.80
N LEU C 106 -85.53 69.69 72.88
CA LEU C 106 -85.22 69.83 71.46
C LEU C 106 -85.68 71.19 70.95
N LYS C 107 -84.84 71.81 70.11
CA LYS C 107 -85.25 73.02 69.41
C LYS C 107 -86.18 72.71 68.25
N LYS C 108 -85.99 71.57 67.59
CA LYS C 108 -86.79 71.20 66.43
C LYS C 108 -86.83 69.69 66.33
N LEU C 109 -88.02 69.14 66.14
CA LEU C 109 -88.19 67.70 66.09
C LEU C 109 -87.80 67.20 64.70
N PRO C 110 -86.76 66.36 64.55
CA PRO C 110 -86.38 65.91 63.20
C PRO C 110 -87.19 64.72 62.72
N LEU C 111 -88.40 65.01 62.23
CA LEU C 111 -89.30 63.95 61.81
C LEU C 111 -88.72 63.15 60.64
N ILE C 112 -88.31 63.83 59.57
CA ILE C 112 -87.89 63.19 58.34
C ILE C 112 -86.62 63.86 57.84
N ASN C 113 -85.62 63.05 57.50
CA ASN C 113 -84.43 63.54 56.83
C ASN C 113 -83.77 62.33 56.16
N SER C 114 -83.73 62.33 54.85
CA SER C 114 -83.21 61.18 54.13
C SER C 114 -82.96 61.55 52.67
N LYS C 115 -81.89 60.99 52.11
CA LYS C 115 -81.57 61.09 50.70
C LYS C 115 -81.48 59.69 50.12
N ALA C 116 -81.89 59.56 48.85
CA ALA C 116 -82.09 58.24 48.27
C ALA C 116 -80.80 57.42 48.23
N GLY C 117 -79.70 58.03 47.82
CA GLY C 117 -78.47 57.30 47.62
C GLY C 117 -77.53 57.29 48.80
N GLU C 118 -78.04 57.58 49.99
CA GLU C 118 -77.22 57.78 51.18
C GLU C 118 -77.83 57.06 52.38
N ILE C 119 -77.06 57.00 53.45
CA ILE C 119 -77.52 56.42 54.71
C ILE C 119 -78.32 57.47 55.46
N VAL C 120 -79.36 57.03 56.16
CA VAL C 120 -80.24 57.96 56.87
C VAL C 120 -79.60 58.29 58.22
N LYS C 121 -79.35 59.58 58.44
CA LYS C 121 -78.79 60.07 59.68
C LYS C 121 -79.77 61.04 60.34
N ILE C 122 -79.69 61.12 61.67
CA ILE C 122 -80.58 61.96 62.46
C ILE C 122 -79.74 63.02 63.14
N GLU C 123 -80.12 64.29 62.93
CA GLU C 123 -79.44 65.44 63.53
C GLU C 123 -80.40 66.12 64.49
N VAL C 124 -79.91 66.45 65.68
CA VAL C 124 -80.71 67.04 66.74
C VAL C 124 -79.99 68.28 67.26
N GLU C 125 -80.77 69.25 67.72
CA GLU C 125 -80.23 70.43 68.38
C GLU C 125 -81.28 70.98 69.32
N GLY C 126 -80.83 71.55 70.43
CA GLY C 126 -81.75 72.08 71.42
C GLY C 126 -81.09 72.94 72.47
N SER C 127 -81.55 72.82 73.71
CA SER C 127 -81.03 73.63 74.80
C SER C 127 -81.21 72.88 76.11
N PHE C 128 -80.44 73.27 77.11
CA PHE C 128 -80.50 72.66 78.44
C PHE C 128 -80.39 73.73 79.50
N ARG C 129 -81.15 73.57 80.59
CA ARG C 129 -81.20 74.58 81.64
C ARG C 129 -79.86 74.72 82.33
N GLY C 130 -79.24 73.59 82.70
CA GLY C 130 -77.99 73.62 83.43
C GLY C 130 -77.23 72.33 83.23
N TYR C 131 -75.98 72.34 83.71
CA TYR C 131 -75.07 71.23 83.53
C TYR C 131 -74.45 70.86 84.87
N ASP C 132 -74.00 69.60 84.96
CA ASP C 132 -73.24 69.11 86.10
C ASP C 132 -72.02 68.36 85.60
N LEU C 133 -70.91 68.55 86.29
CA LEU C 133 -69.64 67.91 85.96
C LEU C 133 -69.44 66.77 86.95
N LEU C 134 -69.98 65.59 86.60
CA LEU C 134 -69.98 64.48 87.55
C LEU C 134 -68.57 63.97 87.81
N ASN C 135 -67.74 63.95 86.78
CA ASN C 135 -66.38 63.41 86.90
C ASN C 135 -65.49 64.13 85.90
N GLU C 136 -64.19 63.94 86.07
CA GLU C 136 -63.20 64.57 85.20
C GLU C 136 -61.89 63.81 85.20
N ILE D 7 -69.94 38.62 67.43
CA ILE D 7 -70.13 40.09 67.32
C ILE D 7 -71.55 40.33 66.78
N GLU D 8 -72.44 40.84 67.64
CA GLU D 8 -73.85 40.88 67.30
C GLU D 8 -74.11 41.95 66.23
N GLU D 9 -75.15 41.70 65.43
CA GLU D 9 -75.41 42.50 64.24
C GLU D 9 -75.92 43.89 64.62
N ALA D 10 -75.92 44.78 63.63
CA ALA D 10 -76.51 46.10 63.73
C ALA D 10 -77.14 46.41 62.38
N SER D 11 -77.62 47.64 62.20
CA SER D 11 -78.26 48.00 60.96
C SER D 11 -78.39 49.51 60.85
N PHE D 12 -78.19 50.03 59.66
CA PHE D 12 -78.49 51.40 59.30
C PHE D 12 -79.66 51.43 58.33
N LEU D 13 -80.51 52.44 58.46
CA LEU D 13 -81.66 52.58 57.57
C LEU D 13 -81.16 53.22 56.29
N ASN D 14 -80.98 52.41 55.26
CA ASN D 14 -80.54 52.93 53.97
C ASN D 14 -81.59 53.87 53.40
N GLY D 15 -81.13 54.99 52.84
CA GLY D 15 -82.04 56.01 52.37
C GLY D 15 -82.82 55.64 51.14
N SER D 16 -82.37 54.64 50.39
CA SER D 16 -83.10 54.20 49.20
C SER D 16 -84.36 53.43 49.52
N ASP D 17 -84.61 53.11 50.79
CA ASP D 17 -85.83 52.42 51.20
C ASP D 17 -87.02 53.35 51.36
N VAL D 18 -86.82 54.66 51.26
CA VAL D 18 -87.91 55.61 51.46
C VAL D 18 -88.95 55.43 50.38
N VAL D 19 -90.23 55.43 50.79
CA VAL D 19 -91.37 55.42 49.89
C VAL D 19 -92.29 56.55 50.30
N ILE D 20 -92.48 57.53 49.42
CA ILE D 20 -93.24 58.74 49.69
C ILE D 20 -94.54 58.67 48.91
N LEU D 21 -95.67 58.70 49.61
CA LEU D 21 -96.99 58.83 49.00
C LEU D 21 -97.45 60.26 49.27
N ILE D 22 -97.47 61.08 48.22
CA ILE D 22 -97.87 62.48 48.32
C ILE D 22 -99.33 62.58 47.90
N ASP D 23 -100.17 63.07 48.81
CA ASP D 23 -101.60 63.25 48.54
C ASP D 23 -102.25 61.93 48.11
N GLY D 24 -101.83 60.84 48.74
CA GLY D 24 -102.38 59.53 48.47
C GLY D 24 -101.65 58.73 47.42
N VAL D 25 -101.37 59.32 46.26
CA VAL D 25 -100.72 58.61 45.16
C VAL D 25 -99.25 58.43 45.48
N GLU D 26 -98.71 57.26 45.14
CA GLU D 26 -97.31 56.98 45.39
C GLU D 26 -96.43 57.75 44.42
N GLU D 27 -95.56 58.60 44.97
CA GLU D 27 -94.61 59.38 44.18
C GLU D 27 -93.30 58.63 44.15
N LEU D 28 -92.81 58.34 42.94
CA LEU D 28 -91.71 57.41 42.74
C LEU D 28 -90.47 58.00 42.11
N TYR D 29 -90.45 59.31 41.85
CA TYR D 29 -89.26 60.00 41.36
C TYR D 29 -88.59 60.86 42.43
N MET D 30 -89.15 60.94 43.64
CA MET D 30 -88.55 61.75 44.68
C MET D 30 -87.23 61.15 45.13
N GLU D 31 -86.27 62.01 45.44
CA GLU D 31 -84.90 61.61 45.73
C GLU D 31 -84.49 61.85 47.18
N GLU D 32 -84.84 63.01 47.74
CA GLU D 32 -84.55 63.30 49.14
C GLU D 32 -85.66 64.15 49.72
N ILE D 33 -86.06 63.82 50.95
CA ILE D 33 -87.14 64.51 51.65
C ILE D 33 -86.64 64.91 53.03
N LYS D 34 -87.02 66.11 53.45
CA LYS D 34 -86.68 66.63 54.76
C LYS D 34 -87.95 67.19 55.40
N ALA D 35 -88.04 67.06 56.71
CA ALA D 35 -89.18 67.62 57.45
C ALA D 35 -88.80 67.76 58.91
N ASP D 36 -89.06 68.93 59.48
CA ASP D 36 -88.76 69.22 60.88
C ASP D 36 -89.94 69.96 61.50
N PHE D 37 -90.08 69.79 62.80
CA PHE D 37 -91.15 70.40 63.59
C PHE D 37 -90.51 71.47 64.48
N GLU D 38 -90.55 72.70 64.02
CA GLU D 38 -89.91 73.80 64.73
C GLU D 38 -90.79 74.27 65.89
N GLN D 39 -90.19 75.05 66.78
CA GLN D 39 -90.93 75.68 67.87
C GLN D 39 -90.15 76.88 68.36
N ASP D 40 -90.88 77.94 68.73
CA ASP D 40 -90.26 79.12 69.29
C ASP D 40 -89.85 78.83 70.73
N GLU D 41 -88.59 79.11 71.07
CA GLU D 41 -88.06 78.72 72.36
C GLU D 41 -88.74 79.49 73.49
N GLN D 42 -89.06 80.76 73.26
CA GLN D 42 -89.65 81.63 74.28
C GLN D 42 -88.76 81.71 75.52
N SER D 43 -87.49 82.06 75.29
CA SER D 43 -86.55 82.19 76.39
C SER D 43 -86.96 83.33 77.30
N ILE D 44 -86.99 83.04 78.60
CA ILE D 44 -87.42 84.00 79.62
C ILE D 44 -86.33 84.09 80.68
N LYS D 45 -85.92 85.32 80.99
CA LYS D 45 -84.94 85.59 82.02
C LYS D 45 -85.68 85.89 83.32
N LEU D 46 -85.49 85.04 84.32
CA LEU D 46 -86.13 85.26 85.61
C LEU D 46 -85.41 86.37 86.36
N LEU D 47 -86.14 86.98 87.29
CA LEU D 47 -85.63 88.11 88.05
C LEU D 47 -84.71 87.69 89.19
N GLY D 48 -84.68 86.40 89.55
CA GLY D 48 -83.85 85.91 90.64
C GLY D 48 -82.88 84.80 90.25
N CYS D 49 -83.21 84.05 89.20
CA CYS D 49 -82.40 82.92 88.75
C CYS D 49 -81.60 83.31 87.52
N GLN D 50 -80.34 82.90 87.49
CA GLN D 50 -79.42 83.28 86.43
C GLN D 50 -79.38 82.27 85.27
N ASN D 51 -80.19 81.22 85.31
CA ASN D 51 -80.33 80.27 84.21
C ASN D 51 -81.58 80.59 83.42
N GLU D 52 -81.42 80.81 82.12
CA GLU D 52 -82.56 81.07 81.26
C GLU D 52 -83.44 79.83 81.17
N ILE D 53 -84.74 80.06 80.98
CA ILE D 53 -85.75 79.00 80.95
C ILE D 53 -86.40 79.01 79.57
N SER D 54 -86.62 77.82 79.03
CA SER D 54 -87.21 77.62 77.72
C SER D 54 -88.57 76.94 77.85
N ARG D 55 -89.47 77.27 76.91
CA ARG D 55 -90.81 76.72 76.89
C ARG D 55 -91.18 76.35 75.46
N VAL D 56 -92.29 75.61 75.34
CA VAL D 56 -92.70 75.09 74.03
C VAL D 56 -93.06 76.21 73.08
N GLY D 57 -93.68 77.27 73.59
CA GLY D 57 -94.13 78.33 72.71
C GLY D 57 -95.19 77.82 71.77
N THR D 58 -94.98 78.02 70.46
CA THR D 58 -95.87 77.52 69.43
C THR D 58 -95.04 76.81 68.37
N THR D 59 -95.65 75.79 67.76
CA THR D 59 -94.96 74.92 66.81
C THR D 59 -95.20 75.38 65.38
N LYS D 60 -94.29 74.99 64.50
CA LYS D 60 -94.38 75.34 63.08
C LYS D 60 -93.69 74.24 62.28
N GLY D 61 -94.38 73.75 61.26
CA GLY D 61 -93.81 72.74 60.39
C GLY D 61 -93.04 73.33 59.23
N SER D 62 -92.14 72.52 58.67
CA SER D 62 -91.41 72.88 57.47
C SER D 62 -90.89 71.60 56.85
N PHE D 63 -90.93 71.53 55.51
CA PHE D 63 -90.51 70.33 54.81
C PHE D 63 -89.88 70.71 53.49
N SER D 64 -89.45 69.70 52.74
CA SER D 64 -88.85 69.91 51.43
C SER D 64 -88.69 68.57 50.74
N LEU D 65 -88.68 68.61 49.41
CA LEU D 65 -88.46 67.44 48.58
C LEU D 65 -87.66 67.82 47.36
N ASN D 66 -86.81 66.90 46.91
CA ASN D 66 -86.09 67.03 45.66
C ASN D 66 -86.20 65.71 44.90
N GLY D 67 -86.30 65.81 43.58
CA GLY D 67 -86.43 64.62 42.76
C GLY D 67 -86.45 65.00 41.30
N TYR D 68 -86.45 63.97 40.47
CA TYR D 68 -86.43 64.17 39.03
C TYR D 68 -87.80 64.56 38.53
N LYS D 69 -87.87 65.60 37.71
CA LYS D 69 -89.14 66.04 37.17
C LYS D 69 -89.63 65.07 36.11
N THR D 70 -90.90 64.68 36.20
CA THR D 70 -91.55 63.88 35.19
C THR D 70 -92.94 64.36 34.81
N ASP D 71 -93.51 65.32 35.52
CA ASP D 71 -94.84 65.82 35.22
C ASP D 71 -95.02 67.18 35.90
N SER D 72 -96.12 67.84 35.57
CA SER D 72 -96.48 69.12 36.16
C SER D 72 -97.37 68.96 37.39
N LYS D 73 -97.18 67.87 38.14
CA LYS D 73 -98.04 67.58 39.28
C LYS D 73 -98.04 68.73 40.29
N PHE D 74 -96.85 69.19 40.69
CA PHE D 74 -96.78 70.23 41.72
C PHE D 74 -97.23 71.57 41.16
N ALA D 75 -96.90 71.87 39.91
CA ALA D 75 -97.33 73.14 39.32
C ALA D 75 -98.85 73.21 39.23
N LYS D 76 -99.48 72.12 38.82
CA LYS D 76 -100.94 72.12 38.74
C LYS D 76 -101.58 72.05 40.12
N LEU D 77 -100.88 71.47 41.10
CA LEU D 77 -101.43 71.37 42.44
C LEU D 77 -101.65 72.75 43.07
N GLY D 78 -100.85 73.73 42.69
CA GLY D 78 -100.99 75.04 43.28
C GLY D 78 -100.66 75.03 44.75
N PHE D 79 -101.26 75.97 45.48
CA PHE D 79 -101.11 76.06 46.93
C PHE D 79 -102.19 75.29 47.68
N ARG D 80 -102.78 74.28 47.06
CA ARG D 80 -103.77 73.45 47.74
C ARG D 80 -103.12 72.69 48.89
N SER D 81 -103.86 72.50 49.97
CA SER D 81 -103.38 71.66 51.06
C SER D 81 -103.39 70.20 50.64
N PHE D 82 -102.49 69.42 51.22
CA PHE D 82 -102.37 68.02 50.89
C PHE D 82 -101.58 67.31 51.99
N GLU D 83 -101.66 65.98 51.98
CA GLU D 83 -100.99 65.14 52.95
C GLU D 83 -99.76 64.49 52.32
N ILE D 84 -98.78 64.16 53.16
CA ILE D 84 -97.58 63.44 52.74
C ILE D 84 -97.38 62.27 53.70
N ILE D 85 -97.12 61.09 53.15
CA ILE D 85 -96.74 59.90 53.90
C ILE D 85 -95.29 59.60 53.55
N TYR D 86 -94.56 59.05 54.52
CA TYR D 86 -93.13 58.77 54.36
C TYR D 86 -92.84 57.45 55.06
N ASN D 87 -92.69 56.38 54.28
CA ASN D 87 -92.51 55.03 54.80
C ASN D 87 -91.03 54.66 54.69
N LEU D 88 -90.28 54.91 55.76
CA LEU D 88 -88.86 54.55 55.81
C LEU D 88 -88.76 53.06 56.15
N SER D 89 -88.93 52.24 55.12
CA SER D 89 -88.90 50.80 55.30
C SER D 89 -87.51 50.34 55.75
N ASN D 90 -87.50 49.34 56.63
CA ASN D 90 -86.29 48.65 57.04
C ASN D 90 -86.51 47.17 56.75
N SER D 91 -85.54 46.56 56.05
CA SER D 91 -85.67 45.16 55.62
C SER D 91 -84.75 44.22 56.36
N GLU D 92 -83.61 44.71 56.87
CA GLU D 92 -82.78 43.86 57.72
C GLU D 92 -83.53 43.48 58.98
N THR D 93 -84.21 44.44 59.59
CA THR D 93 -85.26 44.20 60.57
C THR D 93 -86.53 44.80 60.02
N LEU D 94 -87.65 44.09 60.14
CA LEU D 94 -88.85 44.45 59.39
C LEU D 94 -89.64 45.59 60.02
N GLY D 95 -89.08 46.24 61.04
CA GLY D 95 -89.78 47.31 61.73
C GLY D 95 -89.76 48.63 60.98
N TYR D 96 -90.57 48.74 59.93
CA TYR D 96 -90.63 49.97 59.15
C TYR D 96 -91.10 51.13 60.02
N GLU D 97 -90.95 52.34 59.47
CA GLU D 97 -91.38 53.57 60.13
C GLU D 97 -92.19 54.39 59.14
N SER D 98 -93.35 54.88 59.59
CA SER D 98 -94.26 55.66 58.76
C SER D 98 -94.64 56.92 59.50
N ILE D 99 -94.58 58.06 58.80
CA ILE D 99 -94.91 59.37 59.35
C ILE D 99 -95.84 60.07 58.37
N ARG D 100 -96.86 60.74 58.91
CA ARG D 100 -97.82 61.51 58.12
C ARG D 100 -97.66 62.98 58.46
N LEU D 101 -97.57 63.82 57.43
CA LEU D 101 -97.53 65.26 57.57
C LEU D 101 -98.88 65.83 57.15
N LYS D 102 -99.48 66.64 58.02
CA LYS D 102 -100.86 67.09 57.87
C LYS D 102 -100.89 68.50 57.28
N ASN D 103 -101.74 68.68 56.27
CA ASN D 103 -101.99 70.00 55.69
C ASN D 103 -100.71 70.61 55.12
N CYS D 104 -100.01 69.85 54.30
CA CYS D 104 -98.82 70.36 53.64
C CYS D 104 -99.22 71.42 52.62
N ARG D 105 -98.50 72.54 52.62
CA ARG D 105 -98.76 73.64 51.68
C ARG D 105 -97.43 74.16 51.17
N LEU D 106 -97.34 74.34 49.85
CA LEU D 106 -96.08 74.77 49.24
C LEU D 106 -95.78 76.21 49.62
N LYS D 107 -94.49 76.49 49.90
CA LYS D 107 -94.05 77.86 50.10
C LYS D 107 -93.90 78.60 48.77
N LYS D 108 -93.51 77.88 47.71
CA LYS D 108 -93.29 78.50 46.41
C LYS D 108 -93.50 77.45 45.34
N LEU D 109 -94.26 77.81 44.32
CA LEU D 109 -94.59 76.88 43.25
C LEU D 109 -93.43 76.80 42.27
N PRO D 110 -92.74 75.64 42.13
CA PRO D 110 -91.60 75.61 41.20
C PRO D 110 -92.03 75.34 39.76
N LEU D 111 -92.46 76.42 39.08
CA LEU D 111 -92.96 76.28 37.72
C LEU D 111 -91.87 75.78 36.78
N ILE D 112 -90.72 76.45 36.77
CA ILE D 112 -89.67 76.19 35.80
C ILE D 112 -88.33 76.13 36.51
N ASN D 113 -87.57 75.07 36.26
CA ASN D 113 -86.19 74.98 36.72
C ASN D 113 -85.49 73.96 35.84
N SER D 114 -84.52 74.40 35.06
CA SER D 114 -83.86 73.50 34.12
C SER D 114 -82.58 74.14 33.61
N LYS D 115 -81.55 73.33 33.43
CA LYS D 115 -80.31 73.73 32.80
C LYS D 115 -80.06 72.86 31.58
N ALA D 116 -79.47 73.45 30.54
CA ALA D 116 -79.44 72.82 29.23
C ALA D 116 -78.70 71.49 29.25
N GLY D 117 -77.54 71.45 29.92
CA GLY D 117 -76.69 70.28 29.87
C GLY D 117 -76.90 69.29 31.00
N GLU D 118 -78.05 69.36 31.66
CA GLU D 118 -78.31 68.57 32.86
C GLU D 118 -79.71 67.98 32.83
N ILE D 119 -79.96 67.04 33.73
CA ILE D 119 -81.27 66.45 33.90
C ILE D 119 -82.14 67.39 34.72
N VAL D 120 -83.42 67.47 34.38
CA VAL D 120 -84.31 68.41 35.03
C VAL D 120 -84.80 67.81 36.33
N LYS D 121 -84.58 68.53 37.43
CA LYS D 121 -85.02 68.12 38.76
C LYS D 121 -85.99 69.16 39.32
N ILE D 122 -86.87 68.70 40.19
CA ILE D 122 -87.89 69.55 40.83
C ILE D 122 -87.61 69.60 42.32
N GLU D 123 -87.51 70.82 42.85
CA GLU D 123 -87.28 71.06 44.27
C GLU D 123 -88.50 71.78 44.83
N VAL D 124 -88.94 71.33 46.01
CA VAL D 124 -90.14 71.84 46.65
C VAL D 124 -89.81 72.13 48.11
N GLU D 125 -90.50 73.13 48.67
CA GLU D 125 -90.40 73.44 50.09
C GLU D 125 -91.69 74.10 50.53
N GLY D 126 -92.07 73.86 51.78
CA GLY D 126 -93.30 74.42 52.30
C GLY D 126 -93.44 74.30 53.79
N SER D 127 -94.66 74.03 54.26
CA SER D 127 -94.95 73.92 55.68
C SER D 127 -96.14 73.00 55.87
N PHE D 128 -96.29 72.50 57.09
CA PHE D 128 -97.39 71.61 57.44
C PHE D 128 -97.90 71.95 58.84
N ARG D 129 -99.22 71.87 59.00
CA ARG D 129 -99.84 72.25 60.27
C ARG D 129 -99.42 71.33 61.40
N GLY D 130 -99.45 70.02 61.15
CA GLY D 130 -99.13 69.05 62.19
C GLY D 130 -98.69 67.74 61.57
N TYR D 131 -98.23 66.84 62.44
CA TYR D 131 -97.68 65.56 62.02
C TYR D 131 -98.28 64.45 62.87
N ASP D 132 -98.27 63.24 62.31
CA ASP D 132 -98.68 62.03 63.01
C ASP D 132 -97.64 60.95 62.78
N LEU D 133 -97.30 60.24 63.85
CA LEU D 133 -96.34 59.16 63.81
C LEU D 133 -97.12 57.85 63.75
N LEU D 134 -97.45 57.43 62.52
CA LEU D 134 -98.32 56.28 62.34
C LEU D 134 -97.66 55.00 62.81
N ASN D 135 -96.37 54.86 62.56
CA ASN D 135 -95.65 53.62 62.88
C ASN D 135 -94.20 53.97 63.17
N GLU D 136 -93.50 53.01 63.77
CA GLU D 136 -92.10 53.20 64.13
C GLU D 136 -91.36 51.87 64.22
N ILE E 7 -88.52 44.56 33.26
CA ILE E 7 -88.32 45.78 34.10
C ILE E 7 -88.82 46.98 33.30
N GLU E 8 -89.93 47.57 33.74
CA GLU E 8 -90.59 48.59 32.95
C GLU E 8 -89.77 49.88 32.94
N GLU E 9 -89.95 50.64 31.86
CA GLU E 9 -89.07 51.78 31.59
C GLU E 9 -89.37 52.94 32.53
N ALA E 10 -88.57 53.99 32.39
CA ALA E 10 -88.79 55.28 33.05
C ALA E 10 -88.25 56.35 32.12
N SER E 11 -88.15 57.58 32.62
CA SER E 11 -87.67 58.66 31.78
C SER E 11 -87.29 59.86 32.64
N PHE E 12 -86.17 60.49 32.30
CA PHE E 12 -85.78 61.77 32.84
C PHE E 12 -85.90 62.83 31.76
N LEU E 13 -86.57 63.94 32.09
CA LEU E 13 -86.70 65.05 31.16
C LEU E 13 -85.35 65.72 31.04
N ASN E 14 -84.62 65.40 29.98
CA ASN E 14 -83.31 66.00 29.78
C ASN E 14 -83.46 67.51 29.59
N GLY E 15 -82.56 68.27 30.21
CA GLY E 15 -82.68 69.70 30.21
C GLY E 15 -82.34 70.35 28.89
N SER E 16 -81.71 69.61 27.97
CA SER E 16 -81.45 70.14 26.64
C SER E 16 -82.68 70.17 25.75
N ASP E 17 -83.81 69.62 26.21
CA ASP E 17 -85.05 69.66 25.44
C ASP E 17 -85.82 70.96 25.62
N VAL E 18 -85.37 71.85 26.49
CA VAL E 18 -86.08 73.10 26.73
C VAL E 18 -86.06 73.96 25.47
N VAL E 19 -87.19 74.56 25.15
CA VAL E 19 -87.32 75.53 24.08
C VAL E 19 -88.02 76.75 24.65
N ILE E 20 -87.34 77.89 24.64
CA ILE E 20 -87.84 79.12 25.24
C ILE E 20 -88.15 80.11 24.13
N LEU E 21 -89.40 80.55 24.07
CA LEU E 21 -89.82 81.64 23.19
C LEU E 21 -90.06 82.85 24.07
N ILE E 22 -89.19 83.85 23.95
CA ILE E 22 -89.27 85.07 24.76
C ILE E 22 -89.93 86.14 23.90
N ASP E 23 -91.05 86.67 24.38
CA ASP E 23 -91.79 87.72 23.68
C ASP E 23 -92.15 87.30 22.25
N GLY E 24 -92.51 86.04 22.09
CA GLY E 24 -92.93 85.50 20.81
C GLY E 24 -91.82 84.87 20.00
N VAL E 25 -90.69 85.53 19.83
CA VAL E 25 -89.59 85.03 19.01
C VAL E 25 -88.87 83.92 19.77
N GLU E 26 -88.48 82.88 19.05
CA GLU E 26 -87.78 81.77 19.66
C GLU E 26 -86.35 82.17 19.99
N GLU E 27 -86.00 82.10 21.28
CA GLU E 27 -84.66 82.40 21.75
C GLU E 27 -83.88 81.10 21.85
N LEU E 28 -82.76 81.03 21.12
CA LEU E 28 -82.05 79.77 20.88
C LEU E 28 -80.67 79.71 21.50
N TYR E 29 -80.23 80.74 22.22
CA TYR E 29 -78.95 80.71 22.94
C TYR E 29 -79.13 80.56 24.44
N MET E 30 -80.36 80.50 24.95
CA MET E 30 -80.56 80.39 26.39
C MET E 30 -80.10 79.03 26.88
N GLU E 31 -79.52 79.00 28.08
CA GLU E 31 -78.86 77.82 28.62
C GLU E 31 -79.56 77.25 29.85
N GLU E 32 -80.05 78.10 30.76
CA GLU E 32 -80.80 77.64 31.91
C GLU E 32 -81.81 78.70 32.32
N ILE E 33 -83.00 78.24 32.65
CA ILE E 33 -84.12 79.12 33.02
C ILE E 33 -84.70 78.64 34.34
N LYS E 34 -85.01 79.58 35.21
CA LYS E 34 -85.63 79.31 36.50
C LYS E 34 -86.83 80.22 36.66
N ALA E 35 -87.87 79.71 37.32
CA ALA E 35 -89.05 80.52 37.61
C ALA E 35 -89.81 79.87 38.76
N ASP E 36 -90.20 80.68 39.73
CA ASP E 36 -90.95 80.22 40.89
C ASP E 36 -92.07 81.20 41.21
N PHE E 37 -93.13 80.68 41.81
CA PHE E 37 -94.30 81.46 42.19
C PHE E 37 -94.32 81.55 43.71
N GLU E 38 -93.79 82.65 44.24
CA GLU E 38 -93.68 82.83 45.68
C GLU E 38 -95.02 83.25 46.27
N GLN E 39 -95.11 83.18 47.60
CA GLN E 39 -96.28 83.67 48.31
C GLN E 39 -95.89 83.92 49.76
N ASP E 40 -96.45 84.98 50.34
CA ASP E 40 -96.23 85.28 51.74
C ASP E 40 -97.04 84.30 52.58
N GLU E 41 -96.38 83.65 53.54
CA GLU E 41 -97.04 82.60 54.31
C GLU E 41 -98.16 83.16 55.17
N GLN E 42 -97.97 84.36 55.72
CA GLN E 42 -98.93 84.99 56.63
C GLN E 42 -99.20 84.09 57.83
N SER E 43 -98.13 83.70 58.52
CA SER E 43 -98.27 82.85 59.69
C SER E 43 -99.00 83.59 60.79
N ILE E 44 -100.02 82.94 61.35
CA ILE E 44 -100.87 83.50 62.39
C ILE E 44 -100.88 82.57 63.58
N LYS E 45 -100.64 83.11 64.77
CA LYS E 45 -100.66 82.37 66.01
C LYS E 45 -102.04 82.53 66.64
N LEU E 46 -102.79 81.44 66.75
CA LEU E 46 -104.09 81.50 67.38
C LEU E 46 -103.96 81.62 68.89
N LEU E 47 -104.98 82.19 69.51
CA LEU E 47 -104.98 82.45 70.94
C LEU E 47 -105.24 81.20 71.77
N GLY E 48 -105.72 80.11 71.16
CA GLY E 48 -106.02 78.88 71.88
C GLY E 48 -105.29 77.65 71.36
N CYS E 49 -104.90 77.66 70.08
CA CYS E 49 -104.24 76.54 69.46
C CYS E 49 -102.75 76.79 69.35
N GLN E 50 -101.95 75.76 69.63
CA GLN E 50 -100.50 75.88 69.67
C GLN E 50 -99.83 75.54 68.34
N ASN E 51 -100.60 75.25 67.29
CA ASN E 51 -100.06 75.02 65.95
C ASN E 51 -100.27 76.28 65.11
N GLU E 52 -99.18 76.81 64.56
CA GLU E 52 -99.29 77.97 63.68
C GLU E 52 -100.03 77.59 62.41
N ILE E 53 -100.73 78.58 61.84
CA ILE E 53 -101.58 78.41 60.66
C ILE E 53 -101.02 79.27 59.54
N SER E 54 -100.98 78.72 58.34
CA SER E 54 -100.48 79.39 57.15
C SER E 54 -101.61 79.64 56.16
N ARG E 55 -101.48 80.73 55.41
CA ARG E 55 -102.48 81.12 54.42
C ARG E 55 -101.77 81.58 53.15
N VAL E 56 -102.55 81.72 52.09
CA VAL E 56 -101.99 82.03 50.77
C VAL E 56 -101.35 83.41 50.76
N GLY E 57 -101.94 84.36 51.48
CA GLY E 57 -101.41 85.71 51.45
C GLY E 57 -101.56 86.30 50.06
N THR E 58 -100.44 86.78 49.52
CA THR E 58 -100.39 87.30 48.15
C THR E 58 -99.19 86.70 47.43
N THR E 59 -99.36 86.49 46.13
CA THR E 59 -98.37 85.80 45.32
C THR E 59 -97.43 86.80 44.66
N LYS E 60 -96.25 86.30 44.30
CA LYS E 60 -95.23 87.10 43.64
C LYS E 60 -94.41 86.20 42.74
N GLY E 61 -94.15 86.65 41.51
CA GLY E 61 -93.34 85.90 40.59
C GLY E 61 -91.88 86.32 40.62
N SER E 62 -91.02 85.40 40.18
CA SER E 62 -89.60 85.67 40.03
C SER E 62 -89.04 84.65 39.06
N PHE E 63 -88.13 85.09 38.19
CA PHE E 63 -87.56 84.21 37.18
C PHE E 63 -86.13 84.61 36.92
N SER E 64 -85.48 83.86 36.03
CA SER E 64 -84.11 84.14 35.65
C SER E 64 -83.75 83.32 34.42
N LEU E 65 -82.78 83.82 33.66
CA LEU E 65 -82.27 83.14 32.49
C LEU E 65 -80.78 83.38 32.37
N ASN E 66 -80.06 82.38 31.88
CA ASN E 66 -78.65 82.50 31.55
C ASN E 66 -78.40 81.87 30.18
N GLY E 67 -77.54 82.49 29.40
CA GLY E 67 -77.25 81.98 28.07
C GLY E 67 -76.13 82.78 27.44
N TYR E 68 -75.70 82.31 26.28
CA TYR E 68 -74.61 82.96 25.57
C TYR E 68 -75.12 84.22 24.89
N LYS E 69 -74.39 85.32 25.08
CA LYS E 69 -74.78 86.59 24.47
C LYS E 69 -74.53 86.54 22.97
N THR E 70 -75.51 86.96 22.19
CA THR E 70 -75.36 87.12 20.75
C THR E 70 -75.95 88.41 20.21
N ASP E 71 -76.65 89.19 21.02
CA ASP E 71 -77.25 90.43 20.55
C ASP E 71 -77.58 91.28 21.77
N SER E 72 -77.98 92.52 21.50
CA SER E 72 -78.41 93.46 22.53
C SER E 72 -79.91 93.42 22.77
N LYS E 73 -80.52 92.24 22.60
CA LYS E 73 -81.98 92.12 22.68
C LYS E 73 -82.49 92.61 24.03
N PHE E 74 -81.91 92.11 25.12
CA PHE E 74 -82.40 92.47 26.44
C PHE E 74 -82.07 93.91 26.79
N ALA E 75 -80.89 94.39 26.39
CA ALA E 75 -80.53 95.77 26.66
C ALA E 75 -81.47 96.74 25.96
N LYS E 76 -81.81 96.46 24.70
CA LYS E 76 -82.74 97.32 23.97
C LYS E 76 -84.17 97.14 24.47
N LEU E 77 -84.50 95.96 24.98
CA LEU E 77 -85.86 95.72 25.47
C LEU E 77 -86.21 96.63 26.64
N GLY E 78 -85.21 97.02 27.44
CA GLY E 78 -85.48 97.86 28.58
C GLY E 78 -86.33 97.12 29.61
N PHE E 79 -87.11 97.89 30.38
CA PHE E 79 -88.02 97.35 31.37
C PHE E 79 -89.42 97.14 30.82
N ARG E 80 -89.55 96.96 29.50
CA ARG E 80 -90.86 96.68 28.92
C ARG E 80 -91.37 95.33 29.40
N SER E 81 -92.69 95.24 29.59
CA SER E 81 -93.29 93.97 29.92
C SER E 81 -93.29 93.05 28.70
N PHE E 82 -93.22 91.75 28.95
CA PHE E 82 -93.16 90.77 27.88
C PHE E 82 -93.55 89.41 28.43
N GLU E 83 -93.87 88.49 27.51
CA GLU E 83 -94.25 87.13 27.82
C GLU E 83 -93.08 86.18 27.60
N ILE E 84 -93.08 85.07 28.33
CA ILE E 84 -92.10 84.01 28.16
C ILE E 84 -92.84 82.68 28.06
N ILE E 85 -92.51 81.89 27.06
CA ILE E 85 -93.00 80.53 26.90
C ILE E 85 -91.83 79.59 27.15
N TYR E 86 -92.12 78.42 27.71
CA TYR E 86 -91.10 77.44 28.08
C TYR E 86 -91.65 76.06 27.79
N ASN E 87 -91.16 75.44 26.72
CA ASN E 87 -91.65 74.15 26.25
C ASN E 87 -90.62 73.07 26.64
N LEU E 88 -90.88 72.40 27.76
CA LEU E 88 -90.02 71.31 28.21
C LEU E 88 -90.44 70.04 27.47
N SER E 89 -89.96 69.92 26.24
CA SER E 89 -90.30 68.78 25.40
C SER E 89 -89.80 67.48 26.02
N ASN E 90 -90.61 66.44 25.88
CA ASN E 90 -90.24 65.08 26.22
C ASN E 90 -90.44 64.22 24.98
N SER E 91 -89.41 63.48 24.59
CA SER E 91 -89.44 62.69 23.36
C SER E 91 -89.50 61.19 23.62
N GLU E 92 -89.04 60.71 24.78
CA GLU E 92 -89.24 59.31 25.11
C GLU E 92 -90.73 59.00 25.25
N THR E 93 -91.46 59.88 25.91
CA THR E 93 -92.92 59.93 25.83
C THR E 93 -93.27 61.33 25.34
N LEU E 94 -94.22 61.41 24.42
CA LEU E 94 -94.42 62.63 23.64
C LEU E 94 -95.18 63.72 24.41
N GLY E 95 -95.46 63.48 25.70
CA GLY E 95 -96.22 64.43 26.49
C GLY E 95 -95.42 65.64 26.95
N TYR E 96 -95.16 66.57 26.03
CA TYR E 96 -94.42 67.77 26.36
C TYR E 96 -95.15 68.58 27.43
N GLU E 97 -94.45 69.58 27.97
CA GLU E 97 -94.99 70.49 28.97
C GLU E 97 -94.68 71.92 28.54
N SER E 98 -95.69 72.79 28.60
CA SER E 98 -95.56 74.18 28.19
C SER E 98 -96.14 75.07 29.27
N ILE E 99 -95.40 76.12 29.63
CA ILE E 99 -95.79 77.08 30.66
C ILE E 99 -95.58 78.48 30.11
N ARG E 100 -96.52 79.38 30.40
CA ARG E 100 -96.46 80.78 29.99
C ARG E 100 -96.32 81.64 31.23
N LEU E 101 -95.38 82.57 31.20
CA LEU E 101 -95.18 83.56 32.26
C LEU E 101 -95.68 84.91 31.76
N LYS E 102 -96.57 85.52 32.53
CA LYS E 102 -97.30 86.71 32.09
C LYS E 102 -96.65 87.97 32.66
N ASN E 103 -96.46 88.97 31.80
CA ASN E 103 -95.99 90.29 32.21
C ASN E 103 -94.61 90.20 32.87
N CYS E 104 -93.70 89.50 32.21
CA CYS E 104 -92.32 89.42 32.70
C CYS E 104 -91.66 90.79 32.60
N ARG E 105 -90.97 91.20 33.66
CA ARG E 105 -90.27 92.48 33.70
C ARG E 105 -88.92 92.28 34.34
N LEU E 106 -87.88 92.84 33.72
CA LEU E 106 -86.52 92.66 34.22
C LEU E 106 -86.32 93.41 35.53
N LYS E 107 -85.64 92.76 36.47
CA LYS E 107 -85.23 93.43 37.70
C LYS E 107 -84.05 94.35 37.47
N LYS E 108 -83.16 94.00 36.53
CA LYS E 108 -81.96 94.79 36.27
C LYS E 108 -81.53 94.54 34.84
N LEU E 109 -81.24 95.61 34.12
CA LEU E 109 -80.85 95.49 32.73
C LEU E 109 -79.38 95.12 32.64
N PRO E 110 -79.03 93.92 32.10
CA PRO E 110 -77.60 93.56 32.04
C PRO E 110 -76.88 94.14 30.83
N LEU E 111 -76.49 95.41 30.94
CA LEU E 111 -75.87 96.10 29.82
C LEU E 111 -74.55 95.44 29.43
N ILE E 112 -73.65 95.25 30.39
CA ILE E 112 -72.29 94.81 30.13
C ILE E 112 -71.92 93.72 31.12
N ASN E 113 -71.42 92.60 30.62
CA ASN E 113 -70.85 91.56 31.47
C ASN E 113 -69.92 90.73 30.60
N SER E 114 -68.63 90.76 30.89
CA SER E 114 -67.66 90.08 30.04
C SER E 114 -66.33 90.00 30.75
N LYS E 115 -65.66 88.86 30.59
CA LYS E 115 -64.29 88.66 31.04
C LYS E 115 -63.42 88.32 29.84
N ALA E 116 -62.17 88.77 29.88
CA ALA E 116 -61.33 88.77 28.68
C ALA E 116 -61.08 87.35 28.18
N GLY E 117 -60.78 86.42 29.07
CA GLY E 117 -60.39 85.08 28.66
C GLY E 117 -61.52 84.09 28.60
N GLU E 118 -62.76 84.57 28.50
CA GLU E 118 -63.94 83.72 28.59
C GLU E 118 -64.97 84.12 27.54
N ILE E 119 -65.93 83.24 27.33
CA ILE E 119 -67.04 83.51 26.43
C ILE E 119 -68.04 84.40 27.15
N VAL E 120 -68.66 85.32 26.42
CA VAL E 120 -69.56 86.30 27.00
C VAL E 120 -70.93 85.67 27.18
N LYS E 121 -71.44 85.69 28.41
CA LYS E 121 -72.74 85.15 28.76
C LYS E 121 -73.61 86.26 29.34
N ILE E 122 -74.91 86.15 29.11
CA ILE E 122 -75.89 87.14 29.57
C ILE E 122 -76.79 86.48 30.60
N GLU E 123 -76.88 87.10 31.77
CA GLU E 123 -77.71 86.63 32.88
C GLU E 123 -78.81 87.65 33.13
N VAL E 124 -80.03 87.17 33.31
CA VAL E 124 -81.21 88.00 33.50
C VAL E 124 -81.97 87.50 34.72
N GLU E 125 -82.63 88.44 35.41
CA GLU E 125 -83.53 88.09 36.50
C GLU E 125 -84.61 89.16 36.59
N GLY E 126 -85.80 88.76 36.99
CA GLY E 126 -86.91 89.68 37.08
C GLY E 126 -88.11 89.14 37.82
N SER E 127 -89.30 89.52 37.37
CA SER E 127 -90.53 89.11 38.02
C SER E 127 -91.64 89.05 36.97
N PHE E 128 -92.71 88.33 37.30
CA PHE E 128 -93.85 88.18 36.42
C PHE E 128 -95.13 88.21 37.24
N ARG E 129 -96.17 88.85 36.67
CA ARG E 129 -97.42 89.04 37.39
C ARG E 129 -98.10 87.70 37.66
N GLY E 130 -98.20 86.85 36.64
CA GLY E 130 -98.90 85.59 36.77
C GLY E 130 -98.41 84.60 35.74
N TYR E 131 -98.88 83.37 35.87
CA TYR E 131 -98.45 82.26 35.03
C TYR E 131 -99.67 81.50 34.53
N ASP E 132 -99.48 80.83 33.39
CA ASP E 132 -100.47 79.93 32.82
C ASP E 132 -99.80 78.61 32.46
N LEU E 133 -100.48 77.51 32.76
CA LEU E 133 -99.98 76.17 32.49
C LEU E 133 -100.69 75.68 31.24
N LEU E 134 -100.11 76.00 30.08
CA LEU E 134 -100.78 75.72 28.81
C LEU E 134 -100.89 74.22 28.56
N ASN E 135 -99.86 73.46 28.92
CA ASN E 135 -99.82 72.04 28.65
C ASN E 135 -99.00 71.36 29.73
N GLU E 136 -99.12 70.04 29.79
CA GLU E 136 -98.40 69.25 30.78
C GLU E 136 -98.22 67.81 30.32
N ILE F 7 -75.39 71.91 8.35
CA ILE F 7 -75.63 72.39 9.74
C ILE F 7 -75.18 73.85 9.80
N GLU F 8 -76.14 74.76 9.96
CA GLU F 8 -75.84 76.17 9.81
C GLU F 8 -75.05 76.69 11.00
N GLU F 9 -74.28 77.76 10.75
CA GLU F 9 -73.27 78.22 11.70
C GLU F 9 -73.92 78.98 12.86
N ALA F 10 -73.11 79.27 13.87
CA ALA F 10 -73.48 80.09 15.01
C ALA F 10 -72.24 80.86 15.45
N SER F 11 -72.33 81.53 16.60
CA SER F 11 -71.20 82.33 17.06
C SER F 11 -71.36 82.61 18.54
N PHE F 12 -70.23 82.57 19.25
CA PHE F 12 -70.13 83.05 20.63
C PHE F 12 -69.27 84.28 20.65
N LEU F 13 -69.77 85.35 21.26
CA LEU F 13 -69.00 86.59 21.37
C LEU F 13 -67.89 86.35 22.39
N ASN F 14 -66.69 86.09 21.88
CA ASN F 14 -65.55 85.85 22.76
C ASN F 14 -65.25 87.11 23.57
N GLY F 15 -64.97 86.91 24.86
CA GLY F 15 -64.78 88.04 25.75
C GLY F 15 -63.48 88.80 25.53
N SER F 16 -62.55 88.23 24.77
CA SER F 16 -61.31 88.93 24.45
C SER F 16 -61.48 89.98 23.36
N ASP F 17 -62.67 90.09 22.76
CA ASP F 17 -62.94 91.11 21.77
C ASP F 17 -63.33 92.46 22.37
N VAL F 18 -63.50 92.54 23.68
CA VAL F 18 -63.91 93.79 24.32
C VAL F 18 -62.83 94.84 24.15
N VAL F 19 -63.26 96.05 23.81
CA VAL F 19 -62.39 97.23 23.76
C VAL F 19 -63.07 98.32 24.56
N ILE F 20 -62.42 98.75 25.64
CA ILE F 20 -62.97 99.72 26.59
C ILE F 20 -62.21 101.02 26.42
N LEU F 21 -62.94 102.09 26.09
CA LEU F 21 -62.39 103.45 26.08
C LEU F 21 -62.98 104.16 27.30
N ILE F 22 -62.13 104.41 28.29
CA ILE F 22 -62.52 105.07 29.53
C ILE F 22 -62.16 106.54 29.42
N ASP F 23 -63.17 107.41 29.52
CA ASP F 23 -62.98 108.85 29.44
C ASP F 23 -62.27 109.25 28.17
N GLY F 24 -62.62 108.60 27.06
CA GLY F 24 -62.07 108.90 25.76
C GLY F 24 -60.86 108.08 25.37
N VAL F 25 -59.85 108.00 26.24
CA VAL F 25 -58.62 107.29 25.92
C VAL F 25 -58.88 105.79 25.99
N GLU F 26 -58.30 105.06 25.04
CA GLU F 26 -58.47 103.62 25.00
C GLU F 26 -57.68 102.96 26.12
N GLU F 27 -58.37 102.23 26.99
CA GLU F 27 -57.76 101.51 28.10
C GLU F 27 -57.54 100.07 27.67
N LEU F 28 -56.29 99.64 27.70
CA LEU F 28 -55.86 98.39 27.08
C LEU F 28 -55.38 97.33 28.05
N TYR F 29 -55.42 97.57 29.35
CA TYR F 29 -55.06 96.59 30.36
C TYR F 29 -56.28 96.02 31.10
N MET F 30 -57.48 96.49 30.80
CA MET F 30 -58.67 95.99 31.50
C MET F 30 -58.94 94.55 31.10
N GLU F 31 -59.42 93.76 32.06
CA GLU F 31 -59.58 92.33 31.91
C GLU F 31 -61.04 91.89 31.91
N GLU F 32 -61.85 92.43 32.81
CA GLU F 32 -63.28 92.12 32.85
C GLU F 32 -64.05 93.35 33.30
N ILE F 33 -65.17 93.60 32.64
CA ILE F 33 -66.02 94.74 32.92
C ILE F 33 -67.45 94.24 33.12
N LYS F 34 -68.14 94.80 34.11
CA LYS F 34 -69.53 94.49 34.40
C LYS F 34 -70.29 95.80 34.55
N ALA F 35 -71.55 95.79 34.13
CA ALA F 35 -72.41 96.96 34.29
C ALA F 35 -73.87 96.51 34.20
N ASP F 36 -74.68 97.00 35.13
CA ASP F 36 -76.10 96.67 35.18
C ASP F 36 -76.90 97.93 35.49
N PHE F 37 -78.13 97.95 35.03
CA PHE F 37 -79.06 99.07 35.23
C PHE F 37 -80.15 98.59 36.19
N GLU F 38 -79.98 98.89 37.47
CA GLU F 38 -80.90 98.45 38.49
C GLU F 38 -82.16 99.31 38.50
N GLN F 39 -83.19 98.82 39.19
CA GLN F 39 -84.40 99.60 39.41
C GLN F 39 -85.13 99.04 40.62
N ASP F 40 -85.76 99.93 41.36
CA ASP F 40 -86.57 99.52 42.51
C ASP F 40 -87.89 98.97 42.01
N GLU F 41 -88.25 97.76 42.45
CA GLU F 41 -89.43 97.09 41.91
C GLU F 41 -90.70 97.82 42.29
N GLN F 42 -90.76 98.37 43.50
CA GLN F 42 -91.95 99.06 44.01
C GLN F 42 -93.15 98.11 44.01
N SER F 43 -92.98 96.97 44.67
CA SER F 43 -94.06 96.00 44.75
C SER F 43 -95.21 96.56 45.56
N ILE F 44 -96.42 96.49 44.99
CA ILE F 44 -97.63 97.04 45.59
C ILE F 44 -98.66 95.93 45.68
N LYS F 45 -99.24 95.76 46.87
CA LYS F 45 -100.29 94.78 47.11
C LYS F 45 -101.64 95.48 46.98
N LEU F 46 -102.43 95.06 45.99
CA LEU F 46 -103.74 95.64 45.81
C LEU F 46 -104.71 95.10 46.85
N LEU F 47 -105.79 95.84 47.06
CA LEU F 47 -106.80 95.49 48.07
C LEU F 47 -107.79 94.43 47.58
N GLY F 48 -107.83 94.14 46.28
CA GLY F 48 -108.76 93.17 45.72
C GLY F 48 -108.10 92.05 44.95
N CYS F 49 -106.91 92.29 44.42
CA CYS F 49 -106.19 91.32 43.59
C CYS F 49 -105.07 90.68 44.40
N GLN F 50 -104.94 89.36 44.30
CA GLN F 50 -103.98 88.60 45.08
C GLN F 50 -102.61 88.46 44.38
N ASN F 51 -102.44 89.05 43.20
CA ASN F 51 -101.16 89.07 42.50
C ASN F 51 -100.50 90.42 42.74
N GLU F 52 -99.27 90.39 43.24
CA GLU F 52 -98.52 91.62 43.44
C GLU F 52 -98.17 92.24 42.10
N ILE F 53 -98.02 93.56 42.09
CA ILE F 53 -97.78 94.34 40.88
C ILE F 53 -96.45 95.07 41.04
N SER F 54 -95.66 95.07 39.97
CA SER F 54 -94.34 95.69 39.95
C SER F 54 -94.35 96.88 39.00
N ARG F 55 -93.54 97.89 39.33
CA ARG F 55 -93.44 99.11 38.54
C ARG F 55 -91.97 99.50 38.40
N VAL F 56 -91.72 100.44 37.49
CA VAL F 56 -90.35 100.82 37.16
C VAL F 56 -89.66 101.46 38.36
N GLY F 57 -90.38 102.22 39.16
CA GLY F 57 -89.75 102.90 40.27
C GLY F 57 -88.75 103.93 39.77
N THR F 58 -87.52 103.83 40.27
CA THR F 58 -86.42 104.68 39.82
C THR F 58 -85.21 103.82 39.54
N THR F 59 -84.42 104.25 38.56
CA THR F 59 -83.29 103.47 38.06
C THR F 59 -81.99 103.89 38.76
N LYS F 60 -81.03 102.97 38.75
CA LYS F 60 -79.72 103.21 39.36
C LYS F 60 -78.69 102.40 38.60
N GLY F 61 -77.57 103.02 38.27
CA GLY F 61 -76.49 102.33 37.60
C GLY F 61 -75.44 101.79 38.55
N SER F 62 -74.73 100.79 38.09
CA SER F 62 -73.61 100.22 38.83
C SER F 62 -72.71 99.50 37.84
N PHE F 63 -71.40 99.60 38.05
CA PHE F 63 -70.44 99.00 37.14
C PHE F 63 -69.21 98.54 37.92
N SER F 64 -68.29 97.90 37.20
CA SER F 64 -67.05 97.44 37.80
C SER F 64 -66.07 97.09 36.69
N LEU F 65 -64.78 97.16 37.03
CA LEU F 65 -63.71 96.80 36.11
C LEU F 65 -62.57 96.17 36.90
N ASN F 66 -61.92 95.18 36.29
CA ASN F 66 -60.72 94.58 36.83
C ASN F 66 -59.69 94.46 35.72
N GLY F 67 -58.44 94.69 36.06
CA GLY F 67 -57.37 94.63 35.07
C GLY F 67 -56.02 94.80 35.73
N TYR F 68 -54.99 94.63 34.92
CA TYR F 68 -53.62 94.73 35.42
C TYR F 68 -53.26 96.20 35.61
N LYS F 69 -52.69 96.52 36.77
CA LYS F 69 -52.30 97.88 37.05
C LYS F 69 -51.05 98.25 36.26
N THR F 70 -51.08 99.41 35.60
CA THR F 70 -49.92 99.95 34.93
C THR F 70 -49.70 101.43 35.19
N ASP F 71 -50.63 102.12 35.85
CA ASP F 71 -50.49 103.55 36.10
C ASP F 71 -51.42 103.94 37.24
N SER F 72 -51.26 105.17 37.71
CA SER F 72 -52.12 105.74 38.74
C SER F 72 -53.30 106.49 38.16
N LYS F 73 -53.81 106.05 37.00
CA LYS F 73 -54.86 106.77 36.30
C LYS F 73 -56.09 106.93 37.19
N PHE F 74 -56.56 105.84 37.78
CA PHE F 74 -57.79 105.90 38.57
C PHE F 74 -57.55 106.64 39.89
N ALA F 75 -56.39 106.46 40.50
CA ALA F 75 -56.09 107.16 41.74
C ALA F 75 -56.06 108.67 41.52
N LYS F 76 -55.43 109.12 40.44
CA LYS F 76 -55.39 110.54 40.14
C LYS F 76 -56.73 111.06 39.67
N LEU F 77 -57.54 110.21 39.04
CA LEU F 77 -58.84 110.64 38.54
C LEU F 77 -59.76 111.08 39.68
N GLY F 78 -59.60 110.50 40.87
CA GLY F 78 -60.46 110.86 41.97
C GLY F 78 -61.90 110.44 41.70
N PHE F 79 -62.82 111.16 42.32
CA PHE F 79 -64.25 110.93 42.15
C PHE F 79 -64.84 111.78 41.03
N ARG F 80 -64.03 112.21 40.07
CA ARG F 80 -64.54 112.97 38.94
C ARG F 80 -65.47 112.12 38.09
N SER F 81 -66.50 112.74 37.54
CA SER F 81 -67.37 112.05 36.61
C SER F 81 -66.64 111.81 35.29
N PHE F 82 -67.01 110.72 34.61
CA PHE F 82 -66.37 110.37 33.34
C PHE F 82 -67.28 109.41 32.60
N GLU F 83 -66.97 109.23 31.32
CA GLU F 83 -67.72 108.34 30.44
C GLU F 83 -66.92 107.07 30.18
N ILE F 84 -67.65 105.99 29.91
CA ILE F 84 -67.07 104.69 29.55
C ILE F 84 -67.73 104.20 28.28
N ILE F 85 -66.93 103.77 27.31
CA ILE F 85 -67.39 103.10 26.11
C ILE F 85 -66.96 101.65 26.20
N TYR F 86 -67.76 100.76 25.62
CA TYR F 86 -67.52 99.32 25.68
C TYR F 86 -67.91 98.73 24.33
N ASN F 87 -66.92 98.41 23.52
CA ASN F 87 -67.14 97.90 22.15
C ASN F 87 -66.92 96.40 22.15
N LEU F 88 -68.01 95.64 22.28
CA LEU F 88 -67.95 94.18 22.22
C LEU F 88 -67.94 93.77 20.76
N SER F 89 -66.76 93.83 20.17
CA SER F 89 -66.62 93.50 18.75
C SER F 89 -66.95 92.04 18.50
N ASN F 90 -67.57 91.80 17.34
CA ASN F 90 -67.81 90.45 16.83
C ASN F 90 -67.19 90.40 15.44
N SER F 91 -66.36 89.38 15.20
CA SER F 91 -65.63 89.25 13.94
C SER F 91 -66.11 88.11 13.07
N GLU F 92 -66.72 87.08 13.65
CA GLU F 92 -67.35 86.05 12.83
C GLU F 92 -68.49 86.64 12.02
N THR F 93 -69.30 87.48 12.66
CA THR F 93 -70.22 88.40 12.00
C THR F 93 -69.84 89.80 12.45
N LEU F 94 -69.82 90.74 11.51
CA LEU F 94 -69.19 92.03 11.76
C LEU F 94 -70.07 92.98 12.58
N GLY F 95 -71.21 92.50 13.09
CA GLY F 95 -72.13 93.35 13.83
C GLY F 95 -71.69 93.61 15.25
N TYR F 96 -70.71 94.50 15.43
CA TYR F 96 -70.22 94.83 16.76
C TYR F 96 -71.33 95.46 17.59
N GLU F 97 -71.06 95.60 18.89
CA GLU F 97 -71.97 96.22 19.84
C GLU F 97 -71.21 97.23 20.67
N SER F 98 -71.76 98.43 20.80
CA SER F 98 -71.13 99.53 21.53
C SER F 98 -72.15 100.12 22.49
N ILE F 99 -71.72 100.31 23.75
CA ILE F 99 -72.57 100.86 24.80
C ILE F 99 -71.78 101.96 25.50
N ARG F 100 -72.47 103.06 25.83
CA ARG F 100 -71.89 104.19 26.54
C ARG F 100 -72.54 104.31 27.90
N LEU F 101 -71.71 104.48 28.93
CA LEU F 101 -72.16 104.69 30.30
C LEU F 101 -71.90 106.15 30.67
N LYS F 102 -72.96 106.84 31.10
CA LYS F 102 -72.93 108.29 31.29
C LYS F 102 -72.68 108.63 32.74
N ASN F 103 -71.74 109.54 32.98
CA ASN F 103 -71.47 110.09 34.32
C ASN F 103 -71.03 108.99 35.28
N CYS F 104 -70.03 108.22 34.87
CA CYS F 104 -69.47 107.19 35.74
C CYS F 104 -68.71 107.84 36.88
N ARG F 105 -68.96 107.37 38.11
CA ARG F 105 -68.29 107.88 39.30
C ARG F 105 -67.88 106.71 40.18
N LEU F 106 -66.64 106.73 40.65
CA LEU F 106 -66.12 105.63 41.45
C LEU F 106 -66.79 105.59 42.81
N LYS F 107 -67.11 104.38 43.27
CA LYS F 107 -67.60 104.19 44.63
C LYS F 107 -66.45 104.26 45.64
N LYS F 108 -65.27 103.81 45.27
CA LYS F 108 -64.13 103.79 46.18
C LYS F 108 -62.85 103.86 45.36
N LEU F 109 -61.95 104.75 45.77
CA LEU F 109 -60.73 104.95 45.02
C LEU F 109 -59.72 103.85 45.38
N PRO F 110 -59.31 102.98 44.43
CA PRO F 110 -58.38 101.91 44.81
C PRO F 110 -56.92 102.37 44.80
N LEU F 111 -56.52 103.02 45.90
CA LEU F 111 -55.17 103.56 45.99
C LEU F 111 -54.12 102.47 45.93
N ILE F 112 -54.24 101.46 46.79
CA ILE F 112 -53.21 100.43 46.95
C ILE F 112 -53.89 99.06 47.01
N ASN F 113 -53.37 98.13 46.22
CA ASN F 113 -53.80 96.74 46.31
C ASN F 113 -52.70 95.90 45.66
N SER F 114 -52.02 95.08 46.46
CA SER F 114 -50.89 94.33 45.94
C SER F 114 -50.52 93.23 46.93
N LYS F 115 -50.12 92.09 46.40
CA LYS F 115 -49.57 90.98 47.16
C LYS F 115 -48.18 90.65 46.64
N ALA F 116 -47.30 90.22 47.54
CA ALA F 116 -45.87 90.15 47.22
C ALA F 116 -45.60 89.17 46.09
N GLY F 117 -46.23 88.00 46.14
CA GLY F 117 -45.91 86.94 45.19
C GLY F 117 -46.80 86.90 43.97
N GLU F 118 -47.47 88.01 43.65
CA GLU F 118 -48.48 88.05 42.61
C GLU F 118 -48.33 89.31 41.77
N ILE F 119 -49.03 89.32 40.64
CA ILE F 119 -49.06 90.48 39.76
C ILE F 119 -50.08 91.47 40.30
N VAL F 120 -49.77 92.75 40.21
CA VAL F 120 -50.63 93.79 40.78
C VAL F 120 -51.78 94.04 39.83
N LYS F 121 -53.01 93.93 40.34
CA LYS F 121 -54.22 94.18 39.59
C LYS F 121 -55.02 95.28 40.26
N ILE F 122 -55.80 96.01 39.45
CA ILE F 122 -56.61 97.12 39.92
C ILE F 122 -58.08 96.77 39.71
N GLU F 123 -58.86 96.87 40.78
CA GLU F 123 -60.30 96.61 40.74
C GLU F 123 -61.04 97.91 41.05
N VAL F 124 -62.08 98.18 40.27
CA VAL F 124 -62.84 99.41 40.38
C VAL F 124 -64.32 99.06 40.43
N GLU F 125 -65.10 99.89 41.13
CA GLU F 125 -66.55 99.76 41.15
C GLU F 125 -67.14 101.13 41.42
N GLY F 126 -68.31 101.38 40.85
CA GLY F 126 -68.96 102.67 41.02
C GLY F 126 -70.39 102.70 40.56
N SER F 127 -70.80 103.81 39.95
CA SER F 127 -72.17 103.99 39.50
C SER F 127 -72.17 104.97 38.33
N PHE F 128 -73.24 104.90 37.54
CA PHE F 128 -73.42 105.79 36.39
C PHE F 128 -74.87 106.25 36.32
N ARG F 129 -75.05 107.52 35.94
CA ARG F 129 -76.38 108.10 35.92
C ARG F 129 -77.28 107.43 34.89
N GLY F 130 -76.77 107.23 33.68
CA GLY F 130 -77.56 106.66 32.61
C GLY F 130 -76.67 106.03 31.57
N TYR F 131 -77.30 105.29 30.66
CA TYR F 131 -76.61 104.54 29.62
C TYR F 131 -77.18 104.89 28.26
N ASP F 132 -76.37 104.67 27.23
CA ASP F 132 -76.78 104.81 25.84
C ASP F 132 -76.31 103.59 25.07
N LEU F 133 -77.17 103.10 24.19
CA LEU F 133 -76.88 101.93 23.36
C LEU F 133 -76.55 102.45 21.96
N LEU F 134 -75.27 102.77 21.75
CA LEU F 134 -74.86 103.41 20.51
C LEU F 134 -75.03 102.47 19.31
N ASN F 135 -74.74 101.19 19.51
CA ASN F 135 -74.78 100.23 18.42
C ASN F 135 -75.11 98.86 19.00
N GLU F 136 -75.45 97.93 18.11
CA GLU F 136 -75.82 96.58 18.53
C GLU F 136 -75.61 95.58 17.40
N ILE G 2 21.96 15.49 -0.47
CA ILE G 2 21.52 16.10 -1.77
C ILE G 2 22.30 17.39 -2.02
N ASN G 3 22.79 17.54 -3.25
CA ASN G 3 23.57 18.70 -3.64
C ASN G 3 22.66 19.80 -4.18
N ILE G 4 23.11 21.05 -4.03
CA ILE G 4 22.30 22.19 -4.46
C ILE G 4 22.08 22.15 -5.97
N ASP G 5 23.10 21.73 -6.73
CA ASP G 5 22.97 21.70 -8.17
C ASP G 5 21.92 20.70 -8.62
N ARG G 6 21.83 19.56 -7.93
CA ARG G 6 20.79 18.59 -8.24
C ARG G 6 19.40 19.19 -8.07
N ARG G 7 19.17 19.87 -6.94
CA ARG G 7 17.87 20.48 -6.69
C ARG G 7 17.57 21.57 -7.72
N ARG G 8 18.57 22.38 -8.04
CA ARG G 8 18.38 23.44 -9.02
C ARG G 8 18.00 22.88 -10.39
N LYS G 9 18.74 21.85 -10.83
CA LYS G 9 18.46 21.22 -12.11
C LYS G 9 17.05 20.64 -12.12
N ASP G 10 16.67 19.95 -11.03
CA ASP G 10 15.36 19.32 -10.99
C ASP G 10 14.25 20.36 -11.02
N ILE G 11 14.39 21.44 -10.26
CA ILE G 11 13.35 22.47 -10.23
C ILE G 11 13.23 23.12 -11.61
N ILE G 12 14.36 23.46 -12.22
CA ILE G 12 14.31 24.16 -13.50
C ILE G 12 13.72 23.24 -14.57
N ARG G 13 14.11 21.96 -14.56
CA ARG G 13 13.56 21.02 -15.52
C ARG G 13 12.06 20.89 -15.34
N THR G 14 11.60 20.69 -14.10
CA THR G 14 10.18 20.48 -13.85
C THR G 14 9.37 21.70 -14.25
N ILE G 15 9.89 22.89 -13.99
CA ILE G 15 9.21 24.10 -14.45
C ILE G 15 9.18 24.13 -15.96
N ASN G 16 10.26 23.70 -16.62
CA ASN G 16 10.35 23.82 -18.07
C ASN G 16 9.57 22.74 -18.80
N ILE G 17 9.12 21.68 -18.12
CA ILE G 17 8.24 20.72 -18.79
C ILE G 17 6.94 21.40 -19.21
N ASN G 18 6.41 22.28 -18.36
CA ASN G 18 5.12 22.90 -18.61
C ASN G 18 5.08 24.29 -17.98
N PRO G 19 5.94 25.21 -18.39
CA PRO G 19 5.97 26.52 -17.76
C PRO G 19 4.83 27.41 -18.25
N THR G 20 4.50 28.40 -17.42
CA THR G 20 3.58 29.46 -17.79
C THR G 20 4.16 30.77 -17.27
N ASN G 21 4.21 31.78 -18.13
CA ASN G 21 4.65 33.11 -17.72
C ASN G 21 3.54 33.75 -16.89
N ILE G 22 3.90 34.28 -15.73
CA ILE G 22 2.94 34.74 -14.74
C ILE G 22 3.34 36.16 -14.32
N THR G 23 2.34 37.00 -14.11
CA THR G 23 2.52 38.39 -13.69
C THR G 23 2.02 38.50 -12.24
N ILE G 24 2.92 38.20 -11.30
CA ILE G 24 2.59 38.33 -9.89
C ILE G 24 2.42 39.81 -9.56
N THR G 25 1.35 40.14 -8.85
CA THR G 25 1.14 41.48 -8.31
C THR G 25 1.12 41.40 -6.79
N SER G 26 1.98 42.20 -6.17
CA SER G 26 2.17 42.19 -4.72
C SER G 26 1.64 43.48 -4.12
N ILE G 27 0.73 43.36 -3.17
CA ILE G 27 0.22 44.47 -2.40
C ILE G 27 0.72 44.29 -0.98
N LYS G 28 1.65 45.15 -0.56
CA LYS G 28 2.27 45.08 0.76
C LYS G 28 1.70 46.20 1.62
N LYS G 29 1.11 45.84 2.75
CA LYS G 29 0.52 46.80 3.67
C LYS G 29 1.61 47.32 4.60
N THR G 30 1.69 48.65 4.72
CA THR G 30 2.69 49.32 5.55
C THR G 30 1.98 50.10 6.64
N GLU G 31 2.41 49.90 7.88
CA GLU G 31 1.75 50.54 9.02
C GLU G 31 2.11 52.02 9.05
N ILE G 32 1.10 52.88 8.96
CA ILE G 32 1.27 54.32 8.95
C ILE G 32 0.16 54.94 9.80
N ASP G 33 0.52 55.54 10.93
CA ASP G 33 -0.44 56.15 11.84
C ASP G 33 -1.51 55.14 12.27
N GLY G 34 -1.07 53.93 12.57
CA GLY G 34 -2.00 52.91 13.02
C GLY G 34 -2.94 52.40 11.96
N ALA G 35 -2.65 52.65 10.69
CA ALA G 35 -3.45 52.15 9.57
C ALA G 35 -2.50 51.73 8.47
N PHE G 36 -3.05 51.15 7.42
CA PHE G 36 -2.27 50.55 6.34
C PHE G 36 -2.21 51.48 5.13
N GLU G 37 -1.00 51.70 4.63
CA GLU G 37 -0.78 52.32 3.33
C GLU G 37 -0.23 51.24 2.41
N GLU G 38 -0.94 50.99 1.31
CA GLU G 38 -0.65 49.86 0.44
C GLU G 38 0.17 50.34 -0.75
N THR G 39 1.32 49.71 -0.97
CA THR G 39 2.19 49.96 -2.11
C THR G 39 2.11 48.75 -3.04
N GLU G 40 1.70 48.99 -4.28
CA GLU G 40 1.47 47.92 -5.25
C GLU G 40 2.67 47.82 -6.18
N THR G 41 3.25 46.62 -6.25
CA THR G 41 4.34 46.31 -7.17
C THR G 41 3.96 45.11 -8.00
N GLU G 42 4.56 45.01 -9.19
CA GLU G 42 4.28 43.95 -10.15
C GLU G 42 5.58 43.28 -10.54
N ILE G 43 5.64 41.96 -10.40
CA ILE G 43 6.84 41.18 -10.68
C ILE G 43 6.43 39.96 -11.50
N LYS G 44 7.33 39.55 -12.40
CA LYS G 44 7.07 38.47 -13.36
C LYS G 44 8.03 37.32 -13.09
N CYS G 45 7.52 36.10 -13.24
CA CYS G 45 8.33 34.89 -13.05
C CYS G 45 7.78 33.78 -13.94
N VAL G 46 8.64 32.80 -14.20
CA VAL G 46 8.25 31.57 -14.89
C VAL G 46 7.79 30.56 -13.86
N VAL G 47 6.69 29.87 -14.13
CA VAL G 47 5.97 29.11 -13.13
C VAL G 47 5.30 27.91 -13.78
N ARG G 48 5.27 26.80 -13.05
CA ARG G 48 4.47 25.62 -13.40
C ARG G 48 3.39 25.44 -12.34
N ILE G 49 2.17 25.19 -12.80
CA ILE G 49 1.00 25.05 -11.93
C ILE G 49 0.51 23.61 -12.04
N PHE G 50 0.14 23.02 -10.90
CA PHE G 50 -0.22 21.62 -10.83
C PHE G 50 -1.24 21.40 -9.72
N ASN G 51 -2.05 20.36 -9.88
CA ASN G 51 -3.00 19.99 -8.83
C ASN G 51 -2.25 19.34 -7.67
N GLU G 52 -2.70 19.64 -6.45
CA GLU G 52 -2.13 19.04 -5.24
C GLU G 52 -3.17 18.45 -4.30
N LYS G 53 -4.35 19.05 -4.20
CA LYS G 53 -5.38 18.63 -3.26
C LYS G 53 -6.72 18.47 -3.97
N THR G 54 -7.38 17.34 -3.71
CA THR G 54 -8.74 17.12 -4.21
C THR G 54 -9.70 17.80 -3.25
N ALA G 55 -9.78 19.13 -3.34
CA ALA G 55 -10.61 19.94 -2.47
C ALA G 55 -11.92 20.25 -3.18
N GLU G 56 -12.82 20.88 -2.43
CA GLU G 56 -14.16 21.22 -2.90
C GLU G 56 -14.32 22.74 -2.96
N LYS G 57 -14.97 23.22 -4.01
CA LYS G 57 -15.16 24.64 -4.19
C LYS G 57 -16.11 25.23 -3.16
N GLN G 58 -15.62 26.08 -2.28
CA GLN G 58 -16.46 26.77 -1.32
C GLN G 58 -17.09 28.00 -1.96
N ILE G 59 -18.23 28.41 -1.41
CA ILE G 59 -18.95 29.61 -1.84
C ILE G 59 -19.26 30.44 -0.60
N SER G 60 -19.15 31.76 -0.72
CA SER G 60 -19.25 32.66 0.43
C SER G 60 -20.14 33.86 0.14
N SER G 61 -21.34 33.62 -0.38
CA SER G 61 -22.27 34.68 -0.73
C SER G 61 -22.79 35.35 0.52
N GLU G 62 -22.90 36.68 0.49
CA GLU G 62 -23.46 37.45 1.60
C GLU G 62 -23.81 38.85 1.08
N LYS G 63 -24.27 39.72 1.99
CA LYS G 63 -24.65 41.06 1.58
C LYS G 63 -23.46 41.90 1.11
N GLN G 64 -22.23 41.48 1.45
CA GLN G 64 -21.06 42.16 0.90
C GLN G 64 -20.86 41.80 -0.56
N GLY G 65 -21.21 40.58 -0.94
CA GLY G 65 -20.96 40.11 -2.29
C GLY G 65 -20.79 38.59 -2.26
N THR G 66 -20.43 38.07 -3.43
CA THR G 66 -20.30 36.63 -3.62
C THR G 66 -19.00 36.31 -4.34
N PHE G 67 -18.35 35.25 -3.88
CA PHE G 67 -17.16 34.74 -4.54
C PHE G 67 -16.97 33.30 -4.11
N SER G 68 -16.47 32.47 -5.04
CA SER G 68 -16.20 31.07 -4.80
C SER G 68 -14.74 30.79 -5.08
N SER G 69 -14.11 30.06 -4.16
CA SER G 69 -12.68 29.77 -4.23
C SER G 69 -12.45 28.29 -4.00
N ILE G 70 -11.43 27.75 -4.64
CA ILE G 70 -11.04 26.36 -4.51
C ILE G 70 -9.54 26.30 -4.26
N ARG G 71 -9.12 25.30 -3.50
CA ARG G 71 -7.78 25.20 -2.94
C ARG G 71 -6.90 24.19 -3.69
N THR G 72 -7.38 23.66 -4.81
CA THR G 72 -6.75 22.51 -5.44
C THR G 72 -5.34 22.80 -5.94
N TYR G 73 -5.14 23.94 -6.59
CA TYR G 73 -3.92 24.13 -7.36
C TYR G 73 -2.73 24.48 -6.48
N GLY G 74 -1.60 23.84 -6.76
CA GLY G 74 -0.32 24.22 -6.20
C GLY G 74 0.43 25.16 -7.11
N MET G 75 1.74 25.24 -6.90
CA MET G 75 2.59 26.06 -7.74
C MET G 75 4.04 25.72 -7.42
N LEU G 76 4.92 25.94 -8.40
CA LEU G 76 6.33 25.60 -8.29
C LEU G 76 7.12 26.61 -9.09
N VAL G 77 7.96 27.40 -8.41
CA VAL G 77 8.68 28.51 -9.01
C VAL G 77 10.14 28.45 -8.58
N SER G 78 11.00 28.99 -9.42
CA SER G 78 12.45 28.91 -9.23
C SER G 78 12.91 29.95 -8.23
N ASN G 79 14.23 30.14 -8.14
CA ASN G 79 14.86 31.04 -7.18
C ASN G 79 14.95 32.48 -7.69
N ASP G 80 14.45 32.76 -8.89
CA ASP G 80 14.76 34.03 -9.56
C ASP G 80 14.29 35.24 -8.78
N VAL G 81 13.22 35.11 -7.99
CA VAL G 81 12.67 36.23 -7.22
C VAL G 81 12.30 35.74 -5.83
N ILE G 82 12.60 36.58 -4.84
CA ILE G 82 12.24 36.30 -3.45
C ILE G 82 10.77 36.65 -3.24
N LEU G 83 10.02 35.70 -2.66
CA LEU G 83 8.60 35.86 -2.39
C LEU G 83 8.36 35.88 -0.88
N GLU G 84 7.19 36.37 -0.51
CA GLU G 84 6.77 36.37 0.90
C GLU G 84 5.29 36.67 0.95
N VAL G 85 4.54 35.92 1.75
CA VAL G 85 3.13 36.12 1.97
C VAL G 85 2.88 36.13 3.47
N ASN G 86 2.22 37.19 3.95
CA ASN G 86 1.87 37.34 5.35
C ASN G 86 0.42 37.80 5.44
N SER G 87 0.00 38.14 6.64
CA SER G 87 -1.30 38.80 6.80
C SER G 87 -1.30 40.16 6.12
N ARG G 88 -0.19 40.89 6.22
CA ARG G 88 -0.05 42.22 5.66
C ARG G 88 0.47 42.22 4.22
N ASP G 89 0.78 41.06 3.65
CA ASP G 89 1.34 40.96 2.30
C ASP G 89 0.58 39.90 1.51
N SER G 90 0.30 40.21 0.24
CA SER G 90 -0.50 39.37 -0.62
C SER G 90 0.20 39.22 -1.97
N LEU G 91 -0.15 38.15 -2.67
CA LEU G 91 0.34 37.91 -4.03
C LEU G 91 -0.77 37.26 -4.83
N GLU G 92 -1.06 37.82 -6.00
CA GLU G 92 -2.09 37.31 -6.89
C GLU G 92 -1.57 37.35 -8.31
N PHE G 93 -2.26 36.66 -9.21
CA PHE G 93 -1.95 36.78 -10.62
C PHE G 93 -3.15 36.32 -11.44
N GLU G 94 -3.17 36.74 -12.70
CA GLU G 94 -4.34 36.60 -13.56
C GLU G 94 -4.16 35.36 -14.44
N CYS G 95 -4.51 34.20 -13.88
CA CYS G 95 -4.75 33.04 -14.73
C CYS G 95 -6.07 33.22 -15.46
N ILE G 96 -6.19 32.58 -16.62
CA ILE G 96 -7.32 32.83 -17.49
C ILE G 96 -8.62 32.37 -16.83
N TYR G 97 -8.56 31.28 -16.08
CA TYR G 97 -9.75 30.68 -15.48
C TYR G 97 -9.91 31.13 -14.02
N GLY G 98 -10.20 32.42 -13.88
CA GLY G 98 -10.30 33.01 -12.56
C GLY G 98 -8.93 33.33 -12.01
N ARG G 99 -8.75 34.50 -11.43
CA ARG G 99 -7.43 34.90 -10.94
C ARG G 99 -7.02 34.05 -9.76
N MET G 100 -5.77 33.62 -9.76
CA MET G 100 -5.23 32.82 -8.68
C MET G 100 -4.80 33.72 -7.54
N LYS G 101 -4.48 33.10 -6.40
CA LYS G 101 -3.95 33.81 -5.25
C LYS G 101 -3.05 32.88 -4.48
N ILE G 102 -1.83 33.33 -4.18
CA ILE G 102 -0.85 32.51 -3.49
C ILE G 102 -1.18 32.51 -2.01
N VAL G 103 -1.62 31.37 -1.50
CA VAL G 103 -2.00 31.28 -0.09
C VAL G 103 -0.77 31.15 0.80
N ASN G 104 0.01 30.09 0.59
CA ASN G 104 1.12 29.75 1.47
C ASN G 104 2.35 29.40 0.63
N ILE G 105 3.52 29.75 1.16
CA ILE G 105 4.80 29.58 0.49
C ILE G 105 5.61 28.55 1.27
N TYR G 106 6.17 27.57 0.55
CA TYR G 106 7.10 26.59 1.12
C TYR G 106 8.47 26.80 0.50
N PRO G 107 9.42 27.45 1.16
CA PRO G 107 10.71 27.71 0.52
C PRO G 107 11.61 26.49 0.60
N GLN G 108 11.97 25.94 -0.56
CA GLN G 108 12.86 24.79 -0.61
C GLN G 108 14.29 25.28 -0.40
N ILE G 109 14.91 24.83 0.70
CA ILE G 109 16.23 25.29 1.11
C ILE G 109 17.14 24.09 1.23
N VAL G 110 18.38 24.23 0.78
CA VAL G 110 19.40 23.20 0.92
C VAL G 110 20.62 23.85 1.57
N LYS G 111 20.97 23.38 2.75
CA LYS G 111 22.13 23.87 3.50
C LYS G 111 22.06 25.38 3.70
N GLY G 112 20.90 25.85 4.16
CA GLY G 112 20.70 27.26 4.41
C GLY G 112 20.76 28.15 3.19
N GLU G 113 20.58 27.59 2.00
CA GLU G 113 20.59 28.33 0.75
C GLU G 113 19.29 28.07 0.00
N LEU G 114 18.63 29.14 -0.43
CA LEU G 114 17.38 29.03 -1.16
C LEU G 114 17.65 28.52 -2.57
N CYS G 115 16.72 27.70 -3.08
CA CYS G 115 16.79 27.18 -4.44
C CYS G 115 15.48 27.24 -5.21
N GLY G 116 14.36 27.45 -4.54
CA GLY G 116 13.07 27.50 -5.21
C GLY G 116 11.96 27.37 -4.18
N TYR G 117 10.79 27.89 -4.53
CA TYR G 117 9.62 27.91 -3.66
C TYR G 117 8.61 26.90 -4.17
N GLN G 118 8.37 25.85 -3.39
CA GLN G 118 7.11 25.14 -3.49
C GLN G 118 6.03 26.05 -2.92
N CYS G 119 4.88 26.08 -3.58
CA CYS G 119 3.88 27.09 -3.29
C CYS G 119 2.49 26.51 -3.52
N SER G 120 1.52 27.14 -2.88
CA SER G 120 0.11 26.75 -2.93
C SER G 120 -0.72 27.93 -3.37
N LEU G 121 -1.84 27.64 -4.02
CA LEU G 121 -2.68 28.65 -4.64
C LEU G 121 -4.13 28.50 -4.17
N GLU G 122 -4.93 29.48 -4.57
CA GLU G 122 -6.37 29.46 -4.36
C GLU G 122 -7.01 30.18 -5.53
N ARG G 123 -7.72 29.43 -6.37
CA ARG G 123 -8.30 29.97 -7.59
C ARG G 123 -9.61 30.68 -7.24
N ILE G 124 -9.55 32.01 -7.16
CA ILE G 124 -10.71 32.81 -6.78
C ILE G 124 -11.52 33.08 -8.04
N ASP G 125 -12.74 32.56 -8.08
CA ASP G 125 -13.63 32.77 -9.22
C ASP G 125 -14.39 34.08 -9.08
N MET H 1 -57.02 27.95 5.74
CA MET H 1 -56.79 29.30 5.15
C MET H 1 -55.70 29.29 4.08
N ARG H 2 -54.93 28.20 4.02
CA ARG H 2 -53.94 28.06 2.96
C ARG H 2 -54.59 28.04 1.59
N ALA H 3 -55.69 27.30 1.45
CA ALA H 3 -56.34 27.18 0.15
C ALA H 3 -56.85 28.52 -0.33
N GLY H 4 -57.47 29.30 0.55
CA GLY H 4 -58.00 30.59 0.15
C GLY H 4 -56.92 31.55 -0.31
N ILE H 5 -55.85 31.65 0.46
CA ILE H 5 -54.77 32.57 0.11
C ILE H 5 -54.09 32.10 -1.17
N ARG H 6 -53.86 30.80 -1.31
CA ARG H 6 -53.23 30.28 -2.51
C ARG H 6 -54.10 30.57 -3.74
N LYS H 7 -55.40 30.33 -3.63
CA LYS H 7 -56.29 30.58 -4.75
C LYS H 7 -56.32 32.06 -5.11
N ALA H 8 -56.37 32.93 -4.10
CA ALA H 8 -56.38 34.37 -4.39
C ALA H 8 -55.10 34.80 -5.07
N LEU H 9 -53.95 34.33 -4.58
CA LEU H 9 -52.68 34.71 -5.18
C LEU H 9 -52.57 34.21 -6.61
N ILE H 10 -53.00 32.97 -6.85
CA ILE H 10 -52.92 32.43 -8.21
C ILE H 10 -53.85 33.18 -9.15
N ASP H 11 -55.08 33.46 -8.69
CA ASP H 11 -56.07 34.06 -9.57
C ASP H 11 -55.73 35.50 -9.91
N ASN H 12 -55.37 36.30 -8.90
CA ASN H 12 -55.22 37.73 -9.08
C ASN H 12 -53.80 38.16 -9.47
N ILE H 13 -52.86 37.23 -9.62
CA ILE H 13 -51.50 37.53 -10.02
C ILE H 13 -51.15 36.62 -11.18
N LYS H 14 -50.54 37.20 -12.22
CA LYS H 14 -50.21 36.48 -13.44
C LYS H 14 -48.72 36.27 -13.66
N GLU H 15 -47.87 37.13 -13.07
CA GLU H 15 -46.44 36.83 -13.07
C GLU H 15 -46.15 35.56 -12.28
N LEU H 16 -46.99 35.25 -11.30
CA LEU H 16 -46.78 34.10 -10.45
C LEU H 16 -46.83 32.80 -11.24
N LYS H 17 -45.95 31.87 -10.89
CA LYS H 17 -45.91 30.54 -11.50
C LYS H 17 -46.58 29.49 -10.62
N GLY H 18 -46.57 29.68 -9.31
CA GLY H 18 -47.21 28.75 -8.40
C GLY H 18 -47.10 29.19 -6.96
N CYS H 19 -48.09 28.81 -6.14
CA CYS H 19 -48.10 29.14 -4.71
C CYS H 19 -48.22 27.84 -3.94
N TYR H 20 -47.13 27.44 -3.29
CA TYR H 20 -46.99 26.13 -2.68
C TYR H 20 -47.09 26.22 -1.16
N GLU H 21 -46.97 25.07 -0.52
CA GLU H 21 -46.84 24.95 0.92
C GLU H 21 -45.35 24.95 1.29
N PRO H 22 -45.01 25.02 2.61
CA PRO H 22 -43.62 25.28 3.01
C PRO H 22 -42.49 24.51 2.32
N ASN H 23 -42.45 23.19 2.39
CA ASN H 23 -41.31 22.42 1.92
C ASN H 23 -41.61 21.68 0.62
N VAL H 24 -42.58 22.14 -0.14
CA VAL H 24 -43.01 21.45 -1.36
C VAL H 24 -42.06 21.67 -2.52
N PRO H 25 -41.83 22.92 -2.97
CA PRO H 25 -41.29 23.11 -4.33
C PRO H 25 -39.87 22.57 -4.49
N ASN H 26 -39.71 21.70 -5.48
CA ASN H 26 -38.41 21.16 -5.84
C ASN H 26 -37.53 22.26 -6.43
N LYS H 27 -36.25 21.91 -6.63
CA LYS H 27 -35.30 22.90 -7.14
C LYS H 27 -35.63 23.34 -8.55
N ASP H 28 -36.24 22.46 -9.36
CA ASP H 28 -36.59 22.80 -10.73
C ASP H 28 -37.94 23.49 -10.84
N THR H 29 -38.50 23.99 -9.74
CA THR H 29 -39.74 24.75 -9.81
C THR H 29 -39.48 26.09 -10.47
N LYS H 30 -40.43 26.53 -11.29
CA LYS H 30 -40.25 27.73 -12.10
C LYS H 30 -40.55 28.97 -11.27
N LYS H 31 -39.53 29.79 -11.07
CA LYS H 31 -39.68 31.05 -10.36
C LYS H 31 -40.33 32.10 -11.27
N PRO H 32 -41.00 33.12 -10.70
CA PRO H 32 -41.26 33.37 -9.28
C PRO H 32 -42.38 32.51 -8.73
N TYR H 33 -42.21 31.99 -7.51
CA TYR H 33 -43.25 31.24 -6.81
C TYR H 33 -43.32 31.74 -5.38
N MET H 34 -44.49 31.58 -4.78
CA MET H 34 -44.76 32.04 -3.42
C MET H 34 -45.00 30.84 -2.52
N VAL H 35 -44.84 31.04 -1.23
CA VAL H 35 -45.01 30.01 -0.22
C VAL H 35 -45.77 30.61 0.95
N VAL H 36 -46.85 29.97 1.37
CA VAL H 36 -47.74 30.48 2.40
C VAL H 36 -47.46 29.71 3.68
N VAL H 37 -46.95 30.41 4.69
CA VAL H 37 -46.56 29.83 5.97
C VAL H 37 -47.44 30.42 7.06
N GLN H 38 -48.15 29.57 7.79
CA GLN H 38 -48.96 30.01 8.92
C GLN H 38 -48.09 30.09 10.16
N GLY H 39 -48.41 31.03 11.03
CA GLY H 39 -47.69 31.27 12.26
C GLY H 39 -48.50 30.96 13.50
N GLN H 40 -48.23 31.70 14.57
CA GLN H 40 -48.90 31.47 15.83
C GLN H 40 -50.37 31.87 15.75
N ASP H 41 -51.15 31.38 16.70
CA ASP H 41 -52.47 31.91 17.03
C ASP H 41 -52.41 32.34 18.49
N ASN H 42 -52.54 33.65 18.74
CA ASN H 42 -52.36 34.22 20.06
C ASN H 42 -53.61 34.96 20.48
N ASP H 43 -53.98 34.81 21.75
CA ASP H 43 -55.13 35.51 22.32
C ASP H 43 -54.76 36.97 22.51
N HIS H 44 -55.29 37.85 21.65
CA HIS H 44 -54.98 39.28 21.67
C HIS H 44 -56.13 40.10 22.24
N GLY H 45 -56.83 39.57 23.23
CA GLY H 45 -57.84 40.31 23.96
C GLY H 45 -59.25 39.94 23.56
N GLU H 46 -60.20 40.56 24.26
CA GLU H 46 -61.61 40.25 24.05
C GLU H 46 -62.08 40.70 22.68
N THR H 47 -61.68 41.90 22.26
CA THR H 47 -62.21 42.47 21.03
C THR H 47 -61.70 41.77 19.77
N ILE H 48 -60.45 41.30 19.77
CA ILE H 48 -59.87 40.65 18.61
C ILE H 48 -59.98 39.13 18.69
N GLY H 49 -60.05 38.55 19.88
CA GLY H 49 -60.01 37.11 19.96
C GLY H 49 -58.64 36.60 19.59
N PHE H 50 -58.60 35.40 19.04
CA PHE H 50 -57.33 34.80 18.62
C PHE H 50 -56.93 35.37 17.26
N GLU H 51 -55.66 35.75 17.13
CA GLU H 51 -55.13 36.41 15.95
C GLU H 51 -54.08 35.51 15.31
N ARG H 52 -54.40 34.92 14.16
CA ARG H 52 -53.43 34.13 13.42
C ARG H 52 -52.49 35.04 12.66
N SER H 53 -51.25 34.60 12.50
CA SER H 53 -50.24 35.29 11.71
C SER H 53 -49.87 34.42 10.52
N ILE H 54 -49.93 34.99 9.33
CA ILE H 54 -49.67 34.28 8.08
C ILE H 54 -48.61 35.04 7.31
N GLU H 55 -47.67 34.31 6.72
CA GLU H 55 -46.61 34.88 5.91
C GLU H 55 -46.75 34.39 4.48
N VAL H 56 -46.37 35.23 3.53
CA VAL H 56 -46.35 34.89 2.11
C VAL H 56 -44.95 35.18 1.61
N TRP H 57 -44.15 34.12 1.44
CA TRP H 57 -42.74 34.26 1.08
C TRP H 57 -42.61 34.22 -0.44
N ILE H 58 -42.35 35.36 -1.03
CA ILE H 58 -42.16 35.46 -2.48
C ILE H 58 -40.74 35.00 -2.81
N TYR H 59 -40.57 34.41 -3.99
CA TYR H 59 -39.27 34.00 -4.48
C TYR H 59 -39.10 34.43 -5.93
N GLU H 60 -37.86 34.63 -6.33
CA GLU H 60 -37.53 35.21 -7.62
C GLU H 60 -36.20 34.65 -8.08
N GLY H 61 -35.91 34.80 -9.37
CA GLY H 61 -34.78 34.12 -9.98
C GLY H 61 -33.44 34.82 -9.85
N ARG H 62 -33.32 35.75 -8.90
CA ARG H 62 -32.07 36.47 -8.65
C ARG H 62 -31.65 37.28 -9.88
N THR H 63 -32.63 37.85 -10.57
CA THR H 63 -32.32 38.84 -11.60
C THR H 63 -32.07 40.20 -10.97
N THR H 64 -33.08 40.74 -10.29
CA THR H 64 -32.95 41.98 -9.55
C THR H 64 -34.08 42.06 -8.54
N PHE H 65 -33.91 42.92 -7.55
CA PHE H 65 -34.90 43.05 -6.51
C PHE H 65 -36.09 43.92 -6.91
N LYS H 66 -35.99 44.67 -8.00
CA LYS H 66 -37.11 45.50 -8.42
C LYS H 66 -38.31 44.65 -8.83
N LYS H 67 -38.05 43.52 -9.51
CA LYS H 67 -39.11 42.60 -9.85
C LYS H 67 -39.80 42.08 -8.60
N LEU H 68 -39.01 41.75 -7.58
CA LEU H 68 -39.58 41.25 -6.34
C LEU H 68 -40.38 42.34 -5.62
N ASP H 69 -39.91 43.59 -5.69
CA ASP H 69 -40.67 44.68 -5.08
C ASP H 69 -42.01 44.86 -5.77
N LYS H 70 -42.02 44.80 -7.10
CA LYS H 70 -43.29 44.87 -7.83
C LYS H 70 -44.21 43.73 -7.44
N LEU H 71 -43.67 42.52 -7.34
CA LEU H 71 -44.48 41.38 -6.93
C LEU H 71 -45.02 41.55 -5.52
N THR H 72 -44.20 42.13 -4.63
CA THR H 72 -44.64 42.36 -3.26
C THR H 72 -45.79 43.35 -3.21
N LYS H 73 -45.69 44.43 -3.99
CA LYS H 73 -46.79 45.39 -4.04
C LYS H 73 -48.05 44.73 -4.58
N GLN H 74 -47.90 43.85 -5.58
CA GLN H 74 -49.06 43.12 -6.09
C GLN H 74 -49.69 42.26 -5.01
N VAL H 75 -48.87 41.53 -4.24
CA VAL H 75 -49.42 40.65 -3.21
C VAL H 75 -50.14 41.47 -2.14
N VAL H 76 -49.54 42.59 -1.72
CA VAL H 76 -50.17 43.44 -0.73
C VAL H 76 -51.50 43.96 -1.26
N GLU H 77 -51.55 44.34 -2.53
CA GLU H 77 -52.81 44.79 -3.12
C GLU H 77 -53.85 43.68 -3.11
N VAL H 78 -53.44 42.45 -3.41
CA VAL H 78 -54.40 41.36 -3.52
C VAL H 78 -54.98 41.01 -2.16
N LEU H 79 -54.12 40.84 -1.15
CA LEU H 79 -54.58 40.22 0.10
C LEU H 79 -54.98 41.22 1.18
N ASP H 80 -54.56 42.48 1.09
CA ASP H 80 -54.77 43.43 2.18
C ASP H 80 -56.25 43.77 2.30
N MET H 81 -56.90 43.25 3.34
CA MET H 81 -58.25 43.59 3.76
C MET H 81 -59.34 43.15 2.78
N ASN H 82 -59.00 42.41 1.74
CA ASN H 82 -59.99 41.88 0.81
C ASN H 82 -60.50 40.55 1.34
N THR H 83 -61.81 40.43 1.45
CA THR H 83 -62.41 39.19 1.92
C THR H 83 -62.09 38.06 0.95
N ILE H 84 -61.58 36.95 1.49
CA ILE H 84 -61.19 35.78 0.71
C ILE H 84 -61.99 34.61 1.24
N VAL H 85 -62.47 33.76 0.33
CA VAL H 85 -63.29 32.60 0.68
C VAL H 85 -62.46 31.35 0.45
N ASP H 86 -62.35 30.51 1.48
CA ASP H 86 -61.65 29.24 1.40
C ASP H 86 -62.67 28.17 1.03
N GLU H 87 -62.57 27.68 -0.21
CA GLU H 87 -63.58 26.75 -0.71
C GLU H 87 -63.52 25.41 0.02
N SER H 88 -62.32 24.97 0.43
CA SER H 88 -62.21 23.70 1.14
C SER H 88 -62.95 23.75 2.47
N GLU H 89 -62.69 24.77 3.29
CA GLU H 89 -63.42 24.93 4.53
C GLU H 89 -64.83 25.46 4.31
N ASN H 90 -65.06 26.12 3.17
CA ASN H 90 -66.28 26.91 2.96
C ASN H 90 -66.46 27.94 4.06
N GLU H 91 -65.35 28.57 4.46
CA GLU H 91 -65.33 29.64 5.44
C GLU H 91 -64.47 30.77 4.91
N ALA H 92 -64.91 32.00 5.14
CA ALA H 92 -64.25 33.19 4.64
C ALA H 92 -63.33 33.77 5.72
N PHE H 93 -62.46 34.67 5.28
CA PHE H 93 -61.59 35.40 6.19
C PHE H 93 -61.15 36.68 5.50
N THR H 94 -60.40 37.51 6.22
CA THR H 94 -59.96 38.82 5.73
C THR H 94 -58.56 39.08 6.27
N CYS H 95 -57.55 38.81 5.43
CA CYS H 95 -56.17 39.05 5.83
C CYS H 95 -55.91 40.54 5.98
N ILE H 96 -55.01 40.88 6.89
CA ILE H 96 -54.63 42.26 7.18
C ILE H 96 -53.13 42.39 6.98
N TYR H 97 -52.71 43.38 6.21
CA TYR H 97 -51.29 43.64 6.02
C TYR H 97 -50.68 44.13 7.32
N LYS H 98 -49.49 43.60 7.65
CA LYS H 98 -48.79 43.94 8.88
C LYS H 98 -47.35 44.35 8.69
N GLY H 99 -46.67 43.85 7.67
CA GLY H 99 -45.30 44.27 7.43
C GLY H 99 -44.52 43.40 6.47
N THR H 100 -43.25 43.17 6.79
CA THR H 100 -42.35 42.47 5.90
C THR H 100 -41.32 41.75 6.75
N SER H 101 -40.69 40.72 6.18
CA SER H 101 -39.68 39.95 6.88
C SER H 101 -38.52 40.85 7.32
N GLU H 102 -37.63 40.27 8.13
CA GLU H 102 -36.60 41.06 8.81
C GLU H 102 -35.71 41.77 7.81
N ASN H 103 -35.30 41.08 6.75
CA ASN H 103 -34.52 41.69 5.68
C ASN H 103 -34.96 41.08 4.36
N ASP H 104 -34.29 41.49 3.29
CA ASP H 104 -34.53 40.98 1.95
C ASP H 104 -33.44 39.97 1.64
N ILE H 105 -33.69 38.71 1.98
CA ILE H 105 -32.64 37.71 2.01
C ILE H 105 -32.21 37.34 0.58
N VAL H 106 -31.03 36.74 0.48
CA VAL H 106 -30.52 36.17 -0.76
C VAL H 106 -30.06 34.75 -0.45
N VAL H 107 -30.53 33.79 -1.23
CA VAL H 107 -30.21 32.38 -1.06
C VAL H 107 -29.42 31.97 -2.30
N GLU H 108 -28.12 31.72 -2.12
CA GLU H 108 -27.26 31.45 -3.25
C GLU H 108 -27.39 30.01 -3.73
N GLU H 109 -27.55 29.07 -2.79
CA GLU H 109 -27.62 27.66 -3.17
C GLU H 109 -28.83 27.39 -4.05
N TRP H 110 -29.95 28.07 -3.77
CA TRP H 110 -31.13 27.96 -4.63
C TRP H 110 -31.08 28.92 -5.81
N ASP H 111 -30.14 29.86 -5.83
CA ASP H 111 -30.06 30.89 -6.86
C ASP H 111 -31.37 31.67 -6.93
N ALA H 112 -31.67 32.35 -5.82
CA ALA H 112 -32.94 33.07 -5.71
C ALA H 112 -32.79 34.18 -4.68
N ILE H 113 -33.75 35.10 -4.72
CA ILE H 113 -33.93 36.12 -3.70
C ILE H 113 -35.35 36.00 -3.19
N ALA H 114 -35.55 36.36 -1.93
CA ALA H 114 -36.83 36.14 -1.27
C ALA H 114 -37.16 37.31 -0.36
N ARG H 115 -38.45 37.46 -0.09
CA ARG H 115 -38.96 38.48 0.82
C ARG H 115 -40.27 37.98 1.39
N GLY H 116 -40.39 38.02 2.71
CA GLY H 116 -41.58 37.53 3.38
C GLY H 116 -42.54 38.62 3.77
N ILE H 117 -43.66 38.71 3.09
CA ILE H 117 -44.73 39.61 3.50
C ILE H 117 -45.43 38.97 4.69
N ARG H 118 -45.94 39.80 5.59
CA ARG H 118 -46.47 39.36 6.88
C ARG H 118 -47.91 39.81 7.01
N PHE H 119 -48.83 38.86 7.00
CA PHE H 119 -50.26 39.10 7.15
C PHE H 119 -50.74 38.52 8.48
N SER H 120 -52.00 38.81 8.80
CA SER H 120 -52.62 38.25 9.98
C SER H 120 -54.12 38.19 9.78
N VAL H 121 -54.77 37.36 10.59
CA VAL H 121 -56.21 37.17 10.55
C VAL H 121 -56.74 37.39 11.97
N ILE H 122 -58.00 37.82 12.06
CA ILE H 122 -58.58 38.28 13.32
C ILE H 122 -59.67 37.30 13.74
N ALA H 123 -59.80 37.11 15.05
CA ALA H 123 -60.94 36.42 15.67
C ALA H 123 -61.18 35.04 15.05
N LEU H 124 -60.20 34.16 15.25
CA LEU H 124 -60.30 32.82 14.69
C LEU H 124 -61.47 32.05 15.29
N GLU H 125 -61.70 32.21 16.60
CA GLU H 125 -62.70 31.39 17.28
C GLU H 125 -64.13 31.88 17.00
N ASP H 126 -64.32 33.18 16.87
CA ASP H 126 -65.67 33.72 16.76
C ASP H 126 -66.31 33.35 15.43
N LYS H 127 -67.57 32.91 15.48
CA LYS H 127 -68.34 32.56 14.31
C LYS H 127 -69.80 33.01 14.37
N GLU H 128 -70.19 33.75 15.41
CA GLU H 128 -71.60 34.01 15.68
C GLU H 128 -72.05 35.35 15.12
N ASP H 129 -71.38 36.44 15.51
CA ASP H 129 -71.84 37.80 15.22
C ASP H 129 -73.22 38.03 15.82
N THR H 130 -73.34 37.77 17.12
CA THR H 130 -74.58 37.99 17.85
C THR H 130 -74.21 38.39 19.27
N THR H 131 -75.19 38.98 19.96
CA THR H 131 -74.94 39.52 21.29
C THR H 131 -76.21 39.46 22.12
N ASN H 132 -76.04 39.21 23.41
CA ASN H 132 -77.09 39.38 24.40
C ASN H 132 -77.04 40.75 25.07
N ASP H 133 -76.15 41.64 24.63
CA ASP H 133 -76.16 43.03 25.08
C ASP H 133 -77.14 43.77 24.20
N ARG H 134 -78.30 44.12 24.76
CA ARG H 134 -79.33 44.77 23.98
C ARG H 134 -78.89 46.14 23.51
N TRP H 135 -78.08 46.84 24.32
CA TRP H 135 -77.62 48.17 23.95
C TRP H 135 -76.72 48.11 22.72
N VAL H 136 -75.81 47.14 22.71
CA VAL H 136 -74.92 46.98 21.55
C VAL H 136 -75.74 46.66 20.31
N GLU H 137 -76.75 45.80 20.45
CA GLU H 137 -77.62 45.49 19.32
C GLU H 137 -78.32 46.74 18.81
N ALA H 138 -78.84 47.56 19.72
CA ALA H 138 -79.56 48.77 19.32
C ALA H 138 -78.64 49.72 18.58
N LEU H 139 -77.44 49.97 19.10
CA LEU H 139 -76.55 50.92 18.45
C LEU H 139 -75.96 50.36 17.16
N SER H 140 -75.75 49.04 17.07
CA SER H 140 -75.32 48.48 15.80
C SER H 140 -76.40 48.64 14.75
N ARG H 141 -77.66 48.42 15.13
CA ARG H 141 -78.77 48.66 14.21
C ARG H 141 -78.79 50.11 13.77
N HIS H 142 -78.62 51.03 14.72
CA HIS H 142 -78.64 52.45 14.41
C HIS H 142 -77.51 52.81 13.45
N THR H 143 -76.32 52.28 13.69
CA THR H 143 -75.19 52.55 12.81
C THR H 143 -75.42 51.98 11.42
N LYS H 144 -75.96 50.77 11.34
CA LYS H 144 -76.23 50.18 10.02
C LYS H 144 -77.26 51.01 9.25
N ASP H 145 -78.32 51.45 9.93
CA ASP H 145 -79.34 52.23 9.25
C ASP H 145 -78.80 53.58 8.81
N LEU H 146 -78.14 54.29 9.71
CA LEU H 146 -77.62 55.63 9.40
C LEU H 146 -76.56 55.57 8.31
N LEU H 147 -75.65 54.59 8.40
CA LEU H 147 -74.39 54.63 7.69
C LEU H 147 -74.32 53.66 6.52
N GLU H 148 -75.22 52.67 6.47
CA GLU H 148 -75.28 51.73 5.35
C GLU H 148 -73.97 50.98 5.18
N ILE H 149 -73.40 50.52 6.30
CA ILE H 149 -72.26 49.61 6.29
C ILE H 149 -72.53 48.52 7.34
N GLU H 150 -71.62 47.56 7.40
CA GLU H 150 -71.77 46.49 8.37
C GLU H 150 -71.67 47.03 9.78
N SER H 151 -72.08 46.21 10.75
CA SER H 151 -71.97 46.57 12.17
C SER H 151 -71.90 45.24 12.94
N TYR H 152 -70.70 44.91 13.39
CA TYR H 152 -70.38 43.54 13.78
C TYR H 152 -70.57 43.26 15.27
N LYS H 153 -71.05 44.22 16.05
CA LYS H 153 -71.41 43.97 17.45
C LYS H 153 -70.21 43.52 18.27
N ASP H 154 -70.43 42.91 19.44
CA ASP H 154 -69.51 42.95 20.57
C ASP H 154 -68.09 42.45 20.28
N ASN H 155 -67.81 41.84 19.14
CA ASN H 155 -66.42 41.51 18.82
C ASN H 155 -66.29 41.21 17.33
N TRP H 156 -65.06 41.31 16.84
CA TRP H 156 -64.78 41.11 15.43
C TRP H 156 -65.14 39.69 15.01
N LYS H 157 -65.27 39.51 13.70
CA LYS H 157 -65.37 38.20 13.10
C LYS H 157 -64.35 38.10 11.97
N LYS H 158 -63.93 36.86 11.68
CA LYS H 158 -62.76 36.65 10.85
C LYS H 158 -62.94 37.12 9.42
N ASN H 159 -64.18 37.25 8.95
CA ASN H 159 -64.48 37.60 7.57
C ASN H 159 -65.15 38.97 7.46
N PHE H 160 -64.67 39.96 8.21
CA PHE H 160 -65.28 41.28 8.18
C PHE H 160 -65.10 41.92 6.81
N ILE H 161 -66.12 42.66 6.39
CA ILE H 161 -66.16 43.29 5.06
C ILE H 161 -65.83 44.76 5.23
N ALA H 162 -64.61 45.14 4.89
CA ALA H 162 -64.24 46.54 4.96
C ALA H 162 -64.96 47.31 3.85
N PRO H 163 -65.54 48.50 4.12
CA PRO H 163 -65.58 49.25 5.38
C PRO H 163 -66.63 48.69 6.34
N CYS H 164 -66.47 48.89 7.64
CA CYS H 164 -67.42 48.35 8.60
C CYS H 164 -67.22 49.07 9.93
N ALA H 165 -68.19 48.89 10.83
CA ALA H 165 -68.13 49.39 12.19
C ALA H 165 -68.16 48.22 13.17
N LEU H 166 -68.00 48.55 14.44
CA LEU H 166 -68.08 47.56 15.51
C LEU H 166 -68.42 48.27 16.80
N TRP H 167 -69.60 48.02 17.34
CA TRP H 167 -70.01 48.59 18.62
C TRP H 167 -69.85 47.53 19.70
N ARG H 168 -69.11 47.87 20.75
CA ARG H 168 -68.91 46.95 21.86
C ARG H 168 -68.96 47.75 23.17
N THR H 169 -69.33 47.05 24.24
CA THR H 169 -69.38 47.64 25.57
C THR H 169 -68.08 47.32 26.31
N THR H 170 -67.54 48.32 26.99
CA THR H 170 -66.29 48.17 27.75
C THR H 170 -66.53 48.15 29.24
N HIS H 171 -67.47 48.95 29.73
CA HIS H 171 -67.63 49.21 31.15
C HIS H 171 -69.09 49.43 31.47
N ILE H 172 -69.56 48.85 32.56
CA ILE H 172 -70.96 48.94 32.98
C ILE H 172 -71.10 49.35 34.43
N GLU H 173 -71.92 50.36 34.69
CA GLU H 173 -72.12 50.90 36.04
C GLU H 173 -73.62 50.97 36.31
N ASN H 174 -74.09 50.10 37.18
CA ASN H 174 -75.47 50.12 37.64
C ASN H 174 -75.57 50.93 38.92
N LYS H 175 -76.77 51.45 39.18
CA LYS H 175 -76.95 52.37 40.29
C LYS H 175 -78.42 52.42 40.67
N ARG H 176 -78.71 52.16 41.94
CA ARG H 176 -80.07 52.25 42.45
C ARG H 176 -80.30 53.68 42.93
N ILE H 177 -80.73 54.54 42.00
CA ILE H 177 -80.89 55.96 42.31
C ILE H 177 -81.99 56.18 43.33
N ASN H 178 -83.01 55.33 43.34
CA ASN H 178 -84.19 55.54 44.16
C ASN H 178 -84.76 54.17 44.53
N TYR H 179 -85.81 54.18 45.36
CA TYR H 179 -86.47 52.93 45.70
C TYR H 179 -87.04 52.25 44.46
N HIS H 180 -87.68 53.02 43.58
CA HIS H 180 -88.36 52.48 42.42
C HIS H 180 -87.55 52.51 41.13
N LEU H 181 -86.45 53.25 41.09
CA LEU H 181 -85.70 53.51 39.87
C LEU H 181 -84.30 52.94 39.97
N ILE H 182 -83.77 52.47 38.85
CA ILE H 182 -82.39 52.00 38.75
C ILE H 182 -81.78 52.59 37.49
N GLU H 183 -80.56 53.08 37.60
CA GLU H 183 -79.83 53.70 36.50
C GLU H 183 -78.77 52.74 35.99
N ILE H 184 -78.77 52.49 34.69
CA ILE H 184 -77.83 51.60 34.03
C ILE H 184 -77.01 52.45 33.07
N THR H 185 -75.69 52.47 33.24
CA THR H 185 -74.78 53.26 32.44
C THR H 185 -73.77 52.35 31.76
N LYS H 186 -73.48 52.61 30.50
CA LYS H 186 -72.53 51.84 29.71
C LYS H 186 -71.66 52.80 28.91
N THR H 187 -70.34 52.60 28.96
CA THR H 187 -69.40 53.38 28.14
C THR H 187 -69.03 52.47 26.98
N MET H 188 -69.65 52.70 25.84
CA MET H 188 -69.55 51.81 24.69
C MET H 188 -68.64 52.44 23.64
N LYS H 189 -67.62 51.69 23.22
CA LYS H 189 -66.64 52.16 22.27
C LYS H 189 -66.94 51.59 20.89
N CYS H 190 -66.64 52.35 19.85
CA CYS H 190 -66.97 52.01 18.48
C CYS H 190 -65.74 52.08 17.60
N HIS H 191 -65.66 51.17 16.63
CA HIS H 191 -64.59 51.11 15.65
C HIS H 191 -65.13 51.50 14.29
N VAL H 192 -64.23 51.91 13.40
CA VAL H 192 -64.55 52.10 11.99
C VAL H 192 -63.34 51.66 11.19
N VAL H 193 -63.49 50.58 10.43
CA VAL H 193 -62.42 50.02 9.61
C VAL H 193 -62.69 50.38 8.17
N SER H 194 -61.63 50.65 7.41
CA SER H 194 -61.72 50.87 5.98
C SER H 194 -60.31 50.95 5.42
N LYS H 195 -60.18 50.64 4.13
CA LYS H 195 -58.90 50.80 3.46
C LYS H 195 -58.56 52.26 3.26
N ASN H 196 -59.57 53.12 3.13
CA ASN H 196 -59.39 54.55 2.93
C ASN H 196 -59.58 55.27 4.26
N LYS H 197 -58.48 55.79 4.82
CA LYS H 197 -58.54 56.41 6.13
C LYS H 197 -59.39 57.68 6.13
N ASP H 198 -59.40 58.41 5.03
CA ASP H 198 -60.30 59.56 4.92
C ASP H 198 -61.75 59.12 5.04
N GLU H 199 -62.06 57.93 4.51
CA GLU H 199 -63.39 57.39 4.69
C GLU H 199 -63.68 57.10 6.16
N ILE H 200 -62.66 56.65 6.90
CA ILE H 200 -62.85 56.43 8.34
C ILE H 200 -63.20 57.75 9.02
N VAL H 201 -62.49 58.81 8.66
CA VAL H 201 -62.75 60.11 9.26
C VAL H 201 -64.17 60.58 8.95
N LYS H 202 -64.58 60.43 7.69
CA LYS H 202 -65.91 60.88 7.30
C LYS H 202 -66.99 60.08 8.01
N LEU H 203 -66.82 58.75 8.09
CA LEU H 203 -67.80 57.91 8.74
C LEU H 203 -67.92 58.26 10.22
N LEU H 204 -66.79 58.48 10.88
CA LEU H 204 -66.82 58.85 12.29
C LEU H 204 -67.50 60.20 12.48
N GLU H 205 -67.23 61.15 11.58
CA GLU H 205 -67.84 62.47 11.67
C GLU H 205 -69.36 62.37 11.57
N THR H 206 -69.85 61.66 10.55
CA THR H 206 -71.31 61.58 10.39
C THR H 206 -71.95 60.82 11.54
N LEU H 207 -71.30 59.76 12.03
CA LEU H 207 -71.85 59.01 13.15
C LEU H 207 -71.94 59.89 14.39
N GLU H 208 -70.89 60.67 14.66
CA GLU H 208 -70.89 61.56 15.82
C GLU H 208 -71.99 62.60 15.69
N THR H 209 -72.11 63.21 14.52
CA THR H 209 -73.14 64.24 14.34
C THR H 209 -74.52 63.65 14.51
N SER H 210 -74.75 62.44 14.00
CA SER H 210 -76.05 61.79 14.17
C SER H 210 -76.32 61.53 15.64
N LEU H 211 -75.34 60.99 16.36
CA LEU H 211 -75.55 60.69 17.77
C LEU H 211 -75.80 61.96 18.58
N ILE H 212 -75.23 63.08 18.16
CA ILE H 212 -75.40 64.32 18.91
C ILE H 212 -76.76 64.96 18.61
N ILE H 213 -77.08 65.17 17.33
CA ILE H 213 -78.31 65.89 17.01
C ILE H 213 -79.52 65.07 17.42
N ASP H 214 -79.45 63.75 17.30
CA ASP H 214 -80.45 62.84 17.85
C ASP H 214 -79.87 62.30 19.16
N LYS H 215 -80.27 62.92 20.26
CA LYS H 215 -79.60 62.70 21.55
C LYS H 215 -79.99 61.38 22.23
N ARG H 216 -80.72 60.49 21.55
CA ARG H 216 -81.07 59.21 22.14
C ARG H 216 -81.31 58.22 21.01
N VAL H 217 -81.31 56.93 21.38
CA VAL H 217 -81.34 55.83 20.43
C VAL H 217 -82.43 54.85 20.84
N ARG H 218 -83.20 54.39 19.86
CA ARG H 218 -84.28 53.44 20.13
C ARG H 218 -83.68 52.09 20.46
N LEU H 219 -83.90 51.63 21.69
CA LEU H 219 -83.35 50.34 22.11
C LEU H 219 -83.96 49.20 21.30
N ARG H 220 -85.26 49.26 21.05
CA ARG H 220 -85.97 48.26 20.28
C ARG H 220 -86.95 48.94 19.35
N GLU H 221 -87.35 48.24 18.30
CA GLU H 221 -88.32 48.79 17.36
C GLU H 221 -89.71 48.96 17.97
N ASP H 222 -89.97 48.38 19.13
CA ASP H 222 -91.23 48.60 19.82
C ASP H 222 -91.30 49.94 20.53
N LYS H 223 -90.21 50.72 20.52
CA LYS H 223 -90.10 51.93 21.33
C LYS H 223 -90.19 51.49 22.79
N ASN H 224 -90.67 52.35 23.69
CA ASN H 224 -90.81 52.12 25.12
C ASN H 224 -89.46 52.15 25.84
N MET H 225 -88.34 52.38 25.14
CA MET H 225 -87.02 52.45 25.75
C MET H 225 -86.16 53.41 24.94
N TYR H 226 -85.15 53.96 25.59
CA TYR H 226 -84.23 54.88 24.94
C TYR H 226 -82.91 54.89 25.68
N LEU H 227 -81.84 55.23 24.96
CA LEU H 227 -80.49 55.33 25.51
C LEU H 227 -80.05 56.78 25.37
N THR H 228 -80.38 57.60 26.36
CA THR H 228 -80.02 59.01 26.28
C THR H 228 -78.51 59.17 26.34
N LEU H 229 -77.96 59.89 25.36
CA LEU H 229 -76.52 60.05 25.28
C LEU H 229 -76.01 60.91 26.43
N VAL H 230 -74.76 60.68 26.82
CA VAL H 230 -74.09 61.46 27.85
C VAL H 230 -72.89 62.20 27.28
N SER H 231 -72.05 61.50 26.52
CA SER H 231 -70.89 62.11 25.88
C SER H 231 -70.31 61.16 24.84
N VAL H 232 -70.03 61.68 23.65
CA VAL H 232 -69.43 60.92 22.57
C VAL H 232 -68.11 61.60 22.20
N VAL H 233 -67.04 60.82 22.14
CA VAL H 233 -65.69 61.34 21.99
C VAL H 233 -64.93 60.43 21.05
N GLU H 234 -64.19 61.03 20.12
CA GLU H 234 -63.34 60.31 19.18
C GLU H 234 -61.87 60.55 19.53
N ASP H 235 -61.08 59.47 19.45
CA ASP H 235 -59.64 59.51 19.67
C ASP H 235 -58.98 58.94 18.43
N ARG H 236 -58.68 59.82 17.47
CA ARG H 236 -58.19 59.38 16.17
C ARG H 236 -56.86 58.64 16.26
N GLU H 237 -56.04 58.94 17.27
CA GLU H 237 -54.76 58.25 17.40
C GLU H 237 -54.94 56.79 17.79
N SER H 238 -56.06 56.44 18.42
CA SER H 238 -56.25 55.09 18.91
C SER H 238 -56.28 54.11 17.75
N ASP H 239 -55.85 52.88 18.04
CA ASP H 239 -55.69 51.88 17.00
C ASP H 239 -57.03 51.54 16.36
N MET H 240 -57.00 51.26 15.07
CA MET H 240 -58.22 51.01 14.31
C MET H 240 -58.90 49.72 14.77
N PHE H 241 -58.13 48.68 15.07
CA PHE H 241 -58.67 47.35 15.36
C PHE H 241 -58.75 47.07 16.86
N THR H 242 -57.62 47.16 17.57
CA THR H 242 -57.60 46.76 18.97
C THR H 242 -58.50 47.65 19.82
N THR H 243 -58.34 48.97 19.71
CA THR H 243 -58.99 49.89 20.63
C THR H 243 -60.32 50.40 20.11
N GLY H 244 -60.31 51.12 18.98
CA GLY H 244 -61.51 51.75 18.46
C GLY H 244 -61.49 53.26 18.63
N GLN H 245 -61.91 53.98 17.60
CA GLN H 245 -61.76 55.44 17.59
C GLN H 245 -62.71 56.12 18.56
N LEU H 246 -63.99 55.74 18.53
CA LEU H 246 -65.05 56.52 19.15
C LEU H 246 -65.50 55.89 20.45
N THR H 247 -65.59 56.71 21.49
CA THR H 247 -66.08 56.31 22.81
C THR H 247 -67.37 57.07 23.10
N ALA H 248 -68.41 56.33 23.46
CA ALA H 248 -69.72 56.90 23.77
C ALA H 248 -70.21 56.36 25.10
N VAL H 249 -70.90 57.20 25.86
CA VAL H 249 -71.46 56.83 27.16
C VAL H 249 -72.96 57.03 27.08
N PHE H 250 -73.70 55.96 27.34
CA PHE H 250 -75.16 55.96 27.32
C PHE H 250 -75.68 55.56 28.68
N LYS H 251 -76.83 56.11 29.07
CA LYS H 251 -77.48 55.77 30.33
C LYS H 251 -78.95 55.53 30.08
N MET H 252 -79.55 54.70 30.95
CA MET H 252 -80.96 54.38 30.87
C MET H 252 -81.47 54.19 32.29
N ILE H 253 -82.73 54.55 32.52
CA ILE H 253 -83.34 54.49 33.84
C ILE H 253 -84.48 53.50 33.78
N GLY H 254 -84.33 52.38 34.46
CA GLY H 254 -85.40 51.41 34.61
C GLY H 254 -86.35 51.80 35.72
N LYS H 255 -87.37 50.98 35.93
CA LYS H 255 -88.33 51.16 37.00
C LYS H 255 -88.63 49.80 37.60
N ILE H 256 -88.60 49.70 38.93
CA ILE H 256 -88.86 48.44 39.59
C ILE H 256 -90.30 48.02 39.31
N LYS H 257 -90.46 46.80 38.84
CA LYS H 257 -91.72 46.32 38.27
C LYS H 257 -92.64 45.73 39.35
N ARG H 258 -92.95 46.55 40.35
CA ARG H 258 -93.83 46.14 41.45
C ARG H 258 -95.22 46.74 41.26
N GLU H 259 -96.23 45.97 41.65
CA GLU H 259 -97.62 46.38 41.50
C GLU H 259 -98.41 45.81 42.68
N GLY H 260 -99.64 46.28 42.83
CA GLY H 260 -100.50 45.84 43.90
C GLY H 260 -101.97 46.06 43.57
N PRO H 261 -102.86 45.63 44.46
CA PRO H 261 -104.29 45.78 44.21
C PRO H 261 -104.72 47.24 44.26
N THR H 262 -105.85 47.53 43.60
CA THR H 262 -106.36 48.88 43.44
C THR H 262 -107.75 49.00 44.06
N MET H 263 -108.04 50.18 44.59
CA MET H 263 -109.32 50.47 45.25
C MET H 263 -110.31 50.95 44.20
N ASP H 264 -110.86 50.00 43.44
CA ASP H 264 -111.82 50.36 42.41
C ASP H 264 -113.10 50.91 43.01
N LYS H 265 -113.67 50.22 44.01
CA LYS H 265 -114.96 50.55 44.60
C LYS H 265 -114.82 50.69 46.11
N ILE H 266 -115.46 51.73 46.65
CA ILE H 266 -115.46 52.02 48.07
C ILE H 266 -116.92 52.19 48.51
N TYR H 267 -117.26 51.70 49.70
CA TYR H 267 -118.64 51.70 50.16
C TYR H 267 -118.69 51.87 51.68
N GLY H 268 -119.75 52.51 52.14
CA GLY H 268 -119.94 52.66 53.58
C GLY H 268 -121.34 53.12 53.91
N ASN H 269 -121.68 52.97 55.19
CA ASN H 269 -123.00 53.28 55.73
C ASN H 269 -122.89 54.33 56.83
N GLY H 270 -124.04 54.89 57.20
CA GLY H 270 -124.11 55.91 58.22
C GLY H 270 -125.06 55.52 59.34
N ASN H 271 -124.66 55.82 60.56
CA ASN H 271 -125.46 55.55 61.75
C ASN H 271 -125.38 56.78 62.67
N LEU H 272 -125.93 56.65 63.87
CA LEU H 272 -125.91 57.73 64.85
C LEU H 272 -125.74 57.17 66.26
N GLU I 9 -24.21 -41.64 -29.58
CA GLU I 9 -24.18 -40.72 -30.75
C GLU I 9 -22.86 -39.95 -30.76
N LYS I 10 -22.21 -39.94 -31.93
CA LYS I 10 -20.91 -39.28 -32.05
C LYS I 10 -21.00 -37.79 -31.75
N LEU I 11 -22.06 -37.13 -32.24
CA LEU I 11 -22.19 -35.70 -32.05
C LEU I 11 -22.36 -35.35 -30.58
N ARG I 12 -23.16 -36.12 -29.86
CA ARG I 12 -23.36 -35.86 -28.44
C ARG I 12 -22.07 -36.04 -27.65
N LEU I 13 -21.31 -37.09 -27.96
CA LEU I 13 -20.04 -37.32 -27.29
C LEU I 13 -19.05 -36.20 -27.60
N LEU I 14 -19.05 -35.71 -28.84
CA LEU I 14 -18.17 -34.59 -29.18
C LEU I 14 -18.57 -33.33 -28.43
N LEU I 15 -19.87 -33.04 -28.36
CA LEU I 15 -20.34 -31.89 -27.58
C LEU I 15 -19.97 -32.03 -26.11
N ASN I 16 -19.96 -33.26 -25.59
CA ASN I 16 -19.43 -33.46 -24.24
C ASN I 16 -17.94 -33.16 -24.20
N ASP I 17 -17.19 -33.59 -25.22
CA ASP I 17 -15.75 -33.34 -25.27
C ASP I 17 -15.45 -31.86 -25.47
N LYS I 18 -16.31 -31.14 -26.17
CA LYS I 18 -16.12 -29.74 -26.47
C LYS I 18 -17.46 -29.06 -26.23
N ASP I 19 -17.51 -28.18 -25.23
CA ASP I 19 -18.76 -27.84 -24.54
C ASP I 19 -19.82 -27.33 -25.50
N LYS I 20 -21.08 -27.37 -25.02
CA LYS I 20 -22.24 -27.16 -25.86
C LYS I 20 -22.61 -25.69 -25.92
N LYS I 21 -23.53 -25.38 -26.84
CA LYS I 21 -24.21 -24.08 -26.94
C LYS I 21 -23.33 -22.97 -27.50
N SER I 22 -22.05 -23.26 -27.78
CA SER I 22 -21.20 -22.26 -28.41
C SER I 22 -21.26 -22.39 -29.93
N PHE I 23 -20.93 -23.56 -30.45
CA PHE I 23 -20.96 -23.83 -31.89
C PHE I 23 -22.29 -24.47 -32.27
N THR I 24 -22.72 -24.21 -33.50
CA THR I 24 -23.87 -24.91 -34.06
C THR I 24 -23.42 -26.26 -34.63
N ASP I 25 -24.38 -27.17 -34.77
CA ASP I 25 -24.05 -28.57 -35.02
C ASP I 25 -23.43 -28.78 -36.40
N GLU I 26 -23.55 -27.80 -37.31
CA GLU I 26 -23.00 -27.98 -38.65
C GLU I 26 -21.49 -28.14 -38.61
N GLU I 27 -20.80 -27.24 -37.90
CA GLU I 27 -19.35 -27.38 -37.78
C GLU I 27 -18.97 -28.62 -36.98
N LEU I 28 -19.84 -29.07 -36.08
CA LEU I 28 -19.59 -30.33 -35.39
C LEU I 28 -19.58 -31.49 -36.38
N ASN I 29 -20.55 -31.52 -37.30
CA ASN I 29 -20.53 -32.52 -38.36
C ASN I 29 -19.27 -32.39 -39.21
N LEU I 30 -18.87 -31.16 -39.49
CA LEU I 30 -17.65 -30.94 -40.27
C LEU I 30 -16.43 -31.53 -39.57
N PHE I 31 -16.31 -31.28 -38.27
CA PHE I 31 -15.18 -31.81 -37.51
C PHE I 31 -15.20 -33.33 -37.48
N LEU I 32 -16.39 -33.91 -37.32
CA LEU I 32 -16.50 -35.37 -37.33
C LEU I 32 -16.07 -35.94 -38.67
N GLU I 33 -16.47 -35.29 -39.77
CA GLU I 33 -16.12 -35.81 -41.09
C GLU I 33 -14.63 -35.65 -41.37
N GLU I 34 -14.03 -34.56 -40.91
CA GLU I 34 -12.62 -34.31 -41.24
C GLU I 34 -11.70 -35.29 -40.53
N ALA I 35 -12.16 -35.98 -39.49
CA ALA I 35 -11.35 -36.97 -38.80
C ALA I 35 -12.27 -38.02 -38.20
N ASP I 36 -12.04 -39.29 -38.58
CA ASP I 36 -12.88 -40.37 -38.04
C ASP I 36 -12.68 -40.52 -36.53
N CYS I 37 -11.44 -40.42 -36.06
CA CYS I 37 -11.19 -40.48 -34.63
C CYS I 37 -11.82 -39.28 -33.95
N ILE I 38 -12.68 -39.55 -32.97
CA ILE I 38 -13.44 -38.48 -32.34
C ILE I 38 -12.52 -37.53 -31.57
N TYR I 39 -11.45 -38.06 -30.98
CA TYR I 39 -10.57 -37.22 -30.18
C TYR I 39 -9.77 -36.25 -31.06
N CYS I 40 -9.45 -36.63 -32.29
CA CYS I 40 -8.81 -35.69 -33.20
C CYS I 40 -9.73 -34.52 -33.51
N ALA I 41 -11.00 -34.82 -33.80
CA ALA I 41 -11.97 -33.77 -34.03
C ALA I 41 -12.15 -32.93 -32.76
N ALA I 42 -12.07 -33.56 -31.59
CA ALA I 42 -12.18 -32.82 -30.34
C ALA I 42 -11.03 -31.84 -30.19
N SER I 43 -9.81 -32.27 -30.53
CA SER I 43 -8.66 -31.38 -30.46
C SER I 43 -8.81 -30.21 -31.43
N GLN I 44 -9.24 -30.51 -32.65
CA GLN I 44 -9.47 -29.44 -33.63
C GLN I 44 -10.52 -28.45 -33.12
N GLY I 45 -11.63 -28.97 -32.61
CA GLY I 45 -12.67 -28.12 -32.09
C GLY I 45 -12.22 -27.33 -30.89
N TRP I 46 -11.34 -27.91 -30.07
CA TRP I 46 -10.85 -27.19 -28.91
C TRP I 46 -9.95 -26.04 -29.31
N ILE I 47 -9.12 -26.24 -30.33
CA ILE I 47 -8.32 -25.11 -30.83
C ILE I 47 -9.23 -24.02 -31.39
N LEU I 48 -10.22 -24.42 -32.20
CA LEU I 48 -11.11 -23.44 -32.80
C LEU I 48 -11.98 -22.75 -31.75
N LYS I 49 -12.26 -23.43 -30.64
CA LYS I 49 -12.98 -22.80 -29.54
C LYS I 49 -12.06 -21.88 -28.75
N SER I 50 -10.78 -22.23 -28.65
CA SER I 50 -9.80 -21.35 -28.04
C SER I 50 -9.70 -20.03 -28.79
N LEU I 51 -9.87 -20.08 -30.11
CA LEU I 51 -9.85 -18.84 -30.89
C LEU I 51 -10.95 -17.88 -30.45
N GLN I 52 -12.05 -18.38 -29.89
CA GLN I 52 -13.21 -17.54 -29.61
C GLN I 52 -13.08 -16.74 -28.32
N TYR I 53 -12.04 -16.96 -27.52
CA TYR I 53 -11.93 -16.24 -26.26
C TYR I 53 -11.68 -14.75 -26.46
N GLU I 54 -11.15 -14.36 -27.62
CA GLU I 54 -10.94 -12.94 -27.88
C GLU I 54 -12.24 -12.16 -27.94
N ASN I 55 -13.36 -12.82 -28.20
CA ASN I 55 -14.68 -12.18 -28.22
C ASN I 55 -15.48 -12.42 -26.95
N THR I 56 -15.51 -13.66 -26.46
CA THR I 56 -16.35 -13.98 -25.30
C THR I 56 -15.84 -13.38 -24.01
N VAL I 57 -14.52 -13.25 -23.85
CA VAL I 57 -13.92 -12.74 -22.62
C VAL I 57 -13.22 -11.42 -22.91
N GLY I 58 -12.54 -11.33 -24.03
CA GLY I 58 -11.85 -10.11 -24.40
C GLY I 58 -10.60 -9.90 -23.58
N GLU I 59 -9.94 -8.77 -23.87
CA GLU I 59 -8.67 -8.46 -23.22
C GLU I 59 -8.86 -7.88 -21.82
N MET I 60 -10.01 -7.26 -21.55
CA MET I 60 -10.22 -6.52 -20.30
C MET I 60 -10.40 -7.52 -19.16
N TYR I 61 -9.25 -7.98 -18.65
CA TYR I 61 -9.26 -9.09 -17.70
C TYR I 61 -9.65 -8.64 -16.29
N GLU I 62 -9.52 -7.35 -15.98
CA GLU I 62 -9.88 -6.82 -14.67
C GLU I 62 -10.40 -5.41 -14.80
N TYR I 63 -11.44 -5.09 -14.02
CA TYR I 63 -11.98 -3.74 -13.99
C TYR I 63 -12.66 -3.50 -12.65
N LYS I 64 -12.67 -2.23 -12.25
CA LYS I 64 -13.39 -1.78 -11.06
C LYS I 64 -14.29 -0.63 -11.47
N VAL I 65 -15.57 -0.72 -11.10
CA VAL I 65 -16.53 0.35 -11.31
C VAL I 65 -17.30 0.54 -10.01
N GLY I 66 -17.36 1.76 -9.52
CA GLY I 66 -17.97 2.02 -8.22
C GLY I 66 -17.28 1.22 -7.16
N GLN I 67 -18.04 0.41 -6.44
CA GLN I 67 -17.50 -0.54 -5.47
C GLN I 67 -17.37 -1.94 -6.02
N GLU I 68 -17.77 -2.18 -7.27
CA GLU I 68 -17.61 -3.47 -7.92
C GLU I 68 -16.16 -3.62 -8.34
N THR I 69 -15.60 -4.81 -8.15
CA THR I 69 -14.29 -5.16 -8.69
C THR I 69 -14.31 -6.62 -9.10
N TYR I 70 -13.98 -6.88 -10.36
CA TYR I 70 -13.99 -8.22 -10.93
C TYR I 70 -12.67 -8.49 -11.62
N LYS I 71 -12.06 -9.62 -11.30
CA LYS I 71 -10.80 -10.06 -11.91
C LYS I 71 -11.05 -11.39 -12.62
N SER I 72 -11.24 -11.33 -13.93
CA SER I 72 -11.41 -12.53 -14.72
C SER I 72 -10.05 -13.10 -15.10
N SER I 73 -10.05 -14.37 -15.49
CA SER I 73 -8.83 -15.00 -15.96
C SER I 73 -8.37 -14.34 -17.25
N SER I 74 -7.07 -14.06 -17.36
CA SER I 74 -6.54 -13.40 -18.54
C SER I 74 -6.72 -14.29 -19.77
N ILE I 75 -6.78 -13.66 -20.93
CA ILE I 75 -7.01 -14.40 -22.17
C ILE I 75 -5.88 -15.39 -22.43
N LYS I 76 -4.65 -15.03 -22.05
CA LYS I 76 -3.51 -15.91 -22.26
C LYS I 76 -3.69 -17.22 -21.50
N ASP I 77 -4.16 -17.13 -20.25
CA ASP I 77 -4.37 -18.35 -19.47
C ASP I 77 -5.47 -19.20 -20.09
N LEU I 78 -6.56 -18.57 -20.54
CA LEU I 78 -7.66 -19.33 -21.12
C LEU I 78 -7.24 -20.05 -22.39
N VAL I 79 -6.55 -19.35 -23.29
CA VAL I 79 -6.11 -20.00 -24.52
C VAL I 79 -5.06 -21.06 -24.21
N SER I 80 -4.22 -20.84 -23.20
CA SER I 80 -3.26 -21.86 -22.80
C SER I 80 -3.96 -23.13 -22.34
N VAL I 81 -5.01 -22.98 -21.53
CA VAL I 81 -5.73 -24.15 -21.03
C VAL I 81 -6.45 -24.86 -22.17
N ALA I 82 -7.01 -24.09 -23.10
CA ALA I 82 -7.67 -24.71 -24.24
C ALA I 82 -6.67 -25.48 -25.10
N TYR I 83 -5.48 -24.91 -25.29
CA TYR I 83 -4.42 -25.59 -26.02
C TYR I 83 -4.00 -26.85 -25.31
N GLN I 84 -3.93 -26.80 -23.98
CA GLN I 84 -3.55 -27.98 -23.22
C GLN I 84 -4.59 -29.09 -23.37
N ASN I 85 -5.87 -28.71 -23.37
CA ASN I 85 -6.94 -29.69 -23.60
C ASN I 85 -6.84 -30.29 -24.99
N ALA I 86 -6.58 -29.44 -25.99
CA ALA I 86 -6.42 -29.94 -27.36
C ALA I 86 -5.24 -30.89 -27.46
N ASP I 87 -4.15 -30.57 -26.77
CA ASP I 87 -2.98 -31.45 -26.77
C ASP I 87 -3.30 -32.77 -26.11
N LYS I 88 -4.07 -32.74 -25.01
CA LYS I 88 -4.46 -33.98 -24.35
C LYS I 88 -5.28 -34.86 -25.27
N PHE I 89 -6.25 -34.27 -25.96
CA PHE I 89 -7.05 -35.05 -26.90
C PHE I 89 -6.22 -35.56 -28.07
N LYS I 90 -5.24 -34.77 -28.54
CA LYS I 90 -4.39 -35.23 -29.62
C LYS I 90 -3.53 -36.41 -29.18
N ASP I 91 -2.97 -36.32 -27.96
CA ASP I 91 -2.19 -37.45 -27.43
C ASP I 91 -3.07 -38.67 -27.26
N MET I 92 -4.33 -38.46 -26.87
CA MET I 92 -5.27 -39.57 -26.77
C MET I 92 -5.50 -40.21 -28.14
N CYS I 93 -5.64 -39.38 -29.17
CA CYS I 93 -5.82 -39.89 -30.53
C CYS I 93 -4.62 -40.71 -30.95
N THR I 94 -3.42 -40.23 -30.64
CA THR I 94 -2.21 -40.97 -31.00
C THR I 94 -2.16 -42.30 -30.26
N ASN I 95 -2.35 -42.29 -28.94
CA ASN I 95 -2.22 -43.51 -28.15
C ASN I 95 -3.28 -44.53 -28.54
N LYS I 96 -4.49 -44.08 -28.83
CA LYS I 96 -5.52 -45.01 -29.31
C LYS I 96 -5.10 -45.65 -30.63
N LYS I 97 -4.50 -44.87 -31.53
CA LYS I 97 -4.05 -45.36 -32.82
C LYS I 97 -2.63 -45.89 -32.80
N GLU I 98 -1.92 -45.78 -31.67
CA GLU I 98 -0.54 -46.24 -31.60
C GLU I 98 -0.48 -47.75 -31.49
N LYS I 99 0.62 -48.32 -31.99
CA LYS I 99 0.90 -49.75 -31.92
C LYS I 99 2.34 -49.96 -31.49
N GLY I 100 2.56 -50.97 -30.66
CA GLY I 100 3.88 -51.25 -30.13
C GLY I 100 4.86 -51.67 -31.21
N SER I 101 6.07 -51.99 -30.77
CA SER I 101 7.12 -52.39 -31.69
C SER I 101 6.81 -53.75 -32.29
N PHE I 102 7.57 -54.12 -33.32
CA PHE I 102 7.37 -55.36 -34.04
C PHE I 102 8.70 -55.91 -34.53
N MET I 103 8.86 -57.22 -34.40
CA MET I 103 9.92 -57.97 -35.05
C MET I 103 9.28 -59.00 -35.96
N LEU I 104 9.60 -58.95 -37.25
CA LEU I 104 8.93 -59.76 -38.26
C LEU I 104 9.97 -60.49 -39.09
N GLY I 105 9.53 -61.60 -39.68
CA GLY I 105 10.40 -62.36 -40.56
C GLY I 105 10.61 -61.64 -41.89
N ILE I 106 11.75 -61.94 -42.50
CA ILE I 106 12.12 -61.40 -43.80
C ILE I 106 12.69 -62.54 -44.63
N SER I 107 12.40 -62.54 -45.93
CA SER I 107 12.82 -63.64 -46.79
C SER I 107 12.85 -63.18 -48.24
N THR I 108 13.89 -63.58 -48.95
CA THR I 108 14.05 -63.31 -50.38
C THR I 108 14.18 -64.62 -51.12
N GLU I 109 13.50 -64.72 -52.26
CA GLU I 109 13.56 -65.90 -53.10
C GLU I 109 14.98 -66.07 -53.65
N PHE I 110 15.41 -67.33 -53.76
CA PHE I 110 16.71 -67.61 -54.34
C PHE I 110 16.70 -69.03 -54.90
N GLU I 111 17.53 -69.23 -55.93
CA GLU I 111 17.72 -70.53 -56.56
C GLU I 111 19.07 -71.10 -56.16
N GLU J 9 -19.78 -52.43 -7.32
CA GLU J 9 -20.38 -52.01 -8.62
C GLU J 9 -19.47 -51.00 -9.30
N LYS J 10 -19.25 -51.19 -10.61
CA LYS J 10 -18.29 -50.37 -11.33
C LYS J 10 -18.71 -48.91 -11.38
N LEU J 11 -20.00 -48.65 -11.61
CA LEU J 11 -20.45 -47.26 -11.71
C LEU J 11 -20.29 -46.54 -10.37
N ARG J 12 -20.59 -47.22 -9.26
CA ARG J 12 -20.41 -46.62 -7.96
C ARG J 12 -18.95 -46.29 -7.69
N LEU J 13 -18.06 -47.23 -8.02
CA LEU J 13 -16.63 -46.99 -7.79
C LEU J 13 -16.12 -45.86 -8.67
N LEU J 14 -16.61 -45.77 -9.91
CA LEU J 14 -16.19 -44.67 -10.78
C LEU J 14 -16.71 -43.33 -10.26
N LEU J 15 -17.96 -43.30 -9.78
CA LEU J 15 -18.48 -42.06 -9.19
C LEU J 15 -17.73 -41.70 -7.91
N ASN J 16 -17.16 -42.70 -7.23
CA ASN J 16 -16.26 -42.39 -6.12
C ASN J 16 -14.95 -41.78 -6.64
N ASP J 17 -14.36 -42.41 -7.66
CA ASP J 17 -13.09 -41.91 -8.19
C ASP J 17 -13.27 -40.56 -8.84
N LYS J 18 -14.13 -40.49 -9.86
CA LYS J 18 -14.45 -39.23 -10.51
C LYS J 18 -15.49 -38.53 -9.63
N ASP J 19 -15.18 -37.31 -9.20
CA ASP J 19 -15.94 -36.66 -8.14
C ASP J 19 -17.41 -36.52 -8.52
N LYS J 20 -18.27 -36.80 -7.55
CA LYS J 20 -19.68 -37.12 -7.82
C LYS J 20 -20.52 -35.91 -8.18
N LYS J 21 -21.70 -36.18 -8.75
CA LYS J 21 -22.74 -35.18 -9.01
C LYS J 21 -22.25 -34.03 -9.87
N SER J 22 -21.53 -34.36 -10.95
CA SER J 22 -21.24 -33.44 -12.03
C SER J 22 -21.57 -34.00 -13.41
N PHE J 23 -21.49 -35.32 -13.57
CA PHE J 23 -21.88 -36.01 -14.78
C PHE J 23 -23.03 -36.96 -14.46
N THR J 24 -24.07 -36.92 -15.30
CA THR J 24 -25.18 -37.86 -15.17
C THR J 24 -24.74 -39.24 -15.64
N ASP J 25 -25.55 -40.25 -15.30
CA ASP J 25 -25.05 -41.62 -15.28
C ASP J 25 -24.81 -42.18 -16.68
N GLU J 26 -25.45 -41.62 -17.70
CA GLU J 26 -25.30 -42.20 -19.03
C GLU J 26 -23.90 -41.98 -19.59
N GLU J 27 -23.30 -40.80 -19.37
CA GLU J 27 -21.92 -40.62 -19.81
C GLU J 27 -20.97 -41.43 -18.95
N LEU J 28 -21.33 -41.68 -17.69
CA LEU J 28 -20.54 -42.60 -16.86
C LEU J 28 -20.52 -44.01 -17.47
N ASN J 29 -21.70 -44.47 -17.94
CA ASN J 29 -21.75 -45.74 -18.66
C ASN J 29 -20.90 -45.68 -19.92
N LEU J 30 -20.94 -44.55 -20.63
CA LEU J 30 -20.10 -44.39 -21.81
C LEU J 30 -18.62 -44.51 -21.45
N PHE J 31 -18.22 -43.91 -20.32
CA PHE J 31 -16.84 -43.99 -19.87
C PHE J 31 -16.46 -45.44 -19.59
N LEU J 32 -17.34 -46.15 -18.90
CA LEU J 32 -17.06 -47.55 -18.58
C LEU J 32 -16.97 -48.39 -19.85
N GLU J 33 -17.75 -48.02 -20.87
CA GLU J 33 -17.69 -48.74 -22.14
C GLU J 33 -16.39 -48.44 -22.90
N GLU J 34 -15.93 -47.19 -22.82
CA GLU J 34 -14.77 -46.79 -23.62
C GLU J 34 -13.51 -47.54 -23.23
N ALA J 35 -13.39 -47.94 -21.96
CA ALA J 35 -12.21 -48.65 -21.49
C ALA J 35 -12.61 -49.62 -20.40
N ASP J 36 -12.01 -50.82 -20.44
CA ASP J 36 -12.31 -51.82 -19.41
C ASP J 36 -11.77 -51.38 -18.05
N CYS J 37 -10.51 -50.97 -18.00
CA CYS J 37 -9.91 -50.58 -16.73
C CYS J 37 -10.56 -49.31 -16.20
N ILE J 38 -11.01 -49.38 -14.94
CA ILE J 38 -11.77 -48.26 -14.38
C ILE J 38 -10.90 -47.02 -14.20
N TYR J 39 -9.60 -47.20 -13.98
CA TYR J 39 -8.74 -46.04 -13.74
C TYR J 39 -8.52 -45.22 -15.00
N CYS J 40 -8.44 -45.87 -16.17
CA CYS J 40 -8.38 -45.11 -17.42
C CYS J 40 -9.65 -44.28 -17.60
N ALA J 41 -10.81 -44.89 -17.31
CA ALA J 41 -12.06 -44.15 -17.38
C ALA J 41 -12.08 -43.00 -16.38
N ALA J 42 -11.51 -43.21 -15.19
CA ALA J 42 -11.44 -42.14 -14.20
C ALA J 42 -10.58 -40.99 -14.68
N SER J 43 -9.44 -41.30 -15.32
CA SER J 43 -8.60 -40.25 -15.88
C SER J 43 -9.35 -39.47 -16.96
N GLN J 44 -10.06 -40.19 -17.83
CA GLN J 44 -10.83 -39.52 -18.88
C GLN J 44 -11.90 -38.62 -18.27
N GLY J 45 -12.63 -39.13 -17.29
CA GLY J 45 -13.64 -38.32 -16.63
C GLY J 45 -13.05 -37.12 -15.93
N TRP J 46 -11.84 -37.28 -15.38
CA TRP J 46 -11.20 -36.16 -14.70
C TRP J 46 -10.82 -35.06 -15.68
N ILE J 47 -10.30 -35.43 -16.85
CA ILE J 47 -9.99 -34.42 -17.86
C ILE J 47 -11.27 -33.72 -18.30
N LEU J 48 -12.33 -34.50 -18.55
CA LEU J 48 -13.57 -33.91 -19.01
C LEU J 48 -14.20 -33.02 -17.94
N LYS J 49 -14.00 -33.37 -16.66
CA LYS J 49 -14.39 -32.49 -15.57
C LYS J 49 -13.57 -31.21 -15.57
N SER J 50 -12.26 -31.34 -15.81
CA SER J 50 -11.38 -30.18 -15.83
C SER J 50 -11.77 -29.19 -16.91
N LEU J 51 -12.38 -29.69 -17.99
CA LEU J 51 -12.89 -28.78 -19.02
C LEU J 51 -13.92 -27.79 -18.46
N GLN J 52 -14.65 -28.18 -17.40
CA GLN J 52 -15.75 -27.35 -16.92
C GLN J 52 -15.30 -26.03 -16.32
N TYR J 53 -14.04 -25.89 -15.93
CA TYR J 53 -13.62 -24.71 -15.18
C TYR J 53 -13.72 -23.42 -15.97
N GLU J 54 -13.89 -23.49 -17.30
CA GLU J 54 -14.16 -22.31 -18.11
C GLU J 54 -15.23 -21.43 -17.48
N ASN J 55 -16.44 -21.97 -17.34
CA ASN J 55 -17.58 -21.18 -16.87
C ASN J 55 -17.39 -20.76 -15.42
N THR J 56 -16.90 -21.68 -14.58
CA THR J 56 -16.86 -21.39 -13.14
C THR J 56 -15.81 -20.34 -12.80
N VAL J 57 -14.59 -20.48 -13.33
CA VAL J 57 -13.46 -19.67 -12.88
C VAL J 57 -12.84 -18.83 -13.98
N GLY J 58 -13.00 -19.17 -15.26
CA GLY J 58 -12.46 -18.31 -16.30
C GLY J 58 -13.16 -16.96 -16.34
N GLU J 59 -14.48 -16.95 -16.16
CA GLU J 59 -15.21 -15.70 -16.15
C GLU J 59 -14.81 -14.83 -14.97
N MET J 60 -14.60 -15.43 -13.81
CA MET J 60 -14.27 -14.67 -12.61
C MET J 60 -13.64 -15.60 -11.60
N TYR J 61 -12.45 -15.22 -11.10
CA TYR J 61 -11.76 -15.98 -10.07
C TYR J 61 -11.38 -15.15 -8.86
N GLU J 62 -11.61 -13.84 -8.88
CA GLU J 62 -11.31 -12.97 -7.75
C GLU J 62 -12.10 -11.68 -7.91
N TYR J 63 -13.03 -11.43 -6.99
CA TYR J 63 -13.88 -10.25 -7.06
C TYR J 63 -14.08 -9.66 -5.69
N LYS J 64 -14.26 -8.34 -5.65
CA LYS J 64 -14.52 -7.59 -4.43
C LYS J 64 -15.70 -6.66 -4.67
N VAL J 65 -16.67 -6.69 -3.76
CA VAL J 65 -17.81 -5.76 -3.77
C VAL J 65 -17.92 -5.15 -2.39
N GLY J 66 -17.94 -3.82 -2.32
CA GLY J 66 -17.98 -3.15 -1.04
C GLY J 66 -16.77 -3.53 -0.21
N GLN J 67 -17.02 -3.94 1.03
CA GLN J 67 -15.98 -4.57 1.85
C GLN J 67 -15.91 -6.07 1.65
N GLU J 68 -16.86 -6.67 0.93
CA GLU J 68 -16.84 -8.09 0.66
C GLU J 68 -15.76 -8.37 -0.38
N THR J 69 -14.82 -9.24 -0.05
CA THR J 69 -13.78 -9.69 -0.97
C THR J 69 -13.76 -11.21 -0.96
N TYR J 70 -13.60 -11.79 -2.14
CA TYR J 70 -13.51 -13.24 -2.31
C TYR J 70 -12.44 -13.54 -3.35
N LYS J 71 -11.57 -14.50 -3.03
CA LYS J 71 -10.52 -14.94 -3.94
C LYS J 71 -10.63 -16.45 -4.12
N SER J 72 -10.42 -16.90 -5.35
CA SER J 72 -10.39 -18.32 -5.67
C SER J 72 -9.20 -18.58 -6.58
N SER J 73 -8.69 -19.81 -6.51
CA SER J 73 -7.54 -20.18 -7.33
C SER J 73 -7.88 -20.05 -8.81
N SER J 74 -6.92 -19.56 -9.59
CA SER J 74 -7.16 -19.29 -10.99
C SER J 74 -7.51 -20.57 -11.75
N ILE J 75 -8.04 -20.40 -12.96
CA ILE J 75 -8.43 -21.54 -13.78
C ILE J 75 -7.23 -22.42 -14.09
N LYS J 76 -6.06 -21.79 -14.30
CA LYS J 76 -4.85 -22.56 -14.57
C LYS J 76 -4.51 -23.49 -13.41
N ASP J 77 -4.67 -23.00 -12.19
CA ASP J 77 -4.37 -23.83 -11.02
C ASP J 77 -5.32 -25.02 -10.92
N LEU J 78 -6.62 -24.77 -11.04
CA LEU J 78 -7.57 -25.86 -10.87
C LEU J 78 -7.45 -26.89 -12.00
N VAL J 79 -7.27 -26.42 -13.24
CA VAL J 79 -7.11 -27.37 -14.32
C VAL J 79 -5.81 -28.13 -14.18
N SER J 80 -4.77 -27.50 -13.61
CA SER J 80 -3.54 -28.21 -13.32
C SER J 80 -3.77 -29.33 -12.31
N VAL J 81 -4.55 -29.04 -11.27
CA VAL J 81 -4.84 -30.06 -10.26
C VAL J 81 -5.62 -31.21 -10.89
N ALA J 82 -6.61 -30.88 -11.71
CA ALA J 82 -7.41 -31.92 -12.35
C ALA J 82 -6.56 -32.77 -13.30
N TYR J 83 -5.64 -32.11 -14.02
CA TYR J 83 -4.72 -32.84 -14.89
C TYR J 83 -3.82 -33.76 -14.08
N GLN J 84 -3.40 -33.30 -12.90
CA GLN J 84 -2.59 -34.14 -12.03
C GLN J 84 -3.37 -35.38 -11.61
N ASN J 85 -4.65 -35.20 -11.28
CA ASN J 85 -5.50 -36.35 -10.96
C ASN J 85 -5.60 -37.30 -12.15
N ALA J 86 -5.80 -36.74 -13.35
CA ALA J 86 -5.92 -37.57 -14.54
C ALA J 86 -4.64 -38.36 -14.79
N ASP J 87 -3.49 -37.71 -14.67
CA ASP J 87 -2.22 -38.39 -14.89
C ASP J 87 -1.97 -39.45 -13.84
N LYS J 88 -2.35 -39.20 -12.59
CA LYS J 88 -2.18 -40.22 -11.56
C LYS J 88 -3.04 -41.44 -11.85
N PHE J 89 -4.29 -41.21 -12.28
CA PHE J 89 -5.14 -42.35 -12.63
C PHE J 89 -4.59 -43.11 -13.83
N LYS J 90 -4.05 -42.39 -14.82
CA LYS J 90 -3.47 -43.06 -15.99
C LYS J 90 -2.26 -43.90 -15.58
N ASP J 91 -1.37 -43.33 -14.75
CA ASP J 91 -0.22 -44.08 -14.29
C ASP J 91 -0.64 -45.27 -13.44
N MET J 92 -1.71 -45.12 -12.67
CA MET J 92 -2.24 -46.24 -11.89
C MET J 92 -2.70 -47.35 -12.81
N CYS J 93 -3.39 -47.01 -13.89
CA CYS J 93 -3.81 -48.02 -14.86
C CYS J 93 -2.61 -48.72 -15.48
N THR J 94 -1.58 -47.94 -15.86
CA THR J 94 -0.40 -48.55 -16.47
C THR J 94 0.29 -49.50 -15.51
N ASN J 95 0.45 -49.09 -14.25
CA ASN J 95 1.08 -49.95 -13.25
C ASN J 95 0.24 -51.20 -13.01
N LYS J 96 -1.10 -51.06 -13.06
CA LYS J 96 -1.96 -52.23 -12.93
C LYS J 96 -1.72 -53.21 -14.07
N LYS J 97 -1.62 -52.69 -15.30
CA LYS J 97 -1.44 -53.54 -16.48
C LYS J 97 0.02 -53.80 -16.82
N GLU J 98 0.96 -53.21 -16.09
CA GLU J 98 2.38 -53.45 -16.35
C GLU J 98 2.80 -54.82 -15.85
N LYS J 99 3.79 -55.40 -16.52
CA LYS J 99 4.42 -56.64 -16.10
C LYS J 99 5.92 -56.54 -16.30
N GLY J 100 6.67 -57.25 -15.49
CA GLY J 100 8.10 -57.12 -15.44
C GLY J 100 8.78 -57.65 -16.70
N SER J 101 10.11 -57.51 -16.70
CA SER J 101 10.91 -58.02 -17.82
C SER J 101 10.92 -59.54 -17.81
N PHE J 102 11.33 -60.12 -18.94
CA PHE J 102 11.28 -61.56 -19.13
C PHE J 102 12.49 -62.04 -19.91
N MET J 103 13.02 -63.19 -19.50
CA MET J 103 13.96 -63.97 -20.30
C MET J 103 13.29 -65.30 -20.61
N LEU J 104 13.21 -65.63 -21.89
CA LEU J 104 12.54 -66.84 -22.36
C LEU J 104 13.47 -67.62 -23.26
N GLY J 105 13.21 -68.91 -23.36
CA GLY J 105 13.98 -69.75 -24.26
C GLY J 105 13.63 -69.46 -25.72
N ILE J 106 14.55 -69.83 -26.60
CA ILE J 106 14.37 -69.71 -28.03
C ILE J 106 14.89 -70.99 -28.68
N SER J 107 14.21 -71.45 -29.72
CA SER J 107 14.58 -72.69 -30.39
C SER J 107 14.04 -72.69 -31.81
N THR J 108 14.91 -73.02 -32.76
CA THR J 108 14.54 -73.16 -34.16
C THR J 108 14.72 -74.62 -34.58
N GLU J 109 13.77 -75.10 -35.37
CA GLU J 109 13.84 -76.46 -35.88
C GLU J 109 15.07 -76.62 -36.78
N PHE J 110 15.69 -77.80 -36.72
CA PHE J 110 16.79 -78.10 -37.62
C PHE J 110 16.85 -79.59 -37.85
N GLU J 111 17.38 -79.96 -39.01
CA GLU J 111 17.59 -81.36 -39.37
C GLU J 111 18.51 -82.05 -38.36
N ILE K 2 -2.55 -18.45 19.36
CA ILE K 2 -1.44 -17.83 20.13
C ILE K 2 -1.45 -18.34 21.57
N ASN K 3 -0.28 -18.72 22.06
CA ASN K 3 -0.13 -19.22 23.43
C ASN K 3 0.12 -18.08 24.39
N ILE K 4 -0.29 -18.27 25.64
CA ILE K 4 -0.15 -17.24 26.66
C ILE K 4 1.32 -16.93 26.90
N ASP K 5 2.18 -17.95 26.88
CA ASP K 5 3.59 -17.73 27.14
C ASP K 5 4.23 -16.88 26.05
N ARG K 6 3.80 -17.05 24.80
CA ARG K 6 4.30 -16.21 23.72
C ARG K 6 3.98 -14.74 23.99
N ARG K 7 2.74 -14.45 24.34
CA ARG K 7 2.33 -13.08 24.61
C ARG K 7 3.09 -12.52 25.82
N ARG K 8 3.25 -13.33 26.86
CA ARG K 8 3.96 -12.86 28.05
C ARG K 8 5.40 -12.53 27.74
N LYS K 9 6.08 -13.42 27.01
CA LYS K 9 7.47 -13.18 26.63
C LYS K 9 7.58 -11.93 25.78
N ASP K 10 6.67 -11.77 24.81
CA ASP K 10 6.74 -10.61 23.93
C ASP K 10 6.53 -9.30 24.70
N ILE K 11 5.54 -9.28 25.60
CA ILE K 11 5.28 -8.06 26.37
C ILE K 11 6.47 -7.73 27.25
N ILE K 12 7.01 -8.73 27.95
CA ILE K 12 8.11 -8.47 28.87
C ILE K 12 9.34 -8.02 28.10
N ARG K 13 9.62 -8.65 26.96
CA ARG K 13 10.75 -8.24 26.14
C ARG K 13 10.59 -6.80 25.67
N THR K 14 9.40 -6.47 25.14
CA THR K 14 9.19 -5.14 24.60
C THR K 14 9.31 -4.08 25.68
N ILE K 15 8.80 -4.37 26.88
CA ILE K 15 8.97 -3.43 27.98
C ILE K 15 10.45 -3.31 28.33
N ASN K 16 11.18 -4.43 28.29
CA ASN K 16 12.57 -4.39 28.71
C ASN K 16 13.50 -3.80 27.67
N ILE K 17 13.05 -3.60 26.43
CA ILE K 17 13.89 -2.89 25.47
C ILE K 17 14.12 -1.46 25.93
N ASN K 18 13.11 -0.84 26.53
CA ASN K 18 13.19 0.57 26.93
C ASN K 18 12.27 0.84 28.10
N PRO K 19 12.49 0.20 29.25
CA PRO K 19 11.58 0.38 30.38
C PRO K 19 11.85 1.69 31.09
N THR K 20 10.81 2.17 31.79
CA THR K 20 10.92 3.31 32.68
C THR K 20 10.14 2.98 33.95
N ASN K 21 10.76 3.21 35.11
CA ASN K 21 10.08 3.01 36.38
C ASN K 21 9.11 4.17 36.59
N ILE K 22 7.86 3.85 36.88
CA ILE K 22 6.77 4.82 36.92
C ILE K 22 6.05 4.69 38.25
N THR K 23 5.66 5.82 38.83
CA THR K 23 4.95 5.89 40.09
C THR K 23 3.50 6.30 39.80
N ILE K 24 2.68 5.30 39.49
CA ILE K 24 1.26 5.56 39.25
C ILE K 24 0.61 5.97 40.57
N THR K 25 -0.19 7.03 40.52
CA THR K 25 -1.00 7.47 41.65
C THR K 25 -2.47 7.35 41.25
N SER K 26 -3.24 6.64 42.07
CA SER K 26 -4.65 6.36 41.79
C SER K 26 -5.51 7.09 42.80
N ILE K 27 -6.41 7.93 42.30
CA ILE K 27 -7.42 8.62 43.11
C ILE K 27 -8.77 8.02 42.73
N LYS K 28 -9.34 7.23 43.63
CA LYS K 28 -10.60 6.54 43.40
C LYS K 28 -11.70 7.25 44.17
N LYS K 29 -12.73 7.69 43.45
CA LYS K 29 -13.85 8.39 44.06
C LYS K 29 -14.86 7.38 44.58
N THR K 30 -15.25 7.54 45.84
CA THR K 30 -16.21 6.64 46.50
C THR K 30 -17.45 7.43 46.87
N GLU K 31 -18.61 6.89 46.50
CA GLU K 31 -19.87 7.58 46.75
C GLU K 31 -20.21 7.52 48.24
N ILE K 32 -20.32 8.70 48.86
CA ILE K 32 -20.63 8.81 50.28
C ILE K 32 -21.62 9.96 50.45
N ASP K 33 -22.84 9.65 50.86
CA ASP K 33 -23.89 10.64 51.06
C ASP K 33 -24.11 11.47 49.80
N GLY K 34 -24.13 10.79 48.66
CA GLY K 34 -24.34 11.49 47.40
C GLY K 34 -23.21 12.39 46.97
N ALA K 35 -22.02 12.20 47.52
CA ALA K 35 -20.85 12.95 47.14
C ALA K 35 -19.66 12.00 47.12
N PHE K 36 -18.50 12.51 46.70
CA PHE K 36 -17.31 11.71 46.51
C PHE K 36 -16.34 11.90 47.67
N GLU K 37 -15.89 10.79 48.25
CA GLU K 37 -14.76 10.76 49.16
C GLU K 37 -13.61 10.07 48.44
N GLU K 38 -12.49 10.77 48.30
CA GLU K 38 -11.39 10.32 47.47
C GLU K 38 -10.31 9.70 48.34
N THR K 39 -9.94 8.46 48.01
CA THR K 39 -8.84 7.75 48.66
C THR K 39 -7.69 7.65 47.69
N GLU K 40 -6.53 8.16 48.10
CA GLU K 40 -5.35 8.22 47.24
C GLU K 40 -4.40 7.09 47.57
N THR K 41 -4.05 6.30 46.55
CA THR K 41 -3.07 5.23 46.68
C THR K 41 -2.00 5.41 45.61
N GLU K 42 -0.80 4.90 45.90
CA GLU K 42 0.35 5.03 45.03
C GLU K 42 0.90 3.64 44.74
N ILE K 43 1.05 3.32 43.45
CA ILE K 43 1.50 2.01 43.01
C ILE K 43 2.53 2.19 41.92
N LYS K 44 3.54 1.31 41.92
CA LYS K 44 4.70 1.41 41.03
C LYS K 44 4.70 0.24 40.06
N CYS K 45 5.11 0.50 38.82
CA CYS K 45 5.20 -0.53 37.80
C CYS K 45 6.29 -0.17 36.81
N VAL K 46 6.79 -1.19 36.13
CA VAL K 46 7.74 -1.02 35.03
C VAL K 46 6.95 -0.83 33.74
N VAL K 47 7.35 0.14 32.92
CA VAL K 47 6.53 0.63 31.82
C VAL K 47 7.41 1.09 30.68
N ARG K 48 6.94 0.87 29.45
CA ARG K 48 7.53 1.44 28.25
C ARG K 48 6.52 2.40 27.63
N ILE K 49 7.00 3.58 27.25
CA ILE K 49 6.17 4.64 26.68
C ILE K 49 6.58 4.84 25.23
N PHE K 50 5.59 5.03 24.36
CA PHE K 50 5.81 5.12 22.93
C PHE K 50 4.77 6.02 22.30
N ASN K 51 5.10 6.56 21.13
CA ASN K 51 4.14 7.36 20.38
C ASN K 51 3.14 6.44 19.67
N GLU K 52 1.89 6.88 19.61
CA GLU K 52 0.82 6.13 18.93
C GLU K 52 0.04 6.97 17.93
N LYS K 53 -0.18 8.26 18.19
CA LYS K 53 -1.00 9.11 17.36
C LYS K 53 -0.30 10.43 17.09
N THR K 54 -0.35 10.88 15.85
CA THR K 54 0.15 12.21 15.49
C THR K 54 -0.99 13.20 15.73
N ALA K 55 -1.04 13.72 16.95
CA ALA K 55 -2.09 14.63 17.40
C ALA K 55 -1.49 16.01 17.66
N GLU K 56 -2.37 16.98 17.86
CA GLU K 56 -1.99 18.37 18.08
C GLU K 56 -2.27 18.76 19.53
N LYS K 57 -1.38 19.57 20.10
CA LYS K 57 -1.52 19.99 21.48
C LYS K 57 -2.68 20.97 21.62
N GLN K 58 -3.76 20.54 22.26
CA GLN K 58 -4.87 21.42 22.55
C GLN K 58 -4.54 22.32 23.73
N ILE K 59 -5.18 23.50 23.76
CA ILE K 59 -5.04 24.45 24.86
C ILE K 59 -6.44 24.85 25.29
N SER K 60 -6.63 25.00 26.62
CA SER K 60 -7.96 25.20 27.20
C SER K 60 -7.96 26.33 28.21
N SER K 61 -7.39 27.47 27.86
CA SER K 61 -7.29 28.61 28.77
C SER K 61 -8.67 29.18 29.04
N GLU K 62 -8.92 29.57 30.30
CA GLU K 62 -10.18 30.19 30.68
C GLU K 62 -9.98 30.82 32.07
N LYS K 63 -11.07 31.38 32.61
CA LYS K 63 -10.99 32.03 33.92
C LYS K 63 -10.70 31.04 35.04
N GLN K 64 -10.93 29.76 34.82
CA GLN K 64 -10.53 28.77 35.82
C GLN K 64 -9.02 28.59 35.84
N GLY K 65 -8.38 28.71 34.68
CA GLY K 65 -6.96 28.47 34.56
C GLY K 65 -6.63 28.03 33.16
N THR K 66 -5.37 27.61 32.98
CA THR K 66 -4.85 27.24 31.68
C THR K 66 -4.07 25.93 31.79
N PHE K 67 -4.24 25.08 30.78
CA PHE K 67 -3.46 23.85 30.68
C PHE K 67 -3.56 23.36 29.25
N SER K 68 -2.48 22.73 28.78
CA SER K 68 -2.40 22.18 27.44
C SER K 68 -2.06 20.71 27.51
N SER K 69 -2.76 19.90 26.73
CA SER K 69 -2.63 18.46 26.76
C SER K 69 -2.52 17.92 25.33
N ILE K 70 -1.87 16.76 25.20
CA ILE K 70 -1.66 16.12 23.90
C ILE K 70 -1.82 14.61 24.10
N ARG K 71 -2.38 13.96 23.08
CA ARG K 71 -2.77 12.55 23.15
C ARG K 71 -1.78 11.62 22.47
N THR K 72 -0.59 12.11 22.12
CA THR K 72 0.31 11.35 21.26
C THR K 72 0.79 10.06 21.92
N TYR K 73 1.13 10.11 23.20
CA TYR K 73 1.85 8.99 23.81
C TYR K 73 0.92 7.85 24.18
N GLY K 74 1.35 6.63 23.86
CA GLY K 74 0.74 5.43 24.35
C GLY K 74 1.43 4.94 25.62
N MET K 75 1.23 3.67 25.92
CA MET K 75 1.89 3.04 27.07
C MET K 75 1.67 1.54 26.97
N LEU K 76 2.59 0.78 27.55
CA LEU K 76 2.57 -0.68 27.50
C LEU K 76 3.14 -1.21 28.79
N VAL K 77 2.31 -1.90 29.58
CA VAL K 77 2.67 -2.36 30.91
C VAL K 77 2.27 -3.83 31.05
N SER K 78 2.99 -4.53 31.91
CA SER K 78 2.84 -5.96 32.08
C SER K 78 1.64 -6.28 32.97
N ASN K 79 1.53 -7.53 33.40
CA ASN K 79 0.42 -8.03 34.19
C ASN K 79 0.61 -7.81 35.70
N ASP K 80 1.72 -7.18 36.11
CA ASP K 80 2.11 -7.20 37.52
C ASP K 80 1.07 -6.56 38.43
N VAL K 81 0.30 -5.58 37.92
CA VAL K 81 -0.69 -4.88 38.73
C VAL K 81 -1.95 -4.69 37.90
N ILE K 82 -3.10 -4.88 38.55
CA ILE K 82 -4.40 -4.68 37.92
C ILE K 82 -4.71 -3.20 37.91
N LEU K 83 -5.08 -2.68 36.73
CA LEU K 83 -5.42 -1.27 36.53
C LEU K 83 -6.89 -1.13 36.17
N GLU K 84 -7.38 0.09 36.32
CA GLU K 84 -8.75 0.42 35.93
C GLU K 84 -8.89 1.94 35.91
N VAL K 85 -9.53 2.46 34.87
CA VAL K 85 -9.81 3.88 34.74
C VAL K 85 -11.28 4.04 34.36
N ASN K 86 -11.99 4.86 35.12
CA ASN K 86 -13.40 5.15 34.89
C ASN K 86 -13.60 6.65 35.03
N SER K 87 -14.87 7.07 35.01
CA SER K 87 -15.19 8.45 35.36
C SER K 87 -14.82 8.75 36.80
N ARG K 88 -15.07 7.79 37.69
CA ARG K 88 -14.81 7.94 39.12
C ARG K 88 -13.41 7.51 39.53
N ASP K 89 -12.59 7.03 38.60
CA ASP K 89 -11.25 6.52 38.91
C ASP K 89 -10.25 7.10 37.94
N SER K 90 -9.11 7.54 38.47
CA SER K 90 -8.07 8.20 37.69
C SER K 90 -6.73 7.55 37.98
N LEU K 91 -5.80 7.70 37.04
CA LEU K 91 -4.42 7.26 37.20
C LEU K 91 -3.51 8.28 36.53
N GLU K 92 -2.50 8.73 37.27
CA GLU K 92 -1.56 9.73 36.77
C GLU K 92 -0.16 9.34 37.18
N PHE K 93 0.81 9.97 36.52
CA PHE K 93 2.20 9.83 36.91
C PHE K 93 2.99 10.94 36.23
N GLU K 94 4.14 11.27 36.79
CA GLU K 94 4.90 12.46 36.42
C GLU K 94 6.16 12.06 35.67
N CYS K 95 6.03 11.89 34.35
CA CYS K 95 7.20 11.95 33.50
C CYS K 95 7.77 13.36 33.57
N ILE K 96 9.09 13.47 33.42
CA ILE K 96 9.75 14.77 33.64
C ILE K 96 9.25 15.81 32.65
N TYR K 97 8.83 15.37 31.46
CA TYR K 97 8.32 16.28 30.43
C TYR K 97 6.81 16.43 30.55
N GLY K 98 6.40 17.08 31.63
CA GLY K 98 4.97 17.26 31.90
C GLY K 98 4.34 16.03 32.51
N ARG K 99 3.30 16.26 33.29
CA ARG K 99 2.58 15.16 33.92
C ARG K 99 1.88 14.32 32.87
N MET K 100 1.96 13.01 33.04
CA MET K 100 1.24 12.05 32.20
C MET K 100 -0.04 11.63 32.89
N LYS K 101 -1.04 11.27 32.09
CA LYS K 101 -2.31 10.79 32.63
C LYS K 101 -2.82 9.67 31.75
N ILE K 102 -3.26 8.58 32.38
CA ILE K 102 -3.73 7.41 31.66
C ILE K 102 -5.20 7.66 31.28
N VAL K 103 -5.47 7.78 29.99
CA VAL K 103 -6.82 8.06 29.53
C VAL K 103 -7.63 6.79 29.46
N ASN K 104 -7.19 5.83 28.65
CA ASN K 104 -7.95 4.62 28.37
C ASN K 104 -7.03 3.41 28.46
N ILE K 105 -7.60 2.29 28.92
CA ILE K 105 -6.88 1.04 29.16
C ILE K 105 -7.41 -0.01 28.20
N TYR K 106 -6.50 -0.69 27.51
CA TYR K 106 -6.82 -1.83 26.65
C TYR K 106 -6.23 -3.10 27.27
N PRO K 107 -7.02 -3.93 27.95
CA PRO K 107 -6.42 -5.11 28.58
C PRO K 107 -6.22 -6.23 27.58
N GLN K 108 -4.96 -6.62 27.37
CA GLN K 108 -4.64 -7.71 26.46
C GLN K 108 -4.93 -9.03 27.17
N ILE K 109 -5.89 -9.78 26.63
CA ILE K 109 -6.38 -11.01 27.25
C ILE K 109 -6.21 -12.14 26.26
N VAL K 110 -5.78 -13.30 26.74
CA VAL K 110 -5.65 -14.51 25.94
C VAL K 110 -6.42 -15.60 26.67
N LYS K 111 -7.47 -16.12 26.02
CA LYS K 111 -8.30 -17.20 26.56
C LYS K 111 -8.82 -16.86 27.95
N GLY K 112 -9.38 -15.66 28.07
CA GLY K 112 -9.95 -15.22 29.33
C GLY K 112 -8.95 -15.02 30.45
N GLU K 113 -7.67 -14.87 30.13
CA GLU K 113 -6.62 -14.66 31.12
C GLU K 113 -5.84 -13.40 30.76
N LEU K 114 -5.68 -12.53 31.73
CA LEU K 114 -4.96 -11.28 31.52
C LEU K 114 -3.47 -11.54 31.37
N CYS K 115 -2.81 -10.76 30.52
CA CYS K 115 -1.37 -10.85 30.33
C CYS K 115 -0.66 -9.50 30.28
N GLY K 116 -1.38 -8.40 30.10
CA GLY K 116 -0.77 -7.09 30.04
C GLY K 116 -1.76 -6.09 29.47
N TYR K 117 -1.53 -4.81 29.80
CA TYR K 117 -2.41 -3.72 29.40
C TYR K 117 -1.72 -2.89 28.32
N GLN K 118 -2.28 -2.88 27.13
CA GLN K 118 -2.04 -1.78 26.21
C GLN K 118 -2.82 -0.57 26.71
N CYS K 119 -2.24 0.61 26.56
CA CYS K 119 -2.76 1.80 27.21
C CYS K 119 -2.45 3.04 26.39
N SER K 120 -3.24 4.07 26.64
CA SER K 120 -3.09 5.38 26.00
C SER K 120 -2.95 6.44 27.08
N LEU K 121 -2.20 7.49 26.77
CA LEU K 121 -1.84 8.51 27.74
C LEU K 121 -2.23 9.89 27.24
N GLU K 122 -2.11 10.86 28.12
CA GLU K 122 -2.34 12.27 27.82
C GLU K 122 -1.34 13.07 28.64
N ARG K 123 -0.39 13.71 27.95
CA ARG K 123 0.68 14.45 28.61
C ARG K 123 0.17 15.85 28.94
N ILE K 124 -0.23 16.04 30.20
CA ILE K 124 -0.80 17.31 30.63
C ILE K 124 0.35 18.24 31.00
N ASP K 125 0.51 19.32 30.25
CA ASP K 125 1.56 20.30 30.51
C ASP K 125 1.11 21.32 31.54
N MET L 1 -51.82 13.98 34.32
CA MET L 1 -52.76 14.59 33.32
C MET L 1 -52.53 14.07 31.91
N ARG L 2 -51.41 13.39 31.70
CA ARG L 2 -51.15 12.78 30.41
C ARG L 2 -52.21 11.74 30.07
N ALA L 3 -52.59 10.92 31.04
CA ALA L 3 -53.55 9.86 30.79
C ALA L 3 -54.91 10.44 30.37
N GLY L 4 -55.36 11.48 31.07
CA GLY L 4 -56.66 12.05 30.75
C GLY L 4 -56.69 12.64 29.37
N ILE L 5 -55.68 13.43 29.02
CA ILE L 5 -55.65 14.06 27.70
C ILE L 5 -55.51 13.01 26.61
N ARG L 6 -54.66 12.00 26.83
CA ARG L 6 -54.50 10.94 25.84
C ARG L 6 -55.81 10.20 25.63
N LYS L 7 -56.50 9.86 26.72
CA LYS L 7 -57.76 9.14 26.60
C LYS L 7 -58.79 9.98 25.88
N ALA L 8 -58.88 11.28 26.19
CA ALA L 8 -59.84 12.14 25.52
C ALA L 8 -59.54 12.23 24.04
N LEU L 9 -58.27 12.42 23.68
CA LEU L 9 -57.91 12.53 22.26
C LEU L 9 -58.20 11.24 21.51
N ILE L 10 -57.89 10.10 22.13
CA ILE L 10 -58.15 8.83 21.45
C ILE L 10 -59.65 8.60 21.30
N ASP L 11 -60.43 8.89 22.34
CA ASP L 11 -61.85 8.57 22.31
C ASP L 11 -62.60 9.46 21.35
N ASN L 12 -62.35 10.78 21.40
CA ASN L 12 -63.17 11.73 20.67
C ASN L 12 -62.66 12.03 19.26
N ILE L 13 -61.54 11.44 18.84
CA ILE L 13 -60.99 11.64 17.51
C ILE L 13 -60.75 10.27 16.89
N LYS L 14 -61.18 10.10 15.64
CA LYS L 14 -61.10 8.84 14.93
C LYS L 14 -60.08 8.82 13.80
N GLU L 15 -59.74 9.98 13.24
CA GLU L 15 -58.62 10.03 12.32
C GLU L 15 -57.31 9.68 13.01
N LEU L 16 -57.24 9.95 14.31
CA LEU L 16 -56.02 9.72 15.07
C LEU L 16 -55.67 8.23 15.11
N LYS L 17 -54.38 7.94 15.02
CA LYS L 17 -53.88 6.57 15.09
C LYS L 17 -53.30 6.23 16.47
N GLY L 18 -52.85 7.23 17.21
CA GLY L 18 -52.31 7.01 18.54
C GLY L 18 -51.80 8.29 19.17
N CYS L 19 -51.87 8.38 20.49
CA CYS L 19 -51.41 9.55 21.23
C CYS L 19 -50.36 9.09 22.24
N TYR L 20 -49.11 9.39 21.95
CA TYR L 20 -47.97 8.84 22.68
C TYR L 20 -47.39 9.89 23.62
N GLU L 21 -46.29 9.51 24.28
CA GLU L 21 -45.50 10.38 25.12
C GLU L 21 -44.35 10.95 24.32
N PRO L 22 -43.54 11.89 24.90
CA PRO L 22 -42.56 12.65 24.11
C PRO L 22 -41.67 11.87 23.13
N ASN L 23 -40.86 10.91 23.60
CA ASN L 23 -39.88 10.25 22.75
C ASN L 23 -40.24 8.79 22.48
N VAL L 24 -41.52 8.46 22.56
CA VAL L 24 -41.97 7.08 22.41
C VAL L 24 -41.99 6.63 20.96
N PRO L 25 -42.75 7.27 20.06
CA PRO L 25 -43.11 6.61 18.80
C PRO L 25 -41.91 6.34 17.91
N ASN L 26 -41.83 5.11 17.41
CA ASN L 26 -40.80 4.71 16.47
C ASN L 26 -41.08 5.30 15.09
N LYS L 27 -40.10 5.17 14.19
CA LYS L 27 -40.27 5.71 12.85
C LYS L 27 -41.35 5.01 12.06
N ASP L 28 -41.72 3.78 12.43
CA ASP L 28 -42.77 3.04 11.74
C ASP L 28 -44.15 3.27 12.32
N THR L 29 -44.30 4.19 13.28
CA THR L 29 -45.61 4.49 13.83
C THR L 29 -46.51 5.09 12.75
N LYS L 30 -47.78 4.73 12.79
CA LYS L 30 -48.71 5.12 11.74
C LYS L 30 -49.24 6.52 12.00
N LYS L 31 -49.00 7.42 11.06
CA LYS L 31 -49.49 8.78 11.15
C LYS L 31 -50.96 8.85 10.72
N PRO L 32 -51.71 9.86 11.20
CA PRO L 32 -51.34 10.93 12.13
C PRO L 32 -51.35 10.47 13.57
N TYR L 33 -50.36 10.89 14.36
CA TYR L 33 -50.29 10.60 15.78
C TYR L 33 -49.96 11.90 16.52
N MET L 34 -50.36 11.93 17.79
CA MET L 34 -50.19 13.11 18.63
C MET L 34 -49.25 12.79 19.78
N VAL L 35 -48.65 13.84 20.34
CA VAL L 35 -47.72 13.73 21.45
C VAL L 35 -48.06 14.81 22.46
N VAL L 36 -48.23 14.41 23.72
CA VAL L 36 -48.65 15.30 24.79
C VAL L 36 -47.42 15.63 25.63
N VAL L 37 -47.02 16.90 25.61
CA VAL L 37 -45.82 17.38 26.28
C VAL L 37 -46.24 18.39 27.34
N GLN L 38 -45.91 18.11 28.59
CA GLN L 38 -46.20 19.02 29.69
C GLN L 38 -45.08 20.05 29.79
N GLY L 39 -45.45 21.27 30.16
CA GLY L 39 -44.54 22.39 30.26
C GLY L 39 -44.33 22.82 31.70
N GLN L 40 -44.09 24.12 31.87
CA GLN L 40 -43.82 24.66 33.19
C GLN L 40 -45.08 24.64 34.06
N ASP L 41 -44.87 24.78 35.36
CA ASP L 41 -45.90 25.15 36.31
C ASP L 41 -45.41 26.44 36.98
N ASN L 42 -46.18 27.51 36.84
CA ASN L 42 -45.78 28.83 37.29
C ASN L 42 -46.86 29.43 38.17
N ASP L 43 -46.44 30.11 39.24
CA ASP L 43 -47.35 30.78 40.14
C ASP L 43 -47.86 32.05 39.47
N HIS L 44 -49.11 32.01 39.01
CA HIS L 44 -49.72 33.12 38.28
C HIS L 44 -50.72 33.89 39.15
N GLY L 45 -50.41 34.06 40.42
CA GLY L 45 -51.18 34.90 41.31
C GLY L 45 -52.11 34.11 42.21
N GLU L 46 -52.77 34.85 43.10
CA GLU L 46 -53.64 34.24 44.09
C GLU L 46 -54.84 33.57 43.45
N THR L 47 -55.47 34.25 42.48
CA THR L 47 -56.73 33.75 41.93
C THR L 47 -56.55 32.49 41.08
N ILE L 48 -55.44 32.38 40.35
CA ILE L 48 -55.20 31.23 39.49
C ILE L 48 -54.35 30.17 40.17
N GLY L 49 -53.47 30.55 41.10
CA GLY L 49 -52.56 29.58 41.65
C GLY L 49 -51.56 29.16 40.60
N PHE L 50 -51.10 27.91 40.71
CA PHE L 50 -50.10 27.40 39.77
C PHE L 50 -50.79 26.99 38.48
N GLU L 51 -50.23 27.42 37.36
CA GLU L 51 -50.80 27.20 36.03
C GLU L 51 -49.86 26.31 35.23
N ARG L 52 -50.28 25.09 34.95
CA ARG L 52 -49.51 24.20 34.09
C ARG L 52 -49.77 24.52 32.63
N SER L 53 -48.76 24.33 31.80
CA SER L 53 -48.86 24.50 30.35
C SER L 53 -48.64 23.13 29.70
N ILE L 54 -49.57 22.76 28.82
CA ILE L 54 -49.55 21.45 28.17
C ILE L 54 -49.65 21.69 26.67
N GLU L 55 -48.82 20.98 25.91
CA GLU L 55 -48.82 21.05 24.45
C GLU L 55 -49.26 19.71 23.88
N VAL L 56 -50.01 19.77 22.77
CA VAL L 56 -50.42 18.59 22.03
C VAL L 56 -49.86 18.74 20.63
N TRP L 57 -48.78 18.00 20.34
CA TRP L 57 -48.08 18.10 19.07
C TRP L 57 -48.67 17.11 18.10
N ILE L 58 -49.38 17.58 17.10
CA ILE L 58 -49.98 16.75 16.08
C ILE L 58 -48.93 16.47 15.02
N TYR L 59 -49.01 15.28 14.41
CA TYR L 59 -48.11 14.88 13.33
C TYR L 59 -48.93 14.28 12.20
N GLU L 60 -48.40 14.40 10.97
CA GLU L 60 -49.13 14.04 9.77
C GLU L 60 -48.13 13.57 8.73
N GLY L 61 -48.63 12.87 7.71
CA GLY L 61 -47.77 12.18 6.76
C GLY L 61 -47.20 13.02 5.64
N ARG L 62 -47.23 14.35 5.78
CA ARG L 62 -46.70 15.24 4.76
C ARG L 62 -47.43 15.10 3.43
N THR L 63 -48.75 14.90 3.50
CA THR L 63 -49.58 15.01 2.31
C THR L 63 -49.90 16.47 2.03
N THR L 64 -50.59 17.11 2.96
CA THR L 64 -50.87 18.54 2.88
C THR L 64 -51.22 19.04 4.26
N PHE L 65 -51.14 20.35 4.43
CA PHE L 65 -51.39 20.95 5.73
C PHE L 65 -52.88 21.11 6.04
N LYS L 66 -53.75 20.96 5.05
CA LYS L 66 -55.19 21.08 5.31
C LYS L 66 -55.68 19.97 6.22
N LYS L 67 -55.17 18.74 6.03
CA LYS L 67 -55.52 17.65 6.91
C LYS L 67 -55.11 17.96 8.34
N LEU L 68 -53.91 18.52 8.51
CA LEU L 68 -53.44 18.86 9.85
C LEU L 68 -54.25 19.99 10.45
N ASP L 69 -54.69 20.95 9.63
CA ASP L 69 -55.55 22.02 10.14
C ASP L 69 -56.89 21.47 10.62
N LYS L 70 -57.47 20.53 9.86
CA LYS L 70 -58.69 19.89 10.30
C LYS L 70 -58.48 19.15 11.62
N LEU L 71 -57.37 18.42 11.72
CA LEU L 71 -57.08 17.70 12.96
C LEU L 71 -56.88 18.68 14.12
N THR L 72 -56.26 19.82 13.86
CA THR L 72 -56.05 20.81 14.91
C THR L 72 -57.37 21.38 15.40
N LYS L 73 -58.28 21.68 14.47
CA LYS L 73 -59.60 22.16 14.89
C LYS L 73 -60.32 21.10 15.71
N GLN L 74 -60.18 19.82 15.32
CA GLN L 74 -60.78 18.75 16.10
C GLN L 74 -60.21 18.70 17.51
N VAL L 75 -58.89 18.82 17.65
CA VAL L 75 -58.27 18.77 18.97
C VAL L 75 -58.73 19.93 19.83
N VAL L 76 -58.79 21.13 19.24
CA VAL L 76 -59.25 22.30 19.98
C VAL L 76 -60.68 22.09 20.44
N GLU L 77 -61.53 21.52 19.57
CA GLU L 77 -62.91 21.25 19.97
C GLU L 77 -62.96 20.25 21.12
N VAL L 78 -62.11 19.23 21.08
CA VAL L 78 -62.17 18.17 22.09
C VAL L 78 -61.75 18.70 23.45
N LEU L 79 -60.61 19.41 23.51
CA LEU L 79 -59.97 19.71 24.80
C LEU L 79 -60.32 21.07 25.37
N ASP L 80 -60.80 22.01 24.56
CA ASP L 80 -60.98 23.39 25.02
C ASP L 80 -62.12 23.45 26.03
N MET L 81 -61.77 23.67 27.30
CA MET L 81 -62.70 23.95 28.39
C MET L 81 -63.63 22.80 28.72
N ASN L 82 -63.39 21.60 28.18
CA ASN L 82 -64.18 20.43 28.52
C ASN L 82 -63.52 19.69 29.67
N THR L 83 -64.28 19.45 30.74
CA THR L 83 -63.74 18.75 31.89
C THR L 83 -63.33 17.34 31.51
N ILE L 84 -62.11 16.97 31.86
CA ILE L 84 -61.53 15.67 31.55
C ILE L 84 -61.15 15.01 32.87
N VAL L 85 -61.39 13.70 32.96
CA VAL L 85 -61.12 12.93 34.17
C VAL L 85 -59.94 12.01 33.89
N ASP L 86 -58.91 12.10 34.73
CA ASP L 86 -57.74 11.24 34.62
C ASP L 86 -57.97 10.03 35.51
N GLU L 87 -58.21 8.88 34.88
CA GLU L 87 -58.57 7.68 35.64
C GLU L 87 -57.41 7.19 36.49
N SER L 88 -56.17 7.36 36.02
CA SER L 88 -55.02 6.93 36.82
C SER L 88 -54.93 7.70 38.13
N GLU L 89 -54.97 9.03 38.05
CA GLU L 89 -54.97 9.84 39.26
C GLU L 89 -56.34 9.83 39.95
N ASN L 90 -57.40 9.52 39.21
CA ASN L 90 -58.77 9.74 39.68
C ASN L 90 -58.97 11.19 40.10
N GLU L 91 -58.40 12.10 39.32
CA GLU L 91 -58.53 13.54 39.51
C GLU L 91 -58.85 14.19 38.17
N ALA L 92 -59.77 15.14 38.19
CA ALA L 92 -60.22 15.79 36.98
C ALA L 92 -59.45 17.09 36.75
N PHE L 93 -59.61 17.63 35.55
CA PHE L 93 -59.02 18.92 35.20
C PHE L 93 -59.79 19.48 34.01
N THR L 94 -59.45 20.72 33.63
CA THR L 94 -60.13 21.42 32.55
C THR L 94 -59.10 22.22 31.77
N CYS L 95 -58.64 21.65 30.67
CA CYS L 95 -57.67 22.34 29.83
C CYS L 95 -58.30 23.56 29.18
N ILE L 96 -57.48 24.58 28.95
CA ILE L 96 -57.90 25.84 28.34
C ILE L 96 -57.06 26.06 27.11
N TYR L 97 -57.71 26.34 25.99
CA TYR L 97 -56.99 26.66 24.77
C TYR L 97 -56.26 27.98 24.92
N LYS L 98 -55.00 28.03 24.48
CA LYS L 98 -54.15 29.21 24.61
C LYS L 98 -53.50 29.65 23.32
N GLY L 99 -53.22 28.73 22.39
CA GLY L 99 -52.65 29.14 21.13
C GLY L 99 -52.06 28.02 20.30
N THR L 100 -50.93 28.28 19.67
CA THR L 100 -50.34 27.35 18.71
C THR L 100 -48.83 27.57 18.73
N SER L 101 -48.09 26.54 18.27
CA SER L 101 -46.64 26.62 18.22
C SER L 101 -46.20 27.79 17.35
N GLU L 102 -44.89 28.06 17.40
CA GLU L 102 -44.34 29.27 16.78
C GLU L 102 -44.61 29.30 15.29
N ASN L 103 -44.43 28.16 14.62
CA ASN L 103 -44.74 28.04 13.20
C ASN L 103 -45.30 26.64 12.96
N ASP L 104 -45.56 26.35 11.69
CA ASP L 104 -46.06 25.05 11.24
C ASP L 104 -44.88 24.30 10.63
N ILE L 105 -44.15 23.57 11.48
CA ILE L 105 -42.85 23.05 11.09
C ILE L 105 -43.00 21.92 10.08
N VAL L 106 -41.91 21.62 9.39
CA VAL L 106 -41.80 20.49 8.49
C VAL L 106 -40.54 19.73 8.85
N VAL L 107 -40.67 18.43 9.06
CA VAL L 107 -39.56 17.56 9.45
C VAL L 107 -39.34 16.58 8.30
N GLU L 108 -38.27 16.80 7.54
CA GLU L 108 -38.06 16.01 6.33
C GLU L 108 -37.52 14.63 6.67
N GLU L 109 -36.63 14.54 7.66
CA GLU L 109 -36.02 13.25 7.99
C GLU L 109 -37.07 12.24 8.45
N TRP L 110 -38.13 12.71 9.11
CA TRP L 110 -39.24 11.86 9.48
C TRP L 110 -40.33 11.78 8.42
N ASP L 111 -40.24 12.60 7.37
CA ASP L 111 -41.28 12.70 6.35
C ASP L 111 -42.63 12.99 6.98
N ALA L 112 -42.72 14.15 7.61
CA ALA L 112 -43.92 14.53 8.34
C ALA L 112 -43.99 16.04 8.47
N ILE L 113 -45.17 16.51 8.82
CA ILE L 113 -45.42 17.91 9.19
C ILE L 113 -46.07 17.90 10.56
N ALA L 114 -45.82 18.96 11.33
CA ALA L 114 -46.25 19.00 12.72
C ALA L 114 -46.74 20.40 13.07
N ARG L 115 -47.66 20.45 14.03
CA ARG L 115 -48.14 21.71 14.58
C ARG L 115 -48.44 21.46 16.06
N GLY L 116 -48.00 22.38 16.90
CA GLY L 116 -48.15 22.23 18.33
C GLY L 116 -49.23 23.11 18.91
N ILE L 117 -50.36 22.51 19.26
CA ILE L 117 -51.40 23.24 19.98
C ILE L 117 -50.93 23.43 21.40
N ARG L 118 -51.38 24.51 22.04
CA ARG L 118 -50.87 24.94 23.34
C ARG L 118 -52.05 25.12 24.29
N PHE L 119 -52.13 24.25 25.28
CA PHE L 119 -53.16 24.28 26.31
C PHE L 119 -52.53 24.65 27.65
N SER L 120 -53.39 24.88 28.64
CA SER L 120 -52.94 25.13 29.99
C SER L 120 -54.01 24.68 30.97
N VAL L 121 -53.59 24.48 32.22
CA VAL L 121 -54.46 24.04 33.30
C VAL L 121 -54.31 25.03 34.45
N ILE L 122 -55.36 25.17 35.25
CA ILE L 122 -55.46 26.21 36.26
C ILE L 122 -55.41 25.58 37.64
N ALA L 123 -54.77 26.30 38.57
CA ALA L 123 -54.84 25.99 40.01
C ALA L 123 -54.44 24.54 40.30
N LEU L 124 -53.22 24.19 39.91
CA LEU L 124 -52.73 22.83 40.13
C LEU L 124 -52.68 22.48 41.61
N GLU L 125 -52.47 23.47 42.47
CA GLU L 125 -52.23 23.21 43.88
C GLU L 125 -53.49 23.18 44.73
N ASP L 126 -54.57 23.84 44.29
CA ASP L 126 -55.79 23.93 45.07
C ASP L 126 -56.65 22.68 44.86
N LYS L 127 -57.25 22.19 45.96
CA LYS L 127 -58.13 21.03 45.92
C LYS L 127 -59.35 21.16 46.81
N GLU L 128 -59.57 22.31 47.46
CA GLU L 128 -60.54 22.41 48.54
C GLU L 128 -61.88 22.96 48.05
N ASP L 129 -61.87 24.15 47.46
CA ASP L 129 -63.10 24.89 47.14
C ASP L 129 -63.92 25.15 48.40
N THR L 130 -63.23 25.58 49.44
CA THR L 130 -63.85 26.03 50.69
C THR L 130 -63.20 27.34 51.11
N THR L 131 -63.92 28.10 51.94
CA THR L 131 -63.48 29.42 52.32
C THR L 131 -63.91 29.71 53.75
N ASN L 132 -63.04 30.41 54.48
CA ASN L 132 -63.38 30.99 55.77
C ASN L 132 -63.83 32.44 55.65
N ASP L 133 -63.96 32.97 54.43
CA ASP L 133 -64.56 34.28 54.21
C ASP L 133 -66.07 34.07 54.12
N ARG L 134 -66.79 34.48 55.16
CA ARG L 134 -68.23 34.25 55.21
C ARG L 134 -68.93 35.02 54.10
N TRP L 135 -68.44 36.21 53.77
CA TRP L 135 -69.08 37.03 52.74
C TRP L 135 -69.00 36.34 51.39
N VAL L 136 -67.84 35.78 51.07
CA VAL L 136 -67.65 35.07 49.81
C VAL L 136 -68.59 33.87 49.74
N GLU L 137 -68.72 33.13 50.85
CA GLU L 137 -69.64 32.01 50.89
C GLU L 137 -71.06 32.47 50.64
N ALA L 138 -71.46 33.58 51.25
CA ALA L 138 -72.82 34.08 51.10
C ALA L 138 -73.11 34.46 49.66
N LEU L 139 -72.20 35.21 49.03
CA LEU L 139 -72.45 35.60 47.65
C LEU L 139 -72.34 34.45 46.67
N SER L 140 -71.47 33.47 46.93
CA SER L 140 -71.44 32.30 46.05
C SER L 140 -72.74 31.52 46.16
N ARG L 141 -73.30 31.39 47.37
CA ARG L 141 -74.59 30.76 47.53
C ARG L 141 -75.66 31.54 46.78
N HIS L 142 -75.64 32.87 46.90
CA HIS L 142 -76.62 33.70 46.22
C HIS L 142 -76.53 33.54 44.71
N THR L 143 -75.31 33.52 44.19
CA THR L 143 -75.13 33.35 42.74
C THR L 143 -75.59 31.98 42.27
N LYS L 144 -75.28 30.94 43.04
CA LYS L 144 -75.73 29.60 42.66
C LYS L 144 -77.25 29.51 42.65
N ASP L 145 -77.89 30.08 43.67
CA ASP L 145 -79.36 30.03 43.73
C ASP L 145 -79.99 30.83 42.59
N LEU L 146 -79.52 32.06 42.40
CA LEU L 146 -80.10 32.93 41.38
C LEU L 146 -79.87 32.36 39.98
N LEU L 147 -78.66 31.89 39.72
CA LEU L 147 -78.16 31.68 38.37
C LEU L 147 -78.12 30.23 37.95
N GLU L 148 -78.15 29.28 38.90
CA GLU L 148 -78.18 27.85 38.60
C GLU L 148 -76.97 27.43 37.77
N ILE L 149 -75.79 27.93 38.18
CA ILE L 149 -74.51 27.46 37.67
C ILE L 149 -73.62 27.20 38.87
N GLU L 150 -72.46 26.60 38.60
CA GLU L 150 -71.49 26.41 39.67
C GLU L 150 -71.03 27.75 40.20
N SER L 151 -70.53 27.76 41.44
CA SER L 151 -70.04 28.99 42.06
C SER L 151 -68.87 28.61 42.96
N TYR L 152 -67.67 28.72 42.40
CA TYR L 152 -66.46 28.50 43.18
C TYR L 152 -66.21 29.72 44.04
N LYS L 153 -65.50 29.53 45.15
CA LYS L 153 -65.61 30.51 46.23
C LYS L 153 -64.52 31.58 46.18
N ASP L 154 -63.25 31.21 46.33
CA ASP L 154 -62.18 32.19 46.48
C ASP L 154 -60.98 31.97 45.57
N ASN L 155 -60.97 30.91 44.77
CA ASN L 155 -59.92 30.72 43.78
C ASN L 155 -60.31 29.54 42.90
N TRP L 156 -59.83 29.56 41.66
CA TRP L 156 -60.17 28.53 40.71
C TRP L 156 -59.72 27.17 41.21
N LYS L 157 -60.44 26.13 40.77
CA LYS L 157 -60.04 24.75 40.97
C LYS L 157 -59.84 24.10 39.61
N LYS L 158 -58.94 23.12 39.58
CA LYS L 158 -58.42 22.62 38.31
C LYS L 158 -59.49 22.00 37.42
N ASN L 159 -60.60 21.55 38.01
CA ASN L 159 -61.66 20.86 37.28
C ASN L 159 -62.94 21.68 37.22
N PHE L 160 -62.82 22.99 36.98
CA PHE L 160 -64.00 23.84 36.93
C PHE L 160 -64.88 23.45 35.75
N ILE L 161 -66.19 23.55 35.96
CA ILE L 161 -67.19 23.14 34.98
C ILE L 161 -67.74 24.40 34.33
N ALA L 162 -67.33 24.65 33.09
CA ALA L 162 -67.87 25.79 32.36
C ALA L 162 -69.31 25.50 31.97
N PRO L 163 -70.25 26.45 32.16
CA PRO L 163 -70.13 27.80 32.70
C PRO L 163 -70.05 27.82 34.23
N CYS L 164 -69.44 28.84 34.81
CA CYS L 164 -69.29 28.91 36.26
C CYS L 164 -68.99 30.35 36.64
N ALA L 165 -68.93 30.59 37.95
CA ALA L 165 -68.61 31.89 38.51
C ALA L 165 -67.70 31.73 39.72
N LEU L 166 -66.96 32.80 40.01
CA LEU L 166 -66.02 32.84 41.13
C LEU L 166 -66.26 34.14 41.88
N TRP L 167 -66.00 34.16 43.18
CA TRP L 167 -66.31 35.31 44.04
C TRP L 167 -65.18 35.58 45.04
N ARG L 168 -63.95 35.69 44.55
CA ARG L 168 -62.85 36.06 45.42
C ARG L 168 -63.03 37.47 45.96
N THR L 169 -62.46 37.72 47.13
CA THR L 169 -62.39 39.06 47.70
C THR L 169 -61.00 39.63 47.50
N THR L 170 -60.94 40.91 47.14
CA THR L 170 -59.70 41.57 46.79
C THR L 170 -59.17 42.46 47.90
N HIS L 171 -60.03 43.24 48.55
CA HIS L 171 -59.62 44.32 49.43
C HIS L 171 -60.60 44.40 50.59
N ILE L 172 -60.07 44.63 51.79
CA ILE L 172 -60.87 44.74 53.01
C ILE L 172 -60.51 45.97 53.82
N GLU L 173 -61.53 46.71 54.25
CA GLU L 173 -61.35 47.95 55.00
C GLU L 173 -62.26 47.92 56.22
N ASN L 174 -61.66 47.82 57.39
CA ASN L 174 -62.39 47.87 58.65
C ASN L 174 -62.33 49.28 59.24
N LYS L 175 -63.36 49.63 60.00
CA LYS L 175 -63.50 51.00 60.46
C LYS L 175 -64.36 51.01 61.72
N ARG L 176 -63.85 51.64 62.77
CA ARG L 176 -64.59 51.78 64.02
C ARG L 176 -65.35 53.10 63.94
N ILE L 177 -66.56 53.03 63.40
CA ILE L 177 -67.35 54.25 63.19
C ILE L 177 -67.76 54.89 64.51
N ASN L 178 -67.95 54.08 65.55
CA ASN L 178 -68.48 54.56 66.82
C ASN L 178 -67.88 53.72 67.92
N TYR L 179 -68.19 54.07 69.17
CA TYR L 179 -67.75 53.26 70.30
C TYR L 179 -68.29 51.84 70.22
N HIS L 180 -69.58 51.71 69.88
CA HIS L 180 -70.26 50.43 69.90
C HIS L 180 -70.32 49.75 68.53
N LEU L 181 -70.02 50.46 67.45
CA LEU L 181 -70.22 49.97 66.09
C LEU L 181 -68.89 49.88 65.36
N ILE L 182 -68.78 48.89 64.48
CA ILE L 182 -67.63 48.73 63.60
C ILE L 182 -68.14 48.43 62.20
N GLU L 183 -67.56 49.10 61.21
CA GLU L 183 -67.93 48.96 59.81
C GLU L 183 -66.88 48.12 59.10
N ILE L 184 -67.33 47.12 58.35
CA ILE L 184 -66.47 46.21 57.60
C ILE L 184 -66.86 46.33 56.14
N THR L 185 -65.92 46.72 55.28
CA THR L 185 -66.16 46.92 53.87
C THR L 185 -65.25 45.98 53.07
N LYS L 186 -65.81 45.38 52.02
CA LYS L 186 -65.08 44.47 51.15
C LYS L 186 -65.43 44.78 49.71
N THR L 187 -64.42 44.91 48.84
CA THR L 187 -64.62 45.12 47.42
C THR L 187 -64.41 43.76 46.75
N MET L 188 -65.50 43.02 46.59
CA MET L 188 -65.44 41.65 46.12
C MET L 188 -65.65 41.63 44.60
N LYS L 189 -64.74 40.95 43.91
CA LYS L 189 -64.78 40.84 42.46
C LYS L 189 -65.28 39.47 42.06
N CYS L 190 -65.97 39.40 40.92
CA CYS L 190 -66.59 38.18 40.44
C CYS L 190 -66.15 37.86 39.02
N HIS L 191 -66.08 36.57 38.71
CA HIS L 191 -65.78 36.07 37.38
C HIS L 191 -66.99 35.36 36.81
N VAL L 192 -67.04 35.26 35.49
CA VAL L 192 -68.01 34.43 34.79
C VAL L 192 -67.31 33.79 33.61
N VAL L 193 -67.14 32.47 33.66
CA VAL L 193 -66.46 31.71 32.62
C VAL L 193 -67.53 30.97 31.82
N SER L 194 -67.31 30.87 30.51
CA SER L 194 -68.17 30.08 29.65
C SER L 194 -67.55 30.02 28.27
N LYS L 195 -67.87 28.96 27.53
CA LYS L 195 -67.41 28.86 26.15
C LYS L 195 -68.12 29.88 25.26
N ASN L 196 -69.36 30.21 25.59
CA ASN L 196 -70.17 31.15 24.82
C ASN L 196 -70.07 32.52 25.50
N LYS L 197 -69.42 33.47 24.83
CA LYS L 197 -69.21 34.79 25.42
C LYS L 197 -70.52 35.54 25.60
N ASP L 198 -71.47 35.36 24.67
CA ASP L 198 -72.79 35.96 24.85
C ASP L 198 -73.45 35.45 26.12
N GLU L 199 -73.20 34.18 26.46
CA GLU L 199 -73.70 33.66 27.72
C GLU L 199 -73.05 34.39 28.90
N ILE L 200 -71.76 34.73 28.77
CA ILE L 200 -71.10 35.48 29.84
C ILE L 200 -71.79 36.82 30.02
N VAL L 201 -72.09 37.49 28.90
CA VAL L 201 -72.74 38.79 28.98
C VAL L 201 -74.11 38.67 29.64
N LYS L 202 -74.89 37.66 29.25
CA LYS L 202 -76.23 37.49 29.82
C LYS L 202 -76.15 37.19 31.30
N LEU L 203 -75.24 36.30 31.70
CA LEU L 203 -75.11 35.95 33.11
C LEU L 203 -74.70 37.15 33.94
N LEU L 204 -73.76 37.95 33.43
CA LEU L 204 -73.35 39.14 34.16
C LEU L 204 -74.50 40.14 34.27
N GLU L 205 -75.28 40.29 33.20
CA GLU L 205 -76.41 41.22 33.22
C GLU L 205 -77.42 40.82 34.29
N THR L 206 -77.82 39.54 34.30
CA THR L 206 -78.81 39.11 35.28
C THR L 206 -78.26 39.18 36.70
N LEU L 207 -76.98 38.85 36.88
CA LEU L 207 -76.38 38.95 38.21
C LEU L 207 -76.39 40.39 38.71
N GLU L 208 -76.01 41.33 37.84
CA GLU L 208 -76.02 42.74 38.22
C GLU L 208 -77.42 43.21 38.56
N THR L 209 -78.40 42.85 37.73
CA THR L 209 -79.77 43.30 37.98
C THR L 209 -80.27 42.74 39.30
N SER L 210 -79.97 41.47 39.59
CA SER L 210 -80.37 40.89 40.86
C SER L 210 -79.73 41.61 42.03
N LEU L 211 -78.42 41.88 41.93
CA LEU L 211 -77.73 42.54 43.03
C LEU L 211 -78.25 43.96 43.25
N ILE L 212 -78.73 44.60 42.19
CA ILE L 212 -79.21 45.98 42.31
C ILE L 212 -80.62 46.01 42.88
N ILE L 213 -81.55 45.27 42.26
CA ILE L 213 -82.94 45.36 42.69
C ILE L 213 -83.11 44.82 44.11
N ASP L 214 -82.37 43.76 44.44
CA ASP L 214 -82.25 43.29 45.82
C ASP L 214 -80.96 43.86 46.37
N LYS L 215 -81.08 44.98 47.09
CA LYS L 215 -79.92 45.78 47.46
C LYS L 215 -79.10 45.19 48.61
N ARG L 216 -79.37 43.97 49.05
CA ARG L 216 -78.60 43.35 50.11
C ARG L 216 -78.69 41.84 49.96
N VAL L 217 -77.79 41.14 50.65
CA VAL L 217 -77.62 39.71 50.51
C VAL L 217 -77.62 39.06 51.88
N ARG L 218 -78.29 37.92 51.99
CA ARG L 218 -78.37 37.17 53.24
C ARG L 218 -77.01 36.53 53.52
N LEU L 219 -76.32 37.00 54.56
CA LEU L 219 -75.01 36.44 54.89
C LEU L 219 -75.14 34.97 55.28
N ARG L 220 -76.14 34.65 56.09
CA ARG L 220 -76.42 33.29 56.53
C ARG L 220 -77.92 33.06 56.47
N GLU L 221 -78.31 31.78 56.48
CA GLU L 221 -79.73 31.45 56.41
C GLU L 221 -80.49 31.86 57.67
N ASP L 222 -79.81 32.22 58.75
CA ASP L 222 -80.50 32.74 59.93
C ASP L 222 -81.04 34.15 59.71
N LYS L 223 -80.64 34.84 58.64
CA LYS L 223 -81.20 36.12 58.24
C LYS L 223 -80.83 37.25 59.22
N ASN L 224 -79.97 36.97 60.20
CA ASN L 224 -79.63 38.00 61.18
C ASN L 224 -78.77 39.10 60.56
N MET L 225 -77.79 38.74 59.75
CA MET L 225 -76.87 39.68 59.13
C MET L 225 -77.30 39.98 57.70
N TYR L 226 -76.67 40.99 57.11
CA TYR L 226 -76.92 41.36 55.73
C TYR L 226 -75.69 42.07 55.18
N LEU L 227 -75.52 41.98 53.85
CA LEU L 227 -74.43 42.63 53.14
C LEU L 227 -75.04 43.67 52.19
N THR L 228 -75.24 44.88 52.69
CA THR L 228 -75.81 45.94 51.85
C THR L 228 -74.86 46.29 50.72
N LEU L 229 -75.41 46.42 49.52
CA LEU L 229 -74.59 46.76 48.37
C LEU L 229 -74.22 48.24 48.40
N VAL L 230 -73.04 48.56 47.87
CA VAL L 230 -72.58 49.93 47.73
C VAL L 230 -72.47 50.33 46.26
N SER L 231 -71.83 49.47 45.45
CA SER L 231 -71.71 49.72 44.02
C SER L 231 -71.26 48.46 43.31
N VAL L 232 -71.93 48.10 42.22
CA VAL L 232 -71.58 46.95 41.39
C VAL L 232 -71.24 47.47 40.01
N VAL L 233 -70.08 47.06 39.50
CA VAL L 233 -69.53 47.60 38.26
C VAL L 233 -68.92 46.46 37.48
N GLU L 234 -69.16 46.44 36.17
CA GLU L 234 -68.60 45.43 35.28
C GLU L 234 -67.60 46.08 34.32
N ASP L 235 -66.51 45.37 34.06
CA ASP L 235 -65.47 45.80 33.13
C ASP L 235 -65.29 44.66 32.13
N ARG L 236 -66.06 44.72 31.05
CA ARG L 236 -66.09 43.62 30.09
C ARG L 236 -64.74 43.37 29.43
N GLU L 237 -63.90 44.40 29.33
CA GLU L 237 -62.58 44.21 28.74
C GLU L 237 -61.67 43.38 29.63
N SER L 238 -61.95 43.33 30.93
CA SER L 238 -61.06 42.64 31.85
C SER L 238 -61.05 41.14 31.54
N ASP L 239 -59.92 40.51 31.83
CA ASP L 239 -59.72 39.12 31.46
C ASP L 239 -60.72 38.22 32.18
N MET L 240 -61.15 37.17 31.48
CA MET L 240 -62.17 36.29 32.02
C MET L 240 -61.65 35.51 33.21
N PHE L 241 -60.39 35.08 33.17
CA PHE L 241 -59.85 34.18 34.18
C PHE L 241 -59.05 34.91 35.26
N THR L 242 -58.04 35.68 34.87
CA THR L 242 -57.17 36.32 35.86
C THR L 242 -57.94 37.35 36.66
N THR L 243 -58.47 38.38 36.01
CA THR L 243 -59.02 39.53 36.72
C THR L 243 -60.46 39.28 37.19
N GLY L 244 -61.39 39.10 36.27
CA GLY L 244 -62.80 39.00 36.59
C GLY L 244 -63.59 40.20 36.12
N GLN L 245 -64.79 39.97 35.57
CA GLN L 245 -65.53 41.03 34.93
C GLN L 245 -66.13 42.01 35.95
N LEU L 246 -66.77 41.48 36.98
CA LEU L 246 -67.67 42.26 37.83
C LEU L 246 -67.00 42.59 39.15
N THR L 247 -67.06 43.86 39.54
CA THR L 247 -66.55 44.34 40.81
C THR L 247 -67.71 44.85 41.64
N ALA L 248 -67.85 44.32 42.86
CA ALA L 248 -68.92 44.70 43.77
C ALA L 248 -68.33 45.08 45.12
N VAL L 249 -68.93 46.06 45.78
CA VAL L 249 -68.47 46.57 47.07
C VAL L 249 -69.63 46.41 48.05
N PHE L 250 -69.36 45.68 49.14
CA PHE L 250 -70.35 45.41 50.17
C PHE L 250 -69.83 45.92 51.50
N LYS L 251 -70.74 46.35 52.36
CA LYS L 251 -70.40 46.81 53.70
C LYS L 251 -71.34 46.20 54.72
N MET L 252 -70.87 46.09 55.95
CA MET L 252 -71.65 45.54 57.05
C MET L 252 -71.22 46.23 58.33
N ILE L 253 -72.16 46.44 59.23
CA ILE L 253 -71.93 47.15 60.49
C ILE L 253 -72.23 46.20 61.62
N GLY L 254 -71.18 45.79 62.33
CA GLY L 254 -71.33 44.98 63.52
C GLY L 254 -71.64 45.85 64.73
N LYS L 255 -71.75 45.20 65.89
CA LYS L 255 -71.99 45.87 67.15
C LYS L 255 -71.10 45.23 68.20
N ILE L 256 -70.41 46.05 68.99
CA ILE L 256 -69.50 45.52 70.00
C ILE L 256 -70.31 44.72 71.01
N LYS L 257 -69.89 43.47 71.22
CA LYS L 257 -70.67 42.50 71.98
C LYS L 257 -70.34 42.62 73.47
N ARG L 258 -71.01 43.58 74.10
CA ARG L 258 -70.87 43.81 75.53
C ARG L 258 -72.22 44.13 76.15
N GLU L 259 -72.48 43.50 77.30
CA GLU L 259 -73.70 43.72 78.06
C GLU L 259 -73.30 43.97 79.51
N GLY L 260 -74.30 44.14 80.37
CA GLY L 260 -74.06 44.37 81.77
C GLY L 260 -75.29 44.05 82.61
N PRO L 261 -75.15 44.15 83.93
CA PRO L 261 -76.28 43.87 84.81
C PRO L 261 -77.39 44.90 84.64
N THR L 262 -78.61 44.48 84.93
CA THR L 262 -79.82 45.27 84.71
C THR L 262 -80.55 45.50 86.03
N MET L 263 -81.17 46.68 86.14
CA MET L 263 -81.89 47.07 87.36
C MET L 263 -83.32 46.55 87.27
N ASP L 264 -83.47 45.25 87.52
CA ASP L 264 -84.80 44.64 87.48
C ASP L 264 -85.69 45.20 88.58
N LYS L 265 -85.20 45.25 89.82
CA LYS L 265 -85.98 45.64 90.99
C LYS L 265 -85.29 46.76 91.73
N ILE L 266 -86.07 47.74 92.17
CA ILE L 266 -85.59 48.89 92.92
C ILE L 266 -86.45 49.02 94.16
N TYR L 267 -85.85 49.40 95.29
CA TYR L 267 -86.55 49.46 96.56
C TYR L 267 -85.99 50.58 97.43
N GLY L 268 -86.86 51.19 98.23
CA GLY L 268 -86.43 52.22 99.15
C GLY L 268 -87.48 52.54 100.18
N ASN L 269 -87.04 53.19 101.26
CA ASN L 269 -87.87 53.53 102.40
C ASN L 269 -87.89 55.04 102.60
N GLY L 270 -88.83 55.48 103.44
CA GLY L 270 -88.99 56.90 103.74
C GLY L 270 -88.89 57.17 105.23
N ASN L 271 -88.22 58.26 105.57
CA ASN L 271 -88.07 58.70 106.95
C ASN L 271 -88.29 60.22 107.00
N LEU L 272 -88.03 60.81 108.16
CA LEU L 272 -88.17 62.25 108.33
C LEU L 272 -87.07 62.80 109.24
N ILE M 2 -18.93 -18.87 -1.69
CA ILE M 2 -18.63 -19.39 -0.33
C ILE M 2 -19.78 -20.27 0.17
N ASN M 3 -19.43 -21.42 0.73
CA ASN M 3 -20.40 -22.36 1.25
C ASN M 3 -20.71 -22.05 2.72
N ILE M 4 -21.92 -22.41 3.14
CA ILE M 4 -22.36 -22.12 4.50
C ILE M 4 -21.48 -22.84 5.53
N ASP M 5 -21.08 -24.07 5.22
CA ASP M 5 -20.27 -24.82 6.17
C ASP M 5 -18.91 -24.17 6.38
N ARG M 6 -18.33 -23.61 5.32
CA ARG M 6 -17.07 -22.89 5.46
C ARG M 6 -17.21 -21.73 6.45
N ARG M 7 -18.25 -20.92 6.26
CA ARG M 7 -18.47 -19.78 7.14
C ARG M 7 -18.72 -20.23 8.58
N ARG M 8 -19.52 -21.29 8.75
CA ARG M 8 -19.81 -21.79 10.09
C ARG M 8 -18.55 -22.27 10.79
N LYS M 9 -17.73 -23.05 10.08
CA LYS M 9 -16.49 -23.54 10.66
C LYS M 9 -15.56 -22.38 11.02
N ASP M 10 -15.46 -21.38 10.13
CA ASP M 10 -14.57 -20.26 10.41
C ASP M 10 -15.03 -19.47 11.61
N ILE M 11 -16.33 -19.20 11.71
CA ILE M 11 -16.84 -18.43 12.84
C ILE M 11 -16.62 -19.18 14.14
N ILE M 12 -16.94 -20.48 14.15
CA ILE M 12 -16.81 -21.25 15.37
C ILE M 12 -15.36 -21.37 15.79
N ARG M 13 -14.46 -21.57 14.82
CA ARG M 13 -13.04 -21.65 15.13
C ARG M 13 -12.55 -20.33 15.72
N THR M 14 -12.89 -19.21 15.07
CA THR M 14 -12.41 -17.91 15.52
C THR M 14 -12.92 -17.60 16.91
N ILE M 15 -14.18 -17.94 17.20
CA ILE M 15 -14.69 -17.74 18.54
C ILE M 15 -13.93 -18.63 19.52
N ASN M 16 -13.59 -19.85 19.10
CA ASN M 16 -12.97 -20.80 20.02
C ASN M 16 -11.48 -20.54 20.22
N ILE M 17 -10.84 -19.69 19.41
CA ILE M 17 -9.46 -19.32 19.71
C ILE M 17 -9.39 -18.58 21.04
N ASN M 18 -10.36 -17.71 21.31
CA ASN M 18 -10.33 -16.87 22.50
C ASN M 18 -11.75 -16.57 22.96
N PRO M 19 -12.54 -17.57 23.32
CA PRO M 19 -13.93 -17.32 23.69
C PRO M 19 -14.03 -16.76 25.10
N THR M 20 -15.15 -16.07 25.35
CA THR M 20 -15.53 -15.63 26.69
C THR M 20 -17.01 -15.88 26.86
N ASN M 21 -17.39 -16.51 27.97
CA ASN M 21 -18.80 -16.70 28.28
C ASN M 21 -19.40 -15.37 28.73
N ILE M 22 -20.53 -15.00 28.14
CA ILE M 22 -21.12 -13.67 28.30
C ILE M 22 -22.58 -13.84 28.67
N THR M 23 -23.05 -12.99 29.58
CA THR M 23 -24.43 -12.98 30.04
C THR M 23 -25.10 -11.74 29.47
N ILE M 24 -25.61 -11.87 28.26
CA ILE M 24 -26.34 -10.77 27.63
C ILE M 24 -27.65 -10.55 28.39
N THR M 25 -27.95 -9.30 28.70
CA THR M 25 -29.24 -8.91 29.28
C THR M 25 -29.95 -7.99 28.31
N SER M 26 -31.18 -8.35 27.96
CA SER M 26 -31.97 -7.64 26.96
C SER M 26 -33.14 -6.96 27.64
N ILE M 27 -33.25 -5.65 27.44
CA ILE M 27 -34.39 -4.86 27.89
C ILE M 27 -35.12 -4.40 26.65
N LYS M 28 -36.31 -4.96 26.42
CA LYS M 28 -37.13 -4.67 25.26
C LYS M 28 -38.29 -3.79 25.69
N LYS M 29 -38.40 -2.60 25.07
CA LYS M 29 -39.46 -1.66 25.39
C LYS M 29 -40.69 -2.00 24.57
N THR M 30 -41.84 -2.10 25.23
CA THR M 30 -43.11 -2.45 24.61
C THR M 30 -44.07 -1.29 24.77
N GLU M 31 -44.69 -0.88 23.67
CA GLU M 31 -45.58 0.28 23.69
C GLU M 31 -46.89 -0.10 24.37
N ILE M 32 -47.22 0.60 25.45
CA ILE M 32 -48.42 0.35 26.24
C ILE M 32 -49.00 1.70 26.65
N ASP M 33 -50.17 2.04 26.12
CA ASP M 33 -50.83 3.31 26.42
C ASP M 33 -49.91 4.49 26.11
N GLY M 34 -49.24 4.41 24.97
CA GLY M 34 -48.36 5.50 24.57
C GLY M 34 -47.13 5.65 25.41
N ALA M 35 -46.75 4.63 26.18
CA ALA M 35 -45.55 4.64 26.98
C ALA M 35 -44.93 3.24 26.91
N PHE M 36 -43.74 3.10 27.51
CA PHE M 36 -42.96 1.89 27.42
C PHE M 36 -43.10 1.06 28.68
N GLU M 37 -43.39 -0.23 28.50
CA GLU M 37 -43.30 -1.23 29.55
C GLU M 37 -42.13 -2.14 29.20
N GLU M 38 -41.15 -2.20 30.09
CA GLU M 38 -39.89 -2.88 29.81
C GLU M 38 -39.91 -4.28 30.40
N THR M 39 -39.66 -5.28 29.56
CA THR M 39 -39.54 -6.68 29.97
C THR M 39 -38.07 -7.07 29.86
N GLU M 40 -37.49 -7.49 30.98
CA GLU M 40 -36.07 -7.81 31.06
C GLU M 40 -35.88 -9.32 30.95
N THR M 41 -35.06 -9.73 29.99
CA THR M 41 -34.69 -11.12 29.80
C THR M 41 -33.17 -11.24 29.79
N GLU M 42 -32.68 -12.42 30.15
CA GLU M 42 -31.26 -12.69 30.26
C GLU M 42 -30.92 -13.93 29.43
N ILE M 43 -29.95 -13.79 28.53
CA ILE M 43 -29.55 -14.85 27.62
C ILE M 43 -28.03 -14.92 27.60
N LYS M 44 -27.51 -16.15 27.47
CA LYS M 44 -26.09 -16.44 27.54
C LYS M 44 -25.59 -16.95 26.19
N CYS M 45 -24.37 -16.55 25.82
CA CYS M 45 -23.76 -16.99 24.57
C CYS M 45 -22.26 -17.01 24.74
N VAL M 46 -21.60 -17.77 23.86
CA VAL M 46 -20.14 -17.79 23.77
C VAL M 46 -19.73 -16.74 22.76
N VAL M 47 -18.69 -15.97 23.09
CA VAL M 47 -18.37 -14.74 22.38
C VAL M 47 -16.87 -14.51 22.42
N ARG M 48 -16.34 -13.96 21.31
CA ARG M 48 -14.98 -13.45 21.24
C ARG M 48 -15.04 -11.94 21.04
N ILE M 49 -14.23 -11.21 21.81
CA ILE M 49 -14.19 -9.75 21.79
C ILE M 49 -12.84 -9.32 21.24
N PHE M 50 -12.84 -8.30 20.39
CA PHE M 50 -11.64 -7.88 19.68
C PHE M 50 -11.72 -6.38 19.40
N ASN M 51 -10.55 -5.75 19.30
CA ASN M 51 -10.50 -4.35 18.92
C ASN M 51 -10.82 -4.20 17.44
N GLU M 52 -11.55 -3.13 17.09
CA GLU M 52 -11.87 -2.82 15.70
C GLU M 52 -11.55 -1.40 15.30
N LYS M 53 -11.72 -0.43 16.20
CA LYS M 53 -11.53 0.99 15.89
C LYS M 53 -10.62 1.65 16.91
N THR M 54 -9.66 2.43 16.43
CA THR M 54 -8.80 3.22 17.30
C THR M 54 -9.53 4.52 17.61
N ALA M 55 -10.41 4.47 18.61
CA ALA M 55 -11.23 5.60 19.02
C ALA M 55 -10.70 6.16 20.33
N GLU M 56 -11.28 7.28 20.75
CA GLU M 56 -10.90 7.97 21.96
C GLU M 56 -12.08 8.02 22.92
N LYS M 57 -11.77 7.91 24.21
CA LYS M 57 -12.80 7.82 25.24
C LYS M 57 -13.50 9.16 25.40
N GLN M 58 -14.78 9.22 25.06
CA GLN M 58 -15.59 10.40 25.30
C GLN M 58 -16.06 10.45 26.74
N ILE M 59 -16.32 11.66 27.23
CA ILE M 59 -16.84 11.89 28.57
C ILE M 59 -18.04 12.81 28.45
N SER M 60 -19.08 12.56 29.25
CA SER M 60 -20.35 13.26 29.13
C SER M 60 -20.89 13.72 30.48
N SER M 61 -20.04 14.37 31.27
CA SER M 61 -20.41 14.83 32.61
C SER M 61 -21.45 15.95 32.50
N GLU M 62 -22.45 15.92 33.38
CA GLU M 62 -23.46 16.97 33.45
C GLU M 62 -24.21 16.82 34.77
N LYS M 63 -25.23 17.67 34.97
CA LYS M 63 -25.99 17.63 36.21
C LYS M 63 -26.78 16.34 36.38
N GLN M 64 -27.00 15.59 35.29
CA GLN M 64 -27.62 14.28 35.43
C GLN M 64 -26.65 13.28 36.00
N GLY M 65 -25.37 13.42 35.70
CA GLY M 65 -24.37 12.46 36.11
C GLY M 65 -23.24 12.44 35.12
N THR M 66 -22.32 11.50 35.34
CA THR M 66 -21.11 11.39 34.54
C THR M 66 -20.90 9.94 34.12
N PHE M 67 -20.49 9.77 32.87
CA PHE M 67 -20.11 8.46 32.35
C PHE M 67 -19.23 8.67 31.13
N SER M 68 -18.26 7.78 30.96
CA SER M 68 -17.34 7.81 29.85
C SER M 68 -17.41 6.49 29.09
N SER M 69 -17.50 6.59 27.77
CA SER M 69 -17.68 5.44 26.91
C SER M 69 -16.68 5.51 25.76
N ILE M 70 -16.24 4.33 25.32
CA ILE M 70 -15.32 4.21 24.19
C ILE M 70 -15.87 3.16 23.23
N ARG M 71 -15.58 3.34 21.95
CA ARG M 71 -16.21 2.62 20.86
C ARG M 71 -15.29 1.55 20.26
N THR M 72 -14.14 1.29 20.90
CA THR M 72 -13.09 0.50 20.26
C THR M 72 -13.50 -0.94 20.02
N TYR M 73 -14.15 -1.58 20.99
CA TYR M 73 -14.29 -3.03 20.95
C TYR M 73 -15.39 -3.48 20.00
N GLY M 74 -15.08 -4.50 19.21
CA GLY M 74 -16.06 -5.21 18.43
C GLY M 74 -16.58 -6.43 19.17
N MET M 75 -17.16 -7.35 18.42
CA MET M 75 -17.66 -8.60 18.98
C MET M 75 -17.99 -9.54 17.83
N LEU M 76 -17.94 -10.84 18.12
CA LEU M 76 -18.17 -11.88 17.11
C LEU M 76 -18.81 -13.07 17.81
N VAL M 77 -20.06 -13.37 17.43
CA VAL M 77 -20.85 -14.40 18.09
C VAL M 77 -21.48 -15.30 17.03
N SER M 78 -21.75 -16.54 17.44
CA SER M 78 -22.22 -17.57 16.53
C SER M 78 -23.72 -17.43 16.30
N ASN M 79 -24.32 -18.44 15.67
CA ASN M 79 -25.73 -18.43 15.29
C ASN M 79 -26.65 -18.91 16.42
N ASP M 80 -26.10 -19.25 17.58
CA ASP M 80 -26.87 -19.99 18.59
C ASP M 80 -28.10 -19.24 19.08
N VAL M 81 -28.06 -17.90 19.06
CA VAL M 81 -29.17 -17.08 19.54
C VAL M 81 -29.39 -15.93 18.58
N ILE M 82 -30.67 -15.63 18.32
CA ILE M 82 -31.05 -14.50 17.48
C ILE M 82 -30.98 -13.22 18.31
N LEU M 83 -30.28 -12.21 17.79
CA LEU M 83 -30.11 -10.92 18.45
C LEU M 83 -30.81 -9.83 17.64
N GLU M 84 -31.05 -8.70 18.31
CA GLU M 84 -31.63 -7.54 17.67
C GLU M 84 -31.45 -6.34 18.57
N VAL M 85 -31.02 -5.22 18.01
CA VAL M 85 -30.85 -3.97 18.73
C VAL M 85 -31.56 -2.88 17.94
N ASN M 86 -32.44 -2.14 18.62
CA ASN M 86 -33.18 -1.04 18.02
C ASN M 86 -33.13 0.14 18.99
N SER M 87 -33.90 1.19 18.67
CA SER M 87 -34.11 2.25 19.63
C SER M 87 -34.84 1.74 20.86
N ARG M 88 -35.82 0.86 20.66
CA ARG M 88 -36.64 0.32 21.72
C ARG M 88 -36.07 -0.95 22.34
N ASP M 89 -34.93 -1.46 21.84
CA ASP M 89 -34.34 -2.69 22.33
C ASP M 89 -32.85 -2.48 22.57
N SER M 90 -32.37 -3.03 23.68
CA SER M 90 -30.99 -2.86 24.12
C SER M 90 -30.40 -4.20 24.51
N LEU M 91 -29.08 -4.27 24.48
CA LEU M 91 -28.33 -5.45 24.92
C LEU M 91 -27.06 -5.00 25.60
N GLU M 92 -26.82 -5.51 26.80
CA GLU M 92 -25.65 -5.16 27.60
C GLU M 92 -25.11 -6.44 28.23
N PHE M 93 -23.88 -6.36 28.72
CA PHE M 93 -23.35 -7.46 29.50
C PHE M 93 -22.17 -6.96 30.34
N GLU M 94 -21.84 -7.75 31.36
CA GLU M 94 -20.91 -7.32 32.41
C GLU M 94 -19.52 -7.89 32.12
N CYS M 95 -18.78 -7.19 31.28
CA CYS M 95 -17.34 -7.41 31.22
C CYS M 95 -16.71 -6.81 32.47
N ILE M 96 -15.58 -7.40 32.88
CA ILE M 96 -14.97 -7.02 34.16
C ILE M 96 -14.50 -5.57 34.13
N TYR M 97 -14.04 -5.11 32.97
CA TYR M 97 -13.48 -3.77 32.82
C TYR M 97 -14.55 -2.82 32.27
N GLY M 98 -15.53 -2.53 33.11
CA GLY M 98 -16.64 -1.69 32.71
C GLY M 98 -17.68 -2.47 31.91
N ARG M 99 -18.92 -2.04 32.03
CA ARG M 99 -20.01 -2.73 31.34
C ARG M 99 -19.93 -2.46 29.84
N MET M 100 -20.09 -3.52 29.06
CA MET M 100 -20.15 -3.43 27.62
C MET M 100 -21.60 -3.23 27.19
N LYS M 101 -21.78 -2.66 25.99
CA LYS M 101 -23.10 -2.45 25.43
C LYS M 101 -23.02 -2.64 23.92
N ILE M 102 -23.92 -3.47 23.39
CA ILE M 102 -23.92 -3.79 21.97
C ILE M 102 -24.59 -2.63 21.23
N VAL M 103 -23.80 -1.89 20.46
CA VAL M 103 -24.33 -0.74 19.75
C VAL M 103 -25.06 -1.17 18.49
N ASN M 104 -24.36 -1.86 17.58
CA ASN M 104 -24.88 -2.20 16.27
C ASN M 104 -24.57 -3.65 15.95
N ILE M 105 -25.47 -4.30 15.24
CA ILE M 105 -25.38 -5.71 14.87
C ILE M 105 -25.21 -5.82 13.37
N TYR M 106 -24.23 -6.62 12.94
CA TYR M 106 -24.03 -6.95 11.53
C TYR M 106 -24.30 -8.44 11.33
N PRO M 107 -25.47 -8.85 10.81
CA PRO M 107 -25.73 -10.28 10.71
C PRO M 107 -25.08 -10.85 9.46
N GLN M 108 -24.16 -11.80 9.66
CA GLN M 108 -23.48 -12.47 8.55
C GLN M 108 -24.43 -13.52 7.98
N ILE M 109 -24.82 -13.33 6.72
CA ILE M 109 -25.81 -14.16 6.05
C ILE M 109 -25.19 -14.73 4.79
N VAL M 110 -25.47 -16.00 4.51
CA VAL M 110 -25.04 -16.66 3.29
C VAL M 110 -26.26 -17.29 2.66
N LYS M 111 -26.60 -16.83 1.45
CA LYS M 111 -27.75 -17.34 0.69
C LYS M 111 -29.03 -17.28 1.51
N GLY M 112 -29.29 -16.11 2.10
CA GLY M 112 -30.49 -15.92 2.88
C GLY M 112 -30.59 -16.75 4.13
N GLU M 113 -29.47 -17.26 4.65
CA GLU M 113 -29.42 -18.07 5.85
C GLU M 113 -28.43 -17.47 6.82
N LEU M 114 -28.86 -17.28 8.07
CA LEU M 114 -28.00 -16.71 9.09
C LEU M 114 -26.95 -17.72 9.52
N CYS M 115 -25.74 -17.23 9.82
CA CYS M 115 -24.66 -18.06 10.31
C CYS M 115 -23.90 -17.48 11.48
N GLY M 116 -24.06 -16.20 11.78
CA GLY M 116 -23.37 -15.57 12.89
C GLY M 116 -23.45 -14.07 12.74
N TYR M 117 -23.31 -13.38 13.88
CA TYR M 117 -23.41 -11.92 13.95
C TYR M 117 -22.03 -11.34 14.19
N GLN M 118 -21.52 -10.61 13.20
CA GLN M 118 -20.51 -9.60 13.49
C GLN M 118 -21.19 -8.47 14.24
N CYS M 119 -20.52 -7.95 15.25
CA CYS M 119 -21.16 -7.05 16.19
C CYS M 119 -20.16 -6.03 16.71
N SER M 120 -20.69 -4.91 17.19
CA SER M 120 -19.91 -3.80 17.70
C SER M 120 -20.37 -3.48 19.11
N LEU M 121 -19.46 -2.94 19.92
CA LEU M 121 -19.68 -2.72 21.33
C LEU M 121 -19.35 -1.28 21.70
N GLU M 122 -19.67 -0.94 22.94
CA GLU M 122 -19.32 0.33 23.55
C GLU M 122 -19.09 0.08 25.03
N ARG M 123 -17.86 0.24 25.48
CA ARG M 123 -17.48 -0.08 26.85
C ARG M 123 -17.82 1.12 27.72
N ILE M 124 -18.94 1.02 28.44
CA ILE M 124 -19.42 2.12 29.28
C ILE M 124 -18.73 2.00 30.63
N ASP M 125 -17.91 2.99 30.98
CA ASP M 125 -17.21 3.00 32.26
C ASP M 125 -18.09 3.61 33.34
N MET N 1 -37.46 51.35 -4.48
CA MET N 1 -36.65 52.46 -3.87
C MET N 1 -35.14 52.22 -4.03
N ARG N 2 -34.76 51.01 -4.42
CA ARG N 2 -33.36 50.72 -4.68
C ARG N 2 -32.81 51.58 -5.80
N ALA N 3 -33.59 51.75 -6.89
CA ALA N 3 -33.10 52.49 -8.04
C ALA N 3 -32.86 53.95 -7.67
N GLY N 4 -33.77 54.55 -6.91
CA GLY N 4 -33.60 55.95 -6.55
C GLY N 4 -32.38 56.19 -5.69
N ILE N 5 -32.20 55.36 -4.66
CA ILE N 5 -31.05 55.53 -3.77
C ILE N 5 -29.76 55.26 -4.52
N ARG N 6 -29.74 54.22 -5.37
CA ARG N 6 -28.54 53.91 -6.14
C ARG N 6 -28.19 55.07 -7.07
N LYS N 7 -29.19 55.61 -7.76
CA LYS N 7 -28.94 56.71 -8.67
C LYS N 7 -28.43 57.93 -7.92
N ALA N 8 -29.03 58.25 -6.77
CA ALA N 8 -28.57 59.40 -5.99
C ALA N 8 -27.14 59.21 -5.53
N LEU N 9 -26.80 58.03 -5.02
CA LEU N 9 -25.45 57.78 -4.55
C LEU N 9 -24.44 57.86 -5.68
N ILE N 10 -24.78 57.30 -6.84
CA ILE N 10 -23.85 57.35 -7.97
C ILE N 10 -23.66 58.78 -8.45
N ASP N 11 -24.76 59.53 -8.56
CA ASP N 11 -24.69 60.87 -9.15
C ASP N 11 -23.96 61.84 -8.23
N ASN N 12 -24.31 61.85 -6.94
CA ASN N 12 -23.81 62.87 -6.03
C ASN N 12 -22.50 62.51 -5.35
N ILE N 13 -21.94 61.33 -5.61
CA ILE N 13 -20.67 60.90 -5.01
C ILE N 13 -19.78 60.44 -6.15
N LYS N 14 -18.52 60.91 -6.13
CA LYS N 14 -17.55 60.62 -7.18
C LYS N 14 -16.44 59.67 -6.75
N GLU N 15 -16.14 59.61 -5.46
CA GLU N 15 -15.24 58.55 -4.99
C GLU N 15 -15.84 57.17 -5.21
N LEU N 16 -17.16 57.08 -5.21
CA LEU N 16 -17.84 55.80 -5.34
C LEU N 16 -17.54 55.16 -6.69
N LYS N 17 -17.35 53.84 -6.69
CA LYS N 17 -17.13 53.08 -7.90
C LYS N 17 -18.38 52.36 -8.38
N GLY N 18 -19.32 52.07 -7.48
CA GLY N 18 -20.55 51.41 -7.86
C GLY N 18 -21.43 51.14 -6.65
N CYS N 19 -22.74 51.15 -6.85
CA CYS N 19 -23.72 50.87 -5.80
C CYS N 19 -24.59 49.71 -6.24
N TYR N 20 -24.40 48.55 -5.63
CA TYR N 20 -24.97 47.29 -6.07
C TYR N 20 -26.11 46.87 -5.14
N GLU N 21 -26.70 45.73 -5.46
CA GLU N 21 -27.66 45.03 -4.63
C GLU N 21 -26.93 44.05 -3.72
N PRO N 22 -27.64 43.43 -2.73
CA PRO N 22 -26.93 42.67 -1.68
C PRO N 22 -25.82 41.69 -2.07
N ASN N 23 -26.10 40.68 -2.88
CA ASN N 23 -25.13 39.62 -3.15
C ASN N 23 -24.57 39.71 -4.56
N VAL N 24 -24.59 40.88 -5.17
CA VAL N 24 -24.15 41.07 -6.55
C VAL N 24 -22.63 41.09 -6.67
N PRO N 25 -21.91 42.01 -6.00
CA PRO N 25 -20.54 42.32 -6.44
C PRO N 25 -19.59 41.15 -6.26
N ASN N 26 -18.83 40.86 -7.32
CA ASN N 26 -17.80 39.84 -7.30
C ASN N 26 -16.60 40.31 -6.48
N LYS N 27 -15.66 39.39 -6.26
CA LYS N 27 -14.48 39.74 -5.48
C LYS N 27 -13.57 40.72 -6.21
N ASP N 28 -13.67 40.81 -7.53
CA ASP N 28 -12.86 41.74 -8.32
C ASP N 28 -13.52 43.10 -8.49
N THR N 29 -14.63 43.36 -7.83
CA THR N 29 -15.26 44.67 -7.93
C THR N 29 -14.36 45.73 -7.30
N LYS N 30 -14.33 46.91 -7.91
CA LYS N 30 -13.40 47.95 -7.51
C LYS N 30 -13.97 48.73 -6.34
N LYS N 31 -13.23 48.75 -5.23
CA LYS N 31 -13.62 49.48 -4.05
C LYS N 31 -13.22 50.95 -4.17
N PRO N 32 -13.90 51.85 -3.45
CA PRO N 32 -15.04 51.66 -2.56
C PRO N 32 -16.35 51.48 -3.32
N TYR N 33 -17.21 50.56 -2.86
CA TYR N 33 -18.53 50.36 -3.44
C TYR N 33 -19.53 50.25 -2.30
N MET N 34 -20.78 50.59 -2.60
CA MET N 34 -21.85 50.59 -1.62
C MET N 34 -22.89 49.54 -1.99
N VAL N 35 -23.68 49.14 -1.00
CA VAL N 35 -24.72 48.13 -1.16
C VAL N 35 -25.95 48.61 -0.41
N VAL N 36 -27.10 48.57 -1.08
CA VAL N 36 -28.35 49.09 -0.53
C VAL N 36 -29.21 47.89 -0.14
N VAL N 37 -29.46 47.74 1.15
CA VAL N 37 -30.20 46.62 1.71
C VAL N 37 -31.46 47.17 2.37
N GLN N 38 -32.61 46.71 1.90
CA GLN N 38 -33.89 47.10 2.50
C GLN N 38 -34.20 46.20 3.69
N GLY N 39 -34.85 46.79 4.70
CA GLY N 39 -35.21 46.09 5.92
C GLY N 39 -36.69 45.89 6.07
N GLN N 40 -37.15 45.90 7.31
CA GLN N 40 -38.55 45.67 7.60
C GLN N 40 -39.41 46.84 7.13
N ASP N 41 -40.70 46.60 7.03
CA ASP N 41 -41.72 47.63 6.95
C ASP N 41 -42.67 47.40 8.13
N ASN N 42 -42.69 48.33 9.07
CA ASN N 42 -43.42 48.17 10.32
C ASN N 42 -44.43 49.29 10.49
N ASP N 43 -45.62 48.94 10.96
CA ASP N 43 -46.68 49.90 11.24
C ASP N 43 -46.30 50.68 12.49
N HIS N 44 -45.89 51.94 12.31
CA HIS N 44 -45.44 52.79 13.40
C HIS N 44 -46.48 53.86 13.75
N GLY N 45 -47.75 53.51 13.69
CA GLY N 45 -48.82 54.38 14.15
C GLY N 45 -49.54 55.07 13.02
N GLU N 46 -50.60 55.79 13.40
CA GLU N 46 -51.44 56.46 12.42
C GLU N 46 -50.70 57.57 11.69
N THR N 47 -49.91 58.37 12.40
CA THR N 47 -49.29 59.55 11.79
C THR N 47 -48.19 59.19 10.81
N ILE N 48 -47.40 58.14 11.08
CA ILE N 48 -46.30 57.76 10.22
C ILE N 48 -46.69 56.68 9.23
N GLY N 49 -47.68 55.85 9.54
CA GLY N 49 -47.98 54.73 8.66
C GLY N 49 -46.86 53.72 8.72
N PHE N 50 -46.67 53.00 7.62
CA PHE N 50 -45.62 51.98 7.55
C PHE N 50 -44.28 52.67 7.31
N GLU N 51 -43.26 52.25 8.06
CA GLU N 51 -41.94 52.86 8.02
C GLU N 51 -40.93 51.82 7.57
N ARG N 52 -40.43 51.97 6.34
CA ARG N 52 -39.39 51.10 5.82
C ARG N 52 -38.04 51.51 6.39
N SER N 53 -37.17 50.52 6.58
CA SER N 53 -35.80 50.73 7.04
C SER N 53 -34.85 50.29 5.94
N ILE N 54 -33.95 51.19 5.54
CA ILE N 54 -33.02 50.97 4.44
C ILE N 54 -31.61 51.20 4.97
N GLU N 55 -30.70 50.29 4.63
CA GLU N 55 -29.31 50.38 5.01
C GLU N 55 -28.46 50.59 3.76
N VAL N 56 -27.42 51.39 3.89
CA VAL N 56 -26.44 51.63 2.83
C VAL N 56 -25.09 51.20 3.38
N TRP N 57 -24.60 50.05 2.93
CA TRP N 57 -23.37 49.47 3.45
C TRP N 57 -22.20 49.90 2.59
N ILE N 58 -21.38 50.79 3.11
CA ILE N 58 -20.19 51.27 2.41
C ILE N 58 -19.09 50.23 2.58
N TYR N 59 -18.24 50.10 1.55
CA TYR N 59 -17.09 49.21 1.59
C TYR N 59 -15.86 49.95 1.08
N GLU N 60 -14.70 49.50 1.54
CA GLU N 60 -13.45 50.23 1.32
C GLU N 60 -12.31 49.21 1.27
N GLY N 61 -11.17 49.65 0.74
CA GLY N 61 -10.08 48.74 0.46
C GLY N 61 -9.15 48.42 1.61
N ARG N 62 -9.58 48.68 2.84
CA ARG N 62 -8.79 48.39 4.04
C ARG N 62 -7.49 49.17 4.05
N THR N 63 -7.53 50.41 3.54
CA THR N 63 -6.42 51.32 3.73
C THR N 63 -6.46 51.94 5.13
N THR N 64 -7.53 52.67 5.41
CA THR N 64 -7.75 53.23 6.73
C THR N 64 -9.22 53.59 6.85
N PHE N 65 -9.67 53.76 8.09
CA PHE N 65 -11.07 54.06 8.34
C PHE N 65 -11.43 55.52 8.12
N LYS N 66 -10.44 56.41 8.00
CA LYS N 66 -10.75 57.82 7.77
C LYS N 66 -11.42 58.03 6.42
N LYS N 67 -10.94 57.30 5.40
CA LYS N 67 -11.59 57.36 4.10
C LYS N 67 -13.04 56.93 4.20
N LEU N 68 -13.30 55.86 4.96
CA LEU N 68 -14.65 55.38 5.13
C LEU N 68 -15.51 56.38 5.90
N ASP N 69 -14.94 57.06 6.89
CA ASP N 69 -15.69 58.07 7.62
C ASP N 69 -16.07 59.23 6.70
N LYS N 70 -15.13 59.66 5.85
CA LYS N 70 -15.44 60.71 4.88
C LYS N 70 -16.55 60.27 3.94
N LEU N 71 -16.47 59.03 3.45
CA LEU N 71 -17.51 58.52 2.57
C LEU N 71 -18.86 58.45 3.28
N THR N 72 -18.85 58.09 4.57
CA THR N 72 -20.07 58.02 5.34
C THR N 72 -20.71 59.39 5.49
N LYS N 73 -19.90 60.41 5.78
CA LYS N 73 -20.43 61.76 5.87
C LYS N 73 -21.00 62.20 4.53
N GLN N 74 -20.34 61.82 3.43
CA GLN N 74 -20.88 62.14 2.12
C GLN N 74 -22.24 61.50 1.89
N VAL N 75 -22.37 60.21 2.24
CA VAL N 75 -23.65 59.52 2.03
C VAL N 75 -24.74 60.14 2.88
N VAL N 76 -24.43 60.47 4.13
CA VAL N 76 -25.40 61.12 5.00
C VAL N 76 -25.84 62.45 4.40
N GLU N 77 -24.89 63.22 3.86
CA GLU N 77 -25.24 64.48 3.22
C GLU N 77 -26.15 64.26 2.03
N VAL N 78 -25.87 63.22 1.23
CA VAL N 78 -26.64 63.02 0.00
C VAL N 78 -28.08 62.60 0.32
N LEU N 79 -28.26 61.63 1.20
CA LEU N 79 -29.57 60.99 1.33
C LEU N 79 -30.43 61.56 2.45
N ASP N 80 -29.86 62.26 3.42
CA ASP N 80 -30.62 62.68 4.60
C ASP N 80 -31.62 63.76 4.22
N MET N 81 -32.90 63.38 4.21
CA MET N 81 -34.04 64.29 4.05
C MET N 81 -34.12 64.97 2.69
N ASN N 82 -33.30 64.57 1.73
CA ASN N 82 -33.38 65.09 0.38
C ASN N 82 -34.34 64.23 -0.43
N THR N 83 -35.33 64.86 -1.04
CA THR N 83 -36.30 64.11 -1.84
C THR N 83 -35.60 63.46 -3.03
N ILE N 84 -35.87 62.17 -3.22
CA ILE N 84 -35.25 61.37 -4.26
C ILE N 84 -36.38 60.78 -5.10
N VAL N 85 -36.19 60.75 -6.41
CA VAL N 85 -37.20 60.27 -7.35
C VAL N 85 -36.70 58.95 -7.94
N ASP N 86 -37.54 57.92 -7.84
CA ASP N 86 -37.23 56.61 -8.41
C ASP N 86 -37.82 56.56 -9.80
N GLU N 87 -36.96 56.61 -10.82
CA GLU N 87 -37.43 56.70 -12.19
C GLU N 87 -38.14 55.42 -12.62
N SER N 88 -37.69 54.27 -12.14
CA SER N 88 -38.34 53.00 -12.52
C SER N 88 -39.78 52.98 -12.03
N GLU N 89 -39.99 53.24 -10.73
CA GLU N 89 -41.35 53.29 -10.20
C GLU N 89 -42.06 54.58 -10.55
N ASN N 90 -41.31 55.63 -10.92
CA ASN N 90 -41.87 56.95 -11.17
C ASN N 90 -42.65 57.47 -9.96
N GLU N 91 -42.08 57.27 -8.79
CA GLU N 91 -42.61 57.84 -7.55
C GLU N 91 -41.45 58.18 -6.63
N ALA N 92 -41.61 59.24 -5.86
CA ALA N 92 -40.54 59.80 -5.05
C ALA N 92 -40.62 59.31 -3.61
N PHE N 93 -39.57 59.61 -2.86
CA PHE N 93 -39.51 59.30 -1.44
C PHE N 93 -38.49 60.23 -0.80
N THR N 94 -38.38 60.16 0.52
CA THR N 94 -37.50 61.05 1.29
C THR N 94 -36.89 60.23 2.43
N CYS N 95 -35.68 59.74 2.22
CA CYS N 95 -34.99 58.98 3.25
C CYS N 95 -34.64 59.88 4.43
N ILE N 96 -34.63 59.28 5.62
CA ILE N 96 -34.31 59.97 6.87
C ILE N 96 -33.14 59.26 7.52
N TYR N 97 -32.14 60.03 7.92
CA TYR N 97 -31.00 59.45 8.62
C TYR N 97 -31.43 58.98 10.01
N LYS N 98 -30.95 57.81 10.41
CA LYS N 98 -31.31 57.20 11.69
C LYS N 98 -30.13 56.75 12.52
N GLY N 99 -29.02 56.38 11.90
CA GLY N 99 -27.85 55.97 12.68
C GLY N 99 -26.79 55.24 11.89
N THR N 100 -26.23 54.20 12.50
CA THR N 100 -25.10 53.48 11.92
C THR N 100 -25.16 52.04 12.41
N SER N 101 -24.48 51.15 11.69
CA SER N 101 -24.44 49.74 12.07
C SER N 101 -23.84 49.58 13.47
N GLU N 102 -23.92 48.35 13.97
CA GLU N 102 -23.58 48.08 15.36
C GLU N 102 -22.13 48.45 15.67
N ASN N 103 -21.22 48.10 14.77
CA ASN N 103 -19.82 48.48 14.91
C ASN N 103 -19.27 48.77 13.52
N ASP N 104 -17.98 49.03 13.46
CA ASP N 104 -17.26 49.28 12.21
C ASP N 104 -16.48 48.02 11.88
N ILE N 105 -17.09 47.13 11.11
CA ILE N 105 -16.58 45.78 10.96
C ILE N 105 -15.34 45.78 10.08
N VAL N 106 -14.60 44.68 10.14
CA VAL N 106 -13.48 44.41 9.25
C VAL N 106 -13.63 42.99 8.72
N VAL N 107 -13.60 42.87 7.39
CA VAL N 107 -13.77 41.59 6.71
C VAL N 107 -12.43 41.27 6.05
N GLU N 108 -11.71 40.30 6.62
CA GLU N 108 -10.37 40.00 6.15
C GLU N 108 -10.38 39.18 4.87
N GLU N 109 -11.31 38.22 4.74
CA GLU N 109 -11.33 37.37 3.55
C GLU N 109 -11.58 38.18 2.29
N TRP N 110 -12.39 39.24 2.38
CA TRP N 110 -12.59 40.17 1.27
C TRP N 110 -11.54 41.27 1.22
N ASP N 111 -10.72 41.42 2.26
CA ASP N 111 -9.75 42.50 2.35
C ASP N 111 -10.45 43.86 2.24
N ALA N 112 -11.32 44.13 3.20
CA ALA N 112 -12.12 45.34 3.17
C ALA N 112 -12.57 45.69 4.58
N ILE N 113 -13.01 46.93 4.72
CA ILE N 113 -13.67 47.41 5.93
C ILE N 113 -15.02 47.99 5.51
N ALA N 114 -16.03 47.77 6.35
CA ALA N 114 -17.40 48.12 6.01
C ALA N 114 -18.05 48.86 7.17
N ARG N 115 -19.04 49.67 6.84
CA ARG N 115 -19.84 50.39 7.81
C ARG N 115 -21.22 50.60 7.22
N GLY N 116 -22.25 50.25 7.99
CA GLY N 116 -23.61 50.32 7.51
C GLY N 116 -24.36 51.52 8.04
N ILE N 117 -24.60 52.51 7.17
CA ILE N 117 -25.47 53.62 7.52
C ILE N 117 -26.90 53.12 7.50
N ARG N 118 -27.74 53.70 8.34
CA ARG N 118 -29.09 53.22 8.59
C ARG N 118 -30.07 54.35 8.30
N PHE N 119 -30.83 54.20 7.21
CA PHE N 119 -31.86 55.16 6.81
C PHE N 119 -33.24 54.54 7.00
N SER N 120 -34.26 55.38 6.84
CA SER N 120 -35.63 54.91 6.91
C SER N 120 -36.50 55.81 6.06
N VAL N 121 -37.67 55.29 5.67
CA VAL N 121 -38.63 55.99 4.85
C VAL N 121 -39.98 55.93 5.57
N ILE N 122 -40.82 56.93 5.32
CA ILE N 122 -42.04 57.15 6.09
C ILE N 122 -43.25 56.90 5.20
N ALA N 123 -44.31 56.36 5.80
CA ALA N 123 -45.64 56.29 5.19
C ALA N 123 -45.61 55.62 3.82
N LEU N 124 -45.25 54.34 3.81
CA LEU N 124 -45.15 53.62 2.55
C LEU N 124 -46.50 53.49 1.85
N GLU N 125 -47.56 53.21 2.62
CA GLU N 125 -48.85 52.90 2.00
C GLU N 125 -49.58 54.16 1.53
N ASP N 126 -49.32 55.31 2.12
CA ASP N 126 -50.08 56.52 1.84
C ASP N 126 -49.65 57.15 0.52
N LYS N 127 -50.62 57.58 -0.28
CA LYS N 127 -50.38 58.23 -1.55
C LYS N 127 -51.30 59.40 -1.84
N GLU N 128 -52.18 59.78 -0.92
CA GLU N 128 -53.27 60.71 -1.22
C GLU N 128 -52.93 62.15 -0.86
N ASP N 129 -52.62 62.39 0.41
CA ASP N 129 -52.48 63.74 0.95
C ASP N 129 -53.78 64.53 0.79
N THR N 130 -54.89 63.88 1.13
CA THR N 130 -56.20 64.52 1.15
C THR N 130 -56.89 64.10 2.44
N THR N 131 -57.89 64.89 2.83
CA THR N 131 -58.58 64.67 4.09
C THR N 131 -60.03 65.08 3.98
N ASN N 132 -60.90 64.33 4.66
CA ASN N 132 -62.27 64.72 4.88
C ASN N 132 -62.48 65.45 6.20
N ASP N 133 -61.41 65.72 6.95
CA ASP N 133 -61.48 66.57 8.13
C ASP N 133 -61.37 68.02 7.65
N ARG N 134 -62.49 68.73 7.69
CA ARG N 134 -62.52 70.09 7.17
C ARG N 134 -61.63 71.01 7.99
N TRP N 135 -61.56 70.78 9.29
CA TRP N 135 -60.75 71.63 10.16
C TRP N 135 -59.28 71.51 9.81
N VAL N 136 -58.83 70.28 9.56
CA VAL N 136 -57.44 70.04 9.17
C VAL N 136 -57.15 70.73 7.85
N GLU N 137 -58.07 70.65 6.90
CA GLU N 137 -57.89 71.32 5.62
C GLU N 137 -57.76 72.82 5.82
N ALA N 138 -58.61 73.40 6.67
CA ALA N 138 -58.59 74.84 6.89
C ALA N 138 -57.26 75.28 7.50
N LEU N 139 -56.80 74.56 8.53
CA LEU N 139 -55.57 74.96 9.18
C LEU N 139 -54.33 74.68 8.33
N SER N 140 -54.37 73.62 7.52
CA SER N 140 -53.26 73.41 6.59
C SER N 140 -53.20 74.53 5.56
N ARG N 141 -54.36 74.97 5.06
CA ARG N 141 -54.39 76.11 4.16
C ARG N 141 -53.84 77.36 4.84
N HIS N 142 -54.25 77.58 6.08
CA HIS N 142 -53.78 78.76 6.82
C HIS N 142 -52.27 78.71 7.01
N THR N 143 -51.74 77.54 7.36
CA THR N 143 -50.30 77.41 7.54
C THR N 143 -49.55 77.63 6.23
N LYS N 144 -50.07 77.09 5.13
CA LYS N 144 -49.41 77.29 3.84
C LYS N 144 -49.42 78.76 3.45
N ASP N 145 -50.54 79.45 3.64
CA ASP N 145 -50.60 80.86 3.27
C ASP N 145 -49.69 81.70 4.15
N LEU N 146 -49.76 81.50 5.47
CA LEU N 146 -48.95 82.29 6.39
C LEU N 146 -47.47 82.04 6.20
N LEU N 147 -47.09 80.77 6.01
CA LEU N 147 -45.72 80.32 6.20
C LEU N 147 -45.00 80.02 4.89
N GLU N 148 -45.74 79.79 3.80
CA GLU N 148 -45.16 79.57 2.49
C GLU N 148 -44.25 78.34 2.49
N ILE N 149 -44.75 77.25 3.06
CA ILE N 149 -44.10 75.94 2.99
C ILE N 149 -45.18 74.91 2.72
N GLU N 150 -44.75 73.68 2.47
CA GLU N 150 -45.69 72.58 2.30
C GLU N 150 -46.53 72.41 3.56
N SER N 151 -47.72 71.85 3.40
CA SER N 151 -48.63 71.63 4.53
C SER N 151 -49.43 70.38 4.24
N TYR N 152 -48.97 69.25 4.77
CA TYR N 152 -49.69 68.00 4.65
C TYR N 152 -50.78 67.94 5.71
N LYS N 153 -51.80 67.11 5.47
CA LYS N 153 -53.07 67.28 6.13
C LYS N 153 -53.30 66.17 7.13
N ASP N 154 -53.35 64.91 6.71
CA ASP N 154 -53.85 63.86 7.60
C ASP N 154 -52.71 63.05 8.20
N ASN N 155 -51.66 62.79 7.42
CA ASN N 155 -50.55 61.96 7.85
C ASN N 155 -49.41 62.17 6.87
N TRP N 156 -48.21 61.74 7.27
CA TRP N 156 -47.04 61.95 6.44
C TRP N 156 -47.19 61.22 5.10
N LYS N 157 -46.57 61.79 4.08
CA LYS N 157 -46.47 61.16 2.77
C LYS N 157 -45.00 60.89 2.48
N LYS N 158 -44.75 59.82 1.72
CA LYS N 158 -43.39 59.27 1.63
C LYS N 158 -42.40 60.23 1.00
N ASN N 159 -42.88 61.20 0.21
CA ASN N 159 -42.02 62.13 -0.51
C ASN N 159 -42.15 63.55 0.02
N PHE N 160 -42.21 63.72 1.34
CA PHE N 160 -42.36 65.04 1.92
C PHE N 160 -41.13 65.91 1.61
N ILE N 161 -41.39 67.19 1.37
CA ILE N 161 -40.36 68.15 0.99
C ILE N 161 -39.99 68.96 2.21
N ALA N 162 -38.85 68.65 2.82
CA ALA N 162 -38.39 69.43 3.95
C ALA N 162 -37.93 70.80 3.48
N PRO N 163 -38.30 71.90 4.16
CA PRO N 163 -39.12 72.03 5.37
C PRO N 163 -40.60 71.88 5.07
N CYS N 164 -41.39 71.45 6.05
CA CYS N 164 -42.82 71.25 5.84
C CYS N 164 -43.51 71.25 7.19
N ALA N 165 -44.84 71.18 7.15
CA ALA N 165 -45.67 71.09 8.33
C ALA N 165 -46.79 70.09 8.09
N LEU N 166 -47.28 69.51 9.18
CA LEU N 166 -48.37 68.54 9.13
C LEU N 166 -49.36 68.92 10.23
N TRP N 167 -50.64 68.69 9.99
CA TRP N 167 -51.71 69.24 10.82
C TRP N 167 -52.77 68.19 11.14
N ARG N 168 -52.32 67.03 11.61
CA ARG N 168 -53.27 65.97 11.95
C ARG N 168 -54.10 66.35 13.17
N THR N 169 -55.29 65.75 13.26
CA THR N 169 -56.12 65.86 14.44
C THR N 169 -55.98 64.61 15.29
N THR N 170 -56.02 64.79 16.61
CA THR N 170 -55.81 63.71 17.56
C THR N 170 -57.09 63.29 18.28
N HIS N 171 -57.86 64.25 18.79
CA HIS N 171 -58.94 63.99 19.71
C HIS N 171 -60.12 64.89 19.37
N ILE N 172 -61.32 64.34 19.41
CA ILE N 172 -62.54 65.09 19.09
C ILE N 172 -63.60 64.92 20.17
N GLU N 173 -64.20 66.04 20.58
CA GLU N 173 -65.21 66.07 21.63
C GLU N 173 -66.41 66.86 21.12
N ASN N 174 -67.55 66.20 21.03
CA ASN N 174 -68.81 66.84 20.66
C ASN N 174 -69.68 67.03 21.89
N LYS N 175 -70.56 68.02 21.82
CA LYS N 175 -71.31 68.42 23.00
C LYS N 175 -72.57 69.15 22.57
N ARG N 176 -73.72 68.68 23.02
CA ARG N 176 -74.99 69.35 22.74
C ARG N 176 -75.21 70.36 23.87
N ILE N 177 -74.67 71.56 23.68
CA ILE N 177 -74.75 72.58 24.72
C ILE N 177 -76.18 73.02 24.96
N ASN N 178 -77.01 73.05 23.93
CA ASN N 178 -78.35 73.59 24.00
C ASN N 178 -79.24 72.77 23.07
N TYR N 179 -80.53 73.09 23.08
CA TYR N 179 -81.45 72.41 22.17
C TYR N 179 -81.07 72.68 20.71
N HIS N 180 -80.74 73.94 20.39
CA HIS N 180 -80.46 74.34 19.03
C HIS N 180 -78.98 74.35 18.67
N LEU N 181 -78.08 74.27 19.64
CA LEU N 181 -76.65 74.46 19.42
C LEU N 181 -75.89 73.19 19.76
N ILE N 182 -74.79 72.97 19.06
CA ILE N 182 -73.87 71.87 19.33
C ILE N 182 -72.45 72.40 19.25
N GLU N 183 -71.62 71.99 20.21
CA GLU N 183 -70.23 72.42 20.31
C GLU N 183 -69.33 71.27 19.87
N ILE N 184 -68.43 71.56 18.95
CA ILE N 184 -67.48 70.59 18.42
C ILE N 184 -66.09 71.09 18.77
N THR N 185 -65.32 70.27 19.48
CA THR N 185 -63.98 70.62 19.94
C THR N 185 -62.98 69.61 19.39
N LYS N 186 -61.82 70.09 18.96
CA LYS N 186 -60.76 69.25 18.43
C LYS N 186 -59.43 69.74 18.98
N THR N 187 -58.59 68.82 19.46
CA THR N 187 -57.25 69.15 19.94
C THR N 187 -56.29 68.72 18.84
N MET N 188 -56.01 69.64 17.92
CA MET N 188 -55.24 69.33 16.73
C MET N 188 -53.77 69.62 16.97
N LYS N 189 -52.92 68.65 16.68
CA LYS N 189 -51.48 68.77 16.87
C LYS N 189 -50.81 69.01 15.54
N CYS N 190 -49.71 69.77 15.56
CA CYS N 190 -49.02 70.20 14.35
C CYS N 190 -47.54 69.88 14.45
N HIS N 191 -46.98 69.44 13.32
CA HIS N 191 -45.56 69.15 13.18
C HIS N 191 -44.89 70.24 12.37
N VAL N 192 -43.58 70.37 12.55
CA VAL N 192 -42.73 71.16 11.66
C VAL N 192 -41.43 70.40 11.49
N VAL N 193 -41.07 70.13 10.24
CA VAL N 193 -39.88 69.36 9.89
C VAL N 193 -38.95 70.28 9.13
N SER N 194 -37.65 70.11 9.33
CA SER N 194 -36.63 70.82 8.56
C SER N 194 -35.27 70.25 8.92
N LYS N 195 -34.33 70.41 8.00
CA LYS N 195 -32.95 70.03 8.29
C LYS N 195 -32.32 70.98 9.30
N ASN N 196 -32.77 72.24 9.32
CA ASN N 196 -32.25 73.25 10.22
C ASN N 196 -33.21 73.39 11.41
N LYS N 197 -32.76 72.95 12.59
CA LYS N 197 -33.63 72.96 13.76
C LYS N 197 -33.99 74.37 14.18
N ASP N 198 -33.07 75.32 14.03
CA ASP N 198 -33.40 76.72 14.31
C ASP N 198 -34.53 77.20 13.41
N GLU N 199 -34.57 76.71 12.17
CA GLU N 199 -35.69 77.03 11.30
C GLU N 199 -36.99 76.46 11.86
N ILE N 200 -36.94 75.28 12.46
CA ILE N 200 -38.12 74.71 13.09
C ILE N 200 -38.61 75.64 14.20
N VAL N 201 -37.67 76.12 15.01
CA VAL N 201 -38.04 77.00 16.11
C VAL N 201 -38.68 78.28 15.57
N LYS N 202 -38.09 78.87 14.54
CA LYS N 202 -38.62 80.12 13.99
C LYS N 202 -40.01 79.89 13.39
N LEU N 203 -40.18 78.80 12.64
CA LEU N 203 -41.47 78.52 12.02
C LEU N 203 -42.55 78.31 13.07
N LEU N 204 -42.23 77.57 14.14
CA LEU N 204 -43.19 77.35 15.21
C LEU N 204 -43.53 78.67 15.90
N GLU N 205 -42.53 79.53 16.12
CA GLU N 205 -42.77 80.80 16.76
C GLU N 205 -43.74 81.65 15.94
N THR N 206 -43.48 81.78 14.65
CA THR N 206 -44.35 82.63 13.82
C THR N 206 -45.75 82.02 13.70
N LEU N 207 -45.84 80.70 13.61
CA LEU N 207 -47.16 80.07 13.52
C LEU N 207 -47.96 80.30 14.80
N GLU N 208 -47.30 80.16 15.95
CA GLU N 208 -47.98 80.40 17.23
C GLU N 208 -48.44 81.84 17.33
N THR N 209 -47.57 82.79 16.98
CA THR N 209 -47.93 84.19 17.08
C THR N 209 -49.11 84.51 16.17
N SER N 210 -49.10 83.96 14.96
CA SER N 210 -50.22 84.17 14.04
C SER N 210 -51.51 83.61 14.61
N LEU N 211 -51.45 82.39 15.15
CA LEU N 211 -52.66 81.78 15.69
C LEU N 211 -53.19 82.55 16.88
N ILE N 212 -52.31 83.20 17.65
CA ILE N 212 -52.75 83.92 18.83
C ILE N 212 -53.33 85.29 18.45
N ILE N 213 -52.58 86.08 17.69
CA ILE N 213 -53.03 87.44 17.39
C ILE N 213 -54.28 87.41 16.53
N ASP N 214 -54.38 86.46 15.61
CA ASP N 214 -55.61 86.18 14.87
C ASP N 214 -56.25 84.99 15.56
N LYS N 215 -57.20 85.27 16.46
CA LYS N 215 -57.69 84.27 17.40
C LYS N 215 -58.68 83.28 16.77
N ARG N 216 -58.87 83.29 15.45
CA ARG N 216 -59.74 82.34 14.80
C ARG N 216 -59.27 82.14 13.36
N VAL N 217 -59.78 81.08 12.73
CA VAL N 217 -59.30 80.62 11.44
C VAL N 217 -60.49 80.38 10.53
N ARG N 218 -60.34 80.80 9.26
CA ARG N 218 -61.40 80.64 8.27
C ARG N 218 -61.52 79.18 7.88
N LEU N 219 -62.64 78.55 8.22
CA LEU N 219 -62.84 77.15 7.87
C LEU N 219 -62.90 76.98 6.36
N ARG N 220 -63.61 77.88 5.68
CA ARG N 220 -63.74 77.86 4.24
C ARG N 220 -63.65 79.28 3.72
N GLU N 221 -63.40 79.41 2.41
CA GLU N 221 -63.25 80.74 1.82
C GLU N 221 -64.56 81.52 1.78
N ASP N 222 -65.71 80.88 2.06
CA ASP N 222 -66.96 81.61 2.14
C ASP N 222 -67.05 82.51 3.36
N LYS N 223 -66.17 82.35 4.35
CA LYS N 223 -66.14 83.19 5.55
C LYS N 223 -67.45 83.07 6.34
N ASN N 224 -68.04 81.89 6.34
CA ASN N 224 -69.25 81.62 7.11
C ASN N 224 -68.93 81.04 8.49
N MET N 225 -68.08 80.02 8.54
CA MET N 225 -67.70 79.36 9.78
C MET N 225 -66.38 79.94 10.29
N TYR N 226 -66.03 79.57 11.52
CA TYR N 226 -64.77 79.97 12.11
C TYR N 226 -64.38 78.96 13.17
N LEU N 227 -63.07 78.86 13.43
CA LEU N 227 -62.52 77.98 14.46
C LEU N 227 -61.87 78.85 15.52
N THR N 228 -62.64 79.24 16.53
CA THR N 228 -62.10 80.09 17.58
C THR N 228 -61.08 79.30 18.39
N LEU N 229 -59.89 79.87 18.54
CA LEU N 229 -58.82 79.19 19.25
C LEU N 229 -59.14 79.12 20.74
N VAL N 230 -58.63 78.08 21.40
CA VAL N 230 -58.77 77.89 22.83
C VAL N 230 -57.42 77.93 23.53
N SER N 231 -56.44 77.19 23.01
CA SER N 231 -55.10 77.19 23.58
C SER N 231 -54.12 76.56 22.61
N VAL N 232 -52.99 77.21 22.39
CA VAL N 232 -51.92 76.70 21.53
C VAL N 232 -50.67 76.57 22.38
N VAL N 233 -50.04 75.41 22.31
CA VAL N 233 -48.94 75.05 23.20
C VAL N 233 -47.92 74.25 22.40
N GLU N 234 -46.64 74.55 22.62
CA GLU N 234 -45.54 73.86 21.95
C GLU N 234 -44.74 73.07 22.98
N ASP N 235 -44.32 71.88 22.58
CA ASP N 235 -43.49 70.99 23.39
C ASP N 235 -42.25 70.65 22.56
N ARG N 236 -41.21 71.47 22.71
CA ARG N 236 -40.03 71.35 21.86
C ARG N 236 -39.35 70.00 22.03
N GLU N 237 -39.44 69.40 23.22
CA GLU N 237 -38.81 68.10 23.44
C GLU N 237 -39.48 67.00 22.61
N SER N 238 -40.74 67.18 22.23
CA SER N 238 -41.47 66.12 21.55
C SER N 238 -40.83 65.84 20.20
N ASP N 239 -40.97 64.60 19.74
CA ASP N 239 -40.30 64.16 18.53
C ASP N 239 -40.81 64.93 17.33
N MET N 240 -39.90 65.17 16.38
CA MET N 240 -40.22 65.96 15.20
C MET N 240 -41.25 65.25 14.32
N PHE N 241 -41.12 63.94 14.16
CA PHE N 241 -41.92 63.17 13.21
C PHE N 241 -43.11 62.48 13.84
N THR N 242 -42.89 61.65 14.87
CA THR N 242 -43.98 60.88 15.45
C THR N 242 -45.01 61.81 16.11
N THR N 243 -44.58 62.54 17.14
CA THR N 243 -45.54 63.26 17.98
C THR N 243 -45.95 64.60 17.36
N GLY N 244 -45.00 65.52 17.21
CA GLY N 244 -45.29 66.87 16.75
C GLY N 244 -45.14 67.91 17.84
N GLN N 245 -44.58 69.06 17.49
CA GLN N 245 -44.21 70.05 18.51
C GLN N 245 -45.44 70.76 19.07
N LEU N 246 -46.32 71.21 18.20
CA LEU N 246 -47.34 72.19 18.57
C LEU N 246 -48.70 71.52 18.75
N THR N 247 -49.36 71.80 19.86
CA THR N 247 -50.69 71.30 20.17
C THR N 247 -51.65 72.48 20.25
N ALA N 248 -52.72 72.44 19.46
CA ALA N 248 -53.72 73.50 19.42
C ALA N 248 -55.09 72.89 19.64
N VAL N 249 -55.95 73.65 20.32
CA VAL N 249 -57.31 73.24 20.62
C VAL N 249 -58.26 74.26 20.03
N PHE N 250 -59.13 73.81 19.12
CA PHE N 250 -60.09 74.66 18.44
C PHE N 250 -61.48 74.19 18.76
N LYS N 251 -62.44 75.11 18.79
CA LYS N 251 -63.83 74.79 19.02
C LYS N 251 -64.71 75.55 18.03
N MET N 252 -65.89 75.00 17.78
CA MET N 252 -66.85 75.59 16.85
C MET N 252 -68.24 75.24 17.35
N ILE N 253 -69.19 76.15 17.14
CA ILE N 253 -70.56 75.99 17.61
C ILE N 253 -71.45 75.95 16.38
N GLY N 254 -72.05 74.79 16.13
CA GLY N 254 -73.03 74.64 15.08
C GLY N 254 -74.40 75.07 15.57
N LYS N 255 -75.38 75.01 14.67
CA LYS N 255 -76.76 75.30 14.97
C LYS N 255 -77.63 74.27 14.29
N ILE N 256 -78.59 73.70 15.04
CA ILE N 256 -79.44 72.67 14.47
C ILE N 256 -80.26 73.25 13.33
N LYS N 257 -80.18 72.58 12.18
CA LYS N 257 -80.73 73.11 10.93
C LYS N 257 -82.20 72.72 10.81
N ARG N 258 -83.04 73.53 11.44
CA ARG N 258 -84.48 73.34 11.40
C ARG N 258 -85.19 74.68 11.31
N GLU N 259 -86.16 74.76 10.42
CA GLU N 259 -87.00 75.94 10.22
C GLU N 259 -88.45 75.49 10.22
N GLY N 260 -89.35 76.45 10.00
CA GLY N 260 -90.76 76.16 9.95
C GLY N 260 -91.53 77.24 9.22
N PRO N 261 -92.84 77.04 9.06
CA PRO N 261 -93.65 78.03 8.36
C PRO N 261 -93.74 79.32 9.16
N THR N 262 -93.95 80.42 8.44
CA THR N 262 -93.94 81.77 8.99
C THR N 262 -95.30 82.44 8.81
N MET N 263 -95.67 83.27 9.79
CA MET N 263 -96.95 83.99 9.76
C MET N 263 -96.75 85.30 9.00
N ASP N 264 -96.73 85.18 7.67
CA ASP N 264 -96.59 86.37 6.84
C ASP N 264 -97.78 87.30 6.97
N LYS N 265 -99.00 86.75 6.88
CA LYS N 265 -100.23 87.52 6.85
C LYS N 265 -101.20 86.99 7.91
N ILE N 266 -101.85 87.92 8.62
CA ILE N 266 -102.83 87.61 9.65
C ILE N 266 -104.08 88.42 9.34
N TYR N 267 -105.25 87.82 9.57
CA TYR N 267 -106.52 88.46 9.21
C TYR N 267 -107.61 88.07 10.19
N GLY N 268 -108.53 89.00 10.42
CA GLY N 268 -109.67 88.72 11.29
C GLY N 268 -110.76 89.76 11.14
N ASN N 269 -111.94 89.39 11.63
CA ASN N 269 -113.15 90.21 11.55
C ASN N 269 -113.67 90.50 12.95
N GLY N 270 -114.61 91.45 13.01
CA GLY N 270 -115.21 91.86 14.26
C GLY N 270 -116.73 91.72 14.22
N ASN N 271 -117.29 91.27 15.33
CA ASN N 271 -118.73 91.12 15.49
C ASN N 271 -119.10 91.64 16.87
N LEU N 272 -120.37 91.43 17.25
CA LEU N 272 -120.87 91.85 18.55
C LEU N 272 -121.87 90.84 19.11
N ILE O 2 -14.84 -2.27 -22.14
CA ILE O 2 -15.74 -3.28 -21.53
C ILE O 2 -17.00 -3.42 -22.36
N ASN O 3 -17.42 -4.67 -22.60
CA ASN O 3 -18.62 -4.95 -23.36
C ASN O 3 -19.82 -5.10 -22.43
N ILE O 4 -21.01 -4.82 -22.97
CA ILE O 4 -22.22 -4.83 -22.16
C ILE O 4 -22.48 -6.23 -21.61
N ASP O 5 -22.22 -7.27 -22.41
CA ASP O 5 -22.50 -8.63 -21.97
C ASP O 5 -21.63 -9.02 -20.79
N ARG O 6 -20.37 -8.57 -20.78
CA ARG O 6 -19.49 -8.81 -19.65
C ARG O 6 -20.09 -8.23 -18.36
N ARG O 7 -20.52 -6.98 -18.42
CA ARG O 7 -21.10 -6.33 -17.24
C ARG O 7 -22.38 -7.04 -16.81
N ARG O 8 -23.22 -7.42 -17.77
CA ARG O 8 -24.47 -8.10 -17.43
C ARG O 8 -24.20 -9.44 -16.75
N LYS O 9 -23.28 -10.22 -17.31
CA LYS O 9 -22.93 -11.50 -16.72
C LYS O 9 -22.38 -11.32 -15.32
N ASP O 10 -21.50 -10.33 -15.13
CA ASP O 10 -20.90 -10.13 -13.82
C ASP O 10 -21.94 -9.71 -12.79
N ILE O 11 -22.84 -8.79 -13.16
CA ILE O 11 -23.87 -8.35 -12.22
C ILE O 11 -24.77 -9.50 -11.84
N ILE O 12 -25.21 -10.28 -12.85
CA ILE O 12 -26.15 -11.36 -12.56
C ILE O 12 -25.48 -12.43 -11.71
N ARG O 13 -24.21 -12.74 -12.02
CA ARG O 13 -23.48 -13.72 -11.21
C ARG O 13 -23.37 -13.24 -9.77
N THR O 14 -22.94 -12.00 -9.58
CA THR O 14 -22.71 -11.49 -8.22
C THR O 14 -24.01 -11.46 -7.43
N ILE O 15 -25.11 -11.10 -8.08
CA ILE O 15 -26.40 -11.14 -7.39
C ILE O 15 -26.75 -12.58 -7.04
N ASN O 16 -26.42 -13.53 -7.94
CA ASN O 16 -26.82 -14.91 -7.72
C ASN O 16 -25.92 -15.65 -6.73
N ILE O 17 -24.77 -15.09 -6.36
CA ILE O 17 -23.97 -15.73 -5.32
C ILE O 17 -24.73 -15.71 -3.99
N ASN O 18 -25.46 -14.63 -3.72
CA ASN O 18 -26.15 -14.46 -2.45
C ASN O 18 -27.39 -13.58 -2.64
N PRO O 19 -28.35 -14.00 -3.45
CA PRO O 19 -29.52 -13.16 -3.71
C PRO O 19 -30.49 -13.18 -2.55
N THR O 20 -31.28 -12.11 -2.47
CA THR O 20 -32.41 -12.02 -1.55
C THR O 20 -33.58 -11.41 -2.30
N ASN O 21 -34.75 -12.03 -2.20
CA ASN O 21 -35.96 -11.48 -2.80
C ASN O 21 -36.46 -10.34 -1.93
N ILE O 22 -36.69 -9.19 -2.55
CA ILE O 22 -36.97 -7.95 -1.85
C ILE O 22 -38.26 -7.35 -2.40
N THR O 23 -39.06 -6.76 -1.51
CA THR O 23 -40.33 -6.13 -1.87
C THR O 23 -40.15 -4.62 -1.69
N ILE O 24 -39.65 -3.98 -2.75
CA ILE O 24 -39.51 -2.53 -2.73
C ILE O 24 -40.89 -1.90 -2.73
N THR O 25 -41.09 -0.90 -1.87
CA THR O 25 -42.30 -0.09 -1.87
C THR O 25 -41.90 1.34 -2.19
N SER O 26 -42.56 1.92 -3.21
CA SER O 26 -42.23 3.25 -3.71
C SER O 26 -43.38 4.19 -3.41
N ILE O 27 -43.08 5.29 -2.73
CA ILE O 27 -44.03 6.35 -2.47
C ILE O 27 -43.56 7.57 -3.24
N LYS O 28 -44.26 7.91 -4.30
CA LYS O 28 -43.91 9.03 -5.16
C LYS O 28 -44.85 10.19 -4.87
N LYS O 29 -44.29 11.33 -4.46
CA LYS O 29 -45.08 12.50 -4.15
C LYS O 29 -45.37 13.27 -5.43
N THR O 30 -46.63 13.63 -5.63
CA THR O 30 -47.09 14.33 -6.83
C THR O 30 -47.65 15.68 -6.42
N GLU O 31 -47.20 16.74 -7.08
CA GLU O 31 -47.59 18.09 -6.73
C GLU O 31 -49.03 18.34 -7.17
N ILE O 32 -49.91 18.63 -6.22
CA ILE O 32 -51.32 18.87 -6.48
C ILE O 32 -51.76 20.04 -5.61
N ASP O 33 -52.10 21.16 -6.25
CA ASP O 33 -52.55 22.36 -5.54
C ASP O 33 -51.50 22.82 -4.52
N GLY O 34 -50.24 22.77 -4.93
CA GLY O 34 -49.18 23.21 -4.05
C GLY O 34 -48.91 22.30 -2.88
N ALA O 35 -49.42 21.06 -2.91
CA ALA O 35 -49.17 20.08 -1.88
C ALA O 35 -48.93 18.73 -2.54
N PHE O 36 -48.59 17.74 -1.74
CA PHE O 36 -48.20 16.42 -2.24
C PHE O 36 -49.35 15.44 -2.10
N GLU O 37 -49.65 14.72 -3.18
CA GLU O 37 -50.52 13.56 -3.15
C GLU O 37 -49.66 12.34 -3.42
N GLU O 38 -49.67 11.39 -2.50
CA GLU O 38 -48.75 10.26 -2.51
C GLU O 38 -49.45 9.04 -3.10
N THR O 39 -48.82 8.44 -4.12
CA THR O 39 -49.29 7.20 -4.73
C THR O 39 -48.30 6.10 -4.39
N GLU O 40 -48.79 5.05 -3.74
CA GLU O 40 -47.94 3.97 -3.25
C GLU O 40 -48.02 2.79 -4.21
N THR O 41 -46.85 2.36 -4.70
CA THR O 41 -46.74 1.19 -5.54
C THR O 41 -45.71 0.25 -4.93
N GLU O 42 -45.83 -1.04 -5.27
CA GLU O 42 -44.97 -2.08 -4.73
C GLU O 42 -44.37 -2.88 -5.88
N ILE O 43 -43.04 -3.01 -5.87
CA ILE O 43 -42.31 -3.68 -6.94
C ILE O 43 -41.28 -4.60 -6.31
N LYS O 44 -41.10 -5.78 -6.92
CA LYS O 44 -40.23 -6.82 -6.39
C LYS O 44 -39.03 -7.01 -7.32
N CYS O 45 -37.86 -7.27 -6.72
CA CYS O 45 -36.66 -7.51 -7.49
C CYS O 45 -35.75 -8.46 -6.70
N VAL O 46 -34.85 -9.12 -7.44
CA VAL O 46 -33.80 -9.92 -6.83
C VAL O 46 -32.61 -9.02 -6.55
N VAL O 47 -32.01 -9.17 -5.37
CA VAL O 47 -31.07 -8.20 -4.83
C VAL O 47 -30.05 -8.91 -3.97
N ARG O 48 -28.81 -8.43 -4.01
CA ARG O 48 -27.76 -8.83 -3.07
C ARG O 48 -27.40 -7.62 -2.22
N ILE O 49 -27.26 -7.84 -0.91
CA ILE O 49 -26.97 -6.78 0.06
C ILE O 49 -25.58 -7.04 0.63
N PHE O 50 -24.79 -5.98 0.76
CA PHE O 50 -23.40 -6.10 1.19
C PHE O 50 -23.01 -4.85 1.97
N ASN O 51 -21.98 -5.00 2.81
CA ASN O 51 -21.44 -3.86 3.53
C ASN O 51 -20.57 -3.02 2.61
N GLU O 52 -20.62 -1.70 2.80
CA GLU O 52 -19.82 -0.77 2.00
C GLU O 52 -19.02 0.21 2.84
N LYS O 53 -19.56 0.66 3.98
CA LYS O 53 -18.94 1.70 4.80
C LYS O 53 -18.94 1.28 6.27
N THR O 54 -17.80 1.47 6.92
CA THR O 54 -17.71 1.28 8.36
C THR O 54 -18.19 2.57 9.03
N ALA O 55 -19.48 2.62 9.35
CA ALA O 55 -20.11 3.80 9.93
C ALA O 55 -20.77 3.42 11.25
N GLU O 56 -21.05 4.43 12.06
CA GLU O 56 -21.61 4.24 13.39
C GLU O 56 -23.08 4.63 13.42
N LYS O 57 -23.84 3.92 14.24
CA LYS O 57 -25.29 4.08 14.29
C LYS O 57 -25.64 5.42 14.95
N GLN O 58 -26.28 6.31 14.19
CA GLN O 58 -26.77 7.57 14.75
C GLN O 58 -28.12 7.34 15.41
N ILE O 59 -28.43 8.19 16.39
CA ILE O 59 -29.71 8.18 17.09
C ILE O 59 -30.26 9.60 17.09
N SER O 60 -31.58 9.71 16.92
CA SER O 60 -32.23 11.01 16.71
C SER O 60 -33.47 11.17 17.58
N SER O 61 -33.36 10.86 18.87
CA SER O 61 -34.48 10.94 19.79
C SER O 61 -34.91 12.40 19.99
N GLU O 62 -36.21 12.64 20.00
CA GLU O 62 -36.75 13.97 20.25
C GLU O 62 -38.24 13.83 20.60
N LYS O 63 -38.92 14.95 20.79
CA LYS O 63 -40.33 14.93 21.16
C LYS O 63 -41.21 14.39 20.04
N GLN O 64 -40.70 14.34 18.80
CA GLN O 64 -41.46 13.70 17.73
C GLN O 64 -41.42 12.19 17.86
N GLY O 65 -40.31 11.67 18.36
CA GLY O 65 -40.10 10.23 18.42
C GLY O 65 -38.63 9.92 18.33
N THR O 66 -38.33 8.62 18.34
CA THR O 66 -36.96 8.13 18.35
C THR O 66 -36.76 7.10 17.27
N PHE O 67 -35.61 7.17 16.60
CA PHE O 67 -35.23 6.18 15.61
C PHE O 67 -33.72 6.27 15.42
N SER O 68 -33.11 5.13 15.14
CA SER O 68 -31.67 5.03 14.92
C SER O 68 -31.42 4.39 13.57
N SER O 69 -30.45 4.95 12.83
CA SER O 69 -30.16 4.53 11.48
C SER O 69 -28.65 4.41 11.28
N ILE O 70 -28.27 3.57 10.32
CA ILE O 70 -26.86 3.31 10.01
C ILE O 70 -26.74 3.15 8.50
N ARG O 71 -25.61 3.62 7.96
CA ARG O 71 -25.39 3.72 6.52
C ARG O 71 -24.50 2.62 5.97
N THR O 72 -24.24 1.57 6.75
CA THR O 72 -23.20 0.60 6.38
C THR O 72 -23.56 -0.17 5.11
N TYR O 73 -24.83 -0.56 4.96
CA TYR O 73 -25.18 -1.52 3.93
C TYR O 73 -25.33 -0.87 2.56
N GLY O 74 -24.69 -1.49 1.57
CA GLY O 74 -24.91 -1.17 0.18
C GLY O 74 -26.01 -2.03 -0.40
N MET O 75 -26.06 -2.09 -1.73
CA MET O 75 -27.03 -2.92 -2.43
C MET O 75 -26.63 -2.99 -3.89
N LEU O 76 -27.02 -4.07 -4.55
CA LEU O 76 -26.65 -4.33 -5.94
C LEU O 76 -27.80 -5.07 -6.61
N VAL O 77 -28.39 -4.45 -7.63
CA VAL O 77 -29.59 -4.96 -8.28
C VAL O 77 -29.40 -4.88 -9.80
N SER O 78 -30.10 -5.76 -10.50
CA SER O 78 -29.94 -5.91 -11.95
C SER O 78 -30.75 -4.83 -12.68
N ASN O 79 -30.89 -5.01 -13.99
CA ASN O 79 -31.57 -4.06 -14.87
C ASN O 79 -33.09 -4.29 -14.94
N ASP O 80 -33.61 -5.26 -14.18
CA ASP O 80 -34.98 -5.73 -14.41
C ASP O 80 -36.02 -4.63 -14.22
N VAL O 81 -35.75 -3.68 -13.33
CA VAL O 81 -36.69 -2.61 -13.01
C VAL O 81 -35.93 -1.28 -12.93
N ILE O 82 -36.56 -0.23 -13.45
CA ILE O 82 -35.99 1.12 -13.44
C ILE O 82 -36.30 1.74 -12.08
N LEU O 83 -35.27 1.97 -11.28
CA LEU O 83 -35.42 2.62 -9.99
C LEU O 83 -35.18 4.13 -10.11
N GLU O 84 -35.58 4.86 -9.08
CA GLU O 84 -35.31 6.28 -8.99
C GLU O 84 -35.61 6.74 -7.58
N VAL O 85 -34.77 7.63 -7.05
CA VAL O 85 -34.94 8.23 -5.74
C VAL O 85 -34.70 9.72 -5.85
N ASN O 86 -35.60 10.51 -5.26
CA ASN O 86 -35.48 11.96 -5.24
C ASN O 86 -35.91 12.48 -3.87
N SER O 87 -35.99 13.79 -3.73
CA SER O 87 -36.62 14.35 -2.53
C SER O 87 -38.09 13.96 -2.46
N ARG O 88 -38.76 13.95 -3.62
CA ARG O 88 -40.18 13.65 -3.71
C ARG O 88 -40.48 12.17 -3.92
N ASP O 89 -39.44 11.32 -4.05
CA ASP O 89 -39.61 9.90 -4.33
C ASP O 89 -38.77 9.10 -3.35
N SER O 90 -39.34 8.03 -2.82
CA SER O 90 -38.70 7.20 -1.81
C SER O 90 -38.81 5.73 -2.19
N LEU O 91 -37.91 4.92 -1.65
CA LEU O 91 -37.95 3.48 -1.82
C LEU O 91 -37.49 2.82 -0.53
N GLU O 92 -38.27 1.87 -0.04
CA GLU O 92 -37.98 1.17 1.21
C GLU O 92 -38.30 -0.31 1.02
N PHE O 93 -37.80 -1.12 1.94
CA PHE O 93 -38.17 -2.53 1.97
C PHE O 93 -37.83 -3.10 3.33
N GLU O 94 -38.50 -4.20 3.67
CA GLU O 94 -38.46 -4.75 5.02
C GLU O 94 -37.48 -5.91 5.07
N CYS O 95 -36.20 -5.59 5.24
CA CYS O 95 -35.26 -6.58 5.72
C CYS O 95 -35.60 -6.91 7.17
N ILE O 96 -35.52 -8.20 7.51
CA ILE O 96 -36.02 -8.66 8.81
C ILE O 96 -35.28 -8.02 9.97
N TYR O 97 -34.05 -7.56 9.76
CA TYR O 97 -33.29 -6.84 10.79
C TYR O 97 -33.44 -5.32 10.58
N GLY O 98 -34.64 -4.84 10.85
CA GLY O 98 -34.94 -3.43 10.68
C GLY O 98 -35.21 -3.08 9.23
N ARG O 99 -36.10 -2.11 9.04
CA ARG O 99 -36.48 -1.69 7.70
C ARG O 99 -35.31 -1.00 7.01
N MET O 100 -35.05 -1.38 5.78
CA MET O 100 -34.03 -0.75 4.95
C MET O 100 -34.65 0.40 4.18
N LYS O 101 -33.80 1.32 3.71
CA LYS O 101 -34.24 2.45 2.90
C LYS O 101 -33.15 2.78 1.91
N ILE O 102 -33.53 2.89 0.63
CA ILE O 102 -32.57 3.19 -0.43
C ILE O 102 -32.28 4.69 -0.39
N VAL O 103 -31.06 5.05 -0.01
CA VAL O 103 -30.69 6.47 0.08
C VAL O 103 -30.35 7.02 -1.30
N ASN O 104 -29.35 6.43 -1.96
CA ASN O 104 -28.82 6.94 -3.21
C ASN O 104 -28.65 5.80 -4.21
N ILE O 105 -28.84 6.11 -5.49
CA ILE O 105 -28.78 5.15 -6.58
C ILE O 105 -27.62 5.52 -7.48
N TYR O 106 -26.80 4.52 -7.84
CA TYR O 106 -25.70 4.68 -8.78
C TYR O 106 -26.02 3.83 -10.01
N PRO O 107 -26.54 4.39 -11.12
CA PRO O 107 -26.89 3.56 -12.26
C PRO O 107 -25.66 3.20 -13.09
N GLN O 108 -25.31 1.91 -13.08
CA GLN O 108 -24.18 1.44 -13.88
C GLN O 108 -24.59 1.42 -15.34
N ILE O 109 -23.90 2.21 -16.16
CA ILE O 109 -24.25 2.42 -17.56
C ILE O 109 -23.03 2.12 -18.41
N VAL O 110 -23.25 1.44 -19.53
CA VAL O 110 -22.21 1.13 -20.49
C VAL O 110 -22.68 1.61 -21.85
N LYS O 111 -21.95 2.58 -22.43
CA LYS O 111 -22.25 3.14 -23.75
C LYS O 111 -23.69 3.65 -23.82
N GLY O 112 -24.09 4.39 -22.79
CA GLY O 112 -25.42 4.96 -22.74
C GLY O 112 -26.53 3.95 -22.60
N GLU O 113 -26.24 2.73 -22.16
CA GLU O 113 -27.22 1.68 -21.97
C GLU O 113 -27.16 1.20 -20.53
N LEU O 114 -28.31 1.17 -19.88
CA LEU O 114 -28.38 0.73 -18.49
C LEU O 114 -28.16 -0.77 -18.40
N CYS O 115 -27.48 -1.21 -17.33
CA CYS O 115 -27.25 -2.62 -17.09
C CYS O 115 -27.48 -3.04 -15.63
N GLY O 116 -27.58 -2.10 -14.71
CA GLY O 116 -27.78 -2.43 -13.31
C GLY O 116 -27.44 -1.24 -12.44
N TYR O 117 -28.01 -1.24 -11.24
CA TYR O 117 -27.86 -0.16 -10.28
C TYR O 117 -26.99 -0.60 -9.12
N GLN O 118 -25.83 0.02 -8.97
CA GLN O 118 -25.17 0.06 -7.67
C GLN O 118 -25.95 1.01 -6.79
N CYS O 119 -26.02 0.71 -5.50
CA CYS O 119 -26.96 1.38 -4.62
C CYS O 119 -26.46 1.34 -3.18
N SER O 120 -26.95 2.30 -2.40
CA SER O 120 -26.62 2.44 -0.99
C SER O 120 -27.91 2.47 -0.18
N LEU O 121 -27.83 1.95 1.05
CA LEU O 121 -28.99 1.77 1.90
C LEU O 121 -28.78 2.43 3.25
N GLU O 122 -29.86 2.50 4.00
CA GLU O 122 -29.87 2.99 5.37
C GLU O 122 -30.80 2.11 6.17
N ARG O 123 -30.27 1.36 7.12
CA ARG O 123 -31.04 0.41 7.91
C ARG O 123 -31.70 1.16 9.06
N ILE O 124 -32.96 1.54 8.88
CA ILE O 124 -33.68 2.32 9.87
C ILE O 124 -34.23 1.35 10.92
N ASP O 125 -33.73 1.44 12.15
CA ASP O 125 -34.17 0.57 13.22
C ASP O 125 -35.47 1.10 13.85
N MET P 1 -12.77 60.88 13.88
CA MET P 1 -12.45 61.00 15.33
C MET P 1 -11.38 60.01 15.77
N ARG P 2 -11.06 59.04 14.91
CA ARG P 2 -9.98 58.10 15.21
C ARG P 2 -8.65 58.83 15.34
N ALA P 3 -8.37 59.77 14.44
CA ALA P 3 -7.08 60.45 14.46
C ALA P 3 -6.91 61.24 15.75
N GLY P 4 -7.95 61.95 16.18
CA GLY P 4 -7.84 62.75 17.38
C GLY P 4 -7.59 61.91 18.62
N ILE P 5 -8.36 60.83 18.78
CA ILE P 5 -8.21 59.98 19.95
C ILE P 5 -6.85 59.29 19.92
N ARG P 6 -6.42 58.82 18.75
CA ARG P 6 -5.12 58.18 18.64
C ARG P 6 -4.00 59.15 18.99
N LYS P 7 -4.07 60.38 18.48
CA LYS P 7 -3.05 61.36 18.77
C LYS P 7 -3.02 61.69 20.26
N ALA P 8 -4.20 61.85 20.88
CA ALA P 8 -4.24 62.16 22.30
C ALA P 8 -3.65 61.03 23.12
N LEU P 9 -4.01 59.79 22.80
CA LEU P 9 -3.48 58.65 23.55
C LEU P 9 -1.97 58.53 23.39
N ILE P 10 -1.47 58.73 22.18
CA ILE P 10 -0.03 58.63 21.96
C ILE P 10 0.70 59.75 22.70
N ASP P 11 0.17 60.97 22.63
CA ASP P 11 0.89 62.12 23.18
C ASP P 11 0.90 62.08 24.70
N ASN P 12 -0.25 61.81 25.32
CA ASN P 12 -0.39 61.96 26.76
C ASN P 12 -0.06 60.69 27.54
N ILE P 13 0.28 59.59 26.88
CA ILE P 13 0.64 58.34 27.53
C ILE P 13 1.98 57.88 26.98
N LYS P 14 2.88 57.48 27.87
CA LYS P 14 4.24 57.10 27.50
C LYS P 14 4.51 55.61 27.67
N GLU P 15 3.78 54.91 28.54
CA GLU P 15 3.85 53.46 28.55
C GLU P 15 3.38 52.86 27.24
N LEU P 16 2.47 53.56 26.56
CA LEU P 16 1.89 53.05 25.32
C LEU P 16 2.94 52.91 24.24
N LYS P 17 2.83 51.83 23.45
CA LYS P 17 3.73 51.58 22.34
C LYS P 17 3.12 51.97 21.00
N GLY P 18 1.79 51.98 20.90
CA GLY P 18 1.12 52.36 19.67
C GLY P 18 -0.38 52.23 19.79
N CYS P 19 -1.12 53.08 19.07
CA CYS P 19 -2.58 53.07 19.06
C CYS P 19 -3.03 52.85 17.62
N TYR P 20 -3.55 51.67 17.33
CA TYR P 20 -3.84 51.22 15.97
C TYR P 20 -5.34 51.23 15.72
N GLU P 21 -5.70 50.80 14.52
CA GLU P 21 -7.10 50.61 14.11
C GLU P 21 -7.49 49.15 14.36
N PRO P 22 -8.79 48.78 14.15
CA PRO P 22 -9.28 47.47 14.59
C PRO P 22 -8.45 46.23 14.26
N ASN P 23 -8.17 45.94 12.98
CA ASN P 23 -7.50 44.70 12.61
C ASN P 23 -6.10 44.92 12.09
N VAL P 24 -5.47 46.02 12.50
CA VAL P 24 -4.15 46.40 12.00
C VAL P 24 -3.03 45.58 12.65
N PRO P 25 -2.85 45.60 13.97
CA PRO P 25 -1.56 45.19 14.54
C PRO P 25 -1.26 43.71 14.31
N ASN P 26 -0.04 43.45 13.84
CA ASN P 26 0.44 42.09 13.65
C ASN P 26 0.76 41.45 15.00
N LYS P 27 1.04 40.14 14.98
CA LYS P 27 1.34 39.43 16.20
C LYS P 27 2.64 39.88 16.84
N ASP P 28 3.54 40.49 16.06
CA ASP P 28 4.82 40.96 16.58
C ASP P 28 4.76 42.40 17.07
N THR P 29 3.58 43.02 17.10
CA THR P 29 3.47 44.38 17.62
C THR P 29 3.81 44.41 19.10
N LYS P 30 4.49 45.48 19.52
CA LYS P 30 5.00 45.56 20.88
C LYS P 30 3.91 46.04 21.83
N LYS P 31 3.60 45.22 22.82
CA LYS P 31 2.62 45.57 23.83
C LYS P 31 3.24 46.48 24.88
N PRO P 32 2.42 47.29 25.58
CA PRO P 32 0.97 47.47 25.46
C PRO P 32 0.60 48.36 24.29
N TYR P 33 -0.44 48.02 23.56
CA TYR P 33 -0.97 48.83 22.47
C TYR P 33 -2.49 48.92 22.62
N MET P 34 -3.05 49.98 22.06
CA MET P 34 -4.48 50.27 22.16
C MET P 34 -5.11 50.23 20.78
N VAL P 35 -6.41 50.01 20.75
CA VAL P 35 -7.18 49.93 19.52
C VAL P 35 -8.47 50.73 19.71
N VAL P 36 -8.72 51.65 18.80
CA VAL P 36 -9.86 52.56 18.88
C VAL P 36 -10.93 52.05 17.94
N VAL P 37 -12.06 51.62 18.50
CA VAL P 37 -13.17 51.04 17.75
C VAL P 37 -14.38 51.92 17.91
N GLN P 38 -14.92 52.43 16.80
CA GLN P 38 -16.12 53.24 16.82
C GLN P 38 -17.35 52.33 16.80
N GLY P 39 -18.40 52.76 17.49
CA GLY P 39 -19.62 52.01 17.63
C GLY P 39 -20.78 52.67 16.89
N GLN P 40 -21.97 52.49 17.43
CA GLN P 40 -23.17 53.02 16.81
C GLN P 40 -23.21 54.54 16.90
N ASP P 41 -24.05 55.14 16.07
CA ASP P 41 -24.52 56.51 16.24
C ASP P 41 -26.05 56.42 16.34
N ASN P 42 -26.60 56.86 17.47
CA ASN P 42 -28.00 56.72 17.77
C ASN P 42 -28.60 58.06 18.14
N ASP P 43 -29.81 58.31 17.67
CA ASP P 43 -30.54 59.54 17.98
C ASP P 43 -31.04 59.44 19.42
N HIS P 44 -30.40 60.18 20.32
CA HIS P 44 -30.71 60.15 21.75
C HIS P 44 -31.47 61.41 22.19
N GLY P 45 -32.36 61.91 21.34
CA GLY P 45 -33.25 63.00 21.69
C GLY P 45 -32.79 64.33 21.15
N GLU P 46 -33.63 65.33 21.38
CA GLU P 46 -33.37 66.67 20.85
C GLU P 46 -32.14 67.29 21.48
N THR P 47 -31.98 67.18 22.80
CA THR P 47 -30.92 67.89 23.49
C THR P 47 -29.54 67.33 23.17
N ILE P 48 -29.41 66.02 22.99
CA ILE P 48 -28.13 65.39 22.70
C ILE P 48 -27.90 65.19 21.20
N GLY P 49 -28.96 65.02 20.42
CA GLY P 49 -28.75 64.69 19.03
C GLY P 49 -28.19 63.29 18.91
N PHE P 50 -27.40 63.07 17.85
CA PHE P 50 -26.81 61.75 17.62
C PHE P 50 -25.61 61.57 18.54
N GLU P 51 -25.52 60.41 19.18
CA GLU P 51 -24.49 60.10 20.15
C GLU P 51 -23.66 58.93 19.65
N ARG P 52 -22.42 59.20 19.28
CA ARG P 52 -21.50 58.14 18.89
C ARG P 52 -20.92 57.46 20.11
N SER P 53 -20.65 56.17 19.99
CA SER P 53 -20.02 55.37 21.03
C SER P 53 -18.66 54.90 20.52
N ILE P 54 -17.62 55.15 21.31
CA ILE P 54 -16.24 54.84 20.93
C ILE P 54 -15.63 54.00 22.05
N GLU P 55 -14.93 52.94 21.67
CA GLU P 55 -14.23 52.06 22.60
C GLU P 55 -12.73 52.17 22.38
N VAL P 56 -11.99 52.11 23.48
CA VAL P 56 -10.53 52.08 23.46
C VAL P 56 -10.11 50.78 24.12
N TRP P 57 -9.70 49.81 23.30
CA TRP P 57 -9.35 48.49 23.79
C TRP P 57 -7.86 48.45 24.09
N ILE P 58 -7.51 48.39 25.36
CA ILE P 58 -6.13 48.31 25.80
C ILE P 58 -5.68 46.86 25.75
N TYR P 59 -4.39 46.65 25.45
CA TYR P 59 -3.80 45.32 25.42
C TYR P 59 -2.49 45.34 26.17
N GLU P 60 -2.12 44.18 26.73
CA GLU P 60 -0.98 44.07 27.63
C GLU P 60 -0.38 42.69 27.47
N GLY P 61 0.84 42.52 27.94
CA GLY P 61 1.62 41.32 27.67
C GLY P 61 1.36 40.14 28.58
N ARG P 62 0.25 40.14 29.30
CA ARG P 62 -0.13 39.04 30.19
C ARG P 62 0.91 38.85 31.30
N THR P 63 1.44 39.96 31.81
CA THR P 63 2.22 39.91 33.03
C THR P 63 1.30 39.90 34.24
N THR P 64 0.51 40.96 34.41
CA THR P 64 -0.48 41.02 35.46
C THR P 64 -1.50 42.09 35.08
N PHE P 65 -2.66 42.03 35.71
CA PHE P 65 -3.73 42.97 35.40
C PHE P 65 -3.55 44.32 36.07
N LYS P 66 -2.65 44.44 37.04
CA LYS P 66 -2.43 45.74 37.69
C LYS P 66 -1.86 46.75 36.72
N LYS P 67 -0.94 46.32 35.85
CA LYS P 67 -0.41 47.21 34.83
C LYS P 67 -1.53 47.71 33.92
N LEU P 68 -2.43 46.81 33.54
CA LEU P 68 -3.54 47.21 32.68
C LEU P 68 -4.50 48.13 33.40
N ASP P 69 -4.70 47.93 34.70
CA ASP P 69 -5.56 48.84 35.46
C ASP P 69 -4.96 50.23 35.52
N LYS P 70 -3.64 50.31 35.74
CA LYS P 70 -2.96 51.60 35.72
C LYS P 70 -3.11 52.27 34.35
N LEU P 71 -2.93 51.50 33.28
CA LEU P 71 -3.08 52.05 31.94
C LEU P 71 -4.52 52.52 31.70
N THR P 72 -5.50 51.78 32.23
CA THR P 72 -6.89 52.17 32.07
C THR P 72 -7.19 53.47 32.78
N LYS P 73 -6.67 53.63 34.00
CA LYS P 73 -6.85 54.90 34.70
C LYS P 73 -6.20 56.04 33.94
N GLN P 74 -5.03 55.79 33.34
CA GLN P 74 -4.38 56.81 32.53
C GLN P 74 -5.25 57.20 31.34
N VAL P 75 -5.83 56.22 30.65
CA VAL P 75 -6.66 56.52 29.48
C VAL P 75 -7.88 57.31 29.89
N VAL P 76 -8.52 56.92 30.99
CA VAL P 76 -9.69 57.64 31.47
C VAL P 76 -9.32 59.07 31.80
N GLU P 77 -8.16 59.28 32.43
CA GLU P 77 -7.71 60.64 32.73
C GLU P 77 -7.49 61.43 31.45
N VAL P 78 -6.92 60.81 30.43
CA VAL P 78 -6.58 61.55 29.22
C VAL P 78 -7.84 61.97 28.47
N LEU P 79 -8.78 61.04 28.28
CA LEU P 79 -9.87 61.28 27.33
C LEU P 79 -11.16 61.81 27.97
N ASP P 80 -11.34 61.63 29.27
CA ASP P 80 -12.62 61.96 29.91
C ASP P 80 -12.84 63.46 29.91
N MET P 81 -13.77 63.92 29.08
CA MET P 81 -14.28 65.29 29.06
C MET P 81 -13.23 66.32 28.65
N ASN P 82 -12.08 65.89 28.12
CA ASN P 82 -11.06 66.81 27.63
C ASN P 82 -11.27 67.03 26.14
N THR P 83 -11.38 68.28 25.73
CA THR P 83 -11.58 68.59 24.32
C THR P 83 -10.39 68.13 23.51
N ILE P 84 -10.66 67.42 22.42
CA ILE P 84 -9.64 66.87 21.55
C ILE P 84 -9.90 67.40 20.14
N VAL P 85 -8.84 67.72 19.42
CA VAL P 85 -8.93 68.29 18.08
C VAL P 85 -8.40 67.24 17.10
N ASP P 86 -9.22 66.91 16.10
CA ASP P 86 -8.84 65.97 15.05
C ASP P 86 -8.25 66.78 13.91
N GLU P 87 -6.93 66.68 13.75
CA GLU P 87 -6.24 67.52 12.77
C GLU P 87 -6.62 67.15 11.35
N SER P 88 -6.86 65.86 11.08
CA SER P 88 -7.25 65.45 9.74
C SER P 88 -8.58 66.08 9.33
N GLU P 89 -9.60 65.94 10.19
CA GLU P 89 -10.89 66.57 9.91
C GLU P 89 -10.87 68.07 10.20
N ASN P 90 -9.91 68.53 11.00
CA ASN P 90 -9.87 69.92 11.45
C ASN P 90 -11.16 70.31 12.17
N GLU P 91 -11.64 69.43 13.04
CA GLU P 91 -12.78 69.71 13.89
C GLU P 91 -12.61 68.95 15.20
N ALA P 92 -13.13 69.53 16.27
CA ALA P 92 -12.90 69.04 17.62
C ALA P 92 -14.09 68.23 18.12
N PHE P 93 -13.86 67.57 19.27
CA PHE P 93 -14.91 66.80 19.94
C PHE P 93 -14.50 66.66 21.40
N THR P 94 -15.40 66.07 22.19
CA THR P 94 -15.20 65.92 23.63
C THR P 94 -15.75 64.56 24.05
N CYS P 95 -14.87 63.57 24.16
CA CYS P 95 -15.28 62.25 24.59
C CYS P 95 -15.73 62.29 26.05
N ILE P 96 -16.67 61.42 26.38
CA ILE P 96 -17.24 61.30 27.72
C ILE P 96 -17.06 59.87 28.19
N TYR P 97 -16.51 59.70 29.39
CA TYR P 97 -16.35 58.37 29.95
C TYR P 97 -17.72 57.79 30.28
N LYS P 98 -17.91 56.52 29.93
CA LYS P 98 -19.18 55.83 30.13
C LYS P 98 -19.06 54.50 30.84
N GLY P 99 -17.95 53.79 30.72
CA GLY P 99 -17.80 52.55 31.45
C GLY P 99 -16.66 51.67 30.99
N THR P 100 -16.90 50.36 30.95
CA THR P 100 -15.85 49.39 30.69
C THR P 100 -16.49 48.18 30.03
N SER P 101 -15.68 47.40 29.32
CA SER P 101 -16.16 46.20 28.65
C SER P 101 -16.78 45.24 29.65
N GLU P 102 -17.44 44.21 29.10
CA GLU P 102 -18.25 43.32 29.92
C GLU P 102 -17.42 42.63 31.00
N ASN P 103 -16.22 42.17 30.65
CA ASN P 103 -15.30 41.59 31.61
C ASN P 103 -13.88 41.98 31.22
N ASP P 104 -12.92 41.46 31.96
CA ASP P 104 -11.50 41.68 31.71
C ASP P 104 -10.95 40.44 31.03
N ILE P 105 -11.03 40.41 29.70
CA ILE P 105 -10.82 39.18 28.97
C ILE P 105 -9.35 38.79 28.99
N VAL P 106 -9.10 37.52 28.68
CA VAL P 106 -7.76 36.98 28.50
C VAL P 106 -7.74 36.24 27.18
N VAL P 107 -6.76 36.56 26.33
CA VAL P 107 -6.62 35.99 24.99
C VAL P 107 -5.31 35.20 25.01
N GLU P 108 -5.42 33.88 25.07
CA GLU P 108 -4.23 33.05 25.22
C GLU P 108 -3.47 32.91 23.91
N GLU P 109 -4.18 32.79 22.79
CA GLU P 109 -3.49 32.59 21.50
C GLU P 109 -2.60 33.77 21.16
N TRP P 110 -2.99 34.98 21.57
CA TRP P 110 -2.15 36.17 21.42
C TRP P 110 -1.21 36.39 22.59
N ASP P 111 -1.36 35.64 23.67
CA ASP P 111 -0.58 35.85 24.91
C ASP P 111 -0.72 37.30 25.37
N ALA P 112 -1.96 37.65 25.71
CA ALA P 112 -2.26 39.02 26.11
C ALA P 112 -3.52 39.04 26.97
N ILE P 113 -3.70 40.16 27.66
CA ILE P 113 -4.92 40.46 28.38
C ILE P 113 -5.42 41.81 27.87
N ALA P 114 -6.73 41.98 27.90
CA ALA P 114 -7.35 43.16 27.30
C ALA P 114 -8.50 43.66 28.17
N ARG P 115 -8.76 44.95 28.06
CA ARG P 115 -9.89 45.59 28.73
C ARG P 115 -10.37 46.73 27.83
N GLY P 116 -11.67 46.80 27.62
CA GLY P 116 -12.23 47.80 26.73
C GLY P 116 -12.90 48.94 27.46
N ILE P 117 -12.26 50.10 27.47
CA ILE P 117 -12.88 51.30 28.00
C ILE P 117 -13.92 51.78 26.99
N ARG P 118 -14.97 52.42 27.47
CA ARG P 118 -16.13 52.75 26.67
C ARG P 118 -16.40 54.25 26.79
N PHE P 119 -16.18 54.98 25.70
CA PHE P 119 -16.43 56.41 25.62
C PHE P 119 -17.60 56.68 24.69
N SER P 120 -18.02 57.94 24.66
CA SER P 120 -19.07 58.37 23.74
C SER P 120 -18.88 59.84 23.42
N VAL P 121 -19.49 60.26 22.32
CA VAL P 121 -19.42 61.64 21.84
C VAL P 121 -20.86 62.11 21.64
N ILE P 122 -21.05 63.42 21.75
CA ILE P 122 -22.38 64.02 21.80
C ILE P 122 -22.61 64.87 20.56
N ALA P 123 -23.84 64.84 20.07
CA ALA P 123 -24.33 65.78 19.06
C ALA P 123 -23.44 65.78 17.82
N LEU P 124 -23.40 64.64 17.13
CA LEU P 124 -22.53 64.50 15.97
C LEU P 124 -22.93 65.45 14.84
N GLU P 125 -24.24 65.63 14.64
CA GLU P 125 -24.75 66.34 13.48
C GLU P 125 -25.06 67.81 13.75
N ASP P 126 -24.63 68.35 14.90
CA ASP P 126 -24.82 69.76 15.22
C ASP P 126 -23.49 70.48 15.09
N LYS P 127 -23.50 71.62 14.40
CA LYS P 127 -22.30 72.41 14.16
C LYS P 127 -22.52 73.91 14.30
N GLU P 128 -23.71 74.35 14.69
CA GLU P 128 -24.07 75.77 14.60
C GLU P 128 -23.84 76.50 15.92
N ASP P 129 -24.48 76.03 17.00
CA ASP P 129 -24.52 76.75 18.27
C ASP P 129 -25.15 78.13 18.08
N THR P 130 -26.25 78.16 17.33
CA THR P 130 -27.05 79.35 17.14
C THR P 130 -28.50 79.00 17.39
N THR P 131 -29.32 80.02 17.62
CA THR P 131 -30.72 79.81 17.96
C THR P 131 -31.56 80.98 17.48
N ASN P 132 -32.75 80.67 16.99
CA ASN P 132 -33.78 81.66 16.73
C ASN P 132 -34.73 81.84 17.91
N ASP P 133 -34.48 81.17 19.03
CA ASP P 133 -35.23 81.42 20.26
C ASP P 133 -34.54 82.58 20.96
N ARG P 134 -35.18 83.76 20.93
CA ARG P 134 -34.58 84.94 21.51
C ARG P 134 -34.41 84.79 23.02
N TRP P 135 -35.34 84.10 23.67
CA TRP P 135 -35.27 83.93 25.12
C TRP P 135 -34.05 83.12 25.51
N VAL P 136 -33.78 82.03 24.77
CA VAL P 136 -32.62 81.20 25.04
C VAL P 136 -31.35 82.01 24.84
N GLU P 137 -31.31 82.83 23.79
CA GLU P 137 -30.16 83.69 23.56
C GLU P 137 -29.95 84.64 24.73
N ALA P 138 -31.04 85.23 25.23
CA ALA P 138 -30.93 86.18 26.32
C ALA P 138 -30.40 85.52 27.58
N LEU P 139 -30.95 84.36 27.95
CA LEU P 139 -30.48 83.72 29.17
C LEU P 139 -29.09 83.13 29.01
N SER P 140 -28.72 82.67 27.82
CA SER P 140 -27.34 82.22 27.63
C SER P 140 -26.37 83.37 27.78
N ARG P 141 -26.71 84.55 27.25
CA ARG P 141 -25.88 85.73 27.45
C ARG P 141 -25.78 86.07 28.93
N HIS P 142 -26.92 86.01 29.63
CA HIS P 142 -26.92 86.33 31.06
C HIS P 142 -26.05 85.36 31.83
N THR P 143 -26.14 84.08 31.51
CA THR P 143 -25.33 83.07 32.20
C THR P 143 -23.85 83.27 31.91
N LYS P 144 -23.50 83.57 30.65
CA LYS P 144 -22.10 83.80 30.33
C LYS P 144 -21.56 85.01 31.07
N ASP P 145 -22.33 86.10 31.12
CA ASP P 145 -21.85 87.30 31.80
C ASP P 145 -21.72 87.06 33.31
N LEU P 146 -22.75 86.50 33.92
CA LEU P 146 -22.72 86.26 35.37
C LEU P 146 -21.63 85.28 35.75
N LEU P 147 -21.49 84.21 34.99
CA LEU P 147 -20.78 83.01 35.43
C LEU P 147 -19.42 82.84 34.77
N GLU P 148 -19.18 83.50 33.64
CA GLU P 148 -17.89 83.46 32.96
C GLU P 148 -17.50 82.05 32.58
N ILE P 149 -18.45 81.32 31.99
CA ILE P 149 -18.20 80.03 31.37
C ILE P 149 -18.95 80.00 30.05
N GLU P 150 -18.74 78.94 29.29
CA GLU P 150 -19.44 78.78 28.03
C GLU P 150 -20.94 78.70 28.27
N SER P 151 -21.73 79.00 27.23
CA SER P 151 -23.18 78.92 27.33
C SER P 151 -23.71 78.53 25.96
N TYR P 152 -23.93 77.24 25.77
CA TYR P 152 -24.47 76.73 24.52
C TYR P 152 -25.98 76.88 24.51
N LYS P 153 -26.52 77.22 23.33
CA LYS P 153 -27.85 77.79 23.30
C LYS P 153 -28.95 76.76 23.05
N ASP P 154 -28.94 76.10 21.89
CA ASP P 154 -30.10 75.30 21.50
C ASP P 154 -29.94 73.84 21.90
N ASN P 155 -28.74 73.29 21.73
CA ASN P 155 -28.49 71.89 22.06
C ASN P 155 -26.98 71.73 22.19
N TRP P 156 -26.56 70.57 22.70
CA TRP P 156 -25.14 70.31 22.88
C TRP P 156 -24.42 70.34 21.54
N LYS P 157 -23.16 70.76 21.58
CA LYS P 157 -22.26 70.66 20.44
C LYS P 157 -21.10 69.74 20.80
N LYS P 158 -20.58 69.06 19.78
CA LYS P 158 -19.70 67.92 20.01
C LYS P 158 -18.39 68.29 20.70
N ASN P 159 -17.98 69.56 20.64
CA ASN P 159 -16.72 70.01 21.23
C ASN P 159 -16.94 70.94 22.42
N PHE P 160 -17.90 70.61 23.29
CA PHE P 160 -18.18 71.47 24.43
C PHE P 160 -16.98 71.50 25.37
N ILE P 161 -16.74 72.66 25.96
CA ILE P 161 -15.59 72.90 26.83
C ILE P 161 -16.07 72.84 28.27
N ALA P 162 -15.79 71.75 28.96
CA ALA P 162 -16.16 71.65 30.35
C ALA P 162 -15.25 72.57 31.18
N PRO P 163 -15.79 73.36 32.13
CA PRO P 163 -17.20 73.49 32.56
C PRO P 163 -18.01 74.33 31.59
N CYS P 164 -19.32 74.10 31.51
CA CYS P 164 -20.18 74.84 30.60
C CYS P 164 -21.61 74.70 31.07
N ALA P 165 -22.48 75.53 30.49
CA ALA P 165 -23.91 75.49 30.73
C ALA P 165 -24.65 75.46 29.40
N LEU P 166 -25.86 74.94 29.42
CA LEU P 166 -26.74 74.91 28.26
C LEU P 166 -28.12 75.34 28.71
N TRP P 167 -28.86 76.00 27.82
CA TRP P 167 -30.07 76.73 28.19
C TRP P 167 -31.20 76.46 27.18
N ARG P 168 -31.44 75.19 26.89
CA ARG P 168 -32.51 74.86 25.96
C ARG P 168 -33.88 75.17 26.56
N THR P 169 -34.87 75.31 25.68
CA THR P 169 -36.26 75.48 26.06
C THR P 169 -37.03 74.20 25.80
N THR P 170 -37.94 73.86 26.72
CA THR P 170 -38.71 72.62 26.65
C THR P 170 -40.14 72.84 26.18
N HIS P 171 -40.86 73.78 26.79
CA HIS P 171 -42.30 73.89 26.66
C HIS P 171 -42.67 75.36 26.49
N ILE P 172 -43.63 75.62 25.61
CA ILE P 172 -44.09 76.98 25.35
C ILE P 172 -45.61 77.09 25.38
N GLU P 173 -46.11 78.11 26.09
CA GLU P 173 -47.54 78.32 26.28
C GLU P 173 -47.86 79.79 25.97
N ASN P 174 -48.61 80.01 24.90
CA ASN P 174 -49.06 81.34 24.53
C ASN P 174 -50.50 81.53 25.00
N LYS P 175 -50.87 82.79 25.22
CA LYS P 175 -52.17 83.08 25.83
C LYS P 175 -52.56 84.50 25.50
N ARG P 176 -53.74 84.67 24.91
CA ARG P 176 -54.28 85.99 24.61
C ARG P 176 -55.06 86.45 25.83
N ILE P 177 -54.36 87.10 26.76
CA ILE P 177 -54.97 87.51 28.02
C ILE P 177 -56.03 88.57 27.80
N ASN P 178 -55.85 89.43 26.80
CA ASN P 178 -56.71 90.58 26.58
C ASN P 178 -56.78 90.83 25.08
N TYR P 179 -57.61 91.81 24.69
CA TYR P 179 -57.68 92.18 23.29
C TYR P 179 -56.34 92.68 22.78
N HIS P 180 -55.66 93.52 23.57
CA HIS P 180 -54.43 94.16 23.15
C HIS P 180 -53.17 93.46 23.63
N LEU P 181 -53.28 92.50 24.56
CA LEU P 181 -52.12 91.90 25.21
C LEU P 181 -52.07 90.41 24.92
N ILE P 182 -50.86 89.86 24.84
CA ILE P 182 -50.63 88.43 24.70
C ILE P 182 -49.53 88.02 25.66
N GLU P 183 -49.73 86.91 26.35
CA GLU P 183 -48.79 86.37 27.32
C GLU P 183 -48.08 85.18 26.71
N ILE P 184 -46.75 85.16 26.81
CA ILE P 184 -45.92 84.09 26.28
C ILE P 184 -45.12 83.54 27.45
N THR P 185 -45.29 82.24 27.72
CA THR P 185 -44.64 81.57 28.83
C THR P 185 -43.77 80.44 28.31
N LYS P 186 -42.57 80.31 28.87
CA LYS P 186 -41.63 79.26 28.49
C LYS P 186 -41.04 78.66 29.75
N THR P 187 -41.00 77.33 29.83
CA THR P 187 -40.38 76.62 30.95
C THR P 187 -39.02 76.15 30.45
N MET P 188 -38.01 76.98 30.64
CA MET P 188 -36.69 76.75 30.08
C MET P 188 -35.83 76.01 31.10
N LYS P 189 -35.25 74.88 30.69
CA LYS P 189 -34.40 74.08 31.53
C LYS P 189 -32.94 74.35 31.21
N CYS P 190 -32.08 74.22 32.22
CA CYS P 190 -30.67 74.57 32.09
C CYS P 190 -29.81 73.43 32.60
N HIS P 191 -28.64 73.26 31.96
CA HIS P 191 -27.65 72.26 32.33
C HIS P 191 -26.43 72.95 32.90
N VAL P 192 -25.64 72.19 33.65
CA VAL P 192 -24.31 72.61 34.07
C VAL P 192 -23.42 71.38 34.05
N VAL P 193 -22.41 71.39 33.19
CA VAL P 193 -21.48 70.28 33.02
C VAL P 193 -20.14 70.70 33.61
N SER P 194 -19.46 69.75 34.26
CA SER P 194 -18.12 69.98 34.76
C SER P 194 -17.56 68.66 35.26
N LYS P 195 -16.23 68.56 35.23
CA LYS P 195 -15.59 67.37 35.80
C LYS P 195 -15.71 67.34 37.31
N ASN P 196 -15.75 68.51 37.95
CA ASN P 196 -15.86 68.62 39.41
C ASN P 196 -17.32 68.85 39.75
N LYS P 197 -17.94 67.86 40.38
CA LYS P 197 -19.38 67.95 40.67
C LYS P 197 -19.67 69.02 41.71
N ASP P 198 -18.76 69.24 42.65
CA ASP P 198 -18.94 70.36 43.58
C ASP P 198 -18.96 71.68 42.84
N GLU P 199 -18.20 71.78 41.74
CA GLU P 199 -18.28 72.98 40.91
C GLU P 199 -19.66 73.10 40.27
N ILE P 200 -20.27 71.98 39.89
CA ILE P 200 -21.63 72.02 39.35
C ILE P 200 -22.58 72.59 40.39
N VAL P 201 -22.44 72.12 41.63
CA VAL P 201 -23.31 72.59 42.70
C VAL P 201 -23.14 74.08 42.92
N LYS P 202 -21.88 74.55 42.96
CA LYS P 202 -21.63 75.97 43.20
C LYS P 202 -22.17 76.82 42.06
N LEU P 203 -21.95 76.38 40.81
CA LEU P 203 -22.42 77.15 39.66
C LEU P 203 -23.95 77.24 39.67
N LEU P 204 -24.62 76.12 39.96
CA LEU P 204 -26.08 76.14 40.02
C LEU P 204 -26.56 77.05 41.13
N GLU P 205 -25.89 77.02 42.29
CA GLU P 205 -26.28 77.87 43.40
C GLU P 205 -26.20 79.34 43.03
N THR P 206 -25.07 79.76 42.45
CA THR P 206 -24.92 81.17 42.11
C THR P 206 -25.88 81.58 41.01
N LEU P 207 -26.12 80.69 40.03
CA LEU P 207 -27.06 81.01 38.97
C LEU P 207 -28.46 81.20 39.52
N GLU P 208 -28.88 80.31 40.43
CA GLU P 208 -30.20 80.42 41.04
C GLU P 208 -30.32 81.71 41.84
N THR P 209 -29.31 82.03 42.64
CA THR P 209 -29.37 83.23 43.45
C THR P 209 -29.45 84.47 42.56
N SER P 210 -28.68 84.49 41.48
CA SER P 210 -28.73 85.62 40.55
C SER P 210 -30.12 85.74 39.94
N LEU P 211 -30.69 84.63 39.48
CA LEU P 211 -32.00 84.68 38.85
C LEU P 211 -33.08 85.13 39.83
N ILE P 212 -32.91 84.81 41.11
CA ILE P 212 -33.92 85.17 42.10
C ILE P 212 -33.80 86.63 42.51
N ILE P 213 -32.60 87.07 42.90
CA ILE P 213 -32.46 88.43 43.42
C ILE P 213 -32.70 89.44 42.31
N ASP P 214 -32.26 89.13 41.09
CA ASP P 214 -32.62 89.90 39.89
C ASP P 214 -33.77 89.15 39.23
N LYS P 215 -35.00 89.59 39.52
CA LYS P 215 -36.19 88.83 39.17
C LYS P 215 -36.57 88.91 37.70
N ARG P 216 -35.74 89.49 36.84
CA ARG P 216 -36.01 89.54 35.42
C ARG P 216 -34.70 89.64 34.66
N VAL P 217 -34.76 89.35 33.37
CA VAL P 217 -33.57 89.23 32.53
C VAL P 217 -33.78 90.03 31.26
N ARG P 218 -32.71 90.68 30.80
CA ARG P 218 -32.74 91.53 29.62
C ARG P 218 -32.83 90.67 28.36
N LEU P 219 -33.96 90.76 27.66
CA LEU P 219 -34.12 89.98 26.43
C LEU P 219 -33.11 90.43 25.37
N ARG P 220 -32.91 91.75 25.26
CA ARG P 220 -31.97 92.32 24.31
C ARG P 220 -31.28 93.50 24.98
N GLU P 221 -30.17 93.93 24.40
CA GLU P 221 -29.38 95.00 24.99
C GLU P 221 -30.06 96.36 24.91
N ASP P 222 -31.16 96.49 24.17
CA ASP P 222 -31.90 97.74 24.14
C ASP P 222 -32.56 98.07 25.48
N LYS P 223 -32.74 97.09 26.35
CA LYS P 223 -33.28 97.31 27.70
C LYS P 223 -34.72 97.85 27.63
N ASN P 224 -35.54 97.21 26.82
CA ASN P 224 -36.96 97.50 26.72
C ASN P 224 -37.84 96.29 26.99
N MET P 225 -37.47 95.12 26.47
CA MET P 225 -38.13 93.88 26.81
C MET P 225 -37.55 93.30 28.10
N TYR P 226 -38.29 92.39 28.72
CA TYR P 226 -37.84 91.73 29.94
C TYR P 226 -38.54 90.38 30.07
N LEU P 227 -37.90 89.47 30.78
CA LEU P 227 -38.42 88.13 31.04
C LEU P 227 -38.58 87.97 32.55
N THR P 228 -39.74 88.35 33.07
CA THR P 228 -39.98 88.26 34.50
C THR P 228 -40.01 86.79 34.93
N LEU P 229 -39.23 86.47 35.96
CA LEU P 229 -39.15 85.09 36.42
C LEU P 229 -40.45 84.69 37.11
N VAL P 230 -40.78 83.40 37.02
CA VAL P 230 -41.94 82.83 37.69
C VAL P 230 -41.51 81.85 38.78
N SER P 231 -40.62 80.92 38.44
CA SER P 231 -40.11 79.96 39.41
C SER P 231 -38.88 79.26 38.87
N VAL P 232 -37.83 79.16 39.68
CA VAL P 232 -36.60 78.47 39.31
C VAL P 232 -36.41 77.33 40.31
N VAL P 233 -36.18 76.13 39.79
CA VAL P 233 -36.14 74.91 40.60
C VAL P 233 -35.01 74.04 40.08
N GLU P 234 -34.24 73.46 40.99
CA GLU P 234 -33.15 72.56 40.65
C GLU P 234 -33.49 71.15 41.12
N ASP P 235 -33.14 70.17 40.29
CA ASP P 235 -33.31 68.75 40.58
C ASP P 235 -31.95 68.10 40.42
N ARG P 236 -31.19 68.06 41.52
CA ARG P 236 -29.81 67.60 41.47
C ARG P 236 -29.70 66.14 41.04
N GLU P 237 -30.76 65.33 41.26
CA GLU P 237 -30.73 63.95 40.82
C GLU P 237 -30.76 63.83 39.31
N SER P 238 -31.33 64.81 38.61
CA SER P 238 -31.50 64.70 37.17
C SER P 238 -30.15 64.62 36.48
N ASP P 239 -30.13 63.91 35.35
CA ASP P 239 -28.88 63.63 34.66
C ASP P 239 -28.23 64.91 34.19
N MET P 240 -26.90 64.93 34.23
CA MET P 240 -26.15 66.13 33.90
C MET P 240 -26.29 66.49 32.43
N PHE P 241 -26.34 65.49 31.55
CA PHE P 241 -26.32 65.72 30.10
C PHE P 241 -27.70 65.68 29.48
N THR P 242 -28.43 64.58 29.66
CA THR P 242 -29.72 64.43 28.98
C THR P 242 -30.73 65.45 29.49
N THR P 243 -31.05 65.40 30.80
CA THR P 243 -32.16 66.18 31.32
C THR P 243 -31.76 67.62 31.61
N GLY P 244 -30.84 67.82 32.55
CA GLY P 244 -30.48 69.14 33.02
C GLY P 244 -30.95 69.43 34.43
N GLN P 245 -30.12 70.08 35.24
CA GLN P 245 -30.40 70.22 36.66
C GLN P 245 -31.51 71.23 36.91
N LEU P 246 -31.42 72.40 36.30
CA LEU P 246 -32.19 73.56 36.70
C LEU P 246 -33.36 73.80 35.74
N THR P 247 -34.55 73.98 36.30
CA THR P 247 -35.76 74.29 35.54
C THR P 247 -36.23 75.67 35.93
N ALA P 248 -36.40 76.55 34.95
CA ALA P 248 -36.83 77.92 35.15
C ALA P 248 -38.02 78.22 34.24
N VAL P 249 -38.95 79.02 34.74
CA VAL P 249 -40.15 79.39 34.01
C VAL P 249 -40.18 80.91 33.90
N PHE P 250 -40.24 81.41 32.66
CA PHE P 250 -40.24 82.84 32.37
C PHE P 250 -41.49 83.18 31.58
N LYS P 251 -42.02 84.37 31.80
CA LYS P 251 -43.17 84.87 31.08
C LYS P 251 -42.92 86.28 30.60
N MET P 252 -43.60 86.66 29.52
CA MET P 252 -43.47 87.98 28.93
C MET P 252 -44.84 88.36 28.37
N ILE P 253 -45.14 89.65 28.38
CA ILE P 253 -46.43 90.18 27.94
C ILE P 253 -46.15 91.10 26.78
N GLY P 254 -46.58 90.70 25.59
CA GLY P 254 -46.52 91.55 24.42
C GLY P 254 -47.70 92.49 24.36
N LYS P 255 -47.74 93.29 23.31
CA LYS P 255 -48.83 94.21 23.05
C LYS P 255 -49.13 94.19 21.56
N ILE P 256 -50.42 94.06 21.20
CA ILE P 256 -50.78 93.99 19.80
C ILE P 256 -50.41 95.30 19.11
N LYS P 257 -49.68 95.18 18.01
CA LYS P 257 -49.04 96.32 17.36
C LYS P 257 -50.00 96.94 16.35
N ARG P 258 -50.91 97.76 16.87
CA ARG P 258 -51.89 98.47 16.05
C ARG P 258 -52.03 99.90 16.55
N GLU P 259 -52.00 100.83 15.59
CA GLU P 259 -52.18 102.25 15.85
C GLU P 259 -53.26 102.77 14.90
N GLY P 260 -53.54 104.07 15.00
CA GLY P 260 -54.52 104.69 14.15
C GLY P 260 -54.33 106.20 14.08
N PRO P 261 -55.13 106.87 13.26
CA PRO P 261 -55.01 108.32 13.14
C PRO P 261 -55.39 109.02 14.43
N THR P 262 -54.83 110.21 14.63
CA THR P 262 -54.96 110.98 15.85
C THR P 262 -55.61 112.33 15.55
N MET P 263 -56.41 112.81 16.51
CA MET P 263 -57.12 114.08 16.37
C MET P 263 -56.21 115.21 16.86
N ASP P 264 -55.27 115.60 15.99
CA ASP P 264 -54.37 116.68 16.34
C ASP P 264 -55.09 118.01 16.46
N LYS P 265 -55.92 118.35 15.48
CA LYS P 265 -56.59 119.64 15.39
C LYS P 265 -58.10 119.43 15.25
N ILE P 266 -58.86 120.24 15.97
CA ILE P 266 -60.33 120.21 15.95
C ILE P 266 -60.80 121.63 15.74
N TYR P 267 -61.85 121.80 14.93
CA TYR P 267 -62.33 123.13 14.57
C TYR P 267 -63.85 123.12 14.41
N GLY P 268 -64.47 124.26 14.70
CA GLY P 268 -65.90 124.39 14.52
C GLY P 268 -66.35 125.83 14.60
N ASN P 269 -67.58 126.06 14.13
CA ASN P 269 -68.18 127.39 14.04
C ASN P 269 -69.49 127.40 14.83
N GLY P 270 -69.99 128.61 15.06
CA GLY P 270 -71.21 128.82 15.80
C GLY P 270 -72.23 129.62 15.00
N ASN P 271 -73.48 129.21 15.09
CA ASN P 271 -74.59 129.88 14.43
C ASN P 271 -75.76 129.96 15.41
N LEU P 272 -76.91 130.40 14.91
CA LEU P 272 -78.12 130.53 15.73
C LEU P 272 -79.36 130.16 14.93
N ILE Q 2 5.63 14.86 -21.60
CA ILE Q 2 4.37 14.44 -22.27
C ILE Q 2 4.07 15.38 -23.44
N ASN Q 3 3.68 14.80 -24.57
CA ASN Q 3 3.36 15.56 -25.77
C ASN Q 3 1.86 15.83 -25.85
N ILE Q 4 1.51 16.92 -26.53
CA ILE Q 4 0.10 17.32 -26.62
C ILE Q 4 -0.71 16.26 -27.34
N ASP Q 5 -0.14 15.64 -28.38
CA ASP Q 5 -0.89 14.65 -29.14
C ASP Q 5 -1.21 13.42 -28.29
N ARG Q 6 -0.30 13.03 -27.40
CA ARG Q 6 -0.57 11.92 -26.49
C ARG Q 6 -1.79 12.23 -25.62
N ARG Q 7 -1.82 13.41 -25.02
CA ARG Q 7 -2.93 13.79 -24.16
C ARG Q 7 -4.23 13.86 -24.96
N ARG Q 8 -4.18 14.42 -26.16
CA ARG Q 8 -5.38 14.53 -26.99
C ARG Q 8 -5.92 13.16 -27.34
N LYS Q 9 -5.04 12.25 -27.76
CA LYS Q 9 -5.45 10.89 -28.10
C LYS Q 9 -6.06 10.19 -26.89
N ASP Q 10 -5.42 10.35 -25.73
CA ASP Q 10 -5.92 9.67 -24.54
C ASP Q 10 -7.29 10.20 -24.13
N ILE Q 11 -7.48 11.52 -24.17
CA ILE Q 11 -8.76 12.09 -23.78
C ILE Q 11 -9.85 11.66 -24.75
N ILE Q 12 -9.57 11.71 -26.05
CA ILE Q 12 -10.59 11.38 -27.03
C ILE Q 12 -10.94 9.90 -26.94
N ARG Q 13 -9.93 9.05 -26.72
CA ARG Q 13 -10.20 7.63 -26.55
C ARG Q 13 -11.07 7.39 -25.32
N THR Q 14 -10.68 7.96 -24.18
CA THR Q 14 -11.40 7.72 -22.94
C THR Q 14 -12.83 8.20 -23.03
N ILE Q 15 -13.06 9.35 -23.66
CA ILE Q 15 -14.43 9.79 -23.88
C ILE Q 15 -15.15 8.82 -24.80
N ASN Q 16 -14.45 8.29 -25.80
CA ASN Q 16 -15.11 7.43 -26.78
C ASN Q 16 -15.35 6.02 -26.28
N ILE Q 17 -14.77 5.62 -25.14
CA ILE Q 17 -15.11 4.31 -24.58
C ILE Q 17 -16.56 4.30 -24.13
N ASN Q 18 -17.05 5.42 -23.61
CA ASN Q 18 -18.40 5.49 -23.06
C ASN Q 18 -18.92 6.91 -23.15
N PRO Q 19 -19.07 7.47 -24.35
CA PRO Q 19 -19.52 8.85 -24.47
C PRO Q 19 -21.02 8.98 -24.26
N THR Q 20 -21.44 10.18 -23.88
CA THR Q 20 -22.84 10.56 -23.83
C THR Q 20 -22.98 11.95 -24.40
N ASN Q 21 -23.96 12.14 -25.28
CA ASN Q 21 -24.23 13.47 -25.82
C ASN Q 21 -24.98 14.29 -24.78
N ILE Q 22 -24.45 15.46 -24.45
CA ILE Q 22 -24.90 16.25 -23.32
C ILE Q 22 -25.24 17.65 -23.82
N THR Q 23 -26.38 18.18 -23.36
CA THR Q 23 -26.86 19.51 -23.71
C THR Q 23 -26.56 20.45 -22.57
N ILE Q 24 -25.34 20.97 -22.54
CA ILE Q 24 -24.96 21.95 -21.53
C ILE Q 24 -25.78 23.22 -21.76
N THR Q 25 -26.32 23.77 -20.68
CA THR Q 25 -27.03 25.05 -20.70
C THR Q 25 -26.31 26.00 -19.77
N SER Q 26 -25.93 27.16 -20.29
CA SER Q 26 -25.12 28.15 -19.55
C SER Q 26 -25.96 29.39 -19.31
N ILE Q 27 -26.10 29.76 -18.04
CA ILE Q 27 -26.75 31.00 -17.63
C ILE Q 27 -25.66 31.89 -17.05
N LYS Q 28 -25.31 32.94 -17.78
CA LYS Q 28 -24.25 33.86 -17.37
C LYS Q 28 -24.88 35.15 -16.86
N LYS Q 29 -24.55 35.52 -15.62
CA LYS Q 29 -25.08 36.73 -15.01
C LYS Q 29 -24.22 37.91 -15.42
N THR Q 30 -24.87 38.98 -15.88
CA THR Q 30 -24.20 40.19 -16.34
C THR Q 30 -24.62 41.36 -15.46
N GLU Q 31 -23.65 42.11 -14.95
CA GLU Q 31 -23.94 43.21 -14.06
C GLU Q 31 -24.55 44.36 -14.83
N ILE Q 32 -25.77 44.75 -14.45
CA ILE Q 32 -26.51 45.83 -15.10
C ILE Q 32 -27.20 46.64 -14.02
N ASP Q 33 -26.78 47.88 -13.84
CA ASP Q 33 -27.35 48.78 -12.82
C ASP Q 33 -27.29 48.15 -11.44
N GLY Q 34 -26.16 47.51 -11.13
CA GLY Q 34 -25.99 46.90 -9.83
C GLY Q 34 -26.84 45.67 -9.61
N ALA Q 35 -27.36 45.06 -10.67
CA ALA Q 35 -28.12 43.83 -10.59
C ALA Q 35 -27.73 42.94 -11.76
N PHE Q 36 -28.28 41.73 -11.79
CA PHE Q 36 -27.90 40.72 -12.77
C PHE Q 36 -28.95 40.63 -13.87
N GLU Q 37 -28.50 40.68 -15.11
CA GLU Q 37 -29.30 40.33 -16.28
C GLU Q 37 -28.73 39.04 -16.83
N GLU Q 38 -29.57 38.01 -16.91
CA GLU Q 38 -29.13 36.66 -17.24
C GLU Q 38 -29.42 36.35 -18.69
N THR Q 39 -28.38 35.92 -19.42
CA THR Q 39 -28.49 35.50 -20.81
C THR Q 39 -28.25 33.99 -20.87
N GLU Q 40 -29.22 33.27 -21.43
CA GLU Q 40 -29.20 31.82 -21.45
C GLU Q 40 -28.74 31.34 -22.82
N THR Q 41 -27.70 30.51 -22.83
CA THR Q 41 -27.19 29.87 -24.04
C THR Q 41 -27.15 28.37 -23.84
N GLU Q 42 -27.27 27.63 -24.94
CA GLU Q 42 -27.29 26.18 -24.93
C GLU Q 42 -26.19 25.68 -25.87
N ILE Q 43 -25.31 24.83 -25.35
CA ILE Q 43 -24.17 24.31 -26.08
C ILE Q 43 -24.07 22.81 -25.83
N LYS Q 44 -23.70 22.07 -26.87
CA LYS Q 44 -23.68 20.60 -26.84
C LYS Q 44 -22.24 20.11 -26.98
N CYS Q 45 -21.92 19.04 -26.24
CA CYS Q 45 -20.60 18.43 -26.30
C CYS Q 45 -20.72 16.94 -26.02
N VAL Q 46 -19.74 16.19 -26.51
CA VAL Q 46 -19.61 14.78 -26.19
C VAL Q 46 -18.85 14.64 -24.88
N VAL Q 47 -19.32 13.77 -24.00
CA VAL Q 47 -18.90 13.75 -22.60
C VAL Q 47 -18.95 12.32 -22.08
N ARG Q 48 -18.00 11.97 -21.21
CA ARG Q 48 -18.03 10.74 -20.43
C ARG Q 48 -18.17 11.10 -18.96
N ILE Q 49 -19.03 10.37 -18.25
CA ILE Q 49 -19.33 10.62 -16.84
C ILE Q 49 -18.88 9.41 -16.04
N PHE Q 50 -18.28 9.68 -14.87
CA PHE Q 50 -17.69 8.64 -14.06
C PHE Q 50 -17.76 9.03 -12.59
N ASN Q 51 -17.69 8.03 -11.72
CA ASN Q 51 -17.64 8.29 -10.28
C ASN Q 51 -16.23 8.69 -9.88
N GLU Q 52 -16.13 9.64 -8.93
CA GLU Q 52 -14.85 10.10 -8.43
C GLU Q 52 -14.76 10.13 -6.91
N LYS Q 53 -15.88 10.35 -6.21
CA LYS Q 53 -15.89 10.48 -4.76
C LYS Q 53 -17.03 9.66 -4.17
N THR Q 54 -16.73 8.91 -3.12
CA THR Q 54 -17.77 8.23 -2.35
C THR Q 54 -18.29 9.22 -1.32
N ALA Q 55 -19.35 9.94 -1.70
CA ALA Q 55 -19.92 11.01 -0.89
C ALA Q 55 -21.40 10.72 -0.62
N GLU Q 56 -21.86 11.19 0.53
CA GLU Q 56 -23.24 10.97 0.95
C GLU Q 56 -24.16 12.05 0.40
N LYS Q 57 -25.39 11.65 0.12
CA LYS Q 57 -26.39 12.55 -0.44
C LYS Q 57 -26.90 13.48 0.65
N GLN Q 58 -26.68 14.78 0.48
CA GLN Q 58 -27.20 15.78 1.41
C GLN Q 58 -28.62 16.16 1.03
N ILE Q 59 -29.40 16.56 2.04
CA ILE Q 59 -30.77 17.04 1.86
C ILE Q 59 -30.88 18.39 2.55
N SER Q 60 -31.60 19.32 1.93
CA SER Q 60 -31.63 20.71 2.37
C SER Q 60 -33.06 21.26 2.42
N SER Q 61 -33.97 20.51 3.03
CA SER Q 61 -35.37 20.90 3.09
C SER Q 61 -35.54 22.13 3.97
N GLU Q 62 -36.42 23.04 3.57
CA GLU Q 62 -36.74 24.23 4.35
C GLU Q 62 -38.02 24.84 3.78
N LYS Q 63 -38.41 26.00 4.33
CA LYS Q 63 -39.63 26.65 3.87
C LYS Q 63 -39.51 27.17 2.44
N GLN Q 64 -38.30 27.31 1.92
CA GLN Q 64 -38.15 27.66 0.52
C GLN Q 64 -38.47 26.48 -0.38
N GLY Q 65 -38.18 25.28 0.08
CA GLY Q 65 -38.37 24.09 -0.72
C GLY Q 65 -37.39 23.01 -0.29
N THR Q 66 -37.36 21.94 -1.08
CA THR Q 66 -36.54 20.77 -0.78
C THR Q 66 -35.80 20.32 -2.03
N PHE Q 67 -34.55 19.91 -1.85
CA PHE Q 67 -33.77 19.32 -2.92
C PHE Q 67 -32.62 18.56 -2.30
N SER Q 68 -32.26 17.44 -2.92
CA SER Q 68 -31.16 16.59 -2.46
C SER Q 68 -30.12 16.49 -3.56
N SER Q 69 -28.86 16.74 -3.21
CA SER Q 69 -27.75 16.77 -4.15
C SER Q 69 -26.64 15.87 -3.64
N ILE Q 70 -25.92 15.26 -4.59
CA ILE Q 70 -24.80 14.38 -4.29
C ILE Q 70 -23.63 14.75 -5.18
N ARG Q 71 -22.42 14.63 -4.65
CA ARG Q 71 -21.21 15.14 -5.27
C ARG Q 71 -20.38 14.02 -5.91
N THR Q 72 -20.93 12.82 -6.06
CA THR Q 72 -20.13 11.66 -6.46
C THR Q 72 -19.58 11.83 -7.87
N TYR Q 73 -20.43 12.13 -8.85
CA TYR Q 73 -20.04 12.02 -10.24
C TYR Q 73 -19.03 13.08 -10.65
N GLY Q 74 -18.04 12.65 -11.42
CA GLY Q 74 -17.14 13.54 -12.13
C GLY Q 74 -17.61 13.76 -13.55
N MET Q 75 -16.68 14.20 -14.40
CA MET Q 75 -16.96 14.40 -15.81
C MET Q 75 -15.64 14.63 -16.53
N LEU Q 76 -15.63 14.33 -17.83
CA LEU Q 76 -14.43 14.42 -18.66
C LEU Q 76 -14.86 14.77 -20.07
N VAL Q 77 -14.43 15.95 -20.54
CA VAL Q 77 -14.84 16.49 -21.83
C VAL Q 77 -13.62 16.99 -22.58
N SER Q 78 -13.72 16.99 -23.91
CA SER Q 78 -12.61 17.31 -24.79
C SER Q 78 -12.45 18.83 -24.90
N ASN Q 79 -11.64 19.26 -25.86
CA ASN Q 79 -11.30 20.67 -26.07
C ASN Q 79 -12.31 21.38 -26.97
N ASP Q 80 -13.37 20.71 -27.40
CA ASP Q 80 -14.21 21.23 -28.48
C ASP Q 80 -14.85 22.57 -28.14
N VAL Q 81 -15.15 22.81 -26.86
CA VAL Q 81 -15.80 24.03 -26.42
C VAL Q 81 -15.14 24.54 -25.15
N ILE Q 82 -14.97 25.85 -25.06
CA ILE Q 82 -14.39 26.50 -23.88
C ILE Q 82 -15.48 26.62 -22.82
N LEU Q 83 -15.19 26.17 -21.60
CA LEU Q 83 -16.09 26.23 -20.47
C LEU Q 83 -15.57 27.19 -19.41
N GLU Q 84 -16.47 27.59 -18.51
CA GLU Q 84 -16.10 28.42 -17.37
C GLU Q 84 -17.25 28.41 -16.38
N VAL Q 85 -16.93 28.25 -15.10
CA VAL Q 85 -17.92 28.28 -14.03
C VAL Q 85 -17.40 29.19 -12.92
N ASN Q 86 -18.21 30.19 -12.56
CA ASN Q 86 -17.88 31.12 -11.50
C ASN Q 86 -19.10 31.27 -10.61
N SER Q 87 -19.04 32.25 -9.70
CA SER Q 87 -20.23 32.60 -8.93
C SER Q 87 -21.33 33.13 -9.84
N ARG Q 88 -20.94 33.93 -10.83
CA ARG Q 88 -21.89 34.56 -11.75
C ARG Q 88 -22.20 33.72 -12.99
N ASP Q 89 -21.58 32.55 -13.13
CA ASP Q 89 -21.77 31.69 -14.30
C ASP Q 89 -22.04 30.27 -13.85
N SER Q 90 -22.98 29.61 -14.53
CA SER Q 90 -23.43 28.27 -14.17
C SER Q 90 -23.51 27.41 -15.42
N LEU Q 91 -23.46 26.09 -15.20
CA LEU Q 91 -23.64 25.12 -16.27
C LEU Q 91 -24.38 23.91 -15.71
N GLU Q 92 -25.42 23.49 -16.43
CA GLU Q 92 -26.23 22.35 -16.04
C GLU Q 92 -26.51 21.51 -17.28
N PHE Q 93 -27.05 20.32 -17.08
CA PHE Q 93 -27.53 19.52 -18.19
C PHE Q 93 -28.45 18.43 -17.70
N GLU Q 94 -29.36 18.01 -18.57
CA GLU Q 94 -30.44 17.09 -18.21
C GLU Q 94 -30.00 15.65 -18.46
N CYS Q 95 -29.23 15.12 -17.52
CA CYS Q 95 -29.07 13.67 -17.44
C CYS Q 95 -30.36 13.07 -16.88
N ILE Q 96 -30.82 11.99 -17.50
CA ILE Q 96 -32.15 11.47 -17.21
C ILE Q 96 -32.28 11.00 -15.77
N TYR Q 97 -31.18 10.67 -15.11
CA TYR Q 97 -31.19 10.25 -13.70
C TYR Q 97 -30.97 11.46 -12.79
N GLY Q 98 -31.84 12.46 -12.91
CA GLY Q 98 -31.73 13.66 -12.10
C GLY Q 98 -30.87 14.72 -12.76
N ARG Q 99 -31.15 15.99 -12.46
CA ARG Q 99 -30.39 17.09 -13.02
C ARG Q 99 -28.94 17.00 -12.55
N MET Q 100 -28.02 17.34 -13.45
CA MET Q 100 -26.60 17.42 -13.16
C MET Q 100 -26.16 18.87 -13.27
N LYS Q 101 -25.26 19.29 -12.38
CA LYS Q 101 -24.72 20.64 -12.37
C LYS Q 101 -23.21 20.56 -12.26
N ILE Q 102 -22.52 21.31 -13.11
CA ILE Q 102 -21.07 21.34 -13.11
C ILE Q 102 -20.61 22.26 -11.98
N VAL Q 103 -19.93 21.68 -10.99
CA VAL Q 103 -19.49 22.46 -9.84
C VAL Q 103 -18.18 23.18 -10.14
N ASN Q 104 -17.14 22.41 -10.46
CA ASN Q 104 -15.78 22.94 -10.63
C ASN Q 104 -15.15 22.37 -11.89
N ILE Q 105 -14.31 23.17 -12.53
CA ILE Q 105 -13.66 22.83 -13.79
C ILE Q 105 -12.15 22.74 -13.54
N TYR Q 106 -11.53 21.66 -13.99
CA TYR Q 106 -10.08 21.49 -13.98
C TYR Q 106 -9.58 21.47 -15.43
N PRO Q 107 -9.03 22.57 -15.95
CA PRO Q 107 -8.61 22.56 -17.36
C PRO Q 107 -7.26 21.89 -17.52
N GLN Q 108 -7.24 20.78 -18.26
CA GLN Q 108 -6.00 20.07 -18.52
C GLN Q 108 -5.21 20.82 -19.59
N ILE Q 109 -4.04 21.34 -19.22
CA ILE Q 109 -3.23 22.19 -20.08
C ILE Q 109 -1.86 21.55 -20.22
N VAL Q 110 -1.33 21.58 -21.43
CA VAL Q 110 0.02 21.09 -21.72
C VAL Q 110 0.76 22.21 -22.43
N LYS Q 111 1.83 22.70 -21.80
CA LYS Q 111 2.67 23.78 -22.35
C LYS Q 111 1.83 25.00 -22.73
N GLY Q 112 0.98 25.41 -21.80
CA GLY Q 112 0.14 26.58 -22.02
C GLY Q 112 -0.88 26.43 -23.12
N GLU Q 113 -1.23 25.20 -23.49
CA GLU Q 113 -2.23 24.93 -24.52
C GLU Q 113 -3.28 24.01 -23.95
N LEU Q 114 -4.55 24.40 -24.10
CA LEU Q 114 -5.65 23.61 -23.59
C LEU Q 114 -5.83 22.35 -24.43
N CYS Q 115 -6.22 21.26 -23.78
CA CYS Q 115 -6.50 20.00 -24.46
C CYS Q 115 -7.77 19.31 -23.98
N GLY Q 116 -8.34 19.69 -22.86
CA GLY Q 116 -9.55 19.07 -22.35
C GLY Q 116 -9.74 19.44 -20.90
N TYR Q 117 -10.99 19.36 -20.45
CA TYR Q 117 -11.38 19.73 -19.09
C TYR Q 117 -11.71 18.48 -18.29
N GLN Q 118 -10.91 18.20 -17.27
CA GLN Q 118 -11.38 17.38 -16.18
C GLN Q 118 -12.37 18.22 -15.37
N CYS Q 119 -13.45 17.59 -14.93
CA CYS Q 119 -14.58 18.33 -14.40
C CYS Q 119 -15.30 17.50 -13.34
N SER Q 120 -15.99 18.22 -12.47
CA SER Q 120 -16.75 17.64 -11.38
C SER Q 120 -18.20 18.07 -11.48
N LEU Q 121 -19.10 17.24 -10.94
CA LEU Q 121 -20.53 17.43 -11.08
C LEU Q 121 -21.23 17.34 -9.73
N GLU Q 122 -22.48 17.78 -9.72
CA GLU Q 122 -23.37 17.64 -8.58
C GLU Q 122 -24.74 17.26 -9.12
N ARG Q 123 -25.18 16.04 -8.83
CA ARG Q 123 -26.44 15.52 -9.35
C ARG Q 123 -27.58 15.96 -8.44
N ILE Q 124 -28.37 16.92 -8.92
CA ILE Q 124 -29.42 17.55 -8.12
C ILE Q 124 -30.71 16.78 -8.39
N ASP Q 125 -31.35 16.31 -7.32
CA ASP Q 125 -32.61 15.58 -7.41
C ASP Q 125 -33.74 16.40 -6.82
N MET R 1 -7.58 46.94 42.47
CA MET R 1 -8.42 46.31 43.53
C MET R 1 -8.20 44.79 43.61
N ARG R 2 -7.54 44.23 42.61
CA ARG R 2 -7.19 42.82 42.66
C ARG R 2 -6.26 42.53 43.83
N ALA R 3 -5.26 43.38 44.04
CA ALA R 3 -4.29 43.13 45.10
C ALA R 3 -4.96 43.16 46.46
N GLY R 4 -5.85 44.13 46.69
CA GLY R 4 -6.49 44.22 47.99
C GLY R 4 -7.36 43.01 48.29
N ILE R 5 -8.19 42.60 47.33
CA ILE R 5 -9.07 41.46 47.54
C ILE R 5 -8.26 40.19 47.70
N ARG R 6 -7.22 40.02 46.89
CA ARG R 6 -6.38 38.84 47.01
C ARG R 6 -5.71 38.77 48.37
N LYS R 7 -5.17 39.91 48.84
CA LYS R 7 -4.51 39.93 50.14
C LYS R 7 -5.50 39.63 51.25
N ALA R 8 -6.70 40.21 51.18
CA ALA R 8 -7.70 39.94 52.21
C ALA R 8 -8.09 38.47 52.24
N LEU R 9 -8.33 37.88 51.06
CA LEU R 9 -8.72 36.48 51.00
C LEU R 9 -7.61 35.58 51.52
N ILE R 10 -6.36 35.86 51.16
CA ILE R 10 -5.26 35.02 51.63
C ILE R 10 -5.09 35.17 53.13
N ASP R 11 -5.16 36.39 53.66
CA ASP R 11 -4.87 36.61 55.06
C ASP R 11 -5.97 36.04 55.95
N ASN R 12 -7.24 36.30 55.62
CA ASN R 12 -8.34 35.96 56.51
C ASN R 12 -8.92 34.57 56.29
N ILE R 13 -8.39 33.80 55.33
CA ILE R 13 -8.85 32.44 55.05
C ILE R 13 -7.63 31.53 55.04
N LYS R 14 -7.75 30.39 55.72
CA LYS R 14 -6.64 29.45 55.88
C LYS R 14 -6.84 28.15 55.13
N GLU R 15 -8.08 27.74 54.84
CA GLU R 15 -8.30 26.64 53.92
C GLU R 15 -7.78 26.96 52.53
N LEU R 16 -7.77 28.24 52.17
CA LEU R 16 -7.37 28.67 50.84
C LEU R 16 -5.90 28.34 50.59
N LYS R 17 -5.62 27.89 49.36
CA LYS R 17 -4.26 27.59 48.93
C LYS R 17 -3.66 28.71 48.09
N GLY R 18 -4.48 29.54 47.47
CA GLY R 18 -3.99 30.66 46.67
C GLY R 18 -5.10 31.38 45.95
N CYS R 19 -4.94 32.68 45.75
CA CYS R 19 -5.92 33.51 45.04
C CYS R 19 -5.22 34.15 43.84
N TYR R 20 -5.61 33.72 42.65
CA TYR R 20 -4.92 34.05 41.41
C TYR R 20 -5.73 35.04 40.58
N GLU R 21 -5.18 35.39 39.43
CA GLU R 21 -5.87 36.15 38.40
C GLU R 21 -6.52 35.19 37.41
N PRO R 22 -7.36 35.70 36.46
CA PRO R 22 -8.20 34.80 35.66
C PRO R 22 -7.59 33.55 35.05
N ASN R 23 -6.57 33.66 34.19
CA ASN R 23 -6.07 32.51 33.44
C ASN R 23 -4.71 32.04 33.95
N VAL R 24 -4.39 32.32 35.20
CA VAL R 24 -3.08 31.99 35.75
C VAL R 24 -2.95 30.51 36.10
N PRO R 25 -3.78 29.95 37.00
CA PRO R 25 -3.40 28.71 37.67
C PRO R 25 -3.31 27.53 36.72
N ASN R 26 -2.18 26.82 36.77
CA ASN R 26 -1.96 25.62 35.99
C ASN R 26 -2.85 24.49 36.51
N LYS R 27 -2.86 23.38 35.78
CA LYS R 27 -3.67 22.24 36.19
C LYS R 27 -3.16 21.59 37.47
N ASP R 28 -1.90 21.79 37.82
CA ASP R 28 -1.34 21.21 39.04
C ASP R 28 -1.47 22.12 40.25
N THR R 29 -2.19 23.24 40.13
CA THR R 29 -2.38 24.12 41.27
C THR R 29 -3.19 23.41 42.34
N LYS R 30 -2.85 23.65 43.61
CA LYS R 30 -3.45 22.93 44.72
C LYS R 30 -4.78 23.58 45.09
N LYS R 31 -5.85 22.80 44.98
CA LYS R 31 -7.18 23.26 45.36
C LYS R 31 -7.34 23.17 46.88
N PRO R 32 -8.25 23.98 47.46
CA PRO R 32 -9.10 25.00 46.85
C PRO R 32 -8.35 26.29 46.56
N TYR R 33 -8.61 26.92 45.42
CA TYR R 33 -8.05 28.22 45.08
C TYR R 33 -9.15 29.10 44.53
N MET R 34 -8.96 30.41 44.66
CA MET R 34 -9.93 31.40 44.24
C MET R 34 -9.36 32.22 43.10
N VAL R 35 -10.26 32.83 42.33
CA VAL R 35 -9.88 33.66 41.19
C VAL R 35 -10.75 34.91 41.21
N VAL R 36 -10.10 36.07 41.15
CA VAL R 36 -10.77 37.36 41.27
C VAL R 36 -10.89 37.95 39.87
N VAL R 37 -12.14 38.09 39.41
CA VAL R 37 -12.44 38.59 38.07
C VAL R 37 -13.21 39.89 38.21
N GLN R 38 -12.68 40.96 37.62
CA GLN R 38 -13.37 42.25 37.59
C GLN R 38 -14.33 42.30 36.42
N GLY R 39 -15.43 43.01 36.61
CA GLY R 39 -16.49 43.15 35.62
C GLY R 39 -16.62 44.55 35.09
N GLN R 40 -17.84 44.92 34.75
CA GLN R 40 -18.10 46.23 34.17
C GLN R 40 -17.93 47.32 35.23
N ASP R 41 -17.78 48.55 34.74
CA ASP R 41 -17.97 49.76 35.53
C ASP R 41 -19.09 50.55 34.85
N ASN R 42 -20.20 50.71 35.55
CA ASN R 42 -21.41 51.31 34.99
C ASN R 42 -21.83 52.52 35.82
N ASP R 43 -22.26 53.58 35.13
CA ASP R 43 -22.74 54.78 35.80
C ASP R 43 -24.12 54.50 36.35
N HIS R 44 -24.21 54.33 37.68
CA HIS R 44 -25.45 53.99 38.35
C HIS R 44 -26.05 55.18 39.10
N GLY R 45 -25.93 56.37 38.51
CA GLY R 45 -26.58 57.56 39.03
C GLY R 45 -25.65 58.48 39.79
N GLU R 46 -26.21 59.61 40.20
CA GLU R 46 -25.43 60.64 40.86
C GLU R 46 -24.92 60.17 42.22
N THR R 47 -25.77 59.51 42.99
CA THR R 47 -25.42 59.16 44.37
C THR R 47 -24.37 58.06 44.46
N ILE R 48 -24.40 57.09 43.55
CA ILE R 48 -23.46 55.97 43.58
C ILE R 48 -22.26 56.22 42.69
N GLY R 49 -22.39 57.03 41.64
CA GLY R 49 -21.29 57.15 40.70
C GLY R 49 -21.11 55.87 39.92
N PHE R 50 -19.88 55.59 39.52
CA PHE R 50 -19.57 54.38 38.78
C PHE R 50 -19.46 53.21 39.74
N GLU R 51 -20.09 52.09 39.40
CA GLU R 51 -20.16 50.91 40.26
C GLU R 51 -19.45 49.75 39.56
N ARG R 52 -18.30 49.36 40.09
CA ARG R 52 -17.59 48.20 39.58
C ARG R 52 -18.21 46.93 40.11
N SER R 53 -18.16 45.87 39.30
CA SER R 53 -18.64 44.55 39.68
C SER R 53 -17.43 43.61 39.69
N ILE R 54 -17.24 42.91 40.81
CA ILE R 54 -16.11 42.02 41.02
C ILE R 54 -16.67 40.65 41.40
N GLU R 55 -16.08 39.60 40.85
CA GLU R 55 -16.44 38.23 41.14
C GLU R 55 -15.26 37.53 41.80
N VAL R 56 -15.57 36.59 42.69
CA VAL R 56 -14.57 35.76 43.35
C VAL R 56 -14.98 34.31 43.11
N TRP R 57 -14.30 33.65 42.19
CA TRP R 57 -14.67 32.31 41.76
C TRP R 57 -13.89 31.30 42.61
N ILE R 58 -14.58 30.64 43.52
CA ILE R 58 -13.98 29.62 44.37
C ILE R 58 -13.89 28.33 43.57
N TYR R 59 -12.85 27.53 43.85
CA TYR R 59 -12.67 26.23 43.23
C TYR R 59 -12.32 25.20 44.31
N GLU R 60 -12.66 23.95 44.02
CA GLU R 60 -12.56 22.88 45.00
C GLU R 60 -12.29 21.58 44.27
N GLY R 61 -11.83 20.58 45.00
CA GLY R 61 -11.34 19.35 44.40
C GLY R 61 -12.38 18.31 44.05
N ARG R 62 -13.64 18.71 43.94
CA ARG R 62 -14.74 17.81 43.59
C ARG R 62 -14.88 16.67 44.60
N THR R 63 -14.69 17.00 45.88
CA THR R 63 -15.03 16.08 46.95
C THR R 63 -16.53 16.15 47.25
N THR R 64 -16.99 17.32 47.66
CA THR R 64 -18.41 17.56 47.88
C THR R 64 -18.63 19.07 47.89
N PHE R 65 -19.89 19.46 47.70
CA PHE R 65 -20.23 20.87 47.64
C PHE R 65 -20.34 21.51 49.02
N LYS R 66 -20.42 20.73 50.09
CA LYS R 66 -20.52 21.32 51.43
C LYS R 66 -19.24 22.09 51.78
N LYS R 67 -18.08 21.55 51.39
CA LYS R 67 -16.83 22.27 51.60
C LYS R 67 -16.85 23.60 50.88
N LEU R 68 -17.35 23.61 49.64
CA LEU R 68 -17.42 24.84 48.88
C LEU R 68 -18.41 25.82 49.49
N ASP R 69 -19.52 25.32 50.04
CA ASP R 69 -20.46 26.21 50.70
C ASP R 69 -19.84 26.86 51.92
N LYS R 70 -19.10 26.07 52.72
CA LYS R 70 -18.39 26.64 53.86
C LYS R 70 -17.39 27.70 53.41
N LEU R 71 -16.64 27.42 52.35
CA LEU R 71 -15.69 28.39 51.84
C LEU R 71 -16.38 29.65 51.35
N THR R 72 -17.56 29.48 50.72
CA THR R 72 -18.31 30.64 50.24
C THR R 72 -18.77 31.51 51.40
N LYS R 73 -19.27 30.89 52.47
CA LYS R 73 -19.67 31.66 53.63
C LYS R 73 -18.47 32.40 54.22
N GLN R 74 -17.30 31.75 54.23
CA GLN R 74 -16.09 32.42 54.71
C GLN R 74 -15.76 33.64 53.86
N VAL R 75 -15.83 33.49 52.53
CA VAL R 75 -15.49 34.60 51.65
C VAL R 75 -16.47 35.76 51.85
N VAL R 76 -17.76 35.45 51.95
CA VAL R 76 -18.76 36.49 52.17
C VAL R 76 -18.49 37.19 53.49
N GLU R 77 -18.12 36.45 54.53
CA GLU R 77 -17.79 37.07 55.81
C GLU R 77 -16.59 37.99 55.66
N VAL R 78 -15.58 37.57 54.91
CA VAL R 78 -14.35 38.35 54.82
C VAL R 78 -14.58 39.66 54.08
N LEU R 79 -15.24 39.59 52.91
CA LEU R 79 -15.24 40.74 52.01
C LEU R 79 -16.47 41.63 52.15
N ASP R 80 -17.56 41.15 52.73
CA ASP R 80 -18.82 41.90 52.74
C ASP R 80 -18.69 43.14 53.62
N MET R 81 -18.61 44.31 53.00
CA MET R 81 -18.68 45.61 53.65
C MET R 81 -17.48 45.93 54.55
N ASN R 82 -16.46 45.09 54.58
CA ASN R 82 -15.26 45.37 55.35
C ASN R 82 -14.31 46.18 54.49
N THR R 83 -13.86 47.33 55.02
CA THR R 83 -12.92 48.17 54.29
C THR R 83 -11.62 47.43 54.06
N ILE R 84 -11.17 47.41 52.81
CA ILE R 84 -9.96 46.72 52.38
C ILE R 84 -9.04 47.76 51.77
N VAL R 85 -7.75 47.65 52.07
CA VAL R 85 -6.75 48.60 51.59
C VAL R 85 -5.88 47.90 50.56
N ASP R 86 -5.77 48.49 49.37
CA ASP R 86 -4.93 47.97 48.29
C ASP R 86 -3.57 48.63 48.42
N GLU R 87 -2.58 47.86 48.84
CA GLU R 87 -1.26 48.43 49.11
C GLU R 87 -0.57 48.91 47.83
N SER R 88 -0.81 48.23 46.71
CA SER R 88 -0.20 48.66 45.46
C SER R 88 -0.69 50.05 45.05
N GLU R 89 -2.01 50.23 45.01
CA GLU R 89 -2.56 51.54 44.69
C GLU R 89 -2.46 52.50 45.86
N ASN R 90 -2.35 51.99 47.09
CA ASN R 90 -2.39 52.80 48.30
C ASN R 90 -3.69 53.60 48.37
N GLU R 91 -4.80 52.97 47.99
CA GLU R 91 -6.13 53.52 48.20
C GLU R 91 -7.07 52.38 48.55
N ALA R 92 -8.03 52.67 49.42
CA ALA R 92 -8.90 51.65 49.98
C ALA R 92 -10.21 51.55 49.20
N PHE R 93 -11.00 50.54 49.55
CA PHE R 93 -12.32 50.34 48.98
C PHE R 93 -13.13 49.49 49.94
N THR R 94 -14.39 49.27 49.60
CA THR R 94 -15.32 48.52 50.45
C THR R 94 -16.24 47.70 49.55
N CYS R 95 -15.93 46.42 49.40
CA CYS R 95 -16.75 45.54 48.60
C CYS R 95 -18.11 45.33 49.27
N ILE R 96 -19.13 45.09 48.44
CA ILE R 96 -20.49 44.86 48.89
C ILE R 96 -20.96 43.53 48.32
N TYR R 97 -21.50 42.67 49.17
CA TYR R 97 -22.04 41.40 48.70
C TYR R 97 -23.29 41.65 47.87
N LYS R 98 -23.42 40.93 46.76
CA LYS R 98 -24.53 41.09 45.84
C LYS R 98 -25.21 39.79 45.47
N GLY R 99 -24.49 38.67 45.44
CA GLY R 99 -25.13 37.40 45.13
C GLY R 99 -24.19 36.27 44.80
N THR R 100 -24.57 35.46 43.82
CA THR R 100 -23.83 34.26 43.48
C THR R 100 -24.01 34.00 42.00
N SER R 101 -23.09 33.22 41.42
CA SER R 101 -23.15 32.90 40.00
C SER R 101 -24.45 32.16 39.67
N GLU R 102 -24.68 31.98 38.37
CA GLU R 102 -25.98 31.50 37.89
C GLU R 102 -26.31 30.14 38.47
N ASN R 103 -25.34 29.23 38.51
CA ASN R 103 -25.52 27.93 39.13
C ASN R 103 -24.21 27.54 39.80
N ASP R 104 -24.20 26.34 40.36
CA ASP R 104 -23.03 25.76 41.00
C ASP R 104 -22.40 24.78 40.03
N ILE R 105 -21.49 25.28 39.20
CA ILE R 105 -21.03 24.52 38.04
C ILE R 105 -20.14 23.36 38.49
N VAL R 106 -19.97 22.40 37.58
CA VAL R 106 -19.03 21.30 37.74
C VAL R 106 -18.21 21.22 36.47
N VAL R 107 -16.89 21.21 36.62
CA VAL R 107 -15.95 21.17 35.51
C VAL R 107 -15.21 19.84 35.61
N GLU R 108 -15.54 18.91 34.71
CA GLU R 108 -15.00 17.57 34.81
C GLU R 108 -13.56 17.50 34.29
N GLU R 109 -13.25 18.24 33.22
CA GLU R 109 -11.91 18.16 32.65
C GLU R 109 -10.85 18.65 33.63
N TRP R 110 -11.18 19.62 34.47
CA TRP R 110 -10.29 20.06 35.54
C TRP R 110 -10.46 19.26 36.82
N ASP R 111 -11.48 18.40 36.91
CA ASP R 111 -11.80 17.67 38.13
C ASP R 111 -11.99 18.63 39.30
N ALA R 112 -13.00 19.48 39.18
CA ALA R 112 -13.25 20.50 40.18
C ALA R 112 -14.72 20.91 40.13
N ILE R 113 -15.14 21.58 41.20
CA ILE R 113 -16.42 22.26 41.27
C ILE R 113 -16.14 23.71 41.61
N ALA R 114 -17.03 24.60 41.17
CA ALA R 114 -16.79 26.03 41.29
C ALA R 114 -18.09 26.75 41.60
N ARG R 115 -17.95 27.94 42.18
CA ARG R 115 -19.07 28.80 42.49
C ARG R 115 -18.56 30.23 42.51
N GLY R 116 -19.24 31.12 41.81
CA GLY R 116 -18.82 32.50 41.70
C GLY R 116 -19.60 33.43 42.60
N ILE R 117 -18.96 33.92 43.66
CA ILE R 117 -19.57 34.95 44.48
C ILE R 117 -19.45 36.26 43.73
N ARG R 118 -20.41 37.15 43.92
CA ARG R 118 -20.56 38.37 43.14
C ARG R 118 -20.54 39.56 44.07
N PHE R 119 -19.48 40.37 43.98
CA PHE R 119 -19.32 41.58 44.77
C PHE R 119 -19.38 42.80 43.86
N SER R 120 -19.39 43.97 44.49
CA SER R 120 -19.37 45.21 43.73
C SER R 120 -18.74 46.30 44.60
N VAL R 121 -18.30 47.36 43.94
CA VAL R 121 -17.67 48.51 44.58
C VAL R 121 -18.42 49.76 44.12
N ILE R 122 -18.41 50.79 44.95
CA ILE R 122 -19.24 51.98 44.76
C ILE R 122 -18.35 53.18 44.50
N ALA R 123 -18.82 54.06 43.61
CA ALA R 123 -18.24 55.39 43.40
C ALA R 123 -16.76 55.30 43.07
N LEU R 124 -16.45 54.69 41.93
CA LEU R 124 -15.06 54.50 41.54
C LEU R 124 -14.36 55.83 41.30
N GLU R 125 -15.08 56.82 40.79
CA GLU R 125 -14.46 58.07 40.35
C GLU R 125 -14.45 59.16 41.41
N ASP R 126 -15.07 58.94 42.57
CA ASP R 126 -15.12 59.94 43.63
C ASP R 126 -13.97 59.75 44.58
N LYS R 127 -13.28 60.86 44.91
CA LYS R 127 -12.13 60.82 45.81
C LYS R 127 -12.09 62.00 46.78
N GLU R 128 -13.11 62.86 46.79
CA GLU R 128 -13.04 64.12 47.52
C GLU R 128 -13.73 64.05 48.88
N ASP R 129 -15.01 63.67 48.90
CA ASP R 129 -15.85 63.75 50.09
C ASP R 129 -15.91 65.19 50.60
N THR R 130 -16.15 66.11 49.67
CA THR R 130 -16.36 67.51 49.98
C THR R 130 -17.54 68.01 49.17
N THR R 131 -18.09 69.15 49.58
CA THR R 131 -19.25 69.72 48.91
C THR R 131 -19.21 71.23 49.03
N ASN R 132 -19.80 71.89 48.03
CA ASN R 132 -20.12 73.31 48.10
C ASN R 132 -21.56 73.57 48.47
N ASP R 133 -22.31 72.53 48.85
CA ASP R 133 -23.65 72.70 49.41
C ASP R 133 -23.49 72.90 50.91
N ARG R 134 -23.67 74.14 51.35
CA ARG R 134 -23.47 74.46 52.76
C ARG R 134 -24.47 73.72 53.64
N TRP R 135 -25.68 73.49 53.14
CA TRP R 135 -26.70 72.81 53.92
C TRP R 135 -26.31 71.37 54.19
N VAL R 136 -25.78 70.69 53.16
CA VAL R 136 -25.33 69.31 53.33
C VAL R 136 -24.19 69.25 54.32
N GLU R 137 -23.26 70.20 54.24
CA GLU R 137 -22.18 70.26 55.21
C GLU R 137 -22.73 70.42 56.63
N ALA R 138 -23.69 71.31 56.80
CA ALA R 138 -24.26 71.55 58.13
C ALA R 138 -24.91 70.30 58.69
N LEU R 139 -25.74 69.63 57.88
CA LEU R 139 -26.43 68.46 58.40
C LEU R 139 -25.50 67.27 58.56
N SER R 140 -24.48 67.15 57.73
CA SER R 140 -23.50 66.08 57.95
C SER R 140 -22.74 66.31 59.24
N ARG R 141 -22.38 67.55 59.52
CA ARG R 141 -21.75 67.87 60.80
C ARG R 141 -22.68 67.52 61.95
N HIS R 142 -23.95 67.89 61.82
CA HIS R 142 -24.93 67.60 62.87
C HIS R 142 -25.06 66.10 63.10
N THR R 143 -25.12 65.34 62.02
CA THR R 143 -25.25 63.89 62.14
C THR R 143 -24.01 63.28 62.78
N LYS R 144 -22.82 63.76 62.39
CA LYS R 144 -21.60 63.24 62.98
C LYS R 144 -21.54 63.53 64.47
N ASP R 145 -21.90 64.75 64.87
CA ASP R 145 -21.86 65.11 66.29
C ASP R 145 -22.89 64.32 67.08
N LEU R 146 -24.13 64.26 66.59
CA LEU R 146 -25.19 63.57 67.32
C LEU R 146 -24.91 62.08 67.42
N LEU R 147 -24.45 61.48 66.31
CA LEU R 147 -24.51 60.04 66.12
C LEU R 147 -23.16 59.36 66.25
N GLU R 148 -22.06 60.11 66.15
CA GLU R 148 -20.71 59.57 66.34
C GLU R 148 -20.42 58.45 65.35
N ILE R 149 -20.77 58.67 64.09
CA ILE R 149 -20.38 57.80 62.99
C ILE R 149 -19.92 58.68 61.84
N GLU R 150 -19.41 58.05 60.80
CA GLU R 150 -19.04 58.79 59.60
C GLU R 150 -20.26 59.47 59.02
N SER R 151 -20.03 60.56 58.28
CA SER R 151 -21.13 61.31 57.66
C SER R 151 -20.61 61.84 56.32
N TYR R 152 -20.86 61.08 55.27
CA TYR R 152 -20.39 61.44 53.95
C TYR R 152 -21.33 62.45 53.30
N LYS R 153 -20.77 63.22 52.38
CA LYS R 153 -21.47 64.29 51.69
C LYS R 153 -22.05 63.74 50.39
N ASP R 154 -22.39 64.63 49.45
CA ASP R 154 -23.38 64.40 48.39
C ASP R 154 -23.34 63.03 47.72
N ASN R 155 -22.18 62.39 47.63
CA ASN R 155 -22.04 61.12 46.94
C ASN R 155 -21.15 60.18 47.74
N TRP R 156 -21.40 58.88 47.62
CA TRP R 156 -20.61 57.88 48.30
C TRP R 156 -19.14 57.99 47.88
N LYS R 157 -18.28 57.41 48.71
CA LYS R 157 -16.88 57.22 48.38
C LYS R 157 -16.55 55.74 48.50
N LYS R 158 -15.57 55.31 47.69
CA LYS R 158 -15.35 53.89 47.48
C LYS R 158 -14.94 53.15 48.74
N ASN R 159 -14.39 53.87 49.74
CA ASN R 159 -13.89 53.27 50.97
C ASN R 159 -14.73 53.66 52.18
N PHE R 160 -16.05 53.67 52.03
CA PHE R 160 -16.92 54.04 53.14
C PHE R 160 -16.79 53.04 54.28
N ILE R 161 -16.87 53.53 55.50
CA ILE R 161 -16.66 52.74 56.71
C ILE R 161 -18.03 52.46 57.32
N ALA R 162 -18.52 51.25 57.15
CA ALA R 162 -19.79 50.88 57.75
C ALA R 162 -19.61 50.74 59.26
N PRO R 163 -20.52 51.29 60.10
CA PRO R 163 -21.75 52.04 59.79
C PRO R 163 -21.46 53.47 59.39
N CYS R 164 -22.34 54.10 58.60
CA CYS R 164 -22.12 55.47 58.17
C CYS R 164 -23.44 56.04 57.68
N ALA R 165 -23.45 57.35 57.51
CA ALA R 165 -24.58 58.08 56.95
C ALA R 165 -24.11 58.94 55.79
N LEU R 166 -25.05 59.25 54.90
CA LEU R 166 -24.78 60.10 53.75
C LEU R 166 -25.93 61.08 53.57
N TRP R 167 -25.63 62.36 53.68
CA TRP R 167 -26.61 63.42 53.46
C TRP R 167 -26.41 64.05 52.10
N ARG R 168 -27.49 64.20 51.35
CA ARG R 168 -27.43 64.76 50.01
C ARG R 168 -28.68 65.57 49.74
N THR R 169 -28.56 66.51 48.81
CA THR R 169 -29.70 67.29 48.34
C THR R 169 -30.20 66.72 47.03
N THR R 170 -31.52 66.54 46.93
CA THR R 170 -32.14 65.99 45.73
C THR R 170 -32.88 67.06 44.93
N HIS R 171 -33.45 68.06 45.60
CA HIS R 171 -34.33 69.02 44.96
C HIS R 171 -34.21 70.36 45.67
N ILE R 172 -34.17 71.43 44.87
CA ILE R 172 -34.03 72.79 45.40
C ILE R 172 -35.06 73.74 44.80
N GLU R 173 -35.75 74.49 45.67
CA GLU R 173 -36.81 75.40 45.26
C GLU R 173 -36.53 76.75 45.90
N ASN R 174 -36.16 77.73 45.08
CA ASN R 174 -35.98 79.10 45.53
C ASN R 174 -37.26 79.90 45.27
N LYS R 175 -37.43 80.97 46.04
CA LYS R 175 -38.69 81.71 46.00
C LYS R 175 -38.46 83.10 46.55
N ARG R 176 -38.81 84.11 45.77
CA ARG R 176 -38.72 85.51 46.21
C ARG R 176 -40.05 85.86 46.88
N ILE R 177 -40.12 85.59 48.19
CA ILE R 177 -41.36 85.80 48.91
C ILE R 177 -41.72 87.28 49.00
N ASN R 178 -40.73 88.16 49.00
CA ASN R 178 -40.95 89.58 49.22
C ASN R 178 -39.88 90.35 48.49
N TYR R 179 -39.98 91.69 48.51
CA TYR R 179 -38.95 92.51 47.90
C TYR R 179 -37.59 92.27 48.54
N HIS R 180 -37.56 92.19 49.88
CA HIS R 180 -36.31 92.10 50.62
C HIS R 180 -35.93 90.68 51.01
N LEU R 181 -36.85 89.71 50.92
CA LEU R 181 -36.65 88.37 51.43
C LEU R 181 -36.68 87.35 50.30
N ILE R 182 -35.89 86.30 50.45
CA ILE R 182 -35.90 85.16 49.53
C ILE R 182 -35.91 83.88 50.34
N GLU R 183 -36.73 82.92 49.93
CA GLU R 183 -36.90 81.65 50.61
C GLU R 183 -36.19 80.57 49.80
N ILE R 184 -35.33 79.81 50.46
CA ILE R 184 -34.57 78.73 49.85
C ILE R 184 -35.01 77.44 50.53
N THR R 185 -35.52 76.49 49.75
CA THR R 185 -36.02 75.22 50.25
C THR R 185 -35.26 74.08 49.60
N LYS R 186 -34.91 73.07 50.40
CA LYS R 186 -34.19 71.90 49.93
C LYS R 186 -34.81 70.66 50.54
N THR R 187 -35.08 69.64 49.72
CA THR R 187 -35.56 68.35 50.20
C THR R 187 -34.36 67.42 50.19
N MET R 188 -33.77 67.22 51.35
CA MET R 188 -32.50 66.53 51.47
C MET R 188 -32.73 65.13 52.03
N LYS R 189 -32.25 64.14 51.30
CA LYS R 189 -32.44 62.74 51.67
C LYS R 189 -31.17 62.21 52.32
N CYS R 190 -31.34 61.27 53.25
CA CYS R 190 -30.24 60.74 54.06
C CYS R 190 -30.23 59.22 54.02
N HIS R 191 -29.02 58.66 53.92
CA HIS R 191 -28.81 57.22 53.99
C HIS R 191 -28.26 56.85 55.35
N VAL R 192 -28.44 55.58 55.71
CA VAL R 192 -27.76 54.98 56.85
C VAL R 192 -27.38 53.56 56.45
N VAL R 193 -26.08 53.28 56.44
CA VAL R 193 -25.54 51.99 56.04
C VAL R 193 -25.00 51.30 57.28
N SER R 194 -25.16 49.99 57.35
CA SER R 194 -24.57 49.18 58.42
C SER R 194 -24.78 47.72 58.08
N LYS R 195 -23.90 46.88 58.61
CA LYS R 195 -24.08 45.44 58.46
C LYS R 195 -25.25 44.93 59.29
N ASN R 196 -25.55 45.59 60.40
CA ASN R 196 -26.65 45.22 61.29
C ASN R 196 -27.85 46.11 60.97
N LYS R 197 -28.89 45.52 60.39
CA LYS R 197 -30.05 46.29 59.97
C LYS R 197 -30.79 46.90 61.16
N ASP R 198 -30.83 46.20 62.28
CA ASP R 198 -31.43 46.78 63.48
C ASP R 198 -30.67 48.03 63.90
N GLU R 199 -29.35 48.05 63.68
CA GLU R 199 -28.60 49.26 63.94
C GLU R 199 -29.03 50.39 63.01
N ILE R 200 -29.37 50.06 61.76
CA ILE R 200 -29.86 51.08 60.84
C ILE R 200 -31.15 51.67 61.39
N VAL R 201 -32.04 50.81 61.88
CA VAL R 201 -33.32 51.28 62.41
C VAL R 201 -33.09 52.18 63.62
N LYS R 202 -32.20 51.77 64.52
CA LYS R 202 -31.94 52.57 65.71
C LYS R 202 -31.32 53.93 65.35
N LEU R 203 -30.37 53.93 64.43
CA LEU R 203 -29.72 55.17 64.03
C LEU R 203 -30.73 56.12 63.39
N LEU R 204 -31.59 55.60 62.52
CA LEU R 204 -32.61 56.44 61.90
C LEU R 204 -33.57 56.99 62.94
N GLU R 205 -33.95 56.16 63.91
CA GLU R 205 -34.85 56.61 64.96
C GLU R 205 -34.26 57.77 65.75
N THR R 206 -33.02 57.61 66.21
CA THR R 206 -32.42 58.68 67.00
C THR R 206 -32.19 59.94 66.17
N LEU R 207 -31.81 59.78 64.90
CA LEU R 207 -31.61 60.95 64.05
C LEU R 207 -32.92 61.69 63.85
N GLU R 208 -34.01 60.95 63.61
CA GLU R 208 -35.31 61.59 63.44
C GLU R 208 -35.75 62.31 64.69
N THR R 209 -35.59 61.67 65.85
CA THR R 209 -36.00 62.31 67.10
C THR R 209 -35.19 63.56 67.36
N SER R 210 -33.89 63.52 67.08
CA SER R 210 -33.05 64.71 67.25
C SER R 210 -33.52 65.83 66.33
N LEU R 211 -33.76 65.51 65.05
CA LEU R 211 -34.19 66.55 64.11
C LEU R 211 -35.53 67.13 64.50
N ILE R 212 -36.39 66.35 65.14
CA ILE R 212 -37.71 66.84 65.50
C ILE R 212 -37.65 67.70 66.76
N ILE R 213 -37.07 67.17 67.84
CA ILE R 213 -37.08 67.92 69.10
C ILE R 213 -36.27 69.19 68.99
N ASP R 214 -35.17 69.16 68.23
CA ASP R 214 -34.42 70.35 67.86
C ASP R 214 -34.84 70.71 66.44
N LYS R 215 -35.78 71.64 66.34
CA LYS R 215 -36.47 71.89 65.07
C LYS R 215 -35.64 72.70 64.07
N ARG R 216 -34.36 72.94 64.33
CA ARG R 216 -33.53 73.67 63.38
C ARG R 216 -32.08 73.26 63.59
N VAL R 217 -31.25 73.58 62.62
CA VAL R 217 -29.87 73.12 62.54
C VAL R 217 -28.95 74.30 62.25
N ARG R 218 -27.86 74.39 63.01
CA ARG R 218 -26.89 75.47 62.82
C ARG R 218 -26.17 75.29 61.50
N LEU R 219 -26.38 76.23 60.58
CA LEU R 219 -25.74 76.13 59.26
C LEU R 219 -24.22 76.23 59.40
N ARG R 220 -23.75 77.13 60.26
CA ARG R 220 -22.34 77.33 60.50
C ARG R 220 -22.13 77.53 62.00
N GLU R 221 -20.89 77.31 62.44
CA GLU R 221 -20.56 77.51 63.85
C GLU R 221 -20.60 78.98 64.26
N ASP R 222 -20.69 79.92 63.30
CA ASP R 222 -20.84 81.32 63.62
C ASP R 222 -22.27 81.68 64.02
N LYS R 223 -23.21 80.74 63.94
CA LYS R 223 -24.62 81.00 64.22
C LYS R 223 -25.13 81.99 63.18
N ASN R 224 -26.26 82.64 63.45
CA ASN R 224 -26.86 83.65 62.57
C ASN R 224 -27.45 83.05 61.30
N MET R 225 -27.49 81.72 61.21
CA MET R 225 -28.19 81.01 60.15
C MET R 225 -28.79 79.73 60.74
N TYR R 226 -29.91 79.31 60.16
CA TYR R 226 -30.61 78.13 60.66
C TYR R 226 -31.42 77.52 59.54
N LEU R 227 -31.57 76.19 59.60
CA LEU R 227 -32.36 75.42 58.64
C LEU R 227 -33.57 74.89 59.38
N THR R 228 -34.64 75.69 59.44
CA THR R 228 -35.83 75.28 60.16
C THR R 228 -36.47 74.10 59.45
N LEU R 229 -36.71 73.03 60.20
CA LEU R 229 -37.24 71.81 59.62
C LEU R 229 -38.68 72.04 59.17
N VAL R 230 -39.08 71.31 58.12
CA VAL R 230 -40.45 71.33 57.61
C VAL R 230 -41.11 69.96 57.78
N SER R 231 -40.42 68.89 57.40
CA SER R 231 -40.94 67.55 57.56
C SER R 231 -39.82 66.54 57.34
N VAL R 232 -39.71 65.56 58.25
CA VAL R 232 -38.73 64.49 58.14
C VAL R 232 -39.49 63.18 58.11
N VAL R 233 -39.17 62.34 57.12
CA VAL R 233 -39.94 61.13 56.83
C VAL R 233 -38.97 60.02 56.47
N GLU R 234 -39.19 58.83 57.02
CA GLU R 234 -38.39 57.65 56.73
C GLU R 234 -39.22 56.67 55.91
N ASP R 235 -38.57 56.07 54.92
CA ASP R 235 -39.16 55.05 54.05
C ASP R 235 -38.27 53.82 54.14
N ARG R 236 -38.57 52.95 55.10
CA ARG R 236 -37.71 51.81 55.38
C ARG R 236 -37.57 50.86 54.20
N GLU R 237 -38.58 50.78 53.34
CA GLU R 237 -38.49 49.90 52.18
C GLU R 237 -37.47 50.38 51.16
N SER R 238 -37.16 51.68 51.15
CA SER R 238 -36.27 52.22 50.14
C SER R 238 -34.88 51.62 50.29
N ASP R 239 -34.18 51.52 49.16
CA ASP R 239 -32.90 50.84 49.13
C ASP R 239 -31.88 51.57 50.00
N MET R 240 -30.99 50.80 50.61
CA MET R 240 -30.02 51.36 51.55
C MET R 240 -29.01 52.26 50.85
N PHE R 241 -28.57 51.89 49.64
CA PHE R 241 -27.51 52.60 48.94
C PHE R 241 -28.03 53.57 47.89
N THR R 242 -28.82 53.08 46.94
CA THR R 242 -29.23 53.93 45.82
C THR R 242 -30.12 55.08 46.29
N THR R 243 -31.15 54.79 47.07
CA THR R 243 -32.16 55.79 47.38
C THR R 243 -31.89 56.52 48.70
N GLY R 244 -31.88 55.78 49.81
CA GLY R 244 -31.75 56.38 51.13
C GLY R 244 -33.04 56.36 51.92
N GLN R 245 -32.95 56.03 53.21
CA GLN R 245 -34.16 55.80 54.00
C GLN R 245 -34.91 57.09 54.29
N LEU R 246 -34.19 58.12 54.73
CA LEU R 246 -34.80 59.28 55.38
C LEU R 246 -34.83 60.47 54.43
N THR R 247 -36.00 61.10 54.33
CA THR R 247 -36.21 62.30 53.53
C THR R 247 -36.56 63.44 54.46
N ALA R 248 -35.84 64.55 54.33
CA ALA R 248 -36.06 65.74 55.15
C ALA R 248 -36.15 66.96 54.26
N VAL R 249 -37.01 67.90 54.63
CA VAL R 249 -37.21 69.15 53.91
C VAL R 249 -36.86 70.29 54.85
N PHE R 250 -35.90 71.12 54.44
CA PHE R 250 -35.44 72.27 55.20
C PHE R 250 -35.66 73.53 54.39
N LYS R 251 -35.94 74.63 55.06
CA LYS R 251 -36.10 75.92 54.43
C LYS R 251 -35.32 76.98 55.20
N MET R 252 -34.92 78.03 54.49
CA MET R 252 -34.18 79.14 55.07
C MET R 252 -34.60 80.40 54.34
N ILE R 253 -34.62 81.52 55.05
CA ILE R 253 -35.07 82.80 54.51
C ILE R 253 -33.88 83.75 54.56
N GLY R 254 -33.40 84.13 53.39
CA GLY R 254 -32.37 85.13 53.28
C GLY R 254 -32.96 86.52 53.32
N LYS R 255 -32.09 87.53 53.20
CA LYS R 255 -32.49 88.92 53.14
C LYS R 255 -31.62 89.63 52.12
N ILE R 256 -32.24 90.40 51.23
CA ILE R 256 -31.47 91.09 50.20
C ILE R 256 -30.56 92.10 50.86
N LYS R 257 -29.27 92.04 50.50
CA LYS R 257 -28.22 92.76 51.22
C LYS R 257 -28.02 94.17 50.68
N ARG R 258 -29.08 94.97 50.69
CA ARG R 258 -29.04 96.34 50.25
C ARG R 258 -28.99 97.30 51.43
N GLU R 259 -28.27 98.40 51.26
CA GLU R 259 -28.10 99.40 52.31
C GLU R 259 -27.99 100.77 51.65
N GLY R 260 -28.07 101.82 52.47
CA GLY R 260 -27.99 103.17 51.99
C GLY R 260 -27.55 104.13 53.08
N PRO R 261 -27.40 105.40 52.73
CA PRO R 261 -26.94 106.38 53.71
C PRO R 261 -28.00 106.65 54.77
N THR R 262 -27.55 107.14 55.93
CA THR R 262 -28.38 107.34 57.10
C THR R 262 -28.37 108.81 57.50
N MET R 263 -29.50 109.29 58.03
CA MET R 263 -29.66 110.67 58.45
C MET R 263 -29.20 110.81 59.91
N ASP R 264 -27.88 110.86 60.08
CA ASP R 264 -27.33 110.98 61.42
C ASP R 264 -27.68 112.34 62.05
N LYS R 265 -27.47 113.43 61.30
CA LYS R 265 -27.63 114.79 61.79
C LYS R 265 -28.57 115.56 60.89
N ILE R 266 -29.47 116.33 61.50
CA ILE R 266 -30.44 117.17 60.80
C ILE R 266 -30.34 118.57 61.38
N TYR R 267 -30.45 119.59 60.53
CA TYR R 267 -30.27 120.97 60.95
C TYR R 267 -31.17 121.89 60.15
N GLY R 268 -31.60 122.97 60.79
CA GLY R 268 -32.41 123.97 60.10
C GLY R 268 -32.52 125.25 60.88
N ASN R 269 -32.93 126.31 60.17
CA ASN R 269 -33.04 127.66 60.71
C ASN R 269 -34.48 128.14 60.60
N GLY R 270 -34.76 129.24 61.29
CA GLY R 270 -36.09 129.83 61.31
C GLY R 270 -36.05 131.29 60.87
N ASN R 271 -37.05 131.68 60.09
CA ASN R 271 -37.20 133.04 59.62
C ASN R 271 -38.66 133.44 59.75
N LEU R 272 -39.02 134.60 59.21
CA LEU R 272 -40.39 135.09 59.24
C LEU R 272 -40.73 135.84 57.94
N GLU S 9 -5.87 -54.55 14.46
CA GLU S 9 -6.93 -54.59 13.42
C GLU S 9 -6.50 -53.79 12.19
N LYS S 10 -6.82 -54.32 11.00
CA LYS S 10 -6.43 -53.66 9.76
C LYS S 10 -7.13 -52.31 9.63
N LEU S 11 -8.44 -52.29 9.88
CA LEU S 11 -9.24 -51.09 9.62
C LEU S 11 -8.81 -49.93 10.52
N ARG S 12 -8.55 -50.22 11.79
CA ARG S 12 -8.14 -49.16 12.71
C ARG S 12 -6.80 -48.55 12.29
N LEU S 13 -5.85 -49.41 11.93
CA LEU S 13 -4.55 -48.91 11.52
C LEU S 13 -4.66 -48.11 10.23
N LEU S 14 -5.52 -48.54 9.31
CA LEU S 14 -5.71 -47.79 8.07
C LEU S 14 -6.36 -46.44 8.33
N LEU S 15 -7.37 -46.41 9.20
CA LEU S 15 -8.00 -45.14 9.56
C LEU S 15 -7.01 -44.22 10.29
N ASN S 16 -6.02 -44.80 10.96
CA ASN S 16 -4.94 -43.99 11.49
C ASN S 16 -4.06 -43.45 10.36
N ASP S 17 -3.69 -44.30 9.41
CA ASP S 17 -2.83 -43.87 8.31
C ASP S 17 -3.58 -42.90 7.40
N LYS S 18 -4.65 -43.37 6.77
CA LYS S 18 -5.55 -42.52 6.01
C LYS S 18 -6.52 -41.90 7.02
N ASP S 19 -6.49 -40.58 7.12
CA ASP S 19 -7.08 -39.89 8.27
C ASP S 19 -8.58 -40.16 8.38
N LYS S 20 -9.04 -40.26 9.63
CA LYS S 20 -10.35 -40.83 9.93
C LYS S 20 -11.53 -39.93 9.57
N LYS S 21 -12.70 -40.53 9.47
CA LYS S 21 -13.98 -39.83 9.40
C LYS S 21 -14.07 -38.97 8.13
N SER S 22 -13.64 -39.53 7.00
CA SER S 22 -13.94 -39.01 5.69
C SER S 22 -14.58 -40.04 4.78
N PHE S 23 -14.27 -41.32 4.98
CA PHE S 23 -14.89 -42.44 4.31
C PHE S 23 -15.64 -43.30 5.32
N THR S 24 -16.68 -43.98 4.87
CA THR S 24 -17.32 -45.01 5.67
C THR S 24 -16.59 -46.33 5.50
N ASP S 25 -16.90 -47.29 6.37
CA ASP S 25 -16.00 -48.42 6.57
C ASP S 25 -16.02 -49.39 5.39
N GLU S 26 -17.10 -49.42 4.61
CA GLU S 26 -17.18 -50.40 3.53
C GLU S 26 -16.13 -50.14 2.45
N GLU S 27 -15.91 -48.88 2.07
CA GLU S 27 -14.87 -48.61 1.10
C GLU S 27 -13.49 -48.85 1.69
N LEU S 28 -13.34 -48.68 3.00
CA LEU S 28 -12.08 -49.06 3.65
C LEU S 28 -11.83 -50.56 3.53
N ASN S 29 -12.88 -51.37 3.71
CA ASN S 29 -12.75 -52.79 3.49
C ASN S 29 -12.36 -53.08 2.04
N LEU S 30 -12.96 -52.35 1.11
CA LEU S 30 -12.59 -52.49 -0.30
C LEU S 30 -11.12 -52.13 -0.51
N PHE S 31 -10.65 -51.07 0.16
CA PHE S 31 -9.25 -50.66 0.05
C PHE S 31 -8.32 -51.77 0.53
N LEU S 32 -8.65 -52.36 1.67
CA LEU S 32 -7.84 -53.46 2.18
C LEU S 32 -7.87 -54.65 1.23
N GLU S 33 -9.04 -54.94 0.64
CA GLU S 33 -9.13 -56.06 -0.29
C GLU S 33 -8.35 -55.82 -1.57
N GLU S 34 -8.19 -54.56 -1.97
CA GLU S 34 -7.47 -54.27 -3.21
C GLU S 34 -6.02 -54.72 -3.14
N ALA S 35 -5.34 -54.44 -2.03
CA ALA S 35 -3.94 -54.79 -1.85
C ALA S 35 -3.72 -55.28 -0.43
N ASP S 36 -3.02 -56.40 -0.30
CA ASP S 36 -2.77 -56.96 1.03
C ASP S 36 -1.85 -56.06 1.85
N CYS S 37 -0.91 -55.38 1.18
CA CYS S 37 -0.04 -54.44 1.88
C CYS S 37 -0.85 -53.23 2.31
N ILE S 38 -0.84 -52.93 3.61
CA ILE S 38 -1.70 -51.87 4.12
C ILE S 38 -1.26 -50.51 3.59
N TYR S 39 0.04 -50.32 3.39
CA TYR S 39 0.53 -49.02 2.95
C TYR S 39 0.12 -48.71 1.52
N CYS S 40 0.01 -49.73 0.67
CA CYS S 40 -0.50 -49.49 -0.68
C CYS S 40 -1.95 -49.03 -0.63
N ALA S 41 -2.77 -49.67 0.22
CA ALA S 41 -4.15 -49.23 0.40
C ALA S 41 -4.19 -47.82 0.98
N ALA S 42 -3.25 -47.50 1.87
CA ALA S 42 -3.19 -46.16 2.44
C ALA S 42 -2.88 -45.13 1.37
N SER S 43 -1.97 -45.45 0.46
CA SER S 43 -1.66 -44.53 -0.64
C SER S 43 -2.87 -44.33 -1.53
N GLN S 44 -3.56 -45.42 -1.88
CA GLN S 44 -4.76 -45.31 -2.69
C GLN S 44 -5.81 -44.46 -1.99
N GLY S 45 -6.02 -44.70 -0.70
CA GLY S 45 -6.98 -43.92 0.05
C GLY S 45 -6.58 -42.46 0.17
N TRP S 46 -5.28 -42.20 0.26
CA TRP S 46 -4.82 -40.81 0.34
C TRP S 46 -5.08 -40.08 -0.96
N ILE S 47 -4.88 -40.75 -2.10
CA ILE S 47 -5.21 -40.13 -3.37
C ILE S 47 -6.71 -39.86 -3.46
N LEU S 48 -7.52 -40.86 -3.10
CA LEU S 48 -8.97 -40.70 -3.22
C LEU S 48 -9.51 -39.69 -2.20
N LYS S 49 -8.79 -39.47 -1.11
CA LYS S 49 -9.14 -38.40 -0.17
C LYS S 49 -8.71 -37.05 -0.73
N SER S 50 -7.58 -37.02 -1.43
CA SER S 50 -7.11 -35.80 -2.09
C SER S 50 -8.13 -35.31 -3.10
N LEU S 51 -8.81 -36.24 -3.76
CA LEU S 51 -9.86 -35.83 -4.70
C LEU S 51 -10.99 -35.05 -4.02
N GLN S 52 -11.19 -35.27 -2.72
CA GLN S 52 -12.34 -34.70 -2.02
C GLN S 52 -12.13 -33.27 -1.55
N TYR S 53 -10.94 -32.69 -1.73
CA TYR S 53 -10.74 -31.33 -1.23
C TYR S 53 -11.54 -30.30 -2.02
N GLU S 54 -11.96 -30.62 -3.24
CA GLU S 54 -12.77 -29.68 -4.00
C GLU S 54 -14.11 -29.38 -3.34
N ASN S 55 -14.61 -30.29 -2.50
CA ASN S 55 -15.85 -30.09 -1.77
C ASN S 55 -15.62 -29.58 -0.35
N THR S 56 -14.67 -30.18 0.38
CA THR S 56 -14.51 -29.87 1.79
C THR S 56 -13.98 -28.47 2.05
N VAL S 57 -13.11 -27.94 1.18
CA VAL S 57 -12.51 -26.62 1.38
C VAL S 57 -12.83 -25.71 0.20
N GLY S 58 -13.06 -26.29 -0.97
CA GLY S 58 -13.40 -25.50 -2.13
C GLY S 58 -12.25 -24.65 -2.64
N GLU S 59 -12.41 -24.06 -3.82
CA GLU S 59 -11.35 -23.25 -4.39
C GLU S 59 -11.30 -21.84 -3.79
N MET S 60 -12.35 -21.42 -3.08
CA MET S 60 -12.39 -20.09 -2.48
C MET S 60 -11.44 -20.04 -1.30
N TYR S 61 -10.16 -19.80 -1.61
CA TYR S 61 -9.11 -19.98 -0.62
C TYR S 61 -9.00 -18.79 0.33
N GLU S 62 -9.52 -17.63 -0.05
CA GLU S 62 -9.46 -16.45 0.79
C GLU S 62 -10.70 -15.59 0.58
N TYR S 63 -11.20 -15.01 1.66
CA TYR S 63 -12.34 -14.11 1.59
C TYR S 63 -12.32 -13.16 2.79
N LYS S 64 -12.89 -11.97 2.58
CA LYS S 64 -13.08 -10.98 3.64
C LYS S 64 -14.55 -10.58 3.65
N VAL S 65 -15.18 -10.64 4.81
CA VAL S 65 -16.54 -10.17 4.99
C VAL S 65 -16.57 -9.32 6.26
N GLY S 66 -17.09 -8.11 6.14
CA GLY S 66 -17.07 -7.18 7.26
C GLY S 66 -15.64 -6.93 7.68
N GLN S 67 -15.34 -7.20 8.95
CA GLN S 67 -13.99 -7.14 9.47
C GLN S 67 -13.34 -8.52 9.58
N GLU S 68 -14.06 -9.58 9.23
CA GLU S 68 -13.50 -10.93 9.19
C GLU S 68 -12.62 -11.05 7.95
N THR S 69 -11.44 -11.64 8.11
CA THR S 69 -10.58 -12.00 7.00
C THR S 69 -10.01 -13.38 7.27
N TYR S 70 -10.15 -14.29 6.30
CA TYR S 70 -9.68 -15.66 6.43
C TYR S 70 -8.96 -16.06 5.16
N LYS S 71 -7.76 -16.63 5.32
CA LYS S 71 -6.95 -17.16 4.23
C LYS S 71 -6.69 -18.62 4.51
N SER S 72 -7.39 -19.50 3.78
CA SER S 72 -7.18 -20.92 3.90
C SER S 72 -6.10 -21.36 2.91
N SER S 73 -5.56 -22.55 3.16
CA SER S 73 -4.60 -23.12 2.22
C SER S 73 -5.27 -23.38 0.89
N SER S 74 -4.61 -22.99 -0.20
CA SER S 74 -5.17 -23.18 -1.52
C SER S 74 -5.32 -24.66 -1.82
N ILE S 75 -6.24 -24.99 -2.73
CA ILE S 75 -6.53 -26.39 -3.03
C ILE S 75 -5.30 -27.07 -3.61
N LYS S 76 -4.47 -26.33 -4.35
CA LYS S 76 -3.26 -26.90 -4.92
C LYS S 76 -2.34 -27.41 -3.82
N ASP S 77 -2.15 -26.62 -2.76
CA ASP S 77 -1.26 -27.04 -1.69
C ASP S 77 -1.81 -28.28 -0.99
N LEU S 78 -3.11 -28.32 -0.73
CA LEU S 78 -3.69 -29.47 -0.04
C LEU S 78 -3.59 -30.73 -0.88
N VAL S 79 -3.93 -30.65 -2.17
CA VAL S 79 -3.83 -31.85 -3.01
C VAL S 79 -2.37 -32.26 -3.18
N SER S 80 -1.46 -31.29 -3.24
CA SER S 80 -0.04 -31.62 -3.34
C SER S 80 0.43 -32.36 -2.10
N VAL S 81 0.01 -31.91 -0.92
CA VAL S 81 0.43 -32.58 0.31
C VAL S 81 -0.17 -33.97 0.40
N ALA S 82 -1.42 -34.12 -0.04
CA ALA S 82 -2.04 -35.45 -0.04
C ALA S 82 -1.30 -36.38 -1.01
N TYR S 83 -0.92 -35.86 -2.17
CA TYR S 83 -0.14 -36.65 -3.13
C TYR S 83 1.21 -37.03 -2.55
N GLN S 84 1.83 -36.11 -1.81
CA GLN S 84 3.13 -36.41 -1.21
C GLN S 84 2.98 -37.51 -0.16
N ASN S 85 1.90 -37.46 0.63
CA ASN S 85 1.64 -38.53 1.59
C ASN S 85 1.41 -39.86 0.89
N ALA S 86 0.65 -39.85 -0.20
CA ALA S 86 0.41 -41.07 -0.96
C ALA S 86 1.72 -41.63 -1.52
N ASP S 87 2.58 -40.74 -2.02
CA ASP S 87 3.88 -41.18 -2.52
C ASP S 87 4.73 -41.77 -1.41
N LYS S 88 4.69 -41.16 -0.22
CA LYS S 88 5.45 -41.72 0.90
C LYS S 88 4.96 -43.11 1.27
N PHE S 89 3.64 -43.31 1.29
CA PHE S 89 3.11 -44.62 1.62
C PHE S 89 3.45 -45.64 0.53
N LYS S 90 3.42 -45.20 -0.74
CA LYS S 90 3.82 -46.10 -1.83
C LYS S 90 5.29 -46.50 -1.70
N ASP S 91 6.15 -45.54 -1.37
CA ASP S 91 7.57 -45.84 -1.20
C ASP S 91 7.77 -46.78 -0.01
N MET S 92 7.00 -46.59 1.06
CA MET S 92 7.07 -47.49 2.20
C MET S 92 6.67 -48.90 1.78
N CYS S 93 5.61 -49.02 0.99
CA CYS S 93 5.19 -50.33 0.50
C CYS S 93 6.28 -50.98 -0.32
N THR S 94 6.90 -50.22 -1.24
CA THR S 94 7.95 -50.79 -2.07
C THR S 94 9.13 -51.24 -1.23
N ASN S 95 9.59 -50.39 -0.30
CA ASN S 95 10.74 -50.73 0.52
C ASN S 95 10.45 -51.95 1.40
N LYS S 96 9.22 -52.05 1.91
CA LYS S 96 8.84 -53.24 2.66
C LYS S 96 8.89 -54.48 1.78
N LYS S 97 8.39 -54.36 0.54
CA LYS S 97 8.35 -55.49 -0.38
C LYS S 97 9.64 -55.67 -1.18
N GLU S 98 10.54 -54.69 -1.16
CA GLU S 98 11.76 -54.77 -1.97
C GLU S 98 12.82 -55.63 -1.28
N LYS S 99 13.46 -56.49 -2.06
CA LYS S 99 14.59 -57.29 -1.64
C LYS S 99 15.83 -56.85 -2.41
N GLY S 100 16.99 -57.02 -1.78
CA GLY S 100 18.24 -56.58 -2.35
C GLY S 100 18.69 -57.44 -3.51
N SER S 101 19.89 -57.15 -4.00
CA SER S 101 20.43 -57.87 -5.15
C SER S 101 20.74 -59.31 -4.79
N PHE S 102 21.04 -60.11 -5.80
CA PHE S 102 21.30 -61.53 -5.64
C PHE S 102 22.28 -62.02 -6.69
N MET S 103 23.18 -62.90 -6.27
CA MET S 103 24.03 -63.68 -7.16
C MET S 103 23.76 -65.15 -6.86
N LEU S 104 23.38 -65.91 -7.89
CA LEU S 104 22.97 -67.29 -7.74
C LEU S 104 23.72 -68.17 -8.73
N GLY S 105 23.85 -69.44 -8.38
CA GLY S 105 24.47 -70.39 -9.27
C GLY S 105 23.58 -70.73 -10.44
N ILE S 106 24.22 -71.15 -11.53
CA ILE S 106 23.54 -71.56 -12.75
C ILE S 106 24.20 -72.85 -13.23
N SER S 107 23.40 -73.74 -13.83
CA SER S 107 23.92 -75.03 -14.25
C SER S 107 23.00 -75.64 -15.30
N THR S 108 23.60 -76.21 -16.34
CA THR S 108 22.89 -76.92 -17.39
C THR S 108 23.39 -78.35 -17.47
N GLU S 109 22.46 -79.29 -17.60
CA GLU S 109 22.82 -80.68 -17.77
C GLU S 109 23.59 -80.87 -19.07
N PHE S 110 24.51 -81.82 -19.07
CA PHE S 110 25.27 -82.12 -20.29
C PHE S 110 25.78 -83.55 -20.23
N GLU S 111 25.21 -84.40 -21.08
CA GLU S 111 25.75 -85.73 -21.32
C GLU S 111 25.73 -86.59 -20.07
N GLU T 9 34.33 -31.17 32.49
CA GLU T 9 33.18 -32.09 32.64
C GLU T 9 32.41 -32.21 31.32
N LYS T 10 32.19 -33.45 30.88
CA LYS T 10 31.59 -33.68 29.57
C LYS T 10 30.17 -33.12 29.50
N LEU T 11 29.39 -33.29 30.57
CA LEU T 11 28.01 -32.80 30.56
C LEU T 11 27.98 -31.28 30.45
N ARG T 12 28.87 -30.58 31.15
CA ARG T 12 28.91 -29.14 31.07
C ARG T 12 29.25 -28.67 29.67
N LEU T 13 30.24 -29.32 29.03
CA LEU T 13 30.60 -28.96 27.68
C LEU T 13 29.46 -29.23 26.71
N LEU T 14 28.73 -30.33 26.91
CA LEU T 14 27.59 -30.62 26.04
C LEU T 14 26.49 -29.58 26.24
N LEU T 15 26.32 -29.09 27.46
CA LEU T 15 25.33 -28.06 27.72
C LEU T 15 25.78 -26.69 27.20
N ASN T 16 27.02 -26.60 26.72
CA ASN T 16 27.49 -25.39 26.02
C ASN T 16 27.32 -25.59 24.52
N ASP T 17 27.65 -26.78 24.04
CA ASP T 17 27.42 -27.09 22.62
C ASP T 17 25.95 -27.04 22.29
N LYS T 18 25.09 -27.42 23.22
CA LYS T 18 23.64 -27.36 23.08
C LYS T 18 23.10 -26.55 24.26
N ASP T 19 22.27 -25.56 23.97
CA ASP T 19 21.95 -24.53 24.95
C ASP T 19 21.19 -25.13 26.14
N LYS T 20 21.25 -24.41 27.26
CA LYS T 20 20.84 -24.97 28.54
C LYS T 20 19.32 -25.12 28.64
N LYS T 21 18.90 -26.09 29.44
CA LYS T 21 17.57 -26.18 30.02
C LYS T 21 16.44 -26.32 29.01
N SER T 22 16.77 -26.70 27.77
CA SER T 22 15.76 -27.26 26.88
C SER T 22 15.54 -28.74 27.15
N PHE T 23 16.55 -29.42 27.66
CA PHE T 23 16.48 -30.79 28.17
C PHE T 23 16.83 -30.78 29.65
N THR T 24 16.73 -31.95 30.27
CA THR T 24 17.25 -32.19 31.61
C THR T 24 18.39 -33.18 31.51
N ASP T 25 19.23 -33.23 32.56
CA ASP T 25 20.47 -34.00 32.49
C ASP T 25 20.22 -35.49 32.30
N GLU T 26 19.04 -35.97 32.66
CA GLU T 26 18.69 -37.38 32.56
C GLU T 26 18.72 -37.90 31.13
N GLU T 27 18.68 -36.99 30.14
CA GLU T 27 18.88 -37.37 28.74
C GLU T 27 20.21 -36.87 28.18
N LEU T 28 20.80 -35.84 28.79
CA LEU T 28 22.15 -35.45 28.37
C LEU T 28 23.14 -36.58 28.63
N ASN T 29 23.05 -37.21 29.81
CA ASN T 29 23.91 -38.36 30.07
C ASN T 29 23.62 -39.49 29.09
N LEU T 30 22.36 -39.67 28.73
CA LEU T 30 21.98 -40.68 27.75
C LEU T 30 22.65 -40.40 26.40
N PHE T 31 22.65 -39.13 25.98
CA PHE T 31 23.28 -38.77 24.71
C PHE T 31 24.77 -38.96 24.78
N LEU T 32 25.39 -38.65 25.92
CA LEU T 32 26.82 -38.90 26.08
C LEU T 32 27.13 -40.39 25.96
N GLU T 33 26.28 -41.22 26.56
CA GLU T 33 26.47 -42.67 26.47
C GLU T 33 26.19 -43.18 25.06
N GLU T 34 25.34 -42.49 24.29
CA GLU T 34 24.99 -42.96 22.97
C GLU T 34 26.19 -43.00 22.04
N ALA T 35 27.05 -41.98 22.13
CA ALA T 35 28.26 -41.90 21.30
C ALA T 35 29.39 -41.36 22.16
N ASP T 36 30.56 -41.99 22.05
CA ASP T 36 31.70 -41.56 22.86
C ASP T 36 32.16 -40.16 22.45
N CYS T 37 32.06 -39.83 21.17
CA CYS T 37 32.43 -38.50 20.70
C CYS T 37 31.36 -37.51 21.14
N ILE T 38 31.78 -36.46 21.82
CA ILE T 38 30.81 -35.49 22.36
C ILE T 38 30.10 -34.76 21.23
N TYR T 39 30.78 -34.55 20.10
CA TYR T 39 30.17 -33.80 19.00
C TYR T 39 29.03 -34.58 18.35
N CYS T 40 29.15 -35.91 18.27
CA CYS T 40 28.04 -36.71 17.75
C CYS T 40 26.82 -36.60 18.66
N ALA T 41 27.05 -36.66 19.98
CA ALA T 41 25.95 -36.48 20.91
C ALA T 41 25.37 -35.08 20.79
N ALA T 42 26.23 -34.08 20.53
CA ALA T 42 25.73 -32.72 20.33
C ALA T 42 24.85 -32.63 19.10
N SER T 43 25.23 -33.30 18.01
CA SER T 43 24.40 -33.31 16.81
C SER T 43 23.06 -33.97 17.08
N GLN T 44 23.08 -35.12 17.77
CA GLN T 44 21.85 -35.82 18.11
C GLN T 44 20.95 -34.92 18.97
N GLY T 45 21.53 -34.30 19.99
CA GLY T 45 20.76 -33.43 20.84
C GLY T 45 20.24 -32.21 20.10
N TRP T 46 21.00 -31.71 19.12
CA TRP T 46 20.55 -30.56 18.36
C TRP T 46 19.36 -30.92 17.49
N ILE T 47 19.36 -32.12 16.89
CA ILE T 47 18.18 -32.56 16.15
C ILE T 47 16.99 -32.68 17.09
N LEU T 48 17.20 -33.32 18.25
CA LEU T 48 16.09 -33.51 19.19
C LEU T 48 15.59 -32.19 19.75
N LYS T 49 16.47 -31.20 19.86
CA LYS T 49 16.06 -29.86 20.31
C LYS T 49 15.34 -29.11 19.18
N SER T 50 15.76 -29.37 17.94
CA SER T 50 15.05 -28.83 16.79
C SER T 50 13.61 -29.30 16.76
N LEU T 51 13.38 -30.55 17.20
CA LEU T 51 12.00 -31.04 17.29
C LEU T 51 11.14 -30.18 18.21
N GLN T 52 11.74 -29.54 19.21
CA GLN T 52 10.96 -28.83 20.22
C GLN T 52 10.42 -27.49 19.76
N TYR T 53 10.79 -27.01 18.57
CA TYR T 53 10.27 -25.71 18.12
C TYR T 53 8.78 -25.77 17.81
N GLU T 54 8.20 -26.97 17.69
CA GLU T 54 6.76 -27.08 17.53
C GLU T 54 6.00 -26.45 18.69
N ASN T 55 6.57 -26.48 19.90
CA ASN T 55 5.93 -25.97 21.10
C ASN T 55 6.49 -24.63 21.55
N THR T 56 7.81 -24.50 21.61
CA THR T 56 8.42 -23.31 22.19
C THR T 56 8.16 -22.05 21.38
N VAL T 57 7.91 -22.17 20.08
CA VAL T 57 7.66 -21.02 19.21
C VAL T 57 6.30 -21.18 18.53
N GLY T 58 6.03 -22.36 17.99
CA GLY T 58 4.77 -22.60 17.32
C GLY T 58 4.74 -22.00 15.93
N GLU T 59 3.75 -22.40 15.13
CA GLU T 59 3.67 -21.93 13.76
C GLU T 59 3.26 -20.47 13.66
N MET T 60 2.64 -19.91 14.70
CA MET T 60 2.11 -18.54 14.65
C MET T 60 3.29 -17.57 14.69
N TYR T 61 3.86 -17.34 13.51
CA TYR T 61 5.13 -16.64 13.44
C TYR T 61 4.96 -15.12 13.50
N GLU T 62 3.80 -14.60 13.14
CA GLU T 62 3.53 -13.17 13.18
C GLU T 62 2.10 -12.91 13.60
N TYR T 63 1.92 -11.89 14.44
CA TYR T 63 0.60 -11.48 14.89
C TYR T 63 0.62 -10.00 15.24
N LYS T 64 -0.56 -9.38 15.13
CA LYS T 64 -0.77 -7.99 15.52
C LYS T 64 -1.99 -7.96 16.45
N VAL T 65 -1.82 -7.35 17.62
CA VAL T 65 -2.92 -7.12 18.56
C VAL T 65 -2.85 -5.67 19.00
N GLY T 66 -3.96 -4.96 18.88
CA GLY T 66 -3.95 -3.53 19.17
C GLY T 66 -2.94 -2.82 18.31
N GLN T 67 -2.03 -2.10 18.95
CA GLN T 67 -0.91 -1.47 18.27
C GLN T 67 0.36 -2.30 18.34
N GLU T 68 0.33 -3.46 19.01
CA GLU T 68 1.48 -4.36 19.06
C GLU T 68 1.59 -5.10 17.74
N THR T 69 2.80 -5.24 17.23
CA THR T 69 3.08 -6.10 16.09
C THR T 69 4.40 -6.81 16.34
N TYR T 70 4.40 -8.13 16.17
CA TYR T 70 5.58 -8.95 16.40
C TYR T 70 5.72 -9.94 15.25
N LYS T 71 6.94 -10.08 14.75
CA LYS T 71 7.26 -10.99 13.65
C LYS T 71 8.40 -11.88 14.11
N SER T 72 8.06 -13.06 14.61
CA SER T 72 9.07 -14.03 15.01
C SER T 72 9.52 -14.82 13.78
N SER T 73 10.68 -15.47 13.92
CA SER T 73 11.18 -16.33 12.86
C SER T 73 10.27 -17.53 12.69
N SER T 74 9.99 -17.89 11.44
CA SER T 74 9.13 -19.02 11.17
C SER T 74 9.78 -20.31 11.67
N ILE T 75 8.94 -21.31 11.96
CA ILE T 75 9.44 -22.56 12.50
C ILE T 75 10.36 -23.25 11.50
N LYS T 76 10.09 -23.10 10.21
CA LYS T 76 10.94 -23.70 9.19
C LYS T 76 12.36 -23.15 9.28
N ASP T 77 12.49 -21.83 9.47
CA ASP T 77 13.81 -21.24 9.59
C ASP T 77 14.55 -21.77 10.82
N LEU T 78 13.85 -21.86 11.96
CA LEU T 78 14.49 -22.31 13.18
C LEU T 78 14.95 -23.76 13.07
N VAL T 79 14.09 -24.63 12.54
CA VAL T 79 14.48 -26.03 12.41
C VAL T 79 15.60 -26.16 11.39
N SER T 80 15.59 -25.33 10.34
CA SER T 80 16.68 -25.35 9.37
C SER T 80 18.01 -24.99 10.04
N VAL T 81 18.00 -23.96 10.88
CA VAL T 81 19.23 -23.54 11.54
C VAL T 81 19.70 -24.62 12.51
N ALA T 82 18.76 -25.23 13.23
CA ALA T 82 19.14 -26.31 14.15
C ALA T 82 19.73 -27.49 13.41
N TYR T 83 19.14 -27.83 12.25
CA TYR T 83 19.68 -28.90 11.42
C TYR T 83 21.07 -28.54 10.93
N GLN T 84 21.29 -27.28 10.57
CA GLN T 84 22.61 -26.86 10.12
C GLN T 84 23.64 -27.00 11.24
N ASN T 85 23.25 -26.64 12.46
CA ASN T 85 24.13 -26.82 13.61
C ASN T 85 24.45 -28.30 13.84
N ALA T 86 23.42 -29.15 13.75
CA ALA T 86 23.63 -30.58 13.91
C ALA T 86 24.57 -31.12 12.85
N ASP T 87 24.40 -30.66 11.61
CA ASP T 87 25.29 -31.08 10.52
C ASP T 87 26.72 -30.63 10.78
N LYS T 88 26.89 -29.40 11.29
CA LYS T 88 28.23 -28.91 11.60
C LYS T 88 28.89 -29.78 12.67
N PHE T 89 28.14 -30.13 13.71
CA PHE T 89 28.72 -30.98 14.76
C PHE T 89 29.01 -32.37 14.23
N LYS T 90 28.17 -32.90 13.36
CA LYS T 90 28.43 -34.22 12.77
C LYS T 90 29.70 -34.19 11.92
N ASP T 91 29.85 -33.15 11.11
CA ASP T 91 31.07 -33.00 10.30
C ASP T 91 32.29 -32.85 11.18
N MET T 92 32.15 -32.13 12.30
CA MET T 92 33.25 -32.01 13.25
C MET T 92 33.63 -33.37 13.81
N CYS T 93 32.62 -34.17 14.16
CA CYS T 93 32.89 -35.52 14.66
C CYS T 93 33.62 -36.36 13.62
N THR T 94 33.17 -36.29 12.37
CA THR T 94 33.82 -37.08 11.33
C THR T 94 35.27 -36.64 11.13
N ASN T 95 35.50 -35.32 11.04
CA ASN T 95 36.86 -34.82 10.83
C ASN T 95 37.77 -35.18 12.00
N LYS T 96 37.22 -35.15 13.22
CA LYS T 96 37.99 -35.61 14.36
C LYS T 96 38.35 -37.09 14.23
N LYS T 97 37.39 -37.90 13.80
CA LYS T 97 37.62 -39.33 13.64
C LYS T 97 38.22 -39.69 12.30
N GLU T 98 38.22 -38.78 11.33
CA GLU T 98 38.74 -39.09 10.00
C GLU T 98 40.25 -39.21 10.02
N LYS T 99 40.77 -40.17 9.26
CA LYS T 99 42.20 -40.37 9.04
C LYS T 99 42.48 -40.34 7.55
N GLY T 100 43.66 -39.85 7.20
CA GLY T 100 44.03 -39.68 5.82
C GLY T 100 44.27 -41.00 5.11
N SER T 101 44.69 -40.91 3.86
CA SER T 101 44.93 -42.08 3.04
C SER T 101 46.15 -42.85 3.55
N PHE T 102 46.31 -44.06 3.04
CA PHE T 102 47.39 -44.95 3.46
C PHE T 102 47.84 -45.83 2.30
N MET T 103 49.16 -45.99 2.19
CA MET T 103 49.78 -47.00 1.34
C MET T 103 50.59 -47.91 2.23
N LEU T 104 50.29 -49.21 2.19
CA LEU T 104 50.89 -50.18 3.09
C LEU T 104 51.44 -51.35 2.29
N GLY T 105 52.42 -52.03 2.89
CA GLY T 105 52.99 -53.20 2.27
C GLY T 105 52.04 -54.40 2.32
N ILE T 106 52.20 -55.29 1.35
CA ILE T 106 51.43 -56.51 1.25
C ILE T 106 52.40 -57.64 0.96
N SER T 107 52.11 -58.84 1.47
CA SER T 107 53.00 -59.97 1.30
C SER T 107 52.25 -61.27 1.55
N THR T 108 52.53 -62.27 0.71
CA THR T 108 51.98 -63.60 0.84
C THR T 108 53.12 -64.61 0.93
N GLU T 109 52.97 -65.59 1.83
CA GLU T 109 53.97 -66.62 2.00
C GLU T 109 54.05 -67.48 0.74
N PHE T 110 55.26 -67.93 0.42
CA PHE T 110 55.46 -68.83 -0.71
C PHE T 110 56.75 -69.60 -0.50
N GLU T 111 56.82 -70.78 -1.10
CA GLU T 111 58.01 -71.63 -1.06
C GLU T 111 58.42 -72.05 -2.46
N GLU U 9 56.01 4.72 5.76
CA GLU U 9 55.88 3.94 7.01
C GLU U 9 54.86 2.83 6.84
N LYS U 10 55.25 1.61 7.25
CA LYS U 10 54.38 0.45 7.07
C LYS U 10 53.07 0.62 7.83
N LEU U 11 53.14 1.11 9.07
CA LEU U 11 51.94 1.25 9.89
C LEU U 11 50.98 2.26 9.26
N ARG U 12 51.52 3.36 8.74
CA ARG U 12 50.65 4.37 8.13
C ARG U 12 49.97 3.82 6.88
N LEU U 13 50.70 3.07 6.06
CA LEU U 13 50.08 2.48 4.88
C LEU U 13 49.00 1.47 5.27
N LEU U 14 49.25 0.70 6.34
CA LEU U 14 48.23 -0.26 6.77
C LEU U 14 47.00 0.46 7.32
N LEU U 15 47.20 1.52 8.10
CA LEU U 15 46.08 2.33 8.57
C LEU U 15 45.41 3.12 7.45
N ASN U 16 46.04 3.23 6.29
CA ASN U 16 45.34 3.65 5.08
C ASN U 16 44.53 2.50 4.47
N ASP U 17 45.05 1.28 4.55
CA ASP U 17 44.32 0.13 4.03
C ASP U 17 43.07 -0.18 4.86
N LYS U 18 43.03 0.25 6.12
CA LYS U 18 41.85 0.12 6.97
C LYS U 18 41.64 1.43 7.72
N ASP U 19 40.41 1.92 7.69
CA ASP U 19 40.14 3.31 8.07
C ASP U 19 40.36 3.48 9.57
N LYS U 20 41.58 3.88 9.94
CA LYS U 20 41.94 4.42 11.26
C LYS U 20 41.43 3.55 12.42
N LYS U 21 40.50 4.06 13.24
CA LYS U 21 40.40 3.67 14.65
C LYS U 21 39.40 2.56 14.91
N SER U 22 39.25 1.62 13.98
CA SER U 22 38.63 0.34 14.33
C SER U 22 39.61 -0.59 15.05
N PHE U 23 40.91 -0.26 15.05
CA PHE U 23 41.92 -0.97 15.81
C PHE U 23 42.81 0.04 16.52
N THR U 24 43.26 -0.31 17.71
CA THR U 24 44.34 0.44 18.34
C THR U 24 45.61 0.27 17.53
N ASP U 25 46.45 1.31 17.52
CA ASP U 25 47.65 1.26 16.69
C ASP U 25 48.64 0.20 17.12
N GLU U 26 48.53 -0.32 18.35
CA GLU U 26 49.47 -1.32 18.81
C GLU U 26 49.34 -2.63 18.02
N GLU U 27 48.12 -3.16 17.91
CA GLU U 27 47.92 -4.44 17.25
C GLU U 27 48.17 -4.39 15.75
N LEU U 28 48.25 -3.19 15.16
CA LEU U 28 48.75 -3.10 13.78
C LEU U 28 50.17 -3.65 13.68
N ASN U 29 50.97 -3.44 14.74
CA ASN U 29 52.31 -4.02 14.76
C ASN U 29 52.24 -5.54 14.72
N LEU U 30 51.31 -6.13 15.49
CA LEU U 30 51.13 -7.58 15.46
C LEU U 30 50.73 -8.05 14.07
N PHE U 31 49.79 -7.34 13.44
CA PHE U 31 49.36 -7.74 12.11
C PHE U 31 50.50 -7.67 11.10
N LEU U 32 51.31 -6.63 11.20
CA LEU U 32 52.48 -6.53 10.33
C LEU U 32 53.47 -7.67 10.60
N GLU U 33 53.69 -7.99 11.87
CA GLU U 33 54.66 -9.02 12.22
C GLU U 33 54.22 -10.40 11.71
N GLU U 34 52.93 -10.70 11.79
CA GLU U 34 52.47 -12.03 11.41
C GLU U 34 52.59 -12.30 9.92
N ALA U 35 52.78 -11.26 9.11
CA ALA U 35 52.98 -11.44 7.68
C ALA U 35 53.77 -10.25 7.14
N ASP U 36 54.94 -10.55 6.55
CA ASP U 36 55.79 -9.48 6.03
C ASP U 36 55.10 -8.73 4.89
N CYS U 37 54.40 -9.43 4.01
CA CYS U 37 53.66 -8.77 2.95
C CYS U 37 52.54 -7.96 3.55
N ILE U 38 52.50 -6.66 3.23
CA ILE U 38 51.56 -5.76 3.88
C ILE U 38 50.13 -6.12 3.49
N TYR U 39 49.92 -6.57 2.26
CA TYR U 39 48.55 -6.87 1.81
C TYR U 39 47.99 -8.11 2.51
N CYS U 40 48.85 -9.07 2.86
CA CYS U 40 48.37 -10.21 3.64
C CYS U 40 47.88 -9.77 5.01
N ALA U 41 48.65 -8.90 5.67
CA ALA U 41 48.21 -8.35 6.95
C ALA U 41 46.95 -7.51 6.77
N ALA U 42 46.83 -6.82 5.63
CA ALA U 42 45.63 -6.05 5.35
C ALA U 42 44.41 -6.95 5.24
N SER U 43 44.56 -8.09 4.56
CA SER U 43 43.44 -9.02 4.44
C SER U 43 43.05 -9.59 5.80
N GLN U 44 44.04 -9.98 6.60
CA GLN U 44 43.77 -10.48 7.94
C GLN U 44 43.06 -9.42 8.76
N GLY U 45 43.57 -8.19 8.73
CA GLY U 45 42.96 -7.12 9.48
C GLY U 45 41.57 -6.78 8.99
N TRP U 46 41.33 -6.91 7.69
CA TRP U 46 40.01 -6.64 7.16
C TRP U 46 39.01 -7.69 7.62
N ILE U 47 39.41 -8.95 7.69
CA ILE U 47 38.52 -9.96 8.26
C ILE U 47 38.22 -9.63 9.73
N LEU U 48 39.28 -9.29 10.48
CA LEU U 48 39.09 -8.96 11.89
C LEU U 48 38.22 -7.73 12.07
N LYS U 49 38.31 -6.78 11.15
CA LYS U 49 37.46 -5.60 11.18
C LYS U 49 36.02 -5.97 10.84
N SER U 50 35.85 -6.91 9.91
CA SER U 50 34.53 -7.40 9.55
C SER U 50 33.84 -8.01 10.77
N LEU U 51 34.61 -8.66 11.64
CA LEU U 51 34.00 -9.22 12.84
C LEU U 51 33.36 -8.15 13.73
N GLN U 52 33.83 -6.90 13.64
CA GLN U 52 33.39 -5.86 14.57
C GLN U 52 32.03 -5.26 14.22
N TYR U 53 31.43 -5.62 13.08
CA TYR U 53 30.18 -4.96 12.69
C TYR U 53 29.03 -5.30 13.62
N GLU U 54 29.10 -6.43 14.32
CA GLU U 54 28.02 -6.80 15.23
C GLU U 54 27.87 -5.81 16.37
N ASN U 55 28.92 -5.08 16.72
CA ASN U 55 28.86 -4.06 17.77
C ASN U 55 28.60 -2.67 17.20
N THR U 56 29.27 -2.32 16.12
CA THR U 56 29.19 -0.96 15.59
C THR U 56 27.88 -0.68 14.87
N VAL U 57 27.27 -1.68 14.24
CA VAL U 57 26.06 -1.48 13.44
C VAL U 57 24.93 -2.35 13.97
N GLY U 58 25.26 -3.47 14.61
CA GLY U 58 24.25 -4.33 15.19
C GLY U 58 23.33 -4.92 14.12
N GLU U 59 22.34 -5.67 14.61
CA GLU U 59 21.37 -6.30 13.73
C GLU U 59 20.26 -5.36 13.30
N MET U 60 19.98 -4.33 14.09
CA MET U 60 18.83 -3.45 13.86
C MET U 60 19.12 -2.56 12.65
N TYR U 61 18.87 -3.13 11.47
CA TYR U 61 19.28 -2.46 10.24
C TYR U 61 18.33 -1.32 9.86
N GLU U 62 17.08 -1.40 10.29
CA GLU U 62 16.09 -0.37 9.99
C GLU U 62 15.20 -0.14 11.20
N TYR U 63 14.85 1.13 11.43
CA TYR U 63 13.93 1.49 12.50
C TYR U 63 13.26 2.81 12.18
N LYS U 64 12.05 2.98 12.73
CA LYS U 64 11.30 4.22 12.63
C LYS U 64 10.86 4.62 14.03
N VAL U 65 11.14 5.87 14.41
CA VAL U 65 10.69 6.43 15.66
C VAL U 65 10.11 7.81 15.37
N GLY U 66 8.89 8.06 15.84
CA GLY U 66 8.22 9.31 15.52
C GLY U 66 8.09 9.45 14.02
N GLN U 67 8.61 10.55 13.49
CA GLN U 67 8.69 10.77 12.05
C GLN U 67 10.07 10.43 11.47
N GLU U 68 11.01 10.01 12.30
CA GLU U 68 12.33 9.59 11.85
C GLU U 68 12.23 8.19 11.26
N THR U 69 12.93 7.96 10.16
CA THR U 69 13.08 6.61 9.60
C THR U 69 14.48 6.50 9.02
N TYR U 70 15.20 5.47 9.43
CA TYR U 70 16.58 5.24 9.00
C TYR U 70 16.73 3.79 8.57
N LYS U 71 17.38 3.60 7.43
CA LYS U 71 17.60 2.27 6.85
C LYS U 71 19.10 2.08 6.65
N SER U 72 19.77 1.53 7.64
CA SER U 72 21.18 1.23 7.52
C SER U 72 21.37 -0.07 6.75
N SER U 73 22.58 -0.24 6.22
CA SER U 73 22.90 -1.48 5.52
C SER U 73 22.91 -2.64 6.49
N SER U 74 22.34 -3.77 6.07
CA SER U 74 22.28 -4.94 6.93
C SER U 74 23.69 -5.45 7.22
N ILE U 75 23.84 -6.13 8.35
CA ILE U 75 25.16 -6.60 8.77
C ILE U 75 25.71 -7.61 7.77
N LYS U 76 24.84 -8.42 7.16
CA LYS U 76 25.30 -9.36 6.15
C LYS U 76 25.97 -8.65 4.98
N ASP U 77 25.38 -7.53 4.55
CA ASP U 77 25.97 -6.77 3.46
C ASP U 77 27.33 -6.23 3.84
N LEU U 78 27.45 -5.66 5.03
CA LEU U 78 28.72 -5.07 5.45
C LEU U 78 29.81 -6.12 5.59
N VAL U 79 29.49 -7.26 6.22
CA VAL U 79 30.50 -8.30 6.36
C VAL U 79 30.86 -8.87 4.99
N SER U 80 29.90 -8.96 4.08
CA SER U 80 30.20 -9.41 2.72
C SER U 80 31.17 -8.47 2.04
N VAL U 81 30.96 -7.16 2.18
CA VAL U 81 31.86 -6.20 1.53
C VAL U 81 33.25 -6.26 2.17
N ALA U 82 33.30 -6.42 3.49
CA ALA U 82 34.59 -6.53 4.16
C ALA U 82 35.33 -7.79 3.70
N TYR U 83 34.60 -8.89 3.55
CA TYR U 83 35.21 -10.12 3.06
C TYR U 83 35.70 -9.94 1.63
N GLN U 84 34.96 -9.22 0.81
CA GLN U 84 35.39 -8.96 -0.56
C GLN U 84 36.67 -8.14 -0.57
N ASN U 85 36.77 -7.15 0.31
CA ASN U 85 37.99 -6.36 0.42
C ASN U 85 39.17 -7.23 0.86
N ALA U 86 38.94 -8.11 1.84
CA ALA U 86 39.98 -9.00 2.30
C ALA U 86 40.44 -9.93 1.18
N ASP U 87 39.48 -10.43 0.40
CA ASP U 87 39.82 -11.29 -0.73
C ASP U 87 40.63 -10.53 -1.77
N LYS U 88 40.29 -9.26 -2.02
CA LYS U 88 41.05 -8.47 -2.98
C LYS U 88 42.48 -8.28 -2.51
N PHE U 89 42.66 -7.97 -1.23
CA PHE U 89 44.02 -7.82 -0.70
C PHE U 89 44.78 -9.13 -0.74
N LYS U 90 44.11 -10.26 -0.46
CA LYS U 90 44.78 -11.55 -0.53
C LYS U 90 45.22 -11.87 -1.96
N ASP U 91 44.35 -11.58 -2.92
CA ASP U 91 44.71 -11.79 -4.32
C ASP U 91 45.86 -10.89 -4.74
N MET U 92 45.88 -9.66 -4.23
CA MET U 92 46.99 -8.76 -4.49
C MET U 92 48.29 -9.33 -3.93
N CYS U 93 48.23 -9.87 -2.71
CA CYS U 93 49.40 -10.50 -2.11
C CYS U 93 49.90 -11.65 -2.96
N THR U 94 48.99 -12.51 -3.41
CA THR U 94 49.39 -13.65 -4.22
C THR U 94 50.02 -13.20 -5.53
N ASN U 95 49.38 -12.26 -6.23
CA ASN U 95 49.90 -11.79 -7.51
C ASN U 95 51.25 -11.12 -7.35
N LYS U 96 51.44 -10.38 -6.26
CA LYS U 96 52.74 -9.80 -5.98
C LYS U 96 53.78 -10.89 -5.76
N LYS U 97 53.43 -11.92 -5.00
CA LYS U 97 54.35 -13.02 -4.73
C LYS U 97 54.38 -14.08 -5.83
N GLU U 98 53.39 -14.09 -6.73
CA GLU U 98 53.34 -15.11 -7.76
C GLU U 98 54.41 -14.89 -8.82
N LYS U 99 54.94 -15.99 -9.35
CA LYS U 99 55.89 -15.98 -10.44
C LYS U 99 55.40 -16.92 -11.53
N GLY U 100 55.74 -16.59 -12.77
CA GLY U 100 55.25 -17.33 -13.92
C GLY U 100 55.87 -18.72 -14.02
N SER U 101 55.50 -19.40 -15.09
CA SER U 101 55.97 -20.76 -15.32
C SER U 101 57.47 -20.77 -15.63
N PHE U 102 58.05 -21.96 -15.62
CA PHE U 102 59.48 -22.13 -15.83
C PHE U 102 59.76 -23.45 -16.54
N MET U 103 60.70 -23.40 -17.48
CA MET U 103 61.29 -24.59 -18.07
C MET U 103 62.79 -24.54 -17.79
N LEU U 104 63.30 -25.59 -17.15
CA LEU U 104 64.67 -25.61 -16.66
C LEU U 104 65.37 -26.87 -17.12
N GLY U 105 66.70 -26.81 -17.17
CA GLY U 105 67.47 -27.97 -17.53
C GLY U 105 67.53 -28.99 -16.39
N ILE U 106 67.71 -30.24 -16.78
CA ILE U 106 67.85 -31.36 -15.85
C ILE U 106 69.02 -32.21 -16.31
N SER U 107 69.78 -32.76 -15.36
CA SER U 107 70.97 -33.52 -15.70
C SER U 107 71.33 -34.45 -14.55
N THR U 108 71.69 -35.68 -14.89
CA THR U 108 72.15 -36.67 -13.92
C THR U 108 73.54 -37.14 -14.32
N GLU U 109 74.42 -37.26 -13.32
CA GLU U 109 75.78 -37.74 -13.55
C GLU U 109 75.76 -39.17 -14.05
N PHE U 110 76.68 -39.49 -14.95
CA PHE U 110 76.81 -40.85 -15.44
C PHE U 110 78.24 -41.08 -15.93
N GLU U 111 78.66 -42.33 -15.86
CA GLU U 111 79.97 -42.75 -16.35
C GLU U 111 79.81 -43.56 -17.63
N GLU V 9 37.81 17.34 -38.54
CA GLU V 9 38.64 17.60 -37.33
C GLU V 9 38.50 16.46 -36.33
N LYS V 10 39.63 15.92 -35.89
CA LYS V 10 39.61 14.78 -34.96
C LYS V 10 38.96 15.16 -33.64
N LEU V 11 39.26 16.35 -33.12
CA LEU V 11 38.76 16.75 -31.82
C LEU V 11 37.24 16.87 -31.83
N ARG V 12 36.69 17.44 -32.91
CA ARG V 12 35.24 17.60 -32.99
C ARG V 12 34.54 16.24 -33.05
N LEU V 13 35.07 15.32 -33.86
CA LEU V 13 34.47 14.00 -33.95
C LEU V 13 34.58 13.26 -32.62
N LEU V 14 35.68 13.46 -31.89
CA LEU V 14 35.81 12.81 -30.59
C LEU V 14 34.84 13.39 -29.58
N LEU V 15 34.69 14.72 -29.56
CA LEU V 15 33.68 15.35 -28.71
C LEU V 15 32.27 14.95 -29.10
N ASN V 16 32.04 14.53 -30.34
CA ASN V 16 30.78 13.91 -30.70
C ASN V 16 30.67 12.49 -30.15
N ASP V 17 31.74 11.70 -30.28
CA ASP V 17 31.69 10.30 -29.84
C ASP V 17 31.59 10.22 -28.32
N LYS V 18 32.52 10.86 -27.61
CA LYS V 18 32.45 11.03 -26.16
C LYS V 18 31.81 12.39 -25.92
N ASP V 19 30.78 12.42 -25.08
CA ASP V 19 29.88 13.58 -25.05
C ASP V 19 30.61 14.84 -24.61
N LYS V 20 29.89 15.95 -24.65
CA LYS V 20 30.50 17.26 -24.84
C LYS V 20 30.35 18.16 -23.62
N LYS V 21 31.40 18.95 -23.36
CA LYS V 21 31.48 19.89 -22.25
C LYS V 21 31.30 19.23 -20.89
N SER V 22 31.78 17.99 -20.77
CA SER V 22 32.10 17.43 -19.46
C SER V 22 33.59 17.54 -19.18
N PHE V 23 34.42 17.47 -20.22
CA PHE V 23 35.86 17.61 -20.13
C PHE V 23 36.27 18.99 -20.67
N THR V 24 37.52 19.35 -20.43
CA THR V 24 38.13 20.50 -21.05
C THR V 24 38.75 20.08 -22.38
N ASP V 25 38.82 21.00 -23.33
CA ASP V 25 39.23 20.63 -24.69
C ASP V 25 40.70 20.20 -24.72
N GLU V 26 41.51 20.70 -23.79
CA GLU V 26 42.94 20.42 -23.86
C GLU V 26 43.25 18.94 -23.66
N GLU V 27 42.59 18.29 -22.70
CA GLU V 27 42.91 16.89 -22.41
C GLU V 27 42.41 15.95 -23.50
N LEU V 28 41.47 16.40 -24.34
CA LEU V 28 41.11 15.60 -25.51
C LEU V 28 42.31 15.42 -26.43
N ASN V 29 43.22 16.38 -26.46
CA ASN V 29 44.46 16.21 -27.20
C ASN V 29 45.27 15.04 -26.65
N LEU V 30 45.36 14.95 -25.32
CA LEU V 30 46.03 13.81 -24.70
C LEU V 30 45.33 12.51 -25.06
N PHE V 31 44.00 12.53 -25.07
CA PHE V 31 43.24 11.34 -25.44
C PHE V 31 43.57 10.91 -26.86
N LEU V 32 43.61 11.86 -27.80
CA LEU V 32 43.94 11.52 -29.17
C LEU V 32 45.36 10.99 -29.30
N GLU V 33 46.31 11.60 -28.59
CA GLU V 33 47.69 11.17 -28.68
C GLU V 33 47.90 9.81 -28.02
N GLU V 34 47.00 9.43 -27.09
CA GLU V 34 47.14 8.14 -26.43
C GLU V 34 47.01 6.99 -27.42
N ALA V 35 46.09 7.10 -28.38
CA ALA V 35 45.88 6.07 -29.39
C ALA V 35 45.48 6.75 -30.69
N ASP V 36 46.14 6.36 -31.78
CA ASP V 36 45.85 6.96 -33.08
C ASP V 36 44.42 6.69 -33.51
N CYS V 37 43.92 5.47 -33.28
CA CYS V 37 42.55 5.15 -33.63
C CYS V 37 41.61 5.97 -32.74
N ILE V 38 40.70 6.71 -33.38
CA ILE V 38 39.84 7.62 -32.64
C ILE V 38 38.90 6.85 -31.73
N TYR V 39 38.44 5.67 -32.15
CA TYR V 39 37.48 4.92 -31.35
C TYR V 39 38.11 4.39 -30.06
N CYS V 40 39.39 4.05 -30.09
CA CYS V 40 40.06 3.64 -28.85
C CYS V 40 40.10 4.80 -27.86
N ALA V 41 40.44 5.99 -28.35
CA ALA V 41 40.41 7.18 -27.49
C ALA V 41 39.00 7.45 -27.00
N ALA V 42 38.00 7.19 -27.84
CA ALA V 42 36.62 7.37 -27.42
C ALA V 42 36.25 6.42 -26.30
N SER V 43 36.70 5.16 -26.39
CA SER V 43 36.44 4.20 -25.31
C SER V 43 37.12 4.64 -24.03
N GLN V 44 38.38 5.09 -24.12
CA GLN V 44 39.10 5.57 -22.94
C GLN V 44 38.36 6.76 -22.32
N GLY V 45 37.94 7.71 -23.16
CA GLY V 45 37.22 8.86 -22.67
C GLY V 45 35.88 8.49 -22.08
N TRP V 46 35.23 7.46 -22.63
CA TRP V 46 33.95 7.04 -22.09
C TRP V 46 34.11 6.42 -20.71
N ILE V 47 35.17 5.64 -20.51
CA ILE V 47 35.42 5.11 -19.17
C ILE V 47 35.73 6.26 -18.20
N LEU V 48 36.58 7.20 -18.62
CA LEU V 48 36.95 8.29 -17.73
C LEU V 48 35.79 9.23 -17.47
N LYS V 49 34.84 9.30 -18.39
CA LYS V 49 33.61 10.06 -18.16
C LYS V 49 32.66 9.29 -17.26
N SER V 50 32.66 7.96 -17.38
CA SER V 50 31.89 7.13 -16.47
C SER V 50 32.31 7.34 -15.03
N LEU V 51 33.62 7.56 -14.83
CA LEU V 51 34.09 7.89 -13.48
C LEU V 51 33.43 9.15 -12.93
N GLN V 52 33.05 10.09 -13.79
CA GLN V 52 32.55 11.38 -13.33
C GLN V 52 31.14 11.32 -12.76
N TYR V 53 30.43 10.20 -12.87
CA TYR V 53 29.07 10.15 -12.34
C TYR V 53 29.04 10.16 -10.82
N GLU V 54 30.19 9.98 -10.17
CA GLU V 54 30.25 10.12 -8.72
C GLU V 54 29.90 11.53 -8.25
N ASN V 55 30.04 12.54 -9.11
CA ASN V 55 29.80 13.93 -8.75
C ASN V 55 28.49 14.46 -9.34
N THR V 56 28.32 14.35 -10.66
CA THR V 56 27.15 14.93 -11.31
C THR V 56 25.85 14.31 -10.84
N VAL V 57 25.82 13.00 -10.69
CA VAL V 57 24.63 12.25 -10.29
C VAL V 57 25.02 11.55 -8.99
N GLY V 58 25.75 12.27 -8.14
CA GLY V 58 26.55 11.66 -7.09
C GLY V 58 25.75 11.02 -5.97
N GLU V 59 25.03 9.96 -6.31
CA GLU V 59 24.44 9.05 -5.35
C GLU V 59 23.42 9.71 -4.44
N MET V 60 22.35 10.23 -5.06
CA MET V 60 21.06 10.34 -4.37
C MET V 60 20.01 10.07 -5.43
N TYR V 61 19.64 8.80 -5.60
CA TYR V 61 18.96 8.41 -6.83
C TYR V 61 17.47 8.72 -6.78
N GLU V 62 16.90 8.81 -5.59
CA GLU V 62 15.50 9.17 -5.42
C GLU V 62 15.33 9.96 -4.14
N TYR V 63 14.53 11.03 -4.22
CA TYR V 63 14.23 11.83 -3.04
C TYR V 63 12.87 12.49 -3.22
N LYS V 64 12.19 12.71 -2.10
CA LYS V 64 10.92 13.42 -2.06
C LYS V 64 11.05 14.56 -1.07
N VAL V 65 10.72 15.77 -1.50
CA VAL V 65 10.69 16.95 -0.63
C VAL V 65 9.37 17.67 -0.89
N GLY V 66 8.63 17.95 0.17
CA GLY V 66 7.30 18.52 0.01
C GLY V 66 6.44 17.59 -0.82
N GLN V 67 5.92 18.12 -1.92
CA GLN V 67 5.18 17.34 -2.91
C GLN V 67 6.03 16.99 -4.13
N GLU V 68 7.28 17.45 -4.19
CA GLU V 68 8.20 17.06 -5.25
C GLU V 68 8.65 15.63 -5.01
N THR V 69 8.72 14.84 -6.08
CA THR V 69 9.33 13.52 -6.02
C THR V 69 10.09 13.31 -7.32
N TYR V 70 11.36 12.91 -7.20
CA TYR V 70 12.23 12.70 -8.35
C TYR V 70 12.95 11.38 -8.18
N LYS V 71 13.10 10.65 -9.28
CA LYS V 71 13.74 9.34 -9.30
C LYS V 71 14.75 9.31 -10.44
N SER V 72 15.97 9.75 -10.16
CA SER V 72 17.02 9.69 -11.15
C SER V 72 17.55 8.26 -11.28
N SER V 73 18.18 7.99 -12.42
CA SER V 73 18.80 6.69 -12.63
C SER V 73 19.94 6.48 -11.64
N SER V 74 20.01 5.28 -11.09
CA SER V 74 21.04 4.97 -10.11
C SER V 74 22.42 5.05 -10.77
N ILE V 75 23.43 5.29 -9.95
CA ILE V 75 24.79 5.44 -10.47
C ILE V 75 25.26 4.15 -11.13
N LYS V 76 24.82 3.00 -10.61
CA LYS V 76 25.21 1.72 -11.19
C LYS V 76 24.73 1.61 -12.64
N ASP V 77 23.49 2.00 -12.91
CA ASP V 77 22.98 1.93 -14.27
C ASP V 77 23.74 2.87 -15.19
N LEU V 78 24.04 4.08 -14.72
CA LEU V 78 24.74 5.04 -15.56
C LEU V 78 26.15 4.56 -15.90
N VAL V 79 26.88 4.07 -14.90
CA VAL V 79 28.23 3.58 -15.17
C VAL V 79 28.18 2.34 -16.05
N SER V 80 27.15 1.51 -15.87
CA SER V 80 26.99 0.35 -16.73
C SER V 80 26.80 0.75 -18.18
N VAL V 81 25.96 1.76 -18.42
CA VAL V 81 25.73 2.21 -19.80
C VAL V 81 26.99 2.82 -20.38
N ALA V 82 27.73 3.59 -19.57
CA ALA V 82 28.97 4.18 -20.05
C ALA V 82 29.98 3.10 -20.40
N TYR V 83 30.06 2.05 -19.57
CA TYR V 83 30.95 0.93 -19.85
C TYR V 83 30.53 0.23 -21.13
N GLN V 84 29.22 0.10 -21.35
CA GLN V 84 28.74 -0.55 -22.57
C GLN V 84 29.13 0.27 -23.79
N ASN V 85 29.03 1.60 -23.69
CA ASN V 85 29.46 2.47 -24.79
C ASN V 85 30.96 2.31 -25.04
N ALA V 86 31.75 2.27 -23.97
CA ALA V 86 33.18 2.11 -24.12
C ALA V 86 33.52 0.78 -24.77
N ASP V 87 32.80 -0.28 -24.39
CA ASP V 87 33.00 -1.59 -24.99
C ASP V 87 32.65 -1.57 -26.47
N LYS V 88 31.55 -0.88 -26.82
CA LYS V 88 31.17 -0.79 -28.22
C LYS V 88 32.24 -0.08 -29.04
N PHE V 89 32.78 1.02 -28.51
CA PHE V 89 33.84 1.72 -29.24
C PHE V 89 35.11 0.89 -29.33
N LYS V 90 35.44 0.14 -28.28
CA LYS V 90 36.61 -0.74 -28.34
C LYS V 90 36.42 -1.83 -29.40
N ASP V 91 35.23 -2.41 -29.45
CA ASP V 91 34.95 -3.42 -30.46
C ASP V 91 35.00 -2.83 -31.86
N MET V 92 34.53 -1.59 -32.02
CA MET V 92 34.64 -0.91 -33.30
C MET V 92 36.10 -0.72 -33.69
N CYS V 93 36.93 -0.33 -32.72
CA CYS V 93 38.36 -0.19 -32.99
C CYS V 93 38.97 -1.50 -33.45
N THR V 94 38.64 -2.59 -32.74
CA THR V 94 39.20 -3.89 -33.10
C THR V 94 38.76 -4.31 -34.51
N ASN V 95 37.46 -4.19 -34.79
CA ASN V 95 36.94 -4.58 -36.10
C ASN V 95 37.54 -3.75 -37.21
N LYS V 96 37.76 -2.46 -36.96
CA LYS V 96 38.45 -1.62 -37.94
C LYS V 96 39.87 -2.11 -38.16
N LYS V 97 40.57 -2.44 -37.08
CA LYS V 97 41.95 -2.91 -37.19
C LYS V 97 42.05 -4.40 -37.48
N GLU V 98 40.98 -5.17 -37.29
CA GLU V 98 41.05 -6.61 -37.50
C GLU V 98 41.14 -6.94 -38.99
N LYS V 99 41.90 -7.98 -39.29
CA LYS V 99 42.02 -8.52 -40.63
C LYS V 99 41.72 -10.02 -40.58
N GLY V 100 41.18 -10.54 -41.67
CA GLY V 100 40.75 -11.92 -41.72
C GLY V 100 41.92 -12.88 -41.73
N SER V 101 41.57 -14.17 -41.86
CA SER V 101 42.57 -15.22 -41.85
C SER V 101 43.44 -15.15 -43.11
N PHE V 102 44.54 -15.91 -43.09
CA PHE V 102 45.49 -15.91 -44.18
C PHE V 102 46.12 -17.28 -44.33
N MET V 103 46.33 -17.69 -45.59
CA MET V 103 47.15 -18.84 -45.94
C MET V 103 48.25 -18.33 -46.87
N LEU V 104 49.50 -18.60 -46.49
CA LEU V 104 50.66 -18.06 -47.19
C LEU V 104 51.64 -19.19 -47.49
N GLY V 105 52.45 -18.97 -48.52
CA GLY V 105 53.47 -19.93 -48.86
C GLY V 105 54.61 -19.91 -47.86
N ILE V 106 55.33 -21.03 -47.80
CA ILE V 106 56.49 -21.18 -46.95
C ILE V 106 57.57 -21.91 -47.75
N SER V 107 58.82 -21.55 -47.51
CA SER V 107 59.92 -22.12 -48.29
C SER V 107 61.22 -21.98 -47.51
N THR V 108 62.03 -23.04 -47.52
CA THR V 108 63.36 -23.05 -46.93
C THR V 108 64.39 -23.40 -47.99
N GLU V 109 65.50 -22.68 -47.98
CA GLU V 109 66.57 -22.93 -48.91
C GLU V 109 67.16 -24.31 -48.69
N PHE V 110 67.55 -24.97 -49.78
CA PHE V 110 68.20 -26.27 -49.69
C PHE V 110 69.02 -26.51 -50.94
N GLU V 111 70.07 -27.30 -50.79
CA GLU V 111 70.91 -27.73 -51.90
C GLU V 111 70.67 -29.20 -52.22
N GLU W 9 -2.43 -5.78 -56.26
CA GLU W 9 -1.43 -4.68 -56.29
C GLU W 9 -0.41 -4.85 -55.16
N LYS W 10 0.87 -4.81 -55.53
CA LYS W 10 1.93 -5.07 -54.55
C LYS W 10 1.94 -4.02 -53.46
N LEU W 11 1.73 -2.75 -53.82
CA LEU W 11 1.79 -1.68 -52.82
C LEU W 11 0.69 -1.83 -51.79
N ARG W 12 -0.52 -2.19 -52.23
CA ARG W 12 -1.62 -2.36 -51.30
C ARG W 12 -1.34 -3.50 -50.33
N LEU W 13 -0.83 -4.62 -50.84
CA LEU W 13 -0.52 -5.76 -49.97
C LEU W 13 0.58 -5.39 -48.97
N LEU W 14 1.58 -4.64 -49.42
CA LEU W 14 2.62 -4.20 -48.50
C LEU W 14 2.04 -3.28 -47.42
N LEU W 15 1.14 -2.37 -47.82
CA LEU W 15 0.44 -1.54 -46.84
C LEU W 15 -0.46 -2.37 -45.92
N ASN W 16 -0.81 -3.59 -46.31
CA ASN W 16 -1.48 -4.51 -45.41
C ASN W 16 -0.48 -5.26 -44.53
N ASP W 17 0.58 -5.79 -45.13
CA ASP W 17 1.58 -6.51 -44.36
C ASP W 17 2.27 -5.60 -43.34
N LYS W 18 2.65 -4.40 -43.78
CA LYS W 18 3.17 -3.36 -42.90
C LYS W 18 2.09 -2.30 -42.79
N ASP W 19 1.76 -1.92 -41.55
CA ASP W 19 0.53 -1.18 -41.29
C ASP W 19 0.53 0.17 -42.01
N LYS W 20 -0.64 0.81 -42.02
CA LYS W 20 -0.91 1.90 -42.94
C LYS W 20 -0.73 3.25 -42.26
N LYS W 21 -0.39 4.26 -43.07
CA LYS W 21 -0.22 5.65 -42.64
C LYS W 21 0.80 5.78 -41.51
N SER W 22 1.95 5.15 -41.71
CA SER W 22 3.18 5.50 -41.00
C SER W 22 4.32 5.87 -41.94
N PHE W 23 4.36 5.30 -43.14
CA PHE W 23 5.20 5.76 -44.23
C PHE W 23 4.32 6.28 -45.34
N THR W 24 4.71 7.41 -45.92
CA THR W 24 4.02 7.87 -47.13
C THR W 24 4.29 6.90 -48.27
N ASP W 25 3.36 6.84 -49.22
CA ASP W 25 3.36 5.77 -50.21
C ASP W 25 4.56 5.82 -51.14
N GLU W 26 5.32 6.91 -51.17
CA GLU W 26 6.48 6.99 -52.05
C GLU W 26 7.52 5.95 -51.68
N GLU W 27 7.91 5.91 -50.39
CA GLU W 27 8.97 5.00 -49.99
C GLU W 27 8.53 3.54 -50.02
N LEU W 28 7.23 3.27 -50.07
CA LEU W 28 6.78 1.90 -50.28
C LEU W 28 7.28 1.38 -51.62
N ASN W 29 7.33 2.24 -52.63
CA ASN W 29 7.91 1.86 -53.91
C ASN W 29 9.39 1.52 -53.75
N LEU W 30 10.11 2.32 -52.95
CA LEU W 30 11.51 2.05 -52.71
C LEU W 30 11.70 0.71 -52.03
N PHE W 31 10.86 0.39 -51.05
CA PHE W 31 10.98 -0.88 -50.35
C PHE W 31 10.65 -2.05 -51.26
N LEU W 32 9.66 -1.88 -52.14
CA LEU W 32 9.37 -2.93 -53.11
C LEU W 32 10.55 -3.15 -54.05
N GLU W 33 11.18 -2.05 -54.49
CA GLU W 33 12.33 -2.16 -55.38
C GLU W 33 13.53 -2.76 -54.65
N GLU W 34 13.61 -2.59 -53.33
CA GLU W 34 14.75 -3.07 -52.57
C GLU W 34 14.87 -4.58 -52.65
N ALA W 35 13.74 -5.29 -52.58
CA ALA W 35 13.72 -6.75 -52.67
C ALA W 35 12.47 -7.16 -53.43
N ASP W 36 12.65 -8.06 -54.40
CA ASP W 36 11.50 -8.51 -55.18
C ASP W 36 10.48 -9.25 -54.31
N CYS W 37 10.96 -10.07 -53.39
CA CYS W 37 10.06 -10.75 -52.47
C CYS W 37 9.39 -9.73 -51.56
N ILE W 38 8.05 -9.77 -51.54
CA ILE W 38 7.31 -8.74 -50.80
C ILE W 38 7.56 -8.85 -49.31
N TYR W 39 7.74 -10.08 -48.80
CA TYR W 39 7.89 -10.26 -47.36
C TYR W 39 9.22 -9.69 -46.86
N CYS W 40 10.27 -9.74 -47.68
CA CYS W 40 11.52 -9.09 -47.27
C CYS W 40 11.34 -7.59 -47.13
N ALA W 41 10.65 -6.98 -48.10
CA ALA W 41 10.35 -5.56 -48.00
C ALA W 41 9.47 -5.27 -46.79
N ALA W 42 8.55 -6.18 -46.48
CA ALA W 42 7.71 -6.01 -45.30
C ALA W 42 8.54 -6.04 -44.03
N SER W 43 9.52 -6.95 -43.95
CA SER W 43 10.39 -7.00 -42.78
C SER W 43 11.21 -5.71 -42.65
N GLN W 44 11.75 -5.23 -43.77
CA GLN W 44 12.49 -3.97 -43.75
C GLN W 44 11.60 -2.82 -43.28
N GLY W 45 10.40 -2.73 -43.84
CA GLY W 45 9.48 -1.69 -43.44
C GLY W 45 9.07 -1.81 -41.99
N TRP W 46 8.94 -3.04 -41.49
CA TRP W 46 8.57 -3.22 -40.10
C TRP W 46 9.69 -2.77 -39.17
N ILE W 47 10.95 -3.03 -39.52
CA ILE W 47 12.05 -2.52 -38.70
C ILE W 47 12.04 -0.99 -38.73
N LEU W 48 11.91 -0.41 -39.91
CA LEU W 48 11.94 1.06 -40.01
C LEU W 48 10.74 1.70 -39.34
N LYS W 49 9.61 0.98 -39.28
CA LYS W 49 8.44 1.47 -38.56
C LYS W 49 8.64 1.31 -37.06
N SER W 50 9.34 0.26 -36.65
CA SER W 50 9.72 0.10 -35.25
C SER W 50 10.56 1.27 -34.78
N LEU W 51 11.41 1.80 -35.67
CA LEU W 51 12.20 2.98 -35.31
C LEU W 51 11.30 4.18 -34.97
N GLN W 52 10.09 4.23 -35.51
CA GLN W 52 9.24 5.41 -35.33
C GLN W 52 8.52 5.45 -33.99
N TYR W 53 8.63 4.42 -33.15
CA TYR W 53 7.95 4.47 -31.86
C TYR W 53 8.60 5.48 -30.92
N GLU W 54 9.79 5.99 -31.25
CA GLU W 54 10.40 7.04 -30.43
C GLU W 54 9.53 8.29 -30.40
N ASN W 55 8.90 8.61 -31.54
CA ASN W 55 8.03 9.77 -31.64
C ASN W 55 6.56 9.41 -31.41
N THR W 56 6.13 8.24 -31.87
CA THR W 56 4.72 7.89 -31.80
C THR W 56 4.20 7.77 -30.37
N VAL W 57 4.99 7.19 -29.46
CA VAL W 57 4.59 7.03 -28.08
C VAL W 57 5.60 7.59 -27.08
N GLY W 58 6.85 7.81 -27.46
CA GLY W 58 7.80 8.40 -26.55
C GLY W 58 8.13 7.45 -25.40
N GLU W 59 8.95 7.99 -24.49
CA GLU W 59 9.36 7.21 -23.32
C GLU W 59 8.31 7.22 -22.22
N MET W 60 7.43 8.23 -22.19
CA MET W 60 6.51 8.42 -21.08
C MET W 60 5.40 7.35 -21.16
N TYR W 61 5.72 6.18 -20.63
CA TYR W 61 4.83 5.03 -20.78
C TYR W 61 3.65 5.08 -19.82
N GLU W 62 3.74 5.87 -18.75
CA GLU W 62 2.65 5.99 -17.80
C GLU W 62 2.66 7.39 -17.18
N TYR W 63 1.48 7.94 -16.97
CA TYR W 63 1.33 9.23 -16.32
C TYR W 63 -0.03 9.32 -15.66
N LYS W 64 -0.11 10.14 -14.61
CA LYS W 64 -1.36 10.46 -13.92
C LYS W 64 -1.49 11.97 -13.84
N VAL W 65 -2.61 12.50 -14.28
CA VAL W 65 -2.94 13.92 -14.16
C VAL W 65 -4.36 14.02 -13.61
N GLY W 66 -4.52 14.77 -12.54
CA GLY W 66 -5.82 14.85 -11.89
C GLY W 66 -6.25 13.47 -11.45
N GLN W 67 -7.44 13.07 -11.88
CA GLN W 67 -7.94 11.72 -11.66
C GLN W 67 -7.71 10.80 -12.86
N GLU W 68 -7.12 11.31 -13.94
CA GLU W 68 -6.78 10.50 -15.10
C GLU W 68 -5.53 9.69 -14.78
N THR W 69 -5.52 8.41 -15.14
CA THR W 69 -4.34 7.58 -15.09
C THR W 69 -4.32 6.70 -16.33
N TYR W 70 -3.20 6.73 -17.05
CA TYR W 70 -3.04 5.99 -18.30
C TYR W 70 -1.72 5.25 -18.27
N LYS W 71 -1.77 3.94 -18.54
CA LYS W 71 -0.58 3.11 -18.65
C LYS W 71 -0.49 2.57 -20.06
N SER W 72 0.42 3.13 -20.85
CA SER W 72 0.66 2.68 -22.20
C SER W 72 1.78 1.65 -22.22
N SER W 73 1.83 0.88 -23.29
CA SER W 73 2.89 -0.10 -23.46
C SER W 73 4.24 0.61 -23.58
N SER W 74 5.23 0.10 -22.86
CA SER W 74 6.55 0.70 -22.91
C SER W 74 7.14 0.59 -24.31
N ILE W 75 8.06 1.50 -24.63
CA ILE W 75 8.65 1.53 -25.96
C ILE W 75 9.43 0.24 -26.24
N LYS W 76 10.05 -0.33 -25.21
CA LYS W 76 10.80 -1.57 -25.39
C LYS W 76 9.91 -2.70 -25.86
N ASP W 77 8.72 -2.82 -25.26
CA ASP W 77 7.79 -3.88 -25.67
C ASP W 77 7.33 -3.67 -27.10
N LEU W 78 7.02 -2.42 -27.47
CA LEU W 78 6.54 -2.15 -28.81
C LEU W 78 7.60 -2.45 -29.86
N VAL W 79 8.84 -2.00 -29.63
CA VAL W 79 9.90 -2.28 -30.59
C VAL W 79 10.19 -3.77 -30.63
N SER W 80 10.08 -4.46 -29.49
CA SER W 80 10.25 -5.91 -29.48
C SER W 80 9.22 -6.59 -30.35
N VAL W 81 7.95 -6.17 -30.25
CA VAL W 81 6.90 -6.79 -31.04
C VAL W 81 7.12 -6.50 -32.53
N ALA W 82 7.53 -5.27 -32.85
CA ALA W 82 7.81 -4.93 -34.25
C ALA W 82 8.95 -5.76 -34.79
N TYR W 83 10.00 -5.96 -33.98
CA TYR W 83 11.12 -6.80 -34.39
C TYR W 83 10.66 -8.23 -34.60
N GLN W 84 9.78 -8.72 -33.74
CA GLN W 84 9.26 -10.07 -33.89
C GLN W 84 8.48 -10.22 -35.19
N ASN W 85 7.68 -9.20 -35.52
CA ASN W 85 6.96 -9.21 -36.79
C ASN W 85 7.92 -9.21 -37.98
N ALA W 86 8.96 -8.39 -37.90
CA ALA W 86 9.95 -8.35 -38.97
C ALA W 86 10.64 -9.69 -39.12
N ASP W 87 10.97 -10.33 -38.01
CA ASP W 87 11.59 -11.64 -38.04
C ASP W 87 10.65 -12.67 -38.67
N LYS W 88 9.36 -12.60 -38.33
CA LYS W 88 8.40 -13.53 -38.93
C LYS W 88 8.33 -13.35 -40.44
N PHE W 89 8.31 -12.10 -40.90
CA PHE W 89 8.26 -11.86 -42.34
C PHE W 89 9.55 -12.32 -43.02
N LYS W 90 10.69 -12.12 -42.37
CA LYS W 90 11.96 -12.60 -42.92
C LYS W 90 11.96 -14.12 -43.01
N ASP W 91 11.47 -14.80 -41.98
CA ASP W 91 11.41 -16.26 -42.02
C ASP W 91 10.45 -16.74 -43.11
N MET W 92 9.35 -16.02 -43.30
CA MET W 92 8.43 -16.35 -44.38
C MET W 92 9.12 -16.20 -45.73
N CYS W 93 9.90 -15.13 -45.90
CA CYS W 93 10.66 -14.95 -47.14
C CYS W 93 11.62 -16.11 -47.38
N THR W 94 12.36 -16.49 -46.33
CA THR W 94 13.33 -17.58 -46.48
C THR W 94 12.62 -18.88 -46.84
N ASN W 95 11.55 -19.21 -46.11
CA ASN W 95 10.84 -20.47 -46.38
C ASN W 95 10.24 -20.48 -47.78
N LYS W 96 9.76 -19.31 -48.24
CA LYS W 96 9.27 -19.22 -49.61
C LYS W 96 10.40 -19.49 -50.61
N LYS W 97 11.57 -18.90 -50.35
CA LYS W 97 12.71 -19.05 -51.25
C LYS W 97 13.59 -20.26 -50.95
N GLU W 98 13.43 -20.90 -49.81
CA GLU W 98 14.27 -22.04 -49.46
C GLU W 98 13.73 -23.32 -50.08
N LYS W 99 14.63 -24.06 -50.73
CA LYS W 99 14.33 -25.36 -51.33
C LYS W 99 15.06 -26.44 -50.56
N GLY W 100 14.54 -27.66 -50.65
CA GLY W 100 15.05 -28.77 -49.87
C GLY W 100 16.38 -29.27 -50.37
N SER W 101 16.82 -30.38 -49.76
CA SER W 101 18.11 -30.96 -50.09
C SER W 101 18.08 -31.58 -51.49
N PHE W 102 19.25 -31.97 -51.97
CA PHE W 102 19.41 -32.51 -53.32
C PHE W 102 20.55 -33.51 -53.36
N MET W 103 20.36 -34.59 -54.11
CA MET W 103 21.41 -35.51 -54.48
C MET W 103 21.43 -35.58 -56.00
N LEU W 104 22.60 -35.29 -56.60
CA LEU W 104 22.74 -35.15 -58.04
C LEU W 104 23.90 -36.00 -58.52
N GLY W 105 23.84 -36.36 -59.79
CA GLY W 105 24.92 -37.11 -60.40
C GLY W 105 26.14 -36.23 -60.64
N ILE W 106 27.30 -36.88 -60.70
CA ILE W 106 28.57 -36.23 -60.97
C ILE W 106 29.33 -37.11 -61.96
N SER W 107 30.11 -36.47 -62.84
CA SER W 107 30.82 -37.20 -63.87
C SER W 107 31.97 -36.37 -64.40
N THR W 108 33.09 -37.03 -64.68
CA THR W 108 34.26 -36.40 -65.27
C THR W 108 34.69 -37.20 -66.50
N GLU W 109 35.06 -36.48 -67.55
CA GLU W 109 35.50 -37.11 -68.78
C GLU W 109 36.81 -37.85 -68.55
N PHE W 110 36.98 -38.98 -69.25
CA PHE W 110 38.21 -39.73 -69.16
C PHE W 110 38.33 -40.65 -70.38
N GLU W 111 39.56 -40.97 -70.73
CA GLU W 111 39.86 -41.92 -71.80
C GLU W 111 40.77 -43.04 -71.28
N ILE X 2 17.78 -1.16 19.93
CA ILE X 2 18.58 -0.01 19.41
C ILE X 2 19.50 0.52 20.49
N ASN X 3 20.75 0.80 20.10
CA ASN X 3 21.75 1.32 21.02
C ASN X 3 21.76 2.85 20.97
N ILE X 4 22.19 3.45 22.08
CA ILE X 4 22.16 4.90 22.20
C ILE X 4 23.09 5.54 21.16
N ASP X 5 24.24 4.92 20.90
CA ASP X 5 25.19 5.51 19.97
C ASP X 5 24.62 5.54 18.55
N ARG X 6 23.86 4.52 18.17
CA ARG X 6 23.20 4.52 16.87
C ARG X 6 22.27 5.72 16.73
N ARG X 7 21.42 5.94 17.74
CA ARG X 7 20.49 7.05 17.70
C ARG X 7 21.23 8.39 17.67
N ARG X 8 22.28 8.52 18.47
CA ARG X 8 23.05 9.76 18.50
C ARG X 8 23.68 10.04 17.14
N LYS X 9 24.30 9.03 16.54
CA LYS X 9 24.92 9.19 15.23
C LYS X 9 23.89 9.58 14.19
N ASP X 10 22.73 8.91 14.21
CA ASP X 10 21.70 9.21 13.21
C ASP X 10 21.17 10.63 13.37
N ILE X 11 20.91 11.06 14.61
CA ILE X 11 20.39 12.40 14.83
C ILE X 11 21.41 13.44 14.38
N ILE X 12 22.68 13.25 14.75
CA ILE X 12 23.70 14.25 14.42
C ILE X 12 23.91 14.29 12.91
N ARG X 13 23.91 13.13 12.26
CA ARG X 13 24.03 13.11 10.81
C ARG X 13 22.87 13.84 10.16
N THR X 14 21.64 13.50 10.55
CA THR X 14 20.47 14.09 9.91
C THR X 14 20.42 15.60 10.11
N ILE X 15 20.80 16.08 11.29
CA ILE X 15 20.89 17.51 11.49
C ILE X 15 21.98 18.10 10.60
N ASN X 16 23.08 17.37 10.42
CA ASN X 16 24.22 17.90 9.68
C ASN X 16 24.03 17.84 8.17
N ILE X 17 23.03 17.11 7.66
CA ILE X 17 22.76 17.16 6.23
C ILE X 17 22.31 18.55 5.82
N ASN X 18 21.53 19.21 6.67
CA ASN X 18 20.96 20.51 6.35
C ASN X 18 20.73 21.32 7.62
N PRO X 19 21.78 21.63 8.37
CA PRO X 19 21.60 22.34 9.63
C PRO X 19 21.32 23.82 9.41
N THR X 20 20.67 24.42 10.40
CA THR X 20 20.48 25.86 10.47
C THR X 20 20.74 26.30 11.89
N ASN X 21 21.55 27.34 12.07
CA ASN X 21 21.79 27.91 13.39
C ASN X 21 20.59 28.74 13.79
N ILE X 22 20.07 28.48 14.98
CA ILE X 22 18.79 29.02 15.43
C ILE X 22 18.98 29.67 16.78
N THR X 23 18.34 30.82 16.99
CA THR X 23 18.39 31.57 18.23
C THR X 23 17.05 31.41 18.94
N ILE X 24 16.93 30.33 19.72
CA ILE X 24 15.72 30.11 20.50
C ILE X 24 15.64 31.18 21.59
N THR X 25 14.46 31.77 21.75
CA THR X 25 14.17 32.68 22.85
C THR X 25 13.07 32.08 23.71
N SER X 26 13.34 31.96 25.00
CA SER X 26 12.45 31.30 25.94
C SER X 26 11.89 32.33 26.91
N ILE X 27 10.57 32.43 26.97
CA ILE X 27 9.87 33.27 27.94
C ILE X 27 9.16 32.34 28.90
N LYS X 28 9.63 32.27 30.13
CA LYS X 28 9.08 31.40 31.15
C LYS X 28 8.30 32.24 32.15
N LYS X 29 7.01 31.91 32.30
CA LYS X 29 6.14 32.62 33.22
C LYS X 29 6.28 32.04 34.62
N THR X 30 6.49 32.91 35.60
CA THR X 30 6.68 32.52 36.99
C THR X 30 5.56 33.11 37.83
N GLU X 31 4.91 32.26 38.64
CA GLU X 31 3.78 32.70 39.43
C GLU X 31 4.25 33.57 40.59
N ILE X 32 3.80 34.82 40.62
CA ILE X 32 4.18 35.78 41.65
C ILE X 32 2.94 36.56 42.04
N ASP X 33 2.48 36.38 43.28
CA ASP X 33 1.29 37.07 43.79
C ASP X 33 0.08 36.80 42.90
N GLY X 34 -0.06 35.55 42.46
CA GLY X 34 -1.20 35.20 41.63
C GLY X 34 -1.15 35.75 40.23
N ALA X 35 0.02 36.22 39.78
CA ALA X 35 0.20 36.72 38.43
C ALA X 35 1.54 36.22 37.92
N PHE X 36 1.81 36.50 36.65
CA PHE X 36 3.00 35.99 35.97
C PHE X 36 4.06 37.07 35.88
N GLU X 37 5.29 36.71 36.28
CA GLU X 37 6.48 37.50 36.03
C GLU X 37 7.32 36.74 35.02
N GLU X 38 7.62 37.38 33.89
CA GLU X 38 8.24 36.71 32.75
C GLU X 38 9.73 37.00 32.73
N THR X 39 10.54 35.95 32.72
CA THR X 39 11.99 36.04 32.60
C THR X 39 12.39 35.54 31.22
N GLU X 40 13.01 36.40 30.44
CA GLU X 40 13.36 36.10 29.06
C GLU X 40 14.83 35.68 28.98
N THR X 41 15.07 34.47 28.45
CA THR X 41 16.41 33.97 28.21
C THR X 41 16.52 33.59 26.73
N GLU X 42 17.75 33.60 26.23
CA GLU X 42 18.05 33.32 24.83
C GLU X 42 19.09 32.23 24.76
N ILE X 43 18.79 31.18 24.00
CA ILE X 43 19.66 30.01 23.85
C ILE X 43 19.76 29.66 22.38
N LYS X 44 20.91 29.13 21.99
CA LYS X 44 21.23 28.83 20.60
C LYS X 44 21.48 27.33 20.43
N CYS X 45 21.04 26.79 19.29
CA CYS X 45 21.22 25.38 19.00
C CYS X 45 21.32 25.19 17.49
N VAL X 46 21.92 24.07 17.10
CA VAL X 46 21.94 23.65 15.70
C VAL X 46 20.70 22.80 15.44
N VAL X 47 20.02 23.06 14.32
CA VAL X 47 18.67 22.55 14.09
C VAL X 47 18.49 22.31 12.60
N ARG X 48 17.74 21.26 12.26
CA ARG X 48 17.25 21.01 10.91
C ARG X 48 15.73 21.13 10.91
N ILE X 49 15.20 21.83 9.93
CA ILE X 49 13.77 22.10 9.79
C ILE X 49 13.25 21.36 8.58
N PHE X 50 12.08 20.73 8.71
CA PHE X 50 11.53 19.89 7.66
C PHE X 50 10.02 19.96 7.72
N ASN X 51 9.37 19.61 6.60
CA ASN X 51 7.92 19.53 6.56
C ASN X 51 7.45 18.21 7.17
N GLU X 52 6.32 18.27 7.88
CA GLU X 52 5.73 17.09 8.51
C GLU X 52 4.25 16.89 8.17
N LYS X 53 3.49 17.97 8.00
CA LYS X 53 2.05 17.89 7.80
C LYS X 53 1.63 18.79 6.65
N THR X 54 0.78 18.27 5.78
CA THR X 54 0.18 19.08 4.71
C THR X 54 -1.03 19.77 5.30
N ALA X 55 -0.82 20.96 5.86
CA ALA X 55 -1.86 21.74 6.53
C ALA X 55 -2.12 23.00 5.73
N GLU X 56 -3.16 23.73 6.14
CA GLU X 56 -3.60 24.95 5.48
C GLU X 56 -3.45 26.13 6.42
N LYS X 57 -3.03 27.26 5.87
CA LYS X 57 -2.74 28.45 6.67
C LYS X 57 -4.03 29.02 7.22
N GLN X 58 -4.17 29.01 8.54
CA GLN X 58 -5.31 29.64 9.20
C GLN X 58 -5.06 31.14 9.35
N ILE X 59 -6.15 31.90 9.42
CA ILE X 59 -6.10 33.34 9.63
C ILE X 59 -7.06 33.68 10.77
N SER X 60 -6.65 34.62 11.62
CA SER X 60 -7.38 34.92 12.85
C SER X 60 -7.58 36.42 13.05
N SER X 61 -8.03 37.12 12.01
CA SER X 61 -8.22 38.57 12.07
C SER X 61 -9.34 38.91 13.04
N GLU X 62 -9.14 39.95 13.84
CA GLU X 62 -10.17 40.44 14.76
C GLU X 62 -9.77 41.84 15.23
N LYS X 63 -10.56 42.41 16.14
CA LYS X 63 -10.29 43.76 16.62
C LYS X 63 -9.01 43.84 17.43
N GLN X 64 -8.49 42.70 17.91
CA GLN X 64 -7.19 42.71 18.58
C GLN X 64 -6.06 42.86 17.57
N GLY X 65 -6.24 42.31 16.38
CA GLY X 65 -5.20 42.30 15.39
C GLY X 65 -5.35 41.08 14.50
N THR X 66 -4.41 40.95 13.57
CA THR X 66 -4.46 39.89 12.56
C THR X 66 -3.13 39.16 12.52
N PHE X 67 -3.20 37.84 12.37
CA PHE X 67 -2.02 37.01 12.18
C PHE X 67 -2.46 35.69 11.59
N SER X 68 -1.60 35.11 10.76
CA SER X 68 -1.85 33.84 10.10
C SER X 68 -0.73 32.87 10.42
N SER X 69 -1.09 31.63 10.71
CA SER X 69 -0.14 30.61 11.15
C SER X 69 -0.42 29.30 10.44
N ILE X 70 0.63 28.49 10.30
CA ILE X 70 0.56 27.20 9.64
C ILE X 70 1.42 26.21 10.40
N ARG X 71 0.96 24.96 10.46
CA ARG X 71 1.54 23.92 11.30
C ARG X 71 2.43 22.96 10.52
N THR X 72 2.78 23.29 9.28
CA THR X 72 3.43 22.32 8.39
C THR X 72 4.81 21.90 8.90
N TYR X 73 5.60 22.83 9.40
CA TYR X 73 7.01 22.57 9.64
C TYR X 73 7.23 21.81 10.94
N GLY X 74 8.05 20.78 10.86
CA GLY X 74 8.58 20.11 12.04
C GLY X 74 9.90 20.71 12.47
N MET X 75 10.65 19.93 13.25
CA MET X 75 11.98 20.35 13.68
C MET X 75 12.67 19.15 14.31
N LEU X 76 14.00 19.17 14.28
CA LEU X 76 14.81 18.07 14.79
C LEU X 76 16.09 18.65 15.35
N VAL X 77 16.30 18.47 16.65
CA VAL X 77 17.43 19.08 17.37
C VAL X 77 18.08 18.02 18.25
N SER X 78 19.37 18.21 18.51
CA SER X 78 20.18 17.24 19.23
C SER X 78 19.95 17.38 20.74
N ASN X 79 20.79 16.71 21.52
CA ASN X 79 20.70 16.66 22.97
C ASN X 79 21.38 17.85 23.66
N ASP X 80 21.96 18.78 22.89
CA ASP X 80 22.88 19.75 23.46
C ASP X 80 22.24 20.65 24.51
N VAL X 81 20.93 20.89 24.40
CA VAL X 81 20.21 21.76 25.34
C VAL X 81 18.88 21.13 25.70
N ILE X 82 18.52 21.21 26.96
CA ILE X 82 17.23 20.71 27.45
C ILE X 82 16.15 21.73 27.13
N LEU X 83 15.07 21.29 26.49
CA LEU X 83 13.94 22.13 26.11
C LEU X 83 12.71 21.74 26.91
N GLU X 84 11.74 22.64 26.93
CA GLU X 84 10.46 22.39 27.57
C GLU X 84 9.47 23.44 27.11
N VAL X 85 8.26 23.02 26.76
CA VAL X 85 7.19 23.92 26.37
C VAL X 85 5.94 23.54 27.15
N ASN X 86 5.33 24.52 27.81
CA ASN X 86 4.13 24.33 28.59
C ASN X 86 3.17 25.48 28.27
N SER X 87 2.07 25.55 29.02
CA SER X 87 1.22 26.72 28.94
C SER X 87 1.95 27.96 29.45
N ARG X 88 2.76 27.79 30.49
CA ARG X 88 3.49 28.90 31.11
C ARG X 88 4.88 29.10 30.50
N ASP X 89 5.29 28.28 29.54
CA ASP X 89 6.62 28.36 28.93
C ASP X 89 6.50 28.32 27.42
N SER X 90 7.27 29.18 26.76
CA SER X 90 7.21 29.34 25.31
C SER X 90 8.61 29.29 24.73
N LEU X 91 8.69 28.97 23.44
CA LEU X 91 9.94 29.00 22.70
C LEU X 91 9.65 29.44 21.28
N GLU X 92 10.40 30.45 20.83
CA GLU X 92 10.25 30.99 19.48
C GLU X 92 11.63 31.23 18.91
N PHE X 93 11.68 31.48 17.60
CA PHE X 93 12.92 31.89 16.97
C PHE X 93 12.61 32.52 15.62
N GLU X 94 13.59 33.29 15.13
CA GLU X 94 13.39 34.15 13.97
C GLU X 94 13.93 33.46 12.73
N CYS X 95 13.08 32.66 12.10
CA CYS X 95 13.33 32.25 10.73
C CYS X 95 13.03 33.42 9.80
N ILE X 96 13.69 33.42 8.65
CA ILE X 96 13.60 34.56 7.74
C ILE X 96 12.18 34.71 7.21
N TYR X 97 11.50 33.59 6.97
CA TYR X 97 10.17 33.58 6.37
C TYR X 97 9.10 33.48 7.46
N GLY X 98 9.02 34.53 8.26
CA GLY X 98 8.06 34.59 9.34
C GLY X 98 8.58 33.96 10.61
N ARG X 99 7.99 34.38 11.73
CA ARG X 99 8.38 33.82 13.02
C ARG X 99 8.02 32.35 13.11
N MET X 100 8.91 31.57 13.70
CA MET X 100 8.66 30.18 14.04
C MET X 100 8.39 30.08 15.53
N LYS X 101 7.53 29.14 15.91
CA LYS X 101 7.19 28.90 17.31
C LYS X 101 7.10 27.41 17.55
N ILE X 102 7.76 26.94 18.61
CA ILE X 102 7.80 25.52 18.93
C ILE X 102 6.50 25.18 19.66
N VAL X 103 5.62 24.44 19.00
CA VAL X 103 4.34 24.09 19.59
C VAL X 103 4.50 22.97 20.60
N ASN X 104 5.00 21.82 20.15
CA ASN X 104 5.07 20.62 20.97
C ASN X 104 6.42 19.95 20.79
N ILE X 105 6.90 19.34 21.88
CA ILE X 105 8.22 18.72 21.94
C ILE X 105 8.03 17.22 22.11
N TYR X 106 8.76 16.42 21.32
CA TYR X 106 8.79 14.98 21.44
C TYR X 106 10.20 14.55 21.85
N PRO X 107 10.46 14.24 23.12
CA PRO X 107 11.84 13.91 23.50
C PRO X 107 12.17 12.46 23.16
N GLN X 108 13.11 12.27 22.24
CA GLN X 108 13.53 10.92 21.86
C GLN X 108 14.43 10.37 22.96
N ILE X 109 13.95 9.34 23.65
CA ILE X 109 14.62 8.77 24.80
C ILE X 109 14.91 7.31 24.51
N VAL X 110 16.11 6.86 24.87
CA VAL X 110 16.53 5.46 24.72
C VAL X 110 16.99 4.99 26.09
N LYS X 111 16.30 3.99 26.64
CA LYS X 111 16.62 3.39 27.93
C LYS X 111 16.70 4.45 29.02
N GLY X 112 15.69 5.31 29.07
CA GLY X 112 15.63 6.35 30.07
C GLY X 112 16.71 7.41 29.95
N GLU X 113 17.34 7.54 28.80
CA GLU X 113 18.38 8.53 28.56
C GLU X 113 18.00 9.35 27.34
N LEU X 114 18.07 10.68 27.48
CA LEU X 114 17.73 11.58 26.40
C LEU X 114 18.83 11.56 25.34
N CYS X 115 18.41 11.69 24.07
CA CYS X 115 19.35 11.77 22.95
C CYS X 115 19.01 12.85 21.94
N GLY X 116 17.82 13.40 21.96
CA GLY X 116 17.42 14.44 21.02
C GLY X 116 15.92 14.61 21.03
N TYR X 117 15.48 15.79 20.61
CA TYR X 117 14.07 16.16 20.59
C TYR X 117 13.57 16.19 19.15
N GLN X 118 12.62 15.32 18.84
CA GLN X 118 11.72 15.57 17.72
C GLN X 118 10.75 16.65 18.15
N CYS X 119 10.36 17.51 17.21
CA CYS X 119 9.62 18.71 17.55
C CYS X 119 8.75 19.15 16.40
N SER X 120 7.73 19.94 16.73
CA SER X 120 6.78 20.50 15.78
C SER X 120 6.76 22.01 15.94
N LEU X 121 6.51 22.71 14.84
CA LEU X 121 6.60 24.15 14.79
C LEU X 121 5.31 24.75 14.26
N GLU X 122 5.22 26.07 14.38
CA GLU X 122 4.11 26.85 13.84
C GLU X 122 4.69 28.14 13.31
N ARG X 123 4.65 28.32 11.99
CA ARG X 123 5.24 29.48 11.34
C ARG X 123 4.25 30.63 11.42
N ILE X 124 4.43 31.51 12.40
CA ILE X 124 3.53 32.63 12.62
C ILE X 124 3.95 33.76 11.68
N ASP X 125 3.07 34.12 10.75
CA ASP X 125 3.35 35.17 9.79
C ASP X 125 3.01 36.54 10.39
N GLU Y 9 13.57 -46.58 28.66
CA GLU Y 9 12.39 -47.32 28.12
C GLU Y 9 12.15 -46.91 26.67
N LYS Y 10 11.82 -47.89 25.82
CA LYS Y 10 11.67 -47.62 24.39
C LYS Y 10 10.51 -46.67 24.13
N LEU Y 11 9.39 -46.85 24.83
CA LEU Y 11 8.25 -45.95 24.63
C LEU Y 11 8.60 -44.53 25.04
N ARG Y 12 9.29 -44.37 26.16
CA ARG Y 12 9.65 -43.03 26.63
C ARG Y 12 10.66 -42.39 25.69
N LEU Y 13 11.61 -43.18 25.19
CA LEU Y 13 12.58 -42.64 24.24
C LEU Y 13 11.89 -42.23 22.94
N LEU Y 14 10.90 -43.00 22.49
CA LEU Y 14 10.17 -42.62 21.28
C LEU Y 14 9.34 -41.36 21.49
N LEU Y 15 8.72 -41.23 22.67
CA LEU Y 15 7.96 -40.03 22.98
C LEU Y 15 8.87 -38.84 23.27
N ASN Y 16 10.17 -39.09 23.43
CA ASN Y 16 11.15 -38.01 23.40
C ASN Y 16 11.51 -37.68 21.96
N ASP Y 17 11.59 -38.69 21.11
CA ASP Y 17 11.87 -38.49 19.69
C ASP Y 17 10.72 -37.82 18.94
N LYS Y 18 9.55 -37.71 19.57
CA LYS Y 18 8.40 -37.04 18.98
C LYS Y 18 7.76 -36.22 20.08
N ASP Y 19 6.72 -35.45 19.71
CA ASP Y 19 6.01 -34.69 20.73
C ASP Y 19 5.30 -35.64 21.68
N LYS Y 20 5.32 -35.28 22.97
CA LYS Y 20 5.11 -36.26 24.03
C LYS Y 20 3.66 -36.73 24.15
N LYS Y 21 2.66 -35.84 23.96
CA LYS Y 21 1.27 -36.20 24.19
C LYS Y 21 0.37 -35.73 23.06
N SER Y 22 0.73 -36.02 21.81
CA SER Y 22 -0.19 -35.88 20.69
C SER Y 22 -0.78 -37.24 20.31
N PHE Y 23 -0.03 -38.32 20.55
CA PHE Y 23 -0.44 -39.66 20.19
C PHE Y 23 -0.89 -40.45 21.42
N THR Y 24 -1.89 -41.30 21.23
CA THR Y 24 -2.34 -42.19 22.29
C THR Y 24 -1.29 -43.27 22.54
N ASP Y 25 -1.39 -43.92 23.70
CA ASP Y 25 -0.33 -44.82 24.13
C ASP Y 25 -0.23 -46.06 23.24
N GLU Y 26 -1.37 -46.58 22.78
CA GLU Y 26 -1.35 -47.86 22.08
C GLU Y 26 -0.69 -47.78 20.71
N GLU Y 27 -0.86 -46.66 20.00
CA GLU Y 27 -0.24 -46.56 18.68
C GLU Y 27 1.27 -46.41 18.77
N LEU Y 28 1.79 -45.86 19.87
CA LEU Y 28 3.24 -45.90 20.10
C LEU Y 28 3.73 -47.34 20.17
N ASN Y 29 3.01 -48.19 20.90
CA ASN Y 29 3.36 -49.61 20.95
C ASN Y 29 3.23 -50.24 19.57
N LEU Y 30 2.22 -49.83 18.82
CA LEU Y 30 2.05 -50.34 17.45
C LEU Y 30 3.27 -50.01 16.59
N PHE Y 31 3.74 -48.76 16.67
CA PHE Y 31 4.89 -48.36 15.87
C PHE Y 31 6.15 -49.08 16.34
N LEU Y 32 6.30 -49.26 17.66
CA LEU Y 32 7.43 -50.01 18.18
C LEU Y 32 7.42 -51.45 17.68
N GLU Y 33 6.23 -52.04 17.57
CA GLU Y 33 6.11 -53.39 17.04
C GLU Y 33 6.43 -53.43 15.55
N GLU Y 34 5.99 -52.43 14.80
CA GLU Y 34 6.16 -52.45 13.35
C GLU Y 34 7.63 -52.42 12.95
N ALA Y 35 8.45 -51.63 13.64
CA ALA Y 35 9.88 -51.55 13.35
C ALA Y 35 10.65 -51.73 14.64
N ASP Y 36 11.66 -52.60 14.60
CA ASP Y 36 12.45 -52.85 15.80
C ASP Y 36 13.35 -51.67 16.13
N CYS Y 37 14.02 -51.11 15.13
CA CYS Y 37 14.84 -49.92 15.35
C CYS Y 37 13.95 -48.74 15.67
N ILE Y 38 14.28 -48.01 16.74
CA ILE Y 38 13.39 -46.96 17.23
C ILE Y 38 13.32 -45.80 16.25
N TYR Y 39 14.40 -45.54 15.51
CA TYR Y 39 14.42 -44.38 14.64
C TYR Y 39 13.49 -44.56 13.43
N CYS Y 40 13.36 -45.79 12.93
CA CYS Y 40 12.38 -46.05 11.88
C CYS Y 40 10.97 -45.77 12.38
N ALA Y 41 10.68 -46.21 13.62
CA ALA Y 41 9.38 -45.92 14.21
C ALA Y 41 9.19 -44.42 14.38
N ALA Y 42 10.26 -43.70 14.73
CA ALA Y 42 10.16 -42.25 14.87
C ALA Y 42 9.85 -41.60 13.54
N SER Y 43 10.48 -42.06 12.46
CA SER Y 43 10.18 -41.51 11.14
C SER Y 43 8.73 -41.78 10.75
N GLN Y 44 8.25 -42.99 11.00
CA GLN Y 44 6.86 -43.32 10.70
C GLN Y 44 5.91 -42.44 11.51
N GLY Y 45 6.18 -42.31 12.80
CA GLY Y 45 5.34 -41.48 13.64
C GLY Y 45 5.37 -40.02 13.22
N TRP Y 46 6.52 -39.54 12.75
CA TRP Y 46 6.62 -38.15 12.32
C TRP Y 46 5.81 -37.93 11.04
N ILE Y 47 5.84 -38.88 10.11
CA ILE Y 47 4.98 -38.74 8.93
C ILE Y 47 3.52 -38.74 9.34
N LEU Y 48 3.14 -39.64 10.24
CA LEU Y 48 1.75 -39.71 10.68
C LEU Y 48 1.33 -38.43 11.38
N LYS Y 49 2.21 -37.85 12.19
CA LYS Y 49 1.93 -36.56 12.80
C LYS Y 49 1.82 -35.46 11.75
N SER Y 50 2.66 -35.53 10.70
CA SER Y 50 2.60 -34.56 9.63
C SER Y 50 1.24 -34.59 8.93
N LEU Y 51 0.60 -35.76 8.91
CA LEU Y 51 -0.73 -35.83 8.32
C LEU Y 51 -1.75 -34.93 9.02
N GLN Y 52 -1.49 -34.57 10.29
CA GLN Y 52 -2.49 -33.83 11.06
C GLN Y 52 -2.74 -32.43 10.52
N TYR Y 53 -1.76 -31.84 9.83
CA TYR Y 53 -1.83 -30.41 9.53
C TYR Y 53 -2.98 -30.04 8.60
N GLU Y 54 -3.60 -31.01 7.91
CA GLU Y 54 -4.75 -30.67 7.09
C GLU Y 54 -5.91 -30.17 7.95
N ASN Y 55 -6.05 -30.67 9.17
CA ASN Y 55 -7.17 -30.28 10.02
C ASN Y 55 -7.03 -28.85 10.50
N THR Y 56 -5.86 -28.50 11.04
CA THR Y 56 -5.69 -27.23 11.73
C THR Y 56 -5.23 -26.12 10.78
N VAL Y 57 -4.06 -26.30 10.17
CA VAL Y 57 -3.47 -25.25 9.35
C VAL Y 57 -3.97 -25.31 7.91
N GLY Y 58 -4.48 -26.45 7.46
CA GLY Y 58 -4.98 -26.54 6.10
C GLY Y 58 -6.16 -25.66 5.84
N GLU Y 59 -7.18 -25.73 6.70
CA GLU Y 59 -8.41 -24.96 6.47
C GLU Y 59 -8.25 -23.49 6.81
N MET Y 60 -7.27 -23.13 7.63
CA MET Y 60 -7.04 -21.73 7.96
C MET Y 60 -5.63 -21.59 8.52
N TYR Y 61 -4.81 -20.78 7.85
CA TYR Y 61 -3.44 -20.51 8.29
C TYR Y 61 -3.12 -19.04 8.45
N GLU Y 62 -4.04 -18.14 8.12
CA GLU Y 62 -3.80 -16.71 8.22
C GLU Y 62 -5.14 -15.99 8.23
N TYR Y 63 -5.45 -15.33 9.34
CA TYR Y 63 -6.72 -14.64 9.50
C TYR Y 63 -6.50 -13.32 10.21
N LYS Y 64 -7.37 -12.36 9.90
CA LYS Y 64 -7.40 -11.05 10.55
C LYS Y 64 -8.84 -10.73 10.90
N VAL Y 65 -9.07 -10.35 12.16
CA VAL Y 65 -10.38 -9.89 12.61
C VAL Y 65 -10.17 -8.53 13.30
N GLY Y 66 -10.90 -7.53 12.83
CA GLY Y 66 -10.72 -6.19 13.36
C GLY Y 66 -9.30 -5.72 13.15
N GLN Y 67 -8.68 -5.23 14.22
CA GLN Y 67 -7.25 -4.96 14.22
C GLN Y 67 -6.43 -6.20 14.58
N GLU Y 68 -7.06 -7.25 15.08
CA GLU Y 68 -6.35 -8.49 15.42
C GLU Y 68 -5.95 -9.17 14.13
N THR Y 69 -4.65 -9.39 13.95
CA THR Y 69 -4.13 -10.15 12.81
C THR Y 69 -3.22 -11.25 13.35
N TYR Y 70 -3.32 -12.43 12.73
CA TYR Y 70 -2.52 -13.58 13.09
C TYR Y 70 -2.10 -14.30 11.82
N LYS Y 71 -0.81 -14.61 11.72
CA LYS Y 71 -0.26 -15.34 10.59
C LYS Y 71 0.47 -16.57 11.12
N SER Y 72 0.29 -17.68 10.42
CA SER Y 72 0.99 -18.93 10.72
C SER Y 72 1.54 -19.50 9.42
N SER Y 73 2.63 -20.26 9.55
CA SER Y 73 3.26 -20.86 8.38
C SER Y 73 2.28 -21.80 7.68
N SER Y 74 2.29 -21.76 6.35
CA SER Y 74 1.33 -22.54 5.57
C SER Y 74 1.50 -24.03 5.84
N ILE Y 75 0.51 -24.81 5.38
CA ILE Y 75 0.55 -26.25 5.57
C ILE Y 75 1.75 -26.86 4.88
N LYS Y 76 2.14 -26.28 3.74
CA LYS Y 76 3.26 -26.82 2.97
C LYS Y 76 4.56 -26.74 3.76
N ASP Y 77 4.80 -25.61 4.44
CA ASP Y 77 6.03 -25.47 5.19
C ASP Y 77 6.07 -26.41 6.39
N LEU Y 78 4.96 -26.52 7.12
CA LEU Y 78 4.94 -27.39 8.29
C LEU Y 78 5.09 -28.85 7.91
N VAL Y 79 4.38 -29.29 6.87
CA VAL Y 79 4.52 -30.69 6.45
C VAL Y 79 5.91 -30.92 5.87
N SER Y 80 6.52 -29.90 5.26
CA SER Y 80 7.90 -30.02 4.81
C SER Y 80 8.84 -30.24 5.98
N VAL Y 81 8.64 -29.49 7.08
CA VAL Y 81 9.48 -29.65 8.26
C VAL Y 81 9.31 -31.05 8.83
N ALA Y 82 8.07 -31.52 8.92
CA ALA Y 82 7.81 -32.84 9.47
C ALA Y 82 8.43 -33.93 8.59
N TYR Y 83 8.34 -33.76 7.27
CA TYR Y 83 8.98 -34.69 6.36
C TYR Y 83 10.50 -34.67 6.51
N GLN Y 84 11.06 -33.49 6.76
CA GLN Y 84 12.49 -33.41 6.97
C GLN Y 84 12.89 -34.17 8.23
N ASN Y 85 12.08 -34.05 9.28
CA ASN Y 85 12.32 -34.84 10.49
C ASN Y 85 12.25 -36.33 10.20
N ALA Y 86 11.25 -36.74 9.42
CA ALA Y 86 11.09 -38.15 9.08
C ALA Y 86 12.29 -38.67 8.30
N ASP Y 87 12.76 -37.88 7.34
CA ASP Y 87 13.90 -38.30 6.53
C ASP Y 87 15.17 -38.35 7.36
N LYS Y 88 15.33 -37.41 8.29
CA LYS Y 88 16.51 -37.46 9.16
C LYS Y 88 16.49 -38.71 10.02
N PHE Y 89 15.33 -39.05 10.58
CA PHE Y 89 15.24 -40.27 11.38
C PHE Y 89 15.52 -41.51 10.53
N LYS Y 90 14.99 -41.54 9.31
CA LYS Y 90 15.24 -42.69 8.43
C LYS Y 90 16.72 -42.82 8.11
N ASP Y 91 17.37 -41.71 7.78
CA ASP Y 91 18.81 -41.75 7.49
C ASP Y 91 19.60 -42.14 8.72
N MET Y 92 19.14 -41.72 9.90
CA MET Y 92 19.79 -42.12 11.13
C MET Y 92 19.71 -43.63 11.32
N CYS Y 93 18.54 -44.21 11.04
CA CYS Y 93 18.40 -45.66 11.14
C CYS Y 93 19.31 -46.36 10.14
N THR Y 94 19.38 -45.86 8.91
CA THR Y 94 20.24 -46.47 7.91
C THR Y 94 21.70 -46.44 8.35
N ASN Y 95 22.17 -45.28 8.82
CA ASN Y 95 23.54 -45.17 9.29
C ASN Y 95 23.78 -46.06 10.50
N LYS Y 96 22.75 -46.27 11.33
CA LYS Y 96 22.87 -47.20 12.44
C LYS Y 96 23.14 -48.61 11.92
N LYS Y 97 22.34 -49.06 10.93
CA LYS Y 97 22.52 -50.41 10.41
C LYS Y 97 23.57 -50.49 9.30
N GLU Y 98 24.08 -49.36 8.82
CA GLU Y 98 25.06 -49.39 7.73
C GLU Y 98 26.37 -49.99 8.20
N LYS Y 99 27.05 -50.69 7.28
CA LYS Y 99 28.37 -51.24 7.52
C LYS Y 99 29.22 -51.00 6.29
N GLY Y 100 30.52 -50.84 6.50
CA GLY Y 100 31.43 -50.46 5.44
C GLY Y 100 31.63 -51.56 4.41
N SER Y 101 32.44 -51.24 3.41
CA SER Y 101 32.76 -52.19 2.37
C SER Y 101 33.64 -53.32 2.92
N PHE Y 102 33.74 -54.40 2.16
CA PHE Y 102 34.44 -55.59 2.61
C PHE Y 102 35.17 -56.24 1.44
N MET Y 103 36.39 -56.73 1.73
CA MET Y 103 37.11 -57.65 0.86
C MET Y 103 37.28 -58.96 1.61
N LEU Y 104 36.81 -60.05 1.02
CA LEU Y 104 36.83 -61.36 1.64
C LEU Y 104 37.49 -62.36 0.70
N GLY Y 105 38.02 -63.42 1.29
CA GLY Y 105 38.59 -64.49 0.51
C GLY Y 105 37.53 -65.29 -0.21
N ILE Y 106 37.96 -65.99 -1.26
CA ILE Y 106 37.11 -66.90 -2.02
C ILE Y 106 37.90 -68.16 -2.31
N SER Y 107 37.22 -69.30 -2.30
CA SER Y 107 37.89 -70.58 -2.50
C SER Y 107 36.88 -71.61 -2.98
N THR Y 108 37.25 -72.34 -4.01
CA THR Y 108 36.44 -73.44 -4.55
C THR Y 108 37.23 -74.74 -4.42
N GLU Y 109 36.50 -75.81 -4.09
CA GLU Y 109 37.12 -77.12 -3.95
C GLU Y 109 37.66 -77.59 -5.30
N PHE Y 110 38.80 -78.29 -5.25
CA PHE Y 110 39.34 -78.91 -6.45
C PHE Y 110 40.26 -80.05 -6.02
N GLU Y 111 40.44 -81.00 -6.93
CA GLU Y 111 41.23 -82.20 -6.65
C GLU Y 111 42.68 -81.99 -7.08
N GLU Z 9 49.44 -12.87 23.80
CA GLU Z 9 48.81 -13.85 24.73
C GLU Z 9 47.67 -14.57 24.01
N LYS Z 10 47.60 -15.89 24.18
CA LYS Z 10 46.65 -16.69 23.41
C LYS Z 10 45.20 -16.33 23.74
N LEU Z 11 44.90 -16.15 25.03
CA LEU Z 11 43.52 -15.88 25.42
C LEU Z 11 43.05 -14.53 24.89
N ARG Z 12 43.89 -13.51 25.00
CA ARG Z 12 43.51 -12.19 24.50
C ARG Z 12 43.35 -12.19 22.99
N LEU Z 13 44.23 -12.90 22.29
CA LEU Z 13 44.12 -12.97 20.84
C LEU Z 13 42.85 -13.70 20.42
N LEU Z 14 42.49 -14.77 21.13
CA LEU Z 14 41.25 -15.47 20.83
C LEU Z 14 40.05 -14.59 21.12
N LEU Z 15 40.08 -13.85 22.23
CA LEU Z 15 38.99 -12.94 22.55
C LEU Z 15 38.89 -11.81 21.53
N ASN Z 16 40.00 -11.47 20.87
CA ASN Z 16 39.94 -10.57 19.73
C ASN Z 16 39.28 -11.25 18.54
N ASP Z 17 39.68 -12.48 18.23
CA ASP Z 17 39.11 -13.18 17.08
C ASP Z 17 37.64 -13.48 17.31
N LYS Z 18 37.33 -14.26 18.35
CA LYS Z 18 35.96 -14.55 18.72
C LYS Z 18 35.45 -13.32 19.49
N ASP Z 19 34.32 -12.77 19.02
CA ASP Z 19 33.88 -11.46 19.49
C ASP Z 19 33.66 -11.46 21.00
N LYS Z 20 34.07 -10.37 21.65
CA LYS Z 20 34.38 -10.38 23.07
C LYS Z 20 33.14 -10.35 23.96
N LYS Z 21 33.31 -10.80 25.20
CA LYS Z 21 32.31 -10.68 26.26
C LYS Z 21 30.97 -11.30 25.91
N SER Z 22 31.00 -12.52 25.35
CA SER Z 22 29.83 -13.39 25.28
C SER Z 22 30.09 -14.76 25.88
N PHE Z 23 31.35 -15.16 26.00
CA PHE Z 23 31.75 -16.40 26.66
C PHE Z 23 32.73 -16.06 27.78
N THR Z 24 32.49 -16.62 28.96
CA THR Z 24 33.43 -16.45 30.05
C THR Z 24 34.72 -17.20 29.74
N ASP Z 25 35.81 -16.78 30.41
CA ASP Z 25 37.14 -17.19 30.00
C ASP Z 25 37.38 -18.69 30.19
N GLU Z 26 36.53 -19.35 30.99
CA GLU Z 26 36.69 -20.79 31.22
C GLU Z 26 36.54 -21.57 29.92
N GLU Z 27 35.46 -21.33 29.17
CA GLU Z 27 35.30 -22.05 27.91
C GLU Z 27 36.29 -21.56 26.87
N LEU Z 28 36.79 -20.32 26.98
CA LEU Z 28 37.87 -19.90 26.10
C LEU Z 28 39.11 -20.75 26.33
N ASN Z 29 39.46 -21.00 27.60
CA ASN Z 29 40.55 -21.92 27.90
C ASN Z 29 40.25 -23.32 27.39
N LEU Z 30 38.98 -23.74 27.51
CA LEU Z 30 38.59 -25.05 27.02
C LEU Z 30 38.83 -25.17 25.51
N PHE Z 31 38.45 -24.13 24.76
CA PHE Z 31 38.65 -24.15 23.31
C PHE Z 31 40.14 -24.13 22.98
N LEU Z 32 40.92 -23.35 23.75
CA LEU Z 32 42.36 -23.30 23.53
C LEU Z 32 42.98 -24.67 23.75
N GLU Z 33 42.51 -25.39 24.77
CA GLU Z 33 42.99 -26.75 25.01
C GLU Z 33 42.54 -27.70 23.89
N GLU Z 34 41.32 -27.50 23.39
CA GLU Z 34 40.75 -28.42 22.41
C GLU Z 34 41.54 -28.45 21.11
N ALA Z 35 41.98 -27.30 20.63
CA ALA Z 35 42.66 -27.19 19.33
C ALA Z 35 44.00 -26.50 19.53
N ASP Z 36 45.05 -27.07 18.95
CA ASP Z 36 46.37 -26.48 19.03
C ASP Z 36 46.42 -25.12 18.34
N CYS Z 37 45.84 -25.03 17.14
CA CYS Z 37 45.88 -23.78 16.37
C CYS Z 37 44.77 -22.86 16.85
N ILE Z 38 45.11 -21.57 16.99
CA ILE Z 38 44.15 -20.61 17.54
C ILE Z 38 42.99 -20.39 16.58
N TYR Z 39 43.24 -20.48 15.27
CA TYR Z 39 42.17 -20.20 14.31
C TYR Z 39 41.12 -21.31 14.30
N CYS Z 40 41.53 -22.55 14.53
CA CYS Z 40 40.55 -23.62 14.70
C CYS Z 40 39.67 -23.35 15.91
N ALA Z 41 40.29 -22.90 17.01
CA ALA Z 41 39.52 -22.54 18.20
C ALA Z 41 38.59 -21.37 17.90
N ALA Z 42 39.02 -20.43 17.07
CA ALA Z 42 38.18 -19.30 16.72
C ALA Z 42 36.96 -19.75 15.92
N SER Z 43 37.18 -20.68 14.98
CA SER Z 43 36.06 -21.24 14.23
C SER Z 43 35.09 -21.96 15.14
N GLN Z 44 35.63 -22.74 16.08
CA GLN Z 44 34.79 -23.43 17.07
C GLN Z 44 33.98 -22.42 17.87
N GLY Z 45 34.64 -21.38 18.36
CA GLY Z 45 33.95 -20.39 19.16
C GLY Z 45 32.89 -19.65 18.37
N TRP Z 46 33.15 -19.38 17.09
CA TRP Z 46 32.15 -18.69 16.28
C TRP Z 46 30.93 -19.58 16.04
N ILE Z 47 31.15 -20.87 15.78
CA ILE Z 47 30.02 -21.77 15.60
C ILE Z 47 29.20 -21.85 16.88
N LEU Z 48 29.88 -21.89 18.02
CA LEU Z 48 29.16 -21.95 19.30
C LEU Z 48 28.45 -20.63 19.59
N LYS Z 49 29.04 -19.50 19.18
CA LYS Z 49 28.41 -18.20 19.39
C LYS Z 49 27.18 -18.04 18.52
N SER Z 50 27.18 -18.66 17.34
CA SER Z 50 26.04 -18.57 16.44
C SER Z 50 24.77 -19.18 17.02
N LEU Z 51 24.88 -19.99 18.07
CA LEU Z 51 23.70 -20.62 18.65
C LEU Z 51 22.84 -19.62 19.41
N GLN Z 52 23.43 -18.52 19.88
CA GLN Z 52 22.67 -17.57 20.70
C GLN Z 52 21.62 -16.83 19.90
N TYR Z 53 21.78 -16.77 18.57
CA TYR Z 53 20.79 -16.09 17.75
C TYR Z 53 19.41 -16.72 17.87
N GLU Z 54 19.34 -18.02 18.17
CA GLU Z 54 18.08 -18.66 18.53
C GLU Z 54 17.30 -17.82 19.53
N ASN Z 55 17.84 -17.66 20.73
CA ASN Z 55 17.16 -16.90 21.78
C ASN Z 55 17.05 -15.43 21.42
N THR Z 56 18.10 -14.84 20.84
CA THR Z 56 18.11 -13.39 20.68
C THR Z 56 17.14 -12.92 19.60
N VAL Z 57 17.12 -13.59 18.43
CA VAL Z 57 16.45 -13.07 17.25
C VAL Z 57 15.40 -14.05 16.74
N GLY Z 58 15.55 -15.34 17.07
CA GLY Z 58 14.62 -16.32 16.55
C GLY Z 58 13.20 -16.09 17.01
N GLU Z 59 13.01 -15.76 18.29
CA GLU Z 59 11.69 -15.54 18.82
C GLU Z 59 11.11 -14.18 18.42
N MET Z 60 11.96 -13.23 18.02
CA MET Z 60 11.47 -11.93 17.57
C MET Z 60 12.60 -11.24 16.82
N TYR Z 61 12.35 -10.87 15.56
CA TYR Z 61 13.33 -10.18 14.74
C TYR Z 61 12.79 -8.94 14.05
N GLU Z 62 11.51 -8.63 14.19
CA GLU Z 62 10.93 -7.44 13.59
C GLU Z 62 9.61 -7.16 14.29
N TYR Z 63 9.54 -6.03 15.00
CA TYR Z 63 8.36 -5.67 15.77
C TYR Z 63 8.06 -4.18 15.58
N LYS Z 64 6.76 -3.87 15.61
CA LYS Z 64 6.28 -2.49 15.55
C LYS Z 64 5.28 -2.27 16.68
N VAL Z 65 5.49 -1.21 17.44
CA VAL Z 65 4.56 -0.80 18.50
C VAL Z 65 4.24 0.67 18.28
N GLY Z 66 2.95 1.00 18.19
CA GLY Z 66 2.54 2.36 17.90
C GLY Z 66 3.12 2.81 16.58
N GLN Z 67 3.75 3.97 16.58
CA GLN Z 67 4.56 4.43 15.45
C GLN Z 67 5.99 3.90 15.51
N GLU Z 68 6.40 3.30 16.62
CA GLU Z 68 7.75 2.76 16.75
C GLU Z 68 7.81 1.48 15.93
N THR Z 69 8.76 1.41 15.00
CA THR Z 69 9.03 0.21 14.22
C THR Z 69 10.52 -0.11 14.30
N TYR Z 70 10.84 -1.39 14.46
CA TYR Z 70 12.21 -1.87 14.53
C TYR Z 70 12.32 -3.17 13.78
N LYS Z 71 13.24 -3.22 12.82
CA LYS Z 71 13.54 -4.43 12.06
C LYS Z 71 14.99 -4.81 12.27
N SER Z 72 15.24 -6.10 12.46
CA SER Z 72 16.57 -6.66 12.55
C SER Z 72 16.70 -7.80 11.56
N SER Z 73 17.93 -8.06 11.12
CA SER Z 73 18.18 -9.14 10.18
C SER Z 73 17.74 -10.47 10.80
N SER Z 74 17.12 -11.31 9.98
CA SER Z 74 16.55 -12.55 10.47
C SER Z 74 17.64 -13.46 11.04
N ILE Z 75 17.20 -14.49 11.76
CA ILE Z 75 18.13 -15.44 12.36
C ILE Z 75 18.97 -16.11 11.28
N LYS Z 76 18.37 -16.37 10.13
CA LYS Z 76 19.08 -17.06 9.05
C LYS Z 76 20.27 -16.25 8.56
N ASP Z 77 20.09 -14.93 8.40
CA ASP Z 77 21.20 -14.11 7.93
C ASP Z 77 22.31 -14.05 8.96
N LEU Z 78 21.96 -13.88 10.24
CA LEU Z 78 22.99 -13.77 11.27
C LEU Z 78 23.76 -15.07 11.44
N VAL Z 79 23.05 -16.20 11.46
CA VAL Z 79 23.74 -17.47 11.57
C VAL Z 79 24.57 -17.75 10.32
N SER Z 80 24.10 -17.28 9.16
CA SER Z 80 24.91 -17.40 7.95
C SER Z 80 26.21 -16.62 8.07
N VAL Z 81 26.14 -15.40 8.61
CA VAL Z 81 27.34 -14.58 8.78
C VAL Z 81 28.30 -15.26 9.75
N ALA Z 82 27.77 -15.77 10.86
CA ALA Z 82 28.62 -16.45 11.84
C ALA Z 82 29.27 -17.69 11.24
N TYR Z 83 28.51 -18.45 10.44
CA TYR Z 83 29.07 -19.61 9.78
C TYR Z 83 30.14 -19.21 8.78
N GLN Z 84 29.95 -18.08 8.10
CA GLN Z 84 30.97 -17.60 7.18
C GLN Z 84 32.26 -17.27 7.92
N ASN Z 85 32.13 -16.63 9.09
CA ASN Z 85 33.29 -16.36 9.93
C ASN Z 85 33.98 -17.66 10.34
N ALA Z 86 33.19 -18.65 10.73
CA ALA Z 86 33.75 -19.94 11.15
C ALA Z 86 34.50 -20.60 10.00
N ASP Z 87 33.91 -20.58 8.81
CA ASP Z 87 34.55 -21.21 7.66
C ASP Z 87 35.82 -20.47 7.27
N LYS Z 88 35.82 -19.14 7.37
CA LYS Z 88 37.03 -18.39 7.07
C LYS Z 88 38.14 -18.72 8.05
N PHE Z 89 37.82 -18.82 9.33
CA PHE Z 89 38.83 -19.19 10.31
C PHE Z 89 39.35 -20.61 10.06
N LYS Z 90 38.46 -21.54 9.72
CA LYS Z 90 38.89 -22.91 9.45
C LYS Z 90 39.80 -22.97 8.23
N ASP Z 91 39.43 -22.26 7.17
CA ASP Z 91 40.25 -22.24 5.97
C ASP Z 91 41.59 -21.57 6.25
N MET Z 92 41.60 -20.55 7.11
CA MET Z 92 42.84 -19.90 7.50
C MET Z 92 43.75 -20.88 8.21
N CYS Z 93 43.18 -21.68 9.13
CA CYS Z 93 43.97 -22.69 9.82
C CYS Z 93 44.54 -23.72 8.84
N THR Z 94 43.72 -24.17 7.90
CA THR Z 94 44.18 -25.17 6.93
C THR Z 94 45.31 -24.61 6.07
N ASN Z 95 45.15 -23.38 5.59
CA ASN Z 95 46.21 -22.75 4.80
C ASN Z 95 47.47 -22.56 5.63
N LYS Z 96 47.33 -22.28 6.91
CA LYS Z 96 48.51 -22.19 7.78
C LYS Z 96 49.22 -23.53 7.86
N LYS Z 97 48.47 -24.62 8.03
CA LYS Z 97 49.08 -25.94 8.11
C LYS Z 97 49.28 -26.59 6.75
N GLU Z 98 48.88 -25.94 5.67
CA GLU Z 98 49.05 -26.52 4.33
C GLU Z 98 50.51 -26.42 3.88
N LYS Z 99 50.97 -27.44 3.18
CA LYS Z 99 52.28 -27.46 2.56
C LYS Z 99 52.14 -27.94 1.12
N GLY Z 100 53.00 -27.44 0.26
CA GLY Z 100 52.89 -27.68 -1.16
C GLY Z 100 53.17 -29.13 -1.53
N SER Z 101 53.05 -29.41 -2.82
CA SER Z 101 53.34 -30.73 -3.34
C SER Z 101 54.84 -31.03 -3.24
N PHE Z 102 55.18 -32.31 -3.36
CA PHE Z 102 56.55 -32.76 -3.17
C PHE Z 102 56.87 -33.87 -4.16
N MET Z 103 58.10 -33.83 -4.69
CA MET Z 103 58.71 -34.95 -5.39
C MET Z 103 59.93 -35.38 -4.60
N LEU Z 104 59.98 -36.65 -4.22
CA LEU Z 104 61.05 -37.20 -3.41
C LEU Z 104 61.63 -38.41 -4.09
N GLY Z 105 62.89 -38.70 -3.77
CA GLY Z 105 63.51 -39.89 -4.28
C GLY Z 105 62.94 -41.15 -3.64
N ILE Z 106 63.21 -42.28 -4.29
CA ILE Z 106 62.80 -43.59 -3.81
C ILE Z 106 63.93 -44.57 -4.09
N SER Z 107 64.15 -45.49 -3.16
CA SER Z 107 65.23 -46.44 -3.31
C SER Z 107 64.93 -47.69 -2.49
N THR Z 108 65.10 -48.85 -3.10
CA THR Z 108 64.94 -50.14 -2.43
C THR Z 108 66.27 -50.86 -2.44
N GLU Z 109 66.58 -51.50 -1.31
CA GLU Z 109 67.81 -52.28 -1.20
C GLU Z 109 67.79 -53.44 -2.19
N PHE Z 110 68.95 -53.72 -2.77
CA PHE Z 110 69.08 -54.89 -3.64
C PHE Z 110 70.50 -55.41 -3.54
N GLU Z 111 70.64 -56.71 -3.77
CA GLU Z 111 71.94 -57.37 -3.75
C GLU Z 111 72.83 -56.85 -4.87
N GLU AA 9 51.69 15.23 -16.64
CA GLU AA 9 52.27 14.95 -15.30
C GLU AA 9 51.58 13.72 -14.69
N LYS AA 10 52.37 12.85 -14.07
CA LYS AA 10 51.83 11.57 -13.60
C LYS AA 10 50.80 11.77 -12.49
N LEU AA 11 51.07 12.70 -11.57
CA LEU AA 11 50.15 12.91 -10.46
C LEU AA 11 48.81 13.44 -10.95
N ARG AA 12 48.84 14.40 -11.90
CA ARG AA 12 47.60 14.95 -12.43
C ARG AA 12 46.83 13.90 -13.23
N LEU AA 13 47.56 13.09 -14.01
CA LEU AA 13 46.89 12.05 -14.78
C LEU AA 13 46.27 11.01 -13.86
N LEU AA 14 46.91 10.74 -12.72
CA LEU AA 14 46.32 9.80 -11.76
C LEU AA 14 45.11 10.40 -11.08
N LEU AA 15 45.18 11.67 -10.69
CA LEU AA 15 44.02 12.36 -10.12
C LEU AA 15 42.89 12.51 -11.10
N ASN AA 16 43.16 12.41 -12.40
CA ASN AA 16 42.11 12.26 -13.41
C ASN AA 16 41.61 10.83 -13.52
N ASP AA 17 42.51 9.85 -13.45
CA ASP AA 17 42.10 8.45 -13.51
C ASP AA 17 41.27 8.02 -12.31
N LYS AA 18 41.36 8.75 -11.21
CA LYS AA 18 40.58 8.51 -10.00
C LYS AA 18 39.74 9.75 -9.74
N ASP AA 19 38.63 9.58 -9.02
CA ASP AA 19 37.80 10.72 -8.69
C ASP AA 19 38.59 11.69 -7.82
N LYS AA 20 38.48 12.97 -8.13
CA LYS AA 20 39.50 13.92 -7.71
C LYS AA 20 39.48 14.18 -6.21
N LYS AA 21 40.62 13.96 -5.57
CA LYS AA 21 40.95 14.53 -4.26
C LYS AA 21 39.93 14.19 -3.17
N SER AA 22 39.59 12.91 -3.08
CA SER AA 22 39.15 12.37 -1.80
C SER AA 22 40.36 12.01 -0.94
N PHE AA 23 41.48 11.72 -1.59
CA PHE AA 23 42.75 11.49 -0.92
C PHE AA 23 43.54 12.80 -0.81
N THR AA 24 44.59 12.77 -0.01
CA THR AA 24 45.59 13.84 0.01
C THR AA 24 46.80 13.43 -0.82
N ASP AA 25 47.70 14.39 -1.03
CA ASP AA 25 48.66 14.29 -2.13
C ASP AA 25 49.70 13.20 -1.90
N GLU AA 26 50.02 12.89 -0.64
CA GLU AA 26 51.14 12.00 -0.38
C GLU AA 26 50.84 10.56 -0.81
N GLU AA 27 49.61 10.09 -0.59
CA GLU AA 27 49.31 8.72 -0.98
C GLU AA 27 49.24 8.57 -2.50
N LEU AA 28 48.97 9.64 -3.24
CA LEU AA 28 49.08 9.57 -4.69
C LEU AA 28 50.50 9.25 -5.10
N ASN AA 29 51.49 9.92 -4.50
CA ASN AA 29 52.89 9.61 -4.76
C ASN AA 29 53.21 8.19 -4.30
N LEU AA 30 52.62 7.77 -3.17
CA LEU AA 30 52.85 6.42 -2.68
C LEU AA 30 52.38 5.38 -3.69
N PHE AA 31 51.20 5.58 -4.27
CA PHE AA 31 50.70 4.64 -5.27
C PHE AA 31 51.52 4.70 -6.54
N LEU AA 32 51.96 5.91 -6.93
CA LEU AA 32 52.80 6.04 -8.12
C LEU AA 32 54.10 5.28 -7.95
N GLU AA 33 54.67 5.31 -6.75
CA GLU AA 33 55.90 4.56 -6.49
C GLU AA 33 55.64 3.07 -6.36
N GLU AA 34 54.47 2.68 -5.82
CA GLU AA 34 54.17 1.27 -5.62
C GLU AA 34 54.09 0.52 -6.95
N ALA AA 35 53.51 1.14 -7.98
CA ALA AA 35 53.39 0.54 -9.30
C ALA AA 35 53.82 1.56 -10.33
N ASP AA 36 54.70 1.14 -11.25
CA ASP AA 36 55.17 2.07 -12.28
C ASP AA 36 54.07 2.40 -13.27
N CYS AA 37 53.29 1.40 -13.69
CA CYS AA 37 52.17 1.64 -14.59
C CYS AA 37 51.09 2.43 -13.86
N ILE AA 38 50.62 3.50 -14.49
CA ILE AA 38 49.67 4.38 -13.83
C ILE AA 38 48.32 3.69 -13.65
N TYR AA 39 47.95 2.80 -14.56
CA TYR AA 39 46.64 2.18 -14.48
C TYR AA 39 46.55 1.19 -13.31
N CYS AA 40 47.65 0.48 -13.02
CA CYS AA 40 47.66 -0.37 -11.84
C CYS AA 40 47.49 0.46 -10.57
N ALA AA 41 48.17 1.60 -10.51
CA ALA AA 41 48.00 2.51 -9.38
C ALA AA 41 46.57 3.02 -9.31
N ALA AA 42 45.96 3.28 -10.46
CA ALA AA 42 44.57 3.73 -10.47
C ALA AA 42 43.64 2.66 -9.92
N SER AA 43 43.88 1.40 -10.29
CA SER AA 43 43.06 0.31 -9.76
C SER AA 43 43.22 0.20 -8.25
N GLN AA 44 44.46 0.29 -7.76
CA GLN AA 44 44.71 0.25 -6.33
C GLN AA 44 44.00 1.40 -5.62
N GLY AA 45 44.13 2.61 -6.16
CA GLY AA 45 43.46 3.75 -5.57
C GLY AA 45 41.95 3.62 -5.59
N TRP AA 46 41.42 3.01 -6.64
CA TRP AA 46 39.97 2.85 -6.72
C TRP AA 46 39.47 1.86 -5.67
N ILE AA 47 40.22 0.78 -5.43
CA ILE AA 47 39.83 -0.13 -4.36
C ILE AA 47 39.90 0.58 -3.02
N LEU AA 48 40.97 1.35 -2.80
CA LEU AA 48 41.12 2.05 -1.52
C LEU AA 48 40.01 3.07 -1.33
N LYS AA 49 39.59 3.74 -2.41
CA LYS AA 49 38.45 4.64 -2.35
C LYS AA 49 37.17 3.88 -2.07
N SER AA 50 37.01 2.69 -2.66
CA SER AA 50 35.83 1.88 -2.42
C SER AA 50 35.72 1.49 -0.96
N LEU AA 51 36.84 1.37 -0.27
CA LEU AA 51 36.78 1.10 1.17
C LEU AA 51 36.02 2.17 1.94
N GLN AA 52 35.99 3.40 1.43
CA GLN AA 52 35.44 4.53 2.19
C GLN AA 52 33.93 4.43 2.43
N TYR AA 53 33.20 3.68 1.60
CA TYR AA 53 31.74 3.68 1.67
C TYR AA 53 31.21 3.17 3.01
N GLU AA 54 32.04 2.44 3.78
CA GLU AA 54 31.71 1.99 5.13
C GLU AA 54 30.97 3.04 5.96
N ASN AA 55 31.53 4.25 6.01
CA ASN AA 55 30.98 5.32 6.83
C ASN AA 55 29.89 6.09 6.09
N THR AA 56 30.11 6.38 4.81
CA THR AA 56 29.19 7.26 4.10
C THR AA 56 27.83 6.60 3.86
N VAL AA 57 27.81 5.38 3.34
CA VAL AA 57 26.58 4.77 2.84
C VAL AA 57 26.24 3.51 3.62
N GLY AA 58 27.27 2.85 4.18
CA GLY AA 58 27.02 1.68 4.99
C GLY AA 58 26.20 1.99 6.23
N GLU AA 59 26.45 3.15 6.84
CA GLU AA 59 25.75 3.51 8.07
C GLU AA 59 24.30 3.90 7.81
N MET AA 60 24.02 4.60 6.71
CA MET AA 60 22.66 5.02 6.40
C MET AA 60 22.54 5.32 4.91
N TYR AA 61 21.86 4.45 4.16
CA TYR AA 61 21.70 4.60 2.73
C TYR AA 61 20.29 4.98 2.29
N GLU AA 62 19.34 5.07 3.22
CA GLU AA 62 17.97 5.44 2.89
C GLU AA 62 17.27 5.87 4.17
N TYR AA 63 16.82 7.13 4.20
CA TYR AA 63 16.19 7.69 5.38
C TYR AA 63 15.05 8.60 4.97
N LYS AA 64 14.05 8.67 5.85
CA LYS AA 64 12.89 9.54 5.68
C LYS AA 64 12.63 10.27 6.98
N VAL AA 65 12.47 11.59 6.91
CA VAL AA 65 12.10 12.42 8.05
C VAL AA 65 10.92 13.29 7.61
N GLY AA 66 9.84 13.25 8.38
CA GLY AA 66 8.65 14.00 8.02
C GLY AA 66 8.14 13.55 6.66
N GLN AA 67 7.89 14.51 5.78
CA GLN AA 67 7.65 14.22 4.37
C GLN AA 67 8.93 14.13 3.56
N GLU AA 68 10.07 14.51 4.14
CA GLU AA 68 11.34 14.43 3.43
C GLU AA 68 11.75 12.98 3.34
N THR AA 69 11.97 12.47 2.13
CA THR AA 69 12.49 11.14 1.89
C THR AA 69 13.72 11.23 1.02
N TYR AA 70 14.73 10.43 1.34
CA TYR AA 70 15.97 10.37 0.58
C TYR AA 70 16.43 8.93 0.49
N LYS AA 71 16.69 8.48 -0.73
CA LYS AA 71 17.19 7.14 -0.98
C LYS AA 71 18.51 7.22 -1.73
N SER AA 72 19.43 6.34 -1.35
CA SER AA 72 20.72 6.20 -2.01
C SER AA 72 20.99 4.72 -2.20
N SER AA 73 21.64 4.38 -3.31
CA SER AA 73 21.95 2.99 -3.59
C SER AA 73 22.82 2.41 -2.48
N SER AA 74 22.57 1.15 -2.14
CA SER AA 74 23.22 0.53 -1.00
C SER AA 74 24.73 0.49 -1.20
N ILE AA 75 25.43 0.20 -0.09
CA ILE AA 75 26.89 0.13 -0.12
C ILE AA 75 27.36 -0.95 -1.08
N LYS AA 76 26.59 -2.02 -1.23
CA LYS AA 76 26.98 -3.10 -2.13
C LYS AA 76 27.07 -2.62 -3.57
N ASP AA 77 26.11 -1.81 -4.01
CA ASP AA 77 26.15 -1.33 -5.39
C ASP AA 77 27.34 -0.41 -5.62
N LEU AA 78 27.64 0.48 -4.66
CA LEU AA 78 28.73 1.42 -4.88
C LEU AA 78 30.08 0.73 -4.82
N VAL AA 79 30.27 -0.18 -3.88
CA VAL AA 79 31.53 -0.91 -3.84
C VAL AA 79 31.65 -1.80 -5.08
N SER AA 80 30.53 -2.29 -5.59
CA SER AA 80 30.56 -3.04 -6.85
C SER AA 80 31.03 -2.16 -8.01
N VAL AA 81 30.51 -0.93 -8.08
CA VAL AA 81 30.90 -0.02 -9.16
C VAL AA 81 32.38 0.31 -9.05
N ALA AA 82 32.85 0.58 -7.83
CA ALA AA 82 34.26 0.91 -7.63
C ALA AA 82 35.15 -0.28 -7.98
N TYR AA 83 34.71 -1.49 -7.62
CA TYR AA 83 35.44 -2.69 -8.00
C TYR AA 83 35.48 -2.86 -9.51
N GLN AA 84 34.38 -2.52 -10.18
CA GLN AA 84 34.35 -2.61 -11.64
C GLN AA 84 35.36 -1.64 -12.24
N ASN AA 85 35.45 -0.43 -11.68
CA ASN AA 85 36.46 0.52 -12.12
C ASN AA 85 37.86 -0.04 -11.91
N ALA AA 86 38.10 -0.63 -10.74
CA ALA AA 86 39.41 -1.20 -10.44
C ALA AA 86 39.77 -2.31 -11.42
N ASP AA 87 38.81 -3.19 -11.70
CA ASP AA 87 39.06 -4.29 -12.61
C ASP AA 87 39.31 -3.79 -14.03
N LYS AA 88 38.58 -2.75 -14.45
CA LYS AA 88 38.81 -2.19 -15.78
C LYS AA 88 40.21 -1.60 -15.86
N PHE AA 89 40.64 -0.87 -14.83
CA PHE AA 89 41.99 -0.32 -14.84
C PHE AA 89 43.04 -1.43 -14.87
N LYS AA 90 42.82 -2.50 -14.09
CA LYS AA 90 43.76 -3.62 -14.08
C LYS AA 90 43.85 -4.27 -15.45
N ASP AA 91 42.69 -4.50 -16.09
CA ASP AA 91 42.69 -5.10 -17.41
C ASP AA 91 43.34 -4.17 -18.44
N MET AA 92 43.17 -2.87 -18.26
CA MET AA 92 43.83 -1.91 -19.14
C MET AA 92 45.34 -2.02 -19.00
N CYS AA 93 45.83 -2.14 -17.76
CA CYS AA 93 47.26 -2.32 -17.53
C CYS AA 93 47.76 -3.60 -18.20
N THR AA 94 47.00 -4.69 -18.05
CA THR AA 94 47.42 -5.96 -18.65
C THR AA 94 47.47 -5.85 -20.16
N ASN AA 95 46.44 -5.24 -20.77
CA ASN AA 95 46.42 -5.10 -22.21
C ASN AA 95 47.56 -4.20 -22.69
N LYS AA 96 47.93 -3.21 -21.89
CA LYS AA 96 49.11 -2.41 -22.20
C LYS AA 96 50.36 -3.30 -22.22
N LYS AA 97 50.57 -4.07 -21.15
CA LYS AA 97 51.76 -4.88 -21.02
C LYS AA 97 51.66 -6.22 -21.75
N GLU AA 98 50.51 -6.56 -22.31
CA GLU AA 98 50.36 -7.82 -23.05
C GLU AA 98 51.11 -7.76 -24.36
N LYS AA 99 51.58 -8.92 -24.80
CA LYS AA 99 52.24 -9.08 -26.09
C LYS AA 99 51.77 -10.39 -26.72
N GLY AA 100 51.73 -10.39 -28.05
CA GLY AA 100 51.15 -11.51 -28.78
C GLY AA 100 51.98 -12.77 -28.65
N SER AA 101 51.44 -13.84 -29.24
CA SER AA 101 52.15 -15.11 -29.27
C SER AA 101 53.36 -15.02 -30.20
N PHE AA 102 54.28 -15.96 -30.01
CA PHE AA 102 55.56 -15.94 -30.73
C PHE AA 102 55.96 -17.34 -31.16
N MET AA 103 56.51 -17.44 -32.36
CA MET AA 103 57.24 -18.60 -32.83
C MET AA 103 58.68 -18.16 -33.09
N LEU AA 104 59.63 -18.82 -32.44
CA LEU AA 104 61.04 -18.49 -32.54
C LEU AA 104 61.84 -19.72 -32.93
N GLY AA 105 63.02 -19.47 -33.49
CA GLY AA 105 63.91 -20.56 -33.82
C GLY AA 105 64.53 -21.17 -32.59
N ILE AA 106 65.02 -22.40 -32.74
CA ILE AA 106 65.71 -23.12 -31.70
C ILE AA 106 66.90 -23.83 -32.33
N SER AA 107 68.01 -23.90 -31.60
CA SER AA 107 69.22 -24.50 -32.13
C SER AA 107 70.12 -24.93 -30.98
N THR AA 108 70.67 -26.14 -31.08
CA THR AA 108 71.61 -26.68 -30.12
C THR AA 108 72.92 -27.00 -30.82
N GLU AA 109 74.03 -26.74 -30.13
CA GLU AA 109 75.34 -27.02 -30.68
C GLU AA 109 75.54 -28.50 -30.88
N PHE AA 110 76.26 -28.86 -31.95
CA PHE AA 110 76.61 -30.25 -32.19
C PHE AA 110 77.82 -30.29 -33.12
N GLU AA 111 78.51 -31.42 -33.11
CA GLU AA 111 79.72 -31.62 -33.91
C GLU AA 111 79.52 -32.77 -34.89
N GLU BA 9 18.12 9.51 -52.53
CA GLU BA 9 19.25 10.30 -51.96
C GLU BA 9 19.77 9.62 -50.71
N LYS BA 10 21.10 9.47 -50.61
CA LYS BA 10 21.69 8.73 -49.51
C LYS BA 10 21.45 9.43 -48.18
N LEU BA 11 21.55 10.76 -48.17
CA LEU BA 11 21.31 11.49 -46.92
C LEU BA 11 19.86 11.32 -46.45
N ARG BA 12 18.91 11.42 -47.38
CA ARG BA 12 17.51 11.23 -47.00
C ARG BA 12 17.23 9.79 -46.59
N LEU BA 13 17.88 8.83 -47.24
CA LEU BA 13 17.71 7.44 -46.84
C LEU BA 13 18.24 7.20 -45.43
N LEU BA 14 19.39 7.80 -45.10
CA LEU BA 14 19.93 7.66 -43.75
C LEU BA 14 19.03 8.36 -42.73
N LEU BA 15 18.52 9.54 -43.07
CA LEU BA 15 17.58 10.25 -42.20
C LEU BA 15 16.21 9.57 -42.13
N ASN BA 16 15.93 8.63 -43.01
CA ASN BA 16 14.82 7.70 -42.85
C ASN BA 16 15.18 6.52 -41.97
N ASP BA 17 16.43 6.07 -42.02
CA ASP BA 17 16.91 5.02 -41.14
C ASP BA 17 17.17 5.52 -39.72
N LYS BA 18 17.07 6.83 -39.48
CA LYS BA 18 17.40 7.40 -38.19
C LYS BA 18 16.63 8.70 -38.03
N ASP BA 19 16.17 8.95 -36.80
CA ASP BA 19 15.26 10.06 -36.55
C ASP BA 19 15.93 11.40 -36.82
N LYS BA 20 15.10 12.39 -37.12
CA LYS BA 20 15.56 13.72 -37.49
C LYS BA 20 15.79 14.55 -36.22
N LYS BA 21 16.22 15.80 -36.40
CA LYS BA 21 16.18 16.84 -35.38
C LYS BA 21 17.20 16.67 -34.27
N SER BA 22 18.01 15.60 -34.33
CA SER BA 22 19.05 15.38 -33.32
C SER BA 22 20.45 15.58 -33.87
N PHE BA 23 20.69 15.17 -35.11
CA PHE BA 23 21.99 15.31 -35.78
C PHE BA 23 21.85 16.31 -36.91
N THR BA 24 22.69 17.35 -36.90
CA THR BA 24 22.72 18.26 -38.02
C THR BA 24 23.43 17.61 -39.21
N ASP BA 25 23.39 18.30 -40.35
CA ASP BA 25 23.68 17.65 -41.62
C ASP BA 25 25.14 17.22 -41.74
N GLU BA 26 26.06 17.96 -41.09
CA GLU BA 26 27.47 17.70 -41.32
C GLU BA 26 27.88 16.33 -40.77
N GLU BA 27 27.36 15.94 -39.61
CA GLU BA 27 27.71 14.62 -39.10
C GLU BA 27 27.04 13.52 -39.91
N LEU BA 28 25.86 13.79 -40.48
CA LEU BA 28 25.27 12.84 -41.42
C LEU BA 28 26.19 12.61 -42.61
N ASN BA 29 26.74 13.70 -43.16
CA ASN BA 29 27.70 13.57 -44.25
C ASN BA 29 28.95 12.82 -43.79
N LEU BA 30 29.38 13.09 -42.56
CA LEU BA 30 30.56 12.41 -42.01
C LEU BA 30 30.33 10.91 -41.93
N PHE BA 31 29.17 10.49 -41.42
CA PHE BA 31 28.87 9.06 -41.35
C PHE BA 31 28.75 8.46 -42.74
N LEU BA 32 28.16 9.20 -43.68
CA LEU BA 32 27.98 8.69 -45.03
C LEU BA 32 29.34 8.45 -45.70
N GLU BA 33 30.27 9.39 -45.53
CA GLU BA 33 31.57 9.27 -46.18
C GLU BA 33 32.53 8.37 -45.41
N GLU BA 34 32.27 8.10 -44.13
CA GLU BA 34 33.13 7.21 -43.36
C GLU BA 34 32.83 5.74 -43.60
N ALA BA 35 31.69 5.40 -44.20
CA ALA BA 35 31.33 4.03 -44.48
C ALA BA 35 30.48 4.00 -45.74
N ASP BA 36 30.84 3.13 -46.70
CA ASP BA 36 30.10 3.04 -47.94
C ASP BA 36 28.68 2.53 -47.70
N CYS BA 37 28.56 1.40 -47.00
CA CYS BA 37 27.24 0.82 -46.76
C CYS BA 37 26.45 1.70 -45.81
N ILE BA 38 25.22 2.05 -46.22
CA ILE BA 38 24.43 2.99 -45.45
C ILE BA 38 24.00 2.39 -44.12
N TYR BA 39 23.85 1.06 -44.06
CA TYR BA 39 23.38 0.43 -42.84
C TYR BA 39 24.44 0.47 -41.74
N CYS BA 40 25.72 0.35 -42.10
CA CYS BA 40 26.78 0.52 -41.11
C CYS BA 40 26.76 1.93 -40.53
N ALA BA 41 26.58 2.92 -41.40
CA ALA BA 41 26.45 4.30 -40.95
C ALA BA 41 25.22 4.46 -40.06
N ALA BA 42 24.14 3.77 -40.38
CA ALA BA 42 22.94 3.84 -39.55
C ALA BA 42 23.20 3.26 -38.17
N SER BA 43 23.93 2.15 -38.09
CA SER BA 43 24.27 1.57 -36.80
C SER BA 43 25.12 2.53 -35.98
N GLN BA 44 26.12 3.14 -36.62
CA GLN BA 44 26.96 4.11 -35.94
C GLN BA 44 26.14 5.29 -35.42
N GLY BA 45 25.28 5.82 -36.28
CA GLY BA 45 24.44 6.94 -35.88
C GLY BA 45 23.48 6.55 -34.77
N TRP BA 46 23.00 5.31 -34.78
CA TRP BA 46 22.08 4.88 -33.73
C TRP BA 46 22.78 4.78 -32.39
N ILE BA 47 24.02 4.28 -32.38
CA ILE BA 47 24.78 4.26 -31.12
C ILE BA 47 25.00 5.68 -30.62
N LEU BA 48 25.41 6.58 -31.53
CA LEU BA 48 25.67 7.96 -31.14
C LEU BA 48 24.41 8.63 -30.64
N LYS BA 49 23.26 8.31 -31.24
CA LYS BA 49 21.98 8.80 -30.75
C LYS BA 49 21.66 8.23 -29.38
N SER BA 50 21.98 6.95 -29.16
CA SER BA 50 21.75 6.31 -27.87
C SER BA 50 22.52 7.01 -26.76
N LEU BA 51 23.66 7.61 -27.10
CA LEU BA 51 24.45 8.29 -26.07
C LEU BA 51 23.69 9.41 -25.37
N GLN BA 52 22.67 9.98 -26.00
CA GLN BA 52 22.01 11.17 -25.45
C GLN BA 52 21.14 10.87 -24.23
N TYR BA 53 20.84 9.60 -23.96
CA TYR BA 53 19.94 9.31 -22.85
C TYR BA 53 20.55 9.67 -21.50
N GLU BA 54 21.88 9.66 -21.37
CA GLU BA 54 22.51 10.07 -20.12
C GLU BA 54 22.11 11.48 -19.71
N ASN BA 55 21.89 12.37 -20.67
CA ASN BA 55 21.36 13.70 -20.39
C ASN BA 55 19.84 13.70 -20.31
N THR BA 56 19.17 13.07 -21.29
CA THR BA 56 17.72 13.23 -21.36
C THR BA 56 17.01 12.51 -20.23
N VAL BA 57 17.22 11.20 -20.10
CA VAL BA 57 16.40 10.36 -19.23
C VAL BA 57 17.22 9.88 -18.03
N GLY BA 58 18.54 9.82 -18.18
CA GLY BA 58 19.38 9.38 -17.08
C GLY BA 58 19.27 10.28 -15.87
N GLU BA 59 19.15 11.59 -16.10
CA GLU BA 59 19.08 12.54 -14.98
C GLU BA 59 17.77 12.41 -14.21
N MET BA 60 16.66 12.14 -14.89
CA MET BA 60 15.38 11.99 -14.22
C MET BA 60 14.45 11.24 -15.16
N TYR BA 61 14.10 10.01 -14.81
CA TYR BA 61 13.22 9.17 -15.61
C TYR BA 61 11.86 8.91 -14.99
N GLU BA 62 11.60 9.39 -13.78
CA GLU BA 62 10.33 9.16 -13.12
C GLU BA 62 10.17 10.17 -12.00
N TYR BA 63 9.15 11.02 -12.10
CA TYR BA 63 8.93 12.09 -11.14
C TYR BA 63 7.43 12.25 -10.89
N LYS BA 64 7.11 12.68 -9.68
CA LYS BA 64 5.75 13.01 -9.27
C LYS BA 64 5.76 14.36 -8.57
N VAL BA 65 4.86 15.25 -8.99
CA VAL BA 65 4.66 16.54 -8.33
C VAL BA 65 3.17 16.68 -8.05
N GLY BA 66 2.82 16.94 -6.80
CA GLY BA 66 1.42 17.03 -6.42
C GLY BA 66 0.71 15.72 -6.72
N GLN BA 67 -0.42 15.82 -7.41
CA GLN BA 67 -1.08 14.64 -7.98
C GLN BA 67 -0.55 14.29 -9.37
N GLU BA 68 0.27 15.15 -9.97
CA GLU BA 68 0.84 14.87 -11.27
C GLU BA 68 1.93 13.82 -11.09
N THR BA 69 1.79 12.68 -11.76
CA THR BA 69 2.82 11.64 -11.79
C THR BA 69 3.15 11.34 -13.24
N TYR BA 70 4.45 11.17 -13.52
CA TYR BA 70 4.94 10.82 -14.84
C TYR BA 70 6.03 9.78 -14.70
N LYS BA 71 5.91 8.70 -15.46
CA LYS BA 71 6.91 7.64 -15.49
C LYS BA 71 7.37 7.46 -16.93
N SER BA 72 8.69 7.27 -17.09
CA SER BA 72 9.28 6.97 -18.38
C SER BA 72 10.24 5.80 -18.22
N SER BA 73 10.44 5.07 -19.32
CA SER BA 73 11.32 3.92 -19.29
C SER BA 73 12.73 4.34 -18.91
N SER BA 74 13.38 3.52 -18.07
CA SER BA 74 14.69 3.85 -17.54
C SER BA 74 15.72 3.99 -18.65
N ILE BA 75 16.87 4.57 -18.32
CA ILE BA 75 17.93 4.76 -19.33
C ILE BA 75 18.38 3.42 -19.89
N LYS BA 76 18.42 2.40 -19.04
CA LYS BA 76 18.91 1.09 -19.47
C LYS BA 76 18.04 0.51 -20.58
N ASP BA 77 16.71 0.63 -20.44
CA ASP BA 77 15.83 0.08 -21.46
C ASP BA 77 15.96 0.84 -22.78
N LEU BA 78 16.03 2.18 -22.70
CA LEU BA 78 16.12 2.97 -23.93
C LEU BA 78 17.43 2.72 -24.65
N VAL BA 79 18.55 2.70 -23.92
CA VAL BA 79 19.83 2.44 -24.57
C VAL BA 79 19.87 1.01 -25.08
N SER BA 80 19.18 0.08 -24.40
CA SER BA 80 19.08 -1.27 -24.91
C SER BA 80 18.35 -1.31 -26.25
N VAL BA 81 17.25 -0.55 -26.36
CA VAL BA 81 16.51 -0.51 -27.62
C VAL BA 81 17.39 0.09 -28.72
N ALA BA 82 18.10 1.16 -28.41
CA ALA BA 82 18.95 1.79 -29.41
C ALA BA 82 20.08 0.85 -29.84
N TYR BA 83 20.66 0.13 -28.89
CA TYR BA 83 21.68 -0.85 -29.20
C TYR BA 83 21.12 -1.97 -30.08
N GLN BA 84 19.87 -2.37 -29.81
CA GLN BA 84 19.24 -3.39 -30.63
C GLN BA 84 19.08 -2.90 -32.07
N ASN BA 85 18.70 -1.63 -32.22
CA ASN BA 85 18.63 -1.03 -33.56
C ASN BA 85 20.00 -1.05 -34.23
N ALA BA 86 21.04 -0.68 -33.48
CA ALA BA 86 22.38 -0.65 -34.04
C ALA BA 86 22.82 -2.04 -34.48
N ASP BA 87 22.56 -3.05 -33.65
CA ASP BA 87 22.96 -4.41 -33.99
C ASP BA 87 22.18 -4.93 -35.19
N LYS BA 88 20.90 -4.60 -35.28
CA LYS BA 88 20.12 -5.02 -36.44
C LYS BA 88 20.66 -4.39 -37.71
N PHE BA 89 21.00 -3.10 -37.66
CA PHE BA 89 21.57 -2.45 -38.83
C PHE BA 89 22.91 -3.08 -39.21
N LYS BA 90 23.74 -3.39 -38.21
CA LYS BA 90 25.03 -4.01 -38.50
C LYS BA 90 24.85 -5.38 -39.13
N ASP BA 91 23.92 -6.18 -38.60
CA ASP BA 91 23.66 -7.50 -39.17
C ASP BA 91 23.09 -7.38 -40.57
N MET BA 92 22.29 -6.34 -40.81
CA MET BA 92 21.77 -6.09 -42.15
C MET BA 92 22.90 -5.80 -43.12
N CYS BA 93 23.87 -4.98 -42.68
CA CYS BA 93 25.05 -4.71 -43.51
C CYS BA 93 25.82 -5.98 -43.80
N THR BA 94 26.01 -6.83 -42.79
CA THR BA 94 26.76 -8.08 -42.99
C THR BA 94 26.03 -8.98 -43.99
N ASN BA 95 24.72 -9.13 -43.84
CA ASN BA 95 23.95 -9.96 -44.76
C ASN BA 95 23.99 -9.37 -46.17
N LYS BA 96 24.02 -8.04 -46.29
CA LYS BA 96 24.18 -7.42 -47.59
C LYS BA 96 25.51 -7.81 -48.21
N LYS BA 97 26.59 -7.73 -47.43
CA LYS BA 97 27.92 -8.02 -47.93
C LYS BA 97 28.33 -9.49 -47.80
N GLU BA 98 27.48 -10.33 -47.22
CA GLU BA 98 27.80 -11.75 -47.08
C GLU BA 98 27.64 -12.47 -48.41
N LYS BA 99 28.43 -13.53 -48.61
CA LYS BA 99 28.33 -14.40 -49.76
C LYS BA 99 28.49 -15.84 -49.29
N GLY BA 100 27.86 -16.75 -50.02
CA GLY BA 100 27.80 -18.14 -49.61
C GLY BA 100 29.14 -18.84 -49.72
N SER BA 101 29.14 -20.10 -49.33
CA SER BA 101 30.33 -20.93 -49.42
C SER BA 101 30.66 -21.23 -50.88
N PHE BA 102 31.90 -21.69 -51.11
CA PHE BA 102 32.39 -21.90 -52.46
C PHE BA 102 33.27 -23.14 -52.51
N MET BA 103 33.14 -23.90 -53.60
CA MET BA 103 34.09 -24.92 -53.98
C MET BA 103 34.70 -24.51 -55.31
N LEU BA 104 36.02 -24.42 -55.36
CA LEU BA 104 36.74 -23.96 -56.54
C LEU BA 104 37.81 -24.98 -56.90
N GLY BA 105 38.21 -24.97 -58.17
CA GLY BA 105 39.28 -25.83 -58.61
C GLY BA 105 40.63 -25.34 -58.11
N ILE BA 106 41.59 -26.26 -58.12
CA ILE BA 106 42.97 -25.97 -57.75
C ILE BA 106 43.88 -26.68 -58.74
N SER BA 107 45.00 -26.04 -59.08
CA SER BA 107 45.91 -26.60 -60.06
C SER BA 107 47.29 -26.00 -59.87
N THR BA 108 48.31 -26.85 -59.85
CA THR BA 108 49.70 -26.45 -59.76
C THR BA 108 50.44 -26.90 -61.02
N GLU BA 109 51.31 -26.03 -61.51
CA GLU BA 109 52.11 -26.35 -62.68
C GLU BA 109 53.03 -27.53 -62.38
N PHE BA 110 53.21 -28.40 -63.38
CA PHE BA 110 54.17 -29.49 -63.27
C PHE BA 110 54.62 -29.86 -64.67
N GLU BA 111 55.77 -30.51 -64.74
CA GLU BA 111 56.40 -30.90 -66.00
C GLU BA 111 56.63 -32.41 -66.04
N GLU CA 9 -17.52 -24.18 -47.89
CA GLU CA 9 -16.93 -23.05 -48.65
C GLU CA 9 -15.62 -22.62 -48.02
N LYS CA 10 -14.58 -22.45 -48.84
CA LYS CA 10 -13.25 -22.19 -48.32
C LYS CA 10 -13.19 -20.84 -47.61
N LEU CA 11 -13.88 -19.83 -48.15
CA LEU CA 11 -13.87 -18.52 -47.50
C LEU CA 11 -14.53 -18.59 -46.13
N ARG CA 12 -15.66 -19.27 -46.02
CA ARG CA 12 -16.33 -19.38 -44.72
C ARG CA 12 -15.51 -20.23 -43.75
N LEU CA 13 -14.85 -21.28 -44.25
CA LEU CA 13 -14.00 -22.08 -43.37
C LEU CA 13 -12.83 -21.26 -42.85
N LEU CA 14 -12.22 -20.45 -43.71
CA LEU CA 14 -11.14 -19.58 -43.25
C LEU CA 14 -11.63 -18.56 -42.24
N LEU CA 15 -12.78 -17.96 -42.51
CA LEU CA 15 -13.36 -17.00 -41.58
C LEU CA 15 -13.83 -17.63 -40.30
N ASN CA 16 -14.04 -18.94 -40.27
CA ASN CA 16 -14.17 -19.69 -39.02
C ASN CA 16 -12.85 -19.94 -38.33
N ASP CA 17 -11.79 -20.19 -39.11
CA ASP CA 17 -10.46 -20.34 -38.54
C ASP CA 17 -9.87 -19.03 -38.05
N LYS CA 18 -10.51 -17.90 -38.35
CA LYS CA 18 -10.06 -16.58 -37.94
C LYS CA 18 -11.24 -15.86 -37.31
N ASP CA 19 -10.96 -14.77 -36.61
CA ASP CA 19 -11.97 -14.16 -35.75
C ASP CA 19 -12.88 -13.18 -36.48
N LYS CA 20 -12.62 -12.87 -37.75
CA LYS CA 20 -13.56 -12.14 -38.60
C LYS CA 20 -13.77 -10.70 -38.11
N LYS CA 21 -14.55 -9.92 -38.87
CA LYS CA 21 -14.99 -8.56 -38.56
C LYS CA 21 -13.86 -7.52 -38.63
N SER CA 22 -12.64 -7.93 -38.98
CA SER CA 22 -11.52 -7.01 -39.14
C SER CA 22 -10.76 -7.21 -40.45
N PHE CA 23 -11.22 -8.11 -41.32
CA PHE CA 23 -10.63 -8.33 -42.63
C PHE CA 23 -11.75 -8.38 -43.68
N THR CA 24 -11.73 -7.45 -44.62
CA THR CA 24 -12.69 -7.50 -45.72
C THR CA 24 -12.36 -8.67 -46.63
N ASP CA 25 -13.35 -9.08 -47.43
CA ASP CA 25 -13.26 -10.36 -48.13
C ASP CA 25 -12.14 -10.37 -49.17
N GLU CA 26 -11.69 -9.20 -49.62
CA GLU CA 26 -10.66 -9.15 -50.64
C GLU CA 26 -9.36 -9.78 -50.16
N GLU CA 27 -8.91 -9.39 -48.96
CA GLU CA 27 -7.67 -9.99 -48.45
C GLU CA 27 -7.89 -11.45 -48.06
N LEU CA 28 -9.12 -11.83 -47.71
CA LEU CA 28 -9.40 -13.26 -47.51
C LEU CA 28 -9.17 -14.04 -48.79
N ASN CA 29 -9.66 -13.54 -49.92
CA ASN CA 29 -9.39 -14.18 -51.21
C ASN CA 29 -7.89 -14.15 -51.51
N LEU CA 30 -7.23 -13.06 -51.14
CA LEU CA 30 -5.78 -12.96 -51.35
C LEU CA 30 -5.05 -14.05 -50.59
N PHE CA 31 -5.42 -14.28 -49.34
CA PHE CA 31 -4.79 -15.34 -48.56
C PHE CA 31 -5.13 -16.71 -49.13
N LEU CA 32 -6.38 -16.89 -49.58
CA LEU CA 32 -6.79 -18.18 -50.11
C LEU CA 32 -6.01 -18.54 -51.36
N GLU CA 33 -5.80 -17.57 -52.25
CA GLU CA 33 -5.07 -17.84 -53.48
C GLU CA 33 -3.56 -17.85 -53.28
N GLU CA 34 -3.04 -17.11 -52.30
CA GLU CA 34 -1.60 -17.13 -52.07
C GLU CA 34 -1.13 -18.50 -51.59
N ALA CA 35 -1.90 -19.14 -50.71
CA ALA CA 35 -1.56 -20.46 -50.17
C ALA CA 35 -2.74 -21.39 -50.40
N ASP CA 36 -2.47 -22.53 -51.02
CA ASP CA 36 -3.54 -23.47 -51.35
C ASP CA 36 -4.10 -24.12 -50.08
N CYS CA 37 -3.23 -24.58 -49.20
CA CYS CA 37 -3.69 -25.18 -47.95
C CYS CA 37 -4.28 -24.10 -47.07
N ILE CA 38 -5.48 -24.36 -46.55
CA ILE CA 38 -6.21 -23.31 -45.83
C ILE CA 38 -5.53 -22.98 -44.51
N TYR CA 39 -4.85 -23.93 -43.89
CA TYR CA 39 -4.23 -23.66 -42.59
C TYR CA 39 -3.04 -22.73 -42.70
N CYS CA 40 -2.28 -22.81 -43.80
CA CYS CA 40 -1.22 -21.82 -44.02
C CYS CA 40 -1.81 -20.42 -44.15
N ALA CA 41 -2.92 -20.30 -44.89
CA ALA CA 41 -3.60 -19.02 -45.00
C ALA CA 41 -4.09 -18.55 -43.64
N ALA CA 42 -4.58 -19.47 -42.81
CA ALA CA 42 -5.03 -19.11 -41.48
C ALA CA 42 -3.88 -18.58 -40.63
N SER CA 43 -2.71 -19.22 -40.72
CA SER CA 43 -1.55 -18.75 -39.97
C SER CA 43 -1.13 -17.36 -40.43
N GLN CA 44 -1.10 -17.14 -41.75
CA GLN CA 44 -0.76 -15.83 -42.28
C GLN CA 44 -1.76 -14.77 -41.81
N GLY CA 45 -3.05 -15.10 -41.90
CA GLY CA 45 -4.06 -14.16 -41.45
C GLY CA 45 -3.98 -13.88 -39.96
N TRP CA 46 -3.60 -14.89 -39.17
CA TRP CA 46 -3.48 -14.67 -37.73
C TRP CA 46 -2.30 -13.78 -37.41
N ILE CA 47 -1.18 -13.92 -38.12
CA ILE CA 47 -0.07 -12.99 -37.92
C ILE CA 47 -0.50 -11.58 -38.29
N LEU CA 48 -1.19 -11.44 -39.43
CA LEU CA 48 -1.63 -10.11 -39.86
C LEU CA 48 -2.60 -9.51 -38.87
N LYS CA 49 -3.48 -10.33 -38.30
CA LYS CA 49 -4.37 -9.88 -37.24
C LYS CA 49 -3.59 -9.45 -36.01
N SER CA 50 -2.56 -10.21 -35.66
CA SER CA 50 -1.72 -9.87 -34.51
C SER CA 50 -1.06 -8.52 -34.69
N LEU CA 51 -0.78 -8.13 -35.93
CA LEU CA 51 -0.18 -6.81 -36.16
C LEU CA 51 -1.05 -5.68 -35.62
N GLN CA 52 -2.38 -5.86 -35.59
CA GLN CA 52 -3.27 -4.76 -35.26
C GLN CA 52 -3.14 -4.28 -33.82
N TYR CA 53 -2.55 -5.08 -32.92
CA TYR CA 53 -2.58 -4.74 -31.50
C TYR CA 53 -1.76 -3.49 -31.17
N GLU CA 54 -0.90 -3.03 -32.07
CA GLU CA 54 -0.15 -1.81 -31.79
C GLU CA 54 -1.05 -0.60 -31.64
N ASN CA 55 -2.22 -0.60 -32.29
CA ASN CA 55 -3.15 0.52 -32.18
C ASN CA 55 -4.07 0.38 -30.99
N THR CA 56 -4.79 -0.75 -30.91
CA THR CA 56 -5.79 -0.93 -29.86
C THR CA 56 -5.17 -0.95 -28.48
N VAL CA 57 -4.17 -1.79 -28.27
CA VAL CA 57 -3.62 -2.04 -26.94
C VAL CA 57 -2.22 -1.48 -26.75
N GLY CA 58 -1.45 -1.28 -27.81
CA GLY CA 58 -0.13 -0.70 -27.65
C GLY CA 58 -0.19 0.72 -27.11
N GLU CA 59 -1.12 1.52 -27.63
CA GLU CA 59 -1.24 2.91 -27.19
C GLU CA 59 -1.70 3.01 -25.75
N MET CA 60 -2.59 2.12 -25.31
CA MET CA 60 -3.09 2.16 -23.95
C MET CA 60 -3.65 0.79 -23.61
N TYR CA 61 -3.21 0.22 -22.48
CA TYR CA 61 -3.62 -1.11 -22.04
C TYR CA 61 -4.08 -1.18 -20.60
N GLU CA 62 -3.99 -0.10 -19.83
CA GLU CA 62 -4.45 -0.09 -18.46
C GLU CA 62 -4.62 1.36 -18.02
N TYR CA 63 -5.86 1.75 -17.73
CA TYR CA 63 -6.17 3.12 -17.36
C TYR CA 63 -7.16 3.13 -16.20
N LYS CA 64 -7.05 4.18 -15.38
CA LYS CA 64 -7.97 4.43 -14.28
C LYS CA 64 -8.41 5.88 -14.34
N VAL CA 65 -9.72 6.11 -14.31
CA VAL CA 65 -10.30 7.45 -14.23
C VAL CA 65 -11.25 7.46 -13.05
N GLY CA 66 -11.07 8.41 -12.14
CA GLY CA 66 -11.88 8.47 -10.95
C GLY CA 66 -11.73 7.19 -10.15
N GLN CA 67 -12.86 6.59 -9.78
CA GLN CA 67 -12.89 5.25 -9.23
C GLN CA 67 -12.95 4.18 -10.32
N GLU CA 68 -13.19 4.55 -11.56
CA GLU CA 68 -13.24 3.59 -12.65
C GLU CA 68 -11.82 3.15 -12.96
N THR CA 69 -11.58 1.84 -12.91
CA THR CA 69 -10.29 1.25 -13.28
C THR CA 69 -10.54 0.14 -14.29
N TYR CA 70 -9.68 0.06 -15.30
CA TYR CA 70 -9.78 -0.94 -16.35
C TYR CA 70 -8.38 -1.39 -16.72
N LYS CA 71 -8.14 -2.70 -16.65
CA LYS CA 71 -6.88 -3.30 -17.05
C LYS CA 71 -7.14 -4.30 -18.16
N SER CA 72 -6.25 -4.31 -19.15
CA SER CA 72 -6.27 -5.28 -20.23
C SER CA 72 -4.87 -5.87 -20.37
N SER CA 73 -4.83 -7.10 -20.89
CA SER CA 73 -3.54 -7.76 -21.08
C SER CA 73 -2.67 -6.96 -22.03
N SER CA 74 -1.38 -6.87 -21.72
CA SER CA 74 -0.47 -6.04 -22.48
C SER CA 74 -0.38 -6.51 -23.93
N ILE CA 75 0.22 -5.67 -24.76
CA ILE CA 75 0.36 -6.00 -26.18
C ILE CA 75 1.20 -7.26 -26.36
N LYS CA 76 2.18 -7.45 -25.47
CA LYS CA 76 3.07 -8.61 -25.59
C LYS CA 76 2.29 -9.91 -25.41
N ASP CA 77 1.40 -9.95 -24.42
CA ASP CA 77 0.64 -11.18 -24.20
C ASP CA 77 -0.31 -11.47 -25.36
N LEU CA 78 -1.00 -10.45 -25.86
CA LEU CA 78 -1.95 -10.67 -26.94
C LEU CA 78 -1.24 -11.09 -28.22
N VAL CA 79 -0.14 -10.43 -28.57
CA VAL CA 79 0.58 -10.81 -29.77
C VAL CA 79 1.21 -12.19 -29.60
N SER CA 80 1.59 -12.53 -28.36
CA SER CA 80 2.07 -13.89 -28.10
C SER CA 80 0.99 -14.92 -28.36
N VAL CA 81 -0.24 -14.64 -27.91
CA VAL CA 81 -1.34 -15.57 -28.15
C VAL CA 81 -1.61 -15.71 -29.63
N ALA CA 82 -1.61 -14.59 -30.35
CA ALA CA 82 -1.87 -14.64 -31.80
C ALA CA 82 -0.76 -15.41 -32.51
N TYR CA 83 0.49 -15.20 -32.09
CA TYR CA 83 1.60 -15.96 -32.66
C TYR CA 83 1.45 -17.44 -32.38
N GLN CA 84 0.97 -17.78 -31.19
CA GLN CA 84 0.75 -19.19 -30.86
C GLN CA 84 -0.30 -19.79 -31.77
N ASN CA 85 -1.37 -19.03 -32.04
CA ASN CA 85 -2.37 -19.48 -33.01
C ASN CA 85 -1.75 -19.70 -34.38
N ALA CA 86 -0.92 -18.74 -34.82
CA ALA CA 86 -0.29 -18.85 -36.13
C ALA CA 86 0.61 -20.09 -36.21
N ASP CA 87 1.39 -20.33 -35.16
CA ASP CA 87 2.29 -21.48 -35.15
C ASP CA 87 1.51 -22.79 -35.12
N LYS CA 88 0.39 -22.82 -34.39
CA LYS CA 88 -0.43 -24.03 -34.38
C LYS CA 88 -1.00 -24.30 -35.77
N PHE CA 89 -1.48 -23.26 -36.45
CA PHE CA 89 -2.01 -23.45 -37.79
C PHE CA 89 -0.90 -23.91 -38.75
N LYS CA 90 0.29 -23.34 -38.63
CA LYS CA 90 1.40 -23.75 -39.49
C LYS CA 90 1.78 -25.20 -39.25
N ASP CA 91 1.86 -25.60 -37.98
CA ASP CA 91 2.19 -26.99 -37.67
C ASP CA 91 1.09 -27.92 -38.15
N MET CA 92 -0.16 -27.48 -38.08
CA MET CA 92 -1.27 -28.28 -38.60
C MET CA 92 -1.12 -28.49 -40.10
N CYS CA 93 -0.74 -27.44 -40.82
CA CYS CA 93 -0.50 -27.57 -42.25
C CYS CA 93 0.63 -28.53 -42.54
N THR CA 94 1.73 -28.44 -41.77
CA THR CA 94 2.86 -29.34 -41.98
C THR CA 94 2.44 -30.79 -41.75
N ASN CA 95 1.71 -31.06 -40.67
CA ASN CA 95 1.26 -32.41 -40.39
C ASN CA 95 0.28 -32.89 -41.46
N LYS CA 96 -0.51 -31.96 -42.02
CA LYS CA 96 -1.36 -32.32 -43.14
C LYS CA 96 -0.55 -32.81 -44.33
N LYS CA 97 0.50 -32.05 -44.69
CA LYS CA 97 1.33 -32.45 -45.82
C LYS CA 97 2.45 -33.42 -45.44
N GLU CA 98 2.64 -33.70 -44.15
CA GLU CA 98 3.69 -34.61 -43.72
C GLU CA 98 3.40 -36.03 -44.20
N LYS CA 99 4.47 -36.76 -44.50
CA LYS CA 99 4.40 -38.16 -44.88
C LYS CA 99 5.54 -38.91 -44.22
N GLY CA 100 5.29 -40.16 -43.87
CA GLY CA 100 6.24 -40.93 -43.08
C GLY CA 100 7.51 -41.25 -43.83
N SER CA 101 8.41 -41.91 -43.12
CA SER CA 101 9.67 -42.36 -43.72
C SER CA 101 9.40 -43.46 -44.73
N PHE CA 102 10.40 -43.73 -45.58
CA PHE CA 102 10.25 -44.69 -46.67
C PHE CA 102 11.55 -45.44 -46.89
N MET CA 103 11.40 -46.74 -47.16
CA MET CA 103 12.47 -47.57 -47.71
C MET CA 103 12.02 -48.04 -49.08
N LEU CA 104 12.84 -47.77 -50.09
CA LEU CA 104 12.53 -48.10 -51.47
C LEU CA 104 13.68 -48.89 -52.07
N GLY CA 105 13.36 -49.66 -53.11
CA GLY CA 105 14.38 -50.39 -53.82
C GLY CA 105 15.23 -49.47 -54.66
N ILE CA 106 16.38 -49.99 -55.10
CA ILE CA 106 17.31 -49.28 -55.96
C ILE CA 106 17.88 -50.28 -56.95
N SER CA 107 18.12 -49.83 -58.18
CA SER CA 107 18.60 -50.72 -59.23
C SER CA 107 19.27 -49.90 -60.32
N THR CA 108 20.46 -50.34 -60.73
CA THR CA 108 21.20 -49.74 -61.82
C THR CA 108 21.39 -50.77 -62.93
N GLU CA 109 21.28 -50.29 -64.17
CA GLU CA 109 21.47 -51.16 -65.33
C GLU CA 109 22.89 -51.70 -65.38
N PHE CA 110 23.04 -52.94 -65.80
CA PHE CA 110 24.35 -53.52 -66.02
C PHE CA 110 24.21 -54.67 -67.00
N GLU CA 111 25.35 -55.03 -67.61
CA GLU CA 111 25.40 -56.09 -68.61
C GLU CA 111 26.42 -57.16 -68.22
N MET DA 1 -27.10 23.52 52.65
CA MET DA 1 -28.54 23.16 52.53
C MET DA 1 -28.75 21.88 51.71
N ARG DA 2 -27.69 21.43 51.04
CA ARG DA 2 -27.77 20.18 50.30
C ARG DA 2 -28.06 19.01 51.23
N ALA DA 3 -27.38 18.96 52.37
CA ALA DA 3 -27.55 17.84 53.29
C ALA DA 3 -28.97 17.75 53.80
N GLY DA 4 -29.56 18.89 54.16
CA GLY DA 4 -30.91 18.86 54.69
C GLY DA 4 -31.93 18.37 53.67
N ILE DA 5 -31.85 18.90 52.45
CA ILE DA 5 -32.80 18.50 51.42
C ILE DA 5 -32.60 17.04 51.06
N ARG DA 6 -31.34 16.61 50.94
CA ARG DA 6 -31.06 15.21 50.62
C ARG DA 6 -31.62 14.29 51.69
N LYS DA 7 -31.39 14.63 52.97
CA LYS DA 7 -31.88 13.81 54.06
C LYS DA 7 -33.40 13.76 54.06
N ALA DA 8 -34.05 14.89 53.84
CA ALA DA 8 -35.51 14.91 53.83
C ALA DA 8 -36.05 14.06 52.69
N LEU DA 9 -35.47 14.18 51.50
CA LEU DA 9 -35.93 13.40 50.36
C LEU DA 9 -35.73 11.91 50.59
N ILE DA 10 -34.58 11.53 51.14
CA ILE DA 10 -34.32 10.11 51.39
C ILE DA 10 -35.27 9.58 52.45
N ASP DA 11 -35.48 10.32 53.52
CA ASP DA 11 -36.27 9.82 54.65
C ASP DA 11 -37.75 9.71 54.29
N ASN DA 12 -38.31 10.76 53.67
CA ASN DA 12 -39.75 10.83 53.47
C ASN DA 12 -40.22 10.21 52.16
N ILE DA 13 -39.32 9.71 51.32
CA ILE DA 13 -39.67 9.08 50.06
C ILE DA 13 -39.00 7.71 50.01
N LYS DA 14 -39.77 6.68 49.64
CA LYS DA 14 -39.30 5.31 49.61
C LYS DA 14 -39.11 4.75 48.22
N GLU DA 15 -39.82 5.29 47.21
CA GLU DA 15 -39.50 4.93 45.84
C GLU DA 15 -38.09 5.37 45.47
N LEU DA 16 -37.61 6.43 46.08
CA LEU DA 16 -36.31 6.99 45.75
C LEU DA 16 -35.19 6.00 46.06
N LYS DA 17 -34.20 5.94 45.16
CA LYS DA 17 -33.04 5.09 45.34
C LYS DA 17 -31.83 5.86 45.85
N GLY DA 18 -31.77 7.17 45.60
CA GLY DA 18 -30.66 7.97 46.08
C GLY DA 18 -30.79 9.42 45.63
N CYS DA 19 -30.29 10.35 46.43
CA CYS DA 19 -30.31 11.78 46.12
C CYS DA 19 -28.88 12.29 46.15
N TYR DA 20 -28.34 12.59 44.97
CA TYR DA 20 -26.92 12.88 44.80
C TYR DA 20 -26.71 14.38 44.56
N GLU DA 21 -25.44 14.73 44.37
CA GLU DA 21 -25.02 16.05 43.93
C GLU DA 21 -24.93 16.08 42.42
N PRO DA 22 -24.72 17.28 41.79
CA PRO DA 22 -24.88 17.41 40.34
C PRO DA 22 -24.24 16.36 39.43
N ASN DA 23 -22.92 16.17 39.47
CA ASN DA 23 -22.25 15.30 38.51
C ASN DA 23 -21.76 14.00 39.14
N VAL DA 24 -22.38 13.58 40.23
CA VAL DA 24 -21.97 12.38 40.95
C VAL DA 24 -22.39 11.10 40.25
N PRO DA 25 -23.69 10.85 40.03
CA PRO DA 25 -24.14 9.48 39.77
C PRO DA 25 -23.59 8.91 38.47
N ASN DA 26 -23.05 7.69 38.57
CA ASN DA 26 -22.56 6.95 37.42
C ASN DA 26 -23.73 6.45 36.57
N LYS DA 27 -23.40 5.90 35.41
CA LYS DA 27 -24.44 5.39 34.53
C LYS DA 27 -25.14 4.16 35.10
N ASP DA 28 -24.50 3.45 36.02
CA ASP DA 28 -25.09 2.26 36.63
C ASP DA 28 -25.88 2.59 37.89
N THR DA 29 -26.08 3.85 38.22
CA THR DA 29 -26.89 4.20 39.38
C THR DA 29 -28.33 3.77 39.16
N LYS DA 30 -28.97 3.30 40.23
CA LYS DA 30 -30.30 2.71 40.13
C LYS DA 30 -31.35 3.82 40.16
N LYS DA 31 -32.16 3.88 39.11
CA LYS DA 31 -33.23 4.85 39.02
C LYS DA 31 -34.47 4.35 39.76
N PRO DA 32 -35.35 5.26 40.21
CA PRO DA 32 -35.29 6.72 40.13
C PRO DA 32 -34.36 7.32 41.16
N TYR DA 33 -33.60 8.34 40.78
CA TYR DA 33 -32.73 9.07 41.69
C TYR DA 33 -32.91 10.56 41.44
N MET DA 34 -32.64 11.35 42.46
CA MET DA 34 -32.81 12.80 42.42
C MET DA 34 -31.46 13.48 42.55
N VAL DA 35 -31.41 14.73 42.11
CA VAL DA 35 -30.19 15.54 42.14
C VAL DA 35 -30.58 16.94 42.60
N VAL DA 36 -29.84 17.46 43.58
CA VAL DA 36 -30.15 18.75 44.19
C VAL DA 36 -29.13 19.76 43.69
N VAL DA 37 -29.60 20.74 42.92
CA VAL DA 37 -28.76 21.75 42.29
C VAL DA 37 -29.15 23.11 42.85
N GLN DA 38 -28.17 23.80 43.46
CA GLN DA 38 -28.41 25.13 43.99
C GLN DA 38 -28.20 26.17 42.89
N GLY DA 39 -28.98 27.24 42.94
CA GLY DA 39 -28.96 28.30 41.96
C GLY DA 39 -28.41 29.59 42.52
N GLN DA 40 -28.89 30.70 41.98
CA GLN DA 40 -28.43 32.01 42.39
C GLN DA 40 -28.86 32.32 43.81
N ASP DA 41 -28.21 33.33 44.39
CA ASP DA 41 -28.69 34.01 45.59
C ASP DA 41 -28.81 35.48 45.22
N ASN DA 42 -30.04 35.99 45.19
CA ASN DA 42 -30.33 37.34 44.70
C ASN DA 42 -30.99 38.16 45.80
N ASP DA 43 -30.58 39.42 45.90
CA ASP DA 43 -31.18 40.35 46.85
C ASP DA 43 -32.55 40.75 46.36
N HIS DA 44 -33.60 40.23 47.01
CA HIS DA 44 -34.98 40.46 46.61
C HIS DA 44 -35.69 41.41 47.58
N GLY DA 45 -34.97 42.42 48.06
CA GLY DA 45 -35.57 43.49 48.85
C GLY DA 45 -35.32 43.33 50.34
N GLU DA 46 -35.78 44.35 51.07
CA GLU DA 46 -35.55 44.38 52.51
C GLU DA 46 -36.29 43.27 53.23
N THR DA 47 -37.55 43.01 52.85
CA THR DA 47 -38.37 42.08 53.60
C THR DA 47 -37.92 40.63 53.43
N ILE DA 48 -37.47 40.26 52.23
CA ILE DA 48 -37.06 38.88 51.96
C ILE DA 48 -35.56 38.68 52.14
N GLY DA 49 -34.75 39.71 51.95
CA GLY DA 49 -33.31 39.50 51.99
C GLY DA 49 -32.88 38.71 50.77
N PHE DA 50 -31.78 37.98 50.92
CA PHE DA 50 -31.27 37.17 49.83
C PHE DA 50 -32.10 35.91 49.69
N GLU DA 51 -32.46 35.57 48.45
CA GLU DA 51 -33.34 34.44 48.15
C GLU DA 51 -32.58 33.44 47.29
N ARG DA 52 -32.25 32.30 47.89
CA ARG DA 52 -31.61 31.23 47.15
C ARG DA 52 -32.64 30.45 46.34
N SER DA 53 -32.22 29.93 45.18
CA SER DA 53 -33.06 29.10 44.33
C SER DA 53 -32.43 27.72 44.26
N ILE DA 54 -33.22 26.70 44.58
CA ILE DA 54 -32.76 25.31 44.65
C ILE DA 54 -33.65 24.48 43.74
N GLU DA 55 -33.04 23.62 42.94
CA GLU DA 55 -33.73 22.72 42.04
C GLU DA 55 -33.53 21.29 42.51
N VAL DA 56 -34.56 20.46 42.37
CA VAL DA 56 -34.51 19.04 42.66
C VAL DA 56 -34.87 18.32 41.36
N TRP DA 57 -33.88 17.74 40.71
CA TRP DA 57 -34.05 17.12 39.40
C TRP DA 57 -34.32 15.64 39.59
N ILE DA 58 -35.55 15.22 39.37
CA ILE DA 58 -35.95 13.82 39.48
C ILE DA 58 -35.54 13.12 38.19
N TYR DA 59 -35.18 11.84 38.31
CA TYR DA 59 -34.84 11.01 37.16
C TYR DA 59 -35.56 9.67 37.28
N GLU DA 60 -35.79 9.03 36.14
CA GLU DA 60 -36.65 7.86 36.07
C GLU DA 60 -36.16 7.00 34.90
N GLY DA 61 -36.59 5.73 34.91
CA GLY DA 61 -36.07 4.76 33.97
C GLY DA 61 -36.69 4.73 32.59
N ARG DA 62 -37.40 5.80 32.22
CA ARG DA 62 -38.03 5.90 30.90
C ARG DA 62 -39.07 4.80 30.69
N THR DA 63 -39.77 4.44 31.76
CA THR DA 63 -40.95 3.59 31.62
C THR DA 63 -42.14 4.42 31.15
N THR DA 64 -42.55 5.38 31.96
CA THR DA 64 -43.61 6.31 31.60
C THR DA 64 -43.49 7.53 32.49
N PHE DA 65 -44.13 8.61 32.06
CA PHE DA 65 -44.06 9.87 32.80
C PHE DA 65 -45.01 9.92 34.00
N LYS DA 66 -45.96 8.99 34.09
CA LYS DA 66 -46.88 9.00 35.23
C LYS DA 66 -46.14 8.71 36.52
N LYS DA 67 -45.18 7.78 36.49
CA LYS DA 67 -44.35 7.51 37.65
C LYS DA 67 -43.61 8.77 38.08
N LEU DA 68 -43.07 9.50 37.11
CA LEU DA 68 -42.35 10.72 37.42
C LEU DA 68 -43.27 11.79 37.98
N ASP DA 69 -44.51 11.87 37.47
CA ASP DA 69 -45.47 12.83 38.02
C ASP DA 69 -45.79 12.50 39.47
N LYS DA 70 -45.99 11.21 39.77
CA LYS DA 70 -46.24 10.80 41.15
C LYS DA 70 -45.05 11.16 42.04
N LEU DA 71 -43.84 10.90 41.56
CA LEU DA 71 -42.65 11.25 42.34
C LEU DA 71 -42.55 12.75 42.54
N THR DA 72 -42.92 13.53 41.53
CA THR DA 72 -42.88 14.98 41.64
C THR DA 72 -43.85 15.48 42.70
N LYS DA 73 -45.08 14.93 42.70
CA LYS DA 73 -46.04 15.31 43.73
C LYS DA 73 -45.52 14.94 45.11
N GLN DA 74 -44.86 13.79 45.23
CA GLN DA 74 -44.27 13.40 46.50
C GLN DA 74 -43.21 14.40 46.96
N VAL DA 75 -42.33 14.81 46.04
CA VAL DA 75 -41.27 15.76 46.41
C VAL DA 75 -41.86 17.09 46.83
N VAL DA 76 -42.87 17.56 46.09
CA VAL DA 76 -43.53 18.81 46.44
C VAL DA 76 -44.15 18.70 47.83
N GLU DA 77 -44.78 17.57 48.13
CA GLU DA 77 -45.35 17.38 49.46
C GLU DA 77 -44.27 17.41 50.54
N VAL DA 78 -43.13 16.79 50.26
CA VAL DA 78 -42.09 16.68 51.29
C VAL DA 78 -41.48 18.05 51.59
N LEU DA 79 -41.10 18.79 50.55
CA LEU DA 79 -40.25 19.96 50.76
C LEU DA 79 -41.01 21.28 50.87
N ASP DA 80 -42.25 21.35 50.39
CA ASP DA 80 -42.95 22.63 50.30
C ASP DA 80 -43.31 23.12 51.70
N MET DA 81 -42.60 24.17 52.14
CA MET DA 81 -42.90 24.92 53.36
C MET DA 81 -42.73 24.13 54.64
N ASN DA 82 -42.16 22.92 54.58
CA ASN DA 82 -41.86 22.15 55.77
C ASN DA 82 -40.45 22.49 56.24
N THR DA 83 -40.33 22.87 57.51
CA THR DA 83 -39.02 23.22 58.05
C THR DA 83 -38.11 22.01 58.03
N ILE DA 84 -36.90 22.20 57.51
CA ILE DA 84 -35.91 21.15 57.36
C ILE DA 84 -34.66 21.59 58.10
N VAL DA 85 -34.02 20.66 58.81
CA VAL DA 85 -32.83 20.94 59.61
C VAL DA 85 -31.63 20.30 58.93
N ASP DA 86 -30.60 21.10 58.68
CA ASP DA 86 -29.35 20.62 58.09
C ASP DA 86 -28.41 20.27 59.23
N GLU DA 87 -28.18 18.97 59.42
CA GLU DA 87 -27.37 18.54 60.55
C GLU DA 87 -25.91 18.96 60.42
N SER DA 88 -25.39 18.99 59.19
CA SER DA 88 -24.01 19.41 59.00
C SER DA 88 -23.80 20.85 59.44
N GLU DA 89 -24.64 21.77 58.93
CA GLU DA 89 -24.55 23.16 59.36
C GLU DA 89 -25.15 23.37 60.75
N ASN DA 90 -26.04 22.46 61.18
CA ASN DA 90 -26.88 22.68 62.35
C ASN DA 90 -27.66 23.99 62.22
N GLU DA 91 -28.16 24.24 61.01
CA GLU DA 91 -28.99 25.39 60.70
C GLU DA 91 -30.20 24.93 59.91
N ALA DA 92 -31.36 25.46 60.27
CA ALA DA 92 -32.61 25.07 59.63
C ALA DA 92 -32.95 26.00 58.48
N PHE DA 93 -33.91 25.57 57.67
CA PHE DA 93 -34.42 26.38 56.57
C PHE DA 93 -35.80 25.86 56.21
N THR DA 94 -36.47 26.57 55.30
CA THR DA 94 -37.84 26.26 54.91
C THR DA 94 -37.97 26.52 53.41
N CYS DA 95 -37.83 25.46 52.61
CA CYS DA 95 -37.96 25.58 51.17
C CYS DA 95 -39.39 25.95 50.79
N ILE DA 96 -39.52 26.69 49.70
CA ILE DA 96 -40.81 27.13 49.19
C ILE DA 96 -40.94 26.65 47.75
N TYR DA 97 -42.07 26.01 47.45
CA TYR DA 97 -42.33 25.56 46.09
C TYR DA 97 -42.53 26.77 45.19
N LYS DA 98 -41.95 26.72 43.99
CA LYS DA 98 -42.02 27.81 43.03
C LYS DA 98 -42.45 27.39 41.64
N GLY DA 99 -42.17 26.17 41.22
CA GLY DA 99 -42.60 25.73 39.90
C GLY DA 99 -41.94 24.46 39.41
N THR DA 100 -41.61 24.45 38.11
CA THR DA 100 -41.09 23.26 37.47
C THR DA 100 -40.16 23.71 36.34
N SER DA 101 -39.30 22.80 35.89
CA SER DA 101 -38.38 23.09 34.80
C SER DA 101 -39.15 23.46 33.54
N GLU DA 102 -38.40 23.91 32.54
CA GLU DA 102 -39.01 24.49 31.34
C GLU DA 102 -39.91 23.49 30.63
N ASN DA 103 -39.46 22.25 30.51
CA ASN DA 103 -40.26 21.18 29.93
C ASN DA 103 -39.95 19.89 30.68
N ASP DA 104 -40.54 18.81 30.19
CA ASP DA 104 -40.32 17.46 30.75
C ASP DA 104 -39.38 16.74 29.80
N ILE DA 105 -38.08 16.83 30.06
CA ILE DA 105 -37.09 16.44 29.08
C ILE DA 105 -37.02 14.92 28.99
N VAL DA 106 -36.39 14.45 27.92
CA VAL DA 106 -36.08 13.04 27.72
C VAL DA 106 -34.62 12.95 27.30
N VAL DA 107 -33.85 12.14 28.01
CA VAL DA 107 -32.42 11.96 27.76
C VAL DA 107 -32.23 10.52 27.28
N GLU DA 108 -31.97 10.36 25.99
CA GLU DA 108 -31.91 9.03 25.40
C GLU DA 108 -30.60 8.33 25.72
N GLU DA 109 -29.48 9.07 25.70
CA GLU DA 109 -28.19 8.44 25.93
C GLU DA 109 -28.11 7.82 27.33
N TRP DA 110 -28.75 8.45 28.31
CA TRP DA 110 -28.85 7.87 29.65
C TRP DA 110 -30.03 6.93 29.80
N ASP DA 111 -30.93 6.87 28.82
CA ASP DA 111 -32.15 6.08 28.91
C ASP DA 111 -32.95 6.46 30.15
N ALA DA 112 -33.39 7.72 30.17
CA ALA DA 112 -34.11 8.26 31.33
C ALA DA 112 -34.96 9.43 30.90
N ILE DA 113 -35.89 9.78 31.77
CA ILE DA 113 -36.70 10.99 31.66
C ILE DA 113 -36.52 11.77 32.95
N ALA DA 114 -36.48 13.10 32.83
CA ALA DA 114 -36.16 13.96 33.95
C ALA DA 114 -37.14 15.13 34.01
N ARG DA 115 -37.30 15.67 35.21
CA ARG DA 115 -38.13 16.83 35.45
C ARG DA 115 -37.57 17.57 36.64
N GLY DA 116 -37.36 18.87 36.49
CA GLY DA 116 -36.75 19.67 37.53
C GLY DA 116 -37.75 20.49 38.31
N ILE DA 117 -38.01 20.10 39.55
CA ILE DA 117 -38.82 20.91 40.45
C ILE DA 117 -37.96 22.08 40.90
N ARG DA 118 -38.60 23.22 41.16
CA ARG DA 118 -37.91 24.48 41.43
C ARG DA 118 -38.36 25.00 42.78
N PHE DA 119 -37.46 24.97 43.75
CA PHE DA 119 -37.69 25.49 45.09
C PHE DA 119 -36.87 26.75 45.32
N SER DA 120 -37.14 27.41 46.43
CA SER DA 120 -36.39 28.59 46.83
C SER DA 120 -36.39 28.70 48.34
N VAL DA 121 -35.41 29.45 48.85
CA VAL DA 121 -35.24 29.68 50.28
C VAL DA 121 -35.16 31.18 50.49
N ILE DA 122 -35.57 31.64 51.67
CA ILE DA 122 -35.77 33.05 51.97
C ILE DA 122 -34.75 33.51 52.99
N ALA DA 123 -34.29 34.76 52.84
CA ALA DA 123 -33.51 35.47 53.85
C ALA DA 123 -32.27 34.68 54.29
N LEU DA 124 -31.35 34.48 53.34
CA LEU DA 124 -30.17 33.68 53.62
C LEU DA 124 -29.30 34.31 54.70
N GLU DA 125 -29.10 35.62 54.66
CA GLU DA 125 -28.14 36.28 55.52
C GLU DA 125 -28.70 36.66 56.89
N ASP DA 126 -30.00 36.58 57.09
CA ASP DA 126 -30.61 36.97 58.36
C ASP DA 126 -30.60 35.81 59.34
N LYS DA 127 -30.20 36.09 60.58
CA LYS DA 127 -30.11 35.09 61.63
C LYS DA 127 -30.59 35.58 62.99
N GLU DA 128 -31.10 36.81 63.10
CA GLU DA 128 -31.34 37.43 64.39
C GLU DA 128 -32.79 37.27 64.85
N ASP DA 129 -33.74 37.74 64.04
CA ASP DA 129 -35.14 37.86 64.45
C ASP DA 129 -35.27 38.74 65.69
N THR DA 130 -34.57 39.87 65.65
CA THR DA 130 -34.65 40.91 66.66
C THR DA 130 -34.86 42.25 65.98
N THR DA 131 -35.31 43.23 66.76
CA THR DA 131 -35.60 44.55 66.20
C THR DA 131 -35.42 45.61 67.27
N ASN DA 132 -34.90 46.76 66.84
CA ASN DA 132 -34.89 47.96 67.64
C ASN DA 132 -36.09 48.86 67.35
N ASP DA 133 -37.02 48.43 66.50
CA ASP DA 133 -38.29 49.13 66.32
C ASP DA 133 -39.23 48.65 67.41
N ARG DA 134 -39.47 49.52 68.40
CA ARG DA 134 -40.28 49.12 69.55
C ARG DA 134 -41.72 48.83 69.13
N TRP DA 135 -42.23 49.57 68.14
CA TRP DA 135 -43.60 49.38 67.69
C TRP DA 135 -43.77 47.99 67.09
N VAL DA 136 -42.80 47.57 66.28
CA VAL DA 136 -42.84 46.24 65.67
C VAL DA 136 -42.81 45.17 66.74
N GLU DA 137 -41.96 45.35 67.75
CA GLU DA 137 -41.92 44.40 68.85
C GLU DA 137 -43.27 44.32 69.55
N ALA DA 138 -43.89 45.47 69.80
CA ALA DA 138 -45.17 45.49 70.49
C ALA DA 138 -46.24 44.75 69.70
N LEU DA 139 -46.35 45.05 68.39
CA LEU DA 139 -47.39 44.40 67.61
C LEU DA 139 -47.10 42.92 67.38
N SER DA 140 -45.82 42.54 67.27
CA SER DA 140 -45.51 41.12 67.15
C SER DA 140 -45.89 40.38 68.43
N ARG DA 141 -45.63 40.98 69.58
CA ARG DA 141 -46.06 40.39 70.84
C ARG DA 141 -47.58 40.27 70.88
N HIS DA 142 -48.28 41.32 70.45
CA HIS DA 142 -49.73 41.30 70.46
C HIS DA 142 -50.28 40.20 69.56
N THR DA 143 -49.69 40.06 68.37
CA THR DA 143 -50.13 39.03 67.45
C THR DA 143 -49.86 37.63 67.99
N LYS DA 144 -48.69 37.43 68.60
CA LYS DA 144 -48.39 36.12 69.17
C LYS DA 144 -49.36 35.78 70.29
N ASP DA 145 -49.65 36.74 71.16
CA ASP DA 145 -50.57 36.47 72.27
C ASP DA 145 -51.98 36.20 71.76
N LEU DA 146 -52.48 37.05 70.86
CA LEU DA 146 -53.83 36.91 70.36
C LEU DA 146 -54.01 35.63 69.57
N LEU DA 147 -53.03 35.31 68.72
CA LEU DA 147 -53.21 34.36 67.63
C LEU DA 147 -52.52 33.03 67.87
N GLU DA 148 -51.54 32.98 68.78
CA GLU DA 148 -50.84 31.74 69.12
C GLU DA 148 -50.16 31.13 67.90
N ILE DA 149 -49.40 31.96 67.19
CA ILE DA 149 -48.52 31.52 66.12
C ILE DA 149 -47.22 32.31 66.24
N GLU DA 150 -46.24 31.91 65.43
CA GLU DA 150 -44.98 32.65 65.40
C GLU DA 150 -45.24 34.09 64.97
N SER DA 151 -44.33 34.98 65.35
CA SER DA 151 -44.43 36.39 64.95
C SER DA 151 -43.01 36.92 64.76
N TYR DA 152 -42.54 36.88 63.53
CA TYR DA 152 -41.23 37.42 63.20
C TYR DA 152 -41.33 38.93 63.07
N LYS DA 153 -40.24 39.62 63.41
CA LYS DA 153 -40.35 41.05 63.69
C LYS DA 153 -39.91 41.93 62.54
N ASP DA 154 -38.65 41.84 62.12
CA ASP DA 154 -38.12 42.84 61.19
C ASP DA 154 -38.19 42.34 59.74
N ASN DA 155 -37.85 41.08 59.51
CA ASN DA 155 -37.86 40.51 58.17
C ASN DA 155 -37.92 39.00 58.31
N TRP DA 156 -38.16 38.33 57.18
CA TRP DA 156 -38.24 36.88 57.20
C TRP DA 156 -36.92 36.28 57.65
N LYS DA 157 -37.02 35.12 58.30
CA LYS DA 157 -35.86 34.31 58.65
C LYS DA 157 -35.96 32.98 57.92
N LYS DA 158 -34.80 32.41 57.63
CA LYS DA 158 -34.73 31.31 56.67
C LYS DA 158 -35.50 30.07 57.12
N ASN DA 159 -35.71 29.91 58.43
CA ASN DA 159 -36.35 28.73 59.00
C ASN DA 159 -37.72 29.06 59.58
N PHE DA 160 -38.50 29.88 58.89
CA PHE DA 160 -39.82 30.25 59.41
C PHE DA 160 -40.73 29.04 59.48
N ILE DA 161 -41.54 28.99 60.53
CA ILE DA 161 -42.44 27.87 60.80
C ILE DA 161 -43.83 28.26 60.33
N ALA DA 162 -44.25 27.72 59.20
CA ALA DA 162 -45.60 27.97 58.72
C ALA DA 162 -46.59 27.23 59.61
N PRO DA 163 -47.71 27.85 60.03
CA PRO DA 163 -48.18 29.22 59.77
C PRO DA 163 -47.45 30.24 60.63
N CYS DA 164 -47.37 31.49 60.19
CA CYS DA 164 -46.66 32.53 60.93
C CYS DA 164 -47.13 33.89 60.44
N ALA DA 165 -46.68 34.92 61.12
CA ALA DA 165 -46.95 36.30 60.77
C ALA DA 165 -45.68 37.13 60.90
N LEU DA 166 -45.65 38.25 60.17
CA LEU DA 166 -44.52 39.17 60.18
C LEU DA 166 -45.08 40.58 60.28
N TRP DA 167 -44.29 41.49 60.88
CA TRP DA 167 -44.75 42.85 61.17
C TRP DA 167 -43.68 43.88 60.86
N ARG DA 168 -43.12 43.84 59.65
CA ARG DA 168 -42.20 44.89 59.25
C ARG DA 168 -42.90 46.24 59.19
N THR DA 169 -42.13 47.30 59.42
CA THR DA 169 -42.60 48.67 59.24
C THR DA 169 -42.08 49.20 57.90
N THR DA 170 -42.93 49.94 57.20
CA THR DA 170 -42.62 50.44 55.87
C THR DA 170 -42.27 51.91 55.84
N HIS DA 171 -43.06 52.76 56.50
CA HIS DA 171 -42.98 54.20 56.33
C HIS DA 171 -43.17 54.86 57.69
N ILE DA 172 -42.36 55.88 57.97
CA ILE DA 172 -42.41 56.62 59.23
C ILE DA 172 -42.51 58.12 59.02
N GLU DA 173 -43.43 58.76 59.74
CA GLU DA 173 -43.67 60.19 59.63
C GLU DA 173 -43.67 60.79 61.03
N ASN DA 174 -42.74 61.70 61.28
CA ASN DA 174 -42.68 62.42 62.54
C ASN DA 174 -43.19 63.84 62.34
N LYS DA 175 -43.68 64.44 63.43
CA LYS DA 175 -44.36 65.71 63.32
C LYS DA 175 -44.34 66.40 64.67
N ARG DA 176 -43.83 67.63 64.71
CA ARG DA 176 -43.84 68.44 65.93
C ARG DA 176 -45.15 69.21 65.95
N ILE DA 177 -46.18 68.58 66.52
CA ILE DA 177 -47.51 69.18 66.52
C ILE DA 177 -47.55 70.44 67.37
N ASN DA 178 -46.75 70.48 68.43
CA ASN DA 178 -46.81 71.57 69.40
C ASN DA 178 -45.41 71.78 69.96
N TYR DA 179 -45.26 72.80 70.80
CA TYR DA 179 -43.98 73.04 71.45
C TYR DA 179 -43.57 71.85 72.29
N HIS DA 180 -44.50 71.29 73.06
CA HIS DA 180 -44.21 70.22 74.00
C HIS DA 180 -44.49 68.82 73.47
N LEU DA 181 -45.21 68.70 72.36
CA LEU DA 181 -45.69 67.40 71.88
C LEU DA 181 -45.09 67.09 70.52
N ILE DA 182 -44.88 65.80 70.25
CA ILE DA 182 -44.43 65.32 68.96
C ILE DA 182 -45.24 64.09 68.59
N GLU DA 183 -45.67 64.03 67.34
CA GLU DA 183 -46.50 62.95 66.82
C GLU DA 183 -45.64 62.06 65.93
N ILE DA 184 -45.67 60.75 66.21
CA ILE DA 184 -44.91 59.75 65.47
C ILE DA 184 -45.93 58.81 64.84
N THR DA 185 -45.89 58.68 63.52
CA THR DA 185 -46.82 57.86 62.76
C THR DA 185 -46.05 56.81 61.97
N LYS DA 186 -46.56 55.59 61.94
CA LYS DA 186 -45.95 54.48 61.21
C LYS DA 186 -47.04 53.70 60.49
N THR DA 187 -46.81 53.39 59.22
CA THR DA 187 -47.74 52.58 58.42
C THR DA 187 -47.14 51.19 58.35
N MET DA 188 -47.46 50.36 59.34
CA MET DA 188 -46.84 49.05 59.49
C MET DA 188 -47.68 48.01 58.76
N LYS DA 189 -47.01 47.19 57.94
CA LYS DA 189 -47.65 46.16 57.14
C LYS DA 189 -47.37 44.80 57.76
N CYS DA 190 -48.35 43.89 57.63
CA CYS DA 190 -48.27 42.57 58.24
C CYS DA 190 -48.51 41.48 57.21
N HIS DA 191 -47.76 40.40 57.34
CA HIS DA 191 -47.90 39.20 56.52
C HIS DA 191 -48.57 38.10 57.34
N VAL DA 192 -49.15 37.14 56.63
CA VAL DA 192 -49.60 35.89 57.22
C VAL DA 192 -49.31 34.78 56.22
N VAL DA 193 -48.50 33.81 56.62
CA VAL DA 193 -48.10 32.70 55.78
C VAL DA 193 -48.74 31.43 56.33
N SER DA 194 -49.12 30.54 55.43
CA SER DA 194 -49.62 29.23 55.80
C SER DA 194 -49.77 28.38 54.56
N LYS DA 195 -49.72 27.06 54.73
CA LYS DA 195 -50.00 26.16 53.62
C LYS DA 195 -51.48 26.20 53.24
N ASN DA 196 -52.35 26.48 54.20
CA ASN DA 196 -53.80 26.52 53.99
C ASN DA 196 -54.21 27.98 53.84
N LYS DA 197 -54.59 28.36 52.61
CA LYS DA 197 -54.95 29.76 52.34
C LYS DA 197 -56.19 30.19 53.11
N ASP DA 198 -57.14 29.28 53.31
CA ASP DA 198 -58.30 29.61 54.13
C ASP DA 198 -57.88 29.94 55.55
N GLU DA 199 -56.84 29.27 56.04
CA GLU DA 199 -56.29 29.62 57.35
C GLU DA 199 -55.73 31.03 57.33
N ILE DA 200 -55.10 31.44 56.23
CA ILE DA 200 -54.61 32.82 56.12
C ILE DA 200 -55.77 33.78 56.24
N VAL DA 201 -56.87 33.49 55.55
CA VAL DA 201 -58.03 34.37 55.57
C VAL DA 201 -58.58 34.47 57.00
N LYS DA 202 -58.70 33.34 57.68
CA LYS DA 202 -59.23 33.35 59.04
C LYS DA 202 -58.33 34.11 59.99
N LEU DA 203 -57.02 33.89 59.88
CA LEU DA 203 -56.07 34.58 60.76
C LEU DA 203 -56.11 36.08 60.54
N LEU DA 204 -56.17 36.51 59.28
CA LEU DA 204 -56.25 37.93 58.99
C LEU DA 204 -57.55 38.53 59.52
N GLU DA 205 -58.65 37.79 59.38
CA GLU DA 205 -59.94 38.27 59.87
C GLU DA 205 -59.89 38.50 61.37
N THR DA 206 -59.42 37.50 62.12
CA THR DA 206 -59.39 37.65 63.58
C THR DA 206 -58.42 38.74 64.01
N LEU DA 207 -57.27 38.85 63.32
CA LEU DA 207 -56.32 39.89 63.66
C LEU DA 207 -56.91 41.27 63.44
N GLU DA 208 -57.59 41.46 62.31
CA GLU DA 208 -58.22 42.74 62.04
C GLU DA 208 -59.29 43.07 63.07
N THR DA 209 -60.14 42.08 63.40
CA THR DA 209 -61.20 42.34 64.37
C THR DA 209 -60.62 42.70 65.72
N SER DA 210 -59.54 42.01 66.13
CA SER DA 210 -58.89 42.34 67.40
C SER DA 210 -58.33 43.75 67.37
N LEU DA 211 -57.66 44.11 66.28
CA LEU DA 211 -57.07 45.45 66.19
C LEU DA 211 -58.14 46.54 66.21
N ILE DA 212 -59.32 46.25 65.67
CA ILE DA 212 -60.36 47.25 65.61
C ILE DA 212 -61.08 47.39 66.94
N ILE DA 213 -61.57 46.27 67.50
CA ILE DA 213 -62.37 46.37 68.73
C ILE DA 213 -61.51 46.86 69.88
N ASP DA 214 -60.24 46.45 69.92
CA ASP DA 214 -59.26 47.02 70.85
C ASP DA 214 -58.46 48.04 70.04
N LYS DA 215 -58.87 49.30 70.14
CA LYS DA 215 -58.38 50.33 69.22
C LYS DA 215 -56.97 50.81 69.53
N ARG DA 216 -56.24 50.17 70.44
CA ARG DA 216 -54.86 50.54 70.72
C ARG DA 216 -54.12 49.33 71.25
N VAL DA 217 -52.80 49.42 71.27
CA VAL DA 217 -51.92 48.30 71.59
C VAL DA 217 -50.90 48.74 72.62
N ARG DA 218 -50.66 47.87 73.60
CA ARG DA 218 -49.71 48.13 74.66
C ARG DA 218 -48.30 48.11 74.08
N LEU DA 219 -47.63 49.26 74.05
CA LEU DA 219 -46.27 49.31 73.51
C LEU DA 219 -45.32 48.47 74.35
N ARG DA 220 -45.44 48.58 75.67
CA ARG DA 220 -44.63 47.81 76.61
C ARG DA 220 -45.53 47.33 77.73
N GLU DA 221 -45.05 46.32 78.47
CA GLU DA 221 -45.84 45.76 79.56
C GLU DA 221 -46.03 46.73 80.71
N ASP DA 222 -45.29 47.85 80.76
CA ASP DA 222 -45.51 48.86 81.77
C ASP DA 222 -46.83 49.60 81.61
N LYS DA 223 -47.44 49.55 80.41
CA LYS DA 223 -48.77 50.06 80.11
C LYS DA 223 -48.82 51.59 80.00
N ASN DA 224 -47.74 52.29 80.31
CA ASN DA 224 -47.75 53.76 80.19
C ASN DA 224 -47.98 54.21 78.75
N MET DA 225 -47.33 53.57 77.78
CA MET DA 225 -47.43 53.95 76.38
C MET DA 225 -48.55 53.19 75.68
N TYR DA 226 -48.93 53.69 74.50
CA TYR DA 226 -49.95 53.06 73.68
C TYR DA 226 -49.76 53.47 72.22
N LEU DA 227 -50.32 52.66 71.32
CA LEU DA 227 -50.31 52.93 69.88
C LEU DA 227 -51.75 52.96 69.39
N THR DA 228 -52.34 54.16 69.34
CA THR DA 228 -53.72 54.28 68.91
C THR DA 228 -53.82 53.98 67.42
N LEU DA 229 -54.74 53.09 67.06
CA LEU DA 229 -54.90 52.71 65.66
C LEU DA 229 -55.50 53.86 64.87
N VAL DA 230 -55.17 53.91 63.58
CA VAL DA 230 -55.71 54.89 62.65
C VAL DA 230 -56.54 54.22 61.56
N SER DA 231 -55.99 53.19 60.93
CA SER DA 231 -56.71 52.46 59.88
C SER DA 231 -56.00 51.15 59.59
N VAL DA 232 -56.77 50.06 59.52
CA VAL DA 232 -56.24 48.73 59.20
C VAL DA 232 -56.97 48.26 57.95
N VAL DA 233 -56.20 47.79 56.97
CA VAL DA 233 -56.71 47.47 55.65
C VAL DA 233 -55.99 46.23 55.15
N GLU DA 234 -56.73 45.32 54.53
CA GLU DA 234 -56.18 44.09 53.96
C GLU DA 234 -56.33 44.13 52.45
N ASP DA 235 -55.30 43.63 51.76
CA ASP DA 235 -55.27 43.51 50.30
C ASP DA 235 -54.96 42.06 49.99
N ARG DA 236 -56.01 41.25 49.84
CA ARG DA 236 -55.84 39.82 49.69
C ARG DA 236 -55.05 39.47 48.43
N GLU DA 237 -55.16 40.29 47.38
CA GLU DA 237 -54.43 40.02 46.15
C GLU DA 237 -52.92 40.14 46.35
N SER DA 238 -52.48 40.91 47.34
CA SER DA 238 -51.05 41.16 47.50
C SER DA 238 -50.32 39.87 47.83
N ASP DA 239 -49.06 39.81 47.44
CA ASP DA 239 -48.28 38.59 47.58
C ASP DA 239 -48.12 38.22 49.04
N MET DA 240 -48.11 36.91 49.30
CA MET DA 240 -48.05 36.42 50.67
C MET DA 240 -46.71 36.73 51.31
N PHE DA 241 -45.63 36.62 50.56
CA PHE DA 241 -44.27 36.74 51.10
C PHE DA 241 -43.66 38.12 50.92
N THR DA 242 -43.61 38.62 49.68
CA THR DA 242 -42.95 39.89 49.44
C THR DA 242 -43.69 41.04 50.10
N THR DA 243 -44.95 41.26 49.70
CA THR DA 243 -45.66 42.46 50.10
C THR DA 243 -46.29 42.35 51.49
N GLY DA 244 -47.25 41.44 51.65
CA GLY DA 244 -47.99 41.32 52.89
C GLY DA 244 -49.44 41.76 52.74
N GLN DA 245 -50.36 41.01 53.34
CA GLN DA 245 -51.78 41.25 53.12
C GLN DA 245 -52.26 42.52 53.82
N LEU DA 246 -51.89 42.68 55.09
CA LEU DA 246 -52.55 43.65 55.97
C LEU DA 246 -51.67 44.87 56.16
N THR DA 247 -52.27 46.05 55.97
CA THR DA 247 -51.61 47.34 56.17
C THR DA 247 -52.31 48.06 57.32
N ALA DA 248 -51.53 48.45 58.33
CA ALA DA 248 -52.04 49.13 59.50
C ALA DA 248 -51.25 50.41 59.71
N VAL DA 249 -51.94 51.45 60.20
CA VAL DA 249 -51.33 52.75 60.47
C VAL DA 249 -51.55 53.07 61.94
N PHE DA 250 -50.47 53.27 62.67
CA PHE DA 250 -50.50 53.58 64.09
C PHE DA 250 -49.84 54.93 64.32
N LYS DA 251 -50.30 55.63 65.35
CA LYS DA 251 -49.72 56.91 65.74
C LYS DA 251 -49.55 56.95 67.25
N MET DA 252 -48.60 57.77 67.69
CA MET DA 252 -48.31 57.95 69.10
C MET DA 252 -47.85 59.38 69.30
N ILE DA 253 -48.17 59.95 70.46
CA ILE DA 253 -47.86 61.34 70.79
C ILE DA 253 -46.92 61.33 71.97
N GLY DA 254 -45.67 61.73 71.75
CA GLY DA 254 -44.71 61.91 72.80
C GLY DA 254 -44.88 63.27 73.45
N LYS DA 255 -44.07 63.51 74.48
CA LYS DA 255 -44.05 64.77 75.20
C LYS DA 255 -42.60 65.15 75.46
N ILE DA 256 -42.23 66.40 75.13
CA ILE DA 256 -40.86 66.83 75.31
C ILE DA 256 -40.52 66.80 76.80
N LYS DA 257 -39.41 66.15 77.13
CA LYS DA 257 -39.08 65.80 78.50
C LYS DA 257 -38.30 66.92 79.20
N ARG DA 258 -38.89 68.11 79.25
CA ARG DA 258 -38.30 69.26 79.90
C ARG DA 258 -38.95 69.52 81.26
N GLU DA 259 -38.14 69.96 82.21
CA GLU DA 259 -38.59 70.22 83.56
C GLU DA 259 -37.80 71.38 84.13
N GLY DA 260 -38.25 71.91 85.26
CA GLY DA 260 -37.61 73.03 85.91
C GLY DA 260 -37.93 73.08 87.38
N PRO DA 261 -37.34 74.05 88.08
CA PRO DA 261 -37.56 74.16 89.52
C PRO DA 261 -38.98 74.59 89.83
N THR DA 262 -39.43 74.27 91.04
CA THR DA 262 -40.80 74.50 91.49
C THR DA 262 -40.82 75.40 92.71
N MET DA 263 -41.88 76.21 92.81
CA MET DA 263 -42.04 77.16 93.91
C MET DA 263 -42.75 76.46 95.08
N ASP DA 264 -41.98 75.68 95.83
CA ASP DA 264 -42.56 74.97 96.97
C ASP DA 264 -42.99 75.95 98.07
N LYS DA 265 -42.11 76.88 98.42
CA LYS DA 265 -42.33 77.80 99.54
C LYS DA 265 -42.15 79.24 99.07
N ILE DA 266 -43.05 80.11 99.52
CA ILE DA 266 -43.04 81.53 99.20
C ILE DA 266 -43.13 82.29 100.52
N TYR DA 267 -42.42 83.41 100.64
CA TYR DA 267 -42.35 84.16 101.88
C TYR DA 267 -42.21 85.65 101.60
N GLY DA 268 -42.78 86.46 102.50
CA GLY DA 268 -42.65 87.90 102.38
C GLY DA 268 -43.05 88.61 103.64
N ASN DA 269 -42.66 89.88 103.72
CA ASN DA 269 -42.88 90.74 104.87
C ASN DA 269 -43.67 91.97 104.47
N GLY DA 270 -44.17 92.68 105.47
CA GLY DA 270 -44.96 93.88 105.26
C GLY DA 270 -44.35 95.07 105.98
N ASN DA 271 -44.39 96.23 105.32
CA ASN DA 271 -43.91 97.48 105.87
C ASN DA 271 -44.91 98.57 105.53
N LEU DA 272 -44.55 99.82 105.82
CA LEU DA 272 -45.41 100.97 105.52
C LEU DA 272 -44.56 102.17 105.09
N ARG EA 36 -111.20 58.47 100.17
CA ARG EA 36 -111.92 57.19 100.14
C ARG EA 36 -111.72 56.46 101.46
N LEU EA 37 -112.82 56.28 102.20
CA LEU EA 37 -112.82 55.59 103.48
C LEU EA 37 -113.59 54.30 103.35
N ALA EA 38 -112.96 53.18 103.74
CA ALA EA 38 -113.59 51.87 103.71
C ALA EA 38 -114.34 51.65 105.02
N MET EA 39 -115.67 51.73 104.96
CA MET EA 39 -116.53 51.67 106.15
C MET EA 39 -117.20 50.31 106.24
N PRO EA 40 -116.83 49.43 107.20
CA PRO EA 40 -117.53 48.14 107.34
C PRO EA 40 -118.79 48.23 108.21
N ILE EA 41 -119.88 48.72 107.62
CA ILE EA 41 -121.10 49.00 108.37
C ILE EA 41 -121.70 47.72 108.95
N ARG EA 42 -122.08 47.77 110.22
CA ARG EA 42 -122.89 46.73 110.86
C ARG EA 42 -124.36 47.12 110.70
N ALA EA 43 -124.89 46.88 109.50
CA ALA EA 43 -126.19 47.40 109.10
C ALA EA 43 -127.04 46.32 108.43
N ASN EA 44 -128.36 46.44 108.61
CA ASN EA 44 -129.30 45.62 107.85
C ASN EA 44 -129.42 46.09 106.41
N TRP EA 45 -129.11 47.36 106.15
CA TRP EA 45 -129.14 47.93 104.81
C TRP EA 45 -127.73 47.98 104.24
N GLY EA 46 -127.66 47.97 102.91
CA GLY EA 46 -126.42 47.80 102.19
C GLY EA 46 -126.27 46.37 101.67
N ASP EA 47 -125.40 46.24 100.67
CA ASP EA 47 -125.19 44.94 100.04
C ASP EA 47 -124.19 44.11 100.85
N VAL EA 48 -124.46 42.81 100.93
CA VAL EA 48 -123.60 41.88 101.67
C VAL EA 48 -122.49 41.40 100.76
N GLY EA 49 -121.25 41.47 101.24
CA GLY EA 49 -120.14 40.87 100.53
C GLY EA 49 -119.72 41.60 99.27
N LYS EA 50 -119.98 42.90 99.18
CA LYS EA 50 -119.64 43.65 97.98
C LYS EA 50 -119.36 45.10 98.35
N VAL EA 51 -118.48 45.74 97.59
CA VAL EA 51 -118.08 47.12 97.82
C VAL EA 51 -118.91 48.02 96.92
N VAL EA 52 -119.53 49.05 97.50
CA VAL EA 52 -120.30 50.03 96.76
C VAL EA 52 -119.95 51.41 97.32
N THR EA 53 -120.09 52.43 96.47
CA THR EA 53 -119.79 53.81 96.81
C THR EA 53 -121.06 54.65 96.81
N ILE EA 54 -121.05 55.72 97.59
CA ILE EA 54 -122.17 56.65 97.71
C ILE EA 54 -121.64 58.07 97.54
N LYS EA 55 -122.38 58.87 96.77
CA LYS EA 55 -122.02 60.27 96.51
C LYS EA 55 -122.46 61.13 97.69
N ASN EA 56 -122.52 62.45 97.48
CA ASN EA 56 -122.93 63.39 98.53
C ASN EA 56 -124.31 63.05 99.08
N ASP EA 57 -125.17 62.45 98.26
CA ASP EA 57 -126.46 61.96 98.72
C ASP EA 57 -126.29 60.92 99.81
N GLY EA 66 -128.92 52.96 105.04
CA GLY EA 66 -129.91 52.67 106.05
C GLY EA 66 -130.44 53.92 106.72
N ASP EA 67 -131.47 53.76 107.55
CA ASP EA 67 -132.11 54.88 108.23
C ASP EA 67 -132.26 54.63 109.72
N ASP EA 68 -132.41 53.36 110.12
CA ASP EA 68 -132.60 53.05 111.52
C ASP EA 68 -131.36 53.41 112.33
N MET EA 69 -131.57 53.80 113.58
CA MET EA 69 -130.44 54.16 114.45
C MET EA 69 -129.55 52.95 114.72
N ASN EA 70 -130.14 51.75 114.82
CA ASN EA 70 -129.34 50.57 115.16
C ASN EA 70 -128.38 50.18 114.04
N TYR EA 71 -128.63 50.62 112.81
CA TYR EA 71 -127.84 50.20 111.67
C TYR EA 71 -126.74 51.24 111.40
N SER EA 72 -125.51 50.75 111.21
CA SER EA 72 -124.36 51.63 111.05
C SER EA 72 -124.37 52.41 109.74
N ALA EA 73 -125.26 52.05 108.80
CA ALA EA 73 -125.38 52.84 107.58
C ALA EA 73 -125.85 54.26 107.86
N PHE EA 74 -126.51 54.47 109.01
CA PHE EA 74 -126.93 55.79 109.46
C PHE EA 74 -126.32 56.17 110.80
N LYS EA 75 -126.07 55.20 111.69
CA LYS EA 75 -125.42 55.51 112.95
C LYS EA 75 -124.01 56.04 112.73
N LEU EA 76 -123.20 55.29 111.99
CA LEU EA 76 -121.81 55.63 111.71
C LEU EA 76 -121.58 56.01 110.26
N GLY EA 77 -122.54 55.75 109.37
CA GLY EA 77 -122.49 56.35 108.06
C GLY EA 77 -122.57 57.86 108.13
N LYS EA 78 -123.38 58.38 109.07
CA LYS EA 78 -123.39 59.82 109.32
C LYS EA 78 -122.03 60.29 109.81
N LEU EA 79 -121.40 59.51 110.69
CA LEU EA 79 -120.07 59.88 111.18
C LEU EA 79 -119.06 59.89 110.03
N ALA EA 80 -119.14 58.91 109.13
CA ALA EA 80 -118.26 58.88 107.98
C ALA EA 80 -118.49 60.08 107.08
N LEU EA 81 -119.75 60.46 106.87
CA LEU EA 81 -120.05 61.55 105.95
C LEU EA 81 -119.70 62.90 106.54
N LEU EA 82 -119.78 63.04 107.87
CA LEU EA 82 -119.54 64.34 108.50
C LEU EA 82 -118.09 64.78 108.36
N GLY EA 83 -117.16 63.82 108.18
CA GLY EA 83 -115.78 64.18 107.93
C GLY EA 83 -115.54 64.75 106.55
N ASN EA 84 -116.53 64.64 105.66
CA ASN EA 84 -116.50 65.28 104.34
C ASN EA 84 -115.38 64.72 103.47
N VAL EA 85 -115.21 63.40 103.48
CA VAL EA 85 -114.43 62.76 102.43
C VAL EA 85 -115.22 62.88 101.14
N LYS EA 86 -114.51 62.95 100.00
CA LYS EA 86 -115.17 63.22 98.73
C LYS EA 86 -116.15 62.12 98.35
N GLU EA 87 -115.97 60.91 98.86
CA GLU EA 87 -116.94 59.84 98.66
C GLU EA 87 -116.68 58.74 99.67
N LEU EA 88 -117.76 58.03 100.03
CA LEU EA 88 -117.73 56.97 101.02
C LEU EA 88 -118.01 55.64 100.35
N LEU EA 89 -117.24 54.61 100.75
CA LEU EA 89 -117.40 53.26 100.23
C LEU EA 89 -117.75 52.34 101.40
N LEU EA 90 -118.79 51.52 101.20
CA LEU EA 90 -119.45 50.81 102.28
C LEU EA 90 -119.26 49.31 102.15
N TYR EA 91 -119.29 48.62 103.29
CA TYR EA 91 -119.32 47.16 103.34
C TYR EA 91 -120.15 46.72 104.54
N ARG EA 92 -120.89 45.63 104.36
CA ARG EA 92 -121.90 45.18 105.32
C ARG EA 92 -121.40 43.92 106.04
N LEU EA 93 -121.54 43.92 107.37
CA LEU EA 93 -121.17 42.79 108.21
C LEU EA 93 -122.44 42.09 108.67
N VAL EA 94 -122.56 40.79 108.39
CA VAL EA 94 -123.75 40.02 108.70
C VAL EA 94 -123.34 38.63 109.16
N ASP EA 95 -124.16 38.03 110.02
CA ASP EA 95 -124.00 36.62 110.37
C ASP EA 95 -124.24 35.75 109.14
N GLY EA 96 -123.57 34.59 109.11
CA GLY EA 96 -123.76 33.67 108.02
C GLY EA 96 -125.19 33.17 107.91
N ASN EA 97 -125.85 32.97 109.05
CA ASN EA 97 -127.23 32.51 109.09
C ASN EA 97 -128.13 33.71 108.80
N GLN EA 98 -128.15 34.11 107.54
CA GLN EA 98 -128.91 35.28 107.10
C GLN EA 98 -129.12 35.21 105.60
N LYS EA 99 -130.36 35.41 105.16
CA LYS EA 99 -130.75 35.22 103.77
C LYS EA 99 -131.70 36.34 103.37
N LYS EA 100 -132.41 36.15 102.27
CA LYS EA 100 -133.30 37.14 101.69
C LYS EA 100 -134.77 36.77 101.93
N GLY EA 101 -135.59 37.80 102.16
CA GLY EA 101 -137.02 37.59 102.28
C GLY EA 101 -137.67 37.45 100.91
N THR EA 102 -138.68 36.57 100.84
CA THR EA 102 -139.34 36.22 99.58
C THR EA 102 -140.84 36.21 99.79
N LEU EA 103 -141.56 36.90 98.90
CA LEU EA 103 -143.02 36.94 98.88
C LEU EA 103 -143.49 36.50 97.51
N THR EA 104 -144.47 35.59 97.49
CA THR EA 104 -145.04 35.05 96.26
C THR EA 104 -146.49 35.52 96.13
N LEU EA 105 -146.87 35.93 94.92
CA LEU EA 105 -148.21 36.41 94.62
C LEU EA 105 -148.77 35.60 93.45
N LYS EA 106 -150.10 35.42 93.45
CA LYS EA 106 -150.79 34.57 92.48
C LYS EA 106 -152.02 35.29 91.94
N ASP EA 107 -152.46 34.86 90.77
CA ASP EA 107 -153.51 35.56 90.04
C ASP EA 107 -154.88 34.97 90.36
N THR EA 108 -155.92 35.73 89.98
CA THR EA 108 -157.31 35.33 90.19
C THR EA 108 -158.19 35.58 88.96
N THR EA 109 -157.62 35.96 87.82
CA THR EA 109 -158.41 36.08 86.60
C THR EA 109 -159.01 34.74 86.22
N GLU EA 110 -158.22 33.68 86.32
CA GLU EA 110 -158.70 32.31 86.17
C GLU EA 110 -159.03 31.75 87.55
N ASN EA 111 -159.84 30.69 87.57
CA ASN EA 111 -160.34 30.14 88.83
C ASN EA 111 -159.19 29.59 89.67
N SER EA 112 -158.26 28.88 89.05
CA SER EA 112 -157.12 28.30 89.75
C SER EA 112 -155.99 29.32 89.77
N ALA EA 113 -155.55 29.70 90.98
CA ALA EA 113 -154.54 30.73 91.12
C ALA EA 113 -153.15 30.16 90.85
N LYS EA 114 -152.36 30.88 90.07
CA LYS EA 114 -151.00 30.50 89.72
C LYS EA 114 -150.07 31.69 89.91
N ASP EA 115 -148.84 31.41 90.33
CA ASP EA 115 -147.90 32.48 90.62
C ASP EA 115 -147.45 33.17 89.34
N VAL EA 116 -147.49 34.51 89.35
CA VAL EA 116 -147.09 35.33 88.21
C VAL EA 116 -146.06 36.37 88.60
N ILE EA 117 -146.04 36.76 89.88
CA ILE EA 117 -145.11 37.78 90.39
C ILE EA 117 -144.56 37.30 91.72
N LYS EA 118 -143.26 37.51 91.92
CA LYS EA 118 -142.60 37.27 93.19
C LYS EA 118 -141.80 38.52 93.56
N LEU EA 119 -141.88 38.92 94.82
CA LEU EA 119 -141.22 40.13 95.33
C LEU EA 119 -140.20 39.76 96.39
N GLU EA 120 -139.10 40.50 96.41
CA GLU EA 120 -138.00 40.26 97.34
C GLU EA 120 -137.45 41.59 97.82
N THR EA 121 -136.86 41.57 99.02
CA THR EA 121 -136.16 42.74 99.53
C THR EA 121 -134.93 43.02 98.68
N LYS EA 122 -134.60 44.31 98.55
CA LYS EA 122 -133.51 44.71 97.67
C LYS EA 122 -132.18 44.08 98.08
N TYR EA 123 -131.84 44.22 99.36
CA TYR EA 123 -130.75 43.48 99.99
C TYR EA 123 -131.34 42.40 100.90
N PRO EA 124 -130.63 41.31 101.18
CA PRO EA 124 -131.20 40.27 102.03
C PRO EA 124 -131.47 40.79 103.44
N THR EA 125 -132.63 40.40 103.97
CA THR EA 125 -133.05 40.85 105.29
C THR EA 125 -134.32 40.12 105.68
N ALA EA 126 -134.62 40.13 106.98
CA ALA EA 126 -135.88 39.65 107.53
C ALA EA 126 -136.80 40.81 107.94
N ARG EA 127 -136.46 42.05 107.55
CA ARG EA 127 -137.25 43.19 107.96
C ARG EA 127 -138.67 43.10 107.39
N ASN EA 128 -139.65 43.49 108.21
CA ASN EA 128 -141.06 43.40 107.83
C ASN EA 128 -141.38 44.51 106.83
N PHE EA 129 -140.86 44.35 105.62
CA PHE EA 129 -141.18 45.23 104.51
C PHE EA 129 -142.51 44.77 103.92
N ASN EA 130 -143.59 45.34 104.43
CA ASN EA 130 -144.93 44.87 104.14
C ASN EA 130 -145.45 45.50 102.86
N VAL EA 131 -146.28 44.74 102.14
CA VAL EA 131 -146.83 45.13 100.85
C VAL EA 131 -148.33 44.85 100.86
N THR EA 132 -149.11 45.81 100.37
CA THR EA 132 -150.56 45.69 100.26
C THR EA 132 -150.94 45.82 98.79
N ILE EA 133 -151.66 44.83 98.28
CA ILE EA 133 -152.14 44.80 96.90
C ILE EA 133 -153.65 44.64 96.94
N LYS EA 134 -154.35 45.58 96.29
CA LYS EA 134 -155.81 45.61 96.25
C LYS EA 134 -156.28 45.86 94.83
N SER EA 135 -157.44 45.33 94.50
CA SER EA 135 -158.06 45.63 93.21
C SER EA 135 -158.37 47.11 93.13
N ASN EA 136 -158.00 47.72 92.01
CA ASN EA 136 -158.19 49.15 91.84
C ASN EA 136 -159.68 49.49 91.86
N LEU EA 137 -160.00 50.67 92.39
CA LEU EA 137 -161.39 51.03 92.66
C LEU EA 137 -162.21 51.10 91.38
N VAL EA 138 -161.63 51.63 90.30
CA VAL EA 138 -162.37 51.85 89.06
C VAL EA 138 -162.27 50.61 88.17
N ASP EA 139 -161.04 50.27 87.77
CA ASP EA 139 -160.80 49.20 86.81
C ASP EA 139 -160.40 47.93 87.54
N SER EA 140 -161.05 46.81 87.19
CA SER EA 140 -160.68 45.53 87.79
C SER EA 140 -159.32 45.04 87.27
N ASP EA 141 -158.86 45.56 86.13
CA ASP EA 141 -157.62 45.11 85.51
C ASP EA 141 -156.38 45.72 86.13
N LYS EA 142 -156.51 46.74 86.98
CA LYS EA 142 -155.38 47.44 87.58
C LYS EA 142 -155.29 47.09 89.06
N LYS EA 143 -154.06 46.90 89.54
CA LYS EA 143 -153.79 46.56 90.93
C LYS EA 143 -153.06 47.71 91.60
N ASP EA 144 -153.56 48.13 92.76
CA ASP EA 144 -152.92 49.18 93.55
C ASP EA 144 -151.83 48.55 94.42
N PHE EA 145 -150.58 48.78 94.06
CA PHE EA 145 -149.43 48.32 94.82
C PHE EA 145 -149.06 49.40 95.84
N ILE EA 146 -149.17 49.06 97.12
CA ILE EA 146 -148.73 49.93 98.22
C ILE EA 146 -147.67 49.18 98.99
N PHE EA 147 -146.49 49.80 99.13
CA PHE EA 147 -145.37 49.23 99.85
C PHE EA 147 -145.19 49.94 101.17
N PHE EA 148 -144.66 49.23 102.16
CA PHE EA 148 -144.45 49.75 103.50
C PHE EA 148 -143.05 49.39 103.98
N GLU EA 149 -142.37 50.36 104.60
CA GLU EA 149 -141.10 50.05 105.27
C GLU EA 149 -141.34 49.11 106.44
N ASN EA 150 -142.09 49.56 107.44
CA ASN EA 150 -142.73 48.68 108.41
C ASN EA 150 -144.26 48.77 108.30
N THR EA 151 -144.82 49.97 108.47
CA THR EA 151 -146.23 50.23 108.18
C THR EA 151 -146.48 51.58 107.52
N LYS EA 152 -145.51 52.51 107.52
CA LYS EA 152 -145.71 53.81 106.89
C LYS EA 152 -145.69 53.68 105.37
N GLN EA 153 -146.54 54.45 104.71
CA GLN EA 153 -146.67 54.38 103.26
C GLN EA 153 -145.39 54.88 102.58
N LEU EA 154 -144.77 54.01 101.77
CA LEU EA 154 -143.55 54.34 101.05
C LEU EA 154 -143.83 54.67 99.59
N PHE EA 155 -144.47 53.75 98.87
CA PHE EA 155 -144.73 53.88 97.44
C PHE EA 155 -146.16 53.46 97.16
N SER EA 156 -146.82 54.18 96.24
CA SER EA 156 -148.19 53.88 95.87
C SER EA 156 -148.38 54.15 94.38
N SER EA 157 -148.85 53.14 93.64
CA SER EA 157 -149.09 53.26 92.21
C SER EA 157 -149.91 52.07 91.77
N SER EA 158 -150.21 52.03 90.47
CA SER EA 158 -150.96 50.94 89.87
C SER EA 158 -150.60 50.78 88.41
N ILE EA 159 -150.63 49.53 87.94
CA ILE EA 159 -150.31 49.18 86.57
C ILE EA 159 -151.32 48.13 86.11
N LYS EA 160 -151.65 48.16 84.81
CA LYS EA 160 -152.74 47.37 84.25
C LYS EA 160 -152.25 45.98 83.85
N GLY EA 161 -152.44 45.02 84.76
CA GLY EA 161 -152.49 43.62 84.39
C GLY EA 161 -151.18 42.97 83.98
N THR EA 162 -150.56 43.47 82.91
CA THR EA 162 -149.41 42.78 82.33
C THR EA 162 -148.23 42.77 83.31
N ILE EA 163 -147.59 41.61 83.41
CA ILE EA 163 -146.62 41.39 84.49
C ILE EA 163 -145.37 42.24 84.25
N ASP EA 164 -144.96 42.39 83.00
CA ASP EA 164 -143.71 43.09 82.70
C ASP EA 164 -143.79 44.55 83.16
N GLU EA 165 -144.89 45.24 82.81
CA GLU EA 165 -145.03 46.63 83.20
C GLU EA 165 -145.07 46.77 84.73
N ILE EA 166 -145.80 45.86 85.40
CA ILE EA 166 -145.90 45.92 86.86
C ILE EA 166 -144.52 45.76 87.49
N VAL EA 167 -143.78 44.74 87.07
CA VAL EA 167 -142.49 44.44 87.68
C VAL EA 167 -141.49 45.55 87.40
N LEU EA 168 -141.45 46.04 86.17
CA LEU EA 168 -140.51 47.10 85.83
C LEU EA 168 -140.87 48.42 86.52
N GLU EA 169 -142.16 48.68 86.70
CA GLU EA 169 -142.58 49.84 87.47
C GLU EA 169 -142.11 49.71 88.92
N ILE EA 170 -142.34 48.55 89.53
CA ILE EA 170 -141.95 48.34 90.92
C ILE EA 170 -140.44 48.38 91.08
N ASN EA 171 -139.68 48.03 90.03
CA ASN EA 171 -138.23 48.05 90.13
C ASN EA 171 -137.65 49.44 89.87
N SER EA 172 -138.25 50.20 88.96
CA SER EA 172 -137.65 51.43 88.44
C SER EA 172 -138.19 52.70 89.09
N ASN EA 173 -139.29 52.63 89.83
CA ASN EA 173 -139.84 53.85 90.41
C ASN EA 173 -138.94 54.37 91.53
N LEU EA 174 -139.07 55.67 91.80
CA LEU EA 174 -138.13 56.33 92.71
C LEU EA 174 -138.30 55.87 94.15
N ASP EA 175 -139.53 55.59 94.57
CA ASP EA 175 -139.82 55.24 95.96
C ASP EA 175 -139.66 53.75 96.25
N ASN EA 176 -139.22 52.95 95.28
CA ASN EA 176 -138.97 51.52 95.47
C ASN EA 176 -137.51 51.22 95.78
N GLU EA 177 -136.84 52.11 96.50
CA GLU EA 177 -135.46 51.88 96.89
C GLU EA 177 -135.31 50.69 97.84
N TYR EA 178 -136.41 50.23 98.45
CA TYR EA 178 -136.39 49.15 99.44
C TYR EA 178 -137.10 47.89 98.95
N VAL EA 179 -136.97 47.55 97.67
CA VAL EA 179 -137.58 46.33 97.15
C VAL EA 179 -136.99 46.01 95.77
N ILE EA 180 -136.96 44.73 95.43
CA ILE EA 180 -136.75 44.25 94.07
C ILE EA 180 -137.92 43.33 93.72
N ALA EA 181 -138.45 43.49 92.51
CA ALA EA 181 -139.54 42.68 92.00
C ALA EA 181 -139.07 41.94 90.76
N THR EA 182 -139.44 40.66 90.66
CA THR EA 182 -139.04 39.81 89.55
C THR EA 182 -140.24 39.02 89.04
N LYS EA 183 -140.24 38.76 87.74
CA LYS EA 183 -141.36 38.09 87.08
C LYS EA 183 -141.24 36.57 87.23
N VAL EA 184 -142.39 35.90 87.23
CA VAL EA 184 -142.44 34.44 87.20
C VAL EA 184 -142.63 33.94 85.77
N ALA EA 185 -143.65 34.45 85.08
CA ALA EA 185 -143.95 34.02 83.72
C ALA EA 185 -144.74 35.12 83.01
N ASP EA 186 -144.77 35.03 81.68
CA ASP EA 186 -145.54 35.98 80.88
C ASP EA 186 -147.03 35.75 81.11
N SER EA 187 -147.71 36.80 81.58
CA SER EA 187 -149.14 36.69 81.86
C SER EA 187 -149.78 38.07 81.72
N ASP EA 188 -151.10 38.06 81.58
CA ASP EA 188 -151.92 39.26 81.62
C ASP EA 188 -153.04 39.14 82.64
N THR EA 189 -152.89 38.27 83.64
CA THR EA 189 -153.90 38.08 84.67
C THR EA 189 -153.72 39.08 85.80
N ILE EA 190 -154.70 39.09 86.71
CA ILE EA 190 -154.78 40.06 87.79
C ILE EA 190 -154.51 39.34 89.10
N LEU EA 191 -153.72 39.96 89.97
CA LEU EA 191 -153.33 39.36 91.23
C LEU EA 191 -154.55 39.18 92.15
N ALA EA 192 -154.30 38.57 93.30
CA ALA EA 192 -155.29 38.52 94.36
C ALA EA 192 -155.17 39.75 95.26
N ASN EA 193 -156.15 39.92 96.13
CA ASN EA 193 -156.14 41.01 97.10
C ASN EA 193 -155.43 40.54 98.36
N VAL EA 194 -154.37 41.24 98.74
CA VAL EA 194 -153.59 40.94 99.94
C VAL EA 194 -153.14 42.26 100.56
N VAL EA 195 -153.07 42.27 101.89
CA VAL EA 195 -152.78 43.48 102.66
C VAL EA 195 -151.55 43.22 103.52
N ASN EA 196 -150.56 44.10 103.41
CA ASN EA 196 -149.44 44.15 104.35
C ASN EA 196 -148.63 42.86 104.35
N GLN EA 197 -148.53 42.21 103.18
CA GLN EA 197 -147.77 40.96 103.08
C GLN EA 197 -146.31 41.19 103.40
N ALA EA 198 -145.82 40.52 104.44
CA ALA EA 198 -144.46 40.72 104.92
C ALA EA 198 -143.50 39.77 104.22
N LEU EA 199 -142.44 40.33 103.66
CA LEU EA 199 -141.37 39.54 103.05
C LEU EA 199 -140.48 38.99 104.16
N GLU EA 200 -140.38 37.66 104.24
CA GLU EA 200 -139.66 37.00 105.32
C GLU EA 200 -138.91 35.79 104.76
N GLY EA 201 -137.94 35.32 105.55
CA GLY EA 201 -137.11 34.18 105.19
C GLY EA 201 -135.64 34.37 105.50
N GLY EA 202 -135.21 35.60 105.70
CA GLY EA 202 -133.82 35.94 105.92
C GLY EA 202 -133.48 36.10 107.39
N ASN EA 203 -132.68 37.11 107.69
CA ASN EA 203 -132.33 37.44 109.07
C ASN EA 203 -131.76 38.85 109.10
N ASP EA 204 -131.64 39.39 110.31
CA ASP EA 204 -131.16 40.76 110.47
C ASP EA 204 -129.68 40.85 110.13
N GLY EA 205 -129.26 42.03 109.65
CA GLY EA 205 -127.86 42.23 109.35
C GLY EA 205 -126.98 42.35 110.58
N CYS EA 206 -127.56 42.76 111.70
CA CYS EA 206 -126.87 42.82 112.98
C CYS EA 206 -127.05 41.56 113.80
N THR EA 207 -127.21 40.40 113.14
CA THR EA 207 -127.52 39.17 113.85
C THR EA 207 -126.38 38.77 114.79
N SER EA 208 -125.15 38.71 114.27
CA SER EA 208 -124.01 38.28 115.07
C SER EA 208 -122.76 38.88 114.46
N ILE EA 209 -122.24 39.93 115.07
CA ILE EA 209 -120.97 40.53 114.68
C ILE EA 209 -119.87 39.72 115.36
N THR EA 210 -119.16 38.89 114.57
CA THR EA 210 -118.18 37.96 115.08
C THR EA 210 -116.93 38.04 114.21
N ASN EA 211 -115.85 37.42 114.70
CA ASN EA 211 -114.54 37.58 114.06
C ASN EA 211 -114.54 37.02 112.65
N GLU EA 212 -115.14 35.85 112.44
CA GLU EA 212 -115.21 35.31 111.08
C GLU EA 212 -116.08 36.19 110.19
N SER EA 213 -117.17 36.73 110.74
CA SER EA 213 -117.97 37.69 109.98
C SER EA 213 -117.21 38.98 109.74
N TYR EA 214 -116.47 39.45 110.75
CA TYR EA 214 -115.76 40.71 110.64
C TYR EA 214 -114.65 40.64 109.60
N LEU EA 215 -113.96 39.49 109.52
CA LEU EA 215 -112.82 39.37 108.62
C LEU EA 215 -113.22 39.40 107.16
N LYS EA 216 -114.51 39.21 106.85
CA LYS EA 216 -114.97 39.25 105.47
C LYS EA 216 -114.72 40.62 104.85
N ALA EA 217 -114.89 41.68 105.64
CA ALA EA 217 -114.64 43.03 105.13
C ALA EA 217 -113.20 43.20 104.69
N LEU EA 218 -112.25 42.74 105.52
CA LEU EA 218 -110.84 42.84 105.16
C LEU EA 218 -110.53 41.98 103.95
N GLU EA 219 -111.09 40.77 103.90
CA GLU EA 219 -110.85 39.88 102.77
C GLU EA 219 -111.33 40.49 101.46
N GLU EA 220 -112.50 41.15 101.50
CA GLU EA 220 -113.03 41.78 100.29
C GLU EA 220 -112.26 43.05 99.95
N PHE EA 221 -111.88 43.83 100.95
CA PHE EA 221 -111.15 45.07 100.72
C PHE EA 221 -109.71 44.83 100.27
N GLU EA 222 -109.21 43.60 100.38
CA GLU EA 222 -107.88 43.29 99.82
C GLU EA 222 -107.81 43.65 98.34
N ARG EA 223 -108.92 43.49 97.62
CA ARG EA 223 -108.95 43.76 96.18
C ARG EA 223 -109.19 45.24 95.85
N TYR EA 224 -109.24 46.11 96.86
CA TYR EA 224 -109.49 47.53 96.67
C TYR EA 224 -108.48 48.34 97.49
N SER EA 225 -108.27 49.58 97.06
CA SER EA 225 -107.35 50.51 97.70
C SER EA 225 -108.11 51.73 98.17
N PHE EA 226 -107.81 52.18 99.39
CA PHE EA 226 -108.50 53.30 100.02
C PHE EA 226 -107.48 54.21 100.70
N ASP EA 227 -107.95 55.38 101.10
CA ASP EA 227 -107.13 56.27 101.91
C ASP EA 227 -107.07 55.79 103.36
N SER EA 228 -108.16 55.20 103.86
CA SER EA 228 -108.20 54.75 105.24
C SER EA 228 -109.28 53.70 105.40
N PHE EA 229 -109.21 52.97 106.53
CA PHE EA 229 -110.19 51.96 106.90
C PHE EA 229 -110.44 52.06 108.40
N VAL EA 230 -111.67 51.74 108.80
CA VAL EA 230 -112.08 51.82 110.21
C VAL EA 230 -112.73 50.50 110.59
N LEU EA 231 -112.74 50.22 111.90
CA LEU EA 231 -113.22 48.93 112.41
C LEU EA 231 -114.71 48.91 112.71
N ASP EA 232 -115.37 50.08 112.76
CA ASP EA 232 -116.80 50.19 113.06
C ASP EA 232 -117.12 49.66 114.45
N GLY EA 233 -116.53 50.33 115.44
CA GLY EA 233 -117.07 50.34 116.78
C GLY EA 233 -116.76 49.16 117.69
N VAL EA 234 -116.63 47.95 117.13
CA VAL EA 234 -116.55 46.75 117.97
C VAL EA 234 -115.14 46.65 118.54
N ALA EA 235 -114.93 47.25 119.71
CA ALA EA 235 -113.60 47.32 120.29
C ALA EA 235 -113.22 46.05 121.04
N ASP EA 236 -113.33 44.91 120.36
CA ASP EA 236 -112.77 43.66 120.86
C ASP EA 236 -111.33 43.57 120.41
N GLU EA 237 -110.42 43.30 121.36
CA GLU EA 237 -108.99 43.34 121.04
C GLU EA 237 -108.61 42.29 120.02
N ALA EA 238 -109.35 41.18 119.94
CA ALA EA 238 -109.07 40.17 118.93
C ALA EA 238 -109.26 40.73 117.52
N LEU EA 239 -110.37 41.45 117.30
CA LEU EA 239 -110.60 42.04 115.99
C LEU EA 239 -109.53 43.08 115.66
N GLN EA 240 -109.15 43.91 116.64
CA GLN EA 240 -108.15 44.93 116.39
C GLN EA 240 -106.79 44.32 116.07
N GLU EA 241 -106.43 43.23 116.76
CA GLU EA 241 -105.17 42.56 116.46
C GLU EA 241 -105.22 41.88 115.10
N THR EA 242 -106.37 41.32 114.73
CA THR EA 242 -106.49 40.73 113.40
C THR EA 242 -106.33 41.79 112.32
N THR EA 243 -106.95 42.96 112.52
CA THR EA 243 -106.79 44.05 111.57
C THR EA 243 -105.35 44.56 111.56
N LYS EA 244 -104.68 44.55 112.72
CA LYS EA 244 -103.27 44.92 112.78
C LYS EA 244 -102.43 43.98 111.92
N ALA EA 245 -102.66 42.67 112.05
CA ALA EA 245 -101.91 41.71 111.25
C ALA EA 245 -102.22 41.88 109.77
N TRP EA 246 -103.48 42.13 109.44
CA TRP EA 246 -103.88 42.34 108.04
C TRP EA 246 -103.19 43.55 107.44
N VAL EA 247 -103.19 44.66 108.18
CA VAL EA 247 -102.55 45.88 107.70
C VAL EA 247 -101.04 45.70 107.62
N ALA EA 248 -100.46 44.91 108.52
CA ALA EA 248 -99.03 44.62 108.45
C ALA EA 248 -98.71 43.83 107.18
N LYS EA 249 -99.56 42.84 106.87
CA LYS EA 249 -99.40 42.08 105.63
C LYS EA 249 -99.47 43.02 104.43
N ASN EA 250 -100.39 43.98 104.46
CA ASN EA 250 -100.45 44.96 103.38
C ASN EA 250 -99.23 45.86 103.35
N LYS EA 251 -98.68 46.19 104.52
CA LYS EA 251 -97.48 47.01 104.58
C LYS EA 251 -96.30 46.31 103.93
N GLU EA 252 -96.18 45.00 104.13
CA GLU EA 252 -95.20 44.24 103.36
C GLU EA 252 -95.52 44.30 101.87
N LEU EA 253 -96.81 44.26 101.53
CA LEU EA 253 -97.24 44.47 100.14
C LEU EA 253 -97.17 45.93 99.73
N GLY EA 254 -97.16 46.86 100.70
CA GLY EA 254 -97.05 48.28 100.42
C GLY EA 254 -98.33 49.07 100.54
N LYS EA 255 -99.49 48.41 100.63
CA LYS EA 255 -100.78 49.10 100.71
C LYS EA 255 -100.99 49.61 102.14
N ASP EA 256 -100.31 50.72 102.43
CA ASP EA 256 -100.38 51.32 103.77
C ASP EA 256 -101.70 52.06 103.95
N ILE EA 257 -102.79 51.30 104.02
CA ILE EA 257 -104.09 51.88 104.29
C ILE EA 257 -104.12 52.38 105.72
N LEU EA 258 -104.42 53.66 105.89
CA LEU EA 258 -104.37 54.27 107.21
C LEU EA 258 -105.51 53.72 108.07
N LEU EA 259 -105.15 52.93 109.08
CA LEU EA 259 -106.12 52.26 109.93
C LEU EA 259 -106.48 53.16 111.11
N PHE EA 260 -107.73 53.05 111.56
CA PHE EA 260 -108.22 53.75 112.74
C PHE EA 260 -108.97 52.78 113.63
N LEU EA 261 -108.79 52.92 114.94
CA LEU EA 261 -109.44 52.06 115.93
C LEU EA 261 -109.80 52.91 117.14
N GLY EA 262 -110.19 52.23 118.21
CA GLY EA 262 -110.46 52.89 119.48
C GLY EA 262 -110.78 51.86 120.54
N GLY EA 263 -110.68 52.30 121.79
CA GLY EA 263 -110.97 51.42 122.91
C GLY EA 263 -112.45 51.23 123.12
N LYS EA 264 -112.76 50.26 123.97
CA LYS EA 264 -114.16 49.96 124.30
C LYS EA 264 -114.70 50.98 125.29
N THR EA 265 -116.03 50.93 125.50
CA THR EA 265 -116.68 51.87 126.40
C THR EA 265 -116.21 51.72 127.84
N GLU EA 266 -115.64 50.56 128.21
CA GLU EA 266 -115.26 50.27 129.58
C GLU EA 266 -113.80 50.61 129.87
N ASP EA 267 -113.07 51.22 128.93
CA ASP EA 267 -111.67 51.55 129.12
C ASP EA 267 -111.55 52.97 129.68
N ASN EA 268 -110.86 53.09 130.81
CA ASN EA 268 -110.54 54.39 131.39
C ASN EA 268 -109.27 54.91 130.72
N ILE EA 269 -108.67 55.96 131.28
CA ILE EA 269 -107.41 56.49 130.75
C ILE EA 269 -106.33 55.41 130.81
N LYS EA 270 -106.31 54.66 131.91
CA LYS EA 270 -105.29 53.61 132.07
C LYS EA 270 -105.46 52.52 131.01
N GLN EA 271 -106.70 52.03 130.84
CA GLN EA 271 -106.94 50.98 129.85
C GLN EA 271 -106.67 51.48 128.44
N ILE EA 272 -107.08 52.72 128.15
CA ILE EA 272 -106.86 53.29 126.83
C ILE EA 272 -105.36 53.39 126.55
N ASN EA 273 -104.59 53.87 127.52
CA ASN EA 273 -103.16 54.00 127.33
C ASN EA 273 -102.49 52.65 127.17
N ASP EA 274 -102.92 51.65 127.95
CA ASP EA 274 -102.33 50.32 127.83
C ASP EA 274 -102.62 49.72 126.46
N LYS EA 275 -103.86 49.87 125.98
CA LYS EA 275 -104.20 49.30 124.68
C LYS EA 275 -103.51 50.05 123.55
N SER EA 276 -103.31 51.35 123.71
CA SER EA 276 -102.52 52.10 122.72
C SER EA 276 -101.07 51.62 122.73
N LYS EA 277 -100.51 51.38 123.91
CA LYS EA 277 -99.15 50.87 124.01
C LYS EA 277 -99.03 49.47 123.43
N SER EA 278 -100.13 48.70 123.44
CA SER EA 278 -100.10 47.37 122.86
C SER EA 278 -99.77 47.42 121.37
N PHE EA 279 -100.34 48.39 120.66
CA PHE EA 279 -99.98 48.63 119.27
C PHE EA 279 -98.79 49.59 119.19
N ASN EA 280 -98.02 49.46 118.10
CA ASN EA 280 -96.92 50.38 117.83
C ASN EA 280 -96.81 50.74 116.36
N ASP EA 281 -97.79 50.36 115.53
CA ASP EA 281 -97.70 50.54 114.10
C ASP EA 281 -97.86 52.01 113.72
N GLU EA 282 -97.24 52.39 112.61
CA GLU EA 282 -97.31 53.77 112.15
C GLU EA 282 -98.70 54.12 111.64
N ASN EA 283 -99.31 53.21 110.88
CA ASN EA 283 -100.58 53.50 110.21
C ASN EA 283 -101.80 53.16 111.06
N ILE EA 284 -101.62 52.73 112.31
CA ILE EA 284 -102.72 52.30 113.16
C ILE EA 284 -102.92 53.34 114.25
N VAL EA 285 -104.18 53.61 114.58
CA VAL EA 285 -104.56 54.66 115.52
C VAL EA 285 -105.53 54.07 116.54
N ASN EA 286 -105.54 54.64 117.74
CA ASN EA 286 -106.44 54.26 118.81
C ASN EA 286 -107.06 55.53 119.39
N VAL EA 287 -108.26 55.86 118.92
CA VAL EA 287 -109.01 56.97 119.52
C VAL EA 287 -109.28 56.65 120.98
N GLY EA 288 -109.15 57.64 121.84
CA GLY EA 288 -109.20 57.41 123.27
C GLY EA 288 -110.56 57.60 123.92
N SER EA 289 -111.23 58.71 123.62
CA SER EA 289 -112.40 59.16 124.36
C SER EA 289 -113.67 58.96 123.55
N SER EA 290 -114.73 58.51 124.21
CA SER EA 290 -116.06 58.44 123.62
C SER EA 290 -116.54 59.86 123.28
N ALA EA 291 -117.67 59.93 122.58
CA ALA EA 291 -118.18 61.22 122.14
C ALA EA 291 -119.69 61.16 121.93
N TYR EA 292 -120.30 62.35 121.96
CA TYR EA 292 -121.68 62.56 121.58
C TYR EA 292 -121.70 63.40 120.31
N TYR EA 293 -122.62 63.09 119.40
CA TYR EA 293 -122.94 63.98 118.29
C TYR EA 293 -124.38 64.49 118.39
N GLU EA 294 -125.36 63.58 118.39
CA GLU EA 294 -126.76 63.94 118.59
C GLU EA 294 -127.41 63.22 119.75
N ASN EA 295 -127.26 61.88 119.85
CA ASN EA 295 -127.92 61.10 120.88
C ASN EA 295 -127.06 59.99 121.49
N ILE EA 296 -126.03 59.49 120.81
CA ILE EA 296 -125.38 58.24 121.17
C ILE EA 296 -124.03 58.52 121.83
N LYS EA 297 -123.74 57.77 122.89
CA LYS EA 297 -122.39 57.70 123.44
C LYS EA 297 -121.54 56.81 122.54
N TYR EA 298 -121.08 57.40 121.43
CA TYR EA 298 -120.22 56.68 120.50
C TYR EA 298 -118.94 56.28 121.20
N THR EA 299 -118.57 55.01 121.06
CA THR EA 299 -117.33 54.54 121.65
C THR EA 299 -116.16 55.19 120.91
N PRO EA 300 -114.96 55.18 121.50
CA PRO EA 300 -113.79 55.63 120.73
C PRO EA 300 -113.62 54.91 119.42
N SER EA 301 -113.88 53.60 119.40
CA SER EA 301 -113.89 52.83 118.16
C SER EA 301 -114.99 53.28 117.20
N GLU EA 302 -116.12 53.77 117.71
CA GLU EA 302 -117.17 54.30 116.86
C GLU EA 302 -116.87 55.73 116.41
N VAL EA 303 -116.24 56.52 117.27
CA VAL EA 303 -115.77 57.85 116.87
C VAL EA 303 -114.69 57.72 115.80
N ALA EA 304 -113.98 56.59 115.77
CA ALA EA 304 -112.92 56.37 114.79
C ALA EA 304 -113.41 56.55 113.36
N VAL EA 305 -114.68 56.30 113.09
CA VAL EA 305 -115.20 56.47 111.73
C VAL EA 305 -115.12 57.94 111.32
N TYR EA 306 -115.63 58.84 112.16
CA TYR EA 306 -115.58 60.26 111.83
C TYR EA 306 -114.15 60.76 111.84
N ILE EA 307 -113.31 60.26 112.76
CA ILE EA 307 -111.92 60.70 112.80
C ILE EA 307 -111.20 60.30 111.52
N ALA EA 308 -111.44 59.07 111.05
CA ALA EA 308 -110.83 58.62 109.81
C ALA EA 308 -111.33 59.44 108.63
N ALA EA 309 -112.63 59.76 108.63
CA ALA EA 309 -113.17 60.59 107.56
C ALA EA 309 -112.52 61.96 107.54
N LEU EA 310 -112.34 62.57 108.70
CA LEU EA 310 -111.67 63.87 108.77
C LEU EA 310 -110.22 63.76 108.29
N SER EA 311 -109.51 62.71 108.71
CA SER EA 311 -108.12 62.55 108.32
C SER EA 311 -107.99 62.37 106.81
N VAL EA 312 -108.89 61.60 106.20
CA VAL EA 312 -108.84 61.41 104.75
C VAL EA 312 -109.22 62.70 104.03
N SER EA 313 -110.20 63.43 104.56
CA SER EA 313 -110.65 64.66 103.91
C SER EA 313 -109.54 65.72 103.93
N LYS EA 314 -108.80 65.79 105.04
CA LYS EA 314 -107.78 66.83 105.18
C LYS EA 314 -106.66 66.64 104.16
N GLY EA 315 -106.26 65.40 103.91
CA GLY EA 315 -105.19 65.16 102.97
C GLY EA 315 -103.83 65.53 103.55
N ILE EA 316 -102.85 65.63 102.65
CA ILE EA 316 -101.49 65.94 103.07
C ILE EA 316 -101.42 67.37 103.61
N THR EA 317 -102.15 68.29 102.97
CA THR EA 317 -102.09 69.69 103.37
C THR EA 317 -102.66 69.90 104.76
N GLY EA 318 -103.83 69.32 105.04
CA GLY EA 318 -104.52 69.56 106.29
C GLY EA 318 -104.04 68.63 107.39
N SER EA 319 -103.91 69.21 108.59
CA SER EA 319 -103.52 68.47 109.80
C SER EA 319 -104.55 68.75 110.88
N ILE EA 320 -104.89 67.71 111.63
CA ILE EA 320 -105.93 67.78 112.65
C ILE EA 320 -105.34 67.89 114.06
N CYS EA 321 -104.10 68.38 114.18
CA CYS EA 321 -103.47 68.51 115.49
C CYS EA 321 -104.15 69.55 116.36
N ASN EA 322 -104.81 70.54 115.74
CA ASN EA 322 -105.55 71.56 116.47
C ASN EA 322 -106.85 71.92 115.75
N ALA EA 323 -107.45 70.95 115.05
CA ALA EA 323 -108.64 71.20 114.25
C ALA EA 323 -109.91 70.95 115.06
N LYS EA 324 -110.93 71.74 114.78
CA LYS EA 324 -112.23 71.54 115.40
C LYS EA 324 -112.92 70.32 114.79
N THR EA 325 -113.80 69.70 115.58
CA THR EA 325 -114.54 68.52 115.18
C THR EA 325 -116.03 68.74 115.39
N ILE EA 326 -116.83 67.92 114.70
CA ILE EA 326 -118.28 68.07 114.73
C ILE EA 326 -118.86 67.75 116.11
N PHE EA 327 -118.14 66.96 116.92
CA PHE EA 327 -118.71 66.45 118.16
C PHE EA 327 -119.01 67.59 119.14
N GLU EA 328 -120.08 67.40 119.92
CA GLU EA 328 -120.47 68.36 120.94
C GLU EA 328 -119.73 68.13 122.26
N GLU EA 329 -119.45 66.88 122.62
CA GLU EA 329 -118.74 66.57 123.85
C GLU EA 329 -117.97 65.27 123.66
N VAL EA 330 -116.92 65.11 124.47
CA VAL EA 330 -116.14 63.88 124.51
C VAL EA 330 -115.74 63.61 125.96
N GLU EA 331 -115.74 62.34 126.35
CA GLU EA 331 -115.34 61.91 127.67
C GLU EA 331 -114.54 60.62 127.55
N PRO EA 332 -113.61 60.33 128.48
CA PRO EA 332 -113.25 61.09 129.69
C PRO EA 332 -112.42 62.33 129.42
N ARG EA 333 -112.60 63.38 130.21
CA ARG EA 333 -111.83 64.61 130.02
C ARG EA 333 -110.40 64.41 130.49
N LEU EA 334 -109.51 65.25 129.95
CA LEU EA 334 -108.07 65.11 130.15
C LEU EA 334 -107.44 66.47 130.41
N SER EA 335 -106.69 66.58 131.50
CA SER EA 335 -105.91 67.77 131.79
C SER EA 335 -104.58 67.66 131.07
N GLN EA 336 -103.63 68.54 131.41
CA GLN EA 336 -102.32 68.50 130.77
C GLN EA 336 -101.61 67.18 131.05
N SER EA 337 -101.66 66.70 132.29
CA SER EA 337 -101.02 65.44 132.63
C SER EA 337 -101.69 64.27 131.91
N GLU EA 338 -103.03 64.24 131.91
CA GLU EA 338 -103.74 63.18 131.22
C GLU EA 338 -103.51 63.24 129.72
N VAL EA 339 -103.50 64.45 129.16
CA VAL EA 339 -103.24 64.62 127.73
C VAL EA 339 -101.86 64.08 127.39
N LYS EA 340 -100.85 64.45 128.16
CA LYS EA 340 -99.48 64.01 127.89
C LYS EA 340 -99.37 62.49 128.03
N GLU EA 341 -99.98 61.93 129.07
CA GLU EA 341 -99.91 60.48 129.27
C GLU EA 341 -100.58 59.72 128.13
N CYS EA 342 -101.73 60.21 127.68
CA CYS EA 342 -102.45 59.52 126.60
C CYS EA 342 -101.71 59.66 125.28
N LEU EA 343 -101.19 60.85 124.99
CA LEU EA 343 -100.45 61.04 123.74
C LEU EA 343 -99.18 60.21 123.71
N LYS EA 344 -98.44 60.17 124.82
CA LYS EA 344 -97.20 59.41 124.86
C LYS EA 344 -97.46 57.91 124.73
N SER EA 345 -98.58 57.43 125.28
CA SER EA 345 -98.93 56.03 125.16
C SER EA 345 -99.39 55.65 123.75
N GLY EA 346 -99.63 56.62 122.87
CA GLY EA 346 -100.06 56.36 121.52
C GLY EA 346 -101.53 56.58 121.24
N THR EA 347 -102.21 57.37 122.07
CA THR EA 347 -103.64 57.60 121.94
C THR EA 347 -103.88 58.93 121.24
N LEU EA 348 -104.83 58.94 120.30
CA LEU EA 348 -105.29 60.17 119.66
C LEU EA 348 -106.28 60.84 120.60
N VAL EA 349 -105.81 61.84 121.34
CA VAL EA 349 -106.58 62.43 122.42
C VAL EA 349 -107.62 63.39 121.85
N LEU EA 350 -108.87 63.21 122.24
CA LEU EA 350 -109.95 64.17 122.02
C LEU EA 350 -110.42 64.68 123.37
N ASP EA 351 -110.55 65.99 123.49
CA ASP EA 351 -111.02 66.62 124.72
C ASP EA 351 -111.87 67.83 124.37
N PHE EA 352 -112.83 68.13 125.25
CA PHE EA 352 -113.60 69.37 125.18
C PHE EA 352 -112.85 70.50 125.89
N ASP EA 353 -111.60 70.73 125.48
CA ASP EA 353 -110.73 71.69 126.15
C ASP EA 353 -111.17 73.13 125.95
N ASP EA 354 -112.11 73.38 125.03
CA ASP EA 354 -112.62 74.72 124.78
C ASP EA 354 -114.13 74.59 124.54
N GLY EA 355 -114.74 75.64 123.98
CA GLY EA 355 -116.16 75.62 123.71
C GLY EA 355 -116.59 74.57 122.70
N ASP EA 356 -115.64 73.98 121.97
CA ASP EA 356 -115.93 72.88 121.06
C ASP EA 356 -114.85 71.82 121.20
N VAL EA 357 -115.18 70.61 120.74
CA VAL EA 357 -114.24 69.50 120.82
C VAL EA 357 -113.02 69.79 119.96
N ILE EA 358 -111.84 69.49 120.48
CA ILE EA 358 -110.57 69.71 119.80
C ILE EA 358 -109.77 68.43 119.84
N ILE EA 359 -109.25 68.01 118.69
CA ILE EA 359 -108.25 66.96 118.64
C ILE EA 359 -106.93 67.56 119.13
N VAL EA 360 -106.43 67.07 120.25
CA VAL EA 360 -105.27 67.69 120.88
C VAL EA 360 -104.03 67.51 120.02
N ASP EA 361 -103.87 66.33 119.41
CA ASP EA 361 -102.77 66.09 118.50
C ASP EA 361 -103.11 64.93 117.58
N ASP EA 362 -102.57 64.98 116.36
CA ASP EA 362 -102.79 63.95 115.34
C ASP EA 362 -101.77 62.81 115.45
N VAL EA 363 -101.83 62.04 116.53
CA VAL EA 363 -100.78 61.08 116.86
C VAL EA 363 -101.24 59.67 116.51
N ASN EA 364 -100.27 58.76 116.39
CA ASN EA 364 -100.49 57.37 116.00
C ASN EA 364 -99.89 56.43 117.04
N THR EA 365 -100.08 55.13 116.82
CA THR EA 365 -99.56 54.14 117.76
C THR EA 365 -98.03 54.14 117.80
N PHE EA 366 -97.38 54.62 116.74
CA PHE EA 366 -95.93 54.78 116.75
C PHE EA 366 -95.47 56.01 117.54
N LYS EA 367 -96.39 56.73 118.18
CA LYS EA 367 -95.98 57.84 119.05
C LYS EA 367 -95.13 57.34 120.21
N LYS EA 368 -95.28 56.07 120.60
CA LYS EA 368 -94.29 55.38 121.43
C LYS EA 368 -93.12 54.97 120.53
N TYR EA 369 -92.39 56.00 120.10
CA TYR EA 369 -91.41 55.87 119.03
C TYR EA 369 -90.14 55.20 119.55
N VAL EA 370 -89.15 55.11 118.66
CA VAL EA 370 -87.83 54.56 118.97
C VAL EA 370 -86.77 55.51 118.40
N ASP EA 371 -85.54 55.33 118.88
CA ASP EA 371 -84.55 56.41 118.82
C ASP EA 371 -84.20 56.84 117.40
N ASP EA 372 -84.11 55.90 116.45
CA ASP EA 372 -83.66 56.25 115.11
C ASP EA 372 -84.64 57.20 114.41
N LYS EA 373 -85.94 56.99 114.60
CA LYS EA 373 -86.96 57.82 113.97
C LYS EA 373 -87.39 58.92 114.94
N ASN EA 374 -87.42 60.16 114.46
CA ASN EA 374 -87.81 61.28 115.30
C ASN EA 374 -89.32 61.26 115.55
N GLU EA 375 -89.76 62.12 116.46
CA GLU EA 375 -91.17 62.19 116.81
C GLU EA 375 -92.04 62.68 115.66
N ALA EA 376 -91.44 63.34 114.65
CA ALA EA 376 -92.20 63.72 113.47
C ALA EA 376 -92.77 62.52 112.73
N MET EA 377 -92.13 61.34 112.87
CA MET EA 377 -92.68 60.12 112.31
C MET EA 377 -94.03 59.75 112.92
N GLY EA 378 -94.29 60.18 114.15
CA GLY EA 378 -95.45 59.75 114.90
C GLY EA 378 -96.73 60.49 114.61
N TYR EA 379 -96.79 61.29 113.54
CA TYR EA 379 -97.98 62.05 113.17
C TYR EA 379 -98.66 61.37 111.98
N ILE EA 380 -99.98 61.22 112.07
CA ILE EA 380 -100.71 60.46 111.06
C ILE EA 380 -100.60 61.13 109.70
N SER EA 381 -100.71 62.45 109.66
CA SER EA 381 -100.57 63.17 108.40
C SER EA 381 -99.20 62.94 107.79
N ASN EA 382 -98.17 62.94 108.63
CA ASN EA 382 -96.82 62.66 108.13
C ASN EA 382 -96.71 61.25 107.58
N ILE EA 383 -97.38 60.28 108.22
CA ILE EA 383 -97.33 58.91 107.74
C ILE EA 383 -98.02 58.78 106.39
N MET EA 384 -99.19 59.42 106.24
CA MET EA 384 -99.86 59.41 104.95
C MET EA 384 -99.02 60.09 103.87
N PHE EA 385 -98.32 61.17 104.26
CA PHE EA 385 -97.40 61.85 103.36
C PHE EA 385 -96.28 60.91 102.92
N ILE EA 386 -95.74 60.15 103.87
CA ILE EA 386 -94.71 59.16 103.55
C ILE EA 386 -95.25 58.11 102.60
N ASN EA 387 -96.48 57.66 102.82
CA ASN EA 387 -97.08 56.65 101.95
C ASN EA 387 -97.27 57.19 100.54
N THR EA 388 -97.68 58.46 100.42
CA THR EA 388 -97.84 59.07 99.11
C THR EA 388 -96.50 59.13 98.38
N ILE EA 389 -95.44 59.54 99.09
CA ILE EA 389 -94.12 59.56 98.45
C ILE EA 389 -93.69 58.16 98.07
N ASN EA 390 -94.03 57.16 98.89
CA ASN EA 390 -93.69 55.78 98.54
C ASN EA 390 -94.39 55.35 97.26
N LYS EA 391 -95.66 55.73 97.10
CA LYS EA 391 -96.39 55.40 95.89
C LYS EA 391 -95.78 56.09 94.67
N ASP EA 392 -95.43 57.37 94.81
CA ASP EA 392 -94.85 58.11 93.68
C ASP EA 392 -93.49 57.54 93.30
N THR EA 393 -92.68 57.17 94.29
CA THR EA 393 -91.40 56.56 93.99
C THR EA 393 -91.57 55.14 93.44
N SER EA 394 -92.66 54.47 93.77
CA SER EA 394 -92.97 53.21 93.09
C SER EA 394 -93.32 53.46 91.62
N LEU EA 395 -94.02 54.56 91.33
CA LEU EA 395 -94.23 54.92 89.93
C LEU EA 395 -92.91 55.16 89.22
N LYS EA 396 -91.98 55.84 89.90
CA LYS EA 396 -90.63 56.00 89.35
C LYS EA 396 -89.96 54.64 89.13
N ARG EA 397 -90.18 53.70 90.04
CA ARG EA 397 -89.63 52.36 89.89
C ARG EA 397 -90.16 51.70 88.62
N LYS EA 398 -91.46 51.82 88.37
CA LYS EA 398 -91.99 51.26 87.12
C LYS EA 398 -91.45 52.02 85.91
N GLU EA 399 -91.11 53.30 86.08
CA GLU EA 399 -90.55 54.06 84.98
C GLU EA 399 -89.12 53.61 84.64
N PHE EA 400 -88.34 53.20 85.64
CA PHE EA 400 -86.92 52.93 85.46
C PHE EA 400 -86.59 51.45 85.67
N VAL EA 401 -87.35 50.57 85.03
CA VAL EA 401 -87.11 49.12 85.06
C VAL EA 401 -85.82 48.81 84.32
N GLY EA 402 -85.42 47.53 84.35
CA GLY EA 402 -84.09 47.08 83.99
C GLY EA 402 -83.55 47.41 82.61
N LYS EA 403 -84.30 48.13 81.78
CA LYS EA 403 -83.73 48.67 80.54
C LYS EA 403 -82.46 49.47 80.82
N ILE EA 404 -82.42 50.18 81.95
CA ILE EA 404 -81.21 50.83 82.42
C ILE EA 404 -80.30 49.79 83.05
N PHE EA 405 -79.00 49.92 82.80
CA PHE EA 405 -78.02 49.00 83.37
C PHE EA 405 -77.82 49.29 84.86
N ASN EA 406 -77.48 48.24 85.60
CA ASN EA 406 -77.17 48.36 87.04
C ASN EA 406 -75.71 48.75 87.20
N ASP EA 407 -75.43 50.00 86.86
CA ASP EA 407 -74.11 50.60 86.95
C ASP EA 407 -74.24 51.94 87.67
N ALA EA 408 -73.09 52.57 87.92
CA ALA EA 408 -73.09 53.87 88.58
C ALA EA 408 -73.88 54.90 87.77
N THR EA 409 -73.88 54.78 86.45
CA THR EA 409 -74.62 55.72 85.61
C THR EA 409 -76.12 55.58 85.83
N GLY EA 410 -76.63 54.35 85.83
CA GLY EA 410 -78.05 54.15 86.04
C GLY EA 410 -78.49 54.55 87.44
N GLN EA 411 -77.67 54.22 88.45
CA GLN EA 411 -77.98 54.64 89.81
C GLN EA 411 -77.99 56.16 89.91
N THR EA 412 -77.05 56.83 89.25
CA THR EA 412 -77.04 58.29 89.25
C THR EA 412 -78.29 58.83 88.56
N THR EA 413 -78.73 58.18 87.48
CA THR EA 413 -79.93 58.62 86.78
C THR EA 413 -81.15 58.53 87.68
N VAL EA 414 -81.32 57.39 88.35
CA VAL EA 414 -82.48 57.21 89.23
C VAL EA 414 -82.41 58.19 90.40
N ILE EA 415 -81.22 58.35 90.99
CA ILE EA 415 -81.07 59.26 92.12
C ILE EA 415 -81.36 60.69 91.69
N CYS EA 416 -80.94 61.07 90.48
CA CYS EA 416 -81.21 62.41 89.98
C CYS EA 416 -82.70 62.61 89.74
N ALA EA 417 -83.39 61.59 89.24
CA ALA EA 417 -84.83 61.70 89.05
C ALA EA 417 -85.53 61.91 90.39
N LEU EA 418 -85.15 61.13 91.41
CA LEU EA 418 -85.74 61.33 92.73
C LEU EA 418 -85.40 62.68 93.31
N LYS EA 419 -84.16 63.15 93.11
CA LYS EA 419 -83.76 64.46 93.59
C LYS EA 419 -84.59 65.56 92.94
N LYS EA 420 -84.85 65.43 91.64
CA LYS EA 420 -85.66 66.44 90.95
C LYS EA 420 -87.11 66.38 91.42
N TYR EA 421 -87.61 65.18 91.71
CA TYR EA 421 -88.97 65.06 92.25
C TYR EA 421 -89.08 65.79 93.59
N PHE EA 422 -88.11 65.57 94.49
CA PHE EA 422 -88.12 66.27 95.76
C PHE EA 422 -87.88 67.76 95.58
N GLU EA 423 -87.10 68.16 94.59
CA GLU EA 423 -86.91 69.57 94.30
C GLU EA 423 -88.23 70.22 93.89
N GLU EA 424 -89.00 69.53 93.05
CA GLU EA 424 -90.31 70.06 92.65
C GLU EA 424 -91.24 70.17 93.84
N LEU EA 425 -91.25 69.15 94.72
CA LEU EA 425 -92.08 69.23 95.91
C LEU EA 425 -91.66 70.40 96.81
N MET EA 426 -90.35 70.60 96.97
CA MET EA 426 -89.87 71.73 97.75
C MET EA 426 -90.29 73.05 97.10
N SER EA 427 -90.21 73.13 95.78
CA SER EA 427 -90.62 74.34 95.08
C SER EA 427 -92.10 74.63 95.33
N GLN EA 428 -92.93 73.59 95.36
CA GLN EA 428 -94.31 73.78 95.78
C GLN EA 428 -94.37 74.27 97.24
N GLY EA 429 -93.66 73.58 98.14
CA GLY EA 429 -93.51 74.03 99.51
C GLY EA 429 -93.65 72.95 100.58
N ILE EA 430 -94.03 71.73 100.19
CA ILE EA 430 -94.27 70.69 101.19
C ILE EA 430 -92.97 70.30 101.89
N ILE EA 431 -91.92 70.04 101.12
CA ILE EA 431 -90.62 69.68 101.68
C ILE EA 431 -89.86 70.96 102.01
N SER EA 432 -89.17 70.94 103.15
CA SER EA 432 -88.26 72.02 103.55
C SER EA 432 -86.80 71.65 103.41
N GLU EA 433 -86.48 70.35 103.34
CA GLU EA 433 -85.14 69.86 103.10
C GLU EA 433 -85.24 68.39 102.73
N PHE EA 434 -84.28 67.91 101.95
CA PHE EA 434 -84.29 66.51 101.54
C PHE EA 434 -82.87 66.04 101.27
N ASN EA 435 -82.66 64.73 101.47
CA ASN EA 435 -81.38 64.09 101.17
C ASN EA 435 -81.69 62.65 100.76
N VAL EA 436 -81.76 62.42 99.45
CA VAL EA 436 -81.99 61.09 98.88
C VAL EA 436 -80.66 60.59 98.32
N ASP EA 437 -80.24 59.41 98.78
CA ASP EA 437 -78.91 58.89 98.50
C ASP EA 437 -78.98 57.39 98.29
N ILE EA 438 -77.86 56.83 97.84
CA ILE EA 438 -77.76 55.38 97.70
C ILE EA 438 -77.85 54.76 99.08
N ASP EA 439 -78.63 53.68 99.18
CA ASP EA 439 -78.76 52.95 100.45
C ASP EA 439 -77.54 52.04 100.56
N THR EA 440 -76.45 52.62 101.06
CA THR EA 440 -75.15 51.94 101.05
C THR EA 440 -75.18 50.68 101.92
N GLU EA 441 -75.94 50.70 103.02
CA GLU EA 441 -75.98 49.53 103.89
C GLU EA 441 -76.57 48.32 103.17
N LEU EA 442 -77.63 48.54 102.39
CA LEU EA 442 -78.26 47.47 101.64
C LEU EA 442 -77.65 47.28 100.24
N GLN EA 443 -77.04 48.32 99.68
CA GLN EA 443 -76.51 48.22 98.32
C GLN EA 443 -75.16 47.52 98.26
N ALA EA 444 -74.42 47.48 99.37
CA ALA EA 444 -73.12 46.83 99.37
C ALA EA 444 -73.26 45.34 99.08
N THR EA 445 -74.28 44.71 99.65
CA THR EA 445 -74.56 43.29 99.42
C THR EA 445 -75.58 43.07 98.30
N ALA EA 446 -75.94 44.12 97.56
CA ALA EA 446 -76.94 43.98 96.52
C ALA EA 446 -76.44 43.11 95.38
N LYS EA 447 -77.29 42.21 94.90
CA LYS EA 447 -77.01 41.42 93.72
C LYS EA 447 -77.12 42.32 92.48
N ALA EA 448 -76.87 41.73 91.32
CA ALA EA 448 -76.91 42.49 90.07
C ALA EA 448 -78.31 43.06 89.81
N ASP EA 449 -79.35 42.26 90.05
CA ASP EA 449 -80.70 42.66 89.70
C ASP EA 449 -81.28 43.73 90.62
N GLU EA 450 -80.85 43.79 91.88
CA GLU EA 450 -81.49 44.61 92.90
C GLU EA 450 -80.69 45.87 93.17
N PHE EA 451 -81.42 46.96 93.40
CA PHE EA 451 -80.84 48.25 93.76
C PHE EA 451 -81.66 48.84 94.91
N TYR EA 452 -80.96 49.48 95.85
CA TYR EA 452 -81.57 50.07 97.03
C TYR EA 452 -81.27 51.57 97.11
N TRP EA 453 -82.20 52.30 97.70
CA TRP EA 453 -82.07 53.74 97.89
C TRP EA 453 -82.90 54.14 99.10
N LYS EA 454 -82.77 55.39 99.51
CA LYS EA 454 -83.46 55.86 100.71
C LYS EA 454 -83.57 57.38 100.65
N TRP EA 455 -84.67 57.90 101.20
CA TRP EA 455 -84.94 59.32 101.23
C TRP EA 455 -85.36 59.75 102.63
N ASP EA 456 -84.97 60.97 102.99
CA ASP EA 456 -85.33 61.59 104.25
C ASP EA 456 -85.57 63.07 103.99
N ALA EA 457 -86.62 63.62 104.60
CA ALA EA 457 -86.99 65.00 104.36
C ALA EA 457 -87.70 65.57 105.57
N VAL EA 458 -87.50 66.87 105.79
CA VAL EA 458 -88.14 67.61 106.87
C VAL EA 458 -89.42 68.22 106.32
N LYS EA 459 -90.40 68.42 107.21
CA LYS EA 459 -91.73 68.87 106.84
C LYS EA 459 -92.13 70.07 107.70
N VAL EA 460 -93.07 70.86 107.18
CA VAL EA 460 -93.53 72.06 107.86
C VAL EA 460 -94.25 71.67 109.14
N ASP EA 461 -93.98 72.42 110.21
CA ASP EA 461 -94.62 72.20 111.50
C ASP EA 461 -95.90 73.03 111.60
N VAL EA 462 -96.81 72.57 112.47
CA VAL EA 462 -98.01 73.31 112.83
C VAL EA 462 -98.25 73.09 114.31
N MET EA 463 -98.28 74.18 115.07
CA MET EA 463 -98.44 74.09 116.52
C MET EA 463 -99.93 74.03 116.88
N ARG FA 36 -136.46 71.49 46.56
CA ARG FA 36 -136.96 70.73 45.42
C ARG FA 36 -137.92 69.64 45.88
N LEU FA 37 -139.22 69.86 45.70
CA LEU FA 37 -140.26 68.91 46.07
C LEU FA 37 -140.95 68.43 44.80
N ALA FA 38 -141.03 67.10 44.65
CA ALA FA 38 -141.67 66.49 43.49
C ALA FA 38 -143.15 66.26 43.81
N MET FA 39 -144.01 67.09 43.24
CA MET FA 39 -145.45 67.07 43.53
C MET FA 39 -146.20 66.43 42.36
N PRO FA 40 -146.80 65.23 42.52
CA PRO FA 40 -147.64 64.68 41.43
C PRO FA 40 -149.06 65.21 41.45
N ILE FA 41 -149.25 66.42 40.92
CA ILE FA 41 -150.54 67.11 40.98
C ILE FA 41 -151.62 66.36 40.20
N ARG FA 42 -152.76 66.12 40.84
CA ARG FA 42 -153.96 65.63 40.16
C ARG FA 42 -154.74 66.83 39.64
N ALA FA 43 -154.27 67.38 38.51
CA ALA FA 43 -154.74 68.65 38.00
C ALA FA 43 -155.04 68.57 36.51
N ASN FA 44 -156.03 69.38 36.08
CA ASN FA 44 -156.26 69.58 34.66
C ASN FA 44 -155.22 70.50 34.05
N TRP FA 45 -154.56 71.32 34.86
CA TRP FA 45 -153.52 72.23 34.41
C TRP FA 45 -152.16 71.66 34.76
N GLY FA 46 -151.16 72.08 34.00
CA GLY FA 46 -149.83 71.48 34.03
C GLY FA 46 -149.61 70.55 32.87
N ASP FA 47 -148.33 70.31 32.58
CA ASP FA 47 -147.96 69.46 31.44
C ASP FA 47 -148.01 68.00 31.85
N VAL FA 48 -148.52 67.17 30.93
CA VAL FA 48 -148.65 65.73 31.16
C VAL FA 48 -147.33 65.05 30.81
N GLY FA 49 -146.84 64.22 31.71
CA GLY FA 49 -145.69 63.38 31.41
C GLY FA 49 -144.37 64.12 31.31
N LYS FA 50 -144.23 65.26 32.00
CA LYS FA 50 -143.00 66.03 31.93
C LYS FA 50 -142.82 66.80 33.24
N VAL FA 51 -141.57 67.01 33.61
CA VAL FA 51 -141.21 67.71 34.84
C VAL FA 51 -140.95 69.17 34.51
N VAL FA 52 -141.60 70.08 35.25
CA VAL FA 52 -141.41 71.51 35.10
C VAL FA 52 -141.33 72.13 36.49
N THR FA 53 -140.62 73.25 36.59
CA THR FA 53 -140.41 73.97 37.84
C THR FA 53 -141.12 75.32 37.79
N ILE FA 54 -141.46 75.82 38.97
CA ILE FA 54 -142.13 77.11 39.13
C ILE FA 54 -141.41 77.90 40.20
N LYS FA 55 -141.21 79.19 39.94
CA LYS FA 55 -140.55 80.10 40.87
C LYS FA 55 -141.54 80.56 41.94
N ASN FA 56 -141.19 81.62 42.66
CA ASN FA 56 -142.06 82.18 43.70
C ASN FA 56 -143.45 82.52 43.15
N ASP FA 57 -143.54 82.88 41.88
CA ASP FA 57 -144.82 83.11 41.23
C ASP FA 57 -145.67 81.83 41.25
N GLY FA 66 -152.60 75.69 37.92
CA GLY FA 66 -154.05 75.68 37.88
C GLY FA 66 -154.65 76.68 38.86
N ASP FA 67 -155.98 76.76 38.87
CA ASP FA 67 -156.70 77.67 39.77
C ASP FA 67 -157.86 76.97 40.48
N ASP FA 68 -158.47 75.98 39.83
CA ASP FA 68 -159.67 75.37 40.38
C ASP FA 68 -159.36 74.61 41.67
N MET FA 69 -160.35 74.58 42.57
CA MET FA 69 -160.19 73.87 43.82
C MET FA 69 -160.12 72.36 43.61
N ASN FA 70 -160.64 71.86 42.49
CA ASN FA 70 -160.57 70.43 42.21
C ASN FA 70 -159.19 70.00 41.72
N TYR FA 71 -158.37 70.95 41.24
CA TYR FA 71 -157.08 70.65 40.64
C TYR FA 71 -155.98 70.88 41.67
N SER FA 72 -155.06 69.91 41.79
CA SER FA 72 -154.01 69.98 42.81
C SER FA 72 -152.99 71.07 42.54
N ALA FA 73 -152.97 71.65 41.33
CA ALA FA 73 -152.01 72.71 41.04
C ALA FA 73 -152.25 73.94 41.91
N PHE FA 74 -153.48 74.15 42.35
CA PHE FA 74 -153.85 75.21 43.28
C PHE FA 74 -154.43 74.69 44.58
N LYS FA 75 -155.18 73.59 44.53
CA LYS FA 75 -155.71 72.98 45.74
C LYS FA 75 -154.58 72.56 46.68
N LEU FA 76 -153.55 71.91 46.13
CA LEU FA 76 -152.45 71.36 46.90
C LEU FA 76 -151.10 71.84 46.40
N GLY FA 77 -151.03 72.54 45.27
CA GLY FA 77 -149.84 73.32 44.97
C GLY FA 77 -149.64 74.44 45.96
N LYS FA 78 -150.76 75.00 46.47
CA LYS FA 78 -150.67 75.98 47.54
C LYS FA 78 -150.04 75.36 48.78
N LEU FA 79 -150.39 74.11 49.09
CA LEU FA 79 -149.79 73.42 50.23
C LEU FA 79 -148.28 73.30 50.05
N ALA FA 80 -147.85 72.93 48.84
CA ALA FA 80 -146.42 72.82 48.58
C ALA FA 80 -145.72 74.17 48.70
N LEU FA 81 -146.36 75.23 48.21
CA LEU FA 81 -145.73 76.55 48.22
C LEU FA 81 -145.68 77.12 49.63
N LEU FA 82 -146.66 76.79 50.47
CA LEU FA 82 -146.72 77.36 51.81
C LEU FA 82 -145.57 76.88 52.69
N GLY FA 83 -144.99 75.71 52.37
CA GLY FA 83 -143.81 75.26 53.08
C GLY FA 83 -142.55 76.05 52.75
N ASN FA 84 -142.61 76.88 51.70
CA ASN FA 84 -141.52 77.80 51.36
C ASN FA 84 -140.25 77.06 50.98
N VAL FA 85 -140.38 75.96 50.22
CA VAL FA 85 -139.24 75.42 49.52
C VAL FA 85 -138.80 76.43 48.47
N LYS FA 86 -137.51 76.45 48.15
CA LYS FA 86 -136.98 77.49 47.27
C LYS FA 86 -137.62 77.43 45.89
N GLU FA 87 -138.03 76.25 45.43
CA GLU FA 87 -138.83 76.16 44.23
C GLU FA 87 -139.55 74.80 44.21
N LEU FA 88 -140.65 74.76 43.47
CA LEU FA 88 -141.51 73.59 43.38
C LEU FA 88 -141.44 73.01 41.97
N LEU FA 89 -141.37 71.69 41.88
CA LEU FA 89 -141.35 70.96 40.61
C LEU FA 89 -142.60 70.07 40.54
N LEU FA 90 -143.31 70.16 39.41
CA LEU FA 90 -144.66 69.64 39.29
C LEU FA 90 -144.72 68.47 38.32
N TYR FA 91 -145.70 67.59 38.52
CA TYR FA 91 -146.03 66.53 37.57
C TYR FA 91 -147.52 66.26 37.63
N ARG FA 92 -148.10 65.97 36.46
CA ARG FA 92 -149.55 65.87 36.29
C ARG FA 92 -149.96 64.42 36.10
N LEU FA 93 -150.98 64.00 36.85
CA LEU FA 93 -151.55 62.66 36.75
C LEU FA 93 -152.86 62.73 35.98
N VAL FA 94 -152.97 61.94 34.92
CA VAL FA 94 -154.15 61.95 34.05
C VAL FA 94 -154.44 60.53 33.60
N ASP FA 95 -155.72 60.25 33.33
CA ASP FA 95 -156.11 59.01 32.69
C ASP FA 95 -155.54 58.94 31.28
N GLY FA 96 -155.28 57.71 30.83
CA GLY FA 96 -154.79 57.53 29.46
C GLY FA 96 -155.76 58.03 28.42
N ASN FA 97 -157.06 57.85 28.67
CA ASN FA 97 -158.11 58.31 27.75
C ASN FA 97 -158.28 59.82 27.95
N GLN FA 98 -157.32 60.57 27.44
CA GLN FA 98 -157.31 62.02 27.60
C GLN FA 98 -156.38 62.62 26.55
N LYS FA 99 -156.86 63.65 25.86
CA LYS FA 99 -156.16 64.22 24.72
C LYS FA 99 -156.32 65.73 24.78
N LYS FA 100 -156.03 66.41 23.67
CA LYS FA 100 -156.03 67.86 23.57
C LYS FA 100 -157.26 68.36 22.80
N GLY FA 101 -157.78 69.50 23.23
CA GLY FA 101 -158.87 70.13 22.51
C GLY FA 101 -158.35 70.88 21.30
N THR FA 102 -159.14 70.85 20.22
CA THR FA 102 -158.75 71.42 18.93
C THR FA 102 -159.91 72.22 18.36
N LEU FA 103 -159.63 73.46 17.95
CA LEU FA 103 -160.59 74.34 17.29
C LEU FA 103 -160.01 74.77 15.95
N THR FA 104 -160.83 74.69 14.91
CA THR FA 104 -160.44 75.06 13.54
C THR FA 104 -161.22 76.30 13.13
N LEU FA 105 -160.53 77.25 12.49
CA LEU FA 105 -161.12 78.49 12.00
C LEU FA 105 -160.80 78.64 10.52
N LYS FA 106 -161.71 79.29 9.79
CA LYS FA 106 -161.63 79.41 8.34
C LYS FA 106 -161.93 80.84 7.92
N ASP FA 107 -161.47 81.20 6.72
CA ASP FA 107 -161.53 82.57 6.25
C ASP FA 107 -162.79 82.83 5.43
N THR FA 108 -163.08 84.12 5.22
CA THR FA 108 -164.23 84.55 4.43
C THR FA 108 -163.90 85.68 3.46
N THR FA 109 -162.63 86.03 3.28
CA THR FA 109 -162.27 87.03 2.26
C THR FA 109 -162.65 86.54 0.88
N GLU FA 110 -162.38 85.27 0.60
CA GLU FA 110 -162.85 84.60 -0.61
C GLU FA 110 -164.17 83.89 -0.30
N ASN FA 111 -164.91 83.57 -1.37
CA ASN FA 111 -166.24 82.99 -1.20
C ASN FA 111 -166.17 81.63 -0.52
N SER FA 112 -165.22 80.80 -0.92
CA SER FA 112 -165.05 79.46 -0.35
C SER FA 112 -164.13 79.55 0.86
N ALA FA 113 -164.64 79.15 2.01
CA ALA FA 113 -163.88 79.26 3.26
C ALA FA 113 -162.87 78.13 3.37
N LYS FA 114 -161.64 78.47 3.74
CA LYS FA 114 -160.55 77.53 3.92
C LYS FA 114 -159.86 77.79 5.24
N ASP FA 115 -159.36 76.73 5.87
CA ASP FA 115 -158.74 76.85 7.18
C ASP FA 115 -157.40 77.56 7.07
N VAL FA 116 -157.19 78.55 7.94
CA VAL FA 116 -155.96 79.34 7.96
C VAL FA 116 -155.34 79.35 9.36
N ILE FA 117 -156.16 79.17 10.40
CA ILE FA 117 -155.71 79.18 11.78
C ILE FA 117 -156.39 78.04 12.52
N LYS FA 118 -155.63 77.35 13.38
CA LYS FA 118 -156.14 76.35 14.29
C LYS FA 118 -155.65 76.68 15.70
N LEU FA 119 -156.54 76.57 16.68
CA LEU FA 119 -156.26 76.90 18.07
C LEU FA 119 -156.38 75.65 18.93
N GLU FA 120 -155.53 75.56 19.95
CA GLU FA 120 -155.49 74.42 20.84
C GLU FA 120 -155.23 74.90 22.28
N THR FA 121 -155.69 74.10 23.24
CA THR FA 121 -155.38 74.38 24.63
C THR FA 121 -153.88 74.17 24.88
N LYS FA 122 -153.34 74.97 25.79
CA LYS FA 122 -151.89 74.96 26.03
C LYS FA 122 -151.42 73.58 26.48
N TYR FA 123 -152.08 73.03 27.49
CA TYR FA 123 -151.95 71.64 27.87
C TYR FA 123 -153.19 70.86 27.44
N PRO FA 124 -153.10 69.54 27.23
CA PRO FA 124 -154.29 68.81 26.79
C PRO FA 124 -155.39 68.85 27.84
N THR FA 125 -156.62 69.04 27.38
CA THR FA 125 -157.77 69.15 28.27
C THR FA 125 -159.04 69.21 27.43
N ALA FA 126 -160.17 68.92 28.10
CA ALA FA 126 -161.50 69.12 27.53
C ALA FA 126 -162.19 70.34 28.12
N ARG FA 127 -161.47 71.19 28.85
CA ARG FA 127 -162.08 72.34 29.48
C ARG FA 127 -162.65 73.28 28.42
N ASN FA 128 -163.80 73.88 28.74
CA ASN FA 128 -164.50 74.76 27.81
C ASN FA 128 -163.80 76.12 27.77
N PHE FA 129 -162.59 76.11 27.20
CA PHE FA 129 -161.85 77.34 26.97
C PHE FA 129 -162.41 77.98 25.69
N ASN FA 130 -163.39 78.84 25.87
CA ASN FA 130 -164.18 79.37 24.77
C ASN FA 130 -163.50 80.60 24.17
N VAL FA 131 -163.70 80.77 22.86
CA VAL FA 131 -163.09 81.85 22.09
C VAL FA 131 -164.17 82.49 21.23
N THR FA 132 -164.21 83.82 21.23
CA THR FA 132 -165.13 84.59 20.40
C THR FA 132 -164.31 85.45 19.45
N ILE FA 133 -164.64 85.38 18.16
CA ILE FA 133 -163.97 86.13 17.11
C ILE FA 133 -165.01 86.92 16.36
N LYS FA 134 -164.78 88.23 16.23
CA LYS FA 134 -165.68 89.14 15.52
C LYS FA 134 -164.88 90.04 14.61
N SER FA 135 -165.49 90.43 13.49
CA SER FA 135 -164.91 91.44 12.63
C SER FA 135 -164.84 92.76 13.39
N ASN FA 136 -163.68 93.42 13.31
CA ASN FA 136 -163.48 94.64 14.10
C ASN FA 136 -164.44 95.73 13.65
N LEU FA 137 -164.83 96.60 14.59
CA LEU FA 137 -165.88 97.57 14.34
C LEU FA 137 -165.51 98.54 13.24
N VAL FA 138 -164.26 98.98 13.20
CA VAL FA 138 -163.81 100.01 12.27
C VAL FA 138 -163.32 99.36 10.97
N ASP FA 139 -162.28 98.55 11.07
CA ASP FA 139 -161.59 97.97 9.91
C ASP FA 139 -162.04 96.54 9.72
N SER FA 140 -162.52 96.22 8.50
CA SER FA 140 -162.91 94.85 8.21
C SER FA 140 -161.72 93.90 8.23
N ASP FA 141 -160.51 94.41 7.98
CA ASP FA 141 -159.32 93.57 7.98
C ASP FA 141 -159.01 93.02 9.37
N LYS FA 142 -159.27 93.79 10.42
CA LYS FA 142 -158.92 93.38 11.77
C LYS FA 142 -160.01 92.49 12.37
N LYS FA 143 -159.57 91.44 13.07
CA LYS FA 143 -160.45 90.52 13.77
C LYS FA 143 -160.15 90.58 15.26
N ASP FA 144 -161.19 90.75 16.06
CA ASP FA 144 -161.05 90.87 17.50
C ASP FA 144 -161.11 89.48 18.14
N PHE FA 145 -159.98 89.03 18.67
CA PHE FA 145 -159.89 87.75 19.37
C PHE FA 145 -160.17 87.98 20.84
N ILE FA 146 -161.26 87.40 21.34
CA ILE FA 146 -161.60 87.41 22.76
C ILE FA 146 -161.58 85.96 23.23
N PHE FA 147 -160.78 85.69 24.25
CA PHE FA 147 -160.64 84.36 24.83
C PHE FA 147 -161.35 84.31 26.18
N PHE FA 148 -161.80 83.12 26.55
CA PHE FA 148 -162.53 82.91 27.80
C PHE FA 148 -162.00 81.66 28.50
N GLU FA 149 -161.83 81.76 29.82
CA GLU FA 149 -161.51 80.56 30.60
C GLU FA 149 -162.68 79.59 30.57
N ASN FA 150 -163.82 80.00 31.11
CA ASN FA 150 -165.11 79.38 30.81
C ASN FA 150 -166.04 80.35 30.12
N THR FA 151 -166.32 81.50 30.75
CA THR FA 151 -167.00 82.62 30.08
C THR FA 151 -166.45 83.98 30.47
N LYS FA 152 -165.63 84.10 31.51
CA LYS FA 152 -165.08 85.40 31.90
C LYS FA 152 -164.00 85.83 30.93
N GLN FA 153 -163.94 87.13 30.65
CA GLN FA 153 -163.00 87.68 29.69
C GLN FA 153 -161.56 87.55 30.18
N LEU FA 154 -160.74 86.81 29.43
CA LEU FA 154 -159.33 86.60 29.76
C LEU FA 154 -158.41 87.53 28.97
N PHE FA 155 -158.51 87.49 27.64
CA PHE FA 155 -157.64 88.25 26.75
C PHE FA 155 -158.48 88.84 25.63
N SER FA 156 -158.17 90.07 25.24
CA SER FA 156 -158.88 90.76 24.17
C SER FA 156 -157.88 91.60 23.37
N SER FA 157 -157.86 91.40 22.05
CA SER FA 157 -156.96 92.15 21.18
C SER FA 157 -157.36 91.90 19.73
N SER FA 158 -156.65 92.56 18.83
CA SER FA 158 -156.87 92.41 17.40
C SER FA 158 -155.55 92.68 16.67
N ILE FA 159 -155.46 92.17 15.45
CA ILE FA 159 -154.25 92.27 14.63
C ILE FA 159 -154.67 92.64 13.21
N LYS FA 160 -153.74 93.28 12.48
CA LYS FA 160 -154.05 93.91 11.20
C LYS FA 160 -154.61 92.94 10.17
N GLY FA 161 -154.34 91.63 10.31
CA GLY FA 161 -154.99 90.63 9.46
C GLY FA 161 -154.12 89.48 9.00
N THR FA 162 -152.83 89.71 8.82
CA THR FA 162 -151.94 88.64 8.36
C THR FA 162 -151.85 87.55 9.43
N ILE FA 163 -151.81 86.29 8.96
CA ILE FA 163 -151.99 85.15 9.86
C ILE FA 163 -150.82 85.02 10.83
N ASP FA 164 -149.60 85.29 10.37
CA ASP FA 164 -148.43 85.13 11.23
C ASP FA 164 -148.50 86.05 12.43
N GLU FA 165 -148.85 87.32 12.21
CA GLU FA 165 -148.97 88.27 13.32
C GLU FA 165 -150.06 87.84 14.29
N ILE FA 166 -151.20 87.36 13.76
CA ILE FA 166 -152.29 86.93 14.62
C ILE FA 166 -151.85 85.77 15.50
N VAL FA 167 -151.23 84.75 14.90
CA VAL FA 167 -150.85 83.56 15.64
C VAL FA 167 -149.78 83.90 16.66
N LEU FA 168 -148.79 84.71 16.28
CA LEU FA 168 -147.71 85.05 17.21
C LEU FA 168 -148.21 85.93 18.34
N GLU FA 169 -149.17 86.82 18.04
CA GLU FA 169 -149.80 87.62 19.09
C GLU FA 169 -150.52 86.72 20.09
N ILE FA 170 -151.32 85.78 19.57
CA ILE FA 170 -152.09 84.89 20.44
C ILE FA 170 -151.17 83.99 21.26
N ASN FA 171 -150.01 83.63 20.70
CA ASN FA 171 -149.09 82.78 21.44
C ASN FA 171 -148.28 83.55 22.48
N SER FA 172 -147.90 84.79 22.17
CA SER FA 172 -146.91 85.51 22.96
C SER FA 172 -147.49 86.52 23.94
N ASN FA 173 -148.77 86.86 23.84
CA ASN FA 173 -149.32 87.87 24.74
C ASN FA 173 -149.42 87.33 26.15
N LEU FA 174 -149.44 88.26 27.12
CA LEU FA 174 -149.34 87.88 28.52
C LEU FA 174 -150.58 87.13 29.00
N ASP FA 175 -151.76 87.50 28.52
CA ASP FA 175 -153.01 86.91 29.00
C ASP FA 175 -153.38 85.63 28.24
N ASN FA 176 -152.53 85.14 27.35
CA ASN FA 176 -152.76 83.89 26.63
C ASN FA 176 -152.04 82.72 27.29
N GLU FA 177 -151.95 82.73 28.63
CA GLU FA 177 -151.35 81.62 29.36
C GLU FA 177 -152.15 80.33 29.22
N TYR FA 178 -153.41 80.41 28.78
CA TYR FA 178 -154.30 79.26 28.70
C TYR FA 178 -154.66 78.90 27.24
N VAL FA 179 -153.72 79.04 26.31
CA VAL FA 179 -153.98 78.68 24.93
C VAL FA 179 -152.66 78.61 24.17
N ILE FA 180 -152.63 77.78 23.13
CA ILE FA 180 -151.60 77.81 22.09
C ILE FA 180 -152.30 77.92 20.75
N ALA FA 181 -151.77 78.78 19.88
CA ALA FA 181 -152.29 78.99 18.53
C ALA FA 181 -151.21 78.63 17.52
N THR FA 182 -151.61 77.92 16.46
CA THR FA 182 -150.71 77.47 15.42
C THR FA 182 -151.31 77.77 14.05
N LYS FA 183 -150.43 78.07 13.09
CA LYS FA 183 -150.85 78.45 11.75
C LYS FA 183 -151.13 77.22 10.91
N VAL FA 184 -152.01 77.39 9.92
CA VAL FA 184 -152.27 76.34 8.92
C VAL FA 184 -151.45 76.57 7.67
N ALA FA 185 -151.53 77.77 7.09
CA ALA FA 185 -150.82 78.09 5.86
C ALA FA 185 -150.65 79.59 5.75
N ASP FA 186 -149.73 80.01 4.88
CA ASP FA 186 -149.50 81.43 4.65
C ASP FA 186 -150.70 82.04 3.92
N SER FA 187 -151.31 83.03 4.55
CA SER FA 187 -152.48 83.69 3.98
C SER FA 187 -152.59 85.10 4.56
N ASP FA 188 -153.32 85.94 3.84
CA ASP FA 188 -153.74 87.25 4.32
C ASP FA 188 -155.26 87.39 4.34
N THR FA 189 -155.99 86.28 4.26
CA THR FA 189 -157.44 86.31 4.33
C THR FA 189 -157.89 86.46 5.76
N ILE FA 190 -159.12 86.95 5.93
CA ILE FA 190 -159.66 87.32 7.24
C ILE FA 190 -160.64 86.25 7.68
N LEU FA 191 -160.68 85.98 8.97
CA LEU FA 191 -161.47 84.89 9.53
C LEU FA 191 -162.97 85.17 9.36
N ALA FA 192 -163.77 84.21 9.83
CA ALA FA 192 -165.21 84.40 9.96
C ALA FA 192 -165.54 84.94 11.34
N ASN FA 193 -166.84 85.13 11.60
CA ASN FA 193 -167.33 85.54 12.91
C ASN FA 193 -167.84 84.31 13.64
N VAL FA 194 -167.33 84.09 14.85
CA VAL FA 194 -167.74 82.99 15.70
C VAL FA 194 -167.73 83.46 17.15
N VAL FA 195 -168.61 82.84 17.95
CA VAL FA 195 -168.83 83.24 19.34
C VAL FA 195 -168.54 82.04 20.23
N ASN FA 196 -167.65 82.23 21.22
CA ASN FA 196 -167.50 81.32 22.35
C ASN FA 196 -167.14 79.90 21.90
N GLN FA 197 -166.36 79.78 20.83
CA GLN FA 197 -166.02 78.48 20.28
C GLN FA 197 -165.22 77.66 21.30
N ALA FA 198 -165.79 76.54 21.72
CA ALA FA 198 -165.20 75.70 22.76
C ALA FA 198 -164.20 74.72 22.15
N LEU FA 199 -162.97 74.73 22.65
CA LEU FA 199 -161.96 73.77 22.24
C LEU FA 199 -162.24 72.44 22.94
N GLU FA 200 -162.50 71.39 22.18
CA GLU FA 200 -162.92 70.10 22.71
C GLU FA 200 -162.25 68.99 21.93
N GLY FA 201 -162.23 67.80 22.54
CA GLY FA 201 -161.62 66.62 21.95
C GLY FA 201 -160.82 65.80 22.94
N GLY FA 202 -160.46 66.39 24.07
CA GLY FA 202 -159.62 65.75 25.08
C GLY FA 202 -160.43 65.16 26.21
N ASN FA 203 -159.92 65.33 27.43
CA ASN FA 203 -160.62 64.88 28.63
C ASN FA 203 -160.00 65.58 29.84
N ASP FA 204 -160.69 65.47 30.97
CA ASP FA 204 -160.24 66.14 32.18
C ASP FA 204 -158.98 65.47 32.72
N GLY FA 205 -158.14 66.27 33.41
CA GLY FA 205 -156.94 65.72 34.00
C GLY FA 205 -157.22 64.85 35.22
N CYS FA 206 -158.34 65.08 35.89
CA CYS FA 206 -158.78 64.27 37.01
C CYS FA 206 -159.73 63.15 36.58
N THR FA 207 -159.57 62.65 35.35
CA THR FA 207 -160.51 61.66 34.81
C THR FA 207 -160.50 60.38 35.64
N SER FA 208 -159.31 59.81 35.86
CA SER FA 208 -159.21 58.54 36.58
C SER FA 208 -157.82 58.46 37.20
N ILE FA 209 -157.73 58.70 38.50
CA ILE FA 209 -156.50 58.52 39.25
C ILE FA 209 -156.40 57.05 39.62
N THR FA 210 -155.48 56.33 38.96
CA THR FA 210 -155.33 54.90 39.12
C THR FA 210 -153.85 54.56 39.24
N ASN FA 211 -153.56 53.31 39.62
CA ASN FA 211 -152.19 52.91 39.90
C ASN FA 211 -151.32 52.99 38.65
N GLU FA 212 -151.85 52.57 37.51
CA GLU FA 212 -151.08 52.67 36.28
C GLU FA 212 -150.85 54.14 35.90
N SER FA 213 -151.83 55.01 36.22
CA SER FA 213 -151.64 56.43 35.99
C SER FA 213 -150.72 57.03 37.04
N TYR FA 214 -150.83 56.59 38.29
CA TYR FA 214 -150.02 57.14 39.37
C TYR FA 214 -148.55 56.81 39.18
N LEU FA 215 -148.24 55.60 38.72
CA LEU FA 215 -146.85 55.15 38.62
C LEU FA 215 -146.06 55.93 37.58
N LYS FA 216 -146.76 56.62 36.67
CA LYS FA 216 -146.07 57.41 35.65
C LYS FA 216 -145.20 58.49 36.28
N ALA FA 217 -145.69 59.10 37.37
CA ALA FA 217 -144.92 60.14 38.04
C ALA FA 217 -143.61 59.58 38.57
N LEU FA 218 -143.64 58.43 39.22
CA LEU FA 218 -142.42 57.81 39.74
C LEU FA 218 -141.50 57.42 38.60
N GLU FA 219 -142.06 56.86 37.52
CA GLU FA 219 -141.24 56.46 36.38
C GLU FA 219 -140.52 57.65 35.77
N GLU FA 220 -141.20 58.80 35.68
CA GLU FA 220 -140.57 60.00 35.12
C GLU FA 220 -139.58 60.61 36.10
N PHE FA 221 -139.90 60.59 37.40
CA PHE FA 221 -139.01 61.15 38.41
C PHE FA 221 -137.77 60.31 38.65
N GLU FA 222 -137.74 59.07 38.14
CA GLU FA 222 -136.50 58.29 38.21
C GLU FA 222 -135.32 59.03 37.59
N ARG FA 223 -135.57 59.81 36.55
CA ARG FA 223 -134.51 60.54 35.86
C ARG FA 223 -134.16 61.87 36.51
N TYR FA 224 -134.77 62.19 37.67
CA TYR FA 224 -134.54 63.43 38.37
C TYR FA 224 -134.31 63.16 39.86
N SER FA 225 -133.63 64.10 40.51
CA SER FA 225 -133.33 64.03 41.93
C SER FA 225 -133.96 65.23 42.63
N PHE FA 226 -134.57 64.97 43.79
CA PHE FA 226 -135.29 66.00 44.55
C PHE FA 226 -134.91 65.91 46.02
N ASP FA 227 -135.31 66.92 46.77
CA ASP FA 227 -135.17 66.88 48.22
C ASP FA 227 -136.20 65.95 48.85
N SER FA 228 -137.41 65.89 48.29
CA SER FA 228 -138.46 65.03 48.82
C SER FA 228 -139.50 64.78 47.74
N PHE FA 229 -140.30 63.75 47.96
CA PHE FA 229 -141.44 63.41 47.11
C PHE FA 229 -142.64 63.10 48.01
N VAL FA 230 -143.83 63.39 47.51
CA VAL FA 230 -145.07 63.19 48.26
C VAL FA 230 -146.09 62.51 47.35
N LEU FA 231 -146.91 61.65 47.94
CA LEU FA 231 -148.07 61.11 47.26
C LEU FA 231 -149.20 62.12 47.33
N ASP FA 232 -149.88 62.35 46.20
CA ASP FA 232 -150.87 63.41 46.13
C ASP FA 232 -152.22 62.95 46.65
N GLY FA 233 -152.35 62.82 47.96
CA GLY FA 233 -153.66 62.73 48.59
C GLY FA 233 -154.35 61.38 48.56
N VAL FA 234 -154.10 60.58 47.53
CA VAL FA 234 -154.82 59.32 47.37
C VAL FA 234 -154.25 58.30 48.34
N ALA FA 235 -154.88 58.20 49.52
CA ALA FA 235 -154.37 57.30 50.56
C ALA FA 235 -154.83 55.87 50.33
N ASP FA 236 -154.53 55.32 49.15
CA ASP FA 236 -154.76 53.92 48.86
C ASP FA 236 -153.49 53.15 49.21
N GLU FA 237 -153.63 52.06 49.97
CA GLU FA 237 -152.47 51.34 50.45
C GLU FA 237 -151.65 50.75 49.30
N ALA FA 238 -152.30 50.42 48.19
CA ALA FA 238 -151.57 49.89 47.05
C ALA FA 238 -150.59 50.91 46.50
N LEU FA 239 -151.04 52.16 46.33
CA LEU FA 239 -150.14 53.21 45.83
C LEU FA 239 -149.00 53.46 46.79
N GLN FA 240 -149.29 53.51 48.10
CA GLN FA 240 -148.24 53.76 49.08
C GLN FA 240 -147.23 52.62 49.11
N GLU FA 241 -147.69 51.38 49.00
CA GLU FA 241 -146.76 50.25 48.94
C GLU FA 241 -145.93 50.27 47.67
N THR FA 242 -146.54 50.67 46.54
CA THR FA 242 -145.77 50.79 45.30
C THR FA 242 -144.69 51.85 45.43
N THR FA 243 -145.04 52.99 46.02
CA THR FA 243 -144.04 54.03 46.25
C THR FA 243 -142.97 53.57 47.24
N LYS FA 244 -143.36 52.76 48.24
CA LYS FA 244 -142.38 52.19 49.16
C LYS FA 244 -141.37 51.33 48.41
N ALA FA 245 -141.87 50.45 47.53
CA ALA FA 245 -140.97 49.60 46.75
C ALA FA 245 -140.09 50.44 45.84
N TRP FA 246 -140.65 51.47 45.23
CA TRP FA 246 -139.87 52.34 44.34
C TRP FA 246 -138.76 53.05 45.10
N VAL FA 247 -139.09 53.60 46.28
CA VAL FA 247 -138.09 54.29 47.08
C VAL FA 247 -137.05 53.31 47.60
N ALA FA 248 -137.46 52.07 47.89
CA ALA FA 248 -136.49 51.07 48.31
C ALA FA 248 -135.51 50.75 47.17
N LYS FA 249 -136.03 50.63 45.95
CA LYS FA 249 -135.17 50.43 44.79
C LYS FA 249 -134.19 51.57 44.65
N ASN FA 250 -134.66 52.79 44.88
CA ASN FA 250 -133.76 53.95 44.84
C ASN FA 250 -132.75 53.90 45.98
N LYS FA 251 -133.16 53.40 47.15
CA LYS FA 251 -132.25 53.30 48.28
C LYS FA 251 -131.11 52.34 47.98
N GLU FA 252 -131.41 51.22 47.30
CA GLU FA 252 -130.33 50.38 46.80
C GLU FA 252 -129.47 51.14 45.80
N LEU FA 253 -130.10 51.97 44.97
CA LEU FA 253 -129.36 52.86 44.08
C LEU FA 253 -128.74 54.04 44.82
N GLY FA 254 -129.27 54.39 46.00
CA GLY FA 254 -128.73 55.45 46.83
C GLY FA 254 -129.52 56.74 46.81
N LYS FA 255 -130.51 56.89 45.91
CA LYS FA 255 -131.31 58.11 45.82
C LYS FA 255 -132.37 58.10 46.91
N ASP FA 256 -131.93 58.40 48.13
CA ASP FA 256 -132.84 58.42 49.29
C ASP FA 256 -133.71 59.67 49.27
N ILE FA 257 -134.62 59.71 48.30
CA ILE FA 257 -135.57 60.82 48.24
C ILE FA 257 -136.54 60.70 49.41
N LEU FA 258 -136.61 61.75 50.22
CA LEU FA 258 -137.45 61.73 51.41
C LEU FA 258 -138.92 61.65 51.00
N LEU FA 259 -139.56 60.54 51.38
CA LEU FA 259 -140.94 60.27 50.98
C LEU FA 259 -141.88 60.71 52.11
N PHE FA 260 -143.03 61.23 51.73
CA PHE FA 260 -144.09 61.61 52.67
C PHE FA 260 -145.43 61.06 52.18
N LEU FA 261 -146.21 60.51 53.12
CA LEU FA 261 -147.50 59.92 52.82
C LEU FA 261 -148.47 60.29 53.94
N GLY FA 262 -149.62 59.63 53.95
CA GLY FA 262 -150.59 59.81 55.02
C GLY FA 262 -151.75 58.86 54.84
N GLY FA 263 -152.48 58.66 55.93
CA GLY FA 263 -153.63 57.79 55.91
C GLY FA 263 -154.84 58.45 55.27
N LYS FA 264 -155.86 57.62 55.04
CA LYS FA 264 -157.09 58.09 54.43
C LYS FA 264 -157.97 58.79 55.45
N THR FA 265 -159.01 59.47 54.95
CA THR FA 265 -159.94 60.17 55.83
C THR FA 265 -160.69 59.24 56.77
N GLU FA 266 -160.80 57.96 56.43
CA GLU FA 266 -161.55 57.01 57.21
C GLU FA 266 -160.73 56.31 58.28
N ASP FA 267 -159.46 56.67 58.46
CA ASP FA 267 -158.60 56.05 59.45
C ASP FA 267 -158.67 56.82 60.75
N ASN FA 268 -158.99 56.11 61.83
CA ASN FA 268 -158.94 56.67 63.18
C ASN FA 268 -157.51 56.57 63.69
N ILE FA 269 -157.31 56.80 64.99
CA ILE FA 269 -155.99 56.65 65.58
C ILE FA 269 -155.49 55.22 65.42
N LYS FA 270 -156.40 54.25 65.60
CA LYS FA 270 -156.02 52.84 65.47
C LYS FA 270 -155.57 52.52 64.04
N GLN FA 271 -156.37 52.93 63.06
CA GLN FA 271 -156.02 52.65 61.67
C GLN FA 271 -154.74 53.37 61.26
N ILE FA 272 -154.60 54.62 61.70
CA ILE FA 272 -153.39 55.39 61.39
C ILE FA 272 -152.16 54.70 61.97
N ASN FA 273 -152.25 54.27 63.22
CA ASN FA 273 -151.12 53.60 63.86
C ASN FA 273 -150.80 52.28 63.18
N ASP FA 274 -151.83 51.52 62.81
CA ASP FA 274 -151.60 50.24 62.14
C ASP FA 274 -150.92 50.45 60.79
N LYS FA 275 -151.38 51.46 60.02
CA LYS FA 275 -150.79 51.70 58.71
C LYS FA 275 -149.38 52.25 58.83
N SER FA 276 -149.11 53.03 59.88
CA SER FA 276 -147.75 53.47 60.14
C SER FA 276 -146.85 52.28 60.49
N LYS FA 277 -147.37 51.35 61.31
CA LYS FA 277 -146.62 50.16 61.66
C LYS FA 277 -146.38 49.28 60.45
N SER FA 278 -147.26 49.34 59.45
CA SER FA 278 -147.07 48.55 58.24
C SER FA 278 -145.76 48.93 57.55
N PHE FA 279 -145.46 50.22 57.49
CA PHE FA 279 -144.18 50.69 56.98
C PHE FA 279 -143.15 50.72 58.11
N ASN FA 280 -141.87 50.56 57.74
CA ASN FA 280 -140.77 50.69 58.69
C ASN FA 280 -139.56 51.41 58.09
N ASP FA 281 -139.69 51.98 56.90
CA ASP FA 281 -138.56 52.58 56.21
C ASP FA 281 -138.14 53.88 56.88
N GLU FA 282 -136.86 54.22 56.74
CA GLU FA 282 -136.34 55.43 57.36
C GLU FA 282 -136.85 56.68 56.64
N ASN FA 283 -136.83 56.67 55.31
CA ASN FA 283 -137.17 57.85 54.53
C ASN FA 283 -138.66 58.03 54.28
N ILE FA 284 -139.50 57.11 54.77
CA ILE FA 284 -140.93 57.13 54.49
C ILE FA 284 -141.65 57.62 55.74
N VAL FA 285 -142.70 58.41 55.54
CA VAL FA 285 -143.45 59.07 56.61
C VAL FA 285 -144.93 58.84 56.38
N ASN FA 286 -145.70 58.85 57.46
CA ASN FA 286 -147.16 58.72 57.41
C ASN FA 286 -147.75 59.81 58.30
N VAL FA 287 -148.18 60.91 57.68
CA VAL FA 287 -148.90 61.94 58.42
C VAL FA 287 -150.20 61.33 58.95
N GLY FA 288 -150.54 61.66 60.19
CA GLY FA 288 -151.65 61.01 60.86
C GLY FA 288 -152.99 61.71 60.73
N SER FA 289 -153.02 63.00 61.03
CA SER FA 289 -154.27 63.74 61.19
C SER FA 289 -154.57 64.61 59.97
N SER FA 290 -155.85 64.65 59.60
CA SER FA 290 -156.31 65.59 58.60
C SER FA 290 -156.14 67.03 59.10
N ALA FA 291 -156.36 67.99 58.22
CA ALA FA 291 -156.15 69.39 58.57
C ALA FA 291 -157.04 70.30 57.73
N TYR FA 292 -157.26 71.50 58.26
CA TYR FA 292 -157.89 72.60 57.55
C TYR FA 292 -156.84 73.67 57.33
N TYR FA 293 -156.90 74.32 56.16
CA TYR FA 293 -156.16 75.56 55.93
C TYR FA 293 -157.12 76.73 55.72
N GLU FA 294 -157.99 76.65 54.72
CA GLU FA 294 -159.05 77.65 54.52
C GLU FA 294 -160.43 77.05 54.31
N ASN FA 295 -160.54 75.96 53.54
CA ASN FA 295 -161.85 75.41 53.20
C ASN FA 295 -161.93 73.88 53.26
N ILE FA 296 -160.81 73.20 53.02
CA ILE FA 296 -160.82 71.77 52.71
C ILE FA 296 -160.38 70.98 53.94
N LYS FA 297 -161.08 69.86 54.19
CA LYS FA 297 -160.58 68.84 55.10
C LYS FA 297 -159.52 68.01 54.36
N TYR FA 298 -158.32 68.58 54.30
CA TYR FA 298 -157.20 67.92 53.66
C TYR FA 298 -156.91 66.61 54.34
N THR FA 299 -156.74 65.55 53.54
CA THR FA 299 -156.42 64.26 54.10
C THR FA 299 -155.00 64.31 54.69
N PRO FA 300 -154.64 63.38 55.57
CA PRO FA 300 -153.23 63.28 55.96
C PRO FA 300 -152.31 63.13 54.77
N SER FA 301 -152.73 62.36 53.77
CA SER FA 301 -151.98 62.24 52.52
C SER FA 301 -151.92 63.55 51.75
N GLU FA 302 -152.94 64.40 51.85
CA GLU FA 302 -152.90 65.73 51.23
C GLU FA 302 -152.11 66.73 52.07
N VAL FA 303 -152.21 66.63 53.39
CA VAL FA 303 -151.38 67.45 54.28
C VAL FA 303 -149.91 67.12 54.09
N ALA FA 304 -149.61 65.89 53.66
CA ALA FA 304 -148.24 65.46 53.44
C ALA FA 304 -147.50 66.38 52.47
N VAL FA 305 -148.23 67.01 51.54
CA VAL FA 305 -147.58 67.93 50.60
C VAL FA 305 -146.95 69.09 51.34
N TYR FA 306 -147.73 69.76 52.19
CA TYR FA 306 -147.19 70.89 52.94
C TYR FA 306 -146.15 70.44 53.95
N ILE FA 307 -146.34 69.27 54.55
CA ILE FA 307 -145.36 68.77 55.51
C ILE FA 307 -144.03 68.50 54.83
N ALA FA 308 -144.06 67.89 53.65
CA ALA FA 308 -142.84 67.64 52.89
C ALA FA 308 -142.18 68.95 52.47
N ALA FA 309 -142.99 69.93 52.08
CA ALA FA 309 -142.45 71.24 51.71
C ALA FA 309 -141.73 71.88 52.90
N LEU FA 310 -142.35 71.81 54.09
CA LEU FA 310 -141.70 72.36 55.28
C LEU FA 310 -140.41 71.62 55.60
N SER FA 311 -140.43 70.29 55.50
CA SER FA 311 -139.23 69.51 55.80
C SER FA 311 -138.10 69.85 54.85
N VAL FA 312 -138.42 70.02 53.57
CA VAL FA 312 -137.40 70.39 52.59
C VAL FA 312 -136.88 71.79 52.86
N SER FA 313 -137.79 72.72 53.18
CA SER FA 313 -137.39 74.10 53.40
C SER FA 313 -136.48 74.23 54.62
N LYS FA 314 -136.78 73.46 55.68
CA LYS FA 314 -136.00 73.56 56.90
C LYS FA 314 -134.55 73.14 56.69
N GLY FA 315 -134.34 72.09 55.91
CA GLY FA 315 -132.98 71.63 55.68
C GLY FA 315 -132.42 70.91 56.89
N ILE FA 316 -131.10 70.72 56.87
CA ILE FA 316 -130.43 70.02 57.96
C ILE FA 316 -130.52 70.83 59.25
N THR FA 317 -130.32 72.15 59.14
CA THR FA 317 -130.31 72.99 60.33
C THR FA 317 -131.66 73.00 61.03
N GLY FA 318 -132.75 73.11 60.26
CA GLY FA 318 -134.07 73.26 60.83
C GLY FA 318 -134.72 71.91 61.11
N SER FA 319 -135.42 71.84 62.25
CA SER FA 319 -136.15 70.66 62.67
C SER FA 319 -137.57 71.06 63.04
N ILE FA 320 -138.53 70.22 62.66
CA ILE FA 320 -139.95 70.53 62.84
C ILE FA 320 -140.54 69.76 64.03
N CYS FA 321 -139.69 69.36 64.98
CA CYS FA 321 -140.19 68.60 66.13
C CYS FA 321 -141.09 69.45 67.03
N ASN FA 322 -140.90 70.78 67.02
CA ASN FA 322 -141.75 71.69 67.78
C ASN FA 322 -142.05 72.96 67.00
N ALA FA 323 -142.12 72.86 65.67
CA ALA FA 323 -142.30 74.01 64.81
C ALA FA 323 -143.77 74.29 64.54
N LYS FA 324 -144.10 75.57 64.42
CA LYS FA 324 -145.45 75.96 64.05
C LYS FA 324 -145.70 75.67 62.57
N THR FA 325 -146.97 75.43 62.23
CA THR FA 325 -147.39 75.14 60.86
C THR FA 325 -148.49 76.10 60.45
N ILE FA 326 -148.70 76.20 59.13
CA ILE FA 326 -149.66 77.15 58.58
C ILE FA 326 -151.09 76.75 58.93
N PHE FA 327 -151.33 75.47 59.22
CA PHE FA 327 -152.70 74.98 59.38
C PHE FA 327 -153.40 75.63 60.56
N GLU FA 328 -154.70 75.86 60.40
CA GLU FA 328 -155.54 76.43 61.46
C GLU FA 328 -156.06 75.37 62.42
N GLU FA 329 -156.25 74.14 61.96
CA GLU FA 329 -156.76 73.07 62.81
C GLU FA 329 -156.41 71.73 62.20
N VAL FA 330 -156.31 70.72 63.07
CA VAL FA 330 -156.05 69.34 62.66
C VAL FA 330 -156.87 68.42 63.55
N GLU FA 331 -157.38 67.34 62.94
CA GLU FA 331 -158.12 66.31 63.65
C GLU FA 331 -157.74 64.95 63.08
N PRO FA 332 -157.83 63.87 63.88
CA PRO FA 332 -158.33 63.77 65.27
C PRO FA 332 -157.34 64.30 66.30
N ARG FA 333 -157.83 64.89 67.37
CA ARG FA 333 -156.96 65.41 68.43
C ARG FA 333 -156.35 64.27 69.23
N LEU FA 334 -155.22 64.56 69.87
CA LEU FA 334 -154.43 63.56 70.56
C LEU FA 334 -153.94 64.11 71.90
N SER FA 335 -154.21 63.36 72.97
CA SER FA 335 -153.68 63.67 74.28
C SER FA 335 -152.27 63.08 74.40
N GLN FA 336 -151.72 63.05 75.62
CA GLN FA 336 -150.39 62.48 75.81
C GLN FA 336 -150.36 61.01 75.43
N SER FA 337 -151.37 60.25 75.84
CA SER FA 337 -151.41 58.83 75.51
C SER FA 337 -151.56 58.62 74.00
N GLU FA 338 -152.46 59.37 73.37
CA GLU FA 338 -152.64 59.25 71.92
C GLU FA 338 -151.39 59.70 71.18
N VAL FA 339 -150.76 60.78 71.64
CA VAL FA 339 -149.52 61.26 71.02
C VAL FA 339 -148.45 60.18 71.10
N LYS FA 340 -148.26 59.60 72.28
CA LYS FA 340 -147.24 58.57 72.45
C LYS FA 340 -147.53 57.35 71.59
N GLU FA 341 -148.78 56.92 71.55
CA GLU FA 341 -149.15 55.76 70.76
C GLU FA 341 -148.91 56.00 69.28
N CYS FA 342 -149.28 57.18 68.78
CA CYS FA 342 -149.11 57.47 67.37
C CYS FA 342 -147.63 57.62 67.02
N LEU FA 343 -146.85 58.29 67.87
CA LEU FA 343 -145.43 58.45 67.58
C LEU FA 343 -144.71 57.10 67.61
N LYS FA 344 -145.03 56.26 68.58
CA LYS FA 344 -144.35 54.96 68.69
C LYS FA 344 -144.71 54.06 67.52
N SER FA 345 -145.93 54.16 67.02
CA SER FA 345 -146.34 53.38 65.86
C SER FA 345 -145.71 53.87 64.55
N GLY FA 346 -145.07 55.04 64.56
CA GLY FA 346 -144.43 55.58 63.38
C GLY FA 346 -145.19 56.67 62.68
N THR FA 347 -146.08 57.38 63.37
CA THR FA 347 -146.90 58.42 62.78
C THR FA 347 -146.32 59.79 63.12
N LEU FA 348 -146.29 60.67 62.13
CA LEU FA 348 -145.91 62.07 62.34
C LEU FA 348 -147.13 62.81 62.89
N VAL FA 349 -147.16 63.00 64.20
CA VAL FA 349 -148.36 63.50 64.87
C VAL FA 349 -148.47 65.00 64.67
N LEU FA 350 -149.62 65.45 64.19
CA LEU FA 350 -150.01 66.86 64.19
C LEU FA 350 -151.20 67.02 65.13
N ASP FA 351 -151.14 68.03 65.99
CA ASP FA 351 -152.21 68.31 66.93
C ASP FA 351 -152.33 69.82 67.12
N PHE FA 352 -153.55 70.27 67.41
CA PHE FA 352 -153.79 71.65 67.82
C PHE FA 352 -153.62 71.80 69.32
N ASP FA 353 -152.45 71.40 69.81
CA ASP FA 353 -152.19 71.35 71.25
C ASP FA 353 -152.07 72.73 71.88
N ASP FA 354 -151.97 73.79 71.07
CA ASP FA 354 -151.91 75.16 71.56
C ASP FA 354 -152.76 76.02 70.64
N GLY FA 355 -152.58 77.34 70.71
CA GLY FA 355 -153.34 78.26 69.87
C GLY FA 355 -153.10 78.09 68.38
N ASP FA 356 -152.04 77.37 68.00
CA ASP FA 356 -151.76 77.05 66.61
C ASP FA 356 -151.35 75.59 66.50
N VAL FA 357 -151.45 75.06 65.28
CA VAL FA 357 -151.07 73.67 65.04
C VAL FA 357 -149.58 73.49 65.28
N ILE FA 358 -149.23 72.38 65.93
CA ILE FA 358 -147.84 72.06 66.26
C ILE FA 358 -147.57 70.63 65.81
N ILE FA 359 -146.47 70.45 65.08
CA ILE FA 359 -145.95 69.11 64.82
C ILE FA 359 -145.30 68.61 66.12
N VAL FA 360 -145.86 67.55 66.70
CA VAL FA 360 -145.42 67.14 68.03
C VAL FA 360 -144.00 66.58 67.96
N ASP FA 361 -143.67 65.86 66.90
CA ASP FA 361 -142.31 65.38 66.71
C ASP FA 361 -142.10 65.04 65.24
N ASP FA 362 -140.86 65.21 64.78
CA ASP FA 362 -140.46 64.94 63.40
C ASP FA 362 -140.05 63.49 63.19
N VAL FA 363 -141.02 62.56 63.28
CA VAL FA 363 -140.72 61.13 63.32
C VAL FA 363 -141.04 60.49 61.98
N ASN FA 364 -140.45 59.32 61.75
CA ASN FA 364 -140.57 58.55 60.51
C ASN FA 364 -141.09 57.16 60.80
N THR FA 365 -141.30 56.39 59.73
CA THR FA 365 -141.81 55.03 59.89
C THR FA 365 -140.81 54.12 60.62
N PHE FA 366 -139.53 54.47 60.60
CA PHE FA 366 -138.53 53.74 61.37
C PHE FA 366 -138.57 54.09 62.87
N LYS FA 367 -139.51 54.93 63.31
CA LYS FA 367 -139.65 55.19 64.74
C LYS FA 367 -140.02 53.91 65.50
N LYS FA 368 -140.62 52.93 64.82
CA LYS FA 368 -140.68 51.56 65.32
C LYS FA 368 -139.32 50.92 65.05
N TYR FA 369 -138.33 51.39 65.81
CA TYR FA 369 -136.93 51.11 65.54
C TYR FA 369 -136.57 49.69 65.99
N VAL FA 370 -135.28 49.36 65.85
CA VAL FA 370 -134.71 48.09 66.28
C VAL FA 370 -133.43 48.38 67.06
N ASP FA 371 -132.97 47.36 67.79
CA ASP FA 371 -132.07 47.60 68.93
C ASP FA 371 -130.75 48.23 68.52
N ASP FA 372 -130.18 47.82 67.38
CA ASP FA 372 -128.84 48.30 67.03
C ASP FA 372 -128.82 49.81 66.77
N LYS FA 373 -129.86 50.34 66.15
CA LYS FA 373 -129.97 51.77 65.84
C LYS FA 373 -130.75 52.47 66.94
N ASN FA 374 -130.19 53.56 67.46
CA ASN FA 374 -130.86 54.31 68.51
C ASN FA 374 -132.06 55.07 67.95
N GLU FA 375 -132.85 55.65 68.86
CA GLU FA 375 -134.03 56.39 68.46
C GLU FA 375 -133.68 57.67 67.69
N ALA FA 376 -132.44 58.15 67.79
CA ALA FA 376 -132.04 59.30 67.00
C ALA FA 376 -132.09 59.01 65.50
N MET FA 377 -131.99 57.74 65.10
CA MET FA 377 -132.17 57.36 63.71
C MET FA 377 -133.59 57.65 63.22
N GLY FA 378 -134.57 57.68 64.11
CA GLY FA 378 -135.96 57.78 63.74
C GLY FA 378 -136.49 59.17 63.46
N TYR FA 379 -135.61 60.15 63.31
CA TYR FA 379 -136.01 61.54 63.04
C TYR FA 379 -135.72 61.86 61.58
N ILE FA 380 -136.70 62.48 60.92
CA ILE FA 380 -136.61 62.71 59.47
C ILE FA 380 -135.44 63.62 59.15
N SER FA 381 -135.23 64.66 59.96
CA SER FA 381 -134.10 65.57 59.74
C SER FA 381 -132.79 64.81 59.85
N ASN FA 382 -132.70 63.91 60.83
CA ASN FA 382 -131.49 63.10 60.96
C ASN FA 382 -131.27 62.20 59.76
N ILE FA 383 -132.36 61.65 59.20
CA ILE FA 383 -132.23 60.78 58.03
C ILE FA 383 -131.74 61.58 56.82
N MET FA 384 -132.30 62.78 56.63
CA MET FA 384 -131.84 63.62 55.53
C MET FA 384 -130.38 64.02 55.72
N PHE FA 385 -130.00 64.27 56.97
CA PHE FA 385 -128.61 64.56 57.31
C PHE FA 385 -127.70 63.38 56.95
N ILE FA 386 -128.15 62.17 57.26
CA ILE FA 386 -127.41 60.96 56.90
C ILE FA 386 -127.28 60.85 55.38
N ASN FA 387 -128.36 61.14 54.65
CA ASN FA 387 -128.31 61.06 53.19
C ASN FA 387 -127.33 62.08 52.62
N THR FA 388 -127.32 63.29 53.18
CA THR FA 388 -126.36 64.30 52.73
C THR FA 388 -124.93 63.83 52.95
N ILE FA 389 -124.66 63.26 54.13
CA ILE FA 389 -123.32 62.74 54.37
C ILE FA 389 -122.99 61.61 53.41
N ASN FA 390 -123.98 60.78 53.09
CA ASN FA 390 -123.74 59.70 52.13
C ASN FA 390 -123.37 60.25 50.76
N LYS FA 391 -124.05 61.31 50.33
CA LYS FA 391 -123.72 61.93 49.04
C LYS FA 391 -122.32 62.53 49.07
N ASP FA 392 -121.97 63.23 50.15
CA ASP FA 392 -120.64 63.83 50.24
C ASP FA 392 -119.56 62.76 50.27
N THR FA 393 -119.82 61.65 50.97
CA THR FA 393 -118.85 60.56 50.98
C THR FA 393 -118.81 59.82 49.66
N SER FA 394 -119.87 59.89 48.86
CA SER FA 394 -119.78 59.40 47.48
C SER FA 394 -118.92 60.31 46.62
N LEU FA 395 -118.97 61.61 46.88
CA LEU FA 395 -118.02 62.51 46.23
C LEU FA 395 -116.59 62.14 46.62
N LYS FA 396 -116.38 61.84 47.90
CA LYS FA 396 -115.07 61.35 48.34
C LYS FA 396 -114.72 60.04 47.66
N ARG FA 397 -115.71 59.17 47.45
CA ARG FA 397 -115.49 57.90 46.76
C ARG FA 397 -114.95 58.12 45.37
N LYS FA 398 -115.62 58.98 44.58
CA LYS FA 398 -115.14 59.23 43.23
C LYS FA 398 -113.82 60.03 43.25
N GLU FA 399 -113.50 60.69 44.36
CA GLU FA 399 -112.21 61.36 44.46
C GLU FA 399 -111.05 60.37 44.57
N PHE FA 400 -111.29 59.21 45.20
CA PHE FA 400 -110.21 58.27 45.53
C PHE FA 400 -110.42 56.93 44.85
N VAL FA 401 -110.66 56.95 43.54
CA VAL FA 401 -110.80 55.74 42.74
C VAL FA 401 -109.46 55.02 42.66
N GLY FA 402 -109.44 53.84 42.03
CA GLY FA 402 -108.36 52.88 42.14
C GLY FA 402 -106.94 53.30 41.78
N LYS FA 403 -106.74 54.58 41.41
CA LYS FA 403 -105.37 55.10 41.32
C LYS FA 403 -104.59 54.84 42.61
N ILE FA 404 -105.26 54.95 43.76
CA ILE FA 404 -104.67 54.57 45.03
C ILE FA 404 -104.70 53.05 45.14
N PHE FA 405 -103.65 52.47 45.73
CA PHE FA 405 -103.58 51.03 45.92
C PHE FA 405 -104.47 50.59 47.08
N ASN FA 406 -104.93 49.35 47.00
CA ASN FA 406 -105.72 48.74 48.07
C ASN FA 406 -104.78 48.12 49.10
N ASP FA 407 -104.12 49.01 49.85
CA ASP FA 407 -103.19 48.65 50.89
C ASP FA 407 -103.55 49.45 52.14
N ALA FA 408 -102.85 49.15 53.25
CA ALA FA 408 -103.08 49.89 54.48
C ALA FA 408 -102.86 51.38 54.31
N THR FA 409 -101.93 51.78 53.44
CA THR FA 409 -101.67 53.19 53.21
C THR FA 409 -102.86 53.88 52.55
N GLY FA 410 -103.43 53.26 51.52
CA GLY FA 410 -104.59 53.85 50.85
C GLY FA 410 -105.81 53.89 51.75
N GLN FA 411 -106.03 52.82 52.52
CA GLN FA 411 -107.13 52.82 53.46
C GLN FA 411 -106.95 53.91 54.51
N THR FA 412 -105.72 54.09 54.99
CA THR FA 412 -105.45 55.15 55.94
C THR FA 412 -105.69 56.52 55.31
N THR FA 413 -105.33 56.68 54.03
CA THR FA 413 -105.56 57.95 53.35
C THR FA 413 -107.06 58.27 53.27
N VAL FA 414 -107.86 57.29 52.84
CA VAL FA 414 -109.30 57.51 52.72
C VAL FA 414 -109.91 57.78 54.09
N ILE FA 415 -109.52 57.00 55.10
CA ILE FA 415 -110.05 57.18 56.43
C ILE FA 415 -109.68 58.54 56.98
N CYS FA 416 -108.45 59.00 56.70
CA CYS FA 416 -108.04 60.32 57.15
C CYS FA 416 -108.84 61.42 56.45
N ALA FA 417 -109.12 61.25 55.16
CA ALA FA 417 -109.93 62.23 54.45
C ALA FA 417 -111.32 62.33 55.07
N LEU FA 418 -111.93 61.18 55.37
CA LEU FA 418 -113.24 61.19 56.01
C LEU FA 418 -113.16 61.80 57.41
N LYS FA 419 -112.09 61.50 58.14
CA LYS FA 419 -111.91 62.07 59.47
C LYS FA 419 -111.81 63.58 59.42
N LYS FA 420 -111.07 64.12 58.45
CA LYS FA 420 -110.98 65.56 58.29
C LYS FA 420 -112.31 66.16 57.89
N TYR FA 421 -113.08 65.44 57.06
CA TYR FA 421 -114.41 65.93 56.70
C TYR FA 421 -115.30 66.05 57.93
N PHE FA 422 -115.30 65.02 58.78
CA PHE FA 422 -116.11 65.08 60.00
C PHE FA 422 -115.56 66.12 60.98
N GLU FA 423 -114.24 66.32 61.01
CA GLU FA 423 -113.68 67.39 61.83
C GLU FA 423 -114.18 68.75 61.36
N GLU FA 424 -114.23 68.96 60.04
CA GLU FA 424 -114.74 70.21 59.49
C GLU FA 424 -116.21 70.39 59.86
N LEU FA 425 -117.00 69.33 59.76
CA LEU FA 425 -118.41 69.43 60.14
C LEU FA 425 -118.55 69.75 61.62
N MET FA 426 -117.73 69.12 62.47
CA MET FA 426 -117.76 69.42 63.90
C MET FA 426 -117.40 70.88 64.15
N SER FA 427 -116.41 71.39 63.43
CA SER FA 427 -116.04 72.80 63.56
C SER FA 427 -117.21 73.69 63.17
N GLN FA 428 -117.93 73.33 62.10
CA GLN FA 428 -119.14 74.04 61.76
C GLN FA 428 -120.24 73.85 62.81
N GLY FA 429 -120.15 72.80 63.62
CA GLY FA 429 -121.00 72.61 64.78
C GLY FA 429 -122.08 71.56 64.63
N ILE FA 430 -122.29 71.01 63.43
CA ILE FA 430 -123.37 70.05 63.25
C ILE FA 430 -123.07 68.76 64.00
N ILE FA 431 -121.85 68.24 63.85
CA ILE FA 431 -121.44 67.01 64.54
C ILE FA 431 -120.95 67.37 65.93
N SER FA 432 -121.30 66.54 66.91
CA SER FA 432 -120.81 66.65 68.28
C SER FA 432 -119.79 65.58 68.64
N GLU FA 433 -119.75 64.47 67.90
CA GLU FA 433 -118.75 63.43 68.08
C GLU FA 433 -118.80 62.55 66.83
N PHE FA 434 -117.69 61.89 66.52
CA PHE FA 434 -117.64 61.02 65.35
C PHE FA 434 -116.58 59.95 65.54
N ASN FA 435 -116.82 58.80 64.89
CA ASN FA 435 -115.86 57.70 64.89
C ASN FA 435 -116.02 56.98 63.55
N VAL FA 436 -115.17 57.31 62.59
CA VAL FA 436 -115.16 56.68 61.27
C VAL FA 436 -113.96 55.74 61.22
N ASP FA 437 -114.21 54.47 60.92
CA ASP FA 437 -113.22 53.42 61.03
C ASP FA 437 -113.39 52.43 59.88
N ILE FA 438 -112.42 51.53 59.76
CA ILE FA 438 -112.51 50.45 58.77
C ILE FA 438 -113.69 49.57 59.14
N ASP FA 439 -114.49 49.19 58.13
CA ASP FA 439 -115.60 48.27 58.34
C ASP FA 439 -115.04 46.86 58.37
N THR FA 440 -114.54 46.48 59.56
CA THR FA 440 -113.81 45.23 59.70
C THR FA 440 -114.67 44.01 59.36
N GLU FA 441 -115.96 44.06 59.70
CA GLU FA 441 -116.83 42.92 59.43
C GLU FA 441 -116.93 42.64 57.93
N LEU FA 442 -117.04 43.70 57.12
CA LEU FA 442 -117.12 43.55 55.67
C LEU FA 442 -115.75 43.55 55.00
N GLN FA 443 -114.75 44.17 55.62
CA GLN FA 443 -113.43 44.27 55.00
C GLN FA 443 -112.63 43.00 55.12
N ALA FA 444 -112.93 42.14 56.10
CA ALA FA 444 -112.18 40.91 56.27
C ALA FA 444 -112.34 39.99 55.06
N THR FA 445 -113.55 39.93 54.51
CA THR FA 445 -113.84 39.14 53.32
C THR FA 445 -113.76 39.96 52.04
N ALA FA 446 -113.26 41.20 52.11
CA ALA FA 446 -113.20 42.05 50.93
C ALA FA 446 -112.20 41.52 49.92
N LYS FA 447 -112.61 41.53 48.66
CA LYS FA 447 -111.70 41.21 47.56
C LYS FA 447 -110.72 42.36 47.36
N ALA FA 448 -109.82 42.20 46.39
CA ALA FA 448 -108.80 43.21 46.14
C ALA FA 448 -109.43 44.54 45.72
N ASP FA 449 -110.45 44.50 44.88
CA ASP FA 449 -111.02 45.72 44.30
C ASP FA 449 -111.88 46.49 45.30
N GLU FA 450 -112.51 45.83 46.26
CA GLU FA 450 -113.53 46.44 47.10
C GLU FA 450 -112.96 46.81 48.46
N PHE FA 451 -113.42 47.95 48.98
CA PHE FA 451 -113.07 48.43 50.30
C PHE FA 451 -114.33 48.93 50.99
N TYR FA 452 -114.42 48.67 52.30
CA TYR FA 452 -115.57 49.04 53.11
C TYR FA 452 -115.15 49.93 54.27
N TRP FA 453 -116.06 50.80 54.68
CA TRP FA 453 -115.85 51.69 55.82
C TRP FA 453 -117.20 52.04 56.42
N LYS FA 454 -117.19 52.74 57.54
CA LYS FA 454 -118.42 53.05 58.25
C LYS FA 454 -118.18 54.24 59.16
N TRP FA 455 -119.23 55.06 59.33
CA TRP FA 455 -119.17 56.25 60.15
C TRP FA 455 -120.37 56.30 61.09
N ASP FA 456 -120.13 56.82 62.29
CA ASP FA 456 -121.18 57.05 63.27
C ASP FA 456 -120.88 58.36 63.97
N ALA FA 457 -121.93 59.16 64.21
CA ALA FA 457 -121.74 60.48 64.81
C ALA FA 457 -122.99 60.88 65.58
N VAL FA 458 -122.79 61.63 66.65
CA VAL FA 458 -123.85 62.16 67.48
C VAL FA 458 -124.22 63.55 66.98
N LYS FA 459 -125.47 63.94 67.18
CA LYS FA 459 -126.02 65.17 66.64
C LYS FA 459 -126.69 65.97 67.74
N VAL FA 460 -126.80 67.27 67.51
CA VAL FA 460 -127.38 68.17 68.51
C VAL FA 460 -128.86 67.86 68.69
N ASP FA 461 -129.30 67.87 69.95
CA ASP FA 461 -130.70 67.63 70.28
C ASP FA 461 -131.49 68.94 70.29
N VAL FA 462 -132.79 68.82 70.10
CA VAL FA 462 -133.73 69.92 70.23
C VAL FA 462 -135.00 69.38 70.88
N MET FA 463 -135.35 69.90 72.04
CA MET FA 463 -136.52 69.43 72.78
C MET FA 463 -137.78 70.13 72.29
N ARG GA 36 -112.48 114.28 11.99
CA ARG GA 36 -112.13 114.65 10.62
C ARG GA 36 -113.24 114.23 9.66
N LEU GA 37 -113.95 115.22 9.12
CA LEU GA 37 -115.05 115.00 8.19
C LEU GA 37 -114.66 115.54 6.82
N ALA GA 38 -114.82 114.72 5.79
CA ALA GA 38 -114.51 115.10 4.42
C ALA GA 38 -115.76 115.66 3.77
N MET GA 39 -115.76 116.98 3.54
CA MET GA 39 -116.93 117.69 3.03
C MET GA 39 -116.72 118.03 1.56
N PRO GA 40 -117.51 117.48 0.61
CA PRO GA 40 -117.38 117.90 -0.81
C PRO GA 40 -118.21 119.15 -1.12
N ILE GA 41 -117.70 120.32 -0.72
CA ILE GA 41 -118.48 121.56 -0.80
C ILE GA 41 -118.78 121.93 -2.24
N ARG GA 42 -120.06 122.14 -2.55
CA ARG GA 42 -120.50 122.72 -3.81
C ARG GA 42 -120.44 124.24 -3.69
N ALA GA 43 -119.23 124.78 -3.83
CA ALA GA 43 -118.95 126.18 -3.52
C ALA GA 43 -118.11 126.83 -4.61
N ASN GA 44 -118.35 128.12 -4.82
CA ASN GA 44 -117.44 128.92 -5.65
C ASN GA 44 -116.14 129.21 -4.92
N TRP GA 45 -116.14 129.17 -3.59
CA TRP GA 45 -114.96 129.40 -2.78
C TRP GA 45 -114.38 128.05 -2.33
N GLY GA 46 -113.09 128.07 -2.03
CA GLY GA 46 -112.33 126.86 -1.80
C GLY GA 46 -111.50 126.48 -3.02
N ASP GA 47 -110.49 125.63 -2.77
CA ASP GA 47 -109.60 125.21 -3.83
C ASP GA 47 -110.18 124.02 -4.58
N VAL GA 48 -109.99 124.01 -5.89
CA VAL GA 48 -110.50 122.96 -6.76
C VAL GA 48 -109.49 121.82 -6.80
N GLY GA 49 -109.96 120.60 -6.58
CA GLY GA 49 -109.12 119.44 -6.78
C GLY GA 49 -108.04 119.23 -5.73
N LYS GA 50 -108.22 119.77 -4.53
CA LYS GA 50 -107.21 119.64 -3.49
C LYS GA 50 -107.88 119.65 -2.12
N VAL GA 51 -107.28 118.92 -1.18
CA VAL GA 51 -107.79 118.80 0.17
C VAL GA 51 -107.12 119.85 1.05
N VAL GA 52 -107.93 120.60 1.79
CA VAL GA 52 -107.44 121.61 2.73
C VAL GA 52 -108.28 121.53 4.01
N THR GA 53 -107.64 121.83 5.13
CA THR GA 53 -108.27 121.79 6.44
C THR GA 53 -108.47 123.21 6.97
N ILE GA 54 -109.46 123.36 7.85
CA ILE GA 54 -109.77 124.63 8.49
C ILE GA 54 -109.90 124.40 9.98
N LYS GA 55 -109.33 125.31 10.77
CA LYS GA 55 -109.37 125.22 12.22
C LYS GA 55 -110.71 125.73 12.74
N ASN GA 56 -110.80 125.99 14.05
CA ASN GA 56 -112.03 126.49 14.66
C ASN GA 56 -112.49 127.85 14.09
N ASP GA 57 -111.68 128.57 13.31
CA ASP GA 57 -112.13 129.79 12.66
C ASP GA 57 -113.09 129.45 11.53
N GLY GA 66 -116.27 129.99 2.00
CA GLY GA 66 -117.22 130.86 1.32
C GLY GA 66 -118.12 131.59 2.29
N ASP GA 67 -118.99 132.45 1.75
CA ASP GA 67 -119.94 133.21 2.55
C ASP GA 67 -121.36 133.15 1.99
N ASP GA 68 -121.48 133.01 0.67
CA ASP GA 68 -122.80 133.06 0.04
C ASP GA 68 -123.64 131.87 0.45
N MET GA 69 -124.95 132.10 0.53
CA MET GA 69 -125.89 131.02 0.87
C MET GA 69 -125.93 129.96 -0.22
N ASN GA 70 -125.64 130.33 -1.47
CA ASN GA 70 -125.64 129.35 -2.55
C ASN GA 70 -124.41 128.43 -2.49
N TYR GA 71 -123.35 128.86 -1.82
CA TYR GA 71 -122.10 128.10 -1.78
C TYR GA 71 -122.07 127.28 -0.50
N SER GA 72 -121.78 125.98 -0.63
CA SER GA 72 -121.82 125.07 0.50
C SER GA 72 -120.66 125.26 1.47
N ALA GA 73 -119.67 126.08 1.13
CA ALA GA 73 -118.59 126.36 2.08
C ALA GA 73 -119.10 127.10 3.30
N PHE GA 74 -120.24 127.77 3.18
CA PHE GA 74 -120.93 128.42 4.29
C PHE GA 74 -122.33 127.85 4.54
N LYS GA 75 -123.03 127.43 3.50
CA LYS GA 75 -124.37 126.87 3.66
C LYS GA 75 -124.33 125.50 4.32
N LEU GA 76 -123.48 124.60 3.83
CA LEU GA 76 -123.22 123.31 4.48
C LEU GA 76 -121.95 123.29 5.30
N GLY GA 77 -121.04 124.24 5.07
CA GLY GA 77 -119.89 124.36 5.95
C GLY GA 77 -120.30 124.69 7.38
N LYS GA 78 -121.33 125.52 7.53
CA LYS GA 78 -121.88 125.78 8.86
C LYS GA 78 -122.43 124.51 9.48
N LEU GA 79 -123.11 123.69 8.68
CA LEU GA 79 -123.63 122.43 9.19
C LEU GA 79 -122.50 121.51 9.66
N ALA GA 80 -121.41 121.46 8.88
CA ALA GA 80 -120.27 120.65 9.29
C ALA GA 80 -119.63 121.18 10.57
N LEU GA 81 -119.54 122.50 10.70
CA LEU GA 81 -118.87 123.08 11.87
C LEU GA 81 -119.73 122.96 13.12
N LEU GA 82 -121.05 122.97 12.96
CA LEU GA 82 -121.94 122.97 14.13
C LEU GA 82 -121.87 121.64 14.89
N GLY GA 83 -121.49 120.56 14.22
CA GLY GA 83 -121.32 119.29 14.92
C GLY GA 83 -120.08 119.24 15.77
N ASN GA 84 -119.20 120.24 15.66
CA ASN GA 84 -118.04 120.40 16.55
C ASN GA 84 -117.05 119.24 16.43
N VAL GA 85 -116.77 118.83 15.18
CA VAL GA 85 -115.60 118.01 14.94
C VAL GA 85 -114.37 118.88 15.16
N LYS GA 86 -113.27 118.26 15.60
CA LYS GA 86 -112.10 119.04 15.99
C LYS GA 86 -111.51 119.81 14.81
N GLU GA 87 -111.74 119.36 13.59
CA GLU GA 87 -111.34 120.12 12.41
C GLU GA 87 -112.09 119.60 11.20
N LEU GA 88 -112.28 120.48 10.23
CA LEU GA 88 -113.03 120.19 9.01
C LEU GA 88 -112.10 120.23 7.81
N LEU GA 89 -112.24 119.26 6.91
CA LEU GA 89 -111.45 119.17 5.68
C LEU GA 89 -112.38 119.27 4.49
N LEU GA 90 -112.05 120.14 3.54
CA LEU GA 90 -112.95 120.59 2.50
C LEU GA 90 -112.49 120.12 1.12
N TYR GA 91 -113.45 119.95 0.22
CA TYR GA 91 -113.19 119.70 -1.18
C TYR GA 91 -114.27 120.36 -2.02
N ARG GA 92 -113.86 120.92 -3.17
CA ARG GA 92 -114.72 121.75 -4.00
C ARG GA 92 -115.15 120.99 -5.26
N LEU GA 93 -116.46 121.02 -5.54
CA LEU GA 93 -117.03 120.41 -6.73
C LEU GA 93 -117.34 121.50 -7.76
N VAL GA 94 -116.78 121.36 -8.96
CA VAL GA 94 -116.94 122.35 -10.02
C VAL GA 94 -117.07 121.63 -11.36
N ASP GA 95 -117.78 122.27 -12.29
CA ASP GA 95 -117.81 121.80 -13.67
C ASP GA 95 -116.42 121.92 -14.29
N GLY GA 96 -116.13 121.04 -15.26
CA GLY GA 96 -114.87 121.12 -15.97
C GLY GA 96 -114.70 122.43 -16.71
N ASN GA 97 -115.78 122.96 -17.28
CA ASN GA 97 -115.76 124.23 -18.01
C ASN GA 97 -115.76 125.36 -16.99
N GLN GA 98 -114.60 125.54 -16.35
CA GLN GA 98 -114.45 126.53 -15.29
C GLN GA 98 -112.97 126.81 -15.10
N LYS GA 99 -112.62 128.09 -15.05
CA LYS GA 99 -111.21 128.52 -15.04
C LYS GA 99 -111.09 129.69 -14.06
N LYS GA 100 -109.98 130.42 -14.15
CA LYS GA 100 -109.65 131.52 -13.27
C LYS GA 100 -109.83 132.86 -13.96
N GLY GA 101 -110.28 133.86 -13.19
CA GLY GA 101 -110.39 135.21 -13.71
C GLY GA 101 -109.03 135.90 -13.70
N THR GA 102 -108.78 136.71 -14.73
CA THR GA 102 -107.51 137.37 -14.94
C THR GA 102 -107.73 138.83 -15.29
N LEU GA 103 -107.02 139.72 -14.60
CA LEU GA 103 -107.04 141.15 -14.86
C LEU GA 103 -105.61 141.62 -15.11
N THR GA 104 -105.43 142.41 -16.17
CA THR GA 104 -104.13 142.94 -16.56
C THR GA 104 -104.13 144.46 -16.35
N LEU GA 105 -103.03 144.97 -15.79
CA LEU GA 105 -102.86 146.40 -15.54
C LEU GA 105 -101.55 146.86 -16.17
N LYS GA 106 -101.53 148.12 -16.60
CA LYS GA 106 -100.40 148.68 -17.33
C LYS GA 106 -100.06 150.06 -16.78
N ASP GA 107 -98.83 150.49 -17.02
CA ASP GA 107 -98.29 151.70 -16.42
C ASP GA 107 -98.48 152.90 -17.33
N THR GA 108 -98.31 154.09 -16.74
CA THR GA 108 -98.42 155.36 -17.46
C THR GA 108 -97.30 156.33 -17.15
N THR GA 109 -96.25 155.91 -16.43
CA THR GA 109 -95.10 156.78 -16.21
C THR GA 109 -94.44 157.15 -17.54
N GLU GA 110 -94.30 156.16 -18.42
CA GLU GA 110 -93.87 156.39 -19.79
C GLU GA 110 -95.09 156.51 -20.69
N ASN GA 111 -94.90 157.09 -21.87
CA ASN GA 111 -96.01 157.38 -22.77
C ASN GA 111 -96.70 156.10 -23.23
N SER GA 112 -95.91 155.09 -23.59
CA SER GA 112 -96.44 153.81 -24.06
C SER GA 112 -96.68 152.91 -22.85
N ALA GA 113 -97.94 152.51 -22.64
CA ALA GA 113 -98.28 151.70 -21.48
C ALA GA 113 -97.88 150.25 -21.70
N LYS GA 114 -97.26 149.66 -20.68
CA LYS GA 114 -96.81 148.28 -20.70
C LYS GA 114 -97.26 147.58 -19.42
N ASP GA 115 -97.58 146.30 -19.52
CA ASP GA 115 -98.07 145.57 -18.36
C ASP GA 115 -96.96 145.34 -17.35
N VAL GA 116 -97.25 145.64 -16.08
CA VAL GA 116 -96.31 145.48 -14.98
C VAL GA 116 -96.90 144.65 -13.85
N ILE GA 117 -98.24 144.62 -13.73
CA ILE GA 117 -98.93 143.88 -12.69
C ILE GA 117 -100.11 143.16 -13.32
N LYS GA 118 -100.34 141.92 -12.90
CA LYS GA 118 -101.52 141.14 -13.25
C LYS GA 118 -102.14 140.59 -11.97
N LEU GA 119 -103.47 140.66 -11.89
CA LEU GA 119 -104.22 140.23 -10.71
C LEU GA 119 -105.14 139.09 -11.08
N GLU GA 120 -105.33 138.17 -10.13
CA GLU GA 120 -106.17 136.99 -10.33
C GLU GA 120 -106.91 136.68 -9.05
N THR GA 121 -108.06 136.02 -9.20
CA THR GA 121 -108.80 135.54 -8.04
C THR GA 121 -108.01 134.43 -7.34
N LYS GA 122 -108.16 134.38 -6.02
CA LYS GA 122 -107.36 133.43 -5.22
C LYS GA 122 -107.61 132.00 -5.65
N TYR GA 123 -108.88 131.60 -5.70
CA TYR GA 123 -109.32 130.37 -6.32
C TYR GA 123 -109.98 130.67 -7.66
N PRO GA 124 -110.01 129.73 -8.62
CA PRO GA 124 -110.63 130.05 -9.91
C PRO GA 124 -112.11 130.34 -9.77
N THR GA 125 -112.57 131.37 -10.48
CA THR GA 125 -113.96 131.80 -10.41
C THR GA 125 -114.20 132.88 -11.45
N ALA GA 126 -115.48 133.06 -11.78
CA ALA GA 126 -115.93 134.18 -12.60
C ALA GA 126 -116.59 135.27 -11.77
N ARG GA 127 -116.47 135.21 -10.45
CA ARG GA 127 -117.14 136.19 -9.59
C ARG GA 127 -116.59 137.58 -9.86
N ASN GA 128 -117.49 138.58 -9.83
CA ASN GA 128 -117.13 139.96 -10.12
C ASN GA 128 -116.39 140.56 -8.92
N PHE GA 129 -115.17 140.08 -8.71
CA PHE GA 129 -114.29 140.64 -7.69
C PHE GA 129 -113.64 141.88 -8.29
N ASN GA 130 -114.30 143.01 -8.10
CA ASN GA 130 -113.94 144.25 -8.77
C ASN GA 130 -112.82 144.96 -8.00
N VAL GA 131 -111.96 145.64 -8.75
CA VAL GA 131 -110.80 146.34 -8.21
C VAL GA 131 -110.75 147.73 -8.79
N THR GA 132 -110.58 148.73 -7.93
CA THR GA 132 -110.45 150.13 -8.33
C THR GA 132 -109.06 150.60 -7.97
N ILE GA 133 -108.34 151.12 -8.97
CA ILE GA 133 -106.99 151.66 -8.80
C ILE GA 133 -107.01 153.10 -9.28
N LYS GA 134 -106.57 154.01 -8.42
CA LYS GA 134 -106.54 155.43 -8.72
C LYS GA 134 -105.23 156.02 -8.21
N SER GA 135 -104.83 157.13 -8.82
CA SER GA 135 -103.63 157.83 -8.37
C SER GA 135 -103.87 158.42 -6.99
N ASN GA 136 -102.90 158.27 -6.11
CA ASN GA 136 -103.05 158.76 -4.74
C ASN GA 136 -103.16 160.29 -4.74
N LEU GA 137 -103.94 160.81 -3.80
CA LEU GA 137 -104.30 162.22 -3.80
C LEU GA 137 -103.07 163.11 -3.66
N VAL GA 138 -102.14 162.73 -2.79
CA VAL GA 138 -101.00 163.58 -2.47
C VAL GA 138 -99.84 163.30 -3.43
N ASP GA 139 -99.34 162.06 -3.41
CA ASP GA 139 -98.16 161.68 -4.16
C ASP GA 139 -98.56 160.95 -5.43
N SER GA 140 -98.04 161.42 -6.57
CA SER GA 140 -98.33 160.74 -7.83
C SER GA 140 -97.62 159.39 -7.92
N ASP GA 141 -96.59 159.17 -7.11
CA ASP GA 141 -95.84 157.92 -7.15
C ASP GA 141 -96.53 156.76 -6.44
N LYS GA 142 -97.57 157.03 -5.65
CA LYS GA 142 -98.30 156.00 -4.91
C LYS GA 142 -99.65 155.77 -5.57
N LYS GA 143 -100.02 154.50 -5.70
CA LYS GA 143 -101.27 154.09 -6.34
C LYS GA 143 -102.17 153.42 -5.31
N ASP GA 144 -103.39 153.93 -5.18
CA ASP GA 144 -104.38 153.33 -4.29
C ASP GA 144 -104.89 152.03 -4.89
N PHE GA 145 -105.11 151.03 -4.03
CA PHE GA 145 -105.70 149.76 -4.41
C PHE GA 145 -106.90 149.50 -3.54
N ILE GA 146 -108.10 149.60 -4.12
CA ILE GA 146 -109.35 149.33 -3.43
C ILE GA 146 -109.96 148.09 -4.09
N PHE GA 147 -110.14 147.04 -3.30
CA PHE GA 147 -110.70 145.78 -3.77
C PHE GA 147 -112.15 145.67 -3.33
N PHE GA 148 -112.95 144.96 -4.12
CA PHE GA 148 -114.37 144.78 -3.87
C PHE GA 148 -114.73 143.31 -4.02
N GLU GA 149 -115.53 142.79 -3.08
CA GLU GA 149 -116.08 141.45 -3.25
C GLU GA 149 -117.04 141.42 -4.45
N ASN GA 150 -118.12 142.19 -4.38
CA ASN GA 150 -118.89 142.58 -5.55
C ASN GA 150 -118.84 144.09 -5.75
N THR GA 151 -119.27 144.87 -4.76
CA THR GA 151 -119.07 146.31 -4.74
C THR GA 151 -118.71 146.86 -3.36
N LYS GA 152 -118.88 146.10 -2.28
CA LYS GA 152 -118.56 146.59 -0.95
C LYS GA 152 -117.05 146.61 -0.75
N GLN GA 153 -116.57 147.63 -0.03
CA GLN GA 153 -115.15 147.84 0.19
C GLN GA 153 -114.56 146.74 1.07
N LEU GA 154 -113.65 145.95 0.51
CA LEU GA 154 -112.98 144.87 1.23
C LEU GA 154 -111.63 145.33 1.78
N PHE GA 155 -110.73 145.76 0.91
CA PHE GA 155 -109.37 146.17 1.28
C PHE GA 155 -109.07 147.49 0.59
N SER GA 156 -108.39 148.40 1.31
CA SER GA 156 -108.04 149.71 0.78
C SER GA 156 -106.66 150.09 1.31
N SER GA 157 -105.74 150.35 0.39
CA SER GA 157 -104.38 150.75 0.76
C SER GA 157 -103.67 151.31 -0.47
N SER GA 158 -102.55 151.97 -0.22
CA SER GA 158 -101.71 152.54 -1.27
C SER GA 158 -100.26 152.21 -0.99
N ILE GA 159 -99.51 151.88 -2.04
CA ILE GA 159 -98.10 151.50 -1.93
C ILE GA 159 -97.34 152.22 -3.03
N LYS GA 160 -96.06 152.49 -2.75
CA LYS GA 160 -95.23 153.24 -3.69
C LYS GA 160 -95.01 152.45 -4.99
N GLY GA 161 -94.32 153.09 -5.92
CA GLY GA 161 -94.33 152.66 -7.31
C GLY GA 161 -93.63 151.34 -7.56
N THR GA 162 -92.72 150.92 -6.69
CA THR GA 162 -92.00 149.67 -6.91
C THR GA 162 -92.98 148.49 -6.88
N ILE GA 163 -92.86 147.62 -7.87
CA ILE GA 163 -93.88 146.59 -8.08
C ILE GA 163 -93.86 145.54 -6.97
N ASP GA 164 -92.67 145.23 -6.45
CA ASP GA 164 -92.55 144.17 -5.45
C ASP GA 164 -93.32 144.52 -4.18
N GLU GA 165 -93.21 145.76 -3.72
CA GLU GA 165 -93.95 146.18 -2.53
C GLU GA 165 -95.45 146.10 -2.75
N ILE GA 166 -95.91 146.53 -3.93
CA ILE GA 166 -97.34 146.51 -4.23
C ILE GA 166 -97.85 145.06 -4.22
N VAL GA 167 -97.11 144.17 -4.89
CA VAL GA 167 -97.54 142.78 -4.98
C VAL GA 167 -97.52 142.12 -3.61
N LEU GA 168 -96.47 142.38 -2.81
CA LEU GA 168 -96.40 141.79 -1.48
C LEU GA 168 -97.53 142.30 -0.59
N GLU GA 169 -97.88 143.59 -0.71
CA GLU GA 169 -98.99 144.13 0.04
C GLU GA 169 -100.29 143.45 -0.37
N ILE GA 170 -100.54 143.36 -1.67
CA ILE GA 170 -101.80 142.81 -2.16
C ILE GA 170 -101.92 141.33 -1.84
N ASN GA 171 -100.80 140.62 -1.72
CA ASN GA 171 -100.86 139.18 -1.42
C ASN GA 171 -100.94 138.92 0.08
N SER GA 172 -100.22 139.70 0.89
CA SER GA 172 -99.99 139.36 2.30
C SER GA 172 -100.88 140.11 3.27
N ASN GA 173 -101.59 141.15 2.84
CA ASN GA 173 -102.43 141.89 3.77
C ASN GA 173 -103.62 141.04 4.21
N LEU GA 174 -104.16 141.38 5.39
CA LEU GA 174 -105.17 140.54 6.02
C LEU GA 174 -106.48 140.53 5.25
N ASP GA 175 -106.82 141.65 4.61
CA ASP GA 175 -108.09 141.78 3.90
C ASP GA 175 -108.03 141.33 2.45
N ASN GA 176 -106.91 140.78 2.00
CA ASN GA 176 -106.76 140.27 0.65
C ASN GA 176 -106.97 138.76 0.59
N GLU GA 177 -107.88 138.24 1.42
CA GLU GA 177 -108.18 136.80 1.40
C GLU GA 177 -108.85 136.37 0.09
N TYR GA 178 -109.35 137.32 -0.71
CA TYR GA 178 -110.10 137.03 -1.92
C TYR GA 178 -109.36 137.50 -3.19
N VAL GA 179 -108.03 137.40 -3.21
CA VAL GA 179 -107.26 137.78 -4.40
C VAL GA 179 -105.85 137.23 -4.27
N ILE GA 180 -105.23 136.96 -5.43
CA ILE GA 180 -103.80 136.74 -5.56
C ILE GA 180 -103.28 137.72 -6.60
N ALA GA 181 -102.14 138.35 -6.32
CA ALA GA 181 -101.49 139.29 -7.23
C ALA GA 181 -100.10 138.76 -7.57
N THR GA 182 -99.75 138.84 -8.86
CA THR GA 182 -98.47 138.35 -9.36
C THR GA 182 -97.82 139.41 -10.24
N LYS GA 183 -96.50 139.50 -10.15
CA LYS GA 183 -95.74 140.50 -10.90
C LYS GA 183 -95.53 140.05 -12.34
N VAL GA 184 -95.42 141.04 -13.23
CA VAL GA 184 -95.06 140.80 -14.63
C VAL GA 184 -93.56 140.94 -14.84
N ALA GA 185 -92.99 142.07 -14.43
CA ALA GA 185 -91.57 142.32 -14.60
C ALA GA 185 -91.13 143.37 -13.58
N ASP GA 186 -89.82 143.45 -13.37
CA ASP GA 186 -89.25 144.44 -12.46
C ASP GA 186 -89.47 145.84 -13.03
N SER GA 187 -90.11 146.71 -12.24
CA SER GA 187 -90.41 148.06 -12.70
C SER GA 187 -90.57 148.96 -11.48
N ASP GA 188 -90.49 150.27 -11.75
CA ASP GA 188 -90.83 151.30 -10.78
C ASP GA 188 -91.81 152.32 -11.36
N THR GA 189 -92.57 151.94 -12.37
CA THR GA 189 -93.52 152.84 -13.01
C THR GA 189 -94.82 152.88 -12.22
N ILE GA 190 -95.75 153.70 -12.69
CA ILE GA 190 -96.99 154.02 -11.99
C ILE GA 190 -98.16 153.55 -12.85
N LEU GA 191 -99.10 152.85 -12.24
CA LEU GA 191 -100.22 152.26 -12.95
C LEU GA 191 -101.11 153.35 -13.55
N ALA GA 192 -102.09 152.91 -14.34
CA ALA GA 192 -103.14 153.79 -14.82
C ALA GA 192 -104.27 153.86 -13.80
N ASN GA 193 -105.23 154.76 -14.06
CA ASN GA 193 -106.42 154.89 -13.23
C ASN GA 193 -107.52 154.01 -13.82
N VAL GA 194 -108.03 153.10 -13.00
CA VAL GA 194 -109.12 152.21 -13.39
C VAL GA 194 -110.02 151.97 -12.19
N VAL GA 195 -111.32 151.86 -12.45
CA VAL GA 195 -112.35 151.76 -11.41
C VAL GA 195 -113.08 150.44 -11.58
N ASN GA 196 -113.15 149.66 -10.50
CA ASN GA 196 -114.05 148.51 -10.41
C ASN GA 196 -113.74 147.46 -11.47
N GLN GA 197 -112.48 147.30 -11.82
CA GLN GA 197 -112.08 146.33 -12.83
C GLN GA 197 -112.42 144.91 -12.38
N ALA GA 198 -113.31 144.25 -13.13
CA ALA GA 198 -113.79 142.93 -12.78
C ALA GA 198 -112.87 141.86 -13.34
N LEU GA 199 -112.43 140.94 -12.47
CA LEU GA 199 -111.64 139.80 -12.90
C LEU GA 199 -112.59 138.75 -13.47
N GLU GA 200 -112.37 138.38 -14.73
CA GLU GA 200 -113.27 137.48 -15.45
C GLU GA 200 -112.45 136.55 -16.34
N GLY GA 201 -113.09 135.46 -16.75
CA GLY GA 201 -112.46 134.46 -17.59
C GLY GA 201 -112.79 133.03 -17.18
N GLY GA 202 -113.25 132.84 -15.95
CA GLY GA 202 -113.52 131.52 -15.39
C GLY GA 202 -114.98 131.15 -15.49
N ASN GA 203 -115.49 130.54 -14.42
CA ASN GA 203 -116.90 130.17 -14.33
C ASN GA 203 -117.23 129.90 -12.87
N ASP GA 204 -118.53 129.80 -12.59
CA ASP GA 204 -118.99 129.59 -11.22
C ASP GA 204 -118.65 128.18 -10.75
N GLY GA 205 -118.43 128.04 -9.44
CA GLY GA 205 -118.16 126.72 -8.88
C GLY GA 205 -119.37 125.82 -8.87
N CYS GA 206 -120.57 126.39 -8.83
CA CYS GA 206 -121.82 125.64 -8.92
C CYS GA 206 -122.33 125.53 -10.35
N THR GA 207 -121.42 125.52 -11.33
CA THR GA 207 -121.82 125.55 -12.74
C THR GA 207 -122.65 124.33 -13.11
N SER GA 208 -122.13 123.13 -12.83
CA SER GA 208 -122.82 121.90 -13.21
C SER GA 208 -122.39 120.80 -12.26
N ILE GA 209 -123.30 120.39 -11.38
CA ILE GA 209 -123.07 119.27 -10.47
C ILE GA 209 -123.42 118.00 -11.23
N THR GA 210 -122.40 117.23 -11.61
CA THR GA 210 -122.57 116.05 -12.44
C THR GA 210 -121.76 114.90 -11.83
N ASN GA 211 -122.02 113.70 -12.34
CA ASN GA 211 -121.52 112.49 -11.68
C ASN GA 211 -120.00 112.44 -11.69
N GLU GA 212 -119.36 112.76 -12.81
CA GLU GA 212 -117.91 112.76 -12.86
C GLU GA 212 -117.33 113.83 -11.94
N SER GA 213 -117.95 115.01 -11.92
CA SER GA 213 -117.47 116.09 -11.07
C SER GA 213 -117.57 115.71 -9.60
N TYR GA 214 -118.67 115.07 -9.21
CA TYR GA 214 -118.80 114.55 -7.85
C TYR GA 214 -117.75 113.48 -7.57
N LEU GA 215 -117.51 112.60 -8.55
CA LEU GA 215 -116.59 111.49 -8.35
C LEU GA 215 -115.15 111.98 -8.21
N LYS GA 216 -114.85 113.19 -8.69
CA LYS GA 216 -113.53 113.78 -8.44
C LYS GA 216 -113.21 113.82 -6.95
N ALA GA 217 -114.21 114.14 -6.13
CA ALA GA 217 -113.99 114.21 -4.69
C ALA GA 217 -113.58 112.87 -4.12
N LEU GA 218 -114.28 111.81 -4.51
CA LEU GA 218 -113.93 110.47 -4.02
C LEU GA 218 -112.55 110.05 -4.52
N GLU GA 219 -112.25 110.35 -5.79
CA GLU GA 219 -110.95 110.00 -6.35
C GLU GA 219 -109.82 110.69 -5.59
N GLU GA 220 -110.02 111.96 -5.22
CA GLU GA 220 -109.00 112.68 -4.48
C GLU GA 220 -108.92 112.21 -3.04
N PHE GA 221 -110.07 111.92 -2.41
CA PHE GA 221 -110.10 111.46 -1.03
C PHE GA 221 -109.58 110.03 -0.88
N GLU GA 222 -109.39 109.29 -1.97
CA GLU GA 222 -108.76 107.97 -1.87
C GLU GA 222 -107.39 108.06 -1.19
N ARG GA 223 -106.67 109.15 -1.40
CA ARG GA 223 -105.33 109.31 -0.83
C ARG GA 223 -105.34 109.84 0.59
N TYR GA 224 -106.51 110.01 1.21
CA TYR GA 224 -106.64 110.53 2.55
C TYR GA 224 -107.60 109.67 3.36
N SER GA 225 -107.43 109.70 4.68
CA SER GA 225 -108.25 108.95 5.62
C SER GA 225 -108.98 109.92 6.53
N PHE GA 226 -110.27 109.66 6.75
CA PHE GA 226 -111.12 110.53 7.56
C PHE GA 226 -111.96 109.68 8.50
N ASP GA 227 -112.53 110.35 9.50
CA ASP GA 227 -113.50 109.67 10.37
C ASP GA 227 -114.80 109.41 9.63
N SER GA 228 -115.21 110.31 8.73
CA SER GA 228 -116.45 110.16 7.99
C SER GA 228 -116.37 110.98 6.71
N PHE GA 229 -117.24 110.62 5.76
CA PHE GA 229 -117.43 111.37 4.54
C PHE GA 229 -118.93 111.51 4.29
N VAL GA 230 -119.32 112.65 3.70
CA VAL GA 230 -120.71 112.98 3.47
C VAL GA 230 -120.88 113.43 2.02
N LEU GA 231 -122.11 113.30 1.53
CA LEU GA 231 -122.48 113.85 0.23
C LEU GA 231 -123.06 115.24 0.42
N ASP GA 232 -122.86 116.10 -0.56
CA ASP GA 232 -123.28 117.49 -0.47
C ASP GA 232 -124.71 117.69 -0.97
N GLY GA 233 -125.68 117.14 -0.25
CA GLY GA 233 -127.08 117.48 -0.48
C GLY GA 233 -127.76 116.82 -1.67
N VAL GA 234 -127.00 116.49 -2.71
CA VAL GA 234 -127.59 116.02 -3.95
C VAL GA 234 -128.08 114.60 -3.78
N ALA GA 235 -129.37 114.44 -3.51
CA ALA GA 235 -129.96 113.11 -3.34
C ALA GA 235 -130.29 112.43 -4.66
N ASP GA 236 -129.32 112.37 -5.57
CA ASP GA 236 -129.44 111.61 -6.81
C ASP GA 236 -128.93 110.20 -6.52
N GLU GA 237 -129.79 109.20 -6.71
CA GLU GA 237 -129.45 107.84 -6.29
C GLU GA 237 -128.25 107.29 -7.04
N ALA GA 238 -127.98 107.79 -8.25
CA ALA GA 238 -126.81 107.33 -8.98
C ALA GA 238 -125.52 107.70 -8.25
N LEU GA 239 -125.44 108.94 -7.76
CA LEU GA 239 -124.25 109.36 -7.00
C LEU GA 239 -124.11 108.57 -5.71
N GLN GA 240 -125.23 108.32 -5.03
CA GLN GA 240 -125.17 107.58 -3.77
C GLN GA 240 -124.76 106.13 -4.00
N GLU GA 241 -125.23 105.52 -5.10
CA GLU GA 241 -124.78 104.16 -5.42
C GLU GA 241 -123.32 104.13 -5.81
N THR GA 242 -122.85 105.16 -6.53
CA THR GA 242 -121.43 105.23 -6.86
C THR GA 242 -120.58 105.34 -5.60
N THR GA 243 -121.02 106.17 -4.64
CA THR GA 243 -120.29 106.28 -3.39
C THR GA 243 -120.39 104.99 -2.58
N LYS GA 244 -121.52 104.27 -2.68
CA LYS GA 244 -121.64 102.96 -2.05
C LYS GA 244 -120.58 102.01 -2.59
N ALA GA 245 -120.44 101.95 -3.92
CA ALA GA 245 -119.45 101.08 -4.52
C ALA GA 245 -118.04 101.51 -4.11
N TRP GA 246 -117.79 102.82 -4.06
CA TRP GA 246 -116.48 103.32 -3.66
C TRP GA 246 -116.15 102.92 -2.23
N VAL GA 247 -117.11 103.10 -1.32
CA VAL GA 247 -116.88 102.75 0.08
C VAL GA 247 -116.75 101.24 0.24
N ALA GA 248 -117.45 100.47 -0.59
CA ALA GA 248 -117.29 99.02 -0.56
C ALA GA 248 -115.87 98.63 -0.98
N LYS GA 249 -115.37 99.26 -2.04
CA LYS GA 249 -113.99 99.04 -2.46
C LYS GA 249 -113.02 99.35 -1.33
N ASN GA 250 -113.30 100.44 -0.60
CA ASN GA 250 -112.46 100.78 0.55
C ASN GA 250 -112.61 99.74 1.66
N LYS GA 251 -113.81 99.20 1.84
CA LYS GA 251 -114.04 98.19 2.87
C LYS GA 251 -113.22 96.94 2.57
N GLU GA 252 -113.13 96.54 1.31
CA GLU GA 252 -112.20 95.48 0.95
C GLU GA 252 -110.76 95.90 1.25
N LEU GA 253 -110.44 97.18 1.02
CA LEU GA 253 -109.15 97.71 1.41
C LEU GA 253 -109.06 97.96 2.91
N GLY GA 254 -110.20 98.09 3.60
CA GLY GA 254 -110.23 98.28 5.05
C GLY GA 254 -110.54 99.68 5.51
N LYS GA 255 -110.51 100.67 4.61
CA LYS GA 255 -110.75 102.07 4.99
C LYS GA 255 -112.25 102.30 5.14
N ASP GA 256 -112.78 101.82 6.27
CA ASP GA 256 -114.21 101.93 6.56
C ASP GA 256 -114.57 103.37 6.96
N ILE GA 257 -114.49 104.27 5.98
CA ILE GA 257 -114.89 105.65 6.23
C ILE GA 257 -116.40 105.68 6.41
N LEU GA 258 -116.85 106.17 7.56
CA LEU GA 258 -118.26 106.16 7.90
C LEU GA 258 -119.01 107.13 6.99
N LEU GA 259 -119.85 106.60 6.11
CA LEU GA 259 -120.54 107.38 5.10
C LEU GA 259 -121.87 107.88 5.64
N PHE GA 260 -122.33 109.02 5.13
CA PHE GA 260 -123.64 109.58 5.43
C PHE GA 260 -124.30 110.07 4.14
N LEU GA 261 -125.59 109.81 4.01
CA LEU GA 261 -126.37 110.23 2.86
C LEU GA 261 -127.75 110.66 3.33
N GLY GA 262 -128.64 110.89 2.36
CA GLY GA 262 -130.02 111.22 2.67
C GLY GA 262 -130.85 111.27 1.41
N GLY GA 263 -132.16 111.20 1.60
CA GLY GA 263 -133.08 111.22 0.48
C GLY GA 263 -133.35 112.64 -0.01
N LYS GA 264 -134.04 112.71 -1.15
CA LYS GA 264 -134.37 114.00 -1.74
C LYS GA 264 -135.57 114.62 -1.05
N THR GA 265 -135.80 115.90 -1.36
CA THR GA 265 -136.95 116.60 -0.78
C THR GA 265 -138.27 115.99 -1.23
N GLU GA 266 -138.29 115.29 -2.36
CA GLU GA 266 -139.51 114.71 -2.89
C GLU GA 266 -139.82 113.32 -2.35
N ASP GA 267 -138.99 112.80 -1.43
CA ASP GA 267 -139.22 111.47 -0.85
C ASP GA 267 -140.09 111.62 0.41
N ASN GA 268 -141.20 110.89 0.43
CA ASN GA 268 -142.02 110.79 1.63
C ASN GA 268 -141.45 109.71 2.53
N ILE GA 269 -142.20 109.32 3.55
CA ILE GA 269 -141.76 108.22 4.42
C ILE GA 269 -141.58 106.94 3.62
N LYS GA 270 -142.50 106.69 2.67
CA LYS GA 270 -142.41 105.49 1.85
C LYS GA 270 -141.15 105.50 0.99
N GLN GA 271 -140.90 106.61 0.30
CA GLN GA 271 -139.72 106.70 -0.56
C GLN GA 271 -138.44 106.64 0.27
N ILE GA 272 -138.43 107.30 1.42
CA ILE GA 272 -137.25 107.29 2.29
C ILE GA 272 -136.97 105.85 2.75
N ASN GA 273 -138.01 105.14 3.17
CA ASN GA 273 -137.83 103.77 3.63
C ASN GA 273 -137.37 102.86 2.49
N ASP GA 274 -137.92 103.05 1.29
CA ASP GA 274 -137.49 102.25 0.14
C ASP GA 274 -136.03 102.50 -0.17
N LYS GA 275 -135.60 103.76 -0.16
CA LYS GA 275 -134.21 104.07 -0.45
C LYS GA 275 -133.29 103.52 0.64
N SER GA 276 -133.71 103.59 1.90
CA SER GA 276 -132.93 102.99 2.96
C SER GA 276 -132.82 101.48 2.79
N LYS GA 277 -133.91 100.82 2.41
CA LYS GA 277 -133.88 99.39 2.15
C LYS GA 277 -133.00 99.05 0.95
N SER GA 278 -132.86 99.99 0.01
CA SER GA 278 -131.99 99.74 -1.15
C SER GA 278 -130.55 99.50 -0.71
N PHE GA 279 -130.07 100.29 0.24
CA PHE GA 279 -128.75 100.07 0.83
C PHE GA 279 -128.87 99.09 1.99
N ASN GA 280 -127.78 98.38 2.26
CA ASN GA 280 -127.69 97.49 3.41
C ASN GA 280 -126.31 97.53 4.08
N ASP GA 281 -125.45 98.47 3.71
CA ASP GA 281 -124.09 98.50 4.21
C ASP GA 281 -124.06 98.96 5.66
N GLU GA 282 -123.03 98.51 6.38
CA GLU GA 282 -122.89 98.89 7.79
C GLU GA 282 -122.50 100.35 7.94
N ASN GA 283 -121.55 100.81 7.13
CA ASN GA 283 -120.99 102.15 7.28
C ASN GA 283 -121.77 103.23 6.54
N ILE GA 284 -122.88 102.88 5.89
CA ILE GA 284 -123.65 103.82 5.08
C ILE GA 284 -124.94 104.16 5.80
N VAL GA 285 -125.34 105.43 5.74
CA VAL GA 285 -126.48 105.96 6.46
C VAL GA 285 -127.36 106.73 5.48
N ASN GA 286 -128.66 106.76 5.76
CA ASN GA 286 -129.64 107.52 4.98
C ASN GA 286 -130.49 108.34 5.95
N VAL GA 287 -130.12 109.61 6.13
CA VAL GA 287 -130.95 110.52 6.92
C VAL GA 287 -132.30 110.65 6.23
N GLY GA 288 -133.37 110.66 7.02
CA GLY GA 288 -134.71 110.58 6.49
C GLY GA 288 -135.41 111.90 6.25
N SER GA 289 -135.36 112.78 7.24
CA SER GA 289 -136.20 113.98 7.25
C SER GA 289 -135.38 115.24 6.97
N SER GA 290 -135.98 116.16 6.23
CA SER GA 290 -135.41 117.48 6.04
C SER GA 290 -135.39 118.24 7.36
N ALA GA 291 -134.75 119.41 7.35
CA ALA GA 291 -134.62 120.19 8.58
C ALA GA 291 -134.44 121.67 8.25
N TYR GA 292 -134.74 122.49 9.25
CA TYR GA 292 -134.43 123.91 9.25
C TYR GA 292 -133.39 124.16 10.33
N TYR GA 293 -132.41 125.02 10.02
CA TYR GA 293 -131.54 125.58 11.04
C TYR GA 293 -131.71 127.09 11.15
N GLU GA 294 -131.52 127.82 10.05
CA GLU GA 294 -131.74 129.26 9.98
C GLU GA 294 -132.81 129.64 8.97
N ASN GA 295 -132.59 129.30 7.69
CA ASN GA 295 -133.49 129.71 6.61
C ASN GA 295 -133.81 128.62 5.59
N ILE GA 296 -132.97 127.60 5.43
CA ILE GA 296 -133.06 126.66 4.32
C ILE GA 296 -133.81 125.41 4.77
N LYS GA 297 -134.67 124.90 3.89
CA LYS GA 297 -135.19 123.53 4.01
C LYS GA 297 -134.09 122.57 3.55
N TYR GA 298 -133.14 122.33 4.45
CA TYR GA 298 -132.05 121.41 4.16
C TYR GA 298 -132.59 120.03 3.85
N THR GA 299 -132.10 119.42 2.78
CA THR GA 299 -132.51 118.08 2.43
C THR GA 299 -131.99 117.12 3.51
N PRO GA 300 -132.55 115.91 3.58
CA PRO GA 300 -131.93 114.90 4.45
C PRO GA 300 -130.46 114.68 4.12
N SER GA 301 -130.10 114.73 2.84
CA SER GA 301 -128.70 114.68 2.45
C SER GA 301 -127.92 115.89 2.94
N GLU GA 302 -128.49 117.09 2.84
CA GLU GA 302 -127.82 118.27 3.36
C GLU GA 302 -127.70 118.22 4.88
N VAL GA 303 -128.75 117.73 5.55
CA VAL GA 303 -128.69 117.54 7.00
C VAL GA 303 -127.62 116.53 7.35
N ALA GA 304 -127.36 115.58 6.45
CA ALA GA 304 -126.36 114.55 6.70
C ALA GA 304 -124.99 115.12 6.99
N VAL GA 305 -124.68 116.33 6.50
CA VAL GA 305 -123.41 116.96 6.82
C VAL GA 305 -123.29 117.19 8.33
N TYR GA 306 -124.30 117.82 8.92
CA TYR GA 306 -124.27 118.09 10.35
C TYR GA 306 -124.37 116.79 11.15
N ILE GA 307 -125.15 115.83 10.65
CA ILE GA 307 -125.24 114.53 11.33
C ILE GA 307 -123.88 113.85 11.35
N ALA GA 308 -123.15 113.89 10.23
CA ALA GA 308 -121.83 113.30 10.17
C ALA GA 308 -120.87 114.02 11.10
N ALA GA 309 -120.97 115.34 11.16
CA ALA GA 309 -120.12 116.11 12.07
C ALA GA 309 -120.38 115.71 13.52
N LEU GA 310 -121.66 115.57 13.90
CA LEU GA 310 -121.99 115.16 15.26
C LEU GA 310 -121.47 113.75 15.54
N SER GA 311 -121.65 112.84 14.58
CA SER GA 311 -121.21 111.46 14.79
C SER GA 311 -119.69 111.38 14.97
N VAL GA 312 -118.95 112.14 14.17
CA VAL GA 312 -117.50 112.14 14.30
C VAL GA 312 -117.07 112.80 15.61
N SER GA 313 -117.76 113.88 16.00
CA SER GA 313 -117.40 114.57 17.23
C SER GA 313 -117.63 113.70 18.45
N LYS GA 314 -118.72 112.92 18.44
CA LYS GA 314 -119.07 112.11 19.60
C LYS GA 314 -118.01 111.03 19.85
N GLY GA 315 -117.49 110.43 18.79
CA GLY GA 315 -116.51 109.39 18.98
C GLY GA 315 -117.14 108.09 19.48
N ILE GA 316 -116.27 107.21 19.96
CA ILE GA 316 -116.73 105.91 20.46
C ILE GA 316 -117.56 106.10 21.73
N THR GA 317 -117.13 107.04 22.59
CA THR GA 317 -117.81 107.23 23.87
C THR GA 317 -119.23 107.75 23.67
N GLY GA 318 -119.40 108.73 22.80
CA GLY GA 318 -120.69 109.38 22.63
C GLY GA 318 -121.57 108.67 21.61
N SER GA 319 -122.86 108.59 21.93
CA SER GA 319 -123.87 108.00 21.05
C SER GA 319 -125.01 108.99 20.89
N ILE GA 320 -125.52 109.08 19.66
CA ILE GA 320 -126.55 110.05 19.30
C ILE GA 320 -127.94 109.41 19.24
N CYS GA 321 -128.14 108.29 19.93
CA CYS GA 321 -129.43 107.61 19.88
C CYS GA 321 -130.52 108.42 20.58
N ASN GA 322 -130.14 109.30 21.52
CA ASN GA 322 -131.09 110.18 22.19
C ASN GA 322 -130.49 111.57 22.42
N ALA GA 323 -129.62 112.01 21.52
CA ALA GA 323 -128.91 113.27 21.68
C ALA GA 323 -129.68 114.41 21.02
N LYS GA 324 -129.57 115.60 21.63
CA LYS GA 324 -130.15 116.79 21.05
C LYS GA 324 -129.30 117.27 19.87
N THR GA 325 -129.96 117.96 18.93
CA THR GA 325 -129.32 118.47 17.73
C THR GA 325 -129.60 119.97 17.59
N ILE GA 326 -128.76 120.63 16.79
CA ILE GA 326 -128.85 122.08 16.64
C ILE GA 326 -130.12 122.49 15.92
N PHE GA 327 -130.73 121.61 15.14
CA PHE GA 327 -131.84 121.99 14.29
C PHE GA 327 -133.05 122.44 15.10
N GLU GA 328 -133.79 123.40 14.56
CA GLU GA 328 -135.01 123.90 15.18
C GLU GA 328 -136.22 123.04 14.86
N GLU GA 329 -136.30 122.50 13.64
CA GLU GA 329 -137.42 121.66 13.24
C GLU GA 329 -136.96 120.67 12.18
N VAL GA 330 -137.69 119.57 12.06
CA VAL GA 330 -137.47 118.56 11.03
C VAL GA 330 -138.81 118.05 10.56
N GLU GA 331 -138.91 117.78 9.25
CA GLU GA 331 -140.11 117.22 8.64
C GLU GA 331 -139.68 116.21 7.59
N PRO GA 332 -140.52 115.18 7.31
CA PRO GA 332 -141.86 114.90 7.85
C PRO GA 332 -141.84 114.32 9.27
N ARG GA 333 -142.85 114.66 10.07
CA ARG GA 333 -142.92 114.17 11.45
C ARG GA 333 -143.30 112.69 11.44
N LEU GA 334 -142.94 112.02 12.54
CA LEU GA 334 -143.08 110.57 12.66
C LEU GA 334 -143.62 110.21 14.03
N SER GA 335 -144.69 109.43 14.05
CA SER GA 335 -145.23 108.88 15.29
C SER GA 335 -144.46 107.59 15.62
N GLN GA 336 -144.98 106.82 16.58
CA GLN GA 336 -144.32 105.57 16.95
C GLN GA 336 -144.29 104.60 15.77
N SER GA 337 -145.41 104.49 15.05
CA SER GA 337 -145.45 103.59 13.89
C SER GA 337 -144.50 104.06 12.80
N GLU GA 338 -144.53 105.35 12.49
CA GLU GA 338 -143.64 105.89 11.47
C GLU GA 338 -142.19 105.76 11.89
N VAL GA 339 -141.89 106.02 13.17
CA VAL GA 339 -140.53 105.89 13.68
C VAL GA 339 -140.05 104.45 13.51
N LYS GA 340 -140.89 103.49 13.92
CA LYS GA 340 -140.49 102.08 13.82
C LYS GA 340 -140.30 101.67 12.37
N GLU GA 341 -141.20 102.09 11.49
CA GLU GA 341 -141.08 101.72 10.08
C GLU GA 341 -139.82 102.30 9.46
N CYS GA 342 -139.49 103.56 9.78
CA CYS GA 342 -138.31 104.18 9.21
C CYS GA 342 -137.03 103.56 9.77
N LEU GA 343 -137.00 103.30 11.07
CA LEU GA 343 -135.81 102.69 11.67
C LEU GA 343 -135.58 101.28 11.14
N LYS GA 344 -136.65 100.49 11.03
CA LYS GA 344 -136.51 99.12 10.54
C LYS GA 344 -136.06 99.10 9.08
N SER GA 345 -136.49 100.08 8.30
CA SER GA 345 -136.08 100.18 6.91
C SER GA 345 -134.64 100.64 6.74
N GLY GA 346 -133.97 101.07 7.82
CA GLY GA 346 -132.59 101.52 7.77
C GLY GA 346 -132.41 103.02 7.74
N THR GA 347 -133.44 103.79 8.11
CA THR GA 347 -133.37 105.25 8.08
C THR GA 347 -132.98 105.78 9.45
N LEU GA 348 -132.09 106.78 9.46
CA LEU GA 348 -131.74 107.50 10.67
C LEU GA 348 -132.81 108.55 10.91
N VAL GA 349 -133.72 108.27 11.84
CA VAL GA 349 -134.93 109.08 12.02
C VAL GA 349 -134.59 110.30 12.85
N LEU GA 350 -134.95 111.48 12.33
CA LEU GA 350 -134.96 112.73 13.09
C LEU GA 350 -136.41 113.20 13.20
N ASP GA 351 -136.82 113.56 14.41
CA ASP GA 351 -138.16 114.07 14.66
C ASP GA 351 -138.09 115.16 15.70
N PHE GA 352 -139.03 116.11 15.61
CA PHE GA 352 -139.24 117.11 16.66
C PHE GA 352 -140.17 116.57 17.74
N ASP GA 353 -139.80 115.42 18.29
CA ASP GA 353 -140.66 114.72 19.25
C ASP GA 353 -140.78 115.44 20.58
N ASP GA 354 -139.97 116.46 20.82
CA ASP GA 354 -140.02 117.25 22.05
C ASP GA 354 -139.78 118.71 21.67
N GLY GA 355 -139.47 119.55 22.66
CA GLY GA 355 -139.21 120.96 22.40
C GLY GA 355 -138.01 121.23 21.53
N ASP GA 356 -137.15 120.23 21.31
CA ASP GA 356 -136.01 120.34 20.40
C ASP GA 356 -135.92 119.07 19.58
N VAL GA 357 -135.21 119.17 18.45
CA VAL GA 357 -135.04 118.03 17.56
C VAL GA 357 -134.24 116.95 18.27
N ILE GA 358 -134.67 115.70 18.10
CA ILE GA 358 -134.03 114.54 18.71
C ILE GA 358 -133.77 113.50 17.64
N ILE GA 359 -132.55 112.98 17.60
CA ILE GA 359 -132.26 111.78 16.80
C ILE GA 359 -132.84 110.59 17.54
N VAL GA 360 -133.83 109.93 16.93
CA VAL GA 360 -134.56 108.88 17.64
C VAL GA 360 -133.67 107.68 17.90
N ASP GA 361 -132.82 107.33 16.94
CA ASP GA 361 -131.85 106.26 17.15
C ASP GA 361 -130.72 106.42 16.14
N ASP GA 362 -129.53 105.99 16.56
CA ASP GA 362 -128.32 106.06 15.74
C ASP GA 362 -128.16 104.84 14.84
N VAL GA 363 -129.03 104.69 13.83
CA VAL GA 363 -129.12 103.46 13.07
C VAL GA 363 -128.49 103.65 11.70
N ASN GA 364 -128.14 102.52 11.06
CA ASN GA 364 -127.46 102.49 9.77
C ASN GA 364 -128.27 101.66 8.78
N THR GA 365 -127.78 101.60 7.55
CA THR GA 365 -128.46 100.84 6.50
C THR GA 365 -128.49 99.35 6.80
N PHE GA 366 -127.55 98.86 7.62
CA PHE GA 366 -127.57 97.48 8.06
C PHE GA 366 -128.60 97.22 9.15
N LYS GA 367 -129.41 98.21 9.53
CA LYS GA 367 -130.48 97.97 10.49
C LYS GA 367 -131.50 96.98 9.94
N LYS GA 368 -131.60 96.86 8.61
CA LYS GA 368 -132.24 95.71 7.98
C LYS GA 368 -131.24 94.55 8.02
N TYR GA 369 -131.03 94.05 9.24
CA TYR GA 369 -129.95 93.13 9.54
C TYR GA 369 -130.29 91.72 9.04
N VAL GA 370 -129.39 90.78 9.34
CA VAL GA 370 -129.55 89.37 9.02
C VAL GA 370 -129.18 88.55 10.25
N ASP GA 371 -129.59 87.29 10.24
CA ASP GA 371 -129.76 86.52 11.48
C ASP GA 371 -128.45 86.36 12.26
N ASP GA 372 -127.32 86.16 11.58
CA ASP GA 372 -126.08 85.88 12.29
C ASP GA 372 -125.62 87.05 13.15
N LYS GA 373 -125.78 88.27 12.65
CA LYS GA 373 -125.36 89.48 13.37
C LYS GA 373 -126.55 90.06 14.12
N ASN GA 374 -126.36 90.33 15.41
CA ASN GA 374 -127.43 90.89 16.22
C ASN GA 374 -127.70 92.34 15.84
N GLU GA 375 -128.79 92.87 16.38
CA GLU GA 375 -129.16 94.26 16.08
C GLU GA 375 -128.15 95.27 16.62
N ALA GA 376 -127.31 94.87 17.58
CA ALA GA 376 -126.26 95.75 18.06
C ALA GA 376 -125.27 96.12 16.95
N MET GA 377 -125.14 95.26 15.93
CA MET GA 377 -124.33 95.59 14.76
C MET GA 377 -124.89 96.79 14.00
N GLY GA 378 -126.18 97.07 14.12
CA GLY GA 378 -126.83 98.08 13.32
C GLY GA 378 -126.73 99.50 13.84
N TYR GA 379 -125.86 99.77 14.79
CA TYR GA 379 -125.68 101.10 15.35
C TYR GA 379 -124.39 101.71 14.83
N ILE GA 380 -124.46 102.97 14.39
CA ILE GA 380 -123.33 103.61 13.73
C ILE GA 380 -122.14 103.71 14.66
N SER GA 381 -122.39 104.08 15.92
CA SER GA 381 -121.31 104.17 16.90
C SER GA 381 -120.64 102.82 17.07
N ASN GA 382 -121.43 101.74 17.11
CA ASN GA 382 -120.87 100.41 17.22
C ASN GA 382 -120.03 100.05 16.00
N ILE GA 383 -120.45 100.49 14.81
CA ILE GA 383 -119.69 100.19 13.60
C ILE GA 383 -118.35 100.93 13.61
N MET GA 384 -118.36 102.20 14.03
CA MET GA 384 -117.11 102.94 14.14
C MET GA 384 -116.20 102.32 15.20
N PHE GA 385 -116.80 101.83 16.29
CA PHE GA 385 -116.05 101.11 17.32
C PHE GA 385 -115.40 99.86 16.75
N ILE GA 386 -116.15 99.12 15.92
CA ILE GA 386 -115.61 97.94 15.26
C ILE GA 386 -114.46 98.32 14.34
N ASN GA 387 -114.59 99.42 13.61
CA ASN GA 387 -113.53 99.86 12.71
C ASN GA 387 -112.28 100.23 13.48
N THR GA 388 -112.46 100.90 14.63
CA THR GA 388 -111.31 101.26 15.45
C THR GA 388 -110.59 100.00 15.95
N ILE GA 389 -111.35 99.00 16.41
CA ILE GA 389 -110.72 97.76 16.84
C ILE GA 389 -110.03 97.08 15.67
N ASN GA 390 -110.61 97.15 14.47
CA ASN GA 390 -109.98 96.56 13.31
C ASN GA 390 -108.64 97.24 13.01
N LYS GA 391 -108.59 98.56 13.13
CA LYS GA 391 -107.33 99.28 12.93
C LYS GA 391 -106.29 98.89 13.97
N ASP GA 392 -106.70 98.81 15.24
CA ASP GA 392 -105.76 98.46 16.30
C ASP GA 392 -105.25 97.02 16.13
N THR GA 393 -106.14 96.11 15.74
CA THR GA 393 -105.71 94.75 15.49
C THR GA 393 -104.88 94.64 14.22
N SER GA 394 -105.02 95.57 13.28
CA SER GA 394 -104.08 95.63 12.16
C SER GA 394 -102.71 96.10 12.62
N LEU GA 395 -102.67 97.03 13.57
CA LEU GA 395 -101.39 97.39 14.18
C LEU GA 395 -100.76 96.17 14.86
N LYS GA 396 -101.58 95.36 15.53
CA LYS GA 396 -101.08 94.11 16.11
C LYS GA 396 -100.60 93.16 15.02
N ARG GA 397 -101.32 93.10 13.88
CA ARG GA 397 -100.91 92.27 12.76
C ARG GA 397 -99.52 92.64 12.28
N LYS GA 398 -99.29 93.91 12.00
CA LYS GA 398 -97.96 94.34 11.56
C LYS GA 398 -96.93 94.33 12.68
N GLU GA 399 -97.34 94.16 13.93
CA GLU GA 399 -96.39 93.92 15.00
C GLU GA 399 -95.85 92.49 14.99
N PHE GA 400 -96.66 91.52 14.56
CA PHE GA 400 -96.33 90.10 14.66
C PHE GA 400 -96.17 89.46 13.29
N VAL GA 401 -95.40 90.10 12.42
CA VAL GA 401 -95.13 89.62 11.07
C VAL GA 401 -94.30 88.34 11.16
N GLY GA 402 -94.05 87.71 10.01
CA GLY GA 402 -93.58 86.34 9.91
C GLY GA 402 -92.30 85.95 10.64
N LYS GA 403 -91.66 86.87 11.36
CA LYS GA 403 -90.60 86.49 12.30
C LYS GA 403 -91.08 85.38 13.22
N ILE GA 404 -92.33 85.43 13.66
CA ILE GA 404 -92.93 84.36 14.44
C ILE GA 404 -93.30 83.23 13.50
N PHE GA 405 -93.13 81.99 13.96
CA PHE GA 405 -93.48 80.82 13.18
C PHE GA 405 -94.99 80.59 13.17
N ASN GA 406 -95.47 80.00 12.09
CA ASN GA 406 -96.88 79.63 11.97
C ASN GA 406 -97.11 78.26 12.61
N ASP GA 407 -97.02 78.26 13.94
CA ASP GA 407 -97.21 77.08 14.76
C ASP GA 407 -98.20 77.42 15.87
N ALA GA 408 -98.57 76.41 16.65
CA ALA GA 408 -99.49 76.63 17.76
C ALA GA 408 -98.94 77.65 18.75
N THR GA 409 -97.62 77.70 18.91
CA THR GA 409 -97.02 78.65 19.84
C THR GA 409 -97.22 80.08 19.37
N GLY GA 410 -96.96 80.34 18.08
CA GLY GA 410 -97.14 81.69 17.55
C GLY GA 410 -98.60 82.11 17.55
N GLN GA 411 -99.50 81.19 17.18
CA GLN GA 411 -100.91 81.49 17.24
C GLN GA 411 -101.35 81.79 18.66
N THR GA 412 -100.84 81.04 19.64
CA THR GA 412 -101.16 81.32 21.03
C THR GA 412 -100.63 82.68 21.44
N THR GA 413 -99.43 83.05 20.96
CA THR GA 413 -98.88 84.35 21.28
C THR GA 413 -99.76 85.48 20.76
N VAL GA 414 -100.16 85.39 19.48
CA VAL GA 414 -101.00 86.43 18.90
C VAL GA 414 -102.36 86.48 19.60
N ILE GA 415 -102.94 85.31 19.87
CA ILE GA 415 -104.25 85.27 20.53
C ILE GA 415 -104.16 85.85 21.92
N CYS GA 416 -103.06 85.58 22.63
CA CYS GA 416 -102.89 86.13 23.97
C CYS GA 416 -102.71 87.64 23.91
N ALA GA 417 -101.99 88.14 22.91
CA ALA GA 417 -101.86 89.60 22.75
C ALA GA 417 -103.21 90.25 22.53
N LEU GA 418 -104.04 89.65 21.66
CA LEU GA 418 -105.38 90.19 21.42
C LEU GA 418 -106.24 90.10 22.68
N LYS GA 419 -106.13 88.98 23.41
CA LYS GA 419 -106.89 88.81 24.65
C LYS GA 419 -106.51 89.88 25.66
N LYS GA 420 -105.22 90.18 25.78
CA LYS GA 420 -104.78 91.21 26.71
C LYS GA 420 -105.22 92.59 26.25
N TYR GA 421 -105.26 92.84 24.93
CA TYR GA 421 -105.79 94.10 24.43
C TYR GA 421 -107.26 94.27 24.82
N PHE GA 422 -108.05 93.21 24.64
CA PHE GA 422 -109.46 93.29 25.04
C PHE GA 422 -109.62 93.39 26.54
N GLU GA 423 -108.72 92.76 27.31
CA GLU GA 423 -108.75 92.94 28.76
C GLU GA 423 -108.48 94.38 29.15
N GLU GA 424 -107.53 95.02 28.46
CA GLU GA 424 -107.25 96.43 28.71
C GLU GA 424 -108.46 97.29 28.39
N LEU GA 425 -109.11 97.01 27.26
CA LEU GA 425 -110.32 97.76 26.91
C LEU GA 425 -111.43 97.55 27.94
N MET GA 426 -111.60 96.31 28.42
CA MET GA 426 -112.59 96.03 29.44
C MET GA 426 -112.26 96.79 30.72
N SER GA 427 -110.98 96.85 31.09
CA SER GA 427 -110.58 97.62 32.26
C SER GA 427 -110.91 99.10 32.07
N GLN GA 428 -110.70 99.62 30.86
CA GLN GA 428 -111.17 100.98 30.55
C GLN GA 428 -112.69 101.08 30.59
N GLY GA 429 -113.40 99.96 30.38
CA GLY GA 429 -114.84 99.89 30.58
C GLY GA 429 -115.65 99.81 29.30
N ILE GA 430 -115.04 99.98 28.12
CA ILE GA 430 -115.81 99.96 26.88
C ILE GA 430 -116.37 98.56 26.63
N ILE GA 431 -115.54 97.54 26.75
CA ILE GA 431 -115.96 96.16 26.54
C ILE GA 431 -116.56 95.63 27.84
N SER GA 432 -117.65 94.87 27.71
CA SER GA 432 -118.27 94.18 28.83
C SER GA 432 -118.05 92.67 28.80
N GLU GA 433 -117.68 92.11 27.66
CA GLU GA 433 -117.33 90.70 27.53
C GLU GA 433 -116.64 90.53 26.19
N PHE GA 434 -115.77 89.53 26.08
CA PHE GA 434 -115.06 89.28 24.83
C PHE GA 434 -114.67 87.83 24.72
N ASN GA 435 -114.58 87.36 23.47
CA ASN GA 435 -114.14 85.99 23.17
C ASN GA 435 -113.42 86.03 21.83
N VAL GA 436 -112.09 86.13 21.87
CA VAL GA 436 -111.25 86.13 20.68
C VAL GA 436 -110.57 84.77 20.58
N ASP GA 437 -110.75 84.09 19.45
CA ASP GA 437 -110.35 82.71 19.28
C ASP GA 437 -109.83 82.50 17.88
N ILE GA 438 -109.24 81.32 17.66
CA ILE GA 438 -108.79 80.94 16.32
C ILE GA 438 -110.02 80.84 15.41
N ASP GA 439 -109.89 81.37 14.20
CA ASP GA 439 -110.97 81.27 13.21
C ASP GA 439 -110.86 79.89 12.56
N THR GA 440 -111.44 78.91 13.25
CA THR GA 440 -111.27 77.50 12.85
C THR GA 440 -111.83 77.24 11.47
N GLU GA 441 -112.93 77.91 11.10
CA GLU GA 441 -113.52 77.67 9.78
C GLU GA 441 -112.57 78.06 8.67
N LEU GA 442 -111.88 79.19 8.83
CA LEU GA 442 -110.91 79.66 7.83
C LEU GA 442 -109.52 79.11 8.06
N GLN GA 443 -109.17 78.75 9.30
CA GLN GA 443 -107.82 78.29 9.60
C GLN GA 443 -107.59 76.84 9.21
N ALA GA 444 -108.67 76.04 9.10
CA ALA GA 444 -108.50 74.64 8.73
C ALA GA 444 -107.90 74.50 7.34
N THR GA 445 -108.33 75.35 6.40
CA THR GA 445 -107.81 75.36 5.04
C THR GA 445 -106.68 76.39 4.86
N ALA GA 446 -106.18 76.97 5.94
CA ALA GA 446 -105.15 77.99 5.83
C ALA GA 446 -103.84 77.39 5.34
N LYS GA 447 -103.21 78.09 4.40
CA LYS GA 447 -101.87 77.74 3.95
C LYS GA 447 -100.86 78.10 5.05
N ALA GA 448 -99.59 77.79 4.78
CA ALA GA 448 -98.54 78.05 5.77
C ALA GA 448 -98.43 79.53 6.10
N ASP GA 449 -98.50 80.39 5.08
CA ASP GA 449 -98.25 81.81 5.28
C ASP GA 449 -99.40 82.53 5.98
N GLU GA 450 -100.63 82.06 5.84
CA GLU GA 450 -101.82 82.78 6.28
C GLU GA 450 -102.35 82.23 7.58
N PHE GA 451 -102.82 83.14 8.43
CA PHE GA 451 -103.45 82.81 9.71
C PHE GA 451 -104.71 83.65 9.86
N TYR GA 452 -105.76 83.05 10.42
CA TYR GA 452 -107.06 83.69 10.61
C TYR GA 452 -107.44 83.67 12.08
N TRP GA 453 -108.21 84.69 12.48
CA TRP GA 453 -108.71 84.81 13.83
C TRP GA 453 -110.00 85.64 13.78
N LYS GA 454 -110.65 85.76 14.94
CA LYS GA 454 -111.93 86.45 15.00
C LYS GA 454 -112.22 86.86 16.43
N TRP GA 455 -112.89 88.00 16.59
CA TRP GA 455 -113.23 88.54 17.90
C TRP GA 455 -114.70 88.94 17.93
N ASP GA 456 -115.31 88.76 19.09
CA ASP GA 456 -116.68 89.16 19.35
C ASP GA 456 -116.75 89.70 20.77
N ALA GA 457 -117.48 90.81 20.96
CA ALA GA 457 -117.56 91.45 22.25
C ALA GA 457 -118.88 92.18 22.41
N VAL GA 458 -119.37 92.21 23.63
CA VAL GA 458 -120.59 92.93 23.99
C VAL GA 458 -120.21 94.34 24.43
N LYS GA 459 -121.14 95.28 24.22
CA LYS GA 459 -120.90 96.70 24.45
C LYS GA 459 -121.99 97.27 25.35
N VAL GA 460 -121.65 98.38 26.01
CA VAL GA 460 -122.59 99.02 26.94
C VAL GA 460 -123.77 99.58 26.15
N ASP GA 461 -124.97 99.39 26.70
CA ASP GA 461 -126.20 99.90 26.10
C ASP GA 461 -126.50 101.31 26.61
N VAL GA 462 -127.25 102.05 25.80
CA VAL GA 462 -127.78 103.36 26.18
C VAL GA 462 -129.19 103.46 25.62
N MET GA 463 -130.17 103.66 26.48
CA MET GA 463 -131.57 103.72 26.06
C MET GA 463 -131.93 105.14 25.65
N ARG HA 36 -63.52 144.63 30.62
CA ARG HA 36 -62.25 145.05 30.04
C ARG HA 36 -62.47 145.70 28.68
N LEU HA 37 -62.36 147.03 28.65
CA LEU HA 37 -62.50 147.83 27.44
C LEU HA 37 -61.16 148.46 27.08
N ALA HA 38 -60.71 148.22 25.86
CA ALA HA 38 -59.47 148.82 25.37
C ALA HA 38 -59.76 150.25 24.92
N MET HA 39 -59.17 151.22 25.61
CA MET HA 39 -59.48 152.64 25.43
C MET HA 39 -58.28 153.38 24.84
N PRO HA 40 -58.27 153.69 23.53
CA PRO HA 40 -57.15 154.47 22.96
C PRO HA 40 -57.34 155.98 23.12
N ILE HA 41 -57.09 156.48 24.34
CA ILE HA 41 -57.33 157.88 24.69
C ILE HA 41 -56.42 158.81 23.89
N ARG HA 42 -57.00 159.88 23.34
CA ARG HA 42 -56.25 161.01 22.79
C ARG HA 42 -56.02 162.02 23.91
N ALA HA 43 -54.99 161.78 24.72
CA ALA HA 43 -54.77 162.52 25.96
C ALA HA 43 -53.31 162.89 26.13
N ASN HA 44 -53.08 164.02 26.79
CA ASN HA 44 -51.74 164.36 27.26
C ASN HA 44 -51.34 163.56 28.49
N TRP HA 45 -52.33 163.03 29.22
CA TRP HA 45 -52.07 162.22 30.40
C TRP HA 45 -52.27 160.75 30.05
N GLY HA 46 -51.62 159.89 30.83
CA GLY HA 46 -51.50 158.49 30.53
C GLY HA 46 -50.15 158.15 29.92
N ASP HA 47 -49.80 156.87 30.00
CA ASP HA 47 -48.50 156.42 29.52
C ASP HA 47 -48.57 156.17 28.01
N VAL HA 48 -47.48 156.50 27.31
CA VAL HA 48 -47.39 156.35 25.88
C VAL HA 48 -46.86 154.96 25.56
N GLY HA 49 -47.55 154.25 24.66
CA GLY HA 49 -47.05 152.99 24.17
C GLY HA 49 -47.10 151.85 25.15
N LYS HA 50 -48.00 151.90 26.14
CA LYS HA 50 -48.09 150.85 27.14
C LYS HA 50 -49.53 150.74 27.63
N VAL HA 51 -49.92 149.51 27.97
CA VAL HA 51 -51.26 149.23 28.46
C VAL HA 51 -51.24 149.28 29.98
N VAL HA 52 -52.16 150.06 30.55
CA VAL HA 52 -52.31 150.17 32.00
C VAL HA 52 -53.79 150.12 32.34
N THR HA 53 -54.09 149.50 33.48
CA THR HA 53 -55.45 149.35 33.98
C THR HA 53 -55.70 150.31 35.14
N ILE HA 54 -56.93 150.81 35.21
CA ILE HA 54 -57.38 151.70 36.28
C ILE HA 54 -58.69 151.14 36.82
N LYS HA 55 -58.86 151.23 38.15
CA LYS HA 55 -60.06 150.72 38.81
C LYS HA 55 -61.19 151.73 38.61
N ASN HA 56 -62.26 151.59 39.39
CA ASN HA 56 -63.41 152.50 39.28
C ASN HA 56 -63.21 153.78 40.08
N ASP HA 57 -61.97 154.11 40.45
CA ASP HA 57 -61.68 155.39 41.08
C ASP HA 57 -61.64 156.49 40.03
N GLY HA 66 -56.28 161.79 33.14
CA GLY HA 66 -56.26 163.21 32.85
C GLY HA 66 -57.45 163.93 33.46
N ASP HA 67 -57.47 165.25 33.31
CA ASP HA 67 -58.55 166.08 33.84
C ASP HA 67 -59.09 167.07 32.81
N ASP HA 68 -58.24 167.51 31.88
CA ASP HA 68 -58.65 168.53 30.93
C ASP HA 68 -59.74 168.01 30.00
N MET HA 69 -60.64 168.91 29.60
CA MET HA 69 -61.71 168.53 28.68
C MET HA 69 -61.17 168.14 27.31
N ASN HA 70 -59.99 168.67 26.93
CA ASN HA 70 -59.43 168.33 25.63
C ASN HA 70 -58.85 166.92 25.59
N TYR HA 71 -58.54 166.34 26.76
CA TYR HA 71 -57.88 165.05 26.83
C TYR HA 71 -58.91 163.96 27.07
N SER HA 72 -58.82 162.87 26.28
CA SER HA 72 -59.80 161.79 26.35
C SER HA 72 -59.73 161.01 27.64
N ALA HA 73 -58.67 161.18 28.45
CA ALA HA 73 -58.60 160.47 29.72
C ALA HA 73 -59.72 160.92 30.67
N PHE HA 74 -60.26 162.12 30.46
CA PHE HA 74 -61.41 162.63 31.20
C PHE HA 74 -62.59 162.95 30.31
N LYS HA 75 -62.34 163.45 29.09
CA LYS HA 75 -63.43 163.72 28.16
C LYS HA 75 -64.17 162.43 27.80
N LEU HA 76 -63.43 161.41 27.37
CA LEU HA 76 -64.00 160.14 26.94
C LEU HA 76 -63.66 159.00 27.87
N GLY HA 77 -62.72 159.19 28.80
CA GLY HA 77 -62.56 158.23 29.89
C GLY HA 77 -63.79 158.20 30.79
N LYS HA 78 -64.42 159.36 30.98
CA LYS HA 78 -65.69 159.40 31.71
C LYS HA 78 -66.75 158.57 31.00
N LEU HA 79 -66.78 158.65 29.67
CA LEU HA 79 -67.74 157.85 28.90
C LEU HA 79 -67.49 156.37 29.12
N ALA HA 80 -66.22 155.95 29.14
CA ALA HA 80 -65.91 154.54 29.38
C ALA HA 80 -66.30 154.13 30.79
N LEU HA 81 -66.08 155.01 31.77
CA LEU HA 81 -66.38 154.65 33.15
C LEU HA 81 -67.87 154.61 33.43
N LEU HA 82 -68.64 155.45 32.73
CA LEU HA 82 -70.07 155.55 33.01
C LEU HA 82 -70.82 154.27 32.63
N GLY HA 83 -70.28 153.49 31.68
CA GLY HA 83 -70.89 152.22 31.36
C GLY HA 83 -70.69 151.15 32.42
N ASN HA 84 -69.85 151.42 33.41
CA ASN HA 84 -69.68 150.55 34.58
C ASN HA 84 -69.13 149.18 34.20
N VAL HA 85 -68.13 149.16 33.32
CA VAL HA 85 -67.30 147.97 33.19
C VAL HA 85 -66.50 147.82 34.46
N LYS HA 86 -66.16 146.57 34.81
CA LYS HA 86 -65.52 146.32 36.10
C LYS HA 86 -64.18 147.01 36.21
N GLU HA 87 -63.47 147.22 35.10
CA GLU HA 87 -62.29 148.07 35.09
C GLU HA 87 -62.00 148.50 33.67
N LEU HA 88 -61.21 149.57 33.55
CA LEU HA 88 -60.88 150.19 32.27
C LEU HA 88 -59.38 150.09 32.03
N LEU HA 89 -59.00 149.81 30.79
CA LEU HA 89 -57.61 149.72 30.37
C LEU HA 89 -57.36 150.77 29.28
N LEU HA 90 -56.29 151.55 29.45
CA LEU HA 90 -56.09 152.79 28.72
C LEU HA 90 -54.87 152.68 27.80
N TYR HA 91 -54.93 153.40 26.68
CA TYR HA 91 -53.79 153.58 25.80
C TYR HA 91 -53.80 154.99 25.23
N ARG HA 92 -52.62 155.57 25.08
CA ARG HA 92 -52.46 156.98 24.73
C ARG HA 92 -51.96 157.12 23.30
N LEU HA 93 -52.63 157.98 22.53
CA LEU HA 93 -52.25 158.29 21.15
C LEU HA 93 -51.54 159.63 21.12
N VAL HA 94 -50.32 159.64 20.57
CA VAL HA 94 -49.49 160.84 20.53
C VAL HA 94 -48.73 160.88 19.20
N ASP HA 95 -48.44 162.08 18.73
CA ASP HA 95 -47.55 162.26 17.60
C ASP HA 95 -46.15 161.77 17.95
N GLY HA 96 -45.42 161.30 16.93
CA GLY HA 96 -44.05 160.86 17.15
C GLY HA 96 -43.16 161.98 17.66
N ASN HA 97 -43.37 163.19 17.15
CA ASN HA 97 -42.60 164.36 17.57
C ASN HA 97 -43.13 164.83 18.93
N GLN HA 98 -42.78 164.06 19.97
CA GLN HA 98 -43.26 164.32 21.31
C GLN HA 98 -42.36 163.60 22.30
N LYS HA 99 -41.91 164.31 23.33
CA LYS HA 99 -40.92 163.80 24.27
C LYS HA 99 -41.32 164.25 25.67
N LYS HA 100 -40.37 164.18 26.60
CA LYS HA 100 -40.60 164.47 28.01
C LYS HA 100 -39.97 165.81 28.40
N GLY HA 101 -40.66 166.52 29.29
CA GLY HA 101 -40.11 167.76 29.82
C GLY HA 101 -39.08 167.48 30.91
N THR HA 102 -38.04 168.30 30.93
CA THR HA 102 -36.89 168.11 31.82
C THR HA 102 -36.52 169.43 32.47
N LEU HA 103 -36.39 169.42 33.80
CA LEU HA 103 -35.95 170.57 34.58
C LEU HA 103 -34.73 170.17 35.40
N THR HA 104 -33.69 171.00 35.37
CA THR HA 104 -32.46 170.77 36.10
C THR HA 104 -32.32 171.81 37.20
N LEU HA 105 -31.90 171.35 38.38
CA LEU HA 105 -31.70 172.22 39.54
C LEU HA 105 -30.29 172.03 40.08
N LYS HA 106 -29.73 173.10 40.65
CA LYS HA 106 -28.34 173.14 41.08
C LYS HA 106 -28.25 173.75 42.47
N ASP HA 107 -27.18 173.39 43.18
CA ASP HA 107 -27.04 173.74 44.59
C ASP HA 107 -26.31 175.07 44.75
N THR HA 108 -26.40 175.63 45.97
CA THR HA 108 -25.75 176.88 46.33
C THR HA 108 -25.04 176.84 47.68
N THR HA 109 -24.91 175.66 48.31
CA THR HA 109 -24.14 175.58 49.54
C THR HA 109 -22.69 175.96 49.29
N GLU HA 110 -22.13 175.46 48.20
CA GLU HA 110 -20.81 175.88 47.72
C GLU HA 110 -20.98 177.01 46.71
N ASN HA 111 -19.89 177.75 46.48
CA ASN HA 111 -19.96 178.93 45.64
C ASN HA 111 -20.32 178.57 44.20
N SER HA 112 -19.71 177.51 43.67
CA SER HA 112 -19.96 177.04 42.31
C SER HA 112 -21.14 176.08 42.32
N ALA HA 113 -22.20 176.43 41.59
CA ALA HA 113 -23.41 175.62 41.60
C ALA HA 113 -23.24 174.40 40.70
N LYS HA 114 -23.65 173.24 41.21
CA LYS HA 114 -23.57 171.97 40.50
C LYS HA 114 -24.92 171.26 40.61
N ASP HA 115 -25.29 170.55 39.54
CA ASP HA 115 -26.59 169.89 39.51
C ASP HA 115 -26.63 168.73 40.51
N VAL HA 116 -27.70 168.67 41.29
CA VAL HA 116 -27.92 167.59 42.25
C VAL HA 116 -29.29 166.95 42.12
N ILE HA 117 -30.30 167.62 41.56
CA ILE HA 117 -31.64 167.06 41.37
C ILE HA 117 -32.13 167.47 40.00
N LYS HA 118 -32.78 166.53 39.31
CA LYS HA 118 -33.45 166.78 38.04
C LYS HA 118 -34.88 166.28 38.15
N LEU HA 119 -35.83 167.11 37.70
CA LEU HA 119 -37.26 166.81 37.78
C LEU HA 119 -37.83 166.64 36.38
N GLU HA 120 -38.76 165.69 36.25
CA GLU HA 120 -39.39 165.39 34.96
C GLU HA 120 -40.88 165.14 35.17
N THR HA 121 -41.65 165.38 34.13
CA THR HA 121 -43.07 165.06 34.15
C THR HA 121 -43.24 163.54 34.21
N LYS HA 122 -44.29 163.10 34.89
CA LYS HA 122 -44.50 161.67 35.12
C LYS HA 122 -44.61 160.91 33.79
N TYR HA 123 -45.50 161.37 32.92
CA TYR HA 123 -45.57 160.94 31.53
C TYR HA 123 -44.99 162.03 30.63
N PRO HA 124 -44.49 161.70 29.44
CA PRO HA 124 -43.92 162.75 28.58
C PRO HA 124 -44.97 163.78 28.18
N THR HA 125 -44.57 165.05 28.21
CA THR HA 125 -45.47 166.15 27.89
C THR HA 125 -44.69 167.44 27.86
N ALA HA 126 -45.28 168.46 27.21
CA ALA HA 126 -44.80 169.83 27.25
C ALA HA 126 -45.65 170.71 28.14
N ARG HA 127 -46.55 170.13 28.94
CA ARG HA 127 -47.43 170.92 29.77
C ARG HA 127 -46.62 171.72 30.80
N ASN HA 128 -47.06 172.95 31.04
CA ASN HA 128 -46.36 173.86 31.95
C ASN HA 128 -46.63 173.44 33.39
N PHE HA 129 -46.04 172.31 33.76
CA PHE HA 129 -46.09 171.83 35.15
C PHE HA 129 -45.00 172.59 35.91
N ASN HA 130 -45.38 173.73 36.45
CA ASN HA 130 -44.42 174.67 37.03
C ASN HA 130 -44.09 174.28 38.47
N VAL HA 131 -42.85 174.53 38.85
CA VAL HA 131 -42.33 174.18 40.17
C VAL HA 131 -41.64 175.40 40.75
N THR HA 132 -41.97 175.73 41.99
CA THR HA 132 -41.35 176.84 42.74
C THR HA 132 -40.58 176.25 43.91
N ILE HA 133 -39.28 176.54 43.97
CA ILE HA 133 -38.41 176.13 45.05
C ILE HA 133 -37.85 177.37 45.71
N LYS HA 134 -38.04 177.49 47.03
CA LYS HA 134 -37.60 178.65 47.79
C LYS HA 134 -36.98 178.19 49.09
N SER HA 135 -36.19 179.07 49.69
CA SER HA 135 -35.57 178.77 50.97
C SER HA 135 -36.60 178.79 52.08
N ASN HA 136 -36.57 177.76 52.92
CA ASN HA 136 -37.51 177.68 54.04
C ASN HA 136 -37.29 178.84 54.99
N LEU HA 137 -38.40 179.32 55.58
CA LEU HA 137 -38.36 180.56 56.34
C LEU HA 137 -37.48 180.43 57.58
N VAL HA 138 -37.51 179.28 58.24
CA VAL HA 138 -36.81 179.10 59.51
C VAL HA 138 -35.41 178.57 59.27
N ASP HA 139 -35.30 177.38 58.69
CA ASP HA 139 -34.04 176.67 58.52
C ASP HA 139 -33.54 176.84 57.10
N SER HA 140 -32.28 177.30 56.96
CA SER HA 140 -31.70 177.44 55.63
C SER HA 140 -31.43 176.08 54.98
N ASP HA 141 -31.38 175.01 55.77
CA ASP HA 141 -31.05 173.69 55.24
C ASP HA 141 -32.22 173.01 54.55
N LYS HA 142 -33.44 173.51 54.72
CA LYS HA 142 -34.64 172.89 54.17
C LYS HA 142 -35.18 173.72 53.01
N LYS HA 143 -35.55 173.04 51.93
CA LYS HA 143 -36.02 173.66 50.70
C LYS HA 143 -37.50 173.33 50.50
N ASP HA 144 -38.32 174.37 50.43
CA ASP HA 144 -39.74 174.19 50.15
C ASP HA 144 -39.92 173.81 48.68
N PHE HA 145 -40.70 172.77 48.42
CA PHE HA 145 -41.02 172.32 47.07
C PHE HA 145 -42.51 172.51 46.83
N ILE HA 146 -42.85 173.55 46.06
CA ILE HA 146 -44.22 173.84 45.69
C ILE HA 146 -44.37 173.50 44.21
N PHE HA 147 -45.28 172.58 43.90
CA PHE HA 147 -45.54 172.16 42.53
C PHE HA 147 -46.85 172.78 42.06
N PHE HA 148 -46.96 172.96 40.74
CA PHE HA 148 -48.14 173.56 40.12
C PHE HA 148 -48.54 172.74 38.90
N GLU HA 149 -49.84 172.49 38.75
CA GLU HA 149 -50.33 171.90 37.51
C GLU HA 149 -50.11 172.85 36.34
N ASN HA 150 -50.75 174.02 36.39
CA ASN HA 150 -50.35 175.18 35.60
C ASN HA 150 -49.90 176.32 36.49
N THR HA 151 -50.76 176.78 37.40
CA THR HA 151 -50.38 177.71 38.46
C THR HA 151 -51.04 177.42 39.80
N LYS HA 152 -52.06 176.57 39.87
CA LYS HA 152 -52.72 176.26 41.13
C LYS HA 152 -51.84 175.34 41.98
N GLN HA 153 -51.86 175.57 43.29
CA GLN HA 153 -51.01 174.82 44.21
C GLN HA 153 -51.44 173.35 44.28
N LEU HA 154 -50.53 172.44 43.93
CA LEU HA 154 -50.80 171.01 43.95
C LEU HA 154 -50.21 170.34 45.20
N PHE HA 155 -48.90 170.50 45.41
CA PHE HA 155 -48.19 169.86 46.51
C PHE HA 155 -47.24 170.88 47.12
N SER HA 156 -47.08 170.84 48.44
CA SER HA 156 -46.20 171.75 49.16
C SER HA 156 -45.59 171.01 50.35
N SER HA 157 -44.26 171.01 50.42
CA SER HA 157 -43.55 170.34 51.50
C SER HA 157 -42.09 170.75 51.47
N SER HA 158 -41.36 170.35 52.52
CA SER HA 158 -39.93 170.58 52.61
C SER HA 158 -39.31 169.39 53.34
N ILE HA 159 -38.02 169.15 53.06
CA ILE HA 159 -37.30 167.98 53.54
C ILE HA 159 -35.92 168.40 54.03
N LYS HA 160 -35.37 167.61 54.95
CA LYS HA 160 -34.16 167.94 55.68
C LYS HA 160 -32.90 167.82 54.84
N GLY HA 161 -32.76 168.67 53.82
CA GLY HA 161 -31.48 168.87 53.15
C GLY HA 161 -31.02 167.77 52.23
N THR HA 162 -30.91 166.55 52.75
CA THR HA 162 -30.30 165.46 51.99
C THR HA 162 -31.12 165.13 50.73
N ILE HA 163 -30.42 164.88 49.63
CA ILE HA 163 -31.05 164.79 48.32
C ILE HA 163 -31.94 163.55 48.22
N ASP HA 164 -31.50 162.44 48.82
CA ASP HA 164 -32.26 161.18 48.72
C ASP HA 164 -33.65 161.35 49.31
N GLU HA 165 -33.74 161.94 50.50
CA GLU HA 165 -35.03 162.14 51.15
C GLU HA 165 -35.91 163.07 50.32
N ILE HA 166 -35.32 164.13 49.77
CA ILE HA 166 -36.08 165.08 48.96
C ILE HA 166 -36.68 164.38 47.74
N VAL HA 167 -35.85 163.62 47.02
CA VAL HA 167 -36.31 162.96 45.79
C VAL HA 167 -37.36 161.91 46.12
N LEU HA 168 -37.14 161.12 47.17
CA LEU HA 168 -38.10 160.08 47.52
C LEU HA 168 -39.40 160.67 48.02
N GLU HA 169 -39.35 161.82 48.72
CA GLU HA 169 -40.56 162.52 49.11
C GLU HA 169 -41.32 162.97 47.87
N ILE HA 170 -40.63 163.61 46.93
CA ILE HA 170 -41.28 164.14 45.74
C ILE HA 170 -41.84 163.02 44.88
N ASN HA 171 -41.23 161.82 44.93
CA ASN HA 171 -41.74 160.70 44.15
C ASN HA 171 -42.90 160.00 44.84
N SER HA 172 -42.87 159.89 46.17
CA SER HA 172 -43.78 159.02 46.90
C SER HA 172 -44.96 159.73 47.54
N ASN HA 173 -44.96 161.06 47.62
CA ASN HA 173 -46.05 161.75 48.27
C ASN HA 173 -47.33 161.66 47.44
N LEU HA 174 -48.47 161.81 48.12
CA LEU HA 174 -49.75 161.56 47.48
C LEU HA 174 -50.07 162.59 46.41
N ASP HA 175 -49.68 163.84 46.61
CA ASP HA 175 -50.02 164.92 45.70
C ASP HA 175 -49.02 165.09 44.56
N ASN HA 176 -48.03 164.21 44.44
CA ASN HA 176 -47.06 164.24 43.35
C ASN HA 176 -47.44 163.27 42.23
N GLU HA 177 -48.74 163.11 41.97
CA GLU HA 177 -49.19 162.25 40.88
C GLU HA 177 -48.78 162.79 39.51
N TYR HA 178 -48.38 164.07 39.43
CA TYR HA 178 -48.05 164.72 38.16
C TYR HA 178 -46.57 165.08 38.07
N VAL HA 179 -45.68 164.24 38.59
CA VAL HA 179 -44.25 164.50 38.50
C VAL HA 179 -43.47 163.24 38.85
N ILE HA 180 -42.29 163.10 38.28
CA ILE HA 180 -41.27 162.16 38.72
C ILE HA 180 -39.99 162.94 38.98
N ALA HA 181 -39.34 162.66 40.11
CA ALA HA 181 -38.08 163.28 40.49
C ALA HA 181 -37.01 162.22 40.59
N THR HA 182 -35.83 162.51 40.03
CA THR HA 182 -34.70 161.59 40.00
C THR HA 182 -33.45 162.31 40.48
N LYS HA 183 -32.58 161.57 41.17
CA LYS HA 183 -31.37 162.12 41.75
C LYS HA 183 -30.26 162.18 40.71
N VAL HA 184 -29.35 163.12 40.89
CA VAL HA 184 -28.14 163.22 40.08
C VAL HA 184 -26.96 162.54 40.77
N ALA HA 185 -26.68 162.90 42.02
CA ALA HA 185 -25.57 162.32 42.76
C ALA HA 185 -25.82 162.49 44.25
N ASP HA 186 -25.08 161.72 45.04
CA ASP HA 186 -25.18 161.82 46.49
C ASP HA 186 -24.63 163.16 46.96
N SER HA 187 -25.50 163.96 47.58
CA SER HA 187 -25.11 165.28 48.06
C SER HA 187 -25.98 165.66 49.25
N ASP HA 188 -25.42 166.52 50.10
CA ASP HA 188 -26.15 167.18 51.17
C ASP HA 188 -26.20 168.69 50.98
N THR HA 189 -25.96 169.17 49.76
CA THR HA 189 -25.97 170.59 49.49
C THR HA 189 -27.41 171.08 49.34
N ILE HA 190 -27.56 172.39 49.11
CA ILE HA 190 -28.83 173.09 49.21
C ILE HA 190 -29.14 173.74 47.88
N LEU HA 191 -30.36 173.51 47.38
CA LEU HA 191 -30.78 174.03 46.08
C LEU HA 191 -30.94 175.55 46.14
N ALA HA 192 -30.92 176.16 44.95
CA ALA HA 192 -31.14 177.59 44.84
C ALA HA 192 -32.62 177.91 44.97
N ASN HA 193 -32.94 179.21 44.87
CA ASN HA 193 -34.32 179.68 44.88
C ASN HA 193 -34.78 179.91 43.44
N VAL HA 194 -35.87 179.25 43.06
CA VAL HA 194 -36.46 179.37 41.74
C VAL HA 194 -37.97 179.30 41.86
N VAL HA 195 -38.67 180.08 41.03
CA VAL HA 195 -40.11 180.24 41.09
C VAL HA 195 -40.70 179.73 39.79
N ASN HA 196 -41.68 178.82 39.90
CA ASN HA 196 -42.55 178.46 38.78
C ASN HA 196 -41.77 177.88 37.60
N GLN HA 197 -40.69 177.16 37.89
CA GLN HA 197 -39.87 176.56 36.83
C GLN HA 197 -40.67 175.58 36.02
N ALA HA 198 -40.83 175.86 34.72
CA ALA HA 198 -41.65 175.05 33.84
C ALA HA 198 -40.82 173.92 33.23
N LEU HA 199 -41.31 172.69 33.39
CA LEU HA 199 -40.69 171.54 32.74
C LEU HA 199 -41.10 171.51 31.28
N GLU HA 200 -40.11 171.59 30.38
CA GLU HA 200 -40.36 171.71 28.95
C GLU HA 200 -39.35 170.88 28.18
N GLY HA 201 -39.69 170.60 26.93
CA GLY HA 201 -38.84 169.81 26.05
C GLY HA 201 -39.61 168.80 25.21
N GLY HA 202 -40.84 168.49 25.60
CA GLY HA 202 -41.65 167.49 24.95
C GLY HA 202 -42.64 168.08 23.96
N ASN HA 203 -43.85 167.54 23.96
CA ASN HA 203 -44.93 168.06 23.13
C ASN HA 203 -46.26 167.54 23.68
N ASP HA 204 -47.34 168.12 23.19
CA ASP HA 204 -48.67 167.75 23.65
C ASP HA 204 -49.04 166.35 23.17
N GLY HA 205 -49.86 165.65 23.96
CA GLY HA 205 -50.31 164.32 23.56
C GLY HA 205 -51.30 164.35 22.42
N CYS HA 206 -52.03 165.45 22.26
CA CYS HA 206 -52.95 165.65 21.15
C CYS HA 206 -52.30 166.38 19.98
N THR HA 207 -50.99 166.21 19.79
CA THR HA 207 -50.26 166.95 18.77
C THR HA 207 -50.79 166.61 17.37
N SER HA 208 -50.85 165.33 17.04
CA SER HA 208 -51.29 164.91 15.72
C SER HA 208 -51.81 163.49 15.81
N ILE HA 209 -53.14 163.32 15.71
CA ILE HA 209 -53.76 162.01 15.66
C ILE HA 209 -53.80 161.58 14.19
N THR HA 210 -52.90 160.68 13.81
CA THR HA 210 -52.75 160.24 12.44
C THR HA 210 -52.80 158.71 12.39
N ASN HA 211 -52.79 158.19 11.16
CA ASN HA 211 -53.12 156.78 10.95
C ASN HA 211 -52.10 155.85 11.61
N GLU HA 212 -50.80 156.15 11.45
CA GLU HA 212 -49.80 155.31 12.10
C GLU HA 212 -49.88 155.45 13.62
N SER HA 213 -50.10 156.67 14.11
CA SER HA 213 -50.21 156.89 15.55
C SER HA 213 -51.40 156.14 16.12
N TYR HA 214 -52.53 156.15 15.41
CA TYR HA 214 -53.69 155.37 15.84
C TYR HA 214 -53.38 153.88 15.78
N LEU HA 215 -52.66 153.43 14.75
CA LEU HA 215 -52.38 152.02 14.59
C LEU HA 215 -51.42 151.50 15.65
N LYS HA 216 -50.66 152.39 16.29
CA LYS HA 216 -49.84 151.98 17.43
C LYS HA 216 -50.69 151.30 18.50
N ALA HA 217 -51.88 151.83 18.75
CA ALA HA 217 -52.75 151.26 19.77
C ALA HA 217 -53.14 149.83 19.44
N LEU HA 218 -53.54 149.58 18.19
CA LEU HA 218 -53.91 148.24 17.78
C LEU HA 218 -52.71 147.30 17.83
N GLU HA 219 -51.54 147.78 17.38
CA GLU HA 219 -50.34 146.96 17.42
C GLU HA 219 -50.00 146.54 18.85
N GLU HA 220 -50.14 147.47 19.80
CA GLU HA 220 -49.87 147.15 21.19
C GLU HA 220 -50.93 146.23 21.78
N PHE HA 221 -52.20 146.46 21.43
CA PHE HA 221 -53.30 145.66 21.94
C PHE HA 221 -53.32 144.25 21.35
N GLU HA 222 -52.56 143.99 20.29
CA GLU HA 222 -52.45 142.63 19.78
C GLU HA 222 -52.00 141.65 20.86
N ARG HA 223 -51.16 142.11 21.78
CA ARG HA 223 -50.63 141.24 22.84
C ARG HA 223 -51.56 141.12 24.04
N TYR HA 224 -52.76 141.69 23.97
CA TYR HA 224 -53.72 141.67 25.06
C TYR HA 224 -55.10 141.30 24.53
N SER HA 225 -55.93 140.78 25.44
CA SER HA 225 -57.31 140.38 25.14
C SER HA 225 -58.26 141.19 26.00
N PHE HA 226 -59.35 141.64 25.39
CA PHE HA 226 -60.32 142.52 26.04
C PHE HA 226 -61.72 142.02 25.73
N ASP HA 227 -62.68 142.54 26.49
CA ASP HA 227 -64.09 142.31 26.17
C ASP HA 227 -64.51 143.10 24.93
N SER HA 228 -63.92 144.28 24.73
CA SER HA 228 -64.25 145.11 23.59
C SER HA 228 -63.13 146.11 23.35
N PHE HA 229 -63.10 146.65 22.13
CA PHE HA 229 -62.24 147.75 21.75
C PHE HA 229 -63.09 148.81 21.06
N VAL HA 230 -62.73 150.08 21.28
CA VAL HA 230 -63.47 151.21 20.72
C VAL HA 230 -62.49 152.19 20.11
N LEU HA 231 -62.86 152.74 18.95
CA LEU HA 231 -62.12 153.86 18.37
C LEU HA 231 -62.46 155.12 19.15
N ASP HA 232 -61.44 155.91 19.49
CA ASP HA 232 -61.64 157.06 20.37
C ASP HA 232 -62.07 158.31 19.61
N GLY HA 233 -63.24 158.25 18.97
CA GLY HA 233 -63.90 159.44 18.48
C GLY HA 233 -63.50 159.90 17.10
N VAL HA 234 -62.35 159.46 16.59
CA VAL HA 234 -61.87 159.94 15.30
C VAL HA 234 -62.63 159.22 14.19
N ALA HA 235 -63.71 159.83 13.72
CA ALA HA 235 -64.56 159.21 12.70
C ALA HA 235 -63.97 159.42 11.31
N ASP HA 236 -62.74 158.99 11.11
CA ASP HA 236 -62.12 158.99 9.79
C ASP HA 236 -62.22 157.58 9.22
N GLU HA 237 -62.79 157.47 8.01
CA GLU HA 237 -63.11 156.16 7.46
C GLU HA 237 -61.87 155.32 7.23
N ALA HA 238 -60.72 155.94 6.97
CA ALA HA 238 -59.48 155.17 6.81
C ALA HA 238 -59.13 154.44 8.09
N LEU HA 239 -59.23 155.13 9.23
CA LEU HA 239 -58.95 154.48 10.51
C LEU HA 239 -59.93 153.36 10.79
N GLN HA 240 -61.21 153.58 10.50
CA GLN HA 240 -62.22 152.54 10.74
C GLN HA 240 -61.99 151.33 9.86
N GLU HA 241 -61.60 151.54 8.60
CA GLU HA 241 -61.31 150.42 7.72
C GLU HA 241 -60.05 149.67 8.16
N THR HA 242 -59.04 150.41 8.64
CA THR HA 242 -57.85 149.76 9.17
C THR HA 242 -58.19 148.90 10.39
N THR HA 243 -59.02 149.43 11.28
CA THR HA 243 -59.47 148.65 12.42
C THR HA 243 -60.31 147.45 12.00
N LYS HA 244 -61.11 147.61 10.94
CA LYS HA 244 -61.88 146.49 10.40
C LYS HA 244 -60.95 145.38 9.94
N ALA HA 245 -59.91 145.74 9.19
CA ALA HA 245 -58.95 144.74 8.72
C ALA HA 245 -58.22 144.08 9.90
N TRP HA 246 -57.86 144.88 10.90
CA TRP HA 246 -57.18 144.35 12.08
C TRP HA 246 -58.06 143.36 12.82
N VAL HA 247 -59.32 143.72 13.03
CA VAL HA 247 -60.24 142.82 13.73
C VAL HA 247 -60.53 141.59 12.90
N ALA HA 248 -60.55 141.72 11.56
CA ALA HA 248 -60.71 140.55 10.71
C ALA HA 248 -59.53 139.60 10.86
N LYS HA 249 -58.31 140.16 10.89
CA LYS HA 249 -57.12 139.34 11.13
C LYS HA 249 -57.23 138.62 12.46
N ASN HA 250 -57.72 139.31 13.48
CA ASN HA 250 -57.92 138.64 14.77
C ASN HA 250 -59.01 137.58 14.70
N LYS HA 251 -60.05 137.82 13.89
CA LYS HA 251 -61.12 136.84 13.73
C LYS HA 251 -60.58 135.55 13.12
N GLU HA 252 -59.68 135.68 12.14
CA GLU HA 252 -59.00 134.48 11.66
C GLU HA 252 -58.17 133.85 12.77
N LEU HA 253 -57.57 134.67 13.63
CA LEU HA 253 -56.89 134.18 14.81
C LEU HA 253 -57.86 133.75 15.91
N GLY HA 254 -59.10 134.25 15.87
CA GLY HA 254 -60.12 133.88 16.83
C GLY HA 254 -60.41 134.91 17.89
N LYS HA 255 -59.58 135.95 18.03
CA LYS HA 255 -59.78 136.98 19.05
C LYS HA 255 -60.85 137.97 18.59
N ASP HA 256 -62.10 137.52 18.71
CA ASP HA 256 -63.25 138.34 18.29
C ASP HA 256 -63.52 139.44 19.31
N ILE HA 257 -62.59 140.39 19.40
CA ILE HA 257 -62.77 141.54 20.26
C ILE HA 257 -63.88 142.41 19.68
N LEU HA 258 -64.93 142.60 20.48
CA LEU HA 258 -66.11 143.31 19.99
C LEU HA 258 -65.76 144.77 19.72
N LEU HA 259 -65.84 145.18 18.46
CA LEU HA 259 -65.41 146.50 18.01
C LEU HA 259 -66.60 147.45 18.02
N PHE HA 260 -66.32 148.72 18.29
CA PHE HA 260 -67.31 149.80 18.26
C PHE HA 260 -66.74 150.99 17.50
N LEU HA 261 -67.58 151.61 16.67
CA LEU HA 261 -67.21 152.78 15.89
C LEU HA 261 -68.40 153.73 15.84
N GLY HA 262 -68.29 154.75 15.00
CA GLY HA 262 -69.39 155.67 14.77
C GLY HA 262 -69.04 156.66 13.68
N GLY HA 263 -70.07 157.24 13.10
CA GLY HA 263 -69.89 158.21 12.05
C GLY HA 263 -69.41 159.55 12.57
N LYS HA 264 -69.01 160.40 11.63
CA LYS HA 264 -68.52 161.72 11.98
C LYS HA 264 -69.67 162.69 12.23
N THR HA 265 -69.33 163.87 12.74
CA THR HA 265 -70.33 164.88 13.05
C THR HA 265 -71.08 165.36 11.81
N GLU HA 266 -70.50 165.20 10.64
CA GLU HA 266 -71.07 165.71 9.39
C GLU HA 266 -71.94 164.69 8.66
N ASP HA 267 -72.18 163.52 9.24
CA ASP HA 267 -72.98 162.48 8.61
C ASP HA 267 -74.44 162.62 9.05
N ASN HA 268 -75.34 162.73 8.08
CA ASN HA 268 -76.77 162.71 8.33
C ASN HA 268 -77.23 161.25 8.41
N ILE HA 269 -78.55 161.04 8.39
CA ILE HA 269 -79.08 159.68 8.38
C ILE HA 269 -78.60 158.94 7.14
N LYS HA 270 -78.57 159.62 6.00
CA LYS HA 270 -78.13 158.98 4.76
C LYS HA 270 -76.66 158.57 4.85
N GLN HA 271 -75.80 159.48 5.28
CA GLN HA 271 -74.37 159.17 5.39
C GLN HA 271 -74.12 158.08 6.42
N ILE HA 272 -74.83 158.15 7.55
CA ILE HA 272 -74.68 157.14 8.59
C ILE HA 272 -75.08 155.77 8.06
N ASN HA 273 -76.21 155.70 7.35
CA ASN HA 273 -76.67 154.42 6.81
C ASN HA 273 -75.70 153.89 5.76
N ASP HA 274 -75.18 154.77 4.90
CA ASP HA 274 -74.24 154.33 3.89
C ASP HA 274 -72.96 153.79 4.52
N LYS HA 275 -72.44 154.48 5.54
CA LYS HA 275 -71.22 154.02 6.18
C LYS HA 275 -71.46 152.73 6.95
N SER HA 276 -72.64 152.56 7.55
CA SER HA 276 -72.97 151.30 8.18
C SER HA 276 -73.03 150.17 7.15
N LYS HA 277 -73.63 150.46 6.00
CA LYS HA 277 -73.71 149.46 4.93
C LYS HA 277 -72.32 149.13 4.39
N SER HA 278 -71.37 150.06 4.48
CA SER HA 278 -70.01 149.79 4.03
C SER HA 278 -69.40 148.63 4.80
N PHE HA 279 -69.64 148.59 6.12
CA PHE HA 279 -69.23 147.45 6.93
C PHE HA 279 -70.31 146.39 6.94
N ASN HA 280 -69.89 145.13 7.14
CA ASN HA 280 -70.83 144.03 7.28
C ASN HA 280 -70.38 143.03 8.35
N ASP HA 281 -69.36 143.36 9.13
CA ASP HA 281 -68.79 142.40 10.07
C ASP HA 281 -69.72 142.21 11.27
N GLU HA 282 -69.64 141.02 11.87
CA GLU HA 282 -70.48 140.70 13.02
C GLU HA 282 -70.07 141.50 14.25
N ASN HA 283 -68.76 141.59 14.51
CA ASN HA 283 -68.25 142.18 15.73
C ASN HA 283 -68.04 143.69 15.64
N ILE HA 284 -68.41 144.32 14.53
CA ILE HA 284 -68.16 145.74 14.29
C ILE HA 284 -69.49 146.48 14.36
N VAL HA 285 -69.47 147.66 14.97
CA VAL HA 285 -70.67 148.46 15.22
C VAL HA 285 -70.41 149.87 14.74
N ASN HA 286 -71.48 150.56 14.34
CA ASN HA 286 -71.43 151.95 13.90
C ASN HA 286 -72.56 152.70 14.61
N VAL HA 287 -72.22 153.37 15.71
CA VAL HA 287 -73.19 154.23 16.38
C VAL HA 287 -73.58 155.35 15.43
N GLY HA 288 -74.87 155.70 15.42
CA GLY HA 288 -75.38 156.61 14.42
C GLY HA 288 -75.44 158.07 14.84
N SER HA 289 -76.00 158.32 16.03
CA SER HA 289 -76.36 159.68 16.45
C SER HA 289 -75.38 160.21 17.48
N SER HA 290 -75.05 161.50 17.34
CA SER HA 290 -74.29 162.21 18.36
C SER HA 290 -75.09 162.29 19.66
N ALA HA 291 -74.44 162.77 20.72
CA ALA HA 291 -75.09 162.82 22.02
C ALA HA 291 -74.48 163.92 22.88
N TYR HA 292 -75.25 164.33 23.88
CA TYR HA 292 -74.80 165.20 24.96
C TYR HA 292 -74.82 164.40 26.24
N TYR HA 293 -73.80 164.58 27.08
CA TYR HA 293 -73.84 164.12 28.46
C TYR HA 293 -73.77 165.30 29.42
N GLU HA 294 -72.72 166.12 29.34
CA GLU HA 294 -72.58 167.33 30.15
C GLU HA 294 -72.53 168.58 29.28
N ASN HA 295 -71.54 168.68 28.38
CA ASN HA 295 -71.31 169.89 27.61
C ASN HA 295 -71.04 169.63 26.13
N ILE HA 296 -70.48 168.47 25.81
CA ILE HA 296 -69.89 168.23 24.49
C ILE HA 296 -70.92 167.56 23.59
N LYS HA 297 -70.96 167.99 22.32
CA LYS HA 297 -71.63 167.25 21.27
C LYS HA 297 -70.75 166.07 20.86
N TYR HA 298 -70.81 165.02 21.68
CA TYR HA 298 -70.03 163.82 21.42
C TYR HA 298 -70.43 163.22 20.09
N THR HA 299 -69.43 162.92 19.26
CA THR HA 299 -69.71 162.32 17.98
C THR HA 299 -70.25 160.90 18.20
N PRO HA 300 -70.90 160.31 17.18
CA PRO HA 300 -71.26 158.89 17.30
C PRO HA 300 -70.05 158.01 17.61
N SER HA 301 -68.90 158.33 17.02
CA SER HA 301 -67.66 157.65 17.37
C SER HA 301 -67.27 157.87 18.82
N GLU HA 302 -67.43 159.10 19.34
CA GLU HA 302 -67.12 159.36 20.74
C GLU HA 302 -68.15 158.72 21.67
N VAL HA 303 -69.42 158.72 21.27
CA VAL HA 303 -70.46 158.02 22.03
C VAL HA 303 -70.18 156.52 22.07
N ALA HA 304 -69.51 156.01 21.03
CA ALA HA 304 -69.21 154.59 20.95
C ALA HA 304 -68.42 154.09 22.16
N VAL HA 305 -67.66 154.97 22.80
CA VAL HA 305 -66.92 154.58 24.01
C VAL HA 305 -67.89 154.16 25.11
N TYR HA 306 -68.88 155.01 25.40
CA TYR HA 306 -69.84 154.67 26.44
C TYR HA 306 -70.71 153.49 26.03
N ILE HA 307 -71.05 153.40 24.74
CA ILE HA 307 -71.83 152.26 24.27
C ILE HA 307 -71.04 150.97 24.47
N ALA HA 308 -69.74 151.00 24.18
CA ALA HA 308 -68.90 149.82 24.37
C ALA HA 308 -68.81 149.47 25.85
N ALA HA 309 -68.67 150.47 26.71
CA ALA HA 309 -68.62 150.21 28.14
C ALA HA 309 -69.91 149.56 28.63
N LEU HA 310 -71.06 150.06 28.17
CA LEU HA 310 -72.33 149.46 28.55
C LEU HA 310 -72.44 148.03 28.05
N SER HA 311 -72.04 147.79 26.80
CA SER HA 311 -72.14 146.46 26.22
C SER HA 311 -71.26 145.46 26.98
N VAL HA 312 -70.06 145.89 27.36
CA VAL HA 312 -69.16 145.01 28.12
C VAL HA 312 -69.73 144.77 29.51
N SER HA 313 -70.27 145.82 30.13
CA SER HA 313 -70.80 145.68 31.48
C SER HA 313 -71.99 144.73 31.53
N LYS HA 314 -72.85 144.79 30.51
CA LYS HA 314 -74.06 143.98 30.51
C LYS HA 314 -73.73 142.50 30.45
N GLY HA 315 -72.72 142.12 29.66
CA GLY HA 315 -72.39 140.72 29.55
C GLY HA 315 -73.41 139.96 28.71
N ILE HA 316 -73.32 138.63 28.81
CA ILE HA 316 -74.22 137.76 28.04
C ILE HA 316 -75.65 137.94 28.52
N THR HA 317 -75.84 138.01 29.85
CA THR HA 317 -77.18 138.09 30.40
C THR HA 317 -77.89 139.37 29.98
N GLY HA 318 -77.18 140.50 30.02
CA GLY HA 318 -77.80 141.79 29.76
C GLY HA 318 -77.79 142.15 28.28
N SER HA 319 -78.89 142.74 27.83
CA SER HA 319 -79.04 143.22 26.45
C SER HA 319 -79.52 144.66 26.48
N ILE HA 320 -78.97 145.46 25.57
CA ILE HA 320 -79.23 146.89 25.53
C ILE HA 320 -80.23 147.25 24.42
N CYS HA 321 -81.07 146.29 24.01
CA CYS HA 321 -82.03 146.56 22.94
C CYS HA 321 -83.11 147.55 23.39
N ASN HA 322 -83.38 147.63 24.70
CA ASN HA 322 -84.34 148.59 25.23
C ASN HA 322 -83.84 149.18 26.56
N ALA HA 323 -82.53 149.31 26.71
CA ALA HA 323 -81.94 149.76 27.96
C ALA HA 323 -81.76 151.28 27.97
N LYS HA 324 -81.93 151.88 29.14
CA LYS HA 324 -81.69 153.30 29.31
C LYS HA 324 -80.19 153.57 29.30
N THR HA 325 -79.83 154.79 28.89
CA THR HA 325 -78.44 155.23 28.82
C THR HA 325 -78.25 156.54 29.59
N ILE HA 326 -77.00 156.83 29.93
CA ILE HA 326 -76.69 157.99 30.75
C ILE HA 326 -76.96 159.29 30.01
N PHE HA 327 -76.98 159.26 28.67
CA PHE HA 327 -77.04 160.50 27.90
C PHE HA 327 -78.35 161.23 28.12
N GLU HA 328 -78.28 162.56 28.07
CA GLU HA 328 -79.45 163.42 28.22
C GLU HA 328 -80.18 163.62 26.90
N GLU HA 329 -79.46 163.72 25.79
CA GLU HA 329 -80.07 163.89 24.47
C GLU HA 329 -79.17 163.28 23.41
N VAL HA 330 -79.77 162.93 22.29
CA VAL HA 330 -79.05 162.41 21.12
C VAL HA 330 -79.72 162.97 19.87
N GLU HA 331 -78.90 163.29 18.87
CA GLU HA 331 -79.36 163.79 17.59
C GLU HA 331 -78.52 163.17 16.48
N PRO HA 332 -79.06 163.01 15.26
CA PRO HA 332 -80.39 163.39 14.77
C PRO HA 332 -81.51 162.47 15.26
N ARG HA 333 -82.70 163.01 15.49
CA ARG HA 333 -83.82 162.21 15.96
C ARG HA 333 -84.34 161.34 14.81
N LEU HA 334 -85.01 160.25 15.18
CA LEU HA 334 -85.45 159.23 14.24
C LEU HA 334 -86.87 158.79 14.58
N SER HA 335 -87.75 158.82 13.57
CA SER HA 335 -89.09 158.29 13.70
C SER HA 335 -89.05 156.79 13.41
N GLN HA 336 -90.23 156.17 13.23
CA GLN HA 336 -90.26 154.74 12.93
C GLN HA 336 -89.57 154.44 11.61
N SER HA 337 -89.83 155.26 10.58
CA SER HA 337 -89.18 155.05 9.30
C SER HA 337 -87.67 155.23 9.39
N GLU HA 338 -87.23 156.30 10.05
CA GLU HA 338 -85.80 156.55 10.20
C GLU HA 338 -85.16 155.45 11.05
N VAL HA 339 -85.83 155.02 12.12
CA VAL HA 339 -85.32 153.95 12.96
C VAL HA 339 -85.14 152.68 12.14
N LYS HA 340 -86.16 152.31 11.37
CA LYS HA 340 -86.09 151.09 10.57
C LYS HA 340 -84.98 151.18 9.52
N GLU HA 341 -84.87 152.33 8.86
CA GLU HA 341 -83.85 152.50 7.83
C GLU HA 341 -82.44 152.41 8.43
N CYS HA 342 -82.24 153.03 9.59
CA CYS HA 342 -80.92 153.00 10.20
C CYS HA 342 -80.57 151.62 10.73
N LEU HA 343 -81.54 150.93 11.35
CA LEU HA 343 -81.28 149.60 11.85
C LEU HA 343 -80.99 148.62 10.72
N LYS HA 344 -81.77 148.70 9.62
CA LYS HA 344 -81.56 147.79 8.51
C LYS HA 344 -80.22 148.03 7.83
N SER HA 345 -79.78 149.28 7.78
CA SER HA 345 -78.48 149.60 7.20
C SER HA 345 -77.31 149.16 8.08
N GLY HA 346 -77.57 148.76 9.32
CA GLY HA 346 -76.52 148.30 10.22
C GLY HA 346 -76.10 149.30 11.26
N THR HA 347 -76.94 150.29 11.57
CA THR HA 347 -76.61 151.32 12.53
C THR HA 347 -77.24 151.01 13.89
N LEU HA 348 -76.47 151.21 14.95
CA LEU HA 348 -76.97 151.10 16.31
C LEU HA 348 -77.69 152.41 16.65
N VAL HA 349 -79.01 152.40 16.56
CA VAL HA 349 -79.79 153.63 16.65
C VAL HA 349 -79.95 154.04 18.10
N LEU HA 350 -79.60 155.30 18.39
CA LEU HA 350 -79.92 155.96 19.65
C LEU HA 350 -80.88 157.10 19.37
N ASP HA 351 -81.96 157.18 20.15
CA ASP HA 351 -82.94 158.23 20.00
C ASP HA 351 -83.45 158.63 21.38
N PHE HA 352 -83.86 159.88 21.50
CA PHE HA 352 -84.57 160.37 22.69
C PHE HA 352 -86.06 160.13 22.54
N ASP HA 353 -86.43 158.87 22.28
CA ASP HA 353 -87.81 158.51 22.00
C ASP HA 353 -88.73 158.63 23.21
N ASP HA 354 -88.16 158.81 24.40
CA ASP HA 354 -88.94 158.98 25.63
C ASP HA 354 -88.25 160.05 26.47
N GLY HA 355 -88.60 160.12 27.76
CA GLY HA 355 -88.00 161.10 28.64
C GLY HA 355 -86.51 160.92 28.86
N ASP HA 356 -85.96 159.77 28.47
CA ASP HA 356 -84.53 159.52 28.54
C ASP HA 356 -84.09 158.82 27.25
N VAL HA 357 -82.78 158.90 26.98
CA VAL HA 357 -82.23 158.28 25.79
C VAL HA 357 -82.40 156.77 25.87
N ILE HA 358 -82.80 156.16 24.75
CA ILE HA 358 -83.02 154.72 24.66
C ILE HA 358 -82.25 154.20 23.45
N ILE HA 359 -81.50 153.12 23.65
CA ILE HA 359 -80.94 152.37 22.52
C ILE HA 359 -82.09 151.57 21.91
N VAL HA 360 -82.42 151.87 20.66
CA VAL HA 360 -83.62 151.27 20.05
C VAL HA 360 -83.41 149.78 19.84
N ASP HA 361 -82.22 149.37 19.42
CA ASP HA 361 -81.91 147.96 19.29
C ASP HA 361 -80.39 147.78 19.32
N ASP HA 362 -79.97 146.62 19.83
CA ASP HA 362 -78.56 146.26 19.95
C ASP HA 362 -78.02 145.60 18.69
N VAL HA 363 -77.93 146.34 17.58
CA VAL HA 363 -77.66 145.76 16.27
C VAL HA 363 -76.20 146.04 15.88
N ASN HA 364 -75.72 145.24 14.93
CA ASN HA 364 -74.34 145.29 14.45
C ASN HA 364 -74.32 145.50 12.94
N THR HA 365 -73.11 145.61 12.39
CA THR HA 365 -72.97 145.83 10.95
C THR HA 365 -73.46 144.63 10.14
N PHE HA 366 -73.50 143.44 10.75
CA PHE HA 366 -74.08 142.28 10.09
C PHE HA 366 -75.62 142.30 10.10
N LYS HA 367 -76.25 143.37 10.60
CA LYS HA 367 -77.70 143.47 10.52
C LYS HA 367 -78.17 143.52 9.07
N LYS HA 368 -77.30 143.96 8.15
CA LYS HA 368 -77.48 143.72 6.72
C LYS HA 368 -77.07 142.28 6.44
N TYR HA 369 -77.88 141.35 6.94
CA TYR HA 369 -77.54 139.94 7.01
C TYR HA 369 -77.66 139.28 5.64
N VAL HA 370 -77.44 137.97 5.62
CA VAL HA 370 -77.57 137.14 4.43
C VAL HA 370 -78.35 135.89 4.80
N ASP HA 371 -78.85 135.19 3.78
CA ASP HA 371 -79.99 134.29 3.95
C ASP HA 371 -79.70 133.13 4.90
N ASP HA 372 -78.48 132.57 4.87
CA ASP HA 372 -78.21 131.39 5.68
C ASP HA 372 -78.31 131.68 7.18
N LYS HA 373 -77.84 132.85 7.61
CA LYS HA 373 -77.85 133.24 9.02
C LYS HA 373 -79.09 134.08 9.30
N ASN HA 374 -79.83 133.72 10.34
CA ASN HA 374 -81.04 134.45 10.69
C ASN HA 374 -80.68 135.80 11.31
N GLU HA 375 -81.72 136.64 11.48
CA GLU HA 375 -81.51 137.97 12.04
C GLU HA 375 -81.02 137.93 13.48
N ALA HA 376 -81.22 136.81 14.18
CA ALA HA 376 -80.68 136.69 15.53
C ALA HA 376 -79.16 136.79 15.56
N MET HA 377 -78.50 136.46 14.44
CA MET HA 377 -77.06 136.65 14.35
C MET HA 377 -76.67 138.12 14.43
N GLY HA 378 -77.56 139.03 14.07
CA GLY HA 378 -77.24 140.44 13.94
C GLY HA 378 -77.29 141.23 15.23
N TYR HA 379 -77.36 140.58 16.39
CA TYR HA 379 -77.40 141.25 17.68
C TYR HA 379 -76.06 141.13 18.36
N ILE HA 380 -75.55 142.24 18.90
CA ILE HA 380 -74.20 142.29 19.44
C ILE HA 380 -74.06 141.34 20.62
N SER HA 381 -75.06 141.31 21.50
CA SER HA 381 -75.02 140.40 22.64
C SER HA 381 -74.94 138.95 22.17
N ASN HA 382 -75.70 138.61 21.12
CA ASN HA 382 -75.65 137.26 20.57
C ASN HA 382 -74.26 136.96 20.01
N ILE HA 383 -73.62 137.94 19.38
CA ILE HA 383 -72.28 137.71 18.82
C ILE HA 383 -71.28 137.48 19.94
N MET HA 384 -71.35 138.27 21.01
CA MET HA 384 -70.46 138.05 22.14
C MET HA 384 -70.72 136.69 22.78
N PHE HA 385 -71.98 136.28 22.84
CA PHE HA 385 -72.35 134.95 23.32
C PHE HA 385 -71.72 133.86 22.45
N ILE HA 386 -71.76 134.05 21.13
CA ILE HA 386 -71.13 133.11 20.21
C ILE HA 386 -69.63 133.06 20.45
N ASN HA 387 -69.00 134.21 20.67
CA ASN HA 387 -67.57 134.23 20.91
C ASN HA 387 -67.20 133.51 22.21
N THR HA 388 -68.02 133.69 23.24
CA THR HA 388 -67.79 132.99 24.50
C THR HA 388 -67.88 131.48 24.31
N ILE HA 389 -68.90 131.03 23.56
CA ILE HA 389 -69.00 129.60 23.28
C ILE HA 389 -67.80 129.13 22.46
N ASN HA 390 -67.31 129.96 21.54
CA ASN HA 390 -66.14 129.57 20.77
C ASN HA 390 -64.92 129.39 21.66
N LYS HA 391 -64.75 130.28 22.64
CA LYS HA 391 -63.64 130.15 23.58
C LYS HA 391 -63.77 128.88 24.42
N ASP HA 392 -64.98 128.62 24.93
CA ASP HA 392 -65.19 127.44 25.76
C ASP HA 392 -64.98 126.16 24.94
N THR HA 393 -65.40 126.17 23.68
CA THR HA 393 -65.17 125.02 22.82
C THR HA 393 -63.71 124.90 22.41
N SER HA 394 -62.95 126.00 22.46
CA SER HA 394 -61.50 125.89 22.29
C SER HA 394 -60.86 125.26 23.52
N LEU HA 395 -61.41 125.54 24.71
CA LEU HA 395 -60.98 124.80 25.89
C LEU HA 395 -61.29 123.32 25.75
N LYS HA 396 -62.45 122.99 25.19
CA LYS HA 396 -62.76 121.60 24.89
C LYS HA 396 -61.79 121.03 23.85
N ARG HA 397 -61.40 121.86 22.88
CA ARG HA 397 -60.45 121.44 21.85
C ARG HA 397 -59.12 121.03 22.48
N LYS HA 398 -58.55 121.91 23.30
CA LYS HA 398 -57.26 121.56 23.92
C LYS HA 398 -57.43 120.45 24.96
N GLU HA 399 -58.65 120.22 25.44
CA GLU HA 399 -58.87 119.09 26.34
C GLU HA 399 -58.73 117.75 25.61
N PHE HA 400 -59.10 117.69 24.33
CA PHE HA 400 -59.20 116.43 23.58
C PHE HA 400 -58.24 116.40 22.41
N VAL HA 401 -56.97 116.72 22.66
CA VAL HA 401 -55.93 116.66 21.63
C VAL HA 401 -55.68 115.21 21.25
N GLY HA 402 -54.81 115.00 20.26
CA GLY HA 402 -54.69 113.75 19.53
C GLY HA 402 -54.41 112.48 20.31
N LYS HA 403 -54.31 112.54 21.65
CA LYS HA 403 -54.32 111.32 22.45
C LYS HA 403 -55.50 110.44 22.09
N ILE HA 404 -56.65 111.04 21.83
CA ILE HA 404 -57.80 110.32 21.30
C ILE HA 404 -57.57 110.03 19.82
N PHE HA 405 -57.98 108.85 19.38
CA PHE HA 405 -57.85 108.49 17.98
C PHE HA 405 -58.90 109.18 17.13
N ASN HA 406 -58.54 109.43 15.87
CA ASN HA 406 -59.47 110.03 14.91
C ASN HA 406 -60.33 108.93 14.28
N ASP HA 407 -61.23 108.42 15.10
CA ASP HA 407 -62.17 107.38 14.73
C ASP HA 407 -63.57 107.80 15.14
N ALA HA 408 -64.56 106.99 14.77
CA ALA HA 408 -65.94 107.29 15.15
C ALA HA 408 -66.10 107.37 16.66
N THR HA 409 -65.33 106.59 17.41
CA THR HA 409 -65.42 106.62 18.86
C THR HA 409 -64.95 107.96 19.42
N GLY HA 410 -63.80 108.45 18.94
CA GLY HA 410 -63.31 109.73 19.41
C GLY HA 410 -64.21 110.88 19.01
N GLN HA 411 -64.72 110.85 17.78
CA GLN HA 411 -65.66 111.87 17.35
C GLN HA 411 -66.91 111.85 18.20
N THR HA 412 -67.41 110.66 18.52
CA THR HA 412 -68.56 110.54 19.40
C THR HA 412 -68.25 111.09 20.78
N THR HA 413 -67.04 110.84 21.28
CA THR HA 413 -66.66 111.36 22.59
C THR HA 413 -66.67 112.88 22.61
N VAL HA 414 -66.05 113.50 21.60
CA VAL HA 414 -66.01 114.96 21.54
C VAL HA 414 -67.41 115.53 21.38
N ILE HA 415 -68.21 114.93 20.51
CA ILE HA 415 -69.57 115.42 20.28
C ILE HA 415 -70.39 115.28 21.57
N CYS HA 416 -70.20 114.19 22.30
CA CYS HA 416 -70.90 114.02 23.57
C CYS HA 416 -70.48 115.05 24.59
N ALA HA 417 -69.18 115.38 24.63
CA ALA HA 417 -68.73 116.41 25.56
C ALA HA 417 -69.38 117.75 25.24
N LEU HA 418 -69.42 118.11 23.95
CA LEU HA 418 -70.08 119.36 23.56
C LEU HA 418 -71.58 119.31 23.87
N LYS HA 419 -72.21 118.14 23.65
CA LYS HA 419 -73.62 118.00 23.94
C LYS HA 419 -73.90 118.20 25.43
N LYS HA 420 -73.05 117.65 26.28
CA LYS HA 420 -73.22 117.84 27.72
C LYS HA 420 -72.99 119.30 28.11
N TYR HA 421 -72.05 119.96 27.45
CA TYR HA 421 -71.82 121.38 27.73
C TYR HA 421 -73.07 122.20 27.40
N PHE HA 422 -73.65 121.97 26.22
CA PHE HA 422 -74.87 122.68 25.86
C PHE HA 422 -76.04 122.27 26.75
N GLU HA 423 -76.08 121.01 27.19
CA GLU HA 423 -77.13 120.60 28.12
C GLU HA 423 -77.01 121.36 29.43
N GLU HA 424 -75.79 121.54 29.92
CA GLU HA 424 -75.59 122.30 31.16
C GLU HA 424 -76.02 123.75 30.97
N LEU HA 425 -75.66 124.35 29.83
CA LEU HA 425 -76.09 125.72 29.59
C LEU HA 425 -77.61 125.83 29.51
N MET HA 426 -78.26 124.87 28.85
CA MET HA 426 -79.71 124.86 28.79
C MET HA 426 -80.31 124.70 30.19
N SER HA 427 -79.71 123.84 31.01
CA SER HA 427 -80.19 123.66 32.38
C SER HA 427 -80.10 124.96 33.16
N GLN HA 428 -79.01 125.71 32.96
CA GLN HA 428 -78.95 127.05 33.55
C GLN HA 428 -80.06 127.93 32.97
N GLY HA 429 -80.18 127.98 31.64
CA GLY HA 429 -81.29 128.65 30.98
C GLY HA 429 -80.95 129.48 29.76
N ILE HA 430 -79.67 129.66 29.46
CA ILE HA 430 -79.29 130.53 28.34
C ILE HA 430 -79.74 129.93 27.02
N ILE HA 431 -79.45 128.65 26.79
CA ILE HA 431 -79.86 127.98 25.57
C ILE HA 431 -81.28 127.48 25.73
N SER HA 432 -82.06 127.60 24.65
CA SER HA 432 -83.41 127.04 24.58
C SER HA 432 -83.51 125.82 23.68
N GLU HA 433 -82.54 125.62 22.79
CA GLU HA 433 -82.46 124.44 21.95
C GLU HA 433 -81.04 124.40 21.37
N PHE HA 434 -80.56 123.20 21.06
CA PHE HA 434 -79.23 123.06 20.48
C PHE HA 434 -79.16 121.79 19.64
N ASN HA 435 -78.28 121.84 18.63
CA ASN HA 435 -78.02 120.69 17.78
C ASN HA 435 -76.55 120.78 17.33
N VAL HA 436 -75.67 120.08 18.05
CA VAL HA 436 -74.25 120.02 17.72
C VAL HA 436 -73.99 118.66 17.07
N ASP HA 437 -73.41 118.69 15.87
CA ASP HA 437 -73.27 117.49 15.04
C ASP HA 437 -71.94 117.53 14.32
N ILE HA 438 -71.61 116.40 13.68
CA ILE HA 438 -70.41 116.34 12.84
C ILE HA 438 -70.59 117.29 11.67
N ASP HA 439 -69.55 118.07 11.37
CA ASP HA 439 -69.58 118.97 10.23
C ASP HA 439 -69.29 118.14 8.98
N THR HA 440 -70.35 117.50 8.46
CA THR HA 440 -70.20 116.52 7.40
C THR HA 440 -69.64 117.14 6.13
N GLU HA 441 -69.99 118.40 5.84
CA GLU HA 441 -69.49 119.05 4.64
C GLU HA 441 -67.98 119.17 4.66
N LEU HA 442 -67.42 119.55 5.81
CA LEU HA 442 -65.97 119.68 5.95
C LEU HA 442 -65.29 118.38 6.37
N GLN HA 443 -66.03 117.47 7.02
CA GLN HA 443 -65.41 116.25 7.54
C GLN HA 443 -65.23 115.19 6.46
N ALA HA 444 -66.01 115.25 5.38
CA ALA HA 444 -65.87 114.25 4.33
C ALA HA 444 -64.50 114.31 3.68
N THR HA 445 -63.97 115.52 3.48
CA THR HA 445 -62.64 115.72 2.92
C THR HA 445 -61.57 115.87 4.00
N ALA HA 446 -61.91 115.63 5.26
CA ALA HA 446 -60.95 115.83 6.34
C ALA HA 446 -59.82 114.80 6.27
N LYS HA 447 -58.60 115.28 6.45
CA LYS HA 447 -57.45 114.41 6.57
C LYS HA 447 -57.48 113.71 7.93
N ALA HA 448 -56.49 112.85 8.17
CA ALA HA 448 -56.43 112.10 9.42
C ALA HA 448 -56.32 113.02 10.63
N ASP HA 449 -55.48 114.05 10.53
CA ASP HA 449 -55.18 114.89 11.69
C ASP HA 449 -56.31 115.85 12.05
N GLU HA 450 -57.19 116.18 11.12
CA GLU HA 450 -58.17 117.25 11.30
C GLU HA 450 -59.58 116.69 11.47
N PHE HA 451 -60.34 117.33 12.35
CA PHE HA 451 -61.74 117.00 12.59
C PHE HA 451 -62.54 118.28 12.67
N TYR HA 452 -63.75 118.24 12.11
CA TYR HA 452 -64.64 119.40 12.05
C TYR HA 452 -65.96 119.09 12.74
N TRP HA 453 -66.56 120.14 13.30
CA TRP HA 453 -67.85 120.04 13.96
C TRP HA 453 -68.53 121.40 13.90
N LYS HA 454 -69.80 121.45 14.30
CA LYS HA 454 -70.57 122.68 14.20
C LYS HA 454 -71.71 122.62 15.21
N TRP HA 455 -72.07 123.79 15.74
CA TRP HA 455 -73.13 123.92 16.73
C TRP HA 455 -74.07 125.05 16.33
N ASP HA 456 -75.34 124.85 16.62
CA ASP HA 456 -76.38 125.86 16.40
C ASP HA 456 -77.35 125.79 17.56
N ALA HA 457 -77.78 126.96 18.05
CA ALA HA 457 -78.64 127.00 19.22
C ALA HA 457 -79.50 128.26 19.18
N VAL HA 458 -80.71 128.13 19.72
CA VAL HA 458 -81.66 129.24 19.83
C VAL HA 458 -81.47 129.90 21.19
N LYS HA 459 -81.78 131.19 21.27
CA LYS HA 459 -81.54 132.01 22.45
C LYS HA 459 -82.81 132.74 22.85
N VAL HA 460 -82.87 133.12 24.12
CA VAL HA 460 -84.05 133.80 24.65
C VAL HA 460 -84.17 135.18 24.01
N ASP HA 461 -85.40 135.55 23.66
CA ASP HA 461 -85.69 136.84 23.07
C ASP HA 461 -86.01 137.87 24.15
N VAL HA 462 -85.80 139.14 23.81
CA VAL HA 462 -86.19 140.26 24.66
C VAL HA 462 -86.71 141.36 23.74
N MET HA 463 -87.98 141.74 23.92
CA MET HA 463 -88.60 142.75 23.05
C MET HA 463 -88.28 144.15 23.56
N ARG IA 36 -38.68 131.61 84.15
CA ARG IA 36 -37.33 131.38 84.66
C ARG IA 36 -36.39 132.49 84.19
N LEU IA 37 -36.06 133.41 85.09
CA LEU IA 37 -35.16 134.52 84.80
C LEU IA 37 -33.90 134.35 85.63
N ALA IA 38 -32.75 134.35 84.94
CA ALA IA 38 -31.46 134.25 85.62
C ALA IA 38 -31.07 135.62 86.16
N MET IA 39 -31.02 135.74 87.48
CA MET IA 39 -30.84 137.02 88.16
C MET IA 39 -29.49 137.07 88.85
N PRO IA 40 -28.47 137.77 88.30
CA PRO IA 40 -27.18 137.89 88.99
C PRO IA 40 -27.14 139.02 90.02
N ILE IA 41 -27.78 138.79 91.17
CA ILE IA 41 -27.94 139.83 92.19
C ILE IA 41 -26.57 140.26 92.74
N ARG IA 42 -26.36 141.58 92.82
CA ARG IA 42 -25.22 142.16 93.55
C ARG IA 42 -25.67 142.41 94.98
N ALA IA 43 -25.66 141.35 95.78
CA ALA IA 43 -26.27 141.35 97.11
C ALA IA 43 -25.35 140.71 98.14
N ASN IA 44 -25.49 141.16 99.38
CA ASN IA 44 -24.85 140.49 100.51
C ASN IA 44 -25.60 139.23 100.90
N TRP IA 45 -26.87 139.12 100.52
CA TRP IA 45 -27.70 137.95 100.82
C TRP IA 45 -27.83 137.10 99.56
N GLY IA 46 -28.11 135.82 99.77
CA GLY IA 46 -28.07 134.83 98.71
C GLY IA 46 -26.79 134.00 98.76
N ASP IA 47 -26.86 132.83 98.13
CA ASP IA 47 -25.73 131.92 98.13
C ASP IA 47 -24.73 132.33 97.06
N VAL IA 48 -23.45 132.23 97.39
CA VAL IA 48 -22.36 132.59 96.46
C VAL IA 48 -22.05 131.38 95.60
N GLY IA 49 -22.01 131.60 94.28
CA GLY IA 49 -21.54 130.55 93.38
C GLY IA 49 -22.49 129.39 93.20
N LYS IA 50 -23.79 129.61 93.38
CA LYS IA 50 -24.76 128.53 93.25
C LYS IA 50 -26.10 129.11 92.82
N VAL IA 51 -26.85 128.30 92.06
CA VAL IA 51 -28.15 128.71 91.54
C VAL IA 51 -29.24 128.19 92.48
N VAL IA 52 -30.13 129.08 92.90
CA VAL IA 52 -31.26 128.75 93.75
C VAL IA 52 -32.50 129.46 93.22
N THR IA 53 -33.66 128.87 93.47
CA THR IA 53 -34.94 129.41 93.02
C THR IA 53 -35.78 129.83 94.23
N ILE IA 54 -36.69 130.78 93.98
CA ILE IA 54 -37.59 131.31 94.99
C ILE IA 54 -39.00 131.30 94.44
N LYS IA 55 -39.95 130.87 95.27
CA LYS IA 55 -41.37 130.79 94.90
C LYS IA 55 -42.00 132.18 95.00
N ASN IA 56 -43.34 132.23 95.01
CA ASN IA 56 -44.07 133.48 95.12
C ASN IA 56 -43.70 134.27 96.38
N ASP IA 57 -43.24 133.58 97.42
CA ASP IA 57 -42.75 134.23 98.62
C ASP IA 57 -41.54 135.11 98.29
N GLY IA 66 -32.55 139.08 100.29
CA GLY IA 66 -32.08 140.22 101.06
C GLY IA 66 -33.20 141.21 101.34
N ASP IA 67 -32.87 142.26 102.10
CA ASP IA 67 -33.84 143.29 102.46
C ASP IA 67 -33.29 144.70 102.26
N ASP IA 68 -31.97 144.87 102.36
CA ASP IA 68 -31.38 146.19 102.27
C ASP IA 68 -31.56 146.77 100.87
N MET IA 69 -31.71 148.10 100.81
CA MET IA 69 -31.85 148.76 99.52
C MET IA 69 -30.57 148.65 98.69
N ASN IA 70 -29.41 148.51 99.35
CA ASN IA 70 -28.15 148.41 98.61
C ASN IA 70 -27.99 147.05 97.94
N TYR IA 71 -28.71 146.03 98.41
CA TYR IA 71 -28.54 144.66 97.91
C TYR IA 71 -29.59 144.38 96.85
N SER IA 72 -29.16 143.82 95.72
CA SER IA 72 -30.05 143.56 94.60
C SER IA 72 -31.09 142.48 94.89
N ALA IA 73 -30.93 141.71 95.97
CA ALA IA 73 -31.92 140.69 96.31
C ALA IA 73 -33.27 141.31 96.63
N PHE IA 74 -33.28 142.57 97.07
CA PHE IA 74 -34.50 143.33 97.33
C PHE IA 74 -34.60 144.57 96.46
N LYS IA 75 -33.48 145.23 96.17
CA LYS IA 75 -33.50 146.39 95.28
C LYS IA 75 -34.00 146.00 93.89
N LEU IA 76 -33.40 144.96 93.32
CA LEU IA 76 -33.71 144.50 91.98
C LEU IA 76 -34.39 143.14 91.94
N GLY IA 77 -34.35 142.39 93.05
CA GLY IA 77 -35.21 141.23 93.15
C GLY IA 77 -36.68 141.60 93.09
N LYS IA 78 -37.02 142.76 93.65
CA LYS IA 78 -38.38 143.28 93.52
C LYS IA 78 -38.72 143.54 92.06
N LEU IA 79 -37.76 144.10 91.31
CA LEU IA 79 -37.99 144.35 89.88
C LEU IA 79 -38.25 143.05 89.14
N ALA IA 80 -37.48 142.01 89.45
CA ALA IA 80 -37.68 140.71 88.82
C ALA IA 80 -39.03 140.11 89.19
N LEU IA 81 -39.44 140.26 90.45
CA LEU IA 81 -40.70 139.65 90.89
C LEU IA 81 -41.90 140.40 90.35
N LEU IA 82 -41.77 141.72 90.13
CA LEU IA 82 -42.91 142.52 89.70
C LEU IA 82 -43.35 142.15 88.29
N GLY IA 83 -42.46 141.60 87.46
CA GLY IA 83 -42.86 141.14 86.15
C GLY IA 83 -43.67 139.86 86.18
N ASN IA 84 -43.76 139.22 87.34
CA ASN IA 84 -44.64 138.06 87.55
C ASN IA 84 -44.26 136.87 86.68
N VAL IA 85 -42.95 136.60 86.58
CA VAL IA 85 -42.51 135.30 86.09
C VAL IA 85 -42.91 134.26 87.12
N LYS IA 86 -43.16 133.03 86.68
CA LYS IA 86 -43.69 132.01 87.57
C LYS IA 86 -42.74 131.70 88.71
N GLU IA 87 -41.43 131.85 88.49
CA GLU IA 87 -40.48 131.79 89.59
C GLU IA 87 -39.18 132.46 89.16
N LEU IA 88 -38.39 132.87 90.15
CA LEU IA 88 -37.15 133.60 89.94
C LEU IA 88 -35.98 132.75 90.42
N LEU IA 89 -34.89 132.75 89.65
CA LEU IA 89 -33.67 132.04 89.99
C LEU IA 89 -32.54 133.05 90.16
N LEU IA 90 -31.80 132.94 91.26
CA LEU IA 90 -30.90 133.98 91.74
C LEU IA 90 -29.45 133.53 91.67
N TYR IA 91 -28.55 134.49 91.51
CA TYR IA 91 -27.11 134.27 91.61
C TYR IA 91 -26.47 135.51 92.22
N ARG IA 92 -25.47 135.28 93.07
CA ARG IA 92 -24.85 136.34 93.86
C ARG IA 92 -23.46 136.66 93.32
N LEU IA 93 -23.20 137.95 93.13
CA LEU IA 93 -21.90 138.47 92.68
C LEU IA 93 -21.15 139.05 93.87
N VAL IA 94 -19.93 138.56 94.10
CA VAL IA 94 -19.13 138.98 95.24
C VAL IA 94 -17.66 139.05 94.82
N ASP IA 95 -16.91 139.94 95.48
CA ASP IA 95 -15.47 139.96 95.32
C ASP IA 95 -14.86 138.67 95.86
N GLY IA 96 -13.73 138.27 95.28
CA GLY IA 96 -13.04 137.09 95.74
C GLY IA 96 -12.60 137.21 97.19
N ASN IA 97 -12.16 138.41 97.60
CA ASN IA 97 -11.74 138.66 98.97
C ASN IA 97 -12.98 138.81 99.84
N GLN IA 98 -13.63 137.68 100.12
CA GLN IA 98 -14.87 137.66 100.88
C GLN IA 98 -15.10 136.25 101.40
N LYS IA 99 -15.41 136.15 102.68
CA LYS IA 99 -15.50 134.86 103.37
C LYS IA 99 -16.70 134.92 104.32
N LYS IA 100 -16.75 133.97 105.26
CA LYS IA 100 -17.86 133.81 106.19
C LYS IA 100 -17.47 134.30 107.58
N GLY IA 101 -18.45 134.89 108.27
CA GLY IA 101 -18.25 135.29 109.66
C GLY IA 101 -18.38 134.09 110.58
N THR IA 102 -17.56 134.08 111.63
CA THR IA 102 -17.46 132.96 112.56
C THR IA 102 -17.44 133.49 113.99
N LEU IA 103 -18.31 132.93 114.84
CA LEU IA 103 -18.36 133.24 116.25
C LEU IA 103 -18.21 131.95 117.04
N THR IA 104 -17.34 131.99 118.06
CA THR IA 104 -17.06 130.84 118.91
C THR IA 104 -17.59 131.12 120.31
N LEU IA 105 -18.23 130.12 120.91
CA LEU IA 105 -18.78 130.20 122.26
C LEU IA 105 -18.24 129.06 123.10
N LYS IA 106 -18.09 129.31 124.40
CA LYS IA 106 -17.47 128.38 125.33
C LYS IA 106 -18.29 128.28 126.60
N ASP IA 107 -18.13 127.16 127.31
CA ASP IA 107 -18.97 126.83 128.45
C ASP IA 107 -18.35 127.33 129.76
N THR IA 108 -19.19 127.36 130.80
CA THR IA 108 -18.78 127.77 132.13
C THR IA 108 -19.28 126.83 133.23
N THR IA 109 -19.86 125.68 132.89
CA THR IA 109 -20.26 124.72 133.92
C THR IA 109 -19.04 124.23 134.70
N GLU IA 110 -17.96 123.93 133.98
CA GLU IA 110 -16.67 123.65 134.58
C GLU IA 110 -15.84 124.92 134.65
N ASN IA 111 -14.81 124.89 135.48
CA ASN IA 111 -14.01 126.10 135.72
C ASN IA 111 -13.29 126.55 134.45
N SER IA 112 -12.72 125.61 133.71
CA SER IA 112 -12.01 125.91 132.47
C SER IA 112 -13.00 125.89 131.31
N ALA IA 113 -13.08 127.01 130.60
CA ALA IA 113 -14.05 127.14 129.52
C ALA IA 113 -13.52 126.47 128.25
N LYS IA 114 -14.38 125.70 127.60
CA LYS IA 114 -14.05 124.98 126.36
C LYS IA 114 -15.16 125.21 125.35
N ASP IA 115 -14.80 125.25 124.07
CA ASP IA 115 -15.76 125.54 123.03
C ASP IA 115 -16.70 124.34 122.82
N VAL IA 116 -18.00 124.63 122.78
CA VAL IA 116 -19.02 123.59 122.58
C VAL IA 116 -19.96 123.95 121.43
N ILE IA 117 -20.09 125.25 121.13
CA ILE IA 117 -20.96 125.74 120.06
C ILE IA 117 -20.21 126.80 119.28
N LYS IA 118 -20.34 126.73 117.95
CA LYS IA 118 -19.84 127.76 117.05
C LYS IA 118 -20.97 128.18 116.12
N LEU IA 119 -21.11 129.49 115.90
CA LEU IA 119 -22.17 130.05 115.09
C LEU IA 119 -21.58 130.76 113.87
N GLU IA 120 -22.30 130.69 112.75
CA GLU IA 120 -21.87 131.29 111.50
C GLU IA 120 -23.06 131.89 110.77
N THR IA 121 -22.78 132.90 109.95
CA THR IA 121 -23.81 133.46 109.10
C THR IA 121 -24.24 132.43 108.06
N LYS IA 122 -25.52 132.47 107.69
CA LYS IA 122 -26.08 131.46 106.79
C LYS IA 122 -25.35 131.46 105.46
N TYR IA 123 -25.23 132.62 104.83
CA TYR IA 123 -24.36 132.85 103.69
C TYR IA 123 -23.14 133.64 104.13
N PRO IA 124 -22.00 133.55 103.44
CA PRO IA 124 -20.81 134.28 103.88
C PRO IA 124 -21.04 135.78 103.82
N THR IA 125 -20.59 136.48 104.87
CA THR IA 125 -20.78 137.91 104.97
C THR IA 125 -20.01 138.43 106.18
N ALA IA 126 -19.73 139.73 106.17
CA ALA IA 126 -19.19 140.46 107.31
C ALA IA 126 -20.26 141.26 108.04
N ARG IA 127 -21.54 141.06 107.72
CA ARG IA 127 -22.59 141.84 108.34
C ARG IA 127 -22.63 141.59 109.84
N ASN IA 128 -22.90 142.67 110.59
CA ASN IA 128 -22.91 142.61 112.06
C ASN IA 128 -24.19 141.93 112.53
N PHE IA 129 -24.27 140.62 112.27
CA PHE IA 129 -25.38 139.82 112.77
C PHE IA 129 -25.05 139.46 114.21
N ASN IA 130 -25.50 140.31 115.13
CA ASN IA 130 -25.11 140.23 116.52
C ASN IA 130 -25.99 139.24 117.27
N VAL IA 131 -25.39 138.56 118.25
CA VAL IA 131 -26.05 137.53 119.04
C VAL IA 131 -25.79 137.81 120.51
N THR IA 132 -26.84 137.79 121.32
CA THR IA 132 -26.75 137.96 122.78
C THR IA 132 -27.18 136.66 123.43
N ILE IA 133 -26.29 136.10 124.27
CA ILE IA 133 -26.56 134.89 125.03
C ILE IA 133 -26.42 135.22 126.50
N LYS IA 134 -27.46 134.93 127.28
CA LYS IA 134 -27.49 135.20 128.71
C LYS IA 134 -28.08 134.00 129.43
N SER IA 135 -27.69 133.86 130.70
CA SER IA 135 -28.27 132.80 131.53
C SER IA 135 -29.75 133.07 131.77
N ASN IA 136 -30.56 132.03 131.64
CA ASN IA 136 -32.00 132.19 131.80
C ASN IA 136 -32.34 132.62 133.22
N LEU IA 137 -33.41 133.41 133.35
CA LEU IA 137 -33.73 134.03 134.62
C LEU IA 137 -34.05 133.00 135.70
N VAL IA 138 -34.78 131.95 135.33
CA VAL IA 138 -35.26 130.97 136.32
C VAL IA 138 -34.23 129.86 136.49
N ASP IA 139 -33.96 129.12 135.41
CA ASP IA 139 -33.09 127.95 135.45
C ASP IA 139 -31.69 128.33 135.00
N SER IA 140 -30.68 128.00 135.81
CA SER IA 140 -29.30 128.26 135.42
C SER IA 140 -28.84 127.36 134.28
N ASP IA 141 -29.54 126.24 134.05
CA ASP IA 141 -29.16 125.26 133.05
C ASP IA 141 -29.67 125.59 131.65
N LYS IA 142 -30.50 126.63 131.50
CA LYS IA 142 -31.03 127.05 130.21
C LYS IA 142 -30.44 128.40 129.83
N LYS IA 143 -30.12 128.56 128.56
CA LYS IA 143 -29.49 129.78 128.04
C LYS IA 143 -30.39 130.43 127.01
N ASP IA 144 -30.70 131.71 127.23
CA ASP IA 144 -31.51 132.47 126.29
C ASP IA 144 -30.66 132.88 125.09
N PHE IA 145 -31.15 132.57 123.89
CA PHE IA 145 -30.48 132.95 122.64
C PHE IA 145 -31.30 134.04 121.96
N ILE IA 146 -30.72 135.23 121.88
CA ILE IA 146 -31.34 136.37 121.20
C ILE IA 146 -30.43 136.73 120.03
N PHE IA 147 -30.99 136.72 118.83
CA PHE IA 147 -30.26 137.04 117.60
C PHE IA 147 -30.69 138.41 117.11
N PHE IA 148 -29.78 139.10 116.42
CA PHE IA 148 -30.02 140.44 115.91
C PHE IA 148 -29.55 140.53 114.46
N GLU IA 149 -30.36 141.16 113.61
CA GLU IA 149 -29.91 141.45 112.25
C GLU IA 149 -28.75 142.46 112.29
N ASN IA 150 -29.00 143.66 112.80
CA ASN IA 150 -27.95 144.56 113.27
C ASN IA 150 -28.09 144.81 114.77
N THR IA 151 -29.25 145.32 115.21
CA THR IA 151 -29.58 145.38 116.63
C THR IA 151 -31.04 145.06 116.92
N LYS IA 152 -31.93 145.03 115.93
CA LYS IA 152 -33.33 144.72 116.19
C LYS IA 152 -33.51 143.25 116.49
N GLN IA 153 -34.43 142.94 117.39
CA GLN IA 153 -34.66 141.57 117.84
C GLN IA 153 -35.26 140.73 116.72
N LEU IA 154 -34.55 139.68 116.32
CA LEU IA 154 -34.99 138.77 115.27
C LEU IA 154 -35.62 137.50 115.83
N PHE IA 155 -34.86 136.78 116.67
CA PHE IA 155 -35.30 135.50 117.22
C PHE IA 155 -34.95 135.48 118.71
N SER IA 156 -35.82 134.88 119.52
CA SER IA 156 -35.61 134.79 120.96
C SER IA 156 -36.14 133.45 121.45
N SER IA 157 -35.30 132.69 122.15
CA SER IA 157 -35.68 131.40 122.69
C SER IA 157 -34.61 130.93 123.65
N SER IA 158 -34.84 129.76 124.26
CA SER IA 158 -33.90 129.16 125.19
C SER IA 158 -34.06 127.65 125.18
N ILE IA 159 -32.94 126.94 125.34
CA ILE IA 159 -32.90 125.48 125.29
C ILE IA 159 -31.96 124.99 126.39
N LYS IA 160 -32.23 123.76 126.86
CA LYS IA 160 -31.42 123.11 127.87
C LYS IA 160 -30.00 122.90 127.35
N GLY IA 161 -29.05 122.64 128.24
CA GLY IA 161 -27.64 122.70 127.92
C GLY IA 161 -27.09 121.68 126.94
N THR IA 162 -27.85 120.63 126.61
CA THR IA 162 -27.36 119.65 125.65
C THR IA 162 -27.21 120.32 124.29
N ILE IA 163 -26.03 120.14 123.67
CA ILE IA 163 -25.66 120.97 122.52
C ILE IA 163 -26.52 120.66 121.31
N ASP IA 164 -26.90 119.39 121.13
CA ASP IA 164 -27.67 119.01 119.95
C ASP IA 164 -29.01 119.74 119.90
N GLU IA 165 -29.71 119.78 121.03
CA GLU IA 165 -31.00 120.48 121.08
C GLU IA 165 -30.84 121.96 120.75
N ILE IA 166 -29.81 122.60 121.34
CA ILE IA 166 -29.60 124.03 121.13
C ILE IA 166 -29.30 124.31 119.66
N VAL IA 167 -28.36 123.56 119.08
CA VAL IA 167 -27.93 123.80 117.72
C VAL IA 167 -29.06 123.53 116.74
N LEU IA 168 -29.80 122.43 116.94
CA LEU IA 168 -30.89 122.11 116.04
C LEU IA 168 -32.05 123.10 116.17
N GLU IA 169 -32.30 123.61 117.38
CA GLU IA 169 -33.30 124.66 117.53
C GLU IA 169 -32.87 125.91 116.77
N ILE IA 170 -31.61 126.32 116.94
CA ILE IA 170 -31.13 127.52 116.28
C ILE IA 170 -31.11 127.37 114.77
N ASN IA 171 -30.90 126.15 114.27
CA ASN IA 171 -30.89 125.93 112.82
C ASN IA 171 -32.30 125.84 112.25
N SER IA 172 -33.23 125.22 112.98
CA SER IA 172 -34.53 124.84 112.43
C SER IA 172 -35.65 125.83 112.72
N ASN IA 173 -35.46 126.77 113.64
CA ASN IA 173 -36.55 127.68 113.98
C ASN IA 173 -36.81 128.65 112.81
N LEU IA 174 -38.03 129.18 112.79
CA LEU IA 174 -38.49 129.97 111.65
C LEU IA 174 -37.74 131.29 111.55
N ASP IA 175 -37.43 131.93 112.68
CA ASP IA 175 -36.82 133.25 112.68
C ASP IA 175 -35.30 133.21 112.57
N ASN IA 176 -34.70 132.03 112.38
CA ASN IA 176 -33.26 131.88 112.20
C ASN IA 176 -32.89 131.78 110.73
N GLU IA 177 -33.61 132.49 109.86
CA GLU IA 177 -33.29 132.51 108.44
C GLU IA 177 -31.93 133.17 108.16
N TYR IA 178 -31.38 133.91 109.12
CA TYR IA 178 -30.14 134.67 108.95
C TYR IA 178 -29.00 134.11 109.81
N VAL IA 179 -28.92 132.79 109.98
CA VAL IA 179 -27.83 132.19 110.75
C VAL IA 179 -27.80 130.69 110.49
N ILE IA 180 -26.61 130.11 110.63
CA ILE IA 180 -26.41 128.67 110.75
C ILE IA 180 -25.60 128.43 112.01
N ALA IA 181 -26.01 127.42 112.79
CA ALA IA 181 -25.31 127.02 114.01
C ALA IA 181 -24.83 125.59 113.86
N THR IA 182 -23.60 125.33 114.31
CA THR IA 182 -22.97 124.02 114.20
C THR IA 182 -22.30 123.67 115.52
N LYS IA 183 -22.35 122.40 115.88
CA LYS IA 183 -21.78 121.92 117.13
C LYS IA 183 -20.27 121.81 117.03
N VAL IA 184 -19.60 121.94 118.17
CA VAL IA 184 -18.16 121.72 118.27
C VAL IA 184 -17.86 120.32 118.78
N ALA IA 185 -18.48 119.93 119.90
CA ALA IA 185 -18.25 118.61 120.49
C ALA IA 185 -19.45 118.26 121.37
N ASP IA 186 -19.56 116.97 121.68
CA ASP IA 186 -20.63 116.51 122.54
C ASP IA 186 -20.43 117.03 123.96
N SER IA 187 -21.46 117.70 124.49
CA SER IA 187 -21.38 118.25 125.83
C SER IA 187 -22.79 118.47 126.36
N ASP IA 188 -22.88 118.60 127.68
CA ASP IA 188 -24.09 119.04 128.36
C ASP IA 188 -23.84 120.24 129.26
N THR IA 189 -22.78 121.01 128.99
CA THR IA 189 -22.42 122.16 129.79
C THR IA 189 -23.24 123.38 129.37
N ILE IA 190 -23.01 124.49 130.08
CA ILE IA 190 -23.79 125.71 129.93
C ILE IA 190 -22.86 126.81 129.43
N LEU IA 191 -23.32 127.58 128.45
CA LEU IA 191 -22.51 128.61 127.84
C LEU IA 191 -22.19 129.73 128.84
N ALA IA 192 -21.37 130.68 128.38
CA ALA IA 192 -21.13 131.90 129.13
C ALA IA 192 -22.18 132.95 128.77
N ASN IA 193 -22.10 134.10 129.45
CA ASN IA 193 -22.97 135.23 129.17
C ASN IA 193 -22.22 136.18 128.23
N VAL IA 194 -22.82 136.46 127.07
CA VAL IA 194 -22.26 137.36 126.08
C VAL IA 194 -23.39 138.12 125.42
N VAL IA 195 -23.14 139.39 125.11
CA VAL IA 195 -24.14 140.31 124.58
C VAL IA 195 -23.70 140.78 123.20
N ASN IA 196 -24.59 140.64 122.22
CA ASN IA 196 -24.45 141.29 120.92
C ASN IA 196 -23.17 140.85 120.20
N GLN IA 197 -22.77 139.59 120.37
CA GLN IA 197 -21.56 139.08 119.75
C GLN IA 197 -21.69 139.11 118.23
N ALA IA 198 -20.83 139.87 117.58
CA ALA IA 198 -20.88 140.07 116.14
C ALA IA 198 -20.09 138.98 115.43
N LEU IA 199 -20.74 138.33 114.47
CA LEU IA 199 -20.06 137.36 113.61
C LEU IA 199 -19.29 138.11 112.53
N GLU IA 200 -17.97 137.90 112.50
CA GLU IA 200 -17.08 138.64 111.62
C GLU IA 200 -16.00 137.73 111.08
N GLY IA 201 -15.37 138.17 109.99
CA GLY IA 201 -14.32 137.41 109.34
C GLY IA 201 -14.41 137.43 107.82
N GLY IA 202 -15.58 137.76 107.29
CA GLY IA 202 -15.84 137.74 105.86
C GLY IA 202 -15.69 139.10 105.21
N ASN IA 203 -16.62 139.40 104.30
CA ASN IA 203 -16.66 140.71 103.65
C ASN IA 203 -18.03 140.89 103.01
N ASP IA 204 -18.31 142.12 102.60
CA ASP IA 204 -19.61 142.45 102.02
C ASP IA 204 -19.74 141.81 100.64
N GLY IA 205 -20.98 141.48 100.27
CA GLY IA 205 -21.24 140.92 98.96
C GLY IA 205 -21.08 141.92 97.84
N CYS IA 206 -21.27 143.21 98.14
CA CYS IA 206 -21.05 144.29 97.18
C CYS IA 206 -19.65 144.87 97.27
N THR IA 207 -18.66 144.05 97.64
CA THR IA 207 -17.30 144.54 97.86
C THR IA 207 -16.72 145.10 96.57
N SER IA 208 -16.75 144.33 95.49
CA SER IA 208 -16.16 144.75 94.22
C SER IA 208 -16.86 144.00 93.09
N ILE IA 209 -17.68 144.71 92.33
CA ILE IA 209 -18.31 144.15 91.14
C ILE IA 209 -17.35 144.38 89.98
N THR IA 210 -16.67 143.31 89.55
CA THR IA 210 -15.64 143.39 88.53
C THR IA 210 -15.91 142.33 87.47
N ASN IA 211 -15.12 142.38 86.39
CA ASN IA 211 -15.43 141.61 85.20
C ASN IA 211 -15.37 140.11 85.45
N GLU IA 212 -14.34 139.65 86.16
CA GLU IA 212 -14.25 138.23 86.46
C GLU IA 212 -15.37 137.79 87.41
N SER IA 213 -15.65 138.62 88.42
CA SER IA 213 -16.72 138.31 89.36
C SER IA 213 -18.06 138.26 88.64
N TYR IA 214 -18.30 139.20 87.72
CA TYR IA 214 -19.51 139.16 86.91
C TYR IA 214 -19.55 137.90 86.04
N LEU IA 215 -18.40 137.53 85.47
CA LEU IA 215 -18.36 136.39 84.57
C LEU IA 215 -18.58 135.08 85.30
N LYS IA 216 -18.36 135.05 86.62
CA LYS IA 216 -18.70 133.86 87.41
C LYS IA 216 -20.16 133.47 87.20
N ALA IA 217 -21.05 134.46 87.14
CA ALA IA 217 -22.47 134.16 86.98
C ALA IA 217 -22.75 133.46 85.66
N LEU IA 218 -22.16 133.97 84.57
CA LEU IA 218 -22.35 133.33 83.27
C LEU IA 218 -21.75 131.94 83.24
N GLU IA 219 -20.56 131.78 83.85
CA GLU IA 219 -19.93 130.46 83.88
C GLU IA 219 -20.79 129.45 84.62
N GLU IA 220 -21.41 129.88 85.72
CA GLU IA 220 -22.29 128.97 86.46
C GLU IA 220 -23.59 128.71 85.71
N PHE IA 221 -24.15 129.74 85.08
CA PHE IA 221 -25.40 129.59 84.34
C PHE IA 221 -25.24 128.79 83.06
N GLU IA 222 -24.00 128.53 82.61
CA GLU IA 222 -23.80 127.66 81.45
C GLU IA 222 -24.45 126.29 81.66
N ARG IA 223 -24.48 125.80 82.90
CA ARG IA 223 -25.02 124.49 83.21
C ARG IA 223 -26.53 124.51 83.41
N TYR IA 224 -27.20 125.65 83.20
CA TYR IA 224 -28.63 125.79 83.39
C TYR IA 224 -29.24 126.51 82.20
N SER IA 225 -30.54 126.28 82.00
CA SER IA 225 -31.32 126.88 80.93
C SER IA 225 -32.43 127.72 81.54
N PHE IA 226 -32.64 128.92 80.98
CA PHE IA 226 -33.61 129.88 81.50
C PHE IA 226 -34.42 130.45 80.34
N ASP IA 227 -35.49 131.15 80.70
CA ASP IA 227 -36.25 131.91 79.72
C ASP IA 227 -35.50 133.18 79.31
N SER IA 228 -34.76 133.79 80.24
CA SER IA 228 -34.03 135.01 79.95
C SER IA 228 -32.94 135.19 80.99
N PHE IA 229 -31.97 136.04 80.64
CA PHE IA 229 -30.91 136.47 81.55
C PHE IA 229 -30.79 137.98 81.43
N VAL IA 230 -30.44 138.63 82.55
CA VAL IA 230 -30.34 140.08 82.62
C VAL IA 230 -29.07 140.45 83.37
N LEU IA 231 -28.44 141.55 82.95
CA LEU IA 231 -27.31 142.11 83.67
C LEU IA 231 -27.86 142.96 84.80
N ASP IA 232 -27.21 142.89 85.97
CA ASP IA 232 -27.81 143.38 87.21
C ASP IA 232 -27.76 144.89 87.39
N GLY IA 233 -27.42 145.64 86.35
CA GLY IA 233 -27.43 147.09 86.38
C GLY IA 233 -26.12 147.75 85.99
N VAL IA 234 -24.99 147.05 86.09
CA VAL IA 234 -23.70 147.68 85.83
C VAL IA 234 -23.56 147.88 84.34
N ALA IA 235 -23.87 149.08 83.86
CA ALA IA 235 -23.85 149.37 82.43
C ALA IA 235 -22.45 149.70 81.94
N ASP IA 236 -21.50 148.80 82.21
CA ASP IA 236 -20.16 148.91 81.66
C ASP IA 236 -20.12 148.15 80.34
N GLU IA 237 -19.60 148.80 79.29
CA GLU IA 237 -19.65 148.20 77.96
C GLU IA 237 -18.83 146.91 77.89
N ALA IA 238 -17.78 146.79 78.70
CA ALA IA 238 -16.99 145.56 78.71
C ALA IA 238 -17.83 144.37 79.16
N LEU IA 239 -18.61 144.55 80.24
CA LEU IA 239 -19.47 143.47 80.71
C LEU IA 239 -20.53 143.10 79.67
N GLN IA 240 -21.12 144.11 79.02
CA GLN IA 240 -22.16 143.83 78.04
C GLN IA 240 -21.58 143.12 76.81
N GLU IA 241 -20.37 143.51 76.39
CA GLU IA 241 -19.73 142.82 75.28
C GLU IA 241 -19.35 141.40 75.65
N THR IA 242 -18.89 141.18 76.88
CA THR IA 242 -18.59 139.82 77.32
C THR IA 242 -19.84 138.96 77.32
N THR IA 243 -20.96 139.51 77.82
CA THR IA 243 -22.22 138.77 77.78
C THR IA 243 -22.68 138.54 76.36
N LYS IA 244 -22.45 139.50 75.46
CA LYS IA 244 -22.76 139.31 74.04
C LYS IA 244 -22.00 138.12 73.48
N ALA IA 245 -20.70 138.05 73.75
CA ALA IA 245 -19.89 136.93 73.26
C ALA IA 245 -20.37 135.62 73.87
N TRP IA 246 -20.71 135.64 75.16
CA TRP IA 246 -21.19 134.44 75.82
C TRP IA 246 -22.49 133.94 75.20
N VAL IA 247 -23.43 134.86 74.98
CA VAL IA 247 -24.72 134.48 74.39
C VAL IA 247 -24.52 134.04 72.94
N ALA IA 248 -23.55 134.62 72.24
CA ALA IA 248 -23.26 134.16 70.88
C ALA IA 248 -22.73 132.73 70.88
N LYS IA 249 -21.85 132.43 71.84
CA LYS IA 249 -21.35 131.07 71.99
C LYS IA 249 -22.50 130.11 72.26
N ASN IA 250 -23.46 130.54 73.09
CA ASN IA 250 -24.63 129.71 73.33
C ASN IA 250 -25.50 129.59 72.08
N LYS IA 251 -25.58 130.65 71.29
CA LYS IA 251 -26.36 130.61 70.05
C LYS IA 251 -25.79 129.58 69.08
N GLU IA 252 -24.46 129.50 68.99
CA GLU IA 252 -23.88 128.41 68.22
C GLU IA 252 -24.21 127.06 68.86
N LEU IA 253 -24.26 127.01 70.19
CA LEU IA 253 -24.75 125.82 70.89
C LEU IA 253 -26.26 125.69 70.81
N GLY IA 254 -26.98 126.78 70.57
CA GLY IA 254 -28.42 126.77 70.42
C GLY IA 254 -29.20 127.30 71.61
N LYS IA 255 -28.54 127.54 72.75
CA LYS IA 255 -29.23 128.03 73.94
C LYS IA 255 -29.45 129.53 73.82
N ASP IA 256 -30.46 129.90 73.02
CA ASP IA 256 -30.79 131.30 72.79
C ASP IA 256 -31.52 131.89 74.01
N ILE IA 257 -30.77 132.02 75.11
CA ILE IA 257 -31.32 132.64 76.30
C ILE IA 257 -31.50 134.12 76.02
N LEU IA 258 -32.74 134.59 76.10
CA LEU IA 258 -33.06 135.96 75.75
C LEU IA 258 -32.36 136.93 76.71
N LEU IA 259 -31.46 137.74 76.18
CA LEU IA 259 -30.62 138.62 76.99
C LEU IA 259 -31.26 140.00 77.07
N PHE IA 260 -31.04 140.68 78.19
CA PHE IA 260 -31.49 142.05 78.41
C PHE IA 260 -30.35 142.86 79.02
N LEU IA 261 -30.20 144.11 78.54
CA LEU IA 261 -29.18 145.02 79.03
C LEU IA 261 -29.77 146.43 79.07
N GLY IA 262 -28.89 147.41 79.28
CA GLY IA 262 -29.31 148.79 79.23
C GLY IA 262 -28.11 149.70 79.38
N GLY IA 263 -28.30 150.95 78.96
CA GLY IA 263 -27.24 151.93 79.04
C GLY IA 263 -27.05 152.47 80.44
N LYS IA 264 -25.95 153.19 80.62
CA LYS IA 264 -25.62 153.78 81.90
C LYS IA 264 -26.43 155.05 82.14
N THR IA 265 -26.39 155.53 83.39
CA THR IA 265 -27.12 156.73 83.76
C THR IA 265 -26.62 157.96 83.01
N GLU IA 266 -25.39 157.93 82.50
CA GLU IA 266 -24.79 159.08 81.83
C GLU IA 266 -25.04 159.11 80.33
N ASP IA 267 -25.82 158.17 79.79
CA ASP IA 267 -26.10 158.11 78.37
C ASP IA 267 -27.37 158.91 78.06
N ASN IA 268 -27.26 159.86 77.14
CA ASN IA 268 -28.41 160.58 76.62
C ASN IA 268 -29.04 159.75 75.51
N ILE IA 269 -29.96 160.35 74.75
CA ILE IA 269 -30.56 159.65 73.61
C ILE IA 269 -29.48 159.28 72.60
N LYS IA 270 -28.52 160.17 72.37
CA LYS IA 270 -27.45 159.89 71.41
C LYS IA 270 -26.60 158.72 71.87
N GLN IA 271 -26.16 158.73 73.13
CA GLN IA 271 -25.32 157.64 73.64
C GLN IA 271 -26.10 156.33 73.66
N ILE IA 272 -27.37 156.38 74.06
CA ILE IA 272 -28.19 155.18 74.09
C ILE IA 272 -28.33 154.59 72.69
N ASN IA 273 -28.60 155.44 71.70
CA ASN IA 273 -28.75 154.97 70.34
C ASN IA 273 -27.44 154.40 69.80
N ASP IA 274 -26.32 155.06 70.10
CA ASP IA 274 -25.03 154.56 69.64
C ASP IA 274 -24.72 153.20 70.25
N LYS IA 275 -24.98 153.04 71.55
CA LYS IA 275 -24.68 151.76 72.20
C LYS IA 275 -25.62 150.67 71.72
N SER IA 276 -26.87 151.03 71.41
CA SER IA 276 -27.78 150.06 70.80
C SER IA 276 -27.29 149.65 69.42
N LYS IA 277 -26.81 150.61 68.63
CA LYS IA 277 -26.28 150.31 67.31
C LYS IA 277 -25.02 149.46 67.40
N SER IA 278 -24.29 149.56 68.51
CA SER IA 278 -23.09 148.74 68.68
C SER IA 278 -23.44 147.26 68.66
N PHE IA 279 -24.54 146.89 69.32
CA PHE IA 279 -25.05 145.53 69.24
C PHE IA 279 -25.97 145.37 68.04
N ASN IA 280 -26.06 144.15 67.52
CA ASN IA 280 -26.99 143.83 66.45
C ASN IA 280 -27.62 142.45 66.63
N ASP IA 281 -27.44 141.80 67.78
CA ASP IA 281 -27.91 140.45 67.98
C ASP IA 281 -29.43 140.41 68.13
N GLU IA 282 -30.01 139.28 67.76
CA GLU IA 282 -31.47 139.13 67.85
C GLU IA 282 -31.93 139.02 69.29
N ASN IA 283 -31.21 138.22 70.10
CA ASN IA 283 -31.64 137.92 71.46
C ASN IA 283 -31.16 138.94 72.48
N ILE IA 284 -30.50 140.02 72.07
CA ILE IA 284 -29.92 141.00 72.99
C ILE IA 284 -30.73 142.28 72.88
N VAL IA 285 -30.94 142.93 74.03
CA VAL IA 285 -31.80 144.10 74.15
C VAL IA 285 -31.02 145.17 74.93
N ASN IA 286 -31.32 146.43 74.63
CA ASN IA 286 -30.74 147.59 75.33
C ASN IA 286 -31.88 148.52 75.73
N VAL IA 287 -32.32 148.40 76.98
CA VAL IA 287 -33.29 149.36 77.51
C VAL IA 287 -32.67 150.74 77.50
N GLY IA 288 -33.46 151.74 77.13
CA GLY IA 288 -32.94 153.07 76.89
C GLY IA 288 -33.02 154.02 78.08
N SER IA 289 -34.20 154.11 78.69
CA SER IA 289 -34.50 155.15 79.67
C SER IA 289 -34.47 154.59 81.09
N SER IA 290 -33.95 155.40 82.01
CA SER IA 290 -34.03 155.10 83.43
C SER IA 290 -35.49 155.15 83.88
N ALA IA 291 -35.72 154.78 85.15
CA ALA IA 291 -37.08 154.73 85.67
C ALA IA 291 -37.09 154.86 87.17
N TYR IA 292 -38.26 155.26 87.69
CA TYR IA 292 -38.58 155.24 89.10
C TYR IA 292 -39.67 154.21 89.32
N TYR IA 293 -39.55 153.43 90.40
CA TYR IA 293 -40.65 152.62 90.91
C TYR IA 293 -41.09 153.07 92.29
N GLU IA 294 -40.17 153.08 93.25
CA GLU IA 294 -40.44 153.60 94.60
C GLU IA 294 -39.54 154.76 94.95
N ASN IA 295 -38.22 154.58 94.96
CA ASN IA 295 -37.28 155.61 95.40
C ASN IA 295 -36.05 155.77 94.51
N ILE IA 296 -35.66 154.76 93.72
CA ILE IA 296 -34.35 154.75 93.06
C ILE IA 296 -34.53 155.19 91.61
N LYS IA 297 -33.57 155.97 91.12
CA LYS IA 297 -33.41 156.21 89.69
C LYS IA 297 -32.74 154.97 89.09
N TYR IA 298 -33.56 153.95 88.87
CA TYR IA 298 -33.08 152.70 88.28
C TYR IA 298 -32.49 152.96 86.91
N THR IA 299 -31.29 152.43 86.68
CA THR IA 299 -30.65 152.62 85.39
C THR IA 299 -31.44 151.85 84.34
N PRO IA 300 -31.25 152.18 83.06
CA PRO IA 300 -31.84 151.33 82.00
C PRO IA 300 -31.42 149.87 82.15
N SER IA 301 -30.16 149.63 82.54
CA SER IA 301 -29.71 148.28 82.85
C SER IA 301 -30.43 147.69 84.05
N GLU IA 302 -30.69 148.49 85.09
CA GLU IA 302 -31.43 147.99 86.24
C GLU IA 302 -32.91 147.80 85.92
N VAL IA 303 -33.47 148.70 85.10
CA VAL IA 303 -34.84 148.52 84.63
C VAL IA 303 -34.98 147.26 83.79
N ALA IA 304 -33.88 146.88 83.12
CA ALA IA 304 -33.88 145.68 82.28
C ALA IA 304 -34.28 144.44 83.06
N VAL IA 305 -34.06 144.40 84.37
CA VAL IA 305 -34.49 143.25 85.17
C VAL IA 305 -36.01 143.10 85.10
N TYR IA 306 -36.74 144.19 85.38
CA TYR IA 306 -38.19 144.10 85.34
C TYR IA 306 -38.69 143.90 83.91
N ILE IA 307 -38.01 144.50 82.94
CA ILE IA 307 -38.40 144.29 81.55
C ILE IA 307 -38.25 142.82 81.17
N ALA IA 308 -37.16 142.19 81.60
CA ALA IA 308 -36.94 140.78 81.32
C ALA IA 308 -37.98 139.92 82.01
N ALA IA 309 -38.33 140.27 83.25
CA ALA IA 309 -39.36 139.53 83.95
C ALA IA 309 -40.70 139.62 83.22
N LEU IA 310 -41.06 140.82 82.75
CA LEU IA 310 -42.30 140.98 82.00
C LEU IA 310 -42.27 140.18 80.71
N SER IA 311 -41.15 140.23 79.99
CA SER IA 311 -41.04 139.51 78.73
C SER IA 311 -41.17 138.01 78.93
N VAL IA 312 -40.53 137.49 79.98
CA VAL IA 312 -40.63 136.06 80.28
C VAL IA 312 -42.06 135.69 80.68
N SER IA 313 -42.69 136.55 81.50
CA SER IA 313 -44.04 136.25 81.97
C SER IA 313 -45.04 136.23 80.82
N LYS IA 314 -44.88 137.15 79.86
CA LYS IA 314 -45.83 137.26 78.77
C LYS IA 314 -45.83 136.00 77.90
N GLY IA 315 -44.65 135.44 77.66
CA GLY IA 315 -44.59 134.26 76.82
C GLY IA 315 -44.82 134.59 75.36
N ILE IA 316 -45.06 133.53 74.57
CA ILE IA 316 -45.27 133.70 73.14
C ILE IA 316 -46.55 134.48 72.88
N THR IA 317 -47.61 134.16 73.63
CA THR IA 317 -48.90 134.80 73.39
C THR IA 317 -48.86 136.30 73.66
N GLY IA 318 -48.20 136.70 74.75
CA GLY IA 318 -48.20 138.09 75.17
C GLY IA 318 -47.06 138.88 74.54
N SER IA 319 -47.38 140.11 74.14
CA SER IA 319 -46.41 141.04 73.56
C SER IA 319 -46.49 142.37 74.31
N ILE IA 320 -45.33 142.97 74.55
CA ILE IA 320 -45.22 144.19 75.34
C ILE IA 320 -45.03 145.42 74.45
N CYS IA 321 -45.47 145.35 73.19
CA CYS IA 321 -45.31 146.49 72.28
C CYS IA 321 -46.17 147.68 72.70
N ASN IA 322 -47.29 147.43 73.41
CA ASN IA 322 -48.14 148.49 73.91
C ASN IA 322 -48.66 148.16 75.31
N ALA IA 323 -47.86 147.44 76.10
CA ALA IA 323 -48.30 146.98 77.42
C ALA IA 323 -47.91 147.99 78.50
N LYS IA 324 -48.77 148.09 79.51
CA LYS IA 324 -48.48 148.93 80.66
C LYS IA 324 -47.41 148.26 81.53
N THR IA 325 -46.66 149.08 82.26
CA THR IA 325 -45.59 148.63 83.14
C THR IA 325 -45.80 149.20 84.54
N ILE IA 326 -45.14 148.56 85.51
CA ILE IA 326 -45.32 148.94 86.91
C ILE IA 326 -44.73 150.32 87.19
N PHE IA 327 -43.79 150.79 86.37
CA PHE IA 327 -43.06 152.01 86.69
C PHE IA 327 -43.98 153.23 86.69
N GLU IA 328 -43.65 154.18 87.57
CA GLU IA 328 -44.38 155.44 87.67
C GLU IA 328 -43.84 156.52 86.76
N GLU IA 329 -42.56 156.44 86.39
CA GLU IA 329 -41.95 157.45 85.54
C GLU IA 329 -40.71 156.87 84.90
N VAL IA 330 -40.40 157.36 83.69
CA VAL IA 330 -39.18 157.00 82.98
C VAL IA 330 -38.63 158.25 82.30
N GLU IA 331 -37.31 158.39 82.31
CA GLU IA 331 -36.62 159.48 81.66
C GLU IA 331 -35.35 158.95 80.99
N PRO IA 332 -34.87 159.59 79.91
CA PRO IA 332 -35.35 160.81 79.25
C PRO IA 332 -36.61 160.60 78.42
N ARG IA 333 -37.49 161.60 78.36
CA ARG IA 333 -38.72 161.49 77.61
C ARG IA 333 -38.42 161.58 76.11
N LEU IA 334 -39.33 161.03 75.31
CA LEU IA 334 -39.13 160.88 73.87
C LEU IA 334 -40.40 161.25 73.13
N SER IA 335 -40.26 162.15 72.15
CA SER IA 335 -41.36 162.49 71.25
C SER IA 335 -41.38 161.48 70.11
N GLN IA 336 -42.16 161.77 69.06
CA GLN IA 336 -42.22 160.86 67.92
C GLN IA 336 -40.87 160.71 67.25
N SER IA 337 -40.14 161.82 67.06
CA SER IA 337 -38.83 161.76 66.44
C SER IA 337 -37.85 160.99 67.33
N GLU IA 338 -37.83 161.28 68.62
CA GLU IA 338 -36.94 160.57 69.54
C GLU IA 338 -37.30 159.09 69.61
N VAL IA 339 -38.61 158.79 69.65
CA VAL IA 339 -39.05 157.41 69.69
C VAL IA 339 -38.57 156.66 68.45
N LYS IA 340 -38.77 157.27 67.27
CA LYS IA 340 -38.36 156.62 66.03
C LYS IA 340 -36.85 156.43 65.98
N GLU IA 341 -36.09 157.45 66.39
CA GLU IA 341 -34.63 157.34 66.36
C GLU IA 341 -34.14 156.26 67.30
N CYS IA 342 -34.72 156.17 68.50
CA CYS IA 342 -34.27 155.17 69.46
C CYS IA 342 -34.67 153.76 69.01
N LEU IA 343 -35.88 153.60 68.48
CA LEU IA 343 -36.31 152.28 68.02
C LEU IA 343 -35.48 151.82 66.83
N LYS IA 344 -35.20 152.72 65.88
CA LYS IA 344 -34.44 152.33 64.71
C LYS IA 344 -33.00 151.98 65.07
N SER IA 345 -32.44 152.65 66.08
CA SER IA 345 -31.09 152.34 66.53
C SER IA 345 -31.02 151.03 67.30
N GLY IA 346 -32.15 150.44 67.67
CA GLY IA 346 -32.16 149.18 68.38
C GLY IA 346 -32.45 149.28 69.86
N THR IA 347 -33.06 150.38 70.31
CA THR IA 347 -33.35 150.60 71.72
C THR IA 347 -34.79 150.24 72.03
N LEU IA 348 -35.00 149.56 73.15
CA LEU IA 348 -36.34 149.29 73.65
C LEU IA 348 -36.83 150.53 74.38
N VAL IA 349 -37.67 151.32 73.71
CA VAL IA 349 -38.04 152.64 74.22
C VAL IA 349 -39.10 152.50 75.30
N LEU IA 350 -38.86 153.11 76.45
CA LEU IA 350 -39.87 153.33 77.49
C LEU IA 350 -40.10 154.82 77.63
N ASP IA 351 -41.37 155.21 77.63
CA ASP IA 351 -41.75 156.61 77.78
C ASP IA 351 -43.01 156.70 78.64
N PHE IA 352 -43.13 157.80 79.36
CA PHE IA 352 -44.36 158.13 80.07
C PHE IA 352 -45.32 158.88 79.15
N ASP IA 353 -45.61 158.27 78.00
CA ASP IA 353 -46.40 158.92 76.96
C ASP IA 353 -47.86 159.10 77.33
N ASP IA 354 -48.32 158.48 78.42
CA ASP IA 354 -49.69 158.61 78.90
C ASP IA 354 -49.64 158.69 80.42
N GLY IA 355 -50.79 158.49 81.06
CA GLY IA 355 -50.85 158.53 82.51
C GLY IA 355 -50.03 157.47 83.20
N ASP IA 356 -49.58 156.44 82.47
CA ASP IA 356 -48.70 155.41 83.00
C ASP IA 356 -47.61 155.13 81.99
N VAL IA 357 -46.53 154.51 82.46
CA VAL IA 357 -45.40 154.17 81.59
C VAL IA 357 -45.86 153.14 80.56
N ILE IA 358 -45.42 153.32 79.31
CA ILE IA 358 -45.75 152.43 78.21
C ILE IA 358 -44.47 152.04 77.50
N ILE IA 359 -44.29 150.75 77.26
CA ILE IA 359 -43.24 150.28 76.35
C ILE IA 359 -43.71 150.57 74.93
N VAL IA 360 -43.00 151.44 74.23
CA VAL IA 360 -43.48 151.90 72.93
C VAL IA 360 -43.45 150.77 71.92
N ASP IA 361 -42.41 149.93 71.95
CA ASP IA 361 -42.37 148.76 71.09
C ASP IA 361 -41.41 147.74 71.69
N ASP IA 362 -41.69 146.47 71.43
CA ASP IA 362 -40.89 145.35 71.92
C ASP IA 362 -39.74 145.00 70.98
N VAL IA 363 -38.74 145.88 70.86
CA VAL IA 363 -37.73 145.78 69.83
C VAL IA 363 -36.42 145.28 70.43
N ASN IA 364 -35.55 144.76 69.56
CA ASN IA 364 -34.27 144.18 69.94
C ASN IA 364 -33.13 144.87 69.19
N THR IA 365 -31.91 144.45 69.49
CA THR IA 365 -30.74 145.05 68.84
C THR IA 365 -30.70 144.75 67.35
N PHE IA 366 -31.37 143.69 66.90
CA PHE IA 366 -31.51 143.41 65.48
C PHE IA 366 -32.54 144.30 64.79
N LYS IA 367 -33.14 145.26 65.51
CA LYS IA 367 -34.04 146.20 64.85
C LYS IA 367 -33.30 147.05 63.81
N LYS IA 368 -31.98 147.19 63.96
CA LYS IA 368 -31.12 147.64 62.86
C LYS IA 368 -30.89 146.44 61.94
N TYR IA 369 -31.96 146.07 61.25
CA TYR IA 369 -32.03 144.81 60.52
C TYR IA 369 -31.25 144.88 59.22
N VAL IA 370 -31.33 143.80 58.44
CA VAL IA 370 -30.71 143.70 57.13
C VAL IA 370 -31.73 143.10 56.16
N ASP IA 371 -31.45 143.26 54.86
CA ASP IA 371 -32.49 143.19 53.85
C ASP IA 371 -33.20 141.84 53.78
N ASP IA 372 -32.46 140.74 53.97
CA ASP IA 372 -33.08 139.43 53.78
C ASP IA 372 -34.16 139.15 54.82
N LYS IA 373 -33.94 139.58 56.07
CA LYS IA 373 -34.89 139.37 57.16
C LYS IA 373 -35.77 140.60 57.30
N ASN IA 374 -37.08 140.38 57.35
CA ASN IA 374 -38.01 141.49 57.49
C ASN IA 374 -37.97 142.06 58.90
N GLU IA 375 -38.66 143.19 59.09
CA GLU IA 375 -38.67 143.84 60.40
C GLU IA 375 -39.39 143.02 61.45
N ALA IA 376 -40.23 142.05 61.05
CA ALA IA 376 -40.86 141.16 62.01
C ALA IA 376 -39.83 140.34 62.78
N MET IA 377 -38.65 140.11 62.21
CA MET IA 377 -37.57 139.46 62.94
C MET IA 377 -37.11 140.27 64.14
N GLY IA 378 -37.29 141.59 64.12
CA GLY IA 378 -36.73 142.47 65.12
C GLY IA 378 -37.54 142.62 66.38
N TYR IA 379 -38.53 141.77 66.62
CA TYR IA 379 -39.38 141.83 67.80
C TYR IA 379 -38.97 140.70 68.75
N ILE IA 380 -38.83 141.04 70.04
CA ILE IA 380 -38.30 140.09 71.01
C ILE IA 380 -39.21 138.88 71.15
N SER IA 381 -40.53 139.13 71.17
CA SER IA 381 -41.49 138.04 71.27
C SER IA 381 -41.35 137.10 70.07
N ASN IA 382 -41.16 137.67 68.89
CA ASN IA 382 -40.96 136.85 67.70
C ASN IA 382 -39.68 136.02 67.80
N ILE IA 383 -38.63 136.60 68.37
CA ILE IA 383 -37.36 135.86 68.50
C ILE IA 383 -37.53 134.70 69.48
N MET IA 384 -38.21 134.94 70.60
CA MET IA 384 -38.46 133.85 71.54
C MET IA 384 -39.34 132.78 70.91
N PHE IA 385 -40.31 133.19 70.09
CA PHE IA 385 -41.14 132.26 69.35
C PHE IA 385 -40.30 131.41 68.40
N ILE IA 386 -39.34 132.04 67.72
CA ILE IA 386 -38.42 131.32 66.84
C ILE IA 386 -37.60 130.32 67.63
N ASN IA 387 -37.12 130.72 68.81
CA ASN IA 387 -36.32 129.82 69.64
C ASN IA 387 -37.14 128.63 70.10
N THR IA 388 -38.40 128.85 70.46
CA THR IA 388 -39.27 127.76 70.86
C THR IA 388 -39.46 126.77 69.71
N ILE IA 389 -39.69 127.30 68.50
CA ILE IA 389 -39.83 126.41 67.34
C ILE IA 389 -38.53 125.66 67.10
N ASN IA 390 -37.38 126.32 67.31
CA ASN IA 390 -36.10 125.64 67.12
C ASN IA 390 -35.95 124.48 68.11
N LYS IA 391 -36.37 124.69 69.36
CA LYS IA 391 -36.30 123.62 70.35
C LYS IA 391 -37.23 122.46 69.97
N ASP IA 392 -38.45 122.79 69.55
CA ASP IA 392 -39.40 121.73 69.17
C ASP IA 392 -38.89 120.97 67.95
N THR IA 393 -38.28 121.66 67.00
CA THR IA 393 -37.73 120.98 65.84
C THR IA 393 -36.46 120.21 66.20
N SER IA 394 -35.78 120.57 67.28
CA SER IA 394 -34.70 119.73 67.78
C SER IA 394 -35.26 118.45 68.42
N LEU IA 395 -36.42 118.55 69.06
CA LEU IA 395 -37.09 117.34 69.51
C LEU IA 395 -37.44 116.45 68.32
N LYS IA 396 -37.93 117.07 67.24
CA LYS IA 396 -38.17 116.32 66.00
C LYS IA 396 -36.88 115.72 65.46
N ARG IA 397 -35.77 116.46 65.57
CA ARG IA 397 -34.47 115.97 65.11
C ARG IA 397 -34.09 114.68 65.84
N LYS IA 398 -34.16 114.70 67.17
CA LYS IA 398 -33.83 113.48 67.92
C LYS IA 398 -34.88 112.39 67.71
N GLU IA 399 -36.09 112.75 67.26
CA GLU IA 399 -37.07 111.72 66.94
C GLU IA 399 -36.69 110.94 65.69
N PHE IA 400 -36.03 111.58 64.72
CA PHE IA 400 -35.78 111.00 63.40
C PHE IA 400 -34.30 110.85 63.12
N VAL IA 401 -33.56 110.26 64.06
CA VAL IA 401 -32.14 109.99 63.90
C VAL IA 401 -31.94 108.92 62.83
N GLY IA 402 -30.69 108.61 62.51
CA GLY IA 402 -30.31 107.89 61.31
C GLY IA 402 -30.90 106.52 61.05
N LYS IA 403 -31.78 106.03 61.93
CA LYS IA 403 -32.58 104.84 61.60
C LYS IA 403 -33.28 105.02 60.25
N ILE IA 404 -33.75 106.22 59.96
CA ILE IA 404 -34.28 106.54 58.63
C ILE IA 404 -33.12 106.75 57.68
N PHE IA 405 -33.29 106.28 56.44
CA PHE IA 405 -32.25 106.44 55.43
C PHE IA 405 -32.23 107.87 54.91
N ASN IA 406 -31.05 108.29 54.43
CA ASN IA 406 -30.87 109.61 53.83
C ASN IA 406 -31.20 109.52 52.34
N ASP IA 407 -32.49 109.37 52.08
CA ASP IA 407 -33.05 109.29 50.74
C ASP IA 407 -34.21 110.26 50.64
N ALA IA 408 -34.76 110.38 49.43
CA ALA IA 408 -35.92 111.26 49.23
C ALA IA 408 -37.09 110.87 50.11
N THR IA 409 -37.24 109.57 50.40
CA THR IA 409 -38.34 109.11 51.25
C THR IA 409 -38.18 109.62 52.68
N GLY IA 410 -36.98 109.51 53.24
CA GLY IA 410 -36.76 109.99 54.59
C GLY IA 410 -36.88 111.50 54.69
N GLN IA 411 -36.35 112.21 53.70
CA GLN IA 411 -36.49 113.66 53.68
C GLN IA 411 -37.97 114.06 53.59
N THR IA 412 -38.73 113.35 52.77
CA THR IA 412 -40.16 113.61 52.68
C THR IA 412 -40.85 113.34 54.01
N THR IA 413 -40.45 112.27 54.71
CA THR IA 413 -41.03 111.96 56.01
C THR IA 413 -40.78 113.08 57.01
N VAL IA 414 -39.53 113.53 57.10
CA VAL IA 414 -39.20 114.61 58.04
C VAL IA 414 -39.92 115.89 57.67
N ILE IA 415 -39.95 116.22 56.38
CA ILE IA 415 -40.62 117.44 55.93
C ILE IA 415 -42.10 117.37 56.22
N CYS IA 416 -42.71 116.20 56.04
CA CYS IA 416 -44.14 116.04 56.33
C CYS IA 416 -44.41 116.17 57.82
N ALA IA 417 -43.51 115.65 58.66
CA ALA IA 417 -43.67 115.81 60.10
C ALA IA 417 -43.62 117.28 60.49
N LEU IA 418 -42.66 118.03 59.94
CA LEU IA 418 -42.57 119.45 60.23
C LEU IA 418 -43.79 120.20 59.70
N LYS IA 419 -44.27 119.82 58.51
CA LYS IA 419 -45.46 120.45 57.95
C LYS IA 419 -46.67 120.21 58.84
N LYS IA 420 -46.81 119.00 59.37
CA LYS IA 420 -47.91 118.72 60.29
C LYS IA 420 -47.76 119.52 61.58
N TYR IA 421 -46.54 119.69 62.06
CA TYR IA 421 -46.32 120.50 63.26
C TYR IA 421 -46.77 121.93 63.03
N PHE IA 422 -46.39 122.51 61.89
CA PHE IA 422 -46.82 123.87 61.59
C PHE IA 422 -48.32 123.94 61.33
N GLU IA 423 -48.91 122.89 60.76
CA GLU IA 423 -50.36 122.86 60.61
C GLU IA 423 -51.06 122.87 61.96
N GLU IA 424 -50.52 122.11 62.92
CA GLU IA 424 -51.08 122.10 64.26
C GLU IA 424 -50.96 123.47 64.91
N LEU IA 425 -49.81 124.12 64.74
CA LEU IA 425 -49.65 125.47 65.28
C LEU IA 425 -50.62 126.45 64.63
N MET IA 426 -50.83 126.34 63.31
CA MET IA 426 -51.79 127.19 62.63
C MET IA 426 -53.20 126.95 63.15
N SER IA 427 -53.55 125.67 63.39
CA SER IA 427 -54.85 125.36 63.97
C SER IA 427 -55.00 125.99 65.35
N GLN IA 428 -53.93 125.95 66.16
CA GLN IA 428 -53.95 126.68 67.42
C GLN IA 428 -54.00 128.19 67.21
N GLY IA 429 -53.60 128.68 66.03
CA GLY IA 429 -53.78 130.07 65.65
C GLY IA 429 -52.53 130.92 65.67
N ILE IA 430 -51.41 130.41 66.19
CA ILE IA 430 -50.20 131.22 66.27
C ILE IA 430 -49.66 131.53 64.89
N ILE IA 431 -49.55 130.51 64.05
CA ILE IA 431 -49.05 130.67 62.68
C ILE IA 431 -50.20 131.08 61.79
N SER IA 432 -49.93 132.00 60.87
CA SER IA 432 -50.88 132.41 59.85
C SER IA 432 -50.53 131.91 58.45
N GLU IA 433 -49.28 131.50 58.23
CA GLU IA 433 -48.85 130.89 56.99
C GLU IA 433 -47.48 130.26 57.24
N PHE IA 434 -47.16 129.23 56.48
CA PHE IA 434 -45.87 128.56 56.65
C PHE IA 434 -45.43 127.90 55.35
N ASN IA 435 -44.12 127.78 55.19
CA ASN IA 435 -43.53 127.10 54.03
C ASN IA 435 -42.21 126.48 54.50
N VAL IA 436 -42.25 125.21 54.86
CA VAL IA 436 -41.07 124.46 55.29
C VAL IA 436 -40.67 123.54 54.14
N ASP IA 437 -39.42 123.66 53.70
CA ASP IA 437 -38.94 122.99 52.50
C ASP IA 437 -37.52 122.52 52.71
N ILE IA 438 -37.03 121.73 51.75
CA ILE IA 438 -35.64 121.30 51.75
C ILE IA 438 -34.74 122.52 51.60
N ASP IA 439 -33.68 122.58 52.40
CA ASP IA 439 -32.71 123.67 52.31
C ASP IA 439 -31.77 123.33 51.15
N THR IA 440 -32.24 123.68 49.94
CA THR IA 440 -31.53 123.26 48.73
C THR IA 440 -30.14 123.84 48.64
N GLU IA 441 -29.94 125.07 49.13
CA GLU IA 441 -28.62 125.69 49.06
C GLU IA 441 -27.60 124.90 49.87
N LEU IA 442 -27.99 124.43 51.06
CA LEU IA 442 -27.10 123.64 51.91
C LEU IA 442 -27.17 122.15 51.62
N GLN IA 443 -28.30 121.67 51.07
CA GLN IA 443 -28.46 120.23 50.85
C GLN IA 443 -27.76 119.75 49.60
N ALA IA 444 -27.50 120.65 48.63
CA ALA IA 444 -26.84 120.23 47.40
C ALA IA 444 -25.43 119.71 47.69
N THR IA 445 -24.72 120.36 48.61
CA THR IA 445 -23.39 119.93 49.02
C THR IA 445 -23.41 119.04 50.26
N ALA IA 446 -24.59 118.60 50.70
CA ALA IA 446 -24.67 117.79 51.90
C ALA IA 446 -24.04 116.42 51.70
N LYS IA 447 -23.27 116.00 52.69
CA LYS IA 447 -22.73 114.65 52.72
C LYS IA 447 -23.85 113.66 53.03
N ALA IA 448 -23.51 112.37 53.07
CA ALA IA 448 -24.50 111.34 53.31
C ALA IA 448 -25.16 111.50 54.68
N ASP IA 449 -24.35 111.81 55.71
CA ASP IA 449 -24.87 111.84 57.07
C ASP IA 449 -25.73 113.06 57.37
N GLU IA 450 -25.50 114.18 56.71
CA GLU IA 450 -26.10 115.46 57.06
C GLU IA 450 -27.28 115.79 56.15
N PHE IA 451 -28.32 116.35 56.75
CA PHE IA 451 -29.50 116.83 56.04
C PHE IA 451 -29.85 118.21 56.56
N TYR IA 452 -30.28 119.09 55.64
CA TYR IA 452 -30.64 120.47 55.96
C TYR IA 452 -32.07 120.76 55.57
N TRP IA 453 -32.69 121.67 56.30
CA TRP IA 453 -34.06 122.11 56.03
C TRP IA 453 -34.22 123.53 56.56
N LYS IA 454 -35.37 124.14 56.28
CA LYS IA 454 -35.60 125.52 56.66
C LYS IA 454 -37.09 125.79 56.69
N TRP IA 455 -37.51 126.66 57.61
CA TRP IA 455 -38.91 127.02 57.79
C TRP IA 455 -39.05 128.52 57.86
N ASP IA 456 -40.15 129.02 57.31
CA ASP IA 456 -40.52 130.43 57.37
C ASP IA 456 -42.02 130.51 57.58
N ALA IA 457 -42.45 131.43 58.44
CA ALA IA 457 -43.86 131.55 58.77
C ALA IA 457 -44.19 132.98 59.18
N VAL IA 458 -45.42 133.40 58.86
CA VAL IA 458 -45.93 134.71 59.21
C VAL IA 458 -46.66 134.59 60.54
N LYS IA 459 -46.69 135.69 61.30
CA LYS IA 459 -47.23 135.71 62.65
C LYS IA 459 -48.24 136.86 62.78
N VAL IA 460 -49.12 136.71 63.77
CA VAL IA 460 -50.18 137.70 63.98
C VAL IA 460 -49.56 139.01 64.44
N ASP IA 461 -50.07 140.12 63.90
CA ASP IA 461 -49.61 141.45 64.28
C ASP IA 461 -50.42 141.98 65.45
N VAL IA 462 -49.82 142.92 66.17
CA VAL IA 462 -50.49 143.67 67.23
C VAL IA 462 -49.99 145.11 67.16
N MET IA 463 -50.89 146.05 66.94
CA MET IA 463 -50.53 147.46 66.80
C MET IA 463 -50.44 148.11 68.17
N ARG JA 36 -62.87 88.49 118.85
CA ARG JA 36 -62.30 87.34 119.53
C ARG JA 36 -61.13 87.76 120.42
N LEU JA 37 -61.41 87.91 121.71
CA LEU JA 37 -60.42 88.30 122.71
C LEU JA 37 -60.20 87.15 123.69
N ALA JA 38 -58.95 86.75 123.86
CA ALA JA 38 -58.59 85.69 124.80
C ALA JA 38 -58.44 86.29 126.20
N MET JA 39 -59.30 85.87 127.12
CA MET JA 39 -59.41 86.46 128.45
C MET JA 39 -59.00 85.45 129.52
N PRO JA 40 -57.79 85.56 130.10
CA PRO JA 40 -57.40 84.63 131.20
C PRO JA 40 -57.92 85.07 132.57
N ILE JA 41 -59.21 84.87 132.81
CA ILE JA 41 -59.85 85.38 134.03
C ILE JA 41 -59.26 84.71 135.26
N ARG JA 42 -58.94 85.52 136.27
CA ARG JA 42 -58.66 85.03 137.63
C ARG JA 42 -59.98 84.95 138.38
N ALA JA 43 -60.69 83.83 138.21
CA ALA JA 43 -62.06 83.69 138.70
C ALA JA 43 -62.27 82.32 139.33
N ASN JA 44 -63.16 82.30 140.32
CA ASN JA 44 -63.67 81.03 140.84
C ASN JA 44 -64.69 80.40 139.89
N TRP JA 45 -65.30 81.20 139.03
CA TRP JA 45 -66.26 80.73 138.05
C TRP JA 45 -65.60 80.64 136.68
N GLY JA 46 -66.18 79.79 135.83
CA GLY JA 46 -65.58 79.42 134.57
C GLY JA 46 -64.89 78.07 134.64
N ASP JA 47 -64.71 77.47 133.47
CA ASP JA 47 -64.09 76.15 133.40
C ASP JA 47 -62.58 76.26 133.45
N VAL JA 48 -61.94 75.33 134.16
CA VAL JA 48 -60.49 75.32 134.31
C VAL JA 48 -59.88 74.55 133.15
N GLY JA 49 -58.87 75.16 132.50
CA GLY JA 49 -58.11 74.45 131.50
C GLY JA 49 -58.84 74.25 130.18
N LYS JA 50 -59.83 75.08 129.86
CA LYS JA 50 -60.59 74.91 128.63
C LYS JA 50 -61.12 76.26 128.17
N VAL JA 51 -61.22 76.41 126.86
CA VAL JA 51 -61.70 77.65 126.25
C VAL JA 51 -63.21 77.57 126.09
N VAL JA 52 -63.91 78.62 126.54
CA VAL JA 52 -65.36 78.73 126.39
C VAL JA 52 -65.69 80.16 125.98
N THR JA 53 -66.90 80.33 125.44
CA THR JA 53 -67.36 81.60 124.89
C THR JA 53 -68.70 81.99 125.51
N ILE JA 54 -68.97 83.29 125.48
CA ILE JA 54 -70.25 83.86 125.91
C ILE JA 54 -70.71 84.82 124.82
N LYS JA 55 -72.02 84.86 124.59
CA LYS JA 55 -72.59 85.64 123.49
C LYS JA 55 -72.97 87.05 123.95
N ASN JA 56 -72.24 87.59 124.92
CA ASN JA 56 -72.60 88.85 125.57
C ASN JA 56 -74.01 88.76 126.15
N ASP JA 57 -74.28 87.63 126.80
CA ASP JA 57 -75.60 87.37 127.37
C ASP JA 57 -75.88 88.31 128.54
N GLY JA 66 -68.95 84.61 136.16
CA GLY JA 66 -68.97 84.90 137.58
C GLY JA 66 -69.73 86.17 137.89
N ASP JA 67 -69.88 86.46 139.19
CA ASP JA 67 -70.60 87.65 139.64
C ASP JA 67 -69.81 88.43 140.69
N ASP JA 68 -68.99 87.75 141.48
CA ASP JA 68 -68.29 88.40 142.58
C ASP JA 68 -67.29 89.42 142.05
N MET JA 69 -67.11 90.50 142.80
CA MET JA 69 -66.15 91.52 142.41
C MET JA 69 -64.72 91.00 142.45
N ASN JA 70 -64.45 89.99 143.27
CA ASN JA 70 -63.09 89.44 143.35
C ASN JA 70 -62.75 88.58 142.14
N TYR JA 71 -63.76 88.05 141.44
CA TYR JA 71 -63.54 87.13 140.33
C TYR JA 71 -63.55 87.91 139.01
N SER JA 72 -62.55 87.66 138.17
CA SER JA 72 -62.37 88.43 136.94
C SER JA 72 -63.43 88.12 135.90
N ALA JA 73 -64.25 87.09 136.09
CA ALA JA 73 -65.33 86.83 135.14
C ALA JA 73 -66.34 87.97 135.12
N PHE JA 74 -66.43 88.74 136.21
CA PHE JA 74 -67.28 89.92 136.31
C PHE JA 74 -66.49 91.19 136.56
N LYS JA 75 -65.40 91.11 137.33
CA LYS JA 75 -64.56 92.29 137.55
C LYS JA 75 -63.95 92.77 136.24
N LEU JA 76 -63.28 91.86 135.52
CA LEU JA 76 -62.61 92.18 134.26
C LEU JA 76 -63.31 91.59 133.05
N GLY JA 77 -64.25 90.66 133.24
CA GLY JA 77 -65.11 90.25 132.15
C GLY JA 77 -66.00 91.40 131.69
N LYS JA 78 -66.43 92.24 132.63
CA LYS JA 78 -67.16 93.45 132.27
C LYS JA 78 -66.30 94.37 131.42
N LEU JA 79 -65.01 94.49 131.76
CA LEU JA 79 -64.11 95.31 130.97
C LEU JA 79 -63.97 94.76 129.55
N ALA JA 80 -63.88 93.43 129.43
CA ALA JA 80 -63.78 92.82 128.10
C ALA JA 80 -65.06 93.05 127.30
N LEU JA 81 -66.22 92.94 127.95
CA LEU JA 81 -67.48 93.07 127.22
C LEU JA 81 -67.78 94.53 126.86
N LEU JA 82 -67.30 95.48 127.67
CA LEU JA 82 -67.59 96.89 127.40
C LEU JA 82 -66.91 97.37 126.12
N GLY JA 83 -65.83 96.71 125.71
CA GLY JA 83 -65.21 97.05 124.44
C GLY JA 83 -66.02 96.64 123.24
N ASN JA 84 -67.08 95.85 123.43
CA ASN JA 84 -68.04 95.49 122.38
C ASN JA 84 -67.37 94.71 121.26
N VAL JA 85 -66.46 93.81 121.62
CA VAL JA 85 -66.07 92.77 120.68
C VAL JA 85 -67.29 91.90 120.41
N LYS JA 86 -67.38 91.33 119.21
CA LYS JA 86 -68.60 90.64 118.81
C LYS JA 86 -68.87 89.43 119.69
N GLU JA 87 -67.83 88.83 120.27
CA GLU JA 87 -68.02 87.81 121.29
C GLU JA 87 -66.74 87.66 122.09
N LEU JA 88 -66.89 87.16 123.32
CA LEU JA 88 -65.80 87.03 124.27
C LEU JA 88 -65.49 85.56 124.49
N LEU JA 89 -64.21 85.26 124.70
CA LEU JA 89 -63.73 83.90 125.01
C LEU JA 89 -62.87 83.97 126.26
N LEU JA 90 -63.04 82.97 127.14
CA LEU JA 90 -62.57 83.04 128.52
C LEU JA 90 -61.67 81.86 128.85
N TYR JA 91 -60.76 82.09 129.80
CA TYR JA 91 -59.93 81.05 130.38
C TYR JA 91 -59.70 81.36 131.86
N ARG JA 92 -59.68 80.32 132.67
CA ARG JA 92 -59.64 80.44 134.13
C ARG JA 92 -58.26 80.08 134.65
N LEU JA 93 -57.72 80.93 135.51
CA LEU JA 93 -56.43 80.71 136.17
C LEU JA 93 -56.67 80.27 137.61
N VAL JA 94 -56.12 79.12 137.97
CA VAL JA 94 -56.32 78.53 139.29
C VAL JA 94 -55.03 77.88 139.76
N ASP JA 95 -54.83 77.85 141.07
CA ASP JA 95 -53.74 77.07 141.66
C ASP JA 95 -53.95 75.59 141.40
N GLY JA 96 -52.84 74.86 141.33
CA GLY JA 96 -52.94 73.41 141.14
C GLY JA 96 -53.65 72.73 142.30
N ASN JA 97 -53.43 73.22 143.52
CA ASN JA 97 -54.08 72.66 144.71
C ASN JA 97 -55.50 73.19 144.76
N GLN JA 98 -56.34 72.63 143.89
CA GLN JA 98 -57.72 73.08 143.76
C GLN JA 98 -58.51 72.00 143.04
N LYS JA 99 -59.67 71.63 143.59
CA LYS JA 99 -60.45 70.50 143.11
C LYS JA 99 -61.93 70.90 143.16
N LYS JA 100 -62.80 69.90 143.08
CA LYS JA 100 -64.24 70.10 143.01
C LYS JA 100 -64.91 69.72 144.34
N GLY JA 101 -65.94 70.48 144.69
CA GLY JA 101 -66.74 70.14 145.87
C GLY JA 101 -67.71 69.01 145.58
N THR JA 102 -67.92 68.16 146.58
CA THR JA 102 -68.74 66.96 146.44
C THR JA 102 -69.65 66.82 147.65
N LEU JA 103 -70.95 66.60 147.38
CA LEU JA 103 -71.94 66.36 148.41
C LEU JA 103 -72.63 65.03 148.10
N THR JA 104 -72.78 64.20 149.14
CA THR JA 104 -73.41 62.89 149.02
C THR JA 104 -74.71 62.90 149.80
N LEU JA 105 -75.76 62.33 149.20
CA LEU JA 105 -77.08 62.23 149.80
C LEU JA 105 -77.53 60.78 149.79
N LYS JA 106 -78.33 60.42 150.80
CA LYS JA 106 -78.75 59.03 151.01
C LYS JA 106 -80.24 58.99 151.32
N ASP JA 107 -80.84 57.83 151.09
CA ASP JA 107 -82.29 57.67 151.17
C ASP JA 107 -82.72 57.18 152.55
N THR JA 108 -84.03 57.31 152.80
CA THR JA 108 -84.64 56.89 154.06
C THR JA 108 -85.94 56.11 153.87
N THR JA 109 -86.29 55.73 152.64
CA THR JA 109 -87.46 54.89 152.45
C THR JA 109 -87.27 53.53 153.14
N GLU JA 110 -86.08 52.96 153.00
CA GLU JA 110 -85.69 51.78 153.76
C GLU JA 110 -84.95 52.22 155.03
N ASN JA 111 -84.86 51.31 155.99
CA ASN JA 111 -84.29 51.65 157.29
C ASN JA 111 -82.82 52.01 157.17
N SER JA 112 -82.07 51.24 156.37
CA SER JA 112 -80.64 51.49 156.16
C SER JA 112 -80.47 52.46 155.01
N ALA JA 113 -79.84 53.60 155.28
CA ALA JA 113 -79.69 54.64 154.26
C ALA JA 113 -78.54 54.29 153.32
N LYS JA 114 -78.78 54.46 152.02
CA LYS JA 114 -77.81 54.19 150.97
C LYS JA 114 -77.79 55.36 150.00
N ASP JA 115 -76.61 55.65 149.45
CA ASP JA 115 -76.45 56.79 148.56
C ASP JA 115 -77.14 56.54 147.23
N VAL JA 116 -77.94 57.50 146.78
CA VAL JA 116 -78.67 57.42 145.52
C VAL JA 116 -78.41 58.64 144.64
N ILE JA 117 -78.04 59.76 145.24
CA ILE JA 117 -77.76 61.01 144.52
C ILE JA 117 -76.50 61.63 145.10
N LYS JA 118 -75.65 62.15 144.21
CA LYS JA 118 -74.48 62.92 144.58
C LYS JA 118 -74.50 64.23 143.78
N LEU JA 119 -74.21 65.34 144.45
CA LEU JA 119 -74.23 66.66 143.85
C LEU JA 119 -72.83 67.26 143.87
N GLU JA 120 -72.52 68.03 142.82
CA GLU JA 120 -71.22 68.66 142.67
C GLU JA 120 -71.39 70.06 142.09
N THR JA 121 -70.43 70.93 142.38
CA THR JA 121 -70.40 72.25 141.76
C THR JA 121 -70.14 72.12 140.26
N LYS JA 122 -70.73 73.03 139.49
CA LYS JA 122 -70.63 72.94 138.03
C LYS JA 122 -69.18 72.98 137.57
N TYR JA 123 -68.44 73.99 138.03
CA TYR JA 123 -67.00 74.06 137.88
C TYR JA 123 -66.35 73.77 139.23
N PRO JA 124 -65.10 73.29 139.28
CA PRO JA 124 -64.49 72.98 140.57
C PRO JA 124 -64.33 74.23 141.42
N THR JA 125 -64.64 74.09 142.72
CA THR JA 125 -64.58 75.22 143.64
C THR JA 125 -64.84 74.71 145.05
N ALA JA 126 -64.41 75.50 146.03
CA ALA JA 126 -64.73 75.31 147.44
C ALA JA 126 -65.83 76.25 147.92
N ARG JA 127 -66.49 76.96 147.01
CA ARG JA 127 -67.51 77.93 147.40
C ARG JA 127 -68.65 77.23 148.11
N ASN JA 128 -69.19 77.89 149.14
CA ASN JA 128 -70.26 77.33 149.96
C ASN JA 128 -71.58 77.42 149.20
N PHE JA 129 -71.68 76.60 148.15
CA PHE JA 129 -72.93 76.47 147.40
C PHE JA 129 -73.79 75.49 148.17
N ASN JA 130 -74.63 76.04 149.05
CA ASN JA 130 -75.38 75.26 150.01
C ASN JA 130 -76.69 74.79 149.40
N VAL JA 131 -77.14 73.60 149.84
CA VAL JA 131 -78.33 72.96 149.32
C VAL JA 131 -79.16 72.48 150.50
N THR JA 132 -80.47 72.76 150.46
CA THR JA 132 -81.42 72.31 151.47
C THR JA 132 -82.41 71.36 150.80
N ILE JA 133 -82.54 70.16 151.35
CA ILE JA 133 -83.46 69.14 150.85
C ILE JA 133 -84.36 68.73 151.99
N LYS JA 134 -85.64 69.08 151.90
CA LYS JA 134 -86.67 68.78 152.89
C LYS JA 134 -87.76 67.93 152.26
N SER JA 135 -88.41 67.12 153.09
CA SER JA 135 -89.57 66.36 152.64
C SER JA 135 -90.70 67.32 152.28
N ASN JA 136 -91.35 67.05 151.15
CA ASN JA 136 -92.41 67.92 150.67
C ASN JA 136 -93.59 67.91 151.64
N LEU JA 137 -94.25 69.06 151.77
CA LEU JA 137 -95.27 69.23 152.80
C LEU JA 137 -96.44 68.28 152.61
N VAL JA 138 -96.90 68.10 151.37
CA VAL JA 138 -98.11 67.33 151.09
C VAL JA 138 -97.75 65.86 150.91
N ASP JA 139 -96.95 65.56 149.90
CA ASP JA 139 -96.64 64.19 149.51
C ASP JA 139 -95.27 63.81 150.06
N SER JA 140 -95.21 62.68 150.77
CA SER JA 140 -93.94 62.20 151.28
C SER JA 140 -93.03 61.70 150.18
N ASP JA 141 -93.57 61.42 148.99
CA ASP JA 141 -92.79 60.88 147.88
C ASP JA 141 -91.94 61.91 147.17
N LYS JA 142 -92.17 63.21 147.41
CA LYS JA 142 -91.45 64.29 146.74
C LYS JA 142 -90.58 65.03 147.74
N LYS JA 143 -89.42 65.47 147.25
CA LYS JA 143 -88.43 66.19 148.06
C LYS JA 143 -88.21 67.57 147.50
N ASP JA 144 -88.30 68.58 148.37
CA ASP JA 144 -88.14 69.97 147.98
C ASP JA 144 -86.65 70.30 147.93
N PHE JA 145 -86.12 70.46 146.72
CA PHE JA 145 -84.72 70.85 146.51
C PHE JA 145 -84.64 72.37 146.46
N ILE JA 146 -83.93 72.95 147.42
CA ILE JA 146 -83.64 74.38 147.45
C ILE JA 146 -82.13 74.54 147.40
N PHE JA 147 -81.64 75.29 146.43
CA PHE JA 147 -80.23 75.55 146.24
C PHE JA 147 -79.91 76.98 146.65
N PHE JA 148 -78.67 77.20 147.11
CA PHE JA 148 -78.23 78.50 147.57
C PHE JA 148 -76.85 78.81 146.98
N GLU JA 149 -76.67 80.05 146.52
CA GLU JA 149 -75.34 80.49 146.11
C GLU JA 149 -74.39 80.53 147.31
N ASN JA 150 -74.70 81.39 148.29
CA ASN JA 150 -74.17 81.26 149.64
C ASN JA 150 -75.27 81.00 150.64
N THR JA 151 -76.27 81.88 150.72
CA THR JA 151 -77.51 81.63 151.46
C THR JA 151 -78.76 82.14 150.77
N LYS JA 152 -78.66 82.98 149.74
CA LYS JA 152 -79.83 83.49 149.05
C LYS JA 152 -80.43 82.40 148.16
N GLN JA 153 -81.76 82.38 148.09
CA GLN JA 153 -82.47 81.35 147.35
C GLN JA 153 -82.23 81.49 145.85
N LEU JA 154 -81.68 80.44 145.23
CA LEU JA 154 -81.38 80.42 143.81
C LEU JA 154 -82.43 79.64 143.03
N PHE JA 155 -82.65 78.37 143.38
CA PHE JA 155 -83.58 77.49 142.69
C PHE JA 155 -84.40 76.74 143.71
N SER JA 156 -85.69 76.55 143.43
CA SER JA 156 -86.60 75.85 144.31
C SER JA 156 -87.57 75.02 143.48
N SER JA 157 -87.63 73.72 143.78
CA SER JA 157 -88.53 72.81 143.07
C SER JA 157 -88.57 71.49 143.83
N SER JA 158 -89.40 70.58 143.34
CA SER JA 158 -89.54 69.25 143.94
C SER JA 158 -89.93 68.25 142.87
N ILE JA 159 -89.37 67.04 142.99
CA ILE JA 159 -89.62 65.95 142.06
C ILE JA 159 -89.76 64.67 142.87
N LYS JA 160 -90.56 63.74 142.35
CA LYS JA 160 -90.80 62.47 143.02
C LYS JA 160 -89.49 61.67 143.11
N GLY JA 161 -89.45 60.76 144.08
CA GLY JA 161 -88.26 60.01 144.44
C GLY JA 161 -87.50 59.28 143.35
N THR JA 162 -88.08 59.11 142.18
CA THR JA 162 -87.36 58.48 141.08
C THR JA 162 -86.14 59.32 140.74
N ILE JA 163 -84.95 58.70 140.77
CA ILE JA 163 -83.71 59.46 140.80
C ILE JA 163 -83.45 60.16 139.48
N ASP JA 164 -83.80 59.51 138.36
CA ASP JA 164 -83.51 60.09 137.05
C ASP JA 164 -84.20 61.43 136.86
N GLU JA 165 -85.49 61.51 137.23
CA GLU JA 165 -86.22 62.77 137.08
C GLU JA 165 -85.61 63.85 137.95
N ILE JA 166 -85.24 63.51 139.19
CA ILE JA 166 -84.66 64.50 140.10
C ILE JA 166 -83.35 65.03 139.53
N VAL JA 167 -82.46 64.12 139.11
CA VAL JA 167 -81.15 64.53 138.65
C VAL JA 167 -81.24 65.33 137.37
N LEU JA 168 -82.09 64.90 136.42
CA LEU JA 168 -82.23 65.62 135.17
C LEU JA 168 -82.90 66.97 135.38
N GLU JA 169 -83.84 67.07 136.32
CA GLU JA 169 -84.42 68.36 136.66
C GLU JA 169 -83.36 69.30 137.22
N ILE JA 170 -82.56 68.81 138.16
CA ILE JA 170 -81.53 69.63 138.78
C ILE JA 170 -80.46 70.03 137.78
N ASN JA 171 -80.21 69.19 136.76
CA ASN JA 171 -79.21 69.53 135.76
C ASN JA 171 -79.74 70.50 134.71
N SER JA 172 -81.02 70.35 134.32
CA SER JA 172 -81.55 71.02 133.14
C SER JA 172 -82.35 72.28 133.46
N ASN JA 173 -82.72 72.54 134.71
CA ASN JA 173 -83.52 73.71 135.01
C ASN JA 173 -82.70 74.98 134.84
N LEU JA 174 -83.41 76.09 134.62
CA LEU JA 174 -82.75 77.34 134.25
C LEU JA 174 -81.95 77.93 135.41
N ASP JA 175 -82.42 77.77 136.64
CA ASP JA 175 -81.78 78.37 137.80
C ASP JA 175 -80.68 77.49 138.39
N ASN JA 176 -80.36 76.36 137.78
CA ASN JA 176 -79.28 75.48 138.22
C ASN JA 176 -77.98 75.72 137.46
N GLU JA 177 -77.72 76.97 137.09
CA GLU JA 177 -76.47 77.31 136.40
C GLU JA 177 -75.24 77.10 137.30
N TYR JA 178 -75.44 76.96 138.62
CA TYR JA 178 -74.34 76.84 139.58
C TYR JA 178 -74.31 75.47 140.26
N VAL JA 179 -74.62 74.40 139.52
CA VAL JA 179 -74.56 73.06 140.07
C VAL JA 179 -74.62 72.04 138.94
N ILE JA 180 -73.99 70.87 139.17
CA ILE JA 180 -74.21 69.67 138.38
C ILE JA 180 -74.62 68.56 139.34
N ALA JA 181 -75.63 67.80 138.97
CA ALA JA 181 -76.13 66.67 139.74
C ALA JA 181 -75.96 65.39 138.93
N THR JA 182 -75.48 64.34 139.59
CA THR JA 182 -75.24 63.05 138.95
C THR JA 182 -75.82 61.93 139.80
N LYS JA 183 -76.35 60.91 139.12
CA LYS JA 183 -76.98 59.78 139.81
C LYS JA 183 -75.93 58.82 140.33
N VAL JA 184 -76.27 58.13 141.42
CA VAL JA 184 -75.43 57.06 141.96
C VAL JA 184 -75.88 55.71 141.42
N ALA JA 185 -77.17 55.39 141.56
CA ALA JA 185 -77.71 54.13 141.08
C ALA JA 185 -79.21 54.27 140.87
N ASP JA 186 -79.78 53.34 140.13
CA ASP JA 186 -81.22 53.34 139.89
C ASP JA 186 -81.97 53.09 141.19
N SER JA 187 -82.91 53.98 141.50
CA SER JA 187 -83.68 53.87 142.73
C SER JA 187 -84.98 54.65 142.58
N ASP JA 188 -85.93 54.34 143.47
CA ASP JA 188 -87.16 55.10 143.62
C ASP JA 188 -87.40 55.45 145.08
N THR JA 189 -86.36 55.57 145.89
CA THR JA 189 -86.49 55.85 147.31
C THR JA 189 -86.55 57.35 147.55
N ILE JA 190 -86.63 57.73 148.82
CA ILE JA 190 -86.85 59.10 149.25
C ILE JA 190 -85.64 59.55 150.05
N LEU JA 191 -85.10 60.72 149.69
CA LEU JA 191 -83.89 61.23 150.34
C LEU JA 191 -84.14 61.53 151.82
N ALA JA 192 -83.06 61.80 152.53
CA ALA JA 192 -83.16 62.28 153.90
C ALA JA 192 -83.40 63.78 153.91
N ASN JA 193 -83.65 64.32 155.11
CA ASN JA 193 -83.89 65.74 155.29
C ASN JA 193 -82.59 66.41 155.72
N VAL JA 194 -82.16 67.41 154.95
CA VAL JA 194 -80.92 68.13 155.20
C VAL JA 194 -81.08 69.58 154.81
N VAL JA 195 -80.39 70.47 155.53
CA VAL JA 195 -80.49 71.91 155.35
C VAL JA 195 -79.11 72.44 154.98
N ASN JA 196 -79.05 73.22 153.90
CA ASN JA 196 -77.90 74.08 153.61
C ASN JA 196 -76.61 73.28 153.48
N GLN JA 197 -76.70 72.06 152.95
CA GLN JA 197 -75.53 71.20 152.81
C GLN JA 197 -74.51 71.84 151.87
N ALA JA 198 -73.34 72.15 152.41
CA ALA JA 198 -72.29 72.85 151.66
C ALA JA 198 -71.43 71.85 150.89
N LEU JA 199 -71.31 72.08 149.59
CA LEU JA 199 -70.41 71.30 148.75
C LEU JA 199 -68.98 71.77 148.96
N GLU JA 200 -68.11 70.88 149.42
CA GLU JA 200 -66.75 71.22 149.78
C GLU JA 200 -65.81 70.11 149.36
N GLY JA 201 -64.51 70.46 149.28
CA GLY JA 201 -63.47 69.53 148.88
C GLY JA 201 -62.45 70.14 147.95
N GLY JA 202 -62.78 71.25 147.32
CA GLY JA 202 -61.94 71.90 146.33
C GLY JA 202 -61.13 73.04 146.91
N ASN JA 203 -61.04 74.13 146.15
CA ASN JA 203 -60.36 75.34 146.61
C ASN JA 203 -60.78 76.50 145.72
N ASP JA 204 -60.46 77.71 146.17
CA ASP JA 204 -60.84 78.91 145.43
C ASP JA 204 -60.07 79.02 144.13
N GLY JA 205 -60.70 79.63 143.12
CA GLY JA 205 -60.03 79.83 141.85
C GLY JA 205 -58.94 80.88 141.91
N CYS JA 206 -59.04 81.81 142.85
CA CYS JA 206 -58.01 82.82 143.08
C CYS JA 206 -57.02 82.39 144.16
N THR JA 207 -56.78 81.08 144.30
CA THR JA 207 -55.94 80.58 145.39
C THR JA 207 -54.51 81.10 145.27
N SER JA 208 -53.89 80.93 144.09
CA SER JA 208 -52.51 81.34 143.90
C SER JA 208 -52.28 81.55 142.41
N ILE JA 209 -52.15 82.82 142.02
CA ILE JA 209 -51.83 83.18 140.64
C ILE JA 209 -50.32 83.23 140.52
N THR JA 210 -49.73 82.21 139.89
CA THR JA 210 -48.29 82.06 139.76
C THR JA 210 -47.92 81.89 138.30
N ASN JA 211 -46.61 81.86 138.05
CA ASN JA 211 -46.11 81.89 136.68
C ASN JA 211 -46.54 80.65 135.90
N GLU JA 212 -46.48 79.48 136.53
CA GLU JA 212 -46.92 78.26 135.85
C GLU JA 212 -48.43 78.30 135.58
N SER JA 213 -49.21 78.69 136.59
CA SER JA 213 -50.65 78.77 136.43
C SER JA 213 -51.04 79.77 135.36
N TYR JA 214 -50.35 80.92 135.33
CA TYR JA 214 -50.57 81.90 134.27
C TYR JA 214 -50.19 81.33 132.91
N LEU JA 215 -49.09 80.58 132.86
CA LEU JA 215 -48.61 80.05 131.59
C LEU JA 215 -49.53 78.95 131.06
N LYS JA 216 -50.34 78.34 131.92
CA LYS JA 216 -51.34 77.38 131.45
C LYS JA 216 -52.25 78.00 130.39
N ALA JA 217 -52.63 79.26 130.60
CA ALA JA 217 -53.52 79.93 129.64
C ALA JA 217 -52.86 80.05 128.27
N LEU JA 218 -51.59 80.47 128.24
CA LEU JA 218 -50.89 80.57 126.96
C LEU JA 218 -50.73 79.21 126.31
N GLU JA 219 -50.41 78.19 127.11
CA GLU JA 219 -50.23 76.84 126.57
C GLU JA 219 -51.53 76.34 125.95
N GLU JA 220 -52.66 76.62 126.58
CA GLU JA 220 -53.94 76.19 126.03
C GLU JA 220 -54.33 77.03 124.81
N PHE JA 221 -54.06 78.33 124.84
CA PHE JA 221 -54.39 79.22 123.73
C PHE JA 221 -53.51 79.00 122.51
N GLU JA 222 -52.40 78.25 122.65
CA GLU JA 222 -51.59 77.91 121.48
C GLU JA 222 -52.42 77.22 120.40
N ARG JA 223 -53.42 76.43 120.82
CA ARG JA 223 -54.25 75.69 119.88
C ARG JA 223 -55.40 76.51 119.31
N TYR JA 224 -55.48 77.80 119.64
CA TYR JA 224 -56.56 78.67 119.20
C TYR JA 224 -55.98 79.98 118.67
N SER JA 225 -56.75 80.64 117.81
CA SER JA 225 -56.39 81.93 117.23
C SER JA 225 -57.44 82.97 117.62
N PHE JA 226 -56.96 84.16 117.99
CA PHE JA 226 -57.81 85.23 118.46
C PHE JA 226 -57.40 86.54 117.80
N ASP JA 227 -58.29 87.53 117.90
CA ASP JA 227 -57.95 88.88 117.47
C ASP JA 227 -56.93 89.52 118.41
N SER JA 228 -57.00 89.20 119.70
CA SER JA 228 -56.08 89.76 120.69
C SER JA 228 -56.04 88.88 121.92
N PHE JA 229 -54.98 89.03 122.70
CA PHE JA 229 -54.83 88.39 123.99
C PHE JA 229 -54.41 89.45 125.00
N VAL JA 230 -54.81 89.26 126.26
CA VAL JA 230 -54.55 90.22 127.31
C VAL JA 230 -54.20 89.50 128.61
N LEU JA 231 -53.53 90.22 129.51
CA LEU JA 231 -53.16 89.73 130.83
C LEU JA 231 -54.24 90.18 131.82
N ASP JA 232 -54.42 89.43 132.91
CA ASP JA 232 -55.58 89.61 133.77
C ASP JA 232 -55.32 90.55 134.95
N GLY JA 233 -54.44 91.54 134.79
CA GLY JA 233 -54.20 92.54 135.81
C GLY JA 233 -52.94 92.33 136.62
N VAL JA 234 -52.34 91.14 136.60
CA VAL JA 234 -51.17 90.86 137.42
C VAL JA 234 -49.96 91.45 136.72
N ALA JA 235 -49.61 92.68 137.07
CA ALA JA 235 -48.52 93.39 136.42
C ALA JA 235 -47.17 92.99 136.99
N ASP JA 236 -46.86 91.69 136.93
CA ASP JA 236 -45.54 91.19 137.32
C ASP JA 236 -44.70 91.08 136.06
N GLU JA 237 -43.48 91.63 136.10
CA GLU JA 237 -42.67 91.73 134.89
C GLU JA 237 -42.28 90.36 134.36
N ALA JA 238 -42.14 89.36 135.23
CA ALA JA 238 -41.82 88.01 134.77
C ALA JA 238 -42.92 87.45 133.89
N LEU JA 239 -44.18 87.64 134.29
CA LEU JA 239 -45.30 87.16 133.48
C LEU JA 239 -45.34 87.86 132.13
N GLN JA 240 -45.12 89.18 132.12
CA GLN JA 240 -45.18 89.93 130.87
C GLN JA 240 -44.03 89.56 129.94
N GLU JA 241 -42.85 89.29 130.51
CA GLU JA 241 -41.72 88.85 129.68
C GLU JA 241 -41.97 87.45 129.13
N THR JA 242 -42.58 86.57 129.93
CA THR JA 242 -42.93 85.25 129.43
C THR JA 242 -43.93 85.35 128.29
N THR JA 243 -44.93 86.22 128.44
CA THR JA 243 -45.89 86.43 127.37
C THR JA 243 -45.22 87.04 126.13
N LYS JA 244 -44.23 87.93 126.35
CA LYS JA 244 -43.47 88.48 125.24
C LYS JA 244 -42.75 87.38 124.47
N ALA JA 245 -42.09 86.47 125.18
CA ALA JA 245 -41.39 85.36 124.53
C ALA JA 245 -42.39 84.46 123.80
N TRP JA 246 -43.54 84.21 124.41
CA TRP JA 246 -44.56 83.36 123.80
C TRP JA 246 -45.08 83.99 122.50
N VAL JA 247 -45.37 85.28 122.54
CA VAL JA 247 -45.88 85.96 121.36
C VAL JA 247 -44.79 86.06 120.29
N ALA JA 248 -43.53 86.17 120.71
CA ALA JA 248 -42.43 86.16 119.74
C ALA JA 248 -42.35 84.81 119.03
N LYS JA 249 -42.50 83.72 119.81
CA LYS JA 249 -42.52 82.39 119.22
C LYS JA 249 -43.67 82.27 118.22
N ASN JA 250 -44.82 82.84 118.56
CA ASN JA 250 -45.94 82.85 117.62
C ASN JA 250 -45.63 83.71 116.40
N LYS JA 251 -44.91 84.81 116.58
CA LYS JA 251 -44.55 85.68 115.47
C LYS JA 251 -43.67 84.94 114.47
N GLU JA 252 -42.73 84.13 114.98
CA GLU JA 252 -41.99 83.25 114.07
C GLU JA 252 -42.93 82.26 113.41
N LEU JA 253 -43.94 81.78 114.13
CA LEU JA 253 -44.98 80.94 113.56
C LEU JA 253 -45.99 81.76 112.74
N GLY JA 254 -46.07 83.08 112.98
CA GLY JA 254 -46.94 83.96 112.23
C GLY JA 254 -48.21 84.38 112.94
N LYS JA 255 -48.54 83.78 114.08
CA LYS JA 255 -49.78 84.10 114.80
C LYS JA 255 -49.58 85.37 115.62
N ASP JA 256 -49.62 86.51 114.92
CA ASP JA 256 -49.42 87.81 115.54
C ASP JA 256 -50.67 88.25 116.30
N ILE JA 257 -50.94 87.55 117.40
CA ILE JA 257 -52.07 87.90 118.24
C ILE JA 257 -51.75 89.20 118.97
N LEU JA 258 -52.65 90.17 118.89
CA LEU JA 258 -52.42 91.47 119.49
C LEU JA 258 -52.38 91.36 121.01
N LEU JA 259 -51.19 91.53 121.58
CA LEU JA 259 -50.98 91.42 123.02
C LEU JA 259 -51.20 92.79 123.66
N PHE JA 260 -51.81 92.79 124.85
CA PHE JA 260 -52.03 94.00 125.62
C PHE JA 260 -51.62 93.77 127.07
N LEU JA 261 -50.93 94.75 127.64
CA LEU JA 261 -50.41 94.66 129.00
C LEU JA 261 -50.53 96.03 129.66
N GLY JA 262 -49.93 96.15 130.84
CA GLY JA 262 -49.87 97.42 131.54
C GLY JA 262 -49.01 97.31 132.77
N GLY JA 263 -48.60 98.47 133.27
CA GLY JA 263 -47.76 98.51 134.45
C GLY JA 263 -48.55 98.28 135.73
N LYS JA 264 -47.82 98.11 136.82
CA LYS JA 264 -48.42 97.87 138.12
C LYS JA 264 -48.90 99.19 138.74
N THR JA 265 -49.65 99.05 139.83
CA THR JA 265 -50.17 100.22 140.53
C THR JA 265 -49.07 101.11 141.08
N GLU JA 266 -47.89 100.56 141.32
CA GLU JA 266 -46.78 101.29 141.94
C GLU JA 266 -45.87 101.97 140.93
N ASP JA 267 -46.20 101.93 139.64
CA ASP JA 267 -45.39 102.57 138.61
C ASP JA 267 -45.87 103.99 138.39
N ASN JA 268 -44.97 104.96 138.49
CA ASN JA 268 -45.24 106.34 138.14
C ASN JA 268 -45.01 106.51 136.64
N ILE JA 269 -44.97 107.76 136.16
CA ILE JA 269 -44.67 108.01 134.75
C ILE JA 269 -43.29 107.47 134.40
N LYS JA 270 -42.33 107.65 135.31
CA LYS JA 270 -40.97 107.17 135.06
C LYS JA 270 -40.93 105.65 134.94
N GLN JA 271 -41.55 104.96 135.89
CA GLN JA 271 -41.55 103.50 135.86
C GLN JA 271 -42.32 102.97 134.66
N ILE JA 272 -43.46 103.61 134.35
CA ILE JA 272 -44.25 103.20 133.19
C ILE JA 272 -43.43 103.35 131.92
N ASN JA 273 -42.75 104.49 131.76
CA ASN JA 273 -41.95 104.71 130.56
C ASN JA 273 -40.79 103.74 130.48
N ASP JA 274 -40.15 103.45 131.61
CA ASP JA 274 -39.03 102.49 131.60
C ASP JA 274 -39.51 101.10 131.21
N LYS JA 275 -40.65 100.67 131.76
CA LYS JA 275 -41.14 99.33 131.44
C LYS JA 275 -41.65 99.26 130.00
N SER JA 276 -42.20 100.36 129.48
CA SER JA 276 -42.54 100.39 128.06
C SER JA 276 -41.29 100.29 127.20
N LYS JA 277 -40.23 101.00 127.58
CA LYS JA 277 -38.97 100.94 126.83
C LYS JA 277 -38.35 99.55 126.93
N SER JA 278 -38.64 98.80 127.99
CA SER JA 278 -38.13 97.44 128.11
C SER JA 278 -38.61 96.57 126.96
N PHE JA 279 -39.88 96.71 126.59
CA PHE JA 279 -40.43 96.04 125.42
C PHE JA 279 -40.20 96.90 124.18
N ASN JA 280 -40.11 96.23 123.01
CA ASN JA 280 -40.01 96.93 121.74
C ASN JA 280 -40.82 96.23 120.65
N ASP JA 281 -41.63 95.24 120.99
CA ASP JA 281 -42.34 94.45 119.99
C ASP JA 281 -43.47 95.26 119.36
N GLU JA 282 -43.80 94.92 118.12
CA GLU JA 282 -44.86 95.63 117.40
C GLU JA 282 -46.23 95.33 118.00
N ASN JA 283 -46.52 94.04 118.24
CA ASN JA 283 -47.85 93.63 118.66
C ASN JA 283 -48.09 93.79 120.16
N ILE JA 284 -47.09 94.18 120.94
CA ILE JA 284 -47.18 94.24 122.39
C ILE JA 284 -47.41 95.68 122.80
N VAL JA 285 -48.23 95.88 123.83
CA VAL JA 285 -48.65 97.19 124.29
C VAL JA 285 -48.49 97.24 125.80
N ASN JA 286 -48.29 98.44 126.33
CA ASN JA 286 -48.20 98.69 127.78
C ASN JA 286 -49.09 99.89 128.10
N VAL JA 287 -50.30 99.61 128.58
CA VAL JA 287 -51.16 100.68 129.07
C VAL JA 287 -50.50 101.34 130.26
N GLY JA 288 -50.58 102.66 130.33
CA GLY JA 288 -49.82 103.42 131.31
C GLY JA 288 -50.56 103.72 132.59
N SER JA 289 -51.78 104.25 132.49
CA SER JA 289 -52.49 104.84 133.60
C SER JA 289 -53.60 103.92 134.10
N SER JA 290 -53.77 103.88 135.42
CA SER JA 290 -54.90 103.19 136.02
C SER JA 290 -56.20 103.91 135.65
N ALA JA 291 -57.32 103.32 136.06
CA ALA JA 291 -58.61 103.90 135.71
C ALA JA 291 -59.69 103.45 136.69
N TYR JA 292 -60.77 104.23 136.72
CA TYR JA 292 -62.00 103.89 137.41
C TYR JA 292 -63.08 103.68 136.36
N TYR JA 293 -63.92 102.66 136.55
CA TYR JA 293 -65.16 102.53 135.81
C TYR JA 293 -66.36 102.64 136.76
N GLU JA 294 -66.44 101.76 137.75
CA GLU JA 294 -67.50 101.81 138.76
C GLU JA 294 -66.93 102.05 140.16
N ASN JA 295 -66.04 101.17 140.64
CA ASN JA 295 -65.55 101.25 142.01
C ASN JA 295 -64.05 101.02 142.13
N ILE JA 296 -63.47 100.25 141.23
CA ILE JA 296 -62.12 99.71 141.39
C ILE JA 296 -61.12 100.65 140.75
N LYS JA 297 -59.98 100.83 141.42
CA LYS JA 297 -58.80 101.42 140.79
C LYS JA 297 -58.15 100.35 139.92
N TYR JA 298 -58.72 100.17 138.73
CA TYR JA 298 -58.20 99.20 137.78
C TYR JA 298 -56.77 99.52 137.41
N THR JA 299 -55.90 98.53 137.50
CA THR JA 299 -54.51 98.75 137.15
C THR JA 299 -54.42 98.99 135.64
N PRO JA 300 -53.31 99.56 135.17
CA PRO JA 300 -53.09 99.61 133.71
C PRO JA 300 -53.17 98.23 133.08
N SER JA 301 -52.65 97.21 133.77
CA SER JA 301 -52.80 95.83 133.33
C SER JA 301 -54.25 95.37 133.32
N GLU JA 302 -55.09 95.87 134.24
CA GLU JA 302 -56.51 95.54 134.23
C GLU JA 302 -57.28 96.36 133.22
N VAL JA 303 -56.90 97.63 133.04
CA VAL JA 303 -57.50 98.45 131.98
C VAL JA 303 -57.19 97.87 130.62
N ALA JA 304 -56.05 97.18 130.50
CA ALA JA 304 -55.63 96.59 129.23
C ALA JA 304 -56.70 95.65 128.67
N VAL JA 305 -57.49 95.02 129.52
CA VAL JA 305 -58.58 94.15 129.04
C VAL JA 305 -59.55 94.95 128.19
N TYR JA 306 -60.04 96.08 128.73
CA TYR JA 306 -61.00 96.89 127.98
C TYR JA 306 -60.36 97.53 126.76
N ILE JA 307 -59.09 97.93 126.88
CA ILE JA 307 -58.41 98.54 125.73
C ILE JA 307 -58.25 97.52 124.61
N ALA JA 308 -57.88 96.29 124.95
CA ALA JA 308 -57.75 95.24 123.95
C ALA JA 308 -59.10 94.93 123.32
N ALA JA 309 -60.16 94.90 124.13
CA ALA JA 309 -61.49 94.67 123.59
C ALA JA 309 -61.88 95.77 122.61
N LEU JA 310 -61.59 97.03 122.95
CA LEU JA 310 -61.90 98.13 122.04
C LEU JA 310 -61.09 98.02 120.75
N SER JA 311 -59.82 97.66 120.86
CA SER JA 311 -58.98 97.53 119.67
C SER JA 311 -59.49 96.43 118.75
N VAL JA 312 -59.92 95.31 119.34
CA VAL JA 312 -60.47 94.22 118.53
C VAL JA 312 -61.79 94.66 117.89
N SER JA 313 -62.63 95.35 118.65
CA SER JA 313 -63.94 95.75 118.15
C SER JA 313 -63.81 96.74 116.99
N LYS JA 314 -62.85 97.65 117.09
CA LYS JA 314 -62.70 98.68 116.07
C LYS JA 314 -62.31 98.08 114.72
N GLY JA 315 -61.44 97.07 114.75
CA GLY JA 315 -61.01 96.47 113.50
C GLY JA 315 -60.04 97.37 112.75
N ILE JA 316 -59.84 97.03 111.47
CA ILE JA 316 -58.91 97.79 110.64
C ILE JA 316 -59.45 99.20 110.40
N THR JA 317 -60.76 99.31 110.16
CA THR JA 317 -61.34 100.61 109.83
C THR JA 317 -61.23 101.58 111.00
N GLY JA 318 -61.51 101.11 112.21
CA GLY JA 318 -61.55 101.98 113.38
C GLY JA 318 -60.19 102.12 114.05
N SER JA 319 -59.89 103.34 114.49
CA SER JA 319 -58.66 103.67 115.20
C SER JA 319 -59.00 104.40 116.48
N ILE JA 320 -58.29 104.08 117.55
CA ILE JA 320 -58.56 104.62 118.88
C ILE JA 320 -57.57 105.73 119.24
N CYS JA 321 -56.98 106.39 118.24
CA CYS JA 321 -56.01 107.44 118.54
C CYS JA 321 -56.67 108.66 119.17
N ASN JA 322 -57.96 108.87 118.91
CA ASN JA 322 -58.71 109.97 119.51
C ASN JA 322 -60.12 109.53 119.90
N ALA JA 323 -60.29 108.26 120.26
CA ALA JA 323 -61.61 107.70 120.55
C ALA JA 323 -61.95 107.84 122.02
N LYS JA 324 -63.24 108.03 122.30
CA LYS JA 324 -63.71 108.06 123.68
C LYS JA 324 -63.75 106.64 124.24
N THR JA 325 -63.62 106.54 125.57
CA THR JA 325 -63.61 105.28 126.29
C THR JA 325 -64.65 105.31 127.40
N ILE JA 326 -65.02 104.11 127.85
CA ILE JA 326 -66.07 103.98 128.86
C ILE JA 326 -65.64 104.54 130.21
N PHE JA 327 -64.33 104.64 130.46
CA PHE JA 327 -63.84 104.99 131.78
C PHE JA 327 -64.24 106.41 132.17
N GLU JA 328 -64.50 106.61 133.47
CA GLU JA 328 -64.84 107.91 134.02
C GLU JA 328 -63.61 108.71 134.43
N GLU JA 329 -62.50 108.05 134.74
CA GLU JA 329 -61.31 108.74 135.20
C GLU JA 329 -60.11 107.83 135.00
N VAL JA 330 -58.95 108.45 134.74
CA VAL JA 330 -57.68 107.75 134.64
C VAL JA 330 -56.61 108.58 135.33
N GLU JA 331 -55.69 107.91 136.03
CA GLU JA 331 -54.56 108.54 136.68
C GLU JA 331 -53.34 107.65 136.50
N PRO JA 332 -52.13 108.23 136.50
CA PRO JA 332 -51.75 109.64 136.68
C PRO JA 332 -52.04 110.51 135.47
N ARG JA 333 -52.40 111.78 135.69
CA ARG JA 333 -52.68 112.68 134.59
C ARG JA 333 -51.39 113.10 133.90
N LEU JA 334 -51.53 113.52 132.64
CA LEU JA 334 -50.39 113.80 131.78
C LEU JA 334 -50.64 115.08 131.00
N SER JA 335 -49.69 116.01 131.07
CA SER JA 335 -49.71 117.22 130.25
C SER JA 335 -49.09 116.90 128.90
N GLN JA 336 -48.81 117.93 128.10
CA GLN JA 336 -48.20 117.71 126.79
C GLN JA 336 -46.82 117.05 126.93
N SER JA 337 -46.01 117.52 127.88
CA SER JA 337 -44.69 116.93 128.07
C SER JA 337 -44.80 115.49 128.55
N GLU JA 338 -45.68 115.24 129.53
CA GLU JA 338 -45.86 113.87 130.01
C GLU JA 338 -46.43 112.97 128.93
N VAL JA 339 -47.39 113.49 128.15
CA VAL JA 339 -47.97 112.72 127.05
C VAL JA 339 -46.88 112.34 126.05
N LYS JA 340 -46.06 113.31 125.65
CA LYS JA 340 -45.02 113.05 124.66
C LYS JA 340 -44.00 112.05 125.21
N GLU JA 341 -43.60 112.21 126.47
CA GLU JA 341 -42.63 111.30 127.06
C GLU JA 341 -43.16 109.88 127.14
N CYS JA 342 -44.43 109.72 127.53
CA CYS JA 342 -45.00 108.38 127.64
C CYS JA 342 -45.20 107.75 126.27
N LEU JA 343 -45.66 108.53 125.29
CA LEU JA 343 -45.86 107.97 123.96
C LEU JA 343 -44.53 107.57 123.32
N LYS JA 344 -43.50 108.41 123.47
CA LYS JA 344 -42.21 108.10 122.87
C LYS JA 344 -41.57 106.88 123.52
N SER JA 345 -41.82 106.69 124.82
CA SER JA 345 -41.30 105.51 125.51
C SER JA 345 -42.04 104.23 125.16
N GLY JA 346 -43.15 104.32 124.42
CA GLY JA 346 -43.92 103.16 124.02
C GLY JA 346 -45.15 102.88 124.84
N THR JA 347 -45.66 103.87 125.58
CA THR JA 347 -46.82 103.68 126.43
C THR JA 347 -48.07 104.16 125.70
N LEU JA 348 -49.15 103.38 125.83
CA LEU JA 348 -50.46 103.79 125.32
C LEU JA 348 -51.09 104.72 126.35
N VAL JA 349 -51.03 106.02 126.09
CA VAL JA 349 -51.40 107.02 127.07
C VAL JA 349 -52.92 107.15 127.13
N LEU JA 350 -53.48 107.03 128.33
CA LEU JA 350 -54.85 107.42 128.62
C LEU JA 350 -54.84 108.60 129.57
N ASP JA 351 -55.62 109.63 129.25
CA ASP JA 351 -55.73 110.81 130.09
C ASP JA 351 -57.17 111.29 130.07
N PHE JA 352 -57.58 111.91 131.18
CA PHE JA 352 -58.86 112.61 131.26
C PHE JA 352 -58.70 114.05 130.76
N ASP JA 353 -58.19 114.18 129.54
CA ASP JA 353 -57.85 115.48 128.99
C ASP JA 353 -59.07 116.33 128.66
N ASP JA 354 -60.27 115.75 128.69
CA ASP JA 354 -61.51 116.47 128.44
C ASP JA 354 -62.55 115.94 129.42
N GLY JA 355 -63.84 116.23 129.14
CA GLY JA 355 -64.90 115.78 130.01
C GLY JA 355 -65.04 114.28 130.11
N ASP JA 356 -64.41 113.53 129.20
CA ASP JA 356 -64.39 112.07 129.25
C ASP JA 356 -62.97 111.59 128.93
N VAL JA 357 -62.70 110.34 129.31
CA VAL JA 357 -61.38 109.76 129.08
C VAL JA 357 -61.14 109.64 127.59
N ILE JA 358 -59.91 109.95 127.18
CA ILE JA 358 -59.50 109.91 125.77
C ILE JA 358 -58.20 109.13 125.69
N ILE JA 359 -58.14 108.17 124.76
CA ILE JA 359 -56.87 107.55 124.39
C ILE JA 359 -56.12 108.55 123.53
N VAL JA 360 -54.96 109.02 124.01
CA VAL JA 360 -54.26 110.10 123.33
C VAL JA 360 -53.71 109.63 121.99
N ASP JA 361 -53.21 108.39 121.94
CA ASP JA 361 -52.76 107.82 120.68
C ASP JA 361 -52.73 106.30 120.80
N ASP JA 362 -52.95 105.64 119.67
CA ASP JA 362 -52.97 104.17 119.59
C ASP JA 362 -51.59 103.60 119.34
N VAL JA 363 -50.68 103.72 120.31
CA VAL JA 363 -49.26 103.43 120.09
C VAL JA 363 -48.92 102.08 120.72
N ASN JA 364 -47.80 101.50 120.26
CA ASN JA 364 -47.33 100.20 120.69
C ASN JA 364 -45.91 100.30 121.22
N THR JA 365 -45.38 99.17 121.69
CA THR JA 365 -44.03 99.15 122.24
C THR JA 365 -42.97 99.46 121.17
N PHE JA 366 -43.30 99.23 119.90
CA PHE JA 366 -42.41 99.61 118.81
C PHE JA 366 -42.44 101.11 118.51
N LYS JA 367 -43.19 101.91 119.29
CA LYS JA 367 -43.15 103.36 119.12
C LYS JA 367 -41.75 103.91 119.38
N LYS JA 368 -40.94 103.21 120.17
CA LYS JA 368 -39.50 103.43 120.20
C LYS JA 368 -38.90 102.74 118.97
N TYR JA 369 -39.19 103.33 117.82
CA TYR JA 369 -38.95 102.72 116.53
C TYR JA 369 -37.47 102.79 116.16
N VAL JA 370 -37.16 102.32 114.95
CA VAL JA 370 -35.81 102.36 114.39
C VAL JA 370 -35.92 102.86 112.96
N ASP JA 371 -34.77 103.27 112.41
CA ASP JA 371 -34.75 104.21 111.28
C ASP JA 371 -35.42 103.64 110.03
N ASP JA 372 -35.26 102.35 109.75
CA ASP JA 372 -35.79 101.80 108.50
C ASP JA 372 -37.31 101.87 108.44
N LYS JA 373 -37.98 101.60 109.56
CA LYS JA 373 -39.44 101.61 109.62
C LYS JA 373 -39.92 102.96 110.11
N ASN JA 374 -40.86 103.56 109.40
CA ASN JA 374 -41.39 104.86 109.78
C ASN JA 374 -42.27 104.75 111.01
N GLU JA 375 -42.64 105.90 111.57
CA GLU JA 375 -43.48 105.92 112.76
C GLU JA 375 -44.87 105.36 112.52
N ALA JA 376 -45.31 105.30 111.26
CA ALA JA 376 -46.59 104.67 110.96
C ALA JA 376 -46.61 103.20 111.34
N MET JA 377 -45.45 102.55 111.40
CA MET JA 377 -45.38 101.18 111.89
C MET JA 377 -45.77 101.08 113.35
N GLY JA 378 -45.65 102.16 114.12
CA GLY JA 378 -45.83 102.13 115.55
C GLY JA 378 -47.27 102.25 116.03
N TYR JA 379 -48.26 102.11 115.15
CA TYR JA 379 -49.66 102.20 115.52
C TYR JA 379 -50.27 100.80 115.53
N ILE JA 380 -51.03 100.50 116.60
CA ILE JA 380 -51.54 99.15 116.80
C ILE JA 380 -52.48 98.76 115.67
N SER JA 381 -53.34 99.70 115.26
CA SER JA 381 -54.25 99.42 114.15
C SER JA 381 -53.47 99.09 112.88
N ASN JA 382 -52.39 99.83 112.63
CA ASN JA 382 -51.56 99.54 111.47
C ASN JA 382 -50.92 98.16 111.58
N ILE JA 383 -50.52 97.76 112.78
CA ILE JA 383 -49.90 96.44 112.95
C ILE JA 383 -50.91 95.33 112.70
N MET JA 384 -52.13 95.50 113.22
CA MET JA 384 -53.18 94.51 112.94
C MET JA 384 -53.51 94.47 111.46
N PHE JA 385 -53.49 95.63 110.79
CA PHE JA 385 -53.68 95.70 109.35
C PHE JA 385 -52.59 94.93 108.61
N ILE JA 386 -51.34 95.09 109.07
CA ILE JA 386 -50.22 94.35 108.48
C ILE JA 386 -50.42 92.85 108.68
N ASN JA 387 -50.88 92.45 109.87
CA ASN JA 387 -51.09 91.02 110.13
C ASN JA 387 -52.19 90.46 109.24
N THR JA 388 -53.26 91.24 109.02
CA THR JA 388 -54.32 90.79 108.13
C THR JA 388 -53.80 90.61 106.71
N ILE JA 389 -52.99 91.56 106.23
CA ILE JA 389 -52.43 91.40 104.90
C ILE JA 389 -51.49 90.20 104.85
N ASN JA 390 -50.75 89.95 105.94
CA ASN JA 390 -49.89 88.78 105.97
C ASN JA 390 -50.69 87.49 105.86
N LYS JA 391 -51.82 87.43 106.55
CA LYS JA 391 -52.68 86.24 106.45
C LYS JA 391 -53.24 86.07 105.05
N ASP JA 392 -53.70 87.17 104.43
CA ASP JA 392 -54.25 87.08 103.09
C ASP JA 392 -53.18 86.68 102.08
N THR JA 393 -51.97 87.22 102.23
CA THR JA 393 -50.89 86.83 101.33
C THR JA 393 -50.41 85.41 101.62
N SER JA 394 -50.62 84.89 102.83
CA SER JA 394 -50.39 83.47 103.06
C SER JA 394 -51.45 82.61 102.36
N LEU JA 395 -52.69 83.09 102.31
CA LEU JA 395 -53.69 82.42 101.49
C LEU JA 395 -53.26 82.39 100.04
N LYS JA 396 -52.71 83.51 99.55
CA LYS JA 396 -52.15 83.54 98.19
C LYS JA 396 -50.99 82.57 98.05
N ARG JA 397 -50.14 82.47 99.08
CA ARG JA 397 -49.03 81.53 99.07
C ARG JA 397 -49.50 80.11 98.86
N LYS JA 398 -50.46 79.66 99.69
CA LYS JA 398 -50.98 78.31 99.54
C LYS JA 398 -51.87 78.16 98.31
N GLU JA 399 -52.25 79.26 97.64
CA GLU JA 399 -52.90 79.15 96.35
C GLU JA 399 -51.93 78.81 95.23
N PHE JA 400 -50.67 79.27 95.33
CA PHE JA 400 -49.70 79.17 94.25
C PHE JA 400 -48.53 78.26 94.63
N VAL JA 401 -48.84 77.08 95.16
CA VAL JA 401 -47.84 76.11 95.56
C VAL JA 401 -47.11 75.59 94.33
N GLY JA 402 -46.10 74.74 94.53
CA GLY JA 402 -45.11 74.40 93.53
C GLY JA 402 -45.55 73.84 92.20
N LYS JA 403 -46.86 73.69 91.97
CA LYS JA 403 -47.36 73.44 90.62
C LYS JA 403 -46.79 74.44 89.62
N ILE JA 404 -46.68 75.70 90.03
CA ILE JA 404 -46.02 76.73 89.22
C ILE JA 404 -44.51 76.54 89.30
N PHE JA 405 -43.82 76.76 88.19
CA PHE JA 405 -42.38 76.65 88.16
C PHE JA 405 -41.73 77.87 88.80
N ASN JA 406 -40.52 77.66 89.33
CA ASN JA 406 -39.72 78.73 89.91
C ASN JA 406 -38.90 79.40 88.82
N ASP JA 407 -39.61 80.14 87.97
CA ASP JA 407 -39.04 80.88 86.85
C ASP JA 407 -39.58 82.30 86.89
N ALA JA 408 -39.05 83.15 86.01
CA ALA JA 408 -39.51 84.53 85.94
C ALA JA 408 -41.01 84.61 85.65
N THR JA 409 -41.55 83.65 84.90
CA THR JA 409 -42.97 83.66 84.59
C THR JA 409 -43.81 83.42 85.84
N GLY JA 410 -43.44 82.42 86.65
CA GLY JA 410 -44.19 82.16 87.87
C GLY JA 410 -44.07 83.29 88.88
N GLN JA 411 -42.87 83.85 89.00
CA GLN JA 411 -42.69 84.99 89.89
C GLN JA 411 -43.53 86.17 89.41
N THR JA 412 -43.58 86.41 88.11
CA THR JA 412 -44.43 87.47 87.57
C THR JA 412 -45.90 87.18 87.87
N THR JA 413 -46.32 85.93 87.77
CA THR JA 413 -47.70 85.57 88.06
C THR JA 413 -48.04 85.89 89.51
N VAL JA 414 -47.19 85.45 90.44
CA VAL JA 414 -47.46 85.69 91.86
C VAL JA 414 -47.44 87.19 92.16
N ILE JA 415 -46.47 87.91 91.59
CA ILE JA 415 -46.37 89.34 91.85
C ILE JA 415 -47.58 90.07 91.28
N CYS JA 416 -48.07 89.63 90.12
CA CYS JA 416 -49.25 90.25 89.54
C CYS JA 416 -50.49 89.96 90.38
N ALA JA 417 -50.59 88.75 90.94
CA ALA JA 417 -51.71 88.45 91.82
C ALA JA 417 -51.69 89.35 93.05
N LEU JA 418 -50.51 89.53 93.66
CA LEU JA 418 -50.40 90.42 94.81
C LEU JA 418 -50.70 91.87 94.42
N LYS JA 419 -50.22 92.29 93.26
CA LYS JA 419 -50.49 93.65 92.78
C LYS JA 419 -51.98 93.87 92.60
N LYS JA 420 -52.68 92.88 92.05
CA LYS JA 420 -54.13 93.01 91.86
C LYS JA 420 -54.86 93.00 93.20
N TYR JA 421 -54.37 92.23 94.17
CA TYR JA 421 -54.95 92.27 95.51
C TYR JA 421 -54.82 93.67 96.12
N PHE JA 422 -53.64 94.26 96.02
CA PHE JA 422 -53.47 95.62 96.54
C PHE JA 422 -54.27 96.64 95.74
N GLU JA 423 -54.43 96.41 94.44
CA GLU JA 423 -55.30 97.28 93.64
C GLU JA 423 -56.73 97.21 94.13
N GLU JA 424 -57.20 96.01 94.45
CA GLU JA 424 -58.55 95.87 95.01
C GLU JA 424 -58.68 96.59 96.33
N LEU JA 425 -57.68 96.46 97.20
CA LEU JA 425 -57.71 97.16 98.48
C LEU JA 425 -57.71 98.67 98.28
N MET JA 426 -56.91 99.17 97.34
CA MET JA 426 -56.90 100.60 97.04
C MET JA 426 -58.25 101.04 96.50
N SER JA 427 -58.88 100.22 95.65
CA SER JA 427 -60.20 100.54 95.13
C SER JA 427 -61.22 100.65 96.26
N GLN JA 428 -61.13 99.76 97.25
CA GLN JA 428 -61.93 99.94 98.45
C GLN JA 428 -61.56 101.24 99.16
N GLY JA 429 -60.26 101.52 99.27
CA GLY JA 429 -59.78 102.80 99.78
C GLY JA 429 -58.81 102.70 100.96
N ILE JA 430 -58.58 101.48 101.47
CA ILE JA 430 -57.69 101.33 102.62
C ILE JA 430 -56.27 101.72 102.24
N ILE JA 431 -55.79 101.22 101.11
CA ILE JA 431 -54.45 101.52 100.63
C ILE JA 431 -54.50 102.82 99.82
N SER JA 432 -53.50 103.67 100.02
CA SER JA 432 -53.33 104.89 99.24
C SER JA 432 -52.19 104.80 98.24
N GLU JA 433 -51.27 103.85 98.43
CA GLU JA 433 -50.19 103.60 97.49
C GLU JA 433 -49.58 102.25 97.86
N PHE JA 434 -49.00 101.56 96.87
CA PHE JA 434 -48.40 100.27 97.14
C PHE JA 434 -47.29 99.99 96.14
N ASN JA 435 -46.31 99.20 96.58
CA ASN JA 435 -45.20 98.77 95.72
C ASN JA 435 -44.78 97.39 96.20
N VAL JA 436 -45.29 96.35 95.56
CA VAL JA 436 -44.94 94.97 95.87
C VAL JA 436 -44.03 94.46 94.76
N ASP JA 437 -42.84 93.98 95.15
CA ASP JA 437 -41.78 93.66 94.20
C ASP JA 437 -41.05 92.41 94.68
N ILE JA 438 -40.17 91.91 93.81
CA ILE JA 438 -39.31 90.78 94.18
C ILE JA 438 -38.39 91.21 95.30
N ASP JA 439 -38.23 90.36 96.31
CA ASP JA 439 -37.31 90.63 97.40
C ASP JA 439 -35.91 90.25 96.92
N THR JA 440 -35.28 91.20 96.21
CA THR JA 440 -34.02 90.93 95.54
C THR JA 440 -32.92 90.57 96.51
N GLU JA 441 -32.93 91.17 97.71
CA GLU JA 441 -31.89 90.87 98.69
C GLU JA 441 -31.92 89.41 99.12
N LEU JA 442 -33.12 88.87 99.33
CA LEU JA 442 -33.26 87.46 99.72
C LEU JA 442 -33.40 86.53 98.53
N GLN JA 443 -33.86 87.03 97.38
CA GLN JA 443 -34.06 86.17 96.22
C GLN JA 443 -32.77 85.86 95.48
N ALA JA 444 -31.74 86.70 95.63
CA ALA JA 444 -30.48 86.46 94.93
C ALA JA 444 -29.84 85.15 95.39
N THR JA 445 -29.90 84.88 96.70
CA THR JA 445 -29.38 83.65 97.28
C THR JA 445 -30.45 82.57 97.42
N ALA JA 446 -31.63 82.77 96.84
CA ALA JA 446 -32.71 81.80 96.99
C ALA JA 446 -32.39 80.51 96.26
N LYS JA 447 -32.65 79.39 96.93
CA LYS JA 447 -32.56 78.08 96.30
C LYS JA 447 -33.72 77.90 95.32
N ALA JA 448 -33.74 76.74 94.66
CA ALA JA 448 -34.78 76.47 93.66
C ALA JA 448 -36.17 76.47 94.29
N ASP JA 449 -36.31 75.87 95.47
CA ASP JA 449 -37.63 75.68 96.07
C ASP JA 449 -38.20 76.97 96.65
N GLU JA 450 -37.37 77.91 97.08
CA GLU JA 450 -37.80 79.06 97.86
C GLU JA 450 -37.87 80.31 97.00
N PHE JA 451 -38.88 81.13 97.26
CA PHE JA 451 -39.07 82.42 96.61
C PHE JA 451 -39.43 83.46 97.67
N TYR JA 452 -38.92 84.69 97.49
CA TYR JA 452 -39.13 85.77 98.42
C TYR JA 452 -39.75 86.97 97.71
N TRP JA 453 -40.53 87.74 98.46
CA TRP JA 453 -41.17 88.95 97.97
C TRP JA 453 -41.40 89.88 99.16
N LYS JA 454 -41.89 91.08 98.87
CA LYS JA 454 -42.07 92.10 99.90
C LYS JA 454 -43.04 93.15 99.40
N TRP JA 455 -43.83 93.70 100.33
CA TRP JA 455 -44.82 94.71 100.02
C TRP JA 455 -44.70 95.87 100.99
N ASP JA 456 -44.96 97.07 100.49
CA ASP JA 456 -44.99 98.29 101.29
C ASP JA 456 -46.13 99.15 100.78
N ALA JA 457 -46.87 99.78 101.69
CA ALA JA 457 -48.03 100.56 101.31
C ALA JA 457 -48.29 101.65 102.34
N VAL JA 458 -48.78 102.78 101.86
CA VAL JA 458 -49.16 103.91 102.70
C VAL JA 458 -50.62 103.77 103.08
N LYS JA 459 -50.99 104.31 104.24
CA LYS JA 459 -52.31 104.16 104.82
C LYS JA 459 -52.88 105.52 105.18
N VAL JA 460 -54.21 105.57 105.26
CA VAL JA 460 -54.90 106.83 105.56
C VAL JA 460 -54.58 107.26 106.97
N ASP JA 461 -54.34 108.57 107.15
CA ASP JA 461 -54.05 109.15 108.45
C ASP JA 461 -55.34 109.58 109.14
N VAL JA 462 -55.29 109.65 110.47
CA VAL JA 462 -56.36 110.22 111.28
C VAL JA 462 -55.71 110.99 112.42
N MET JA 463 -56.00 112.28 112.50
CA MET JA 463 -55.40 113.13 113.53
C MET JA 463 -56.21 113.07 114.81
N MET KA 19 93.21 -36.95 -33.79
CA MET KA 19 93.12 -35.55 -34.29
C MET KA 19 94.47 -35.06 -34.79
N ARG KA 20 94.43 -33.97 -35.54
CA ARG KA 20 95.64 -33.33 -36.05
C ARG KA 20 96.13 -32.25 -35.08
N MET KA 21 97.39 -31.87 -35.24
CA MET KA 21 97.97 -30.80 -34.47
C MET KA 21 99.21 -30.28 -35.20
N SER KA 22 99.63 -29.07 -34.81
CA SER KA 22 100.90 -28.54 -35.28
C SER KA 22 102.05 -29.30 -34.62
N SER KA 23 103.11 -29.54 -35.40
CA SER KA 23 104.21 -30.37 -34.91
C SER KA 23 104.92 -29.75 -33.72
N GLY KA 24 104.96 -28.42 -33.65
CA GLY KA 24 105.65 -27.71 -32.60
C GLY KA 24 104.88 -27.53 -31.31
N ASN KA 25 103.76 -28.23 -31.13
CA ASN KA 25 102.93 -28.13 -29.94
C ASN KA 25 102.65 -29.50 -29.36
N ILE KA 26 103.70 -30.31 -29.22
CA ILE KA 26 103.62 -31.66 -28.69
C ILE KA 26 104.55 -31.76 -27.49
N GLY KA 27 104.07 -32.41 -26.43
CA GLY KA 27 104.87 -32.62 -25.25
C GLY KA 27 106.00 -33.60 -25.49
N VAL KA 28 106.82 -33.78 -24.46
CA VAL KA 28 107.99 -34.63 -24.53
C VAL KA 28 107.60 -36.04 -24.15
N TYR KA 29 108.18 -37.02 -24.83
CA TYR KA 29 107.90 -38.42 -24.54
C TYR KA 29 108.35 -38.78 -23.13
N LYS KA 30 107.55 -39.61 -22.47
CA LYS KA 30 107.90 -40.15 -21.15
C LYS KA 30 107.30 -41.53 -21.03
N LEU KA 31 108.10 -42.48 -20.54
CA LEU KA 31 107.68 -43.87 -20.44
C LEU KA 31 106.79 -44.03 -19.21
N ASP KA 32 105.48 -44.16 -19.44
CA ASP KA 32 104.54 -44.31 -18.35
C ASP KA 32 104.73 -45.66 -17.67
N ASP KA 33 104.63 -45.67 -16.34
CA ASP KA 33 104.84 -46.86 -15.53
C ASP KA 33 103.59 -47.26 -14.73
N SER KA 34 102.42 -46.71 -15.08
CA SER KA 34 101.22 -47.06 -14.35
C SER KA 34 100.90 -48.54 -14.54
N ARG KA 35 100.52 -49.19 -13.44
CA ARG KA 35 100.24 -50.61 -13.42
C ARG KA 35 98.74 -50.85 -13.51
N VAL KA 36 98.38 -52.10 -13.81
CA VAL KA 36 96.98 -52.49 -13.77
C VAL KA 36 96.59 -52.76 -12.33
N ASP KA 37 95.36 -52.37 -11.97
CA ASP KA 37 94.89 -52.61 -10.61
C ASP KA 37 94.65 -54.10 -10.46
N TYR KA 38 95.69 -54.82 -10.05
CA TYR KA 38 95.69 -56.27 -10.16
C TYR KA 38 94.61 -56.90 -9.28
N GLU KA 39 94.39 -56.36 -8.09
CA GLU KA 39 93.29 -56.83 -7.26
C GLU KA 39 91.95 -56.63 -7.95
N LEU KA 40 91.77 -55.47 -8.60
CA LEU KA 40 90.52 -55.23 -9.32
C LEU KA 40 90.37 -56.16 -10.50
N ALA KA 41 91.48 -56.43 -11.21
CA ALA KA 41 91.42 -57.36 -12.34
C ALA KA 41 91.01 -58.75 -11.89
N ARG KA 42 91.62 -59.23 -10.81
CA ARG KA 42 91.25 -60.55 -10.31
C ARG KA 42 89.84 -60.58 -9.75
N GLU KA 43 89.37 -59.47 -9.18
CA GLU KA 43 87.99 -59.40 -8.71
C GLU KA 43 87.01 -59.47 -9.89
N LEU KA 44 87.29 -58.71 -10.94
CA LEU KA 44 86.42 -58.72 -12.11
C LEU KA 44 86.41 -60.08 -12.79
N TYR KA 45 87.57 -60.73 -12.85
CA TYR KA 45 87.61 -62.07 -13.43
C TYR KA 45 86.82 -63.07 -12.61
N GLN KA 46 86.62 -62.80 -11.31
CA GLN KA 46 85.83 -63.65 -10.42
C GLN KA 46 84.50 -63.03 -10.03
N ASN KA 47 84.10 -61.92 -10.68
CA ASN KA 47 82.78 -61.35 -10.48
C ASN KA 47 82.55 -60.91 -9.03
N LYS KA 48 83.62 -60.51 -8.35
CA LYS KA 48 83.55 -60.21 -6.92
C LYS KA 48 83.37 -58.73 -6.61
N ASN KA 49 83.85 -57.84 -7.47
CA ASN KA 49 83.74 -56.41 -7.19
C ASN KA 49 82.28 -55.99 -7.14
N ALA KA 50 81.93 -55.25 -6.09
CA ALA KA 50 80.53 -54.89 -5.87
C ALA KA 50 80.00 -53.93 -6.93
N ASN KA 51 80.88 -53.14 -7.55
CA ASN KA 51 80.45 -52.16 -8.53
C ASN KA 51 80.40 -52.71 -9.95
N TYR KA 52 80.69 -54.01 -10.15
CA TYR KA 52 80.68 -54.62 -11.47
C TYR KA 52 80.05 -56.00 -11.45
N LYS KA 53 79.20 -56.31 -10.46
CA LYS KA 53 78.73 -57.68 -10.29
C LYS KA 53 77.90 -58.13 -11.48
N LEU KA 54 76.92 -57.32 -11.88
CA LEU KA 54 76.14 -57.65 -13.07
C LEU KA 54 76.95 -57.38 -14.33
N GLY KA 55 77.71 -56.29 -14.36
CA GLY KA 55 78.44 -55.93 -15.56
C GLY KA 55 79.55 -56.90 -15.90
N SER KA 56 80.32 -57.34 -14.91
CA SER KA 56 81.55 -58.11 -15.16
C SER KA 56 81.29 -59.56 -15.55
N SER KA 57 80.06 -59.93 -15.89
CA SER KA 57 79.80 -61.28 -16.38
C SER KA 57 80.62 -61.58 -17.63
N PHE KA 58 80.82 -60.60 -18.50
CA PHE KA 58 81.46 -60.81 -19.79
C PHE KA 58 82.98 -61.00 -19.68
N VAL KA 59 83.59 -60.70 -18.53
CA VAL KA 59 85.04 -60.77 -18.42
C VAL KA 59 85.52 -62.20 -18.55
N ARG KA 60 84.87 -63.12 -17.84
CA ARG KA 60 85.30 -64.52 -17.87
C ARG KA 60 85.28 -65.13 -19.26
N PRO KA 61 84.18 -65.07 -20.02
CA PRO KA 61 84.19 -65.73 -21.34
C PRO KA 61 85.23 -65.17 -22.30
N ILE KA 62 85.47 -63.86 -22.29
CA ILE KA 62 86.44 -63.26 -23.22
C ILE KA 62 87.83 -63.82 -22.94
N VAL KA 63 88.30 -63.67 -21.71
CA VAL KA 63 89.64 -64.11 -21.35
C VAL KA 63 89.78 -65.61 -21.50
N ASN KA 64 88.76 -66.35 -21.06
CA ASN KA 64 88.84 -67.81 -21.10
C ASN KA 64 88.88 -68.32 -22.53
N SER KA 65 88.04 -67.78 -23.41
CA SER KA 65 88.06 -68.20 -24.80
C SER KA 65 89.39 -67.84 -25.46
N THR KA 66 89.88 -66.61 -25.22
CA THR KA 66 91.11 -66.18 -25.86
C THR KA 66 92.30 -67.03 -25.40
N THR KA 67 92.39 -67.30 -24.10
CA THR KA 67 93.52 -68.06 -23.59
C THR KA 67 93.41 -69.55 -23.92
N GLY KA 68 92.18 -70.07 -24.01
CA GLY KA 68 92.02 -71.48 -24.33
C GLY KA 68 92.25 -71.79 -25.79
N PHE KA 69 91.89 -70.85 -26.67
CA PHE KA 69 92.13 -71.06 -28.09
C PHE KA 69 93.62 -71.05 -28.40
N MET KA 70 94.35 -70.05 -27.91
CA MET KA 70 95.80 -70.06 -28.03
C MET KA 70 96.35 -71.16 -27.14
N GLY KA 71 97.10 -72.08 -27.73
CA GLY KA 71 97.59 -73.22 -26.98
C GLY KA 71 98.78 -72.85 -26.13
N VAL KA 72 99.80 -73.70 -26.16
CA VAL KA 72 101.07 -73.44 -25.48
C VAL KA 72 102.16 -73.53 -26.54
N PRO KA 73 103.30 -72.86 -26.38
CA PRO KA 73 104.32 -72.92 -27.43
C PRO KA 73 104.85 -74.33 -27.63
N HIS KA 74 105.10 -74.68 -28.88
CA HIS KA 74 105.70 -75.96 -29.27
C HIS KA 74 107.15 -75.66 -29.61
N PHE KA 75 108.01 -75.73 -28.59
CA PHE KA 75 109.40 -75.35 -28.75
C PHE KA 75 110.10 -76.30 -29.71
N GLN KA 76 110.63 -75.75 -30.81
CA GLN KA 76 111.31 -76.52 -31.84
C GLN KA 76 112.74 -76.02 -31.99
N ILE KA 77 113.67 -76.97 -32.13
CA ILE KA 77 115.07 -76.65 -32.32
C ILE KA 77 115.74 -77.84 -32.97
N GLU KA 78 116.72 -77.57 -33.84
CA GLU KA 78 117.38 -78.64 -34.57
C GLU KA 78 118.21 -79.55 -33.66
N ASP KA 79 118.81 -79.00 -32.60
CA ASP KA 79 119.66 -79.80 -31.74
C ASP KA 79 118.85 -80.87 -31.01
N GLU KA 80 119.38 -82.09 -30.99
CA GLU KA 80 118.68 -83.20 -30.36
C GLU KA 80 118.56 -82.99 -28.85
N GLU KA 81 119.68 -82.69 -28.19
CA GLU KA 81 119.69 -82.59 -26.73
C GLU KA 81 118.90 -81.38 -26.25
N ALA KA 82 119.01 -80.26 -26.97
CA ALA KA 82 118.21 -79.08 -26.63
C ALA KA 82 116.73 -79.39 -26.77
N GLN KA 83 116.35 -80.10 -27.82
CA GLN KA 83 114.95 -80.47 -28.01
C GLN KA 83 114.47 -81.40 -26.90
N TYR KA 84 115.32 -82.34 -26.50
CA TYR KA 84 114.95 -83.24 -25.41
C TYR KA 84 114.76 -82.49 -24.10
N ILE KA 85 115.65 -81.55 -23.80
CA ILE KA 85 115.49 -80.74 -22.59
C ILE KA 85 114.21 -79.92 -22.68
N LEU KA 86 113.94 -79.36 -23.86
CA LEU KA 86 112.75 -78.54 -24.04
C LEU KA 86 111.47 -79.36 -23.85
N ASP KA 87 111.42 -80.56 -24.39
CA ASP KA 87 110.18 -81.33 -24.26
C ASP KA 87 110.03 -81.89 -22.85
N GLU KA 88 111.14 -82.18 -22.17
CA GLU KA 88 111.06 -82.51 -20.74
C GLU KA 88 110.45 -81.34 -19.96
N PHE KA 89 110.94 -80.14 -20.22
CA PHE KA 89 110.42 -78.96 -19.53
C PHE KA 89 108.95 -78.74 -19.86
N VAL KA 90 108.57 -78.96 -21.12
CA VAL KA 90 107.17 -78.79 -21.52
C VAL KA 90 106.29 -79.80 -20.79
N LEU KA 91 106.73 -81.06 -20.75
CA LEU KA 91 106.01 -82.09 -19.99
C LEU KA 91 105.87 -81.69 -18.53
N ASP KA 92 106.87 -80.99 -17.99
CA ASP KA 92 106.79 -80.55 -16.61
C ASP KA 92 105.75 -79.44 -16.45
N ASN KA 93 105.76 -78.43 -17.33
CA ASN KA 93 105.13 -77.14 -17.03
C ASN KA 93 104.17 -76.65 -18.12
N THR KA 94 103.54 -77.56 -18.86
CA THR KA 94 102.55 -77.12 -19.85
C THR KA 94 101.37 -76.42 -19.18
N SER KA 95 100.88 -76.99 -18.08
CA SER KA 95 99.76 -76.37 -17.37
C SER KA 95 100.14 -74.98 -16.89
N LYS KA 96 101.35 -74.84 -16.38
CA LYS KA 96 101.78 -73.54 -15.88
C LYS KA 96 102.00 -72.55 -17.01
N MET KA 97 102.40 -73.03 -18.20
CA MET KA 97 102.50 -72.13 -19.35
C MET KA 97 101.12 -71.62 -19.76
N LEU KA 98 100.13 -72.50 -19.78
CA LEU KA 98 98.76 -72.05 -20.07
C LEU KA 98 98.28 -71.06 -19.01
N LYS KA 99 98.60 -71.34 -17.75
CA LYS KA 99 98.25 -70.41 -16.68
C LYS KA 99 98.96 -69.08 -16.87
N THR KA 100 100.18 -69.11 -17.40
CA THR KA 100 100.90 -67.86 -17.68
C THR KA 100 100.18 -67.05 -18.74
N HIS KA 101 99.72 -67.72 -19.80
CA HIS KA 101 98.90 -67.04 -20.81
C HIS KA 101 97.67 -66.41 -20.16
N THR KA 102 96.97 -67.18 -19.33
CA THR KA 102 95.75 -66.67 -18.71
C THR KA 102 96.05 -65.48 -17.79
N ASP KA 103 97.13 -65.58 -17.02
CA ASP KA 103 97.50 -64.47 -16.12
C ASP KA 103 97.85 -63.23 -16.90
N SER KA 104 98.61 -63.38 -18.00
CA SER KA 104 98.95 -62.22 -18.82
C SER KA 104 97.69 -61.59 -19.40
N LEU KA 105 96.76 -62.42 -19.88
CA LEU KA 105 95.51 -61.88 -20.42
C LEU KA 105 94.70 -61.17 -19.34
N LYS KA 106 94.65 -61.74 -18.13
CA LYS KA 106 93.78 -61.21 -17.09
C LYS KA 106 94.38 -59.96 -16.44
N GLN KA 107 95.53 -60.12 -15.78
CA GLN KA 107 96.13 -59.02 -15.04
C GLN KA 107 96.88 -58.04 -15.94
N GLY KA 108 97.22 -58.45 -17.15
CA GLY KA 108 98.01 -57.64 -18.05
C GLY KA 108 99.50 -57.83 -17.94
N ASP KA 109 99.98 -58.44 -16.85
CA ASP KA 109 101.41 -58.67 -16.69
C ASP KA 109 101.61 -59.75 -15.64
N CYS KA 110 102.21 -60.86 -16.06
CA CYS KA 110 102.59 -61.95 -15.17
C CYS KA 110 104.09 -62.14 -15.25
N TYR KA 111 104.70 -62.41 -14.10
CA TYR KA 111 106.16 -62.49 -13.97
C TYR KA 111 106.55 -63.93 -13.65
N ILE KA 112 107.45 -64.48 -14.47
CA ILE KA 112 107.83 -65.88 -14.42
C ILE KA 112 109.29 -65.98 -14.03
N TRP KA 113 109.60 -66.91 -13.13
CA TRP KA 113 110.93 -67.06 -12.56
C TRP KA 113 111.30 -68.54 -12.56
N ILE KA 114 112.47 -68.86 -13.10
CA ILE KA 114 112.98 -70.22 -13.16
C ILE KA 114 114.11 -70.35 -12.16
N THR KA 115 114.05 -71.38 -11.31
CA THR KA 115 115.06 -71.67 -10.31
C THR KA 115 115.49 -73.11 -10.43
N ARG KA 116 116.81 -73.33 -10.31
CA ARG KA 116 117.39 -74.67 -10.36
C ARG KA 116 117.44 -75.23 -8.96
N GLU KA 117 116.84 -76.41 -8.77
CA GLU KA 117 116.77 -77.07 -7.47
C GLU KA 117 117.53 -78.39 -7.53
N GLU KA 118 118.49 -78.56 -6.64
CA GLU KA 118 119.22 -79.81 -6.47
C GLU KA 118 118.82 -80.55 -5.20
N ARG KA 119 117.76 -80.12 -4.52
CA ARG KA 119 117.34 -80.78 -3.29
C ARG KA 119 116.92 -82.21 -3.59
N GLU KA 120 117.34 -83.13 -2.72
CA GLU KA 120 117.02 -84.54 -2.85
C GLU KA 120 115.89 -84.88 -1.88
N ASN KA 121 114.77 -85.34 -2.42
CA ASN KA 121 113.64 -85.83 -1.64
C ASN KA 121 113.21 -87.17 -2.19
N PRO KA 122 112.57 -88.02 -1.38
CA PRO KA 122 112.18 -89.34 -1.90
C PRO KA 122 111.17 -89.27 -3.03
N LEU KA 123 110.36 -88.21 -3.09
CA LEU KA 123 109.27 -88.14 -4.05
C LEU KA 123 109.79 -88.09 -5.49
N TYR KA 124 111.05 -87.70 -5.69
CA TYR KA 124 111.68 -87.66 -7.02
C TYR KA 124 112.99 -88.42 -6.95
N PRO KA 125 112.96 -89.76 -6.91
CA PRO KA 125 114.22 -90.51 -6.82
C PRO KA 125 115.15 -90.30 -8.00
N ASP KA 126 114.60 -90.15 -9.21
CA ASP KA 126 115.42 -90.03 -10.41
C ASP KA 126 115.78 -88.60 -10.77
N LYS KA 127 114.88 -87.64 -10.53
CA LYS KA 127 115.09 -86.25 -10.93
C LYS KA 127 115.93 -85.56 -9.87
N LYS KA 128 117.24 -85.76 -9.96
CA LYS KA 128 118.16 -85.12 -9.01
C LYS KA 128 118.14 -83.60 -9.17
N VAL KA 129 118.06 -83.12 -10.41
CA VAL KA 129 118.06 -81.69 -10.72
C VAL KA 129 116.72 -81.36 -11.37
N ARG KA 130 116.04 -80.35 -10.82
CA ARG KA 130 114.74 -79.92 -11.32
C ARG KA 130 114.75 -78.41 -11.49
N LEU KA 131 114.20 -77.95 -12.61
CA LEU KA 131 114.04 -76.53 -12.89
C LEU KA 131 112.61 -76.14 -12.48
N ILE KA 132 112.50 -75.45 -11.35
CA ILE KA 132 111.18 -75.10 -10.81
C ILE KA 132 110.63 -73.92 -11.59
N TYR KA 133 109.44 -74.09 -12.17
CA TYR KA 133 108.75 -73.04 -12.90
C TYR KA 133 107.91 -72.27 -11.90
N ASN KA 134 108.46 -71.18 -11.37
CA ASN KA 134 107.87 -70.46 -10.25
C ASN KA 134 107.21 -69.18 -10.75
N PHE KA 135 105.96 -68.96 -10.34
CA PHE KA 135 105.27 -67.72 -10.63
C PHE KA 135 105.69 -66.63 -9.64
N ILE KA 136 105.57 -65.38 -10.09
CA ILE KA 136 105.65 -64.22 -9.22
C ILE KA 136 104.40 -63.39 -9.45
N SER KA 137 103.66 -63.14 -8.38
CA SER KA 137 102.49 -62.28 -8.50
C SER KA 137 102.94 -60.87 -8.85
N PRO KA 138 102.21 -60.15 -9.71
CA PRO KA 138 102.67 -58.81 -10.10
C PRO KA 138 102.66 -57.80 -8.96
N GLU KA 139 101.95 -58.07 -7.87
CA GLU KA 139 102.03 -57.19 -6.71
C GLU KA 139 103.35 -57.40 -5.95
N GLU KA 140 103.94 -58.59 -6.04
CA GLU KA 140 105.20 -58.84 -5.33
C GLU KA 140 106.31 -57.97 -5.88
N VAL KA 141 106.42 -57.85 -7.20
CA VAL KA 141 107.46 -57.03 -7.82
C VAL KA 141 107.07 -55.57 -7.60
N LYS KA 142 107.77 -54.90 -6.68
CA LYS KA 142 107.49 -53.50 -6.41
C LYS KA 142 108.04 -52.59 -7.50
N GLU KA 143 109.10 -53.02 -8.17
CA GLU KA 143 109.73 -52.20 -9.21
C GLU KA 143 110.74 -53.07 -9.94
N ILE KA 144 110.99 -52.73 -11.20
CA ILE KA 144 112.01 -53.36 -12.02
C ILE KA 144 112.95 -52.27 -12.51
N ILE KA 145 114.25 -52.49 -12.36
CA ILE KA 145 115.27 -51.54 -12.78
C ILE KA 145 115.63 -51.84 -14.23
N LEU KA 146 115.55 -50.82 -15.09
CA LEU KA 146 115.79 -50.96 -16.51
C LEU KA 146 117.05 -50.19 -16.91
N ASP KA 147 117.81 -50.78 -17.83
CA ASP KA 147 118.92 -50.05 -18.44
C ASP KA 147 118.32 -48.94 -19.30
N PRO KA 148 118.66 -47.65 -19.06
CA PRO KA 148 117.94 -46.59 -19.78
C PRO KA 148 118.12 -46.62 -21.28
N THR KA 149 119.31 -46.98 -21.78
CA THR KA 149 119.54 -46.92 -23.22
C THR KA 149 118.88 -48.08 -23.95
N THR KA 150 118.89 -49.28 -23.35
CA THR KA 150 118.32 -50.46 -23.97
C THR KA 150 116.94 -50.81 -23.42
N LYS KA 151 116.55 -50.26 -22.27
CA LYS KA 151 115.30 -50.58 -21.59
C LYS KA 151 115.22 -52.06 -21.18
N GLU KA 152 116.36 -52.73 -21.10
CA GLU KA 152 116.41 -54.11 -20.63
C GLU KA 152 116.34 -54.12 -19.10
N PRO KA 153 115.54 -54.99 -18.48
CA PRO KA 153 115.48 -54.99 -17.02
C PRO KA 153 116.78 -55.53 -16.43
N ILE KA 154 117.43 -54.71 -15.60
CA ILE KA 154 118.69 -55.07 -14.97
C ILE KA 154 118.53 -55.52 -13.52
N ALA KA 155 117.37 -55.30 -12.90
CA ALA KA 155 117.13 -55.80 -11.56
C ALA KA 155 115.65 -55.73 -11.25
N TYR KA 156 115.22 -56.55 -10.28
CA TYR KA 156 113.83 -56.67 -9.87
C TYR KA 156 113.71 -56.41 -8.38
N ILE KA 157 112.68 -55.67 -8.00
CA ILE KA 157 112.43 -55.32 -6.60
C ILE KA 157 111.20 -56.12 -6.15
N LEU KA 158 111.44 -57.23 -5.47
CA LEU KA 158 110.38 -58.12 -4.99
C LEU KA 158 110.12 -57.85 -3.50
N GLU KA 159 108.85 -57.72 -3.15
CA GLU KA 159 108.44 -57.41 -1.79
C GLU KA 159 107.15 -58.15 -1.48
N SER KA 160 107.16 -58.96 -0.42
CA SER KA 160 106.02 -59.82 -0.11
C SER KA 160 105.96 -60.08 1.38
N GLN KA 161 104.74 -60.08 1.92
CA GLN KA 161 104.49 -60.44 3.31
C GLN KA 161 104.12 -61.92 3.37
N ASN KA 162 104.96 -62.71 4.04
CA ASN KA 162 104.74 -64.15 4.20
C ASN KA 162 104.23 -64.39 5.62
N GLU KA 163 102.91 -64.51 5.76
CA GLU KA 163 102.28 -64.91 7.00
C GLU KA 163 102.05 -66.42 6.96
N TRP KA 164 102.59 -67.12 7.96
CA TRP KA 164 102.57 -68.57 7.97
C TRP KA 164 102.67 -69.06 9.42
N THR KA 165 102.17 -70.27 9.65
CA THR KA 165 102.19 -70.89 10.97
C THR KA 165 103.27 -71.95 11.03
N ASP KA 166 103.95 -72.01 12.18
CA ASP KA 166 104.90 -73.08 12.45
C ASP KA 166 104.21 -74.43 12.33
N LEU KA 167 105.01 -75.49 12.11
CA LEU KA 167 104.47 -76.84 12.09
C LEU KA 167 103.80 -77.21 13.41
N GLY KA 168 104.13 -76.52 14.50
CA GLY KA 168 103.33 -76.56 15.70
C GLY KA 168 102.17 -75.60 15.59
N GLU KA 169 101.99 -74.72 16.60
CA GLU KA 169 100.89 -73.76 16.62
C GLU KA 169 101.38 -72.32 16.75
N ASN KA 170 102.63 -72.04 16.37
CA ASN KA 170 103.16 -70.68 16.46
C ASN KA 170 102.92 -69.94 15.15
N LYS KA 171 102.26 -68.79 15.25
CA LYS KA 171 102.10 -67.90 14.09
C LYS KA 171 103.42 -67.23 13.79
N ARG KA 172 103.70 -67.05 12.49
CA ARG KA 172 104.95 -66.45 12.04
C ARG KA 172 104.67 -65.53 10.87
N LYS KA 173 104.87 -64.23 11.09
CA LYS KA 173 104.74 -63.20 10.07
C LYS KA 173 106.12 -62.72 9.69
N ALA KA 174 106.38 -62.57 8.39
CA ALA KA 174 107.71 -62.27 7.91
C ALA KA 174 107.60 -61.49 6.61
N LYS KA 175 107.87 -60.19 6.67
CA LYS KA 175 107.90 -59.34 5.48
C LYS KA 175 109.28 -59.48 4.84
N VAL KA 176 109.33 -60.18 3.70
CA VAL KA 176 110.58 -60.44 3.00
C VAL KA 176 110.66 -59.53 1.78
N LYS KA 177 111.80 -58.87 1.62
CA LYS KA 177 112.14 -58.13 0.42
C LYS KA 177 113.46 -58.66 -0.12
N GLN KA 178 113.55 -58.79 -1.44
CA GLN KA 178 114.75 -59.32 -2.07
C GLN KA 178 114.93 -58.68 -3.43
N ILE KA 179 116.19 -58.42 -3.78
CA ILE KA 179 116.57 -57.79 -5.04
C ILE KA 179 117.30 -58.84 -5.86
N ILE KA 180 116.80 -59.11 -7.05
CA ILE KA 180 117.42 -60.05 -7.98
C ILE KA 180 118.20 -59.25 -9.01
N THR KA 181 119.44 -59.63 -9.26
CA THR KA 181 120.28 -59.02 -10.27
C THR KA 181 120.96 -60.12 -11.08
N ALA KA 182 121.47 -59.73 -12.25
CA ALA KA 182 122.14 -60.70 -13.12
C ALA KA 182 123.37 -61.29 -12.44
N GLU KA 183 124.07 -60.50 -11.63
CA GLU KA 183 125.30 -60.96 -10.98
C GLU KA 183 125.02 -61.70 -9.68
N SER KA 184 124.03 -61.26 -8.91
CA SER KA 184 123.81 -61.81 -7.58
C SER KA 184 122.37 -61.58 -7.16
N ARG KA 185 121.97 -62.31 -6.12
CA ARG KA 185 120.66 -62.18 -5.49
C ARG KA 185 120.83 -61.67 -4.08
N PHE KA 186 120.09 -60.61 -3.73
CA PHE KA 186 120.10 -60.03 -2.40
C PHE KA 186 118.72 -60.21 -1.78
N VAL KA 187 118.69 -60.71 -0.55
CA VAL KA 187 117.44 -61.02 0.15
C VAL KA 187 117.59 -60.65 1.62
N GLU KA 188 116.52 -60.07 2.19
CA GLU KA 188 116.45 -59.79 3.61
C GLU KA 188 115.01 -59.97 4.06
N VAL KA 189 114.83 -60.27 5.35
CA VAL KA 189 113.53 -60.53 5.94
C VAL KA 189 113.38 -59.69 7.20
N GLU KA 190 112.19 -59.14 7.39
CA GLU KA 190 111.85 -58.31 8.55
C GLU KA 190 110.71 -59.02 9.29
N GLY KA 191 111.09 -59.92 10.19
CA GLY KA 191 110.11 -60.66 10.97
C GLY KA 191 110.68 -61.99 11.41
N ASP KA 192 109.79 -62.97 11.55
CA ASP KA 192 110.18 -64.29 12.04
C ASP KA 192 111.09 -64.98 11.03
N LYS KA 193 112.01 -65.79 11.56
CA LYS KA 193 113.00 -66.46 10.72
C LYS KA 193 112.35 -67.52 9.85
N ILE KA 194 112.77 -67.57 8.59
CA ILE KA 194 112.41 -68.63 7.66
C ILE KA 194 113.69 -69.38 7.31
N GLU KA 195 113.68 -70.70 7.50
CA GLU KA 195 114.88 -71.49 7.24
C GLU KA 195 115.26 -71.46 5.77
N GLY KA 196 114.27 -71.49 4.89
CA GLY KA 196 114.54 -71.61 3.46
C GLY KA 196 115.32 -70.46 2.87
N LEU KA 197 115.16 -69.26 3.42
CA LEU KA 197 115.77 -68.05 2.87
C LEU KA 197 117.01 -67.70 3.67
N GLU KA 198 118.15 -67.57 2.99
CA GLU KA 198 119.41 -67.17 3.58
C GLU KA 198 119.59 -65.68 3.33
N GLU KA 199 119.55 -64.89 4.40
CA GLU KA 199 119.58 -63.44 4.26
C GLU KA 199 120.91 -62.98 3.66
N GLY KA 200 120.88 -61.77 3.09
CA GLY KA 200 122.06 -61.19 2.51
C GLY KA 200 122.28 -61.63 1.08
N GLU KA 201 123.33 -61.08 0.48
CA GLU KA 201 123.66 -61.38 -0.90
C GLU KA 201 124.10 -62.82 -1.05
N THR KA 202 123.71 -63.43 -2.18
CA THR KA 202 124.15 -64.77 -2.57
C THR KA 202 124.41 -64.72 -4.07
N PRO KA 203 125.50 -65.32 -4.55
CA PRO KA 203 125.89 -65.11 -5.95
C PRO KA 203 124.93 -65.79 -6.92
N ASN KA 204 124.88 -65.25 -8.13
CA ASN KA 204 124.10 -65.81 -9.22
C ASN KA 204 124.98 -66.74 -10.03
N VAL KA 205 124.56 -68.01 -10.14
CA VAL KA 205 125.36 -68.99 -10.86
C VAL KA 205 125.52 -68.65 -12.33
N TRP KA 206 124.60 -67.87 -12.90
CA TRP KA 206 124.69 -67.37 -14.26
C TRP KA 206 124.57 -65.86 -14.24
N GLY KA 207 125.13 -65.21 -15.26
CA GLY KA 207 125.14 -63.76 -15.33
C GLY KA 207 123.96 -63.18 -16.07
N PHE KA 208 122.76 -63.71 -15.82
CA PHE KA 208 121.54 -63.12 -16.33
C PHE KA 208 120.46 -63.25 -15.27
N ILE KA 209 119.46 -62.37 -15.36
CA ILE KA 209 118.37 -62.38 -14.37
C ILE KA 209 117.45 -63.56 -14.65
N PRO KA 210 117.17 -64.44 -13.69
CA PRO KA 210 116.37 -65.64 -14.00
C PRO KA 210 114.87 -65.39 -14.13
N ILE KA 211 114.42 -64.13 -14.11
CA ILE KA 211 113.01 -63.78 -14.26
C ILE KA 211 112.74 -63.41 -15.70
N ILE KA 212 111.56 -63.79 -16.20
CA ILE KA 212 111.09 -63.44 -17.53
C ILE KA 212 109.78 -62.69 -17.38
N HIS KA 213 109.68 -61.53 -18.02
CA HIS KA 213 108.51 -60.67 -17.94
C HIS KA 213 107.59 -60.98 -19.12
N PHE KA 214 106.37 -61.42 -18.83
CA PHE KA 214 105.35 -61.65 -19.83
C PHE KA 214 104.43 -60.43 -19.87
N LYS KA 215 104.51 -59.66 -20.95
CA LYS KA 215 103.85 -58.38 -21.09
C LYS KA 215 102.69 -58.53 -22.07
N ASN KA 216 101.47 -58.40 -21.57
CA ASN KA 216 100.29 -58.50 -22.41
C ASN KA 216 100.01 -57.17 -23.10
N GLU KA 217 99.82 -57.22 -24.41
CA GLU KA 217 99.57 -56.04 -25.23
C GLU KA 217 100.63 -54.98 -24.98
N ALA KA 218 101.89 -55.40 -25.12
CA ALA KA 218 103.01 -54.52 -24.83
C ALA KA 218 102.96 -53.29 -25.73
N ASP KA 219 103.33 -52.15 -25.15
CA ASP KA 219 103.38 -50.88 -25.87
C ASP KA 219 104.70 -50.20 -25.59
N GLU KA 220 105.24 -49.54 -26.62
CA GLU KA 220 106.55 -48.90 -26.48
C GLU KA 220 106.51 -47.67 -25.59
N THR KA 221 105.31 -47.14 -25.30
CA THR KA 221 105.15 -46.01 -24.40
C THR KA 221 104.74 -46.42 -22.99
N LEU KA 222 104.63 -47.72 -22.70
CA LEU KA 222 104.25 -48.22 -21.39
C LEU KA 222 105.34 -49.15 -20.86
N LYS KA 223 105.71 -48.95 -19.60
CA LYS KA 223 106.69 -49.84 -18.99
C LYS KA 223 106.16 -51.25 -18.83
N TYR KA 224 104.92 -51.38 -18.37
CA TYR KA 224 104.29 -52.67 -18.08
C TYR KA 224 103.31 -53.03 -19.18
N GLY KA 225 102.70 -54.20 -19.02
CA GLY KA 225 101.62 -54.61 -19.89
C GLY KA 225 100.31 -53.98 -19.48
N GLN KA 226 99.23 -54.56 -19.98
CA GLN KA 226 97.89 -54.04 -19.73
C GLN KA 226 96.85 -55.11 -19.98
N SER KA 227 95.85 -55.14 -19.11
CA SER KA 227 94.83 -56.19 -19.14
C SER KA 227 93.86 -55.97 -20.28
N ASP KA 228 93.31 -57.08 -20.80
CA ASP KA 228 92.24 -57.00 -21.78
C ASP KA 228 90.93 -56.53 -21.18
N ILE KA 229 90.84 -56.45 -19.84
CA ILE KA 229 89.65 -55.90 -19.22
C ILE KA 229 89.62 -54.38 -19.31
N GLU KA 230 90.78 -53.73 -19.47
CA GLU KA 230 90.83 -52.27 -19.46
C GLU KA 230 90.00 -51.64 -20.57
N PRO KA 231 90.12 -52.05 -21.85
CA PRO KA 231 89.26 -51.44 -22.88
C PRO KA 231 87.78 -51.61 -22.63
N ILE KA 232 87.36 -52.75 -22.08
CA ILE KA 232 85.94 -53.02 -21.86
C ILE KA 232 85.44 -52.51 -20.51
N GLU KA 233 86.33 -52.14 -19.59
CA GLU KA 233 85.95 -51.80 -18.22
C GLU KA 233 84.88 -50.72 -18.12
N PRO KA 234 84.99 -49.56 -18.78
CA PRO KA 234 83.89 -48.58 -18.67
C PRO KA 234 82.58 -49.10 -19.24
N LEU KA 235 82.64 -49.91 -20.30
CA LEU KA 235 81.42 -50.53 -20.79
C LEU KA 235 80.84 -51.47 -19.76
N LEU KA 236 81.69 -52.21 -19.05
CA LEU KA 236 81.19 -53.05 -17.97
C LEU KA 236 80.54 -52.22 -16.88
N LYS KA 237 81.12 -51.06 -16.55
CA LYS KA 237 80.53 -50.20 -15.53
C LYS KA 237 79.16 -49.71 -15.96
N ALA KA 238 79.05 -49.25 -17.21
CA ALA KA 238 77.77 -48.76 -17.72
C ALA KA 238 76.75 -49.89 -17.77
N TYR KA 239 77.17 -51.08 -18.20
CA TYR KA 239 76.27 -52.23 -18.26
C TYR KA 239 75.77 -52.59 -16.87
N HIS KA 240 76.67 -52.58 -15.88
CA HIS KA 240 76.27 -52.84 -14.51
C HIS KA 240 75.28 -51.79 -14.01
N ASP KA 241 75.54 -50.52 -14.29
CA ASP KA 241 74.63 -49.47 -13.82
C ASP KA 241 73.26 -49.63 -14.45
N VAL KA 242 73.22 -49.91 -15.75
CA VAL KA 242 71.94 -50.04 -16.44
C VAL KA 242 71.19 -51.25 -15.89
N MET KA 243 71.88 -52.39 -15.73
CA MET KA 243 71.21 -53.58 -15.25
C MET KA 243 70.70 -53.39 -13.81
N LEU KA 244 71.51 -52.77 -12.95
CA LEU KA 244 71.09 -52.58 -11.58
C LEU KA 244 69.91 -51.62 -11.48
N HIS KA 245 69.96 -50.53 -12.25
CA HIS KA 245 68.83 -49.61 -12.25
C HIS KA 245 67.58 -50.29 -12.79
N ALA KA 246 67.73 -51.13 -13.82
CA ALA KA 246 66.61 -51.87 -14.35
C ALA KA 246 66.03 -52.82 -13.31
N LEU KA 247 66.90 -53.54 -12.60
CA LEU KA 247 66.42 -54.50 -11.59
C LEU KA 247 65.72 -53.78 -10.45
N LYS KA 248 66.26 -52.65 -10.00
CA LYS KA 248 65.60 -51.89 -8.94
C LYS KA 248 64.26 -51.36 -9.42
N GLY KA 249 64.19 -50.85 -10.65
CA GLY KA 249 62.93 -50.37 -11.16
C GLY KA 249 61.88 -51.46 -11.28
N SER KA 250 62.30 -52.64 -11.74
CA SER KA 250 61.39 -53.77 -11.82
C SER KA 250 60.88 -54.16 -10.44
N LYS KA 251 61.80 -54.31 -9.48
CA LYS KA 251 61.39 -54.68 -8.12
C LYS KA 251 60.45 -53.64 -7.52
N MET KA 252 60.65 -52.37 -7.86
CA MET KA 252 59.81 -51.32 -7.31
C MET KA 252 58.43 -51.30 -7.96
N HIS KA 253 58.35 -51.55 -9.27
CA HIS KA 253 57.15 -51.23 -10.05
C HIS KA 253 56.66 -52.33 -10.99
N SER KA 254 57.37 -53.45 -11.13
CA SER KA 254 56.91 -54.49 -12.04
C SER KA 254 55.59 -55.06 -11.58
N THR KA 255 55.52 -55.48 -10.32
CA THR KA 255 54.28 -56.05 -9.81
C THR KA 255 53.24 -54.94 -9.67
N PRO KA 256 51.99 -55.15 -10.11
CA PRO KA 256 51.03 -54.05 -10.06
C PRO KA 256 50.62 -53.72 -8.64
N LYS KA 257 50.20 -52.46 -8.46
CA LYS KA 257 49.80 -51.94 -7.15
C LYS KA 257 48.30 -51.68 -7.18
N LEU KA 258 47.56 -52.38 -6.32
CA LEU KA 258 46.12 -52.23 -6.26
C LEU KA 258 45.76 -50.94 -5.53
N LYS KA 259 44.89 -50.13 -6.15
CA LYS KA 259 44.33 -48.94 -5.53
C LYS KA 259 42.90 -49.21 -5.13
N LEU KA 260 42.50 -48.68 -3.97
CA LEU KA 260 41.11 -48.67 -3.54
C LEU KA 260 40.74 -47.24 -3.18
N LYS KA 261 39.76 -46.69 -3.88
CA LYS KA 261 39.28 -45.32 -3.62
C LYS KA 261 38.13 -45.42 -2.62
N LEU KA 262 38.47 -45.87 -1.42
CA LEU KA 262 37.49 -46.16 -0.38
C LEU KA 262 36.82 -44.88 0.11
N THR KA 263 35.58 -45.04 0.59
CA THR KA 263 34.88 -43.91 1.18
C THR KA 263 35.45 -43.55 2.55
N ASP KA 264 35.92 -44.54 3.30
CA ASP KA 264 36.52 -44.32 4.61
C ASP KA 264 37.59 -45.39 4.80
N VAL KA 265 38.85 -44.98 4.65
CA VAL KA 265 39.94 -45.95 4.63
C VAL KA 265 40.09 -46.63 5.98
N ALA KA 266 40.00 -45.86 7.08
CA ALA KA 266 40.24 -46.42 8.40
C ALA KA 266 39.23 -47.50 8.75
N SER KA 267 37.95 -47.26 8.43
CA SER KA 267 36.92 -48.25 8.70
C SER KA 267 37.18 -49.52 7.91
N PHE KA 268 37.56 -49.39 6.64
CA PHE KA 268 37.82 -50.57 5.81
C PHE KA 268 38.99 -51.36 6.38
N LEU KA 269 40.07 -50.68 6.75
CA LEU KA 269 41.23 -51.37 7.30
C LEU KA 269 40.86 -52.10 8.59
N ALA KA 270 40.16 -51.41 9.50
CA ALA KA 270 39.80 -52.02 10.77
C ALA KA 270 38.89 -53.23 10.57
N HIS KA 271 37.89 -53.11 9.69
CA HIS KA 271 36.97 -54.22 9.46
C HIS KA 271 37.69 -55.41 8.83
N ASN KA 272 38.42 -55.17 7.74
CA ASN KA 272 38.95 -56.28 6.96
C ASN KA 272 40.23 -56.84 7.57
N PHE KA 273 41.27 -56.02 7.67
CA PHE KA 273 42.60 -56.48 8.02
C PHE KA 273 42.90 -56.41 9.51
N GLY KA 274 41.94 -55.96 10.33
CA GLY KA 274 42.19 -55.83 11.74
C GLY KA 274 43.30 -54.87 12.08
N VAL KA 275 43.47 -53.83 11.29
CA VAL KA 275 44.49 -52.81 11.52
C VAL KA 275 43.80 -51.69 12.27
N GLU KA 276 43.77 -51.81 13.60
CA GLU KA 276 43.05 -50.83 14.41
C GLU KA 276 43.72 -49.46 14.37
N ASP KA 277 45.05 -49.43 14.26
CA ASP KA 277 45.83 -48.20 14.29
C ASP KA 277 46.69 -48.17 13.02
N PRO KA 278 46.17 -47.66 11.90
CA PRO KA 278 46.94 -47.73 10.65
C PRO KA 278 48.26 -46.98 10.69
N VAL KA 279 48.34 -45.86 11.40
CA VAL KA 279 49.59 -45.12 11.45
C VAL KA 279 50.69 -45.96 12.10
N LYS KA 280 50.36 -46.63 13.21
CA LYS KA 280 51.33 -47.52 13.83
C LYS KA 280 51.65 -48.71 12.94
N PHE KA 281 50.64 -49.20 12.21
CA PHE KA 281 50.87 -50.32 11.31
C PHE KA 281 51.87 -49.96 10.22
N ALA KA 282 51.76 -48.74 9.67
CA ALA KA 282 52.73 -48.30 8.68
C ALA KA 282 54.10 -48.05 9.31
N LYS KA 283 54.13 -47.33 10.43
CA LYS KA 283 55.40 -47.04 11.09
C LYS KA 283 56.09 -48.32 11.55
N GLU KA 284 55.33 -49.25 12.13
CA GLU KA 284 55.88 -50.53 12.51
C GLU KA 284 56.34 -51.36 11.31
N GLY KA 285 55.83 -51.07 10.11
CA GLY KA 285 56.19 -51.83 8.95
C GLY KA 285 55.38 -53.10 8.76
N GLY KA 286 54.19 -53.18 9.34
CA GLY KA 286 53.36 -54.36 9.16
C GLY KA 286 52.93 -54.53 7.72
N LYS KA 287 52.73 -55.79 7.33
CA LYS KA 287 52.40 -56.16 5.96
C LYS KA 287 51.12 -56.98 5.95
N ILE KA 288 50.14 -56.53 5.15
CA ILE KA 288 48.88 -57.25 5.04
C ILE KA 288 49.12 -58.57 4.30
N ASN KA 289 48.35 -59.59 4.68
CA ASN KA 289 48.45 -60.92 4.08
C ASN KA 289 47.19 -61.19 3.27
N LEU KA 290 47.38 -61.59 2.01
CA LEU KA 290 46.29 -61.97 1.12
C LEU KA 290 46.62 -63.29 0.44
N ASP KA 291 45.63 -64.17 0.39
CA ASP KA 291 45.80 -65.46 -0.28
C ASP KA 291 45.93 -65.31 -1.80
N GLY KA 292 45.41 -64.23 -2.37
CA GLY KA 292 45.39 -64.04 -3.82
C GLY KA 292 43.99 -64.17 -4.37
N HIS KA 293 43.24 -65.16 -3.89
CA HIS KA 293 41.84 -65.32 -4.24
C HIS KA 293 41.00 -64.41 -3.36
N GLU KA 294 40.77 -63.20 -3.87
CA GLU KA 294 39.98 -62.19 -3.19
C GLU KA 294 38.78 -61.79 -4.03
N ILE KA 295 37.74 -61.31 -3.35
CA ILE KA 295 36.55 -60.76 -3.96
C ILE KA 295 36.20 -59.47 -3.22
N LEU KA 296 35.76 -58.47 -3.96
CA LEU KA 296 35.55 -57.12 -3.44
C LEU KA 296 34.06 -56.80 -3.45
N PHE KA 297 33.51 -56.54 -2.26
CA PHE KA 297 32.16 -56.01 -2.11
C PHE KA 297 32.28 -54.56 -1.66
N LEU KA 298 32.02 -53.64 -2.57
CA LEU KA 298 32.25 -52.22 -2.36
C LEU KA 298 30.93 -51.46 -2.43
N ASN KA 299 30.89 -50.33 -1.72
CA ASN KA 299 29.75 -49.44 -1.81
C ASN KA 299 29.74 -48.75 -3.18
N LYS KA 300 28.73 -47.92 -3.41
CA LYS KA 300 28.52 -47.36 -4.74
C LYS KA 300 29.64 -46.39 -5.13
N ASP KA 301 29.99 -45.47 -4.23
CA ASP KA 301 30.92 -44.43 -4.57
C ASP KA 301 32.37 -44.90 -4.59
N GLU KA 302 32.68 -46.02 -3.93
CA GLU KA 302 34.05 -46.51 -3.91
C GLU KA 302 34.41 -47.12 -5.26
N GLU KA 303 35.71 -47.38 -5.44
CA GLU KA 303 36.23 -47.94 -6.68
C GLU KA 303 37.43 -48.82 -6.35
N ALA KA 304 37.81 -49.65 -7.32
CA ALA KA 304 38.97 -50.51 -7.21
C ALA KA 304 39.57 -50.72 -8.59
N GLU KA 305 40.85 -50.39 -8.73
CA GLU KA 305 41.57 -50.55 -9.99
C GLU KA 305 42.99 -50.99 -9.68
N PHE KA 306 43.69 -51.41 -10.73
CA PHE KA 306 45.11 -51.73 -10.65
C PHE KA 306 45.93 -50.59 -11.24
N VAL KA 307 46.87 -50.09 -10.47
CA VAL KA 307 47.84 -49.10 -10.94
C VAL KA 307 49.08 -49.87 -11.37
N GLU KA 308 49.35 -49.87 -12.67
CA GLU KA 308 50.37 -50.74 -13.24
C GLU KA 308 51.05 -50.05 -14.41
N VAL KA 309 52.21 -50.58 -14.76
CA VAL KA 309 53.09 -49.97 -15.76
C VAL KA 309 53.09 -50.85 -17.01
N LYS KA 310 53.14 -50.20 -18.16
CA LYS KA 310 53.29 -50.94 -19.41
C LYS KA 310 54.61 -51.70 -19.43
N SER KA 311 55.68 -51.06 -18.96
CA SER KA 311 56.97 -51.73 -18.85
C SER KA 311 57.80 -50.96 -17.82
N ALA KA 312 58.07 -51.61 -16.69
CA ALA KA 312 58.90 -50.96 -15.66
C ALA KA 312 60.31 -50.70 -16.18
N ILE KA 313 60.84 -51.61 -16.99
CA ILE KA 313 62.19 -51.45 -17.51
C ILE KA 313 62.29 -50.22 -18.41
N GLY KA 314 61.30 -50.01 -19.25
CA GLY KA 314 61.33 -48.92 -20.21
C GLY KA 314 62.08 -49.29 -21.47
N ASP KA 315 63.33 -48.85 -21.57
CA ASP KA 315 64.16 -49.08 -22.75
C ASP KA 315 65.47 -49.78 -22.43
N ALA KA 316 65.68 -50.21 -21.19
CA ALA KA 316 67.01 -50.62 -20.75
C ALA KA 316 67.54 -51.83 -21.53
N LYS KA 317 66.65 -52.66 -22.06
CA LYS KA 317 67.12 -53.80 -22.85
C LYS KA 317 67.83 -53.34 -24.10
N GLU KA 318 67.33 -52.29 -24.75
CA GLU KA 318 67.99 -51.78 -25.95
C GLU KA 318 69.36 -51.23 -25.63
N LEU KA 319 69.48 -50.48 -24.52
CA LEU KA 319 70.79 -49.99 -24.12
C LEU KA 319 71.73 -51.14 -23.81
N LEU KA 320 71.22 -52.19 -23.18
CA LEU KA 320 72.06 -53.34 -22.87
C LEU KA 320 72.52 -54.03 -24.14
N LYS KA 321 71.65 -54.13 -25.14
CA LYS KA 321 72.07 -54.71 -26.41
C LYS KA 321 73.15 -53.87 -27.07
N LEU KA 322 72.99 -52.54 -27.04
CA LEU KA 322 74.01 -51.67 -27.64
C LEU KA 322 75.35 -51.81 -26.91
N LEU KA 323 75.31 -51.83 -25.58
CA LEU KA 323 76.55 -51.99 -24.82
C LEU KA 323 77.15 -53.37 -25.03
N PHE KA 324 76.33 -54.40 -25.21
CA PHE KA 324 76.83 -55.72 -25.50
C PHE KA 324 77.53 -55.77 -26.85
N TYR KA 325 76.95 -55.11 -27.86
CA TYR KA 325 77.60 -55.02 -29.15
C TYR KA 325 78.93 -54.28 -29.04
N CYS KA 326 78.94 -53.18 -28.28
CA CYS KA 326 80.19 -52.45 -28.08
C CYS KA 326 81.23 -53.32 -27.37
N ILE KA 327 80.80 -54.11 -26.40
CA ILE KA 327 81.73 -54.94 -25.64
C ILE KA 327 82.34 -56.01 -26.52
N VAL KA 328 81.50 -56.73 -27.26
CA VAL KA 328 82.03 -57.82 -28.10
C VAL KA 328 82.83 -57.24 -29.26
N ASP KA 329 82.56 -56.00 -29.66
CA ASP KA 329 83.41 -55.36 -30.65
C ASP KA 329 84.76 -55.00 -30.07
N VAL KA 330 84.78 -54.44 -28.86
CA VAL KA 330 86.01 -53.94 -28.26
C VAL KA 330 87.00 -55.07 -28.05
N SER KA 331 86.54 -56.16 -27.45
CA SER KA 331 87.37 -57.34 -27.28
C SER KA 331 87.61 -58.10 -28.58
N GLU KA 332 86.93 -57.72 -29.66
CA GLU KA 332 86.86 -58.45 -30.92
C GLU KA 332 86.73 -59.95 -30.69
N THR KA 333 85.88 -60.32 -29.75
CA THR KA 333 85.59 -61.72 -29.51
C THR KA 333 84.69 -62.23 -30.63
N PRO KA 334 85.05 -63.31 -31.32
CA PRO KA 334 84.12 -63.88 -32.30
C PRO KA 334 82.80 -64.27 -31.66
N GLU KA 335 81.74 -64.14 -32.44
CA GLU KA 335 80.41 -63.90 -31.91
C GLU KA 335 79.71 -65.18 -31.45
N PHE KA 336 80.22 -66.34 -31.83
CA PHE KA 336 79.66 -67.58 -31.30
C PHE KA 336 79.93 -67.74 -29.81
N ILE KA 337 80.92 -67.03 -29.26
CA ILE KA 337 81.21 -67.12 -27.84
C ILE KA 337 80.02 -66.61 -27.02
N PHE KA 338 79.35 -65.58 -27.52
CA PHE KA 338 78.18 -65.00 -26.86
C PHE KA 338 76.90 -65.33 -27.63
N GLY KA 339 76.80 -66.56 -28.13
CA GLY KA 339 75.69 -66.92 -28.99
C GLY KA 339 74.35 -66.95 -28.31
N VAL KA 340 74.31 -66.90 -26.97
CA VAL KA 340 73.01 -66.85 -26.30
C VAL KA 340 72.31 -65.54 -26.61
N HIS KA 341 73.07 -64.45 -26.72
CA HIS KA 341 72.49 -63.18 -27.12
C HIS KA 341 72.04 -63.23 -28.58
N THR KA 342 72.79 -63.92 -29.44
CA THR KA 342 72.53 -64.00 -30.87
C THR KA 342 72.54 -65.47 -31.29
N PRO KA 343 71.42 -66.19 -31.08
CA PRO KA 343 71.41 -67.62 -31.42
C PRO KA 343 71.67 -67.92 -32.89
N SER KA 344 71.52 -66.95 -33.79
CA SER KA 344 71.81 -67.18 -35.20
C SER KA 344 73.27 -67.56 -35.42
N ALA KA 345 74.17 -67.06 -34.58
CA ALA KA 345 75.59 -67.36 -34.74
C ALA KA 345 75.90 -68.83 -34.57
N LEU KA 346 75.09 -69.56 -33.80
CA LEU KA 346 75.35 -70.98 -33.54
C LEU KA 346 75.17 -71.85 -34.76
N ALA KA 347 74.60 -71.33 -35.85
CA ALA KA 347 74.38 -72.15 -37.04
C ALA KA 347 75.69 -72.69 -37.61
N SER KA 348 76.74 -71.86 -37.61
CA SER KA 348 78.02 -72.26 -38.20
C SER KA 348 79.15 -71.57 -37.42
N VAL KA 349 79.69 -72.27 -36.43
CA VAL KA 349 80.92 -71.83 -35.79
C VAL KA 349 82.10 -71.97 -36.75
N LYS KA 350 82.09 -73.03 -37.56
CA LYS KA 350 83.17 -73.24 -38.52
C LYS KA 350 83.27 -72.09 -39.50
N GLU KA 351 82.15 -71.42 -39.80
CA GLU KA 351 82.20 -70.26 -40.67
C GLU KA 351 82.91 -69.08 -40.00
N GLN KA 352 82.76 -68.93 -38.69
CA GLN KA 352 83.39 -67.86 -37.94
C GLN KA 352 84.80 -68.20 -37.46
N MET KA 353 85.24 -69.46 -37.63
CA MET KA 353 86.56 -69.86 -37.18
C MET KA 353 87.70 -69.00 -37.72
N PRO KA 354 87.66 -68.50 -38.96
CA PRO KA 354 88.72 -67.56 -39.39
C PRO KA 354 88.87 -66.33 -38.51
N ILE KA 355 87.80 -65.84 -37.89
CA ILE KA 355 87.92 -64.66 -37.03
C ILE KA 355 88.70 -65.02 -35.78
N MET KA 356 88.36 -66.16 -35.15
CA MET KA 356 89.16 -66.65 -34.02
C MET KA 356 90.61 -66.86 -34.46
N VAL KA 357 90.81 -67.42 -35.65
CA VAL KA 357 92.17 -67.69 -36.11
C VAL KA 357 92.95 -66.39 -36.24
N ASN KA 358 92.31 -65.34 -36.76
CA ASN KA 358 92.95 -64.04 -36.88
C ASN KA 358 93.33 -63.48 -35.51
N LYS KA 359 92.38 -63.52 -34.57
CA LYS KA 359 92.65 -62.97 -33.24
C LYS KA 359 93.80 -63.72 -32.58
N ILE KA 360 93.84 -65.05 -32.76
CA ILE KA 360 94.91 -65.83 -32.16
C ILE KA 360 96.24 -65.57 -32.86
N ARG KA 361 96.22 -65.36 -34.18
CA ARG KA 361 97.44 -64.94 -34.87
C ARG KA 361 98.00 -63.68 -34.24
N ARG KA 362 97.14 -62.69 -34.05
CA ARG KA 362 97.62 -61.41 -33.50
C ARG KA 362 98.10 -61.58 -32.07
N LYS KA 363 97.40 -62.39 -31.27
CA LYS KA 363 97.72 -62.49 -29.85
C LYS KA 363 98.95 -63.33 -29.56
N ARG KA 364 99.19 -64.39 -30.34
CA ARG KA 364 100.32 -65.28 -30.04
C ARG KA 364 101.65 -64.57 -30.20
N GLU KA 365 101.77 -63.72 -31.22
CA GLU KA 365 103.03 -63.02 -31.49
C GLU KA 365 103.44 -62.12 -30.33
N GLN KA 366 102.49 -61.68 -29.49
CA GLN KA 366 102.84 -60.87 -28.34
C GLN KA 366 103.75 -61.64 -27.38
N PHE KA 367 103.42 -62.89 -27.12
CA PHE KA 367 104.15 -63.70 -26.14
C PHE KA 367 105.20 -64.61 -26.76
N THR KA 368 105.21 -64.79 -28.08
CA THR KA 368 106.15 -65.76 -28.65
C THR KA 368 107.60 -65.34 -28.43
N ASN KA 369 107.88 -64.04 -28.41
CA ASN KA 369 109.24 -63.59 -28.12
C ASN KA 369 109.63 -63.91 -26.69
N SER KA 370 108.72 -63.71 -25.73
CA SER KA 370 109.00 -64.06 -24.36
C SER KA 370 109.22 -65.57 -24.21
N TRP KA 371 108.45 -66.36 -24.95
CA TRP KA 371 108.62 -67.81 -24.89
C TRP KA 371 109.95 -68.23 -25.52
N GLN KA 372 110.38 -67.53 -26.59
CA GLN KA 372 111.71 -67.76 -27.13
C GLN KA 372 112.78 -67.49 -26.07
N LEU KA 373 112.63 -66.37 -25.36
CA LEU KA 373 113.58 -66.02 -24.31
C LEU KA 373 113.60 -67.09 -23.22
N LEU KA 374 112.42 -67.57 -22.82
CA LEU KA 374 112.35 -68.60 -21.79
C LEU KA 374 113.00 -69.90 -22.26
N ALA KA 375 112.76 -70.29 -23.51
CA ALA KA 375 113.39 -71.48 -24.04
C ALA KA 375 114.91 -71.34 -24.05
N ARG KA 376 115.40 -70.18 -24.49
CA ARG KA 376 116.84 -69.93 -24.48
C ARG KA 376 117.40 -70.01 -23.06
N MET KA 377 116.67 -69.45 -22.09
CA MET KA 377 117.17 -69.42 -20.72
C MET KA 377 117.21 -70.82 -20.12
N VAL KA 378 116.15 -71.60 -20.30
CA VAL KA 378 116.13 -72.94 -19.72
C VAL KA 378 117.18 -73.81 -20.40
N LEU KA 379 117.41 -73.62 -21.71
CA LEU KA 379 118.50 -74.33 -22.35
C LEU KA 379 119.85 -73.93 -21.76
N ILE KA 380 120.04 -72.64 -21.50
CA ILE KA 380 121.31 -72.18 -20.95
C ILE KA 380 121.51 -72.74 -19.54
N MET KA 381 120.44 -72.82 -18.75
CA MET KA 381 120.51 -73.29 -17.38
C MET KA 381 120.61 -74.81 -17.27
N SER KA 382 120.80 -75.53 -18.37
CA SER KA 382 120.96 -76.97 -18.33
C SER KA 382 121.82 -77.45 -19.49
N LYS KA 389 127.56 -75.22 -24.90
CA LYS KA 389 127.56 -76.64 -25.25
C LYS KA 389 126.75 -76.89 -26.51
N TYR KA 390 125.48 -76.50 -26.47
CA TYR KA 390 124.58 -76.78 -27.59
C TYR KA 390 124.96 -75.95 -28.80
N SER KA 391 124.87 -76.58 -29.98
CA SER KA 391 125.25 -75.90 -31.21
C SER KA 391 124.37 -74.70 -31.52
N SER KA 392 123.14 -74.67 -31.01
CA SER KA 392 122.22 -73.56 -31.21
C SER KA 392 121.53 -73.24 -29.89
N TYR KA 393 121.11 -71.98 -29.77
CA TYR KA 393 120.34 -71.52 -28.61
C TYR KA 393 119.14 -70.67 -29.04
N ASP KA 394 118.74 -70.72 -30.31
CA ASP KA 394 117.59 -69.97 -30.82
C ASP KA 394 116.50 -70.99 -31.10
N VAL KA 395 115.34 -70.79 -30.46
CA VAL KA 395 114.24 -71.75 -30.49
C VAL KA 395 113.07 -71.13 -31.23
N THR KA 396 112.66 -71.76 -32.33
CA THR KA 396 111.42 -71.40 -33.01
C THR KA 396 110.26 -72.12 -32.34
N ILE KA 397 109.08 -71.49 -32.41
CA ILE KA 397 107.91 -71.92 -31.65
C ILE KA 397 106.82 -72.32 -32.63
N GLY KA 398 106.31 -73.54 -32.48
CA GLY KA 398 105.06 -73.94 -33.10
C GLY KA 398 103.88 -73.61 -32.19
N TRP KA 399 102.68 -73.96 -32.67
CA TRP KA 399 101.47 -73.65 -31.92
C TRP KA 399 100.41 -74.70 -32.20
N ASP KA 400 99.42 -74.74 -31.31
CA ASP KA 400 98.29 -75.63 -31.48
C ASP KA 400 97.38 -75.15 -32.61
N GLU KA 401 96.60 -76.07 -33.16
CA GLU KA 401 95.68 -75.74 -34.23
C GLU KA 401 94.45 -75.06 -33.67
N VAL KA 402 94.14 -73.87 -34.19
CA VAL KA 402 92.94 -73.15 -33.74
C VAL KA 402 91.69 -73.83 -34.27
N ASN KA 403 91.66 -74.11 -35.57
CA ASN KA 403 90.66 -74.97 -36.18
C ASN KA 403 91.39 -76.09 -36.92
N PRO KA 404 91.24 -77.36 -36.55
CA PRO KA 404 92.15 -78.38 -37.08
C PRO KA 404 91.91 -78.69 -38.55
N ARG KA 405 92.98 -79.09 -39.22
CA ARG KA 405 92.91 -79.61 -40.57
C ARG KA 405 92.64 -81.11 -40.53
N ASP KA 406 91.77 -81.58 -41.41
CA ASP KA 406 91.41 -82.99 -41.44
C ASP KA 406 92.63 -83.83 -41.77
N ASP KA 407 92.83 -84.92 -41.01
CA ASP KA 407 93.88 -85.87 -41.35
C ASP KA 407 93.64 -86.50 -42.70
N LYS KA 408 92.37 -86.71 -43.06
CA LYS KA 408 92.05 -87.26 -44.37
C LYS KA 408 92.52 -86.34 -45.49
N GLU KA 409 92.31 -85.04 -45.33
CA GLU KA 409 92.77 -84.09 -46.34
C GLU KA 409 94.30 -84.09 -46.45
N LEU KA 410 94.99 -84.15 -45.31
CA LEU KA 410 96.44 -84.19 -45.34
C LEU KA 410 96.94 -85.44 -46.03
N ALA KA 411 96.34 -86.59 -45.74
CA ALA KA 411 96.73 -87.83 -46.40
C ALA KA 411 96.41 -87.79 -47.89
N GLU KA 412 95.30 -87.16 -48.26
CA GLU KA 412 95.00 -86.98 -49.68
C GLU KA 412 96.07 -86.16 -50.36
N THR KA 413 96.49 -85.05 -49.73
CA THR KA 413 97.56 -84.25 -50.30
C THR KA 413 98.85 -85.05 -50.43
N LEU KA 414 99.18 -85.83 -49.41
CA LEU KA 414 100.40 -86.62 -49.42
C LEU KA 414 100.38 -87.64 -50.56
N GLU KA 415 99.31 -88.42 -50.65
CA GLU KA 415 99.21 -89.43 -51.71
C GLU KA 415 99.20 -88.77 -53.08
N LYS KA 416 98.48 -87.67 -53.23
CA LYS KA 416 98.35 -87.02 -54.52
C LYS KA 416 99.70 -86.46 -54.97
N VAL KA 417 100.47 -85.88 -54.04
CA VAL KA 417 101.79 -85.40 -54.39
C VAL KA 417 102.71 -86.56 -54.75
N CYS KA 418 102.69 -87.63 -53.95
CA CYS KA 418 103.59 -88.75 -54.19
C CYS KA 418 103.31 -89.41 -55.53
N CYS KA 419 102.03 -89.59 -55.87
CA CYS KA 419 101.69 -90.13 -57.18
C CYS KA 419 102.03 -89.15 -58.28
N ALA KA 420 101.86 -87.84 -58.02
CA ALA KA 420 102.36 -86.83 -58.95
C ALA KA 420 103.87 -86.94 -59.10
N LEU KA 421 104.58 -87.14 -57.99
CA LEU KA 421 105.98 -87.49 -58.06
C LEU KA 421 106.14 -88.90 -58.65
N ASP KA 422 107.39 -89.25 -58.94
CA ASP KA 422 107.75 -90.44 -59.72
C ASP KA 422 107.35 -90.32 -61.19
N LYS KA 423 106.93 -89.13 -61.63
CA LYS KA 423 106.65 -88.85 -63.03
C LYS KA 423 107.28 -87.51 -63.36
N ALA KA 424 107.72 -87.36 -64.61
CA ALA KA 424 108.51 -86.21 -65.03
C ALA KA 424 109.78 -86.13 -64.17
N LEU KA 425 110.61 -87.16 -64.29
CA LEU KA 425 111.75 -87.38 -63.40
C LEU KA 425 112.89 -86.38 -63.62
N GLU KA 426 112.78 -85.47 -64.58
CA GLU KA 426 113.83 -84.48 -64.80
C GLU KA 426 113.84 -83.37 -63.75
N GLY KA 427 112.87 -83.34 -62.82
CA GLY KA 427 112.82 -82.27 -61.85
C GLY KA 427 114.03 -82.23 -60.94
N GLY KA 428 114.44 -83.38 -60.40
CA GLY KA 428 115.59 -83.49 -59.53
C GLY KA 428 115.30 -84.38 -58.33
N PHE KA 429 116.29 -84.45 -57.44
CA PHE KA 429 116.19 -85.26 -56.24
C PHE KA 429 115.58 -84.50 -55.06
N ILE KA 430 115.35 -83.19 -55.19
CA ILE KA 430 114.70 -82.44 -54.13
C ILE KA 430 113.26 -82.86 -53.90
N SER KA 431 112.67 -83.65 -54.81
CA SER KA 431 111.36 -84.21 -54.57
C SER KA 431 111.35 -85.07 -53.32
N GLU KA 432 112.41 -85.87 -53.11
CA GLU KA 432 112.50 -86.68 -51.90
C GLU KA 432 112.57 -85.81 -50.65
N GLU KA 433 113.33 -84.72 -50.71
CA GLU KA 433 113.43 -83.82 -49.57
C GLU KA 433 112.08 -83.19 -49.25
N SER KA 434 111.37 -82.71 -50.27
CA SER KA 434 110.05 -82.13 -50.05
C SER KA 434 109.08 -83.17 -49.53
N THR KA 435 109.17 -84.40 -50.03
CA THR KA 435 108.27 -85.45 -49.60
C THR KA 435 108.50 -85.81 -48.14
N VAL KA 436 109.76 -85.91 -47.71
CA VAL KA 436 110.01 -86.23 -46.31
C VAL KA 436 109.65 -85.04 -45.42
N ASN KA 437 109.80 -83.81 -45.92
CA ASN KA 437 109.32 -82.65 -45.17
C ASN KA 437 107.82 -82.72 -44.95
N PHE KA 438 107.07 -83.04 -46.01
CA PHE KA 438 105.61 -83.18 -45.87
C PHE KA 438 105.26 -84.34 -44.96
N LEU KA 439 106.06 -85.42 -45.01
CA LEU KA 439 105.84 -86.54 -44.10
C LEU KA 439 106.05 -86.14 -42.65
N ALA KA 440 107.08 -85.32 -42.39
CA ALA KA 440 107.29 -84.82 -41.04
C ALA KA 440 106.14 -83.94 -40.59
N GLN KA 441 105.63 -83.09 -41.49
CA GLN KA 441 104.47 -82.26 -41.15
C GLN KA 441 103.27 -83.14 -40.84
N TYR KA 442 103.03 -84.18 -41.64
CA TYR KA 442 101.91 -85.08 -41.41
C TYR KA 442 102.06 -85.81 -40.09
N ILE KA 443 103.27 -86.27 -39.77
CA ILE KA 443 103.50 -86.98 -38.51
C ILE KA 443 103.25 -86.06 -37.33
N ASP KA 444 103.74 -84.82 -37.42
CA ASP KA 444 103.51 -83.86 -36.34
C ASP KA 444 102.03 -83.55 -36.17
N THR KA 445 101.30 -83.41 -37.27
CA THR KA 445 99.87 -83.11 -37.20
C THR KA 445 99.04 -84.31 -36.74
N MET KA 446 99.52 -85.53 -36.97
CA MET KA 446 98.79 -86.72 -36.55
C MET KA 446 99.08 -87.09 -35.10
N SER KA 447 100.33 -86.95 -34.66
CA SER KA 447 100.69 -87.34 -33.31
C SER KA 447 100.00 -86.46 -32.28
N ASN KA 448 100.09 -85.14 -32.44
CA ASN KA 448 99.42 -84.23 -31.53
C ASN KA 448 97.92 -84.39 -31.63
N TYR KA 449 97.26 -84.46 -30.48
CA TYR KA 449 95.81 -84.58 -30.40
C TYR KA 449 95.22 -83.18 -30.25
N ILE KA 450 94.16 -82.91 -31.02
CA ILE KA 450 93.69 -81.53 -31.17
C ILE KA 450 93.10 -81.02 -29.87
N SER KA 451 92.22 -81.80 -29.24
CA SER KA 451 91.52 -81.33 -28.05
C SER KA 451 92.32 -81.48 -26.77
N ASP KA 452 93.60 -81.83 -26.86
CA ASP KA 452 94.50 -81.87 -25.71
C ASP KA 452 95.56 -80.79 -25.89
N ASP KA 453 95.74 -79.98 -24.86
CA ASP KA 453 96.64 -78.84 -24.95
C ASP KA 453 98.08 -79.28 -25.11
N PRO KA 454 98.85 -78.50 -25.86
CA PRO KA 454 100.25 -78.79 -26.05
C PRO KA 454 100.50 -80.03 -26.90
N GLU KA 455 101.71 -80.56 -26.76
CA GLU KA 455 102.16 -81.73 -27.50
C GLU KA 455 102.83 -82.72 -26.57
N ARG KA 456 102.23 -82.95 -25.39
CA ARG KA 456 102.73 -83.99 -24.51
C ARG KA 456 102.62 -85.36 -25.18
N GLU KA 457 101.56 -85.56 -25.96
CA GLU KA 457 101.36 -86.85 -26.61
C GLU KA 457 102.46 -87.14 -27.62
N GLY KA 458 102.94 -86.12 -28.33
CA GLY KA 458 104.03 -86.36 -29.27
C GLY KA 458 105.28 -86.88 -28.59
N GLU KA 459 105.70 -86.21 -27.51
CA GLU KA 459 106.88 -86.65 -26.79
C GLU KA 459 106.66 -88.03 -26.16
N ARG KA 460 105.46 -88.26 -25.60
CA ARG KA 460 105.19 -89.55 -24.97
C ARG KA 460 105.22 -90.67 -25.98
N GLU KA 461 104.60 -90.47 -27.15
CA GLU KA 461 104.60 -91.49 -28.19
C GLU KA 461 106.02 -91.74 -28.70
N LYS KA 462 106.80 -90.67 -28.87
CA LYS KA 462 108.19 -90.84 -29.28
C LYS KA 462 108.98 -91.66 -28.28
N ILE KA 463 108.80 -91.36 -26.99
CA ILE KA 463 109.55 -92.09 -25.96
C ILE KA 463 109.12 -93.54 -25.91
N ILE KA 464 107.81 -93.80 -26.03
CA ILE KA 464 107.33 -95.18 -25.96
C ILE KA 464 107.82 -95.96 -27.18
N LYS KA 465 107.82 -95.34 -28.36
CA LYS KA 465 108.36 -96.00 -29.55
C LYS KA 465 109.85 -96.28 -29.39
N THR KA 466 110.58 -95.34 -28.79
CA THR KA 466 112.00 -95.55 -28.55
C THR KA 466 112.23 -96.73 -27.61
N LYS KA 467 111.44 -96.82 -26.55
CA LYS KA 467 111.57 -97.93 -25.61
C LYS KA 467 111.25 -99.26 -26.30
N MET KA 468 110.09 -99.33 -26.96
CA MET KA 468 109.72 -100.56 -27.66
C MET KA 468 110.65 -100.82 -28.84
N LEU KA 469 111.02 -99.77 -29.57
CA LEU KA 469 111.92 -99.89 -30.72
C LEU KA 469 111.32 -100.81 -31.78
N MET LA 19 84.41 -30.30 -55.81
CA MET LA 19 83.88 -29.12 -56.57
C MET LA 19 84.89 -28.57 -57.56
N ARG LA 20 84.37 -27.87 -58.56
CA ARG LA 20 85.21 -27.22 -59.56
C ARG LA 20 85.69 -25.86 -59.06
N MET LA 21 86.72 -25.35 -59.73
CA MET LA 21 87.25 -24.03 -59.45
C MET LA 21 88.09 -23.59 -60.64
N SER LA 22 88.14 -22.28 -60.85
CA SER LA 22 88.94 -21.74 -61.95
C SER LA 22 90.43 -21.99 -61.70
N SER LA 23 91.17 -22.18 -62.79
CA SER LA 23 92.57 -22.60 -62.67
C SER LA 23 93.43 -21.54 -62.01
N GLY LA 24 93.10 -20.26 -62.18
CA GLY LA 24 93.90 -19.17 -61.67
C GLY LA 24 93.61 -18.76 -60.25
N ASN LA 25 92.70 -19.44 -59.55
CA ASN LA 25 92.28 -19.09 -58.19
C ASN LA 25 92.65 -20.19 -57.21
N ILE LA 26 93.87 -20.71 -57.32
CA ILE LA 26 94.38 -21.79 -56.48
C ILE LA 26 95.63 -21.29 -55.77
N GLY LA 27 95.75 -21.62 -54.49
CA GLY LA 27 96.92 -21.28 -53.72
C GLY LA 27 98.11 -22.12 -54.13
N VAL LA 28 99.23 -21.88 -53.44
CA VAL LA 28 100.49 -22.55 -53.75
C VAL LA 28 100.63 -23.77 -52.85
N TYR LA 29 101.20 -24.82 -53.41
CA TYR LA 29 101.41 -26.06 -52.67
C TYR LA 29 102.34 -25.82 -51.48
N LYS LA 30 102.03 -26.50 -50.38
CA LYS LA 30 102.89 -26.49 -49.20
C LYS LA 30 102.78 -27.84 -48.51
N LEU LA 31 103.93 -28.45 -48.23
CA LEU LA 31 103.96 -29.77 -47.61
C LEU LA 31 103.56 -29.65 -46.15
N ASP LA 32 102.32 -30.04 -45.84
CA ASP LA 32 101.81 -29.98 -44.48
C ASP LA 32 102.60 -30.93 -43.58
N ASP LA 33 102.87 -30.50 -42.36
CA ASP LA 33 103.68 -31.23 -41.40
C ASP LA 33 102.93 -31.59 -40.13
N SER LA 34 101.61 -31.50 -40.12
CA SER LA 34 100.85 -31.81 -38.92
C SER LA 34 101.00 -33.29 -38.57
N ARG LA 35 101.13 -33.55 -37.28
CA ARG LA 35 101.26 -34.91 -36.75
C ARG LA 35 99.92 -35.39 -36.22
N VAL LA 36 99.78 -36.72 -36.15
CA VAL LA 36 98.61 -37.31 -35.53
C VAL LA 36 98.73 -37.16 -34.02
N ASP LA 37 97.58 -36.93 -33.37
CA ASP LA 37 97.59 -36.76 -31.92
C ASP LA 37 97.85 -38.12 -31.30
N TYR LA 38 99.13 -38.46 -31.13
CA TYR LA 38 99.52 -39.84 -30.83
C TYR LA 38 98.97 -40.28 -29.48
N GLU LA 39 99.00 -39.40 -28.48
CA GLU LA 39 98.43 -39.75 -27.18
C GLU LA 39 96.93 -39.99 -27.30
N LEU LA 40 96.23 -39.13 -28.05
CA LEU LA 40 94.80 -39.35 -28.26
C LEU LA 40 94.55 -40.63 -29.05
N ALA LA 41 95.42 -40.93 -30.02
CA ALA LA 41 95.26 -42.15 -30.80
C ALA LA 41 95.37 -43.38 -29.89
N ARG LA 42 96.40 -43.43 -29.06
CA ARG LA 42 96.55 -44.56 -28.14
C ARG LA 42 95.43 -44.59 -27.12
N GLU LA 43 94.90 -43.43 -26.73
CA GLU LA 43 93.76 -43.41 -25.81
C GLU LA 43 92.53 -44.03 -26.45
N LEU LA 44 92.22 -43.64 -27.69
CA LEU LA 44 91.06 -44.19 -28.37
C LEU LA 44 91.24 -45.69 -28.62
N TYR LA 45 92.46 -46.10 -28.98
CA TYR LA 45 92.71 -47.53 -29.20
C TYR LA 45 92.55 -48.32 -27.90
N GLN LA 46 92.73 -47.68 -26.74
CA GLN LA 46 92.52 -48.30 -25.45
C GLN LA 46 91.25 -47.82 -24.76
N ASN LA 47 90.40 -47.07 -25.45
CA ASN LA 47 89.09 -46.69 -24.94
C ASN LA 47 89.20 -45.84 -23.67
N LYS LA 48 90.29 -45.08 -23.54
CA LYS LA 48 90.57 -44.35 -22.31
C LYS LA 48 90.06 -42.92 -22.33
N ASN LA 49 90.02 -42.27 -23.48
CA ASN LA 49 89.61 -40.87 -23.53
C ASN LA 49 88.18 -40.72 -23.07
N ALA LA 50 87.95 -39.73 -22.20
CA ALA LA 50 86.63 -39.57 -21.58
C ALA LA 50 85.56 -39.21 -22.59
N ASN LA 51 85.92 -38.45 -23.63
CA ASN LA 51 84.93 -37.97 -24.60
C ASN LA 51 84.65 -38.96 -25.72
N TYR LA 52 85.24 -40.16 -25.68
CA TYR LA 52 85.02 -41.17 -26.71
C TYR LA 52 84.83 -42.56 -26.11
N LYS LA 53 84.43 -42.64 -24.83
CA LYS LA 53 84.41 -43.93 -24.14
C LYS LA 53 83.43 -44.89 -24.80
N LEU LA 54 82.18 -44.45 -24.99
CA LEU LA 54 81.21 -45.28 -25.68
C LEU LA 54 81.48 -45.29 -27.18
N GLY LA 55 81.88 -44.14 -27.74
CA GLY LA 55 82.07 -44.06 -29.18
C GLY LA 55 83.24 -44.90 -29.67
N SER LA 56 84.37 -44.88 -28.97
CA SER LA 56 85.60 -45.50 -29.45
C SER LA 56 85.59 -47.03 -29.35
N SER LA 57 84.45 -47.67 -29.08
CA SER LA 57 84.41 -49.13 -29.05
C SER LA 57 84.83 -49.74 -30.37
N PHE LA 58 84.60 -49.04 -31.48
CA PHE LA 58 84.89 -49.58 -32.81
C PHE LA 58 86.34 -49.42 -33.21
N VAL LA 59 87.15 -48.67 -32.45
CA VAL LA 59 88.53 -48.44 -32.85
C VAL LA 59 89.34 -49.72 -32.78
N ARG LA 60 89.22 -50.46 -31.68
CA ARG LA 60 89.97 -51.70 -31.53
C ARG LA 60 89.67 -52.72 -32.62
N PRO LA 61 88.42 -53.06 -32.92
CA PRO LA 61 88.20 -54.10 -33.95
C PRO LA 61 88.74 -53.74 -35.31
N ILE LA 62 88.63 -52.47 -35.73
CA ILE LA 62 89.11 -52.07 -37.05
C ILE LA 62 90.61 -52.31 -37.16
N VAL LA 63 91.37 -51.69 -36.27
CA VAL LA 63 92.82 -51.78 -36.34
C VAL LA 63 93.28 -53.21 -36.12
N ASN LA 64 92.67 -53.91 -35.16
CA ASN LA 64 93.09 -55.27 -34.84
C ASN LA 64 92.85 -56.21 -36.02
N SER LA 65 91.66 -56.13 -36.64
CA SER LA 65 91.38 -56.97 -37.78
C SER LA 65 92.32 -56.64 -38.94
N THR LA 66 92.50 -55.34 -39.22
CA THR LA 66 93.32 -54.96 -40.36
C THR LA 66 94.76 -55.41 -40.19
N THR LA 67 95.33 -55.22 -39.00
CA THR LA 67 96.72 -55.60 -38.78
C THR LA 67 96.88 -57.12 -38.65
N GLY LA 68 95.87 -57.81 -38.12
CA GLY LA 68 95.96 -59.25 -38.01
C GLY LA 68 95.87 -59.94 -39.36
N PHE LA 69 94.97 -59.49 -40.24
CA PHE LA 69 94.86 -60.13 -41.55
C PHE LA 69 96.12 -59.95 -42.37
N MET LA 70 96.62 -58.72 -42.48
CA MET LA 70 97.90 -58.52 -43.15
C MET LA 70 99.00 -59.13 -42.30
N GLY LA 71 99.71 -60.11 -42.86
CA GLY LA 71 100.73 -60.80 -42.10
C GLY LA 71 101.98 -59.96 -41.97
N VAL LA 72 103.14 -60.62 -41.99
CA VAL LA 72 104.43 -59.95 -41.96
C VAL LA 72 105.10 -60.22 -43.29
N PRO LA 73 105.98 -59.35 -43.78
CA PRO LA 73 106.58 -59.58 -45.10
C PRO LA 73 107.41 -60.85 -45.13
N HIS LA 74 107.35 -61.54 -46.26
CA HIS LA 74 108.15 -62.73 -46.51
C HIS LA 74 109.28 -62.30 -47.42
N PHE LA 75 110.44 -62.03 -46.82
CA PHE LA 75 111.58 -61.52 -47.59
C PHE LA 75 112.18 -62.65 -48.43
N GLN LA 76 112.11 -62.49 -49.75
CA GLN LA 76 112.72 -63.42 -50.70
C GLN LA 76 113.84 -62.71 -51.45
N ILE LA 77 114.91 -63.46 -51.75
CA ILE LA 77 116.01 -62.94 -52.55
C ILE LA 77 116.75 -64.12 -53.13
N GLU LA 78 117.39 -63.89 -54.29
CA GLU LA 78 118.07 -64.97 -54.99
C GLU LA 78 119.37 -65.38 -54.31
N ASP LA 79 120.08 -64.46 -53.68
CA ASP LA 79 121.34 -64.80 -53.03
C ASP LA 79 121.08 -65.69 -51.82
N GLU LA 80 121.91 -66.72 -51.66
CA GLU LA 80 121.72 -67.67 -50.57
C GLU LA 80 122.01 -67.03 -49.22
N GLU LA 81 123.15 -66.34 -49.12
CA GLU LA 81 123.53 -65.74 -47.84
C GLU LA 81 122.57 -64.63 -47.44
N ALA LA 82 122.11 -63.83 -48.41
CA ALA LA 82 121.13 -62.80 -48.12
C ALA LA 82 119.83 -63.40 -47.60
N GLN LA 83 119.39 -64.49 -48.22
CA GLN LA 83 118.18 -65.16 -47.75
C GLN LA 83 118.35 -65.69 -46.34
N TYR LA 84 119.52 -66.27 -46.04
CA TYR LA 84 119.77 -66.78 -44.70
C TYR LA 84 119.76 -65.66 -43.67
N ILE LA 85 120.41 -64.54 -43.98
CA ILE LA 85 120.41 -63.42 -43.05
C ILE LA 85 118.99 -62.90 -42.86
N LEU LA 86 118.22 -62.79 -43.94
CA LEU LA 86 116.88 -62.26 -43.86
C LEU LA 86 115.97 -63.16 -43.02
N ASP LA 87 116.04 -64.48 -43.22
CA ASP LA 87 115.14 -65.34 -42.47
C ASP LA 87 115.58 -65.49 -41.01
N GLU LA 88 116.89 -65.37 -40.74
CA GLU LA 88 117.34 -65.29 -39.35
C GLU LA 88 116.75 -64.06 -38.67
N PHE LA 89 116.81 -62.91 -39.35
CA PHE LA 89 116.27 -61.69 -38.76
C PHE LA 89 114.76 -61.80 -38.58
N VAL LA 90 114.09 -62.47 -39.53
CA VAL LA 90 112.65 -62.68 -39.42
C VAL LA 90 112.32 -63.51 -38.20
N LEU LA 91 113.06 -64.61 -38.01
CA LEU LA 91 112.91 -65.43 -36.81
C LEU LA 91 113.13 -64.60 -35.56
N ASP LA 92 114.05 -63.64 -35.62
CA ASP LA 92 114.29 -62.80 -34.46
C ASP LA 92 113.11 -61.87 -34.16
N ASN LA 93 112.56 -61.21 -35.19
CA ASN LA 93 111.73 -60.02 -34.98
C ASN LA 93 110.41 -60.04 -35.76
N THR LA 94 109.83 -61.22 -35.99
CA THR LA 94 108.50 -61.27 -36.61
C THR LA 94 107.46 -60.58 -35.76
N SER LA 95 107.50 -60.81 -34.44
CA SER LA 95 106.55 -60.16 -33.55
C SER LA 95 106.68 -58.65 -33.62
N LYS LA 96 107.92 -58.16 -33.67
CA LYS LA 96 108.13 -56.73 -33.77
C LYS LA 96 107.67 -56.18 -35.12
N MET LA 97 107.79 -56.98 -36.19
CA MET LA 97 107.26 -56.54 -37.47
C MET LA 97 105.75 -56.38 -37.41
N LEU LA 98 105.06 -57.35 -36.83
CA LEU LA 98 103.61 -57.24 -36.69
C LEU LA 98 103.24 -56.06 -35.80
N LYS LA 99 104.01 -55.84 -34.74
CA LYS LA 99 103.79 -54.67 -33.88
C LYS LA 99 104.00 -53.38 -34.66
N THR LA 100 104.95 -53.38 -35.59
CA THR LA 100 105.17 -52.21 -36.43
C THR LA 100 103.95 -51.94 -37.30
N HIS LA 101 103.38 -52.99 -37.89
CA HIS LA 101 102.13 -52.84 -38.63
C HIS LA 101 101.04 -52.24 -37.75
N THR LA 102 100.88 -52.78 -36.54
CA THR LA 102 99.83 -52.29 -35.66
C THR LA 102 100.06 -50.84 -35.27
N ASP LA 103 101.31 -50.47 -34.97
CA ASP LA 103 101.60 -49.10 -34.58
C ASP LA 103 101.38 -48.14 -35.73
N SER LA 104 101.77 -48.52 -36.94
CA SER LA 104 101.52 -47.66 -38.09
C SER LA 104 100.02 -47.49 -38.31
N LEU LA 105 99.25 -48.57 -38.16
CA LEU LA 105 97.81 -48.47 -38.32
C LEU LA 105 97.20 -47.56 -37.26
N LYS LA 106 97.66 -47.67 -36.02
CA LYS LA 106 97.04 -46.95 -34.91
C LYS LA 106 97.47 -45.49 -34.89
N GLN LA 107 98.77 -45.24 -34.74
CA GLN LA 107 99.28 -43.89 -34.56
C GLN LA 107 99.41 -43.13 -35.87
N GLY LA 108 99.43 -43.83 -37.01
CA GLY LA 108 99.69 -43.22 -38.29
C GLY LA 108 101.16 -43.21 -38.67
N ASP LA 109 102.07 -43.40 -37.71
CA ASP LA 109 103.49 -43.39 -38.00
C ASP LA 109 104.22 -44.04 -36.83
N CYS LA 110 105.01 -45.07 -37.12
CA CYS LA 110 105.88 -45.70 -36.15
C CYS LA 110 107.28 -45.78 -36.74
N TYR LA 111 108.26 -45.34 -35.95
CA TYR LA 111 109.63 -45.18 -36.41
C TYR LA 111 110.48 -46.34 -35.91
N ILE LA 112 111.25 -46.94 -36.82
CA ILE LA 112 112.00 -48.16 -36.58
C ILE LA 112 113.48 -47.85 -36.75
N TRP LA 113 114.28 -48.29 -35.76
CA TRP LA 113 115.71 -48.03 -35.74
C TRP LA 113 116.44 -49.35 -35.52
N ILE LA 114 117.37 -49.66 -36.42
CA ILE LA 114 118.18 -50.86 -36.35
C ILE LA 114 119.55 -50.48 -35.82
N THR LA 115 120.02 -51.22 -34.82
CA THR LA 115 121.32 -50.99 -34.20
C THR LA 115 122.04 -52.33 -34.04
N ARG LA 116 123.35 -52.31 -34.28
CA ARG LA 116 124.19 -53.50 -34.20
C ARG LA 116 124.87 -53.53 -32.84
N GLU LA 117 124.59 -54.56 -32.06
CA GLU LA 117 125.10 -54.71 -30.70
C GLU LA 117 126.17 -55.78 -30.67
N GLU LA 118 127.40 -55.39 -30.35
CA GLU LA 118 128.52 -56.31 -30.17
C GLU LA 118 128.66 -56.81 -28.74
N ARG LA 119 127.87 -56.29 -27.80
CA ARG LA 119 128.03 -56.61 -26.39
C ARG LA 119 127.89 -58.10 -26.13
N GLU LA 120 128.80 -58.64 -25.33
CA GLU LA 120 128.81 -60.05 -24.96
C GLU LA 120 128.14 -60.21 -23.60
N ASN LA 121 127.18 -61.12 -23.53
CA ASN LA 121 126.51 -61.47 -22.29
C ASN LA 121 126.28 -62.97 -22.25
N PRO LA 122 126.16 -63.57 -21.06
CA PRO LA 122 125.97 -65.03 -21.00
C PRO LA 122 124.67 -65.50 -21.62
N LEU LA 123 123.64 -64.65 -21.66
CA LEU LA 123 122.35 -65.07 -22.18
C LEU LA 123 122.42 -65.37 -23.68
N TYR LA 124 123.43 -64.85 -24.38
CA TYR LA 124 123.67 -65.14 -25.80
C TYR LA 124 125.11 -65.62 -25.96
N PRO LA 125 125.39 -66.90 -25.64
CA PRO LA 125 126.77 -67.39 -25.85
C PRO LA 125 127.14 -67.46 -27.31
N ASP LA 126 126.29 -68.04 -28.15
CA ASP LA 126 126.60 -68.23 -29.57
C ASP LA 126 126.33 -66.98 -30.40
N LYS LA 127 125.36 -66.16 -29.99
CA LYS LA 127 125.01 -64.94 -30.75
C LYS LA 127 125.82 -63.77 -30.20
N LYS LA 128 127.04 -63.65 -30.72
CA LYS LA 128 127.92 -62.56 -30.30
C LYS LA 128 127.45 -61.23 -30.86
N VAL LA 129 127.10 -61.20 -32.15
CA VAL LA 129 126.70 -59.98 -32.85
C VAL LA 129 125.18 -60.05 -33.06
N ARG LA 130 124.50 -58.97 -32.68
CA ARG LA 130 123.04 -58.89 -32.77
C ARG LA 130 122.64 -57.58 -33.43
N LEU LA 131 121.57 -57.63 -34.21
CA LEU LA 131 120.97 -56.46 -34.83
C LEU LA 131 119.68 -56.13 -34.10
N ILE LA 132 119.76 -55.17 -33.19
CA ILE LA 132 118.63 -54.85 -32.32
C ILE LA 132 117.58 -54.08 -33.11
N TYR LA 133 116.35 -54.58 -33.10
CA TYR LA 133 115.22 -53.94 -33.78
C TYR LA 133 114.57 -53.01 -32.77
N ASN LA 134 115.03 -51.76 -32.72
CA ASN LA 134 114.63 -50.81 -31.70
C ASN LA 134 113.53 -49.90 -32.22
N PHE LA 135 112.40 -49.88 -31.53
CA PHE LA 135 111.33 -48.94 -31.83
C PHE LA 135 111.69 -47.54 -31.33
N ILE LA 136 111.08 -46.55 -31.95
CA ILE LA 136 111.10 -45.17 -31.48
C ILE LA 136 109.66 -44.69 -31.44
N SER LA 137 109.23 -44.20 -30.29
CA SER LA 137 107.90 -43.63 -30.19
C SER LA 137 107.81 -42.40 -31.10
N PRO LA 138 106.67 -42.19 -31.78
CA PRO LA 138 106.60 -41.02 -32.68
C PRO LA 138 106.68 -39.69 -31.96
N GLU LA 139 106.41 -39.65 -30.65
CA GLU LA 139 106.59 -38.41 -29.91
C GLU LA 139 108.07 -38.11 -29.68
N GLU LA 140 108.92 -39.15 -29.60
CA GLU LA 140 110.33 -38.93 -29.35
C GLU LA 140 110.98 -38.13 -30.48
N VAL LA 141 110.70 -38.48 -31.72
CA VAL LA 141 111.25 -37.76 -32.86
C VAL LA 141 110.54 -36.41 -32.92
N LYS LA 142 111.24 -35.35 -32.53
CA LYS LA 142 110.65 -34.02 -32.53
C LYS LA 142 110.58 -33.45 -33.95
N GLU LA 143 111.46 -33.90 -34.84
CA GLU LA 143 111.47 -33.40 -36.21
C GLU LA 143 112.40 -34.28 -37.03
N ILE LA 144 112.11 -34.36 -38.33
CA ILE LA 144 112.96 -35.04 -39.30
C ILE LA 144 113.37 -34.02 -40.35
N ILE LA 145 114.66 -33.96 -40.65
CA ILE LA 145 115.21 -33.03 -41.63
C ILE LA 145 115.20 -33.73 -42.99
N LEU LA 146 114.57 -33.09 -43.97
CA LEU LA 146 114.42 -33.65 -45.31
C LEU LA 146 115.26 -32.86 -46.31
N ASP LA 147 115.93 -33.58 -47.19
CA ASP LA 147 116.59 -32.93 -48.33
C ASP LA 147 115.51 -32.30 -49.19
N PRO LA 148 115.53 -30.98 -49.42
CA PRO LA 148 114.37 -30.36 -50.11
C PRO LA 148 114.13 -30.86 -51.52
N THR LA 149 115.19 -31.19 -52.26
CA THR LA 149 115.01 -31.58 -53.66
C THR LA 149 114.48 -33.00 -53.77
N THR LA 150 114.92 -33.91 -52.89
CA THR LA 150 114.50 -35.29 -52.92
C THR LA 150 113.47 -35.63 -51.87
N LYS LA 151 113.33 -34.80 -50.82
CA LYS LA 151 112.47 -35.07 -49.67
C LYS LA 151 112.91 -36.31 -48.89
N GLU LA 152 114.14 -36.77 -49.10
CA GLU LA 152 114.67 -37.90 -48.35
C GLU LA 152 115.10 -37.42 -46.97
N PRO LA 153 114.77 -38.14 -45.89
CA PRO LA 153 115.17 -37.66 -44.56
C PRO LA 153 116.67 -37.73 -44.38
N ILE LA 154 117.27 -36.58 -44.05
CA ILE LA 154 118.72 -36.48 -43.87
C ILE LA 154 119.12 -36.41 -42.40
N ALA LA 155 118.19 -36.18 -41.49
CA ALA LA 155 118.50 -36.21 -40.07
C ALA LA 155 117.21 -36.31 -39.27
N TYR LA 156 117.32 -36.92 -38.09
CA TYR LA 156 116.20 -37.08 -37.17
C TYR LA 156 116.50 -36.31 -35.88
N ILE LA 157 115.49 -35.63 -35.36
CA ILE LA 157 115.60 -34.87 -34.11
C ILE LA 157 114.87 -35.68 -33.05
N LEU LA 158 115.62 -36.51 -32.31
CA LEU LA 158 115.06 -37.36 -31.28
C LEU LA 158 115.23 -36.68 -29.91
N GLU LA 159 114.14 -36.61 -29.16
CA GLU LA 159 114.12 -35.96 -27.85
C GLU LA 159 113.26 -36.80 -26.92
N SER LA 160 113.83 -37.20 -25.79
CA SER LA 160 113.14 -38.09 -24.86
C SER LA 160 113.57 -37.79 -23.44
N GLN LA 161 112.59 -37.76 -22.53
CA GLN LA 161 112.83 -37.58 -21.10
C GLN LA 161 112.79 -38.95 -20.44
N ASN LA 162 113.94 -39.37 -19.92
CA ASN LA 162 114.11 -40.73 -19.37
C ASN LA 162 114.26 -40.63 -17.85
N GLU LA 163 113.17 -40.90 -17.14
CA GLU LA 163 113.22 -41.12 -15.70
C GLU LA 163 113.58 -42.59 -15.45
N TRP LA 164 114.32 -42.83 -14.36
CA TRP LA 164 114.73 -44.18 -14.03
C TRP LA 164 115.31 -44.17 -12.62
N THR LA 165 115.37 -45.35 -12.01
CA THR LA 165 115.83 -45.52 -10.65
C THR LA 165 117.16 -46.27 -10.64
N ASP LA 166 118.04 -45.90 -9.72
CA ASP LA 166 119.32 -46.57 -9.59
C ASP LA 166 119.12 -48.02 -9.14
N LEU LA 167 120.13 -48.85 -9.40
CA LEU LA 167 120.10 -50.23 -8.92
C LEU LA 167 120.05 -50.31 -7.41
N GLY LA 168 120.38 -49.23 -6.71
CA GLY LA 168 120.11 -49.11 -5.28
C GLY LA 168 118.75 -48.48 -5.07
N GLU LA 169 118.71 -47.26 -4.54
CA GLU LA 169 117.47 -46.56 -4.25
C GLU LA 169 117.29 -45.26 -5.03
N ASN LA 170 118.36 -44.67 -5.55
CA ASN LA 170 118.31 -43.29 -6.04
C ASN LA 170 117.38 -43.15 -7.23
N LYS LA 171 116.68 -42.00 -7.29
CA LYS LA 171 115.85 -41.64 -8.42
C LYS LA 171 116.65 -40.81 -9.41
N ARG LA 172 116.54 -41.15 -10.69
CA ARG LA 172 117.33 -40.53 -11.75
C ARG LA 172 116.41 -39.97 -12.82
N LYS LA 173 116.77 -38.79 -13.33
CA LYS LA 173 116.05 -38.14 -14.41
C LYS LA 173 117.05 -37.60 -15.42
N ALA LA 174 116.68 -37.66 -16.69
CA ALA LA 174 117.61 -37.33 -17.77
C ALA LA 174 116.82 -36.99 -19.02
N LYS LA 175 116.95 -35.74 -19.50
CA LYS LA 175 116.32 -35.31 -20.74
C LYS LA 175 117.33 -35.45 -21.86
N VAL LA 176 117.48 -36.66 -22.38
CA VAL LA 176 118.42 -36.94 -23.47
C VAL LA 176 117.75 -36.64 -24.79
N LYS LA 177 118.46 -35.90 -25.65
CA LYS LA 177 118.07 -35.69 -27.03
C LYS LA 177 119.27 -35.98 -27.91
N GLN LA 178 119.00 -36.46 -29.13
CA GLN LA 178 120.06 -36.91 -30.00
C GLN LA 178 119.68 -36.67 -31.45
N ILE LA 179 120.67 -36.25 -32.24
CA ILE LA 179 120.50 -35.97 -33.66
C ILE LA 179 121.24 -37.07 -34.43
N ILE LA 180 120.49 -37.91 -35.14
CA ILE LA 180 121.04 -38.99 -35.93
C ILE LA 180 121.10 -38.53 -37.38
N THR LA 181 122.27 -38.72 -37.99
CA THR LA 181 122.48 -38.39 -39.40
C THR LA 181 123.23 -39.53 -40.07
N ALA LA 182 123.30 -39.45 -41.40
CA ALA LA 182 124.03 -40.47 -42.16
C ALA LA 182 125.50 -40.48 -41.81
N GLU LA 183 126.11 -39.31 -41.63
CA GLU LA 183 127.53 -39.23 -41.35
C GLU LA 183 127.85 -39.66 -39.92
N SER LA 184 127.04 -39.22 -38.95
CA SER LA 184 127.37 -39.42 -37.55
C SER LA 184 126.11 -39.30 -36.71
N ARG LA 185 126.24 -39.68 -35.44
CA ARG LA 185 125.19 -39.57 -34.44
C ARG LA 185 125.69 -38.63 -33.35
N PHE LA 186 124.81 -37.73 -32.91
CA PHE LA 186 125.09 -36.82 -31.80
C PHE LA 186 124.07 -37.05 -30.70
N VAL LA 187 124.55 -37.12 -29.46
CA VAL LA 187 123.69 -37.30 -28.28
C VAL LA 187 124.21 -36.42 -27.16
N GLU LA 188 123.29 -35.73 -26.49
CA GLU LA 188 123.59 -34.96 -25.29
C GLU LA 188 122.50 -35.21 -24.28
N VAL LA 189 122.86 -35.17 -23.00
CA VAL LA 189 121.94 -35.47 -21.91
C VAL LA 189 121.97 -34.30 -20.93
N GLU LA 190 120.78 -33.89 -20.49
CA GLU LA 190 120.59 -32.82 -19.51
C GLU LA 190 119.97 -33.45 -18.26
N GLY LA 191 120.82 -33.85 -17.33
CA GLY LA 191 120.36 -34.45 -16.09
C GLY LA 191 121.40 -35.43 -15.57
N ASP LA 192 120.90 -36.44 -14.87
CA ASP LA 192 121.78 -37.43 -14.26
C ASP LA 192 122.52 -38.23 -15.33
N LYS LA 193 123.69 -38.72 -14.97
CA LYS LA 193 124.51 -39.49 -15.90
C LYS LA 193 123.82 -40.80 -16.26
N ILE LA 194 123.95 -41.18 -17.53
CA ILE LA 194 123.51 -42.49 -18.02
C ILE LA 194 124.76 -43.22 -18.52
N GLU LA 195 124.95 -44.45 -18.06
CA GLU LA 195 126.20 -45.16 -18.30
C GLU LA 195 126.33 -45.63 -19.75
N GLY LA 196 125.22 -45.98 -20.40
CA GLY LA 196 125.29 -46.54 -21.73
C GLY LA 196 125.54 -45.53 -22.84
N LEU LA 197 125.26 -44.25 -22.59
CA LEU LA 197 125.32 -43.23 -23.62
C LEU LA 197 126.59 -42.40 -23.45
N GLU LA 198 127.38 -42.29 -24.52
CA GLU LA 198 128.51 -41.39 -24.58
C GLU LA 198 128.07 -40.08 -25.23
N GLU LA 199 128.14 -38.99 -24.47
CA GLU LA 199 127.75 -37.70 -25.01
C GLU LA 199 128.66 -37.29 -26.17
N GLY LA 200 128.19 -36.32 -26.94
CA GLY LA 200 128.95 -35.82 -28.08
C GLY LA 200 128.71 -36.65 -29.32
N GLU LA 201 129.31 -36.17 -30.41
CA GLU LA 201 129.21 -36.85 -31.69
C GLU LA 201 129.91 -38.20 -31.63
N THR LA 202 129.34 -39.18 -32.34
CA THR LA 202 129.97 -40.49 -32.55
C THR LA 202 129.79 -40.83 -34.03
N PRO LA 203 130.83 -41.34 -34.70
CA PRO LA 203 130.72 -41.53 -36.15
C PRO LA 203 129.75 -42.65 -36.50
N ASN LA 204 129.16 -42.53 -37.69
CA ASN LA 204 128.26 -43.55 -38.21
C ASN LA 204 129.07 -44.56 -39.02
N VAL LA 205 129.02 -45.82 -38.63
CA VAL LA 205 129.79 -46.85 -39.30
C VAL LA 205 129.39 -47.01 -40.76
N TRP LA 206 128.16 -46.66 -41.11
CA TRP LA 206 127.69 -46.66 -42.49
C TRP LA 206 127.13 -45.29 -42.82
N GLY LA 207 127.22 -44.91 -44.09
CA GLY LA 207 126.80 -43.59 -44.51
C GLY LA 207 125.33 -43.49 -44.88
N PHE LA 208 124.46 -44.10 -44.09
CA PHE LA 208 123.03 -43.89 -44.21
C PHE LA 208 122.42 -43.87 -42.82
N ILE LA 209 121.26 -43.24 -42.71
CA ILE LA 209 120.61 -43.11 -41.40
C ILE LA 209 119.98 -44.45 -41.03
N PRO LA 210 120.29 -45.04 -39.87
CA PRO LA 210 119.76 -46.37 -39.57
C PRO LA 210 118.29 -46.43 -39.20
N ILE LA 211 117.58 -45.30 -39.23
CA ILE LA 211 116.16 -45.25 -38.89
C ILE LA 211 115.34 -45.43 -40.16
N ILE LA 212 114.20 -46.12 -40.03
CA ILE LA 212 113.24 -46.32 -41.10
C ILE LA 212 111.90 -45.80 -40.63
N HIS LA 213 111.24 -45.03 -41.49
CA HIS LA 213 109.93 -44.45 -41.19
C HIS LA 213 108.86 -45.27 -41.89
N PHE LA 214 107.91 -45.77 -41.12
CA PHE LA 214 106.74 -46.46 -41.64
C PHE LA 214 105.57 -45.48 -41.66
N LYS LA 215 105.19 -45.04 -42.86
CA LYS LA 215 104.21 -43.99 -43.05
C LYS LA 215 102.88 -44.63 -43.45
N ASN LA 216 101.94 -44.66 -42.50
CA ASN LA 216 100.62 -45.21 -42.78
C ASN LA 216 99.79 -44.22 -43.58
N GLU LA 217 99.21 -44.71 -44.68
CA GLU LA 217 98.41 -43.89 -45.59
C GLU LA 217 99.19 -42.66 -46.03
N ALA LA 218 100.40 -42.92 -46.54
CA ALA LA 218 101.28 -41.85 -46.98
C ALA LA 218 100.62 -41.06 -48.09
N ASP LA 219 100.90 -39.76 -48.13
CA ASP LA 219 100.37 -38.87 -49.15
C ASP LA 219 101.47 -37.95 -49.64
N GLU LA 220 101.37 -37.55 -50.90
CA GLU LA 220 102.36 -36.65 -51.47
C GLU LA 220 102.37 -35.29 -50.77
N THR LA 221 101.22 -34.85 -50.25
CA THR LA 221 101.08 -33.54 -49.64
C THR LA 221 101.26 -33.55 -48.13
N LEU LA 222 101.65 -34.68 -47.53
CA LEU LA 222 101.82 -34.79 -46.09
C LEU LA 222 103.24 -35.24 -45.77
N LYS LA 223 103.83 -34.63 -44.74
CA LYS LA 223 105.16 -35.02 -44.31
C LYS LA 223 105.13 -36.35 -43.56
N TYR LA 224 104.13 -36.54 -42.70
CA TYR LA 224 103.97 -37.74 -41.90
C TYR LA 224 102.82 -38.58 -42.45
N GLY LA 225 102.60 -39.73 -41.80
CA GLY LA 225 101.46 -40.56 -42.09
C GLY LA 225 100.22 -40.05 -41.39
N GLN LA 226 99.19 -40.88 -41.41
CA GLN LA 226 97.90 -40.53 -40.83
C GLN LA 226 97.15 -41.79 -40.42
N SER LA 227 96.63 -41.77 -39.20
CA SER LA 227 96.01 -42.96 -38.60
C SER LA 227 94.72 -43.31 -39.31
N ASP LA 228 94.38 -44.60 -39.27
CA ASP LA 228 93.08 -45.05 -39.75
C ASP LA 228 91.95 -44.64 -38.84
N ILE LA 229 92.24 -44.17 -37.63
CA ILE LA 229 91.19 -43.67 -36.74
C ILE LA 229 90.74 -42.28 -37.14
N GLU LA 230 91.59 -41.51 -37.81
CA GLU LA 230 91.27 -40.12 -38.12
C GLU LA 230 90.00 -39.96 -38.95
N PRO LA 231 89.78 -40.72 -40.03
CA PRO LA 231 88.51 -40.56 -40.77
C PRO LA 231 87.27 -40.82 -39.93
N ILE LA 232 87.35 -41.73 -38.95
CA ILE LA 232 86.18 -42.09 -38.15
C ILE LA 232 86.02 -41.27 -36.89
N GLU LA 233 87.05 -40.52 -36.47
CA GLU LA 233 87.03 -39.79 -35.20
C GLU LA 233 85.80 -38.94 -34.98
N PRO LA 234 85.36 -38.08 -35.91
CA PRO LA 234 84.11 -37.36 -35.68
C PRO LA 234 82.90 -38.27 -35.59
N LEU LA 235 82.88 -39.37 -36.35
CA LEU LA 235 81.78 -40.33 -36.22
C LEU LA 235 81.81 -40.98 -34.85
N LEU LA 236 83.00 -41.29 -34.32
CA LEU LA 236 83.08 -41.80 -32.97
C LEU LA 236 82.58 -40.78 -31.96
N LYS LA 237 82.89 -39.50 -32.18
CA LYS LA 237 82.41 -38.46 -31.27
C LYS LA 237 80.90 -38.38 -31.28
N ALA LA 238 80.30 -38.40 -32.48
CA ALA LA 238 78.85 -38.34 -32.58
C ALA LA 238 78.20 -39.58 -31.96
N TYR LA 239 78.79 -40.75 -32.21
CA TYR LA 239 78.27 -41.98 -31.63
C TYR LA 239 78.32 -41.93 -30.10
N HIS LA 240 79.43 -41.44 -29.56
CA HIS LA 240 79.57 -41.28 -28.12
C HIS LA 240 78.53 -40.32 -27.58
N ASP LA 241 78.33 -39.19 -28.26
CA ASP LA 241 77.36 -38.21 -27.77
C ASP LA 241 75.95 -38.79 -27.78
N VAL LA 242 75.58 -39.47 -28.86
CA VAL LA 242 74.24 -40.04 -28.95
C VAL LA 242 74.03 -41.11 -27.88
N MET LA 243 75.03 -42.00 -27.72
CA MET LA 243 74.89 -43.05 -26.72
C MET LA 243 74.81 -42.48 -25.32
N LEU LA 244 75.66 -41.48 -25.01
CA LEU LA 244 75.66 -40.92 -23.67
C LEU LA 244 74.35 -40.19 -23.39
N HIS LA 245 73.84 -39.43 -24.35
CA HIS LA 245 72.58 -38.74 -24.14
C HIS LA 245 71.43 -39.73 -23.98
N ALA LA 246 71.47 -40.82 -24.76
CA ALA LA 246 70.47 -41.86 -24.62
C ALA LA 246 70.53 -42.51 -23.23
N LEU LA 247 71.74 -42.80 -22.75
CA LEU LA 247 71.89 -43.40 -21.43
C LEU LA 247 71.38 -42.47 -20.34
N LYS LA 248 71.71 -41.18 -20.43
CA LYS LA 248 71.23 -40.24 -19.43
C LYS LA 248 69.71 -40.12 -19.46
N GLY LA 249 69.13 -40.05 -20.66
CA GLY LA 249 67.68 -39.98 -20.75
C GLY LA 249 67.01 -41.21 -20.20
N SER LA 250 67.56 -42.39 -20.49
CA SER LA 250 67.00 -43.62 -19.95
C SER LA 250 67.08 -43.63 -18.42
N LYS LA 251 68.24 -43.25 -17.88
CA LYS LA 251 68.39 -43.24 -16.43
C LYS LA 251 67.40 -42.26 -15.80
N MET LA 252 67.20 -41.11 -16.43
CA MET LA 252 66.27 -40.13 -15.88
C MET LA 252 64.83 -40.62 -15.94
N HIS LA 253 64.43 -41.27 -17.05
CA HIS LA 253 63.02 -41.45 -17.36
C HIS LA 253 62.60 -42.86 -17.79
N SER LA 254 63.52 -43.83 -17.91
CA SER LA 254 63.10 -45.17 -18.30
C SER LA 254 62.18 -45.78 -17.24
N THR LA 255 62.61 -45.74 -15.99
CA THR LA 255 61.76 -46.25 -14.93
C THR LA 255 60.56 -45.32 -14.73
N PRO LA 256 59.34 -45.83 -14.63
CA PRO LA 256 58.19 -44.92 -14.49
C PRO LA 256 58.15 -44.28 -13.12
N LYS LA 257 57.50 -43.12 -13.05
CA LYS LA 257 57.39 -42.32 -11.83
C LYS LA 257 55.95 -42.39 -11.35
N LEU LA 258 55.76 -42.78 -10.10
CA LEU LA 258 54.42 -42.91 -9.53
C LEU LA 258 53.94 -41.55 -9.04
N LYS LA 259 52.76 -41.13 -9.50
CA LYS LA 259 52.12 -39.89 -9.06
C LYS LA 259 50.96 -40.25 -8.14
N LEU LA 260 50.81 -39.49 -7.07
CA LEU LA 260 49.67 -39.61 -6.16
C LEU LA 260 49.03 -38.25 -6.01
N LYS LA 261 47.81 -38.10 -6.53
CA LYS LA 261 47.05 -36.86 -6.40
C LYS LA 261 46.30 -36.90 -5.06
N LEU LA 262 47.06 -36.66 -4.00
CA LEU LA 262 46.54 -36.76 -2.64
C LEU LA 262 45.80 -35.48 -2.26
N THR LA 263 44.88 -35.62 -1.31
CA THR LA 263 44.16 -34.45 -0.81
C THR LA 263 45.02 -33.62 0.12
N ASP LA 264 45.94 -34.26 0.86
CA ASP LA 264 46.86 -33.57 1.75
C ASP LA 264 48.16 -34.35 1.74
N VAL LA 265 49.15 -33.85 0.99
CA VAL LA 265 50.39 -34.59 0.82
C VAL LA 265 51.15 -34.71 2.14
N ALA LA 266 51.17 -33.64 2.93
CA ALA LA 266 51.95 -33.63 4.16
C ALA LA 266 51.44 -34.69 5.13
N SER LA 267 50.12 -34.77 5.31
CA SER LA 267 49.56 -35.76 6.22
C SER LA 267 49.83 -37.17 5.73
N PHE LA 268 49.74 -37.39 4.41
CA PHE LA 268 50.05 -38.70 3.85
C PHE LA 268 51.49 -39.10 4.13
N LEU LA 269 52.42 -38.17 3.90
CA LEU LA 269 53.84 -38.47 4.16
C LEU LA 269 54.07 -38.76 5.63
N ALA LA 270 53.48 -37.94 6.52
CA ALA LA 270 53.67 -38.14 7.95
C ALA LA 270 53.12 -39.48 8.40
N HIS LA 271 51.92 -39.84 7.94
CA HIS LA 271 51.31 -41.11 8.35
C HIS LA 271 52.10 -42.29 7.81
N ASN LA 272 52.42 -42.29 6.52
CA ASN LA 272 52.99 -43.48 5.90
C ASN LA 272 54.48 -43.60 6.16
N PHE LA 273 55.26 -42.61 5.74
CA PHE LA 273 56.71 -42.70 5.77
C PHE LA 273 57.34 -42.02 6.97
N GLY LA 274 56.53 -41.46 7.87
CA GLY LA 274 57.08 -40.78 9.03
C GLY LA 274 57.95 -39.60 8.69
N VAL LA 275 57.66 -38.93 7.58
CA VAL LA 275 58.45 -37.80 7.11
C VAL LA 275 57.78 -36.55 7.69
N GLU LA 276 58.22 -36.17 8.89
CA GLU LA 276 57.53 -35.09 9.61
C GLU LA 276 57.79 -33.74 8.98
N ASP LA 277 58.98 -33.53 8.42
CA ASP LA 277 59.40 -32.26 7.82
C ASP LA 277 59.79 -32.55 6.37
N PRO LA 278 58.81 -32.64 5.45
CA PRO LA 278 59.14 -33.06 4.09
C PRO LA 278 60.07 -32.10 3.36
N VAL LA 279 60.02 -30.81 3.67
CA VAL LA 279 60.94 -29.87 3.01
C VAL LA 279 62.38 -30.23 3.35
N LYS LA 280 62.68 -30.46 4.63
CA LYS LA 280 64.03 -30.84 5.01
C LYS LA 280 64.39 -32.21 4.44
N PHE LA 281 63.40 -33.10 4.37
CA PHE LA 281 63.64 -34.40 3.73
C PHE LA 281 64.06 -34.22 2.28
N ALA LA 282 63.53 -33.19 1.62
CA ALA LA 282 63.98 -32.88 0.27
C ALA LA 282 65.38 -32.28 0.27
N LYS LA 283 65.67 -31.36 1.21
CA LYS LA 283 67.01 -30.76 1.25
C LYS LA 283 68.05 -31.82 1.55
N GLU LA 284 67.79 -32.68 2.53
CA GLU LA 284 68.75 -33.71 2.92
C GLU LA 284 68.98 -34.76 1.84
N GLY LA 285 68.12 -34.84 0.83
CA GLY LA 285 68.23 -35.90 -0.15
C GLY LA 285 67.70 -37.24 0.33
N GLY LA 286 66.80 -37.24 1.29
CA GLY LA 286 66.27 -38.50 1.78
C GLY LA 286 65.50 -39.24 0.70
N LYS LA 287 65.34 -40.55 0.90
CA LYS LA 287 64.77 -41.43 -0.10
C LYS LA 287 63.82 -42.41 0.57
N ILE LA 288 62.55 -42.40 0.15
CA ILE LA 288 61.57 -43.35 0.65
C ILE LA 288 61.97 -44.76 0.22
N ASN LA 289 61.62 -45.74 1.05
CA ASN LA 289 61.87 -47.14 0.76
C ASN LA 289 60.55 -47.85 0.52
N LEU LA 290 60.47 -48.61 -0.58
CA LEU LA 290 59.32 -49.44 -0.91
C LEU LA 290 59.79 -50.83 -1.28
N ASP LA 291 59.11 -51.84 -0.73
CA ASP LA 291 59.46 -53.22 -1.03
C ASP LA 291 59.01 -53.65 -2.42
N GLY LA 292 58.06 -52.92 -3.03
CA GLY LA 292 57.54 -53.26 -4.33
C GLY LA 292 56.11 -53.77 -4.24
N HIS LA 293 55.84 -54.62 -3.25
CA HIS LA 293 54.48 -55.10 -2.99
C HIS LA 293 53.77 -54.08 -2.10
N GLU LA 294 53.05 -53.18 -2.76
CA GLU LA 294 52.27 -52.15 -2.09
C GLU LA 294 50.81 -52.25 -2.48
N ILE LA 295 49.94 -51.78 -1.58
CA ILE LA 295 48.51 -51.69 -1.80
C ILE LA 295 48.07 -50.30 -1.34
N LEU LA 296 47.21 -49.67 -2.15
CA LEU LA 296 46.86 -48.26 -1.98
C LEU LA 296 45.42 -48.16 -1.49
N PHE LA 297 45.23 -47.56 -0.32
CA PHE LA 297 43.92 -47.19 0.20
C PHE LA 297 43.81 -45.67 0.13
N LEU LA 298 42.96 -45.19 -0.77
CA LEU LA 298 42.81 -43.76 -1.04
C LEU LA 298 41.37 -43.35 -0.80
N ASN LA 299 41.18 -42.05 -0.54
CA ASN LA 299 39.85 -41.51 -0.44
C ASN LA 299 39.18 -41.52 -1.82
N LYS LA 300 37.91 -41.11 -1.85
CA LYS LA 300 37.16 -41.19 -3.10
C LYS LA 300 37.72 -40.26 -4.17
N ASP LA 301 38.10 -39.05 -3.80
CA ASP LA 301 38.58 -38.07 -4.77
C ASP LA 301 40.06 -38.21 -5.09
N GLU LA 302 40.81 -38.99 -4.30
CA GLU LA 302 42.22 -39.17 -4.57
C GLU LA 302 42.43 -40.04 -5.81
N GLU LA 303 43.61 -39.89 -6.41
CA GLU LA 303 43.96 -40.63 -7.62
C GLU LA 303 45.41 -41.06 -7.53
N ALA LA 304 45.73 -42.15 -8.22
CA ALA LA 304 47.09 -42.65 -8.33
C ALA LA 304 47.29 -43.22 -9.72
N GLU LA 305 48.40 -42.85 -10.35
CA GLU LA 305 48.73 -43.34 -11.69
C GLU LA 305 50.24 -43.40 -11.82
N PHE LA 306 50.70 -44.04 -12.89
CA PHE LA 306 52.11 -44.08 -13.25
C PHE LA 306 52.37 -43.12 -14.39
N VAL LA 307 53.32 -42.22 -14.19
CA VAL LA 307 53.77 -41.31 -15.25
C VAL LA 307 54.87 -42.05 -16.00
N GLU LA 308 54.56 -42.45 -17.24
CA GLU LA 308 55.38 -43.41 -17.97
C GLU LA 308 55.61 -42.91 -19.39
N VAL LA 309 56.76 -43.31 -19.95
CA VAL LA 309 57.17 -42.91 -21.29
C VAL LA 309 56.98 -44.09 -22.23
N LYS LA 310 56.60 -43.79 -23.47
CA LYS LA 310 56.55 -44.83 -24.49
C LYS LA 310 57.93 -45.38 -24.76
N SER LA 311 58.91 -44.51 -24.90
CA SER LA 311 60.30 -44.92 -25.10
C SER LA 311 61.19 -43.74 -24.73
N ALA LA 312 61.96 -43.89 -23.64
CA ALA LA 312 62.86 -42.83 -23.23
C ALA LA 312 63.96 -42.58 -24.26
N ILE LA 313 64.37 -43.63 -24.97
CA ILE LA 313 65.41 -43.48 -25.98
C ILE LA 313 64.90 -42.62 -27.13
N GLY LA 314 63.64 -42.78 -27.50
CA GLY LA 314 63.10 -42.06 -28.64
C GLY LA 314 63.50 -42.70 -29.94
N ASP LA 315 64.45 -42.08 -30.65
CA ASP LA 315 64.91 -42.55 -31.94
C ASP LA 315 66.40 -42.86 -31.97
N ALA LA 316 67.09 -42.78 -30.83
CA ALA LA 316 68.55 -42.79 -30.83
C ALA LA 316 69.13 -44.09 -31.38
N LYS LA 317 68.39 -45.19 -31.30
CA LYS LA 317 68.88 -46.43 -31.88
C LYS LA 317 69.01 -46.30 -33.39
N GLU LA 318 68.06 -45.62 -34.04
CA GLU LA 318 68.14 -45.43 -35.48
C GLU LA 318 69.38 -44.61 -35.85
N LEU LA 319 69.64 -43.54 -35.10
CA LEU LA 319 70.83 -42.73 -35.33
C LEU LA 319 72.09 -43.56 -35.12
N LEU LA 320 72.09 -44.41 -34.10
CA LEU LA 320 73.25 -45.25 -33.84
C LEU LA 320 73.48 -46.24 -34.97
N LYS LA 321 72.40 -46.80 -35.52
CA LYS LA 321 72.55 -47.69 -36.67
C LYS LA 321 73.12 -46.93 -37.86
N LEU LA 322 72.62 -45.72 -38.11
CA LEU LA 322 73.14 -44.93 -39.23
C LEU LA 322 74.62 -44.61 -39.04
N LEU LA 323 75.00 -44.22 -37.83
CA LEU LA 323 76.40 -43.88 -37.57
C LEU LA 323 77.28 -45.11 -37.63
N PHE LA 324 76.77 -46.27 -37.19
CA PHE LA 324 77.55 -47.50 -37.30
C PHE LA 324 77.76 -47.87 -38.76
N TYR LA 325 76.74 -47.71 -39.59
CA TYR LA 325 76.90 -47.94 -41.02
C TYR LA 325 77.94 -46.98 -41.60
N CYS LA 326 77.89 -45.71 -41.20
CA CYS LA 326 78.86 -44.76 -41.67
C CYS LA 326 80.27 -45.15 -41.23
N ILE LA 327 80.42 -45.64 -40.00
CA ILE LA 327 81.74 -45.98 -39.47
C ILE LA 327 82.31 -47.17 -40.23
N VAL LA 328 81.52 -48.23 -40.41
CA VAL LA 328 82.04 -49.40 -41.10
C VAL LA 328 82.27 -49.10 -42.57
N ASP LA 329 81.48 -48.20 -43.16
CA ASP LA 329 81.74 -47.78 -44.52
C ASP LA 329 83.06 -47.03 -44.61
N VAL LA 330 83.32 -46.12 -43.68
CA VAL LA 330 84.52 -45.28 -43.72
C VAL LA 330 85.76 -46.15 -43.61
N SER LA 331 85.77 -47.07 -42.66
CA SER LA 331 86.89 -47.99 -42.49
C SER LA 331 86.98 -49.03 -43.61
N GLU LA 332 85.98 -49.11 -44.48
CA GLU LA 332 85.81 -50.16 -45.48
C GLU LA 332 86.08 -51.54 -44.87
N THR LA 333 85.62 -51.73 -43.63
CA THR LA 333 85.83 -52.99 -42.95
C THR LA 333 84.80 -54.00 -43.45
N PRO LA 334 85.22 -55.19 -43.89
CA PRO LA 334 84.25 -56.23 -44.21
C PRO LA 334 83.38 -56.56 -43.00
N GLU LA 335 82.14 -56.91 -43.29
CA GLU LA 335 81.04 -56.75 -42.35
C GLU LA 335 80.92 -57.89 -41.36
N PHE LA 336 81.62 -59.01 -41.58
CA PHE LA 336 81.66 -60.06 -40.58
C PHE LA 336 82.40 -59.64 -39.31
N ILE LA 337 83.22 -58.59 -39.38
CA ILE LA 337 83.93 -58.12 -38.20
C ILE LA 337 82.94 -57.60 -37.16
N PHE LA 338 81.89 -56.93 -37.62
CA PHE LA 338 80.88 -56.32 -36.75
C PHE LA 338 79.55 -57.08 -36.86
N GLY LA 339 79.62 -58.40 -36.99
CA GLY LA 339 78.43 -59.18 -37.29
C GLY LA 339 77.40 -59.23 -36.19
N VAL LA 340 77.74 -58.77 -34.98
CA VAL LA 340 76.73 -58.73 -33.93
C VAL LA 340 75.65 -57.73 -34.28
N HIS LA 341 76.02 -56.64 -34.95
CA HIS LA 341 75.03 -55.70 -35.42
C HIS LA 341 74.21 -56.29 -36.56
N THR LA 342 74.84 -57.10 -37.42
CA THR LA 342 74.21 -57.68 -38.61
C THR LA 342 74.50 -59.19 -38.61
N PRO LA 343 73.76 -59.97 -37.82
CA PRO LA 343 74.06 -61.41 -37.71
C PRO LA 343 73.95 -62.17 -39.02
N SER LA 344 73.23 -61.64 -40.02
CA SER LA 344 73.16 -62.32 -41.32
C SER LA 344 74.53 -62.47 -41.97
N ALA LA 345 75.45 -61.55 -41.68
CA ALA LA 345 76.79 -61.62 -42.26
C ALA LA 345 77.53 -62.88 -41.86
N LEU LA 346 77.21 -63.46 -40.70
CA LEU LA 346 77.91 -64.65 -40.22
C LEU LA 346 77.58 -65.90 -41.03
N ALA LA 347 76.61 -65.84 -41.94
CA ALA LA 347 76.26 -67.02 -42.72
C ALA LA 347 77.43 -67.49 -43.57
N SER LA 348 78.18 -66.55 -44.17
CA SER LA 348 79.30 -66.93 -45.03
C SER LA 348 80.37 -65.83 -44.94
N VAL LA 349 81.35 -66.04 -44.06
CA VAL LA 349 82.55 -65.22 -44.06
C VAL LA 349 83.36 -65.48 -45.32
N LYS LA 350 83.39 -66.74 -45.78
CA LYS LA 350 84.10 -67.07 -47.00
C LYS LA 350 83.57 -66.29 -48.20
N GLU LA 351 82.28 -65.98 -48.20
CA GLU LA 351 81.72 -65.18 -49.29
C GLU LA 351 82.25 -63.75 -49.25
N GLN LA 352 82.47 -63.20 -48.05
CA GLN LA 352 83.00 -61.85 -47.91
C GLN LA 352 84.52 -61.80 -47.96
N MET LA 353 85.20 -62.94 -47.97
CA MET LA 353 86.66 -62.95 -47.97
C MET LA 353 87.29 -62.16 -49.11
N PRO LA 354 86.74 -62.14 -50.33
CA PRO LA 354 87.32 -61.27 -51.36
C PRO LA 354 87.39 -59.80 -50.97
N ILE LA 355 86.46 -59.30 -50.16
CA ILE LA 355 86.53 -57.91 -49.74
C ILE LA 355 87.73 -57.69 -48.82
N MET LA 356 87.95 -58.62 -47.87
CA MET LA 356 89.15 -58.55 -47.04
C MET LA 356 90.40 -58.65 -47.91
N VAL LA 357 90.35 -59.51 -48.94
CA VAL LA 357 91.50 -59.65 -49.83
C VAL LA 357 91.79 -58.33 -50.52
N ASN LA 358 90.75 -57.64 -50.97
CA ASN LA 358 90.91 -56.32 -51.57
C ASN LA 358 91.54 -55.34 -50.60
N LYS LA 359 91.00 -55.27 -49.38
CA LYS LA 359 91.50 -54.29 -48.41
C LYS LA 359 92.95 -54.55 -48.07
N ILE LA 360 93.31 -55.82 -47.85
CA ILE LA 360 94.68 -56.16 -47.51
C ILE LA 360 95.60 -55.94 -48.70
N ARG LA 361 95.11 -56.19 -49.92
CA ARG LA 361 95.90 -55.89 -51.12
C ARG LA 361 96.24 -54.41 -51.16
N ARG LA 362 95.26 -53.55 -50.88
CA ARG LA 362 95.54 -52.11 -50.88
C ARG LA 362 96.49 -51.73 -49.75
N LYS LA 363 96.32 -52.33 -48.58
CA LYS LA 363 97.06 -51.87 -47.41
C LYS LA 363 98.52 -52.35 -47.41
N ARG LA 364 98.78 -53.55 -47.92
CA ARG LA 364 100.14 -54.09 -47.87
C ARG LA 364 101.11 -53.25 -48.69
N GLU LA 365 100.67 -52.78 -49.86
CA GLU LA 365 101.54 -52.01 -50.73
C GLU LA 365 102.02 -50.72 -50.10
N GLN LA 366 101.28 -50.18 -49.12
CA GLN LA 366 101.72 -48.96 -48.44
C GLN LA 366 103.05 -49.19 -47.72
N PHE LA 367 103.19 -50.33 -47.06
CA PHE LA 367 104.37 -50.63 -46.26
C PHE LA 367 105.39 -51.50 -46.96
N THR LA 368 105.06 -52.12 -48.09
CA THR LA 368 106.00 -53.06 -48.70
C THR LA 368 107.29 -52.37 -49.16
N ASN LA 369 107.20 -51.12 -49.61
CA ASN LA 369 108.43 -50.40 -50.00
C ASN LA 369 109.31 -50.14 -48.79
N SER LA 370 108.71 -49.76 -47.66
CA SER LA 370 109.49 -49.55 -46.44
C SER LA 370 110.13 -50.85 -45.99
N TRP LA 371 109.40 -51.96 -46.13
CA TRP LA 371 109.96 -53.26 -45.77
C TRP LA 371 111.09 -53.65 -46.70
N GLN LA 372 110.98 -53.30 -47.99
CA GLN LA 372 112.09 -53.50 -48.91
C GLN LA 372 113.31 -52.72 -48.45
N LEU LA 373 113.10 -51.47 -48.06
CA LEU LA 373 114.21 -50.65 -47.57
C LEU LA 373 114.84 -51.27 -46.32
N LEU LA 374 114.00 -51.77 -45.41
CA LEU LA 374 114.52 -52.39 -44.20
C LEU LA 374 115.32 -53.65 -44.52
N ALA LA 375 114.84 -54.47 -45.45
CA ALA LA 375 115.57 -55.67 -45.86
C ALA LA 375 116.92 -55.29 -46.46
N ARG LA 376 116.92 -54.28 -47.33
CA ARG LA 376 118.17 -53.80 -47.91
C ARG LA 376 119.13 -53.32 -46.84
N MET LA 377 118.60 -52.60 -45.85
CA MET LA 377 119.45 -52.03 -44.80
C MET LA 377 120.07 -53.13 -43.93
N VAL LA 378 119.26 -54.10 -43.51
CA VAL LA 378 119.80 -55.17 -42.67
C VAL LA 378 120.81 -56.01 -43.47
N LEU LA 379 120.57 -56.18 -44.77
CA LEU LA 379 121.57 -56.87 -45.58
C LEU LA 379 122.86 -56.07 -45.64
N ILE LA 380 122.77 -54.75 -45.78
CA ILE LA 380 123.96 -53.92 -45.86
C ILE LA 380 124.71 -53.94 -44.53
N MET LA 381 123.98 -53.99 -43.42
CA MET LA 381 124.59 -53.95 -42.09
C MET LA 381 125.11 -55.31 -41.63
N SER LA 382 125.24 -56.29 -42.53
CA SER LA 382 125.80 -57.58 -42.16
C SER LA 382 126.27 -58.33 -43.40
N LYS LA 389 129.19 -57.25 -51.01
CA LYS LA 389 129.47 -58.68 -50.87
C LYS LA 389 128.39 -59.51 -51.54
N TYR LA 390 127.14 -59.24 -51.22
CA TYR LA 390 126.03 -59.97 -51.81
C TYR LA 390 125.83 -59.56 -53.26
N SER LA 391 125.48 -60.53 -54.10
CA SER LA 391 125.32 -60.27 -55.53
C SER LA 391 124.13 -59.34 -55.81
N SER LA 392 123.14 -59.30 -54.92
CA SER LA 392 121.98 -58.43 -55.08
C SER LA 392 121.56 -57.88 -53.74
N TYR LA 393 120.91 -56.72 -53.77
CA TYR LA 393 120.41 -56.06 -52.57
C TYR LA 393 118.97 -55.58 -52.72
N ASP LA 394 118.25 -56.06 -53.75
CA ASP LA 394 116.85 -55.70 -53.97
C ASP LA 394 116.02 -56.91 -53.57
N VAL LA 395 115.26 -56.77 -52.47
CA VAL LA 395 114.54 -57.87 -51.86
C VAL LA 395 113.07 -57.76 -52.23
N THR LA 396 112.53 -58.82 -52.81
CA THR LA 396 111.09 -58.92 -53.06
C THR LA 396 110.39 -59.51 -51.85
N ILE LA 397 109.12 -59.14 -51.67
CA ILE LA 397 108.36 -59.44 -50.47
C ILE LA 397 107.16 -60.30 -50.85
N GLY LA 398 107.06 -61.48 -50.23
CA GLY LA 398 105.83 -62.24 -50.24
C GLY LA 398 104.93 -61.84 -49.09
N TRP LA 399 103.82 -62.55 -48.95
CA TRP LA 399 102.85 -62.21 -47.91
C TRP LA 399 102.09 -63.45 -47.49
N ASP LA 400 101.46 -63.36 -46.32
CA ASP LA 400 100.60 -64.42 -45.84
C ASP LA 400 99.29 -64.44 -46.62
N GLU LA 401 98.66 -65.61 -46.66
CA GLU LA 401 97.40 -65.75 -47.36
C GLU LA 401 96.29 -65.08 -46.54
N VAL LA 402 95.53 -64.19 -47.18
CA VAL LA 402 94.38 -63.59 -46.51
C VAL LA 402 93.31 -64.65 -46.29
N ASN LA 403 93.00 -65.41 -47.33
CA ASN LA 403 92.18 -66.61 -47.25
C ASN LA 403 93.00 -67.76 -47.84
N PRO LA 404 93.30 -68.83 -47.10
CA PRO LA 404 94.27 -69.81 -47.61
C PRO LA 404 93.74 -70.59 -48.80
N ARG LA 405 94.67 -71.07 -49.62
CA ARG LA 405 94.35 -71.98 -50.70
C ARG LA 405 94.34 -73.40 -50.17
N ASP LA 406 93.35 -74.18 -50.63
CA ASP LA 406 93.23 -75.56 -50.18
C ASP LA 406 94.37 -76.38 -50.77
N ASP LA 407 95.12 -77.06 -49.89
CA ASP LA 407 96.26 -77.85 -50.34
C ASP LA 407 95.83 -78.98 -51.26
N LYS LA 408 94.63 -79.53 -51.06
CA LYS LA 408 94.13 -80.56 -51.96
C LYS LA 408 93.97 -80.02 -53.38
N GLU LA 409 93.46 -78.78 -53.51
CA GLU LA 409 93.34 -78.18 -54.83
C GLU LA 409 94.70 -77.97 -55.49
N LEU LA 410 95.68 -77.53 -54.69
CA LEU LA 410 97.02 -77.34 -55.25
C LEU LA 410 97.62 -78.66 -55.71
N ALA LA 411 97.46 -79.72 -54.92
CA ALA LA 411 97.95 -81.03 -55.33
C ALA LA 411 97.22 -81.54 -56.57
N GLU LA 412 95.91 -81.28 -56.66
CA GLU LA 412 95.16 -81.66 -57.86
C GLU LA 412 95.70 -80.94 -59.07
N THR LA 413 95.98 -79.63 -58.95
CA THR LA 413 96.55 -78.89 -60.07
C THR LA 413 97.91 -79.46 -60.46
N LEU LA 414 98.74 -79.78 -59.46
CA LEU LA 414 100.07 -80.33 -59.74
C LEU LA 414 99.98 -81.64 -60.51
N GLU LA 415 99.17 -82.58 -60.00
CA GLU LA 415 99.03 -83.88 -60.66
C GLU LA 415 98.43 -83.72 -62.05
N LYS LA 416 97.45 -82.83 -62.17
CA LYS LA 416 96.78 -82.64 -63.46
C LYS LA 416 97.74 -82.07 -64.49
N VAL LA 417 98.59 -81.13 -64.09
CA VAL LA 417 99.60 -80.61 -65.00
C VAL LA 417 100.59 -81.70 -65.36
N CYS LA 418 101.04 -82.47 -64.37
CA CYS LA 418 102.05 -83.50 -64.63
C CYS LA 418 101.53 -84.55 -65.60
N CYS LA 419 100.29 -85.00 -65.41
CA CYS LA 419 99.70 -85.95 -66.35
C CYS LA 419 99.44 -85.30 -67.70
N ALA LA 420 99.07 -84.01 -67.70
CA ALA LA 420 98.99 -83.29 -68.96
C ALA LA 420 100.35 -83.21 -69.63
N LEU LA 421 101.40 -82.95 -68.85
CA LEU LA 421 102.75 -83.04 -69.37
C LEU LA 421 103.12 -84.51 -69.58
N ASP LA 422 104.29 -84.72 -70.19
CA ASP LA 422 104.74 -86.02 -70.69
C ASP LA 422 103.91 -86.52 -71.87
N LYS LA 423 103.05 -85.68 -72.44
CA LYS LA 423 102.29 -85.98 -73.64
C LYS LA 423 102.37 -84.79 -74.56
N ALA LA 424 102.31 -85.05 -75.87
CA ALA LA 424 102.58 -84.04 -76.88
C ALA LA 424 103.95 -83.39 -76.64
N LEU LA 425 104.98 -84.24 -76.78
CA LEU LA 425 106.35 -83.88 -76.39
C LEU LA 425 107.00 -82.85 -77.30
N GLU LA 426 106.30 -82.33 -78.30
CA GLU LA 426 106.85 -81.26 -79.13
C GLU LA 426 106.92 -79.91 -78.41
N GLY LA 427 106.35 -79.80 -77.20
CA GLY LA 427 106.36 -78.53 -76.50
C GLY LA 427 107.75 -78.04 -76.18
N GLY LA 428 108.60 -78.92 -75.67
CA GLY LA 428 109.98 -78.61 -75.32
C GLY LA 428 110.30 -79.02 -73.89
N PHE LA 429 111.49 -78.62 -73.45
CA PHE LA 429 111.98 -78.95 -72.12
C PHE LA 429 111.60 -77.90 -71.08
N ILE LA 430 111.02 -76.76 -71.49
CA ILE LA 430 110.53 -75.78 -70.54
C ILE LA 430 109.43 -76.31 -69.63
N SER LA 431 108.80 -77.42 -70.01
CA SER LA 431 107.84 -78.06 -69.13
C SER LA 431 108.48 -78.46 -67.80
N GLU LA 432 109.73 -78.92 -67.84
CA GLU LA 432 110.43 -79.26 -66.59
C GLU LA 432 110.63 -78.03 -65.73
N GLU LA 433 111.00 -76.90 -66.35
CA GLU LA 433 111.17 -75.67 -65.59
C GLU LA 433 109.86 -75.23 -64.96
N SER LA 434 108.76 -75.29 -65.71
CA SER LA 434 107.46 -74.94 -65.15
C SER LA 434 107.07 -75.90 -64.04
N THR LA 435 107.39 -77.18 -64.20
CA THR LA 435 107.06 -78.18 -63.19
C THR LA 435 107.79 -77.92 -61.89
N VAL LA 436 109.10 -77.62 -61.96
CA VAL LA 436 109.83 -77.35 -60.72
C VAL LA 436 109.38 -76.03 -60.13
N ASN LA 437 108.99 -75.05 -60.96
CA ASN LA 437 108.42 -73.82 -60.42
C ASN LA 437 107.15 -74.08 -59.64
N PHE LA 438 106.26 -74.91 -60.21
CA PHE LA 438 105.02 -75.25 -59.51
C PHE LA 438 105.29 -76.05 -58.25
N LEU LA 439 106.29 -76.93 -58.30
CA LEU LA 439 106.66 -77.69 -57.11
C LEU LA 439 107.18 -76.76 -56.02
N ALA LA 440 107.99 -75.76 -56.39
CA ALA LA 440 108.45 -74.79 -55.40
C ALA LA 440 107.29 -74.02 -54.80
N GLN LA 441 106.33 -73.60 -55.64
CA GLN LA 441 105.15 -72.91 -55.11
C GLN LA 441 104.38 -73.80 -54.15
N TYR LA 442 104.20 -75.07 -54.50
CA TYR LA 442 103.47 -75.99 -53.63
C TYR LA 442 104.21 -76.20 -52.32
N ILE LA 443 105.53 -76.36 -52.38
CA ILE LA 443 106.31 -76.54 -51.16
C ILE LA 443 106.21 -75.31 -50.27
N ASP LA 444 106.24 -74.12 -50.88
CA ASP LA 444 106.10 -72.89 -50.10
C ASP LA 444 104.73 -72.81 -49.44
N THR LA 445 103.67 -73.14 -50.18
CA THR LA 445 102.32 -73.01 -49.63
C THR LA 445 101.99 -74.10 -48.62
N MET LA 446 102.66 -75.25 -48.69
CA MET LA 446 102.42 -76.33 -47.74
C MET LA 446 103.28 -76.20 -46.49
N SER LA 447 104.53 -75.79 -46.65
CA SER LA 447 105.42 -75.66 -45.49
C SER LA 447 104.93 -74.57 -44.54
N ASN LA 448 104.54 -73.43 -45.10
CA ASN LA 448 104.02 -72.35 -44.27
C ASN LA 448 102.70 -72.78 -43.63
N TYR LA 449 102.54 -72.47 -42.35
CA TYR LA 449 101.32 -72.77 -41.62
C TYR LA 449 100.44 -71.53 -41.62
N ILE LA 450 99.16 -71.73 -41.90
CA ILE LA 450 98.27 -70.61 -42.21
C ILE LA 450 98.02 -69.77 -40.95
N SER LA 451 97.64 -70.42 -39.86
CA SER LA 451 97.24 -69.69 -38.65
C SER LA 451 98.41 -69.31 -37.76
N ASP LA 452 99.65 -69.46 -38.24
CA ASP LA 452 100.83 -68.93 -37.56
C ASP LA 452 101.37 -67.78 -38.39
N ASP LA 453 101.56 -66.63 -37.76
CA ASP LA 453 102.04 -65.45 -38.45
C ASP LA 453 103.45 -65.67 -39.00
N PRO LA 454 103.71 -65.10 -40.17
CA PRO LA 454 105.02 -65.23 -40.77
C PRO LA 454 105.30 -66.63 -41.28
N GLU LA 455 106.59 -66.88 -41.52
CA GLU LA 455 107.09 -68.12 -42.08
C GLU LA 455 108.23 -68.68 -41.23
N ARG LA 456 108.10 -68.60 -39.91
CA ARG LA 456 109.10 -69.19 -39.03
C ARG LA 456 109.17 -70.70 -39.24
N GLU LA 457 108.02 -71.33 -39.46
CA GLU LA 457 107.99 -72.78 -39.62
C GLU LA 457 108.74 -73.21 -40.88
N GLY LA 458 108.68 -72.42 -41.95
CA GLY LA 458 109.41 -72.78 -43.15
C GLY LA 458 110.91 -72.84 -42.92
N GLU LA 459 111.46 -71.79 -42.30
CA GLU LA 459 112.89 -71.76 -42.00
C GLU LA 459 113.25 -72.85 -41.00
N ARG LA 460 112.40 -73.07 -40.00
CA ARG LA 460 112.68 -74.11 -39.01
C ARG LA 460 112.71 -75.50 -39.65
N GLU LA 461 111.75 -75.77 -40.53
CA GLU LA 461 111.72 -77.06 -41.21
C GLU LA 461 112.94 -77.22 -42.12
N LYS LA 462 113.32 -76.14 -42.82
CA LYS LA 462 114.50 -76.20 -43.68
C LYS LA 462 115.75 -76.51 -42.87
N ILE LA 463 115.91 -75.84 -41.72
CA ILE LA 463 117.10 -76.05 -40.90
C ILE LA 463 117.09 -77.45 -40.29
N ILE LA 464 115.93 -77.92 -39.85
CA ILE LA 464 115.84 -79.26 -39.27
C ILE LA 464 116.16 -80.30 -40.32
N LYS LA 465 115.65 -80.13 -41.54
CA LYS LA 465 115.96 -81.07 -42.61
C LYS LA 465 117.45 -81.04 -42.94
N THR LA 466 118.06 -79.86 -42.95
CA THR LA 466 119.49 -79.77 -43.20
C THR LA 466 120.29 -80.48 -42.12
N LYS LA 467 119.90 -80.31 -40.85
CA LYS LA 467 120.58 -80.98 -39.76
C LYS LA 467 120.43 -82.50 -39.88
N MET LA 468 119.20 -82.97 -40.06
CA MET LA 468 118.98 -84.40 -40.24
C MET LA 468 119.63 -84.90 -41.53
N LEU LA 469 119.54 -84.12 -42.60
CA LEU LA 469 120.14 -84.48 -43.87
C LEU LA 469 119.53 -85.77 -44.42
N MET MA 19 68.39 -32.78 -73.79
CA MET MA 19 67.34 -32.00 -74.49
C MET MA 19 67.75 -31.67 -75.93
N ARG MA 20 66.75 -31.34 -76.73
CA ARG MA 20 66.96 -30.96 -78.13
C ARG MA 20 67.11 -29.44 -78.24
N MET MA 21 67.72 -29.02 -79.35
CA MET MA 21 67.87 -27.61 -79.65
C MET MA 21 68.13 -27.45 -81.14
N SER MA 22 67.88 -26.25 -81.64
CA SER MA 22 68.19 -25.95 -83.04
C SER MA 22 69.70 -25.92 -83.24
N SER MA 23 70.13 -26.41 -84.41
CA SER MA 23 71.56 -26.52 -84.68
C SER MA 23 72.24 -25.16 -84.71
N GLY MA 24 71.55 -24.13 -85.18
CA GLY MA 24 72.11 -22.80 -85.32
C GLY MA 24 72.03 -21.94 -84.08
N ASN MA 25 71.74 -22.53 -82.91
CA ASN MA 25 71.62 -21.82 -81.65
C ASN MA 25 72.52 -22.44 -80.59
N ILE MA 26 73.77 -22.69 -80.95
CA ILE MA 26 74.77 -23.33 -80.09
C ILE MA 26 76.00 -22.46 -80.03
N GLY MA 27 76.57 -22.33 -78.84
CA GLY MA 27 77.77 -21.55 -78.66
C GLY MA 27 78.99 -22.26 -79.25
N VAL MA 28 80.12 -21.56 -79.16
CA VAL MA 28 81.37 -22.04 -79.73
C VAL MA 28 82.11 -22.88 -78.69
N TYR MA 29 82.74 -23.96 -79.16
CA TYR MA 29 83.48 -24.84 -78.28
C TYR MA 29 84.64 -24.09 -77.62
N LYS MA 30 84.86 -24.39 -76.35
CA LYS MA 30 86.00 -23.83 -75.60
C LYS MA 30 86.49 -24.91 -74.64
N LEU MA 31 87.80 -25.13 -74.61
CA LEU MA 31 88.38 -26.15 -73.76
C LEU MA 31 88.44 -25.64 -72.33
N ASP MA 32 87.54 -26.15 -71.48
CA ASP MA 32 87.50 -25.74 -70.08
C ASP MA 32 88.73 -26.24 -69.34
N ASP MA 33 89.27 -25.41 -68.46
CA ASP MA 33 90.46 -25.71 -67.69
C ASP MA 33 90.22 -25.70 -66.18
N SER MA 34 88.96 -25.72 -65.74
CA SER MA 34 88.68 -25.71 -64.31
C SER MA 34 89.23 -26.97 -63.67
N ARG MA 35 89.86 -26.80 -62.51
CA ARG MA 35 90.52 -27.87 -61.79
C ARG MA 35 89.61 -28.38 -60.68
N VAL MA 36 89.96 -29.55 -60.15
CA VAL MA 36 89.27 -30.08 -58.97
C VAL MA 36 89.81 -29.39 -57.74
N ASP MA 37 88.93 -29.11 -56.78
CA ASP MA 37 89.36 -28.47 -55.55
C ASP MA 37 90.15 -29.49 -54.74
N TYR MA 38 91.46 -29.55 -54.99
CA TYR MA 38 92.26 -30.67 -54.52
C TYR MA 38 92.29 -30.75 -53.00
N GLU MA 39 92.38 -29.59 -52.33
CA GLU MA 39 92.31 -29.59 -50.88
C GLU MA 39 90.97 -30.14 -50.40
N LEU MA 40 89.88 -29.76 -51.08
CA LEU MA 40 88.56 -30.28 -50.69
C LEU MA 40 88.47 -31.77 -50.96
N ALA MA 41 89.04 -32.23 -52.07
CA ALA MA 41 89.01 -33.66 -52.37
C ALA MA 41 89.75 -34.46 -51.32
N ARG MA 42 90.94 -33.99 -50.93
CA ARG MA 42 91.70 -34.69 -49.90
C ARG MA 42 91.01 -34.61 -48.54
N GLU MA 43 90.31 -33.50 -48.27
CA GLU MA 43 89.55 -33.40 -47.03
C GLU MA 43 88.41 -34.40 -47.01
N LEU MA 44 87.64 -34.49 -48.10
CA LEU MA 44 86.52 -35.42 -48.15
C LEU MA 44 87.01 -36.86 -48.07
N TYR MA 45 88.13 -37.17 -48.72
CA TYR MA 45 88.66 -38.53 -48.62
C TYR MA 45 89.09 -38.86 -47.19
N GLN MA 46 89.42 -37.84 -46.40
CA GLN MA 46 89.79 -38.02 -45.00
C GLN MA 46 88.71 -37.55 -44.03
N ASN MA 47 87.52 -37.22 -44.52
CA ASN MA 47 86.38 -36.90 -43.65
C ASN MA 47 86.65 -35.67 -42.80
N LYS MA 48 87.49 -34.76 -43.29
CA LYS MA 48 87.94 -33.63 -42.49
C LYS MA 48 87.10 -32.37 -42.69
N ASN MA 49 86.50 -32.19 -43.86
CA ASN MA 49 85.71 -30.99 -44.11
C ASN MA 49 84.53 -30.92 -43.16
N ALA MA 50 84.31 -29.73 -42.59
CA ALA MA 50 83.27 -29.57 -41.58
C ALA MA 50 81.87 -29.67 -42.18
N ASN MA 51 81.71 -29.33 -43.45
CA ASN MA 51 80.40 -29.34 -44.10
C ASN MA 51 80.04 -30.68 -44.71
N TYR MA 52 80.90 -31.69 -44.58
CA TYR MA 52 80.63 -33.02 -45.12
C TYR MA 52 81.02 -34.12 -44.14
N LYS MA 53 81.05 -33.83 -42.84
CA LYS MA 53 81.59 -34.80 -41.88
C LYS MA 53 80.76 -36.07 -41.86
N LEU MA 54 79.45 -35.93 -41.71
CA LEU MA 54 78.56 -37.10 -41.76
C LEU MA 54 78.38 -37.58 -43.20
N GLY MA 55 78.27 -36.65 -44.15
CA GLY MA 55 78.00 -37.04 -45.52
C GLY MA 55 79.15 -37.77 -46.18
N SER MA 56 80.39 -37.33 -45.94
CA SER MA 56 81.55 -37.83 -46.68
C SER MA 56 82.00 -39.22 -46.24
N SER MA 57 81.20 -39.94 -45.44
CA SER MA 57 81.57 -41.30 -45.07
C SER MA 57 81.72 -42.20 -46.29
N PHE MA 58 80.89 -42.01 -47.31
CA PHE MA 58 80.86 -42.89 -48.47
C PHE MA 58 82.04 -42.69 -49.41
N VAL MA 59 82.81 -41.61 -49.27
CA VAL MA 59 83.87 -41.31 -50.22
C VAL MA 59 84.98 -42.35 -50.13
N ARG MA 60 85.41 -42.66 -48.90
CA ARG MA 60 86.49 -43.63 -48.72
C ARG MA 60 86.19 -44.99 -49.32
N PRO MA 61 85.07 -45.66 -49.00
CA PRO MA 61 84.86 -47.00 -49.56
C PRO MA 61 84.79 -47.03 -51.08
N ILE MA 62 84.19 -46.02 -51.71
CA ILE MA 62 84.07 -46.03 -53.17
C ILE MA 62 85.46 -46.02 -53.81
N VAL MA 63 86.25 -45.00 -53.48
CA VAL MA 63 87.57 -44.85 -54.08
C VAL MA 63 88.47 -46.03 -53.71
N ASN MA 64 88.41 -46.45 -52.45
CA ASN MA 64 89.29 -47.53 -52.00
C ASN MA 64 88.96 -48.84 -52.70
N SER MA 65 87.68 -49.18 -52.80
CA SER MA 65 87.29 -50.40 -53.50
C SER MA 65 87.68 -50.32 -54.97
N THR MA 66 87.40 -49.19 -55.62
CA THR MA 66 87.68 -49.08 -57.05
C THR MA 66 89.17 -49.18 -57.32
N THR MA 67 90.00 -48.51 -56.52
CA THR MA 67 91.43 -48.52 -56.77
C THR MA 67 92.06 -49.85 -56.34
N GLY MA 68 91.53 -50.49 -55.30
CA GLY MA 68 92.06 -51.77 -54.89
C GLY MA 68 91.74 -52.88 -55.87
N PHE MA 69 90.53 -52.87 -56.43
CA PHE MA 69 90.17 -53.93 -57.38
C PHE MA 69 91.01 -53.84 -58.64
N MET MA 70 91.14 -52.65 -59.22
CA MET MA 70 92.05 -52.49 -60.35
C MET MA 70 93.47 -52.61 -59.82
N GLY MA 71 94.24 -53.53 -60.39
CA GLY MA 71 95.57 -53.79 -59.88
C GLY MA 71 96.56 -52.75 -60.36
N VAL MA 72 97.73 -53.21 -60.80
CA VAL MA 72 98.75 -52.34 -61.40
C VAL MA 72 99.04 -52.92 -62.77
N PRO MA 73 99.50 -52.13 -63.74
CA PRO MA 73 99.75 -52.67 -65.08
C PRO MA 73 100.83 -53.73 -65.06
N HIS MA 74 100.62 -54.76 -65.87
CA HIS MA 74 101.59 -55.84 -66.05
C HIS MA 74 102.26 -55.59 -67.40
N PHE MA 75 103.30 -54.76 -67.38
CA PHE MA 75 103.96 -54.34 -68.61
C PHE MA 75 104.58 -55.54 -69.31
N GLN MA 76 104.12 -55.79 -70.54
CA GLN MA 76 104.58 -56.92 -71.35
C GLN MA 76 105.14 -56.41 -72.67
N ILE MA 77 106.25 -57.00 -73.10
CA ILE MA 77 106.89 -56.64 -74.36
C ILE MA 77 107.74 -57.82 -74.80
N GLU MA 78 107.80 -58.02 -76.12
CA GLU MA 78 108.53 -59.17 -76.66
C GLU MA 78 110.03 -59.08 -76.39
N ASP MA 79 110.61 -57.89 -76.38
CA ASP MA 79 112.05 -57.74 -76.20
C ASP MA 79 112.45 -58.20 -74.80
N GLU MA 80 113.52 -58.99 -74.72
CA GLU MA 80 113.97 -59.52 -73.44
C GLU MA 80 114.48 -58.40 -72.53
N GLU MA 81 115.36 -57.54 -73.06
CA GLU MA 81 115.99 -56.52 -72.22
C GLU MA 81 114.97 -55.46 -71.80
N ALA MA 82 114.07 -55.09 -72.71
CA ALA MA 82 113.02 -54.15 -72.35
C ALA MA 82 112.14 -54.73 -71.26
N GLN MA 83 111.80 -56.02 -71.36
CA GLN MA 83 110.99 -56.67 -70.34
C GLN MA 83 111.73 -56.69 -68.99
N TYR MA 84 113.04 -56.95 -69.03
CA TYR MA 84 113.81 -56.97 -67.78
C TYR MA 84 113.84 -55.59 -67.13
N ILE MA 85 114.04 -54.54 -67.94
CA ILE MA 85 114.01 -53.19 -67.40
C ILE MA 85 112.63 -52.88 -66.83
N LEU MA 86 111.58 -53.31 -67.54
CA LEU MA 86 110.23 -53.03 -67.09
C LEU MA 86 109.92 -53.72 -65.76
N ASP MA 87 110.34 -54.99 -65.61
CA ASP MA 87 110.01 -55.68 -64.37
C ASP MA 87 110.88 -55.19 -63.22
N GLU MA 88 112.11 -54.76 -63.50
CA GLU MA 88 112.90 -54.08 -62.48
C GLU MA 88 112.17 -52.82 -61.99
N PHE MA 89 111.68 -52.01 -62.93
CA PHE MA 89 110.96 -50.80 -62.57
C PHE MA 89 109.69 -51.11 -61.79
N VAL MA 90 108.99 -52.18 -62.19
CA VAL MA 90 107.77 -52.58 -61.49
C VAL MA 90 108.10 -52.99 -60.05
N LEU MA 91 109.14 -53.81 -59.89
CA LEU MA 91 109.60 -54.19 -58.55
C LEU MA 91 109.95 -52.96 -57.72
N ASP MA 92 110.47 -51.92 -58.38
CA ASP MA 92 110.78 -50.70 -57.66
C ASP MA 92 109.53 -49.96 -57.21
N ASN MA 93 108.54 -49.80 -58.11
CA ASN MA 93 107.51 -48.77 -57.93
C ASN MA 93 106.08 -49.31 -58.06
N THR MA 94 105.84 -50.58 -57.74
CA THR MA 94 104.46 -51.08 -57.78
C THR MA 94 103.57 -50.35 -56.78
N SER MA 95 104.07 -50.13 -55.56
CA SER MA 95 103.30 -49.41 -54.56
C SER MA 95 102.97 -48.01 -55.04
N LYS MA 96 103.95 -47.34 -55.64
CA LYS MA 96 103.72 -45.99 -56.12
C LYS MA 96 102.76 -45.96 -57.31
N MET MA 97 102.75 -47.03 -58.12
CA MET MA 97 101.77 -47.10 -59.20
C MET MA 97 100.36 -47.25 -58.64
N LEU MA 98 100.19 -48.09 -57.63
CA LEU MA 98 98.87 -48.20 -56.99
C LEU MA 98 98.47 -46.88 -56.36
N LYS MA 99 99.42 -46.20 -55.73
CA LYS MA 99 99.15 -44.87 -55.18
C LYS MA 99 98.77 -43.89 -56.28
N THR MA 100 99.36 -44.04 -57.47
CA THR MA 100 99.01 -43.18 -58.60
C THR MA 100 97.56 -43.42 -59.01
N HIS MA 101 97.15 -44.68 -59.08
CA HIS MA 101 95.74 -44.99 -59.34
C HIS MA 101 94.84 -44.33 -58.30
N THR MA 102 95.20 -44.47 -57.02
CA THR MA 102 94.36 -43.91 -55.97
C THR MA 102 94.30 -42.39 -56.04
N ASP MA 103 95.44 -41.75 -56.33
CA ASP MA 103 95.47 -40.29 -56.46
C ASP MA 103 94.62 -39.83 -57.63
N SER MA 104 94.72 -40.51 -58.77
CA SER MA 104 93.90 -40.15 -59.91
C SER MA 104 92.42 -40.30 -59.59
N LEU MA 105 92.05 -41.38 -58.90
CA LEU MA 105 90.65 -41.56 -58.53
C LEU MA 105 90.20 -40.48 -57.55
N LYS MA 106 91.05 -40.11 -56.60
CA LYS MA 106 90.64 -39.19 -55.54
C LYS MA 106 90.62 -37.75 -56.03
N GLN MA 107 91.78 -37.22 -56.41
CA GLN MA 107 91.90 -35.82 -56.79
C GLN MA 107 91.42 -35.56 -58.22
N GLY MA 108 91.32 -36.59 -59.05
CA GLY MA 108 90.96 -36.44 -60.43
C GLY MA 108 92.12 -36.23 -61.38
N ASP MA 109 93.29 -35.86 -60.86
CA ASP MA 109 94.46 -35.63 -61.70
C ASP MA 109 95.71 -35.72 -60.85
N CYS MA 110 96.57 -36.68 -61.15
CA CYS MA 110 97.86 -36.86 -60.50
C CYS MA 110 98.95 -36.79 -61.56
N TYR MA 111 100.05 -36.11 -61.22
CA TYR MA 111 101.13 -35.85 -62.16
C TYR MA 111 102.37 -36.62 -61.72
N ILE MA 112 102.93 -37.38 -62.65
CA ILE MA 112 104.03 -38.30 -62.37
C ILE MA 112 105.24 -37.85 -63.16
N TRP MA 113 106.41 -37.89 -62.50
CA TRP MA 113 107.66 -37.39 -63.06
C TRP MA 113 108.76 -38.40 -62.78
N ILE MA 114 109.47 -38.80 -63.83
CA ILE MA 114 110.58 -39.75 -63.74
C ILE MA 114 111.87 -38.98 -63.91
N THR MA 115 112.81 -39.18 -62.98
CA THR MA 115 114.12 -38.54 -63.02
C THR MA 115 115.20 -39.61 -62.89
N ARG MA 116 116.26 -39.47 -63.68
CA ARG MA 116 117.40 -40.38 -63.65
C ARG MA 116 118.42 -39.84 -62.65
N GLU MA 117 118.80 -40.67 -61.69
CA GLU MA 117 119.74 -40.30 -60.63
C GLU MA 117 120.97 -41.18 -60.74
N GLU MA 118 122.15 -40.56 -60.86
CA GLU MA 118 123.43 -41.24 -60.82
C GLU MA 118 124.16 -41.04 -59.51
N ARG MA 119 123.51 -40.47 -58.50
CA ARG MA 119 124.17 -40.23 -57.22
C ARG MA 119 124.57 -41.55 -56.58
N GLU MA 120 125.79 -41.58 -56.04
CA GLU MA 120 126.32 -42.76 -55.36
C GLU MA 120 126.19 -42.56 -53.85
N ASN MA 121 125.47 -43.46 -53.21
CA ASN MA 121 125.34 -43.50 -51.76
C ASN MA 121 125.59 -44.92 -51.30
N PRO MA 122 126.01 -45.12 -50.04
CA PRO MA 122 126.27 -46.50 -49.59
C PRO MA 122 125.03 -47.37 -49.57
N LEU MA 123 123.85 -46.79 -49.44
CA LEU MA 123 122.64 -47.58 -49.28
C LEU MA 123 122.30 -48.39 -50.53
N TYR MA 124 122.86 -48.02 -51.69
CA TYR MA 124 122.68 -48.77 -52.94
C TYR MA 124 124.05 -49.02 -53.55
N PRO MA 125 124.82 -49.98 -52.98
CA PRO MA 125 126.16 -50.23 -53.53
C PRO MA 125 126.14 -50.71 -54.97
N ASP MA 126 125.15 -51.51 -55.36
CA ASP MA 126 125.10 -52.08 -56.71
C ASP MA 126 124.33 -51.22 -57.69
N LYS MA 127 123.27 -50.54 -57.24
CA LYS MA 127 122.38 -49.80 -58.13
C LYS MA 127 122.97 -48.40 -58.33
N LYS MA 128 123.91 -48.30 -59.27
CA LYS MA 128 124.55 -47.02 -59.55
C LYS MA 128 123.56 -46.03 -60.14
N VAL MA 129 122.69 -46.49 -61.03
CA VAL MA 129 121.72 -45.64 -61.73
C VAL MA 129 120.33 -46.04 -61.28
N ARG MA 130 119.53 -45.06 -60.86
CA ARG MA 130 118.17 -45.27 -60.40
C ARG MA 130 117.24 -44.30 -61.08
N LEU MA 131 116.08 -44.79 -61.52
CA LEU MA 131 115.02 -43.97 -62.09
C LEU MA 131 114.02 -43.67 -60.98
N ILE MA 132 114.09 -42.46 -60.44
CA ILE MA 132 113.25 -42.08 -59.31
C ILE MA 132 111.83 -41.83 -59.81
N TYR MA 133 110.88 -42.56 -59.23
CA TYR MA 133 109.47 -42.40 -59.55
C TYR MA 133 108.90 -41.33 -58.63
N ASN MA 134 108.91 -40.09 -59.08
CA ASN MA 134 108.60 -38.93 -58.25
C ASN MA 134 107.18 -38.45 -58.54
N PHE MA 135 106.42 -38.25 -57.48
CA PHE MA 135 105.10 -37.65 -57.60
C PHE MA 135 105.20 -36.13 -57.69
N ILE MA 136 104.19 -35.53 -58.32
CA ILE MA 136 103.98 -34.09 -58.28
C ILE MA 136 102.55 -33.86 -57.82
N SER MA 137 102.39 -33.11 -56.73
CA SER MA 137 101.06 -32.77 -56.28
C SER MA 137 100.38 -31.87 -57.32
N PRO MA 138 99.07 -32.04 -57.57
CA PRO MA 138 98.45 -31.24 -58.64
C PRO MA 138 98.39 -29.75 -58.34
N GLU MA 139 98.56 -29.36 -57.06
CA GLU MA 139 98.64 -27.93 -56.76
C GLU MA 139 99.99 -27.34 -57.17
N GLU MA 140 101.04 -28.17 -57.21
CA GLU MA 140 102.34 -27.67 -57.61
C GLU MA 140 102.34 -27.17 -59.04
N VAL MA 141 101.74 -27.93 -59.96
CA VAL MA 141 101.68 -27.55 -61.36
C VAL MA 141 100.67 -26.42 -61.49
N LYS MA 142 101.17 -25.20 -61.67
CA LYS MA 142 100.29 -24.05 -61.80
C LYS MA 142 99.64 -23.99 -63.17
N GLU MA 143 100.27 -24.56 -64.19
CA GLU MA 143 99.75 -24.54 -65.54
C GLU MA 143 100.59 -25.47 -66.40
N ILE MA 144 99.98 -26.01 -67.45
CA ILE MA 144 100.66 -26.82 -68.44
C ILE MA 144 100.42 -26.18 -69.81
N ILE MA 145 101.51 -25.98 -70.56
CA ILE MA 145 101.43 -25.39 -71.89
C ILE MA 145 101.20 -26.50 -72.89
N LEU MA 146 100.15 -26.36 -73.71
CA LEU MA 146 99.75 -27.36 -74.68
C LEU MA 146 99.96 -26.84 -76.10
N ASP MA 147 100.42 -27.71 -76.98
CA ASP MA 147 100.46 -27.39 -78.40
C ASP MA 147 99.02 -27.24 -78.90
N PRO MA 148 98.61 -26.08 -79.44
CA PRO MA 148 97.18 -25.91 -79.74
C PRO MA 148 96.62 -26.89 -80.77
N THR MA 149 97.41 -27.26 -81.78
CA THR MA 149 96.87 -28.12 -82.84
C THR MA 149 96.76 -29.56 -82.38
N THR MA 150 97.73 -30.04 -81.60
CA THR MA 150 97.74 -31.41 -81.12
C THR MA 150 97.26 -31.56 -79.68
N LYS MA 151 97.21 -30.47 -78.92
CA LYS MA 151 96.87 -30.49 -77.49
C LYS MA 151 97.85 -31.31 -76.67
N GLU MA 152 99.06 -31.54 -77.19
CA GLU MA 152 100.09 -32.24 -76.45
C GLU MA 152 100.77 -31.26 -75.49
N PRO MA 153 101.00 -31.64 -74.23
CA PRO MA 153 101.66 -30.69 -73.31
C PRO MA 153 103.10 -30.47 -73.70
N ILE MA 154 103.45 -29.20 -73.94
CA ILE MA 154 104.80 -28.82 -74.34
C ILE MA 154 105.61 -28.22 -73.21
N ALA MA 155 104.98 -27.83 -72.10
CA ALA MA 155 105.72 -27.35 -70.94
C ALA MA 155 104.82 -27.39 -69.72
N TYR MA 156 105.46 -27.46 -68.55
CA TYR MA 156 104.77 -27.53 -67.27
C TYR MA 156 105.24 -26.39 -66.38
N ILE MA 157 104.30 -25.76 -65.68
CA ILE MA 157 104.56 -24.63 -64.81
C ILE MA 157 104.42 -25.13 -63.38
N LEU MA 158 105.55 -25.49 -62.76
CA LEU MA 158 105.57 -26.00 -61.39
C LEU MA 158 105.92 -24.86 -60.43
N GLU MA 159 105.14 -24.74 -59.35
CA GLU MA 159 105.35 -23.71 -58.36
C GLU MA 159 105.05 -24.28 -56.99
N SER MA 160 106.00 -24.17 -56.07
CA SER MA 160 105.88 -24.82 -54.77
C SER MA 160 106.72 -24.07 -53.74
N GLN MA 161 106.16 -23.91 -52.54
CA GLN MA 161 106.87 -23.35 -51.41
C GLN MA 161 107.49 -24.48 -50.60
N ASN MA 162 108.82 -24.44 -50.46
CA ASN MA 162 109.57 -25.44 -49.71
C ASN MA 162 110.03 -24.79 -48.41
N GLU MA 163 109.25 -24.99 -47.34
CA GLU MA 163 109.63 -24.58 -45.99
C GLU MA 163 110.31 -25.74 -45.30
N TRP MA 164 111.53 -25.52 -44.83
CA TRP MA 164 112.35 -26.58 -44.26
C TRP MA 164 113.33 -25.97 -43.27
N THR MA 165 113.87 -26.81 -42.39
CA THR MA 165 114.83 -26.38 -41.38
C THR MA 165 116.21 -26.90 -41.74
N ASP MA 166 117.22 -26.05 -41.52
CA ASP MA 166 118.61 -26.47 -41.66
C ASP MA 166 118.89 -27.66 -40.75
N LEU MA 167 119.94 -28.43 -41.08
CA LEU MA 167 120.36 -29.52 -40.23
C LEU MA 167 120.73 -29.05 -38.83
N GLY MA 168 121.06 -27.77 -38.66
CA GLY MA 168 121.10 -27.15 -37.35
C GLY MA 168 119.70 -26.82 -36.89
N GLU MA 169 119.52 -25.65 -36.28
CA GLU MA 169 118.23 -25.20 -35.74
C GLU MA 169 117.80 -23.91 -36.40
N ASN MA 170 117.96 -23.82 -37.73
CA ASN MA 170 117.66 -22.62 -38.50
C ASN MA 170 116.55 -22.93 -39.50
N LYS MA 171 115.57 -22.04 -39.58
CA LYS MA 171 114.45 -22.22 -40.49
C LYS MA 171 114.80 -21.70 -41.87
N ARG MA 172 114.32 -22.40 -42.90
CA ARG MA 172 114.56 -22.03 -44.29
C ARG MA 172 113.23 -22.03 -45.03
N LYS MA 173 112.95 -20.91 -45.71
CA LYS MA 173 111.73 -20.74 -46.51
C LYS MA 173 112.16 -20.37 -47.92
N ALA MA 174 111.72 -21.16 -48.90
CA ALA MA 174 112.20 -21.01 -50.27
C ALA MA 174 111.05 -21.32 -51.23
N LYS MA 175 110.54 -20.30 -51.90
CA LYS MA 175 109.51 -20.46 -52.92
C LYS MA 175 110.20 -20.74 -54.25
N VAL MA 176 110.15 -21.99 -54.68
CA VAL MA 176 110.77 -22.42 -55.94
C VAL MA 176 109.70 -22.59 -57.00
N LYS MA 177 109.96 -22.01 -58.17
CA LYS MA 177 109.15 -22.22 -59.36
C LYS MA 177 110.07 -22.65 -60.48
N GLN MA 178 109.64 -23.66 -61.24
CA GLN MA 178 110.47 -24.21 -62.32
C GLN MA 178 109.60 -24.58 -63.51
N ILE MA 179 110.14 -24.36 -64.70
CA ILE MA 179 109.49 -24.69 -65.96
C ILE MA 179 110.24 -25.85 -66.58
N ILE MA 180 109.52 -26.94 -66.85
CA ILE MA 180 110.07 -28.11 -67.51
C ILE MA 180 109.63 -28.08 -68.96
N THR MA 181 110.59 -28.28 -69.88
CA THR MA 181 110.33 -28.36 -71.30
C THR MA 181 111.08 -29.55 -71.87
N ALA MA 182 110.65 -29.98 -73.06
CA ALA MA 182 111.26 -31.13 -73.70
C ALA MA 182 112.74 -30.89 -73.98
N GLU MA 183 113.11 -29.65 -74.30
CA GLU MA 183 114.50 -29.33 -74.63
C GLU MA 183 115.34 -29.05 -73.38
N SER MA 184 114.75 -28.40 -72.37
CA SER MA 184 115.53 -27.99 -71.20
C SER MA 184 114.59 -27.81 -70.02
N ARG MA 185 115.22 -27.71 -68.84
CA ARG MA 185 114.53 -27.47 -67.58
C ARG MA 185 115.00 -26.12 -67.03
N PHE MA 186 114.05 -25.27 -66.65
CA PHE MA 186 114.34 -23.96 -66.07
C PHE MA 186 113.83 -23.93 -64.64
N VAL MA 187 114.70 -23.50 -63.71
CA VAL MA 187 114.41 -23.49 -62.28
C VAL MA 187 114.96 -22.21 -61.67
N GLU MA 188 114.17 -21.59 -60.80
CA GLU MA 188 114.59 -20.44 -60.02
C GLU MA 188 113.93 -20.53 -58.65
N VAL MA 189 114.57 -19.93 -57.65
CA VAL MA 189 114.11 -19.97 -56.27
C VAL MA 189 114.10 -18.56 -55.72
N GLU MA 190 113.10 -18.26 -54.90
CA GLU MA 190 112.93 -16.96 -54.25
C GLU MA 190 112.93 -17.19 -52.75
N GLY MA 191 114.11 -17.20 -52.17
CA GLY MA 191 114.25 -17.40 -50.73
C GLY MA 191 115.61 -17.99 -50.41
N ASP MA 192 115.64 -18.79 -49.34
CA ASP MA 192 116.89 -19.36 -48.85
C ASP MA 192 117.45 -20.35 -49.86
N LYS MA 193 118.77 -20.46 -49.86
CA LYS MA 193 119.47 -21.33 -50.80
C LYS MA 193 119.17 -22.79 -50.50
N ILE MA 194 118.98 -23.57 -51.56
CA ILE MA 194 118.89 -25.03 -51.49
C ILE MA 194 120.01 -25.58 -52.37
N GLU MA 195 120.86 -26.43 -51.77
CA GLU MA 195 122.00 -26.96 -52.51
C GLU MA 195 121.55 -27.85 -53.66
N GLY MA 196 120.48 -28.62 -53.46
CA GLY MA 196 120.05 -29.60 -54.45
C GLY MA 196 119.64 -29.00 -55.79
N LEU MA 197 119.13 -27.77 -55.79
CA LEU MA 197 118.59 -27.14 -56.99
C LEU MA 197 119.59 -26.14 -57.54
N GLU MA 198 119.90 -26.28 -58.85
CA GLU MA 198 120.84 -25.41 -59.54
C GLU MA 198 120.03 -24.41 -60.36
N GLU MA 199 120.03 -23.14 -59.93
CA GLU MA 199 119.16 -22.14 -60.54
C GLU MA 199 119.50 -21.94 -62.01
N GLY MA 200 118.51 -21.45 -62.76
CA GLY MA 200 118.66 -21.20 -64.18
C GLY MA 200 118.40 -22.44 -65.01
N GLU MA 201 118.50 -22.24 -66.32
CA GLU MA 201 118.24 -23.32 -67.27
C GLU MA 201 119.31 -24.40 -67.15
N THR MA 202 118.87 -25.65 -67.32
CA THR MA 202 119.76 -26.81 -67.39
C THR MA 202 119.24 -27.69 -68.53
N PRO MA 203 120.10 -28.25 -69.37
CA PRO MA 203 119.61 -28.94 -70.56
C PRO MA 203 118.91 -30.25 -70.21
N ASN MA 204 118.00 -30.65 -71.09
CA ASN MA 204 117.30 -31.92 -70.97
C ASN MA 204 118.06 -32.98 -71.74
N VAL MA 205 118.45 -34.06 -71.05
CA VAL MA 205 119.24 -35.11 -71.70
C VAL MA 205 118.47 -35.78 -72.83
N TRP MA 206 117.14 -35.77 -72.77
CA TRP MA 206 116.29 -36.29 -73.82
C TRP MA 206 115.34 -35.18 -74.28
N GLY MA 207 114.86 -35.29 -75.52
CA GLY MA 207 114.01 -34.26 -76.09
C GLY MA 207 112.53 -34.53 -75.90
N PHE MA 208 112.14 -34.99 -74.71
CA PHE MA 208 110.74 -35.12 -74.34
C PHE MA 208 110.58 -34.71 -72.89
N ILE MA 209 109.37 -34.28 -72.55
CA ILE MA 209 109.10 -33.82 -71.19
C ILE MA 209 109.03 -35.04 -70.27
N PRO MA 210 109.80 -35.11 -69.17
CA PRO MA 210 109.81 -36.32 -68.35
C PRO MA 210 108.60 -36.49 -67.44
N ILE MA 211 107.58 -35.66 -67.55
CA ILE MA 211 106.36 -35.74 -66.74
C ILE MA 211 105.29 -36.47 -67.54
N ILE MA 212 104.49 -37.27 -66.84
CA ILE MA 212 103.36 -37.99 -67.41
C ILE MA 212 102.11 -37.57 -66.66
N HIS MA 213 101.07 -37.20 -67.38
CA HIS MA 213 99.81 -36.73 -66.81
C HIS MA 213 98.84 -37.91 -66.74
N PHE MA 214 98.41 -38.24 -65.53
CA PHE MA 214 97.38 -39.25 -65.31
C PHE MA 214 96.05 -38.54 -65.11
N LYS MA 215 95.16 -38.68 -66.09
CA LYS MA 215 93.91 -37.94 -66.16
C LYS MA 215 92.77 -38.90 -65.87
N ASN MA 216 92.13 -38.72 -64.71
CA ASN MA 216 90.99 -39.55 -64.34
C ASN MA 216 89.73 -39.07 -65.02
N GLU MA 217 89.02 -40.01 -65.65
CA GLU MA 217 87.79 -39.71 -66.38
C GLU MA 217 88.02 -38.59 -67.38
N ALA MA 218 89.07 -38.76 -68.20
CA ALA MA 218 89.44 -37.74 -69.16
C ALA MA 218 88.29 -37.47 -70.12
N ASP MA 219 88.13 -36.20 -70.48
CA ASP MA 219 87.05 -35.78 -71.37
C ASP MA 219 87.64 -34.93 -72.49
N GLU MA 220 87.06 -35.10 -73.68
CA GLU MA 220 87.52 -34.35 -74.84
C GLU MA 220 87.30 -32.85 -74.70
N THR MA 221 86.43 -32.41 -73.78
CA THR MA 221 86.12 -31.01 -73.58
C THR MA 221 86.73 -30.41 -72.32
N LEU MA 222 87.55 -31.17 -71.59
CA LEU MA 222 88.19 -30.69 -70.37
C LEU MA 222 89.70 -30.82 -70.49
N LYS MA 223 90.41 -29.77 -70.04
CA LYS MA 223 91.87 -29.82 -70.05
C LYS MA 223 92.39 -30.85 -69.05
N TYR MA 224 91.84 -30.84 -67.84
CA TYR MA 224 92.29 -31.70 -66.75
C TYR MA 224 91.32 -32.86 -66.57
N GLY MA 225 91.67 -33.73 -65.61
CA GLY MA 225 90.78 -34.79 -65.21
C GLY MA 225 89.73 -34.29 -64.25
N GLN MA 226 89.11 -35.25 -63.56
CA GLN MA 226 88.02 -34.93 -62.64
C GLN MA 226 87.82 -36.07 -61.66
N SER MA 227 87.61 -35.71 -60.40
CA SER MA 227 87.51 -36.67 -59.31
C SER MA 227 86.21 -37.44 -59.38
N ASP MA 228 86.24 -38.68 -58.89
CA ASP MA 228 85.02 -39.46 -58.72
C ASP MA 228 84.14 -38.93 -57.60
N ILE MA 229 84.65 -38.01 -56.78
CA ILE MA 229 83.81 -37.37 -55.76
C ILE MA 229 82.88 -36.33 -56.36
N GLU MA 230 83.22 -35.78 -57.53
CA GLU MA 230 82.41 -34.71 -58.12
C GLU MA 230 80.98 -35.13 -58.42
N PRO MA 231 80.72 -36.28 -59.06
CA PRO MA 231 79.33 -36.68 -59.26
C PRO MA 231 78.54 -36.85 -57.97
N ILE MA 232 79.17 -37.35 -56.90
CA ILE MA 232 78.45 -37.69 -55.68
C ILE MA 232 78.41 -36.58 -54.66
N GLU MA 233 79.29 -35.58 -54.76
CA GLU MA 233 79.40 -34.59 -53.69
C GLU MA 233 78.13 -33.79 -53.41
N PRO MA 234 77.25 -33.45 -54.38
CA PRO MA 234 75.99 -32.82 -53.95
C PRO MA 234 75.13 -33.77 -53.14
N LEU MA 235 75.12 -35.06 -53.50
CA LEU MA 235 74.41 -36.03 -52.68
C LEU MA 235 75.06 -36.15 -51.30
N LEU MA 236 76.39 -36.04 -51.24
CA LEU MA 236 77.07 -36.03 -49.94
C LEU MA 236 76.62 -34.84 -49.12
N LYS MA 237 76.49 -33.66 -49.75
CA LYS MA 237 76.05 -32.48 -49.02
C LYS MA 237 74.63 -32.66 -48.50
N ALA MA 238 73.74 -33.18 -49.34
CA ALA MA 238 72.36 -33.40 -48.90
C ALA MA 238 72.30 -34.43 -47.78
N TYR MA 239 73.08 -35.51 -47.90
CA TYR MA 239 73.13 -36.52 -46.88
C TYR MA 239 73.64 -35.96 -45.56
N HIS MA 240 74.68 -35.12 -45.63
CA HIS MA 240 75.20 -34.48 -44.43
C HIS MA 240 74.16 -33.58 -43.79
N ASP MA 241 73.46 -32.79 -44.61
CA ASP MA 241 72.45 -31.88 -44.07
C ASP MA 241 71.33 -32.66 -43.39
N VAL MA 242 70.85 -33.73 -44.04
CA VAL MA 242 69.77 -34.52 -43.48
C VAL MA 242 70.21 -35.18 -42.18
N MET MA 243 71.41 -35.76 -42.18
CA MET MA 243 71.88 -36.43 -40.97
C MET MA 243 72.09 -35.46 -39.83
N LEU MA 244 72.67 -34.29 -40.12
CA LEU MA 244 72.92 -33.33 -39.05
C LEU MA 244 71.61 -32.77 -38.49
N HIS MA 245 70.66 -32.46 -39.38
CA HIS MA 245 69.36 -32.00 -38.92
C HIS MA 245 68.67 -33.07 -38.09
N ALA MA 246 68.79 -34.34 -38.51
CA ALA MA 246 68.22 -35.44 -37.74
C ALA MA 246 68.86 -35.55 -36.37
N LEU MA 247 70.19 -35.44 -36.31
CA LEU MA 247 70.89 -35.55 -35.03
C LEU MA 247 70.50 -34.41 -34.10
N LYS MA 248 70.41 -33.19 -34.63
CA LYS MA 248 70.00 -32.06 -33.81
C LYS MA 248 68.57 -32.23 -33.32
N GLY MA 249 67.67 -32.70 -34.18
CA GLY MA 249 66.30 -32.92 -33.76
C GLY MA 249 66.20 -33.98 -32.68
N SER MA 250 66.95 -35.07 -32.84
CA SER MA 250 66.96 -36.11 -31.82
C SER MA 250 67.48 -35.57 -30.49
N LYS MA 251 68.62 -34.87 -30.52
CA LYS MA 251 69.18 -34.33 -29.28
C LYS MA 251 68.21 -33.35 -28.63
N MET MA 252 67.46 -32.61 -29.43
CA MET MA 252 66.54 -31.63 -28.87
C MET MA 252 65.30 -32.29 -28.27
N HIS MA 253 64.79 -33.36 -28.91
CA HIS MA 253 63.45 -33.85 -28.62
C HIS MA 253 63.33 -35.35 -28.44
N SER MA 254 64.39 -36.14 -28.62
CA SER MA 254 64.27 -37.58 -28.46
C SER MA 254 63.93 -37.93 -27.02
N THR MA 255 64.70 -37.42 -26.07
CA THR MA 255 64.43 -37.71 -24.68
C THR MA 255 63.16 -36.99 -24.25
N PRO MA 256 62.22 -37.65 -23.57
CA PRO MA 256 60.95 -36.98 -23.25
C PRO MA 256 61.14 -35.89 -22.21
N LYS MA 257 60.25 -34.91 -22.25
CA LYS MA 257 60.28 -33.74 -21.37
C LYS MA 257 59.12 -33.85 -20.39
N LEU MA 258 59.43 -33.96 -19.11
CA LEU MA 258 58.40 -34.06 -18.08
C LEU MA 258 57.74 -32.70 -17.86
N LYS MA 259 56.41 -32.69 -17.84
CA LYS MA 259 55.64 -31.49 -17.49
C LYS MA 259 55.00 -31.69 -16.14
N LEU MA 260 54.95 -30.62 -15.35
CA LEU MA 260 54.20 -30.58 -14.10
C LEU MA 260 53.31 -29.35 -14.13
N LYS MA 261 52.00 -29.57 -14.07
CA LYS MA 261 51.02 -28.49 -14.07
C LYS MA 261 50.76 -28.11 -12.61
N LEU MA 262 51.81 -27.59 -11.98
CA LEU MA 262 51.78 -27.31 -10.55
C LEU MA 262 50.82 -26.18 -10.22
N THR MA 263 50.27 -26.23 -9.01
CA THR MA 263 49.42 -25.15 -8.54
C THR MA 263 50.23 -23.87 -8.32
N ASP MA 264 51.46 -24.01 -7.82
CA ASP MA 264 52.33 -22.86 -7.54
C ASP MA 264 53.76 -23.32 -7.82
N VAL MA 265 54.31 -22.89 -8.96
CA VAL MA 265 55.60 -23.42 -9.41
C VAL MA 265 56.72 -22.99 -8.45
N ALA MA 266 56.70 -21.74 -8.01
CA ALA MA 266 57.79 -21.22 -7.19
C ALA MA 266 57.90 -21.96 -5.87
N SER MA 267 56.76 -22.23 -5.23
CA SER MA 267 56.76 -22.97 -3.97
C SER MA 267 57.32 -24.38 -4.17
N PHE MA 268 56.90 -25.05 -5.24
CA PHE MA 268 57.39 -26.40 -5.50
C PHE MA 268 58.90 -26.40 -5.73
N LEU MA 269 59.39 -25.47 -6.53
CA LEU MA 269 60.82 -25.40 -6.79
C LEU MA 269 61.60 -25.14 -5.51
N ALA MA 270 61.15 -24.17 -4.70
CA ALA MA 270 61.85 -23.84 -3.48
C ALA MA 270 61.85 -25.01 -2.50
N HIS MA 271 60.72 -25.68 -2.36
CA HIS MA 271 60.64 -26.81 -1.43
C HIS MA 271 61.53 -27.96 -1.89
N ASN MA 272 61.38 -28.37 -3.15
CA ASN MA 272 62.02 -29.61 -3.59
C ASN MA 272 63.48 -29.39 -3.96
N PHE MA 273 63.75 -28.51 -4.93
CA PHE MA 273 65.07 -28.40 -5.52
C PHE MA 273 65.93 -27.30 -4.88
N GLY MA 274 65.43 -26.62 -3.86
CA GLY MA 274 66.20 -25.55 -3.25
C GLY MA 274 66.51 -24.41 -4.19
N VAL MA 275 65.65 -24.18 -5.18
CA VAL MA 275 65.83 -23.09 -6.14
C VAL MA 275 65.05 -21.92 -5.58
N GLU MA 276 65.71 -21.13 -4.73
CA GLU MA 276 65.03 -20.00 -4.08
C GLU MA 276 64.65 -18.93 -5.09
N ASP MA 277 65.50 -18.71 -6.10
CA ASP MA 277 65.32 -17.65 -7.10
C ASP MA 277 65.32 -18.31 -8.48
N PRO MA 278 64.15 -18.76 -8.96
CA PRO MA 278 64.13 -19.49 -10.23
C PRO MA 278 64.60 -18.68 -11.43
N VAL MA 279 64.34 -17.38 -11.46
CA VAL MA 279 64.77 -16.58 -12.60
C VAL MA 279 66.29 -16.56 -12.70
N LYS MA 280 66.97 -16.40 -11.57
CA LYS MA 280 68.42 -16.46 -11.57
C LYS MA 280 68.91 -17.86 -11.92
N PHE MA 281 68.18 -18.88 -11.44
CA PHE MA 281 68.56 -20.26 -11.74
C PHE MA 281 68.52 -20.53 -13.24
N ALA MA 282 67.50 -20.00 -13.92
CA ALA MA 282 67.43 -20.14 -15.37
C ALA MA 282 68.50 -19.30 -16.06
N LYS MA 283 68.65 -18.04 -15.66
CA LYS MA 283 69.65 -17.17 -16.28
C LYS MA 283 71.05 -17.70 -16.07
N GLU MA 284 71.36 -18.14 -14.84
CA GLU MA 284 72.65 -18.75 -14.56
C GLU MA 284 72.85 -20.07 -15.30
N GLY MA 285 71.78 -20.71 -15.73
CA GLY MA 285 71.90 -22.00 -16.41
C GLY MA 285 72.02 -23.18 -15.48
N GLY MA 286 71.55 -23.06 -14.24
CA GLY MA 286 71.61 -24.19 -13.34
C GLY MA 286 70.75 -25.34 -13.80
N LYS MA 287 71.16 -26.56 -13.44
CA LYS MA 287 70.51 -27.78 -13.89
C LYS MA 287 70.12 -28.61 -12.68
N ILE MA 288 68.85 -28.99 -12.62
CA ILE MA 288 68.35 -29.83 -11.52
C ILE MA 288 68.93 -31.23 -11.66
N ASN MA 289 69.18 -31.87 -10.51
CA ASN MA 289 69.75 -33.21 -10.46
C ASN MA 289 68.70 -34.18 -9.93
N LEU MA 290 68.46 -35.25 -10.68
CA LEU MA 290 67.53 -36.31 -10.29
C LEU MA 290 68.20 -37.66 -10.46
N ASP MA 291 68.02 -38.53 -9.47
CA ASP MA 291 68.59 -39.87 -9.51
C ASP MA 291 67.92 -40.75 -10.57
N GLY MA 292 66.68 -40.42 -10.96
CA GLY MA 292 65.91 -41.25 -11.87
C GLY MA 292 64.78 -41.96 -11.15
N HIS MA 293 65.08 -42.47 -9.97
CA HIS MA 293 64.05 -43.06 -9.11
C HIS MA 293 63.37 -41.94 -8.30
N GLU MA 294 62.24 -41.48 -8.84
CA GLU MA 294 61.45 -40.43 -8.23
C GLU MA 294 60.01 -40.89 -8.05
N ILE MA 295 59.36 -40.32 -7.04
CA ILE MA 295 57.95 -40.52 -6.76
C ILE MA 295 57.32 -39.15 -6.55
N LEU MA 296 56.09 -38.98 -7.04
CA LEU MA 296 55.43 -37.69 -7.07
C LEU MA 296 54.24 -37.71 -6.12
N PHE MA 297 54.27 -36.85 -5.11
CA PHE MA 297 53.14 -36.60 -4.23
C PHE MA 297 52.59 -35.22 -4.58
N LEU MA 298 51.44 -35.20 -5.26
CA LEU MA 298 50.87 -33.99 -5.82
C LEU MA 298 49.51 -33.72 -5.18
N ASN MA 299 49.13 -32.44 -5.16
CA ASN MA 299 47.82 -32.05 -4.68
C ASN MA 299 46.76 -32.45 -5.70
N LYS MA 300 45.51 -32.12 -5.39
CA LYS MA 300 44.40 -32.59 -6.22
C LYS MA 300 44.43 -31.97 -7.61
N ASP MA 301 44.58 -30.65 -7.68
CA ASP MA 301 44.46 -29.97 -8.96
C ASP MA 301 45.68 -30.12 -9.85
N GLU MA 302 46.85 -30.36 -9.27
CA GLU MA 302 48.06 -30.46 -10.07
C GLU MA 302 48.04 -31.74 -10.91
N GLU MA 303 48.95 -31.80 -11.88
CA GLU MA 303 49.05 -32.94 -12.78
C GLU MA 303 50.51 -33.16 -13.14
N ALA MA 304 50.80 -34.36 -13.65
CA ALA MA 304 52.14 -34.71 -14.12
C ALA MA 304 52.00 -35.63 -15.32
N GLU MA 305 52.69 -35.29 -16.41
CA GLU MA 305 52.63 -36.06 -17.63
C GLU MA 305 53.99 -35.95 -18.32
N PHE MA 306 54.21 -36.83 -19.28
CA PHE MA 306 55.38 -36.77 -20.15
C PHE MA 306 54.99 -36.18 -21.50
N VAL MA 307 55.67 -35.12 -21.90
CA VAL MA 307 55.53 -34.55 -23.23
C VAL MA 307 56.61 -35.17 -24.10
N GLU MA 308 56.20 -35.99 -25.07
CA GLU MA 308 57.14 -36.81 -25.82
C GLU MA 308 56.66 -36.95 -27.24
N VAL MA 309 57.57 -37.40 -28.10
CA VAL MA 309 57.37 -37.43 -29.54
C VAL MA 309 57.26 -38.87 -30.00
N LYS MA 310 56.41 -39.11 -31.00
CA LYS MA 310 56.36 -40.43 -31.62
C LYS MA 310 57.69 -40.77 -32.27
N SER MA 311 58.30 -39.80 -32.95
CA SER MA 311 59.61 -40.00 -33.55
C SER MA 311 60.21 -38.62 -33.80
N ALA MA 312 61.29 -38.30 -33.10
CA ALA MA 312 61.94 -37.01 -33.31
C ALA MA 312 62.51 -36.90 -34.71
N ILE MA 313 63.00 -38.02 -35.26
CA ILE MA 313 63.58 -37.99 -36.60
C ILE MA 313 62.51 -37.64 -37.64
N GLY MA 314 61.32 -38.23 -37.51
CA GLY MA 314 60.28 -38.03 -38.48
C GLY MA 314 60.38 -39.00 -39.64
N ASP MA 315 60.94 -38.53 -40.76
CA ASP MA 315 61.06 -39.34 -41.98
C ASP MA 315 62.49 -39.42 -42.49
N ALA MA 316 63.47 -38.87 -41.74
CA ALA MA 316 64.80 -38.64 -42.31
C ALA MA 316 65.48 -39.93 -42.72
N LYS MA 317 65.13 -41.07 -42.09
CA LYS MA 317 65.76 -42.32 -42.50
C LYS MA 317 65.39 -42.69 -43.93
N GLU MA 318 64.14 -42.45 -44.32
CA GLU MA 318 63.74 -42.75 -45.70
C GLU MA 318 64.49 -41.87 -46.69
N LEU MA 319 64.66 -40.60 -46.37
CA LEU MA 319 65.45 -39.71 -47.23
C LEU MA 319 66.89 -40.20 -47.32
N LEU MA 320 67.44 -40.64 -46.19
CA LEU MA 320 68.81 -41.13 -46.19
C LEU MA 320 68.94 -42.38 -47.03
N LYS MA 321 67.94 -43.28 -46.98
CA LYS MA 321 67.97 -44.46 -47.83
C LYS MA 321 67.92 -44.06 -49.31
N LEU MA 322 67.05 -43.11 -49.66
CA LEU MA 322 66.97 -42.68 -51.05
C LEU MA 322 68.28 -42.07 -51.52
N LEU MA 323 68.89 -41.22 -50.69
CA LEU MA 323 70.15 -40.61 -51.07
C LEU MA 323 71.27 -41.65 -51.13
N PHE MA 324 71.22 -42.67 -50.28
CA PHE MA 324 72.21 -43.74 -50.35
C PHE MA 324 72.07 -44.52 -51.64
N TYR MA 325 70.84 -44.81 -52.05
CA TYR MA 325 70.62 -45.46 -53.33
C TYR MA 325 71.14 -44.61 -54.47
N CYS MA 326 70.88 -43.30 -54.42
CA CYS MA 326 71.38 -42.41 -55.45
C CYS MA 326 72.90 -42.39 -55.47
N ILE MA 327 73.53 -42.42 -54.30
CA ILE MA 327 74.99 -42.36 -54.22
C ILE MA 327 75.60 -43.62 -54.81
N VAL MA 328 75.11 -44.79 -54.39
CA VAL MA 328 75.69 -46.03 -54.89
C VAL MA 328 75.37 -46.23 -56.37
N ASP MA 329 74.26 -45.64 -56.85
CA ASP MA 329 74.00 -45.66 -58.28
C ASP MA 329 74.98 -44.77 -59.04
N VAL MA 330 75.22 -43.56 -58.53
CA VAL MA 330 76.05 -42.58 -59.23
C VAL MA 330 77.46 -43.10 -59.40
N SER MA 331 78.06 -43.58 -58.31
CA SER MA 331 79.38 -44.19 -58.38
C SER MA 331 79.39 -45.54 -59.06
N GLU MA 332 78.21 -46.12 -59.34
CA GLU MA 332 78.01 -47.50 -59.79
C GLU MA 332 78.91 -48.45 -59.01
N THR MA 333 78.99 -48.25 -57.71
CA THR MA 333 79.71 -49.18 -56.85
C THR MA 333 78.89 -50.45 -56.70
N PRO MA 334 79.43 -51.64 -56.99
CA PRO MA 334 78.67 -52.86 -56.70
C PRO MA 334 78.31 -52.96 -55.23
N GLU MA 335 77.16 -53.57 -54.99
CA GLU MA 335 76.38 -53.29 -53.79
C GLU MA 335 76.86 -54.05 -52.57
N PHE MA 336 77.69 -55.07 -52.74
CA PHE MA 336 78.28 -55.73 -51.58
C PHE MA 336 79.24 -54.81 -50.83
N ILE MA 337 79.75 -53.76 -51.46
CA ILE MA 337 80.66 -52.84 -50.79
C ILE MA 337 79.93 -52.15 -49.64
N PHE MA 338 78.64 -51.84 -49.82
CA PHE MA 338 77.82 -51.18 -48.81
C PHE MA 338 76.79 -52.15 -48.23
N GLY MA 339 77.20 -53.40 -48.02
CA GLY MA 339 76.27 -54.43 -47.61
C GLY MA 339 75.70 -54.25 -46.21
N VAL MA 340 76.28 -53.34 -45.41
CA VAL MA 340 75.70 -53.09 -44.09
C VAL MA 340 74.33 -52.46 -44.23
N HIS MA 341 74.15 -51.62 -45.24
CA HIS MA 341 72.84 -51.07 -45.52
C HIS MA 341 71.88 -52.14 -46.03
N THR MA 342 72.40 -53.08 -46.83
CA THR MA 342 71.60 -54.13 -47.48
C THR MA 342 72.27 -55.47 -47.20
N PRO MA 343 72.04 -56.07 -46.03
CA PRO MA 343 72.71 -57.35 -45.71
C PRO MA 343 72.38 -58.48 -46.68
N SER MA 344 71.29 -58.38 -47.45
CA SER MA 344 70.98 -59.41 -48.42
C SER MA 344 72.08 -59.57 -49.46
N ALA MA 345 72.77 -58.48 -49.80
CA ALA MA 345 73.83 -58.54 -50.80
C ALA MA 345 74.98 -59.47 -50.38
N LEU MA 346 75.20 -59.65 -49.07
CA LEU MA 346 76.31 -60.46 -48.60
C LEU MA 346 76.13 -61.94 -48.88
N ALA MA 347 74.94 -62.38 -49.33
CA ALA MA 347 74.73 -63.79 -49.59
C ALA MA 347 75.66 -64.31 -50.68
N SER MA 348 75.89 -63.52 -51.72
CA SER MA 348 76.74 -63.97 -52.83
C SER MA 348 77.44 -62.74 -53.43
N VAL MA 349 78.67 -62.50 -52.98
CA VAL MA 349 79.54 -61.54 -53.64
C VAL MA 349 79.97 -62.08 -55.00
N LYS MA 350 80.19 -63.39 -55.10
CA LYS MA 350 80.59 -63.99 -56.38
C LYS MA 350 79.54 -63.77 -57.45
N GLU MA 351 78.26 -63.67 -57.05
CA GLU MA 351 77.22 -63.39 -58.02
C GLU MA 351 77.33 -61.96 -58.56
N GLN MA 352 77.74 -61.02 -57.72
CA GLN MA 352 77.89 -59.62 -58.14
C GLN MA 352 79.26 -59.31 -58.72
N MET MA 353 80.19 -60.26 -58.70
CA MET MA 353 81.52 -60.02 -59.24
C MET MA 353 81.54 -59.53 -60.69
N PRO MA 354 80.66 -59.99 -61.59
CA PRO MA 354 80.63 -59.41 -62.94
C PRO MA 354 80.41 -57.91 -62.97
N ILE MA 355 79.68 -57.33 -62.01
CA ILE MA 355 79.49 -55.88 -62.00
C ILE MA 355 80.80 -55.18 -61.69
N MET MA 356 81.52 -55.67 -60.68
CA MET MA 356 82.87 -55.14 -60.41
C MET MA 356 83.76 -55.31 -61.63
N VAL MA 357 83.66 -56.45 -62.29
CA VAL MA 357 84.50 -56.72 -63.46
C VAL MA 357 84.21 -55.71 -64.55
N ASN MA 358 82.93 -55.41 -64.79
CA ASN MA 358 82.58 -54.43 -65.81
C ASN MA 358 83.08 -53.05 -65.46
N LYS MA 359 82.92 -52.64 -64.19
CA LYS MA 359 83.39 -51.32 -63.78
C LYS MA 359 84.91 -51.22 -63.94
N ILE MA 360 85.63 -52.26 -63.57
CA ILE MA 360 87.09 -52.25 -63.69
C ILE MA 360 87.51 -52.28 -65.15
N ARG MA 361 86.77 -53.00 -66.00
CA ARG MA 361 87.01 -52.95 -67.43
C ARG MA 361 86.94 -51.53 -67.94
N ARG MA 362 85.89 -50.82 -67.56
CA ARG MA 362 85.73 -49.45 -68.03
C ARG MA 362 86.83 -48.54 -67.46
N LYS MA 363 87.20 -48.74 -66.20
CA LYS MA 363 88.12 -47.81 -65.54
C LYS MA 363 89.57 -48.00 -65.97
N ARG MA 364 89.98 -49.25 -66.22
CA ARG MA 364 91.39 -49.50 -66.52
C ARG MA 364 91.81 -48.85 -67.83
N GLU MA 365 90.93 -48.86 -68.83
CA GLU MA 365 91.25 -48.30 -70.13
C GLU MA 365 91.54 -46.80 -70.05
N GLN MA 366 91.04 -46.12 -69.03
CA GLN MA 366 91.33 -44.70 -68.87
C GLN MA 366 92.83 -44.46 -68.68
N PHE MA 367 93.46 -45.29 -67.85
CA PHE MA 367 94.87 -45.11 -67.49
C PHE MA 367 95.82 -45.98 -68.28
N THR MA 368 95.33 -46.98 -69.03
CA THR MA 368 96.26 -47.89 -69.69
C THR MA 368 97.10 -47.18 -70.74
N ASN MA 369 96.54 -46.16 -71.39
CA ASN MA 369 97.33 -45.39 -72.36
C ASN MA 369 98.45 -44.61 -71.67
N SER MA 370 98.14 -44.00 -70.52
CA SER MA 370 99.17 -43.30 -69.77
C SER MA 370 100.25 -44.27 -69.30
N TRP MA 371 99.86 -45.48 -68.91
CA TRP MA 371 100.84 -46.47 -68.48
C TRP MA 371 101.69 -46.95 -69.65
N GLN MA 372 101.09 -47.05 -70.84
CA GLN MA 372 101.87 -47.34 -72.04
C GLN MA 372 102.90 -46.26 -72.27
N LEU MA 373 102.49 -45.00 -72.13
CA LEU MA 373 103.41 -43.89 -72.32
C LEU MA 373 104.54 -43.94 -71.29
N LEU MA 374 104.21 -44.25 -70.04
CA LEU MA 374 105.24 -44.33 -69.01
C LEU MA 374 106.21 -45.47 -69.29
N ALA MA 375 105.71 -46.62 -69.73
CA ALA MA 375 106.57 -47.74 -70.07
C ALA MA 375 107.51 -47.37 -71.22
N ARG MA 376 106.97 -46.71 -72.25
CA ARG MA 376 107.79 -46.26 -73.37
C ARG MA 376 108.86 -45.29 -72.89
N MET MA 377 108.50 -44.36 -72.01
CA MET MA 377 109.45 -43.35 -71.55
C MET MA 377 110.56 -43.98 -70.73
N VAL MA 378 110.22 -44.87 -69.78
CA VAL MA 378 111.25 -45.46 -68.96
C VAL MA 378 112.15 -46.36 -69.80
N LEU MA 379 111.59 -47.03 -70.81
CA LEU MA 379 112.43 -47.79 -71.73
C LEU MA 379 113.39 -46.87 -72.49
N ILE MA 380 112.89 -45.72 -72.94
CA ILE MA 380 113.72 -44.79 -73.68
C ILE MA 380 114.83 -44.23 -72.79
N MET MA 381 114.51 -43.98 -71.52
CA MET MA 381 115.47 -43.41 -70.58
C MET MA 381 116.48 -44.43 -70.05
N SER MA 382 116.50 -45.64 -70.57
CA SER MA 382 117.47 -46.64 -70.16
C SER MA 382 117.78 -47.61 -71.30
N LYS MA 389 117.86 -48.49 -79.43
CA LYS MA 389 118.51 -49.75 -79.13
C LYS MA 389 117.53 -50.92 -79.21
N TYR MA 390 116.47 -50.85 -78.41
CA TYR MA 390 115.52 -51.94 -78.33
C TYR MA 390 114.74 -52.07 -79.63
N SER MA 391 114.49 -53.32 -80.04
CA SER MA 391 113.79 -53.56 -81.30
C SER MA 391 112.36 -53.04 -81.28
N SER MA 392 111.75 -52.90 -80.10
CA SER MA 392 110.41 -52.40 -79.95
C SER MA 392 110.35 -51.42 -78.78
N TYR MA 393 109.40 -50.49 -78.85
CA TYR MA 393 109.14 -49.54 -77.78
C TYR MA 393 107.64 -49.41 -77.47
N ASP MA 394 106.82 -50.35 -77.94
CA ASP MA 394 105.38 -50.35 -77.69
C ASP MA 394 105.09 -51.48 -76.70
N VAL MA 395 104.52 -51.12 -75.56
CA VAL MA 395 104.31 -52.03 -74.44
C VAL MA 395 102.83 -52.27 -74.28
N THR MA 396 102.41 -53.53 -74.40
CA THR MA 396 101.06 -53.93 -74.04
C THR MA 396 101.01 -54.23 -72.55
N ILE MA 397 99.82 -54.03 -71.97
CA ILE MA 397 99.63 -54.05 -70.53
C ILE MA 397 98.67 -55.17 -70.17
N GLY MA 398 99.11 -56.07 -69.28
CA GLY MA 398 98.22 -56.99 -68.61
C GLY MA 398 97.64 -56.36 -67.34
N TRP MA 399 96.82 -57.15 -66.65
CA TRP MA 399 96.16 -56.64 -65.45
C TRP MA 399 95.93 -57.78 -64.47
N ASP MA 400 95.68 -57.41 -63.22
CA ASP MA 400 95.36 -58.39 -62.19
C ASP MA 400 93.95 -58.92 -62.39
N GLU MA 401 93.71 -60.09 -61.81
CA GLU MA 401 92.41 -60.73 -61.92
C GLU MA 401 91.42 -60.10 -60.94
N VAL MA 402 90.30 -59.62 -61.46
CA VAL MA 402 89.28 -59.01 -60.59
C VAL MA 402 88.60 -60.09 -59.76
N ASN MA 403 88.15 -61.16 -60.41
CA ASN MA 403 87.71 -62.38 -59.73
C ASN MA 403 88.53 -63.54 -60.30
N PRO MA 404 89.32 -64.27 -59.52
CA PRO MA 404 90.28 -65.18 -60.13
C PRO MA 404 89.62 -66.42 -60.72
N ARG MA 405 90.28 -66.97 -61.74
CA ARG MA 405 89.89 -68.26 -62.30
C ARG MA 405 90.60 -69.37 -61.54
N ASP MA 406 89.87 -70.45 -61.28
CA ASP MA 406 90.43 -71.56 -60.53
C ASP MA 406 91.58 -72.19 -61.30
N ASP MA 407 92.69 -72.45 -60.60
CA ASP MA 407 93.79 -73.17 -61.21
C ASP MA 407 93.37 -74.57 -61.62
N LYS MA 408 92.47 -75.19 -60.84
CA LYS MA 408 91.97 -76.51 -61.20
C LYS MA 408 91.24 -76.49 -62.54
N GLU MA 409 90.42 -75.46 -62.77
CA GLU MA 409 89.72 -75.35 -64.04
C GLU MA 409 90.68 -75.14 -65.19
N LEU MA 410 91.71 -74.31 -64.99
CA LEU MA 410 92.71 -74.09 -66.03
C LEU MA 410 93.45 -75.38 -66.36
N ALA MA 411 93.85 -76.13 -65.33
CA ALA MA 411 94.52 -77.41 -65.57
C ALA MA 411 93.59 -78.41 -66.24
N GLU MA 412 92.31 -78.40 -65.90
CA GLU MA 412 91.34 -79.26 -66.59
C GLU MA 412 91.28 -78.91 -68.06
N THR MA 413 91.21 -77.61 -68.38
CA THR MA 413 91.20 -77.20 -69.78
C THR MA 413 92.47 -77.64 -70.49
N LEU MA 414 93.62 -77.48 -69.83
CA LEU MA 414 94.90 -77.85 -70.45
C LEU MA 414 94.96 -79.34 -70.75
N GLU MA 415 94.64 -80.17 -69.75
CA GLU MA 415 94.66 -81.62 -69.94
C GLU MA 415 93.66 -82.04 -70.99
N LYS MA 416 92.46 -81.47 -70.95
CA LYS MA 416 91.41 -81.86 -71.88
C LYS MA 416 91.78 -81.51 -73.30
N VAL MA 417 92.39 -80.33 -73.51
CA VAL MA 417 92.84 -79.96 -74.85
C VAL MA 417 93.98 -80.89 -75.30
N CYS MA 418 94.94 -81.15 -74.41
CA CYS MA 418 96.09 -81.97 -74.80
C CYS MA 418 95.65 -83.39 -75.17
N CYS MA 419 94.74 -83.97 -74.39
CA CYS MA 419 94.22 -85.28 -74.74
C CYS MA 419 93.37 -85.22 -76.00
N ALA MA 420 92.63 -84.13 -76.18
CA ALA MA 420 91.95 -83.91 -77.46
C ALA MA 420 92.96 -83.81 -78.59
N LEU MA 421 94.06 -83.11 -78.36
CA LEU MA 421 95.18 -83.16 -79.29
C LEU MA 421 95.82 -84.54 -79.25
N ASP MA 422 96.73 -84.77 -80.20
CA ASP MA 422 97.30 -86.08 -80.50
C ASP MA 422 96.29 -87.03 -81.12
N LYS MA 423 95.11 -86.53 -81.51
CA LYS MA 423 94.12 -87.30 -82.25
C LYS MA 423 93.61 -86.41 -83.38
N ALA MA 424 93.23 -87.04 -84.49
CA ALA MA 424 92.92 -86.33 -85.72
C ALA MA 424 94.12 -85.48 -86.14
N LEU MA 425 95.22 -86.17 -86.44
CA LEU MA 425 96.53 -85.55 -86.66
C LEU MA 425 96.61 -84.77 -87.97
N GLU MA 426 95.56 -84.74 -88.78
CA GLU MA 426 95.59 -83.97 -90.02
C GLU MA 426 95.44 -82.47 -89.80
N GLY MA 427 95.20 -82.03 -88.57
CA GLY MA 427 94.99 -80.60 -88.33
C GLY MA 427 96.20 -79.76 -88.69
N GLY MA 428 97.38 -80.17 -88.24
CA GLY MA 428 98.63 -79.48 -88.51
C GLY MA 428 99.49 -79.38 -87.27
N PHE MA 429 100.61 -78.67 -87.42
CA PHE MA 429 101.58 -78.49 -86.34
C PHE MA 429 101.26 -77.28 -85.47
N ILE MA 430 100.30 -76.44 -85.85
CA ILE MA 430 99.89 -75.32 -85.02
C ILE MA 430 99.29 -75.73 -83.69
N SER MA 431 98.94 -77.02 -83.54
CA SER MA 431 98.49 -77.52 -82.24
C SER MA 431 99.57 -77.32 -81.18
N GLU MA 432 100.83 -77.57 -81.52
CA GLU MA 432 101.92 -77.35 -80.58
C GLU MA 432 102.04 -75.88 -80.20
N GLU MA 433 101.89 -74.98 -81.18
CA GLU MA 433 101.95 -73.55 -80.89
C GLU MA 433 100.83 -73.12 -79.96
N SER MA 434 99.61 -73.58 -80.23
CA SER MA 434 98.49 -73.24 -79.35
C SER MA 434 98.68 -73.84 -77.96
N THR MA 435 99.22 -75.06 -77.90
CA THR MA 435 99.43 -75.71 -76.61
C THR MA 435 100.46 -74.96 -75.78
N VAL MA 436 101.58 -74.52 -76.39
CA VAL MA 436 102.56 -73.79 -75.62
C VAL MA 436 102.04 -72.39 -75.27
N ASN MA 437 101.19 -71.80 -76.11
CA ASN MA 437 100.55 -70.55 -75.75
C ASN MA 437 99.68 -70.72 -74.50
N PHE MA 438 98.88 -71.79 -74.47
CA PHE MA 438 98.04 -72.05 -73.31
C PHE MA 438 98.91 -72.38 -72.09
N LEU MA 439 100.04 -73.05 -72.30
CA LEU MA 439 100.96 -73.32 -71.21
C LEU MA 439 101.53 -72.03 -70.63
N ALA MA 440 101.87 -71.08 -71.51
CA ALA MA 440 102.35 -69.78 -71.03
C ALA MA 440 101.27 -69.06 -70.25
N GLN MA 441 100.03 -69.11 -70.74
CA GLN MA 441 98.93 -68.50 -70.00
C GLN MA 441 98.76 -69.14 -68.63
N TYR MA 442 98.84 -70.47 -68.58
CA TYR MA 442 98.71 -71.18 -67.31
C TYR MA 442 99.84 -70.82 -66.35
N ILE MA 443 101.07 -70.74 -66.87
CA ILE MA 443 102.21 -70.39 -66.02
C ILE MA 443 102.06 -68.98 -65.48
N ASP MA 444 101.63 -68.05 -66.32
CA ASP MA 444 101.42 -66.68 -65.85
C ASP MA 444 100.33 -66.61 -64.80
N THR MA 445 99.24 -67.37 -64.99
CA THR MA 445 98.14 -67.34 -64.03
C THR MA 445 98.49 -68.07 -62.74
N MET MA 446 99.41 -69.03 -62.78
CA MET MA 446 99.80 -69.75 -61.58
C MET MA 446 100.87 -69.03 -60.79
N SER MA 447 101.84 -68.41 -61.47
CA SER MA 447 102.94 -67.74 -60.78
C SER MA 447 102.44 -66.54 -59.98
N ASN MA 448 101.67 -65.66 -60.62
CA ASN MA 448 101.11 -64.51 -59.93
C ASN MA 448 100.15 -64.96 -58.85
N TYR MA 449 100.27 -64.38 -57.66
CA TYR MA 449 99.40 -64.66 -56.53
C TYR MA 449 98.27 -63.66 -56.52
N ILE MA 450 97.05 -64.14 -56.32
CA ILE MA 450 95.86 -63.33 -56.57
C ILE MA 450 95.76 -62.21 -55.55
N SER MA 451 95.91 -62.52 -54.27
CA SER MA 451 95.70 -61.53 -53.21
C SER MA 451 96.93 -60.65 -52.97
N ASP MA 452 97.96 -60.74 -53.81
CA ASP MA 452 99.11 -59.85 -53.76
C ASP MA 452 99.13 -59.00 -55.02
N ASP MA 453 99.22 -57.69 -54.83
CA ASP MA 453 99.10 -56.76 -55.95
C ASP MA 453 100.29 -56.92 -56.90
N PRO MA 454 100.01 -56.72 -58.19
CA PRO MA 454 101.04 -56.79 -59.20
C PRO MA 454 101.51 -58.21 -59.44
N GLU MA 455 102.71 -58.29 -60.04
CA GLU MA 455 103.35 -59.55 -60.39
C GLU MA 455 104.81 -59.55 -59.95
N ARG MA 456 105.07 -59.04 -58.75
CA ARG MA 456 106.43 -59.14 -58.19
C ARG MA 456 106.83 -60.60 -58.03
N GLU MA 457 105.88 -61.45 -57.66
CA GLU MA 457 106.18 -62.85 -57.45
C GLU MA 457 106.63 -63.54 -58.73
N GLY MA 458 106.04 -63.17 -59.86
CA GLY MA 458 106.47 -63.77 -61.12
C GLY MA 458 107.92 -63.48 -61.43
N GLU MA 459 108.31 -62.21 -61.33
CA GLU MA 459 109.70 -61.83 -61.58
C GLU MA 459 110.64 -62.47 -60.56
N ARG MA 460 110.23 -62.49 -59.28
CA ARG MA 460 111.08 -63.07 -58.25
C ARG MA 460 111.29 -64.56 -58.47
N GLU MA 461 110.21 -65.28 -58.80
CA GLU MA 461 110.32 -66.71 -59.05
C GLU MA 461 111.19 -66.96 -60.29
N LYS MA 462 111.01 -66.15 -61.33
CA LYS MA 462 111.85 -66.30 -62.53
C LYS MA 462 113.32 -66.10 -62.19
N ILE MA 463 113.63 -65.06 -61.41
CA ILE MA 463 115.03 -64.78 -61.07
C ILE MA 463 115.61 -65.89 -60.20
N ILE MA 464 114.83 -66.39 -59.24
CA ILE MA 464 115.33 -67.45 -58.37
C ILE MA 464 115.56 -68.73 -59.17
N LYS MA 465 114.65 -69.05 -60.09
CA LYS MA 465 114.85 -70.22 -60.94
C LYS MA 465 116.08 -70.04 -61.82
N THR MA 466 116.30 -68.83 -62.34
CA THR MA 466 117.49 -68.58 -63.14
C THR MA 466 118.76 -68.77 -62.34
N LYS MA 467 118.77 -68.28 -61.09
CA LYS MA 467 119.95 -68.46 -60.24
C LYS MA 467 120.18 -69.93 -59.93
N MET MA 468 119.14 -70.63 -59.47
CA MET MA 468 119.28 -72.05 -59.17
C MET MA 468 119.53 -72.85 -60.44
N LEU MA 469 118.81 -72.52 -61.51
CA LEU MA 469 118.95 -73.22 -62.78
C LEU MA 469 118.60 -74.69 -62.65
N MET NA 19 48.60 -43.70 -83.03
CA MET NA 19 47.20 -43.48 -83.49
C MET NA 19 47.09 -43.49 -85.01
N ARG NA 20 45.87 -43.68 -85.49
CA ARG NA 20 45.60 -43.73 -86.92
C ARG NA 20 45.38 -42.33 -87.49
N MET NA 21 45.49 -42.24 -88.81
CA MET NA 21 45.23 -41.00 -89.53
C MET NA 21 44.92 -41.34 -90.98
N SER NA 22 44.18 -40.45 -91.63
CA SER NA 22 43.87 -40.63 -93.04
C SER NA 22 45.12 -40.38 -93.89
N SER NA 23 45.22 -41.12 -95.00
CA SER NA 23 46.44 -41.09 -95.80
C SER NA 23 46.68 -39.72 -96.42
N GLY NA 24 45.62 -38.96 -96.69
CA GLY NA 24 45.73 -37.67 -97.33
C GLY NA 24 45.95 -36.49 -96.42
N ASN NA 25 46.11 -36.71 -95.11
CA ASN NA 25 46.25 -35.65 -94.11
C ASN NA 25 47.58 -35.77 -93.38
N ILE NA 26 48.66 -35.98 -94.12
CA ILE NA 26 50.01 -36.13 -93.58
C ILE NA 26 50.90 -35.08 -94.21
N GLY NA 27 51.75 -34.46 -93.40
CA GLY NA 27 52.71 -33.51 -93.89
C GLY NA 27 53.82 -34.18 -94.69
N VAL NA 28 54.72 -33.36 -95.20
CA VAL NA 28 55.80 -33.83 -96.06
C VAL NA 28 57.04 -34.08 -95.21
N TYR NA 29 57.78 -35.11 -95.57
CA TYR NA 29 58.99 -35.47 -94.85
C TYR NA 29 60.02 -34.35 -94.90
N LYS NA 30 60.72 -34.15 -93.79
CA LYS NA 30 61.83 -33.21 -93.73
C LYS NA 30 62.85 -33.74 -92.73
N LEU NA 31 64.10 -33.85 -93.17
CA LEU NA 31 65.17 -34.40 -92.34
C LEU NA 31 65.49 -33.42 -91.22
N ASP NA 32 65.04 -33.74 -90.01
CA ASP NA 32 65.30 -32.88 -88.86
C ASP NA 32 66.79 -32.85 -88.56
N ASP NA 33 67.29 -31.68 -88.16
CA ASP NA 33 68.71 -31.45 -87.92
C ASP NA 33 69.00 -31.01 -86.49
N SER NA 34 68.05 -31.17 -85.56
CA SER NA 34 68.28 -30.75 -84.19
C SER NA 34 69.38 -31.58 -83.55
N ARG NA 35 70.25 -30.91 -82.80
CA ARG NA 35 71.35 -31.55 -82.09
C ARG NA 35 70.96 -31.79 -80.64
N VAL NA 36 71.66 -32.76 -80.03
CA VAL NA 36 71.51 -32.97 -78.60
C VAL NA 36 72.20 -31.85 -77.86
N ASP NA 37 71.58 -31.39 -76.76
CA ASP NA 37 72.16 -30.31 -76.00
C ASP NA 37 73.40 -30.85 -75.28
N TYR NA 38 74.53 -30.80 -75.98
CA TYR NA 38 75.71 -31.56 -75.55
C TYR NA 38 76.22 -31.10 -74.20
N GLU NA 39 76.20 -29.79 -73.95
CA GLU NA 39 76.62 -29.28 -72.64
C GLU NA 39 75.70 -29.81 -71.55
N LEU NA 40 74.40 -29.80 -71.79
CA LEU NA 40 73.46 -30.35 -70.81
C LEU NA 40 73.67 -31.84 -70.63
N ALA NA 41 73.98 -32.56 -71.71
CA ALA NA 41 74.23 -33.99 -71.60
C ALA NA 41 75.43 -34.27 -70.72
N ARG NA 42 76.54 -33.57 -70.96
CA ARG NA 42 77.72 -33.76 -70.12
C ARG NA 42 77.47 -33.30 -68.69
N GLU NA 43 76.63 -32.29 -68.49
CA GLU NA 43 76.28 -31.87 -67.13
C GLU NA 43 75.53 -32.97 -66.40
N LEU NA 44 74.51 -33.55 -67.06
CA LEU NA 44 73.74 -34.61 -66.44
C LEU NA 44 74.62 -35.84 -66.17
N TYR NA 45 75.51 -36.18 -67.10
CA TYR NA 45 76.39 -37.32 -66.88
C TYR NA 45 77.33 -37.10 -65.72
N GLN NA 46 77.63 -35.83 -65.39
CA GLN NA 46 78.45 -35.48 -64.24
C GLN NA 46 77.63 -34.90 -63.09
N ASN NA 47 76.30 -34.96 -63.18
CA ASN NA 47 75.43 -34.59 -62.06
C ASN NA 47 75.60 -33.12 -61.69
N LYS NA 48 75.97 -32.28 -62.65
CA LYS NA 48 76.30 -30.89 -62.38
C LYS NA 48 75.12 -29.94 -62.52
N ASN NA 49 74.16 -30.25 -63.39
CA ASN NA 49 73.06 -29.32 -63.63
C ASN NA 49 72.23 -29.15 -62.37
N ALA NA 50 71.92 -27.89 -62.05
CA ALA NA 50 71.23 -27.60 -60.78
C ALA NA 50 69.82 -28.16 -60.77
N ASN NA 51 69.16 -28.24 -61.91
CA ASN NA 51 67.77 -28.70 -61.97
C ASN NA 51 67.64 -30.22 -62.07
N TYR NA 52 68.76 -30.96 -62.04
CA TYR NA 52 68.72 -32.41 -62.15
C TYR NA 52 69.67 -33.06 -61.16
N LYS NA 53 70.04 -32.37 -60.07
CA LYS NA 53 71.08 -32.88 -59.18
C LYS NA 53 70.66 -34.20 -58.54
N LEU NA 54 69.49 -34.22 -57.92
CA LEU NA 54 68.98 -35.46 -57.34
C LEU NA 54 68.47 -36.40 -58.43
N GLY NA 55 67.83 -35.86 -59.46
CA GLY NA 55 67.24 -36.70 -60.49
C GLY NA 55 68.28 -37.43 -61.33
N SER NA 56 69.36 -36.74 -61.71
CA SER NA 56 70.33 -37.29 -62.66
C SER NA 56 71.25 -38.34 -62.05
N SER NA 57 70.97 -38.84 -60.85
CA SER NA 57 71.80 -39.90 -60.27
C SER NA 57 71.83 -41.14 -61.15
N PHE NA 58 70.77 -41.39 -61.91
CA PHE NA 58 70.67 -42.60 -62.71
C PHE NA 58 71.35 -42.49 -64.06
N VAL NA 59 71.82 -41.30 -64.45
CA VAL NA 59 72.44 -41.14 -65.77
C VAL NA 59 73.75 -41.90 -65.84
N ARG NA 60 74.59 -41.74 -64.82
CA ARG NA 60 75.90 -42.41 -64.82
C ARG NA 60 75.78 -43.92 -64.90
N PRO NA 61 74.99 -44.61 -64.06
CA PRO NA 61 74.97 -46.08 -64.15
C PRO NA 61 74.50 -46.61 -65.49
N ILE NA 62 73.50 -45.98 -66.11
CA ILE NA 62 72.98 -46.47 -67.39
C ILE NA 62 74.08 -46.44 -68.44
N VAL NA 63 74.66 -45.26 -68.66
CA VAL NA 63 75.67 -45.10 -69.71
C VAL NA 63 76.90 -45.93 -69.39
N ASN NA 64 77.33 -45.93 -68.13
CA ASN NA 64 78.54 -46.65 -67.76
C ASN NA 64 78.38 -48.16 -67.95
N SER NA 65 77.25 -48.71 -67.50
CA SER NA 65 77.01 -50.14 -67.69
C SER NA 65 76.92 -50.48 -69.17
N THR NA 66 76.17 -49.68 -69.92
CA THR NA 66 75.98 -49.99 -71.34
C THR NA 66 77.29 -49.94 -72.11
N THR NA 67 78.13 -48.93 -71.84
CA THR NA 67 79.38 -48.81 -72.58
C THR NA 67 80.43 -49.81 -72.09
N GLY NA 68 80.41 -50.14 -70.80
CA GLY NA 68 81.36 -51.12 -70.30
C GLY NA 68 81.06 -52.52 -70.81
N PHE NA 69 79.79 -52.90 -70.85
CA PHE NA 69 79.45 -54.26 -71.27
C PHE NA 69 79.77 -54.47 -72.75
N MET NA 70 79.37 -53.54 -73.61
CA MET NA 70 79.81 -53.61 -75.00
C MET NA 70 81.28 -53.31 -75.06
N GLY NA 71 82.07 -54.25 -75.58
CA GLY NA 71 83.50 -54.10 -75.59
C GLY NA 71 83.94 -53.16 -76.69
N VAL NA 72 85.04 -53.50 -77.35
CA VAL NA 72 85.55 -52.74 -78.49
C VAL NA 72 85.58 -53.70 -79.68
N PRO NA 73 85.46 -53.22 -80.92
CA PRO NA 73 85.40 -54.15 -82.05
C PRO NA 73 86.68 -54.95 -82.19
N HIS NA 74 86.51 -56.22 -82.56
CA HIS NA 74 87.62 -57.12 -82.85
C HIS NA 74 87.72 -57.18 -84.38
N PHE NA 75 88.52 -56.28 -84.93
CA PHE NA 75 88.65 -56.18 -86.39
C PHE NA 75 89.28 -57.44 -86.94
N GLN NA 76 88.53 -58.17 -87.75
CA GLN NA 76 88.97 -59.42 -88.36
C GLN NA 76 89.00 -59.25 -89.88
N ILE NA 77 90.02 -59.83 -90.51
CA ILE NA 77 90.14 -59.80 -91.96
C ILE NA 77 91.06 -60.93 -92.40
N GLU NA 78 90.88 -61.39 -93.64
CA GLU NA 78 91.64 -62.53 -94.13
C GLU NA 78 93.07 -62.16 -94.49
N ASP NA 79 93.32 -60.94 -94.95
CA ASP NA 79 94.68 -60.55 -95.34
C ASP NA 79 95.55 -60.45 -94.10
N GLU NA 80 96.77 -60.98 -94.20
CA GLU NA 80 97.69 -60.95 -93.06
C GLU NA 80 98.16 -59.52 -92.77
N GLU NA 81 98.53 -58.78 -93.82
CA GLU NA 81 99.03 -57.42 -93.62
C GLU NA 81 97.94 -56.52 -93.06
N ALA NA 82 96.71 -56.65 -93.59
CA ALA NA 82 95.60 -55.86 -93.07
C ALA NA 82 95.33 -56.18 -91.62
N GLN NA 83 95.36 -57.45 -91.26
CA GLN NA 83 95.15 -57.83 -89.86
C GLN NA 83 96.23 -57.27 -88.96
N TYR NA 84 97.49 -57.31 -89.42
CA TYR NA 84 98.57 -56.75 -88.63
C TYR NA 84 98.41 -55.25 -88.42
N ILE NA 85 98.04 -54.53 -89.49
CA ILE NA 85 97.82 -53.09 -89.35
C ILE NA 85 96.68 -52.83 -88.39
N LEU NA 86 95.59 -53.59 -88.52
CA LEU NA 86 94.41 -53.38 -87.68
C LEU NA 86 94.72 -53.64 -86.21
N ASP NA 87 95.42 -54.73 -85.90
CA ASP NA 87 95.68 -55.02 -84.49
C ASP NA 87 96.73 -54.11 -83.90
N GLU NA 88 97.68 -53.62 -84.72
CA GLU NA 88 98.57 -52.56 -84.25
C GLU NA 88 97.78 -51.32 -83.87
N PHE NA 89 96.85 -50.91 -84.73
CA PHE NA 89 96.04 -49.73 -84.42
C PHE NA 89 95.17 -49.96 -83.20
N VAL NA 90 94.67 -51.19 -83.04
CA VAL NA 90 93.87 -51.53 -81.87
C VAL NA 90 94.71 -51.39 -80.60
N LEU NA 91 95.92 -51.94 -80.63
CA LEU NA 91 96.84 -51.78 -79.50
C LEU NA 91 97.10 -50.31 -79.21
N ASP NA 92 97.13 -49.48 -80.26
CA ASP NA 92 97.34 -48.06 -80.05
C ASP NA 92 96.15 -47.40 -79.35
N ASN NA 93 94.91 -47.70 -79.81
CA ASN NA 93 93.77 -46.84 -79.50
C ASN NA 93 92.53 -47.60 -79.01
N THR NA 94 92.72 -48.72 -78.31
CA THR NA 94 91.57 -49.41 -77.73
C THR NA 94 90.85 -48.53 -76.70
N SER NA 95 91.62 -47.82 -75.88
CA SER NA 95 91.02 -46.93 -74.89
C SER NA 95 90.20 -45.85 -75.58
N LYS NA 96 90.73 -45.30 -76.67
CA LYS NA 96 90.00 -44.27 -77.40
C LYS NA 96 88.75 -44.84 -78.05
N MET NA 97 88.80 -46.10 -78.50
CA MET NA 97 87.58 -46.72 -79.05
C MET NA 97 86.50 -46.83 -77.97
N LEU NA 98 86.87 -47.29 -76.78
CA LEU NA 98 85.90 -47.37 -75.71
C LEU NA 98 85.38 -45.99 -75.33
N LYS NA 99 86.27 -44.99 -75.33
CA LYS NA 99 85.83 -43.62 -75.07
C LYS NA 99 84.87 -43.15 -76.15
N THR NA 100 85.07 -43.59 -77.39
CA THR NA 100 84.15 -43.24 -78.46
C THR NA 100 82.78 -43.83 -78.20
N HIS NA 101 82.74 -45.09 -77.76
CA HIS NA 101 81.46 -45.69 -77.35
C HIS NA 101 80.79 -44.86 -76.27
N THR NA 102 81.56 -44.49 -75.24
CA THR NA 102 81.00 -43.75 -74.12
C THR NA 102 80.47 -42.39 -74.58
N ASP NA 103 81.23 -41.70 -75.43
CA ASP NA 103 80.82 -40.39 -75.91
C ASP NA 103 79.57 -40.49 -76.78
N SER NA 104 79.49 -41.50 -77.64
CA SER NA 104 78.30 -41.68 -78.44
C SER NA 104 77.09 -41.96 -77.57
N LEU NA 105 77.25 -42.79 -76.54
CA LEU NA 105 76.14 -43.08 -75.64
C LEU NA 105 75.71 -41.84 -74.88
N LYS NA 106 76.67 -41.02 -74.43
CA LYS NA 106 76.36 -39.88 -73.58
C LYS NA 106 75.79 -38.72 -74.40
N GLN NA 107 76.59 -38.20 -75.34
CA GLN NA 107 76.22 -37.01 -76.08
C GLN NA 107 75.25 -37.30 -77.22
N GLY NA 108 75.14 -38.56 -77.65
CA GLY NA 108 74.38 -38.90 -78.83
C GLY NA 108 75.17 -38.89 -80.12
N ASP NA 109 76.33 -38.26 -80.13
CA ASP NA 109 77.16 -38.21 -81.34
C ASP NA 109 78.57 -37.77 -80.96
N CYS NA 110 79.56 -38.56 -81.34
CA CYS NA 110 80.96 -38.22 -81.17
C CYS NA 110 81.67 -38.40 -82.51
N TYR NA 111 82.46 -37.39 -82.89
CA TYR NA 111 83.08 -37.32 -84.20
C TYR NA 111 84.55 -37.70 -84.07
N ILE NA 112 85.00 -38.58 -84.95
CA ILE NA 112 86.32 -39.19 -84.91
C ILE NA 112 87.06 -38.80 -86.18
N TRP NA 113 88.29 -38.33 -86.03
CA TRP NA 113 89.13 -37.85 -87.13
C TRP NA 113 90.48 -38.54 -87.05
N ILE NA 114 90.87 -39.19 -88.14
CA ILE NA 114 92.16 -39.88 -88.25
C ILE NA 114 93.10 -39.01 -89.05
N THR NA 115 94.31 -38.81 -88.54
CA THR NA 115 95.33 -38.01 -89.19
C THR NA 115 96.66 -38.74 -89.14
N ARG NA 116 97.42 -38.65 -90.23
CA ARG NA 116 98.71 -39.32 -90.36
C ARG NA 116 99.81 -38.33 -90.02
N GLU NA 117 100.58 -38.63 -88.99
CA GLU NA 117 101.64 -37.76 -88.49
C GLU NA 117 103.00 -38.34 -88.84
N GLU NA 118 103.76 -37.63 -89.67
CA GLU NA 118 105.11 -37.99 -90.03
C GLU NA 118 106.16 -37.38 -89.10
N ARG NA 119 105.75 -36.53 -88.16
CA ARG NA 119 106.69 -35.79 -87.32
C ARG NA 119 107.58 -36.72 -86.52
N GLU NA 120 108.88 -36.43 -86.53
CA GLU NA 120 109.87 -37.21 -85.81
C GLU NA 120 110.14 -36.56 -84.47
N ASN NA 121 110.05 -37.35 -83.39
CA ASN NA 121 110.37 -36.90 -82.05
C ASN NA 121 111.11 -38.02 -81.33
N PRO NA 122 111.92 -37.69 -80.31
CA PRO NA 122 112.66 -38.76 -79.63
C PRO NA 122 111.78 -39.74 -78.90
N LEU NA 123 110.58 -39.33 -78.48
CA LEU NA 123 109.71 -40.21 -77.72
C LEU NA 123 109.24 -41.41 -78.54
N TYR NA 124 109.30 -41.32 -79.87
CA TYR NA 124 108.97 -42.42 -80.77
C TYR NA 124 110.13 -42.62 -81.74
N PRO NA 125 111.21 -43.29 -81.29
CA PRO NA 125 112.32 -43.54 -82.24
C PRO NA 125 111.94 -44.49 -83.35
N ASP NA 126 111.32 -45.62 -83.03
CA ASP NA 126 110.98 -46.61 -84.04
C ASP NA 126 109.69 -46.31 -84.78
N LYS NA 127 108.75 -45.61 -84.13
CA LYS NA 127 107.46 -45.29 -84.76
C LYS NA 127 107.60 -43.94 -85.45
N LYS NA 128 108.10 -43.98 -86.67
CA LYS NA 128 108.26 -42.75 -87.45
C LYS NA 128 106.92 -42.21 -87.94
N VAL NA 129 106.07 -43.10 -88.45
CA VAL NA 129 104.77 -42.74 -89.01
C VAL NA 129 103.70 -43.19 -88.03
N ARG NA 130 102.77 -42.28 -87.71
CA ARG NA 130 101.72 -42.53 -86.75
C ARG NA 130 100.39 -42.08 -87.32
N LEU NA 131 99.33 -42.82 -86.99
CA LEU NA 131 97.96 -42.48 -87.37
C LEU NA 131 97.24 -41.98 -86.11
N ILE NA 132 97.16 -40.66 -85.97
CA ILE NA 132 96.62 -40.06 -84.75
C ILE NA 132 95.11 -40.20 -84.74
N TYR NA 133 94.58 -40.78 -83.67
CA TYR NA 133 93.14 -40.97 -83.48
C TYR NA 133 92.63 -39.74 -82.74
N ASN NA 134 92.24 -38.71 -83.50
CA ASN NA 134 91.88 -37.41 -82.94
C ASN NA 134 90.37 -37.29 -82.79
N PHE NA 135 89.92 -37.03 -81.57
CA PHE NA 135 88.52 -36.73 -81.32
C PHE NA 135 88.18 -35.32 -81.79
N ILE NA 136 86.90 -35.12 -82.08
CA ILE NA 136 86.33 -33.80 -82.30
C ILE NA 136 85.10 -33.69 -81.42
N SER NA 137 85.06 -32.63 -80.61
CA SER NA 137 83.87 -32.40 -79.80
C SER NA 137 82.69 -32.10 -80.72
N PRO NA 138 81.48 -32.59 -80.41
CA PRO NA 138 80.35 -32.35 -81.31
C PRO NA 138 79.96 -30.89 -81.40
N GLU NA 139 80.36 -30.06 -80.45
CA GLU NA 139 80.10 -28.63 -80.56
C GLU NA 139 81.03 -27.98 -81.59
N GLU NA 140 82.23 -28.53 -81.77
CA GLU NA 140 83.18 -27.96 -82.72
C GLU NA 140 82.64 -27.99 -84.14
N VAL NA 141 82.08 -29.12 -84.56
CA VAL NA 141 81.51 -29.24 -85.90
C VAL NA 141 80.22 -28.42 -85.91
N LYS NA 142 80.27 -27.26 -86.57
CA LYS NA 142 79.09 -26.40 -86.62
C LYS NA 142 78.06 -26.93 -87.61
N GLU NA 143 78.50 -27.68 -88.62
CA GLU NA 143 77.59 -28.22 -89.62
C GLU NA 143 78.34 -29.24 -90.45
N ILE NA 144 77.60 -30.21 -90.98
CA ILE NA 144 78.11 -31.20 -91.93
C ILE NA 144 77.31 -31.07 -93.21
N ILE NA 145 78.00 -30.98 -94.34
CA ILE NA 145 77.38 -30.85 -95.65
C ILE NA 145 77.16 -32.25 -96.19
N LEU NA 146 75.91 -32.55 -96.57
CA LEU NA 146 75.52 -33.86 -97.07
C LEU NA 146 75.16 -33.78 -98.54
N ASP NA 147 75.63 -34.75 -99.31
CA ASP NA 147 75.18 -34.90 -100.68
C ASP NA 147 73.68 -35.20 -100.66
N PRO NA 148 72.81 -34.38 -101.29
CA PRO NA 148 71.37 -34.59 -101.09
C PRO NA 148 70.86 -35.93 -101.59
N THR NA 149 71.41 -36.47 -102.67
CA THR NA 149 70.87 -37.71 -103.23
C THR NA 149 71.28 -38.93 -102.41
N THR NA 150 72.51 -38.92 -101.88
CA THR NA 150 73.04 -40.04 -101.10
C THR NA 150 73.00 -39.78 -99.60
N LYS NA 151 72.91 -38.52 -99.17
CA LYS NA 151 73.02 -38.12 -97.77
C LYS NA 151 74.39 -38.42 -97.17
N GLU NA 152 75.39 -38.69 -98.02
CA GLU NA 152 76.74 -38.93 -97.53
C GLU NA 152 77.39 -37.59 -97.19
N PRO NA 153 78.10 -37.47 -96.06
CA PRO NA 153 78.69 -36.18 -95.72
C PRO NA 153 79.83 -35.83 -96.67
N ILE NA 154 79.72 -34.67 -97.31
CA ILE NA 154 80.71 -34.20 -98.28
C ILE NA 154 81.62 -33.12 -97.72
N ALA NA 155 81.28 -32.51 -96.59
CA ALA NA 155 82.17 -31.54 -95.96
C ALA NA 155 81.73 -31.32 -94.53
N TYR NA 156 82.70 -30.95 -93.68
CA TYR NA 156 82.48 -30.67 -92.28
C TYR NA 156 82.83 -29.21 -91.99
N ILE NA 157 81.98 -28.55 -91.21
CA ILE NA 157 82.18 -27.16 -90.81
C ILE NA 157 82.65 -27.19 -89.37
N LEU NA 158 83.96 -27.18 -89.16
CA LEU NA 158 84.56 -27.21 -87.83
C LEU NA 158 84.90 -25.79 -87.39
N GLU NA 159 84.47 -25.44 -86.18
CA GLU NA 159 84.68 -24.11 -85.61
C GLU NA 159 84.97 -24.26 -84.14
N SER NA 160 86.09 -23.69 -83.69
CA SER NA 160 86.55 -23.89 -82.32
C SER NA 160 87.39 -22.69 -81.90
N GLN NA 161 87.16 -22.22 -80.68
CA GLN NA 161 87.97 -21.15 -80.11
C GLN NA 161 89.09 -21.82 -79.31
N ASN NA 162 90.35 -21.51 -79.66
CA ASN NA 162 91.52 -22.13 -79.04
C ASN NA 162 92.27 -21.08 -78.25
N GLU NA 163 91.92 -20.93 -76.98
CA GLU NA 163 92.72 -20.15 -76.05
C GLU NA 163 93.93 -20.97 -75.63
N TRP NA 164 95.05 -20.29 -75.44
CA TRP NA 164 96.27 -20.97 -75.02
C TRP NA 164 97.27 -19.92 -74.55
N THR NA 165 98.25 -20.36 -73.77
CA THR NA 165 99.28 -19.49 -73.22
C THR NA 165 100.61 -19.83 -73.86
N ASP NA 166 101.46 -18.81 -74.00
CA ASP NA 166 102.76 -18.98 -74.62
C ASP NA 166 103.65 -19.84 -73.72
N LEU NA 167 104.70 -20.41 -74.32
CA LEU NA 167 105.73 -21.10 -73.54
C LEU NA 167 106.43 -20.17 -72.56
N GLY NA 168 106.33 -18.85 -72.76
CA GLY NA 168 106.71 -17.89 -71.76
C GLY NA 168 105.52 -17.55 -70.89
N GLU NA 169 105.01 -16.32 -71.00
CA GLU NA 169 103.89 -15.86 -70.18
C GLU NA 169 102.67 -15.42 -70.99
N ASN NA 170 102.83 -15.11 -72.28
CA ASN NA 170 101.79 -14.41 -73.03
C ASN NA 170 100.54 -15.25 -73.17
N LYS NA 171 99.38 -14.61 -73.05
CA LYS NA 171 98.11 -15.25 -73.34
C LYS NA 171 97.82 -15.17 -74.84
N ARG NA 172 97.24 -16.24 -75.38
CA ARG NA 172 97.00 -16.35 -76.82
C ARG NA 172 95.59 -16.87 -77.08
N LYS NA 173 94.79 -16.05 -77.75
CA LYS NA 173 93.43 -16.41 -78.14
C LYS NA 173 93.39 -16.55 -79.66
N ALA NA 174 92.63 -17.53 -80.14
CA ALA NA 174 92.60 -17.83 -81.56
C ALA NA 174 91.31 -18.57 -81.89
N LYS NA 175 90.42 -17.94 -82.65
CA LYS NA 175 89.19 -18.56 -83.12
C LYS NA 175 89.46 -19.16 -84.50
N VAL NA 176 89.85 -20.43 -84.54
CA VAL NA 176 90.14 -21.15 -85.77
C VAL NA 176 88.91 -21.92 -86.19
N LYS NA 177 88.55 -21.81 -87.47
CA LYS NA 177 87.54 -22.64 -88.09
C LYS NA 177 88.12 -23.20 -89.38
N GLN NA 178 87.71 -24.42 -89.72
CA GLN NA 178 88.30 -25.12 -90.85
C GLN NA 178 87.24 -25.99 -91.51
N ILE NA 179 87.28 -26.02 -92.85
CA ILE NA 179 86.35 -26.78 -93.67
C ILE NA 179 87.11 -27.96 -94.27
N ILE NA 180 86.75 -29.17 -93.85
CA ILE NA 180 87.38 -30.39 -94.34
C ILE NA 180 86.49 -30.98 -95.42
N THR NA 181 87.11 -31.36 -96.54
CA THR NA 181 86.41 -31.99 -97.67
C THR NA 181 87.23 -33.16 -98.16
N ALA NA 182 86.62 -33.93 -99.06
CA ALA NA 182 87.29 -35.09 -99.62
C ALA NA 182 88.53 -34.71 -100.41
N GLU NA 183 88.45 -33.62 -101.18
CA GLU NA 183 89.56 -33.22 -102.05
C GLU NA 183 90.61 -32.37 -101.35
N SER NA 184 90.23 -31.64 -100.31
CA SER NA 184 91.16 -30.70 -99.68
C SER NA 184 90.64 -30.33 -98.30
N ARG NA 185 91.50 -29.66 -97.54
CA ARG NA 185 91.18 -29.10 -96.24
C ARG NA 185 91.47 -27.61 -96.28
N PHE NA 186 90.56 -26.81 -95.72
CA PHE NA 186 90.72 -25.37 -95.60
C PHE NA 186 90.66 -25.00 -94.13
N VAL NA 187 91.58 -24.15 -93.70
CA VAL NA 187 91.65 -23.70 -92.30
C VAL NA 187 92.03 -22.22 -92.28
N GLU NA 188 91.34 -21.45 -91.45
CA GLU NA 188 91.69 -20.04 -91.23
C GLU NA 188 91.55 -19.74 -89.75
N VAL NA 189 92.37 -18.81 -89.26
CA VAL NA 189 92.42 -18.45 -87.86
C VAL NA 189 92.19 -16.95 -87.72
N GLU NA 190 91.33 -16.58 -86.78
CA GLU NA 190 91.04 -15.18 -86.45
C GLU NA 190 91.59 -14.94 -85.04
N GLY NA 191 92.82 -14.47 -84.97
CA GLY NA 191 93.46 -14.18 -83.71
C GLY NA 191 94.95 -14.42 -83.80
N ASP NA 192 95.53 -14.79 -82.66
CA ASP NA 192 96.97 -14.99 -82.58
C ASP NA 192 97.41 -16.15 -83.46
N LYS NA 193 98.63 -16.03 -83.99
CA LYS NA 193 99.17 -17.07 -84.85
C LYS NA 193 99.40 -18.36 -84.06
N ILE NA 194 98.99 -19.48 -84.64
CA ILE NA 194 99.27 -20.81 -84.11
C ILE NA 194 100.31 -21.45 -85.01
N GLU NA 195 101.42 -21.89 -84.41
CA GLU NA 195 102.56 -22.35 -85.20
C GLU NA 195 102.24 -23.61 -86.00
N GLY NA 196 101.36 -24.47 -85.50
CA GLY NA 196 101.13 -25.75 -86.12
C GLY NA 196 100.23 -25.71 -87.34
N LEU NA 197 99.38 -24.69 -87.45
CA LEU NA 197 98.36 -24.61 -88.49
C LEU NA 197 98.81 -23.67 -89.59
N GLU NA 198 98.80 -24.17 -90.83
CA GLU NA 198 99.02 -23.35 -92.01
C GLU NA 198 97.65 -22.92 -92.54
N GLU NA 199 97.41 -21.61 -92.57
CA GLU NA 199 96.13 -21.11 -93.07
C GLU NA 199 95.98 -21.42 -94.55
N GLY NA 200 94.75 -21.30 -95.03
CA GLY NA 200 94.46 -21.53 -96.43
C GLY NA 200 94.20 -22.99 -96.73
N GLU NA 201 93.84 -23.23 -97.99
CA GLU NA 201 93.58 -24.59 -98.44
C GLU NA 201 94.86 -25.42 -98.42
N THR NA 202 94.71 -26.70 -98.11
CA THR NA 202 95.79 -27.68 -98.20
C THR NA 202 95.20 -28.93 -98.82
N PRO NA 203 95.89 -29.56 -99.79
CA PRO NA 203 95.27 -30.68 -100.49
C PRO NA 203 95.11 -31.91 -99.60
N ASN NA 204 94.11 -32.72 -99.93
CA ASN NA 204 93.85 -33.97 -99.23
C ASN NA 204 94.59 -35.10 -99.92
N VAL NA 205 95.46 -35.79 -99.19
CA VAL NA 205 96.28 -36.84 -99.79
C VAL NA 205 95.43 -37.98 -100.33
N TRP NA 206 94.23 -38.16 -99.78
CA TRP NA 206 93.26 -39.15 -100.27
C TRP NA 206 91.95 -38.45 -100.56
N GLY NA 207 91.19 -38.99 -101.51
CA GLY NA 207 89.95 -38.37 -101.93
C GLY NA 207 88.74 -38.83 -101.12
N PHE NA 208 88.88 -38.87 -99.80
CA PHE NA 208 87.74 -39.07 -98.92
C PHE NA 208 87.97 -38.24 -97.67
N ILE NA 209 86.88 -37.93 -96.99
CA ILE NA 209 86.96 -37.09 -95.78
C ILE NA 209 87.49 -37.94 -94.63
N PRO NA 210 88.57 -37.57 -93.94
CA PRO NA 210 89.13 -38.44 -92.91
C PRO NA 210 88.34 -38.51 -91.61
N ILE NA 211 87.20 -37.82 -91.52
CA ILE NA 211 86.37 -37.82 -90.32
C ILE NA 211 85.34 -38.93 -90.43
N ILE NA 212 85.03 -39.55 -89.29
CA ILE NA 212 84.00 -40.59 -89.18
C ILE NA 212 83.00 -40.13 -88.13
N HIS NA 213 81.72 -40.25 -88.44
CA HIS NA 213 80.64 -39.86 -87.54
C HIS NA 213 80.08 -41.13 -86.89
N PHE NA 214 80.08 -41.14 -85.55
CA PHE NA 214 79.45 -42.20 -84.78
C PHE NA 214 78.10 -41.71 -84.29
N LYS NA 215 77.03 -42.25 -84.88
CA LYS NA 215 75.67 -41.79 -84.67
C LYS NA 215 74.98 -42.75 -83.71
N ASN NA 216 74.81 -42.33 -82.46
CA ASN NA 216 74.11 -43.13 -81.47
C ASN NA 216 72.61 -43.10 -81.72
N GLU NA 217 72.01 -44.28 -81.79
CA GLU NA 217 70.58 -44.43 -82.04
C GLU NA 217 70.19 -43.69 -83.31
N ALA NA 218 70.89 -44.00 -84.40
CA ALA NA 218 70.64 -43.34 -85.67
C ALA NA 218 69.21 -43.60 -86.12
N ASP NA 219 68.64 -42.65 -86.84
CA ASP NA 219 67.30 -42.77 -87.38
C ASP NA 219 67.27 -42.21 -88.80
N GLU NA 220 66.39 -42.78 -89.61
CA GLU NA 220 66.25 -42.33 -90.99
C GLU NA 220 65.79 -40.89 -91.10
N THR NA 221 65.04 -40.39 -90.10
CA THR NA 221 64.48 -39.05 -90.13
C THR NA 221 65.31 -38.02 -89.35
N LEU NA 222 66.50 -38.39 -88.87
CA LEU NA 222 67.35 -37.51 -88.09
C LEU NA 222 68.72 -37.37 -88.75
N LYS NA 223 69.22 -36.14 -88.78
CA LYS NA 223 70.55 -35.89 -89.34
C LYS NA 223 71.63 -36.37 -88.39
N TYR NA 224 71.47 -36.12 -87.09
CA TYR NA 224 72.42 -36.49 -86.06
C TYR NA 224 71.90 -37.68 -85.26
N GLY NA 225 72.71 -38.12 -84.31
CA GLY NA 225 72.29 -39.12 -83.36
C GLY NA 225 71.48 -38.52 -82.23
N GLN NA 226 71.27 -39.32 -81.20
CA GLN NA 226 70.47 -38.91 -80.06
C GLN NA 226 70.88 -39.69 -78.82
N SER NA 227 71.08 -38.96 -77.73
CA SER NA 227 71.63 -39.53 -76.51
C SER NA 227 70.64 -40.47 -75.85
N ASP NA 228 71.17 -41.43 -75.10
CA ASP NA 228 70.34 -42.31 -74.28
C ASP NA 228 69.75 -41.60 -73.08
N ILE NA 229 70.20 -40.38 -72.77
CA ILE NA 229 69.61 -39.62 -71.69
C ILE NA 229 68.31 -38.96 -72.11
N GLU NA 230 68.11 -38.73 -73.42
CA GLU NA 230 66.91 -38.04 -73.88
C GLU NA 230 65.61 -38.74 -73.51
N PRO NA 231 65.45 -40.05 -73.72
CA PRO NA 231 64.19 -40.69 -73.32
C PRO NA 231 63.92 -40.61 -71.82
N ILE NA 232 64.96 -40.67 -70.99
CA ILE NA 232 64.77 -40.65 -69.54
C ILE NA 232 64.74 -39.25 -68.94
N GLU NA 233 65.17 -38.23 -69.70
CA GLU NA 233 65.39 -36.91 -69.14
C GLU NA 233 64.17 -36.32 -68.42
N PRO NA 234 62.96 -36.31 -69.00
CA PRO NA 234 61.83 -35.78 -68.22
C PRO NA 234 61.53 -36.59 -66.98
N LEU NA 235 61.77 -37.90 -67.00
CA LEU NA 235 61.64 -38.68 -65.77
C LEU NA 235 62.67 -38.24 -64.75
N LEU NA 236 63.88 -37.91 -65.19
CA LEU NA 236 64.87 -37.37 -64.27
C LEU NA 236 64.41 -36.05 -63.68
N LYS NA 237 63.79 -35.20 -64.51
CA LYS NA 237 63.29 -33.92 -64.00
C LYS NA 237 62.21 -34.14 -62.95
N ALA NA 238 61.27 -35.04 -63.21
CA ALA NA 238 60.21 -35.30 -62.26
C ALA NA 238 60.76 -35.92 -60.98
N TYR NA 239 61.73 -36.84 -61.11
CA TYR NA 239 62.35 -37.46 -59.95
C TYR NA 239 63.07 -36.41 -59.11
N HIS NA 240 63.79 -35.50 -59.76
CA HIS NA 240 64.45 -34.42 -59.05
C HIS NA 240 63.44 -33.54 -58.32
N ASP NA 241 62.34 -33.19 -58.99
CA ASP NA 241 61.35 -32.33 -58.37
C ASP NA 241 60.74 -33.00 -57.15
N VAL NA 242 60.39 -34.28 -57.28
CA VAL NA 242 59.76 -34.99 -56.17
C VAL NA 242 60.73 -35.11 -55.00
N MET NA 243 61.98 -35.48 -55.28
CA MET NA 243 62.96 -35.64 -54.22
C MET NA 243 63.23 -34.29 -53.54
N LEU NA 244 63.37 -33.22 -54.32
CA LEU NA 244 63.65 -31.92 -53.72
C LEU NA 244 62.49 -31.43 -52.87
N HIS NA 245 61.25 -31.59 -53.36
CA HIS NA 245 60.11 -31.17 -52.58
C HIS NA 245 59.99 -32.01 -51.31
N ALA NA 246 60.28 -33.31 -51.40
CA ALA NA 246 60.28 -34.16 -50.22
C ALA NA 246 61.33 -33.71 -49.21
N LEU NA 247 62.53 -33.40 -49.68
CA LEU NA 247 63.59 -32.95 -48.78
C LEU NA 247 63.21 -31.65 -48.10
N LYS NA 248 62.66 -30.70 -48.85
CA LYS NA 248 62.25 -29.43 -48.26
C LYS NA 248 61.14 -29.64 -47.23
N GLY NA 249 60.16 -30.49 -47.55
CA GLY NA 249 59.09 -30.75 -46.59
C GLY NA 249 59.60 -31.41 -45.33
N SER NA 250 60.52 -32.36 -45.47
CA SER NA 250 61.12 -33.01 -44.31
C SER NA 250 61.87 -31.99 -43.47
N LYS NA 251 62.70 -31.16 -44.09
CA LYS NA 251 63.46 -30.17 -43.34
C LYS NA 251 62.53 -29.20 -42.62
N MET NA 252 61.43 -28.84 -43.25
CA MET NA 252 60.48 -27.92 -42.61
C MET NA 252 59.76 -28.57 -41.45
N HIS NA 253 59.36 -29.85 -41.60
CA HIS NA 253 58.36 -30.45 -40.71
C HIS NA 253 58.69 -31.83 -40.17
N SER NA 254 59.83 -32.44 -40.53
CA SER NA 254 60.15 -33.75 -39.97
C SER NA 254 60.35 -33.67 -38.47
N THR NA 255 61.16 -32.73 -38.02
CA THR NA 255 61.37 -32.57 -36.59
C THR NA 255 60.11 -31.98 -35.96
N PRO NA 256 59.66 -32.48 -34.80
CA PRO NA 256 58.46 -31.91 -34.19
C PRO NA 256 58.69 -30.51 -33.67
N LYS NA 257 57.60 -29.75 -33.56
CA LYS NA 257 57.62 -28.38 -33.07
C LYS NA 257 56.91 -28.36 -31.72
N LEU NA 258 57.62 -27.90 -30.68
CA LEU NA 258 57.05 -27.87 -29.35
C LEU NA 258 56.17 -26.63 -29.18
N LYS NA 259 54.90 -26.85 -28.84
CA LYS NA 259 53.96 -25.77 -28.55
C LYS NA 259 53.82 -25.65 -27.04
N LEU NA 260 53.75 -24.40 -26.56
CA LEU NA 260 53.50 -24.11 -25.16
C LEU NA 260 52.33 -23.12 -25.08
N LYS NA 261 51.19 -23.59 -24.57
CA LYS NA 261 50.02 -22.75 -24.38
C LYS NA 261 50.17 -22.05 -23.03
N LEU NA 262 51.01 -21.03 -23.01
CA LEU NA 262 51.35 -20.32 -21.79
C LEU NA 262 50.28 -19.28 -21.45
N THR NA 263 50.23 -18.92 -20.17
CA THR NA 263 49.31 -17.87 -19.74
C THR NA 263 49.81 -16.48 -20.13
N ASP NA 264 51.13 -16.30 -20.16
CA ASP NA 264 51.74 -15.04 -20.55
C ASP NA 264 53.08 -15.37 -21.20
N VAL NA 265 53.11 -15.29 -22.53
CA VAL NA 265 54.30 -15.73 -23.27
C VAL NA 265 55.47 -14.81 -22.99
N ALA NA 266 55.21 -13.50 -22.91
CA ALA NA 266 56.31 -12.55 -22.74
C ALA NA 266 57.04 -12.77 -21.42
N SER NA 267 56.29 -12.94 -20.33
CA SER NA 267 56.91 -13.17 -19.03
C SER NA 267 57.68 -14.48 -19.02
N PHE NA 268 57.13 -15.51 -19.66
CA PHE NA 268 57.83 -16.79 -19.74
C PHE NA 268 59.16 -16.64 -20.46
N LEU NA 269 59.15 -15.95 -21.61
CA LEU NA 269 60.39 -15.75 -22.36
C LEU NA 269 61.40 -14.96 -21.54
N ALA NA 270 60.93 -13.88 -20.88
CA ALA NA 270 61.83 -13.06 -20.09
C ALA NA 270 62.45 -13.84 -18.94
N HIS NA 271 61.64 -14.62 -18.23
CA HIS NA 271 62.16 -15.39 -17.11
C HIS NA 271 63.13 -16.46 -17.58
N ASN NA 272 62.73 -17.27 -18.56
CA ASN NA 272 63.51 -18.45 -18.92
C ASN NA 272 64.70 -18.09 -19.80
N PHE NA 273 64.45 -17.51 -20.96
CA PHE NA 273 65.49 -17.30 -21.96
C PHE NA 273 66.08 -15.90 -21.93
N GLY NA 274 65.64 -15.04 -21.01
CA GLY NA 274 66.16 -13.69 -20.94
C GLY NA 274 65.91 -12.88 -22.20
N VAL NA 275 64.80 -13.14 -22.88
CA VAL NA 275 64.47 -12.46 -24.13
C VAL NA 275 63.57 -11.30 -23.74
N GLU NA 276 64.20 -10.15 -23.48
CA GLU NA 276 63.44 -9.00 -22.96
C GLU NA 276 62.52 -8.40 -24.01
N ASP NA 277 62.95 -8.41 -25.28
CA ASP NA 277 62.20 -7.81 -26.38
C ASP NA 277 61.96 -8.90 -27.42
N PRO NA 278 60.94 -9.75 -27.24
CA PRO NA 278 60.76 -10.89 -28.16
C PRO NA 278 60.52 -10.50 -29.60
N VAL NA 279 59.88 -9.36 -29.85
CA VAL NA 279 59.67 -8.94 -31.23
C VAL NA 279 61.00 -8.73 -31.93
N LYS NA 280 61.92 -7.99 -31.30
CA LYS NA 280 63.23 -7.76 -31.90
C LYS NA 280 64.00 -9.07 -32.01
N PHE NA 281 63.82 -9.96 -31.03
CA PHE NA 281 64.43 -11.28 -31.10
C PHE NA 281 63.96 -12.02 -32.34
N ALA NA 282 62.70 -11.82 -32.73
CA ALA NA 282 62.20 -12.40 -33.96
C ALA NA 282 62.79 -11.70 -35.18
N LYS NA 283 62.89 -10.36 -35.16
CA LYS NA 283 63.48 -9.66 -36.29
C LYS NA 283 64.93 -10.05 -36.50
N GLU NA 284 65.71 -10.11 -35.41
CA GLU NA 284 67.12 -10.44 -35.50
C GLU NA 284 67.39 -11.87 -35.93
N GLY NA 285 66.38 -12.74 -35.90
CA GLY NA 285 66.61 -14.14 -36.19
C GLY NA 285 67.24 -14.90 -35.05
N GLY NA 286 67.07 -14.44 -33.82
CA GLY NA 286 67.67 -15.14 -32.69
C GLY NA 286 67.09 -16.52 -32.53
N LYS NA 287 67.82 -17.36 -31.81
CA LYS NA 287 67.48 -18.78 -31.67
C LYS NA 287 67.75 -19.23 -30.23
N ILE NA 288 66.69 -19.68 -29.57
CA ILE NA 288 66.82 -20.22 -28.22
C ILE NA 288 67.71 -21.47 -28.26
N ASN NA 289 68.45 -21.68 -27.18
CA ASN NA 289 69.30 -22.86 -27.03
C ASN NA 289 68.73 -23.77 -25.96
N LEU NA 290 68.58 -25.06 -26.30
CA LEU NA 290 68.14 -26.09 -25.36
C LEU NA 290 69.09 -27.27 -25.42
N ASP NA 291 69.45 -27.77 -24.25
CA ASP NA 291 70.33 -28.94 -24.18
C ASP NA 291 69.62 -30.23 -24.54
N GLY NA 292 68.29 -30.27 -24.46
CA GLY NA 292 67.52 -31.45 -24.75
C GLY NA 292 66.89 -32.05 -23.50
N HIS NA 293 67.65 -32.07 -22.41
CA HIS NA 293 67.14 -32.51 -21.12
C HIS NA 293 66.47 -31.33 -20.42
N GLU NA 294 65.17 -31.21 -20.65
CA GLU NA 294 64.36 -30.17 -20.05
C GLU NA 294 63.24 -30.77 -19.19
N ILE NA 295 62.83 -29.99 -18.20
CA ILE NA 295 61.70 -30.33 -17.33
C ILE NA 295 60.82 -29.10 -17.23
N LEU NA 296 59.51 -29.30 -17.33
CA LEU NA 296 58.54 -28.23 -17.46
C LEU NA 296 57.75 -28.10 -16.17
N PHE NA 297 57.78 -26.90 -15.57
CA PHE NA 297 56.91 -26.54 -14.45
C PHE NA 297 55.92 -25.49 -14.95
N LEU NA 298 54.66 -25.89 -15.05
CA LEU NA 298 53.60 -25.06 -15.63
C LEU NA 298 52.51 -24.84 -14.60
N ASN NA 299 51.73 -23.78 -14.81
CA ASN NA 299 50.56 -23.53 -13.97
C ASN NA 299 49.47 -24.54 -14.30
N LYS NA 300 48.33 -24.42 -13.62
CA LYS NA 300 47.24 -25.36 -13.82
C LYS NA 300 46.68 -25.28 -15.24
N ASP NA 301 46.49 -24.07 -15.76
CA ASP NA 301 45.83 -23.88 -17.04
C ASP NA 301 46.76 -24.07 -18.23
N GLU NA 302 48.07 -23.87 -18.06
CA GLU NA 302 48.98 -23.95 -19.18
C GLU NA 302 49.13 -25.40 -19.65
N GLU NA 303 49.46 -25.55 -20.93
CA GLU NA 303 49.62 -26.84 -21.57
C GLU NA 303 50.89 -26.86 -22.40
N ALA NA 304 51.44 -28.05 -22.57
CA ALA NA 304 52.59 -28.26 -23.44
C ALA NA 304 52.39 -29.55 -24.22
N GLU NA 305 52.63 -29.49 -25.53
CA GLU NA 305 52.49 -30.65 -26.39
C GLU NA 305 53.47 -30.52 -27.55
N PHE NA 306 53.65 -31.61 -28.27
CA PHE NA 306 54.47 -31.64 -29.48
C PHE NA 306 53.56 -31.65 -30.69
N VAL NA 307 53.80 -30.72 -31.62
CA VAL NA 307 53.07 -30.65 -32.87
C VAL NA 307 53.87 -31.48 -33.88
N GLU NA 308 53.41 -32.70 -34.14
CA GLU NA 308 54.18 -33.70 -34.88
C GLU NA 308 53.34 -34.23 -36.03
N VAL NA 309 54.01 -34.52 -37.14
CA VAL NA 309 53.38 -35.07 -38.34
C VAL NA 309 53.46 -36.58 -38.30
N LYS NA 310 52.49 -37.25 -38.92
CA LYS NA 310 52.59 -38.69 -39.09
C LYS NA 310 53.75 -39.03 -40.03
N SER NA 311 53.86 -38.31 -41.15
CA SER NA 311 54.94 -38.51 -42.09
C SER NA 311 55.07 -37.26 -42.94
N ALA NA 312 56.17 -36.53 -42.80
CA ALA NA 312 56.37 -35.32 -43.58
C ALA NA 312 56.47 -35.62 -45.06
N ILE NA 313 57.04 -36.78 -45.42
CA ILE NA 313 57.17 -37.14 -46.83
C ILE NA 313 55.81 -37.36 -47.45
N GLY NA 314 54.87 -37.93 -46.71
CA GLY NA 314 53.57 -38.25 -47.27
C GLY NA 314 53.61 -39.52 -48.09
N ASP NA 315 53.58 -39.36 -49.42
CA ASP NA 315 53.58 -40.49 -50.34
C ASP NA 315 54.74 -40.46 -51.32
N ALA NA 316 55.69 -39.53 -51.15
CA ALA NA 316 56.67 -39.28 -52.21
C ALA NA 316 57.55 -40.49 -52.49
N LYS NA 317 57.72 -41.38 -51.51
CA LYS NA 317 58.50 -42.59 -51.78
C LYS NA 317 57.81 -43.46 -52.82
N GLU NA 318 56.48 -43.55 -52.77
CA GLU NA 318 55.75 -44.33 -53.76
C GLU NA 318 55.95 -43.75 -55.16
N LEU NA 319 55.86 -42.43 -55.27
CA LEU NA 319 56.08 -41.79 -56.57
C LEU NA 319 57.50 -42.02 -57.04
N LEU NA 320 58.48 -41.98 -56.12
CA LEU NA 320 59.86 -42.21 -56.51
C LEU NA 320 60.06 -43.64 -56.99
N LYS NA 321 59.40 -44.61 -56.33
CA LYS NA 321 59.48 -45.98 -56.82
C LYS NA 321 58.89 -46.11 -58.21
N LEU NA 322 57.74 -45.47 -58.44
CA LEU NA 322 57.10 -45.55 -59.75
C LEU NA 322 58.00 -44.92 -60.82
N LEU NA 323 58.59 -43.77 -60.52
CA LEU NA 323 59.45 -43.10 -61.49
C LEU NA 323 60.74 -43.88 -61.71
N PHE NA 324 61.25 -44.54 -60.67
CA PHE NA 324 62.43 -45.38 -60.85
C PHE NA 324 62.12 -46.57 -61.74
N TYR NA 325 60.95 -47.19 -61.56
CA TYR NA 325 60.54 -48.26 -62.45
C TYR NA 325 60.41 -47.75 -63.87
N CYS NA 326 59.82 -46.57 -64.05
CA CYS NA 326 59.72 -46.01 -65.40
C CYS NA 326 61.09 -45.75 -66.00
N ILE NA 327 62.04 -45.28 -65.18
CA ILE NA 327 63.36 -44.94 -65.69
C ILE NA 327 64.11 -46.21 -66.12
N VAL NA 328 64.10 -47.24 -65.29
CA VAL NA 328 64.81 -48.47 -65.65
C VAL NA 328 64.11 -49.17 -66.80
N ASP NA 329 62.79 -49.01 -66.91
CA ASP NA 329 62.10 -49.55 -68.07
C ASP NA 329 62.53 -48.82 -69.35
N VAL NA 330 62.60 -47.49 -69.30
CA VAL NA 330 62.90 -46.70 -70.49
C VAL NA 330 64.30 -47.04 -71.00
N SER NA 331 65.27 -47.10 -70.09
CA SER NA 331 66.63 -47.46 -70.46
C SER NA 331 66.79 -48.93 -70.82
N GLU NA 332 65.74 -49.75 -70.60
CA GLU NA 332 65.80 -51.21 -70.69
C GLU NA 332 67.05 -51.76 -70.03
N THR NA 333 67.42 -51.17 -68.90
CA THR NA 333 68.61 -51.60 -68.19
C THR NA 333 68.29 -52.87 -67.40
N PRO NA 334 69.07 -53.95 -67.54
CA PRO NA 334 68.87 -55.09 -66.65
C PRO NA 334 69.03 -54.70 -65.20
N GLU NA 335 68.25 -55.36 -64.35
CA GLU NA 335 67.84 -54.80 -63.07
C GLU NA 335 68.89 -55.00 -61.97
N PHE NA 336 69.89 -55.83 -62.20
CA PHE NA 336 70.98 -55.95 -61.23
C PHE NA 336 71.81 -54.68 -61.16
N ILE NA 337 71.74 -53.82 -62.18
CA ILE NA 337 72.49 -52.56 -62.14
C ILE NA 337 72.00 -51.67 -61.01
N PHE NA 338 70.69 -51.68 -60.77
CA PHE NA 338 70.05 -50.86 -59.75
C PHE NA 338 69.55 -51.71 -58.59
N GLY NA 339 70.32 -52.74 -58.23
CA GLY NA 339 69.84 -53.74 -57.29
C GLY NA 339 69.69 -53.23 -55.86
N VAL NA 340 70.19 -52.04 -55.55
CA VAL NA 340 69.96 -51.50 -54.21
C VAL NA 340 68.49 -51.22 -54.01
N HIS NA 341 67.81 -50.78 -55.07
CA HIS NA 341 66.36 -50.57 -55.00
C HIS NA 341 65.63 -51.90 -54.88
N THR NA 342 66.14 -52.94 -55.55
CA THR NA 342 65.52 -54.28 -55.57
C THR NA 342 66.59 -55.31 -55.23
N PRO NA 343 66.91 -55.50 -53.95
CA PRO NA 343 67.99 -56.43 -53.58
C PRO NA 343 67.74 -57.86 -54.01
N SER NA 344 66.50 -58.26 -54.29
CA SER NA 344 66.24 -59.62 -54.76
C SER NA 344 66.94 -59.92 -56.07
N ALA NA 345 67.18 -58.89 -56.89
CA ALA NA 345 67.85 -59.10 -58.18
C ALA NA 345 69.27 -59.62 -58.02
N LEU NA 346 69.92 -59.33 -56.89
CA LEU NA 346 71.30 -59.76 -56.68
C LEU NA 346 71.43 -61.27 -56.47
N ALA NA 347 70.33 -62.00 -56.33
CA ALA NA 347 70.41 -63.43 -56.12
C ALA NA 347 71.08 -64.13 -57.31
N SER NA 348 70.76 -63.71 -58.53
CA SER NA 348 71.30 -64.36 -59.72
C SER NA 348 71.43 -63.31 -60.81
N VAL NA 349 72.62 -62.72 -60.93
CA VAL NA 349 72.94 -61.89 -62.08
C VAL NA 349 73.07 -62.75 -63.34
N LYS NA 350 73.61 -63.96 -63.18
CA LYS NA 350 73.72 -64.88 -64.31
C LYS NA 350 72.36 -65.19 -64.92
N GLU NA 351 71.31 -65.20 -64.11
CA GLU NA 351 69.98 -65.43 -64.65
C GLU NA 351 69.52 -64.26 -65.52
N GLN NA 352 69.90 -63.04 -65.16
CA GLN NA 352 69.54 -61.86 -65.94
C GLN NA 352 70.51 -61.58 -67.09
N MET NA 353 71.63 -62.29 -67.15
CA MET NA 353 72.62 -62.04 -68.20
C MET NA 353 72.07 -62.10 -69.62
N PRO NA 354 71.11 -62.98 -69.95
CA PRO NA 354 70.51 -62.91 -71.30
C PRO NA 354 69.90 -61.56 -71.63
N ILE NA 355 69.37 -60.82 -70.65
CA ILE NA 355 68.81 -59.51 -70.96
C ILE NA 355 69.92 -58.54 -71.34
N MET NA 356 71.04 -58.57 -70.60
CA MET NA 356 72.19 -57.76 -70.99
C MET NA 356 72.68 -58.17 -72.37
N VAL NA 357 72.68 -59.48 -72.64
CA VAL NA 357 73.12 -59.97 -73.95
C VAL NA 357 72.23 -59.40 -75.04
N ASN NA 358 70.91 -59.37 -74.81
CA ASN NA 358 69.99 -58.78 -75.76
C ASN NA 358 70.28 -57.30 -75.99
N LYS NA 359 70.44 -56.55 -74.91
CA LYS NA 359 70.65 -55.11 -75.03
C LYS NA 359 71.95 -54.82 -75.78
N ILE NA 360 73.01 -55.53 -75.45
CA ILE NA 360 74.29 -55.33 -76.11
C ILE NA 360 74.22 -55.77 -77.57
N ARG NA 361 73.48 -56.85 -77.85
CA ARG NA 361 73.29 -57.27 -79.23
C ARG NA 361 72.64 -56.16 -80.04
N ARG NA 362 71.61 -55.53 -79.48
CA ARG NA 362 70.96 -54.45 -80.19
C ARG NA 362 71.88 -53.24 -80.35
N LYS NA 363 72.66 -52.93 -79.31
CA LYS NA 363 73.44 -51.69 -79.32
C LYS NA 363 74.69 -51.78 -80.19
N ARG NA 364 75.34 -52.95 -80.25
CA ARG NA 364 76.59 -53.05 -81.00
C ARG NA 364 76.38 -52.81 -82.48
N GLU NA 365 75.28 -53.31 -83.03
CA GLU NA 365 75.02 -53.18 -84.46
C GLU NA 365 74.89 -51.72 -84.89
N GLN NA 366 74.53 -50.82 -83.97
CA GLN NA 366 74.43 -49.41 -84.31
C GLN NA 366 75.77 -48.85 -84.76
N PHE NA 367 76.85 -49.22 -84.05
CA PHE NA 367 78.18 -48.69 -84.32
C PHE NA 367 79.04 -49.61 -85.17
N THR NA 368 78.65 -50.87 -85.38
CA THR NA 368 79.54 -51.79 -86.08
C THR NA 368 79.79 -51.36 -87.52
N ASN NA 369 78.81 -50.76 -88.19
CA ASN NA 369 79.04 -50.28 -89.55
C ASN NA 369 80.05 -49.12 -89.56
N SER NA 370 79.93 -48.21 -88.60
CA SER NA 370 80.91 -47.13 -88.50
C SER NA 370 82.30 -47.67 -88.22
N TRP NA 371 82.38 -48.70 -87.38
CA TRP NA 371 83.68 -49.32 -87.10
C TRP NA 371 84.23 -50.02 -88.34
N GLN NA 372 83.35 -50.62 -89.15
CA GLN NA 372 83.80 -51.18 -90.43
C GLN NA 372 84.38 -50.08 -91.32
N LEU NA 373 83.70 -48.94 -91.37
CA LEU NA 373 84.19 -47.83 -92.17
C LEU NA 373 85.54 -47.34 -91.66
N LEU NA 374 85.70 -47.25 -90.34
CA LEU NA 374 86.97 -46.82 -89.76
C LEU NA 374 88.09 -47.81 -90.08
N ALA NA 375 87.80 -49.11 -89.99
CA ALA NA 375 88.80 -50.12 -90.33
C ALA NA 375 89.21 -50.00 -91.79
N ARG NA 376 88.22 -49.84 -92.68
CA ARG NA 376 88.52 -49.65 -94.09
C ARG NA 376 89.38 -48.41 -94.30
N MET NA 377 89.07 -47.33 -93.59
CA MET NA 377 89.80 -46.08 -93.78
C MET NA 377 91.24 -46.20 -93.32
N VAL NA 378 91.46 -46.78 -92.13
CA VAL NA 378 92.83 -46.91 -91.65
C VAL NA 378 93.62 -47.86 -92.53
N LEU NA 379 92.97 -48.90 -93.08
CA LEU NA 379 93.65 -49.74 -94.04
C LEU NA 379 94.04 -48.96 -95.28
N ILE NA 380 93.14 -48.11 -95.78
CA ILE NA 380 93.43 -47.33 -96.97
C ILE NA 380 94.56 -46.33 -96.71
N MET NA 381 94.62 -45.79 -95.49
CA MET NA 381 95.61 -44.78 -95.13
C MET NA 381 96.95 -45.38 -94.72
N SER NA 382 97.22 -46.64 -95.06
CA SER NA 382 98.52 -47.25 -94.77
C SER NA 382 98.71 -48.52 -95.60
N LYS NA 389 96.50 -52.23 -102.60
CA LYS NA 389 97.58 -53.13 -102.22
C LYS NA 389 97.02 -54.38 -101.54
N TYR NA 390 96.18 -54.18 -100.53
CA TYR NA 390 95.59 -55.31 -99.83
C TYR NA 390 94.55 -56.00 -100.70
N SER NA 391 94.48 -57.32 -100.61
CA SER NA 391 93.56 -58.08 -101.43
C SER NA 391 92.10 -57.80 -101.08
N SER NA 392 91.82 -57.40 -99.84
CA SER NA 392 90.47 -57.10 -99.40
C SER NA 392 90.50 -55.87 -98.52
N TYR NA 393 89.37 -55.14 -98.49
CA TYR NA 393 89.21 -53.97 -97.66
C TYR NA 393 87.89 -53.98 -96.87
N ASP NA 394 87.20 -55.12 -96.82
CA ASP NA 394 85.95 -55.26 -96.07
C ASP NA 394 86.27 -56.02 -94.79
N VAL NA 395 86.20 -55.33 -93.66
CA VAL NA 395 86.62 -55.85 -92.37
C VAL NA 395 85.39 -56.26 -91.59
N THR NA 396 85.35 -57.52 -91.16
CA THR NA 396 84.31 -58.01 -90.26
C THR NA 396 84.75 -57.81 -88.83
N ILE NA 397 83.77 -57.67 -87.93
CA ILE NA 397 84.01 -57.24 -86.56
C ILE NA 397 83.51 -58.33 -85.61
N GLY NA 398 84.40 -58.80 -84.74
CA GLY NA 398 84.01 -59.58 -83.58
C GLY NA 398 83.72 -58.68 -82.40
N TRP NA 399 83.43 -59.29 -81.26
CA TRP NA 399 83.08 -58.53 -80.06
C TRP NA 399 83.47 -59.30 -78.81
N ASP NA 400 83.57 -58.58 -77.71
CA ASP NA 400 83.83 -59.19 -76.42
C ASP NA 400 82.60 -59.95 -75.94
N GLU NA 401 82.83 -60.95 -75.10
CA GLU NA 401 81.74 -61.73 -74.55
C GLU NA 401 81.00 -60.90 -73.51
N VAL NA 402 79.67 -60.84 -73.64
CA VAL NA 402 78.86 -60.16 -72.63
C VAL NA 402 78.85 -60.99 -71.35
N ASN NA 403 78.58 -62.29 -71.46
CA ASN NA 403 78.77 -63.25 -70.39
C ASN NA 403 79.71 -64.33 -70.92
N PRO NA 404 80.89 -64.57 -70.32
CA PRO NA 404 81.85 -65.45 -70.98
C PRO NA 404 81.41 -66.89 -71.01
N ARG NA 405 81.92 -67.61 -72.02
CA ARG NA 405 81.75 -69.05 -72.10
C ARG NA 405 82.80 -69.74 -71.25
N ASP NA 406 82.38 -70.80 -70.56
CA ASP NA 406 83.32 -71.54 -69.72
C ASP NA 406 84.29 -72.32 -70.58
N ASP NA 407 85.58 -72.09 -70.36
CA ASP NA 407 86.60 -72.76 -71.17
C ASP NA 407 86.54 -74.27 -71.00
N LYS NA 408 86.16 -74.75 -69.82
CA LYS NA 408 86.00 -76.19 -69.62
C LYS NA 408 84.93 -76.75 -70.55
N GLU NA 409 83.82 -76.03 -70.71
CA GLU NA 409 82.77 -76.48 -71.62
C GLU NA 409 83.25 -76.52 -73.06
N LEU NA 410 84.03 -75.50 -73.47
CA LEU NA 410 84.56 -75.48 -74.82
C LEU NA 410 85.51 -76.65 -75.06
N ALA NA 411 86.38 -76.93 -74.08
CA ALA NA 411 87.28 -78.07 -74.20
C ALA NA 411 86.51 -79.39 -74.23
N GLU NA 412 85.44 -79.50 -73.43
CA GLU NA 412 84.60 -80.69 -73.47
C GLU NA 412 83.99 -80.87 -74.85
N THR NA 413 83.47 -79.79 -75.44
CA THR NA 413 82.91 -79.88 -76.79
C THR NA 413 83.98 -80.29 -77.79
N LEU NA 414 85.18 -79.74 -77.68
CA LEU NA 414 86.25 -80.08 -78.61
C LEU NA 414 86.61 -81.56 -78.52
N GLU NA 415 86.85 -82.06 -77.30
CA GLU NA 415 87.20 -83.46 -77.14
C GLU NA 415 86.07 -84.36 -77.58
N LYS NA 416 84.83 -83.97 -77.28
CA LYS NA 416 83.68 -84.80 -77.62
C LYS NA 416 83.52 -84.90 -79.14
N VAL NA 417 83.72 -83.78 -79.85
CA VAL NA 417 83.67 -83.82 -81.30
C VAL NA 417 84.82 -84.68 -81.84
N CYS NA 418 86.02 -84.51 -81.29
CA CYS NA 418 87.18 -85.25 -81.80
C CYS NA 418 86.99 -86.75 -81.63
N CYS NA 419 86.50 -87.18 -80.47
CA CYS NA 419 86.22 -88.60 -80.26
C CYS NA 419 85.06 -89.06 -81.11
N ALA NA 420 84.06 -88.19 -81.31
CA ALA NA 420 83.00 -88.49 -82.26
C ALA NA 420 83.56 -88.65 -83.66
N LEU NA 421 84.48 -87.75 -84.05
CA LEU NA 421 85.20 -87.93 -85.29
C LEU NA 421 86.19 -89.08 -85.16
N ASP NA 422 86.81 -89.44 -86.28
CA ASP NA 422 87.63 -90.64 -86.44
C ASP NA 422 86.81 -91.92 -86.36
N LYS NA 423 85.48 -91.82 -86.39
CA LYS NA 423 84.59 -92.98 -86.44
C LYS NA 423 83.52 -92.68 -87.48
N ALA NA 424 83.06 -93.75 -88.14
CA ALA NA 424 82.18 -93.61 -89.30
C ALA NA 424 82.85 -92.75 -90.36
N LEU NA 425 83.96 -93.26 -90.89
CA LEU NA 425 84.86 -92.50 -91.76
C LEU NA 425 84.28 -92.23 -93.15
N GLU NA 426 83.04 -92.62 -93.43
CA GLU NA 426 82.41 -92.28 -94.70
C GLU NA 426 82.01 -90.81 -94.81
N GLY NA 427 82.14 -90.04 -93.72
CA GLY NA 427 81.73 -88.64 -93.77
C GLY NA 427 82.53 -87.82 -94.75
N GLY NA 428 83.85 -87.98 -94.75
CA GLY NA 428 84.75 -87.27 -95.63
C GLY NA 428 85.86 -86.59 -94.87
N PHE NA 429 86.64 -85.78 -95.60
CA PHE NA 429 87.77 -85.06 -95.04
C PHE NA 429 87.38 -83.68 -94.51
N ILE NA 430 86.15 -83.23 -94.75
CA ILE NA 430 85.69 -81.96 -94.19
C ILE NA 430 85.67 -81.96 -92.66
N SER NA 431 85.72 -83.14 -92.04
CA SER NA 431 85.84 -83.21 -90.58
C SER NA 431 87.12 -82.51 -90.12
N GLU NA 432 88.21 -82.64 -90.87
CA GLU NA 432 89.44 -81.95 -90.50
C GLU NA 432 89.27 -80.44 -90.58
N GLU NA 433 88.58 -79.96 -91.62
CA GLU NA 433 88.32 -78.52 -91.74
C GLU NA 433 87.49 -78.02 -90.57
N SER NA 434 86.43 -78.76 -90.22
CA SER NA 434 85.61 -78.37 -89.08
C SER NA 434 86.42 -78.41 -87.78
N THR NA 435 87.30 -79.40 -87.65
CA THR NA 435 88.11 -79.52 -86.45
C THR NA 435 89.06 -78.34 -86.30
N VAL NA 436 89.73 -77.94 -87.37
CA VAL NA 436 90.64 -76.80 -87.27
C VAL NA 436 89.85 -75.51 -87.07
N ASN NA 437 88.63 -75.42 -87.63
CA ASN NA 437 87.78 -74.27 -87.36
C ASN NA 437 87.44 -74.18 -85.87
N PHE NA 438 87.07 -75.31 -85.27
CA PHE NA 438 86.74 -75.34 -83.84
C PHE NA 438 87.98 -75.03 -83.01
N LEU NA 439 89.14 -75.53 -83.44
CA LEU NA 439 90.38 -75.23 -82.72
C LEU NA 439 90.70 -73.74 -82.78
N ALA NA 440 90.48 -73.12 -83.93
CA ALA NA 440 90.69 -71.67 -84.03
C ALA NA 440 89.74 -70.92 -83.11
N GLN NA 441 88.47 -71.34 -83.07
CA GLN NA 441 87.52 -70.69 -82.17
C GLN NA 441 87.95 -70.86 -80.71
N TYR NA 442 88.41 -72.05 -80.34
CA TYR NA 442 88.86 -72.29 -78.98
C TYR NA 442 90.08 -71.45 -78.64
N ILE NA 443 91.03 -71.35 -79.57
CA ILE NA 443 92.23 -70.54 -79.34
C ILE NA 443 91.84 -69.08 -79.16
N ASP NA 444 90.90 -68.59 -79.97
CA ASP NA 444 90.44 -67.22 -79.84
C ASP NA 444 89.78 -66.98 -78.50
N THR NA 445 88.91 -67.90 -78.07
CA THR NA 445 88.17 -67.71 -76.83
C THR NA 445 89.02 -67.94 -75.58
N MET NA 446 90.13 -68.67 -75.70
CA MET NA 446 91.03 -68.88 -74.57
C MET NA 446 92.11 -67.80 -74.48
N SER NA 447 92.66 -67.37 -75.62
CA SER NA 447 93.71 -66.37 -75.60
C SER NA 447 93.19 -65.03 -75.09
N ASN NA 448 92.01 -64.62 -75.55
CA ASN NA 448 91.42 -63.37 -75.07
C ASN NA 448 91.07 -63.51 -73.59
N TYR NA 449 91.40 -62.48 -72.82
CA TYR NA 449 91.08 -62.42 -71.40
C TYR NA 449 89.77 -61.66 -71.23
N ILE NA 450 88.89 -62.22 -70.41
CA ILE NA 450 87.51 -61.74 -70.35
C ILE NA 450 87.44 -60.35 -69.72
N SER NA 451 88.05 -60.17 -68.56
CA SER NA 451 87.92 -58.92 -67.82
C SER NA 451 88.91 -57.86 -68.27
N ASP NA 452 89.62 -58.06 -69.38
CA ASP NA 452 90.41 -57.03 -70.02
C ASP NA 452 89.71 -56.63 -71.31
N ASP NA 453 89.47 -55.34 -71.48
CA ASP NA 453 88.79 -54.84 -72.67
C ASP NA 453 89.62 -55.11 -73.92
N PRO NA 454 88.91 -55.42 -75.01
CA PRO NA 454 89.59 -55.67 -76.26
C PRO NA 454 90.34 -56.98 -76.27
N GLU NA 455 91.24 -57.09 -77.25
CA GLU NA 455 92.03 -58.29 -77.50
C GLU NA 455 93.51 -57.94 -77.62
N ARG NA 456 93.99 -57.03 -76.76
CA ARG NA 456 95.42 -56.71 -76.76
C ARG NA 456 96.24 -57.95 -76.39
N GLU NA 457 95.73 -58.76 -75.46
CA GLU NA 457 96.49 -59.93 -75.03
C GLU NA 457 96.66 -60.93 -76.15
N GLY NA 458 95.67 -61.07 -77.04
CA GLY NA 458 95.82 -62.00 -78.15
C GLY NA 458 96.96 -61.61 -79.07
N GLU NA 459 97.00 -60.34 -79.47
CA GLU NA 459 98.08 -59.86 -80.33
C GLU NA 459 99.42 -59.93 -79.61
N ARG NA 460 99.45 -59.58 -78.32
CA ARG NA 460 100.69 -59.63 -77.55
C ARG NA 460 101.22 -61.06 -77.46
N GLU NA 461 100.33 -62.02 -77.19
CA GLU NA 461 100.74 -63.41 -77.12
C GLU NA 461 101.24 -63.92 -78.47
N LYS NA 462 100.55 -63.54 -79.55
CA LYS NA 462 100.99 -63.94 -80.88
C LYS NA 462 102.38 -63.39 -81.18
N ILE NA 463 102.61 -62.11 -80.87
CA ILE NA 463 103.91 -61.50 -81.15
C ILE NA 463 105.00 -62.12 -80.29
N ILE NA 464 104.70 -62.39 -79.01
CA ILE NA 464 105.68 -63.00 -78.12
C ILE NA 464 106.03 -64.41 -78.59
N LYS NA 465 105.02 -65.16 -79.02
CA LYS NA 465 105.27 -66.50 -79.55
C LYS NA 465 106.11 -66.44 -80.82
N THR NA 466 105.83 -65.47 -81.70
CA THR NA 466 106.63 -65.31 -82.90
C THR NA 466 108.08 -64.97 -82.57
N LYS NA 467 108.29 -64.08 -81.60
CA LYS NA 467 109.64 -63.73 -81.19
C LYS NA 467 110.37 -64.94 -80.62
N MET NA 468 109.73 -65.64 -79.68
CA MET NA 468 110.32 -66.85 -79.11
C MET NA 468 110.45 -67.93 -80.17
N LEU NA 469 109.45 -68.08 -81.03
CA LEU NA 469 109.46 -69.08 -82.09
C LEU NA 469 109.54 -70.49 -81.52
N MET OA 19 30.95 -60.27 -81.30
CA MET OA 19 29.46 -60.33 -81.25
C MET OA 19 28.88 -60.94 -82.52
N ARG OA 20 27.63 -61.40 -82.41
CA ARG OA 20 26.92 -61.98 -83.53
C ARG OA 20 26.07 -60.94 -84.24
N MET OA 21 25.74 -61.23 -85.49
CA MET OA 21 24.86 -60.37 -86.28
C MET OA 21 24.29 -61.19 -87.42
N SER OA 22 23.19 -60.71 -87.97
CA SER OA 22 22.59 -61.37 -89.13
C SER OA 22 23.49 -61.20 -90.35
N SER OA 23 23.53 -62.25 -91.19
CA SER OA 23 24.42 -62.25 -92.34
C SER OA 23 24.07 -61.14 -93.33
N GLY OA 24 22.79 -60.82 -93.47
CA GLY OA 24 22.33 -59.84 -94.43
C GLY OA 24 22.35 -58.40 -93.94
N ASN OA 25 23.05 -58.12 -92.83
CA ASN OA 25 23.14 -56.79 -92.25
C ASN OA 25 24.59 -56.39 -92.05
N ILE OA 26 25.41 -56.59 -93.07
CA ILE OA 26 26.85 -56.32 -93.03
C ILE OA 26 27.20 -55.41 -94.20
N GLY OA 27 28.07 -54.44 -93.95
CA GLY OA 27 28.52 -53.53 -94.97
C GLY OA 27 29.46 -54.22 -95.95
N VAL OA 28 29.87 -53.46 -96.95
CA VAL OA 28 30.73 -53.96 -98.02
C VAL OA 28 32.19 -53.77 -97.63
N TYR OA 29 33.02 -54.75 -97.99
CA TYR OA 29 34.44 -54.68 -97.69
C TYR OA 29 35.09 -53.50 -98.41
N LYS OA 30 36.00 -52.84 -97.71
CA LYS OA 30 36.81 -51.77 -98.29
C LYS OA 30 38.18 -51.80 -97.65
N LEU OA 31 39.22 -51.70 -98.48
CA LEU OA 31 40.60 -51.78 -98.00
C LEU OA 31 41.00 -50.46 -97.37
N ASP OA 32 41.04 -50.41 -96.04
CA ASP OA 32 41.40 -49.20 -95.33
C ASP OA 32 42.86 -48.85 -95.61
N ASP OA 33 43.14 -47.57 -95.80
CA ASP OA 33 44.47 -47.06 -96.10
C ASP OA 33 45.00 -46.11 -95.04
N SER OA 34 44.38 -46.07 -93.85
CA SER OA 34 44.86 -45.19 -92.80
C SER OA 34 46.26 -45.58 -92.37
N ARG OA 35 47.11 -44.58 -92.18
CA ARG OA 35 48.50 -44.76 -91.84
C ARG OA 35 48.69 -44.56 -90.35
N VAL OA 36 49.84 -45.04 -89.84
CA VAL OA 36 50.22 -44.78 -88.46
C VAL OA 36 50.75 -43.36 -88.36
N ASP OA 37 50.45 -42.69 -87.25
CA ASP OA 37 50.93 -41.34 -87.06
C ASP OA 37 52.42 -41.41 -86.78
N TYR OA 38 53.23 -41.42 -87.85
CA TYR OA 38 54.62 -41.82 -87.75
C TYR OA 38 55.42 -40.88 -86.85
N GLU OA 39 55.18 -39.58 -86.96
CA GLU OA 39 55.87 -38.64 -86.07
C GLU OA 39 55.46 -38.89 -84.62
N LEU OA 40 54.19 -39.16 -84.36
CA LEU OA 40 53.76 -39.50 -83.01
C LEU OA 40 54.40 -40.80 -82.53
N ALA OA 41 54.51 -41.78 -83.42
CA ALA OA 41 55.14 -43.04 -83.04
C ALA OA 41 56.59 -42.83 -82.64
N ARG OA 42 57.33 -42.04 -83.42
CA ARG OA 42 58.71 -41.76 -83.08
C ARG OA 42 58.81 -40.92 -81.80
N GLU OA 43 57.86 -40.03 -81.57
CA GLU OA 43 57.84 -39.27 -80.33
C GLU OA 43 57.65 -40.19 -79.13
N LEU OA 44 56.70 -41.11 -79.23
CA LEU OA 44 56.46 -42.04 -78.13
C LEU OA 44 57.66 -42.95 -77.90
N TYR OA 45 58.30 -43.39 -78.98
CA TYR OA 45 59.49 -44.22 -78.82
C TYR OA 45 60.61 -43.46 -78.14
N GLN OA 46 60.63 -42.13 -78.26
CA GLN OA 46 61.63 -41.28 -77.63
C GLN OA 46 61.09 -40.50 -76.45
N ASN OA 47 59.87 -40.78 -75.99
CA ASN OA 47 59.32 -40.19 -74.77
C ASN OA 47 59.19 -38.68 -74.90
N LYS OA 48 58.99 -38.18 -76.12
CA LYS OA 48 59.01 -36.75 -76.38
C LYS OA 48 57.63 -36.11 -76.34
N ASN OA 49 56.58 -36.85 -76.67
CA ASN OA 49 55.24 -36.28 -76.69
C ASN OA 49 54.84 -35.82 -75.29
N ALA OA 50 54.29 -34.61 -75.22
CA ALA OA 50 53.97 -34.01 -73.93
C ALA OA 50 52.81 -34.73 -73.24
N ASN OA 51 51.92 -35.34 -74.01
CA ASN OA 51 50.74 -36.00 -73.45
C ASN OA 51 50.99 -37.45 -73.07
N TYR OA 52 52.22 -37.97 -73.25
CA TYR OA 52 52.54 -39.35 -72.89
C TYR OA 52 53.89 -39.45 -72.20
N LYS OA 53 54.37 -38.37 -71.57
CA LYS OA 53 55.73 -38.35 -71.04
C LYS OA 53 55.92 -39.41 -69.97
N LEU OA 54 55.03 -39.44 -68.98
CA LEU OA 54 55.09 -40.47 -67.95
C LEU OA 54 54.58 -41.81 -68.50
N GLY OA 55 53.52 -41.78 -69.30
CA GLY OA 55 52.93 -43.01 -69.78
C GLY OA 55 53.82 -43.79 -70.74
N SER OA 56 54.47 -43.08 -71.66
CA SER OA 56 55.20 -43.75 -72.76
C SER OA 56 56.52 -44.36 -72.35
N SER OA 57 56.79 -44.50 -71.05
CA SER OA 57 58.00 -45.19 -70.60
C SER OA 57 58.05 -46.62 -71.11
N PHE OA 58 56.91 -47.30 -71.19
CA PHE OA 58 56.86 -48.71 -71.54
C PHE OA 58 57.11 -48.98 -73.02
N VAL OA 59 57.06 -47.95 -73.87
CA VAL OA 59 57.17 -48.18 -75.31
C VAL OA 59 58.56 -48.69 -75.67
N ARG OA 60 59.60 -48.03 -75.13
CA ARG OA 60 60.97 -48.43 -75.47
C ARG OA 60 61.28 -49.87 -75.11
N PRO OA 61 61.07 -50.35 -73.88
CA PRO OA 61 61.44 -51.74 -73.58
C PRO OA 61 60.72 -52.77 -74.42
N ILE OA 62 59.44 -52.57 -74.72
CA ILE OA 62 58.69 -53.55 -75.50
C ILE OA 62 59.31 -53.72 -76.88
N VAL OA 63 59.41 -52.62 -77.63
CA VAL OA 63 59.93 -52.66 -78.98
C VAL OA 63 61.37 -53.11 -78.99
N ASN OA 64 62.18 -52.60 -78.06
CA ASN OA 64 63.59 -52.93 -78.04
C ASN OA 64 63.82 -54.41 -77.74
N SER OA 65 63.11 -54.95 -76.76
CA SER OA 65 63.24 -56.37 -76.45
C SER OA 65 62.78 -57.23 -77.64
N THR OA 66 61.63 -56.86 -78.22
CA THR OA 66 61.10 -57.68 -79.31
C THR OA 66 62.04 -57.66 -80.52
N THR OA 67 62.57 -56.50 -80.88
CA THR OA 67 63.43 -56.41 -82.05
C THR OA 67 64.81 -56.98 -81.78
N GLY OA 68 65.29 -56.88 -80.53
CA GLY OA 68 66.60 -57.43 -80.22
C GLY OA 68 66.60 -58.94 -80.12
N PHE OA 69 65.50 -59.53 -79.64
CA PHE OA 69 65.42 -60.98 -79.56
C PHE OA 69 65.36 -61.60 -80.94
N MET OA 70 64.48 -61.09 -81.81
CA MET OA 70 64.49 -61.54 -83.20
C MET OA 70 65.76 -61.04 -83.86
N GLY OA 71 66.54 -61.94 -84.42
CA GLY OA 71 67.82 -61.57 -84.98
C GLY OA 71 67.66 -60.94 -86.35
N VAL OA 72 68.50 -61.35 -87.28
CA VAL OA 72 68.41 -60.93 -88.67
C VAL OA 72 68.31 -62.20 -89.50
N PRO OA 73 67.70 -62.16 -90.69
CA PRO OA 73 67.57 -63.39 -91.47
C PRO OA 73 68.91 -63.98 -91.86
N HIS OA 74 69.00 -65.30 -91.83
CA HIS OA 74 70.19 -66.04 -92.25
C HIS OA 74 69.86 -66.64 -93.61
N PHE OA 75 70.14 -65.87 -94.66
CA PHE OA 75 69.75 -66.26 -96.01
C PHE OA 75 70.50 -67.52 -96.43
N GLN OA 76 69.74 -68.57 -96.75
CA GLN OA 76 70.28 -69.86 -97.14
C GLN OA 76 69.79 -70.20 -98.54
N ILE OA 77 70.71 -70.74 -99.35
CA ILE OA 77 70.38 -71.16 -100.71
C ILE OA 77 71.43 -72.16 -101.16
N GLU OA 78 71.00 -73.15 -101.92
CA GLU OA 78 71.91 -74.21 -102.36
C GLU OA 78 73.00 -73.69 -103.30
N ASP OA 79 72.69 -72.70 -104.13
CA ASP OA 79 73.66 -72.23 -105.12
C ASP OA 79 74.84 -71.55 -104.43
N GLU OA 80 76.05 -71.90 -104.86
CA GLU OA 80 77.25 -71.36 -104.25
C GLU OA 80 77.36 -69.85 -104.48
N GLU OA 81 77.20 -69.41 -105.72
CA GLU OA 81 77.41 -68.00 -106.03
C GLU OA 81 76.31 -67.13 -105.44
N ALA OA 82 75.07 -67.62 -105.48
CA ALA OA 82 73.97 -66.89 -104.83
C ALA OA 82 74.22 -66.76 -103.34
N GLN OA 83 74.70 -67.83 -102.70
CA GLN OA 83 74.99 -67.76 -101.27
C GLN OA 83 76.13 -66.78 -100.98
N TYR OA 84 77.14 -66.76 -101.85
CA TYR OA 84 78.24 -65.82 -101.65
C TYR OA 84 77.77 -64.38 -101.78
N ILE OA 85 76.93 -64.10 -102.79
CA ILE OA 85 76.38 -62.77 -102.93
C ILE OA 85 75.54 -62.41 -101.71
N LEU OA 86 74.75 -63.36 -101.23
CA LEU OA 86 73.88 -63.11 -100.09
C LEU OA 86 74.70 -62.80 -98.83
N ASP OA 87 75.77 -63.56 -98.58
CA ASP OA 87 76.52 -63.31 -97.36
C ASP OA 87 77.35 -62.04 -97.47
N GLU OA 88 77.79 -61.68 -98.68
CA GLU OA 88 78.40 -60.37 -98.89
C GLU OA 88 77.41 -59.26 -98.53
N PHE OA 89 76.19 -59.38 -99.02
CA PHE OA 89 75.17 -58.38 -98.72
C PHE OA 89 74.86 -58.33 -97.23
N VAL OA 90 74.82 -59.48 -96.58
CA VAL OA 90 74.55 -59.54 -95.14
C VAL OA 90 75.68 -58.83 -94.39
N LEU OA 91 76.93 -59.14 -94.76
CA LEU OA 91 78.07 -58.46 -94.14
C LEU OA 91 77.98 -56.95 -94.34
N ASP OA 92 77.42 -56.53 -95.48
CA ASP OA 92 77.26 -55.09 -95.71
C ASP OA 92 76.19 -54.50 -94.80
N ASN OA 93 75.02 -55.14 -94.69
CA ASN OA 93 73.82 -54.47 -94.22
C ASN OA 93 73.10 -55.19 -93.07
N THR OA 94 73.83 -55.95 -92.24
CA THR OA 94 73.18 -56.59 -91.10
C THR OA 94 72.61 -55.57 -90.13
N SER OA 95 73.39 -54.52 -89.83
CA SER OA 95 72.90 -53.48 -88.93
C SER OA 95 71.65 -52.81 -89.49
N LYS OA 96 71.63 -52.56 -90.79
CA LYS OA 96 70.48 -51.93 -91.40
C LYS OA 96 69.29 -52.87 -91.43
N MET OA 97 69.52 -54.18 -91.54
CA MET OA 97 68.41 -55.13 -91.45
C MET OA 97 67.80 -55.12 -90.05
N LEU OA 98 68.63 -55.09 -89.02
CA LEU OA 98 68.10 -54.98 -87.66
C LEU OA 98 67.36 -53.68 -87.47
N LYS OA 99 67.89 -52.58 -88.03
CA LYS OA 99 67.19 -51.31 -87.97
C LYS OA 99 65.86 -51.38 -88.71
N THR OA 100 65.81 -52.16 -89.79
CA THR OA 100 64.55 -52.33 -90.51
C THR OA 100 63.52 -53.04 -89.64
N HIS OA 101 63.95 -54.09 -88.93
CA HIS OA 101 63.07 -54.74 -87.96
C HIS OA 101 62.55 -53.73 -86.93
N THR OA 102 63.46 -52.93 -86.38
CA THR OA 102 63.07 -51.98 -85.35
C THR OA 102 62.11 -50.93 -85.90
N ASP OA 103 62.36 -50.44 -87.12
CA ASP OA 103 61.48 -49.46 -87.73
C ASP OA 103 60.10 -50.04 -87.99
N SER OA 104 60.04 -51.27 -88.50
CA SER OA 104 58.76 -51.91 -88.72
C SER OA 104 57.99 -52.07 -87.41
N LEU OA 105 58.69 -52.48 -86.34
CA LEU OA 105 58.04 -52.61 -85.05
C LEU OA 105 57.54 -51.27 -84.54
N LYS OA 106 58.33 -50.21 -84.70
CA LYS OA 106 58.01 -48.92 -84.11
C LYS OA 106 56.94 -48.19 -84.91
N GLN OA 107 57.25 -47.85 -86.17
CA GLN OA 107 56.34 -47.05 -86.98
C GLN OA 107 55.21 -47.88 -87.59
N GLY OA 108 55.37 -49.20 -87.64
CA GLY OA 108 54.40 -50.08 -88.27
C GLY OA 108 54.64 -50.32 -89.73
N ASP OA 109 55.45 -49.50 -90.39
CA ASP OA 109 55.74 -49.68 -91.81
C ASP OA 109 57.02 -48.95 -92.16
N CYS OA 110 58.03 -49.72 -92.58
CA CYS OA 110 59.30 -49.18 -93.07
C CYS OA 110 59.49 -49.62 -94.51
N TYR OA 111 60.00 -48.71 -95.33
CA TYR OA 111 60.13 -48.91 -96.77
C TYR OA 111 61.60 -48.97 -97.13
N ILE OA 112 62.00 -50.03 -97.83
CA ILE OA 112 63.38 -50.33 -98.14
C ILE OA 112 63.58 -50.28 -99.64
N TRP OA 113 64.64 -49.62 -100.08
CA TRP OA 113 64.94 -49.41 -101.49
C TRP OA 113 66.39 -49.79 -101.75
N ILE OA 114 66.61 -50.65 -102.72
CA ILE OA 114 67.95 -51.10 -103.12
C ILE OA 114 68.31 -50.43 -104.43
N THR OA 115 69.49 -49.81 -104.47
CA THR OA 115 69.99 -49.13 -105.66
C THR OA 115 71.40 -49.63 -105.96
N ARG OA 116 71.66 -49.84 -107.26
CA ARG OA 116 72.96 -50.29 -107.72
C ARG OA 116 73.82 -49.07 -108.05
N GLU OA 117 74.99 -48.98 -107.44
CA GLU OA 117 75.90 -47.84 -107.59
C GLU OA 117 77.18 -48.33 -108.24
N GLU OA 118 77.53 -47.73 -109.38
CA GLU OA 118 78.80 -47.97 -110.06
C GLU OA 118 79.79 -46.82 -109.87
N ARG OA 119 79.49 -45.86 -109.00
CA ARG OA 119 80.38 -44.73 -108.80
C ARG OA 119 81.72 -45.20 -108.23
N GLU OA 120 82.80 -44.64 -108.77
CA GLU OA 120 84.15 -44.97 -108.34
C GLU OA 120 84.65 -43.86 -107.42
N ASN OA 121 85.00 -44.23 -106.19
CA ASN OA 121 85.61 -43.33 -105.23
C ASN OA 121 86.81 -44.02 -104.61
N PRO OA 122 87.79 -43.27 -104.11
CA PRO OA 122 88.98 -43.93 -103.54
C PRO OA 122 88.66 -44.76 -102.31
N LEU OA 123 87.59 -44.43 -101.58
CA LEU OA 123 87.32 -45.11 -100.32
C LEU OA 123 86.97 -46.58 -100.52
N TYR OA 124 86.57 -46.98 -101.73
CA TYR OA 124 86.28 -48.37 -102.07
C TYR OA 124 87.05 -48.74 -103.33
N PRO OA 125 88.38 -48.95 -103.22
CA PRO OA 125 89.15 -49.28 -104.43
C PRO OA 125 88.72 -50.57 -105.10
N ASP OA 126 88.30 -51.57 -104.33
CA ASP OA 126 87.96 -52.89 -104.88
C ASP OA 126 86.49 -53.04 -105.23
N LYS OA 127 85.59 -52.41 -104.46
CA LYS OA 127 84.15 -52.58 -104.67
C LYS OA 127 83.69 -51.62 -105.75
N LYS OA 128 83.89 -52.04 -107.00
CA LYS OA 128 83.47 -51.22 -108.14
C LYS OA 128 81.96 -51.06 -108.16
N VAL OA 129 81.23 -52.14 -107.86
CA VAL OA 129 79.76 -52.16 -107.87
C VAL OA 129 79.29 -52.42 -106.45
N ARG OA 130 78.40 -51.56 -105.95
CA ARG OA 130 77.85 -51.66 -104.61
C ARG OA 130 76.34 -51.53 -104.67
N LEU OA 131 75.65 -52.39 -103.94
CA LEU OA 131 74.19 -52.34 -103.80
C LEU OA 131 73.88 -51.57 -102.53
N ILE OA 132 73.43 -50.32 -102.69
CA ILE OA 132 73.18 -49.46 -101.54
C ILE OA 132 71.85 -49.86 -100.92
N TYR OA 133 71.89 -50.16 -99.62
CA TYR OA 133 70.69 -50.52 -98.86
C TYR OA 133 70.11 -49.24 -98.29
N ASN OA 134 69.19 -48.62 -99.03
CA ASN OA 134 68.69 -47.28 -98.72
C ASN OA 134 67.33 -47.37 -98.05
N PHE OA 135 67.18 -46.66 -96.94
CA PHE OA 135 65.89 -46.54 -96.27
C PHE OA 135 65.04 -45.47 -96.95
N ILE OA 136 63.74 -45.62 -96.83
CA ILE OA 136 62.77 -44.58 -97.16
C ILE OA 136 61.90 -44.37 -95.93
N SER OA 137 61.86 -43.14 -95.44
CA SER OA 137 60.98 -42.83 -94.33
C SER OA 137 59.52 -43.00 -94.77
N PRO OA 138 58.64 -43.52 -93.91
CA PRO OA 138 57.25 -43.74 -94.36
C PRO OA 138 56.50 -42.46 -94.67
N GLU OA 139 56.96 -41.30 -94.19
CA GLU OA 139 56.33 -40.04 -94.58
C GLU OA 139 56.70 -39.65 -95.99
N GLU OA 140 57.87 -40.09 -96.49
CA GLU OA 140 58.27 -39.74 -97.84
C GLU OA 140 57.32 -40.33 -98.88
N VAL OA 141 56.96 -41.60 -98.72
CA VAL OA 141 56.05 -42.25 -99.66
C VAL OA 141 54.65 -41.67 -99.41
N LYS OA 142 54.20 -40.81 -100.33
CA LYS OA 142 52.89 -40.21 -100.20
C LYS OA 142 51.78 -41.18 -100.55
N GLU OA 143 52.07 -42.15 -101.41
CA GLU OA 143 51.08 -43.12 -101.85
C GLU OA 143 51.79 -44.22 -102.64
N ILE OA 144 51.19 -45.41 -102.64
CA ILE OA 144 51.66 -46.54 -103.43
C ILE OA 144 50.49 -47.00 -104.30
N ILE OA 145 50.76 -47.17 -105.59
CA ILE OA 145 49.75 -47.62 -106.54
C ILE OA 145 49.77 -49.14 -106.58
N LEU OA 146 48.61 -49.75 -106.37
CA LEU OA 146 48.46 -51.20 -106.30
C LEU OA 146 47.66 -51.71 -107.49
N ASP OA 147 48.06 -52.86 -108.01
CA ASP OA 147 47.24 -53.55 -109.01
C ASP OA 147 45.96 -54.02 -108.33
N PRO OA 148 44.77 -53.60 -108.77
CA PRO OA 148 43.56 -53.93 -107.99
C PRO OA 148 43.29 -55.41 -107.84
N THR OA 149 43.56 -56.21 -108.87
CA THR OA 149 43.20 -57.63 -108.81
C THR OA 149 44.19 -58.41 -107.94
N THR OA 150 45.47 -58.07 -108.00
CA THR OA 150 46.50 -58.77 -107.23
C THR OA 150 46.92 -58.01 -105.97
N LYS OA 151 46.61 -56.72 -105.88
CA LYS OA 151 47.05 -55.86 -104.78
C LYS OA 151 48.57 -55.73 -104.70
N GLU OA 152 49.27 -56.06 -105.79
CA GLU OA 152 50.72 -55.89 -105.84
C GLU OA 152 51.04 -54.41 -106.09
N PRO OA 153 52.00 -53.82 -105.38
CA PRO OA 153 52.30 -52.41 -105.64
C PRO OA 153 52.98 -52.23 -107.00
N ILE OA 154 52.37 -51.41 -107.84
CA ILE OA 154 52.87 -51.15 -109.19
C ILE OA 154 53.60 -49.81 -109.31
N ALA OA 155 53.48 -48.92 -108.32
CA ALA OA 155 54.22 -47.67 -108.36
C ALA OA 155 54.21 -47.05 -106.97
N TYR OA 156 55.21 -46.22 -106.71
CA TYR OA 156 55.39 -45.54 -105.42
C TYR OA 156 55.44 -44.04 -105.64
N ILE OA 157 54.78 -43.30 -104.76
CA ILE OA 157 54.71 -41.84 -104.84
C ILE OA 157 55.56 -41.30 -103.70
N LEU OA 158 56.79 -40.90 -104.02
CA LEU OA 158 57.74 -40.37 -103.03
C LEU OA 158 57.75 -38.85 -103.10
N GLU OA 159 57.81 -38.20 -101.95
CA GLU OA 159 57.78 -36.75 -101.86
C GLU OA 159 58.52 -36.31 -100.62
N SER OA 160 59.51 -35.41 -100.78
CA SER OA 160 60.36 -35.01 -99.68
C SER OA 160 60.91 -33.62 -99.93
N GLN OA 161 61.03 -32.83 -98.86
CA GLN OA 161 61.59 -31.49 -98.91
C GLN OA 161 63.04 -31.57 -98.45
N ASN OA 162 63.97 -31.58 -99.41
CA ASN OA 162 65.40 -31.65 -99.12
C ASN OA 162 65.91 -30.23 -98.93
N GLU OA 163 66.04 -29.81 -97.66
CA GLU OA 163 66.69 -28.56 -97.31
C GLU OA 163 68.15 -28.84 -96.98
N TRP OA 164 69.04 -28.10 -97.61
CA TRP OA 164 70.46 -28.35 -97.50
C TRP OA 164 71.23 -27.09 -97.82
N THR OA 165 72.49 -27.04 -97.40
CA THR OA 165 73.36 -25.89 -97.61
C THR OA 165 74.42 -26.23 -98.64
N ASP OA 166 74.73 -25.27 -99.51
CA ASP OA 166 75.83 -25.42 -100.45
C ASP OA 166 77.13 -25.64 -99.67
N LEU OA 167 78.12 -26.22 -100.36
CA LEU OA 167 79.44 -26.39 -99.75
C LEU OA 167 80.07 -25.07 -99.33
N GLY OA 168 79.62 -23.96 -99.91
CA GLY OA 168 79.92 -22.65 -99.36
C GLY OA 168 79.04 -22.35 -98.17
N GLU OA 169 78.47 -21.14 -98.12
CA GLU OA 169 77.62 -20.69 -97.03
C GLU OA 169 76.25 -20.25 -97.55
N ASN OA 170 75.69 -21.02 -98.48
CA ASN OA 170 74.45 -20.68 -99.16
C ASN OA 170 73.41 -21.77 -98.90
N LYS OA 171 72.20 -21.36 -98.53
CA LYS OA 171 71.13 -22.29 -98.24
C LYS OA 171 70.46 -22.75 -99.53
N ARG OA 172 69.98 -24.00 -99.53
CA ARG OA 172 69.30 -24.58 -100.67
C ARG OA 172 68.08 -25.36 -100.19
N LYS OA 173 66.92 -25.04 -100.76
CA LYS OA 173 65.67 -25.73 -100.49
C LYS OA 173 65.19 -26.35 -101.79
N ALA OA 174 64.70 -27.59 -101.71
CA ALA OA 174 64.33 -28.34 -102.91
C ALA OA 174 63.28 -29.37 -102.54
N LYS OA 175 62.04 -29.15 -102.97
CA LYS OA 175 60.95 -30.11 -102.79
C LYS OA 175 60.98 -31.06 -103.97
N VAL OA 176 61.49 -32.26 -103.74
CA VAL OA 176 61.62 -33.28 -104.79
C VAL OA 176 60.49 -34.29 -104.65
N LYS OA 177 59.83 -34.57 -105.76
CA LYS OA 177 58.86 -35.66 -105.88
C LYS OA 177 59.32 -36.58 -106.99
N GLN OA 178 59.17 -37.88 -106.77
CA GLN OA 178 59.56 -38.86 -107.78
C GLN OA 178 58.64 -40.07 -107.73
N ILE OA 179 58.32 -40.58 -108.92
CA ILE OA 179 57.48 -41.76 -109.09
C ILE OA 179 58.35 -42.89 -109.59
N ILE OA 180 58.44 -43.97 -108.82
CA ILE OA 180 59.18 -45.16 -109.19
C ILE OA 180 58.20 -46.22 -109.68
N THR OA 181 58.50 -46.79 -110.84
CA THR OA 181 57.71 -47.85 -111.43
C THR OA 181 58.63 -48.97 -111.88
N ALA OA 182 58.04 -50.15 -112.09
CA ALA OA 182 58.83 -51.28 -112.56
C ALA OA 182 59.49 -51.00 -113.90
N GLU OA 183 58.83 -50.20 -114.75
CA GLU OA 183 59.33 -49.91 -116.09
C GLU OA 183 60.34 -48.76 -116.09
N SER OA 184 60.11 -47.74 -115.27
CA SER OA 184 60.96 -46.55 -115.28
C SER OA 184 60.77 -45.80 -113.97
N ARG OA 185 61.69 -44.87 -113.72
CA ARG OA 185 61.66 -43.99 -112.56
C ARG OA 185 61.52 -42.55 -113.06
N PHE OA 186 60.54 -41.83 -112.50
CA PHE OA 186 60.27 -40.45 -112.84
C PHE OA 186 60.59 -39.56 -111.64
N VAL OA 187 61.34 -38.49 -111.88
CA VAL OA 187 61.81 -37.59 -110.83
C VAL OA 187 61.72 -36.15 -111.31
N GLU OA 188 61.26 -35.26 -110.44
CA GLU OA 188 61.25 -33.84 -110.68
C GLU OA 188 61.48 -33.13 -109.36
N VAL OA 189 62.03 -31.91 -109.44
CA VAL OA 189 62.38 -31.11 -108.27
C VAL OA 189 61.81 -29.71 -108.45
N GLU OA 190 61.28 -29.15 -107.35
CA GLU OA 190 60.71 -27.81 -107.32
C GLU OA 190 61.54 -26.99 -106.33
N GLY OA 191 62.59 -26.39 -106.82
CA GLY OA 191 63.47 -25.57 -105.99
C GLY OA 191 64.87 -25.52 -106.58
N ASP OA 192 65.84 -25.39 -105.69
CA ASP OA 192 67.23 -25.27 -106.11
C ASP OA 192 67.72 -26.55 -106.76
N LYS OA 193 68.66 -26.41 -107.68
CA LYS OA 193 69.19 -27.55 -108.42
C LYS OA 193 70.00 -28.46 -107.50
N ILE OA 194 69.85 -29.76 -107.73
CA ILE OA 194 70.67 -30.80 -107.09
C ILE OA 194 71.35 -31.56 -108.22
N GLU OA 195 72.69 -31.64 -108.15
CA GLU OA 195 73.44 -32.31 -109.21
C GLU OA 195 73.11 -33.79 -109.27
N GLY OA 196 72.92 -34.43 -108.11
CA GLY OA 196 72.74 -35.88 -108.07
C GLY OA 196 71.51 -36.37 -108.80
N LEU OA 197 70.44 -35.57 -108.85
CA LEU OA 197 69.17 -35.97 -109.40
C LEU OA 197 69.00 -35.40 -110.81
N GLU OA 198 68.75 -36.28 -111.78
CA GLU OA 198 68.51 -35.91 -113.16
C GLU OA 198 67.01 -35.90 -113.40
N GLU OA 199 66.44 -34.71 -113.62
CA GLU OA 199 65.00 -34.57 -113.71
C GLU OA 199 64.43 -35.35 -114.89
N GLY OA 200 63.15 -35.71 -114.77
CA GLY OA 200 62.46 -36.44 -115.81
C GLY OA 200 62.63 -37.94 -115.68
N GLU OA 201 61.96 -38.65 -116.57
CA GLU OA 201 61.98 -40.10 -116.57
C GLU OA 201 63.38 -40.62 -116.89
N THR OA 202 63.75 -41.72 -116.22
CA THR OA 202 64.96 -42.45 -116.50
C THR OA 202 64.59 -43.93 -116.50
N PRO OA 203 65.12 -44.73 -117.42
CA PRO OA 203 64.62 -46.11 -117.54
C PRO OA 203 65.07 -46.97 -116.36
N ASN OA 204 64.26 -47.99 -116.09
CA ASN OA 204 64.57 -48.98 -115.05
C ASN OA 204 65.36 -50.12 -115.69
N VAL OA 205 66.57 -50.36 -115.18
CA VAL OA 205 67.42 -51.41 -115.74
C VAL OA 205 66.81 -52.79 -115.60
N TRP OA 206 65.91 -52.98 -114.63
CA TRP OA 206 65.16 -54.21 -114.47
C TRP OA 206 63.67 -53.87 -114.45
N GLY OA 207 62.85 -54.86 -114.80
CA GLY OA 207 61.42 -54.65 -114.90
C GLY OA 207 60.66 -54.97 -113.62
N PHE OA 208 61.23 -54.59 -112.47
CA PHE OA 208 60.52 -54.70 -111.20
C PHE OA 208 60.83 -53.46 -110.37
N ILE OA 209 59.94 -53.15 -109.46
CA ILE OA 209 60.12 -51.97 -108.60
C ILE OA 209 61.21 -52.27 -107.57
N PRO OA 210 62.27 -51.46 -107.47
CA PRO OA 210 63.36 -51.80 -106.54
C PRO OA 210 63.08 -51.53 -105.07
N ILE OA 211 61.84 -51.17 -104.72
CA ILE OA 211 61.45 -50.91 -103.34
C ILE OA 211 60.78 -52.14 -102.78
N ILE OA 212 61.02 -52.41 -101.49
CA ILE OA 212 60.40 -53.51 -100.76
C ILE OA 212 59.68 -52.94 -99.56
N HIS OA 213 58.42 -53.34 -99.38
CA HIS OA 213 57.58 -52.85 -98.29
C HIS OA 213 57.64 -53.84 -97.15
N PHE OA 214 58.10 -53.38 -95.98
CA PHE OA 214 58.08 -54.17 -94.75
C PHE OA 214 56.86 -53.76 -93.94
N LYS OA 215 55.89 -54.67 -93.85
CA LYS OA 215 54.59 -54.40 -93.25
C LYS OA 215 54.52 -55.12 -91.91
N ASN OA 216 54.52 -54.35 -90.82
CA ASN OA 216 54.41 -54.92 -89.49
C ASN OA 216 52.97 -55.24 -89.16
N GLU OA 217 52.74 -56.46 -88.69
CA GLU OA 217 51.40 -56.95 -88.34
C GLU OA 217 50.44 -56.74 -89.51
N ALA OA 218 50.85 -57.23 -90.67
CA ALA OA 218 50.08 -57.02 -91.89
C ALA OA 218 48.69 -57.64 -91.74
N ASP OA 219 47.69 -56.95 -92.30
CA ASP OA 219 46.32 -57.40 -92.26
C ASP OA 219 45.72 -57.28 -93.65
N GLU OA 220 44.88 -58.25 -94.00
CA GLU OA 220 44.29 -58.27 -95.33
C GLU OA 220 43.27 -57.16 -95.53
N THR OA 221 42.79 -56.53 -94.45
CA THR OA 221 41.86 -55.41 -94.53
C THR OA 221 42.54 -54.06 -94.40
N LEU OA 222 43.87 -54.01 -94.28
CA LEU OA 222 44.62 -52.77 -94.17
C LEU OA 222 45.65 -52.70 -95.29
N LYS OA 223 45.71 -51.55 -95.95
CA LYS OA 223 46.71 -51.35 -97.00
C LYS OA 223 48.12 -51.36 -96.42
N TYR OA 224 48.32 -50.68 -95.29
CA TYR OA 224 49.62 -50.52 -94.67
C TYR OA 224 49.73 -51.43 -93.45
N GLY OA 225 50.90 -51.37 -92.81
CA GLY OA 225 51.11 -52.05 -91.55
C GLY OA 225 50.55 -51.25 -90.40
N GLN OA 226 51.00 -51.59 -89.21
CA GLN OA 226 50.52 -50.95 -87.99
C GLN OA 226 51.50 -51.16 -86.85
N SER OA 227 51.71 -50.11 -86.07
CA SER OA 227 52.71 -50.11 -85.01
C SER OA 227 52.26 -50.95 -83.83
N ASP OA 228 53.24 -51.55 -83.13
CA ASP OA 228 52.96 -52.23 -81.88
C ASP OA 228 52.59 -51.26 -80.76
N ILE OA 229 52.78 -49.95 -80.96
CA ILE OA 229 52.34 -48.98 -79.96
C ILE OA 229 50.84 -48.77 -80.00
N GLU OA 230 50.19 -49.06 -81.13
CA GLU OA 230 48.76 -48.78 -81.27
C GLU OA 230 47.90 -49.54 -80.25
N PRO OA 231 48.04 -50.86 -80.07
CA PRO OA 231 47.22 -51.53 -79.06
C PRO OA 231 47.42 -51.00 -77.66
N ILE OA 232 48.65 -50.62 -77.30
CA ILE OA 232 48.93 -50.14 -75.95
C ILE OA 232 48.70 -48.65 -75.77
N GLU OA 233 48.54 -47.90 -76.85
CA GLU OA 233 48.48 -46.43 -76.79
C GLU OA 233 47.41 -45.90 -75.84
N PRO OA 234 46.15 -46.33 -75.88
CA PRO OA 234 45.20 -45.80 -74.89
C PRO OA 234 45.55 -46.15 -73.46
N LEU OA 235 46.14 -47.33 -73.24
CA LEU OA 235 46.63 -47.66 -71.91
C LEU OA 235 47.76 -46.73 -71.50
N LEU OA 236 48.63 -46.37 -72.45
CA LEU OA 236 49.67 -45.39 -72.14
C LEU OA 236 49.06 -44.05 -71.78
N LYS OA 237 48.00 -43.64 -72.48
CA LYS OA 237 47.35 -42.38 -72.17
C LYS OA 237 46.75 -42.40 -70.77
N ALA OA 238 46.05 -43.48 -70.43
CA ALA OA 238 45.46 -43.59 -69.10
C ALA OA 238 46.53 -43.63 -68.03
N TYR OA 239 47.62 -44.36 -68.28
CA TYR OA 239 48.72 -44.43 -67.33
C TYR OA 239 49.34 -43.06 -67.12
N HIS OA 240 49.54 -42.30 -68.21
CA HIS OA 240 50.06 -40.95 -68.09
C HIS OA 240 49.13 -40.06 -67.29
N ASP OA 241 47.82 -40.15 -67.56
CA ASP OA 241 46.87 -39.31 -66.85
C ASP OA 241 46.87 -39.64 -65.36
N VAL OA 242 46.88 -40.92 -65.01
CA VAL OA 242 46.87 -41.32 -63.61
C VAL OA 242 48.15 -40.87 -62.92
N MET OA 243 49.29 -41.08 -63.56
CA MET OA 243 50.56 -40.70 -62.95
C MET OA 243 50.65 -39.18 -62.78
N LEU OA 244 50.23 -38.42 -63.79
CA LEU OA 244 50.32 -36.96 -63.68
C LEU OA 244 49.38 -36.43 -62.62
N HIS OA 245 48.16 -36.95 -62.56
CA HIS OA 245 47.23 -36.54 -61.51
C HIS OA 245 47.78 -36.90 -60.13
N ALA OA 246 48.39 -38.08 -60.01
CA ALA OA 246 49.01 -38.49 -58.76
C ALA OA 246 50.13 -37.55 -58.37
N LEU OA 247 51.00 -37.19 -59.32
CA LEU OA 247 52.11 -36.31 -59.01
C LEU OA 247 51.63 -34.93 -58.61
N LYS OA 248 50.62 -34.40 -59.31
CA LYS OA 248 50.07 -33.10 -58.94
C LYS OA 248 49.44 -33.15 -57.55
N GLY OA 249 48.69 -34.22 -57.25
CA GLY OA 249 48.10 -34.33 -55.94
C GLY OA 249 49.14 -34.43 -54.84
N SER OA 250 50.21 -35.19 -55.08
CA SER OA 250 51.28 -35.29 -54.10
C SER OA 250 51.93 -33.93 -53.88
N LYS OA 251 52.27 -33.23 -54.97
CA LYS OA 251 52.90 -31.92 -54.83
C LYS OA 251 51.98 -30.95 -54.08
N MET OA 252 50.68 -31.07 -54.31
CA MET OA 252 49.74 -30.14 -53.67
C MET OA 252 49.58 -30.46 -52.18
N HIS OA 253 49.57 -31.74 -51.81
CA HIS OA 253 49.07 -32.15 -50.50
C HIS OA 253 49.96 -33.15 -49.76
N SER OA 254 51.02 -33.69 -50.35
CA SER OA 254 51.85 -34.66 -49.63
C SER OA 254 52.49 -34.01 -48.42
N THR OA 255 53.16 -32.90 -48.61
CA THR OA 255 53.80 -32.22 -47.49
C THR OA 255 52.72 -31.65 -46.58
N PRO OA 256 52.80 -31.86 -45.26
CA PRO OA 256 51.72 -31.40 -44.39
C PRO OA 256 51.69 -29.88 -44.28
N LYS OA 257 50.50 -29.35 -43.97
CA LYS OA 257 50.26 -27.91 -43.88
C LYS OA 257 49.99 -27.58 -42.42
N LEU OA 258 50.82 -26.71 -41.85
CA LEU OA 258 50.66 -26.30 -40.46
C LEU OA 258 49.52 -25.29 -40.34
N LYS OA 259 48.64 -25.52 -39.37
CA LYS OA 259 47.57 -24.56 -39.04
C LYS OA 259 47.89 -23.93 -37.70
N LEU OA 260 47.61 -22.63 -37.58
CA LEU OA 260 47.66 -21.92 -36.32
C LEU OA 260 46.33 -21.21 -36.13
N LYS OA 261 45.61 -21.56 -35.06
CA LYS OA 261 44.33 -20.93 -34.74
C LYS OA 261 44.62 -19.74 -33.82
N LEU OA 262 45.29 -18.74 -34.38
CA LEU OA 262 45.78 -17.61 -33.62
C LEU OA 262 44.62 -16.73 -33.16
N THR OA 263 44.83 -16.08 -32.01
CA THR OA 263 43.86 -15.11 -31.52
C THR OA 263 43.77 -13.91 -32.45
N ASP OA 264 44.90 -13.46 -32.98
CA ASP OA 264 44.96 -12.29 -33.87
C ASP OA 264 46.06 -12.56 -34.90
N VAL OA 265 45.65 -12.91 -36.12
CA VAL OA 265 46.62 -13.35 -37.13
C VAL OA 265 47.56 -12.22 -37.52
N ALA OA 266 47.01 -11.01 -37.69
CA ALA OA 266 47.83 -9.89 -38.17
C ALA OA 266 48.93 -9.55 -37.18
N SER OA 267 48.61 -9.53 -35.89
CA SER OA 267 49.62 -9.24 -34.88
C SER OA 267 50.72 -10.29 -34.89
N PHE OA 268 50.35 -11.57 -35.00
CA PHE OA 268 51.35 -12.63 -35.03
C PHE OA 268 52.26 -12.51 -36.24
N LEU OA 269 51.66 -12.27 -37.41
CA LEU OA 269 52.47 -12.11 -38.63
C LEU OA 269 53.43 -10.95 -38.49
N ALA OA 270 52.93 -9.79 -38.04
CA ALA OA 270 53.78 -8.61 -37.93
C ALA OA 270 54.90 -8.82 -36.92
N HIS OA 271 54.60 -9.43 -35.77
CA HIS OA 271 55.62 -9.65 -34.77
C HIS OA 271 56.68 -10.63 -35.25
N ASN OA 272 56.25 -11.79 -35.76
CA ASN OA 272 57.19 -12.86 -36.04
C ASN OA 272 57.88 -12.67 -37.39
N PHE OA 273 57.10 -12.64 -38.47
CA PHE OA 273 57.66 -12.69 -39.82
C PHE OA 273 57.90 -11.32 -40.44
N GLY OA 274 57.62 -10.25 -39.71
CA GLY OA 274 57.79 -8.91 -40.28
C GLY OA 274 56.89 -8.65 -41.47
N VAL OA 275 55.74 -9.29 -41.52
CA VAL OA 275 54.78 -9.11 -42.61
C VAL OA 275 53.84 -8.01 -42.16
N GLU OA 276 54.23 -6.76 -42.41
CA GLU OA 276 53.43 -5.63 -41.94
C GLU OA 276 52.09 -5.56 -42.66
N ASP OA 277 52.06 -5.93 -43.95
CA ASP OA 277 50.86 -5.83 -44.78
C ASP OA 277 50.60 -7.23 -45.36
N PRO OA 278 49.86 -8.08 -44.65
CA PRO OA 278 49.70 -9.47 -45.13
C PRO OA 278 48.98 -9.58 -46.46
N VAL OA 279 48.03 -8.70 -46.76
CA VAL OA 279 47.34 -8.79 -48.03
C VAL OA 279 48.31 -8.55 -49.18
N LYS OA 280 49.18 -7.56 -49.07
CA LYS OA 280 50.19 -7.35 -50.09
C LYS OA 280 51.18 -8.51 -50.14
N PHE OA 281 51.51 -9.07 -48.97
CA PHE OA 281 52.43 -10.20 -48.93
C PHE OA 281 51.88 -11.39 -49.70
N ALA OA 282 50.58 -11.65 -49.55
CA ALA OA 282 49.96 -12.73 -50.31
C ALA OA 282 49.86 -12.38 -51.80
N LYS OA 283 49.40 -11.17 -52.11
CA LYS OA 283 49.27 -10.77 -53.51
C LYS OA 283 50.63 -10.73 -54.19
N GLU OA 284 51.64 -10.19 -53.52
CA GLU OA 284 52.99 -10.21 -54.06
C GLU OA 284 53.56 -11.62 -54.19
N GLY OA 285 53.01 -12.59 -53.47
CA GLY OA 285 53.53 -13.94 -53.52
C GLY OA 285 54.72 -14.18 -52.61
N GLY OA 286 54.88 -13.40 -51.55
CA GLY OA 286 55.99 -13.61 -50.65
C GLY OA 286 55.86 -14.93 -49.92
N LYS OA 287 57.02 -15.48 -49.54
CA LYS OA 287 57.10 -16.79 -48.91
C LYS OA 287 57.87 -16.68 -47.60
N ILE OA 288 57.25 -17.15 -46.51
CA ILE OA 288 57.89 -17.14 -45.21
C ILE OA 288 59.04 -18.15 -45.21
N ASN OA 289 60.10 -17.82 -44.47
CA ASN OA 289 61.29 -18.66 -44.37
C ASN OA 289 61.40 -19.21 -42.95
N LEU OA 290 61.51 -20.54 -42.85
CA LEU OA 290 61.68 -21.23 -41.57
C LEU OA 290 62.83 -22.21 -41.68
N ASP OA 291 63.67 -22.22 -40.63
CA ASP OA 291 64.80 -23.14 -40.59
C ASP OA 291 64.37 -24.58 -40.42
N GLY OA 292 63.18 -24.82 -39.86
CA GLY OA 292 62.70 -26.16 -39.56
C GLY OA 292 62.70 -26.42 -38.06
N HIS OA 293 63.75 -25.97 -37.38
CA HIS OA 293 63.79 -26.01 -35.92
C HIS OA 293 63.06 -24.78 -35.38
N GLU OA 294 61.79 -25.00 -35.05
CA GLU OA 294 60.92 -23.97 -34.49
C GLU OA 294 60.32 -24.44 -33.17
N ILE OA 295 59.97 -23.45 -32.35
CA ILE OA 295 59.28 -23.67 -31.08
C ILE OA 295 58.17 -22.64 -30.97
N LEU OA 296 57.03 -23.06 -30.45
CA LEU OA 296 55.81 -22.27 -30.45
C LEU OA 296 55.45 -21.88 -29.03
N PHE OA 297 55.42 -20.57 -28.76
CA PHE OA 297 54.93 -20.02 -27.51
C PHE OA 297 53.59 -19.35 -27.80
N LEU OA 298 52.50 -19.98 -27.38
CA LEU OA 298 51.14 -19.56 -27.71
C LEU OA 298 50.38 -19.23 -26.44
N ASN OA 299 49.36 -18.39 -26.59
CA ASN OA 299 48.49 -18.06 -25.48
C ASN OA 299 47.60 -19.26 -25.13
N LYS OA 300 46.75 -19.07 -24.13
CA LYS OA 300 45.90 -20.17 -23.65
C LYS OA 300 44.91 -20.59 -24.72
N ASP OA 301 44.32 -19.63 -25.44
CA ASP OA 301 43.23 -19.93 -26.35
C ASP OA 301 43.70 -20.39 -27.73
N GLU OA 302 44.87 -19.96 -28.17
CA GLU OA 302 45.35 -20.33 -29.50
C GLU OA 302 45.69 -21.82 -29.54
N GLU OA 303 45.88 -22.32 -30.76
CA GLU OA 303 46.19 -23.72 -31.00
C GLU OA 303 47.12 -23.84 -32.18
N ALA OA 304 47.76 -25.01 -32.30
CA ALA OA 304 48.64 -25.31 -33.41
C ALA OA 304 48.58 -26.81 -33.68
N GLU OA 305 48.25 -27.17 -34.91
CA GLU OA 305 48.17 -28.56 -35.33
C GLU OA 305 48.69 -28.67 -36.76
N PHE OA 306 48.88 -29.90 -37.21
CA PHE OA 306 49.24 -30.19 -38.58
C PHE OA 306 48.01 -30.71 -39.33
N VAL OA 307 47.71 -30.09 -40.45
CA VAL OA 307 46.67 -30.55 -41.36
C VAL OA 307 47.34 -31.40 -42.41
N GLU OA 308 47.07 -32.71 -42.40
CA GLU OA 308 47.84 -33.66 -43.20
C GLU OA 308 46.93 -34.78 -43.65
N VAL OA 309 47.40 -35.51 -44.66
CA VAL OA 309 46.62 -36.52 -45.36
C VAL OA 309 47.20 -37.89 -45.02
N LYS OA 310 46.31 -38.88 -44.90
CA LYS OA 310 46.78 -40.25 -44.74
C LYS OA 310 47.57 -40.70 -45.96
N SER OA 311 47.08 -40.36 -47.16
CA SER OA 311 47.79 -40.66 -48.39
C SER OA 311 47.27 -39.71 -49.46
N ALA OA 312 48.13 -38.82 -49.94
CA ALA OA 312 47.72 -37.89 -51.00
C ALA OA 312 47.38 -38.64 -52.28
N ILE OA 313 48.12 -39.71 -52.58
CA ILE OA 313 47.88 -40.46 -53.81
C ILE OA 313 46.49 -41.08 -53.79
N GLY OA 314 46.09 -41.65 -52.65
CA GLY OA 314 44.81 -42.32 -52.56
C GLY OA 314 44.91 -43.78 -52.97
N ASP OA 315 44.50 -44.07 -54.21
CA ASP OA 315 44.49 -45.43 -54.74
C ASP OA 315 45.26 -45.57 -56.04
N ALA OA 316 45.94 -44.50 -56.49
CA ALA OA 316 46.44 -44.47 -57.86
C ALA OA 316 47.47 -45.55 -58.13
N LYS OA 317 48.18 -46.02 -57.11
CA LYS OA 317 49.14 -47.09 -57.33
C LYS OA 317 48.45 -48.37 -57.79
N GLU OA 318 47.28 -48.68 -57.22
CA GLU OA 318 46.56 -49.87 -57.63
C GLU OA 318 46.10 -49.77 -59.08
N LEU OA 319 45.60 -48.59 -59.47
CA LEU OA 319 45.22 -48.37 -60.86
C LEU OA 319 46.42 -48.53 -61.77
N LEU OA 320 47.57 -48.00 -61.35
CA LEU OA 320 48.77 -48.12 -62.17
C LEU OA 320 49.20 -49.57 -62.30
N LYS OA 321 49.08 -50.36 -61.23
CA LYS OA 321 49.39 -51.78 -61.33
C LYS OA 321 48.45 -52.48 -62.31
N LEU OA 322 47.16 -52.17 -62.24
CA LEU OA 322 46.20 -52.78 -63.16
C LEU OA 322 46.52 -52.42 -64.60
N LEU OA 323 46.81 -51.13 -64.85
CA LEU OA 323 47.14 -50.71 -66.21
C LEU OA 323 48.46 -51.31 -66.67
N PHE OA 324 49.41 -51.49 -65.77
CA PHE OA 324 50.67 -52.14 -66.13
C PHE OA 324 50.44 -53.60 -66.52
N TYR OA 325 49.60 -54.30 -65.76
CA TYR OA 325 49.27 -55.67 -66.14
C TYR OA 325 48.58 -55.70 -67.50
N CYS OA 326 47.66 -54.77 -67.74
CA CYS OA 326 47.00 -54.71 -69.04
C CYS OA 326 48.00 -54.43 -70.15
N ILE OA 327 48.97 -53.55 -69.89
CA ILE OA 327 49.95 -53.19 -70.93
C ILE OA 327 50.83 -54.38 -71.26
N VAL OA 328 51.38 -55.05 -70.25
CA VAL OA 328 52.27 -56.17 -70.53
C VAL OA 328 51.49 -57.34 -71.11
N ASP OA 329 50.20 -57.45 -70.80
CA ASP OA 329 49.37 -58.46 -71.44
C ASP OA 329 49.15 -58.13 -72.91
N VAL OA 330 48.85 -56.86 -73.22
CA VAL OA 330 48.50 -56.46 -74.58
C VAL OA 330 49.67 -56.69 -75.53
N SER OA 331 50.86 -56.22 -75.15
CA SER OA 331 52.05 -56.47 -75.93
C SER OA 331 52.53 -57.92 -75.84
N GLU OA 332 51.94 -58.72 -74.95
CA GLU OA 332 52.40 -60.06 -74.58
C GLU OA 332 53.91 -60.09 -74.42
N THR OA 333 54.45 -59.08 -73.77
CA THR OA 333 55.87 -59.07 -73.44
C THR OA 333 56.11 -60.05 -72.31
N PRO OA 334 57.03 -61.00 -72.44
CA PRO OA 334 57.37 -61.85 -71.29
C PRO OA 334 57.85 -61.02 -70.11
N GLU OA 335 57.55 -61.52 -68.93
CA GLU OA 335 57.42 -60.68 -67.75
C GLU OA 335 58.74 -60.34 -67.09
N PHE OA 336 59.82 -61.05 -67.45
CA PHE OA 336 61.14 -60.66 -66.94
C PHE OA 336 61.59 -59.32 -67.50
N ILE OA 337 61.02 -58.88 -68.62
CA ILE OA 337 61.40 -57.60 -69.20
C ILE OA 337 61.06 -56.47 -68.23
N PHE OA 338 59.94 -56.59 -67.53
CA PHE OA 338 59.48 -55.59 -66.57
C PHE OA 338 59.63 -56.09 -65.14
N GLY OA 339 60.72 -56.79 -64.86
CA GLY OA 339 60.87 -57.44 -63.56
C GLY OA 339 61.02 -56.48 -62.40
N VAL OA 340 61.26 -55.20 -62.65
CA VAL OA 340 61.32 -54.25 -61.54
C VAL OA 340 59.97 -54.13 -60.87
N HIS OA 341 58.89 -54.22 -61.65
CA HIS OA 341 57.56 -54.22 -61.06
C HIS OA 341 57.29 -55.51 -60.30
N THR OA 342 57.81 -56.63 -60.81
CA THR OA 342 57.58 -57.97 -60.26
C THR OA 342 58.93 -58.66 -60.09
N PRO OA 343 59.66 -58.36 -59.02
CA PRO OA 343 61.00 -58.97 -58.85
C PRO OA 343 61.00 -60.48 -58.77
N SER OA 344 59.86 -61.12 -58.49
CA SER OA 344 59.80 -62.58 -58.47
C SER OA 344 60.15 -63.16 -59.83
N ALA OA 345 59.83 -62.46 -60.92
CA ALA OA 345 60.12 -62.97 -62.25
C ALA OA 345 61.61 -63.17 -62.50
N LEU OA 346 62.46 -62.40 -61.82
CA LEU OA 346 63.90 -62.49 -62.05
C LEU OA 346 64.51 -63.79 -61.56
N ALA OA 347 63.76 -64.61 -60.82
CA ALA OA 347 64.33 -65.86 -60.30
C ALA OA 347 64.76 -66.79 -61.43
N SER OA 348 63.97 -66.84 -62.51
CA SER OA 348 64.28 -67.75 -63.62
C SER OA 348 63.79 -67.13 -64.92
N VAL OA 349 64.68 -66.43 -65.61
CA VAL OA 349 64.40 -66.01 -66.99
C VAL OA 349 64.37 -67.22 -67.91
N LYS OA 350 65.24 -68.21 -67.65
CA LYS OA 350 65.26 -69.42 -68.46
C LYS OA 350 63.93 -70.15 -68.43
N GLU OA 351 63.20 -70.04 -67.33
CA GLU OA 351 61.88 -70.66 -67.26
C GLU OA 351 60.88 -69.95 -68.17
N GLN OA 352 60.99 -68.64 -68.30
CA GLN OA 352 60.09 -67.86 -69.16
C GLN OA 352 60.57 -67.77 -70.60
N MET OA 353 61.77 -68.29 -70.91
CA MET OA 353 62.28 -68.23 -72.28
C MET OA 353 61.34 -68.82 -73.32
N PRO OA 354 60.59 -69.90 -73.06
CA PRO OA 354 59.62 -70.36 -74.06
C PRO OA 354 58.59 -69.32 -74.47
N ILE OA 355 58.21 -68.40 -73.58
CA ILE OA 355 57.23 -67.38 -73.96
C ILE OA 355 57.85 -66.41 -74.96
N MET OA 356 59.09 -65.97 -74.70
CA MET OA 356 59.81 -65.16 -75.67
C MET OA 356 59.96 -65.92 -76.99
N VAL OA 357 60.26 -67.22 -76.90
CA VAL OA 357 60.46 -68.02 -78.11
C VAL OA 357 59.18 -68.06 -78.92
N ASN OA 358 58.04 -68.22 -78.25
CA ASN OA 358 56.75 -68.21 -78.94
C ASN OA 358 56.49 -66.87 -79.62
N LYS OA 359 56.70 -65.78 -78.90
CA LYS OA 359 56.44 -64.46 -79.47
C LYS OA 359 57.33 -64.22 -80.68
N ILE OA 360 58.58 -64.66 -80.61
CA ILE OA 360 59.50 -64.47 -81.72
C ILE OA 360 59.14 -65.39 -82.89
N ARG OA 361 58.66 -66.60 -82.62
CA ARG OA 361 58.12 -67.44 -83.68
C ARG OA 361 57.02 -66.72 -84.43
N ARG OA 362 56.07 -66.15 -83.70
CA ARG OA 362 54.96 -65.48 -84.35
C ARG OA 362 55.43 -64.25 -85.12
N LYS OA 363 56.38 -63.49 -84.56
CA LYS OA 363 56.76 -62.22 -85.17
C LYS OA 363 57.67 -62.38 -86.38
N ARG OA 364 58.55 -63.39 -86.37
CA ARG OA 364 59.50 -63.53 -87.48
C ARG OA 364 58.79 -63.84 -88.79
N GLU OA 365 57.75 -64.67 -88.74
CA GLU OA 365 57.03 -65.06 -89.95
C GLU OA 365 56.39 -63.87 -90.65
N GLN OA 366 56.12 -62.77 -89.92
CA GLN OA 366 55.55 -61.59 -90.56
C GLN OA 366 56.51 -61.02 -91.60
N PHE OA 367 57.80 -60.96 -91.27
CA PHE OA 367 58.79 -60.34 -92.13
C PHE OA 367 59.58 -61.33 -92.98
N THR OA 368 59.49 -62.64 -92.71
CA THR OA 368 60.33 -63.57 -93.44
C THR OA 368 59.99 -63.59 -94.93
N ASN OA 369 58.72 -63.38 -95.27
CA ASN OA 369 58.36 -63.30 -96.69
C ASN OA 369 58.98 -62.08 -97.37
N SER OA 370 58.96 -60.94 -96.69
CA SER OA 370 59.60 -59.74 -97.24
C SER OA 370 61.10 -59.95 -97.39
N TRP OA 371 61.71 -60.66 -96.42
CA TRP OA 371 63.15 -60.92 -96.53
C TRP OA 371 63.44 -61.89 -97.66
N GLN OA 372 62.55 -62.86 -97.90
CA GLN OA 372 62.69 -63.72 -99.07
C GLN OA 372 62.64 -62.89 -100.34
N LEU OA 373 61.70 -61.95 -100.42
CA LEU OA 373 61.60 -61.09 -101.60
C LEU OA 373 62.87 -60.27 -101.78
N LEU OA 374 63.40 -59.72 -100.68
CA LEU OA 374 64.62 -58.92 -100.77
C LEU OA 374 65.79 -59.76 -101.22
N ALA OA 375 65.93 -60.98 -100.70
CA ALA OA 375 67.00 -61.87 -101.13
C ALA OA 375 66.89 -62.18 -102.61
N ARG OA 376 65.67 -62.48 -103.07
CA ARG OA 376 65.45 -62.73 -104.49
C ARG OA 376 65.82 -61.52 -105.34
N MET OA 377 65.46 -60.33 -104.87
CA MET OA 377 65.72 -59.12 -105.64
C MET OA 377 67.21 -58.83 -105.72
N VAL OA 378 67.93 -58.91 -104.60
CA VAL OA 378 69.35 -58.63 -104.63
C VAL OA 378 70.09 -59.68 -105.46
N LEU OA 379 69.64 -60.93 -105.42
CA LEU OA 379 70.22 -61.93 -106.30
C LEU OA 379 69.97 -61.59 -107.76
N ILE OA 380 68.76 -61.13 -108.09
CA ILE OA 380 68.44 -60.79 -109.47
C ILE OA 380 69.28 -59.60 -109.93
N MET OA 381 69.50 -58.62 -109.04
CA MET OA 381 70.25 -57.42 -109.38
C MET OA 381 71.76 -57.63 -109.41
N SER OA 382 72.24 -58.87 -109.31
CA SER OA 382 73.66 -59.14 -109.40
C SER OA 382 73.91 -60.55 -109.94
N LYS OA 389 70.71 -66.52 -114.54
CA LYS OA 389 72.02 -67.13 -114.39
C LYS OA 389 72.00 -68.21 -113.31
N TYR OA 390 71.61 -67.82 -112.10
CA TYR OA 390 71.64 -68.75 -110.97
C TYR OA 390 70.59 -69.84 -111.14
N SER OA 391 70.94 -71.06 -110.77
CA SER OA 391 70.04 -72.19 -110.92
C SER OA 391 68.79 -72.05 -110.06
N SER OA 392 68.85 -71.29 -108.97
CA SER OA 392 67.72 -71.07 -108.10
C SER OA 392 67.66 -69.59 -107.71
N TYR OA 393 66.44 -69.13 -107.40
CA TYR OA 393 66.22 -67.78 -106.91
C TYR OA 393 65.28 -67.76 -105.71
N ASP OA 394 65.03 -68.90 -105.07
CA ASP OA 394 64.19 -69.00 -103.89
C ASP OA 394 65.10 -69.21 -102.69
N VAL OA 395 65.02 -68.30 -101.73
CA VAL OA 395 65.94 -68.27 -100.59
C VAL OA 395 65.16 -68.60 -99.32
N THR OA 396 65.55 -69.68 -98.65
CA THR OA 396 65.05 -69.99 -97.33
C THR OA 396 65.87 -69.25 -96.29
N ILE OA 397 65.22 -68.92 -95.17
CA ILE OA 397 65.78 -68.03 -94.16
C ILE OA 397 65.95 -68.80 -92.86
N GLY OA 398 67.19 -68.77 -92.32
CA GLY OA 398 67.42 -69.17 -90.95
C GLY OA 398 67.26 -67.99 -90.00
N TRP OA 399 67.49 -68.25 -88.72
CA TRP OA 399 67.31 -67.23 -87.71
C TRP OA 399 68.26 -67.46 -86.55
N ASP OA 400 68.46 -66.41 -85.75
CA ASP OA 400 69.28 -66.51 -84.56
C ASP OA 400 68.56 -67.29 -83.47
N GLU OA 401 69.34 -67.80 -82.52
CA GLU OA 401 68.79 -68.56 -81.41
C GLU OA 401 68.21 -67.63 -80.36
N VAL OA 402 66.92 -67.82 -80.04
CA VAL OA 402 66.30 -66.98 -79.01
C VAL OA 402 66.83 -67.34 -77.64
N ASN OA 403 66.84 -68.64 -77.32
CA ASN OA 403 67.55 -69.17 -76.17
C ASN OA 403 68.50 -70.25 -76.68
N PRO OA 404 69.82 -70.11 -76.52
CA PRO OA 404 70.73 -71.01 -77.24
C PRO OA 404 70.73 -72.42 -76.67
N ARG OA 405 71.01 -73.37 -77.55
CA ARG OA 405 71.25 -74.75 -77.15
C ARG OA 405 72.72 -74.94 -76.81
N ASP OA 406 72.97 -75.68 -75.74
CA ASP OA 406 74.35 -75.91 -75.30
C ASP OA 406 75.12 -76.67 -76.37
N ASP OA 407 76.34 -76.20 -76.65
CA ASP OA 407 77.21 -76.94 -77.56
C ASP OA 407 77.56 -78.31 -76.98
N LYS OA 408 77.66 -78.41 -75.65
CA LYS OA 408 77.93 -79.71 -75.03
C LYS OA 408 76.80 -80.69 -75.31
N GLU OA 409 75.55 -80.25 -75.23
CA GLU OA 409 74.43 -81.13 -75.53
C GLU OA 409 74.44 -81.56 -76.99
N LEU OA 410 74.75 -80.63 -77.90
CA LEU OA 410 74.80 -80.98 -79.32
C LEU OA 410 75.90 -82.00 -79.59
N ALA OA 411 77.08 -81.81 -78.98
CA ALA OA 411 78.16 -82.77 -79.14
C ALA OA 411 77.80 -84.11 -78.52
N GLU OA 412 77.09 -84.11 -77.40
CA GLU OA 412 76.62 -85.37 -76.81
C GLU OA 412 75.69 -86.09 -77.76
N THR OA 413 74.76 -85.37 -78.38
CA THR OA 413 73.87 -85.99 -79.35
C THR OA 413 74.65 -86.55 -80.53
N LEU OA 414 75.63 -85.80 -81.02
CA LEU OA 414 76.43 -86.24 -82.17
C LEU OA 414 77.19 -87.51 -81.84
N GLU OA 415 77.92 -87.52 -80.72
CA GLU OA 415 78.69 -88.70 -80.33
C GLU OA 415 77.77 -89.89 -80.09
N LYS OA 416 76.64 -89.65 -79.41
CA LYS OA 416 75.73 -90.73 -79.06
C LYS OA 416 75.12 -91.35 -80.31
N VAL OA 417 74.76 -90.53 -81.29
CA VAL OA 417 74.23 -91.06 -82.54
C VAL OA 417 75.32 -91.82 -83.29
N CYS OA 418 76.53 -91.25 -83.37
CA CYS OA 418 77.59 -91.90 -84.13
C CYS OA 418 77.96 -93.25 -83.53
N CYS OA 419 78.04 -93.34 -82.19
CA CYS OA 419 78.30 -94.62 -81.56
C CYS OA 419 77.11 -95.56 -81.72
N ALA OA 420 75.89 -95.00 -81.68
CA ALA OA 420 74.72 -95.81 -82.03
C ALA OA 420 74.81 -96.30 -83.47
N LEU OA 421 75.26 -95.44 -84.38
CA LEU OA 421 75.60 -95.89 -85.72
C LEU OA 421 76.87 -96.74 -85.66
N ASP OA 422 77.18 -97.38 -86.79
CA ASP OA 422 78.19 -98.43 -86.92
C ASP OA 422 77.77 -99.72 -86.22
N LYS OA 423 76.51 -99.82 -85.79
CA LYS OA 423 75.94 -101.04 -85.25
C LYS OA 423 74.58 -101.23 -85.86
N ALA OA 424 74.18 -102.50 -86.03
CA ALA OA 424 72.98 -102.84 -86.81
C ALA OA 424 73.10 -102.29 -88.22
N LEU OA 425 74.10 -102.78 -88.94
CA LEU OA 425 74.50 -102.24 -90.23
C LEU OA 425 73.52 -102.50 -91.35
N GLU OA 426 72.41 -103.22 -91.10
CA GLU OA 426 71.41 -103.47 -92.13
C GLU OA 426 70.55 -102.25 -92.44
N GLY OA 427 70.70 -101.15 -91.69
CA GLY OA 427 69.83 -100.00 -91.91
C GLY OA 427 70.00 -99.39 -93.29
N GLY OA 428 71.24 -99.19 -93.72
CA GLY OA 428 71.56 -98.63 -95.02
C GLY OA 428 72.65 -97.59 -94.94
N PHE OA 429 72.93 -96.97 -96.09
CA PHE OA 429 73.97 -95.95 -96.21
C PHE OA 429 73.46 -94.55 -95.90
N ILE OA 430 72.15 -94.36 -95.73
CA ILE OA 430 71.61 -93.06 -95.35
C ILE OA 430 72.06 -92.61 -93.97
N SER OA 431 72.62 -93.50 -93.17
CA SER OA 431 73.21 -93.10 -91.90
C SER OA 431 74.31 -92.06 -92.10
N GLU OA 432 75.14 -92.25 -93.13
CA GLU OA 432 76.19 -91.27 -93.41
C GLU OA 432 75.59 -89.93 -93.81
N GLU OA 433 74.52 -89.94 -94.61
CA GLU OA 433 73.87 -88.69 -95.00
C GLU OA 433 73.30 -87.96 -93.79
N SER OA 434 72.61 -88.70 -92.91
CA SER OA 434 72.07 -88.07 -91.71
C SER OA 434 73.17 -87.56 -90.80
N THR OA 435 74.28 -88.31 -90.71
CA THR OA 435 75.38 -87.90 -89.86
C THR OA 435 76.03 -86.62 -90.37
N VAL OA 436 76.24 -86.52 -91.68
CA VAL OA 436 76.84 -85.29 -92.21
C VAL OA 436 75.85 -84.14 -92.12
N ASN OA 437 74.55 -84.41 -92.23
CA ASN OA 437 73.56 -83.36 -92.00
C ASN OA 437 73.65 -82.83 -90.57
N PHE OA 438 73.73 -83.74 -89.60
CA PHE OA 438 73.87 -83.31 -88.21
C PHE OA 438 75.19 -82.60 -87.98
N LEU OA 439 76.25 -83.02 -88.68
CA LEU OA 439 77.53 -82.33 -88.58
C LEU OA 439 77.43 -80.91 -89.13
N ALA OA 440 76.70 -80.73 -90.23
CA ALA OA 440 76.50 -79.39 -90.76
C ALA OA 440 75.70 -78.53 -89.78
N GLN OA 441 74.67 -79.11 -89.16
CA GLN OA 441 73.92 -78.38 -88.15
C GLN OA 441 74.82 -77.98 -86.98
N TYR OA 442 75.66 -78.90 -86.52
CA TYR OA 442 76.58 -78.61 -85.42
C TYR OA 442 77.57 -77.51 -85.80
N ILE OA 443 78.10 -77.56 -87.02
CA ILE OA 443 79.05 -76.56 -87.46
C ILE OA 443 78.39 -75.19 -87.53
N ASP OA 444 77.17 -75.14 -88.06
CA ASP OA 444 76.44 -73.87 -88.13
C ASP OA 444 76.16 -73.33 -86.73
N THR OA 445 75.78 -74.20 -85.80
CA THR OA 445 75.47 -73.75 -84.44
C THR OA 445 76.72 -73.36 -83.66
N MET OA 446 77.88 -73.93 -84.00
CA MET OA 446 79.12 -73.60 -83.30
C MET OA 446 79.78 -72.35 -83.87
N SER OA 447 79.76 -72.18 -85.19
CA SER OA 447 80.41 -71.03 -85.80
C SER OA 447 79.76 -69.73 -85.40
N ASN OA 448 78.43 -69.64 -85.53
CA ASN OA 448 77.72 -68.44 -85.13
C ASN OA 448 77.84 -68.25 -83.63
N TYR OA 449 78.13 -67.01 -83.23
CA TYR OA 449 78.23 -66.64 -81.82
C TYR OA 449 76.88 -66.09 -81.36
N ILE OA 450 76.44 -66.54 -80.19
CA ILE OA 450 75.06 -66.31 -79.77
C ILE OA 450 74.81 -64.83 -79.50
N SER OA 451 75.69 -64.19 -78.73
CA SER OA 451 75.46 -62.81 -78.32
C SER OA 451 75.89 -61.80 -79.37
N ASP OA 452 76.22 -62.23 -80.59
CA ASP OA 452 76.51 -61.34 -81.71
C ASP OA 452 75.44 -61.54 -82.77
N ASP OA 453 74.83 -60.45 -83.20
CA ASP OA 453 73.71 -60.52 -84.12
C ASP OA 453 74.14 -61.06 -85.48
N PRO OA 454 73.25 -61.80 -86.11
CA PRO OA 454 73.52 -62.34 -87.44
C PRO OA 454 74.56 -63.45 -87.42
N GLU OA 455 75.12 -63.69 -88.59
CA GLU OA 455 76.13 -64.72 -88.82
C GLU OA 455 77.30 -64.16 -89.60
N ARG OA 456 77.75 -62.95 -89.26
CA ARG OA 456 78.97 -62.43 -89.86
C ARG OA 456 80.16 -63.31 -89.53
N GLU OA 457 80.19 -63.86 -88.32
CA GLU OA 457 81.31 -64.69 -87.91
C GLU OA 457 81.41 -65.95 -88.75
N GLY OA 458 80.27 -66.54 -89.13
CA GLY OA 458 80.33 -67.73 -89.98
C GLY OA 458 81.00 -67.46 -91.31
N GLU OA 459 80.58 -66.40 -91.99
CA GLU OA 459 81.18 -66.05 -93.27
C GLU OA 459 82.64 -65.66 -93.10
N ARG OA 460 82.96 -64.91 -92.04
CA ARG OA 460 84.34 -64.49 -91.82
C ARG OA 460 85.24 -65.69 -91.58
N GLU OA 461 84.80 -66.63 -90.73
CA GLU OA 461 85.59 -67.83 -90.47
C GLU OA 461 85.75 -68.67 -91.73
N LYS OA 462 84.68 -68.79 -92.52
CA LYS OA 462 84.78 -69.53 -93.77
C LYS OA 462 85.80 -68.89 -94.71
N ILE OA 463 85.78 -67.56 -94.83
CA ILE OA 463 86.70 -66.88 -95.73
C ILE OA 463 88.13 -67.02 -95.23
N ILE OA 464 88.34 -66.89 -93.92
CA ILE OA 464 89.70 -67.00 -93.38
C ILE OA 464 90.23 -68.42 -93.55
N LYS OA 465 89.38 -69.42 -93.34
CA LYS OA 465 89.80 -70.81 -93.58
C LYS OA 465 90.12 -71.04 -95.04
N THR OA 466 89.33 -70.44 -95.93
CA THR OA 466 89.61 -70.57 -97.36
C THR OA 466 90.95 -69.95 -97.72
N LYS OA 467 91.25 -68.78 -97.16
CA LYS OA 467 92.54 -68.14 -97.43
C LYS OA 467 93.69 -68.98 -96.88
N MET OA 468 93.60 -69.37 -95.61
CA MET OA 468 94.65 -70.19 -95.02
C MET OA 468 94.69 -71.57 -95.66
N LEU OA 469 93.53 -72.15 -95.93
CA LEU OA 469 93.44 -73.47 -96.54
C LEU OA 469 94.10 -74.54 -95.67
N MET PA 19 19.74 -77.83 -68.68
CA MET PA 19 18.47 -78.24 -68.02
C MET PA 19 17.71 -79.26 -68.84
N ARG PA 20 16.80 -79.96 -68.17
CA ARG PA 20 15.97 -80.96 -68.81
C ARG PA 20 14.76 -80.32 -69.49
N MET PA 21 14.13 -81.09 -70.37
CA MET PA 21 12.90 -80.69 -71.03
C MET PA 21 12.24 -81.93 -71.61
N SER PA 22 10.91 -81.88 -71.72
CA SER PA 22 10.17 -83.00 -72.29
C SER PA 22 10.49 -83.14 -73.77
N SER PA 23 10.46 -84.38 -74.24
CA SER PA 23 10.92 -84.67 -75.61
C SER PA 23 10.03 -84.02 -76.66
N GLY PA 24 8.75 -83.86 -76.38
CA GLY PA 24 7.80 -83.33 -77.33
C GLY PA 24 7.68 -81.82 -77.39
N ASN PA 25 8.47 -81.10 -76.60
CA ASN PA 25 8.39 -79.64 -76.50
C ASN PA 25 9.68 -78.99 -76.99
N ILE PA 26 10.20 -79.47 -78.13
CA ILE PA 26 11.43 -78.98 -78.73
C ILE PA 26 11.11 -78.48 -80.13
N GLY PA 27 11.70 -77.35 -80.50
CA GLY PA 27 11.54 -76.81 -81.83
C GLY PA 27 12.29 -77.63 -82.86
N VAL PA 28 12.21 -77.17 -84.11
CA VAL PA 28 12.82 -77.85 -85.24
C VAL PA 28 14.19 -77.26 -85.49
N TYR PA 29 15.13 -78.14 -85.88
CA TYR PA 29 16.49 -77.72 -86.16
C TYR PA 29 16.51 -76.74 -87.33
N LYS PA 30 17.38 -75.73 -87.22
CA LYS PA 30 17.62 -74.80 -88.31
C LYS PA 30 19.08 -74.38 -88.27
N LEU PA 31 19.77 -74.49 -89.40
CA LEU PA 31 21.19 -74.19 -89.48
C LEU PA 31 21.38 -72.68 -89.37
N ASP PA 32 21.82 -72.21 -88.20
CA ASP PA 32 22.03 -70.79 -87.97
C ASP PA 32 23.15 -70.29 -88.86
N ASP PA 33 22.98 -69.09 -89.42
CA ASP PA 33 23.91 -68.51 -90.38
C ASP PA 33 24.48 -67.16 -89.92
N SER PA 34 24.37 -66.84 -88.64
CA SER PA 34 24.91 -65.58 -88.15
C SER PA 34 26.43 -65.58 -88.26
N ARG PA 35 26.97 -64.42 -88.67
CA ARG PA 35 28.40 -64.23 -88.81
C ARG PA 35 28.96 -63.53 -87.59
N VAL PA 36 30.27 -63.70 -87.37
CA VAL PA 36 30.96 -62.95 -86.34
C VAL PA 36 31.10 -61.51 -86.80
N ASP PA 37 30.94 -60.58 -85.87
CA ASP PA 37 31.07 -59.17 -86.20
C ASP PA 37 32.54 -58.88 -86.48
N TYR PA 38 32.95 -59.09 -87.74
CA TYR PA 38 34.37 -59.15 -88.07
C TYR PA 38 35.07 -57.83 -87.80
N GLU PA 39 34.40 -56.71 -88.09
CA GLU PA 39 35.00 -55.40 -87.79
C GLU PA 39 35.19 -55.25 -86.29
N LEU PA 40 34.20 -55.64 -85.50
CA LEU PA 40 34.35 -55.56 -84.05
C LEU PA 40 35.44 -56.50 -83.55
N ALA PA 41 35.56 -57.68 -84.17
CA ALA PA 41 36.60 -58.61 -83.78
C ALA PA 41 37.99 -58.02 -84.02
N ARG PA 42 38.21 -57.47 -85.21
CA ARG PA 42 39.49 -56.84 -85.50
C ARG PA 42 39.73 -55.62 -84.63
N GLU PA 43 38.66 -54.91 -84.25
CA GLU PA 43 38.82 -53.78 -83.34
C GLU PA 43 39.29 -54.24 -81.97
N LEU PA 44 38.65 -55.27 -81.42
CA LEU PA 44 39.04 -55.77 -80.10
C LEU PA 44 40.45 -56.34 -80.14
N TYR PA 45 40.80 -57.04 -81.21
CA TYR PA 45 42.17 -57.58 -81.31
C TYR PA 45 43.20 -56.46 -81.38
N GLN PA 46 42.81 -55.28 -81.84
CA GLN PA 46 43.68 -54.10 -81.87
C GLN PA 46 43.33 -53.08 -80.81
N ASN PA 47 42.43 -53.41 -79.88
CA ASN PA 47 42.14 -52.56 -78.74
C ASN PA 47 41.56 -51.22 -79.16
N LYS PA 48 40.90 -51.18 -80.31
CA LYS PA 48 40.45 -49.91 -80.89
C LYS PA 48 39.04 -49.53 -80.48
N ASN PA 49 38.17 -50.50 -80.21
CA ASN PA 49 36.77 -50.17 -79.89
C ASN PA 49 36.70 -49.36 -78.60
N ALA PA 50 35.90 -48.30 -78.63
CA ALA PA 50 35.85 -47.39 -77.50
C ALA PA 50 35.26 -48.05 -76.25
N ASN PA 51 34.32 -48.97 -76.43
CA ASN PA 51 33.64 -49.59 -75.30
C ASN PA 51 34.39 -50.77 -74.72
N TYR PA 52 35.57 -51.11 -75.25
CA TYR PA 52 36.36 -52.23 -74.75
C TYR PA 52 37.84 -51.86 -74.63
N LYS PA 53 38.16 -50.59 -74.49
CA LYS PA 53 39.57 -50.17 -74.51
C LYS PA 53 40.33 -50.78 -73.35
N LEU PA 54 39.83 -50.62 -72.13
CA LEU PA 54 40.46 -51.24 -70.98
C LEU PA 54 40.17 -52.74 -70.94
N GLY PA 55 38.95 -53.13 -71.30
CA GLY PA 55 38.57 -54.54 -71.20
C GLY PA 55 39.31 -55.43 -72.18
N SER PA 56 39.47 -54.97 -73.43
CA SER PA 56 40.01 -55.83 -74.49
C SER PA 56 41.52 -56.06 -74.39
N SER PA 57 42.17 -55.69 -73.28
CA SER PA 57 43.59 -55.93 -73.15
C SER PA 57 43.94 -57.41 -73.24
N PHE PA 58 43.03 -58.28 -72.84
CA PHE PA 58 43.29 -59.72 -72.81
C PHE PA 58 43.06 -60.40 -74.15
N VAL PA 59 42.51 -59.69 -75.15
CA VAL PA 59 42.22 -60.33 -76.42
C VAL PA 59 43.51 -60.69 -77.15
N ARG PA 60 44.45 -59.75 -77.21
CA ARG PA 60 45.72 -60.01 -77.89
C ARG PA 60 46.48 -61.19 -77.32
N PRO PA 61 46.75 -61.27 -76.01
CA PRO PA 61 47.54 -62.41 -75.52
C PRO PA 61 46.91 -63.76 -75.78
N ILE PA 62 45.58 -63.88 -75.66
CA ILE PA 62 44.92 -65.17 -75.87
C ILE PA 62 45.17 -65.66 -77.28
N VAL PA 63 44.76 -64.85 -78.27
CA VAL PA 63 44.86 -65.25 -79.66
C VAL PA 63 46.31 -65.43 -80.06
N ASN PA 64 47.18 -64.51 -79.63
CA ASN PA 64 48.58 -64.57 -80.02
C ASN PA 64 49.25 -65.83 -79.47
N SER PA 65 49.03 -66.13 -78.20
CA SER PA 65 49.62 -67.35 -77.62
C SER PA 65 49.07 -68.58 -78.31
N THR PA 66 47.75 -68.64 -78.51
CA THR PA 66 47.15 -69.84 -79.09
C THR PA 66 47.65 -70.08 -80.51
N THR PA 67 47.71 -69.03 -81.33
CA THR PA 67 48.17 -69.21 -82.71
C THR PA 67 49.66 -69.42 -82.78
N GLY PA 68 50.43 -68.82 -81.87
CA GLY PA 68 51.87 -69.02 -81.89
C GLY PA 68 52.28 -70.42 -81.48
N PHE PA 69 51.63 -70.98 -80.45
CA PHE PA 69 52.01 -72.32 -80.02
C PHE PA 69 51.69 -73.36 -81.08
N MET PA 70 50.48 -73.33 -81.62
CA MET PA 70 50.16 -74.23 -82.74
C MET PA 70 50.95 -73.77 -83.96
N GLY PA 71 51.80 -74.64 -84.48
CA GLY PA 71 52.65 -74.29 -85.58
C GLY PA 71 51.87 -74.27 -86.89
N VAL PA 72 52.54 -74.67 -87.96
CA VAL PA 72 51.91 -74.79 -89.28
C VAL PA 72 51.92 -76.27 -89.64
N PRO PA 73 50.98 -76.74 -90.47
CA PRO PA 73 50.93 -78.18 -90.76
C PRO PA 73 52.19 -78.64 -91.48
N HIS PA 74 52.65 -79.83 -91.11
CA HIS PA 74 53.78 -80.50 -91.77
C HIS PA 74 53.18 -81.53 -92.70
N PHE PA 75 53.06 -81.16 -93.98
CA PHE PA 75 52.42 -82.04 -94.96
C PHE PA 75 53.35 -83.20 -95.29
N GLN PA 76 52.94 -84.41 -94.96
CA GLN PA 76 53.66 -85.63 -95.29
C GLN PA 76 52.84 -86.46 -96.27
N ILE PA 77 53.53 -87.12 -97.20
CA ILE PA 77 52.87 -88.02 -98.14
C ILE PA 77 53.92 -88.97 -98.67
N GLU PA 78 53.48 -90.17 -99.07
CA GLU PA 78 54.41 -91.20 -99.52
C GLU PA 78 54.98 -90.92 -100.90
N ASP PA 79 54.22 -90.29 -101.79
CA ASP PA 79 54.71 -90.00 -103.13
C ASP PA 79 55.82 -88.97 -103.07
N GLU PA 80 56.87 -89.20 -103.86
CA GLU PA 80 58.02 -88.30 -103.86
C GLU PA 80 57.66 -86.95 -104.47
N GLU PA 81 57.01 -86.97 -105.64
CA GLU PA 81 56.68 -85.73 -106.32
C GLU PA 81 55.67 -84.91 -105.53
N ALA PA 82 54.70 -85.58 -104.92
CA ALA PA 82 53.72 -84.88 -104.09
C ALA PA 82 54.40 -84.21 -102.90
N GLN PA 83 55.34 -84.91 -102.26
CA GLN PA 83 56.07 -84.34 -101.13
C GLN PA 83 56.88 -83.14 -101.59
N TYR PA 84 57.53 -83.23 -102.75
CA TYR PA 84 58.30 -82.10 -103.26
C TYR PA 84 57.42 -80.88 -103.52
N ILE PA 85 56.26 -81.11 -104.15
CA ILE PA 85 55.35 -80.01 -104.42
C ILE PA 85 54.87 -79.40 -103.11
N LEU PA 86 54.53 -80.25 -102.14
CA LEU PA 86 54.01 -79.77 -100.87
C LEU PA 86 55.04 -78.94 -100.12
N ASP PA 87 56.29 -79.40 -100.06
CA ASP PA 87 57.28 -78.66 -99.29
C ASP PA 87 57.72 -77.40 -100.03
N GLU PA 88 57.69 -77.40 -101.36
CA GLU PA 88 57.90 -76.16 -102.09
C GLU PA 88 56.83 -75.13 -101.75
N PHE PA 89 55.56 -75.57 -101.74
CA PHE PA 89 54.48 -74.65 -101.40
C PHE PA 89 54.59 -74.18 -99.96
N VAL PA 90 55.04 -75.07 -99.06
CA VAL PA 90 55.23 -74.68 -97.67
C VAL PA 90 56.31 -73.60 -97.56
N LEU PA 91 57.43 -73.80 -98.26
CA LEU PA 91 58.48 -72.78 -98.31
C LEU PA 91 57.93 -71.47 -98.85
N ASP PA 92 56.98 -71.54 -99.79
CA ASP PA 92 56.40 -70.33 -100.32
C ASP PA 92 55.53 -69.61 -99.29
N ASN PA 93 54.66 -70.33 -98.57
CA ASN PA 93 53.53 -69.71 -97.89
C ASN PA 93 53.38 -70.17 -96.44
N THR PA 94 54.47 -70.50 -95.74
CA THR PA 94 54.37 -70.81 -94.32
C THR PA 94 53.84 -69.62 -93.51
N SER PA 95 54.33 -68.43 -93.82
CA SER PA 95 53.87 -67.23 -93.13
C SER PA 95 52.37 -67.03 -93.34
N LYS PA 96 51.91 -67.26 -94.57
CA LYS PA 96 50.49 -67.12 -94.85
C LYS PA 96 49.67 -68.19 -94.14
N MET PA 97 50.22 -69.40 -93.98
CA MET PA 97 49.52 -70.43 -93.21
C MET PA 97 49.36 -70.01 -91.76
N LEU PA 98 50.42 -69.48 -91.15
CA LEU PA 98 50.31 -69.01 -89.78
C LEU PA 98 49.32 -67.85 -89.68
N LYS PA 99 49.34 -66.96 -90.67
CA LYS PA 99 48.38 -65.87 -90.71
C LYS PA 99 46.96 -66.41 -90.84
N THR PA 100 46.78 -67.51 -91.56
CA THR PA 100 45.47 -68.13 -91.67
C THR PA 100 45.00 -68.64 -90.32
N HIS PA 101 45.90 -69.27 -89.56
CA HIS PA 101 45.57 -69.67 -88.21
C HIS PA 101 45.15 -68.47 -87.37
N THR PA 102 45.93 -67.39 -87.43
CA THR PA 102 45.63 -66.21 -86.62
C THR PA 102 44.28 -65.60 -87.01
N ASP PA 103 44.01 -65.52 -88.30
CA ASP PA 103 42.74 -64.96 -88.76
C ASP PA 103 41.57 -65.84 -88.33
N SER PA 104 41.74 -67.15 -88.42
CA SER PA 104 40.65 -68.03 -87.99
C SER PA 104 40.38 -67.88 -86.50
N LEU PA 105 41.45 -67.80 -85.69
CA LEU PA 105 41.25 -67.59 -84.26
C LEU PA 105 40.60 -66.25 -83.97
N LYS PA 106 41.00 -65.21 -84.69
CA LYS PA 106 40.53 -63.86 -84.37
C LYS PA 106 39.10 -63.65 -84.87
N GLN PA 107 38.90 -63.75 -86.19
CA GLN PA 107 37.62 -63.43 -86.80
C GLN PA 107 36.61 -64.56 -86.70
N GLY PA 108 37.06 -65.79 -86.44
CA GLY PA 108 36.22 -66.95 -86.45
C GLY PA 108 36.13 -67.64 -87.80
N ASP PA 109 36.51 -66.97 -88.89
CA ASP PA 109 36.45 -67.58 -90.21
C ASP PA 109 37.31 -66.74 -91.16
N CYS PA 110 38.30 -67.39 -91.78
CA CYS PA 110 39.12 -66.78 -92.81
C CYS PA 110 39.10 -67.67 -94.04
N TYR PA 111 38.87 -67.06 -95.20
CA TYR PA 111 38.66 -67.77 -96.45
C TYR PA 111 39.93 -67.70 -97.29
N ILE PA 112 40.35 -68.85 -97.81
CA ILE PA 112 41.60 -68.99 -98.53
C ILE PA 112 41.29 -69.41 -99.96
N TRP PA 113 41.91 -68.73 -100.92
CA TRP PA 113 41.69 -68.96 -102.35
C TRP PA 113 43.04 -69.17 -103.01
N ILE PA 114 43.17 -70.31 -103.70
CA ILE PA 114 44.38 -70.65 -104.44
C ILE PA 114 44.13 -70.37 -105.92
N THR PA 115 45.08 -69.67 -106.55
CA THR PA 115 45.00 -69.33 -107.97
C THR PA 115 46.34 -69.60 -108.62
N ARG PA 116 46.30 -70.11 -109.84
CA ARG PA 116 47.49 -70.46 -110.61
C ARG PA 116 47.81 -69.30 -111.55
N GLU PA 117 48.98 -68.70 -111.38
CA GLU PA 117 49.41 -67.54 -112.15
C GLU PA 117 50.50 -67.97 -113.14
N GLU PA 118 50.21 -67.83 -114.43
CA GLU PA 118 51.16 -68.10 -115.50
C GLU PA 118 51.95 -66.86 -115.90
N ARG PA 119 51.61 -65.69 -115.36
CA ARG PA 119 52.21 -64.43 -115.80
C ARG PA 119 53.73 -64.44 -115.62
N GLU PA 120 54.44 -64.00 -116.66
CA GLU PA 120 55.89 -63.93 -116.67
C GLU PA 120 56.31 -62.51 -116.29
N ASN PA 121 57.21 -62.41 -115.31
CA ASN PA 121 57.78 -61.14 -114.90
C ASN PA 121 59.26 -61.35 -114.59
N PRO PA 122 60.08 -60.30 -114.68
CA PRO PA 122 61.52 -60.49 -114.42
C PRO PA 122 61.82 -60.90 -112.98
N LEU PA 123 60.95 -60.54 -112.04
CA LEU PA 123 61.22 -60.85 -110.64
C LEU PA 123 61.22 -62.35 -110.37
N TYR PA 124 60.59 -63.13 -111.24
CA TYR PA 124 60.59 -64.60 -111.15
C TYR PA 124 61.05 -65.16 -112.49
N PRO PA 125 62.37 -65.17 -112.75
CA PRO PA 125 62.83 -65.76 -114.02
C PRO PA 125 62.60 -67.26 -114.09
N ASP PA 126 62.99 -68.00 -113.04
CA ASP PA 126 62.88 -69.45 -113.05
C ASP PA 126 61.49 -69.93 -112.68
N LYS PA 127 60.77 -69.19 -111.83
CA LYS PA 127 59.43 -69.59 -111.39
C LYS PA 127 58.40 -69.01 -112.36
N LYS PA 128 58.21 -69.73 -113.47
CA LYS PA 128 57.24 -69.29 -114.47
C LYS PA 128 55.81 -69.47 -113.99
N VAL PA 129 55.51 -70.63 -113.41
CA VAL PA 129 54.18 -70.97 -112.94
C VAL PA 129 54.16 -70.86 -111.42
N ARG PA 130 53.17 -70.13 -110.90
CA ARG PA 130 53.05 -69.89 -109.46
C ARG PA 130 51.62 -70.17 -109.02
N LEU PA 131 51.49 -70.68 -107.80
CA LEU PA 131 50.20 -70.93 -107.16
C LEU PA 131 50.00 -69.87 -106.08
N ILE PA 132 49.25 -68.82 -106.41
CA ILE PA 132 49.10 -67.68 -105.52
C ILE PA 132 48.19 -68.06 -104.37
N TYR PA 133 48.66 -67.87 -103.14
CA TYR PA 133 47.90 -68.13 -101.93
C TYR PA 133 47.17 -66.85 -101.56
N ASN PA 134 45.96 -66.66 -102.09
CA ASN PA 134 45.23 -65.41 -101.97
C ASN PA 134 44.21 -65.50 -100.85
N PHE PA 135 44.30 -64.58 -99.90
CA PHE PA 135 43.30 -64.45 -98.85
C PHE PA 135 42.04 -63.80 -99.39
N ILE PA 136 40.93 -64.06 -98.71
CA ILE PA 136 39.68 -63.35 -98.92
C ILE PA 136 39.20 -62.89 -97.56
N SER PA 137 38.94 -61.59 -97.41
CA SER PA 137 38.38 -61.11 -96.16
C SER PA 137 36.99 -61.71 -95.95
N PRO PA 138 36.62 -62.07 -94.72
CA PRO PA 138 35.31 -62.69 -94.53
C PRO PA 138 34.15 -61.78 -94.84
N GLU PA 139 34.36 -60.46 -94.87
CA GLU PA 139 33.30 -59.55 -95.27
C GLU PA 139 33.08 -59.58 -96.78
N GLU PA 140 34.13 -59.89 -97.55
CA GLU PA 140 33.99 -59.91 -99.01
C GLU PA 140 32.99 -60.97 -99.46
N VAL PA 141 33.07 -62.17 -98.90
CA VAL PA 141 32.14 -63.24 -99.24
C VAL PA 141 30.80 -62.88 -98.61
N LYS PA 142 29.85 -62.44 -99.44
CA LYS PA 142 28.54 -62.06 -98.94
C LYS PA 142 27.69 -63.28 -98.61
N GLU PA 143 27.96 -64.41 -99.25
CA GLU PA 143 27.20 -65.63 -99.00
C GLU PA 143 27.91 -66.80 -99.67
N ILE PA 144 27.73 -67.98 -99.10
CA ILE PA 144 28.22 -69.23 -99.68
C ILE PA 144 27.02 -70.13 -99.92
N ILE PA 145 26.91 -70.67 -101.12
CA ILE PA 145 25.81 -71.55 -101.49
C ILE PA 145 26.22 -72.98 -101.17
N LEU PA 146 25.40 -73.66 -100.37
CA LEU PA 146 25.66 -75.01 -99.92
C LEU PA 146 24.69 -75.99 -100.57
N ASP PA 147 25.22 -77.12 -101.00
CA ASP PA 147 24.36 -78.21 -101.46
C ASP PA 147 23.54 -78.69 -100.27
N PRO PA 148 22.21 -78.65 -100.31
CA PRO PA 148 21.44 -78.94 -99.07
C PRO PA 148 21.63 -80.34 -98.53
N THR PA 149 21.84 -81.34 -99.38
CA THR PA 149 21.93 -82.72 -98.89
C THR PA 149 23.29 -83.00 -98.26
N THR PA 150 24.36 -82.42 -98.83
CA THR PA 150 25.71 -82.64 -98.33
C THR PA 150 26.24 -81.47 -97.51
N LYS PA 151 25.62 -80.28 -97.62
CA LYS PA 151 26.11 -79.06 -97.00
C LYS PA 151 27.49 -78.65 -97.52
N GLU PA 152 27.89 -79.17 -98.68
CA GLU PA 152 29.17 -78.81 -99.28
C GLU PA 152 29.00 -77.48 -100.03
N PRO PA 153 29.93 -76.54 -99.91
CA PRO PA 153 29.75 -75.25 -100.60
C PRO PA 153 29.87 -75.43 -102.10
N ILE PA 154 28.83 -75.00 -102.83
CA ILE PA 154 28.80 -75.11 -104.28
C ILE PA 154 29.02 -73.79 -104.99
N ALA PA 155 28.97 -72.66 -104.28
CA ALA PA 155 29.29 -71.38 -104.89
C ALA PA 155 29.52 -70.35 -103.79
N TYR PA 156 30.36 -69.37 -104.10
CA TYR PA 156 30.70 -68.28 -103.20
C TYR PA 156 30.24 -66.96 -103.80
N ILE PA 157 29.63 -66.12 -102.98
CA ILE PA 157 29.14 -64.81 -103.39
C ILE PA 157 30.13 -63.77 -102.86
N LEU PA 158 31.09 -63.40 -103.68
CA LEU PA 158 32.14 -62.44 -103.31
C LEU PA 158 31.73 -61.05 -103.79
N GLU PA 159 31.85 -60.07 -102.91
CA GLU PA 159 31.47 -58.70 -103.19
C GLU PA 159 32.45 -57.77 -102.48
N SER PA 160 33.08 -56.87 -103.24
CA SER PA 160 34.13 -56.03 -102.69
C SER PA 160 34.16 -54.69 -103.43
N GLN PA 161 34.32 -53.61 -102.68
CA GLN PA 161 34.53 -52.28 -103.24
C GLN PA 161 36.03 -52.05 -103.36
N ASN PA 162 36.53 -51.97 -104.58
CA ASN PA 162 37.96 -51.77 -104.85
C ASN PA 162 38.16 -50.32 -105.26
N GLU PA 163 38.54 -49.48 -104.30
CA GLU PA 163 38.90 -48.09 -104.55
C GLU PA 163 40.42 -48.03 -104.75
N TRP PA 164 40.84 -47.29 -105.77
CA TRP PA 164 42.25 -47.28 -106.15
C TRP PA 164 42.53 -46.03 -106.99
N THR PA 165 43.81 -45.74 -107.17
CA THR PA 165 44.26 -44.57 -107.91
C THR PA 165 45.05 -45.00 -109.13
N ASP PA 166 44.99 -44.18 -110.18
CA ASP PA 166 45.68 -44.50 -111.42
C ASP PA 166 47.20 -44.36 -111.22
N LEU PA 167 47.96 -44.99 -112.13
CA LEU PA 167 49.41 -44.81 -112.15
C LEU PA 167 49.80 -43.36 -112.40
N GLY PA 168 48.88 -42.54 -112.94
CA GLY PA 168 49.04 -41.11 -112.97
C GLY PA 168 48.44 -40.50 -111.72
N GLU PA 169 47.33 -39.76 -111.87
CA GLU PA 169 46.67 -39.10 -110.74
C GLU PA 169 45.23 -39.53 -110.52
N ASN PA 170 44.57 -40.11 -111.51
CA ASN PA 170 43.12 -40.27 -111.47
C ASN PA 170 42.69 -41.21 -110.35
N LYS PA 171 41.68 -40.79 -109.60
CA LYS PA 171 41.05 -41.67 -108.62
C LYS PA 171 40.13 -42.66 -109.34
N ARG PA 172 40.04 -43.87 -108.80
CA ARG PA 172 39.26 -44.93 -109.40
C ARG PA 172 38.46 -45.67 -108.33
N LYS PA 173 37.20 -45.97 -108.65
CA LYS PA 173 36.29 -46.67 -107.76
C LYS PA 173 35.58 -47.76 -108.55
N ALA PA 174 35.46 -48.94 -107.96
CA ALA PA 174 34.97 -50.11 -108.69
C ALA PA 174 34.38 -51.10 -107.70
N LYS PA 175 33.06 -51.26 -107.69
CA LYS PA 175 32.38 -52.24 -106.85
C LYS PA 175 32.28 -53.54 -107.64
N VAL PA 176 33.32 -54.37 -107.55
CA VAL PA 176 33.36 -55.66 -108.24
C VAL PA 176 32.77 -56.72 -107.33
N LYS PA 177 31.88 -57.54 -107.88
CA LYS PA 177 31.39 -58.74 -107.23
C LYS PA 177 31.53 -59.90 -108.22
N GLN PA 178 31.77 -61.09 -107.68
CA GLN PA 178 32.05 -62.24 -108.53
C GLN PA 178 31.54 -63.51 -107.86
N ILE PA 179 30.97 -64.39 -108.67
CA ILE PA 179 30.42 -65.66 -108.21
C ILE PA 179 31.34 -66.77 -108.70
N ILE PA 180 32.01 -67.44 -107.76
CA ILE PA 180 32.92 -68.53 -108.07
C ILE PA 180 32.18 -69.85 -107.86
N THR PA 181 32.25 -70.74 -108.84
CA THR PA 181 31.65 -72.05 -108.77
C THR PA 181 32.64 -73.09 -109.29
N ALA PA 182 32.30 -74.36 -109.07
CA ALA PA 182 33.16 -75.44 -109.54
C ALA PA 182 33.26 -75.46 -111.05
N GLU PA 183 32.15 -75.18 -111.74
CA GLU PA 183 32.14 -75.21 -113.20
C GLU PA 183 32.84 -74.00 -113.80
N SER PA 184 32.62 -72.82 -113.23
CA SER PA 184 33.10 -71.59 -113.85
C SER PA 184 33.15 -70.49 -112.80
N ARG PA 185 33.76 -69.37 -113.18
CA ARG PA 185 33.82 -68.15 -112.38
C ARG PA 185 33.14 -67.04 -113.16
N PHE PA 186 32.30 -66.28 -112.45
CA PHE PA 186 31.63 -65.11 -113.02
C PHE PA 186 32.06 -63.88 -112.22
N VAL PA 187 32.40 -62.80 -112.92
CA VAL PA 187 32.81 -61.55 -112.31
C VAL PA 187 32.21 -60.40 -113.10
N GLU PA 188 31.68 -59.40 -112.39
CA GLU PA 188 31.19 -58.18 -113.00
C GLU PA 188 31.60 -57.01 -112.13
N VAL PA 189 31.83 -55.86 -112.77
CA VAL PA 189 32.32 -54.66 -112.09
C VAL PA 189 31.38 -53.50 -112.40
N GLU PA 190 31.02 -52.76 -111.36
CA GLU PA 190 30.17 -51.57 -111.45
C GLU PA 190 31.04 -50.37 -111.09
N GLY PA 191 31.65 -49.75 -112.09
CA GLY PA 191 32.50 -48.60 -111.89
C GLY PA 191 33.59 -48.56 -112.94
N ASP PA 192 34.73 -47.98 -112.55
CA ASP PA 192 35.85 -47.82 -113.46
C ASP PA 192 36.40 -49.18 -113.88
N LYS PA 193 36.90 -49.22 -115.11
CA LYS PA 193 37.47 -50.46 -115.64
C LYS PA 193 38.72 -50.83 -114.86
N ILE PA 194 38.83 -52.13 -114.53
CA ILE PA 194 40.03 -52.70 -113.93
C ILE PA 194 40.68 -53.58 -114.99
N GLU PA 195 41.95 -53.33 -115.27
CA GLU PA 195 42.61 -53.97 -116.41
C GLU PA 195 42.76 -55.47 -116.20
N GLY PA 196 42.93 -55.92 -114.96
CA GLY PA 196 43.22 -57.32 -114.70
C GLY PA 196 42.03 -58.25 -114.81
N LEU PA 197 40.82 -57.71 -114.63
CA LEU PA 197 39.60 -58.52 -114.55
C LEU PA 197 38.86 -58.48 -115.87
N GLU PA 198 38.56 -59.65 -116.43
CA GLU PA 198 37.68 -59.79 -117.57
C GLU PA 198 36.27 -60.07 -117.06
N GLU PA 199 35.34 -59.17 -117.36
CA GLU PA 199 33.96 -59.36 -116.93
C GLU PA 199 33.36 -60.60 -117.59
N GLY PA 200 32.23 -61.04 -117.04
CA GLY PA 200 31.52 -62.19 -117.58
C GLY PA 200 32.07 -63.49 -117.05
N GLU PA 201 31.39 -64.57 -117.44
CA GLU PA 201 31.79 -65.91 -117.04
C GLU PA 201 33.14 -66.26 -117.65
N THR PA 202 33.94 -67.02 -116.88
CA THR PA 202 35.18 -67.61 -117.37
C THR PA 202 35.21 -69.05 -116.86
N PRO PA 203 35.59 -70.02 -117.70
CA PRO PA 203 35.48 -71.42 -117.27
C PRO PA 203 36.50 -71.76 -116.19
N ASN PA 204 36.14 -72.75 -115.38
CA ASN PA 204 37.01 -73.24 -114.31
C ASN PA 204 37.84 -74.40 -114.87
N VAL PA 205 39.17 -74.25 -114.83
CA VAL PA 205 40.05 -75.26 -115.38
C VAL PA 205 39.90 -76.61 -114.67
N TRP PA 206 39.47 -76.61 -113.42
CA TRP PA 206 39.18 -77.82 -112.67
C TRP PA 206 37.76 -77.74 -112.14
N GLY PA 207 37.13 -78.89 -111.99
CA GLY PA 207 35.74 -78.94 -111.56
C GLY PA 207 35.55 -78.96 -110.06
N PHE PA 208 36.27 -78.10 -109.35
CA PHE PA 208 36.03 -77.87 -107.93
C PHE PA 208 36.28 -76.40 -107.64
N ILE PA 209 35.68 -75.92 -106.57
CA ILE PA 209 35.81 -74.50 -106.21
C ILE PA 209 37.19 -74.27 -105.59
N PRO PA 210 38.02 -73.36 -106.11
CA PRO PA 210 39.38 -73.21 -105.57
C PRO PA 210 39.47 -72.54 -104.21
N ILE PA 211 38.35 -72.18 -103.59
CA ILE PA 211 38.34 -71.53 -102.28
C ILE PA 211 38.25 -72.60 -101.20
N ILE PA 212 38.92 -72.36 -100.08
CA ILE PA 212 38.88 -73.23 -98.90
C ILE PA 212 38.44 -72.38 -97.71
N HIS PA 213 37.51 -72.92 -96.93
CA HIS PA 213 36.97 -72.24 -95.75
C HIS PA 213 37.62 -72.84 -94.51
N PHE PA 214 38.26 -71.98 -93.71
CA PHE PA 214 38.79 -72.35 -92.41
C PHE PA 214 37.81 -71.93 -91.33
N LYS PA 215 37.15 -72.89 -90.72
CA LYS PA 215 36.06 -72.66 -89.78
C LYS PA 215 36.58 -72.87 -88.37
N ASN PA 216 36.81 -71.76 -87.66
CA ASN PA 216 37.26 -71.83 -86.28
C ASN PA 216 36.11 -72.24 -85.37
N GLU PA 217 36.35 -73.25 -84.53
CA GLU PA 217 35.36 -73.78 -83.61
C GLU PA 217 34.08 -74.14 -84.35
N ALA PA 218 34.25 -74.95 -85.40
CA ALA PA 218 33.12 -75.35 -86.23
C ALA PA 218 32.11 -76.11 -85.39
N ASP PA 219 30.83 -75.95 -85.73
CA ASP PA 219 29.75 -76.64 -85.05
C ASP PA 219 28.76 -77.17 -86.07
N GLU PA 220 28.13 -78.29 -85.71
CA GLU PA 220 27.15 -78.91 -86.60
C GLU PA 220 25.93 -78.01 -86.83
N THR PA 221 25.63 -77.12 -85.90
CA THR PA 221 24.46 -76.26 -85.99
C THR PA 221 24.76 -74.86 -86.51
N LEU PA 222 25.99 -74.60 -86.95
CA LEU PA 222 26.41 -73.27 -87.41
C LEU PA 222 26.93 -73.36 -88.84
N LYS PA 223 26.55 -72.38 -89.66
CA LYS PA 223 27.05 -72.32 -91.04
C LYS PA 223 28.50 -71.85 -91.07
N TYR PA 224 28.83 -70.86 -90.26
CA TYR PA 224 30.17 -70.27 -90.20
C TYR PA 224 30.87 -70.72 -88.91
N GLY PA 225 32.10 -70.26 -88.78
CA GLY PA 225 32.85 -70.44 -87.55
C GLY PA 225 32.48 -69.39 -86.53
N GLN PA 226 33.25 -69.36 -85.45
CA GLN PA 226 33.02 -68.45 -84.35
C GLN PA 226 34.31 -68.13 -83.63
N SER PA 227 34.53 -66.85 -83.38
CA SER PA 227 35.80 -66.36 -82.84
C SER PA 227 35.99 -66.80 -81.40
N ASP PA 228 37.25 -66.91 -81.00
CA ASP PA 228 37.57 -67.16 -79.59
C ASP PA 228 37.31 -65.94 -78.71
N ILE PA 229 37.05 -64.78 -79.31
CA ILE PA 229 36.70 -63.61 -78.52
C ILE PA 229 35.24 -63.64 -78.07
N GLU PA 230 34.38 -64.38 -78.78
CA GLU PA 230 32.96 -64.38 -78.45
C GLU PA 230 32.67 -64.88 -77.03
N PRO PA 231 33.21 -66.01 -76.58
CA PRO PA 231 32.92 -66.44 -75.20
C PRO PA 231 33.38 -65.45 -74.15
N ILE PA 232 34.51 -64.76 -74.36
CA ILE PA 232 35.04 -63.84 -73.36
C ILE PA 232 34.48 -62.43 -73.49
N GLU PA 233 33.84 -62.08 -74.61
CA GLU PA 233 33.45 -60.71 -74.89
C GLU PA 233 32.62 -60.04 -73.80
N PRO PA 234 31.55 -60.65 -73.27
CA PRO PA 234 30.85 -59.97 -72.17
C PRO PA 234 31.69 -59.77 -70.94
N LEU PA 235 32.61 -60.70 -70.66
CA LEU PA 235 33.54 -60.49 -69.56
C LEU PA 235 34.45 -59.31 -69.85
N LEU PA 236 34.86 -59.15 -71.12
CA LEU PA 236 35.63 -57.95 -71.49
C LEU PA 236 34.82 -56.69 -71.26
N LYS PA 237 33.53 -56.72 -71.60
CA LYS PA 237 32.67 -55.55 -71.39
C LYS PA 237 32.57 -55.21 -69.91
N ALA PA 238 32.35 -56.22 -69.07
CA ALA PA 238 32.24 -55.97 -67.64
C ALA PA 238 33.56 -55.48 -67.07
N TYR PA 239 34.67 -56.06 -67.51
CA TYR PA 239 35.99 -55.63 -67.05
C TYR PA 239 36.25 -54.18 -67.45
N HIS PA 240 35.89 -53.82 -68.68
CA HIS PA 240 36.03 -52.43 -69.13
C HIS PA 240 35.19 -51.50 -68.28
N ASP PA 241 33.94 -51.88 -68.02
CA ASP PA 241 33.06 -51.02 -67.23
C ASP PA 241 33.60 -50.83 -65.82
N VAL PA 242 34.05 -51.91 -65.19
CA VAL PA 242 34.56 -51.81 -63.82
C VAL PA 242 35.82 -50.96 -63.78
N MET PA 243 36.75 -51.19 -64.72
CA MET PA 243 37.98 -50.43 -64.73
C MET PA 243 37.70 -48.95 -65.00
N LEU PA 244 36.80 -48.65 -65.94
CA LEU PA 244 36.53 -47.25 -66.26
C LEU PA 244 35.85 -46.55 -65.10
N HIS PA 245 34.89 -47.21 -64.45
CA HIS PA 245 34.24 -46.58 -63.30
C HIS PA 245 35.22 -46.39 -62.16
N ALA PA 246 36.11 -47.35 -61.96
CA ALA PA 246 37.15 -47.21 -60.95
C ALA PA 246 38.06 -46.03 -61.25
N LEU PA 247 38.48 -45.88 -62.51
CA LEU PA 247 39.35 -44.78 -62.89
C LEU PA 247 38.65 -43.44 -62.68
N LYS PA 248 37.38 -43.35 -63.06
CA LYS PA 248 36.65 -42.10 -62.86
C LYS PA 248 36.50 -41.79 -61.38
N GLY PA 249 36.19 -42.79 -60.56
CA GLY PA 249 36.07 -42.56 -59.13
C GLY PA 249 37.39 -42.12 -58.51
N SER PA 250 38.49 -42.74 -58.93
CA SER PA 250 39.80 -42.33 -58.43
C SER PA 250 40.10 -40.89 -58.83
N LYS PA 251 39.87 -40.55 -60.10
CA LYS PA 251 40.15 -39.19 -60.56
C LYS PA 251 39.31 -38.18 -59.79
N MET PA 252 38.06 -38.55 -59.48
CA MET PA 252 37.19 -37.62 -58.75
C MET PA 252 37.62 -37.47 -57.30
N HIS PA 253 38.05 -38.56 -56.65
CA HIS PA 253 38.14 -38.59 -55.19
C HIS PA 253 39.44 -39.18 -54.63
N SER PA 254 40.37 -39.65 -55.46
CA SER PA 254 41.62 -40.19 -54.90
C SER PA 254 42.41 -39.10 -54.19
N THR PA 255 42.62 -37.97 -54.86
CA THR PA 255 43.32 -36.86 -54.23
C THR PA 255 42.41 -36.24 -53.17
N PRO PA 256 42.90 -35.97 -51.96
CA PRO PA 256 42.01 -35.42 -50.93
C PRO PA 256 41.64 -33.97 -51.22
N LYS PA 257 40.50 -33.56 -50.70
CA LYS PA 257 39.95 -32.23 -50.91
C LYS PA 257 40.09 -31.45 -49.60
N LEU PA 258 40.76 -30.30 -49.66
CA LEU PA 258 40.96 -29.48 -48.48
C LEU PA 258 39.73 -28.64 -48.20
N LYS PA 259 39.20 -28.74 -46.98
CA LYS PA 259 38.08 -27.93 -46.52
C LYS PA 259 38.61 -26.86 -45.58
N LEU PA 260 38.05 -25.67 -45.66
CA LEU PA 260 38.35 -24.58 -44.73
C LEU PA 260 37.04 -24.01 -44.21
N LYS PA 261 36.76 -24.23 -42.93
CA LYS PA 261 35.57 -23.69 -42.29
C LYS PA 261 35.88 -22.26 -41.84
N LEU PA 262 35.89 -21.36 -42.81
CA LEU PA 262 36.25 -19.98 -42.57
C LEU PA 262 35.08 -19.19 -41.98
N THR PA 263 35.42 -18.09 -41.30
CA THR PA 263 34.38 -17.22 -40.75
C THR PA 263 33.75 -16.36 -41.84
N ASP PA 264 34.53 -15.99 -42.86
CA ASP PA 264 34.04 -15.20 -43.98
C ASP PA 264 34.83 -15.64 -45.21
N VAL PA 265 34.19 -16.45 -46.06
CA VAL PA 265 34.90 -17.05 -47.19
C VAL PA 265 35.31 -15.98 -48.20
N ALA PA 266 34.42 -15.01 -48.44
CA ALA PA 266 34.68 -14.01 -49.47
C ALA PA 266 35.90 -13.17 -49.12
N SER PA 267 35.99 -12.72 -47.87
CA SER PA 267 37.14 -11.92 -47.45
C SER PA 267 38.42 -12.73 -47.53
N PHE PA 268 38.36 -14.01 -47.15
CA PHE PA 268 39.54 -14.88 -47.24
C PHE PA 268 40.01 -15.00 -48.68
N LEU PA 269 39.07 -15.25 -49.61
CA LEU PA 269 39.45 -15.37 -51.01
C LEU PA 269 40.04 -14.07 -51.53
N ALA PA 270 39.42 -12.94 -51.20
CA ALA PA 270 39.91 -11.65 -51.68
C ALA PA 270 41.31 -11.37 -51.14
N HIS PA 271 41.54 -11.62 -49.85
CA HIS PA 271 42.84 -11.34 -49.26
C HIS PA 271 43.91 -12.26 -49.85
N ASN PA 272 43.63 -13.56 -49.91
CA ASN PA 272 44.69 -14.52 -50.25
C ASN PA 272 44.88 -14.63 -51.76
N PHE PA 273 43.84 -15.01 -52.49
CA PHE PA 273 43.97 -15.34 -53.90
C PHE PA 273 43.58 -14.19 -54.82
N GLY PA 274 43.21 -13.04 -54.29
CA GLY PA 274 42.82 -11.92 -55.12
C GLY PA 274 41.62 -12.21 -55.99
N VAL PA 275 40.67 -12.99 -55.48
CA VAL PA 275 39.48 -13.37 -56.23
C VAL PA 275 38.38 -12.39 -55.82
N GLU PA 276 38.21 -11.34 -56.61
CA GLU PA 276 37.28 -10.28 -56.24
C GLU PA 276 35.84 -10.76 -56.32
N ASP PA 277 35.47 -11.42 -57.42
CA ASP PA 277 34.11 -11.89 -57.67
C ASP PA 277 34.15 -13.41 -57.69
N PRO PA 278 34.05 -14.07 -56.53
CA PRO PA 278 34.20 -15.53 -56.52
C PRO PA 278 33.15 -16.26 -57.32
N VAL PA 279 31.93 -15.72 -57.41
CA VAL PA 279 30.91 -16.39 -58.23
C VAL PA 279 31.36 -16.44 -59.68
N LYS PA 280 31.84 -15.30 -60.22
CA LYS PA 280 32.32 -15.31 -61.60
C LYS PA 280 33.55 -16.19 -61.75
N PHE PA 281 34.39 -16.23 -60.71
CA PHE PA 281 35.53 -17.14 -60.73
C PHE PA 281 35.07 -18.58 -60.85
N ALA PA 282 33.91 -18.90 -60.27
CA ALA PA 282 33.35 -20.24 -60.45
C ALA PA 282 32.78 -20.42 -61.85
N LYS PA 283 32.10 -19.40 -62.38
CA LYS PA 283 31.52 -19.52 -63.72
C LYS PA 283 32.63 -19.69 -64.75
N GLU PA 284 33.68 -18.88 -64.66
CA GLU PA 284 34.78 -18.92 -65.63
C GLU PA 284 35.59 -20.22 -65.55
N GLY PA 285 35.45 -20.99 -64.49
CA GLY PA 285 36.28 -22.16 -64.31
C GLY PA 285 37.67 -21.86 -63.81
N GLY PA 286 37.87 -20.74 -63.13
CA GLY PA 286 39.19 -20.40 -62.63
C GLY PA 286 39.68 -21.41 -61.61
N LYS PA 287 40.99 -21.44 -61.43
CA LYS PA 287 41.65 -22.44 -60.60
C LYS PA 287 42.74 -21.78 -59.77
N ILE PA 288 42.62 -21.89 -58.45
CA ILE PA 288 43.65 -21.37 -57.54
C ILE PA 288 44.94 -22.15 -57.76
N ASN PA 289 46.06 -21.48 -57.53
CA ASN PA 289 47.39 -22.08 -57.64
C ASN PA 289 48.02 -22.16 -56.26
N LEU PA 290 48.51 -23.34 -55.90
CA LEU PA 290 49.24 -23.55 -54.65
C LEU PA 290 50.54 -24.28 -54.95
N ASP PA 291 51.62 -23.82 -54.34
CA ASP PA 291 52.92 -24.45 -54.51
C ASP PA 291 53.04 -25.77 -53.75
N GLY PA 292 52.19 -25.99 -52.76
CA GLY PA 292 52.24 -27.19 -51.94
C GLY PA 292 52.72 -26.91 -50.54
N HIS PA 293 53.74 -26.06 -50.42
CA HIS PA 293 54.24 -25.62 -49.12
C HIS PA 293 53.42 -24.42 -48.67
N GLU PA 294 52.41 -24.71 -47.85
CA GLU PA 294 51.53 -23.69 -47.29
C GLU PA 294 51.48 -23.78 -45.77
N ILE PA 295 51.27 -22.62 -45.15
CA ILE PA 295 51.09 -22.50 -43.71
C ILE PA 295 49.82 -21.70 -43.47
N LEU PA 296 49.01 -22.16 -42.51
CA LEU PA 296 47.67 -21.63 -42.30
C LEU PA 296 47.64 -20.83 -41.00
N PHE PA 297 47.27 -19.56 -41.11
CA PHE PA 297 47.00 -18.69 -39.96
C PHE PA 297 45.50 -18.43 -39.93
N LEU PA 298 44.82 -19.03 -38.94
CA LEU PA 298 43.37 -18.98 -38.82
C LEU PA 298 42.99 -18.35 -37.49
N ASN PA 299 41.77 -17.85 -37.41
CA ASN PA 299 41.26 -17.32 -36.15
C ASN PA 299 40.96 -18.50 -35.21
N LYS PA 300 40.46 -18.16 -34.01
CA LYS PA 300 40.14 -19.20 -33.04
C LYS PA 300 39.04 -20.12 -33.55
N ASP PA 301 38.00 -19.54 -34.15
CA ASP PA 301 36.84 -20.32 -34.56
C ASP PA 301 37.08 -21.14 -35.82
N GLU PA 302 37.87 -20.65 -36.76
CA GLU PA 302 38.00 -21.31 -38.04
C GLU PA 302 38.72 -22.65 -37.89
N GLU PA 303 38.42 -23.56 -38.83
CA GLU PA 303 38.96 -24.91 -38.83
C GLU PA 303 39.45 -25.25 -40.23
N ALA PA 304 40.42 -26.14 -40.30
CA ALA PA 304 40.92 -26.66 -41.56
C ALA PA 304 41.18 -28.15 -41.41
N GLU PA 305 40.70 -28.93 -42.38
CA GLU PA 305 40.90 -30.37 -42.38
C GLU PA 305 40.94 -30.85 -43.82
N PHE PA 306 41.36 -32.10 -43.99
CA PHE PA 306 41.35 -32.76 -45.30
C PHE PA 306 40.18 -33.71 -45.37
N VAL PA 307 39.35 -33.56 -46.40
CA VAL PA 307 38.25 -34.48 -46.67
C VAL PA 307 38.83 -35.60 -47.53
N GLU PA 308 39.07 -36.75 -46.91
CA GLU PA 308 39.85 -37.82 -47.51
C GLU PA 308 39.04 -39.11 -47.52
N VAL PA 309 39.32 -39.95 -48.50
CA VAL PA 309 38.65 -41.23 -48.70
C VAL PA 309 39.55 -42.34 -48.20
N LYS PA 310 38.96 -43.33 -47.54
CA LYS PA 310 39.70 -44.53 -47.16
C LYS PA 310 40.23 -45.25 -48.40
N SER PA 311 39.38 -45.40 -49.42
CA SER PA 311 39.81 -45.97 -50.68
C SER PA 311 38.78 -45.57 -51.73
N ALA PA 312 39.22 -44.77 -52.73
CA ALA PA 312 38.30 -44.35 -53.78
C ALA PA 312 37.86 -45.53 -54.63
N ILE PA 313 38.72 -46.52 -54.83
CA ILE PA 313 38.37 -47.68 -55.63
C ILE PA 313 37.28 -48.49 -54.95
N GLY PA 314 37.34 -48.61 -53.63
CA GLY PA 314 36.40 -49.43 -52.91
C GLY PA 314 36.77 -50.89 -52.96
N ASP PA 315 36.04 -51.67 -53.78
CA ASP PA 315 36.26 -53.10 -53.91
C ASP PA 315 36.56 -53.52 -55.34
N ALA PA 316 36.76 -52.57 -56.27
CA ALA PA 316 36.77 -52.90 -57.69
C ALA PA 316 37.93 -53.82 -58.04
N LYS PA 317 39.01 -53.81 -57.27
CA LYS PA 317 40.12 -54.72 -57.56
C LYS PA 317 39.68 -56.17 -57.37
N GLU PA 318 38.86 -56.44 -56.35
CA GLU PA 318 38.37 -57.80 -56.15
C GLU PA 318 37.53 -58.25 -57.33
N LEU PA 319 36.65 -57.37 -57.83
CA LEU PA 319 35.84 -57.70 -59.00
C LEU PA 319 36.72 -57.93 -60.21
N LEU PA 320 37.77 -57.12 -60.36
CA LEU PA 320 38.67 -57.29 -61.49
C LEU PA 320 39.40 -58.62 -61.41
N LYS PA 321 39.82 -59.02 -60.21
CA LYS PA 321 40.44 -60.34 -60.06
C LYS PA 321 39.47 -61.45 -60.42
N LEU PA 322 38.22 -61.34 -59.96
CA LEU PA 322 37.22 -62.36 -60.28
C LEU PA 322 36.98 -62.44 -61.78
N LEU PA 323 36.86 -61.29 -62.44
CA LEU PA 323 36.60 -61.28 -63.87
C LEU PA 323 37.81 -61.76 -64.65
N PHE PA 324 39.02 -61.47 -64.17
CA PHE PA 324 40.22 -61.99 -64.81
C PHE PA 324 40.28 -63.51 -64.70
N TYR PA 325 39.93 -64.05 -63.53
CA TYR PA 325 39.85 -65.49 -63.38
C TYR PA 325 38.82 -66.08 -64.33
N CYS PA 326 37.67 -65.42 -64.45
CA CYS PA 326 36.65 -65.91 -65.38
C CYS PA 326 37.16 -65.88 -66.81
N ILE PA 327 37.91 -64.83 -67.17
CA ILE PA 327 38.37 -64.68 -68.54
C ILE PA 327 39.39 -65.76 -68.87
N VAL PA 328 40.37 -65.97 -67.99
CA VAL PA 328 41.39 -66.97 -68.28
C VAL PA 328 40.78 -68.38 -68.21
N ASP PA 329 39.76 -68.58 -67.38
CA ASP PA 329 39.07 -69.86 -67.37
C ASP PA 329 38.35 -70.09 -68.70
N VAL PA 330 37.65 -69.08 -69.20
CA VAL PA 330 36.84 -69.23 -70.41
C VAL PA 330 37.74 -69.56 -71.59
N SER PA 331 38.84 -68.83 -71.73
CA SER PA 331 39.80 -69.09 -72.80
C SER PA 331 40.59 -70.37 -72.59
N GLU PA 332 40.47 -71.00 -71.42
CA GLU PA 332 41.32 -72.12 -70.98
C GLU PA 332 42.79 -71.85 -71.29
N THR PA 333 43.21 -70.61 -71.10
CA THR PA 333 44.59 -70.25 -71.37
C THR PA 333 45.47 -70.70 -70.22
N PRO PA 334 46.54 -71.45 -70.46
CA PRO PA 334 47.48 -71.74 -69.37
C PRO PA 334 48.04 -70.47 -68.76
N GLU PA 335 48.29 -70.54 -67.46
CA GLU PA 335 48.29 -69.37 -66.61
C GLU PA 335 49.61 -68.61 -66.62
N PHE PA 336 50.66 -69.19 -67.19
CA PHE PA 336 51.91 -68.45 -67.37
C PHE PA 336 51.76 -67.32 -68.38
N ILE PA 337 50.74 -67.36 -69.24
CA ILE PA 337 50.54 -66.30 -70.21
C ILE PA 337 50.22 -64.99 -69.50
N PHE PA 338 49.44 -65.07 -68.41
CA PHE PA 338 49.01 -63.91 -67.64
C PHE PA 338 49.70 -63.87 -66.28
N GLY PA 339 50.97 -64.27 -66.23
CA GLY PA 339 51.64 -64.46 -64.97
C GLY PA 339 51.92 -63.18 -64.21
N VAL PA 340 51.72 -62.01 -64.82
CA VAL PA 340 51.88 -60.77 -64.07
C VAL PA 340 50.81 -60.68 -62.99
N HIS PA 341 49.62 -61.18 -63.28
CA HIS PA 341 48.57 -61.24 -62.26
C HIS PA 341 48.91 -62.26 -61.18
N THR PA 342 49.54 -63.37 -61.58
CA THR PA 342 49.89 -64.48 -60.68
C THR PA 342 51.36 -64.83 -60.88
N PRO PA 343 52.28 -64.07 -60.26
CA PRO PA 343 53.71 -64.32 -60.48
C PRO PA 343 54.18 -65.71 -60.05
N SER PA 344 53.43 -66.39 -59.19
CA SER PA 344 53.82 -67.75 -58.79
C SER PA 344 53.86 -68.70 -59.98
N ALA PA 345 53.05 -68.45 -61.00
CA ALA PA 345 53.02 -69.32 -62.18
C ALA PA 345 54.35 -69.34 -62.91
N LEU PA 346 55.15 -68.27 -62.81
CA LEU PA 346 56.43 -68.20 -63.51
C LEU PA 346 57.48 -69.14 -62.94
N ALA PA 347 57.21 -69.78 -61.80
CA ALA PA 347 58.19 -70.70 -61.21
C ALA PA 347 58.50 -71.85 -62.15
N SER PA 348 57.48 -72.40 -62.82
CA SER PA 348 57.69 -73.54 -63.70
C SER PA 348 56.65 -73.47 -64.83
N VAL PA 349 57.06 -72.90 -65.96
CA VAL PA 349 56.26 -73.00 -67.17
C VAL PA 349 56.28 -74.43 -67.69
N LYS PA 350 57.42 -75.12 -67.55
CA LYS PA 350 57.51 -76.51 -67.97
C LYS PA 350 56.49 -77.39 -67.24
N GLU PA 351 56.18 -77.06 -65.99
CA GLU PA 351 55.17 -77.82 -65.27
C GLU PA 351 53.79 -77.61 -65.87
N GLN PA 352 53.49 -76.41 -66.37
CA GLN PA 352 52.21 -76.11 -66.99
C GLN PA 352 52.16 -76.50 -68.47
N MET PA 353 53.28 -76.87 -69.07
CA MET PA 353 53.32 -77.19 -70.50
C MET PA 353 52.31 -78.26 -70.91
N PRO PA 354 52.04 -79.31 -70.13
CA PRO PA 354 50.97 -80.25 -70.53
C PRO PA 354 49.62 -79.61 -70.77
N ILE PA 355 49.29 -78.52 -70.06
CA ILE PA 355 48.02 -77.85 -70.30
C ILE PA 355 48.02 -77.20 -71.68
N MET PA 356 49.12 -76.53 -72.04
CA MET PA 356 49.23 -75.99 -73.38
C MET PA 356 49.17 -77.11 -74.41
N VAL PA 357 49.81 -78.25 -74.11
CA VAL PA 357 49.79 -79.38 -75.02
C VAL PA 357 48.36 -79.85 -75.24
N ASN PA 358 47.57 -79.91 -74.17
CA ASN PA 358 46.17 -80.28 -74.28
C ASN PA 358 45.41 -79.29 -75.16
N LYS PA 359 45.58 -77.99 -74.90
CA LYS PA 359 44.83 -76.98 -75.64
C LYS PA 359 45.18 -77.04 -77.12
N ILE PA 360 46.47 -77.16 -77.44
CA ILE PA 360 46.89 -77.21 -78.84
C ILE PA 360 46.44 -78.51 -79.49
N ARG PA 361 46.42 -79.62 -78.73
CA ARG PA 361 45.90 -80.87 -79.26
C ARG PA 361 44.45 -80.71 -79.67
N ARG PA 362 43.65 -80.05 -78.83
CA ARG PA 362 42.25 -79.83 -79.17
C ARG PA 362 42.12 -78.90 -80.36
N LYS PA 363 42.94 -77.85 -80.42
CA LYS PA 363 42.75 -76.82 -81.43
C LYS PA 363 43.22 -77.24 -82.81
N ARG PA 364 44.31 -78.01 -82.91
CA ARG PA 364 44.88 -78.35 -84.21
C ARG PA 364 43.90 -79.18 -85.04
N GLU PA 365 43.20 -80.11 -84.39
CA GLU PA 365 42.28 -80.98 -85.11
C GLU PA 365 41.15 -80.23 -85.79
N GLN PA 366 40.82 -79.03 -85.31
CA GLN PA 366 39.77 -78.23 -85.95
C GLN PA 366 40.18 -77.88 -87.38
N PHE PA 367 41.43 -77.50 -87.59
CA PHE PA 367 41.91 -77.05 -88.89
C PHE PA 367 42.64 -78.11 -89.70
N THR PA 368 42.98 -79.25 -89.09
CA THR PA 368 43.80 -80.22 -89.82
C THR PA 368 43.05 -80.80 -91.01
N ASN PA 369 41.73 -80.98 -90.93
CA ASN PA 369 40.99 -81.48 -92.08
C ASN PA 369 40.99 -80.46 -93.21
N SER PA 370 40.83 -79.17 -92.89
CA SER PA 370 40.90 -78.14 -93.90
C SER PA 370 42.28 -78.10 -94.54
N TRP PA 371 43.33 -78.28 -93.74
CA TRP PA 371 44.68 -78.30 -94.29
C TRP PA 371 44.88 -79.53 -95.18
N GLN PA 372 44.28 -80.67 -94.81
CA GLN PA 372 44.30 -81.84 -95.70
C GLN PA 372 43.65 -81.51 -97.03
N LEU PA 373 42.50 -80.85 -96.99
CA LEU PA 373 41.81 -80.46 -98.22
C LEU PA 373 42.68 -79.53 -99.06
N LEU PA 374 43.35 -78.57 -98.40
CA LEU PA 374 44.22 -77.65 -99.13
C LEU PA 374 45.39 -78.38 -99.77
N ALA PA 375 46.00 -79.32 -99.05
CA ALA PA 375 47.09 -80.10 -99.61
C ALA PA 375 46.63 -80.90 -100.81
N ARG PA 376 45.46 -81.55 -100.69
CA ARG PA 376 44.89 -82.28 -101.82
C ARG PA 376 44.65 -81.37 -103.01
N MET PA 377 44.15 -80.16 -102.75
CA MET PA 377 43.82 -79.24 -103.83
C MET PA 377 45.07 -78.76 -104.55
N VAL PA 378 46.11 -78.37 -103.80
CA VAL PA 378 47.33 -77.90 -104.45
C VAL PA 378 48.01 -79.04 -105.20
N LEU PA 379 47.92 -80.27 -104.68
CA LEU PA 379 48.43 -81.40 -105.44
C LEU PA 379 47.66 -81.58 -106.74
N ILE PA 380 46.33 -81.45 -106.69
CA ILE PA 380 45.53 -81.61 -107.89
C ILE PA 380 45.83 -80.50 -108.90
N MET PA 381 46.11 -79.30 -108.41
CA MET PA 381 46.36 -78.14 -109.27
C MET PA 381 47.80 -78.07 -109.78
N SER PA 382 48.55 -79.16 -109.72
CA SER PA 382 49.92 -79.18 -110.24
C SER PA 382 50.40 -80.61 -110.43
N LYS PA 389 47.83 -88.32 -111.69
CA LYS PA 389 49.26 -88.53 -111.91
C LYS PA 389 49.92 -89.11 -110.67
N TYR PA 390 49.71 -88.46 -109.53
CA TYR PA 390 50.28 -88.93 -108.28
C TYR PA 390 49.57 -90.20 -107.81
N SER PA 391 50.34 -91.11 -107.23
CA SER PA 391 49.78 -92.38 -106.78
C SER PA 391 48.79 -92.21 -105.63
N SER PA 392 48.96 -91.17 -104.82
CA SER PA 392 48.06 -90.89 -103.71
C SER PA 392 47.78 -89.41 -103.63
N TYR PA 393 46.63 -89.06 -103.06
CA TYR PA 393 46.22 -87.67 -102.87
C TYR PA 393 45.70 -87.41 -101.45
N ASP PA 394 45.92 -88.33 -100.51
CA ASP PA 394 45.50 -88.17 -99.13
C ASP PA 394 46.75 -87.84 -98.31
N VAL PA 395 46.82 -86.60 -97.82
CA VAL PA 395 48.01 -86.06 -97.18
C VAL PA 395 47.79 -86.08 -95.68
N THR PA 396 48.72 -86.70 -94.95
CA THR PA 396 48.73 -86.64 -93.50
C THR PA 396 49.55 -85.45 -93.03
N ILE PA 397 49.21 -84.94 -91.85
CA ILE PA 397 49.74 -83.68 -91.35
C ILE PA 397 50.47 -83.94 -90.03
N GLY PA 398 51.76 -83.57 -90.00
CA GLY PA 398 52.48 -83.46 -88.75
C GLY PA 398 52.30 -82.08 -88.15
N TRP PA 399 53.00 -81.83 -87.04
CA TRP PA 399 52.87 -80.57 -86.35
C TRP PA 399 54.15 -80.25 -85.60
N ASP PA 400 54.30 -78.97 -85.25
CA ASP PA 400 55.43 -78.53 -84.45
C ASP PA 400 55.26 -79.00 -83.00
N GLU PA 401 56.39 -79.11 -82.31
CA GLU PA 401 56.37 -79.52 -80.91
C GLU PA 401 55.86 -78.37 -80.05
N VAL PA 402 54.85 -78.63 -79.23
CA VAL PA 402 54.38 -77.62 -78.29
C VAL PA 402 55.44 -77.38 -77.22
N ASN PA 403 55.98 -78.45 -76.65
CA ASN PA 403 57.17 -78.41 -75.81
C ASN PA 403 58.18 -79.39 -76.41
N PRO PA 404 59.37 -78.96 -76.79
CA PRO PA 404 60.24 -79.86 -77.57
C PRO PA 404 60.76 -81.03 -76.75
N ARG PA 405 61.06 -82.12 -77.44
CA ARG PA 405 61.73 -83.26 -76.85
C ARG PA 405 63.23 -83.02 -76.85
N ASP PA 406 63.88 -83.41 -75.76
CA ASP PA 406 65.33 -83.23 -75.66
C ASP PA 406 66.03 -84.19 -76.59
N ASP PA 407 66.87 -83.65 -77.48
CA ASP PA 407 67.58 -84.48 -78.45
C ASP PA 407 68.48 -85.49 -77.77
N LYS PA 408 69.06 -85.14 -76.62
CA LYS PA 408 69.87 -86.09 -75.88
C LYS PA 408 69.06 -87.30 -75.45
N GLU PA 409 67.81 -87.08 -75.00
CA GLU PA 409 66.95 -88.20 -74.63
C GLU PA 409 66.63 -89.07 -75.84
N LEU PA 410 66.38 -88.45 -76.99
CA LEU PA 410 66.10 -89.23 -78.19
C LEU PA 410 67.31 -90.08 -78.59
N ALA PA 411 68.50 -89.49 -78.54
CA ALA PA 411 69.71 -90.25 -78.85
C ALA PA 411 69.94 -91.37 -77.85
N GLU PA 412 69.65 -91.11 -76.56
CA GLU PA 412 69.75 -92.16 -75.56
C GLU PA 412 68.81 -93.32 -75.88
N THR PA 413 67.58 -93.00 -76.25
CA THR PA 413 66.63 -94.05 -76.61
C THR PA 413 67.12 -94.82 -77.83
N LEU PA 414 67.65 -94.12 -78.82
CA LEU PA 414 68.15 -94.79 -80.03
C LEU PA 414 69.28 -95.76 -79.69
N GLU PA 415 70.29 -95.27 -78.96
CA GLU PA 415 71.42 -96.13 -78.61
C GLU PA 415 70.98 -97.29 -77.74
N LYS PA 416 70.07 -97.03 -76.80
CA LYS PA 416 69.61 -98.07 -75.89
C LYS PA 416 68.86 -99.15 -76.63
N VAL PA 417 68.02 -98.78 -77.60
CA VAL PA 417 67.34 -99.77 -78.43
C VAL PA 417 68.35 -100.54 -79.26
N CYS PA 418 69.32 -99.85 -79.86
CA CYS PA 418 70.28 -100.52 -80.73
C CYS PA 418 71.11 -101.53 -79.96
N CYS PA 419 71.57 -101.16 -78.75
CA CYS PA 419 72.31 -102.12 -77.92
C CYS PA 419 71.40 -103.22 -77.42
N ALA PA 420 70.13 -102.90 -77.14
CA ALA PA 420 69.16 -103.94 -76.83
C ALA PA 420 68.97 -104.87 -78.01
N LEU PA 421 68.88 -104.30 -79.23
CA LEU PA 421 68.89 -105.12 -80.42
C LEU PA 421 70.28 -105.69 -80.66
N ASP PA 422 70.38 -106.58 -81.65
CA ASP PA 422 71.56 -107.41 -81.91
C ASP PA 422 71.79 -108.45 -80.82
N LYS PA 423 70.83 -108.65 -79.92
CA LYS PA 423 70.88 -109.68 -78.90
C LYS PA 423 69.52 -110.35 -78.85
N ALA PA 424 69.51 -111.64 -78.52
CA ALA PA 424 68.31 -112.46 -78.62
C ALA PA 424 67.76 -112.41 -80.04
N LEU PA 425 68.56 -112.93 -80.97
CA LEU PA 425 68.32 -112.79 -82.41
C LEU PA 425 67.13 -113.60 -82.92
N GLU PA 426 66.40 -114.30 -82.04
CA GLU PA 426 65.20 -115.00 -82.47
C GLU PA 426 64.03 -114.06 -82.78
N GLY PA 427 64.17 -112.76 -82.50
CA GLY PA 427 63.07 -111.84 -82.73
C GLY PA 427 62.67 -111.74 -84.20
N GLY PA 428 63.66 -111.61 -85.08
CA GLY PA 428 63.45 -111.52 -86.51
C GLY PA 428 64.14 -110.31 -87.10
N PHE PA 429 63.87 -110.07 -88.38
CA PHE PA 429 64.46 -108.96 -89.12
C PHE PA 429 63.65 -107.68 -89.03
N ILE PA 430 62.44 -107.73 -88.45
CA ILE PA 430 61.66 -106.51 -88.24
C ILE PA 430 62.35 -105.51 -87.31
N SER PA 431 63.36 -105.96 -86.55
CA SER PA 431 64.14 -105.03 -85.76
C SER PA 431 64.81 -103.98 -86.63
N GLU PA 432 65.28 -104.37 -87.82
CA GLU PA 432 65.87 -103.40 -88.74
C GLU PA 432 64.84 -102.38 -89.20
N GLU PA 433 63.62 -102.83 -89.50
CA GLU PA 433 62.57 -101.90 -89.89
C GLU PA 433 62.25 -100.92 -88.78
N SER PA 434 62.13 -101.42 -87.55
CA SER PA 434 61.87 -100.54 -86.42
C SER PA 434 63.05 -99.57 -86.21
N THR PA 435 64.27 -100.04 -86.41
CA THR PA 435 65.44 -99.20 -86.23
C THR PA 435 65.47 -98.07 -87.24
N VAL PA 436 65.19 -98.37 -88.52
CA VAL PA 436 65.18 -97.30 -89.51
C VAL PA 436 64.00 -96.36 -89.28
N ASN PA 437 62.87 -96.88 -88.79
CA ASN PA 437 61.77 -96.00 -88.43
C ASN PA 437 62.17 -95.03 -87.32
N PHE PA 438 62.84 -95.54 -86.29
CA PHE PA 438 63.30 -94.67 -85.21
C PHE PA 438 64.34 -93.67 -85.70
N LEU PA 439 65.22 -94.11 -86.61
CA LEU PA 439 66.20 -93.21 -87.19
C LEU PA 439 65.53 -92.10 -87.98
N ALA PA 440 64.49 -92.43 -88.74
CA ALA PA 440 63.75 -91.41 -89.46
C ALA PA 440 63.09 -90.41 -88.51
N GLN PA 441 62.50 -90.92 -87.42
CA GLN PA 441 61.92 -90.02 -86.43
C GLN PA 441 62.97 -89.10 -85.82
N TYR PA 442 64.15 -89.66 -85.50
CA TYR PA 442 65.21 -88.85 -84.92
C TYR PA 442 65.70 -87.80 -85.90
N ILE PA 443 65.86 -88.17 -87.17
CA ILE PA 443 66.30 -87.21 -88.18
C ILE PA 443 65.27 -86.10 -88.34
N ASP PA 444 63.99 -86.46 -88.31
CA ASP PA 444 62.94 -85.45 -88.41
C ASP PA 444 62.98 -84.50 -87.22
N THR PA 445 63.13 -85.03 -86.00
CA THR PA 445 63.09 -84.18 -84.81
C THR PA 445 64.36 -83.36 -84.64
N MET PA 446 65.49 -83.81 -85.20
CA MET PA 446 66.74 -83.07 -85.10
C MET PA 446 66.90 -82.03 -86.21
N SER PA 447 66.48 -82.37 -87.43
CA SER PA 447 66.60 -81.43 -88.54
C SER PA 447 65.72 -80.20 -88.33
N ASN PA 448 64.47 -80.42 -87.93
CA ASN PA 448 63.57 -79.30 -87.67
C ASN PA 448 64.08 -78.50 -86.48
N TYR PA 449 64.05 -77.18 -86.62
CA TYR PA 449 64.46 -76.27 -85.55
C TYR PA 449 63.23 -75.84 -84.78
N ILE PA 450 63.34 -75.87 -83.45
CA ILE PA 450 62.17 -75.73 -82.60
C ILE PA 450 61.60 -74.32 -82.67
N SER PA 451 62.45 -73.31 -82.50
CA SER PA 451 61.98 -71.93 -82.42
C SER PA 451 61.82 -71.26 -83.77
N ASP PA 452 61.91 -72.01 -84.86
CA ASP PA 452 61.55 -71.53 -86.19
C ASP PA 452 60.25 -72.21 -86.61
N ASP PA 453 59.25 -71.41 -86.97
CA ASP PA 453 57.96 -71.96 -87.36
C ASP PA 453 58.09 -72.80 -88.62
N PRO PA 454 57.31 -73.88 -88.66
CA PRO PA 454 57.35 -74.76 -89.81
C PRO PA 454 58.62 -75.58 -89.89
N GLU PA 455 58.81 -76.18 -91.06
CA GLU PA 455 59.92 -77.07 -91.35
C GLU PA 455 60.66 -76.63 -92.61
N ARG PA 456 60.85 -75.32 -92.76
CA ARG PA 456 61.64 -74.82 -93.89
C ARG PA 456 63.07 -75.32 -93.82
N GLU PA 457 63.63 -75.41 -92.61
CA GLU PA 457 65.01 -75.84 -92.46
C GLU PA 457 65.19 -77.28 -92.91
N GLY PA 458 64.20 -78.14 -92.66
CA GLY PA 458 64.33 -79.53 -93.10
C GLY PA 458 64.45 -79.64 -94.60
N GLU PA 459 63.55 -78.97 -95.33
CA GLU PA 459 63.60 -79.00 -96.78
C GLU PA 459 64.88 -78.34 -97.30
N ARG PA 460 65.28 -77.23 -96.68
CA ARG PA 460 66.49 -76.54 -97.11
C ARG PA 460 67.72 -77.42 -96.92
N GLU PA 461 67.80 -78.12 -95.78
CA GLU PA 461 68.93 -79.01 -95.53
C GLU PA 461 68.91 -80.17 -96.50
N LYS PA 462 67.74 -80.72 -96.79
CA LYS PA 462 67.65 -81.81 -97.75
C LYS PA 462 68.13 -81.37 -99.13
N ILE PA 463 67.70 -80.19 -99.56
CA ILE PA 463 68.08 -79.69 -100.89
C ILE PA 463 69.57 -79.39 -100.93
N ILE PA 464 70.11 -78.80 -99.86
CA ILE PA 464 71.54 -78.48 -99.82
C ILE PA 464 72.37 -79.76 -99.85
N LYS PA 465 71.94 -80.78 -99.10
CA LYS PA 465 72.64 -82.06 -99.12
C LYS PA 465 72.57 -82.70 -100.50
N THR PA 466 71.42 -82.61 -101.17
CA THR PA 466 71.30 -83.15 -102.52
C THR PA 466 72.23 -82.43 -103.49
N LYS PA 467 72.30 -81.09 -103.38
CA LYS PA 467 73.20 -80.33 -104.24
C LYS PA 467 74.65 -80.70 -103.99
N MET PA 468 75.06 -80.72 -102.71
CA MET PA 468 76.42 -81.13 -102.37
C MET PA 468 76.65 -82.60 -102.71
N LEU PA 469 75.66 -83.45 -102.46
CA LEU PA 469 75.75 -84.87 -102.76
C LEU PA 469 76.88 -85.52 -101.96
N MET QA 19 18.25 -91.98 -49.02
CA MET QA 19 17.32 -92.27 -47.90
C MET QA 19 16.71 -93.65 -48.03
N ARG QA 20 16.19 -94.16 -46.91
CA ARG QA 20 15.55 -95.46 -46.87
C ARG QA 20 14.04 -95.33 -47.10
N MET QA 21 13.42 -96.46 -47.43
CA MET QA 21 11.98 -96.51 -47.62
C MET QA 21 11.52 -97.96 -47.55
N SER QA 22 10.23 -98.14 -47.30
CA SER QA 22 9.65 -99.47 -47.33
C SER QA 22 9.58 -100.00 -48.76
N SER QA 23 9.83 -101.30 -48.90
CA SER QA 23 9.89 -101.90 -50.24
C SER QA 23 8.56 -101.82 -50.96
N GLY QA 24 7.45 -101.89 -50.24
CA GLY QA 24 6.12 -101.86 -50.81
C GLY QA 24 5.55 -100.49 -51.08
N ASN QA 25 6.37 -99.44 -51.01
CA ASN QA 25 5.95 -98.06 -51.22
C ASN QA 25 6.81 -97.39 -52.28
N ILE QA 26 7.01 -98.08 -53.40
CA ILE QA 26 7.84 -97.61 -54.51
C ILE QA 26 7.01 -97.63 -55.77
N GLY QA 27 7.14 -96.59 -56.59
CA GLY QA 27 6.44 -96.51 -57.84
C GLY QA 27 7.01 -97.49 -58.86
N VAL QA 28 6.37 -97.50 -60.03
CA VAL QA 28 6.73 -98.41 -61.10
C VAL QA 28 7.78 -97.76 -61.98
N TYR QA 29 8.74 -98.57 -62.43
CA TYR QA 29 9.80 -98.07 -63.30
C TYR QA 29 9.23 -97.55 -64.61
N LYS QA 30 9.80 -96.46 -65.11
CA LYS QA 30 9.44 -95.92 -66.41
C LYS QA 30 10.67 -95.27 -67.01
N LEU QA 31 10.93 -95.55 -68.29
CA LEU QA 31 12.13 -95.05 -68.96
C LEU QA 31 11.90 -93.59 -69.34
N ASP QA 32 12.52 -92.67 -68.61
CA ASP QA 32 12.38 -91.25 -68.88
C ASP QA 32 13.05 -90.91 -70.21
N ASP QA 33 12.40 -90.04 -70.98
CA ASP QA 33 12.87 -89.64 -72.31
C ASP QA 33 13.16 -88.14 -72.40
N SER QA 34 13.26 -87.45 -71.26
CA SER QA 34 13.55 -86.02 -71.30
C SER QA 34 14.93 -85.77 -71.90
N ARG QA 35 15.01 -84.76 -72.75
CA ARG QA 35 16.21 -84.42 -73.47
C ARG QA 35 16.92 -83.26 -72.78
N VAL QA 36 18.18 -83.05 -73.16
CA VAL QA 36 18.92 -81.88 -72.71
C VAL QA 36 18.51 -80.69 -73.54
N ASP QA 37 18.40 -79.53 -72.91
CA ASP QA 37 18.04 -78.32 -73.64
C ASP QA 37 19.22 -77.91 -74.50
N TYR QA 38 19.26 -78.46 -75.72
CA TYR QA 38 20.48 -78.42 -76.52
C TYR QA 38 20.87 -76.99 -76.88
N GLU QA 39 19.88 -76.14 -77.17
CA GLU QA 39 20.18 -74.74 -77.41
C GLU QA 39 20.78 -74.09 -76.17
N LEU QA 40 20.25 -74.42 -74.99
CA LEU QA 40 20.81 -73.87 -73.76
C LEU QA 40 22.22 -74.39 -73.51
N ALA QA 41 22.46 -75.67 -73.80
CA ALA QA 41 23.79 -76.23 -73.62
C ALA QA 41 24.80 -75.53 -74.52
N ARG QA 42 24.44 -75.33 -75.79
CA ARG QA 42 25.36 -74.66 -76.70
C ARG QA 42 25.53 -73.19 -76.33
N GLU QA 43 24.50 -72.55 -75.78
CA GLU QA 43 24.63 -71.18 -75.32
C GLU QA 43 25.60 -71.10 -74.14
N LEU QA 44 25.44 -72.00 -73.17
CA LEU QA 44 26.32 -71.99 -72.01
C LEU QA 44 27.75 -72.29 -72.40
N TYR QA 45 27.95 -73.21 -73.35
CA TYR QA 45 29.31 -73.50 -73.81
C TYR QA 45 29.93 -72.29 -74.49
N GLN QA 46 29.11 -71.39 -75.04
CA GLN QA 46 29.57 -70.17 -75.69
C GLN QA 46 29.29 -68.91 -74.88
N ASN QA 47 28.86 -69.06 -73.61
CA ASN QA 47 28.71 -67.93 -72.71
C ASN QA 47 27.68 -66.91 -73.22
N LYS QA 48 26.70 -67.40 -73.98
CA LYS QA 48 25.75 -66.50 -74.65
C LYS QA 48 24.47 -66.28 -73.87
N ASN QA 49 24.06 -67.22 -73.02
CA ASN QA 49 22.81 -67.06 -72.29
C ASN QA 49 22.91 -65.87 -71.34
N ALA QA 50 21.87 -65.03 -71.34
CA ALA QA 50 21.90 -63.81 -70.55
C ALA QA 50 21.85 -64.10 -69.06
N ASN QA 51 21.24 -65.22 -68.65
CA ASN QA 51 21.10 -65.55 -67.24
C ASN QA 51 22.29 -66.32 -66.68
N TYR QA 52 23.32 -66.57 -67.48
CA TYR QA 52 24.50 -67.31 -67.03
C TYR QA 52 25.79 -66.68 -67.54
N LYS QA 53 25.79 -65.39 -67.88
CA LYS QA 53 26.94 -64.79 -68.55
C LYS QA 53 28.18 -64.83 -67.66
N LEU QA 54 28.04 -64.35 -66.43
CA LEU QA 54 29.16 -64.44 -65.49
C LEU QA 54 29.34 -65.85 -64.98
N GLY QA 55 28.24 -66.56 -64.70
CA GLY QA 55 28.34 -67.88 -64.13
C GLY QA 55 28.94 -68.91 -65.06
N SER QA 56 28.54 -68.89 -66.33
CA SER QA 56 28.91 -69.97 -67.28
C SER QA 56 30.34 -69.90 -67.76
N SER QA 57 31.21 -69.08 -67.14
CA SER QA 57 32.62 -69.07 -67.51
C SER QA 57 33.25 -70.44 -67.33
N PHE QA 58 32.84 -71.19 -66.31
CA PHE QA 58 33.48 -72.46 -65.98
C PHE QA 58 33.10 -73.59 -66.93
N VAL QA 59 32.08 -73.41 -67.78
CA VAL QA 59 31.63 -74.51 -68.63
C VAL QA 59 32.69 -74.87 -69.66
N ARG QA 60 33.26 -73.86 -70.32
CA ARG QA 60 34.26 -74.11 -71.35
C ARG QA 60 35.47 -74.88 -70.84
N PRO QA 61 36.16 -74.47 -69.77
CA PRO QA 61 37.36 -75.22 -69.36
C PRO QA 61 37.09 -76.66 -68.97
N ILE QA 62 35.96 -76.94 -68.32
CA ILE QA 62 35.66 -78.31 -67.89
C ILE QA 62 35.53 -79.22 -69.11
N VAL QA 63 34.63 -78.87 -70.02
CA VAL QA 63 34.38 -79.70 -71.18
C VAL QA 63 35.62 -79.78 -72.06
N ASN QA 64 36.30 -78.65 -72.25
CA ASN QA 64 37.46 -78.62 -73.14
C ASN QA 64 38.59 -79.49 -72.58
N SER QA 65 38.87 -79.38 -71.28
CA SER QA 65 39.91 -80.19 -70.69
C SER QA 65 39.55 -81.67 -70.76
N THR QA 66 38.30 -82.01 -70.42
CA THR QA 66 37.90 -83.41 -70.41
C THR QA 66 37.97 -84.02 -71.80
N THR QA 67 37.50 -83.29 -72.81
CA THR QA 67 37.48 -83.84 -74.16
C THR QA 67 38.88 -83.84 -74.79
N GLY QA 68 39.72 -82.86 -74.43
CA GLY QA 68 41.06 -82.82 -74.97
C GLY QA 68 41.99 -83.86 -74.38
N PHE QA 69 41.80 -84.17 -73.08
CA PHE QA 69 42.63 -85.20 -72.47
C PHE QA 69 42.31 -86.57 -73.04
N MET QA 70 41.04 -86.93 -73.11
CA MET QA 70 40.66 -88.16 -73.79
C MET QA 70 40.91 -87.99 -75.27
N GLY QA 71 41.71 -88.88 -75.85
CA GLY QA 71 42.08 -88.74 -77.24
C GLY QA 71 40.98 -89.22 -78.15
N VAL QA 72 41.35 -89.99 -79.18
CA VAL QA 72 40.41 -90.61 -80.09
C VAL QA 72 40.69 -92.11 -80.05
N PRO QA 73 39.72 -92.97 -80.33
CA PRO QA 73 39.98 -94.41 -80.26
C PRO QA 73 41.05 -94.84 -81.24
N HIS QA 74 41.90 -95.77 -80.81
CA HIS QA 74 42.92 -96.37 -81.64
C HIS QA 74 42.42 -97.76 -82.00
N PHE QA 75 41.69 -97.84 -83.11
CA PHE QA 75 41.03 -99.08 -83.49
C PHE QA 75 42.07 -100.14 -83.83
N GLN QA 76 42.02 -101.26 -83.11
CA GLN QA 76 42.96 -102.36 -83.28
C GLN QA 76 42.19 -103.63 -83.63
N ILE QA 77 42.73 -104.39 -84.59
CA ILE QA 77 42.13 -105.65 -84.99
C ILE QA 77 43.22 -106.48 -85.66
N GLU QA 78 43.15 -107.80 -85.46
CA GLU QA 78 44.17 -108.69 -85.99
C GLU QA 78 44.16 -108.73 -87.51
N ASP QA 79 43.00 -108.62 -88.15
CA ASP QA 79 42.93 -108.73 -89.60
C ASP QA 79 43.65 -107.57 -90.27
N GLU QA 80 44.46 -107.90 -91.28
CA GLU QA 80 45.24 -106.87 -91.97
C GLU QA 80 44.34 -105.90 -92.72
N GLU QA 81 43.40 -106.43 -93.51
CA GLU QA 81 42.58 -105.56 -94.36
C GLU QA 81 41.60 -104.74 -93.52
N ALA QA 82 41.04 -105.34 -92.47
CA ALA QA 82 40.18 -104.58 -91.57
C ALA QA 82 40.95 -103.45 -90.90
N GLN QA 83 42.20 -103.73 -90.48
CA GLN QA 83 43.01 -102.69 -89.86
C GLN QA 83 43.34 -101.58 -90.85
N TYR QA 84 43.61 -101.95 -92.11
CA TYR QA 84 43.89 -100.94 -93.12
C TYR QA 84 42.67 -100.06 -93.38
N ILE QA 85 41.49 -100.66 -93.47
CA ILE QA 85 40.27 -99.87 -93.65
C ILE QA 85 40.07 -98.97 -92.44
N LEU QA 86 40.31 -99.49 -91.24
CA LEU QA 86 40.11 -98.71 -90.03
C LEU QA 86 41.06 -97.51 -89.98
N ASP QA 87 42.33 -97.71 -90.33
CA ASP QA 87 43.26 -96.59 -90.24
C ASP QA 87 43.03 -95.58 -91.36
N GLU QA 88 42.56 -96.04 -92.53
CA GLU QA 88 42.11 -95.10 -93.56
C GLU QA 88 40.97 -94.24 -93.03
N PHE QA 89 39.98 -94.87 -92.40
CA PHE QA 89 38.85 -94.12 -91.86
C PHE QA 89 39.30 -93.17 -90.76
N VAL QA 90 40.24 -93.59 -89.93
CA VAL QA 90 40.74 -92.73 -88.86
C VAL QA 90 41.45 -91.52 -89.45
N LEU QA 91 42.31 -91.74 -90.46
CA LEU QA 91 42.96 -90.65 -91.16
C LEU QA 91 41.94 -89.70 -91.76
N ASP QA 92 40.80 -90.23 -92.20
CA ASP QA 92 39.75 -89.37 -92.73
C ASP QA 92 39.10 -88.52 -91.65
N ASN QA 93 38.74 -89.12 -90.50
CA ASN QA 93 37.76 -88.54 -89.60
C ASN QA 93 38.22 -88.45 -88.14
N THR QA 94 39.53 -88.33 -87.89
CA THR QA 94 39.99 -88.16 -86.52
C THR QA 94 39.46 -86.87 -85.90
N SER QA 95 39.49 -85.78 -86.66
CA SER QA 95 38.98 -84.52 -86.16
C SER QA 95 37.50 -84.62 -85.83
N LYS QA 96 36.74 -85.30 -86.68
CA LYS QA 96 35.32 -85.44 -86.43
C LYS QA 96 35.06 -86.37 -85.25
N MET QA 97 35.92 -87.35 -85.01
CA MET QA 97 35.77 -88.19 -83.82
C MET QA 97 35.99 -87.38 -82.56
N LEU QA 98 37.02 -86.52 -82.55
CA LEU QA 98 37.23 -85.65 -81.40
C LEU QA 98 36.05 -84.69 -81.22
N LYS QA 99 35.52 -84.17 -82.33
CA LYS QA 99 34.34 -83.32 -82.25
C LYS QA 99 33.14 -84.11 -81.71
N THR QA 100 33.05 -85.40 -82.03
CA THR QA 100 31.98 -86.23 -81.49
C THR QA 100 32.11 -86.35 -79.98
N HIS QA 101 33.33 -86.57 -79.49
CA HIS QA 101 33.55 -86.56 -78.04
C HIS QA 101 33.10 -85.24 -77.43
N THR QA 102 33.51 -84.13 -78.05
CA THR QA 102 33.16 -82.83 -77.49
C THR QA 102 31.66 -82.59 -77.50
N ASP QA 103 30.98 -82.99 -78.59
CA ASP QA 103 29.54 -82.83 -78.67
C ASP QA 103 28.83 -83.67 -77.62
N SER QA 104 29.28 -84.92 -77.44
CA SER QA 104 28.68 -85.77 -76.41
C SER QA 104 28.87 -85.15 -75.03
N LEU QA 105 30.06 -84.63 -74.75
CA LEU QA 105 30.29 -84.00 -73.45
C LEU QA 105 29.43 -82.76 -73.28
N LYS QA 106 29.27 -81.96 -74.33
CA LYS QA 106 28.58 -80.68 -74.21
C LYS QA 106 27.07 -80.86 -74.19
N GLN QA 107 26.49 -81.38 -75.27
CA GLN QA 107 25.05 -81.50 -75.37
C GLN QA 107 24.49 -82.70 -74.63
N GLY QA 108 25.34 -83.67 -74.29
CA GLY QA 108 24.91 -84.90 -73.66
C GLY QA 108 24.55 -86.01 -74.62
N ASP QA 109 24.34 -85.70 -75.89
CA ASP QA 109 23.98 -86.71 -76.87
C ASP QA 109 24.24 -86.18 -78.27
N CYS QA 110 25.16 -86.82 -78.98
CA CYS QA 110 25.46 -86.51 -80.38
C CYS QA 110 25.18 -87.75 -81.22
N TYR QA 111 24.61 -87.53 -82.40
CA TYR QA 111 24.17 -88.60 -83.28
C TYR QA 111 25.03 -88.62 -84.54
N ILE QA 112 25.57 -89.79 -84.86
CA ILE QA 112 26.54 -89.97 -85.93
C ILE QA 112 25.94 -90.89 -86.97
N TRP QA 113 26.07 -90.51 -88.24
CA TRP QA 113 25.49 -91.23 -89.36
C TRP QA 113 26.57 -91.41 -90.43
N ILE QA 114 26.77 -92.64 -90.87
CA ILE QA 114 27.75 -92.99 -91.90
C ILE QA 114 26.99 -93.30 -93.18
N THR QA 115 27.40 -92.66 -94.28
CA THR QA 115 26.81 -92.85 -95.59
C THR QA 115 27.90 -93.18 -96.59
N ARG QA 116 27.61 -94.12 -97.47
CA ARG QA 116 28.53 -94.52 -98.53
C ARG QA 116 28.24 -93.69 -99.77
N GLU QA 117 29.28 -93.01 -100.28
CA GLU QA 117 29.16 -92.13 -101.43
C GLU QA 117 30.02 -92.67 -102.57
N GLU QA 118 29.38 -92.93 -103.71
CA GLU QA 118 30.08 -93.32 -104.93
C GLU QA 118 30.14 -92.18 -105.95
N ARG QA 119 29.77 -90.95 -105.57
CA ARG QA 119 29.81 -89.84 -106.50
C ARG QA 119 31.22 -89.57 -106.95
N GLU QA 120 31.39 -89.33 -108.25
CA GLU QA 120 32.68 -89.03 -108.85
C GLU QA 120 32.80 -87.54 -109.06
N ASN QA 121 33.81 -86.93 -108.45
CA ASN QA 121 34.14 -85.53 -108.63
C ASN QA 121 35.64 -85.42 -108.87
N PRO QA 122 36.09 -84.36 -109.55
CA PRO QA 122 37.54 -84.24 -109.82
C PRO QA 122 38.38 -84.11 -108.56
N LEU QA 123 37.80 -83.59 -107.48
CA LEU QA 123 38.59 -83.30 -106.28
C LEU QA 123 39.12 -84.57 -105.62
N TYR QA 124 38.53 -85.74 -105.92
CA TYR QA 124 38.98 -87.02 -105.40
C TYR QA 124 39.14 -87.98 -106.58
N PRO QA 125 40.20 -87.83 -107.38
CA PRO QA 125 40.36 -88.74 -108.54
C PRO QA 125 40.52 -90.21 -108.15
N ASP QA 126 41.18 -90.49 -107.04
CA ASP QA 126 41.46 -91.87 -106.65
C ASP QA 126 40.38 -92.48 -105.76
N LYS QA 127 39.77 -91.68 -104.88
CA LYS QA 127 38.80 -92.19 -103.91
C LYS QA 127 37.44 -92.28 -104.58
N LYS QA 128 37.24 -93.37 -105.32
CA LYS QA 128 35.96 -93.59 -106.00
C LYS QA 128 34.83 -93.77 -104.98
N VAL QA 129 35.11 -94.49 -103.90
CA VAL QA 129 34.13 -94.78 -102.85
C VAL QA 129 34.61 -94.12 -101.56
N ARG QA 130 33.75 -93.32 -100.95
CA ARG QA 130 34.05 -92.62 -99.72
C ARG QA 130 32.93 -92.84 -98.70
N LEU QA 131 33.32 -93.08 -97.46
CA LEU QA 131 32.36 -93.22 -96.35
C LEU QA 131 32.29 -91.89 -95.64
N ILE QA 132 31.19 -91.16 -95.86
CA ILE QA 132 31.04 -89.82 -95.31
C ILE QA 132 30.68 -89.94 -93.84
N TYR QA 133 31.47 -89.30 -92.98
CA TYR QA 133 31.23 -89.28 -91.54
C TYR QA 133 30.36 -88.05 -91.26
N ASN QA 134 29.05 -88.25 -91.22
CA ASN QA 134 28.08 -87.16 -91.17
C ASN QA 134 27.52 -87.02 -89.77
N PHE QA 135 27.51 -85.79 -89.25
CA PHE QA 135 26.87 -85.51 -87.98
C PHE QA 135 25.37 -85.32 -88.15
N ILE QA 136 24.64 -85.60 -87.08
CA ILE QA 136 23.23 -85.22 -86.97
C ILE QA 136 23.08 -84.43 -85.68
N SER QA 137 22.58 -83.21 -85.79
CA SER QA 137 22.31 -82.42 -84.61
C SER QA 137 21.22 -83.09 -83.78
N PRO QA 138 21.32 -83.07 -82.45
CA PRO QA 138 20.29 -83.77 -81.66
C PRO QA 138 18.91 -83.17 -81.75
N GLU QA 139 18.79 -81.92 -82.22
CA GLU QA 139 17.46 -81.36 -82.46
C GLU QA 139 16.83 -81.94 -83.72
N GLU QA 140 17.64 -82.38 -84.68
CA GLU QA 140 17.10 -82.94 -85.90
C GLU QA 140 16.32 -84.23 -85.62
N VAL QA 141 16.89 -85.12 -84.81
CA VAL QA 141 16.22 -86.37 -84.47
C VAL QA 141 15.06 -86.04 -83.53
N LYS QA 142 13.84 -86.11 -84.06
CA LYS QA 142 12.66 -85.82 -83.25
C LYS QA 142 12.33 -86.97 -82.31
N GLU QA 143 12.69 -88.20 -82.69
CA GLU QA 143 12.38 -89.37 -81.89
C GLU QA 143 13.12 -90.56 -82.49
N ILE QA 144 13.42 -91.53 -81.63
CA ILE QA 144 14.03 -92.80 -82.02
C ILE QA 144 13.13 -93.92 -81.55
N ILE QA 145 12.81 -94.84 -82.45
CA ILE QA 145 11.94 -95.98 -82.13
C ILE QA 145 12.81 -97.11 -81.62
N LEU QA 146 12.48 -97.63 -80.44
CA LEU QA 146 13.25 -98.68 -79.78
C LEU QA 146 12.46 -99.97 -79.72
N ASP QA 147 13.15 -101.09 -79.91
CA ASP QA 147 12.55 -102.39 -79.66
C ASP QA 147 12.28 -102.51 -78.16
N PRO QA 148 11.04 -102.72 -77.71
CA PRO QA 148 10.79 -102.66 -76.26
C PRO QA 148 11.53 -103.70 -75.45
N THR QA 149 11.70 -104.91 -75.96
CA THR QA 149 12.31 -105.97 -75.15
C THR QA 149 13.81 -105.80 -75.06
N THR QA 150 14.46 -105.36 -76.15
CA THR QA 150 15.90 -105.17 -76.18
C THR QA 150 16.33 -103.72 -76.02
N LYS QA 151 15.42 -102.76 -76.20
CA LYS QA 151 15.72 -101.33 -76.17
C LYS QA 151 16.69 -100.92 -77.26
N GLU QA 152 16.85 -101.73 -78.30
CA GLU QA 152 17.69 -101.38 -79.43
C GLU QA 152 16.94 -100.43 -80.35
N PRO QA 153 17.56 -99.35 -80.83
CA PRO QA 153 16.83 -98.43 -81.72
C PRO QA 153 16.55 -99.08 -83.07
N ILE QA 154 15.27 -99.14 -83.43
CA ILE QA 154 14.83 -99.75 -84.69
C ILE QA 154 14.50 -98.73 -85.76
N ALA QA 155 14.36 -97.45 -85.41
CA ALA QA 155 14.13 -96.42 -86.41
C ALA QA 155 14.40 -95.05 -85.80
N TYR QA 156 14.69 -94.08 -86.66
CA TYR QA 156 15.01 -92.72 -86.27
C TYR QA 156 14.07 -91.75 -86.98
N ILE QA 157 13.61 -90.74 -86.24
CA ILE QA 157 12.68 -89.73 -86.75
C ILE QA 157 13.48 -88.43 -86.88
N LEU QA 158 13.94 -88.14 -88.09
CA LEU QA 158 14.72 -86.94 -88.36
C LEU QA 158 13.83 -85.87 -88.98
N GLU QA 159 13.94 -84.64 -88.47
CA GLU QA 159 13.12 -83.53 -88.93
C GLU QA 159 13.96 -82.27 -88.90
N SER QA 160 14.06 -81.57 -90.03
CA SER QA 160 14.94 -80.43 -90.15
C SER QA 160 14.40 -79.46 -91.19
N GLN QA 161 14.48 -78.17 -90.89
CA GLN QA 161 14.13 -77.10 -91.83
C GLN QA 161 15.40 -76.67 -92.55
N ASN QA 162 15.43 -76.90 -93.87
CA ASN QA 162 16.58 -76.53 -94.71
C ASN QA 162 16.22 -75.27 -95.47
N GLU QA 163 16.65 -74.12 -94.95
CA GLU QA 163 16.53 -72.84 -95.64
C GLU QA 163 17.83 -72.59 -96.40
N TRP QA 164 17.71 -72.34 -97.71
CA TRP QA 164 18.87 -72.20 -98.58
C TRP QA 164 18.49 -71.36 -99.78
N THR QA 165 19.50 -70.76 -100.42
CA THR QA 165 19.32 -69.92 -101.58
C THR QA 165 19.77 -70.67 -102.83
N ASP QA 166 18.99 -70.52 -103.90
CA ASP QA 166 19.40 -71.04 -105.21
C ASP QA 166 20.75 -70.45 -105.60
N LEU QA 167 21.44 -71.16 -106.50
CA LEU QA 167 22.72 -70.65 -107.01
C LEU QA 167 22.58 -69.29 -107.68
N GLY QA 168 21.38 -68.94 -108.14
CA GLY QA 168 21.07 -67.57 -108.49
C GLY QA 168 20.81 -66.74 -107.24
N GLU QA 169 19.81 -65.86 -107.28
CA GLU QA 169 19.46 -64.98 -106.17
C GLU QA 169 18.05 -65.27 -105.65
N ASN QA 170 17.68 -66.55 -105.57
CA ASN QA 170 16.34 -66.97 -105.19
C ASN QA 170 16.41 -67.77 -103.89
N LYS QA 171 15.49 -67.47 -102.97
CA LYS QA 171 15.45 -68.15 -101.69
C LYS QA 171 14.67 -69.46 -101.80
N ARG QA 172 15.08 -70.44 -101.01
CA ARG QA 172 14.41 -71.74 -100.96
C ARG QA 172 14.27 -72.18 -99.52
N LYS QA 173 13.06 -72.54 -99.12
CA LYS QA 173 12.77 -73.09 -97.80
C LYS QA 173 12.15 -74.46 -97.99
N ALA QA 174 12.62 -75.43 -97.21
CA ALA QA 174 12.22 -76.83 -97.40
C ALA QA 174 12.30 -77.54 -96.06
N LYS QA 175 11.15 -77.84 -95.47
CA LYS QA 175 11.07 -78.63 -94.24
C LYS QA 175 11.08 -80.10 -94.63
N VAL QA 176 12.21 -80.78 -94.40
CA VAL QA 176 12.38 -82.18 -94.76
C VAL QA 176 12.28 -83.03 -93.50
N LYS QA 177 11.47 -84.08 -93.57
CA LYS QA 177 11.41 -85.12 -92.57
C LYS QA 177 11.73 -86.44 -93.25
N GLN QA 178 12.50 -87.29 -92.57
CA GLN QA 178 12.85 -88.58 -93.12
C GLN QA 178 12.99 -89.61 -92.01
N ILE QA 179 12.51 -90.82 -92.27
CA ILE QA 179 12.56 -91.93 -91.34
C ILE QA 179 13.56 -92.93 -91.85
N ILE QA 180 14.59 -93.21 -91.05
CA ILE QA 180 15.62 -94.20 -91.37
C ILE QA 180 15.32 -95.46 -90.58
N THR QA 181 15.34 -96.60 -91.28
CA THR QA 181 15.15 -97.90 -90.66
C THR QA 181 16.20 -98.85 -91.19
N ALA QA 182 16.37 -99.98 -90.49
CA ALA QA 182 17.35 -100.98 -90.92
C ALA QA 182 17.03 -101.51 -92.29
N GLU QA 183 15.75 -101.60 -92.65
CA GLU QA 183 15.33 -102.13 -93.93
C GLU QA 183 15.37 -101.10 -95.05
N SER QA 184 14.93 -99.86 -94.77
CA SER QA 184 14.84 -98.85 -95.80
C SER QA 184 14.84 -97.47 -95.16
N ARG QA 185 15.06 -96.46 -96.00
CA ARG QA 185 15.04 -95.06 -95.60
C ARG QA 185 13.89 -94.37 -96.30
N PHE QA 186 13.02 -93.73 -95.52
CA PHE QA 186 11.87 -92.99 -96.04
C PHE QA 186 12.12 -91.51 -95.84
N VAL QA 187 11.92 -90.72 -96.90
CA VAL QA 187 12.19 -89.29 -96.88
C VAL QA 187 11.09 -88.55 -97.63
N GLU QA 188 10.68 -87.41 -97.10
CA GLU QA 188 9.73 -86.52 -97.76
C GLU QA 188 10.08 -85.09 -97.41
N VAL QA 189 9.73 -84.16 -98.30
CA VAL QA 189 10.04 -82.74 -98.15
C VAL QA 189 8.77 -81.94 -98.35
N GLU QA 190 8.60 -80.92 -97.51
CA GLU QA 190 7.45 -80.02 -97.56
C GLU QA 190 8.00 -78.62 -97.86
N GLY QA 191 8.14 -78.31 -99.13
CA GLY QA 191 8.64 -77.02 -99.56
C GLY QA 191 9.30 -77.12 -100.93
N ASP QA 192 10.28 -76.26 -101.13
CA ASP QA 192 10.97 -76.19 -102.42
C ASP QA 192 11.73 -77.48 -102.70
N LYS QA 193 11.81 -77.83 -103.97
CA LYS QA 193 12.47 -79.07 -104.38
C LYS QA 193 13.97 -78.97 -104.13
N ILE QA 194 14.54 -80.07 -103.63
CA ILE QA 194 15.98 -80.26 -103.49
C ILE QA 194 16.37 -81.43 -104.36
N GLU QA 195 17.33 -81.21 -105.27
CA GLU QA 195 17.73 -82.27 -106.19
C GLU QA 195 18.34 -83.45 -105.45
N GLY QA 196 19.14 -83.17 -104.42
CA GLY QA 196 19.88 -84.22 -103.75
C GLY QA 196 19.01 -85.29 -103.09
N LEU QA 197 17.82 -84.92 -102.63
CA LEU QA 197 16.94 -85.83 -101.90
C LEU QA 197 15.86 -86.37 -102.82
N GLU QA 198 15.78 -87.69 -102.91
CA GLU QA 198 14.75 -88.39 -103.69
C GLU QA 198 13.64 -88.79 -102.73
N GLU QA 199 12.46 -88.18 -102.90
CA GLU QA 199 11.37 -88.39 -101.96
C GLU QA 199 10.90 -89.84 -101.99
N GLY QA 200 10.27 -90.25 -100.89
CA GLY QA 200 9.74 -91.59 -100.76
C GLY QA 200 10.77 -92.58 -100.27
N GLU QA 201 10.32 -93.81 -100.09
CA GLU QA 201 11.17 -94.86 -99.58
C GLU QA 201 12.27 -95.21 -100.60
N THR QA 202 13.46 -95.51 -100.08
CA THR QA 202 14.57 -96.00 -100.86
C THR QA 202 15.19 -97.15 -100.06
N PRO QA 203 15.58 -98.25 -100.69
CA PRO QA 203 16.00 -99.42 -99.91
C PRO QA 203 17.33 -99.19 -99.23
N ASN QA 204 17.53 -99.89 -98.11
CA ASN QA 204 18.78 -99.87 -97.38
C ASN QA 204 19.68 -100.99 -97.90
N VAL QA 205 20.86 -100.63 -98.38
CA VAL QA 205 21.78 -101.62 -98.94
C VAL QA 205 22.22 -102.65 -97.91
N TRP QA 206 22.18 -102.31 -96.62
CA TRP QA 206 22.44 -103.24 -95.53
C TRP QA 206 21.25 -103.25 -94.58
N GLY QA 207 21.09 -104.34 -93.85
CA GLY QA 207 19.96 -104.50 -92.96
C GLY QA 207 20.23 -104.04 -91.54
N PHE QA 208 20.92 -102.92 -91.39
CA PHE QA 208 21.10 -102.28 -90.10
C PHE QA 208 20.98 -100.78 -90.26
N ILE QA 209 20.63 -100.10 -89.18
CA ILE QA 209 20.47 -98.64 -89.24
C ILE QA 209 21.85 -97.99 -89.30
N PRO QA 210 22.16 -97.13 -90.29
CA PRO QA 210 23.50 -96.58 -90.40
C PRO QA 210 23.84 -95.47 -89.40
N ILE QA 211 22.95 -95.17 -88.45
CA ILE QA 211 23.17 -94.15 -87.45
C ILE QA 211 23.69 -94.82 -86.17
N ILE QA 212 24.61 -94.14 -85.49
CA ILE QA 212 25.16 -94.58 -84.22
C ILE QA 212 24.90 -93.49 -83.19
N HIS QA 213 24.36 -93.90 -82.04
CA HIS QA 213 24.01 -92.98 -80.97
C HIS QA 213 25.16 -92.93 -79.96
N PHE QA 214 25.73 -91.75 -79.76
CA PHE QA 214 26.74 -91.52 -78.74
C PHE QA 214 26.07 -90.90 -77.52
N LYS QA 215 25.99 -91.67 -76.44
CA LYS QA 215 25.24 -91.31 -75.25
C LYS QA 215 26.23 -90.96 -74.14
N ASN QA 216 26.25 -89.69 -73.74
CA ASN QA 216 27.13 -89.26 -72.67
C ASN QA 216 26.51 -89.53 -71.31
N GLU QA 217 27.28 -90.17 -70.43
CA GLU QA 217 26.83 -90.53 -69.09
C GLU QA 217 25.53 -91.31 -69.17
N ALA QA 218 25.53 -92.36 -69.98
CA ALA QA 218 24.33 -93.14 -70.22
C ALA QA 218 23.82 -93.74 -68.90
N ASP QA 219 22.51 -93.74 -68.75
CA ASP QA 219 21.85 -94.30 -67.57
C ASP QA 219 20.75 -95.24 -68.03
N GLU QA 220 20.60 -96.34 -67.30
CA GLU QA 220 19.62 -97.35 -67.69
C GLU QA 220 18.19 -96.88 -67.47
N THR QA 221 17.98 -95.81 -66.70
CA THR QA 221 16.67 -95.22 -66.48
C THR QA 221 16.39 -94.03 -67.39
N LEU QA 222 17.31 -93.67 -68.29
CA LEU QA 222 17.15 -92.56 -69.20
C LEU QA 222 17.29 -93.04 -70.64
N LYS QA 223 16.37 -92.59 -71.49
CA LYS QA 223 16.45 -92.95 -72.90
C LYS QA 223 17.68 -92.32 -73.57
N TYR QA 224 17.92 -91.05 -73.30
CA TYR QA 224 19.00 -90.29 -73.92
C TYR QA 224 20.16 -90.13 -72.95
N GLY QA 225 21.21 -89.47 -73.42
CA GLY QA 225 22.32 -89.10 -72.59
C GLY QA 225 22.00 -87.86 -71.78
N GLN QA 226 23.06 -87.23 -71.26
CA GLN QA 226 22.93 -86.05 -70.43
C GLN QA 226 24.24 -85.29 -70.37
N SER QA 227 24.13 -83.97 -70.43
CA SER QA 227 25.30 -83.10 -70.51
C SER QA 227 26.02 -83.02 -69.17
N ASP QA 228 27.33 -82.82 -69.23
CA ASP QA 228 28.11 -82.55 -68.03
C ASP QA 228 27.83 -81.18 -67.44
N ILE QA 229 27.11 -80.31 -68.17
CA ILE QA 229 26.71 -79.02 -67.60
C ILE QA 229 25.55 -79.17 -66.63
N GLU QA 230 24.77 -80.24 -66.75
CA GLU QA 230 23.57 -80.38 -65.91
C GLU QA 230 23.89 -80.44 -64.41
N PRO QA 231 24.84 -81.25 -63.93
CA PRO QA 231 25.15 -81.23 -62.49
C PRO QA 231 25.62 -79.88 -61.99
N ILE QA 232 26.38 -79.14 -62.80
CA ILE QA 232 26.93 -77.85 -62.36
C ILE QA 232 25.98 -76.68 -62.62
N GLU QA 233 24.93 -76.88 -63.44
CA GLU QA 233 24.07 -75.78 -63.88
C GLU QA 233 23.49 -74.94 -62.75
N PRO QA 234 22.87 -75.51 -61.71
CA PRO QA 234 22.37 -74.64 -60.62
C PRO QA 234 23.49 -73.89 -59.90
N LEU QA 235 24.67 -74.51 -59.76
CA LEU QA 235 25.80 -73.78 -59.20
C LEU QA 235 26.20 -72.63 -60.10
N LEU QA 236 26.15 -72.84 -61.42
CA LEU QA 236 26.42 -71.73 -62.33
C LEU QA 236 25.40 -70.62 -62.17
N LYS QA 237 24.13 -70.97 -61.98
CA LYS QA 237 23.10 -69.95 -61.79
C LYS QA 237 23.35 -69.16 -60.52
N ALA QA 238 23.66 -69.85 -59.42
CA ALA QA 238 23.93 -69.16 -58.16
C ALA QA 238 25.18 -68.29 -58.28
N TYR QA 239 26.22 -68.79 -58.94
CA TYR QA 239 27.44 -68.03 -59.13
C TYR QA 239 27.17 -66.78 -59.95
N HIS QA 240 26.38 -66.91 -61.01
CA HIS QA 240 26.01 -65.74 -61.81
C HIS QA 240 25.22 -64.74 -60.98
N ASP QA 241 24.27 -65.21 -60.18
CA ASP QA 241 23.47 -64.29 -59.37
C ASP QA 241 24.35 -63.55 -58.38
N VAL QA 242 25.24 -64.27 -57.71
CA VAL QA 242 26.11 -63.64 -56.72
C VAL QA 242 27.04 -62.63 -57.38
N MET QA 243 27.63 -63.00 -58.52
CA MET QA 243 28.55 -62.09 -59.19
C MET QA 243 27.81 -60.85 -59.70
N LEU QA 244 26.63 -61.03 -60.28
CA LEU QA 244 25.90 -59.88 -60.80
C LEU QA 244 25.45 -58.95 -59.68
N HIS QA 245 24.96 -59.52 -58.57
CA HIS QA 245 24.58 -58.69 -57.43
C HIS QA 245 25.79 -57.96 -56.88
N ALA QA 246 26.93 -58.64 -56.82
CA ALA QA 246 28.17 -58.00 -56.37
C ALA QA 246 28.57 -56.85 -57.28
N LEU QA 247 28.50 -57.06 -58.59
CA LEU QA 247 28.88 -56.01 -59.53
C LEU QA 247 27.94 -54.82 -59.44
N LYS QA 248 26.64 -55.07 -59.32
CA LYS QA 248 25.69 -53.97 -59.17
C LYS QA 248 25.94 -53.21 -57.87
N GLY QA 249 26.18 -53.94 -56.78
CA GLY QA 249 26.45 -53.27 -55.52
C GLY QA 249 27.71 -52.42 -55.57
N SER QA 250 28.76 -52.95 -56.20
CA SER QA 250 30.00 -52.18 -56.36
C SER QA 250 29.75 -50.92 -57.19
N LYS QA 251 29.08 -51.07 -58.33
CA LYS QA 251 28.82 -49.91 -59.18
C LYS QA 251 27.98 -48.88 -58.44
N MET QA 252 27.07 -49.33 -57.58
CA MET QA 252 26.21 -48.40 -56.86
C MET QA 252 26.95 -47.68 -55.74
N HIS QA 253 27.85 -48.40 -55.04
CA HIS QA 253 28.37 -47.93 -53.76
C HIS QA 253 29.88 -48.01 -53.59
N SER QA 254 30.63 -48.58 -54.53
CA SER QA 254 32.07 -48.68 -54.34
C SER QA 254 32.71 -47.29 -54.29
N THR QA 255 32.43 -46.46 -55.28
CA THR QA 255 33.00 -45.12 -55.27
C THR QA 255 32.35 -44.30 -54.16
N PRO QA 256 33.12 -43.55 -53.37
CA PRO QA 256 32.52 -42.83 -52.25
C PRO QA 256 31.65 -41.68 -52.73
N LYS QA 257 30.67 -41.33 -51.89
CA LYS QA 257 29.71 -40.26 -52.17
C LYS QA 257 29.99 -39.10 -51.23
N LEU QA 258 30.34 -37.94 -51.80
CA LEU QA 258 30.63 -36.77 -51.00
C LEU QA 258 29.34 -36.13 -50.49
N LYS QA 259 29.29 -35.87 -49.19
CA LYS QA 259 28.18 -35.14 -48.57
C LYS QA 259 28.64 -33.73 -48.24
N LEU QA 260 27.75 -32.77 -48.42
CA LEU QA 260 27.96 -31.39 -47.98
C LEU QA 260 26.75 -30.98 -47.17
N LYS QA 261 26.96 -30.68 -45.88
CA LYS QA 261 25.89 -30.23 -45.00
C LYS QA 261 25.83 -28.70 -45.08
N LEU QA 262 25.44 -28.23 -46.26
CA LEU QA 262 25.46 -26.80 -46.56
C LEU QA 262 24.40 -26.05 -45.77
N THR QA 263 24.69 -24.78 -45.51
CA THR QA 263 23.71 -23.92 -44.84
C THR QA 263 22.53 -23.64 -45.76
N ASP QA 264 22.77 -23.49 -47.07
CA ASP QA 264 21.73 -23.21 -48.04
C ASP QA 264 22.15 -23.88 -49.35
N VAL QA 265 21.50 -25.00 -49.67
CA VAL QA 265 21.95 -25.81 -50.80
C VAL QA 265 21.75 -25.07 -52.11
N ALA QA 266 20.60 -24.40 -52.27
CA ALA QA 266 20.28 -23.76 -53.55
C ALA QA 266 21.28 -22.66 -53.88
N SER QA 267 21.64 -21.84 -52.88
CA SER QA 267 22.61 -20.79 -53.12
C SER QA 267 23.96 -21.37 -53.53
N PHE QA 268 24.40 -22.44 -52.85
CA PHE QA 268 25.68 -23.06 -53.19
C PHE QA 268 25.66 -23.60 -54.62
N LEU QA 269 24.59 -24.29 -54.99
CA LEU QA 269 24.49 -24.84 -56.34
C LEU QA 269 24.53 -23.72 -57.38
N ALA QA 270 23.73 -22.67 -57.16
CA ALA QA 270 23.67 -21.58 -58.12
C ALA QA 270 25.02 -20.88 -58.25
N HIS QA 271 25.68 -20.62 -57.13
CA HIS QA 271 26.97 -19.94 -57.19
C HIS QA 271 28.03 -20.79 -57.87
N ASN QA 272 28.17 -22.05 -57.44
CA ASN QA 272 29.29 -22.86 -57.90
C ASN QA 272 29.02 -23.48 -59.26
N PHE QA 273 27.99 -24.31 -59.36
CA PHE QA 273 27.77 -25.13 -60.55
C PHE QA 273 26.85 -24.49 -61.57
N GLY QA 274 26.38 -23.26 -61.33
CA GLY QA 274 25.47 -22.63 -62.27
C GLY QA 274 24.18 -23.37 -62.46
N VAL QA 275 23.73 -24.09 -61.43
CA VAL QA 275 22.47 -24.83 -61.48
C VAL QA 275 21.41 -23.90 -60.91
N GLU QA 276 20.84 -23.07 -61.77
CA GLU QA 276 19.86 -22.08 -61.31
C GLU QA 276 18.59 -22.75 -60.81
N ASP QA 277 18.20 -23.87 -61.42
CA ASP QA 277 16.97 -24.58 -61.11
C ASP QA 277 17.33 -26.02 -60.76
N PRO QA 278 17.65 -26.31 -59.49
CA PRO QA 278 18.11 -27.67 -59.16
C PRO QA 278 17.07 -28.75 -59.41
N VAL QA 279 15.78 -28.47 -59.23
CA VAL QA 279 14.78 -29.49 -59.46
C VAL QA 279 14.77 -29.91 -60.92
N LYS QA 280 14.84 -28.95 -61.85
CA LYS QA 280 14.91 -29.29 -63.26
C LYS QA 280 16.22 -29.99 -63.58
N PHE QA 281 17.30 -29.60 -62.91
CA PHE QA 281 18.59 -30.24 -63.12
C PHE QA 281 18.54 -31.72 -62.76
N ALA QA 282 17.88 -32.03 -61.65
CA ALA QA 282 17.72 -33.44 -61.28
C ALA QA 282 16.78 -34.17 -62.22
N LYS QA 283 15.62 -33.58 -62.51
CA LYS QA 283 14.66 -34.22 -63.41
C LYS QA 283 15.25 -34.40 -64.80
N GLU QA 284 15.94 -33.38 -65.30
CA GLU QA 284 16.61 -33.51 -66.59
C GLU QA 284 17.74 -34.52 -66.57
N GLY QA 285 18.27 -34.85 -65.40
CA GLY QA 285 19.38 -35.78 -65.30
C GLY QA 285 20.74 -35.16 -65.54
N GLY QA 286 20.88 -33.85 -65.33
CA GLY QA 286 22.17 -33.22 -65.51
C GLY QA 286 23.18 -33.72 -64.50
N LYS QA 287 24.44 -33.69 -64.91
CA LYS QA 287 25.55 -34.22 -64.11
C LYS QA 287 26.60 -33.14 -63.94
N ILE QA 288 26.96 -32.87 -62.68
CA ILE QA 288 27.99 -31.88 -62.38
C ILE QA 288 29.34 -32.40 -62.85
N ASN QA 289 30.20 -31.49 -63.29
CA ASN QA 289 31.54 -31.82 -63.77
C ASN QA 289 32.57 -31.28 -62.79
N LEU QA 290 33.48 -32.16 -62.35
CA LEU QA 290 34.58 -31.80 -61.46
C LEU QA 290 35.87 -32.37 -61.99
N ASP QA 291 36.93 -31.55 -61.96
CA ASP QA 291 38.24 -31.99 -62.41
C ASP QA 291 38.88 -33.00 -61.46
N GLY QA 292 38.46 -33.01 -60.20
CA GLY QA 292 39.05 -33.87 -59.18
C GLY QA 292 39.89 -33.08 -58.20
N HIS QA 293 40.66 -32.12 -58.71
CA HIS QA 293 41.40 -31.20 -57.87
C HIS QA 293 40.47 -30.06 -57.43
N GLU QA 294 39.84 -30.27 -56.28
CA GLU QA 294 38.93 -29.31 -55.69
C GLU QA 294 39.42 -28.89 -54.31
N ILE QA 295 39.02 -27.68 -53.93
CA ILE QA 295 39.26 -27.14 -52.59
C ILE QA 295 37.96 -26.51 -52.12
N LEU QA 296 37.67 -26.68 -50.83
CA LEU QA 296 36.39 -26.29 -50.24
C LEU QA 296 36.60 -25.13 -49.28
N PHE QA 297 35.94 -24.01 -49.56
CA PHE QA 297 35.86 -22.88 -48.64
C PHE QA 297 34.43 -22.82 -48.11
N LEU QA 298 34.26 -23.23 -46.85
CA LEU QA 298 32.95 -23.37 -46.23
C LEU QA 298 32.83 -22.40 -45.07
N ASN QA 299 31.58 -22.05 -44.74
CA ASN QA 299 31.31 -21.22 -43.59
C ASN QA 299 31.59 -22.00 -42.31
N LYS QA 300 31.40 -21.32 -41.17
CA LYS QA 300 31.72 -21.94 -39.89
C LYS QA 300 30.81 -23.13 -39.60
N ASP QA 301 29.55 -23.06 -39.99
CA ASP QA 301 28.57 -24.06 -39.60
C ASP QA 301 28.49 -25.23 -40.56
N GLU QA 302 28.79 -25.04 -41.84
CA GLU QA 302 28.68 -26.12 -42.81
C GLU QA 302 29.75 -27.18 -42.56
N GLU QA 303 29.62 -28.30 -43.26
CA GLU QA 303 30.53 -29.43 -43.11
C GLU QA 303 30.68 -30.13 -44.45
N ALA QA 304 31.72 -30.96 -44.55
CA ALA QA 304 31.96 -31.77 -45.73
C ALA QA 304 32.66 -33.05 -45.32
N GLU QA 305 32.08 -34.18 -45.70
CA GLU QA 305 32.63 -35.49 -45.38
C GLU QA 305 32.38 -36.42 -46.55
N PHE QA 306 33.04 -37.57 -46.52
CA PHE QA 306 32.83 -38.63 -47.49
C PHE QA 306 31.97 -39.72 -46.87
N VAL QA 307 30.88 -40.07 -47.54
CA VAL QA 307 30.04 -41.18 -47.15
C VAL QA 307 30.48 -42.39 -47.96
N GLU QA 308 31.17 -43.32 -47.31
CA GLU QA 308 31.83 -44.41 -48.01
C GLU QA 308 31.61 -45.71 -47.25
N VAL QA 309 31.79 -46.81 -47.97
CA VAL QA 309 31.54 -48.15 -47.45
C VAL QA 309 32.88 -48.82 -47.20
N LYS QA 310 32.95 -49.60 -46.12
CA LYS QA 310 34.15 -50.39 -45.86
C LYS QA 310 34.35 -51.42 -46.98
N SER QA 311 33.27 -52.05 -47.43
CA SER QA 311 33.34 -52.97 -48.55
C SER QA 311 31.95 -53.08 -49.14
N ALA QA 312 31.79 -52.59 -50.37
CA ALA QA 312 30.50 -52.70 -51.05
C ALA QA 312 30.12 -54.15 -51.29
N ILE QA 313 31.10 -55.00 -51.60
CA ILE QA 313 30.82 -56.39 -51.89
C ILE QA 313 30.26 -57.09 -50.65
N GLY QA 314 30.85 -56.83 -49.49
CA GLY QA 314 30.44 -57.50 -48.27
C GLY QA 314 31.15 -58.82 -48.10
N ASP QA 315 30.46 -59.92 -48.42
CA ASP QA 315 30.99 -61.27 -48.25
C ASP QA 315 31.00 -62.07 -49.53
N ALA QA 316 30.64 -61.46 -50.67
CA ALA QA 316 30.32 -62.24 -51.86
C ALA QA 316 31.52 -63.03 -52.38
N LYS QA 317 32.74 -62.58 -52.10
CA LYS QA 317 33.91 -63.34 -52.54
C LYS QA 317 33.97 -64.70 -51.86
N GLU QA 318 33.62 -64.76 -50.57
CA GLU QA 318 33.63 -66.03 -49.86
C GLU QA 318 32.58 -66.98 -50.44
N LEU QA 319 31.39 -66.47 -50.73
CA LEU QA 319 30.37 -67.31 -51.37
C LEU QA 319 30.84 -67.79 -52.72
N LEU QA 320 31.51 -66.93 -53.48
CA LEU QA 320 32.02 -67.33 -54.79
C LEU QA 320 33.08 -68.41 -54.66
N LYS QA 321 33.94 -68.30 -53.65
CA LYS QA 321 34.93 -69.36 -53.42
C LYS QA 321 34.26 -70.67 -53.08
N LEU QA 322 33.23 -70.63 -52.21
CA LEU QA 322 32.53 -71.86 -51.86
C LEU QA 322 31.85 -72.48 -53.08
N LEU QA 323 31.19 -71.66 -53.89
CA LEU QA 323 30.54 -72.18 -55.09
C LEU QA 323 31.57 -72.69 -56.09
N PHE QA 324 32.74 -72.06 -56.16
CA PHE QA 324 33.79 -72.55 -57.04
C PHE QA 324 34.30 -73.90 -56.60
N TYR QA 325 34.47 -74.09 -55.28
CA TYR QA 325 34.87 -75.39 -54.77
C TYR QA 325 33.80 -76.43 -55.08
N CYS QA 326 32.54 -76.08 -54.90
CA CYS QA 326 31.45 -77.01 -55.23
C CYS QA 326 31.46 -77.35 -56.72
N ILE QA 327 31.73 -76.36 -57.57
CA ILE QA 327 31.71 -76.59 -59.00
C ILE QA 327 32.83 -77.53 -59.42
N VAL QA 328 34.05 -77.25 -58.96
CA VAL QA 328 35.19 -78.09 -59.36
C VAL QA 328 35.07 -79.47 -58.72
N ASP QA 329 34.37 -79.58 -57.59
CA ASP QA 329 34.11 -80.90 -57.03
C ASP QA 329 33.09 -81.67 -57.87
N VAL QA 330 32.02 -80.99 -58.28
CA VAL QA 330 30.93 -81.65 -59.00
C VAL QA 330 31.42 -82.24 -60.32
N SER QA 331 32.13 -81.43 -61.10
CA SER QA 331 32.73 -81.91 -62.34
C SER QA 331 33.92 -82.82 -62.11
N GLU QA 332 34.39 -82.94 -60.86
CA GLU QA 332 35.65 -83.59 -60.49
C GLU QA 332 36.77 -83.24 -61.46
N THR QA 333 36.83 -81.98 -61.82
CA THR QA 333 37.93 -81.50 -62.66
C THR QA 333 39.19 -81.41 -61.81
N PRO QA 334 40.30 -82.03 -62.21
CA PRO QA 334 41.54 -81.83 -61.46
C PRO QA 334 41.93 -80.35 -61.41
N GLU QA 335 42.56 -79.99 -60.31
CA GLU QA 335 42.51 -78.62 -59.81
C GLU QA 335 43.51 -77.70 -60.50
N PHE QA 336 44.48 -78.25 -61.22
CA PHE QA 336 45.37 -77.39 -62.00
C PHE QA 336 44.65 -76.71 -63.15
N ILE QA 337 43.49 -77.23 -63.57
CA ILE QA 337 42.74 -76.60 -64.65
C ILE QA 337 42.29 -75.20 -64.24
N PHE QA 338 41.93 -75.04 -62.97
CA PHE QA 338 41.48 -73.76 -62.42
C PHE QA 338 42.54 -73.17 -61.50
N GLY QA 339 43.81 -73.30 -61.87
CA GLY QA 339 44.89 -72.90 -60.98
C GLY QA 339 44.98 -71.41 -60.73
N VAL QA 340 44.26 -70.59 -61.50
CA VAL QA 340 44.28 -69.15 -61.22
C VAL QA 340 43.61 -68.87 -59.89
N HIS QA 341 42.56 -69.64 -59.56
CA HIS QA 341 41.93 -69.50 -58.25
C HIS QA 341 42.86 -70.00 -57.15
N THR QA 342 43.63 -71.06 -57.43
CA THR QA 342 44.51 -71.70 -56.45
C THR QA 342 45.90 -71.85 -57.08
N PRO QA 343 46.71 -70.79 -57.06
CA PRO QA 343 48.03 -70.87 -57.70
C PRO QA 343 48.94 -71.93 -57.11
N SER QA 344 48.67 -72.42 -55.89
CA SER QA 344 49.50 -73.48 -55.32
C SER QA 344 49.46 -74.74 -56.17
N ALA QA 345 48.33 -75.01 -56.84
CA ALA QA 345 48.23 -76.21 -57.65
C ALA QA 345 49.22 -76.25 -58.80
N LEU QA 346 49.66 -75.08 -59.29
CA LEU QA 346 50.57 -75.04 -60.42
C LEU QA 346 51.97 -75.56 -60.10
N ALA QA 347 52.28 -75.79 -58.83
CA ALA QA 347 53.62 -76.26 -58.48
C ALA QA 347 53.93 -77.61 -59.11
N SER QA 348 52.94 -78.51 -59.16
CA SER QA 348 53.17 -79.85 -59.71
C SER QA 348 51.87 -80.35 -60.34
N VAL QA 349 51.75 -80.14 -61.65
CA VAL QA 349 50.69 -80.77 -62.41
C VAL QA 349 50.93 -82.27 -62.51
N LYS QA 350 52.20 -82.67 -62.64
CA LYS QA 350 52.53 -84.09 -62.73
C LYS QA 350 52.07 -84.84 -61.49
N GLU QA 351 52.03 -84.17 -60.34
CA GLU QA 351 51.54 -84.82 -59.13
C GLU QA 351 50.04 -85.08 -59.21
N GLN QA 352 49.29 -84.18 -59.84
CA GLN QA 352 47.85 -84.32 -59.99
C GLN QA 352 47.45 -85.14 -61.22
N MET QA 353 48.40 -85.49 -62.08
CA MET QA 353 48.07 -86.25 -63.29
C MET QA 353 47.31 -87.55 -63.02
N PRO QA 354 47.56 -88.30 -61.94
CA PRO QA 354 46.70 -89.46 -61.66
C PRO QA 354 45.22 -89.15 -61.55
N ILE QA 355 44.85 -87.96 -61.08
CA ILE QA 355 43.43 -87.63 -60.97
C ILE QA 355 42.82 -87.48 -62.36
N MET QA 356 43.51 -86.76 -63.25
CA MET QA 356 43.08 -86.69 -64.64
C MET QA 356 43.01 -88.08 -65.25
N VAL QA 357 44.01 -88.92 -64.95
CA VAL QA 357 44.05 -90.26 -65.53
C VAL QA 357 42.84 -91.06 -65.08
N ASN QA 358 42.46 -90.93 -63.80
CA ASN QA 358 41.28 -91.61 -63.29
C ASN QA 358 40.02 -91.13 -63.99
N LYS QA 359 39.86 -89.81 -64.11
CA LYS QA 359 38.65 -89.27 -64.74
C LYS QA 359 38.55 -89.74 -66.18
N ILE QA 360 39.69 -89.78 -66.87
CA ILE QA 360 39.68 -90.22 -68.27
C ILE QA 360 39.42 -91.72 -68.37
N ARG QA 361 39.94 -92.52 -67.42
CA ARG QA 361 39.58 -93.93 -67.37
C ARG QA 361 38.07 -94.09 -67.29
N ARG QA 362 37.44 -93.36 -66.37
CA ARG QA 362 36.00 -93.51 -66.20
C ARG QA 362 35.25 -93.03 -67.43
N LYS QA 363 35.70 -91.94 -68.04
CA LYS QA 363 34.94 -91.33 -69.14
C LYS QA 363 35.09 -92.08 -70.46
N ARG QA 364 36.26 -92.67 -70.73
CA ARG QA 364 36.47 -93.33 -72.02
C ARG QA 364 35.57 -94.54 -72.19
N GLU QA 365 35.37 -95.30 -71.11
CA GLU QA 365 34.56 -96.51 -71.19
C GLU QA 365 33.12 -96.22 -71.58
N GLN QA 366 32.64 -95.00 -71.34
CA GLN QA 366 31.28 -94.65 -71.74
C GLN QA 366 31.12 -94.74 -73.25
N PHE QA 367 32.09 -94.22 -74.00
CA PHE QA 367 32.01 -94.17 -75.46
C PHE QA 367 32.71 -95.31 -76.16
N THR QA 368 33.54 -96.10 -75.46
CA THR QA 368 34.31 -97.12 -76.16
C THR QA 368 33.41 -98.18 -76.79
N ASN QA 369 32.27 -98.49 -76.18
CA ASN QA 369 31.35 -99.44 -76.79
C ASN QA 369 30.75 -98.88 -78.07
N SER QA 370 30.38 -97.59 -78.06
CA SER QA 370 29.86 -96.96 -79.27
C SER QA 370 30.93 -96.94 -80.36
N TRP QA 371 32.18 -96.72 -79.98
CA TRP QA 371 33.25 -96.71 -80.98
C TRP QA 371 33.50 -98.12 -81.52
N GLN QA 372 33.36 -99.14 -80.68
CA GLN QA 372 33.41 -100.51 -81.17
C GLN QA 372 32.31 -100.76 -82.18
N LEU QA 373 31.10 -100.29 -81.89
CA LEU QA 373 29.99 -100.45 -82.82
C LEU QA 373 30.27 -99.73 -84.14
N LEU QA 374 30.81 -98.52 -84.06
CA LEU QA 374 31.13 -97.77 -85.28
C LEU QA 374 32.20 -98.48 -86.10
N ALA QA 375 33.23 -99.00 -85.44
CA ALA QA 375 34.27 -99.75 -86.15
C ALA QA 375 33.69 -100.96 -86.84
N ARG QA 376 32.83 -101.70 -86.13
CA ARG QA 376 32.18 -102.87 -86.73
C ARG QA 376 31.35 -102.46 -87.93
N MET QA 377 30.61 -101.35 -87.82
CA MET QA 377 29.73 -100.93 -88.91
C MET QA 377 30.53 -100.50 -90.14
N VAL QA 378 31.58 -99.70 -89.94
CA VAL QA 378 32.37 -99.25 -91.09
C VAL QA 378 33.08 -100.42 -91.73
N LEU QA 379 33.52 -101.40 -90.93
CA LEU QA 379 34.09 -102.61 -91.51
C LEU QA 379 33.04 -103.36 -92.33
N ILE QA 380 31.81 -103.46 -91.82
CA ILE QA 380 30.77 -104.17 -92.55
C ILE QA 380 30.43 -103.45 -93.85
N MET QA 381 30.43 -102.12 -93.82
CA MET QA 381 30.08 -101.32 -94.99
C MET QA 381 31.21 -101.22 -96.02
N SER QA 382 32.28 -101.98 -95.86
CA SER QA 382 33.37 -101.98 -96.84
C SER QA 382 34.09 -103.33 -96.83
N LYS QA 389 33.29 -111.30 -95.14
CA LYS QA 389 34.60 -111.40 -95.77
C LYS QA 389 35.71 -111.49 -94.72
N TYR QA 390 35.77 -110.47 -93.86
CA TYR QA 390 36.85 -110.41 -92.88
C TYR QA 390 36.69 -111.50 -91.84
N SER QA 391 37.82 -112.09 -91.43
CA SER QA 391 37.79 -113.18 -90.46
C SER QA 391 37.27 -112.74 -89.11
N SER QA 392 37.37 -111.45 -88.78
CA SER QA 392 36.88 -110.91 -87.52
C SER QA 392 36.16 -109.60 -87.78
N TYR QA 393 35.21 -109.29 -86.89
CA TYR QA 393 34.50 -108.01 -86.92
C TYR QA 393 34.40 -107.37 -85.54
N ASP QA 394 35.22 -107.82 -84.58
CA ASP QA 394 35.24 -107.26 -83.23
C ASP QA 394 36.55 -106.47 -83.09
N VAL QA 395 36.41 -105.18 -82.80
CA VAL QA 395 37.53 -104.25 -82.78
C VAL QA 395 37.78 -103.79 -81.35
N THR QA 396 38.97 -104.08 -80.84
CA THR QA 396 39.43 -103.52 -79.57
C THR QA 396 40.03 -102.14 -79.81
N ILE QA 397 39.93 -101.28 -78.79
CA ILE QA 397 40.24 -99.87 -78.91
C ILE QA 397 41.39 -99.54 -77.98
N GLY QA 398 42.46 -98.96 -78.54
CA GLY QA 398 43.48 -98.30 -77.75
C GLY QA 398 43.12 -96.84 -77.51
N TRP QA 399 44.02 -96.15 -76.81
CA TRP QA 399 43.76 -94.76 -76.46
C TRP QA 399 45.07 -94.00 -76.37
N ASP QA 400 44.95 -92.67 -76.43
CA ASP QA 400 46.11 -91.80 -76.26
C ASP QA 400 46.58 -91.79 -74.82
N GLU QA 401 47.84 -91.43 -74.63
CA GLU QA 401 48.42 -91.35 -73.30
C GLU QA 401 47.97 -90.07 -72.60
N VAL QA 402 47.39 -90.22 -71.41
CA VAL QA 402 46.95 -89.06 -70.65
C VAL QA 402 48.15 -88.32 -70.08
N ASN QA 403 49.06 -89.05 -69.44
CA ASN QA 403 50.38 -88.56 -69.05
C ASN QA 403 51.41 -89.50 -69.65
N PRO QA 404 52.29 -89.07 -70.56
CA PRO QA 404 53.09 -90.04 -71.31
C PRO QA 404 54.17 -90.70 -70.46
N ARG QA 405 54.50 -91.93 -70.84
CA ARG QA 405 55.63 -92.64 -70.28
C ARG QA 405 56.89 -92.28 -71.06
N ASP QA 406 58.00 -92.08 -70.34
CA ASP QA 406 59.25 -91.71 -70.99
C ASP QA 406 59.72 -92.82 -71.91
N ASP QA 407 60.13 -92.44 -73.12
CA ASP QA 407 60.73 -93.42 -74.03
C ASP QA 407 62.02 -93.98 -73.44
N LYS QA 408 62.77 -93.17 -72.70
CA LYS QA 408 63.98 -93.65 -72.06
C LYS QA 408 63.66 -94.77 -71.06
N GLU QA 409 62.61 -94.60 -70.28
CA GLU QA 409 62.23 -95.65 -69.32
C GLU QA 409 61.81 -96.92 -70.04
N LEU QA 410 61.06 -96.79 -71.14
CA LEU QA 410 60.65 -97.97 -71.89
C LEU QA 410 61.85 -98.69 -72.48
N ALA QA 411 62.81 -97.95 -73.03
CA ALA QA 411 64.02 -98.56 -73.56
C ALA QA 411 64.84 -99.21 -72.46
N GLU QA 412 64.88 -98.59 -71.27
CA GLU QA 412 65.56 -99.20 -70.14
C GLU QA 412 64.92 -100.53 -69.77
N THR QA 413 63.59 -100.58 -69.72
CA THR QA 413 62.90 -101.82 -69.44
C THR QA 413 63.21 -102.87 -70.51
N LEU QA 414 63.21 -102.46 -71.77
CA LEU QA 414 63.46 -103.40 -72.86
C LEU QA 414 64.87 -103.98 -72.76
N GLU QA 415 65.88 -103.12 -72.62
CA GLU QA 415 67.25 -103.60 -72.51
C GLU QA 415 67.43 -104.46 -71.28
N LYS QA 416 66.85 -104.05 -70.15
CA LYS QA 416 67.03 -104.78 -68.91
C LYS QA 416 66.40 -106.16 -68.99
N VAL QA 417 65.23 -106.26 -69.60
CA VAL QA 417 64.60 -107.56 -69.79
C VAL QA 417 65.43 -108.43 -70.74
N CYS QA 418 65.88 -107.84 -71.86
CA CYS QA 418 66.63 -108.62 -72.84
C CYS QA 418 67.93 -109.16 -72.25
N CYS QA 419 68.65 -108.32 -71.50
CA CYS QA 419 69.86 -108.79 -70.84
C CYS QA 419 69.53 -109.80 -69.75
N ALA QA 420 68.41 -109.60 -69.05
CA ALA QA 420 67.93 -110.63 -68.12
C ALA QA 420 67.62 -111.91 -68.88
N LEU QA 421 66.99 -111.80 -70.05
CA LEU QA 421 66.88 -112.94 -70.93
C LEU QA 421 68.24 -113.32 -71.49
N ASP QA 422 68.30 -114.46 -72.17
CA ASP QA 422 69.53 -115.13 -72.59
C ASP QA 422 70.31 -115.69 -71.40
N LYS QA 423 69.73 -115.71 -70.20
CA LYS QA 423 70.30 -116.34 -69.03
C LYS QA 423 69.21 -117.14 -68.35
N ALA QA 424 69.60 -118.24 -67.71
CA ALA QA 424 68.64 -119.22 -67.18
C ALA QA 424 67.74 -119.71 -68.32
N LEU QA 425 68.37 -120.38 -69.29
CA LEU QA 425 67.73 -120.74 -70.54
C LEU QA 425 66.69 -121.86 -70.41
N GLU QA 426 66.49 -122.41 -69.21
CA GLU QA 426 65.48 -123.46 -69.02
C GLU QA 426 64.05 -122.92 -69.01
N GLY QA 427 63.87 -121.60 -69.07
CA GLY QA 427 62.51 -121.04 -69.01
C GLY QA 427 61.64 -121.48 -70.17
N GLY QA 428 62.16 -121.39 -71.38
CA GLY QA 428 61.45 -121.79 -72.58
C GLY QA 428 61.63 -120.78 -73.70
N PHE QA 429 60.91 -121.03 -74.80
CA PHE QA 429 60.97 -120.18 -75.98
C PHE QA 429 59.96 -119.04 -75.94
N ILE QA 430 59.04 -119.03 -74.96
CA ILE QA 430 58.09 -117.93 -74.82
C ILE QA 430 58.77 -116.61 -74.48
N SER QA 431 60.04 -116.63 -74.09
CA SER QA 431 60.78 -115.40 -73.90
C SER QA 431 60.82 -114.58 -75.18
N GLU QA 432 61.03 -115.24 -76.32
CA GLU QA 432 61.02 -114.53 -77.59
C GLU QA 432 59.67 -113.91 -77.89
N GLU QA 433 58.59 -114.63 -77.59
CA GLU QA 433 57.24 -114.09 -77.81
C GLU QA 433 56.99 -112.88 -76.93
N SER QA 434 57.36 -112.95 -75.66
CA SER QA 434 57.19 -111.81 -74.76
C SER QA 434 58.06 -110.64 -75.20
N THR QA 435 59.28 -110.92 -75.67
CA THR QA 435 60.18 -109.87 -76.11
C THR QA 435 59.64 -109.16 -77.34
N VAL QA 436 59.11 -109.90 -78.31
CA VAL QA 436 58.55 -109.24 -79.50
C VAL QA 436 57.27 -108.51 -79.15
N ASN QA 437 56.50 -109.02 -78.18
CA ASN QA 437 55.33 -108.28 -77.70
C ASN QA 437 55.74 -106.94 -77.11
N PHE QA 438 56.78 -106.95 -76.26
CA PHE QA 438 57.27 -105.69 -75.68
C PHE QA 438 57.84 -104.78 -76.76
N LEU QA 439 58.48 -105.37 -77.78
CA LEU QA 439 58.98 -104.57 -78.89
C LEU QA 439 57.84 -103.90 -79.65
N ALA QA 440 56.73 -104.62 -79.85
CA ALA QA 440 55.57 -104.02 -80.50
C ALA QA 440 55.00 -102.90 -79.65
N GLN QA 441 54.93 -103.10 -78.33
CA GLN QA 441 54.46 -102.03 -77.46
C GLN QA 441 55.37 -100.81 -77.55
N TYR QA 442 56.69 -101.04 -77.55
CA TYR QA 442 57.63 -99.93 -77.65
C TYR QA 442 57.49 -99.20 -78.98
N ILE QA 443 57.33 -99.95 -80.07
CA ILE QA 443 57.18 -99.33 -81.39
C ILE QA 443 55.91 -98.50 -81.44
N ASP QA 444 54.81 -99.02 -80.89
CA ASP QA 444 53.56 -98.27 -80.88
C ASP QA 444 53.70 -97.01 -80.03
N THR QA 445 54.38 -97.10 -78.89
CA THR QA 445 54.53 -95.94 -78.02
C THR QA 445 55.52 -94.91 -78.59
N MET QA 446 56.46 -95.34 -79.43
CA MET QA 446 57.43 -94.42 -80.02
C MET QA 446 56.89 -93.76 -81.29
N SER QA 447 56.17 -94.51 -82.11
CA SER QA 447 55.67 -93.96 -83.37
C SER QA 447 54.64 -92.85 -83.12
N ASN QA 448 53.64 -93.13 -82.28
CA ASN QA 448 52.64 -92.11 -81.95
C ASN QA 448 53.30 -90.96 -81.22
N TYR QA 449 52.96 -89.74 -81.63
CA TYR QA 449 53.47 -88.52 -80.99
C TYR QA 449 52.47 -88.06 -79.95
N ILE QA 450 52.97 -87.69 -78.78
CA ILE QA 450 52.10 -87.51 -77.62
C ILE QA 450 51.20 -86.29 -77.80
N SER QA 451 51.77 -85.16 -78.21
CA SER QA 451 51.01 -83.92 -78.30
C SER QA 451 50.22 -83.79 -79.60
N ASP QA 452 50.14 -84.84 -80.41
CA ASP QA 452 49.30 -84.88 -81.60
C ASP QA 452 48.21 -85.91 -81.39
N ASP QA 453 46.96 -85.49 -81.63
CA ASP QA 453 45.83 -86.36 -81.35
C ASP QA 453 45.82 -87.57 -82.27
N PRO QA 454 45.34 -88.70 -81.73
CA PRO QA 454 45.23 -89.91 -82.51
C PRO QA 454 46.58 -90.52 -82.83
N GLU QA 455 46.56 -91.36 -83.87
CA GLU QA 455 47.74 -92.07 -84.35
C GLU QA 455 47.83 -91.98 -85.87
N ARG QA 456 47.60 -90.78 -86.42
CA ARG QA 456 47.83 -90.58 -87.83
C ARG QA 456 49.30 -90.79 -88.17
N GLU QA 457 50.19 -90.39 -87.27
CA GLU QA 457 51.62 -90.53 -87.54
C GLU QA 457 52.03 -91.99 -87.67
N GLY QA 458 51.43 -92.88 -86.87
CA GLY QA 458 51.76 -94.29 -86.99
C GLY QA 458 51.44 -94.85 -88.36
N GLU QA 459 50.23 -94.59 -88.83
CA GLU QA 459 49.83 -95.06 -90.16
C GLU QA 459 50.67 -94.41 -91.25
N ARG QA 460 50.95 -93.11 -91.12
CA ARG QA 460 51.73 -92.42 -92.13
C ARG QA 460 53.15 -92.97 -92.20
N GLU QA 461 53.78 -93.18 -91.04
CA GLU QA 461 55.13 -93.74 -91.01
C GLU QA 461 55.14 -95.15 -91.57
N LYS QA 462 54.12 -95.95 -91.23
CA LYS QA 462 54.04 -97.30 -91.79
C LYS QA 462 53.94 -97.26 -93.30
N ILE QA 463 53.10 -96.38 -93.84
CA ILE QA 463 52.91 -96.31 -95.29
C ILE QA 463 54.19 -95.82 -95.96
N ILE QA 464 54.87 -94.83 -95.37
CA ILE QA 464 56.08 -94.31 -95.98
C ILE QA 464 57.19 -95.37 -95.95
N LYS QA 465 57.29 -96.12 -94.86
CA LYS QA 465 58.26 -97.20 -94.80
C LYS QA 465 57.93 -98.28 -95.83
N THR QA 466 56.64 -98.58 -96.02
CA THR QA 466 56.24 -99.56 -97.02
C THR QA 466 56.64 -99.09 -98.42
N LYS QA 467 56.42 -97.81 -98.71
CA LYS QA 467 56.78 -97.29 -100.03
C LYS QA 467 58.29 -97.34 -100.23
N MET QA 468 59.05 -96.80 -99.27
CA MET QA 468 60.50 -96.83 -99.38
C MET QA 468 61.03 -98.27 -99.29
N LEU QA 469 60.46 -99.07 -98.40
CA LEU QA 469 60.86 -100.46 -98.23
C LEU QA 469 62.33 -100.55 -97.81
N MET RA 19 26.71 -98.58 -27.13
CA MET RA 19 26.39 -98.66 -25.68
C MET RA 19 26.09 -100.08 -25.24
N ARG RA 20 26.18 -100.32 -23.94
CA ARG RA 20 25.92 -101.61 -23.36
C ARG RA 20 24.42 -101.81 -23.10
N MET RA 21 24.05 -103.07 -22.94
CA MET RA 21 22.68 -103.43 -22.59
C MET RA 21 22.68 -104.85 -22.03
N SER RA 22 21.74 -105.12 -21.14
CA SER RA 22 21.62 -106.45 -20.56
C SER RA 22 21.20 -107.46 -21.63
N SER RA 23 21.68 -108.68 -21.48
CA SER RA 23 21.51 -109.69 -22.52
C SER RA 23 20.04 -110.06 -22.72
N GLY RA 24 19.23 -110.02 -21.66
CA GLY RA 24 17.85 -110.42 -21.72
C GLY RA 24 16.87 -109.37 -22.20
N ASN RA 25 17.36 -108.17 -22.57
CA ASN RA 25 16.51 -107.05 -22.97
C ASN RA 25 16.78 -106.68 -24.43
N ILE RA 26 16.86 -107.68 -25.30
CA ILE RA 26 17.13 -107.50 -26.71
C ILE RA 26 15.99 -108.13 -27.51
N GLY RA 27 15.56 -107.44 -28.56
CA GLY RA 27 14.54 -107.96 -29.44
C GLY RA 27 15.08 -109.08 -30.31
N VAL RA 28 14.20 -109.61 -31.14
CA VAL RA 28 14.51 -110.74 -32.00
C VAL RA 28 14.97 -110.21 -33.36
N TYR RA 29 15.93 -110.92 -33.95
CA TYR RA 29 16.45 -110.54 -35.25
C TYR RA 29 15.36 -110.58 -36.31
N LYS RA 30 15.41 -109.63 -37.24
CA LYS RA 30 14.52 -109.61 -38.39
C LYS RA 30 15.28 -109.02 -39.58
N LEU RA 31 15.26 -109.73 -40.69
CA LEU RA 31 15.98 -109.30 -41.89
C LEU RA 31 15.27 -108.11 -42.51
N ASP RA 32 15.81 -106.91 -42.30
CA ASP RA 32 15.21 -105.70 -42.84
C ASP RA 32 15.27 -105.73 -44.37
N ASP RA 33 14.21 -105.24 -45.00
CA ASP RA 33 14.05 -105.26 -46.45
C ASP RA 33 13.90 -103.88 -47.06
N SER RA 34 14.23 -102.83 -46.32
CA SER RA 34 14.09 -101.48 -46.86
C SER RA 34 15.06 -101.27 -48.01
N ARG RA 35 14.57 -100.60 -49.06
CA ARG RA 35 15.35 -100.31 -50.25
C ARG RA 35 15.88 -98.88 -50.17
N VAL RA 36 16.94 -98.63 -50.94
CA VAL RA 36 17.45 -97.27 -51.08
C VAL RA 36 16.52 -96.49 -51.98
N ASP RA 37 16.30 -95.22 -51.66
CA ASP RA 37 15.42 -94.39 -52.46
C ASP RA 37 16.12 -94.09 -53.78
N TYR RA 38 15.93 -95.00 -54.75
CA TYR RA 38 16.76 -95.00 -55.95
C TYR RA 38 16.60 -93.73 -56.75
N GLU RA 39 15.36 -93.22 -56.87
CA GLU RA 39 15.16 -91.96 -57.57
C GLU RA 39 15.89 -90.83 -56.87
N LEU RA 40 15.81 -90.77 -55.53
CA LEU RA 40 16.54 -89.76 -54.79
C LEU RA 40 18.03 -89.93 -54.94
N ALA RA 41 18.51 -91.17 -54.97
CA ALA RA 41 19.93 -91.42 -55.14
C ALA RA 41 20.42 -90.88 -56.49
N ARG RA 42 19.71 -91.21 -57.57
CA ARG RA 42 20.09 -90.70 -58.88
C ARG RA 42 19.94 -89.19 -58.95
N GLU RA 43 18.98 -88.62 -58.22
CA GLU RA 43 18.84 -87.16 -58.21
C GLU RA 43 20.05 -86.51 -57.55
N LEU RA 44 20.46 -87.02 -56.39
CA LEU RA 44 21.62 -86.46 -55.71
C LEU RA 44 22.88 -86.65 -56.54
N TYR RA 45 23.03 -87.81 -57.17
CA TYR RA 45 24.20 -88.03 -58.02
C TYR RA 45 24.22 -87.07 -59.21
N GLN RA 46 23.06 -86.58 -59.64
CA GLN RA 46 22.95 -85.59 -60.70
C GLN RA 46 22.61 -84.20 -60.19
N ASN RA 47 22.63 -83.99 -58.87
CA ASN RA 47 22.47 -82.66 -58.30
C ASN RA 47 21.11 -82.06 -58.63
N LYS RA 48 20.10 -82.91 -58.83
CA LYS RA 48 18.79 -82.46 -59.30
C LYS RA 48 17.82 -82.16 -58.17
N ASN RA 49 17.90 -82.86 -57.04
CA ASN RA 49 16.93 -82.67 -55.97
C ASN RA 49 17.02 -81.25 -55.43
N ALA RA 50 15.85 -80.62 -55.25
CA ALA RA 50 15.82 -79.22 -54.86
C ALA RA 50 16.38 -78.99 -53.47
N ASN RA 51 16.21 -79.94 -52.57
CA ASN RA 51 16.62 -79.77 -51.18
C ASN RA 51 18.08 -80.14 -50.94
N TYR RA 52 18.83 -80.50 -51.98
CA TYR RA 52 20.23 -80.87 -51.84
C TYR RA 52 21.09 -80.25 -52.93
N LYS RA 53 20.63 -79.17 -53.57
CA LYS RA 53 21.31 -78.64 -54.75
C LYS RA 53 22.73 -78.19 -54.41
N LEU RA 54 22.86 -77.33 -53.39
CA LEU RA 54 24.18 -76.91 -52.96
C LEU RA 54 24.88 -78.03 -52.19
N GLY RA 55 24.13 -78.76 -51.36
CA GLY RA 55 24.75 -79.77 -50.52
C GLY RA 55 25.29 -80.95 -51.31
N SER RA 56 24.56 -81.42 -52.31
CA SER RA 56 24.93 -82.65 -53.02
C SER RA 56 26.09 -82.47 -53.99
N SER RA 57 26.82 -81.36 -53.94
CA SER RA 57 27.98 -81.20 -54.81
C SER RA 57 29.03 -82.28 -54.57
N PHE RA 58 29.11 -82.80 -53.36
CA PHE RA 58 30.13 -83.78 -53.02
C PHE RA 58 29.76 -85.22 -53.42
N VAL RA 59 28.52 -85.46 -53.85
CA VAL RA 59 28.11 -86.81 -54.18
C VAL RA 59 28.85 -87.33 -55.40
N ARG RA 60 28.90 -86.51 -56.45
CA ARG RA 60 29.58 -86.93 -57.68
C ARG RA 60 31.04 -87.28 -57.47
N PRO RA 61 31.87 -86.43 -56.84
CA PRO RA 61 33.30 -86.78 -56.72
C PRO RA 61 33.54 -88.06 -55.93
N ILE RA 62 32.77 -88.31 -54.86
CA ILE RA 62 32.99 -89.51 -54.06
C ILE RA 62 32.78 -90.75 -54.90
N VAL RA 63 31.58 -90.88 -55.48
CA VAL RA 63 31.24 -92.07 -56.24
C VAL RA 63 32.13 -92.20 -57.47
N ASN RA 64 32.39 -91.09 -58.16
CA ASN RA 64 33.18 -91.14 -59.37
C ASN RA 64 34.60 -91.58 -59.09
N SER RA 65 35.22 -91.01 -58.05
CA SER RA 65 36.58 -91.41 -57.70
C SER RA 65 36.63 -92.87 -57.28
N THR RA 66 35.67 -93.28 -56.43
CA THR RA 66 35.70 -94.64 -55.91
C THR RA 66 35.52 -95.65 -57.03
N THR RA 67 34.58 -95.41 -57.94
CA THR RA 67 34.35 -96.37 -59.02
C THR RA 67 35.44 -96.30 -60.08
N GLY RA 68 36.02 -95.13 -60.29
CA GLY RA 68 37.10 -95.03 -61.27
C GLY RA 68 38.38 -95.72 -60.82
N PHE RA 69 38.73 -95.56 -59.54
CA PHE RA 69 39.96 -96.19 -59.05
C PHE RA 69 39.86 -97.71 -59.09
N MET RA 70 38.77 -98.26 -58.55
CA MET RA 70 38.56 -99.70 -58.67
C MET RA 70 38.27 -100.03 -60.13
N GLY RA 71 39.11 -100.85 -60.73
CA GLY RA 71 38.96 -101.17 -62.13
C GLY RA 71 37.83 -102.15 -62.36
N VAL RA 72 38.01 -103.04 -63.33
CA VAL RA 72 37.05 -104.10 -63.62
C VAL RA 72 37.75 -105.42 -63.30
N PRO RA 73 37.03 -106.47 -62.94
CA PRO RA 73 37.71 -107.73 -62.57
C PRO RA 73 38.48 -108.31 -63.73
N HIS RA 74 39.64 -108.88 -63.42
CA HIS RA 74 40.47 -109.59 -64.40
C HIS RA 74 40.23 -111.08 -64.15
N PHE RA 75 39.35 -111.67 -64.95
CA PHE RA 75 38.98 -113.06 -64.76
C PHE RA 75 40.12 -113.96 -65.22
N GLN RA 76 40.70 -114.71 -64.29
CA GLN RA 76 41.74 -115.69 -64.57
C GLN RA 76 41.21 -117.09 -64.26
N ILE RA 77 41.64 -118.06 -65.07
CA ILE RA 77 41.29 -119.45 -64.83
C ILE RA 77 42.31 -120.32 -65.55
N GLU RA 78 42.51 -121.54 -65.04
CA GLU RA 78 43.52 -122.42 -65.60
C GLU RA 78 43.10 -123.03 -66.93
N ASP RA 79 41.82 -123.28 -67.14
CA ASP RA 79 41.36 -123.87 -68.39
C ASP RA 79 41.53 -122.87 -69.52
N GLU RA 80 42.02 -123.37 -70.67
CA GLU RA 80 42.27 -122.51 -71.82
C GLU RA 80 40.97 -121.97 -72.40
N GLU RA 81 40.01 -122.87 -72.65
CA GLU RA 81 38.76 -122.46 -73.27
C GLU RA 81 37.97 -121.53 -72.36
N ALA RA 82 37.97 -121.80 -71.05
CA ALA RA 82 37.30 -120.92 -70.11
C ALA RA 82 37.91 -119.54 -70.13
N GLN RA 83 39.24 -119.45 -70.16
CA GLN RA 83 39.91 -118.16 -70.22
C GLN RA 83 39.57 -117.43 -71.51
N TYR RA 84 39.51 -118.14 -72.64
CA TYR RA 84 39.15 -117.51 -73.90
C TYR RA 84 37.73 -116.96 -73.85
N ILE RA 85 36.79 -117.75 -73.32
CA ILE RA 85 35.41 -117.28 -73.23
C ILE RA 85 35.34 -116.06 -72.32
N LEU RA 86 36.06 -116.11 -71.19
CA LEU RA 86 36.00 -115.01 -70.23
C LEU RA 86 36.57 -113.72 -70.82
N ASP RA 87 37.71 -113.80 -71.51
CA ASP RA 87 38.30 -112.57 -72.03
C ASP RA 87 37.52 -112.06 -73.24
N GLU RA 88 36.89 -112.94 -74.02
CA GLU RA 88 35.97 -112.48 -75.06
C GLU RA 88 34.81 -111.70 -74.44
N PHE RA 89 34.22 -112.24 -73.36
CA PHE RA 89 33.12 -111.53 -72.72
C PHE RA 89 33.59 -110.21 -72.11
N VAL RA 90 34.80 -110.19 -71.58
CA VAL RA 90 35.37 -108.96 -71.02
C VAL RA 90 35.51 -107.92 -72.12
N LEU RA 91 36.06 -108.31 -73.27
CA LEU RA 91 36.15 -107.41 -74.42
C LEU RA 91 34.77 -106.90 -74.82
N ASP RA 92 33.75 -107.75 -74.67
CA ASP RA 92 32.40 -107.31 -75.01
C ASP RA 92 31.87 -106.26 -74.04
N ASN RA 93 32.05 -106.47 -72.72
CA ASN RA 93 31.25 -105.77 -71.72
C ASN RA 93 32.07 -105.18 -70.57
N THR RA 94 33.31 -104.76 -70.83
CA THR RA 94 34.09 -104.08 -69.80
C THR RA 94 33.42 -102.78 -69.37
N SER RA 95 32.92 -102.01 -70.34
CA SER RA 95 32.23 -100.76 -70.01
C SER RA 95 31.02 -101.03 -69.14
N LYS RA 96 30.26 -102.08 -69.45
CA LYS RA 96 29.11 -102.41 -68.65
C LYS RA 96 29.51 -102.89 -67.26
N MET RA 97 30.66 -103.56 -67.13
CA MET RA 97 31.14 -103.94 -65.80
C MET RA 97 31.45 -102.70 -64.96
N LEU RA 98 32.14 -101.73 -65.55
CA LEU RA 98 32.43 -100.49 -64.82
C LEU RA 98 31.13 -99.76 -64.48
N LYS RA 99 30.17 -99.76 -65.39
CA LYS RA 99 28.88 -99.16 -65.11
C LYS RA 99 28.17 -99.88 -63.98
N THR RA 100 28.36 -101.21 -63.89
CA THR RA 100 27.79 -101.96 -62.78
C THR RA 100 28.39 -101.52 -61.45
N HIS RA 101 29.71 -101.34 -61.43
CA HIS RA 101 30.35 -100.80 -60.23
C HIS RA 101 29.76 -99.44 -59.86
N THR RA 102 29.63 -98.55 -60.85
CA THR RA 102 29.11 -97.21 -60.58
C THR RA 102 27.69 -97.27 -60.06
N ASP RA 103 26.85 -98.12 -60.67
CA ASP RA 103 25.46 -98.23 -60.24
C ASP RA 103 25.36 -98.80 -58.84
N SER RA 104 26.16 -99.81 -58.52
CA SER RA 104 26.15 -100.37 -57.17
C SER RA 104 26.57 -99.31 -56.16
N LEU RA 105 27.60 -98.52 -56.49
CA LEU RA 105 28.04 -97.47 -55.57
C LEU RA 105 26.96 -96.41 -55.39
N LYS RA 106 26.29 -96.03 -56.47
CA LYS RA 106 25.34 -94.92 -56.42
C LYS RA 106 24.03 -95.35 -55.78
N GLN RA 107 23.35 -96.33 -56.37
CA GLN RA 107 22.02 -96.74 -55.93
C GLN RA 107 22.05 -97.67 -54.73
N GLY RA 108 23.18 -98.31 -54.47
CA GLY RA 108 23.27 -99.34 -53.45
C GLY RA 108 23.00 -100.74 -53.95
N ASP RA 109 22.38 -100.87 -55.12
CA ASP RA 109 22.08 -102.19 -55.69
C ASP RA 109 21.76 -102.03 -57.16
N CYS RA 110 22.50 -102.76 -58.00
CA CYS RA 110 22.23 -102.85 -59.43
C CYS RA 110 22.16 -104.30 -59.83
N TYR RA 111 21.10 -104.65 -60.57
CA TYR RA 111 20.78 -106.03 -60.90
C TYR RA 111 21.20 -106.33 -62.33
N ILE RA 112 21.89 -107.44 -62.52
CA ILE RA 112 22.51 -107.80 -63.79
C ILE RA 112 21.89 -109.10 -64.26
N TRP RA 113 21.49 -109.13 -65.54
CA TRP RA 113 20.81 -110.27 -66.15
C TRP RA 113 21.53 -110.63 -67.43
N ILE RA 114 21.95 -111.89 -67.54
CA ILE RA 114 22.63 -112.41 -68.72
C ILE RA 114 21.62 -113.23 -69.53
N THR RA 115 21.55 -112.95 -70.83
CA THR RA 115 20.65 -113.63 -71.73
C THR RA 115 21.40 -114.02 -73.00
N ARG RA 116 21.11 -115.21 -73.52
CA ARG RA 116 21.75 -115.75 -74.71
C ARG RA 116 20.86 -115.47 -75.92
N GLU RA 117 21.38 -114.70 -76.88
CA GLU RA 117 20.65 -114.28 -78.05
C GLU RA 117 21.16 -115.05 -79.26
N GLU RA 118 20.28 -115.87 -79.86
CA GLU RA 118 20.59 -116.59 -81.08
C GLU RA 118 20.19 -115.82 -82.34
N ARG RA 119 19.54 -114.67 -82.20
CA ARG RA 119 19.02 -113.93 -83.34
C ARG RA 119 20.13 -113.55 -84.32
N GLU RA 120 19.86 -113.76 -85.61
CA GLU RA 120 20.80 -113.45 -86.67
C GLU RA 120 20.44 -112.09 -87.27
N ASN RA 121 21.44 -111.21 -87.36
CA ASN RA 121 21.28 -109.91 -87.99
C ASN RA 121 22.54 -109.59 -88.79
N PRO RA 122 22.43 -108.73 -89.81
CA PRO RA 122 23.63 -108.44 -90.62
C PRO RA 122 24.73 -107.74 -89.85
N LEU RA 123 24.39 -107.00 -88.80
CA LEU RA 123 25.39 -106.26 -88.06
C LEU RA 123 26.39 -107.18 -87.35
N TYR RA 124 26.02 -108.45 -87.13
CA TYR RA 124 26.90 -109.46 -86.56
C TYR RA 124 26.93 -110.67 -87.48
N PRO RA 125 27.68 -110.62 -88.59
CA PRO RA 125 27.75 -111.81 -89.46
C PRO RA 125 28.44 -112.99 -88.80
N ASP RA 126 29.61 -112.76 -88.20
CA ASP RA 126 30.38 -113.84 -87.59
C ASP RA 126 29.89 -114.22 -86.20
N LYS RA 127 29.36 -113.25 -85.45
CA LYS RA 127 28.88 -113.50 -84.08
C LYS RA 127 27.41 -113.90 -84.14
N LYS RA 128 27.19 -115.19 -84.38
CA LYS RA 128 25.83 -115.71 -84.44
C LYS RA 128 25.20 -115.78 -83.06
N VAL RA 129 25.95 -116.27 -82.06
CA VAL RA 129 25.47 -116.46 -80.70
C VAL RA 129 26.09 -115.38 -79.83
N ARG RA 130 25.26 -114.68 -79.06
CA ARG RA 130 25.69 -113.57 -78.22
C ARG RA 130 25.10 -113.75 -76.82
N LEU RA 131 25.89 -113.35 -75.82
CA LEU RA 131 25.45 -113.34 -74.43
C LEU RA 131 25.21 -111.89 -74.02
N ILE RA 132 23.95 -111.47 -74.04
CA ILE RA 132 23.60 -110.07 -73.82
C ILE RA 132 23.72 -109.76 -72.33
N TYR RA 133 24.50 -108.74 -72.01
CA TYR RA 133 24.69 -108.29 -70.63
C TYR RA 133 23.62 -107.23 -70.34
N ASN RA 134 22.46 -107.67 -69.87
CA ASN RA 134 21.30 -106.80 -69.72
C ASN RA 134 21.18 -106.31 -68.29
N PHE RA 135 21.16 -104.99 -68.13
CA PHE RA 135 20.89 -104.39 -66.83
C PHE RA 135 19.41 -104.48 -66.49
N ILE RA 136 19.13 -104.43 -65.19
CA ILE RA 136 17.77 -104.26 -64.68
C ILE RA 136 17.82 -103.12 -63.68
N SER RA 137 16.97 -102.12 -63.88
CA SER RA 137 16.87 -101.05 -62.91
C SER RA 137 16.39 -101.60 -61.57
N PRO RA 138 16.91 -101.12 -60.44
CA PRO RA 138 16.48 -101.69 -59.16
C PRO RA 138 15.02 -101.42 -58.83
N GLU RA 139 14.41 -100.43 -59.48
CA GLU RA 139 12.97 -100.22 -59.29
C GLU RA 139 12.16 -101.28 -60.02
N GLU RA 140 12.68 -101.83 -61.11
CA GLU RA 140 11.93 -102.83 -61.87
C GLU RA 140 11.67 -104.08 -61.04
N VAL RA 141 12.69 -104.58 -60.34
CA VAL RA 141 12.52 -105.74 -59.49
C VAL RA 141 11.69 -105.31 -58.28
N LYS RA 142 10.42 -105.72 -58.25
CA LYS RA 142 9.54 -105.35 -57.15
C LYS RA 142 9.83 -106.18 -55.91
N GLU RA 143 10.38 -107.38 -56.07
CA GLU RA 143 10.68 -108.24 -54.94
C GLU RA 143 11.52 -109.40 -55.44
N ILE RA 144 12.34 -109.95 -54.54
CA ILE RA 144 13.12 -111.15 -54.78
C ILE RA 144 12.72 -112.18 -53.74
N ILE RA 145 12.43 -113.39 -54.18
CA ILE RA 145 12.02 -114.49 -53.30
C ILE RA 145 13.27 -115.24 -52.88
N LEU RA 146 13.48 -115.36 -51.57
CA LEU RA 146 14.64 -116.01 -50.99
C LEU RA 146 14.27 -117.32 -50.34
N ASP RA 147 15.07 -118.34 -50.57
CA ASP RA 147 14.94 -119.59 -49.83
C ASP RA 147 15.21 -119.29 -48.36
N PRO RA 148 14.27 -119.53 -47.43
CA PRO RA 148 14.49 -119.06 -46.06
C PRO RA 148 15.69 -119.68 -45.36
N THR RA 149 16.00 -120.95 -45.64
CA THR RA 149 17.10 -121.60 -44.91
C THR RA 149 18.46 -121.14 -45.42
N THR RA 150 18.59 -120.91 -46.73
CA THR RA 150 19.85 -120.49 -47.34
C THR RA 150 19.90 -119.01 -47.66
N LYS RA 151 18.75 -118.33 -47.72
CA LYS RA 151 18.64 -116.94 -48.15
C LYS RA 151 19.08 -116.75 -49.59
N GLU RA 152 19.16 -117.81 -50.37
CA GLU RA 152 19.51 -117.71 -51.78
C GLU RA 152 18.29 -117.26 -52.58
N PRO RA 153 18.42 -116.31 -53.51
CA PRO RA 153 17.24 -115.86 -54.24
C PRO RA 153 16.72 -116.95 -55.17
N ILE RA 154 15.45 -117.32 -55.00
CA ILE RA 154 14.82 -118.37 -55.79
C ILE RA 154 13.89 -117.83 -56.86
N ALA RA 155 13.54 -116.54 -56.81
CA ALA RA 155 12.74 -115.95 -57.86
C ALA RA 155 12.80 -114.43 -57.75
N TYR RA 156 12.64 -113.77 -58.89
CA TYR RA 156 12.63 -112.32 -58.98
C TYR RA 156 11.28 -111.85 -59.47
N ILE RA 157 10.77 -110.78 -58.87
CA ILE RA 157 9.49 -110.18 -59.24
C ILE RA 157 9.81 -108.89 -60.00
N LEU RA 158 9.86 -108.99 -61.32
CA LEU RA 158 10.17 -107.85 -62.19
C LEU RA 158 8.88 -107.23 -62.71
N GLU RA 159 8.79 -105.91 -62.60
CA GLU RA 159 7.60 -105.16 -63.01
C GLU RA 159 8.06 -103.85 -63.63
N SER RA 160 7.57 -103.57 -64.84
CA SER RA 160 8.01 -102.39 -65.58
C SER RA 160 6.92 -101.91 -66.51
N GLN RA 161 6.79 -100.59 -66.62
CA GLN RA 161 5.86 -99.96 -67.57
C GLN RA 161 6.66 -99.56 -68.80
N ASN RA 162 6.47 -100.29 -69.90
CA ASN RA 162 7.19 -100.05 -71.14
C ASN RA 162 6.29 -99.24 -72.07
N GLU RA 163 6.48 -97.92 -72.05
CA GLU RA 163 5.80 -97.03 -72.99
C GLU RA 163 6.70 -96.84 -74.20
N TRP RA 164 6.10 -96.91 -75.39
CA TRP RA 164 6.86 -96.88 -76.63
C TRP RA 164 5.95 -96.49 -77.77
N THR RA 165 6.56 -96.09 -78.89
CA THR RA 165 5.84 -95.63 -80.07
C THR RA 165 6.03 -96.63 -81.20
N ASP RA 166 4.99 -96.78 -82.03
CA ASP RA 166 5.06 -97.67 -83.17
C ASP RA 166 6.06 -97.13 -84.19
N LEU RA 167 6.54 -98.04 -85.06
CA LEU RA 167 7.39 -97.63 -86.17
C LEU RA 167 6.70 -96.67 -87.12
N GLY RA 168 5.36 -96.60 -87.08
CA GLY RA 168 4.62 -95.55 -87.74
C GLY RA 168 4.44 -94.37 -86.79
N GLU RA 169 3.19 -94.12 -86.37
CA GLU RA 169 2.86 -93.00 -85.49
C GLU RA 169 2.30 -93.42 -84.13
N ASN RA 170 1.76 -94.64 -84.01
CA ASN RA 170 0.95 -94.99 -82.85
C ASN RA 170 1.75 -94.97 -81.56
N LYS RA 171 1.08 -94.58 -80.48
CA LYS RA 171 1.64 -94.63 -79.13
C LYS RA 171 1.23 -95.93 -78.46
N ARG RA 172 2.21 -96.59 -77.82
CA ARG RA 172 2.03 -97.93 -77.27
C ARG RA 172 2.42 -97.95 -75.81
N LYS RA 173 1.46 -98.33 -74.96
CA LYS RA 173 1.67 -98.48 -73.52
C LYS RA 173 1.56 -99.95 -73.16
N ALA RA 174 2.39 -100.39 -72.22
CA ALA RA 174 2.42 -101.81 -71.85
C ALA RA 174 3.05 -101.94 -70.48
N LYS RA 175 2.27 -102.46 -69.51
CA LYS RA 175 2.77 -102.72 -68.16
C LYS RA 175 3.12 -104.20 -68.06
N VAL RA 176 4.31 -104.56 -68.51
CA VAL RA 176 4.78 -105.94 -68.47
C VAL RA 176 5.44 -106.20 -67.12
N LYS RA 177 5.06 -107.32 -66.50
CA LYS RA 177 5.73 -107.84 -65.31
C LYS RA 177 6.00 -109.31 -65.53
N GLN RA 178 7.14 -109.76 -64.99
CA GLN RA 178 7.60 -111.12 -65.27
C GLN RA 178 8.27 -111.70 -64.03
N ILE RA 179 8.04 -112.99 -63.81
CA ILE RA 179 8.61 -113.74 -62.69
C ILE RA 179 9.64 -114.70 -63.25
N ILE RA 180 10.91 -114.45 -62.92
CA ILE RA 180 12.01 -115.30 -63.36
C ILE RA 180 12.36 -116.26 -62.23
N THR RA 181 12.50 -117.54 -62.57
CA THR RA 181 12.88 -118.58 -61.61
C THR RA 181 13.90 -119.49 -62.26
N ALA RA 182 14.50 -120.35 -61.43
CA ALA RA 182 15.48 -121.30 -61.95
C ALA RA 182 14.86 -122.28 -62.93
N GLU RA 183 13.64 -122.74 -62.66
CA GLU RA 183 13.00 -123.72 -63.53
C GLU RA 183 12.50 -123.08 -64.81
N SER RA 184 11.90 -121.89 -64.73
CA SER RA 184 11.23 -121.30 -65.88
C SER RA 184 11.12 -119.80 -65.68
N ARG RA 185 10.69 -119.12 -66.74
CA ARG RA 185 10.41 -117.70 -66.75
C ARG RA 185 8.95 -117.50 -67.11
N PHE RA 186 8.27 -116.60 -66.40
CA PHE RA 186 6.89 -116.24 -66.69
C PHE RA 186 6.83 -114.74 -66.98
N VAL RA 187 6.11 -114.37 -68.04
CA VAL RA 187 5.93 -112.98 -68.44
C VAL RA 187 4.48 -112.79 -68.87
N GLU RA 188 3.87 -111.69 -68.41
CA GLU RA 188 2.55 -111.28 -68.85
C GLU RA 188 2.56 -109.78 -69.05
N VAL RA 189 1.78 -109.31 -70.00
CA VAL RA 189 1.72 -107.90 -70.37
C VAL RA 189 0.28 -107.42 -70.29
N GLU RA 190 0.08 -106.25 -69.70
CA GLU RA 190 -1.22 -105.61 -69.57
C GLU RA 190 -1.16 -104.33 -70.40
N GLY RA 191 -1.60 -104.45 -71.64
CA GLY RA 191 -1.62 -103.32 -72.55
C GLY RA 191 -1.39 -103.77 -73.98
N ASP RA 192 -0.77 -102.91 -74.76
CA ASP RA 192 -0.53 -103.18 -76.16
C ASP RA 192 0.42 -104.35 -76.33
N LYS RA 193 0.28 -105.07 -77.44
CA LYS RA 193 1.12 -106.22 -77.72
C LYS RA 193 2.53 -105.77 -78.03
N ILE RA 194 3.50 -106.43 -77.40
CA ILE RA 194 4.92 -106.26 -77.70
C ILE RA 194 5.39 -107.49 -78.45
N GLU RA 195 5.96 -107.27 -79.64
CA GLU RA 195 6.25 -108.38 -80.54
C GLU RA 195 7.31 -109.32 -79.98
N GLY RA 196 8.28 -108.79 -79.23
CA GLY RA 196 9.39 -109.62 -78.79
C GLY RA 196 9.07 -110.58 -77.65
N LEU RA 197 8.03 -110.31 -76.88
CA LEU RA 197 7.73 -111.05 -75.67
C LEU RA 197 6.58 -112.03 -75.94
N GLU RA 198 6.82 -113.31 -75.63
CA GLU RA 198 5.77 -114.33 -75.64
C GLU RA 198 5.20 -114.46 -74.23
N GLU RA 199 3.91 -114.15 -74.07
CA GLU RA 199 3.30 -114.24 -72.77
C GLU RA 199 3.27 -115.69 -72.29
N GLY RA 200 3.04 -115.85 -70.99
CA GLY RA 200 2.99 -117.17 -70.38
C GLY RA 200 4.36 -117.67 -69.98
N GLU RA 201 4.36 -118.83 -69.34
CA GLU RA 201 5.58 -119.46 -68.90
C GLU RA 201 6.42 -119.89 -70.10
N THR RA 202 7.74 -119.79 -69.95
CA THR RA 202 8.70 -120.31 -70.92
C THR RA 202 9.79 -121.04 -70.13
N PRO RA 203 10.22 -122.23 -70.55
CA PRO RA 203 11.16 -122.98 -69.73
C PRO RA 203 12.53 -122.34 -69.68
N ASN RA 204 13.24 -122.59 -68.58
CA ASN RA 204 14.60 -122.12 -68.40
C ASN RA 204 15.57 -123.17 -68.90
N VAL RA 205 16.40 -122.79 -69.89
CA VAL RA 205 17.33 -123.75 -70.48
C VAL RA 205 18.33 -124.29 -69.47
N TRP RA 206 18.61 -123.54 -68.40
CA TRP RA 206 19.46 -123.98 -67.32
C TRP RA 206 18.71 -123.83 -66.01
N GLY RA 207 19.03 -124.68 -65.04
CA GLY RA 207 18.33 -124.69 -63.78
C GLY RA 207 18.90 -123.76 -62.74
N PHE RA 208 19.25 -122.54 -63.16
CA PHE RA 208 19.59 -121.48 -62.21
C PHE RA 208 19.05 -120.17 -62.74
N ILE RA 209 18.84 -119.22 -61.84
CA ILE RA 209 18.27 -117.93 -62.23
C ILE RA 209 19.34 -117.10 -62.93
N PRO RA 210 19.14 -116.62 -64.16
CA PRO RA 210 20.21 -115.93 -64.88
C PRO RA 210 20.52 -114.52 -64.37
N ILE RA 211 19.84 -114.04 -63.32
CA ILE RA 211 20.08 -112.71 -62.77
C ILE RA 211 21.13 -112.80 -61.67
N ILE RA 212 21.96 -111.77 -61.57
CA ILE RA 212 22.98 -111.63 -60.54
C ILE RA 212 22.74 -110.31 -59.83
N HIS RA 213 22.77 -110.35 -58.49
CA HIS RA 213 22.56 -109.17 -57.66
C HIS RA 213 23.91 -108.67 -57.18
N PHE RA 214 24.21 -107.41 -57.46
CA PHE RA 214 25.40 -106.73 -56.94
C PHE RA 214 24.99 -105.88 -55.75
N LYS RA 215 25.38 -106.32 -54.56
CA LYS RA 215 24.93 -105.72 -53.30
C LYS RA 215 26.06 -104.85 -52.75
N ASN RA 216 25.92 -103.54 -52.90
CA ASN RA 216 26.89 -102.60 -52.37
C ASN RA 216 26.77 -102.51 -50.85
N GLU RA 217 27.90 -102.67 -50.17
CA GLU RA 217 27.96 -102.62 -48.71
C GLU RA 217 26.96 -103.60 -48.12
N ALA RA 218 27.05 -104.86 -48.56
CA ALA RA 218 26.15 -105.89 -48.09
C ALA RA 218 26.31 -106.08 -46.60
N ASP RA 219 25.20 -106.42 -45.93
CA ASP RA 219 25.20 -106.66 -44.50
C ASP RA 219 24.38 -107.91 -44.20
N GLU RA 220 24.76 -108.59 -43.13
CA GLU RA 220 24.06 -109.80 -42.72
C GLU RA 220 22.61 -109.53 -42.32
N THR RA 221 22.31 -108.31 -41.87
CA THR RA 221 20.97 -107.96 -41.40
C THR RA 221 20.14 -107.20 -42.42
N LEU RA 222 20.61 -107.09 -43.67
CA LEU RA 222 19.90 -106.36 -44.71
C LEU RA 222 19.65 -107.27 -45.91
N LYS RA 223 18.45 -107.16 -46.47
CA LYS RA 223 18.13 -107.92 -47.67
C LYS RA 223 18.80 -107.36 -48.90
N TYR RA 224 18.83 -106.02 -49.02
CA TYR RA 224 19.42 -105.32 -50.15
C TYR RA 224 20.73 -104.67 -49.73
N GLY RA 225 21.37 -104.03 -50.70
CA GLY RA 225 22.53 -103.21 -50.43
C GLY RA 225 22.15 -101.84 -49.92
N GLN RA 226 23.15 -100.97 -49.87
CA GLN RA 226 22.96 -99.62 -49.37
C GLN RA 226 23.98 -98.68 -49.99
N SER RA 227 23.50 -97.53 -50.46
CA SER RA 227 24.31 -96.60 -51.22
C SER RA 227 25.35 -95.93 -50.34
N ASP RA 228 26.46 -95.53 -50.96
CA ASP RA 228 27.47 -94.73 -50.27
C ASP RA 228 27.00 -93.31 -49.99
N ILE RA 229 25.89 -92.88 -50.58
CA ILE RA 229 25.33 -91.56 -50.29
C ILE RA 229 24.59 -91.56 -48.96
N GLU RA 230 24.11 -92.71 -48.49
CA GLU RA 230 23.31 -92.75 -47.28
C GLU RA 230 24.05 -92.24 -46.05
N PRO RA 231 25.28 -92.67 -45.74
CA PRO RA 231 25.97 -92.13 -44.56
C PRO RA 231 26.20 -90.62 -44.63
N ILE RA 232 26.45 -90.08 -45.83
CA ILE RA 232 26.73 -88.65 -45.96
C ILE RA 232 25.49 -87.80 -46.14
N GLU RA 233 24.35 -88.40 -46.49
CA GLU RA 233 23.17 -87.64 -46.88
C GLU RA 233 22.71 -86.60 -45.87
N PRO RA 234 22.57 -86.90 -44.57
CA PRO RA 234 22.20 -85.82 -43.65
C PRO RA 234 23.22 -84.71 -43.58
N LEU RA 235 24.51 -85.03 -43.71
CA LEU RA 235 25.51 -83.99 -43.78
C LEU RA 235 25.32 -83.14 -45.04
N LEU RA 236 24.93 -83.77 -46.15
CA LEU RA 236 24.61 -83.00 -47.35
C LEU RA 236 23.43 -82.08 -47.10
N LYS RA 237 22.41 -82.55 -46.38
CA LYS RA 237 21.25 -81.72 -46.08
C LYS RA 237 21.66 -80.52 -45.23
N ALA RA 238 22.47 -80.76 -44.20
CA ALA RA 238 22.91 -79.66 -43.35
C ALA RA 238 23.78 -78.68 -44.13
N TYR RA 239 24.66 -79.19 -44.98
CA TYR RA 239 25.51 -78.33 -45.80
C TYR RA 239 24.67 -77.48 -46.73
N HIS RA 240 23.65 -78.09 -47.36
CA HIS RA 240 22.75 -77.34 -48.21
C HIS RA 240 22.03 -76.26 -47.43
N ASP RA 241 21.53 -76.59 -46.24
CA ASP RA 241 20.79 -75.60 -45.46
C ASP RA 241 21.70 -74.43 -45.08
N VAL RA 242 22.92 -74.73 -44.64
CA VAL RA 242 23.84 -73.68 -44.22
C VAL RA 242 24.20 -72.80 -45.42
N MET RA 243 24.53 -73.42 -46.55
CA MET RA 243 24.90 -72.64 -47.72
C MET RA 243 23.73 -71.79 -48.21
N LEU RA 244 22.52 -72.35 -48.25
CA LEU RA 244 21.38 -71.59 -48.73
C LEU RA 244 21.06 -70.43 -47.80
N HIS RA 245 21.10 -70.65 -46.49
CA HIS RA 245 20.83 -69.56 -45.56
C HIS RA 245 21.91 -68.49 -45.67
N ALA RA 246 23.16 -68.90 -45.84
CA ALA RA 246 24.24 -67.94 -46.05
C ALA RA 246 24.01 -67.12 -47.31
N LEU RA 247 23.62 -67.78 -48.40
CA LEU RA 247 23.38 -67.07 -49.65
C LEU RA 247 22.24 -66.08 -49.50
N LYS RA 248 21.15 -66.49 -48.85
CA LYS RA 248 20.03 -65.58 -48.67
C LYS RA 248 20.42 -64.39 -47.80
N GLY RA 249 21.17 -64.65 -46.72
CA GLY RA 249 21.61 -63.55 -45.87
C GLY RA 249 22.53 -62.58 -46.60
N SER RA 250 23.45 -63.11 -47.40
CA SER RA 250 24.32 -62.25 -48.19
C SER RA 250 23.52 -61.41 -49.17
N LYS RA 251 22.57 -62.03 -49.88
CA LYS RA 251 21.77 -61.29 -50.84
C LYS RA 251 20.97 -60.20 -50.14
N MET RA 252 20.44 -60.50 -48.95
CA MET RA 252 19.66 -59.51 -48.24
C MET RA 252 20.53 -58.35 -47.75
N HIS RA 253 21.75 -58.65 -47.25
CA HIS RA 253 22.50 -57.69 -46.43
C HIS RA 253 23.97 -57.51 -46.80
N SER RA 254 24.51 -58.24 -47.77
CA SER RA 254 25.91 -58.05 -48.13
C SER RA 254 26.15 -56.64 -48.66
N THR RA 255 25.34 -56.23 -49.62
CA THR RA 255 25.47 -54.87 -50.16
C THR RA 255 24.99 -53.88 -49.11
N PRO RA 256 25.73 -52.79 -48.84
CA PRO RA 256 25.29 -51.86 -47.80
C PRO RA 256 24.07 -51.06 -48.24
N LYS RA 257 23.32 -50.58 -47.25
CA LYS RA 257 22.09 -49.83 -47.47
C LYS RA 257 22.34 -48.39 -47.06
N LEU RA 258 22.07 -47.45 -47.98
CA LEU RA 258 22.30 -46.04 -47.71
C LEU RA 258 21.10 -45.46 -46.95
N LYS RA 259 21.37 -44.85 -45.81
CA LYS RA 259 20.36 -44.16 -45.02
C LYS RA 259 20.53 -42.66 -45.21
N LEU RA 260 19.42 -41.94 -45.33
CA LEU RA 260 19.41 -40.48 -45.38
C LEU RA 260 18.43 -39.98 -44.33
N LYS RA 261 18.96 -39.32 -43.30
CA LYS RA 261 18.14 -38.73 -42.25
C LYS RA 261 17.72 -37.34 -42.71
N LEU RA 262 16.76 -37.32 -43.63
CA LEU RA 262 16.30 -36.09 -44.24
C LEU RA 262 15.31 -35.38 -43.34
N THR RA 263 15.23 -34.05 -43.51
CA THR RA 263 14.27 -33.27 -42.75
C THR RA 263 12.85 -33.46 -43.27
N ASP RA 264 12.70 -33.70 -44.57
CA ASP RA 264 11.40 -33.94 -45.18
C ASP RA 264 11.62 -34.93 -46.32
N VAL RA 265 11.28 -36.20 -46.08
CA VAL RA 265 11.59 -37.25 -47.05
C VAL RA 265 10.77 -37.06 -48.31
N ALA RA 266 9.50 -36.67 -48.17
CA ALA RA 266 8.62 -36.57 -49.33
C ALA RA 266 9.11 -35.50 -50.31
N SER RA 267 9.50 -34.34 -49.78
CA SER RA 267 10.00 -33.27 -50.65
C SER RA 267 11.29 -33.69 -51.34
N PHE RA 268 12.17 -34.39 -50.61
CA PHE RA 268 13.41 -34.87 -51.20
C PHE RA 268 13.13 -35.83 -52.35
N LEU RA 269 12.22 -36.78 -52.13
CA LEU RA 269 11.88 -37.73 -53.19
C LEU RA 269 11.29 -37.02 -54.39
N ALA RA 270 10.37 -36.08 -54.15
CA ALA RA 270 9.73 -35.37 -55.25
C ALA RA 270 10.75 -34.55 -56.05
N HIS RA 271 11.63 -33.84 -55.36
CA HIS RA 271 12.62 -33.02 -56.05
C HIS RA 271 13.60 -33.89 -56.83
N ASN RA 272 14.15 -34.92 -56.20
CA ASN RA 272 15.25 -35.65 -56.83
C ASN RA 272 14.74 -36.69 -57.82
N PHE RA 273 13.94 -37.64 -57.36
CA PHE RA 273 13.54 -38.78 -58.17
C PHE RA 273 12.18 -38.61 -58.82
N GLY RA 274 11.50 -37.49 -58.60
CA GLY RA 274 10.18 -37.28 -59.18
C GLY RA 274 9.16 -38.30 -58.72
N VAL RA 275 9.28 -38.77 -57.49
CA VAL RA 275 8.37 -39.76 -56.94
C VAL RA 275 7.28 -38.97 -56.21
N GLU RA 276 6.23 -38.62 -56.94
CA GLU RA 276 5.21 -37.73 -56.40
C GLU RA 276 4.36 -38.42 -55.34
N ASP RA 277 4.13 -39.73 -55.47
CA ASP RA 277 3.28 -40.50 -54.57
C ASP RA 277 4.12 -41.66 -54.04
N PRO RA 278 4.98 -41.43 -53.05
CA PRO RA 278 5.89 -42.49 -52.61
C PRO RA 278 5.20 -43.73 -52.06
N VAL RA 279 4.01 -43.59 -51.46
CA VAL RA 279 3.31 -44.77 -50.97
C VAL RA 279 2.95 -45.69 -52.13
N LYS RA 280 2.47 -45.13 -53.24
CA LYS RA 280 2.19 -45.94 -54.41
C LYS RA 280 3.47 -46.47 -55.04
N PHE RA 281 4.54 -45.67 -54.99
CA PHE RA 281 5.81 -46.11 -55.54
C PHE RA 281 6.32 -47.34 -54.81
N ALA RA 282 6.20 -47.35 -53.49
CA ALA RA 282 6.57 -48.54 -52.73
C ALA RA 282 5.60 -49.70 -52.99
N LYS RA 283 4.30 -49.40 -53.00
CA LYS RA 283 3.31 -50.44 -53.28
C LYS RA 283 3.47 -51.01 -54.68
N GLU RA 284 3.71 -50.13 -55.66
CA GLU RA 284 3.92 -50.58 -57.03
C GLU RA 284 5.21 -51.35 -57.20
N GLY RA 285 6.15 -51.25 -56.26
CA GLY RA 285 7.42 -51.91 -56.41
C GLY RA 285 8.43 -51.14 -57.23
N GLY RA 286 8.28 -49.83 -57.34
CA GLY RA 286 9.22 -49.05 -58.12
C GLY RA 286 10.61 -49.09 -57.51
N LYS RA 287 11.60 -48.71 -58.33
CA LYS RA 287 13.01 -48.78 -57.95
C LYS RA 287 13.75 -47.56 -58.47
N ILE RA 288 14.34 -46.80 -57.55
CA ILE RA 288 15.16 -45.65 -57.92
C ILE RA 288 16.38 -46.14 -58.71
N ASN RA 289 16.87 -45.29 -59.61
CA ASN RA 289 18.06 -45.56 -60.39
C ASN RA 289 19.17 -44.59 -60.00
N LEU RA 290 20.35 -45.13 -59.74
CA LEU RA 290 21.54 -44.33 -59.44
C LEU RA 290 22.70 -44.82 -60.29
N ASP RA 291 23.44 -43.89 -60.87
CA ASP RA 291 24.60 -44.24 -61.69
C ASP RA 291 25.79 -44.68 -60.85
N GLY RA 292 25.82 -44.34 -59.56
CA GLY RA 292 26.92 -44.67 -58.69
C GLY RA 292 27.73 -43.44 -58.31
N HIS RA 293 27.98 -42.57 -59.29
CA HIS RA 293 28.65 -41.29 -59.04
C HIS RA 293 27.60 -40.26 -58.62
N GLU RA 294 27.44 -40.16 -57.31
CA GLU RA 294 26.51 -39.21 -56.70
C GLU RA 294 27.26 -38.25 -55.76
N ILE RA 295 26.69 -37.06 -55.61
CA ILE RA 295 27.17 -36.06 -54.68
C ILE RA 295 25.97 -35.54 -53.90
N LEU RA 296 26.15 -35.37 -52.60
CA LEU RA 296 25.06 -35.08 -51.67
C LEU RA 296 25.17 -33.65 -51.17
N PHE RA 297 24.14 -32.85 -51.43
CA PHE RA 297 23.99 -31.52 -50.85
C PHE RA 297 22.86 -31.57 -49.84
N LEU RA 298 23.19 -31.46 -48.57
CA LEU RA 298 22.25 -31.61 -47.47
C LEU RA 298 22.25 -30.34 -46.62
N ASN RA 299 21.17 -30.15 -45.88
CA ASN RA 299 21.08 -29.03 -44.97
C ASN RA 299 22.00 -29.25 -43.77
N LYS RA 300 21.99 -28.30 -42.83
CA LYS RA 300 22.89 -28.39 -41.68
C LYS RA 300 22.57 -29.62 -40.82
N ASP RA 301 21.30 -29.86 -40.54
CA ASP RA 301 20.91 -30.93 -39.63
C ASP RA 301 20.73 -32.28 -40.32
N GLU RA 302 20.74 -32.31 -41.65
CA GLU RA 302 20.59 -33.58 -42.36
C GLU RA 302 21.86 -34.43 -42.22
N GLU RA 303 21.67 -35.74 -42.31
CA GLU RA 303 22.76 -36.71 -42.17
C GLU RA 303 22.60 -37.79 -43.21
N ALA RA 304 23.73 -38.36 -43.62
CA ALA RA 304 23.76 -39.49 -44.54
C ALA RA 304 24.87 -40.44 -44.12
N GLU RA 305 24.55 -41.73 -44.08
CA GLU RA 305 25.52 -42.75 -43.71
C GLU RA 305 25.16 -44.04 -44.44
N PHE RA 306 26.09 -44.99 -44.40
CA PHE RA 306 25.87 -46.33 -44.94
C PHE RA 306 25.60 -47.29 -43.79
N VAL RA 307 24.48 -47.98 -43.85
CA VAL RA 307 24.16 -49.04 -42.91
C VAL RA 307 24.79 -50.31 -43.45
N GLU RA 308 25.84 -50.80 -42.77
CA GLU RA 308 26.72 -51.81 -43.32
C GLU RA 308 26.98 -52.87 -42.26
N VAL RA 309 27.24 -54.09 -42.73
CA VAL RA 309 27.49 -55.25 -41.88
C VAL RA 309 28.98 -55.56 -41.90
N LYS RA 310 29.50 -56.02 -40.77
CA LYS RA 310 30.88 -56.50 -40.75
C LYS RA 310 31.02 -57.74 -41.62
N SER RA 311 30.09 -58.68 -41.51
CA SER RA 311 30.09 -59.87 -42.34
C SER RA 311 28.68 -60.45 -42.33
N ALA RA 312 28.01 -60.42 -43.48
CA ALA RA 312 26.66 -60.96 -43.56
C ALA RA 312 26.66 -62.47 -43.34
N ILE RA 313 27.72 -63.15 -43.75
CA ILE RA 313 27.81 -64.60 -43.56
C ILE RA 313 27.87 -64.94 -42.08
N GLY RA 314 28.57 -64.14 -41.30
CA GLY RA 314 28.75 -64.43 -39.89
C GLY RA 314 29.81 -65.48 -39.67
N ASP RA 315 29.38 -66.72 -39.36
CA ASP RA 315 30.29 -67.82 -39.08
C ASP RA 315 30.08 -69.01 -40.01
N ALA RA 316 29.21 -68.88 -41.03
CA ALA RA 316 28.77 -70.05 -41.77
C ALA RA 316 29.90 -70.74 -42.51
N LYS RA 317 30.97 -70.02 -42.84
CA LYS RA 317 32.11 -70.68 -43.48
C LYS RA 317 32.75 -71.69 -42.54
N GLU RA 318 32.84 -71.36 -41.24
CA GLU RA 318 33.40 -72.30 -40.28
C GLU RA 318 32.55 -73.57 -40.21
N LEU RA 319 31.22 -73.40 -40.17
CA LEU RA 319 30.34 -74.56 -40.15
C LEU RA 319 30.49 -75.37 -41.42
N LEU RA 320 30.65 -74.70 -42.56
CA LEU RA 320 30.82 -75.42 -43.82
C LEU RA 320 32.12 -76.20 -43.83
N LYS RA 321 33.19 -75.63 -43.27
CA LYS RA 321 34.44 -76.36 -43.16
C LYS RA 321 34.28 -77.59 -42.28
N LEU RA 322 33.59 -77.43 -41.14
CA LEU RA 322 33.38 -78.57 -40.25
C LEU RA 322 32.56 -79.66 -40.93
N LEU RA 323 31.50 -79.27 -41.64
CA LEU RA 323 30.67 -80.26 -42.32
C LEU RA 323 31.41 -80.90 -43.48
N PHE RA 324 32.27 -80.16 -44.17
CA PHE RA 324 33.07 -80.76 -45.23
C PHE RA 324 34.05 -81.77 -44.67
N TYR RA 325 34.67 -81.45 -43.54
CA TYR RA 325 35.53 -82.42 -42.88
C TYR RA 325 34.75 -83.66 -42.48
N CYS RA 326 33.54 -83.47 -41.94
CA CYS RA 326 32.71 -84.62 -41.58
C CYS RA 326 32.36 -85.44 -42.82
N ILE RA 327 32.08 -84.79 -43.95
CA ILE RA 327 31.68 -85.50 -45.15
C ILE RA 327 32.84 -86.33 -45.69
N VAL RA 328 34.02 -85.73 -45.80
CA VAL RA 328 35.15 -86.47 -46.34
C VAL RA 328 35.59 -87.55 -45.37
N ASP RA 329 35.41 -87.33 -44.06
CA ASP RA 329 35.70 -88.39 -43.11
C ASP RA 329 34.74 -89.56 -43.29
N VAL RA 330 33.44 -89.27 -43.45
CA VAL RA 330 32.44 -90.32 -43.54
C VAL RA 330 32.68 -91.19 -44.76
N SER RA 331 32.93 -90.55 -45.90
CA SER RA 331 33.22 -91.27 -47.12
C SER RA 331 34.59 -91.94 -47.11
N GLU RA 332 35.43 -91.66 -46.10
CA GLU RA 332 36.84 -92.04 -46.04
C GLU RA 332 37.53 -91.79 -47.37
N THR RA 333 37.19 -90.67 -48.01
CA THR RA 333 37.78 -90.33 -49.28
C THR RA 333 39.17 -89.75 -49.06
N PRO RA 334 40.22 -90.26 -49.71
CA PRO RA 334 41.51 -89.59 -49.63
C PRO RA 334 41.43 -88.15 -50.13
N GLU RA 335 42.24 -87.31 -49.52
CA GLU RA 335 41.97 -85.88 -49.44
C GLU RA 335 42.41 -85.11 -50.66
N PHE RA 336 43.20 -85.72 -51.56
CA PHE RA 336 43.51 -85.07 -52.82
C PHE RA 336 42.29 -84.94 -53.73
N ILE RA 337 41.24 -85.72 -53.49
CA ILE RA 337 40.04 -85.61 -54.30
C ILE RA 337 39.39 -84.24 -54.12
N PHE RA 338 39.42 -83.72 -52.90
CA PHE RA 338 38.80 -82.45 -52.54
C PHE RA 338 39.87 -81.39 -52.25
N GLY RA 339 40.98 -81.43 -53.00
CA GLY RA 339 42.12 -80.61 -52.66
C GLY RA 339 41.91 -79.12 -52.85
N VAL RA 340 40.82 -78.70 -53.49
CA VAL RA 340 40.56 -77.27 -53.60
C VAL RA 340 40.28 -76.69 -52.22
N HIS RA 341 39.63 -77.47 -51.36
CA HIS RA 341 39.43 -77.02 -49.99
C HIS RA 341 40.75 -77.01 -49.21
N THR RA 342 41.64 -77.96 -49.49
CA THR RA 342 42.92 -78.12 -48.79
C THR RA 342 44.03 -78.24 -49.83
N PRO RA 343 44.48 -77.12 -50.41
CA PRO RA 343 45.48 -77.19 -51.48
C PRO RA 343 46.80 -77.83 -51.07
N SER RA 344 47.11 -77.90 -49.78
CA SER RA 344 48.33 -78.54 -49.35
C SER RA 344 48.36 -80.02 -49.73
N ALA RA 345 47.20 -80.66 -49.84
CA ALA RA 345 47.15 -82.07 -50.21
C ALA RA 345 47.71 -82.34 -51.60
N LEU RA 346 47.68 -81.35 -52.49
CA LEU RA 346 48.16 -81.54 -53.85
C LEU RA 346 49.68 -81.66 -53.94
N ALA RA 347 50.41 -81.43 -52.84
CA ALA RA 347 51.86 -81.53 -52.88
C ALA RA 347 52.30 -82.94 -53.24
N SER RA 348 51.62 -83.96 -52.70
CA SER RA 348 52.02 -85.34 -52.96
C SER RA 348 50.77 -86.22 -52.92
N VAL RA 349 50.19 -86.47 -54.09
CA VAL RA 349 49.15 -87.48 -54.20
C VAL RA 349 49.76 -88.87 -54.01
N LYS RA 350 50.99 -89.07 -54.49
CA LYS RA 350 51.66 -90.35 -54.30
C LYS RA 350 51.81 -90.69 -52.83
N GLU RA 351 51.98 -89.68 -51.98
CA GLU RA 351 52.07 -89.95 -50.55
C GLU RA 351 50.74 -90.45 -49.99
N GLN RA 352 49.62 -89.95 -50.50
CA GLN RA 352 48.30 -90.38 -50.06
C GLN RA 352 47.81 -91.64 -50.78
N MET RA 353 48.51 -92.10 -51.80
CA MET RA 353 48.07 -93.27 -52.57
C MET RA 353 47.83 -94.51 -51.71
N PRO RA 354 48.61 -94.80 -50.67
CA PRO RA 354 48.26 -95.95 -49.81
C PRO RA 354 46.87 -95.88 -49.22
N ILE RA 355 46.34 -94.68 -48.93
CA ILE RA 355 44.98 -94.59 -48.40
C ILE RA 355 43.97 -95.01 -49.45
N MET RA 356 44.16 -94.55 -50.70
CA MET RA 356 43.31 -95.03 -51.78
C MET RA 356 43.44 -96.53 -51.94
N VAL RA 357 44.67 -97.06 -51.81
CA VAL RA 357 44.89 -98.49 -51.94
C VAL RA 357 44.09 -99.23 -50.87
N ASN RA 358 44.10 -98.71 -49.65
CA ASN RA 358 43.30 -99.29 -48.57
C ASN RA 358 41.82 -99.29 -48.91
N LYS RA 359 41.30 -98.14 -49.35
CA LYS RA 359 39.87 -98.03 -49.61
C LYS RA 359 39.46 -98.97 -50.73
N ILE RA 360 40.24 -99.03 -51.80
CA ILE RA 360 39.92 -99.91 -52.92
C ILE RA 360 40.07 -101.36 -52.52
N ARG RA 361 41.04 -101.69 -51.67
CA ARG RA 361 41.16 -103.04 -51.15
C ARG RA 361 39.90 -103.45 -50.42
N ARG RA 362 39.38 -102.57 -49.58
CA ARG RA 362 38.15 -102.89 -48.86
C ARG RA 362 36.97 -103.01 -49.82
N LYS RA 363 36.89 -102.12 -50.82
CA LYS RA 363 35.70 -102.07 -51.65
C LYS RA 363 35.62 -103.19 -52.68
N ARG RA 364 36.77 -103.62 -53.22
CA ARG RA 364 36.74 -104.63 -54.28
C ARG RA 364 36.20 -105.96 -53.78
N GLU RA 365 36.56 -106.33 -52.54
CA GLU RA 365 36.13 -107.62 -51.99
C GLU RA 365 34.62 -107.71 -51.86
N GLN RA 366 33.91 -106.57 -51.76
CA GLN RA 366 32.46 -106.62 -51.68
C GLN RA 366 31.85 -107.22 -52.94
N PHE RA 367 32.38 -106.86 -54.10
CA PHE RA 367 31.83 -107.30 -55.38
C PHE RA 367 32.57 -108.48 -56.00
N THR RA 368 33.75 -108.85 -55.49
CA THR RA 368 34.54 -109.89 -56.16
C THR RA 368 33.82 -111.23 -56.13
N ASN RA 369 33.07 -111.52 -55.07
CA ASN RA 369 32.33 -112.78 -55.03
C ASN RA 369 31.21 -112.79 -56.07
N SER RA 370 30.50 -111.67 -56.22
CA SER RA 370 29.47 -111.58 -57.26
C SER RA 370 30.09 -111.72 -58.64
N TRP RA 371 31.27 -111.15 -58.84
CA TRP RA 371 31.94 -111.29 -60.13
C TRP RA 371 32.39 -112.72 -60.36
N GLN RA 372 32.80 -113.42 -59.31
CA GLN RA 372 33.09 -114.85 -59.43
C GLN RA 372 31.86 -115.61 -59.87
N LEU RA 373 30.71 -115.30 -59.27
CA LEU RA 373 29.46 -115.95 -59.64
C LEU RA 373 29.12 -115.66 -61.10
N LEU RA 374 29.30 -114.41 -61.53
CA LEU RA 374 29.03 -114.06 -62.92
C LEU RA 374 29.94 -114.80 -63.88
N ALA RA 375 31.24 -114.90 -63.54
CA ALA RA 375 32.16 -115.65 -64.38
C ALA RA 375 31.75 -117.11 -64.49
N ARG RA 376 31.40 -117.71 -63.36
CA ARG RA 376 30.93 -119.10 -63.34
C ARG RA 376 29.68 -119.25 -64.21
N MET RA 377 28.77 -118.28 -64.13
CA MET RA 377 27.52 -118.39 -64.87
C MET RA 377 27.74 -118.28 -66.37
N VAL RA 378 28.56 -117.31 -66.80
CA VAL RA 378 28.81 -117.17 -68.23
C VAL RA 378 29.58 -118.38 -68.76
N LEU RA 379 30.47 -118.96 -67.95
CA LEU RA 379 31.12 -120.19 -68.36
C LEU RA 379 30.11 -121.31 -68.51
N ILE RA 380 29.16 -121.42 -67.58
CA ILE RA 380 28.17 -122.49 -67.67
C ILE RA 380 27.27 -122.29 -68.88
N MET RA 381 26.95 -121.04 -69.21
CA MET RA 381 26.06 -120.73 -70.33
C MET RA 381 26.74 -120.78 -71.69
N SER RA 382 27.95 -121.33 -71.79
CA SER RA 382 28.62 -121.47 -73.07
C SER RA 382 29.70 -122.54 -72.99
N LYS RA 389 31.84 -129.48 -69.16
CA LYS RA 389 32.81 -129.53 -70.24
C LYS RA 389 34.17 -129.01 -69.77
N TYR RA 390 34.17 -127.82 -69.16
CA TYR RA 390 35.41 -127.25 -68.67
C TYR RA 390 35.89 -127.98 -67.42
N SER RA 391 37.21 -128.13 -67.31
CA SER RA 391 37.78 -128.86 -66.18
C SER RA 391 37.56 -128.16 -64.85
N SER RA 392 37.37 -126.84 -64.87
CA SER RA 392 37.13 -126.07 -63.65
C SER RA 392 36.13 -124.97 -63.94
N TYR RA 393 35.40 -124.56 -62.89
CA TYR RA 393 34.42 -123.49 -62.98
C TYR RA 393 34.58 -122.46 -61.86
N ASP RA 394 35.70 -122.47 -61.13
CA ASP RA 394 35.97 -121.50 -60.07
C ASP RA 394 36.99 -120.51 -60.61
N VAL RA 395 36.55 -119.28 -60.81
CA VAL RA 395 37.34 -118.24 -61.48
C VAL RA 395 37.90 -117.30 -60.43
N THR RA 396 39.22 -117.12 -60.43
CA THR RA 396 39.87 -116.13 -59.59
C THR RA 396 39.93 -114.80 -60.33
N ILE RA 397 39.95 -113.71 -59.57
CA ILE RA 397 39.80 -112.36 -60.10
C ILE RA 397 41.06 -111.56 -59.75
N GLY RA 398 41.72 -111.03 -60.78
CA GLY RA 398 42.72 -110.00 -60.60
C GLY RA 398 42.07 -108.63 -60.62
N TRP RA 399 42.92 -107.59 -60.54
CA TRP RA 399 42.42 -106.23 -60.48
C TRP RA 399 43.43 -105.28 -61.09
N ASP RA 400 42.95 -104.08 -61.44
CA ASP RA 400 43.81 -103.03 -61.93
C ASP RA 400 44.63 -102.45 -60.78
N GLU RA 401 45.78 -101.89 -61.13
CA GLU RA 401 46.65 -101.28 -60.13
C GLU RA 401 46.05 -99.96 -59.67
N VAL RA 402 45.89 -99.80 -58.36
CA VAL RA 402 45.43 -98.52 -57.83
C VAL RA 402 46.49 -97.46 -58.04
N ASN RA 403 47.74 -97.77 -57.68
CA ASN RA 403 48.91 -96.98 -58.04
C ASN RA 403 49.88 -97.91 -58.78
N PRO RA 404 50.26 -97.63 -60.02
CA PRO RA 404 50.99 -98.63 -60.79
C PRO RA 404 52.40 -98.87 -60.26
N ARG RA 405 52.91 -100.06 -60.52
CA ARG RA 405 54.29 -100.40 -60.23
C ARG RA 405 55.17 -99.95 -61.38
N ASP RA 406 56.33 -99.38 -61.06
CA ASP RA 406 57.24 -98.92 -62.11
C ASP RA 406 57.85 -100.12 -62.83
N ASP RA 407 57.70 -100.14 -64.15
CA ASP RA 407 58.20 -101.26 -64.94
C ASP RA 407 59.72 -101.39 -64.81
N LYS RA 408 60.43 -100.27 -64.65
CA LYS RA 408 61.87 -100.32 -64.45
C LYS RA 408 62.21 -101.08 -63.18
N GLU RA 409 61.46 -100.86 -62.10
CA GLU RA 409 61.69 -101.58 -60.86
C GLU RA 409 61.44 -103.07 -61.04
N LEU RA 410 60.38 -103.43 -61.76
CA LEU RA 410 60.08 -104.84 -61.99
C LEU RA 410 61.20 -105.50 -62.81
N ALA RA 411 61.68 -104.82 -63.84
CA ALA RA 411 62.79 -105.36 -64.62
C ALA RA 411 64.06 -105.47 -63.78
N GLU RA 412 64.31 -104.50 -62.90
CA GLU RA 412 65.46 -104.59 -62.00
C GLU RA 412 65.34 -105.81 -61.11
N THR RA 413 64.15 -106.05 -60.55
CA THR RA 413 63.96 -107.23 -59.71
C THR RA 413 64.18 -108.51 -60.51
N LEU RA 414 63.68 -108.56 -61.74
CA LEU RA 414 63.85 -109.74 -62.58
C LEU RA 414 65.31 -110.02 -62.85
N GLU RA 415 66.05 -109.00 -63.31
CA GLU RA 415 67.47 -109.20 -63.61
C GLU RA 415 68.24 -109.55 -62.35
N LYS RA 416 67.90 -108.92 -61.23
CA LYS RA 416 68.62 -109.16 -59.99
C LYS RA 416 68.40 -110.59 -59.49
N VAL RA 417 67.17 -111.09 -59.61
CA VAL RA 417 66.91 -112.48 -59.26
C VAL RA 417 67.66 -113.42 -60.20
N CYS RA 418 67.63 -113.12 -61.51
CA CYS RA 418 68.27 -114.01 -62.48
C CYS RA 418 69.77 -114.09 -62.24
N CYS RA 419 70.42 -112.96 -61.98
CA CYS RA 419 71.84 -112.97 -61.68
C CYS RA 419 72.10 -113.62 -60.33
N ALA RA 420 71.19 -113.42 -59.37
CA ALA RA 420 71.27 -114.16 -58.11
C ALA RA 420 71.15 -115.65 -58.35
N LEU RA 421 70.20 -116.04 -59.21
CA LEU RA 421 70.13 -117.43 -59.65
C LEU RA 421 71.29 -117.75 -60.59
N ASP RA 422 71.43 -119.03 -60.93
CA ASP RA 422 72.57 -119.59 -61.63
C ASP RA 422 73.84 -119.59 -60.77
N LYS RA 423 73.72 -119.31 -59.48
CA LYS RA 423 74.82 -119.38 -58.53
C LYS RA 423 74.32 -120.08 -57.29
N ALA RA 424 75.21 -120.82 -56.62
CA ALA RA 424 74.84 -121.71 -55.52
C ALA RA 424 73.78 -122.70 -56.01
N LEU RA 425 74.20 -123.55 -56.95
CA LEU RA 425 73.29 -124.42 -57.68
C LEU RA 425 72.72 -125.57 -56.84
N GLU RA 426 73.04 -125.65 -55.55
CA GLU RA 426 72.44 -126.65 -54.68
C GLU RA 426 70.98 -126.38 -54.36
N GLY RA 427 70.44 -125.22 -54.75
CA GLY RA 427 69.07 -124.90 -54.42
C GLY RA 427 68.06 -125.85 -55.04
N GLY RA 428 68.25 -126.17 -56.31
CA GLY RA 428 67.38 -127.08 -57.06
C GLY RA 428 66.89 -126.46 -58.34
N PHE RA 429 65.97 -127.17 -58.99
CA PHE RA 429 65.39 -126.75 -60.26
C PHE RA 429 64.14 -125.90 -60.08
N ILE RA 430 63.63 -125.75 -58.85
CA ILE RA 430 62.49 -124.87 -58.59
C ILE RA 430 62.80 -123.41 -58.90
N SER RA 431 64.08 -123.05 -59.02
CA SER RA 431 64.44 -121.71 -59.45
C SER RA 431 63.87 -121.41 -60.83
N GLU RA 432 63.87 -122.39 -61.72
CA GLU RA 432 63.29 -122.19 -63.05
C GLU RA 432 61.79 -121.93 -62.95
N GLU RA 433 61.10 -122.66 -62.09
CA GLU RA 433 59.67 -122.45 -61.91
C GLU RA 433 59.40 -121.04 -61.36
N SER RA 434 60.18 -120.62 -60.37
CA SER RA 434 60.01 -119.27 -59.83
C SER RA 434 60.34 -118.22 -60.89
N THR RA 435 61.34 -118.48 -61.73
CA THR RA 435 61.73 -117.53 -62.76
C THR RA 435 60.61 -117.37 -63.79
N VAL RA 436 60.01 -118.47 -64.24
CA VAL RA 436 58.93 -118.34 -65.21
C VAL RA 436 57.69 -117.73 -64.56
N ASN RA 437 57.47 -117.98 -63.27
CA ASN RA 437 56.38 -117.30 -62.57
C ASN RA 437 56.60 -115.79 -62.56
N PHE RA 438 57.82 -115.36 -62.24
CA PHE RA 438 58.13 -113.93 -62.23
C PHE RA 438 58.03 -113.33 -63.63
N LEU RA 439 58.45 -114.10 -64.65
CA LEU RA 439 58.32 -113.63 -66.02
C LEU RA 439 56.86 -113.47 -66.41
N ALA RA 440 56.00 -114.39 -65.99
CA ALA RA 440 54.57 -114.26 -66.26
C ALA RA 440 54.00 -113.03 -65.57
N GLN RA 441 54.40 -112.78 -64.32
CA GLN RA 441 53.95 -111.58 -63.63
C GLN RA 441 54.40 -110.32 -64.35
N TYR RA 442 55.66 -110.29 -64.79
CA TYR RA 442 56.17 -109.13 -65.51
C TYR RA 442 55.43 -108.92 -66.82
N ILE RA 443 55.17 -110.00 -67.57
CA ILE RA 443 54.45 -109.88 -68.82
C ILE RA 443 53.05 -109.36 -68.58
N ASP RA 444 52.39 -109.84 -67.52
CA ASP RA 444 51.05 -109.36 -67.19
C ASP RA 444 51.07 -107.88 -66.85
N THR RA 445 52.04 -107.44 -66.04
CA THR RA 445 52.08 -106.06 -65.61
C THR RA 445 52.54 -105.10 -66.71
N MET RA 446 53.30 -105.59 -67.69
CA MET RA 446 53.75 -104.76 -68.79
C MET RA 446 52.74 -104.70 -69.93
N SER RA 447 52.09 -105.83 -70.23
CA SER RA 447 51.12 -105.86 -71.31
C SER RA 447 49.92 -104.98 -71.00
N ASN RA 448 49.40 -105.08 -69.78
CA ASN RA 448 48.27 -104.25 -69.38
C ASN RA 448 48.71 -102.78 -69.34
N TYR RA 449 47.85 -101.91 -69.88
CA TYR RA 449 48.08 -100.48 -69.88
C TYR RA 449 47.37 -99.87 -68.68
N ILE RA 450 48.07 -99.00 -67.97
CA ILE RA 450 47.61 -98.55 -66.66
C ILE RA 450 46.37 -97.66 -66.81
N SER RA 451 46.45 -96.66 -67.67
CA SER RA 451 45.37 -95.68 -67.77
C SER RA 451 44.24 -96.11 -68.70
N ASP RA 452 44.22 -97.36 -69.12
CA ASP RA 452 43.09 -97.95 -69.83
C ASP RA 452 42.42 -98.97 -68.90
N ASP RA 453 41.11 -98.82 -68.71
CA ASP RA 453 40.39 -99.71 -67.82
C ASP RA 453 40.41 -101.13 -68.35
N PRO RA 454 40.47 -102.08 -67.43
CA PRO RA 454 40.47 -103.49 -67.81
C PRO RA 454 41.77 -103.91 -68.47
N GLU RA 455 41.69 -105.06 -69.14
CA GLU RA 455 42.82 -105.71 -69.79
C GLU RA 455 42.47 -106.07 -71.23
N ARG RA 456 41.76 -105.19 -71.93
CA ARG RA 456 41.48 -105.42 -73.33
C ARG RA 456 42.77 -105.49 -74.14
N GLU RA 457 43.75 -104.66 -73.79
CA GLU RA 457 45.00 -104.62 -74.54
C GLU RA 457 45.75 -105.93 -74.41
N GLY RA 458 45.70 -106.58 -73.24
CA GLY RA 458 46.38 -107.86 -73.11
C GLY RA 458 45.83 -108.91 -74.06
N GLU RA 459 44.51 -109.06 -74.08
CA GLU RA 459 43.89 -110.02 -74.99
C GLU RA 459 44.13 -109.64 -76.44
N ARG RA 460 44.04 -108.35 -76.75
CA ARG RA 460 44.27 -107.91 -78.13
C ARG RA 460 45.69 -108.22 -78.57
N GLU RA 461 46.68 -107.95 -77.71
CA GLU RA 461 48.06 -108.25 -78.04
C GLU RA 461 48.29 -109.74 -78.20
N LYS RA 462 47.67 -110.54 -77.33
CA LYS RA 462 47.81 -111.99 -77.45
C LYS RA 462 47.23 -112.48 -78.77
N ILE RA 463 46.06 -111.98 -79.15
CA ILE RA 463 45.43 -112.42 -80.38
C ILE RA 463 46.23 -111.95 -81.60
N ILE RA 464 46.74 -110.72 -81.55
CA ILE RA 464 47.54 -110.21 -82.66
C ILE RA 464 48.83 -111.01 -82.82
N LYS RA 465 49.47 -111.35 -81.70
CA LYS RA 465 50.67 -112.17 -81.75
C LYS RA 465 50.37 -113.55 -82.30
N THR RA 466 49.23 -114.14 -81.90
CA THR RA 466 48.84 -115.44 -82.43
C THR RA 466 48.60 -115.37 -83.94
N LYS RA 467 47.93 -114.32 -84.40
CA LYS RA 467 47.68 -114.16 -85.83
C LYS RA 467 49.01 -114.01 -86.59
N MET RA 468 49.86 -113.10 -86.12
CA MET RA 468 51.17 -112.92 -86.75
C MET RA 468 52.03 -114.17 -86.60
N LEU RA 469 51.98 -114.79 -85.42
CA LEU RA 469 52.74 -116.01 -85.16
C LEU RA 469 54.24 -115.76 -85.27
N MET SA 19 42.92 -96.29 -9.27
CA MET SA 19 43.00 -95.92 -7.84
C MET SA 19 43.33 -97.12 -6.96
N ARG SA 20 43.79 -96.83 -5.74
CA ARG SA 20 44.14 -97.86 -4.77
C ARG SA 20 42.95 -98.18 -3.87
N MET SA 21 43.03 -99.33 -3.22
CA MET SA 21 42.01 -99.75 -2.26
C MET SA 21 42.59 -100.84 -1.38
N SER SA 22 41.95 -101.06 -0.23
CA SER SA 22 42.32 -102.16 0.64
C SER SA 22 41.92 -103.48 0.01
N SER SA 23 42.76 -104.49 0.21
CA SER SA 23 42.54 -105.78 -0.43
C SER SA 23 41.26 -106.45 0.06
N GLY SA 24 40.89 -106.23 1.31
CA GLY SA 24 39.71 -106.84 1.90
C GLY SA 24 38.41 -106.10 1.66
N ASN SA 25 38.38 -105.15 0.73
CA ASN SA 25 37.20 -104.36 0.42
C ASN SA 25 36.89 -104.41 -1.07
N ILE SA 26 36.91 -105.60 -1.64
CA ILE SA 26 36.68 -105.85 -3.06
C ILE SA 26 35.55 -106.85 -3.21
N GLY SA 27 34.67 -106.59 -4.18
CA GLY SA 27 33.57 -107.48 -4.45
C GLY SA 27 34.04 -108.76 -5.11
N VAL SA 28 33.08 -109.66 -5.31
CA VAL SA 28 33.35 -110.98 -5.88
C VAL SA 28 33.27 -110.89 -7.40
N TYR SA 29 34.17 -111.62 -8.06
CA TYR SA 29 34.19 -111.63 -9.52
C TYR SA 29 32.90 -112.22 -10.08
N LYS SA 30 32.42 -111.64 -11.16
CA LYS SA 30 31.27 -112.17 -11.89
C LYS SA 30 31.45 -111.86 -13.36
N LEU SA 31 31.21 -112.86 -14.21
CA LEU SA 31 31.41 -112.71 -15.64
C LEU SA 31 30.25 -111.94 -16.24
N ASP SA 32 30.50 -110.67 -16.59
CA ASP SA 32 29.48 -109.83 -17.17
C ASP SA 32 29.10 -110.33 -18.56
N ASP SA 33 27.81 -110.31 -18.87
CA ASP SA 33 27.27 -110.80 -20.14
C ASP SA 33 26.55 -109.71 -20.93
N SER SA 34 26.73 -108.44 -20.58
CA SER SA 34 26.07 -107.38 -21.32
C SER SA 34 26.58 -107.34 -22.75
N ARG SA 35 25.65 -107.14 -23.68
CA ARG SA 35 25.94 -107.15 -25.11
C ARG SA 35 26.06 -105.72 -25.63
N VAL SA 36 26.61 -105.60 -26.83
CA VAL SA 36 26.64 -104.31 -27.51
C VAL SA 36 25.28 -104.07 -28.16
N ASP SA 37 24.83 -102.81 -28.12
CA ASP SA 37 23.56 -102.47 -28.72
C ASP SA 37 23.71 -102.53 -30.24
N TYR SA 38 23.51 -103.73 -30.79
CA TYR SA 38 23.90 -104.00 -32.17
C TYR SA 38 23.14 -103.12 -33.15
N GLU SA 39 21.86 -102.86 -32.87
CA GLU SA 39 21.10 -101.92 -33.68
C GLU SA 39 21.74 -100.54 -33.66
N LEU SA 40 22.11 -100.07 -32.46
CA LEU SA 40 22.75 -98.77 -32.35
C LEU SA 40 24.11 -98.76 -33.03
N ALA SA 41 24.86 -99.85 -32.92
CA ALA SA 41 26.17 -99.91 -33.57
C ALA SA 41 26.03 -99.82 -35.08
N ARG SA 42 25.11 -100.58 -35.66
CA ARG SA 42 24.91 -100.52 -37.10
C ARG SA 42 24.34 -99.17 -37.53
N GLU SA 43 23.55 -98.53 -36.67
CA GLU SA 43 23.06 -97.18 -36.99
C GLU SA 43 24.20 -96.18 -37.01
N LEU SA 44 25.07 -96.22 -36.00
CA LEU SA 44 26.19 -95.29 -35.95
C LEU SA 44 27.15 -95.52 -37.11
N TYR SA 45 27.40 -96.78 -37.47
CA TYR SA 45 28.26 -97.05 -38.62
C TYR SA 45 27.66 -96.51 -39.91
N GLN SA 46 26.33 -96.37 -39.97
CA GLN SA 46 25.64 -95.82 -41.14
C GLN SA 46 25.10 -94.42 -40.89
N ASN SA 47 25.47 -93.78 -39.77
CA ASN SA 47 25.12 -92.38 -39.53
C ASN SA 47 23.62 -92.17 -39.45
N LYS SA 48 22.88 -93.19 -39.04
CA LYS SA 48 21.42 -93.16 -39.08
C LYS SA 48 20.79 -92.70 -37.78
N ASN SA 49 21.43 -92.94 -36.63
CA ASN SA 49 20.83 -92.57 -35.36
C ASN SA 49 20.66 -91.06 -35.28
N ALA SA 50 19.48 -90.62 -34.83
CA ALA SA 50 19.16 -89.21 -34.83
C ALA SA 50 19.98 -88.43 -33.80
N ASN SA 51 20.43 -89.08 -32.73
CA ASN SA 51 21.16 -88.41 -31.68
C ASN SA 51 22.67 -88.36 -31.92
N TYR SA 52 23.15 -88.89 -33.06
CA TYR SA 52 24.57 -88.90 -33.37
C TYR SA 52 24.83 -88.55 -34.84
N LYS SA 53 23.92 -87.84 -35.50
CA LYS SA 53 24.03 -87.67 -36.94
C LYS SA 53 25.27 -86.87 -37.31
N LEU SA 54 25.48 -85.74 -36.62
CA LEU SA 54 26.70 -84.98 -36.81
C LEU SA 54 27.89 -85.65 -36.13
N GLY SA 55 27.67 -86.19 -34.93
CA GLY SA 55 28.78 -86.76 -34.18
C GLY SA 55 29.36 -88.02 -34.81
N SER SA 56 28.50 -88.91 -35.30
CA SER SA 56 28.93 -90.25 -35.74
C SER SA 56 29.66 -90.24 -37.08
N SER SA 57 30.07 -89.09 -37.60
CA SER SA 57 30.86 -89.06 -38.82
C SER SA 57 32.15 -89.84 -38.68
N PHE SA 58 32.78 -89.80 -37.50
CA PHE SA 58 34.09 -90.40 -37.32
C PHE SA 58 34.06 -91.92 -37.22
N VAL SA 59 32.87 -92.53 -37.06
CA VAL SA 59 32.80 -93.97 -36.85
C VAL SA 59 33.24 -94.72 -38.10
N ARG SA 60 32.73 -94.31 -39.26
CA ARG SA 60 33.06 -95.00 -40.50
C ARG SA 60 34.56 -95.01 -40.79
N PRO SA 61 35.28 -93.88 -40.80
CA PRO SA 61 36.70 -93.94 -41.14
C PRO SA 61 37.53 -94.79 -40.20
N ILE SA 62 37.24 -94.77 -38.89
CA ILE SA 62 38.03 -95.54 -37.93
C ILE SA 62 37.92 -97.03 -38.25
N VAL SA 63 36.68 -97.55 -38.26
CA VAL SA 63 36.47 -98.96 -38.47
C VAL SA 63 36.94 -99.37 -39.86
N ASN SA 64 36.64 -98.55 -40.87
CA ASN SA 64 36.99 -98.91 -42.24
C ASN SA 64 38.51 -98.97 -42.42
N SER SA 65 39.24 -97.97 -41.90
CA SER SA 65 40.69 -98.00 -41.99
C SER SA 65 41.26 -99.18 -41.25
N THR SA 66 40.78 -99.43 -40.02
CA THR SA 66 41.34 -100.51 -39.22
C THR SA 66 41.10 -101.87 -39.88
N THR SA 67 39.89 -102.10 -40.40
CA THR SA 67 39.59 -103.39 -40.99
C THR SA 67 40.23 -103.54 -42.37
N GLY SA 68 40.37 -102.45 -43.12
CA GLY SA 68 41.01 -102.53 -44.42
C GLY SA 68 42.51 -102.78 -44.31
N PHE SA 69 43.17 -102.15 -43.33
CA PHE SA 69 44.61 -102.35 -43.19
C PHE SA 69 44.93 -103.78 -42.80
N MET SA 70 44.25 -104.31 -41.78
CA MET SA 70 44.40 -105.73 -41.47
C MET SA 70 43.79 -106.54 -42.60
N GLY SA 71 44.57 -107.43 -43.20
CA GLY SA 71 44.10 -108.17 -44.35
C GLY SA 71 43.22 -109.31 -43.94
N VAL SA 72 43.44 -110.48 -44.54
CA VAL SA 72 42.74 -111.70 -44.19
C VAL SA 72 43.81 -112.73 -43.85
N PRO SA 73 43.53 -113.73 -43.00
CA PRO SA 73 44.58 -114.67 -42.62
C PRO SA 73 45.08 -115.46 -43.82
N HIS SA 74 46.39 -115.70 -43.84
CA HIS SA 74 47.04 -116.51 -44.86
C HIS SA 74 47.33 -117.86 -44.22
N PHE SA 75 46.33 -118.74 -44.28
CA PHE SA 75 46.42 -120.04 -43.61
C PHE SA 75 47.56 -120.86 -44.21
N GLN SA 76 48.53 -121.22 -43.38
CA GLN SA 76 49.70 -121.98 -43.78
C GLN SA 76 49.80 -123.25 -42.96
N ILE SA 77 50.15 -124.34 -43.61
CA ILE SA 77 50.31 -125.63 -42.95
C ILE SA 77 51.21 -126.50 -43.82
N GLU SA 78 52.04 -127.32 -43.16
CA GLU SA 78 53.00 -128.14 -43.89
C GLU SA 78 52.32 -129.18 -44.78
N ASP SA 79 51.17 -129.71 -44.38
CA ASP SA 79 50.53 -130.77 -45.14
C ASP SA 79 50.04 -130.23 -46.48
N GLU SA 80 50.30 -130.98 -47.55
CA GLU SA 80 49.93 -130.54 -48.88
C GLU SA 80 48.41 -130.49 -49.04
N GLU SA 81 47.72 -131.57 -48.66
CA GLU SA 81 46.28 -131.65 -48.89
C GLU SA 81 45.53 -130.66 -47.99
N ALA SA 82 45.98 -130.51 -46.74
CA ALA SA 82 45.38 -129.52 -45.86
C ALA SA 82 45.56 -128.12 -46.43
N GLN SA 83 46.74 -127.82 -46.95
CA GLN SA 83 46.98 -126.52 -47.56
C GLN SA 83 46.09 -126.30 -48.78
N TYR SA 84 45.90 -127.35 -49.59
CA TYR SA 84 45.04 -127.22 -50.76
C TYR SA 84 43.59 -126.96 -50.35
N ILE SA 85 43.11 -127.68 -49.33
CA ILE SA 85 41.75 -127.43 -48.85
C ILE SA 85 41.65 -126.01 -48.30
N LEU SA 86 42.68 -125.56 -47.58
CA LEU SA 86 42.65 -124.22 -47.00
C LEU SA 86 42.61 -123.14 -48.07
N ASP SA 87 43.42 -123.29 -49.13
CA ASP SA 87 43.43 -122.25 -50.15
C ASP SA 87 42.18 -122.28 -51.01
N GLU SA 88 41.59 -123.47 -51.21
CA GLU SA 88 40.28 -123.54 -51.83
C GLU SA 88 39.25 -122.77 -51.01
N PHE SA 89 39.24 -122.99 -49.69
CA PHE SA 89 38.31 -122.29 -48.83
C PHE SA 89 38.55 -120.78 -48.84
N VAL SA 90 39.83 -120.38 -48.87
CA VAL SA 90 40.17 -118.96 -48.92
C VAL SA 90 39.66 -118.34 -50.21
N LEU SA 91 39.90 -119.02 -51.34
CA LEU SA 91 39.38 -118.55 -52.62
C LEU SA 91 37.86 -118.43 -52.58
N ASP SA 92 37.20 -119.31 -51.82
CA ASP SA 92 35.75 -119.22 -51.69
C ASP SA 92 35.33 -118.00 -50.89
N ASN SA 93 35.97 -117.75 -49.74
CA ASN SA 93 35.38 -116.92 -48.70
C ASN SA 93 36.31 -115.80 -48.20
N THR SA 94 37.24 -115.32 -49.03
CA THR SA 94 38.09 -114.21 -48.60
C THR SA 94 37.26 -112.96 -48.32
N SER SA 95 36.31 -112.65 -49.20
CA SER SA 95 35.46 -111.49 -48.99
C SER SA 95 34.68 -111.61 -47.69
N LYS SA 96 34.16 -112.80 -47.41
CA LYS SA 96 33.39 -112.99 -46.20
C LYS SA 96 34.29 -112.94 -44.97
N MET SA 97 35.56 -113.34 -45.09
CA MET SA 97 36.48 -113.20 -43.97
C MET SA 97 36.75 -111.73 -43.66
N LEU SA 98 36.96 -110.92 -44.71
CA LEU SA 98 37.13 -109.49 -44.50
C LEU SA 98 35.86 -108.89 -43.88
N LYS SA 99 34.70 -109.32 -44.35
CA LYS SA 99 33.45 -108.87 -43.76
C LYS SA 99 33.35 -109.30 -42.30
N THR SA 100 33.89 -110.47 -41.97
CA THR SA 100 33.90 -110.91 -40.58
C THR SA 100 34.75 -109.99 -39.71
N HIS SA 101 35.92 -109.61 -40.22
CA HIS SA 101 36.73 -108.62 -39.52
C HIS SA 101 35.96 -107.32 -39.31
N THR SA 102 35.30 -106.84 -40.36
CA THR SA 102 34.57 -105.57 -40.25
C THR SA 102 33.41 -105.70 -39.25
N ASP SA 103 32.70 -106.82 -39.28
CA ASP SA 103 31.59 -107.02 -38.35
C ASP SA 103 32.08 -107.08 -36.91
N SER SA 104 33.19 -107.80 -36.67
CA SER SA 104 33.75 -107.84 -35.33
C SER SA 104 34.15 -106.45 -34.85
N LEU SA 105 34.77 -105.67 -35.73
CA LEU SA 105 35.16 -104.32 -35.35
C LEU SA 105 33.94 -103.45 -35.06
N LYS SA 106 32.89 -103.59 -35.88
CA LYS SA 106 31.74 -102.70 -35.77
C LYS SA 106 30.84 -103.08 -34.60
N GLN SA 107 30.25 -104.28 -34.66
CA GLN SA 107 29.30 -104.70 -33.64
C GLN SA 107 29.96 -105.18 -32.37
N GLY SA 108 31.25 -105.52 -32.42
CA GLY SA 108 31.96 -106.07 -31.28
C GLY SA 108 31.91 -107.57 -31.17
N ASP SA 109 30.98 -108.23 -31.86
CA ASP SA 109 30.86 -109.68 -31.80
C ASP SA 109 30.11 -110.17 -33.02
N CYS SA 110 30.79 -110.94 -33.86
CA CYS SA 110 30.18 -111.59 -35.02
C CYS SA 110 30.34 -113.09 -34.87
N TYR SA 111 29.31 -113.83 -35.27
CA TYR SA 111 29.23 -115.27 -35.09
C TYR SA 111 29.24 -115.94 -36.45
N ILE SA 112 30.16 -116.88 -36.63
CA ILE SA 112 30.44 -117.52 -37.92
C ILE SA 112 30.10 -118.99 -37.82
N TRP SA 113 29.45 -119.52 -38.84
CA TRP SA 113 28.94 -120.88 -38.86
C TRP SA 113 29.29 -121.53 -40.20
N ILE SA 114 29.89 -122.72 -40.14
CA ILE SA 114 30.24 -123.49 -41.33
C ILE SA 114 29.31 -124.69 -41.42
N THR SA 115 28.68 -124.86 -42.59
CA THR SA 115 27.79 -125.97 -42.86
C THR SA 115 28.25 -126.68 -44.12
N ARG SA 116 28.17 -128.01 -44.11
CA ARG SA 116 28.53 -128.83 -45.25
C ARG SA 116 27.27 -129.10 -46.07
N GLU SA 117 27.32 -128.77 -47.36
CA GLU SA 117 26.18 -128.93 -48.27
C GLU SA 117 26.56 -129.90 -49.37
N GLU SA 118 25.76 -130.95 -49.53
CA GLU SA 118 25.90 -131.90 -50.62
C GLU SA 118 24.82 -131.72 -51.69
N ARG SA 119 24.07 -130.63 -51.64
CA ARG SA 119 23.01 -130.41 -52.61
C ARG SA 119 23.60 -130.25 -54.01
N GLU SA 120 22.96 -130.90 -54.98
CA GLU SA 120 23.39 -130.85 -56.38
C GLU SA 120 22.50 -129.86 -57.12
N ASN SA 121 23.11 -128.82 -57.69
CA ASN SA 121 22.43 -127.86 -58.54
C ASN SA 121 23.27 -127.67 -59.79
N PRO SA 122 22.65 -127.25 -60.90
CA PRO SA 122 23.44 -127.08 -62.14
C PRO SA 122 24.51 -126.02 -62.03
N LEU SA 123 24.35 -125.04 -61.15
CA LEU SA 123 25.27 -123.91 -61.10
C LEU SA 123 26.66 -124.34 -60.63
N TYR SA 124 26.79 -125.50 -59.98
CA TYR SA 124 28.07 -126.05 -59.55
C TYR SA 124 28.18 -127.48 -60.03
N PRO SA 125 28.41 -127.69 -61.33
CA PRO SA 125 28.49 -129.08 -61.83
C PRO SA 125 29.62 -129.89 -61.21
N ASP SA 126 30.75 -129.26 -60.91
CA ASP SA 126 31.92 -129.98 -60.40
C ASP SA 126 31.95 -130.07 -58.88
N LYS SA 127 31.54 -129.00 -58.19
CA LYS SA 127 31.65 -128.94 -56.73
C LYS SA 127 30.41 -129.58 -56.12
N LYS SA 128 30.48 -130.91 -55.99
CA LYS SA 128 29.39 -131.66 -55.36
C LYS SA 128 29.24 -131.28 -53.89
N VAL SA 129 30.36 -131.12 -53.19
CA VAL SA 129 30.38 -130.82 -51.76
C VAL SA 129 30.92 -129.40 -51.58
N ARG SA 130 30.18 -128.57 -50.86
CA ARG SA 130 30.57 -127.20 -50.60
C ARG SA 130 30.40 -126.89 -49.12
N LEU SA 131 31.40 -126.20 -48.55
CA LEU SA 131 31.35 -125.76 -47.16
C LEU SA 131 30.84 -124.32 -47.16
N ILE SA 132 29.58 -124.14 -46.77
CA ILE SA 132 28.96 -122.82 -46.81
C ILE SA 132 29.46 -121.99 -45.63
N TYR SA 133 30.02 -120.83 -45.93
CA TYR SA 133 30.51 -119.90 -44.90
C TYR SA 133 29.35 -118.98 -44.56
N ASN SA 134 28.59 -119.34 -43.53
CA ASN SA 134 27.34 -118.67 -43.20
C ASN SA 134 27.53 -117.75 -42.00
N PHE SA 135 27.07 -116.52 -42.13
CA PHE SA 135 27.07 -115.58 -41.02
C PHE SA 135 25.87 -115.83 -40.11
N ILE SA 136 26.03 -115.44 -38.85
CA ILE SA 136 24.92 -115.36 -37.90
C ILE SA 136 24.96 -113.96 -37.31
N SER SA 137 23.84 -113.24 -37.46
CA SER SA 137 23.75 -111.93 -36.84
C SER SA 137 23.78 -112.08 -35.32
N PRO SA 138 24.45 -111.17 -34.60
CA PRO SA 138 24.55 -111.36 -33.14
C PRO SA 138 23.23 -111.24 -32.42
N GLU SA 139 22.21 -110.64 -33.04
CA GLU SA 139 20.88 -110.63 -32.43
C GLU SA 139 20.21 -111.99 -32.52
N GLU SA 140 20.57 -112.79 -33.52
CA GLU SA 140 19.95 -114.11 -33.65
C GLU SA 140 20.30 -115.00 -32.46
N VAL SA 141 21.57 -115.02 -32.05
CA VAL SA 141 21.99 -115.84 -30.94
C VAL SA 141 21.47 -115.19 -29.66
N LYS SA 142 20.43 -115.79 -29.08
CA LYS SA 142 19.85 -115.25 -27.86
C LYS SA 142 20.71 -115.54 -26.64
N GLU SA 143 21.49 -116.62 -26.69
CA GLU SA 143 22.34 -117.01 -25.57
C GLU SA 143 23.25 -118.14 -26.03
N ILE SA 144 24.42 -118.24 -25.39
CA ILE SA 144 25.37 -119.31 -25.61
C ILE SA 144 25.63 -119.97 -24.26
N ILE SA 145 25.52 -121.31 -24.23
CA ILE SA 145 25.75 -122.08 -23.02
C ILE SA 145 27.23 -122.41 -22.94
N LEU SA 146 27.86 -122.07 -21.82
CA LEU SA 146 29.29 -122.27 -21.61
C LEU SA 146 29.53 -123.32 -20.54
N ASP SA 147 30.55 -124.14 -20.75
CA ASP SA 147 31.01 -125.05 -19.71
C ASP SA 147 31.59 -124.21 -18.59
N PRO SA 148 31.07 -124.30 -17.34
CA PRO SA 148 31.54 -123.34 -16.31
C PRO SA 148 33.01 -123.44 -15.98
N THR SA 149 33.59 -124.65 -15.98
CA THR SA 149 34.99 -124.78 -15.56
C THR SA 149 35.94 -124.31 -16.66
N THR SA 150 35.61 -124.58 -17.92
CA THR SA 150 36.47 -124.20 -19.04
C THR SA 150 35.99 -122.94 -19.76
N LYS SA 151 34.74 -122.53 -19.56
CA LYS SA 151 34.13 -121.41 -20.27
C LYS SA 151 34.06 -121.65 -21.77
N GLU SA 152 34.13 -122.90 -22.20
CA GLU SA 152 33.99 -123.24 -23.62
C GLU SA 152 32.50 -123.27 -23.98
N PRO SA 153 32.08 -122.68 -25.09
CA PRO SA 153 30.65 -122.72 -25.42
C PRO SA 153 30.22 -124.13 -25.80
N ILE SA 154 29.23 -124.65 -25.07
CA ILE SA 154 28.70 -125.99 -25.29
C ILE SA 154 27.38 -125.99 -26.05
N ALA SA 155 26.70 -124.85 -26.17
CA ALA SA 155 25.49 -124.79 -26.97
C ALA SA 155 25.17 -123.35 -27.29
N TYR SA 156 24.43 -123.15 -28.38
CA TYR SA 156 24.03 -121.83 -28.87
C TYR SA 156 22.52 -121.76 -28.97
N ILE SA 157 21.95 -120.63 -28.56
CA ILE SA 157 20.51 -120.41 -28.56
C ILE SA 157 20.22 -119.39 -29.67
N LEU SA 158 19.79 -119.88 -30.82
CA LEU SA 158 19.49 -119.04 -31.98
C LEU SA 158 17.98 -118.83 -32.07
N GLU SA 159 17.58 -117.59 -32.35
CA GLU SA 159 16.17 -117.23 -32.43
C GLU SA 159 16.02 -116.11 -33.44
N SER SA 160 15.06 -116.27 -34.36
CA SER SA 160 14.93 -115.33 -35.47
C SER SA 160 13.57 -115.46 -36.12
N GLN SA 161 12.93 -114.32 -36.41
CA GLN SA 161 11.73 -114.32 -37.24
C GLN SA 161 12.12 -114.30 -38.71
N ASN SA 162 11.56 -115.21 -39.48
CA ASN SA 162 11.79 -115.31 -40.92
C ASN SA 162 10.47 -114.96 -41.61
N GLU SA 163 10.34 -113.69 -42.01
CA GLU SA 163 9.20 -113.23 -42.79
C GLU SA 163 9.57 -113.29 -44.26
N TRP SA 164 8.77 -114.01 -45.04
CA TRP SA 164 9.07 -114.25 -46.44
C TRP SA 164 7.76 -114.49 -47.18
N THR SA 165 7.80 -114.30 -48.49
CA THR SA 165 6.64 -114.50 -49.36
C THR SA 165 6.81 -115.78 -50.15
N ASP SA 166 5.72 -116.53 -50.29
CA ASP SA 166 5.69 -117.70 -51.16
C ASP SA 166 6.07 -117.28 -52.59
N LEU SA 167 6.54 -118.26 -53.37
CA LEU SA 167 6.87 -118.02 -54.76
C LEU SA 167 5.67 -117.48 -55.56
N GLY SA 168 4.46 -117.72 -55.08
CA GLY SA 168 3.30 -116.99 -55.57
C GLY SA 168 3.24 -115.61 -54.94
N GLU SA 169 2.06 -115.20 -54.50
CA GLU SA 169 1.82 -113.89 -53.90
C GLU SA 169 1.25 -114.01 -52.49
N ASN SA 170 1.79 -114.95 -51.70
CA ASN SA 170 1.30 -115.25 -50.37
C ASN SA 170 2.40 -114.99 -49.35
N LYS SA 171 2.03 -114.29 -48.27
CA LYS SA 171 2.99 -113.96 -47.22
C LYS SA 171 3.17 -115.14 -46.27
N ARG SA 172 4.39 -115.28 -45.74
CA ARG SA 172 4.72 -116.33 -44.80
C ARG SA 172 5.56 -115.76 -43.67
N LYS SA 173 5.10 -115.96 -42.45
CA LYS SA 173 5.81 -115.58 -41.23
C LYS SA 173 6.16 -116.84 -40.45
N ALA SA 174 7.37 -116.89 -39.91
CA ALA SA 174 7.85 -118.09 -39.24
C ALA SA 174 8.91 -117.70 -38.23
N LYS SA 175 8.57 -117.79 -36.95
CA LYS SA 175 9.53 -117.57 -35.86
C LYS SA 175 10.22 -118.89 -35.57
N VAL SA 176 11.45 -119.03 -36.05
CA VAL SA 176 12.26 -120.23 -35.87
C VAL SA 176 13.25 -120.01 -34.74
N LYS SA 177 13.31 -120.95 -33.81
CA LYS SA 177 14.32 -121.01 -32.78
C LYS SA 177 14.97 -122.38 -32.82
N GLN SA 178 16.29 -122.42 -32.70
CA GLN SA 178 17.03 -123.66 -32.81
C GLN SA 178 18.22 -123.65 -31.86
N ILE SA 179 18.51 -124.83 -31.31
CA ILE SA 179 19.62 -125.03 -30.38
C ILE SA 179 20.66 -125.90 -31.09
N ILE SA 180 21.88 -125.39 -31.19
CA ILE SA 180 23.00 -126.11 -31.78
C ILE SA 180 23.86 -126.65 -30.64
N THR SA 181 24.19 -127.93 -30.71
CA THR SA 181 25.06 -128.58 -29.74
C THR SA 181 26.07 -129.43 -30.48
N ALA SA 182 27.19 -129.74 -29.80
CA ALA SA 182 28.21 -130.58 -30.39
C ALA SA 182 27.67 -131.95 -30.76
N GLU SA 183 26.72 -132.46 -29.98
CA GLU SA 183 26.13 -133.77 -30.24
C GLU SA 183 25.05 -133.73 -31.32
N SER SA 184 24.19 -132.72 -31.30
CA SER SA 184 23.05 -132.70 -32.22
C SER SA 184 22.54 -131.27 -32.38
N ARG SA 185 21.75 -131.09 -33.42
CA ARG SA 185 21.06 -129.84 -33.74
C ARG SA 185 19.58 -130.01 -33.46
N PHE SA 186 19.00 -129.09 -32.70
CA PHE SA 186 17.57 -129.07 -32.41
C PHE SA 186 16.96 -127.80 -33.00
N VAL SA 187 15.89 -127.97 -33.77
CA VAL SA 187 15.24 -126.87 -34.49
C VAL SA 187 13.73 -127.04 -34.41
N GLU SA 188 13.03 -125.93 -34.16
CA GLU SA 188 11.59 -125.88 -34.18
C GLU SA 188 11.16 -124.52 -34.73
N VAL SA 189 9.97 -124.49 -35.33
CA VAL SA 189 9.43 -123.28 -35.95
C VAL SA 189 8.02 -123.05 -35.45
N GLU SA 190 7.68 -121.79 -35.22
CA GLU SA 190 6.37 -121.36 -34.76
C GLU SA 190 5.78 -120.44 -35.83
N GLY SA 191 5.10 -121.02 -36.80
CA GLY SA 191 4.48 -120.26 -37.86
C GLY SA 191 4.36 -121.11 -39.12
N ASP SA 192 4.43 -120.44 -40.26
CA ASP SA 192 4.28 -121.10 -41.55
C ASP SA 192 5.42 -122.07 -41.79
N LYS SA 193 5.11 -123.18 -42.46
CA LYS SA 193 6.09 -124.22 -42.72
C LYS SA 193 7.16 -123.72 -43.68
N ILE SA 194 8.40 -124.16 -43.44
CA ILE SA 194 9.53 -123.93 -44.33
C ILE SA 194 10.08 -125.30 -44.72
N GLU SA 195 10.19 -125.54 -46.02
CA GLU SA 195 10.64 -126.84 -46.50
C GLU SA 195 12.09 -127.11 -46.08
N GLY SA 196 12.93 -126.07 -46.10
CA GLY SA 196 14.35 -126.26 -45.85
C GLY SA 196 14.69 -126.77 -44.47
N LEU SA 197 13.87 -126.45 -43.47
CA LEU SA 197 14.15 -126.77 -42.07
C LEU SA 197 13.32 -127.98 -41.65
N GLU SA 198 14.00 -128.99 -41.09
CA GLU SA 198 13.37 -130.22 -40.63
C GLU SA 198 13.24 -130.13 -39.11
N GLU SA 199 12.01 -129.98 -38.62
CA GLU SA 199 11.78 -129.74 -37.21
C GLU SA 199 12.26 -130.91 -36.36
N GLY SA 200 12.58 -130.61 -35.10
CA GLY SA 200 13.05 -131.61 -34.17
C GLY SA 200 14.54 -131.80 -34.24
N GLU SA 201 15.02 -132.69 -33.38
CA GLU SA 201 16.46 -132.96 -33.30
C GLU SA 201 16.93 -133.68 -34.55
N THR SA 202 18.15 -133.34 -34.99
CA THR SA 202 18.83 -134.02 -36.07
C THR SA 202 20.30 -134.16 -35.65
N PRO SA 203 20.93 -135.31 -35.90
CA PRO SA 203 22.25 -135.55 -35.31
C PRO SA 203 23.33 -134.69 -35.94
N ASN SA 204 24.38 -134.45 -35.16
CA ASN SA 204 25.56 -133.74 -35.62
C ASN SA 204 26.56 -134.75 -36.19
N VAL SA 205 26.94 -134.56 -37.45
CA VAL SA 205 27.88 -135.49 -38.09
C VAL SA 205 29.24 -135.50 -37.41
N TRP SA 206 29.61 -134.40 -36.74
CA TRP SA 206 30.83 -134.33 -35.96
C TRP SA 206 30.48 -133.91 -34.54
N GLY SA 207 31.35 -134.26 -33.60
CA GLY SA 207 31.09 -133.99 -32.20
C GLY SA 207 31.67 -132.68 -31.71
N PHE SA 208 31.54 -131.63 -32.53
CA PHE SA 208 31.89 -130.28 -32.10
C PHE SA 208 30.86 -129.31 -32.66
N ILE SA 209 30.74 -128.17 -32.02
CA ILE SA 209 29.76 -127.16 -32.44
C ILE SA 209 30.28 -126.47 -33.70
N PRO SA 210 29.53 -126.42 -34.80
CA PRO SA 210 30.08 -125.86 -36.04
C PRO SA 210 30.12 -124.34 -36.09
N ILE SA 211 29.83 -123.64 -34.98
CA ILE SA 211 29.86 -122.19 -34.91
C ILE SA 211 31.20 -121.76 -34.30
N ILE SA 212 31.73 -120.64 -34.79
CA ILE SA 212 32.95 -120.03 -34.28
C ILE SA 212 32.61 -118.61 -33.86
N HIS SA 213 33.00 -118.25 -32.64
CA HIS SA 213 32.73 -116.94 -32.08
C HIS SA 213 33.93 -116.04 -32.32
N PHE SA 214 33.71 -114.95 -33.04
CA PHE SA 214 34.72 -113.91 -33.24
C PHE SA 214 34.46 -112.78 -32.26
N LYS SA 215 35.35 -112.65 -31.28
CA LYS SA 215 35.19 -111.73 -30.16
C LYS SA 215 36.16 -110.58 -30.33
N ASN SA 216 35.62 -109.39 -30.58
CA ASN SA 216 36.45 -108.20 -30.73
C ASN SA 216 36.81 -107.63 -29.37
N GLU SA 217 38.10 -107.37 -29.17
CA GLU SA 217 38.63 -106.84 -27.91
C GLU SA 217 38.16 -107.70 -26.74
N ALA SA 218 38.42 -109.00 -26.86
CA ALA SA 218 37.95 -109.95 -25.86
C ALA SA 218 38.56 -109.62 -24.50
N ASP SA 219 37.75 -109.81 -23.45
CA ASP SA 219 38.18 -109.56 -22.08
C ASP SA 219 37.77 -110.75 -21.22
N GLU SA 220 38.65 -111.08 -20.26
CA GLU SA 220 38.38 -112.23 -19.40
C GLU SA 220 37.24 -111.99 -18.44
N THR SA 221 36.83 -110.73 -18.24
CA THR SA 221 35.70 -110.39 -17.38
C THR SA 221 34.41 -110.16 -18.15
N LEU SA 222 34.42 -110.32 -19.48
CA LEU SA 222 33.23 -110.14 -20.32
C LEU SA 222 32.95 -111.42 -21.09
N LYS SA 223 31.68 -111.83 -21.09
CA LYS SA 223 31.29 -113.00 -21.86
C LYS SA 223 31.45 -112.76 -23.35
N TYR SA 224 31.00 -111.60 -23.83
CA TYR SA 224 30.99 -111.26 -25.24
C TYR SA 224 32.12 -110.29 -25.56
N GLY SA 225 32.23 -109.95 -26.83
CA GLY SA 225 33.15 -108.91 -27.28
C GLY SA 225 32.57 -107.54 -27.04
N GLN SA 226 33.18 -106.55 -27.69
CA GLN SA 226 32.79 -105.16 -27.51
C GLN SA 226 33.27 -104.33 -28.69
N SER SA 227 32.41 -103.41 -29.13
CA SER SA 227 32.65 -102.63 -30.32
C SER SA 227 33.69 -101.56 -30.09
N ASP SA 228 34.42 -101.22 -31.13
CA ASP SA 228 35.34 -100.08 -31.08
C ASP SA 228 34.61 -98.75 -31.02
N ILE SA 229 33.30 -98.72 -31.25
CA ILE SA 229 32.52 -97.50 -31.08
C ILE SA 229 32.29 -97.17 -29.62
N GLU SA 230 32.33 -98.18 -28.73
CA GLU SA 230 32.01 -97.94 -27.32
C GLU SA 230 32.95 -96.94 -26.65
N PRO SA 231 34.28 -97.06 -26.77
CA PRO SA 231 35.15 -96.03 -26.15
C PRO SA 231 34.91 -94.63 -26.66
N ILE SA 232 34.62 -94.47 -27.96
CA ILE SA 232 34.43 -93.15 -28.54
C ILE SA 232 33.01 -92.63 -28.43
N GLU SA 233 32.04 -93.49 -28.08
CA GLU SA 233 30.62 -93.13 -28.12
C GLU SA 233 30.27 -91.88 -27.33
N PRO SA 234 30.68 -91.72 -26.06
CA PRO SA 234 30.35 -90.45 -25.38
C PRO SA 234 30.98 -89.24 -26.02
N LEU SA 235 32.19 -89.39 -26.57
CA LEU SA 235 32.79 -88.30 -27.31
C LEU SA 235 31.98 -87.98 -28.57
N LEU SA 236 31.45 -89.02 -29.22
CA LEU SA 236 30.56 -88.77 -30.36
C LEU SA 236 29.31 -88.01 -29.92
N LYS SA 237 28.76 -88.36 -28.76
CA LYS SA 237 27.57 -87.68 -28.27
C LYS SA 237 27.88 -86.21 -27.99
N ALA SA 238 28.99 -85.94 -27.32
CA ALA SA 238 29.35 -84.56 -27.01
C ALA SA 238 29.64 -83.78 -28.29
N TYR SA 239 30.32 -84.40 -29.25
CA TYR SA 239 30.59 -83.75 -30.52
C TYR SA 239 29.30 -83.42 -31.25
N HIS SA 240 28.36 -84.35 -31.26
CA HIS SA 240 27.06 -84.10 -31.88
C HIS SA 240 26.34 -82.95 -31.19
N ASP SA 241 26.34 -82.93 -29.86
CA ASP SA 241 25.66 -81.87 -29.13
C ASP SA 241 26.27 -80.52 -29.43
N VAL SA 242 27.61 -80.45 -29.42
CA VAL SA 242 28.29 -79.18 -29.69
C VAL SA 242 28.01 -78.72 -31.10
N MET SA 243 28.10 -79.62 -32.08
CA MET SA 243 27.87 -79.23 -33.47
C MET SA 243 26.43 -78.80 -33.68
N LEU SA 244 25.46 -79.52 -33.11
CA LEU SA 244 24.07 -79.14 -33.32
C LEU SA 244 23.75 -77.81 -32.65
N HIS SA 245 24.25 -77.60 -31.44
CA HIS SA 245 24.05 -76.31 -30.78
C HIS SA 245 24.70 -75.18 -31.57
N ALA SA 246 25.89 -75.45 -32.12
CA ALA SA 246 26.55 -74.45 -32.96
C ALA SA 246 25.74 -74.13 -34.21
N LEU SA 247 25.21 -75.17 -34.87
CA LEU SA 247 24.43 -74.94 -36.08
C LEU SA 247 23.15 -74.17 -35.77
N LYS SA 248 22.48 -74.51 -34.67
CA LYS SA 248 21.28 -73.77 -34.30
C LYS SA 248 21.61 -72.33 -33.97
N GLY SA 249 22.70 -72.08 -33.24
CA GLY SA 249 23.08 -70.72 -32.94
C GLY SA 249 23.42 -69.91 -34.18
N SER SA 250 24.13 -70.54 -35.12
CA SER SA 250 24.44 -69.86 -36.38
C SER SA 250 23.16 -69.52 -37.14
N LYS SA 251 22.26 -70.50 -37.29
CA LYS SA 251 21.02 -70.25 -38.01
C LYS SA 251 20.20 -69.16 -37.34
N MET SA 252 20.25 -69.09 -36.01
CA MET SA 252 19.47 -68.09 -35.29
C MET SA 252 20.07 -66.70 -35.42
N HIS SA 253 21.40 -66.59 -35.39
CA HIS SA 253 22.07 -65.32 -35.18
C HIS SA 253 23.21 -65.00 -36.14
N SER SA 254 23.61 -65.90 -37.03
CA SER SA 254 24.72 -65.60 -37.93
C SER SA 254 24.35 -64.44 -38.86
N THR SA 255 23.22 -64.54 -39.53
CA THR SA 255 22.81 -63.47 -40.43
C THR SA 255 22.42 -62.24 -39.60
N PRO SA 256 22.89 -61.04 -39.95
CA PRO SA 256 22.58 -59.89 -39.09
C PRO SA 256 21.12 -59.50 -39.18
N LYS SA 257 20.63 -58.87 -38.11
CA LYS SA 257 19.24 -58.45 -37.97
C LYS SA 257 19.19 -56.93 -38.03
N LEU SA 258 18.51 -56.41 -39.04
CA LEU SA 258 18.39 -54.96 -39.20
C LEU SA 258 17.40 -54.41 -38.19
N LYS SA 259 17.78 -53.33 -37.50
CA LYS SA 259 16.89 -52.60 -36.61
C LYS SA 259 16.54 -51.26 -37.24
N LEU SA 260 15.30 -50.83 -37.06
CA LEU SA 260 14.87 -49.49 -37.42
C LEU SA 260 14.17 -48.89 -36.22
N LYS SA 261 14.73 -47.79 -35.70
CA LYS SA 261 14.16 -47.09 -34.55
C LYS SA 261 13.18 -46.04 -35.09
N LEU SA 262 12.12 -46.53 -35.71
CA LEU SA 262 11.17 -45.68 -36.40
C LEU SA 262 10.40 -44.79 -35.44
N THR SA 263 9.99 -43.63 -35.94
CA THR SA 263 9.13 -42.74 -35.16
C THR SA 263 7.75 -43.36 -34.96
N ASP SA 264 7.22 -44.03 -35.97
CA ASP SA 264 5.90 -44.66 -35.91
C ASP SA 264 5.97 -45.93 -36.74
N VAL SA 265 6.04 -47.08 -36.07
CA VAL SA 265 6.29 -48.34 -36.77
C VAL SA 265 5.12 -48.69 -37.68
N ALA SA 266 3.88 -48.51 -37.19
CA ALA SA 266 2.72 -48.93 -37.96
C ALA SA 266 2.61 -48.16 -39.28
N SER SA 267 2.83 -46.85 -39.23
CA SER SA 267 2.78 -46.05 -40.45
C SER SA 267 3.83 -46.50 -41.45
N PHE SA 268 5.05 -46.76 -40.98
CA PHE SA 268 6.12 -47.19 -41.87
C PHE SA 268 5.78 -48.53 -42.51
N LEU SA 269 5.28 -49.49 -41.72
CA LEU SA 269 4.91 -50.79 -42.26
C LEU SA 269 3.82 -50.65 -43.30
N ALA SA 270 2.77 -49.89 -42.99
CA ALA SA 270 1.66 -49.73 -43.92
C ALA SA 270 2.10 -49.06 -45.21
N HIS SA 271 2.92 -48.01 -45.11
CA HIS SA 271 3.36 -47.31 -46.31
C HIS SA 271 4.26 -48.18 -47.16
N ASN SA 272 5.28 -48.79 -46.56
CA ASN SA 272 6.30 -49.48 -47.35
C ASN SA 272 5.85 -50.87 -47.75
N PHE SA 273 5.56 -51.74 -46.79
CA PHE SA 273 5.29 -53.14 -47.05
C PHE SA 273 3.81 -53.44 -47.23
N GLY SA 274 2.94 -52.44 -47.18
CA GLY SA 274 1.52 -52.67 -47.33
C GLY SA 274 0.93 -53.57 -46.27
N VAL SA 275 1.52 -53.60 -45.08
CA VAL SA 275 1.08 -54.46 -44.00
C VAL SA 275 0.09 -53.63 -43.20
N GLU SA 276 -1.19 -53.71 -43.57
CA GLU SA 276 -2.21 -52.89 -42.93
C GLU SA 276 -2.39 -53.27 -41.46
N ASP SA 277 -2.30 -54.57 -41.15
CA ASP SA 277 -2.55 -55.10 -39.81
C ASP SA 277 -1.29 -55.86 -39.37
N PRO SA 278 -0.31 -55.18 -38.74
CA PRO SA 278 0.94 -55.88 -38.42
C PRO SA 278 0.77 -57.03 -37.44
N VAL SA 279 -0.16 -56.92 -36.49
CA VAL SA 279 -0.32 -58.00 -35.52
C VAL SA 279 -0.77 -59.28 -36.21
N LYS SA 280 -1.73 -59.18 -37.15
CA LYS SA 280 -2.13 -60.34 -37.91
C LYS SA 280 -0.99 -60.83 -38.79
N PHE SA 281 -0.19 -59.90 -39.32
CA PHE SA 281 0.95 -60.28 -40.15
C PHE SA 281 1.93 -61.13 -39.36
N ALA SA 282 2.18 -60.77 -38.10
CA ALA SA 282 3.06 -61.57 -37.26
C ALA SA 282 2.41 -62.90 -36.88
N LYS SA 283 1.15 -62.86 -36.45
CA LYS SA 283 0.46 -64.09 -36.05
C LYS SA 283 0.31 -65.04 -37.23
N GLU SA 284 -0.05 -64.51 -38.40
CA GLU SA 284 -0.12 -65.33 -39.60
C GLU SA 284 1.24 -65.86 -40.03
N GLY SA 285 2.33 -65.22 -39.59
CA GLY SA 285 3.65 -65.64 -40.00
C GLY SA 285 4.09 -65.10 -41.35
N GLY SA 286 3.52 -63.99 -41.79
CA GLY SA 286 3.94 -63.41 -43.06
C GLY SA 286 5.38 -62.92 -43.00
N LYS SA 287 6.03 -62.95 -44.15
CA LYS SA 287 7.44 -62.60 -44.28
C LYS SA 287 7.61 -61.51 -45.31
N ILE SA 288 8.28 -60.43 -44.92
CA ILE SA 288 8.53 -59.32 -45.84
C ILE SA 288 9.54 -59.75 -46.89
N ASN SA 289 9.38 -59.23 -48.11
CA ASN SA 289 10.26 -59.55 -49.22
C ASN SA 289 11.09 -58.33 -49.60
N LEU SA 290 12.41 -58.51 -49.65
CA LEU SA 290 13.34 -57.46 -50.04
C LEU SA 290 14.30 -58.00 -51.09
N ASP SA 291 14.53 -57.19 -52.13
CA ASP SA 291 15.46 -57.57 -53.18
C ASP SA 291 16.91 -57.60 -52.71
N GLY SA 292 17.24 -56.87 -51.65
CA GLY SA 292 18.60 -56.74 -51.18
C GLY SA 292 19.15 -55.36 -51.47
N HIS SA 293 18.86 -54.84 -52.66
CA HIS SA 293 19.20 -53.46 -53.02
C HIS SA 293 18.11 -52.53 -52.49
N GLU SA 294 18.36 -51.98 -51.31
CA GLU SA 294 17.46 -51.05 -50.66
C GLU SA 294 18.17 -49.76 -50.30
N ILE SA 295 17.39 -48.68 -50.22
CA ILE SA 295 17.85 -47.38 -49.78
C ILE SA 295 16.84 -46.84 -48.78
N LEU SA 296 17.34 -46.16 -47.75
CA LEU SA 296 16.53 -45.74 -46.61
C LEU SA 296 16.44 -44.22 -46.60
N PHE SA 297 15.21 -43.71 -46.72
CA PHE SA 297 14.91 -42.29 -46.52
C PHE SA 297 14.16 -42.16 -45.20
N LEU SA 298 14.84 -41.66 -44.18
CA LEU SA 298 14.32 -41.60 -42.83
C LEU SA 298 14.22 -40.16 -42.35
N ASN SA 299 13.29 -39.94 -41.42
CA ASN SA 299 13.18 -38.65 -40.78
C ASN SA 299 14.37 -38.44 -39.83
N LYS SA 300 14.40 -37.27 -39.18
CA LYS SA 300 15.57 -36.92 -38.38
C LYS SA 300 15.69 -37.81 -37.15
N ASP SA 301 14.60 -38.00 -36.42
CA ASP SA 301 14.67 -38.71 -35.15
C ASP SA 301 14.87 -40.21 -35.33
N GLU SA 302 14.45 -40.77 -36.46
CA GLU SA 302 14.58 -42.20 -36.67
C GLU SA 302 16.04 -42.58 -36.89
N GLU SA 303 16.31 -43.87 -36.82
CA GLU SA 303 17.66 -44.41 -36.99
C GLU SA 303 17.57 -45.77 -37.66
N ALA SA 304 18.70 -46.22 -38.20
CA ALA SA 304 18.81 -47.54 -38.81
C ALA SA 304 20.21 -48.08 -38.56
N GLU SA 305 20.28 -49.30 -38.04
CA GLU SA 305 21.55 -49.94 -37.72
C GLU SA 305 21.39 -51.44 -37.92
N PHE SA 306 22.52 -52.13 -37.97
CA PHE SA 306 22.55 -53.59 -38.00
C PHE SA 306 22.90 -54.12 -36.62
N VAL SA 307 22.03 -54.98 -36.09
CA VAL SA 307 22.30 -55.70 -34.86
C VAL SA 307 22.91 -57.05 -35.25
N GLU SA 308 24.17 -57.25 -34.90
CA GLU SA 308 24.92 -58.40 -35.40
C GLU SA 308 25.94 -58.84 -34.36
N VAL SA 309 26.48 -60.04 -34.58
CA VAL SA 309 27.30 -60.73 -33.61
C VAL SA 309 28.73 -60.81 -34.13
N LYS SA 310 29.69 -60.71 -33.21
CA LYS SA 310 31.08 -60.93 -33.59
C LYS SA 310 31.27 -62.36 -34.08
N SER SA 311 30.67 -63.33 -33.39
CA SER SA 311 30.71 -64.72 -33.84
C SER SA 311 29.55 -65.45 -33.17
N ALA SA 312 28.60 -65.91 -33.97
CA ALA SA 312 27.48 -66.65 -33.41
C ALA SA 312 27.94 -67.96 -32.77
N ILE SA 313 28.95 -68.60 -33.34
CA ILE SA 313 29.45 -69.86 -32.81
C ILE SA 313 30.03 -69.66 -31.41
N GLY SA 314 30.81 -68.59 -31.23
CA GLY SA 314 31.47 -68.35 -29.97
C GLY SA 314 32.80 -69.04 -29.89
N ASP SA 315 32.84 -70.20 -29.20
CA ASP SA 315 34.07 -70.96 -29.00
C ASP SA 315 33.95 -72.40 -29.47
N ALA SA 316 32.83 -72.79 -30.10
CA ALA SA 316 32.53 -74.20 -30.30
C ALA SA 316 33.55 -74.90 -31.18
N LYS SA 317 34.25 -74.16 -32.05
CA LYS SA 317 35.26 -74.80 -32.88
C LYS SA 317 36.41 -75.34 -32.03
N GLU SA 318 36.81 -74.60 -30.99
CA GLU SA 318 37.87 -75.08 -30.13
C GLU SA 318 37.46 -76.33 -29.38
N LEU SA 319 36.22 -76.37 -28.90
CA LEU SA 319 35.71 -77.58 -28.24
C LEU SA 319 35.70 -78.74 -29.22
N LEU SA 320 35.29 -78.48 -30.47
CA LEU SA 320 35.26 -79.54 -31.47
C LEU SA 320 36.66 -80.06 -31.76
N LYS SA 321 37.65 -79.15 -31.81
CA LYS SA 321 39.03 -79.61 -32.01
C LYS SA 321 39.49 -80.47 -30.84
N LEU SA 322 39.17 -80.06 -29.60
CA LEU SA 322 39.57 -80.85 -28.45
C LEU SA 322 38.92 -82.22 -28.47
N LEU SA 323 37.62 -82.27 -28.78
CA LEU SA 323 36.94 -83.56 -28.84
C LEU SA 323 37.44 -84.41 -29.98
N PHE SA 324 37.84 -83.79 -31.10
CA PHE SA 324 38.42 -84.54 -32.20
C PHE SA 324 39.77 -85.15 -31.80
N TYR SA 325 40.59 -84.39 -31.09
CA TYR SA 325 41.84 -84.93 -30.58
C TYR SA 325 41.58 -86.09 -29.63
N CYS SA 326 40.58 -85.94 -28.75
CA CYS SA 326 40.25 -87.03 -27.84
C CYS SA 326 39.77 -88.25 -28.60
N ILE SA 327 39.00 -88.05 -29.66
CA ILE SA 327 38.46 -89.18 -30.42
C ILE SA 327 39.58 -89.93 -31.13
N VAL SA 328 40.45 -89.20 -31.83
CA VAL SA 328 41.52 -89.88 -32.57
C VAL SA 328 42.53 -90.48 -31.61
N ASP SA 329 42.66 -89.92 -30.40
CA ASP SA 329 43.49 -90.57 -29.39
C ASP SA 329 42.87 -91.86 -28.90
N VAL SA 330 41.56 -91.84 -28.62
CA VAL SA 330 40.88 -92.99 -28.02
C VAL SA 330 40.95 -94.19 -28.96
N SER SA 331 40.58 -93.99 -30.22
CA SER SA 331 40.68 -95.03 -31.22
C SER SA 331 42.12 -95.34 -31.62
N GLU SA 332 43.09 -94.53 -31.17
CA GLU SA 332 44.48 -94.54 -31.62
C GLU SA 332 44.57 -94.72 -33.13
N THR SA 333 43.72 -94.02 -33.86
CA THR SA 333 43.79 -94.02 -35.31
C THR SA 333 44.99 -93.17 -35.73
N PRO SA 334 45.92 -93.70 -36.55
CA PRO SA 334 46.97 -92.84 -37.06
C PRO SA 334 46.42 -91.66 -37.84
N GLU SA 335 47.13 -90.55 -37.76
CA GLU SA 335 46.53 -89.23 -37.92
C GLU SA 335 46.37 -88.83 -39.39
N PHE SA 336 47.01 -89.53 -40.31
CA PHE SA 336 46.76 -89.26 -41.72
C PHE SA 336 45.35 -89.64 -42.13
N ILE SA 337 44.67 -90.50 -41.37
CA ILE SA 337 43.30 -90.89 -41.70
C ILE SA 337 42.39 -89.67 -41.63
N PHE SA 338 42.63 -88.78 -40.67
CA PHE SA 338 41.84 -87.57 -40.48
C PHE SA 338 42.64 -86.33 -40.88
N GLY SA 339 43.41 -86.44 -41.97
CA GLY SA 339 44.30 -85.37 -42.35
C GLY SA 339 43.62 -84.10 -42.82
N VAL SA 340 42.30 -84.14 -43.07
CA VAL SA 340 41.60 -82.92 -43.44
C VAL SA 340 41.60 -81.95 -42.27
N HIS SA 341 41.49 -82.47 -41.04
CA HIS SA 341 41.60 -81.62 -39.87
C HIS SA 341 43.02 -81.09 -39.70
N THR SA 342 44.02 -81.91 -40.04
CA THR SA 342 45.44 -81.58 -39.86
C THR SA 342 46.17 -81.86 -41.18
N PRO SA 343 46.11 -80.93 -42.13
CA PRO SA 343 46.76 -81.18 -43.43
C PRO SA 343 48.26 -81.41 -43.35
N SER SA 344 48.92 -81.01 -42.25
CA SER SA 344 50.35 -81.26 -42.10
C SER SA 344 50.67 -82.75 -42.13
N ALA SA 345 49.74 -83.58 -41.63
CA ALA SA 345 49.99 -85.03 -41.60
C ALA SA 345 50.15 -85.62 -42.99
N LEU SA 346 49.55 -85.01 -44.01
CA LEU SA 346 49.62 -85.55 -45.36
C LEU SA 346 51.00 -85.47 -45.99
N ALA SA 347 51.94 -84.76 -45.36
CA ALA SA 347 53.28 -84.63 -45.93
C ALA SA 347 53.97 -85.98 -46.05
N SER SA 348 53.79 -86.86 -45.06
CA SER SA 348 54.46 -88.16 -45.07
C SER SA 348 53.58 -89.17 -44.34
N VAL SA 349 52.77 -89.91 -45.11
CA VAL SA 349 52.08 -91.07 -44.57
C VAL SA 349 53.06 -92.18 -44.26
N LYS SA 350 54.10 -92.32 -45.10
CA LYS SA 350 55.11 -93.35 -44.89
C LYS SA 350 55.81 -93.17 -43.55
N GLU SA 351 55.93 -91.92 -43.08
CA GLU SA 351 56.53 -91.69 -41.77
C GLU SA 351 55.63 -92.20 -40.65
N GLN SA 352 54.31 -92.09 -40.81
CA GLN SA 352 53.37 -92.57 -39.80
C GLN SA 352 52.99 -94.03 -39.96
N MET SA 353 53.45 -94.70 -41.02
CA MET SA 353 53.13 -96.10 -41.23
C MET SA 353 53.47 -97.00 -40.05
N PRO SA 354 54.58 -96.81 -39.33
CA PRO SA 354 54.81 -97.64 -38.13
C PRO SA 354 53.70 -97.59 -37.10
N ILE SA 355 52.97 -96.48 -36.98
CA ILE SA 355 51.87 -96.43 -36.01
C ILE SA 355 50.74 -97.34 -36.46
N MET SA 356 50.38 -97.27 -37.75
CA MET SA 356 49.40 -98.22 -38.29
C MET SA 356 49.89 -99.65 -38.09
N VAL SA 357 51.18 -99.89 -38.32
CA VAL SA 357 51.73 -101.23 -38.19
C VAL SA 357 51.57 -101.74 -36.77
N ASN SA 358 51.86 -100.88 -35.79
CA ASN SA 358 51.70 -101.27 -34.39
C ASN SA 358 50.26 -101.56 -34.04
N LYS SA 359 49.34 -100.71 -34.49
CA LYS SA 359 47.92 -100.94 -34.21
C LYS SA 359 47.45 -102.25 -34.82
N ILE SA 360 47.88 -102.54 -36.05
CA ILE SA 360 47.46 -103.76 -36.71
C ILE SA 360 48.12 -104.98 -36.05
N ARG SA 361 49.36 -104.84 -35.58
CA ARG SA 361 49.99 -105.89 -34.79
C ARG SA 361 49.13 -106.23 -33.58
N ARG SA 362 48.69 -105.22 -32.85
CA ARG SA 362 47.88 -105.47 -31.67
C ARG SA 362 46.54 -106.08 -32.04
N LYS SA 363 45.92 -105.61 -33.13
CA LYS SA 363 44.56 -106.03 -33.46
C LYS SA 363 44.48 -107.42 -34.06
N ARG SA 364 45.47 -107.82 -34.87
CA ARG SA 364 45.39 -109.10 -35.56
C ARG SA 364 45.41 -110.27 -34.58
N GLU SA 365 46.22 -110.15 -33.52
CA GLU SA 365 46.32 -111.23 -32.54
C GLU SA 365 45.01 -111.53 -31.84
N GLN SA 366 44.09 -110.57 -31.81
CA GLN SA 366 42.79 -110.81 -31.20
C GLN SA 366 42.02 -111.90 -31.95
N PHE SA 367 42.06 -111.85 -33.28
CA PHE SA 367 41.30 -112.77 -34.11
C PHE SA 367 42.10 -113.95 -34.64
N THR SA 368 43.44 -113.93 -34.53
CA THR SA 368 44.22 -115.00 -35.13
C THR SA 368 43.92 -116.35 -34.48
N ASN SA 369 43.62 -116.38 -33.19
CA ASN SA 369 43.27 -117.64 -32.55
C ASN SA 369 41.93 -118.17 -33.08
N SER SA 370 40.96 -117.29 -33.28
CA SER SA 370 39.69 -117.71 -33.85
C SER SA 370 39.88 -118.22 -35.27
N TRP SA 371 40.77 -117.58 -36.04
CA TRP SA 371 41.03 -118.04 -37.39
C TRP SA 371 41.75 -119.38 -37.39
N GLN SA 372 42.64 -119.60 -36.42
CA GLN SA 372 43.24 -120.92 -36.25
C GLN SA 372 42.17 -121.96 -35.99
N LEU SA 373 41.22 -121.65 -35.11
CA LEU SA 373 40.14 -122.58 -34.82
C LEU SA 373 39.31 -122.86 -36.06
N LEU SA 374 39.01 -121.83 -36.84
CA LEU SA 374 38.23 -122.03 -38.06
C LEU SA 374 38.98 -122.89 -39.06
N ALA SA 375 40.29 -122.66 -39.22
CA ALA SA 375 41.09 -123.48 -40.12
C ALA SA 375 41.08 -124.94 -39.68
N ARG SA 376 41.25 -125.17 -38.37
CA ARG SA 376 41.22 -126.52 -37.84
C ARG SA 376 39.87 -127.18 -38.11
N MET SA 377 38.78 -126.41 -37.91
CA MET SA 377 37.45 -126.98 -38.07
C MET SA 377 37.17 -127.33 -39.53
N VAL SA 378 37.50 -126.43 -40.46
CA VAL SA 378 37.24 -126.72 -41.87
C VAL SA 378 38.11 -127.87 -42.35
N LEU SA 379 39.34 -127.98 -41.82
CA LEU SA 379 40.15 -129.15 -42.15
C LEU SA 379 39.51 -130.42 -41.62
N ILE SA 380 38.98 -130.37 -40.40
CA ILE SA 380 38.36 -131.56 -39.82
C ILE SA 380 37.11 -131.95 -40.61
N MET SA 381 36.35 -130.96 -41.07
CA MET SA 381 35.11 -131.21 -41.80
C MET SA 381 35.34 -131.62 -43.26
N SER SA 382 36.58 -131.86 -43.67
CA SER SA 382 36.86 -132.32 -45.03
C SER SA 382 38.12 -133.17 -45.05
N LYS SA 389 42.99 -138.03 -40.61
CA LYS SA 389 43.64 -138.28 -41.89
C LYS SA 389 44.91 -137.46 -42.03
N TYR SA 390 44.77 -136.14 -41.93
CA TYR SA 390 45.90 -135.25 -42.15
C TYR SA 390 46.92 -135.39 -41.02
N SER SA 391 48.20 -135.35 -41.38
CA SER SA 391 49.26 -135.52 -40.40
C SER SA 391 49.29 -134.40 -39.36
N SER SA 392 48.75 -133.22 -39.70
CA SER SA 392 48.69 -132.10 -38.78
C SER SA 392 47.33 -131.43 -38.90
N TYR SA 393 46.92 -130.78 -37.80
CA TYR SA 393 45.68 -130.00 -37.77
C TYR SA 393 45.88 -128.64 -37.11
N ASP SA 394 47.14 -128.19 -36.97
CA ASP SA 394 47.45 -126.89 -36.37
C ASP SA 394 47.94 -125.98 -37.50
N VAL SA 395 47.24 -124.87 -37.70
CA VAL SA 395 47.47 -123.97 -38.83
C VAL SA 395 48.03 -122.66 -38.31
N THR SA 396 49.24 -122.31 -38.77
CA THR SA 396 49.80 -120.99 -38.54
C THR SA 396 49.28 -120.03 -39.60
N ILE SA 397 49.19 -118.76 -39.22
CA ILE SA 397 48.52 -117.74 -40.03
C ILE SA 397 49.54 -116.68 -40.42
N GLY SA 398 49.65 -116.43 -41.73
CA GLY SA 398 50.33 -115.25 -42.23
C GLY SA 398 49.36 -114.09 -42.34
N TRP SA 399 49.87 -112.95 -42.82
CA TRP SA 399 49.06 -111.76 -42.92
C TRP SA 399 49.55 -110.90 -44.08
N ASP SA 400 48.68 -109.98 -44.51
CA ASP SA 400 49.03 -109.03 -45.55
C ASP SA 400 49.99 -107.99 -45.03
N GLU SA 401 50.72 -107.37 -45.96
CA GLU SA 401 51.69 -106.35 -45.60
C GLU SA 401 50.99 -105.02 -45.32
N VAL SA 402 51.22 -104.47 -44.13
CA VAL SA 402 50.60 -103.18 -43.79
C VAL SA 402 51.24 -102.06 -44.60
N ASN SA 403 52.57 -102.02 -44.61
CA ASN SA 403 53.33 -101.17 -45.52
C ASN SA 403 54.30 -102.07 -46.27
N PRO SA 404 54.23 -102.19 -47.60
CA PRO SA 404 54.98 -103.25 -48.27
C PRO SA 404 56.48 -102.99 -48.30
N ARG SA 405 57.24 -104.08 -48.34
CA ARG SA 405 58.67 -104.02 -48.57
C ARG SA 405 58.95 -104.04 -50.06
N ASP SA 406 59.91 -103.22 -50.49
CA ASP SA 406 60.23 -103.14 -51.90
C ASP SA 406 60.77 -104.47 -52.40
N ASP SA 407 60.28 -104.92 -53.55
CA ASP SA 407 60.83 -106.12 -54.17
C ASP SA 407 62.29 -105.92 -54.55
N LYS SA 408 62.66 -104.70 -54.93
CA LYS SA 408 64.06 -104.42 -55.25
C LYS SA 408 64.95 -104.63 -54.02
N GLU SA 409 64.51 -104.18 -52.85
CA GLU SA 409 65.29 -104.39 -51.64
C GLU SA 409 65.42 -105.87 -51.31
N LEU SA 410 64.33 -106.62 -51.46
CA LEU SA 410 64.38 -108.06 -51.19
C LEU SA 410 65.34 -108.76 -52.15
N ALA SA 411 65.30 -108.41 -53.43
CA ALA SA 411 66.23 -108.99 -54.39
C ALA SA 411 67.67 -108.58 -54.10
N GLU SA 412 67.88 -107.34 -53.64
CA GLU SA 412 69.21 -106.92 -53.24
C GLU SA 412 69.72 -107.77 -52.08
N THR SA 413 68.86 -108.01 -51.08
CA THR SA 413 69.26 -108.87 -49.97
C THR SA 413 69.58 -110.27 -50.45
N LEU SA 414 68.75 -110.81 -51.35
CA LEU SA 414 68.97 -112.17 -51.84
C LEU SA 414 70.30 -112.28 -52.59
N GLU SA 415 70.55 -111.37 -53.53
CA GLU SA 415 71.80 -111.41 -54.28
C GLU SA 415 72.99 -111.19 -53.37
N LYS SA 416 72.88 -110.26 -52.43
CA LYS SA 416 73.99 -109.93 -51.55
C LYS SA 416 74.33 -111.12 -50.65
N VAL SA 417 73.32 -111.82 -50.15
CA VAL SA 417 73.56 -113.00 -49.35
C VAL SA 417 74.18 -114.10 -50.19
N CYS SA 418 73.63 -114.33 -51.39
CA CYS SA 418 74.13 -115.42 -52.23
C CYS SA 418 75.59 -115.19 -52.62
N CYS SA 419 75.94 -113.95 -52.99
CA CYS SA 419 77.33 -113.64 -53.29
C CYS SA 419 78.19 -113.72 -52.04
N ALA SA 420 77.65 -113.31 -50.88
CA ALA SA 420 78.34 -113.55 -49.63
C ALA SA 420 78.53 -115.04 -49.39
N LEU SA 421 77.51 -115.84 -49.68
CA LEU SA 421 77.68 -117.28 -49.70
C LEU SA 421 78.55 -117.67 -50.89
N ASP SA 422 78.95 -118.94 -50.92
CA ASP SA 422 79.97 -119.49 -51.80
C ASP SA 422 81.37 -118.98 -51.47
N LYS SA 423 81.54 -118.31 -50.32
CA LYS SA 423 82.82 -117.90 -49.81
C LYS SA 423 82.87 -118.23 -48.33
N ALA SA 424 84.06 -118.55 -47.83
CA ALA SA 424 84.23 -119.08 -46.48
C ALA SA 424 83.38 -120.36 -46.33
N LEU SA 425 83.76 -121.36 -47.12
CA LEU SA 425 82.96 -122.58 -47.29
C LEU SA 425 82.98 -123.49 -46.07
N GLU SA 426 83.70 -123.14 -45.00
CA GLU SA 426 83.72 -123.96 -43.80
C GLU SA 426 82.45 -123.82 -42.96
N GLY SA 427 81.53 -122.93 -43.34
CA GLY SA 427 80.34 -122.72 -42.52
C GLY SA 427 79.46 -123.96 -42.43
N GLY SA 428 79.20 -124.61 -43.55
CA GLY SA 428 78.40 -125.81 -43.62
C GLY SA 428 77.42 -125.77 -44.77
N PHE SA 429 76.58 -126.81 -44.83
CA PHE SA 429 75.58 -126.95 -45.88
C PHE SA 429 74.26 -126.27 -45.54
N ILE SA 430 74.09 -125.77 -44.30
CA ILE SA 430 72.87 -125.04 -43.93
C ILE SA 430 72.72 -123.74 -44.70
N SER SA 431 73.77 -123.27 -45.38
CA SER SA 431 73.65 -122.10 -46.24
C SER SA 431 72.61 -122.34 -47.32
N GLU SA 432 72.60 -123.54 -47.91
CA GLU SA 432 71.60 -123.86 -48.92
C GLU SA 432 70.20 -123.84 -48.34
N GLU SA 433 70.03 -124.37 -47.12
CA GLU SA 433 68.72 -124.36 -46.49
C GLU SA 433 68.24 -122.94 -46.23
N SER SA 434 69.13 -122.09 -45.70
CA SER SA 434 68.75 -120.69 -45.46
C SER SA 434 68.46 -119.97 -46.77
N THR SA 435 69.23 -120.27 -47.82
CA THR SA 435 69.02 -119.63 -49.12
C THR SA 435 67.67 -120.01 -49.71
N VAL SA 436 67.29 -121.30 -49.64
CA VAL SA 436 66.00 -121.69 -50.18
C VAL SA 436 64.87 -121.16 -49.30
N ASN SA 437 65.10 -121.03 -48.00
CA ASN SA 437 64.10 -120.38 -47.14
C ASN SA 437 63.87 -118.94 -47.56
N PHE SA 438 64.96 -118.20 -47.80
CA PHE SA 438 64.83 -116.82 -48.25
C PHE SA 438 64.19 -116.75 -49.64
N LEU SA 439 64.50 -117.74 -50.49
CA LEU SA 439 63.86 -117.80 -51.80
C LEU SA 439 62.35 -118.00 -51.68
N ALA SA 440 61.93 -118.87 -50.74
CA ALA SA 440 60.51 -119.07 -50.50
C ALA SA 440 59.86 -117.79 -50.00
N GLN SA 441 60.54 -117.08 -49.09
CA GLN SA 441 60.02 -115.80 -48.61
C GLN SA 441 59.87 -114.81 -49.76
N TYR SA 442 60.88 -114.74 -50.63
CA TYR SA 442 60.84 -113.83 -51.77
C TYR SA 442 59.71 -114.19 -52.72
N ILE SA 443 59.52 -115.49 -52.98
CA ILE SA 443 58.47 -115.92 -53.88
C ILE SA 443 57.10 -115.58 -53.30
N ASP SA 444 56.92 -115.80 -52.00
CA ASP SA 444 55.66 -115.46 -51.36
C ASP SA 444 55.40 -113.96 -51.41
N THR SA 445 56.44 -113.15 -51.18
CA THR SA 445 56.27 -111.70 -51.20
C THR SA 445 56.07 -111.15 -52.61
N MET SA 446 56.57 -111.84 -53.63
CA MET SA 446 56.42 -111.38 -55.01
C MET SA 446 55.08 -111.82 -55.61
N SER SA 447 54.65 -113.05 -55.31
CA SER SA 447 53.41 -113.56 -55.90
C SER SA 447 52.21 -112.77 -55.42
N ASN SA 448 52.08 -112.60 -54.11
CA ASN SA 448 50.97 -111.83 -53.56
C ASN SA 448 51.07 -110.38 -54.01
N TYR SA 449 49.95 -109.82 -54.45
CA TYR SA 449 49.88 -108.43 -54.87
C TYR SA 449 49.42 -107.59 -53.69
N ILE SA 450 50.09 -106.45 -53.48
CA ILE SA 450 49.93 -105.72 -52.23
C ILE SA 450 48.53 -105.11 -52.13
N SER SA 451 48.09 -104.44 -53.19
CA SER SA 451 46.81 -103.73 -53.14
C SER SA 451 45.61 -104.62 -53.41
N ASP SA 452 45.79 -105.94 -53.46
CA ASP SA 452 44.70 -106.90 -53.57
C ASP SA 452 44.66 -107.72 -52.28
N ASP SA 453 43.49 -107.78 -51.67
CA ASP SA 453 43.35 -108.42 -50.36
C ASP SA 453 43.61 -109.93 -50.47
N PRO SA 454 44.19 -110.49 -49.42
CA PRO SA 454 44.45 -111.90 -49.37
C PRO SA 454 45.56 -112.33 -50.31
N GLU SA 455 45.57 -113.63 -50.60
CA GLU SA 455 46.55 -114.27 -51.47
C GLU SA 455 45.86 -115.16 -52.49
N ARG SA 456 44.76 -114.70 -53.07
CA ARG SA 456 44.13 -115.44 -54.16
C ARG SA 456 45.08 -115.55 -55.34
N GLU SA 457 45.87 -114.51 -55.58
CA GLU SA 457 46.79 -114.52 -56.73
C GLU SA 457 47.86 -115.59 -56.56
N GLY SA 458 48.33 -115.84 -55.34
CA GLY SA 458 49.33 -116.88 -55.14
C GLY SA 458 48.80 -118.25 -55.53
N GLU SA 459 47.61 -118.60 -55.03
CA GLU SA 459 47.01 -119.88 -55.37
C GLU SA 459 46.70 -119.97 -56.86
N ARG SA 460 46.19 -118.89 -57.44
CA ARG SA 460 45.85 -118.90 -58.86
C ARG SA 460 47.09 -119.10 -59.72
N GLU SA 461 48.17 -118.37 -59.41
CA GLU SA 461 49.41 -118.52 -60.16
C GLU SA 461 49.98 -119.92 -60.00
N LYS SA 462 49.92 -120.46 -58.78
CA LYS SA 462 50.39 -121.83 -58.56
C LYS SA 462 49.60 -122.82 -59.41
N ILE SA 463 48.28 -122.68 -59.44
CA ILE SA 463 47.44 -123.61 -60.18
C ILE SA 463 47.70 -123.48 -61.68
N ILE SA 464 47.85 -122.25 -62.17
CA ILE SA 464 48.08 -122.05 -63.59
C ILE SA 464 49.45 -122.61 -63.99
N LYS SA 465 50.46 -122.42 -63.14
CA LYS SA 465 51.77 -123.00 -63.42
C LYS SA 465 51.70 -124.52 -63.40
N THR SA 466 50.92 -125.09 -62.48
CA THR SA 466 50.78 -126.54 -62.43
C THR SA 466 50.11 -127.06 -63.70
N LYS SA 467 49.08 -126.36 -64.19
CA LYS SA 467 48.42 -126.78 -65.43
C LYS SA 467 49.37 -126.67 -66.61
N MET SA 468 50.01 -125.51 -66.77
CA MET SA 468 50.94 -125.35 -67.88
C MET SA 468 52.17 -126.24 -67.70
N LEU SA 469 52.67 -126.35 -66.47
CA LEU SA 469 53.84 -127.17 -66.18
C LEU SA 469 55.06 -126.69 -66.96
N MET TA 19 62.54 -85.17 0.07
CA MET TA 19 63.04 -84.33 1.21
C MET TA 19 63.86 -85.14 2.19
N ARG TA 20 64.63 -84.44 3.02
CA ARG TA 20 65.48 -85.06 4.02
C ARG TA 20 64.71 -85.34 5.31
N MET TA 21 65.28 -86.21 6.13
CA MET TA 21 64.74 -86.51 7.45
C MET TA 21 65.82 -87.17 8.28
N SER TA 22 65.75 -86.95 9.59
CA SER TA 22 66.71 -87.56 10.50
C SER TA 22 66.54 -89.08 10.53
N SER TA 23 67.67 -89.77 10.72
CA SER TA 23 67.66 -91.23 10.60
C SER TA 23 66.82 -91.89 11.68
N GLY TA 24 66.68 -91.26 12.85
CA GLY TA 24 65.96 -91.83 13.96
C GLY TA 24 64.47 -91.55 13.98
N ASN TA 25 63.92 -90.89 12.96
CA ASN TA 25 62.52 -90.49 12.91
C ASN TA 25 61.83 -91.11 11.71
N ILE TA 26 62.04 -92.41 11.50
CA ILE TA 26 61.46 -93.17 10.39
C ILE TA 26 60.68 -94.33 10.97
N GLY TA 27 59.51 -94.58 10.38
CA GLY TA 27 58.70 -95.71 10.78
C GLY TA 27 59.30 -97.03 10.32
N VAL TA 28 58.60 -98.10 10.65
CA VAL TA 28 59.07 -99.46 10.35
C VAL TA 28 58.47 -99.91 9.02
N TYR TA 29 59.26 -100.63 8.25
CA TYR TA 29 58.81 -101.14 6.96
C TYR TA 29 57.62 -102.08 7.13
N LYS TA 30 56.68 -101.98 6.20
CA LYS TA 30 55.55 -102.91 6.14
C LYS TA 30 55.15 -103.09 4.68
N LEU TA 31 55.08 -104.35 4.24
CA LEU TA 31 54.78 -104.66 2.86
C LEU TA 31 53.33 -104.30 2.57
N ASP TA 32 53.10 -103.19 1.87
CA ASP TA 32 51.76 -102.76 1.52
C ASP TA 32 51.10 -103.77 0.60
N ASP TA 33 49.81 -104.01 0.81
CA ASP TA 33 49.06 -105.02 0.07
C ASP TA 33 47.85 -104.45 -0.67
N SER TA 34 47.79 -103.14 -0.86
CA SER TA 34 46.66 -102.55 -1.56
C SER TA 34 46.66 -103.00 -3.02
N ARG TA 35 45.47 -103.28 -3.53
CA ARG TA 35 45.27 -103.70 -4.92
C ARG TA 35 44.85 -102.50 -5.77
N VAL TA 36 45.06 -102.62 -7.07
CA VAL TA 36 44.56 -101.63 -8.01
C VAL TA 36 43.05 -101.82 -8.15
N ASP TA 37 42.33 -100.70 -8.26
CA ASP TA 37 40.89 -100.79 -8.40
C ASP TA 37 40.60 -101.31 -9.80
N TYR TA 38 40.55 -102.64 -9.92
CA TYR TA 38 40.57 -103.28 -11.23
C TYR TA 38 39.34 -102.92 -12.05
N GLU TA 39 38.17 -102.85 -11.41
CA GLU TA 39 36.97 -102.44 -12.13
C GLU TA 39 37.11 -101.02 -12.65
N LEU TA 40 37.64 -100.11 -11.82
CA LEU TA 40 37.85 -98.74 -12.26
C LEU TA 40 38.89 -98.69 -13.37
N ALA TA 41 39.93 -99.52 -13.28
CA ALA TA 41 40.94 -99.55 -14.34
C ALA TA 41 40.33 -99.97 -15.67
N ARG TA 42 39.54 -101.05 -15.68
CA ARG TA 42 38.91 -101.48 -16.92
C ARG TA 42 37.88 -100.46 -17.39
N GLU TA 43 37.23 -99.74 -16.48
CA GLU TA 43 36.31 -98.68 -16.89
C GLU TA 43 37.05 -97.56 -17.60
N LEU TA 44 38.16 -97.10 -17.03
CA LEU TA 44 38.93 -96.03 -17.65
C LEU TA 44 39.50 -96.48 -19.00
N TYR TA 45 39.98 -97.73 -19.07
CA TYR TA 45 40.51 -98.22 -20.34
C TYR TA 45 39.43 -98.29 -21.41
N GLN TA 46 38.16 -98.43 -21.01
CA GLN TA 46 37.03 -98.41 -21.93
C GLN TA 46 36.24 -97.12 -21.88
N ASN TA 47 36.73 -96.10 -21.17
CA ASN TA 47 36.14 -94.77 -21.19
C ASN TA 47 34.71 -94.79 -20.63
N LYS TA 48 34.43 -95.72 -19.72
CA LYS TA 48 33.07 -95.93 -19.23
C LYS TA 48 32.76 -95.14 -17.97
N ASN TA 49 33.75 -94.89 -17.11
CA ASN TA 49 33.48 -94.21 -15.85
C ASN TA 49 32.95 -92.81 -16.09
N ALA TA 50 31.88 -92.46 -15.38
CA ALA TA 50 31.22 -91.19 -15.62
C ALA TA 50 32.10 -90.00 -15.25
N ASN TA 51 32.96 -90.14 -14.26
CA ASN TA 51 33.79 -89.04 -13.78
C ASN TA 51 35.08 -88.88 -14.55
N TYR TA 52 35.31 -89.70 -15.58
CA TYR TA 52 36.53 -89.62 -16.38
C TYR TA 52 36.25 -89.75 -17.87
N LYS TA 53 35.02 -89.44 -18.31
CA LYS TA 53 34.64 -89.70 -19.69
C LYS TA 53 35.48 -88.89 -20.67
N LEU TA 54 35.55 -87.58 -20.46
CA LEU TA 54 36.40 -86.74 -21.29
C LEU TA 54 37.87 -86.92 -20.93
N GLY TA 55 38.16 -87.06 -19.64
CA GLY TA 55 39.56 -87.14 -19.22
C GLY TA 55 40.25 -88.42 -19.65
N SER TA 56 39.56 -89.55 -19.56
CA SER TA 56 40.19 -90.86 -19.80
C SER TA 56 40.43 -91.16 -21.28
N SER TA 57 40.30 -90.17 -22.18
CA SER TA 57 40.59 -90.41 -23.59
C SER TA 57 42.03 -90.88 -23.80
N PHE TA 58 42.95 -90.45 -22.95
CA PHE TA 58 44.36 -90.77 -23.12
C PHE TA 58 44.75 -92.13 -22.57
N VAL TA 59 43.86 -92.82 -21.86
CA VAL TA 59 44.20 -94.11 -21.27
C VAL TA 59 44.45 -95.14 -22.35
N ARG TA 60 43.54 -95.23 -23.32
CA ARG TA 60 43.66 -96.22 -24.39
C ARG TA 60 44.95 -96.07 -25.19
N PRO TA 61 45.31 -94.88 -25.71
CA PRO TA 61 46.54 -94.81 -26.52
C PRO TA 61 47.80 -95.19 -25.77
N ILE TA 62 47.92 -94.82 -24.49
CA ILE TA 62 49.13 -95.12 -23.73
C ILE TA 62 49.31 -96.63 -23.63
N VAL TA 63 48.30 -97.32 -23.09
CA VAL TA 63 48.40 -98.76 -22.87
C VAL TA 63 48.52 -99.49 -24.19
N ASN TA 64 47.74 -99.08 -25.20
CA ASN TA 64 47.74 -99.79 -26.48
C ASN TA 64 49.09 -99.64 -27.16
N SER TA 65 49.66 -98.44 -27.20
CA SER TA 65 50.96 -98.26 -27.82
C SER TA 65 52.02 -99.05 -27.06
N THR TA 66 52.02 -98.96 -25.73
CA THR TA 66 53.05 -99.62 -24.94
C THR TA 66 52.99 -101.13 -25.12
N THR TA 67 51.79 -101.71 -25.10
CA THR TA 67 51.69 -103.16 -25.22
C THR TA 67 51.90 -103.63 -26.65
N GLY TA 68 51.52 -102.83 -27.64
CA GLY TA 68 51.75 -103.22 -29.02
C GLY TA 68 53.22 -103.19 -29.39
N PHE TA 69 53.94 -102.15 -28.93
CA PHE TA 69 55.35 -102.05 -29.31
C PHE TA 69 56.18 -103.17 -28.69
N MET TA 70 56.00 -103.43 -27.41
CA MET TA 70 56.64 -104.60 -26.81
C MET TA 70 55.96 -105.84 -27.36
N GLY TA 71 56.74 -106.70 -28.01
CA GLY TA 71 56.17 -107.87 -28.63
C GLY TA 71 55.86 -108.94 -27.63
N VAL TA 72 56.13 -110.19 -27.98
CA VAL TA 72 55.95 -111.34 -27.11
C VAL TA 72 57.32 -112.00 -26.96
N PRO TA 73 57.60 -112.68 -25.84
CA PRO TA 73 58.95 -113.23 -25.67
C PRO TA 73 59.28 -114.28 -26.72
N HIS TA 74 60.52 -114.28 -27.16
CA HIS TA 74 61.06 -115.28 -28.09
C HIS TA 74 61.85 -116.26 -27.25
N PHE TA 75 61.17 -117.30 -26.77
CA PHE TA 75 61.80 -118.27 -25.87
C PHE TA 75 62.89 -119.01 -26.62
N GLN TA 76 64.13 -118.85 -26.16
CA GLN TA 76 65.30 -119.48 -26.76
C GLN TA 76 65.94 -120.42 -25.75
N ILE TA 77 66.42 -121.56 -26.23
CA ILE TA 77 67.09 -122.53 -25.37
C ILE TA 77 67.93 -123.43 -26.25
N GLU TA 78 68.99 -123.99 -25.66
CA GLU TA 78 69.93 -124.82 -26.43
C GLU TA 78 69.37 -126.21 -26.74
N ASP TA 79 68.56 -126.78 -25.84
CA ASP TA 79 68.02 -128.11 -26.06
C ASP TA 79 67.02 -128.08 -27.22
N GLU TA 80 67.12 -129.08 -28.10
CA GLU TA 80 66.24 -129.14 -29.25
C GLU TA 80 64.80 -129.45 -28.83
N GLU TA 81 64.63 -130.42 -27.93
CA GLU TA 81 63.29 -130.79 -27.49
C GLU TA 81 62.62 -129.65 -26.74
N ALA TA 82 63.37 -128.97 -25.88
CA ALA TA 82 62.82 -127.84 -25.14
C ALA TA 82 62.40 -126.73 -26.09
N GLN TA 83 63.24 -126.45 -27.10
CA GLN TA 83 62.89 -125.41 -28.07
C GLN TA 83 61.63 -125.79 -28.85
N TYR TA 84 61.51 -127.07 -29.23
CA TYR TA 84 60.32 -127.51 -29.95
C TYR TA 84 59.07 -127.35 -29.08
N ILE TA 85 59.15 -127.75 -27.81
CA ILE TA 85 58.00 -127.61 -26.93
C ILE TA 85 57.65 -126.12 -26.78
N LEU TA 86 58.67 -125.29 -26.60
CA LEU TA 86 58.43 -123.86 -26.38
C LEU TA 86 57.79 -123.21 -27.60
N ASP TA 87 58.28 -123.51 -28.80
CA ASP TA 87 57.72 -122.84 -29.97
C ASP TA 87 56.34 -123.41 -30.33
N GLU TA 88 56.08 -124.68 -30.02
CA GLU TA 88 54.73 -125.19 -30.15
C GLU TA 88 53.77 -124.43 -29.23
N PHE TA 89 54.18 -124.23 -27.98
CA PHE TA 89 53.34 -123.49 -27.04
C PHE TA 89 53.16 -122.04 -27.49
N VAL TA 90 54.21 -121.46 -28.07
CA VAL TA 90 54.13 -120.08 -28.58
C VAL TA 90 53.11 -120.01 -29.71
N LEU TA 91 53.18 -120.96 -30.64
CA LEU TA 91 52.19 -121.04 -31.72
C LEU TA 91 50.79 -121.18 -31.14
N ASP TA 92 50.66 -121.88 -30.02
CA ASP TA 92 49.34 -122.03 -29.41
C ASP TA 92 48.83 -120.71 -28.83
N ASN TA 93 49.68 -119.98 -28.10
CA ASN TA 93 49.20 -118.94 -27.19
C ASN TA 93 49.94 -117.61 -27.30
N THR TA 94 50.42 -117.25 -28.50
CA THR TA 94 51.02 -115.93 -28.69
C THR TA 94 50.02 -114.82 -28.41
N SER TA 95 48.78 -114.98 -28.90
CA SER TA 95 47.76 -113.98 -28.66
C SER TA 95 47.50 -113.82 -27.18
N LYS TA 96 47.46 -114.94 -26.45
CA LYS TA 96 47.24 -114.86 -25.02
C LYS TA 96 48.42 -114.22 -24.30
N MET TA 97 49.64 -114.43 -24.80
CA MET TA 97 50.79 -113.74 -24.21
C MET TA 97 50.67 -112.22 -24.38
N LEU TA 98 50.30 -111.78 -25.59
CA LEU TA 98 50.12 -110.35 -25.80
C LEU TA 98 48.98 -109.81 -24.94
N LYS TA 99 47.91 -110.59 -24.80
CA LYS TA 99 46.82 -110.19 -23.91
C LYS TA 99 47.30 -110.10 -22.47
N THR TA 100 48.22 -110.97 -22.08
CA THR TA 100 48.78 -110.90 -20.73
C THR TA 100 49.55 -109.60 -20.54
N HIS TA 101 50.34 -109.20 -21.54
CA HIS TA 101 51.01 -107.90 -21.49
C HIS TA 101 49.99 -106.78 -21.33
N THR TA 102 48.93 -106.81 -22.13
CA THR TA 102 47.93 -105.75 -22.08
C THR TA 102 47.24 -105.70 -20.73
N ASP TA 103 46.90 -106.87 -20.18
CA ASP TA 103 46.22 -106.92 -18.89
C ASP TA 103 47.14 -106.43 -17.78
N SER TA 104 48.41 -106.81 -17.81
CA SER TA 104 49.34 -106.33 -16.80
C SER TA 104 49.50 -104.81 -16.88
N LEU TA 105 49.57 -104.28 -18.09
CA LEU TA 105 49.69 -102.82 -18.25
C LEU TA 105 48.43 -102.11 -17.75
N LYS TA 106 47.26 -102.67 -18.05
CA LYS TA 106 46.00 -102.00 -17.72
C LYS TA 106 45.67 -102.12 -16.24
N GLN TA 107 45.50 -103.35 -15.77
CA GLN TA 107 45.05 -103.59 -14.40
C GLN TA 107 46.16 -103.48 -13.37
N GLY TA 108 47.42 -103.56 -13.81
CA GLY TA 108 48.54 -103.62 -12.91
C GLY TA 108 48.95 -105.02 -12.51
N ASP TA 109 48.09 -106.02 -12.72
CA ASP TA 109 48.41 -107.40 -12.37
C ASP TA 109 47.41 -108.32 -13.06
N CYS TA 110 47.93 -109.29 -13.80
CA CYS TA 110 47.12 -110.33 -14.42
C CYS TA 110 47.74 -111.68 -14.09
N TYR TA 111 46.89 -112.61 -13.64
CA TYR TA 111 47.33 -113.89 -13.12
C TYR TA 111 47.11 -114.97 -14.17
N ILE TA 112 48.13 -115.78 -14.39
CA ILE TA 112 48.17 -116.78 -15.45
C ILE TA 112 48.29 -118.15 -14.82
N TRP TA 113 47.46 -119.08 -15.27
CA TRP TA 113 47.39 -120.44 -14.74
C TRP TA 113 47.46 -121.42 -15.89
N ILE TA 114 48.43 -122.34 -15.82
CA ILE TA 114 48.63 -123.37 -16.81
C ILE TA 114 48.05 -124.67 -16.28
N THR TA 115 47.26 -125.34 -17.10
CA THR TA 115 46.63 -126.61 -16.74
C THR TA 115 46.79 -127.59 -17.90
N ARG TA 116 47.03 -128.85 -17.57
CA ARG TA 116 47.23 -129.92 -18.55
C ARG TA 116 45.92 -130.66 -18.74
N GLU TA 117 45.39 -130.64 -19.95
CA GLU TA 117 44.11 -131.25 -20.28
C GLU TA 117 44.33 -132.50 -21.11
N GLU TA 118 43.96 -133.66 -20.57
CA GLU TA 118 44.02 -134.93 -21.27
C GLU TA 118 42.72 -135.25 -22.01
N ARG TA 119 41.69 -134.43 -21.86
CA ARG TA 119 40.37 -134.73 -22.42
C ARG TA 119 40.43 -134.90 -23.93
N GLU TA 120 39.79 -135.96 -24.42
CA GLU TA 120 39.74 -136.28 -25.84
C GLU TA 120 38.45 -135.73 -26.42
N ASN TA 121 38.55 -134.98 -27.50
CA ASN TA 121 37.41 -134.46 -28.23
C ASN TA 121 37.69 -134.53 -29.72
N PRO TA 122 36.66 -134.61 -30.56
CA PRO TA 122 36.93 -134.71 -32.01
C PRO TA 122 37.61 -133.49 -32.59
N LEU TA 123 37.44 -132.32 -31.98
CA LEU TA 123 38.02 -131.10 -32.53
C LEU TA 123 39.55 -131.14 -32.49
N TYR TA 124 40.14 -131.98 -31.65
CA TYR TA 124 41.59 -132.18 -31.58
C TYR TA 124 41.88 -133.67 -31.71
N PRO TA 125 41.85 -134.21 -32.93
CA PRO TA 125 42.19 -135.63 -33.08
C PRO TA 125 43.65 -135.94 -32.75
N ASP TA 126 44.58 -135.17 -33.31
CA ASP TA 126 46.00 -135.43 -33.11
C ASP TA 126 46.53 -134.87 -31.81
N LYS TA 127 45.96 -133.77 -31.32
CA LYS TA 127 46.41 -133.13 -30.08
C LYS TA 127 45.65 -133.75 -28.91
N LYS TA 128 46.16 -134.89 -28.45
CA LYS TA 128 45.53 -135.57 -27.32
C LYS TA 128 45.76 -134.82 -26.02
N VAL TA 129 46.99 -134.38 -25.78
CA VAL TA 129 47.39 -133.70 -24.55
C VAL TA 129 47.58 -132.23 -24.87
N ARG TA 130 46.98 -131.37 -24.04
CA ARG TA 130 47.00 -129.93 -24.24
C ARG TA 130 47.36 -129.23 -22.93
N LEU TA 131 48.11 -128.14 -23.03
CA LEU TA 131 48.45 -127.29 -21.90
C LEU TA 131 47.63 -126.02 -22.00
N ILE TA 132 46.53 -125.95 -21.26
CA ILE TA 132 45.59 -124.85 -21.36
C ILE TA 132 46.18 -123.63 -20.69
N TYR TA 133 46.25 -122.52 -21.43
CA TYR TA 133 46.75 -121.25 -20.91
C TYR TA 133 45.55 -120.48 -20.36
N ASN TA 134 45.24 -120.70 -19.09
CA ASN TA 134 44.02 -120.17 -18.48
C ASN TA 134 44.32 -118.89 -17.72
N PHE TA 135 43.61 -117.83 -18.08
CA PHE TA 135 43.68 -116.57 -17.34
C PHE TA 135 42.91 -116.68 -16.03
N ILE TA 136 43.29 -115.85 -15.07
CA ILE TA 136 42.53 -115.62 -13.85
C ILE TA 136 42.36 -114.12 -13.69
N SER TA 137 41.12 -113.68 -13.55
CA SER TA 137 40.88 -112.27 -13.29
C SER TA 137 41.49 -111.90 -11.94
N PRO TA 138 42.10 -110.71 -11.82
CA PRO TA 138 42.71 -110.36 -10.53
C PRO TA 138 41.72 -110.21 -9.40
N GLU TA 139 40.44 -110.02 -9.70
CA GLU TA 139 39.43 -109.99 -8.64
C GLU TA 139 39.15 -111.39 -8.10
N GLU TA 140 39.32 -112.42 -8.94
CA GLU TA 140 39.04 -113.78 -8.50
C GLU TA 140 39.96 -114.19 -7.36
N VAL TA 141 41.26 -113.92 -7.50
CA VAL TA 141 42.22 -114.25 -6.44
C VAL TA 141 41.97 -113.28 -5.29
N LYS TA 142 41.37 -113.79 -4.22
CA LYS TA 142 41.08 -112.95 -3.06
C LYS TA 142 42.33 -112.68 -2.23
N GLU TA 143 43.32 -113.58 -2.29
CA GLU TA 143 44.54 -113.40 -1.52
C GLU TA 143 45.56 -114.44 -2.00
N ILE TA 144 46.83 -114.08 -1.87
CA ILE TA 144 47.95 -114.99 -2.14
C ILE TA 144 48.76 -115.11 -0.86
N ILE TA 145 49.05 -116.34 -0.48
CA ILE TA 145 49.81 -116.63 0.73
C ILE TA 145 51.29 -116.69 0.35
N LEU TA 146 52.11 -115.90 1.05
CA LEU TA 146 53.53 -115.79 0.77
C LEU TA 146 54.34 -116.38 1.91
N ASP TA 147 55.37 -117.14 1.55
CA ASP TA 147 56.35 -117.59 2.53
C ASP TA 147 57.04 -116.37 3.11
N PRO TA 148 56.99 -116.11 4.42
CA PRO TA 148 57.52 -114.81 4.91
C PRO TA 148 59.00 -114.60 4.68
N THR TA 149 59.81 -115.66 4.74
CA THR TA 149 61.25 -115.48 4.63
C THR TA 149 61.68 -115.24 3.18
N THR TA 150 61.01 -115.89 2.23
CA THR TA 150 61.32 -115.76 0.82
C THR TA 150 60.36 -114.85 0.06
N LYS TA 151 59.16 -114.62 0.61
CA LYS TA 151 58.09 -113.89 -0.06
C LYS TA 151 57.61 -114.61 -1.33
N GLU TA 152 57.91 -115.90 -1.46
CA GLU TA 152 57.43 -116.68 -2.60
C GLU TA 152 55.98 -117.08 -2.34
N PRO TA 153 55.09 -116.99 -3.34
CA PRO TA 153 53.70 -117.35 -3.07
C PRO TA 153 53.55 -118.86 -2.86
N ILE TA 154 52.99 -119.23 -1.72
CA ILE TA 154 52.80 -120.63 -1.36
C ILE TA 154 51.37 -121.10 -1.53
N ALA TA 155 50.40 -120.20 -1.69
CA ALA TA 155 49.04 -120.60 -1.95
C ALA TA 155 48.25 -119.42 -2.48
N TYR TA 156 47.23 -119.71 -3.28
CA TYR TA 156 46.35 -118.71 -3.86
C TYR TA 156 44.92 -118.93 -3.36
N ILE TA 157 44.25 -117.84 -3.00
CA ILE TA 157 42.87 -117.87 -2.53
C ILE TA 157 42.00 -117.38 -3.68
N LEU TA 158 41.48 -118.30 -4.47
CA LEU TA 158 40.64 -117.99 -5.62
C LEU TA 158 39.17 -118.10 -5.22
N GLU TA 159 38.40 -117.08 -5.54
CA GLU TA 159 36.98 -117.01 -5.20
C GLU TA 159 36.24 -116.38 -6.36
N SER TA 160 35.19 -117.04 -6.85
CA SER TA 160 34.48 -116.59 -8.03
C SER TA 160 33.03 -117.05 -7.97
N GLN TA 161 32.13 -116.18 -8.43
CA GLN TA 161 30.72 -116.50 -8.57
C GLN TA 161 30.47 -116.86 -10.03
N ASN TA 162 30.19 -118.15 -10.28
CA ASN TA 162 29.96 -118.66 -11.62
C ASN TA 162 28.46 -118.79 -11.83
N GLU TA 163 27.87 -117.79 -12.50
CA GLU TA 163 26.47 -117.80 -12.90
C GLU TA 163 26.38 -118.34 -14.31
N TRP TA 164 25.45 -119.27 -14.53
CA TRP TA 164 25.36 -119.95 -15.82
C TRP TA 164 23.98 -120.57 -15.94
N THR TA 165 23.67 -121.05 -17.15
CA THR TA 165 22.37 -121.62 -17.46
C THR TA 165 22.54 -123.06 -17.94
N ASP TA 166 21.58 -123.91 -17.58
CA ASP TA 166 21.60 -125.30 -18.00
C ASP TA 166 21.48 -125.39 -19.52
N LEU TA 167 21.94 -126.52 -20.07
CA LEU TA 167 21.81 -126.78 -21.50
C LEU TA 167 20.35 -126.81 -21.94
N GLY TA 168 19.42 -126.99 -21.01
CA GLY TA 168 18.01 -126.76 -21.28
C GLY TA 168 17.68 -125.30 -21.02
N GLU TA 169 16.76 -125.03 -20.08
CA GLU TA 169 16.35 -123.67 -19.76
C GLU TA 169 16.82 -123.20 -18.40
N ASN TA 170 17.17 -124.11 -17.48
CA ASN TA 170 17.33 -123.76 -16.08
C ASN TA 170 18.48 -122.80 -15.86
N LYS TA 171 18.32 -121.91 -14.88
CA LYS TA 171 19.40 -121.05 -14.43
C LYS TA 171 20.24 -121.77 -13.38
N ARG TA 172 21.51 -121.40 -13.31
CA ARG TA 172 22.45 -122.01 -12.37
C ARG TA 172 23.31 -120.91 -11.75
N LYS TA 173 23.57 -121.05 -10.44
CA LYS TA 173 24.41 -120.13 -9.70
C LYS TA 173 25.30 -120.94 -8.77
N ALA TA 174 26.58 -120.56 -8.69
CA ALA TA 174 27.56 -121.37 -7.98
C ALA TA 174 28.72 -120.48 -7.55
N LYS TA 175 28.85 -120.23 -6.26
CA LYS TA 175 29.96 -119.45 -5.70
C LYS TA 175 31.08 -120.42 -5.35
N VAL TA 176 31.89 -120.78 -6.35
CA VAL TA 176 33.01 -121.69 -6.15
C VAL TA 176 34.22 -120.89 -5.70
N LYS TA 177 34.88 -121.36 -4.66
CA LYS TA 177 36.18 -120.87 -4.23
C LYS TA 177 37.11 -122.05 -4.07
N GLN TA 178 38.39 -121.84 -4.40
CA GLN TA 178 39.35 -122.92 -4.42
C GLN TA 178 40.71 -122.42 -3.99
N ILE TA 179 41.42 -123.24 -3.22
CA ILE TA 179 42.74 -122.93 -2.69
C ILE TA 179 43.74 -123.82 -3.42
N ILE TA 180 44.62 -123.19 -4.20
CA ILE TA 180 45.66 -123.89 -4.96
C ILE TA 180 46.96 -123.79 -4.18
N THR TA 181 47.65 -124.91 -4.03
CA THR TA 181 48.94 -124.97 -3.36
C THR TA 181 49.90 -125.84 -4.17
N ALA TA 182 51.16 -125.82 -3.76
CA ALA TA 182 52.18 -126.60 -4.46
C ALA TA 182 51.89 -128.09 -4.39
N GLU TA 183 51.44 -128.58 -3.23
CA GLU TA 183 51.22 -130.00 -3.02
C GLU TA 183 49.85 -130.48 -3.47
N SER TA 184 48.85 -129.62 -3.46
CA SER TA 184 47.49 -130.06 -3.76
C SER TA 184 46.64 -128.85 -4.13
N ARG TA 185 45.45 -129.14 -4.65
CA ARG TA 185 44.43 -128.15 -4.96
C ARG TA 185 43.17 -128.51 -4.19
N PHE TA 186 42.52 -127.52 -3.59
CA PHE TA 186 41.26 -127.67 -2.90
C PHE TA 186 40.22 -126.78 -3.55
N VAL TA 187 39.03 -127.32 -3.79
CA VAL TA 187 37.93 -126.58 -4.40
C VAL TA 187 36.64 -126.98 -3.72
N GLU TA 188 35.80 -126.00 -3.41
CA GLU TA 188 34.46 -126.24 -2.89
C GLU TA 188 33.49 -125.27 -3.55
N VAL TA 189 32.25 -125.70 -3.71
CA VAL TA 189 31.22 -124.94 -4.39
C VAL TA 189 30.01 -124.78 -3.47
N GLU TA 190 29.50 -123.56 -3.41
CA GLU TA 190 28.30 -123.23 -2.63
C GLU TA 190 27.23 -122.83 -3.64
N GLY TA 191 26.41 -123.81 -4.03
CA GLY TA 191 25.34 -123.57 -4.99
C GLY TA 191 25.12 -124.81 -5.83
N ASP TA 192 24.65 -124.57 -7.06
CA ASP TA 192 24.33 -125.66 -7.97
C ASP TA 192 25.57 -126.46 -8.32
N LYS TA 193 25.38 -127.76 -8.55
CA LYS TA 193 26.49 -128.62 -8.91
C LYS TA 193 27.02 -128.25 -10.29
N ILE TA 194 28.35 -128.17 -10.39
CA ILE TA 194 29.06 -127.98 -11.65
C ILE TA 194 29.71 -129.31 -12.02
N GLU TA 195 29.42 -129.80 -13.22
CA GLU TA 195 29.84 -131.15 -13.60
C GLU TA 195 31.35 -131.29 -13.68
N GLY TA 196 32.05 -130.23 -14.09
CA GLY TA 196 33.48 -130.34 -14.33
C GLY TA 196 34.34 -130.34 -13.08
N LEU TA 197 33.83 -129.80 -11.97
CA LEU TA 197 34.62 -129.60 -10.76
C LEU TA 197 34.29 -130.69 -9.75
N GLU TA 198 35.33 -131.38 -9.28
CA GLU TA 198 35.22 -132.31 -8.16
C GLU TA 198 35.57 -131.57 -6.89
N GLU TA 199 34.62 -131.49 -5.96
CA GLU TA 199 34.86 -130.81 -4.70
C GLU TA 199 35.93 -131.55 -3.89
N GLY TA 200 36.45 -130.86 -2.89
CA GLY TA 200 37.45 -131.44 -2.01
C GLY TA 200 38.85 -131.31 -2.57
N GLU TA 201 39.80 -131.75 -1.75
CA GLU TA 201 41.20 -131.72 -2.14
C GLU TA 201 41.46 -132.67 -3.31
N THR TA 202 42.37 -132.27 -4.20
CA THR TA 202 42.86 -133.11 -5.28
C THR TA 202 44.37 -132.92 -5.33
N PRO TA 203 45.15 -134.00 -5.47
CA PRO TA 203 46.60 -133.84 -5.39
C PRO TA 203 47.17 -133.10 -6.59
N ASN TA 204 48.30 -132.42 -6.35
CA ASN TA 204 49.02 -131.70 -7.39
C ASN TA 204 50.06 -132.63 -8.01
N VAL TA 205 49.95 -132.86 -9.31
CA VAL TA 205 50.86 -133.78 -10.00
C VAL TA 205 52.31 -133.33 -9.92
N TRP TA 206 52.55 -132.02 -9.74
CA TRP TA 206 53.89 -131.48 -9.54
C TRP TA 206 53.88 -130.65 -8.27
N GLY TA 207 55.05 -130.57 -7.62
CA GLY TA 207 55.16 -129.88 -6.36
C GLY TA 207 55.48 -128.40 -6.49
N PHE TA 208 54.80 -127.72 -7.41
CA PHE TA 208 54.86 -126.27 -7.49
C PHE TA 208 53.47 -125.75 -7.88
N ILE TA 209 53.21 -124.51 -7.55
CA ILE TA 209 51.89 -123.93 -7.84
C ILE TA 209 51.82 -123.59 -9.33
N PRO TA 210 50.83 -124.09 -10.09
CA PRO TA 210 50.82 -123.86 -11.54
C PRO TA 210 50.45 -122.44 -11.96
N ILE TA 211 50.21 -121.52 -11.02
CA ILE TA 211 49.84 -120.14 -11.33
C ILE TA 211 51.11 -119.30 -11.40
N ILE TA 212 51.12 -118.33 -12.31
CA ILE TA 212 52.21 -117.36 -12.46
C ILE TA 212 51.62 -115.97 -12.33
N HIS TA 213 52.27 -115.12 -11.54
CA HIS TA 213 51.84 -113.75 -11.32
C HIS TA 213 52.68 -112.82 -12.17
N PHE TA 214 52.02 -112.02 -13.01
CA PHE TA 214 52.66 -110.98 -13.80
C PHE TA 214 52.45 -109.65 -13.10
N LYS TA 215 53.51 -109.11 -12.51
CA LYS TA 215 53.45 -107.93 -11.67
C LYS TA 215 53.96 -106.73 -12.47
N ASN TA 216 53.03 -105.87 -12.88
CA ASN TA 216 53.38 -104.67 -13.61
C ASN TA 216 53.95 -103.61 -12.67
N GLU TA 217 55.12 -103.09 -13.02
CA GLU TA 217 55.81 -102.07 -12.22
C GLU TA 217 55.99 -102.56 -10.79
N ALA TA 218 56.61 -103.73 -10.66
CA ALA TA 218 56.78 -104.34 -9.35
C ALA TA 218 57.67 -103.47 -8.47
N ASP TA 219 57.46 -103.58 -7.16
CA ASP TA 219 58.27 -102.87 -6.19
C ASP TA 219 58.46 -103.75 -4.95
N GLU TA 220 59.58 -103.55 -4.27
CA GLU TA 220 59.86 -104.36 -3.08
C GLU TA 220 58.88 -104.06 -1.96
N THR TA 221 58.33 -102.84 -1.92
CA THR TA 221 57.42 -102.44 -0.86
C THR TA 221 55.95 -102.71 -1.18
N LEU TA 222 55.65 -103.32 -2.33
CA LEU TA 222 54.29 -103.61 -2.74
C LEU TA 222 54.10 -105.10 -2.95
N LYS TA 223 52.98 -105.62 -2.45
CA LYS TA 223 52.68 -107.04 -2.64
C LYS TA 223 52.24 -107.32 -4.08
N TYR TA 224 51.44 -106.44 -4.65
CA TYR TA 224 50.92 -106.56 -6.01
C TYR TA 224 51.63 -105.57 -6.93
N GLY TA 225 51.24 -105.62 -8.20
CA GLY TA 225 51.68 -104.65 -9.16
C GLY TA 225 50.87 -103.37 -9.08
N GLN TA 226 51.05 -102.52 -10.07
CA GLN TA 226 50.39 -101.22 -10.13
C GLN TA 226 50.24 -100.77 -11.57
N SER TA 227 49.04 -100.33 -11.90
CA SER TA 227 48.69 -100.00 -13.28
C SER TA 227 49.41 -98.74 -13.74
N ASP TA 228 49.64 -98.65 -15.05
CA ASP TA 228 50.18 -97.43 -15.64
C ASP TA 228 49.17 -96.29 -15.65
N ILE TA 229 47.90 -96.57 -15.35
CA ILE TA 229 46.91 -95.50 -15.25
C ILE TA 229 47.00 -94.76 -13.93
N GLU TA 230 47.57 -95.39 -12.90
CA GLU TA 230 47.61 -94.77 -11.57
C GLU TA 230 48.39 -93.45 -11.56
N PRO TA 231 49.60 -93.36 -12.12
CA PRO TA 231 50.30 -92.06 -12.11
C PRO TA 231 49.54 -90.96 -12.84
N ILE TA 232 48.84 -91.29 -13.92
CA ILE TA 232 48.14 -90.27 -14.71
C ILE TA 232 46.72 -89.99 -14.22
N GLU TA 233 46.16 -90.87 -13.37
CA GLU TA 233 44.73 -90.80 -13.04
C GLU TA 233 44.29 -89.44 -12.50
N PRO TA 234 44.95 -88.82 -11.52
CA PRO TA 234 44.49 -87.49 -11.10
C PRO TA 234 44.58 -86.46 -12.20
N LEU TA 235 45.57 -86.56 -13.09
CA LEU TA 235 45.60 -85.67 -14.24
C LEU TA 235 44.40 -85.91 -15.14
N LEU TA 236 43.99 -87.16 -15.30
CA LEU TA 236 42.78 -87.44 -16.05
C LEU TA 236 41.56 -86.82 -15.38
N LYS TA 237 41.49 -86.89 -14.06
CA LYS TA 237 40.37 -86.28 -13.34
C LYS TA 237 40.33 -84.77 -13.58
N ALA TA 238 41.49 -84.12 -13.46
CA ALA TA 238 41.54 -82.67 -13.66
C ALA TA 238 41.21 -82.31 -15.10
N TYR TA 239 41.70 -83.09 -16.06
CA TYR TA 239 41.40 -82.86 -17.47
C TYR TA 239 39.92 -83.00 -17.74
N HIS TA 240 39.30 -84.03 -17.16
CA HIS TA 240 37.86 -84.21 -17.29
C HIS TA 240 37.10 -83.04 -16.70
N ASP TA 241 37.50 -82.58 -15.52
CA ASP TA 241 36.81 -81.48 -14.87
C ASP TA 241 36.90 -80.22 -15.71
N VAL TA 242 38.11 -79.92 -16.22
CA VAL TA 242 38.30 -78.70 -17.01
C VAL TA 242 37.49 -78.78 -18.29
N MET TA 243 37.55 -79.92 -18.98
CA MET TA 243 36.81 -80.05 -20.24
C MET TA 243 35.31 -79.96 -19.99
N LEU TA 244 34.81 -80.61 -18.95
CA LEU TA 244 33.37 -80.58 -18.68
C LEU TA 244 32.91 -79.18 -18.31
N HIS TA 245 33.67 -78.48 -17.48
CA HIS TA 245 33.29 -77.12 -17.11
C HIS TA 245 33.33 -76.21 -18.34
N ALA TA 246 34.34 -76.40 -19.20
CA ALA TA 246 34.41 -75.63 -20.44
C ALA TA 246 33.21 -75.90 -21.33
N LEU TA 247 32.83 -77.17 -21.47
CA LEU TA 247 31.68 -77.51 -22.31
C LEU TA 247 30.40 -76.89 -21.75
N LYS TA 248 30.20 -76.97 -20.44
CA LYS TA 248 29.01 -76.39 -19.84
C LYS TA 248 29.00 -74.87 -20.03
N GLY TA 249 30.14 -74.22 -19.83
CA GLY TA 249 30.18 -72.77 -20.03
C GLY TA 249 29.91 -72.38 -21.46
N SER TA 250 30.46 -73.14 -22.42
CA SER TA 250 30.19 -72.87 -23.82
C SER TA 250 28.71 -73.04 -24.13
N LYS TA 251 28.11 -74.13 -23.66
CA LYS TA 251 26.70 -74.37 -23.93
C LYS TA 251 25.84 -73.27 -23.32
N MET TA 252 26.22 -72.77 -22.15
CA MET TA 252 25.45 -71.72 -21.51
C MET TA 252 25.60 -70.39 -22.25
N HIS TA 253 26.81 -70.07 -22.71
CA HIS TA 253 27.15 -68.70 -23.10
C HIS TA 253 27.87 -68.55 -24.44
N SER TA 254 28.19 -69.62 -25.15
CA SER TA 254 28.86 -69.46 -26.45
C SER TA 254 27.96 -68.72 -27.43
N THR TA 255 26.72 -69.18 -27.56
CA THR TA 255 25.78 -68.50 -28.45
C THR TA 255 25.39 -67.16 -27.84
N PRO TA 256 25.32 -66.07 -28.62
CA PRO TA 256 24.94 -64.78 -28.03
C PRO TA 256 23.47 -64.76 -27.64
N LYS TA 257 23.15 -63.88 -26.70
CA LYS TA 257 21.80 -63.70 -26.19
C LYS TA 257 21.30 -62.33 -26.65
N LEU TA 258 20.20 -62.31 -27.38
CA LEU TA 258 19.65 -61.07 -27.89
C LEU TA 258 18.85 -60.36 -26.80
N LYS TA 259 19.25 -59.13 -26.48
CA LYS TA 259 18.53 -58.28 -25.55
C LYS TA 259 17.69 -57.28 -26.33
N LEU TA 260 16.47 -57.03 -25.85
CA LEU TA 260 15.59 -56.00 -26.40
C LEU TA 260 15.13 -55.10 -25.27
N LYS TA 261 15.60 -53.86 -25.27
CA LYS TA 261 15.20 -52.87 -24.27
C LYS TA 261 13.90 -52.22 -24.75
N LEU TA 262 12.82 -52.98 -24.64
CA LEU TA 262 11.51 -52.56 -25.11
C LEU TA 262 10.85 -51.60 -24.14
N THR TA 263 9.91 -50.80 -24.68
CA THR TA 263 9.16 -49.88 -23.83
C THR TA 263 8.09 -50.62 -23.03
N ASP TA 264 7.52 -51.69 -23.61
CA ASP TA 264 6.51 -52.51 -22.93
C ASP TA 264 6.71 -53.94 -23.41
N VAL TA 265 7.32 -54.77 -22.56
CA VAL TA 265 7.69 -56.12 -22.98
C VAL TA 265 6.43 -56.96 -23.22
N ALA TA 266 5.42 -56.80 -22.36
CA ALA TA 266 4.23 -57.65 -22.46
C ALA TA 266 3.50 -57.43 -23.77
N SER TA 267 3.32 -56.16 -24.16
CA SER TA 267 2.63 -55.88 -25.41
C SER TA 267 3.43 -56.39 -26.59
N PHE TA 268 4.76 -56.25 -26.53
CA PHE TA 268 5.61 -56.77 -27.61
C PHE TA 268 5.44 -58.27 -27.75
N LEU TA 269 5.49 -59.00 -26.64
CA LEU TA 269 5.33 -60.45 -26.69
C LEU TA 269 3.96 -60.83 -27.24
N ALA TA 270 2.92 -60.14 -26.77
CA ALA TA 270 1.57 -60.45 -27.23
C ALA TA 270 1.41 -60.20 -28.72
N HIS TA 271 1.91 -59.07 -29.21
CA HIS TA 271 1.79 -58.76 -30.64
C HIS TA 271 2.60 -59.73 -31.49
N ASN TA 272 3.87 -59.95 -31.13
CA ASN TA 272 4.75 -60.69 -32.02
C ASN TA 272 4.56 -62.20 -31.88
N PHE TA 273 4.76 -62.74 -30.68
CA PHE TA 273 4.78 -64.18 -30.48
C PHE TA 273 3.46 -64.74 -29.97
N GLY TA 274 2.44 -63.91 -29.80
CA GLY TA 274 1.16 -64.39 -29.30
C GLY TA 274 1.24 -64.99 -27.92
N VAL TA 275 2.16 -64.50 -27.09
CA VAL TA 275 2.37 -65.02 -25.75
C VAL TA 275 1.52 -64.16 -24.82
N GLU TA 276 0.27 -64.58 -24.62
CA GLU TA 276 -0.69 -63.76 -23.89
C GLU TA 276 -0.34 -63.68 -22.41
N ASP TA 277 0.17 -64.77 -21.85
CA ASP TA 277 0.49 -64.87 -20.41
C ASP TA 277 1.97 -65.23 -20.30
N PRO TA 278 2.87 -64.23 -20.39
CA PRO TA 278 4.30 -64.57 -20.42
C PRO TA 278 4.80 -65.26 -19.17
N VAL TA 279 4.22 -64.99 -18.00
CA VAL TA 279 4.67 -65.67 -16.79
C VAL TA 279 4.44 -67.17 -16.92
N LYS TA 280 3.24 -67.58 -17.34
CA LYS TA 280 2.97 -68.99 -17.51
C LYS TA 280 3.83 -69.58 -18.63
N PHE TA 281 4.09 -68.79 -19.66
CA PHE TA 281 5.00 -69.23 -20.72
C PHE TA 281 6.37 -69.53 -20.15
N ALA TA 282 6.80 -68.76 -19.15
CA ALA TA 282 8.06 -69.06 -18.47
C ALA TA 282 7.94 -70.32 -17.62
N LYS TA 283 6.83 -70.48 -16.89
CA LYS TA 283 6.67 -71.68 -16.06
C LYS TA 283 6.63 -72.94 -16.92
N GLU TA 284 5.89 -72.89 -18.02
CA GLU TA 284 5.75 -74.06 -18.88
C GLU TA 284 7.03 -74.42 -19.61
N GLY TA 285 8.03 -73.54 -19.63
CA GLY TA 285 9.22 -73.79 -20.40
C GLY TA 285 9.06 -73.56 -21.89
N GLY TA 286 8.10 -72.73 -22.28
CA GLY TA 286 7.89 -72.48 -23.69
C GLY TA 286 9.09 -71.80 -24.33
N LYS TA 287 9.18 -71.90 -25.65
CA LYS TA 287 10.33 -71.45 -26.40
C LYS TA 287 9.89 -70.78 -27.68
N ILE TA 288 10.23 -69.50 -27.82
CA ILE TA 288 9.93 -68.76 -29.05
C ILE TA 288 10.67 -69.40 -30.21
N ASN TA 289 10.06 -69.34 -31.40
CA ASN TA 289 10.65 -69.84 -32.63
C ASN TA 289 11.01 -68.68 -33.54
N LEU TA 290 12.26 -68.68 -34.02
CA LEU TA 290 12.73 -67.68 -34.98
C LEU TA 290 13.41 -68.40 -36.14
N ASP TA 291 13.10 -67.95 -37.36
CA ASP TA 291 13.71 -68.53 -38.54
C ASP TA 291 15.16 -68.10 -38.72
N GLY TA 292 15.57 -66.98 -38.11
CA GLY TA 292 16.92 -66.46 -38.25
C GLY TA 292 16.94 -65.17 -39.03
N HIS TA 293 16.16 -65.11 -40.11
CA HIS TA 293 16.00 -63.89 -40.90
C HIS TA 293 14.91 -63.04 -40.26
N GLU TA 294 15.34 -62.10 -39.43
CA GLU TA 294 14.45 -61.17 -38.75
C GLU TA 294 14.84 -59.73 -39.06
N ILE TA 295 13.83 -58.86 -38.99
CA ILE TA 295 13.99 -57.42 -39.14
C ILE TA 295 13.23 -56.75 -38.02
N LEU TA 296 13.85 -55.74 -37.41
CA LEU TA 296 13.36 -55.13 -36.19
C LEU TA 296 12.84 -53.73 -36.49
N PHE TA 297 11.56 -53.49 -36.18
CA PHE TA 297 10.97 -52.16 -36.21
C PHE TA 297 10.69 -51.76 -34.77
N LEU TA 298 11.46 -50.77 -34.28
CA LEU TA 298 11.42 -50.34 -32.90
C LEU TA 298 11.04 -48.87 -32.83
N ASN TA 299 10.55 -48.45 -31.67
CA ASN TA 299 10.28 -47.04 -31.44
C ASN TA 299 11.61 -46.29 -31.27
N LYS TA 300 11.51 -44.98 -31.03
CA LYS TA 300 12.72 -44.17 -30.91
C LYS TA 300 13.55 -44.56 -29.70
N ASP TA 301 12.90 -44.81 -28.55
CA ASP TA 301 13.61 -45.06 -27.32
C ASP TA 301 14.08 -46.50 -27.17
N GLU TA 302 13.43 -47.45 -27.83
CA GLU TA 302 13.79 -48.85 -27.65
C GLU TA 302 15.14 -49.13 -28.31
N GLU TA 303 15.81 -50.16 -27.78
CA GLU TA 303 17.14 -50.56 -28.24
C GLU TA 303 17.18 -52.07 -28.39
N ALA TA 304 18.05 -52.53 -29.29
CA ALA TA 304 18.30 -53.95 -29.47
C ALA TA 304 19.81 -54.16 -29.65
N GLU TA 305 20.35 -55.13 -28.93
CA GLU TA 305 21.77 -55.46 -29.01
C GLU TA 305 21.95 -56.94 -28.73
N PHE TA 306 23.14 -57.43 -29.04
CA PHE TA 306 23.54 -58.80 -28.74
C PHE TA 306 24.44 -58.80 -27.52
N VAL TA 307 24.09 -59.59 -26.51
CA VAL TA 307 24.91 -59.78 -25.33
C VAL TA 307 25.83 -60.95 -25.63
N GLU TA 308 27.09 -60.66 -25.91
CA GLU TA 308 28.02 -61.64 -26.46
C GLU TA 308 29.29 -61.66 -25.62
N VAL TA 309 29.88 -62.84 -25.50
CA VAL TA 309 31.12 -63.05 -24.75
C VAL TA 309 32.29 -63.01 -25.72
N LYS TA 310 33.41 -62.45 -25.26
CA LYS TA 310 34.64 -62.52 -26.04
C LYS TA 310 35.07 -63.97 -26.23
N SER TA 311 35.03 -64.77 -25.17
CA SER TA 311 35.36 -66.19 -25.27
C SER TA 311 34.75 -66.89 -24.06
N ALA TA 312 33.77 -67.75 -24.31
CA ALA TA 312 33.14 -68.47 -23.21
C ALA TA 312 34.12 -69.41 -22.52
N ILE TA 313 35.04 -70.00 -23.28
CA ILE TA 313 36.02 -70.91 -22.71
C ILE TA 313 36.94 -70.18 -21.75
N GLY TA 314 37.31 -68.95 -22.07
CA GLY TA 314 38.25 -68.22 -21.25
C GLY TA 314 39.67 -68.66 -21.52
N ASP TA 315 40.24 -69.42 -20.59
CA ASP TA 315 41.62 -69.89 -20.69
C ASP TA 315 41.73 -71.41 -20.66
N ALA TA 316 40.62 -72.14 -20.71
CA ALA TA 316 40.64 -73.56 -20.42
C ALA TA 316 41.48 -74.34 -21.41
N LYS TA 317 41.63 -73.84 -22.64
CA LYS TA 317 42.50 -74.53 -23.59
C LYS TA 317 43.94 -74.54 -23.11
N GLU TA 318 44.40 -73.43 -22.52
CA GLU TA 318 45.76 -73.39 -22.00
C GLU TA 318 45.96 -74.42 -20.89
N LEU TA 319 44.99 -74.52 -19.98
CA LEU TA 319 45.08 -75.51 -18.91
C LEU TA 319 45.07 -76.91 -19.49
N LEU TA 320 44.26 -77.14 -20.53
CA LEU TA 320 44.21 -78.46 -21.15
C LEU TA 320 45.54 -78.80 -21.81
N LYS TA 321 46.18 -77.82 -22.45
CA LYS TA 321 47.51 -78.07 -23.02
C LYS TA 321 48.51 -78.41 -21.92
N LEU TA 322 48.47 -77.67 -20.81
CA LEU TA 322 49.40 -77.94 -19.72
C LEU TA 322 49.18 -79.35 -19.15
N LEU TA 323 47.91 -79.72 -18.95
CA LEU TA 323 47.61 -81.04 -18.40
C LEU TA 323 47.95 -82.14 -19.39
N PHE TA 324 47.79 -81.89 -20.69
CA PHE TA 324 48.18 -82.87 -21.69
C PHE TA 324 49.69 -83.07 -21.69
N TYR TA 325 50.45 -81.98 -21.57
CA TYR TA 325 51.90 -82.10 -21.44
C TYR TA 325 52.26 -82.88 -20.20
N CYS TA 326 51.59 -82.61 -19.08
CA CYS TA 326 51.87 -83.37 -17.87
C CYS TA 326 51.53 -84.85 -18.05
N ILE TA 327 50.45 -85.15 -18.76
CA ILE TA 327 50.02 -86.54 -18.93
C ILE TA 327 51.04 -87.30 -19.80
N VAL TA 328 51.43 -86.72 -20.93
CA VAL TA 328 52.38 -87.41 -21.79
C VAL TA 328 53.75 -87.49 -21.14
N ASP TA 329 54.09 -86.51 -20.30
CA ASP TA 329 55.33 -86.61 -19.54
C ASP TA 329 55.27 -87.77 -18.55
N VAL TA 330 54.16 -87.90 -17.83
CA VAL TA 330 54.04 -88.91 -16.78
C VAL TA 330 54.14 -90.30 -17.38
N SER TA 331 53.43 -90.53 -18.47
CA SER TA 331 53.48 -91.82 -19.16
C SER TA 331 54.79 -92.04 -19.90
N GLU TA 332 55.65 -91.02 -20.00
CA GLU TA 332 56.85 -91.01 -20.83
C GLU TA 332 56.56 -91.57 -22.22
N THR TA 333 55.40 -91.24 -22.75
CA THR TA 333 55.01 -91.74 -24.06
C THR TA 333 55.71 -90.92 -25.14
N PRO TA 334 56.41 -91.55 -26.09
CA PRO TA 334 56.92 -90.77 -27.21
C PRO TA 334 55.81 -90.06 -27.96
N GLU TA 335 56.15 -88.88 -28.47
CA GLU TA 335 55.17 -87.84 -28.72
C GLU TA 335 54.44 -88.00 -30.05
N PHE TA 336 54.91 -88.88 -30.93
CA PHE TA 336 54.17 -89.16 -32.15
C PHE TA 336 52.85 -89.88 -31.86
N ILE TA 337 52.71 -90.48 -30.68
CA ILE TA 337 51.46 -91.16 -30.35
C ILE TA 337 50.32 -90.16 -30.26
N PHE TA 338 50.61 -88.96 -29.74
CA PHE TA 338 49.62 -87.90 -29.55
C PHE TA 338 49.87 -86.75 -30.51
N GLY TA 339 50.26 -87.08 -31.74
CA GLY TA 339 50.72 -86.05 -32.68
C GLY TA 339 49.64 -85.12 -33.17
N VAL TA 340 48.37 -85.42 -32.91
CA VAL TA 340 47.32 -84.49 -33.30
C VAL TA 340 47.44 -83.21 -32.49
N HIS TA 341 47.85 -83.33 -31.23
CA HIS TA 341 48.09 -82.15 -30.42
C HIS TA 341 49.32 -81.39 -30.90
N THR TA 342 50.35 -82.12 -31.37
CA THR TA 342 51.61 -81.55 -31.84
C THR TA 342 51.93 -82.12 -33.21
N PRO TA 343 51.32 -81.60 -34.28
CA PRO TA 343 51.54 -82.17 -35.62
C PRO TA 343 52.98 -82.13 -36.08
N SER TA 344 53.83 -81.27 -35.50
CA SER TA 344 55.24 -81.24 -35.89
C SER TA 344 55.94 -82.57 -35.63
N ALA TA 345 55.47 -83.33 -34.63
CA ALA TA 345 56.10 -84.60 -34.30
C ALA TA 345 55.98 -85.61 -35.44
N LEU TA 346 54.97 -85.48 -36.30
CA LEU TA 346 54.78 -86.42 -37.39
C LEU TA 346 55.82 -86.30 -38.49
N ALA TA 347 56.68 -85.27 -38.44
CA ALA TA 347 57.70 -85.11 -39.47
C ALA TA 347 58.66 -86.29 -39.50
N SER TA 348 59.05 -86.80 -38.33
CA SER TA 348 60.00 -87.91 -38.26
C SER TA 348 59.69 -88.74 -37.02
N VAL TA 349 58.92 -89.80 -37.22
CA VAL TA 349 58.74 -90.81 -36.17
C VAL TA 349 60.04 -91.59 -35.99
N LYS TA 350 60.76 -91.84 -37.08
CA LYS TA 350 62.04 -92.54 -36.99
C LYS TA 350 63.02 -91.80 -36.11
N GLU TA 351 62.94 -90.47 -36.06
CA GLU TA 351 63.81 -89.70 -35.19
C GLU TA 351 63.47 -89.94 -33.72
N GLN TA 352 62.19 -90.12 -33.40
CA GLN TA 352 61.75 -90.39 -32.04
C GLN TA 352 61.83 -91.87 -31.66
N MET TA 353 62.07 -92.75 -32.62
CA MET TA 353 62.11 -94.19 -32.33
C MET TA 353 63.06 -94.58 -31.21
N PRO TA 354 64.23 -93.95 -31.04
CA PRO TA 354 65.05 -94.28 -29.87
C PRO TA 354 64.34 -94.09 -28.53
N ILE TA 355 63.41 -93.14 -28.42
CA ILE TA 355 62.70 -92.97 -27.16
C ILE TA 355 61.77 -94.15 -26.92
N MET TA 356 61.06 -94.60 -27.97
CA MET TA 356 60.26 -95.82 -27.84
C MET TA 356 61.15 -97.00 -27.48
N VAL TA 357 62.33 -97.07 -28.10
CA VAL TA 357 63.26 -98.16 -27.81
C VAL TA 357 63.64 -98.14 -26.34
N ASN TA 358 63.91 -96.96 -25.80
CA ASN TA 358 64.22 -96.83 -24.37
C ASN TA 358 63.06 -97.31 -23.50
N LYS TA 359 61.85 -96.84 -23.80
CA LYS TA 359 60.70 -97.19 -22.98
C LYS TA 359 60.45 -98.69 -23.01
N ILE TA 360 60.52 -99.30 -24.19
CA ILE TA 360 60.29 -100.74 -24.31
C ILE TA 360 61.42 -101.51 -23.65
N ARG TA 361 62.66 -101.01 -23.73
CA ARG TA 361 63.77 -101.65 -23.03
C ARG TA 361 63.50 -101.69 -21.54
N ARG TA 362 63.03 -100.58 -20.98
CA ARG TA 362 62.73 -100.56 -19.56
C ARG TA 362 61.56 -101.49 -19.23
N LYS TA 363 60.53 -101.51 -20.08
CA LYS TA 363 59.31 -102.23 -19.73
C LYS TA 363 59.44 -103.74 -19.89
N ARG TA 364 60.21 -104.21 -20.88
CA ARG TA 364 60.28 -105.64 -21.13
C ARG TA 364 60.91 -106.39 -19.96
N GLU TA 365 61.94 -105.80 -19.35
CA GLU TA 365 62.64 -106.45 -18.26
C GLU TA 365 61.74 -106.70 -17.06
N GLN TA 366 60.66 -105.94 -16.90
CA GLN TA 366 59.74 -106.17 -15.80
C GLN TA 366 59.10 -107.55 -15.90
N PHE TA 367 58.70 -107.95 -17.09
CA PHE TA 367 58.01 -109.22 -17.30
C PHE TA 367 58.90 -110.34 -17.77
N THR TA 368 60.15 -110.07 -18.18
CA THR TA 368 60.96 -111.13 -18.77
C THR TA 368 61.27 -112.22 -17.75
N ASN TA 369 61.45 -111.88 -16.47
CA ASN TA 369 61.69 -112.91 -15.47
C ASN TA 369 60.47 -113.80 -15.28
N SER TA 370 59.27 -113.21 -15.28
CA SER TA 370 58.05 -114.01 -15.20
C SER TA 370 57.92 -114.91 -16.41
N TRP TA 371 58.29 -114.40 -17.58
CA TRP TA 371 58.22 -115.23 -18.78
C TRP TA 371 59.25 -116.36 -18.74
N GLN TA 372 60.42 -116.10 -18.14
CA GLN TA 372 61.38 -117.17 -17.91
C GLN TA 372 60.79 -118.24 -17.01
N LEU TA 373 60.11 -117.82 -15.94
CA LEU TA 373 59.48 -118.78 -15.04
C LEU TA 373 58.41 -119.58 -15.76
N LEU TA 374 57.61 -118.92 -16.61
CA LEU TA 374 56.58 -119.63 -17.35
C LEU TA 374 57.18 -120.63 -18.32
N ALA TA 375 58.26 -120.25 -19.01
CA ALA TA 375 58.93 -121.18 -19.91
C ALA TA 375 59.46 -122.39 -19.15
N ARG TA 376 60.10 -122.15 -18.00
CA ARG TA 376 60.58 -123.24 -17.17
C ARG TA 376 59.43 -124.15 -16.74
N MET TA 377 58.29 -123.55 -16.38
CA MET TA 377 57.17 -124.33 -15.89
C MET TA 377 56.57 -125.20 -16.98
N VAL TA 378 56.35 -124.64 -18.18
CA VAL TA 378 55.79 -125.43 -19.26
C VAL TA 378 56.76 -126.52 -19.69
N LEU TA 379 58.06 -126.25 -19.63
CA LEU TA 379 59.03 -127.31 -19.90
C LEU TA 379 58.92 -128.41 -18.86
N ILE TA 380 58.78 -128.05 -17.58
CA ILE TA 380 58.68 -129.06 -16.54
C ILE TA 380 57.40 -129.87 -16.69
N MET TA 381 56.31 -129.23 -17.14
CA MET TA 381 55.02 -129.88 -17.28
C MET TA 381 54.87 -130.67 -18.58
N SER TA 382 55.97 -131.00 -19.26
CA SER TA 382 55.90 -131.81 -20.46
C SER TA 382 57.28 -132.37 -20.81
N LYS TA 389 64.52 -134.51 -17.56
CA LYS TA 389 64.71 -135.08 -18.89
C LYS TA 389 65.54 -134.14 -19.77
N TYR TA 390 65.12 -132.88 -19.84
CA TYR TA 390 65.85 -131.91 -20.65
C TYR TA 390 67.17 -131.55 -19.97
N SER TA 391 68.21 -131.34 -20.80
CA SER TA 391 69.52 -131.03 -20.27
C SER TA 391 69.58 -129.69 -19.57
N SER TA 392 68.71 -128.75 -19.95
CA SER TA 392 68.66 -127.43 -19.34
C SER TA 392 67.21 -127.00 -19.17
N TYR TA 393 66.97 -126.14 -18.18
CA TYR TA 393 65.64 -125.60 -17.90
C TYR TA 393 65.67 -124.08 -17.72
N ASP TA 394 66.76 -123.41 -18.07
CA ASP TA 394 66.87 -121.96 -17.97
C ASP TA 394 66.73 -121.39 -19.38
N VAL TA 395 65.62 -120.72 -19.62
CA VAL TA 395 65.24 -120.25 -20.95
C VAL TA 395 65.56 -118.76 -21.04
N THR TA 396 66.36 -118.39 -22.03
CA THR TA 396 66.60 -116.98 -22.35
C THR TA 396 65.56 -116.49 -23.35
N ILE TA 397 65.29 -115.19 -23.31
CA ILE TA 397 64.18 -114.58 -24.02
C ILE TA 397 64.71 -113.54 -25.00
N GLY TA 398 64.37 -113.70 -26.27
CA GLY TA 398 64.52 -112.64 -27.25
C GLY TA 398 63.27 -111.77 -27.28
N TRP TA 399 63.27 -110.82 -28.21
CA TRP TA 399 62.16 -109.88 -28.31
C TRP TA 399 62.01 -109.39 -29.74
N ASP TA 400 60.83 -108.87 -30.04
CA ASP TA 400 60.57 -108.25 -31.34
C ASP TA 400 61.32 -106.93 -31.45
N GLU TA 401 61.62 -106.55 -32.68
CA GLU TA 401 62.29 -105.28 -32.94
C GLU TA 401 61.33 -104.13 -32.69
N VAL TA 402 61.76 -103.16 -31.89
CA VAL TA 402 60.95 -101.95 -31.70
C VAL TA 402 60.95 -101.12 -32.97
N ASN TA 403 62.13 -100.88 -33.53
CA ASN TA 403 62.30 -100.32 -34.87
C ASN TA 403 63.14 -101.31 -35.67
N PRO TA 404 62.66 -101.87 -36.79
CA PRO TA 404 63.39 -102.97 -37.41
C PRO TA 404 64.71 -102.53 -38.02
N ARG TA 405 65.64 -103.49 -38.09
CA ARG TA 405 66.89 -103.29 -38.80
C ARG TA 405 66.68 -103.58 -40.29
N ASP TA 406 67.29 -102.75 -41.13
CA ASP TA 406 67.16 -102.94 -42.57
C ASP TA 406 67.93 -104.18 -43.00
N ASP TA 407 67.23 -105.10 -43.66
CA ASP TA 407 67.87 -106.35 -44.09
C ASP TA 407 69.00 -106.10 -45.06
N LYS TA 408 68.90 -105.04 -45.88
CA LYS TA 408 69.99 -104.70 -46.77
C LYS TA 408 71.25 -104.35 -45.99
N GLU TA 409 71.10 -103.61 -44.89
CA GLU TA 409 72.26 -103.28 -44.07
C GLU TA 409 72.87 -104.53 -43.45
N LEU TA 410 72.03 -105.46 -42.99
CA LEU TA 410 72.55 -106.70 -42.41
C LEU TA 410 73.30 -107.51 -43.46
N ALA TA 411 72.76 -107.60 -44.66
CA ALA TA 411 73.46 -108.30 -45.74
C ALA TA 411 74.77 -107.62 -46.11
N GLU TA 412 74.77 -106.28 -46.12
CA GLU TA 412 76.01 -105.55 -46.37
C GLU TA 412 77.05 -105.86 -45.31
N THR TA 413 76.65 -105.89 -44.04
CA THR TA 413 77.59 -106.23 -42.98
C THR TA 413 78.11 -107.65 -43.15
N LEU TA 414 77.23 -108.59 -43.51
CA LEU TA 414 77.64 -109.98 -43.70
C LEU TA 414 78.68 -110.09 -44.81
N GLU TA 415 78.37 -109.53 -45.98
CA GLU TA 415 79.29 -109.61 -47.11
C GLU TA 415 80.61 -108.90 -46.79
N LYS TA 416 80.52 -107.75 -46.10
CA LYS TA 416 81.72 -106.99 -45.79
C LYS TA 416 82.62 -107.75 -44.83
N VAL TA 417 82.03 -108.42 -43.84
CA VAL TA 417 82.82 -109.25 -42.94
C VAL TA 417 83.43 -110.42 -43.70
N CYS TA 418 82.64 -111.06 -44.57
CA CYS TA 418 83.14 -112.24 -45.28
C CYS TA 418 84.31 -111.88 -46.19
N CYS TA 419 84.20 -110.76 -46.91
CA CYS TA 419 85.31 -110.33 -47.75
C CYS TA 419 86.48 -109.85 -46.88
N ALA TA 420 86.20 -109.24 -45.73
CA ALA TA 420 87.26 -108.94 -44.78
C ALA TA 420 87.93 -110.22 -44.29
N LEU TA 421 87.13 -111.24 -44.00
CA LEU TA 421 87.68 -112.55 -43.71
C LEU TA 421 88.23 -113.18 -44.99
N ASP TA 422 88.90 -114.32 -44.82
CA ASP TA 422 89.68 -114.98 -45.86
C ASP TA 422 90.93 -114.19 -46.26
N LYS TA 423 91.28 -113.14 -45.51
CA LYS TA 423 92.50 -112.38 -45.70
C LYS TA 423 93.13 -112.18 -44.33
N ALA TA 424 94.47 -112.11 -44.31
CA ALA TA 424 95.23 -112.10 -43.07
C ALA TA 424 94.88 -113.34 -42.24
N LEU TA 425 95.21 -114.50 -42.80
CA LEU TA 425 94.77 -115.79 -42.27
C LEU TA 425 95.45 -116.19 -40.96
N GLU TA 426 96.29 -115.33 -40.38
CA GLU TA 426 96.87 -115.62 -39.06
C GLU TA 426 95.87 -115.47 -37.92
N GLY TA 427 94.66 -114.97 -38.20
CA GLY TA 427 93.70 -114.77 -37.13
C GLY TA 427 93.30 -116.06 -36.43
N GLY TA 428 93.00 -117.11 -37.21
CA GLY TA 428 92.62 -118.41 -36.71
C GLY TA 428 91.33 -118.88 -37.34
N PHE TA 429 90.82 -120.01 -36.82
CA PHE TA 429 89.60 -120.63 -37.31
C PHE TA 429 88.35 -120.10 -36.61
N ILE TA 430 88.49 -119.29 -35.56
CA ILE TA 430 87.33 -118.67 -34.92
C ILE TA 430 86.56 -117.75 -35.85
N SER TA 431 87.16 -117.34 -36.97
CA SER TA 431 86.43 -116.57 -37.96
C SER TA 431 85.24 -117.35 -38.48
N GLU TA 432 85.39 -118.66 -38.67
CA GLU TA 432 84.27 -119.48 -39.12
C GLU TA 432 83.15 -119.50 -38.07
N GLU TA 433 83.52 -119.60 -36.80
CA GLU TA 433 82.51 -119.57 -35.74
C GLU TA 433 81.76 -118.24 -35.72
N SER TA 434 82.51 -117.14 -35.84
CA SER TA 434 81.86 -115.83 -35.89
C SER TA 434 80.98 -115.70 -37.12
N THR TA 435 81.43 -116.25 -38.25
CA THR TA 435 80.65 -116.18 -39.48
C THR TA 435 79.33 -116.93 -39.36
N VAL TA 436 79.36 -118.14 -38.80
CA VAL TA 436 78.11 -118.89 -38.65
C VAL TA 436 77.23 -118.23 -37.60
N ASN TA 437 77.82 -117.60 -36.58
CA ASN TA 437 77.01 -116.83 -35.62
C ASN TA 437 76.29 -115.69 -36.32
N PHE TA 438 77.01 -114.94 -37.16
CA PHE TA 438 76.40 -113.84 -37.89
C PHE TA 438 75.34 -114.35 -38.86
N LEU TA 439 75.59 -115.49 -39.49
CA LEU TA 439 74.61 -116.08 -40.39
C LEU TA 439 73.35 -116.47 -39.63
N ALA TA 440 73.49 -117.03 -38.43
CA ALA TA 440 72.34 -117.37 -37.62
C ALA TA 440 71.55 -116.12 -37.25
N GLN TA 441 72.26 -115.05 -36.87
CA GLN TA 441 71.57 -113.80 -36.56
C GLN TA 441 70.82 -113.26 -37.78
N TYR TA 442 71.45 -113.32 -38.95
CA TYR TA 442 70.79 -112.84 -40.16
C TYR TA 442 69.56 -113.68 -40.49
N ILE TA 443 69.68 -115.01 -40.35
CA ILE TA 443 68.54 -115.87 -40.62
C ILE TA 443 67.40 -115.58 -39.66
N ASP TA 444 67.73 -115.33 -38.39
CA ASP TA 444 66.69 -115.00 -37.42
C ASP TA 444 66.03 -113.68 -37.76
N THR TA 445 66.81 -112.66 -38.14
CA THR TA 445 66.25 -111.34 -38.41
C THR TA 445 65.53 -111.27 -39.74
N MET TA 446 65.82 -112.18 -40.67
CA MET TA 446 65.13 -112.21 -41.95
C MET TA 446 63.89 -113.09 -41.93
N SER TA 447 63.97 -114.24 -41.25
CA SER TA 447 62.82 -115.14 -41.20
C SER TA 447 61.65 -114.51 -40.46
N ASN TA 448 61.93 -113.88 -39.32
CA ASN TA 448 60.87 -113.21 -38.58
C ASN TA 448 60.33 -112.05 -39.38
N TYR TA 449 59.00 -111.93 -39.40
CA TYR TA 449 58.33 -110.82 -40.08
C TYR TA 449 58.04 -109.72 -39.07
N ILE TA 450 58.33 -108.49 -39.46
CA ILE TA 450 58.35 -107.39 -38.49
C ILE TA 450 56.94 -107.07 -38.00
N SER TA 451 56.01 -106.88 -38.93
CA SER TA 451 54.68 -106.42 -38.58
C SER TA 451 53.74 -107.55 -38.16
N ASP TA 452 54.26 -108.76 -37.99
CA ASP TA 452 53.51 -109.86 -37.37
C ASP TA 452 54.08 -110.10 -35.98
N ASP TA 453 53.20 -110.11 -34.98
CA ASP TA 453 53.63 -110.30 -33.61
C ASP TA 453 54.24 -111.69 -33.42
N PRO TA 454 55.26 -111.75 -32.57
CA PRO TA 454 55.90 -113.02 -32.29
C PRO TA 454 56.72 -113.53 -33.46
N GLU TA 455 57.02 -114.83 -33.39
CA GLU TA 455 57.86 -115.53 -34.36
C GLU TA 455 57.19 -116.80 -34.83
N ARG TA 456 55.87 -116.74 -35.07
CA ARG TA 456 55.16 -117.89 -35.61
C ARG TA 456 55.70 -118.25 -36.99
N GLU TA 457 56.04 -117.24 -37.79
CA GLU TA 457 56.51 -117.48 -39.15
C GLU TA 457 57.85 -118.22 -39.14
N GLY TA 458 58.72 -117.94 -38.17
CA GLY TA 458 59.98 -118.67 -38.11
C GLY TA 458 59.78 -120.15 -37.90
N GLU TA 459 58.95 -120.52 -36.92
CA GLU TA 459 58.68 -121.93 -36.66
C GLU TA 459 57.95 -122.57 -37.84
N ARG TA 460 57.00 -121.84 -38.43
CA ARG TA 460 56.27 -122.38 -39.58
C ARG TA 460 57.20 -122.64 -40.76
N GLU TA 461 58.11 -121.71 -41.04
CA GLU TA 461 59.06 -121.88 -42.12
C GLU TA 461 60.00 -123.04 -41.84
N LYS TA 462 60.46 -123.17 -40.59
CA LYS TA 462 61.32 -124.29 -40.25
C LYS TA 462 60.61 -125.61 -40.45
N ILE TA 463 59.36 -125.71 -40.00
CA ILE TA 463 58.61 -126.96 -40.13
C ILE TA 463 58.33 -127.27 -41.59
N ILE TA 464 57.97 -126.25 -42.38
CA ILE TA 464 57.70 -126.46 -43.79
C ILE TA 464 58.96 -126.91 -44.52
N LYS TA 465 60.11 -126.31 -44.20
CA LYS TA 465 61.36 -126.73 -44.80
C LYS TA 465 61.70 -128.16 -44.41
N THR TA 466 61.46 -128.53 -43.15
CA THR TA 466 61.72 -129.89 -42.72
C THR TA 466 60.83 -130.89 -43.47
N LYS TA 467 59.55 -130.54 -43.64
CA LYS TA 467 58.63 -131.41 -44.38
C LYS TA 467 59.08 -131.55 -45.83
N MET TA 468 59.36 -130.43 -46.49
CA MET TA 468 59.85 -130.47 -47.86
C MET TA 468 61.22 -131.13 -47.94
N LEU TA 469 62.09 -130.83 -46.97
CA LEU TA 469 63.44 -131.41 -46.92
C LEU TA 469 64.24 -131.02 -48.16
N MET UA 19 80.36 -68.82 -1.78
CA MET UA 19 80.86 -67.60 -1.09
C MET UA 19 82.18 -67.84 -0.37
N ARG UA 20 82.89 -66.77 -0.09
CA ARG UA 20 84.15 -66.82 0.62
C ARG UA 20 83.95 -66.67 2.11
N MET UA 21 84.94 -67.13 2.87
CA MET UA 21 84.94 -66.97 4.32
C MET UA 21 86.36 -67.12 4.82
N SER UA 22 86.62 -66.58 6.00
CA SER UA 22 87.93 -66.73 6.62
C SER UA 22 88.14 -68.18 7.05
N SER UA 23 89.39 -68.64 6.94
CA SER UA 23 89.69 -70.04 7.21
C SER UA 23 89.42 -70.42 8.66
N GLY UA 24 89.64 -69.51 9.59
CA GLY UA 24 89.48 -69.78 11.01
C GLY UA 24 88.08 -69.63 11.55
N ASN UA 25 87.07 -69.54 10.69
CA ASN UA 25 85.68 -69.39 11.09
C ASN UA 25 84.82 -70.44 10.42
N ILE UA 26 85.25 -71.71 10.50
CA ILE UA 26 84.56 -72.84 9.90
C ILE UA 26 84.33 -73.90 10.97
N GLY UA 27 83.14 -74.49 10.97
CA GLY UA 27 82.81 -75.54 11.90
C GLY UA 27 83.56 -76.82 11.62
N VAL UA 28 83.33 -77.81 12.48
CA VAL UA 28 84.03 -79.08 12.40
C VAL UA 28 83.21 -80.03 11.53
N TYR UA 29 83.92 -80.84 10.74
CA TYR UA 29 83.27 -81.80 9.86
C TYR UA 29 82.49 -82.82 10.67
N LYS UA 30 81.33 -83.21 10.15
CA LYS UA 30 80.52 -84.26 10.73
C LYS UA 30 79.78 -84.99 9.62
N LEU UA 31 79.80 -86.31 9.66
CA LEU UA 31 79.20 -87.12 8.61
C LEU UA 31 77.69 -87.16 8.81
N ASP UA 32 76.96 -86.41 7.99
CA ASP UA 32 75.51 -86.37 8.09
C ASP UA 32 74.92 -87.72 7.71
N ASP UA 33 73.90 -88.14 8.46
CA ASP UA 33 73.24 -89.43 8.25
C ASP UA 33 71.77 -89.29 7.90
N SER UA 34 71.32 -88.09 7.52
CA SER UA 34 69.92 -87.91 7.17
C SER UA 34 69.58 -88.74 5.94
N ARG UA 35 68.42 -89.38 5.99
CA ARG UA 35 67.96 -90.28 4.94
C ARG UA 35 66.97 -89.56 4.04
N VAL UA 36 66.75 -90.13 2.86
CA VAL UA 36 65.72 -89.63 1.97
C VAL UA 36 64.36 -90.10 2.48
N ASP UA 37 63.35 -89.24 2.35
CA ASP UA 37 62.01 -89.60 2.79
C ASP UA 37 61.46 -90.64 1.80
N TYR UA 38 61.78 -91.90 2.05
CA TYR UA 38 61.60 -92.94 1.03
C TYR UA 38 60.15 -93.10 0.62
N GLU UA 39 59.23 -93.07 1.59
CA GLU UA 39 57.81 -93.16 1.24
C GLU UA 39 57.39 -91.96 0.41
N LEU UA 40 57.89 -90.76 0.75
CA LEU UA 40 57.58 -89.60 -0.07
C LEU UA 40 58.18 -89.73 -1.46
N ALA UA 41 59.39 -90.28 -1.56
CA ALA UA 41 60.00 -90.46 -2.87
C ALA UA 41 59.17 -91.40 -3.74
N ARG UA 42 58.72 -92.51 -3.16
CA ARG UA 42 57.88 -93.43 -3.92
C ARG UA 42 56.53 -92.81 -4.26
N GLU UA 43 55.98 -91.97 -3.37
CA GLU UA 43 54.74 -91.27 -3.68
C GLU UA 43 54.92 -90.34 -4.86
N LEU UA 44 56.01 -89.57 -4.87
CA LEU UA 44 56.26 -88.65 -5.97
C LEU UA 44 56.49 -89.41 -7.27
N TYR UA 45 57.20 -90.54 -7.21
CA TYR UA 45 57.42 -91.32 -8.42
C TYR UA 45 56.11 -91.88 -8.95
N GLN UA 46 55.10 -92.06 -8.09
CA GLN UA 46 53.79 -92.55 -8.49
C GLN UA 46 52.72 -91.46 -8.47
N ASN UA 47 53.10 -90.20 -8.30
CA ASN UA 47 52.17 -89.08 -8.41
C ASN UA 47 51.06 -89.16 -7.36
N LYS UA 48 51.35 -89.76 -6.21
CA LYS UA 48 50.34 -90.04 -5.20
C LYS UA 48 50.24 -88.96 -4.13
N ASN UA 49 51.33 -88.26 -3.83
CA ASN UA 49 51.30 -87.24 -2.79
C ASN UA 49 50.33 -86.12 -3.17
N ALA UA 50 49.49 -85.73 -2.21
CA ALA UA 50 48.46 -84.73 -2.49
C ALA UA 50 49.05 -83.36 -2.75
N ASN UA 51 50.21 -83.06 -2.18
CA ASN UA 51 50.81 -81.74 -2.31
C ASN UA 51 51.70 -81.60 -3.53
N TYR UA 52 51.82 -82.65 -4.36
CA TYR UA 52 52.65 -82.60 -5.56
C TYR UA 52 51.95 -83.26 -6.75
N LYS UA 53 50.61 -83.33 -6.74
CA LYS UA 53 49.91 -84.11 -7.77
C LYS UA 53 50.14 -83.55 -9.15
N LEU UA 54 49.93 -82.24 -9.32
CA LEU UA 54 50.21 -81.61 -10.60
C LEU UA 54 51.70 -81.43 -10.81
N GLY UA 55 52.43 -81.06 -9.75
CA GLY UA 55 53.85 -80.78 -9.89
C GLY UA 55 54.67 -82.01 -10.22
N SER UA 56 54.40 -83.14 -9.56
CA SER UA 56 55.26 -84.32 -9.65
C SER UA 56 55.14 -85.08 -10.97
N SER UA 57 54.48 -84.53 -11.98
CA SER UA 57 54.43 -85.17 -13.29
C SER UA 57 55.82 -85.41 -13.85
N PHE UA 58 56.75 -84.48 -13.62
CA PHE UA 58 58.07 -84.56 -14.22
C PHE UA 58 58.97 -85.62 -13.60
N VAL UA 59 58.61 -86.16 -12.44
CA VAL UA 59 59.50 -87.10 -11.74
C VAL UA 59 59.65 -88.38 -12.53
N ARG UA 60 58.54 -88.94 -13.01
CA ARG UA 60 58.59 -90.20 -13.75
C ARG UA 60 59.46 -90.13 -14.99
N PRO UA 61 59.29 -89.18 -15.92
CA PRO UA 61 60.12 -89.21 -17.13
C PRO UA 61 61.61 -89.06 -16.86
N ILE UA 62 62.00 -88.24 -15.89
CA ILE UA 62 63.42 -88.03 -15.61
C ILE UA 62 64.06 -89.33 -15.18
N VAL UA 63 63.54 -89.93 -14.11
CA VAL UA 63 64.11 -91.16 -13.57
C VAL UA 63 64.02 -92.28 -14.58
N ASN UA 64 62.88 -92.41 -15.26
CA ASN UA 64 62.69 -93.50 -16.20
C ASN UA 64 63.65 -93.40 -17.37
N SER UA 65 63.81 -92.19 -17.94
CA SER UA 65 64.75 -92.03 -19.05
C SER UA 65 66.18 -92.29 -18.58
N THR UA 66 66.56 -91.76 -17.43
CA THR UA 66 67.92 -91.92 -16.96
C THR UA 66 68.24 -93.39 -16.69
N THR UA 67 67.33 -94.11 -16.04
CA THR UA 67 67.59 -95.51 -15.71
C THR UA 67 67.47 -96.41 -16.94
N GLY UA 68 66.61 -96.06 -17.90
CA GLY UA 68 66.49 -96.88 -19.08
C GLY UA 68 67.65 -96.70 -20.05
N PHE UA 69 68.20 -95.50 -20.13
CA PHE UA 69 69.35 -95.28 -21.00
C PHE UA 69 70.57 -96.01 -20.49
N MET UA 70 70.89 -95.87 -19.20
CA MET UA 70 71.95 -96.67 -18.62
C MET UA 70 71.49 -98.11 -18.56
N GLY UA 71 72.27 -99.01 -19.16
CA GLY UA 71 71.86 -100.39 -19.24
C GLY UA 71 72.10 -101.12 -17.95
N VAL UA 72 72.65 -102.33 -18.06
CA VAL UA 72 73.07 -103.12 -16.89
C VAL UA 72 74.54 -103.44 -17.09
N PRO UA 73 75.31 -103.66 -16.03
CA PRO UA 73 76.74 -103.93 -16.21
C PRO UA 73 76.97 -105.20 -17.00
N HIS UA 74 77.99 -105.17 -17.86
CA HIS UA 74 78.42 -106.32 -18.65
C HIS UA 74 79.69 -106.83 -17.98
N PHE UA 75 79.50 -107.70 -16.99
CA PHE UA 75 80.61 -108.17 -16.18
C PHE UA 75 81.59 -108.95 -17.04
N GLN UA 76 82.84 -108.48 -17.08
CA GLN UA 76 83.89 -109.03 -17.92
C GLN UA 76 85.07 -109.43 -17.05
N ILE UA 77 85.64 -110.60 -17.34
CA ILE UA 77 86.80 -111.09 -16.60
C ILE UA 77 87.49 -112.12 -17.46
N GLU UA 78 88.82 -112.17 -17.37
CA GLU UA 78 89.60 -113.08 -18.20
C GLU UA 78 89.33 -114.55 -17.87
N ASP UA 79 89.09 -114.88 -16.61
CA ASP UA 79 88.92 -116.27 -16.22
C ASP UA 79 87.66 -116.85 -16.85
N GLU UA 80 87.79 -118.07 -17.40
CA GLU UA 80 86.66 -118.71 -18.07
C GLU UA 80 85.54 -119.04 -17.09
N GLU UA 81 85.88 -119.69 -15.98
CA GLU UA 81 84.85 -120.16 -15.05
C GLU UA 81 84.20 -118.99 -14.34
N ALA UA 82 84.98 -117.98 -13.96
CA ALA UA 82 84.42 -116.78 -13.36
C ALA UA 82 83.45 -116.10 -14.32
N GLN UA 83 83.84 -116.02 -15.60
CA GLN UA 83 82.96 -115.40 -16.59
C GLN UA 83 81.68 -116.20 -16.77
N TYR UA 84 81.78 -117.54 -16.75
CA TYR UA 84 80.59 -118.37 -16.87
C TYR UA 84 79.66 -118.17 -15.69
N ILE UA 85 80.22 -118.11 -14.48
CA ILE UA 85 79.39 -117.87 -13.30
C ILE UA 85 78.74 -116.49 -13.41
N LEU UA 86 79.51 -115.49 -13.87
CA LEU UA 86 78.98 -114.14 -13.98
C LEU UA 86 77.83 -114.06 -14.98
N ASP UA 87 77.98 -114.71 -16.14
CA ASP UA 87 76.92 -114.61 -17.14
C ASP UA 87 75.69 -115.44 -16.73
N GLU UA 88 75.90 -116.54 -16.01
CA GLU UA 88 74.77 -117.23 -15.41
C GLU UA 88 74.01 -116.31 -14.46
N PHE UA 89 74.74 -115.61 -13.59
CA PHE UA 89 74.11 -114.70 -12.66
C PHE UA 89 73.39 -113.57 -13.39
N VAL UA 90 73.99 -113.07 -14.46
CA VAL UA 90 73.38 -111.99 -15.24
C VAL UA 90 72.07 -112.49 -15.87
N LEU UA 91 72.11 -113.68 -16.47
CA LEU UA 91 70.91 -114.28 -17.03
C LEU UA 91 69.83 -114.44 -15.95
N ASP UA 92 70.25 -114.70 -14.71
CA ASP UA 92 69.28 -114.82 -13.63
C ASP UA 92 68.66 -113.47 -13.29
N ASN UA 93 69.48 -112.41 -13.14
CA ASN UA 93 69.08 -111.22 -12.41
C ASN UA 93 69.29 -109.91 -13.18
N THR UA 94 69.24 -109.95 -14.51
CA THR UA 94 69.37 -108.70 -15.27
C THR UA 94 68.22 -107.74 -14.97
N SER UA 95 67.00 -108.26 -14.92
CA SER UA 95 65.85 -107.41 -14.60
C SER UA 95 66.00 -106.79 -13.22
N LYS UA 96 66.47 -107.57 -12.26
CA LYS UA 96 66.64 -107.06 -10.92
C LYS UA 96 67.77 -106.06 -10.84
N MET UA 97 68.81 -106.21 -11.68
CA MET UA 97 69.86 -105.20 -11.73
C MET UA 97 69.33 -103.87 -12.26
N LEU UA 98 68.51 -103.93 -13.31
CA LEU UA 98 67.89 -102.70 -13.82
C LEU UA 98 66.98 -102.09 -12.77
N LYS UA 99 66.23 -102.92 -12.05
CA LYS UA 99 65.39 -102.43 -10.97
C LYS UA 99 66.24 -101.80 -9.87
N THR UA 100 67.44 -102.34 -9.64
CA THR UA 100 68.34 -101.76 -8.65
C THR UA 100 68.78 -100.36 -9.09
N HIS UA 101 69.12 -100.21 -10.36
CA HIS UA 101 69.42 -98.87 -10.89
C HIS UA 101 68.24 -97.93 -10.66
N THR UA 102 67.03 -98.38 -10.99
CA THR UA 102 65.86 -97.52 -10.86
C THR UA 102 65.61 -97.16 -9.40
N ASP UA 103 65.76 -98.12 -8.49
CA ASP UA 103 65.57 -97.85 -7.07
C ASP UA 103 66.60 -96.86 -6.54
N SER UA 104 67.85 -97.03 -6.95
CA SER UA 104 68.89 -96.09 -6.53
C SER UA 104 68.58 -94.69 -7.04
N LEU UA 105 68.13 -94.58 -8.29
CA LEU UA 105 67.78 -93.27 -8.83
C LEU UA 105 66.60 -92.67 -8.09
N LYS UA 106 65.58 -93.48 -7.78
CA LYS UA 106 64.34 -92.96 -7.20
C LYS UA 106 64.52 -92.63 -5.72
N GLN UA 107 64.80 -93.66 -4.90
CA GLN UA 107 64.87 -93.47 -3.46
C GLN UA 107 66.19 -92.86 -3.01
N GLY UA 108 67.23 -92.93 -3.84
CA GLY UA 108 68.54 -92.48 -3.47
C GLY UA 108 69.42 -93.52 -2.84
N ASP UA 109 68.85 -94.63 -2.36
CA ASP UA 109 69.63 -95.68 -1.73
C ASP UA 109 68.83 -96.97 -1.74
N CYS UA 110 69.34 -97.97 -2.46
CA CYS UA 110 68.76 -99.31 -2.49
C CYS UA 110 69.80 -100.29 -1.97
N TYR UA 111 69.34 -101.25 -1.17
CA TYR UA 111 70.20 -102.20 -0.47
C TYR UA 111 69.98 -103.59 -1.05
N ILE UA 112 71.05 -104.24 -1.45
CA ILE UA 112 71.02 -105.52 -2.16
C ILE UA 112 71.70 -106.57 -1.29
N TRP UA 113 71.07 -107.74 -1.18
CA TRP UA 113 71.54 -108.83 -0.34
C TRP UA 113 71.51 -110.12 -1.16
N ILE UA 114 72.64 -110.81 -1.19
CA ILE UA 114 72.79 -112.08 -1.90
C ILE UA 114 72.82 -113.20 -0.87
N THR UA 115 71.98 -114.22 -1.08
CA THR UA 115 71.89 -115.37 -0.21
C THR UA 115 72.01 -116.64 -1.04
N ARG UA 116 72.76 -117.61 -0.51
CA ARG UA 116 72.96 -118.90 -1.16
C ARG UA 116 71.89 -119.86 -0.66
N GLU UA 117 71.13 -120.43 -1.59
CA GLU UA 117 70.04 -121.35 -1.27
C GLU UA 117 70.35 -122.73 -1.84
N GLU UA 118 70.34 -123.74 -0.97
CA GLU UA 118 70.48 -125.13 -1.35
C GLU UA 118 69.17 -125.88 -1.28
N ARG UA 119 68.04 -125.20 -1.08
CA ARG UA 119 66.75 -125.88 -0.99
C ARG UA 119 66.43 -126.57 -2.31
N GLU UA 120 65.93 -127.80 -2.20
CA GLU UA 120 65.54 -128.60 -3.36
C GLU UA 120 64.03 -128.54 -3.52
N ASN UA 121 63.58 -128.05 -4.67
CA ASN UA 121 62.17 -128.03 -5.04
C ASN UA 121 62.03 -128.56 -6.45
N PRO UA 122 60.87 -129.11 -6.82
CA PRO UA 122 60.73 -129.66 -8.18
C PRO UA 122 60.87 -128.62 -9.27
N LEU UA 123 60.56 -127.35 -8.97
CA LEU UA 123 60.55 -126.33 -10.01
C LEU UA 123 61.93 -126.07 -10.58
N TYR UA 124 62.99 -126.44 -9.87
CA TYR UA 124 64.37 -126.31 -10.34
C TYR UA 124 65.07 -127.65 -10.18
N PRO UA 125 64.77 -128.63 -11.05
CA PRO UA 125 65.42 -129.94 -10.90
C PRO UA 125 66.94 -129.91 -11.03
N ASP UA 126 67.47 -129.04 -11.89
CA ASP UA 126 68.90 -129.01 -12.16
C ASP UA 126 69.66 -128.02 -11.29
N LYS UA 127 69.05 -126.89 -10.92
CA LYS UA 127 69.73 -125.84 -10.16
C LYS UA 127 69.66 -126.19 -8.68
N LYS UA 128 70.57 -127.07 -8.26
CA LYS UA 128 70.63 -127.46 -6.86
C LYS UA 128 71.00 -126.29 -5.97
N VAL UA 129 71.93 -125.45 -6.43
CA VAL UA 129 72.42 -124.29 -5.68
C VAL UA 129 72.04 -123.04 -6.47
N ARG UA 130 71.37 -122.10 -5.80
CA ARG UA 130 70.93 -120.86 -6.41
C ARG UA 130 71.32 -119.69 -5.51
N LEU UA 131 71.86 -118.63 -6.13
CA LEU UA 131 72.20 -117.40 -5.43
C LEU UA 131 71.02 -116.44 -5.58
N ILE UA 132 70.24 -116.27 -4.52
CA ILE UA 132 69.04 -115.44 -4.57
C ILE UA 132 69.45 -113.98 -4.52
N TYR UA 133 69.02 -113.21 -5.51
CA TYR UA 133 69.28 -111.78 -5.58
C TYR UA 133 68.14 -111.06 -4.87
N ASN UA 134 68.31 -110.81 -3.57
CA ASN UA 134 67.24 -110.33 -2.71
C ASN UA 134 67.38 -108.83 -2.48
N PHE UA 135 66.30 -108.10 -2.67
CA PHE UA 135 66.26 -106.69 -2.34
C PHE UA 135 66.01 -106.50 -0.85
N ILE UA 136 66.47 -105.36 -0.33
CA ILE UA 136 66.11 -104.86 0.99
C ILE UA 136 65.59 -103.45 0.81
N SER UA 137 64.37 -103.21 1.25
CA SER UA 137 63.82 -101.86 1.21
C SER UA 137 64.64 -100.96 2.13
N PRO UA 138 64.87 -99.70 1.74
CA PRO UA 138 65.72 -98.85 2.60
C PRO UA 138 65.09 -98.52 3.94
N GLU UA 139 63.77 -98.69 4.10
CA GLU UA 139 63.17 -98.51 5.42
C GLU UA 139 63.48 -99.69 6.33
N GLU UA 140 63.72 -100.87 5.78
CA GLU UA 140 64.01 -102.04 6.61
C GLU UA 140 65.30 -101.84 7.38
N VAL UA 141 66.35 -101.36 6.71
CA VAL UA 141 67.64 -101.15 7.38
C VAL UA 141 67.48 -99.93 8.29
N LYS UA 142 67.41 -100.18 9.59
CA LYS UA 142 67.27 -99.10 10.55
C LYS UA 142 68.58 -98.35 10.75
N GLU UA 143 69.71 -99.03 10.56
CA GLU UA 143 71.02 -98.43 10.76
C GLU UA 143 72.07 -99.38 10.23
N ILE UA 144 73.21 -98.81 9.83
CA ILE UA 144 74.38 -99.58 9.40
C ILE UA 144 75.55 -99.14 10.25
N ILE UA 145 76.29 -100.11 10.80
CA ILE UA 145 77.44 -99.84 11.64
C ILE UA 145 78.67 -99.76 10.74
N LEU UA 146 79.40 -98.66 10.86
CA LEU UA 146 80.58 -98.40 10.02
C LEU UA 146 81.84 -98.43 10.87
N ASP UA 147 82.91 -98.98 10.30
CA ASP UA 147 84.22 -98.87 10.92
C ASP UA 147 84.63 -97.40 10.87
N PRO UA 148 84.90 -96.73 11.99
CA PRO UA 148 85.13 -95.28 11.93
C PRO UA 148 86.34 -94.87 11.11
N THR UA 149 87.43 -95.65 11.13
CA THR UA 149 88.64 -95.23 10.43
C THR UA 149 88.51 -95.44 8.92
N THR UA 150 87.87 -96.53 8.50
CA THR UA 150 87.71 -96.84 7.08
C THR UA 150 86.34 -96.48 6.54
N LYS UA 151 85.35 -96.25 7.41
CA LYS UA 151 83.97 -96.01 7.01
C LYS UA 151 83.36 -97.20 6.26
N GLU UA 152 83.94 -98.38 6.40
CA GLU UA 152 83.38 -99.58 5.79
C GLU UA 152 82.24 -100.11 6.65
N PRO UA 153 81.09 -100.49 6.08
CA PRO UA 153 80.00 -100.99 6.92
C PRO UA 153 80.36 -102.35 7.51
N ILE UA 154 80.32 -102.43 8.84
CA ILE UA 154 80.65 -103.66 9.56
C ILE UA 154 79.42 -104.41 10.06
N ALA UA 155 78.25 -103.79 10.05
CA ALA UA 155 77.03 -104.49 10.42
C ALA UA 155 75.82 -103.69 9.95
N TYR UA 156 74.71 -104.40 9.76
CA TYR UA 156 73.46 -103.82 9.29
C TYR UA 156 72.35 -104.10 10.30
N ILE UA 157 71.51 -103.11 10.55
CA ILE UA 157 70.42 -103.20 11.50
C ILE UA 157 69.12 -103.25 10.69
N LEU UA 158 68.60 -104.45 10.48
CA LEU UA 158 67.38 -104.66 9.70
C LEU UA 158 66.19 -104.84 10.64
N GLU UA 159 65.09 -104.16 10.34
CA GLU UA 159 63.89 -104.20 11.16
C GLU UA 159 62.68 -104.10 10.26
N SER UA 160 61.75 -105.05 10.39
CA SER UA 160 60.61 -105.13 9.49
C SER UA 160 59.45 -105.82 10.18
N GLN UA 161 58.24 -105.31 9.93
CA GLN UA 161 57.01 -105.92 10.43
C GLN UA 161 56.41 -106.80 9.33
N ASN UA 162 56.44 -108.11 9.54
CA ASN UA 162 55.92 -109.08 8.58
C ASN UA 162 54.50 -109.46 9.00
N GLU UA 163 53.52 -108.83 8.37
CA GLU UA 163 52.11 -109.19 8.54
C GLU UA 163 51.74 -110.19 7.46
N TRP UA 164 51.22 -111.34 7.86
CA TRP UA 164 50.94 -112.42 6.92
C TRP UA 164 49.89 -113.34 7.53
N THR UA 165 49.21 -114.08 6.65
CA THR UA 165 48.14 -114.99 7.05
C THR UA 165 48.63 -116.42 6.89
N ASP UA 166 48.24 -117.28 7.84
CA ASP UA 166 48.50 -118.70 7.73
C ASP UA 166 47.85 -119.25 6.46
N LEU UA 167 48.36 -120.40 6.00
CA LEU UA 167 47.75 -121.07 4.85
C LEU UA 167 46.28 -121.43 5.12
N GLY UA 168 45.88 -121.53 6.37
CA GLY UA 168 44.48 -121.52 6.73
C GLY UA 168 43.96 -120.08 6.74
N GLU UA 169 43.21 -119.71 7.77
CA GLU UA 169 42.65 -118.37 7.90
C GLU UA 169 43.15 -117.62 9.13
N ASN UA 170 44.29 -118.01 9.68
CA ASN UA 170 44.83 -117.34 10.86
C ASN UA 170 45.75 -116.20 10.44
N LYS UA 171 45.45 -115.00 10.95
CA LYS UA 171 46.35 -113.87 10.76
C LYS UA 171 47.60 -114.05 11.62
N ARG UA 172 48.71 -113.50 11.14
CA ARG UA 172 49.97 -113.61 11.86
C ARG UA 172 50.77 -112.32 11.68
N LYS UA 173 51.02 -111.64 12.79
CA LYS UA 173 51.83 -110.43 12.83
C LYS UA 173 53.14 -110.78 13.52
N ALA UA 174 54.25 -110.35 12.93
CA ALA UA 174 55.58 -110.73 13.43
C ALA UA 174 56.56 -109.61 13.11
N LYS UA 175 56.98 -108.89 14.14
CA LYS UA 175 58.00 -107.85 14.01
C LYS UA 175 59.36 -108.51 14.16
N VAL UA 176 60.05 -108.70 13.03
CA VAL UA 176 61.36 -109.34 13.00
C VAL UA 176 62.44 -108.27 12.90
N LYS UA 177 63.46 -108.40 13.74
CA LYS UA 177 64.68 -107.61 13.66
C LYS UA 177 65.86 -108.55 13.58
N GLN UA 178 66.84 -108.20 12.76
CA GLN UA 178 68.02 -109.04 12.60
C GLN UA 178 69.25 -108.19 12.33
N ILE UA 179 70.38 -108.61 12.90
CA ILE UA 179 71.66 -107.94 12.74
C ILE UA 179 72.55 -108.87 11.92
N ILE UA 180 72.99 -108.40 10.75
CA ILE UA 180 73.90 -109.13 9.89
C ILE UA 180 75.30 -108.57 10.07
N THR UA 181 76.27 -109.45 10.27
CA THR UA 181 77.67 -109.09 10.41
C THR UA 181 78.50 -110.03 9.56
N ALA UA 182 79.73 -109.61 9.28
CA ALA UA 182 80.64 -110.46 8.51
C ALA UA 182 80.93 -111.76 9.24
N GLU UA 183 80.93 -111.74 10.58
CA GLU UA 183 81.21 -112.93 11.35
C GLU UA 183 79.99 -113.84 11.46
N SER UA 184 78.81 -113.26 11.69
CA SER UA 184 77.61 -114.06 11.91
C SER UA 184 76.38 -113.19 11.65
N ARG UA 185 75.23 -113.85 11.57
CA ARG UA 185 73.94 -113.21 11.40
C ARG UA 185 73.09 -113.49 12.64
N PHE UA 186 72.52 -112.43 13.22
CA PHE UA 186 71.68 -112.53 14.40
C PHE UA 186 70.26 -112.13 14.03
N VAL UA 187 69.28 -112.95 14.42
CA VAL UA 187 67.88 -112.76 14.06
C VAL UA 187 67.01 -113.09 15.27
N GLU UA 188 65.99 -112.27 15.48
CA GLU UA 188 64.96 -112.51 16.49
C GLU UA 188 63.65 -111.96 15.99
N VAL UA 189 62.55 -112.54 16.48
CA VAL UA 189 61.20 -112.17 16.06
C VAL UA 189 60.36 -111.93 17.30
N GLU UA 190 59.52 -110.89 17.23
CA GLU UA 190 58.62 -110.52 18.31
C GLU UA 190 57.19 -110.65 17.77
N GLY UA 191 56.63 -111.84 17.89
CA GLY UA 191 55.29 -112.10 17.43
C GLY UA 191 55.11 -113.57 17.08
N ASP UA 192 54.22 -113.81 16.13
CA ASP UA 192 53.90 -115.17 15.73
C ASP UA 192 55.10 -115.86 15.08
N LYS UA 193 55.19 -117.16 15.27
CA LYS UA 193 56.33 -117.92 14.78
C LYS UA 193 56.34 -117.97 13.26
N ILE UA 194 57.54 -117.88 12.69
CA ILE UA 194 57.78 -118.09 11.26
C ILE UA 194 58.75 -119.26 11.15
N GLU UA 195 58.36 -120.27 10.37
CA GLU UA 195 59.20 -121.46 10.24
C GLU UA 195 60.53 -121.13 9.56
N GLY UA 196 60.50 -120.26 8.56
CA GLY UA 196 61.69 -119.99 7.76
C GLY UA 196 62.84 -119.39 8.54
N LEU UA 197 62.55 -118.65 9.60
CA LEU UA 197 63.56 -117.93 10.36
C LEU UA 197 63.88 -118.67 11.66
N GLU UA 198 65.16 -118.96 11.86
CA GLU UA 198 65.65 -119.63 13.06
C GLU UA 198 66.23 -118.57 13.99
N GLU UA 199 65.58 -118.34 15.13
CA GLU UA 199 65.95 -117.25 16.01
C GLU UA 199 67.36 -117.44 16.56
N GLY UA 200 67.99 -116.32 16.93
CA GLY UA 200 69.33 -116.34 17.48
C GLY UA 200 70.40 -116.28 16.42
N GLU UA 201 71.65 -116.22 16.90
CA GLU UA 201 72.79 -116.13 16.01
C GLU UA 201 72.94 -117.39 15.18
N THR UA 202 73.37 -117.21 13.93
CA THR UA 202 73.71 -118.30 13.03
C THR UA 202 75.00 -117.89 12.33
N PRO UA 203 75.96 -118.80 12.16
CA PRO UA 203 77.28 -118.37 11.66
C PRO UA 203 77.23 -117.97 10.20
N ASN UA 204 78.14 -117.08 9.83
CA ASN UA 204 78.31 -116.65 8.44
C ASN UA 204 79.29 -117.58 7.75
N VAL UA 205 78.84 -118.23 6.68
CA VAL UA 205 79.69 -119.17 5.96
C VAL UA 205 80.91 -118.50 5.36
N TRP UA 206 80.85 -117.19 5.11
CA TRP UA 206 81.99 -116.40 4.67
C TRP UA 206 82.17 -115.23 5.62
N GLY UA 207 83.40 -114.71 5.67
CA GLY UA 207 83.71 -113.63 6.59
C GLY UA 207 83.55 -112.25 6.00
N PHE UA 208 82.48 -112.04 5.23
CA PHE UA 208 82.14 -110.71 4.75
C PHE UA 208 80.62 -110.56 4.82
N ILE UA 209 80.18 -109.32 4.90
CA ILE UA 209 78.74 -109.04 4.98
C ILE UA 209 78.12 -109.28 3.61
N PRO UA 210 77.08 -110.11 3.48
CA PRO UA 210 76.54 -110.41 2.14
C PRO UA 210 75.65 -109.32 1.56
N ILE UA 211 75.56 -108.14 2.19
CA ILE UA 211 74.77 -107.03 1.69
C ILE UA 211 75.68 -106.06 0.96
N ILE UA 212 75.16 -105.48 -0.12
CA ILE UA 212 75.86 -104.47 -0.92
C ILE UA 212 74.99 -103.22 -0.93
N HIS UA 213 75.60 -102.08 -0.63
CA HIS UA 213 74.93 -100.80 -0.57
C HIS UA 213 75.11 -100.08 -1.91
N PHE UA 214 74.00 -99.80 -2.58
CA PHE UA 214 74.00 -99.00 -3.80
C PHE UA 214 73.62 -97.56 -3.43
N LYS UA 215 74.60 -96.67 -3.54
CA LYS UA 215 74.48 -95.29 -3.08
C LYS UA 215 74.40 -94.37 -4.29
N ASN UA 216 73.22 -93.81 -4.53
CA ASN UA 216 73.04 -92.87 -5.63
C ASN UA 216 73.57 -91.50 -5.26
N GLU UA 217 74.35 -90.91 -6.17
CA GLU UA 217 74.96 -89.60 -5.96
C GLU UA 217 75.72 -89.57 -4.65
N ALA UA 218 76.55 -90.59 -4.45
CA ALA UA 218 77.29 -90.73 -3.21
C ALA UA 218 78.16 -89.50 -2.97
N ASP UA 219 78.25 -89.07 -1.72
CA ASP UA 219 78.99 -87.88 -1.34
C ASP UA 219 79.91 -88.22 -0.17
N GLU UA 220 81.09 -87.59 -0.18
CA GLU UA 220 82.06 -87.82 0.87
C GLU UA 220 81.59 -87.30 2.23
N THR UA 221 80.56 -86.46 2.27
CA THR UA 221 80.05 -85.88 3.50
C THR UA 221 78.70 -86.42 3.93
N LEU UA 222 78.15 -87.41 3.23
CA LEU UA 222 76.86 -88.01 3.55
C LEU UA 222 77.04 -89.51 3.76
N LYS UA 223 76.41 -90.03 4.82
CA LYS UA 223 76.45 -91.46 5.08
C LYS UA 223 75.72 -92.24 3.99
N TYR UA 224 74.54 -91.75 3.61
CA TYR UA 224 73.67 -92.43 2.64
C TYR UA 224 73.72 -91.72 1.30
N GLY UA 225 73.00 -92.29 0.34
CA GLY UA 225 72.82 -91.66 -0.95
C GLY UA 225 71.76 -90.58 -0.88
N GLN UA 226 71.28 -90.20 -2.06
CA GLN UA 226 70.29 -89.14 -2.18
C GLN UA 226 69.57 -89.21 -3.51
N SER UA 227 68.26 -89.01 -3.46
CA SER UA 227 67.41 -89.17 -4.63
C SER UA 227 67.60 -88.04 -5.62
N ASP UA 228 67.42 -88.36 -6.90
CA ASP UA 228 67.41 -87.34 -7.95
C ASP UA 228 66.18 -86.45 -7.86
N ILE UA 229 65.17 -86.82 -7.08
CA ILE UA 229 64.01 -85.95 -6.88
C ILE UA 229 64.34 -84.78 -5.95
N GLU UA 230 65.35 -84.92 -5.09
CA GLU UA 230 65.63 -83.88 -4.12
C GLU UA 230 65.99 -82.54 -4.74
N PRO UA 231 66.90 -82.44 -5.71
CA PRO UA 231 67.18 -81.13 -6.32
C PRO UA 231 65.97 -80.49 -6.97
N ILE UA 232 65.10 -81.29 -7.59
CA ILE UA 232 63.94 -80.75 -8.28
C ILE UA 232 62.72 -80.56 -7.37
N GLU UA 233 62.74 -81.14 -6.18
CA GLU UA 233 61.56 -81.16 -5.31
C GLU UA 233 60.97 -79.78 -5.03
N PRO UA 234 61.74 -78.76 -4.61
CA PRO UA 234 61.10 -77.44 -4.42
C PRO UA 234 60.53 -76.86 -5.69
N LEU UA 235 61.17 -77.12 -6.83
CA LEU UA 235 60.60 -76.68 -8.10
C LEU UA 235 59.30 -77.41 -8.38
N LEU UA 236 59.22 -78.69 -8.04
CA LEU UA 236 57.97 -79.42 -8.17
C LEU UA 236 56.89 -78.80 -7.28
N LYS UA 237 57.26 -78.42 -6.06
CA LYS UA 237 56.29 -77.79 -5.16
C LYS UA 237 55.78 -76.48 -5.73
N ALA UA 238 56.69 -75.64 -6.23
CA ALA UA 238 56.28 -74.37 -6.80
C ALA UA 238 55.41 -74.58 -8.04
N TYR UA 239 55.79 -75.54 -8.88
CA TYR UA 239 55.01 -75.85 -10.07
C TYR UA 239 53.62 -76.32 -9.71
N HIS UA 240 53.52 -77.18 -8.69
CA HIS UA 240 52.21 -77.63 -8.22
C HIS UA 240 51.38 -76.47 -7.70
N ASP UA 241 52.00 -75.59 -6.92
CA ASP UA 241 51.25 -74.46 -6.36
C ASP UA 241 50.74 -73.56 -7.48
N VAL UA 242 51.59 -73.26 -8.47
CA VAL UA 242 51.19 -72.38 -9.56
C VAL UA 242 50.08 -73.02 -10.37
N MET UA 243 50.23 -74.31 -10.70
CA MET UA 243 49.20 -74.99 -11.49
C MET UA 243 47.88 -75.07 -10.73
N LEU UA 244 47.92 -75.38 -9.45
CA LEU UA 244 46.67 -75.51 -8.69
C LEU UA 244 45.99 -74.15 -8.55
N HIS UA 245 46.76 -73.10 -8.26
CA HIS UA 245 46.18 -71.77 -8.19
C HIS UA 245 45.59 -71.36 -9.53
N ALA UA 246 46.29 -71.70 -10.62
CA ALA UA 246 45.77 -71.41 -11.95
C ALA UA 246 44.46 -72.14 -12.22
N LEU UA 247 44.40 -73.42 -11.86
CA LEU UA 247 43.19 -74.20 -12.09
C LEU UA 247 42.03 -73.67 -11.27
N LYS UA 248 42.29 -73.32 -10.00
CA LYS UA 248 41.22 -72.76 -9.18
C LYS UA 248 40.74 -71.42 -9.73
N GLY UA 249 41.67 -70.57 -10.17
CA GLY UA 249 41.28 -69.29 -10.75
C GLY UA 249 40.47 -69.47 -12.02
N SER UA 250 40.87 -70.41 -12.87
CA SER UA 250 40.12 -70.67 -14.09
C SER UA 250 38.72 -71.17 -13.76
N LYS UA 251 38.60 -72.14 -12.84
CA LYS UA 251 37.29 -72.64 -12.47
C LYS UA 251 36.42 -71.54 -11.87
N MET UA 252 37.03 -70.63 -11.13
CA MET UA 252 36.25 -69.56 -10.50
C MET UA 252 35.79 -68.53 -11.51
N HIS UA 253 36.63 -68.20 -12.49
CA HIS UA 253 36.43 -66.99 -13.30
C HIS UA 253 36.58 -67.18 -14.81
N SER UA 254 36.97 -68.35 -15.32
CA SER UA 254 37.12 -68.50 -16.75
C SER UA 254 35.79 -68.34 -17.46
N THR UA 255 34.78 -69.07 -17.02
CA THR UA 255 33.47 -68.95 -17.64
C THR UA 255 32.88 -67.57 -17.30
N PRO UA 256 32.36 -66.83 -18.27
CA PRO UA 256 31.87 -65.48 -17.96
C PRO UA 256 30.62 -65.52 -17.11
N LYS UA 257 30.40 -64.43 -16.37
CA LYS UA 257 29.27 -64.30 -15.45
C LYS UA 257 28.33 -63.24 -16.01
N LEU UA 258 27.10 -63.63 -16.28
CA LEU UA 258 26.11 -62.70 -16.81
C LEU UA 258 25.58 -61.80 -15.70
N LYS UA 259 25.54 -60.49 -15.96
CA LYS UA 259 24.94 -59.52 -15.05
C LYS UA 259 23.66 -59.00 -15.67
N LEU UA 260 22.63 -58.82 -14.83
CA LEU UA 260 21.40 -58.15 -15.21
C LEU UA 260 21.15 -57.03 -14.21
N LYS UA 261 21.09 -55.80 -14.71
CA LYS UA 261 20.82 -54.63 -13.88
C LYS UA 261 19.32 -54.38 -13.88
N LEU UA 262 18.60 -55.33 -13.29
CA LEU UA 262 17.15 -55.35 -13.33
C LEU UA 262 16.56 -54.21 -12.50
N THR UA 263 15.38 -53.75 -12.94
CA THR UA 263 14.64 -52.75 -12.16
C THR UA 263 14.20 -53.32 -10.82
N ASP UA 264 13.78 -54.59 -10.80
CA ASP UA 264 13.30 -55.25 -9.58
C ASP UA 264 13.70 -56.71 -9.67
N VAL UA 265 14.72 -57.09 -8.92
CA VAL UA 265 15.30 -58.43 -9.06
C VAL UA 265 14.30 -59.50 -8.62
N ALA UA 266 13.60 -59.25 -7.51
CA ALA UA 266 12.70 -60.27 -6.97
C ALA UA 266 11.57 -60.59 -7.95
N SER UA 267 10.99 -59.56 -8.57
CA SER UA 267 9.93 -59.80 -9.54
C SER UA 267 10.43 -60.60 -10.71
N PHE UA 268 11.62 -60.28 -11.23
CA PHE UA 268 12.17 -61.01 -12.36
C PHE UA 268 12.42 -62.47 -12.00
N LEU UA 269 13.01 -62.71 -10.83
CA LEU UA 269 13.26 -64.09 -10.41
C LEU UA 269 11.96 -64.87 -10.28
N ALA UA 270 10.96 -64.28 -9.61
CA ALA UA 270 9.69 -64.98 -9.42
C ALA UA 270 9.00 -65.26 -10.74
N HIS UA 271 8.99 -64.28 -11.65
CA HIS UA 271 8.32 -64.48 -12.93
C HIS UA 271 9.03 -65.54 -13.76
N ASN UA 272 10.35 -65.42 -13.92
CA ASN UA 272 11.05 -66.27 -14.87
C ASN UA 272 11.38 -67.63 -14.27
N PHE UA 273 12.16 -67.67 -13.19
CA PHE UA 273 12.72 -68.91 -12.69
C PHE UA 273 11.86 -69.55 -11.60
N GLY UA 274 10.73 -68.96 -11.25
CA GLY UA 274 9.90 -69.52 -10.19
C GLY UA 274 10.59 -69.56 -8.85
N VAL UA 275 11.49 -68.61 -8.59
CA VAL UA 275 12.20 -68.53 -7.33
C VAL UA 275 11.39 -67.57 -6.45
N GLU UA 276 10.39 -68.13 -5.75
CA GLU UA 276 9.50 -67.29 -4.96
C GLU UA 276 10.23 -66.66 -3.78
N ASP UA 277 11.20 -67.38 -3.20
CA ASP UA 277 11.93 -66.94 -2.00
C ASP UA 277 13.42 -66.99 -2.34
N PRO UA 278 13.96 -65.92 -2.93
CA PRO UA 278 15.37 -65.97 -3.37
C PRO UA 278 16.37 -66.17 -2.24
N VAL UA 279 16.10 -65.64 -1.04
CA VAL UA 279 17.04 -65.83 0.06
C VAL UA 279 17.15 -67.31 0.41
N LYS UA 280 16.03 -68.02 0.46
CA LYS UA 280 16.07 -69.46 0.70
C LYS UA 280 16.72 -70.18 -0.46
N PHE UA 281 16.47 -69.71 -1.69
CA PHE UA 281 17.06 -70.34 -2.87
C PHE UA 281 18.57 -70.28 -2.83
N ALA UA 282 19.12 -69.13 -2.41
CA ALA UA 282 20.57 -69.03 -2.25
C ALA UA 282 21.05 -69.85 -1.06
N LYS UA 283 20.34 -69.78 0.07
CA LYS UA 283 20.75 -70.52 1.25
C LYS UA 283 20.71 -72.02 0.99
N GLU UA 284 19.65 -72.50 0.34
CA GLU UA 284 19.56 -73.91 -0.03
C GLU UA 284 20.59 -74.30 -1.09
N GLY UA 285 21.14 -73.33 -1.81
CA GLY UA 285 22.08 -73.64 -2.88
C GLY UA 285 21.43 -74.05 -4.18
N GLY UA 286 20.20 -73.62 -4.43
CA GLY UA 286 19.56 -73.95 -5.68
C GLY UA 286 20.26 -73.33 -6.87
N LYS UA 287 20.16 -73.99 -8.02
CA LYS UA 287 20.86 -73.59 -9.23
C LYS UA 287 19.86 -73.42 -10.37
N ILE UA 288 19.88 -72.25 -11.00
CA ILE UA 288 18.99 -71.99 -12.12
C ILE UA 288 19.43 -72.82 -13.32
N ASN UA 289 18.46 -73.26 -14.11
CA ASN UA 289 18.70 -74.08 -15.30
C ASN UA 289 18.39 -73.29 -16.56
N LEU UA 290 19.35 -73.22 -17.46
CA LEU UA 290 19.20 -72.54 -18.74
C LEU UA 290 19.67 -73.45 -19.87
N ASP UA 291 18.88 -73.50 -20.94
CA ASP UA 291 19.24 -74.31 -22.11
C ASP UA 291 20.44 -73.76 -22.85
N GLY UA 292 20.71 -72.46 -22.73
CA GLY UA 292 21.78 -71.81 -23.47
C GLY UA 292 21.22 -70.89 -24.54
N HIS UA 293 20.19 -71.35 -25.25
CA HIS UA 293 19.45 -70.51 -26.19
C HIS UA 293 18.42 -69.68 -25.41
N GLU UA 294 18.83 -68.46 -25.08
CA GLU UA 294 17.99 -67.51 -24.37
C GLU UA 294 17.85 -66.22 -25.15
N ILE UA 295 16.76 -65.51 -24.89
CA ILE UA 295 16.49 -64.19 -25.46
C ILE UA 295 15.96 -63.32 -24.33
N LEU UA 296 16.39 -62.06 -24.32
CA LEU UA 296 16.13 -61.15 -23.21
C LEU UA 296 15.19 -60.04 -23.68
N PHE UA 297 14.02 -59.96 -23.05
CA PHE UA 297 13.09 -58.85 -23.23
C PHE UA 297 13.12 -58.01 -21.96
N LEU UA 298 13.74 -56.83 -22.05
CA LEU UA 298 13.99 -55.98 -20.90
C LEU UA 298 13.31 -54.62 -21.10
N ASN UA 299 13.03 -53.95 -19.98
CA ASN UA 299 12.50 -52.61 -20.04
C ASN UA 299 13.59 -51.64 -20.50
N LYS UA 300 13.22 -50.37 -20.64
CA LYS UA 300 14.16 -49.37 -21.15
C LYS UA 300 15.30 -49.16 -20.17
N ASP UA 301 15.01 -49.13 -18.87
CA ASP UA 301 16.03 -48.79 -17.88
C ASP UA 301 16.97 -49.95 -17.58
N GLU UA 302 16.49 -51.19 -17.63
CA GLU UA 302 17.33 -52.32 -17.27
C GLU UA 302 18.44 -52.51 -18.31
N GLU UA 303 19.40 -53.36 -17.96
CA GLU UA 303 20.55 -53.65 -18.81
C GLU UA 303 20.96 -55.10 -18.62
N ALA UA 304 21.74 -55.60 -19.59
CA ALA UA 304 22.30 -56.93 -19.53
C ALA UA 304 23.66 -56.92 -20.19
N GLU UA 305 24.65 -57.48 -19.49
CA GLU UA 305 26.02 -57.50 -19.98
C GLU UA 305 26.69 -58.77 -19.44
N PHE UA 306 27.84 -59.10 -20.04
CA PHE UA 306 28.68 -60.17 -19.56
C PHE UA 306 29.87 -59.61 -18.79
N VAL UA 307 30.06 -60.10 -17.57
CA VAL UA 307 31.21 -59.75 -16.76
C VAL UA 307 32.25 -60.85 -16.95
N GLU UA 308 33.30 -60.55 -17.70
CA GLU UA 308 34.24 -61.56 -18.15
C GLU UA 308 35.66 -61.03 -18.04
N VAL UA 309 36.61 -61.95 -18.05
CA VAL UA 309 38.02 -61.66 -17.83
C VAL UA 309 38.76 -61.85 -19.14
N LYS UA 310 39.77 -61.00 -19.36
CA LYS UA 310 40.64 -61.19 -20.51
C LYS UA 310 41.38 -62.51 -20.42
N SER UA 311 41.88 -62.84 -19.23
CA SER UA 311 42.55 -64.11 -19.00
C SER UA 311 42.51 -64.39 -17.51
N ALA UA 312 41.76 -65.43 -17.11
CA ALA UA 312 41.70 -65.79 -15.70
C ALA UA 312 43.06 -66.24 -15.18
N ILE UA 313 43.84 -66.92 -16.03
CA ILE UA 313 45.15 -67.41 -15.59
C ILE UA 313 46.07 -66.24 -15.27
N GLY UA 314 46.06 -65.20 -16.10
CA GLY UA 314 46.95 -64.08 -15.91
C GLY UA 314 48.30 -64.30 -16.57
N ASP UA 315 49.30 -64.68 -15.77
CA ASP UA 315 50.65 -64.90 -16.25
C ASP UA 315 51.19 -66.28 -15.93
N ALA UA 316 50.36 -67.17 -15.36
CA ALA UA 316 50.88 -68.39 -14.76
C ALA UA 316 51.57 -69.29 -15.76
N LYS UA 317 51.21 -69.21 -17.04
CA LYS UA 317 51.87 -70.04 -18.04
C LYS UA 317 53.34 -69.66 -18.16
N GLU UA 318 53.66 -68.37 -18.10
CA GLU UA 318 55.05 -67.94 -18.18
C GLU UA 318 55.85 -68.45 -16.98
N LEU UA 319 55.27 -68.37 -15.79
CA LEU UA 319 55.93 -68.91 -14.61
C LEU UA 319 56.15 -70.40 -14.76
N LEU UA 320 55.16 -71.11 -15.30
CA LEU UA 320 55.29 -72.55 -15.48
C LEU UA 320 56.39 -72.87 -16.49
N LYS UA 321 56.50 -72.07 -17.55
CA LYS UA 321 57.59 -72.27 -18.49
C LYS UA 321 58.95 -72.05 -17.83
N LEU UA 322 59.07 -71.00 -17.02
CA LEU UA 322 60.33 -70.74 -16.33
C LEU UA 322 60.68 -71.88 -15.38
N LEU UA 323 59.69 -72.36 -14.61
CA LEU UA 323 59.95 -73.46 -13.69
C LEU UA 323 60.26 -74.74 -14.44
N PHE UA 324 59.66 -74.95 -15.61
CA PHE UA 324 59.96 -76.13 -16.42
C PHE UA 324 61.39 -76.08 -16.92
N TYR UA 325 61.83 -74.90 -17.38
CA TYR UA 325 63.21 -74.75 -17.79
C TYR UA 325 64.16 -75.02 -16.62
N CYS UA 326 63.82 -74.49 -15.44
CA CYS UA 326 64.64 -74.74 -14.27
C CYS UA 326 64.68 -76.23 -13.94
N ILE UA 327 63.55 -76.92 -14.07
CA ILE UA 327 63.48 -78.34 -13.71
C ILE UA 327 64.33 -79.16 -14.67
N VAL UA 328 64.18 -78.94 -15.97
CA VAL UA 328 64.94 -79.74 -16.93
C VAL UA 328 66.43 -79.38 -16.87
N ASP UA 329 66.74 -78.15 -16.46
CA ASP UA 329 68.14 -77.80 -16.24
C ASP UA 329 68.70 -78.52 -15.03
N VAL UA 330 67.93 -78.56 -13.93
CA VAL UA 330 68.42 -79.12 -12.67
C VAL UA 330 68.74 -80.61 -12.84
N SER UA 331 67.79 -81.36 -13.39
CA SER UA 331 68.02 -82.77 -13.68
C SER UA 331 68.98 -82.99 -14.84
N GLU UA 332 69.36 -81.93 -15.57
CA GLU UA 332 70.10 -81.98 -16.83
C GLU UA 332 69.57 -83.09 -17.72
N THR UA 333 68.25 -83.20 -17.79
CA THR UA 333 67.64 -84.14 -18.71
C THR UA 333 67.75 -83.58 -20.13
N PRO UA 334 68.31 -84.33 -21.09
CA PRO UA 334 68.29 -83.85 -22.47
C PRO UA 334 66.88 -83.60 -22.96
N GLU UA 335 66.76 -82.61 -23.83
CA GLU UA 335 65.51 -81.86 -23.98
C GLU UA 335 64.50 -82.56 -24.86
N PHE UA 336 64.90 -83.57 -25.63
CA PHE UA 336 63.93 -84.35 -26.38
C PHE UA 336 63.01 -85.15 -25.47
N ILE UA 337 63.41 -85.40 -24.23
CA ILE UA 337 62.56 -86.14 -23.30
C ILE UA 337 61.26 -85.38 -23.04
N PHE UA 338 61.35 -84.05 -22.97
CA PHE UA 338 60.21 -83.18 -22.72
C PHE UA 338 59.83 -82.40 -23.98
N GLY UA 339 59.89 -83.06 -25.13
CA GLY UA 339 59.70 -82.36 -26.40
C GLY UA 339 58.29 -81.86 -26.63
N VAL UA 340 57.32 -82.29 -25.83
CA VAL UA 340 55.96 -81.76 -25.98
C VAL UA 340 55.95 -80.28 -25.63
N HIS UA 341 56.76 -79.88 -24.64
CA HIS UA 341 56.87 -78.46 -24.32
C HIS UA 341 57.60 -77.70 -25.42
N THR UA 342 58.59 -78.34 -26.04
CA THR UA 342 59.44 -77.72 -27.06
C THR UA 342 59.50 -78.66 -28.28
N PRO UA 343 58.47 -78.62 -29.14
CA PRO UA 343 58.46 -79.55 -30.28
C PRO UA 343 59.63 -79.39 -31.24
N SER UA 344 60.35 -78.26 -31.20
CA SER UA 344 61.51 -78.10 -32.05
C SER UA 344 62.58 -79.15 -31.76
N ALA UA 345 62.68 -79.59 -30.50
CA ALA UA 345 63.69 -80.58 -30.13
C ALA UA 345 63.51 -81.91 -30.86
N LEU UA 346 62.28 -82.24 -31.26
CA LEU UA 346 62.01 -83.52 -31.91
C LEU UA 346 62.61 -83.63 -33.30
N ALA UA 347 63.12 -82.53 -33.87
CA ALA UA 347 63.66 -82.57 -35.22
C ALA UA 347 64.86 -83.51 -35.30
N SER UA 348 65.71 -83.53 -34.26
CA SER UA 348 66.91 -84.37 -34.29
C SER UA 348 67.24 -84.79 -32.85
N VAL UA 349 66.76 -85.98 -32.46
CA VAL UA 349 67.22 -86.61 -31.23
C VAL UA 349 68.66 -87.04 -31.37
N LYS UA 350 69.06 -87.50 -32.56
CA LYS UA 350 70.43 -87.92 -32.79
C LYS UA 350 71.41 -86.78 -32.56
N GLU UA 351 70.98 -85.54 -32.80
CA GLU UA 351 71.85 -84.41 -32.53
C GLU UA 351 72.08 -84.20 -31.04
N GLN UA 352 71.05 -84.46 -30.22
CA GLN UA 352 71.16 -84.32 -28.78
C GLN UA 352 71.67 -85.57 -28.08
N MET UA 353 71.87 -86.67 -28.81
CA MET UA 353 72.37 -87.90 -28.19
C MET UA 353 73.67 -87.73 -27.42
N PRO UA 354 74.63 -86.90 -27.85
CA PRO UA 354 75.82 -86.69 -27.00
C PRO UA 354 75.51 -86.18 -25.60
N ILE UA 355 74.45 -85.41 -25.41
CA ILE UA 355 74.13 -84.94 -24.07
C ILE UA 355 73.68 -86.10 -23.18
N MET UA 356 72.80 -86.95 -23.72
CA MET UA 356 72.44 -88.18 -23.01
C MET UA 356 73.67 -89.02 -22.72
N VAL UA 357 74.57 -89.12 -23.70
CA VAL UA 357 75.76 -89.94 -23.55
C VAL UA 357 76.62 -89.40 -22.41
N ASN UA 358 76.76 -88.08 -22.33
CA ASN UA 358 77.51 -87.46 -21.23
C ASN UA 358 76.87 -87.76 -19.89
N LYS UA 359 75.55 -87.57 -19.79
CA LYS UA 359 74.88 -87.80 -18.51
C LYS UA 359 75.04 -89.25 -18.08
N ILE UA 360 74.96 -90.18 -19.03
CA ILE UA 360 75.10 -91.59 -18.71
C ILE UA 360 76.54 -91.93 -18.34
N ARG UA 361 77.52 -91.28 -19.00
CA ARG UA 361 78.91 -91.43 -18.57
C ARG UA 361 79.05 -91.06 -17.10
N ARG UA 362 78.51 -89.90 -16.73
CA ARG UA 362 78.66 -89.46 -15.36
C ARG UA 362 77.93 -90.38 -14.39
N LYS UA 363 76.75 -90.86 -14.78
CA LYS UA 363 75.93 -91.63 -13.84
C LYS UA 363 76.39 -93.06 -13.67
N ARG UA 364 76.92 -93.70 -14.72
CA ARG UA 364 77.32 -95.10 -14.61
C ARG UA 364 78.47 -95.30 -13.63
N GLU UA 365 79.42 -94.38 -13.63
CA GLU UA 365 80.58 -94.50 -12.75
C GLU UA 365 80.20 -94.48 -11.28
N GLN UA 366 79.04 -93.91 -10.93
CA GLN UA 366 78.58 -93.94 -9.55
C GLN UA 366 78.38 -95.35 -9.06
N PHE UA 367 77.74 -96.19 -9.88
CA PHE UA 367 77.38 -97.54 -9.48
C PHE UA 367 78.35 -98.61 -9.94
N THR UA 368 79.29 -98.28 -10.85
CA THR UA 368 80.17 -99.32 -11.38
C THR UA 368 81.05 -99.92 -10.29
N ASN UA 369 81.45 -99.13 -9.29
CA ASN UA 369 82.24 -99.70 -8.19
C ASN UA 369 81.41 -100.69 -7.37
N SER UA 370 80.15 -100.35 -7.10
CA SER UA 370 79.27 -101.27 -6.38
C SER UA 370 79.05 -102.54 -7.19
N TRP UA 371 78.94 -102.41 -8.51
CA TRP UA 371 78.75 -103.59 -9.34
C TRP UA 371 80.01 -104.44 -9.38
N GLN UA 372 81.19 -103.80 -9.35
CA GLN UA 372 82.43 -104.55 -9.22
C GLN UA 372 82.44 -105.33 -7.92
N LEU UA 373 82.03 -104.69 -6.83
CA LEU UA 373 81.98 -105.37 -5.54
C LEU UA 373 81.01 -106.54 -5.58
N LEU UA 374 79.84 -106.36 -6.20
CA LEU UA 374 78.87 -107.45 -6.30
C LEU UA 374 79.41 -108.60 -7.12
N ALA UA 375 80.08 -108.29 -8.24
CA ALA UA 375 80.68 -109.35 -9.06
C ALA UA 375 81.72 -110.12 -8.26
N ARG UA 376 82.57 -109.40 -7.53
CA ARG UA 376 83.58 -110.05 -6.71
C ARG UA 376 82.92 -110.94 -5.65
N MET UA 377 81.84 -110.46 -5.04
CA MET UA 377 81.19 -111.22 -3.98
C MET UA 377 80.54 -112.49 -4.53
N VAL UA 378 79.81 -112.38 -5.64
CA VAL UA 378 79.15 -113.57 -6.18
C VAL UA 378 80.18 -114.56 -6.67
N LEU UA 379 81.31 -114.08 -7.21
CA LEU UA 379 82.39 -115.00 -7.57
C LEU UA 379 82.94 -115.71 -6.34
N ILE UA 380 83.11 -114.97 -5.24
CA ILE UA 380 83.65 -115.56 -4.03
C ILE UA 380 82.68 -116.59 -3.46
N MET UA 381 81.38 -116.31 -3.54
CA MET UA 381 80.35 -117.19 -3.00
C MET UA 381 80.07 -118.41 -3.88
N SER UA 382 80.85 -118.64 -4.92
CA SER UA 382 80.68 -119.81 -5.77
C SER UA 382 82.00 -120.22 -6.40
N LYS UA 389 90.13 -119.97 -5.48
CA LYS UA 389 90.14 -120.88 -6.63
C LYS UA 389 90.46 -120.14 -7.92
N TYR UA 390 89.64 -119.14 -8.22
CA TYR UA 390 89.79 -118.42 -9.50
C TYR UA 390 91.07 -117.61 -9.49
N SER UA 391 91.75 -117.58 -10.65
CA SER UA 391 93.01 -116.87 -10.75
C SER UA 391 92.85 -115.37 -10.54
N SER UA 392 91.66 -114.82 -10.81
CA SER UA 392 91.39 -113.40 -10.62
C SER UA 392 90.03 -113.23 -9.96
N TYR UA 393 89.88 -112.12 -9.25
CA TYR UA 393 88.62 -111.74 -8.63
C TYR UA 393 88.26 -110.27 -8.88
N ASP UA 394 88.92 -109.62 -9.84
CA ASP UA 394 88.65 -108.22 -10.18
C ASP UA 394 87.92 -108.22 -11.52
N VAL UA 395 86.70 -107.68 -11.52
CA VAL UA 395 85.81 -107.72 -12.67
C VAL UA 395 85.68 -106.32 -13.25
N THR UA 396 86.08 -106.15 -14.50
CA THR UA 396 85.80 -104.93 -15.24
C THR UA 396 84.41 -105.02 -15.87
N ILE UA 397 83.78 -103.87 -16.04
CA ILE UA 397 82.38 -103.77 -16.41
C ILE UA 397 82.26 -103.08 -17.76
N GLY UA 398 81.59 -103.74 -18.70
CA GLY UA 398 81.13 -103.09 -19.91
C GLY UA 398 79.75 -102.48 -19.71
N TRP UA 399 79.23 -101.87 -20.77
CA TRP UA 399 77.94 -101.19 -20.68
C TRP UA 399 77.24 -101.25 -22.03
N ASP UA 400 75.93 -101.01 -21.99
CA ASP UA 400 75.15 -100.94 -23.21
C ASP UA 400 75.42 -99.66 -23.97
N GLU UA 401 75.10 -99.68 -25.27
CA GLU UA 401 75.32 -98.53 -26.13
C GLU UA 401 74.20 -97.50 -25.92
N VAL UA 402 74.59 -96.28 -25.55
CA VAL UA 402 73.58 -95.22 -25.36
C VAL UA 402 73.00 -94.80 -26.70
N ASN UA 403 73.88 -94.54 -27.68
CA ASN UA 403 73.49 -94.37 -29.08
C ASN UA 403 74.31 -95.35 -29.90
N PRO UA 404 73.72 -96.32 -30.59
CA PRO UA 404 74.52 -97.41 -31.15
C PRO UA 404 75.35 -96.97 -32.34
N ARG UA 405 76.48 -97.65 -32.52
CA ARG UA 405 77.31 -97.50 -33.70
C ARG UA 405 76.83 -98.46 -34.78
N ASP UA 406 76.79 -97.97 -36.02
CA ASP UA 406 76.31 -98.79 -37.12
C ASP UA 406 77.23 -99.98 -37.32
N ASP UA 407 76.62 -101.16 -37.49
CA ASP UA 407 77.41 -102.35 -37.83
C ASP UA 407 78.10 -102.18 -39.18
N LYS UA 408 77.46 -101.47 -40.11
CA LYS UA 408 78.09 -101.21 -41.40
C LYS UA 408 79.38 -100.41 -41.24
N GLU UA 409 79.37 -99.39 -40.38
CA GLU UA 409 80.58 -98.60 -40.14
C GLU UA 409 81.67 -99.45 -39.51
N LEU UA 410 81.30 -100.31 -38.55
CA LEU UA 410 82.29 -101.17 -37.91
C LEU UA 410 82.90 -102.14 -38.93
N ALA UA 411 82.07 -102.73 -39.78
CA ALA UA 411 82.59 -103.62 -40.81
C ALA UA 411 83.45 -102.87 -41.82
N GLU UA 412 83.09 -101.63 -42.13
CA GLU UA 412 83.93 -100.81 -43.00
C GLU UA 412 85.30 -100.58 -42.38
N THR UA 413 85.33 -100.26 -41.08
CA THR UA 413 86.60 -100.08 -40.40
C THR UA 413 87.41 -101.37 -40.41
N LEU UA 414 86.75 -102.51 -40.16
CA LEU UA 414 87.45 -103.79 -40.13
C LEU UA 414 88.07 -104.11 -41.49
N GLU UA 415 87.27 -104.03 -42.56
CA GLU UA 415 87.77 -104.32 -43.90
C GLU UA 415 88.88 -103.35 -44.28
N LYS UA 416 88.69 -102.07 -43.97
CA LYS UA 416 89.66 -101.06 -44.38
C LYS UA 416 90.98 -101.26 -43.66
N VAL UA 417 90.94 -101.62 -42.38
CA VAL UA 417 92.18 -101.91 -41.66
C VAL UA 417 92.83 -103.17 -42.20
N CYS UA 418 92.05 -104.23 -42.44
CA CYS UA 418 92.62 -105.48 -42.91
C CYS UA 418 93.28 -105.32 -44.28
N CYS UA 419 92.63 -104.59 -45.18
CA CYS UA 419 93.24 -104.31 -46.48
C CYS UA 419 94.45 -103.40 -46.32
N ALA UA 420 94.37 -102.44 -45.39
CA ALA UA 420 95.55 -101.66 -45.07
C ALA UA 420 96.67 -102.55 -44.52
N LEU UA 421 96.30 -103.50 -43.67
CA LEU UA 421 97.25 -104.55 -43.28
C LEU UA 421 97.51 -105.46 -44.48
N ASP UA 422 98.49 -106.34 -44.33
CA ASP UA 422 99.08 -107.14 -45.39
C ASP UA 422 99.89 -106.30 -46.38
N LYS UA 423 100.14 -105.02 -46.06
CA LYS UA 423 101.01 -104.16 -46.85
C LYS UA 423 101.91 -103.41 -45.87
N ALA UA 424 103.13 -103.11 -46.31
CA ALA UA 424 104.18 -102.59 -45.43
C ALA UA 424 104.41 -103.57 -44.28
N LEU UA 425 104.87 -104.77 -44.66
CA LEU UA 425 104.97 -105.89 -43.74
C LEU UA 425 106.07 -105.76 -42.69
N GLU UA 426 106.85 -104.67 -42.71
CA GLU UA 426 107.89 -104.47 -41.71
C GLU UA 426 107.34 -104.05 -40.36
N GLY UA 427 106.04 -103.81 -40.23
CA GLY UA 427 105.50 -103.33 -38.97
C GLY UA 427 105.66 -104.33 -37.84
N GLY UA 428 105.35 -105.60 -38.09
CA GLY UA 428 105.48 -106.67 -37.12
C GLY UA 428 104.26 -107.57 -37.10
N PHE UA 429 104.27 -108.52 -36.17
CA PHE UA 429 103.20 -109.49 -36.02
C PHE UA 429 102.08 -109.00 -35.11
N ILE UA 430 102.25 -107.86 -34.44
CA ILE UA 430 101.19 -107.30 -33.61
C ILE UA 430 99.96 -106.88 -34.42
N SER UA 431 100.09 -106.79 -35.75
CA SER UA 431 98.93 -106.53 -36.59
C SER UA 431 97.87 -107.61 -36.40
N GLU UA 432 98.29 -108.87 -36.31
CA GLU UA 432 97.34 -109.95 -36.08
C GLU UA 432 96.65 -109.80 -34.73
N GLU UA 433 97.40 -109.42 -33.70
CA GLU UA 433 96.81 -109.23 -32.38
C GLU UA 433 95.78 -108.10 -32.40
N SER UA 434 96.13 -106.97 -33.02
CA SER UA 434 95.19 -105.86 -33.11
C SER UA 434 93.96 -106.25 -33.94
N THR UA 435 94.17 -107.02 -35.01
CA THR UA 435 93.06 -107.43 -35.86
C THR UA 435 92.10 -108.34 -35.11
N VAL UA 436 92.62 -109.30 -34.35
CA VAL UA 436 91.73 -110.19 -33.60
C VAL UA 436 91.07 -109.42 -32.46
N ASN UA 437 91.75 -108.42 -31.89
CA ASN UA 437 91.10 -107.57 -30.89
C ASN UA 437 89.91 -106.84 -31.49
N PHE UA 438 90.11 -106.25 -32.69
CA PHE UA 438 89.01 -105.56 -33.36
C PHE UA 438 87.91 -106.55 -33.74
N LEU UA 439 88.29 -107.77 -34.11
CA LEU UA 439 87.29 -108.79 -34.41
C LEU UA 439 86.46 -109.13 -33.19
N ALA UA 440 87.11 -109.22 -32.02
CA ALA UA 440 86.38 -109.48 -30.78
C ALA UA 440 85.43 -108.32 -30.48
N GLN UA 441 85.89 -107.08 -30.68
CA GLN UA 441 85.02 -105.93 -30.48
C GLN UA 441 83.82 -105.98 -31.42
N TYR UA 442 84.06 -106.32 -32.68
CA TYR UA 442 82.97 -106.41 -33.66
C TYR UA 442 81.99 -107.51 -33.27
N ILE UA 443 82.50 -108.66 -32.83
CA ILE UA 443 81.62 -109.77 -32.44
C ILE UA 443 80.77 -109.37 -31.25
N ASP UA 444 81.38 -108.70 -30.26
CA ASP UA 444 80.63 -108.26 -29.09
C ASP UA 444 79.56 -107.25 -29.48
N THR UA 445 79.90 -106.31 -30.37
CA THR UA 445 78.94 -105.31 -30.78
C THR UA 445 77.83 -105.87 -31.67
N MET UA 446 78.09 -106.94 -32.41
CA MET UA 446 77.09 -107.54 -33.27
C MET UA 446 76.18 -108.50 -32.52
N SER UA 447 76.74 -109.28 -31.59
CA SER UA 447 75.94 -110.26 -30.87
C SER UA 447 74.89 -109.58 -29.99
N ASN UA 448 75.30 -108.62 -29.19
CA ASN UA 448 74.35 -107.89 -28.35
C ASN UA 448 73.38 -107.11 -29.21
N TYR UA 449 72.10 -107.19 -28.88
CA TYR UA 449 71.05 -106.46 -29.57
C TYR UA 449 70.79 -105.15 -28.84
N ILE UA 450 70.68 -104.07 -29.59
CA ILE UA 450 70.73 -102.73 -29.01
C ILE UA 450 69.49 -102.47 -28.17
N SER UA 451 68.30 -102.77 -28.71
CA SER UA 451 67.06 -102.43 -28.02
C SER UA 451 66.65 -103.48 -26.99
N ASP UA 452 67.52 -104.44 -26.67
CA ASP UA 452 67.29 -105.40 -25.60
C ASP UA 452 68.33 -105.17 -24.51
N ASP UA 453 67.87 -105.02 -23.28
CA ASP UA 453 68.75 -104.66 -22.19
C ASP UA 453 69.75 -105.79 -21.90
N PRO UA 454 70.95 -105.40 -21.49
CA PRO UA 454 71.97 -106.36 -21.13
C PRO UA 454 72.52 -107.09 -22.33
N GLU UA 455 73.15 -108.24 -22.04
CA GLU UA 455 73.77 -109.10 -23.05
C GLU UA 455 73.37 -110.54 -22.82
N ARG UA 456 72.08 -110.79 -22.55
CA ARG UA 456 71.60 -112.15 -22.49
C ARG UA 456 71.76 -112.84 -23.83
N GLU UA 457 71.57 -112.10 -24.92
CA GLU UA 457 71.67 -112.70 -26.25
C GLU UA 457 73.08 -113.19 -26.54
N GLY UA 458 74.10 -112.47 -26.07
CA GLY UA 458 75.47 -112.92 -26.29
C GLY UA 458 75.73 -114.28 -25.65
N GLU UA 459 75.37 -114.42 -24.37
CA GLU UA 459 75.55 -115.69 -23.69
C GLU UA 459 74.70 -116.79 -24.32
N ARG UA 460 73.46 -116.47 -24.68
CA ARG UA 460 72.59 -117.47 -25.28
C ARG UA 460 73.13 -117.96 -26.61
N GLU UA 461 73.59 -117.04 -27.46
CA GLU UA 461 74.17 -117.41 -28.75
C GLU UA 461 75.43 -118.23 -28.55
N LYS UA 462 76.27 -117.85 -27.59
CA LYS UA 462 77.47 -118.62 -27.30
C LYS UA 462 77.11 -120.04 -26.88
N ILE UA 463 76.13 -120.19 -26.00
CA ILE UA 463 75.77 -121.51 -25.51
C ILE UA 463 75.17 -122.35 -26.64
N ILE UA 464 74.33 -121.75 -27.48
CA ILE UA 464 73.72 -122.49 -28.57
C ILE UA 464 74.77 -122.92 -29.58
N LYS UA 465 75.73 -122.05 -29.88
CA LYS UA 465 76.82 -122.41 -30.77
C LYS UA 465 77.67 -123.52 -30.18
N THR UA 466 77.90 -123.47 -28.86
CA THR UA 466 78.65 -124.54 -28.20
C THR UA 466 77.93 -125.87 -28.30
N LYS UA 467 76.61 -125.86 -28.11
CA LYS UA 467 75.83 -127.10 -28.22
C LYS UA 467 75.87 -127.63 -29.65
N MET UA 468 75.55 -126.78 -30.63
CA MET UA 468 75.58 -127.21 -32.01
C MET UA 468 77.00 -127.52 -32.46
N LEU UA 469 77.96 -126.70 -32.05
CA LEU UA 469 79.36 -126.89 -32.41
C LEU UA 469 79.55 -126.83 -33.92
N MET VA 19 91.41 -51.06 -14.26
CA MET VA 19 91.80 -49.62 -14.25
C MET VA 19 93.27 -49.41 -13.96
N ARG VA 20 93.77 -48.24 -14.33
CA ARG VA 20 95.16 -47.89 -14.10
C ARG VA 20 95.37 -47.37 -12.68
N MET VA 21 96.63 -47.34 -12.28
CA MET VA 21 97.03 -46.78 -10.99
C MET VA 21 98.52 -46.50 -11.04
N SER VA 22 98.95 -45.52 -10.26
CA SER VA 22 100.36 -45.18 -10.19
C SER VA 22 101.14 -46.30 -9.53
N SER VA 23 102.40 -46.48 -9.97
CA SER VA 23 103.19 -47.62 -9.53
C SER VA 23 103.48 -47.59 -8.04
N GLY VA 24 103.60 -46.41 -7.46
CA GLY VA 24 103.97 -46.27 -6.06
C GLY VA 24 102.83 -46.32 -5.07
N ASN VA 25 101.59 -46.53 -5.52
CA ASN VA 25 100.41 -46.51 -4.68
C ASN VA 25 99.73 -47.89 -4.65
N ILE VA 26 100.55 -48.94 -4.51
CA ILE VA 26 100.08 -50.32 -4.47
C ILE VA 26 100.51 -50.94 -3.15
N GLY VA 27 99.61 -51.72 -2.55
CA GLY VA 27 99.91 -52.42 -1.33
C GLY VA 27 100.86 -53.57 -1.57
N VAL VA 28 101.16 -54.28 -0.48
CA VAL VA 28 102.10 -55.39 -0.51
C VAL VA 28 101.33 -56.69 -0.71
N TYR VA 29 101.94 -57.60 -1.47
CA TYR VA 29 101.33 -58.89 -1.75
C TYR VA 29 101.13 -59.68 -0.46
N LYS VA 30 100.00 -60.39 -0.38
CA LYS VA 30 99.74 -61.30 0.73
C LYS VA 30 98.93 -62.47 0.19
N LEU VA 31 99.38 -63.69 0.48
CA LEU VA 31 98.74 -64.89 -0.02
C LEU VA 31 97.43 -65.09 0.72
N ASP VA 32 96.31 -64.76 0.05
CA ASP VA 32 95.00 -64.91 0.65
C ASP VA 32 94.71 -66.38 0.92
N ASP VA 33 94.09 -66.65 2.07
CA ASP VA 33 93.82 -68.01 2.55
C ASP VA 33 92.35 -68.29 2.76
N SER VA 34 91.45 -67.46 2.21
CA SER VA 34 90.03 -67.69 2.39
C SER VA 34 89.62 -68.98 1.68
N ARG VA 35 88.73 -69.74 2.34
CA ARG VA 35 88.21 -70.98 1.81
C ARG VA 35 86.84 -70.74 1.18
N VAL VA 36 86.47 -71.64 0.28
CA VAL VA 36 85.12 -71.64 -0.27
C VAL VA 36 84.16 -72.12 0.81
N ASP VA 37 82.98 -71.52 0.86
CA ASP VA 37 81.99 -71.92 1.86
C ASP VA 37 81.45 -73.28 1.44
N TYR VA 38 82.14 -74.34 1.88
CA TYR VA 38 81.91 -75.67 1.32
C TYR VA 38 80.50 -76.16 1.58
N GLU VA 39 79.96 -75.89 2.77
CA GLU VA 39 78.59 -76.27 3.05
C GLU VA 39 77.62 -75.56 2.12
N LEU VA 40 77.84 -74.25 1.90
CA LEU VA 40 76.99 -73.51 0.98
C LEU VA 40 77.15 -74.03 -0.45
N ALA VA 41 78.37 -74.39 -0.82
CA ALA VA 41 78.59 -74.93 -2.17
C ALA VA 41 77.80 -76.22 -2.37
N ARG VA 42 77.91 -77.15 -1.42
CA ARG VA 42 77.15 -78.40 -1.53
C ARG VA 42 75.66 -78.16 -1.46
N GLU VA 43 75.23 -77.12 -0.74
CA GLU VA 43 73.81 -76.79 -0.70
C GLU VA 43 73.33 -76.31 -2.07
N LEU VA 44 74.07 -75.38 -2.68
CA LEU VA 44 73.67 -74.87 -3.99
C LEU VA 44 73.70 -75.97 -5.03
N TYR VA 45 74.71 -76.85 -4.97
CA TYR VA 45 74.76 -77.96 -5.93
C TYR VA 45 73.58 -78.90 -5.76
N GLN VA 46 72.98 -78.95 -4.57
CA GLN VA 46 71.80 -79.75 -4.30
C GLN VA 46 70.53 -78.92 -4.15
N ASN VA 47 70.59 -77.62 -4.45
CA ASN VA 47 69.39 -76.78 -4.51
C ASN VA 47 68.72 -76.67 -3.13
N LYS VA 48 69.49 -76.85 -2.06
CA LYS VA 48 68.92 -76.92 -0.73
C LYS VA 48 68.85 -75.57 -0.02
N ASN VA 49 69.76 -74.64 -0.32
CA ASN VA 49 69.77 -73.36 0.39
C ASN VA 49 68.48 -72.59 0.11
N ALA VA 50 67.89 -72.05 1.17
CA ALA VA 50 66.59 -71.40 1.05
C ALA VA 50 66.67 -70.14 0.20
N ASN VA 51 67.79 -69.43 0.23
CA ASN VA 51 67.92 -68.17 -0.48
C ASN VA 51 68.34 -68.33 -1.93
N TYR VA 52 68.50 -69.57 -2.42
CA TYR VA 52 68.91 -69.83 -3.79
C TYR VA 52 68.10 -70.95 -4.42
N LYS VA 53 66.89 -71.23 -3.91
CA LYS VA 53 66.14 -72.39 -4.36
C LYS VA 53 65.79 -72.27 -5.85
N LEU VA 54 65.19 -71.15 -6.23
CA LEU VA 54 64.90 -70.91 -7.64
C LEU VA 54 66.17 -70.56 -8.41
N GLY VA 55 67.05 -69.77 -7.79
CA GLY VA 55 68.23 -69.31 -8.50
C GLY VA 55 69.23 -70.42 -8.80
N SER VA 56 69.44 -71.32 -7.85
CA SER VA 56 70.52 -72.33 -7.98
C SER VA 56 70.17 -73.46 -8.95
N SER VA 57 69.11 -73.34 -9.75
CA SER VA 57 68.79 -74.39 -10.72
C SER VA 57 69.92 -74.61 -11.71
N PHE VA 58 70.69 -73.57 -12.01
CA PHE VA 58 71.74 -73.66 -13.02
C PHE VA 58 73.04 -74.23 -12.48
N VAL VA 59 73.17 -74.44 -11.17
CA VAL VA 59 74.42 -74.92 -10.61
C VAL VA 59 74.68 -76.36 -11.05
N ARG VA 60 73.67 -77.22 -10.93
CA ARG VA 60 73.83 -78.62 -11.31
C ARG VA 60 74.24 -78.79 -12.77
N PRO VA 61 73.55 -78.22 -13.76
CA PRO VA 61 73.96 -78.48 -15.15
C PRO VA 61 75.38 -78.02 -15.48
N ILE VA 62 75.83 -76.88 -14.93
CA ILE VA 62 77.16 -76.39 -15.23
C ILE VA 62 78.22 -77.39 -14.77
N VAL VA 63 78.20 -77.71 -13.48
CA VAL VA 63 79.21 -78.60 -12.91
C VAL VA 63 79.09 -79.99 -13.52
N ASN VA 64 77.87 -80.49 -13.69
CA ASN VA 64 77.68 -81.83 -14.20
C ASN VA 64 78.19 -81.96 -15.63
N SER VA 65 77.86 -80.99 -16.48
CA SER VA 65 78.34 -81.02 -17.86
C SER VA 65 79.86 -80.91 -17.90
N THR VA 66 80.42 -79.97 -17.12
CA THR VA 66 81.86 -79.76 -17.17
C THR VA 66 82.63 -80.98 -16.70
N THR VA 67 82.19 -81.60 -15.60
CA THR VA 67 82.89 -82.76 -15.09
C THR VA 67 82.64 -84.00 -15.94
N GLY VA 68 81.46 -84.10 -16.55
CA GLY VA 68 81.18 -85.25 -17.40
C GLY VA 68 81.95 -85.23 -18.69
N PHE VA 69 82.08 -84.06 -19.32
CA PHE VA 69 82.81 -84.00 -20.58
C PHE VA 69 84.29 -84.31 -20.38
N MET VA 70 84.93 -83.66 -19.41
CA MET VA 70 86.31 -84.01 -19.09
C MET VA 70 86.31 -85.40 -18.48
N GLY VA 71 87.04 -86.33 -19.10
CA GLY VA 71 87.04 -87.69 -18.64
C GLY VA 71 87.91 -87.87 -17.42
N VAL VA 72 88.65 -88.96 -17.38
CA VAL VA 72 89.59 -89.25 -16.31
C VAL VA 72 90.97 -89.38 -16.95
N PRO VA 73 92.07 -89.09 -16.26
CA PRO VA 73 93.37 -89.14 -16.90
C PRO VA 73 93.73 -90.53 -17.39
N HIS VA 74 94.34 -90.60 -18.56
CA HIS VA 74 94.85 -91.84 -19.13
C HIS VA 74 96.35 -91.85 -18.85
N PHE VA 75 96.75 -92.53 -17.79
CA PHE VA 75 98.15 -92.54 -17.38
C PHE VA 75 98.95 -93.40 -18.34
N GLN VA 76 99.87 -92.78 -19.08
CA GLN VA 76 100.79 -93.47 -19.97
C GLN VA 76 102.20 -93.33 -19.43
N ILE VA 77 103.00 -94.39 -19.60
CA ILE VA 77 104.41 -94.38 -19.23
C ILE VA 77 105.12 -95.46 -20.01
N GLU VA 78 106.41 -95.25 -20.25
CA GLU VA 78 107.18 -96.19 -21.07
C GLU VA 78 107.50 -97.49 -20.34
N ASP VA 79 107.68 -97.44 -19.02
CA ASP VA 79 107.99 -98.66 -18.27
C ASP VA 79 106.80 -99.60 -18.27
N GLU VA 80 107.06 -100.89 -18.46
CA GLU VA 80 105.99 -101.87 -18.51
C GLU VA 80 105.33 -102.05 -17.14
N GLU VA 81 106.14 -102.22 -16.10
CA GLU VA 81 105.60 -102.45 -14.77
C GLU VA 81 104.86 -101.24 -14.26
N ALA VA 82 105.38 -100.04 -14.53
CA ALA VA 82 104.70 -98.82 -14.12
C ALA VA 82 103.35 -98.70 -14.81
N GLN VA 83 103.29 -99.02 -16.10
CA GLN VA 83 102.02 -98.98 -16.82
C GLN VA 83 101.03 -99.98 -16.25
N TYR VA 84 101.51 -101.19 -15.92
CA TYR VA 84 100.62 -102.19 -15.33
C TYR VA 84 100.07 -101.73 -13.99
N ILE VA 85 100.93 -101.17 -13.14
CA ILE VA 85 100.47 -100.67 -11.85
C ILE VA 85 99.46 -99.56 -12.05
N LEU VA 86 99.75 -98.64 -12.98
CA LEU VA 86 98.87 -97.50 -13.20
C LEU VA 86 97.50 -97.94 -13.70
N ASP VA 87 97.46 -98.87 -14.67
CA ASP VA 87 96.15 -99.25 -15.20
C ASP VA 87 95.39 -100.13 -14.21
N GLU VA 88 96.09 -100.91 -13.38
CA GLU VA 88 95.40 -101.61 -12.30
C GLU VA 88 94.74 -100.61 -11.35
N PHE VA 89 95.48 -99.56 -10.96
CA PHE VA 89 94.91 -98.56 -10.07
C PHE VA 89 93.76 -97.83 -10.74
N VAL VA 90 93.86 -97.59 -12.04
CA VAL VA 90 92.78 -96.94 -12.78
C VAL VA 90 91.53 -97.81 -12.75
N LEU VA 91 91.70 -99.12 -13.02
CA LEU VA 91 90.58 -100.05 -12.91
C LEU VA 91 89.98 -100.03 -11.52
N ASP VA 92 90.82 -99.83 -10.50
CA ASP VA 92 90.29 -99.77 -9.14
C ASP VA 92 89.46 -98.52 -8.90
N ASN VA 93 89.95 -97.35 -9.33
CA ASN VA 93 89.44 -96.08 -8.81
C ASN VA 93 89.12 -95.05 -9.89
N THR VA 94 88.68 -95.49 -11.07
CA THR VA 94 88.23 -94.53 -12.09
C THR VA 94 87.04 -93.72 -11.60
N SER VA 95 86.07 -94.39 -10.95
CA SER VA 95 84.91 -93.68 -10.43
C SER VA 95 85.33 -92.64 -9.41
N LYS VA 96 86.29 -92.98 -8.54
CA LYS VA 96 86.75 -92.02 -7.56
C LYS VA 96 87.51 -90.87 -8.21
N MET VA 97 88.21 -91.13 -9.31
CA MET VA 97 88.86 -90.03 -10.05
C MET VA 97 87.83 -89.06 -10.60
N LEU VA 98 86.77 -89.59 -11.21
CA LEU VA 98 85.72 -88.71 -11.72
C LEU VA 98 85.05 -87.96 -10.58
N LYS VA 99 84.84 -88.63 -9.45
CA LYS VA 99 84.28 -87.95 -8.28
C LYS VA 99 85.22 -86.86 -7.79
N THR VA 100 86.54 -87.07 -7.91
CA THR VA 100 87.49 -86.04 -7.54
C THR VA 100 87.35 -84.82 -8.43
N HIS VA 101 87.20 -85.05 -9.74
CA HIS VA 101 86.90 -83.94 -10.64
C HIS VA 101 85.65 -83.19 -10.23
N THR VA 102 84.58 -83.93 -9.94
CA THR VA 102 83.31 -83.30 -9.59
C THR VA 102 83.44 -82.50 -8.30
N ASP VA 103 84.13 -83.06 -7.30
CA ASP VA 103 84.32 -82.36 -6.04
C ASP VA 103 85.16 -81.10 -6.22
N SER VA 104 86.21 -81.17 -7.04
CA SER VA 104 87.02 -79.99 -7.28
C SER VA 104 86.22 -78.91 -7.97
N LEU VA 105 85.39 -79.27 -8.96
CA LEU VA 105 84.56 -78.29 -9.62
C LEU VA 105 83.53 -77.69 -8.66
N LYS VA 106 82.95 -78.51 -7.80
CA LYS VA 106 81.86 -78.05 -6.95
C LYS VA 106 82.40 -77.22 -5.77
N GLN VA 107 83.21 -77.84 -4.93
CA GLN VA 107 83.67 -77.20 -3.70
C GLN VA 107 84.84 -76.25 -3.92
N GLY VA 108 85.54 -76.37 -5.05
CA GLY VA 108 86.74 -75.61 -5.29
C GLY VA 108 88.02 -76.29 -4.83
N ASP VA 109 87.92 -77.29 -3.96
CA ASP VA 109 89.09 -77.99 -3.46
C ASP VA 109 88.66 -79.31 -2.84
N CYS VA 110 89.21 -80.41 -3.36
CA CYS VA 110 88.99 -81.74 -2.80
C CYS VA 110 90.35 -82.38 -2.55
N TYR VA 111 90.51 -82.94 -1.36
CA TYR VA 111 91.78 -83.47 -0.89
C TYR VA 111 91.76 -84.99 -0.97
N ILE VA 112 92.82 -85.55 -1.54
CA ILE VA 112 92.91 -86.98 -1.84
C ILE VA 112 94.08 -87.55 -1.05
N TRP VA 113 93.84 -88.67 -0.36
CA TRP VA 113 94.82 -89.32 0.49
C TRP VA 113 94.92 -90.79 0.08
N ILE VA 114 96.13 -91.22 -0.24
CA ILE VA 114 96.41 -92.61 -0.61
C ILE VA 114 97.02 -93.30 0.60
N THR VA 115 96.51 -94.49 0.91
CA THR VA 115 96.98 -95.29 2.03
C THR VA 115 97.11 -96.74 1.58
N ARG VA 116 98.16 -97.40 2.05
CA ARG VA 116 98.46 -98.79 1.71
C ARG VA 116 97.93 -99.69 2.81
N GLU VA 117 96.99 -100.57 2.46
CA GLU VA 117 96.33 -101.46 3.40
C GLU VA 117 96.84 -102.87 3.20
N GLU VA 118 97.49 -103.42 4.23
CA GLU VA 118 97.95 -104.80 4.24
C GLU VA 118 96.92 -105.77 4.82
N ARG VA 119 95.81 -105.27 5.35
CA ARG VA 119 94.85 -106.09 6.06
C ARG VA 119 94.30 -107.20 5.17
N GLU VA 120 94.24 -108.41 5.71
CA GLU VA 120 93.74 -109.59 5.01
C GLU VA 120 92.29 -109.81 5.41
N ASN VA 121 91.42 -109.93 4.41
CA ASN VA 121 90.02 -110.25 4.60
C ASN VA 121 89.57 -111.22 3.52
N PRO VA 122 88.53 -112.02 3.78
CA PRO VA 122 88.10 -113.00 2.77
C PRO VA 122 87.59 -112.36 1.49
N LEU VA 123 87.08 -111.13 1.57
CA LEU VA 123 86.52 -110.48 0.39
C LEU VA 123 87.59 -110.20 -0.67
N TYR VA 124 88.86 -110.17 -0.27
CA TYR VA 124 89.99 -110.01 -1.20
C TYR VA 124 90.98 -111.13 -0.96
N PRO VA 125 90.71 -112.34 -1.47
CA PRO VA 125 91.69 -113.42 -1.29
C PRO VA 125 93.00 -113.17 -2.03
N ASP VA 126 92.93 -112.81 -3.31
CA ASP VA 126 94.12 -112.62 -4.12
C ASP VA 126 94.74 -111.24 -3.93
N LYS VA 127 93.94 -110.22 -3.63
CA LYS VA 127 94.44 -108.86 -3.46
C LYS VA 127 94.80 -108.66 -1.99
N LYS VA 128 96.01 -109.10 -1.64
CA LYS VA 128 96.48 -108.98 -0.27
C LYS VA 128 96.82 -107.54 0.08
N VAL VA 129 97.52 -106.86 -0.82
CA VAL VA 129 97.99 -105.49 -0.61
C VAL VA 129 97.13 -104.57 -1.48
N ARG VA 130 96.59 -103.52 -0.86
CA ARG VA 130 95.69 -102.58 -1.52
C ARG VA 130 96.14 -101.16 -1.24
N LEU VA 131 95.95 -100.28 -2.22
CA LEU VA 131 96.23 -98.85 -2.10
C LEU VA 131 94.88 -98.13 -2.03
N ILE VA 132 94.45 -97.80 -0.82
CA ILE VA 132 93.12 -97.23 -0.60
C ILE VA 132 93.12 -95.78 -1.07
N TYR VA 133 92.18 -95.45 -1.95
CA TYR VA 133 92.01 -94.09 -2.47
C TYR VA 133 91.02 -93.39 -1.56
N ASN VA 134 91.52 -92.76 -0.50
CA ASN VA 134 90.68 -92.19 0.56
C ASN VA 134 90.50 -90.70 0.34
N PHE VA 135 89.24 -90.27 0.24
CA PHE VA 135 88.92 -88.86 0.19
C PHE VA 135 89.07 -88.22 1.56
N ILE VA 136 89.27 -86.91 1.56
CA ILE VA 136 89.19 -86.08 2.76
C ILE VA 136 88.27 -84.91 2.43
N SER VA 137 87.25 -84.72 3.25
CA SER VA 137 86.38 -83.57 3.07
C SER VA 137 87.19 -82.30 3.29
N PRO VA 138 86.97 -81.24 2.50
CA PRO VA 138 87.77 -80.03 2.68
C PRO VA 138 87.56 -79.34 4.03
N GLU VA 139 86.45 -79.62 4.71
CA GLU VA 139 86.26 -79.09 6.05
C GLU VA 139 87.13 -79.81 7.08
N GLU VA 140 87.45 -81.08 6.83
CA GLU VA 140 88.26 -81.84 7.79
C GLU VA 140 89.65 -81.23 7.95
N VAL VA 141 90.30 -80.88 6.84
CA VAL VA 141 91.62 -80.25 6.91
C VAL VA 141 91.42 -78.83 7.42
N LYS VA 142 91.79 -78.61 8.68
CA LYS VA 142 91.64 -77.29 9.27
C LYS VA 142 92.71 -76.33 8.77
N GLU VA 143 93.86 -76.84 8.35
CA GLU VA 143 94.94 -75.99 7.87
C GLU VA 143 95.99 -76.87 7.22
N ILE VA 144 96.71 -76.30 6.25
CA ILE VA 144 97.86 -76.95 5.62
C ILE VA 144 99.07 -76.05 5.84
N ILE VA 145 100.16 -76.65 6.31
CA ILE VA 145 101.39 -75.93 6.58
C ILE VA 145 102.24 -75.96 5.32
N LEU VA 146 102.63 -74.78 4.84
CA LEU VA 146 103.40 -74.62 3.62
C LEU VA 146 104.82 -74.17 3.93
N ASP VA 147 105.78 -74.77 3.27
CA ASP VA 147 107.15 -74.28 3.32
C ASP VA 147 107.17 -72.88 2.72
N PRO VA 148 107.59 -71.84 3.45
CA PRO VA 148 107.41 -70.48 2.91
C PRO VA 148 108.19 -70.21 1.63
N THR VA 149 109.37 -70.80 1.47
CA THR VA 149 110.19 -70.47 0.30
C THR VA 149 109.67 -71.17 -0.95
N THR VA 150 109.17 -72.40 -0.81
CA THR VA 150 108.65 -73.17 -1.94
C THR VA 150 107.13 -73.19 -2.01
N LYS VA 151 106.44 -72.85 -0.91
CA LYS VA 151 104.98 -72.96 -0.81
C LYS VA 151 104.50 -74.40 -0.96
N GLU VA 152 105.39 -75.38 -0.78
CA GLU VA 152 105.00 -76.78 -0.84
C GLU VA 152 104.38 -77.19 0.49
N PRO VA 153 103.28 -77.92 0.51
CA PRO VA 153 102.67 -78.28 1.80
C PRO VA 153 103.54 -79.26 2.55
N ILE VA 154 103.89 -78.90 3.80
CA ILE VA 154 104.74 -79.73 4.64
C ILE VA 154 103.98 -80.43 5.75
N ALA VA 155 102.72 -80.04 6.01
CA ALA VA 155 101.92 -80.75 6.99
C ALA VA 155 100.46 -80.36 6.80
N TYR VA 156 99.57 -81.30 7.16
CA TYR VA 156 98.12 -81.11 7.07
C TYR VA 156 97.53 -81.18 8.47
N ILE VA 157 96.62 -80.27 8.77
CA ILE VA 157 95.93 -80.22 10.06
C ILE VA 157 94.53 -80.77 9.84
N LEU VA 158 94.35 -82.07 10.08
CA LEU VA 158 93.08 -82.74 9.90
C LEU VA 158 92.34 -82.81 11.23
N GLU VA 159 91.06 -82.43 11.21
CA GLU VA 159 90.23 -82.42 12.40
C GLU VA 159 88.82 -82.83 12.01
N SER VA 160 88.28 -83.83 12.71
CA SER VA 160 86.98 -84.39 12.34
C SER VA 160 86.29 -84.95 13.57
N GLN VA 161 84.99 -84.69 13.67
CA GLN VA 161 84.13 -85.32 14.68
C GLN VA 161 83.56 -86.60 14.08
N ASN VA 162 83.80 -87.73 14.74
CA ASN VA 162 83.39 -89.04 14.24
C ASN VA 162 82.43 -89.66 15.24
N GLU VA 163 81.13 -89.47 15.01
CA GLU VA 163 80.11 -90.18 15.74
C GLU VA 163 79.92 -91.56 15.11
N TRP VA 164 79.75 -92.57 15.96
CA TRP VA 164 79.61 -93.94 15.48
C TRP VA 164 79.02 -94.78 16.60
N THR VA 165 78.06 -95.62 16.23
CA THR VA 165 77.38 -96.49 17.19
C THR VA 165 78.13 -97.80 17.31
N ASP VA 166 78.12 -98.36 18.52
CA ASP VA 166 78.78 -99.63 18.77
C ASP VA 166 78.07 -100.75 18.00
N LEU VA 167 78.77 -101.87 17.83
CA LEU VA 167 78.16 -103.06 17.24
C LEU VA 167 77.04 -103.62 18.12
N GLY VA 168 76.93 -103.16 19.36
CA GLY VA 168 75.76 -103.41 20.18
C GLY VA 168 74.77 -102.29 19.96
N GLU VA 169 74.61 -101.40 20.95
CA GLU VA 169 73.66 -100.29 20.86
C GLU VA 169 74.29 -98.93 21.13
N ASN VA 170 75.31 -98.86 22.00
CA ASN VA 170 75.77 -97.58 22.54
C ASN VA 170 76.27 -96.66 21.44
N LYS VA 171 75.85 -95.39 21.51
CA LYS VA 171 76.33 -94.36 20.61
C LYS VA 171 77.60 -93.74 21.18
N ARG VA 172 78.69 -93.79 20.40
CA ARG VA 172 80.00 -93.38 20.87
C ARG VA 172 80.56 -92.29 19.98
N LYS VA 173 80.98 -91.19 20.60
CA LYS VA 173 81.49 -90.00 19.92
C LYS VA 173 82.99 -89.92 20.06
N ALA VA 174 83.63 -89.27 19.09
CA ALA VA 174 85.08 -89.18 19.07
C ALA VA 174 85.48 -88.01 18.17
N LYS VA 175 86.14 -86.99 18.76
CA LYS VA 175 86.67 -85.86 18.00
C LYS VA 175 88.14 -86.11 17.75
N VAL VA 176 88.43 -86.85 16.68
CA VAL VA 176 89.81 -87.19 16.31
C VAL VA 176 90.36 -86.08 15.44
N LYS VA 177 91.58 -85.64 15.76
CA LYS VA 177 92.36 -84.76 14.90
C LYS VA 177 93.75 -85.36 14.76
N GLN VA 178 94.35 -85.15 13.59
CA GLN VA 178 95.62 -85.79 13.28
C GLN VA 178 96.45 -84.89 12.37
N ILE VA 179 97.75 -84.87 12.62
CA ILE VA 179 98.70 -84.05 11.87
C ILE VA 179 99.55 -85.00 11.04
N ILE VA 180 99.40 -84.93 9.72
CA ILE VA 180 100.15 -85.75 8.78
C ILE VA 180 101.32 -84.94 8.25
N THR VA 181 102.51 -85.53 8.29
CA THR VA 181 103.71 -84.90 7.77
C THR VA 181 104.50 -85.94 6.96
N ALA VA 182 105.50 -85.44 6.23
CA ALA VA 182 106.34 -86.32 5.43
C ALA VA 182 107.11 -87.30 6.30
N GLU VA 183 107.57 -86.87 7.47
CA GLU VA 183 108.36 -87.73 8.34
C GLU VA 183 107.47 -88.73 9.09
N SER VA 184 106.31 -88.29 9.57
CA SER VA 184 105.50 -89.13 10.43
C SER VA 184 104.07 -88.62 10.43
N ARG VA 185 103.18 -89.43 11.00
CA ARG VA 185 101.78 -89.09 11.20
C ARG VA 185 101.49 -89.07 12.69
N PHE VA 186 100.79 -88.04 13.15
CA PHE VA 186 100.35 -87.93 14.54
C PHE VA 186 98.83 -87.89 14.56
N VAL VA 187 98.23 -88.67 15.44
CA VAL VA 187 96.78 -88.72 15.60
C VAL VA 187 96.46 -88.80 17.09
N GLU VA 188 95.46 -88.01 17.51
CA GLU VA 188 94.95 -88.07 18.87
C GLU VA 188 93.44 -87.96 18.82
N VAL VA 189 92.77 -88.61 19.78
CA VAL VA 189 91.33 -88.68 19.84
C VAL VA 189 90.86 -88.17 21.19
N GLU VA 190 89.85 -87.31 21.18
CA GLU VA 190 89.22 -86.75 22.38
C GLU VA 190 87.81 -87.33 22.44
N GLY VA 191 87.66 -88.45 23.13
CA GLY VA 191 86.38 -89.11 23.27
C GLY VA 191 86.57 -90.61 23.37
N ASP VA 192 85.57 -91.33 22.88
CA ASP VA 192 85.57 -92.78 22.97
C ASP VA 192 86.69 -93.37 22.13
N LYS VA 193 87.19 -94.52 22.58
CA LYS VA 193 88.27 -95.21 21.87
C LYS VA 193 87.77 -95.74 20.53
N ILE VA 194 88.54 -95.50 19.47
CA ILE VA 194 88.30 -96.08 18.16
C ILE VA 194 89.34 -97.18 17.94
N GLU VA 195 88.88 -98.39 17.64
CA GLU VA 195 89.76 -99.55 17.62
C GLU VA 195 90.81 -99.45 16.52
N GLY VA 196 90.49 -98.79 15.41
CA GLY VA 196 91.38 -98.78 14.27
C GLY VA 196 92.55 -97.82 14.38
N LEU VA 197 92.42 -96.79 15.22
CA LEU VA 197 93.40 -95.72 15.31
C LEU VA 197 94.28 -95.91 16.53
N GLU VA 198 95.59 -95.91 16.32
CA GLU VA 198 96.57 -95.88 17.40
C GLU VA 198 96.96 -94.43 17.63
N GLU VA 199 96.70 -93.93 18.85
CA GLU VA 199 97.05 -92.55 19.16
C GLU VA 199 98.56 -92.38 19.15
N GLY VA 200 98.98 -91.11 19.13
CA GLY VA 200 100.39 -90.78 19.14
C GLY VA 200 101.00 -90.81 17.76
N GLU VA 201 102.27 -90.41 17.71
CA GLU VA 201 103.00 -90.40 16.45
C GLU VA 201 103.18 -91.82 15.91
N THR VA 202 103.15 -91.95 14.58
CA THR VA 202 103.49 -93.19 13.90
C THR VA 202 104.37 -92.81 12.71
N PRO VA 203 105.46 -93.54 12.45
CA PRO VA 203 106.39 -93.09 11.41
C PRO VA 203 105.79 -93.23 10.02
N ASN VA 204 106.27 -92.38 9.11
CA ASN VA 204 105.85 -92.40 7.72
C ASN VA 204 106.80 -93.31 6.94
N VAL VA 205 106.25 -94.36 6.32
CA VAL VA 205 107.07 -95.33 5.61
C VAL VA 205 107.83 -94.69 4.44
N TRP VA 206 107.31 -93.59 3.89
CA TRP VA 206 107.98 -92.83 2.85
C TRP VA 206 108.09 -91.38 3.31
N GLY VA 207 109.14 -90.70 2.85
CA GLY VA 207 109.39 -89.34 3.27
C GLY VA 207 108.69 -88.29 2.43
N PHE VA 208 107.41 -88.50 2.14
CA PHE VA 208 106.58 -87.49 1.54
C PHE VA 208 105.18 -87.62 2.11
N ILE VA 209 104.42 -86.53 2.02
CA ILE VA 209 103.06 -86.54 2.58
C ILE VA 209 102.13 -87.28 1.63
N PRO VA 210 101.41 -88.31 2.07
CA PRO VA 210 100.59 -89.10 1.13
C PRO VA 210 99.33 -88.41 0.65
N ILE VA 211 99.07 -87.16 1.05
CA ILE VA 211 97.88 -86.42 0.63
C ILE VA 211 98.21 -85.62 -0.62
N ILE VA 212 97.23 -85.51 -1.51
CA ILE VA 212 97.32 -84.71 -2.73
C ILE VA 212 96.18 -83.71 -2.73
N HIS VA 213 96.49 -82.46 -3.06
CA HIS VA 213 95.51 -81.38 -3.10
C HIS VA 213 95.15 -81.12 -4.56
N PHE VA 214 93.86 -81.20 -4.87
CA PHE VA 214 93.32 -80.84 -6.18
C PHE VA 214 92.72 -79.44 -6.07
N LYS VA 215 93.39 -78.48 -6.69
CA LYS VA 215 93.06 -77.06 -6.56
C LYS VA 215 92.34 -76.61 -7.83
N ASN VA 216 91.02 -76.46 -7.73
CA ASN VA 216 90.22 -75.98 -8.85
C ASN VA 216 90.43 -74.49 -9.06
N GLU VA 217 90.75 -74.13 -10.30
CA GLU VA 217 91.00 -72.73 -10.67
C GLU VA 217 92.07 -72.14 -9.77
N ALA VA 218 93.20 -72.84 -9.70
CA ALA VA 218 94.30 -72.41 -8.85
C ALA VA 218 94.80 -71.03 -9.30
N ASP VA 219 95.26 -70.24 -8.34
CA ASP VA 219 95.79 -68.92 -8.61
C ASP VA 219 97.05 -68.70 -7.78
N GLU VA 220 97.95 -67.90 -8.32
CA GLU VA 220 99.19 -67.57 -7.64
C GLU VA 220 98.96 -66.82 -6.33
N THR VA 221 97.87 -66.07 -6.23
CA THR VA 221 97.58 -65.25 -5.05
C THR VA 221 96.64 -65.91 -4.07
N LEU VA 222 96.27 -67.18 -4.27
CA LEU VA 222 95.32 -67.89 -3.41
C LEU VA 222 95.96 -69.15 -2.86
N LYS VA 223 95.72 -69.41 -1.57
CA LYS VA 223 96.24 -70.62 -0.95
C LYS VA 223 95.43 -71.84 -1.40
N TYR VA 224 94.11 -71.70 -1.47
CA TYR VA 224 93.20 -72.77 -1.86
C TYR VA 224 92.68 -72.53 -3.26
N GLY VA 225 91.86 -73.48 -3.72
CA GLY VA 225 91.14 -73.32 -4.96
C GLY VA 225 89.89 -72.49 -4.78
N GLN VA 226 89.07 -72.48 -5.82
CA GLN VA 226 87.84 -71.70 -5.83
C GLN VA 226 86.82 -72.34 -6.76
N SER VA 227 85.59 -72.45 -6.26
CA SER VA 227 84.54 -73.17 -6.95
C SER VA 227 84.09 -72.43 -8.20
N ASP VA 228 83.58 -73.19 -9.16
CA ASP VA 228 82.96 -72.59 -10.34
C ASP VA 228 81.61 -71.94 -10.02
N ILE VA 229 81.06 -72.18 -8.83
CA ILE VA 229 79.82 -71.51 -8.42
C ILE VA 229 80.08 -70.08 -7.98
N GLU VA 230 81.30 -69.76 -7.54
CA GLU VA 230 81.58 -68.42 -7.01
C GLU VA 230 81.33 -67.31 -8.04
N PRO VA 231 81.84 -67.39 -9.27
CA PRO VA 231 81.56 -66.30 -10.22
C PRO VA 231 80.09 -66.12 -10.52
N ILE VA 232 79.30 -67.20 -10.56
CA ILE VA 232 77.87 -67.10 -10.89
C ILE VA 232 76.99 -66.83 -9.68
N GLU VA 233 77.50 -67.01 -8.46
CA GLU VA 233 76.66 -66.98 -7.26
C GLU VA 233 75.83 -65.71 -7.11
N PRO VA 234 76.38 -64.49 -7.24
CA PRO VA 234 75.49 -63.32 -7.14
C PRO VA 234 74.43 -63.28 -8.23
N LEU VA 235 74.76 -63.77 -9.43
CA LEU VA 235 73.73 -63.88 -10.47
C LEU VA 235 72.65 -64.87 -10.05
N LEU VA 236 73.04 -65.96 -9.39
CA LEU VA 236 72.04 -66.89 -8.85
C LEU VA 236 71.16 -66.20 -7.83
N LYS VA 237 71.75 -65.38 -6.96
CA LYS VA 237 70.97 -64.67 -5.95
C LYS VA 237 69.98 -63.72 -6.61
N ALA VA 238 70.42 -62.96 -7.59
CA ALA VA 238 69.53 -62.03 -8.28
C ALA VA 238 68.43 -62.78 -9.02
N TYR VA 239 68.78 -63.88 -9.67
CA TYR VA 239 67.78 -64.69 -10.37
C TYR VA 239 66.75 -65.24 -9.39
N HIS VA 240 67.21 -65.72 -8.24
CA HIS VA 240 66.28 -66.20 -7.21
C HIS VA 240 65.36 -65.09 -6.74
N ASP VA 241 65.92 -63.90 -6.49
CA ASP VA 241 65.09 -62.79 -6.01
C ASP VA 241 64.05 -62.40 -7.04
N VAL VA 242 64.45 -62.31 -8.31
CA VAL VA 242 63.51 -61.90 -9.36
C VAL VA 242 62.42 -62.95 -9.52
N MET VA 243 62.81 -64.22 -9.57
CA MET VA 243 61.81 -65.28 -9.73
C MET VA 243 60.86 -65.32 -8.53
N LEU VA 244 61.38 -65.20 -7.32
CA LEU VA 244 60.51 -65.26 -6.14
C LEU VA 244 59.55 -64.08 -6.09
N HIS VA 245 60.05 -62.87 -6.39
CA HIS VA 245 59.17 -61.71 -6.38
C HIS VA 245 58.12 -61.83 -7.48
N ALA VA 246 58.51 -62.36 -8.64
CA ALA VA 246 57.55 -62.59 -9.72
C ALA VA 246 56.48 -63.60 -9.29
N LEU VA 247 56.89 -64.68 -8.63
CA LEU VA 247 55.92 -65.68 -8.19
C LEU VA 247 54.96 -65.10 -7.17
N LYS VA 248 55.48 -64.32 -6.23
CA LYS VA 248 54.60 -63.70 -5.23
C LYS VA 248 53.63 -62.73 -5.88
N GLY VA 249 54.12 -61.91 -6.83
CA GLY VA 249 53.23 -60.99 -7.50
C GLY VA 249 52.15 -61.70 -8.30
N SER VA 250 52.52 -62.79 -8.98
CA SER VA 250 51.53 -63.57 -9.72
C SER VA 250 50.50 -64.15 -8.77
N LYS VA 251 50.94 -64.75 -7.67
CA LYS VA 251 50.00 -65.33 -6.72
C LYS VA 251 49.07 -64.28 -6.15
N MET VA 252 49.58 -63.06 -5.92
CA MET VA 252 48.75 -62.01 -5.37
C MET VA 252 47.74 -61.50 -6.39
N HIS VA 253 48.15 -61.37 -7.66
CA HIS VA 253 47.39 -60.59 -8.63
C HIS VA 253 47.18 -61.24 -10.00
N SER VA 254 47.68 -62.45 -10.25
CA SER VA 254 47.44 -63.07 -11.55
C SER VA 254 45.95 -63.35 -11.73
N THR VA 255 45.33 -64.00 -10.77
CA THR VA 255 43.90 -64.27 -10.86
C THR VA 255 43.15 -62.96 -10.67
N PRO VA 256 42.15 -62.65 -11.51
CA PRO VA 256 41.45 -61.36 -11.35
C PRO VA 256 40.57 -61.35 -10.12
N LYS VA 257 40.33 -60.15 -9.61
CA LYS VA 257 39.54 -59.94 -8.40
C LYS VA 257 38.20 -59.33 -8.81
N LEU VA 258 37.11 -59.98 -8.43
CA LEU VA 258 35.77 -59.50 -8.78
C LEU VA 258 35.34 -58.41 -7.82
N LYS VA 259 34.96 -57.25 -8.36
CA LYS VA 259 34.43 -56.15 -7.58
C LYS VA 259 32.92 -56.08 -7.80
N LEU VA 260 32.18 -55.77 -6.75
CA LEU VA 260 30.74 -55.54 -6.82
C LEU VA 260 30.44 -54.22 -6.12
N LYS VA 261 30.03 -53.22 -6.90
CA LYS VA 261 29.63 -51.93 -6.36
C LYS VA 261 28.17 -52.01 -5.96
N LEU VA 262 27.93 -52.65 -4.83
CA LEU VA 262 26.59 -52.91 -4.33
C LEU VA 262 26.02 -51.68 -3.62
N THR VA 263 24.69 -51.62 -3.55
CA THR VA 263 24.03 -50.53 -2.84
C THR VA 263 24.11 -50.74 -1.34
N ASP VA 264 24.10 -52.00 -0.89
CA ASP VA 264 24.20 -52.34 0.54
C ASP VA 264 24.95 -53.66 0.62
N VAL VA 265 26.23 -53.60 0.98
CA VAL VA 265 27.07 -54.80 0.96
C VAL VA 265 26.60 -55.79 2.02
N ALA VA 266 26.23 -55.30 3.20
CA ALA VA 266 25.88 -56.20 4.29
C ALA VA 266 24.65 -57.03 3.95
N SER VA 267 23.61 -56.38 3.41
CA SER VA 267 22.41 -57.11 3.03
C SER VA 267 22.70 -58.12 1.93
N PHE VA 268 23.54 -57.76 0.97
CA PHE VA 268 23.92 -58.69 -0.09
C PHE VA 268 24.61 -59.92 0.48
N LEU VA 269 25.57 -59.71 1.38
CA LEU VA 269 26.28 -60.82 1.99
C LEU VA 269 25.32 -61.71 2.77
N ALA VA 270 24.45 -61.10 3.56
CA ALA VA 270 23.51 -61.87 4.37
C ALA VA 270 22.56 -62.69 3.49
N HIS VA 271 22.03 -62.08 2.44
CA HIS VA 271 21.10 -62.79 1.56
C HIS VA 271 21.80 -63.92 0.83
N ASN VA 272 22.96 -63.65 0.22
CA ASN VA 272 23.57 -64.62 -0.68
C ASN VA 272 24.37 -65.67 0.09
N PHE VA 273 25.37 -65.25 0.85
CA PHE VA 273 26.32 -66.17 1.46
C PHE VA 273 26.00 -66.49 2.91
N GLY VA 274 24.92 -65.94 3.45
CA GLY VA 274 24.58 -66.19 4.85
C GLY VA 274 25.64 -65.71 5.81
N VAL VA 275 26.33 -64.63 5.48
CA VAL VA 275 27.41 -64.09 6.31
C VAL VA 275 26.76 -63.01 7.17
N GLU VA 276 26.31 -63.41 8.35
CA GLU VA 276 25.56 -62.49 9.21
C GLU VA 276 26.43 -61.38 9.76
N ASP VA 277 27.60 -61.74 10.29
CA ASP VA 277 28.54 -60.79 10.89
C ASP VA 277 29.76 -60.72 9.99
N PRO VA 278 29.73 -59.91 8.93
CA PRO VA 278 30.85 -59.91 7.98
C PRO VA 278 32.18 -59.50 8.58
N VAL VA 279 32.17 -58.62 9.59
CA VAL VA 279 33.43 -58.25 10.23
C VAL VA 279 34.08 -59.47 10.86
N LYS VA 280 33.31 -60.26 11.61
CA LYS VA 280 33.88 -61.46 12.21
C LYS VA 280 34.29 -62.46 11.13
N PHE VA 281 33.52 -62.52 10.04
CA PHE VA 281 33.90 -63.37 8.92
C PHE VA 281 35.26 -62.98 8.37
N ALA VA 282 35.57 -61.67 8.41
CA ALA VA 282 36.90 -61.22 8.02
C ALA VA 282 37.95 -61.59 9.07
N LYS VA 283 37.61 -61.44 10.35
CA LYS VA 283 38.57 -61.78 11.40
C LYS VA 283 38.91 -63.26 11.37
N GLU VA 284 37.89 -64.11 11.26
CA GLU VA 284 38.09 -65.56 11.27
C GLU VA 284 38.83 -66.06 10.04
N GLY VA 285 38.93 -65.26 8.98
CA GLY VA 285 39.52 -65.73 7.75
C GLY VA 285 38.59 -66.56 6.90
N GLY VA 286 37.28 -66.39 7.05
CA GLY VA 286 36.36 -67.19 6.27
C GLY VA 286 36.49 -66.90 4.78
N LYS VA 287 36.01 -67.83 3.98
CA LYS VA 287 36.17 -67.79 2.54
C LYS VA 287 34.88 -68.22 1.85
N ILE VA 288 34.32 -67.32 1.04
CA ILE VA 288 33.13 -67.64 0.27
C ILE VA 288 33.45 -68.74 -0.73
N ASN VA 289 32.46 -69.57 -1.05
CA ASN VA 289 32.59 -70.64 -2.02
C ASN VA 289 31.73 -70.31 -3.24
N LEU VA 290 32.34 -70.40 -4.43
CA LEU VA 290 31.64 -70.22 -5.69
C LEU VA 290 31.97 -71.39 -6.62
N ASP VA 291 30.95 -71.93 -7.28
CA ASP VA 291 31.15 -73.02 -8.21
C ASP VA 291 31.78 -72.57 -9.52
N GLY VA 292 31.70 -71.28 -9.84
CA GLY VA 292 32.24 -70.75 -11.08
C GLY VA 292 31.13 -70.32 -12.02
N HIS VA 293 30.09 -71.13 -12.12
CA HIS VA 293 28.90 -70.78 -12.90
C HIS VA 293 27.97 -69.94 -12.04
N GLU VA 294 28.07 -68.63 -12.22
CA GLU VA 294 27.24 -67.67 -11.49
C GLU VA 294 26.55 -66.72 -12.47
N ILE VA 295 25.39 -66.24 -12.04
CA ILE VA 295 24.60 -65.25 -12.76
C ILE VA 295 24.22 -64.16 -11.78
N LEU VA 296 24.35 -62.91 -12.22
CA LEU VA 296 24.24 -61.74 -11.36
C LEU VA 296 22.94 -61.01 -11.66
N PHE VA 297 22.09 -60.86 -10.64
CA PHE VA 297 20.90 -60.02 -10.69
C PHE VA 297 21.14 -58.82 -9.79
N LEU VA 298 21.32 -57.65 -10.40
CA LEU VA 298 21.66 -56.42 -9.69
C LEU VA 298 20.59 -55.38 -9.95
N ASN VA 299 20.52 -54.38 -9.08
CA ASN VA 299 19.61 -53.26 -9.28
C ASN VA 299 20.10 -52.38 -10.43
N LYS VA 300 19.36 -51.31 -10.70
CA LYS VA 300 19.74 -50.42 -11.80
C LYS VA 300 21.09 -49.77 -11.57
N ASP VA 301 21.33 -49.30 -10.35
CA ASP VA 301 22.54 -48.52 -10.06
C ASP VA 301 23.74 -49.41 -9.73
N GLU VA 302 23.53 -50.65 -9.34
CA GLU VA 302 24.63 -51.53 -8.99
C GLU VA 302 25.49 -51.84 -10.21
N GLU VA 303 26.75 -52.15 -9.95
CA GLU VA 303 27.73 -52.46 -10.99
C GLU VA 303 28.57 -53.64 -10.55
N ALA VA 304 29.07 -54.38 -11.55
CA ALA VA 304 29.98 -55.49 -11.32
C ALA VA 304 31.02 -55.50 -12.44
N GLU VA 305 32.28 -55.67 -12.06
CA GLU VA 305 33.37 -55.73 -13.02
C GLU VA 305 34.48 -56.59 -12.44
N PHE VA 306 35.44 -56.94 -13.30
CA PHE VA 306 36.63 -57.65 -12.89
C PHE VA 306 37.81 -56.69 -12.81
N VAL VA 307 38.47 -56.67 -11.66
CA VAL VA 307 39.70 -55.89 -11.48
C VAL VA 307 40.85 -56.79 -11.91
N GLU VA 308 41.42 -56.49 -13.08
CA GLU VA 308 42.32 -57.41 -13.75
C GLU VA 308 43.59 -56.66 -14.16
N VAL VA 309 44.70 -57.40 -14.22
CA VAL VA 309 46.01 -56.85 -14.56
C VAL VA 309 46.36 -57.25 -15.98
N LYS VA 310 47.04 -56.35 -16.69
CA LYS VA 310 47.56 -56.71 -18.01
C LYS VA 310 48.59 -57.83 -17.89
N SER VA 311 49.50 -57.71 -16.93
CA SER VA 311 50.50 -58.76 -16.68
C SER VA 311 51.02 -58.57 -15.27
N ALA VA 312 50.74 -59.53 -14.39
CA ALA VA 312 51.22 -59.42 -13.02
C ALA VA 312 52.74 -59.50 -12.96
N ILE VA 313 53.35 -60.25 -13.87
CA ILE VA 313 54.81 -60.37 -13.88
C ILE VA 313 55.44 -59.03 -14.23
N GLY VA 314 54.84 -58.28 -15.15
CA GLY VA 314 55.42 -57.03 -15.59
C GLY VA 314 56.51 -57.26 -16.62
N ASP VA 315 57.76 -57.11 -16.21
CA ASP VA 315 58.91 -57.26 -17.10
C ASP VA 315 59.89 -58.32 -16.62
N ALA VA 316 59.54 -59.09 -15.59
CA ALA VA 316 60.54 -59.93 -14.92
C ALA VA 316 61.09 -61.00 -15.84
N LYS VA 317 60.35 -61.41 -16.87
CA LYS VA 317 60.88 -62.39 -17.80
C LYS VA 317 62.09 -61.83 -18.57
N GLU VA 318 62.03 -60.55 -18.93
CA GLU VA 318 63.17 -59.94 -19.62
C GLU VA 318 64.40 -59.93 -18.72
N LEU VA 319 64.21 -59.59 -17.44
CA LEU VA 319 65.33 -59.61 -16.51
C LEU VA 319 65.87 -61.02 -16.35
N LEU VA 320 64.97 -62.01 -16.31
CA LEU VA 320 65.42 -63.39 -16.17
C LEU VA 320 66.21 -63.84 -17.39
N LYS VA 321 65.78 -63.42 -18.58
CA LYS VA 321 66.56 -63.74 -19.78
C LYS VA 321 67.94 -63.09 -19.72
N LEU VA 322 68.00 -61.83 -19.29
CA LEU VA 322 69.29 -61.16 -19.20
C LEU VA 322 70.20 -61.84 -18.19
N LEU VA 323 69.66 -62.22 -17.04
CA LEU VA 323 70.47 -62.87 -16.02
C LEU VA 323 70.88 -64.27 -16.45
N PHE VA 324 70.02 -64.96 -17.19
CA PHE VA 324 70.40 -66.27 -17.72
C PHE VA 324 71.53 -66.14 -18.73
N TYR VA 325 71.47 -65.12 -19.59
CA TYR VA 325 72.57 -64.86 -20.51
C TYR VA 325 73.85 -64.56 -19.74
N CYS VA 326 73.75 -63.76 -18.68
CA CYS VA 326 74.93 -63.46 -17.87
C CYS VA 326 75.48 -64.74 -17.23
N ILE VA 327 74.60 -65.62 -16.77
CA ILE VA 327 75.04 -66.83 -16.08
C ILE VA 327 75.76 -67.76 -17.05
N VAL VA 328 75.16 -67.99 -18.22
CA VAL VA 328 75.81 -68.90 -19.16
C VAL VA 328 77.08 -68.28 -19.73
N ASP VA 329 77.12 -66.95 -19.84
CA ASP VA 329 78.36 -66.30 -20.25
C ASP VA 329 79.45 -66.50 -19.20
N VAL VA 330 79.12 -66.31 -17.93
CA VAL VA 330 80.12 -66.38 -16.86
C VAL VA 330 80.71 -67.78 -16.79
N SER VA 331 79.85 -68.79 -16.83
CA SER VA 331 80.31 -70.18 -16.82
C SER VA 331 80.98 -70.59 -18.12
N GLU VA 332 80.93 -69.76 -19.17
CA GLU VA 332 81.32 -70.08 -20.53
C GLU VA 332 80.81 -71.46 -20.94
N THR VA 333 79.59 -71.78 -20.53
CA THR VA 333 79.01 -73.07 -20.86
C THR VA 333 78.51 -73.05 -22.29
N PRO VA 334 78.90 -74.00 -23.14
CA PRO VA 334 78.28 -74.08 -24.47
C PRO VA 334 76.77 -74.25 -24.37
N GLU VA 335 76.08 -73.67 -25.34
CA GLU VA 335 74.71 -73.25 -25.17
C GLU VA 335 73.70 -74.37 -25.39
N PHE VA 336 74.13 -75.51 -25.93
CA PHE VA 336 73.24 -76.66 -26.01
C PHE VA 336 72.90 -77.23 -24.65
N ILE VA 337 73.70 -76.93 -23.62
CA ILE VA 337 73.41 -77.42 -22.28
C ILE VA 337 72.10 -76.84 -21.77
N PHE VA 338 71.85 -75.56 -22.09
CA PHE VA 338 70.65 -74.85 -21.65
C PHE VA 338 69.71 -74.58 -22.82
N GLY VA 339 69.62 -75.54 -23.73
CA GLY VA 339 68.90 -75.31 -24.98
C GLY VA 339 67.40 -75.18 -24.82
N VAL VA 340 66.85 -75.46 -23.64
CA VAL VA 340 65.42 -75.23 -23.46
C VAL VA 340 65.12 -73.74 -23.52
N HIS VA 341 66.05 -72.93 -23.02
CA HIS VA 341 65.89 -71.48 -23.15
C HIS VA 341 66.05 -71.04 -24.60
N THR VA 342 66.94 -71.69 -25.34
CA THR VA 342 67.26 -71.35 -26.73
C THR VA 342 67.18 -72.61 -27.57
N PRO VA 343 65.97 -73.04 -27.97
CA PRO VA 343 65.84 -74.30 -28.73
C PRO VA 343 66.58 -74.31 -30.05
N SER VA 344 66.92 -73.16 -30.62
CA SER VA 344 67.67 -73.13 -31.86
C SER VA 344 69.03 -73.80 -31.72
N ALA VA 345 69.61 -73.78 -30.52
CA ALA VA 345 70.92 -74.39 -30.30
C ALA VA 345 70.90 -75.89 -30.55
N LEU VA 346 69.74 -76.54 -30.38
CA LEU VA 346 69.65 -77.99 -30.57
C LEU VA 346 69.79 -78.42 -32.02
N ALA VA 347 69.80 -77.48 -32.97
CA ALA VA 347 69.92 -77.85 -34.37
C ALA VA 347 71.23 -78.57 -34.65
N SER VA 348 72.33 -78.11 -34.04
CA SER VA 348 73.63 -78.72 -34.28
C SER VA 348 74.48 -78.58 -33.02
N VAL VA 349 74.48 -79.61 -32.19
CA VAL VA 349 75.43 -79.70 -31.09
C VAL VA 349 76.84 -79.92 -31.64
N LYS VA 350 76.96 -80.69 -32.72
CA LYS VA 350 78.26 -80.90 -33.34
C LYS VA 350 78.90 -79.60 -33.79
N GLU VA 351 78.09 -78.63 -34.20
CA GLU VA 351 78.64 -77.33 -34.57
C GLU VA 351 79.22 -76.60 -33.36
N GLN VA 352 78.60 -76.74 -32.19
CA GLN VA 352 79.08 -76.13 -30.98
C GLN VA 352 80.16 -76.94 -30.26
N MET VA 353 80.43 -78.16 -30.70
CA MET VA 353 81.40 -79.01 -30.03
C MET VA 353 82.79 -78.39 -29.89
N PRO VA 354 83.31 -77.62 -30.85
CA PRO VA 354 84.59 -76.94 -30.62
C PRO VA 354 84.61 -76.05 -29.39
N ILE VA 355 83.49 -75.44 -29.02
CA ILE VA 355 83.48 -74.62 -27.82
C ILE VA 355 83.66 -75.48 -26.58
N MET VA 356 82.97 -76.63 -26.52
CA MET VA 356 83.20 -77.56 -25.43
C MET VA 356 84.64 -78.05 -25.43
N VAL VA 357 85.19 -78.29 -26.63
CA VAL VA 357 86.57 -78.73 -26.73
C VAL VA 357 87.51 -77.69 -26.14
N ASN VA 358 87.25 -76.42 -26.43
CA ASN VA 358 88.03 -75.33 -25.86
C ASN VA 358 87.94 -75.32 -24.34
N LYS VA 359 86.72 -75.40 -23.82
CA LYS VA 359 86.53 -75.32 -22.37
C LYS VA 359 87.21 -76.48 -21.66
N ILE VA 360 87.07 -77.69 -22.20
CA ILE VA 360 87.71 -78.85 -21.59
C ILE VA 360 89.22 -78.78 -21.74
N ARG VA 361 89.71 -78.24 -22.85
CA ARG VA 361 91.15 -78.04 -23.01
C ARG VA 361 91.69 -77.14 -21.91
N ARG VA 362 90.98 -76.05 -21.63
CA ARG VA 362 91.41 -75.16 -20.57
C ARG VA 362 91.32 -75.82 -19.21
N LYS VA 363 90.26 -76.59 -18.97
CA LYS VA 363 90.01 -77.11 -17.63
C LYS VA 363 90.92 -78.30 -17.28
N ARG VA 364 91.24 -79.16 -18.23
CA ARG VA 364 92.00 -80.37 -17.92
C ARG VA 364 93.40 -80.02 -17.42
N GLU VA 365 94.02 -79.00 -18.00
CA GLU VA 365 95.39 -78.63 -17.61
C GLU VA 365 95.48 -78.19 -16.16
N GLN VA 366 94.37 -77.72 -15.57
CA GLN VA 366 94.39 -77.35 -14.16
C GLN VA 366 94.72 -78.53 -13.27
N PHE VA 367 94.14 -79.69 -13.57
CA PHE VA 367 94.30 -80.88 -12.75
C PHE VA 367 95.33 -81.86 -13.26
N THR VA 368 95.82 -81.70 -14.49
CA THR VA 368 96.73 -82.72 -15.04
C THR VA 368 98.03 -82.80 -14.26
N ASN VA 369 98.54 -81.68 -13.74
CA ASN VA 369 99.76 -81.73 -12.94
C ASN VA 369 99.52 -82.48 -11.63
N SER VA 370 98.38 -82.25 -10.99
CA SER VA 370 98.06 -82.99 -9.77
C SER VA 370 97.92 -84.48 -10.07
N TRP VA 371 97.33 -84.82 -11.21
CA TRP VA 371 97.22 -86.22 -11.58
C TRP VA 371 98.59 -86.83 -11.87
N GLN VA 372 99.49 -86.04 -12.46
CA GLN VA 372 100.88 -86.51 -12.63
C GLN VA 372 101.51 -86.81 -11.28
N LEU VA 373 101.30 -85.91 -10.31
CA LEU VA 373 101.85 -86.12 -8.97
C LEU VA 373 101.26 -87.38 -8.36
N LEU VA 374 99.95 -87.59 -8.52
CA LEU VA 374 99.31 -88.79 -7.97
C LEU VA 374 99.87 -90.06 -8.62
N ALA VA 375 100.07 -90.04 -9.94
CA ALA VA 375 100.63 -91.20 -10.62
C ALA VA 375 102.04 -91.49 -10.12
N ARG VA 376 102.86 -90.44 -9.97
CA ARG VA 376 104.20 -90.59 -9.43
C ARG VA 376 104.15 -91.18 -8.02
N MET VA 377 103.21 -90.72 -7.21
CA MET VA 377 103.13 -91.16 -5.83
C MET VA 377 102.73 -92.63 -5.73
N VAL VA 378 101.72 -93.03 -6.50
CA VAL VA 378 101.29 -94.43 -6.45
C VAL VA 378 102.38 -95.33 -7.01
N LEU VA 379 103.12 -94.87 -8.01
CA LEU VA 379 104.26 -95.65 -8.50
C LEU VA 379 105.31 -95.79 -7.40
N ILE VA 380 105.59 -94.72 -6.67
CA ILE VA 380 106.59 -94.78 -5.61
C ILE VA 380 106.13 -95.70 -4.49
N MET VA 381 104.83 -95.73 -4.21
CA MET VA 381 104.27 -96.52 -3.13
C MET VA 381 104.03 -97.98 -3.52
N SER VA 382 104.64 -98.46 -4.59
CA SER VA 382 104.49 -99.86 -4.97
C SER VA 382 105.58 -100.26 -5.96
N LYS VA 389 113.18 -98.39 -8.46
CA LYS VA 389 113.03 -99.65 -9.18
C LYS VA 389 112.64 -99.40 -10.63
N TYR VA 390 111.60 -98.59 -10.83
CA TYR VA 390 111.16 -98.28 -12.18
C TYR VA 390 112.15 -97.34 -12.86
N SER VA 391 112.35 -97.54 -14.17
CA SER VA 391 113.30 -96.73 -14.92
C SER VA 391 112.88 -95.28 -15.00
N SER VA 392 111.58 -94.99 -14.96
CA SER VA 392 111.07 -93.63 -15.03
C SER VA 392 109.93 -93.47 -14.05
N TYR VA 393 109.71 -92.23 -13.60
CA TYR VA 393 108.63 -91.90 -12.69
C TYR VA 393 107.86 -90.66 -13.14
N ASP VA 394 108.05 -90.20 -14.37
CA ASP VA 394 107.33 -89.05 -14.91
C ASP VA 394 106.26 -89.59 -15.86
N VAL VA 395 105.00 -89.44 -15.46
CA VAL VA 395 103.87 -90.05 -16.15
C VAL VA 395 103.18 -88.97 -16.97
N THR VA 396 103.00 -89.24 -18.26
CA THR VA 396 102.22 -88.38 -19.14
C THR VA 396 100.76 -88.85 -19.12
N ILE VA 397 99.85 -87.91 -19.37
CA ILE VA 397 98.42 -88.12 -19.21
C ILE VA 397 97.73 -87.90 -20.55
N GLY VA 398 97.02 -88.93 -21.01
CA GLY VA 398 96.06 -88.77 -22.09
C GLY VA 398 94.70 -88.37 -21.54
N TRP VA 399 93.73 -88.30 -22.44
CA TRP VA 399 92.39 -87.86 -22.05
C TRP VA 399 91.36 -88.48 -22.98
N ASP VA 400 90.11 -88.48 -22.51
CA ASP VA 400 89.00 -88.93 -23.32
C ASP VA 400 88.68 -87.90 -24.40
N GLU VA 401 88.06 -88.38 -25.48
CA GLU VA 401 87.67 -87.49 -26.57
C GLU VA 401 86.47 -86.67 -26.16
N VAL VA 402 86.57 -85.35 -26.30
CA VAL VA 402 85.43 -84.49 -26.03
C VAL VA 402 84.35 -84.72 -27.09
N ASN VA 403 84.75 -84.72 -28.36
CA ASN VA 403 83.91 -85.17 -29.46
C ASN VA 403 84.69 -86.27 -30.19
N PRO VA 404 84.18 -87.49 -30.32
CA PRO VA 404 85.02 -88.58 -30.82
C PRO VA 404 85.37 -88.42 -32.29
N ARG VA 405 86.51 -89.00 -32.67
CA ARG VA 405 86.91 -89.09 -34.06
C ARG VA 405 86.25 -90.31 -34.68
N ASP VA 406 85.79 -90.15 -35.92
CA ASP VA 406 85.15 -91.25 -36.62
C ASP VA 406 86.19 -92.31 -36.98
N ASP VA 407 85.94 -93.55 -36.55
CA ASP VA 407 86.89 -94.63 -36.80
C ASP VA 407 87.07 -94.88 -38.30
N LYS VA 408 86.01 -94.66 -39.09
CA LYS VA 408 86.14 -94.80 -40.53
C LYS VA 408 87.14 -93.81 -41.10
N GLU VA 409 87.12 -92.58 -40.60
CA GLU VA 409 88.09 -91.58 -41.05
C GLU VA 409 89.51 -91.98 -40.67
N LEU VA 410 89.68 -92.51 -39.46
CA LEU VA 410 91.02 -92.95 -39.04
C LEU VA 410 91.51 -94.09 -39.91
N ALA VA 411 90.64 -95.06 -40.22
CA ALA VA 411 91.03 -96.15 -41.10
C ALA VA 411 91.34 -95.65 -42.51
N GLU VA 412 90.57 -94.68 -43.00
CA GLU VA 412 90.87 -94.08 -44.30
C GLU VA 412 92.24 -93.43 -44.30
N THR VA 413 92.56 -92.68 -43.25
CA THR VA 413 93.88 -92.07 -43.16
C THR VA 413 94.98 -93.13 -43.13
N LEU VA 414 94.77 -94.21 -42.37
CA LEU VA 414 95.76 -95.27 -42.29
C LEU VA 414 96.00 -95.91 -43.65
N GLU VA 415 94.93 -96.32 -44.33
CA GLU VA 415 95.08 -96.95 -45.64
C GLU VA 415 95.70 -95.98 -46.64
N LYS VA 416 95.31 -94.71 -46.58
CA LYS VA 416 95.80 -93.73 -47.53
C LYS VA 416 97.29 -93.49 -47.34
N VAL VA 417 97.74 -93.43 -46.08
CA VAL VA 417 99.17 -93.31 -45.82
C VAL VA 417 99.91 -94.56 -46.29
N CYS VA 418 99.36 -95.73 -46.00
CA CYS VA 418 100.04 -96.98 -46.36
C CYS VA 418 100.19 -97.10 -47.87
N CYS VA 419 99.13 -96.78 -48.63
CA CYS VA 419 99.24 -96.81 -50.08
C CYS VA 419 100.16 -95.69 -50.58
N ALA VA 420 100.14 -94.53 -49.92
CA ALA VA 420 101.11 -93.50 -50.22
C ALA VA 420 102.53 -93.99 -49.95
N LEU VA 421 102.72 -94.68 -48.83
CA LEU VA 421 104.00 -95.35 -48.58
C LEU VA 421 104.14 -96.56 -49.49
N ASP VA 422 105.32 -97.17 -49.46
CA ASP VA 422 105.75 -98.20 -50.39
C ASP VA 422 105.95 -97.66 -51.81
N LYS VA 423 105.94 -96.35 -51.99
CA LYS VA 423 106.24 -95.71 -53.26
C LYS VA 423 107.17 -94.53 -52.99
N ALA VA 424 108.03 -94.23 -53.96
CA ALA VA 424 109.12 -93.27 -53.77
C ALA VA 424 109.97 -93.69 -52.58
N LEU VA 425 110.62 -94.85 -52.73
CA LEU VA 425 111.31 -95.52 -51.63
C LEU VA 425 112.59 -94.81 -51.20
N GLU VA 426 112.94 -93.66 -51.77
CA GLU VA 426 114.10 -92.90 -51.31
C GLU VA 426 113.86 -92.23 -49.96
N GLY VA 427 112.64 -92.26 -49.43
CA GLY VA 427 112.36 -91.58 -48.17
C GLY VA 427 113.16 -92.15 -47.00
N GLY VA 428 113.21 -93.47 -46.89
CA GLY VA 428 113.93 -94.16 -45.84
C GLY VA 428 113.05 -95.16 -45.11
N PHE VA 429 113.60 -95.72 -44.04
CA PHE VA 429 112.91 -96.72 -43.24
C PHE VA 429 112.10 -96.11 -42.11
N ILE VA 430 112.21 -94.80 -41.87
CA ILE VA 430 111.37 -94.13 -40.88
C ILE VA 430 109.89 -94.21 -41.20
N SER VA 431 109.53 -94.52 -42.45
CA SER VA 431 108.13 -94.75 -42.80
C SER VA 431 107.54 -95.88 -41.97
N GLU VA 432 108.32 -96.93 -41.72
CA GLU VA 432 107.83 -98.02 -40.87
C GLU VA 432 107.57 -97.55 -39.45
N GLU VA 433 108.47 -96.72 -38.91
CA GLU VA 433 108.26 -96.18 -37.57
C GLU VA 433 107.00 -95.33 -37.51
N SER VA 434 106.80 -94.47 -38.51
CA SER VA 434 105.59 -93.66 -38.54
C SER VA 434 104.35 -94.53 -38.69
N THR VA 435 104.45 -95.60 -39.48
CA THR VA 435 103.32 -96.49 -39.69
C THR VA 435 102.92 -97.19 -38.41
N VAL VA 436 103.91 -97.71 -37.65
CA VAL VA 436 103.57 -98.38 -36.41
C VAL VA 436 103.07 -97.37 -35.38
N ASN VA 437 103.58 -96.13 -35.41
CA ASN VA 437 103.04 -95.10 -34.54
C ASN VA 437 101.56 -94.84 -34.85
N PHE VA 438 101.23 -94.71 -36.13
CA PHE VA 438 99.84 -94.50 -36.52
C PHE VA 438 98.97 -95.70 -36.16
N LEU VA 439 99.52 -96.91 -36.31
CA LEU VA 439 98.79 -98.11 -35.92
C LEU VA 439 98.51 -98.12 -34.43
N ALA VA 440 99.50 -97.72 -33.62
CA ALA VA 440 99.27 -97.63 -32.18
C ALA VA 440 98.20 -96.62 -31.84
N GLN VA 441 98.23 -95.46 -32.51
CA GLN VA 441 97.18 -94.47 -32.29
C GLN VA 441 95.80 -95.01 -32.66
N TYR VA 442 95.72 -95.71 -33.79
CA TYR VA 442 94.45 -96.28 -34.22
C TYR VA 442 93.95 -97.33 -33.24
N ILE VA 443 94.86 -98.19 -32.76
CA ILE VA 443 94.47 -99.22 -31.79
C ILE VA 443 93.98 -98.57 -30.51
N ASP VA 444 94.66 -97.49 -30.07
CA ASP VA 444 94.22 -96.80 -28.86
C ASP VA 444 92.83 -96.18 -29.05
N THR VA 445 92.59 -95.54 -30.19
CA THR VA 445 91.32 -94.87 -30.41
C THR VA 445 90.17 -95.84 -30.69
N MET VA 446 90.47 -97.04 -31.18
CA MET VA 446 89.44 -98.04 -31.44
C MET VA 446 89.13 -98.88 -30.22
N SER VA 447 90.16 -99.26 -29.45
CA SER VA 447 89.94 -100.09 -28.27
C SER VA 447 89.13 -99.35 -27.22
N ASN VA 448 89.48 -98.09 -26.94
CA ASN VA 448 88.73 -97.30 -25.98
C ASN VA 448 87.32 -97.05 -26.50
N TYR VA 449 86.35 -97.22 -25.61
CA TYR VA 449 84.95 -96.98 -25.93
C TYR VA 449 84.58 -95.56 -25.52
N ILE VA 450 83.89 -94.86 -26.41
CA ILE VA 450 83.71 -93.42 -26.25
C ILE VA 450 82.80 -93.12 -25.07
N SER VA 451 81.63 -93.77 -25.01
CA SER VA 451 80.64 -93.44 -24.00
C SER VA 451 80.86 -94.17 -22.69
N ASP VA 452 81.99 -94.84 -22.51
CA ASP VA 452 82.40 -95.37 -21.21
C ASP VA 452 83.56 -94.55 -20.70
N ASP VA 453 83.42 -94.02 -19.48
CA ASP VA 453 84.45 -93.18 -18.90
C ASP VA 453 85.73 -93.97 -18.70
N PRO VA 454 86.86 -93.30 -18.91
CA PRO VA 454 88.14 -93.94 -18.74
C PRO VA 454 88.44 -94.95 -19.84
N GLU VA 455 89.47 -95.75 -19.57
CA GLU VA 455 89.98 -96.75 -20.51
C GLU VA 455 90.05 -98.12 -19.85
N ARG VA 456 89.01 -98.47 -19.07
CA ARG VA 456 88.97 -99.80 -18.48
C ARG VA 456 88.89 -100.87 -19.56
N GLU VA 457 88.16 -100.58 -20.64
CA GLU VA 457 88.00 -101.58 -21.70
C GLU VA 457 89.32 -101.88 -22.38
N GLY VA 458 90.19 -100.88 -22.55
CA GLY VA 458 91.49 -101.15 -23.16
C GLY VA 458 92.33 -102.13 -22.36
N GLU VA 459 92.44 -101.89 -21.06
CA GLU VA 459 93.19 -102.80 -20.19
C GLU VA 459 92.53 -104.17 -20.14
N ARG VA 460 91.20 -104.20 -20.08
CA ARG VA 460 90.49 -105.49 -20.03
C ARG VA 460 90.72 -106.28 -21.30
N GLU VA 461 90.66 -105.62 -22.45
CA GLU VA 461 90.90 -106.30 -23.73
C GLU VA 461 92.34 -106.80 -23.82
N LYS VA 462 93.29 -105.98 -23.36
CA LYS VA 462 94.70 -106.41 -23.37
C LYS VA 462 94.89 -107.65 -22.50
N ILE VA 463 94.30 -107.64 -21.31
CA ILE VA 463 94.46 -108.77 -20.39
C ILE VA 463 93.78 -110.01 -20.96
N ILE VA 464 92.60 -109.85 -21.56
CA ILE VA 464 91.88 -110.98 -22.13
C ILE VA 464 92.68 -111.57 -23.29
N LYS VA 465 93.24 -110.70 -24.13
CA LYS VA 465 94.05 -111.19 -25.24
C LYS VA 465 95.30 -111.91 -24.74
N THR VA 466 95.91 -111.40 -23.67
CA THR VA 466 97.07 -112.07 -23.10
C THR VA 466 96.70 -113.44 -22.55
N LYS VA 467 95.56 -113.53 -21.86
CA LYS VA 467 95.10 -114.82 -21.34
C LYS VA 467 94.82 -115.80 -22.47
N MET VA 468 94.05 -115.38 -23.46
CA MET VA 468 93.78 -116.23 -24.62
C MET VA 468 95.05 -116.50 -25.41
N LEU VA 469 95.90 -115.49 -25.56
CA LEU VA 469 97.17 -115.63 -26.28
C LEU VA 469 96.92 -116.01 -27.74
#